data_9K7Y
#
_entry.id   9K7Y
#
loop_
_entity.id
_entity.type
_entity.pdbx_description
1 polymer Cage-i53-Zn1-HEHE-14
2 non-polymer 'ZINC ION'
#
_entity_poly.entity_id   1
_entity_poly.type   'polypeptide(L)'
_entity_poly.pdbx_seq_one_letter_code
;MGHHHHHHHHSSGLEVLFQGPGGTTEKLKKITKLLHELVDRGEIPEELATLATLLLYLVEKGLISEFDFIEHLVRLAEKL
GVLEELKKVLEEVGDEFGLTLVYAISLLKEVEKEGDEELKEYVKLAIETLKEAFERKNYALLVSAKIIVENAEEILKAKK
KGDEEKIKELLQRLKAAKIGTPLVREVVERYREEGEPLLDLLLHMAETTIRESEKLGVDPRLAAEVAREMVDGVGHETGE
TEAAFRVRRELDTVIL
;
_entity_poly.pdbx_strand_id   A,B,C,D,E,F,Q,b,m,x,G,R,c,n,y,H,S,d,o,z,I,T,e,p,0,J,U,f,q,1,K,V,g,r,2,L,W,h,s,3,M,X,i,t,4,N,Y,j,u,5,O,Z,k,v,6,P,a,l,w,7
#
loop_
_chem_comp.id
_chem_comp.type
_chem_comp.name
_chem_comp.formula
ZN non-polymer 'ZINC ION' 'Zn 2'
#
# COMPACT_ATOMS: atom_id res chain seq x y z
N THR A 25 73.55 5.05 -43.09
CA THR A 25 74.50 4.34 -43.93
C THR A 25 74.06 4.37 -45.39
N GLU A 26 73.05 5.20 -45.68
CA GLU A 26 72.53 5.29 -47.05
C GLU A 26 73.59 5.82 -48.00
N LYS A 27 74.38 6.80 -47.57
CA LYS A 27 75.45 7.31 -48.41
C LYS A 27 76.45 6.20 -48.75
N LEU A 28 76.81 5.38 -47.77
CA LEU A 28 77.76 4.29 -48.02
C LEU A 28 77.18 3.27 -48.98
N LYS A 29 75.90 2.93 -48.81
CA LYS A 29 75.26 2.00 -49.73
C LYS A 29 75.24 2.53 -51.15
N LYS A 30 74.92 3.82 -51.31
CA LYS A 30 74.92 4.42 -52.64
C LYS A 30 76.33 4.46 -53.23
N ILE A 31 77.33 4.73 -52.40
CA ILE A 31 78.71 4.74 -52.89
C ILE A 31 79.10 3.35 -53.38
N THR A 32 78.76 2.32 -52.62
CA THR A 32 79.06 0.95 -53.04
C THR A 32 78.33 0.61 -54.34
N LYS A 33 77.06 0.99 -54.45
CA LYS A 33 76.29 0.71 -55.67
C LYS A 33 76.92 1.39 -56.87
N LEU A 34 77.27 2.67 -56.74
CA LEU A 34 77.82 3.41 -57.86
C LEU A 34 79.20 2.88 -58.23
N LEU A 35 79.99 2.44 -57.25
CA LEU A 35 81.29 1.85 -57.57
C LEU A 35 81.10 0.53 -58.31
N HIS A 36 80.08 -0.24 -58.00
CA HIS A 36 79.88 -1.45 -58.74
C HIS A 36 79.60 -0.98 -60.12
N GLU A 37 78.55 -0.19 -60.28
CA GLU A 37 78.18 0.18 -61.65
C GLU A 37 79.39 0.63 -62.45
N LEU A 38 80.25 1.45 -61.85
CA LEU A 38 81.42 1.93 -62.57
C LEU A 38 82.35 0.78 -62.95
N VAL A 39 82.56 -0.16 -62.03
CA VAL A 39 83.48 -1.26 -62.33
C VAL A 39 82.85 -2.23 -63.33
N ASP A 40 81.52 -2.28 -63.39
CA ASP A 40 80.86 -3.15 -64.36
C ASP A 40 81.21 -2.74 -65.78
N ARG A 41 81.11 -1.43 -66.08
CA ARG A 41 81.42 -0.91 -67.41
C ARG A 41 82.81 -0.28 -67.38
N GLY A 42 83.84 -1.15 -67.38
CA GLY A 42 85.21 -0.68 -67.42
C GLY A 42 85.54 0.22 -66.25
N GLU A 43 86.19 1.34 -66.55
CA GLU A 43 86.46 2.42 -65.59
C GLU A 43 87.32 1.86 -64.45
N ILE A 44 86.89 1.94 -63.20
CA ILE A 44 87.69 1.56 -62.04
C ILE A 44 87.90 0.05 -62.03
N PRO A 45 88.98 -0.45 -61.41
CA PRO A 45 89.16 -1.91 -61.31
C PRO A 45 88.29 -2.54 -60.22
N GLU A 46 88.35 -3.86 -60.11
CA GLU A 46 87.45 -4.59 -59.23
C GLU A 46 87.81 -4.47 -57.75
N GLU A 47 89.09 -4.25 -57.44
CA GLU A 47 89.54 -4.23 -56.06
C GLU A 47 88.80 -3.17 -55.25
N LEU A 48 88.57 -2.00 -55.85
CA LEU A 48 87.89 -0.93 -55.13
C LEU A 48 86.46 -1.33 -54.80
N ALA A 49 85.76 -1.97 -55.74
CA ALA A 49 84.40 -2.42 -55.48
C ALA A 49 84.35 -3.50 -54.42
N THR A 50 85.31 -4.44 -54.45
CA THR A 50 85.35 -5.47 -53.42
C THR A 50 85.60 -4.87 -52.04
N LEU A 51 86.52 -3.91 -51.96
CA LEU A 51 86.75 -3.23 -50.69
C LEU A 51 85.51 -2.48 -50.24
N ALA A 52 84.81 -1.85 -51.17
CA ALA A 52 83.57 -1.16 -50.82
C ALA A 52 82.55 -2.13 -50.22
N THR A 53 82.42 -3.32 -50.82
CA THR A 53 81.48 -4.31 -50.30
C THR A 53 81.88 -4.77 -48.90
N LEU A 54 83.16 -5.12 -48.71
CA LEU A 54 83.60 -5.61 -47.41
C LEU A 54 83.43 -4.55 -46.33
N LEU A 55 83.82 -3.30 -46.62
CA LEU A 55 83.67 -2.23 -45.65
C LEU A 55 82.21 -1.89 -45.40
N LEU A 56 81.35 -2.01 -46.42
CA LEU A 56 79.93 -1.78 -46.22
C LEU A 56 79.31 -2.85 -45.33
N TYR A 57 79.85 -4.06 -45.36
CA TYR A 57 79.41 -5.08 -44.40
C TYR A 57 79.92 -4.75 -43.01
N LEU A 58 81.20 -4.42 -42.90
CA LEU A 58 81.83 -4.18 -41.59
C LEU A 58 81.15 -3.02 -40.88
N VAL A 59 81.02 -1.87 -41.55
CA VAL A 59 80.11 -0.83 -41.12
C VAL A 59 78.71 -1.42 -41.22
N GLU A 60 77.83 -1.07 -40.28
CA GLU A 60 76.48 -1.60 -40.21
C GLU A 60 76.51 -3.05 -39.71
N LYS A 61 77.70 -3.64 -39.64
CA LYS A 61 77.90 -4.72 -38.68
C LYS A 61 78.35 -4.17 -37.34
N GLY A 62 78.82 -2.92 -37.32
CA GLY A 62 79.21 -2.27 -36.09
C GLY A 62 80.62 -2.59 -35.67
N LEU A 63 81.55 -2.66 -36.64
CA LEU A 63 82.92 -3.00 -36.35
C LEU A 63 83.94 -1.95 -36.79
N ILE A 64 83.55 -1.00 -37.63
CA ILE A 64 84.40 0.14 -37.97
C ILE A 64 83.53 1.37 -38.13
N SER A 65 84.16 2.53 -38.35
CA SER A 65 83.44 3.78 -38.51
C SER A 65 83.53 4.24 -39.96
N GLU A 66 82.66 5.18 -40.32
CA GLU A 66 82.64 5.71 -41.67
C GLU A 66 83.97 6.35 -42.05
N PHE A 67 84.69 6.88 -41.05
CA PHE A 67 86.00 7.48 -41.33
C PHE A 67 86.96 6.43 -41.88
N ASP A 68 86.97 5.24 -41.30
CA ASP A 68 87.84 4.18 -41.80
C ASP A 68 87.42 3.76 -43.20
N PHE A 69 86.12 3.66 -43.46
CA PHE A 69 85.62 3.34 -44.79
C PHE A 69 86.16 4.34 -45.82
N ILE A 70 85.95 5.63 -45.58
CA ILE A 70 86.37 6.64 -46.55
C ILE A 70 87.88 6.67 -46.66
N GLU A 71 88.59 6.49 -45.55
CA GLU A 71 90.05 6.54 -45.59
C GLU A 71 90.62 5.39 -46.42
N HIS A 72 90.08 4.18 -46.24
CA HIS A 72 90.52 3.05 -47.04
C HIS A 72 90.19 3.26 -48.51
N LEU A 73 89.00 3.76 -48.80
CA LEU A 73 88.61 4.00 -50.19
C LEU A 73 89.57 5.00 -50.85
N VAL A 74 89.89 6.08 -50.14
CA VAL A 74 90.76 7.11 -50.69
C VAL A 74 92.18 6.56 -50.85
N ARG A 75 92.65 5.75 -49.90
CA ARG A 75 93.98 5.17 -50.02
C ARG A 75 94.08 4.26 -51.24
N LEU A 76 93.07 3.41 -51.45
CA LEU A 76 93.09 2.55 -52.64
C LEU A 76 93.00 3.38 -53.92
N ALA A 77 92.16 4.42 -53.93
CA ALA A 77 92.04 5.26 -55.11
C ALA A 77 93.37 5.93 -55.44
N GLU A 78 94.07 6.43 -54.42
CA GLU A 78 95.39 7.01 -54.64
C GLU A 78 96.38 5.97 -55.13
N LYS A 79 96.31 4.75 -54.60
CA LYS A 79 97.22 3.70 -55.04
C LYS A 79 97.00 3.35 -56.50
N LEU A 80 95.74 3.28 -56.93
CA LEU A 80 95.42 2.92 -58.31
C LEU A 80 95.29 4.12 -59.23
N GLY A 81 95.41 5.34 -58.71
CA GLY A 81 95.30 6.53 -59.54
C GLY A 81 93.95 6.69 -60.20
N VAL A 82 92.88 6.48 -59.43
CA VAL A 82 91.53 6.55 -59.95
C VAL A 82 90.72 7.51 -59.07
N LEU A 83 91.43 8.42 -58.41
CA LEU A 83 90.79 9.30 -57.42
C LEU A 83 89.72 10.18 -58.03
N GLU A 84 89.84 10.53 -59.31
CA GLU A 84 88.84 11.38 -59.95
C GLU A 84 87.48 10.70 -60.01
N GLU A 85 87.45 9.40 -60.32
CA GLU A 85 86.19 8.67 -60.35
C GLU A 85 85.57 8.60 -58.96
N LEU A 86 86.38 8.39 -57.93
CA LEU A 86 85.87 8.41 -56.56
C LEU A 86 85.30 9.78 -56.21
N LYS A 87 85.96 10.84 -56.66
CA LYS A 87 85.44 12.19 -56.45
C LYS A 87 84.08 12.36 -57.12
N LYS A 88 83.96 11.88 -58.36
CA LYS A 88 82.68 11.97 -59.06
C LYS A 88 81.60 11.20 -58.34
N VAL A 89 81.92 10.00 -57.84
CA VAL A 89 80.96 9.20 -57.09
C VAL A 89 80.51 9.94 -55.84
N LEU A 90 81.45 10.56 -55.13
CA LEU A 90 81.10 11.26 -53.90
C LEU A 90 80.28 12.52 -54.17
N GLU A 91 80.50 13.16 -55.33
CA GLU A 91 79.61 14.26 -55.71
C GLU A 91 78.22 13.75 -56.07
N GLU A 92 78.14 12.64 -56.80
CA GLU A 92 76.84 12.10 -57.19
C GLU A 92 76.01 11.71 -55.98
N VAL A 93 76.62 11.03 -55.01
CA VAL A 93 75.85 10.64 -53.82
C VAL A 93 75.46 11.88 -53.02
N GLY A 94 76.27 12.93 -53.08
CA GLY A 94 75.96 14.16 -52.36
C GLY A 94 76.47 14.13 -50.93
N ASP A 95 77.76 13.85 -50.76
CA ASP A 95 78.39 13.78 -49.45
C ASP A 95 79.45 14.87 -49.35
N GLU A 96 79.38 15.66 -48.28
CA GLU A 96 80.36 16.72 -48.05
C GLU A 96 81.51 16.28 -47.17
N PHE A 97 81.23 15.43 -46.17
CA PHE A 97 82.28 14.95 -45.28
C PHE A 97 83.31 14.13 -46.04
N GLY A 98 82.84 13.16 -46.83
CA GLY A 98 83.76 12.34 -47.60
C GLY A 98 84.55 13.14 -48.63
N LEU A 99 83.88 14.09 -49.28
CA LEU A 99 84.57 14.92 -50.27
C LEU A 99 85.65 15.77 -49.61
N THR A 100 85.34 16.36 -48.45
CA THR A 100 86.33 17.12 -47.73
C THR A 100 87.50 16.25 -47.30
N LEU A 101 87.21 15.01 -46.88
CA LEU A 101 88.30 14.10 -46.53
C LEU A 101 89.17 13.78 -47.74
N VAL A 102 88.55 13.60 -48.91
CA VAL A 102 89.32 13.35 -50.12
C VAL A 102 90.24 14.53 -50.43
N TYR A 103 89.70 15.75 -50.35
CA TYR A 103 90.53 16.92 -50.58
C TYR A 103 91.66 17.00 -49.55
N ALA A 104 91.37 16.70 -48.29
CA ALA A 104 92.40 16.75 -47.26
C ALA A 104 93.52 15.76 -47.55
N ILE A 105 93.17 14.54 -47.93
CA ILE A 105 94.19 13.53 -48.21
C ILE A 105 95.02 13.92 -49.43
N SER A 106 94.37 14.39 -50.49
CA SER A 106 95.11 14.79 -51.69
C SER A 106 96.04 15.96 -51.38
N LEU A 107 95.55 16.94 -50.61
CA LEU A 107 96.35 18.10 -50.25
C LEU A 107 97.53 17.69 -49.37
N LEU A 108 97.31 16.75 -48.45
CA LEU A 108 98.41 16.25 -47.63
C LEU A 108 99.47 15.57 -48.48
N LYS A 109 99.04 14.76 -49.45
CA LYS A 109 100.00 14.11 -50.34
C LYS A 109 100.79 15.13 -51.14
N GLU A 110 100.11 16.14 -51.68
CA GLU A 110 100.80 17.17 -52.45
C GLU A 110 101.78 17.95 -51.59
N VAL A 111 101.39 18.27 -50.35
CA VAL A 111 102.29 19.00 -49.45
C VAL A 111 103.47 18.13 -49.07
N GLU A 112 103.26 16.84 -48.84
CA GLU A 112 104.35 15.92 -48.59
C GLU A 112 105.32 15.90 -49.77
N LYS A 113 104.79 15.95 -50.99
CA LYS A 113 105.66 16.12 -52.14
C LYS A 113 106.43 17.44 -52.06
N GLU A 114 105.76 18.51 -51.64
CA GLU A 114 106.42 19.79 -51.49
C GLU A 114 107.38 19.78 -50.30
N GLY A 115 106.91 19.33 -49.13
CA GLY A 115 107.75 19.24 -47.96
C GLY A 115 107.79 20.46 -47.07
N ASP A 116 106.66 21.16 -46.89
CA ASP A 116 106.63 22.35 -46.06
C ASP A 116 105.91 22.03 -44.74
N GLU A 117 106.54 22.41 -43.61
CA GLU A 117 106.11 21.92 -42.31
C GLU A 117 104.82 22.58 -41.82
N GLU A 118 104.68 23.89 -42.02
CA GLU A 118 103.51 24.58 -41.47
C GLU A 118 102.21 24.07 -42.10
N LEU A 119 102.21 23.87 -43.42
CA LEU A 119 101.06 23.24 -44.05
C LEU A 119 100.88 21.79 -43.61
N LYS A 120 101.98 21.10 -43.26
CA LYS A 120 101.84 19.77 -42.66
C LYS A 120 101.00 19.84 -41.40
N GLU A 121 101.36 20.74 -40.49
CA GLU A 121 100.60 20.88 -39.25
C GLU A 121 99.17 21.30 -39.54
N TYR A 122 98.98 22.20 -40.49
CA TYR A 122 97.65 22.68 -40.84
C TYR A 122 96.76 21.54 -41.31
N VAL A 123 97.26 20.73 -42.23
CA VAL A 123 96.45 19.64 -42.78
C VAL A 123 96.26 18.53 -41.76
N LYS A 124 97.24 18.29 -40.88
CA LYS A 124 97.03 17.30 -39.83
C LYS A 124 95.93 17.73 -38.87
N LEU A 125 95.92 19.01 -38.49
CA LEU A 125 94.83 19.52 -37.66
C LEU A 125 93.50 19.42 -38.39
N ALA A 126 93.49 19.73 -39.69
CA ALA A 126 92.27 19.60 -40.48
C ALA A 126 91.76 18.18 -40.50
N ILE A 127 92.66 17.21 -40.66
CA ILE A 127 92.26 15.81 -40.71
C ILE A 127 91.74 15.34 -39.36
N GLU A 128 92.39 15.76 -38.27
CA GLU A 128 91.90 15.39 -36.95
C GLU A 128 90.51 15.97 -36.69
N THR A 129 90.30 17.23 -37.07
CA THR A 129 88.98 17.82 -36.93
C THR A 129 87.95 17.12 -37.80
N LEU A 130 88.35 16.70 -39.00
CA LEU A 130 87.46 15.95 -39.87
C LEU A 130 87.06 14.63 -39.25
N LYS A 131 88.01 13.93 -38.62
CA LYS A 131 87.69 12.69 -37.93
C LYS A 131 86.73 12.93 -36.77
N GLU A 132 86.97 13.99 -35.99
CA GLU A 132 86.07 14.29 -34.88
C GLU A 132 84.67 14.62 -35.36
N ALA A 133 84.57 15.33 -36.49
CA ALA A 133 83.26 15.59 -37.08
C ALA A 133 82.60 14.31 -37.56
N PHE A 134 83.36 13.48 -38.28
CA PHE A 134 82.84 12.20 -38.77
C PHE A 134 82.30 11.34 -37.64
N GLU A 135 82.89 11.47 -36.44
CA GLU A 135 82.41 10.68 -35.30
C GLU A 135 80.92 10.87 -35.07
N ARG A 136 80.41 12.09 -35.24
CA ARG A 136 79.00 12.36 -35.00
C ARG A 136 78.37 13.30 -36.02
N LYS A 137 79.04 13.56 -37.15
CA LYS A 137 78.54 14.49 -38.16
C LYS A 137 78.28 15.88 -37.55
N ASN A 138 79.33 16.45 -36.98
CA ASN A 138 79.27 17.77 -36.36
C ASN A 138 79.68 18.80 -37.40
N TYR A 139 78.75 19.68 -37.76
CA TYR A 139 78.93 20.51 -38.95
C TYR A 139 79.97 21.60 -38.72
N ALA A 140 80.15 22.03 -37.47
CA ALA A 140 81.05 23.15 -37.18
C ALA A 140 82.51 22.80 -37.43
N LEU A 141 82.96 21.64 -36.93
CA LEU A 141 84.32 21.21 -37.24
C LEU A 141 84.49 20.93 -38.72
N LEU A 142 83.41 20.53 -39.40
CA LEU A 142 83.47 20.42 -40.85
C LEU A 142 83.74 21.76 -41.51
N VAL A 143 83.08 22.82 -41.02
CA VAL A 143 83.35 24.17 -41.54
C VAL A 143 84.80 24.56 -41.29
N SER A 144 85.29 24.30 -40.09
CA SER A 144 86.68 24.65 -39.77
C SER A 144 87.66 23.93 -40.68
N ALA A 145 87.46 22.62 -40.87
CA ALA A 145 88.34 21.85 -41.73
C ALA A 145 88.24 22.30 -43.18
N LYS A 146 87.03 22.63 -43.63
CA LYS A 146 86.85 23.14 -44.99
C LYS A 146 87.63 24.43 -45.18
N ILE A 147 87.54 25.34 -44.20
CA ILE A 147 88.29 26.59 -44.28
C ILE A 147 89.78 26.31 -44.38
N ILE A 148 90.28 25.43 -43.51
CA ILE A 148 91.71 25.14 -43.50
C ILE A 148 92.16 24.57 -44.84
N VAL A 149 91.41 23.61 -45.38
CA VAL A 149 91.84 22.95 -46.61
C VAL A 149 91.74 23.89 -47.80
N GLU A 150 90.70 24.73 -47.87
CA GLU A 150 90.60 25.62 -49.02
C GLU A 150 91.69 26.70 -48.97
N ASN A 151 91.98 27.23 -47.78
CA ASN A 151 93.07 28.19 -47.70
C ASN A 151 94.41 27.55 -48.02
N ALA A 152 94.63 26.31 -47.59
CA ALA A 152 95.86 25.61 -47.96
C ALA A 152 95.95 25.40 -49.47
N GLU A 153 94.84 25.01 -50.09
CA GLU A 153 94.84 24.82 -51.55
C GLU A 153 95.16 26.13 -52.26
N GLU A 154 94.57 27.23 -51.80
CA GLU A 154 94.89 28.53 -52.37
C GLU A 154 96.37 28.88 -52.16
N ILE A 155 96.93 28.47 -51.03
CA ILE A 155 98.36 28.68 -50.78
C ILE A 155 99.19 27.95 -51.82
N LEU A 156 98.86 26.68 -52.09
CA LEU A 156 99.60 25.93 -53.09
C LEU A 156 99.44 26.54 -54.48
N LYS A 157 98.24 27.01 -54.83
CA LYS A 157 98.08 27.67 -56.12
C LYS A 157 98.93 28.93 -56.22
N ALA A 158 98.91 29.75 -55.16
CA ALA A 158 99.72 30.97 -55.18
C ALA A 158 101.21 30.67 -55.13
N LYS A 159 101.61 29.49 -54.65
CA LYS A 159 103.02 29.13 -54.65
C LYS A 159 103.58 29.10 -56.07
N LYS A 160 102.85 28.45 -56.99
CA LYS A 160 103.27 28.48 -58.39
C LYS A 160 102.92 29.80 -59.06
N LYS A 161 101.85 30.46 -58.62
CA LYS A 161 101.54 31.79 -59.14
C LYS A 161 102.60 32.81 -58.73
N GLY A 162 102.91 32.86 -57.43
CA GLY A 162 103.96 33.73 -56.94
C GLY A 162 103.49 35.10 -56.48
N ASP A 163 102.38 35.15 -55.76
CA ASP A 163 101.84 36.39 -55.21
C ASP A 163 102.00 36.29 -53.70
N GLU A 164 103.04 36.94 -53.18
CA GLU A 164 103.39 36.77 -51.77
C GLU A 164 102.34 37.39 -50.84
N GLU A 165 101.74 38.51 -51.25
CA GLU A 165 100.72 39.13 -50.41
C GLU A 165 99.57 38.16 -50.14
N LYS A 166 99.14 37.45 -51.18
CA LYS A 166 98.04 36.50 -51.02
C LYS A 166 98.43 35.34 -50.09
N ILE A 167 99.67 34.86 -50.20
CA ILE A 167 100.08 33.75 -49.35
C ILE A 167 100.16 34.20 -47.89
N LYS A 168 100.63 35.42 -47.65
CA LYS A 168 100.63 35.93 -46.28
C LYS A 168 99.21 36.06 -45.74
N GLU A 169 98.29 36.56 -46.58
CA GLU A 169 96.89 36.66 -46.16
C GLU A 169 96.31 35.29 -45.83
N LEU A 170 96.63 34.28 -46.64
CA LEU A 170 96.12 32.94 -46.39
C LEU A 170 96.72 32.34 -45.12
N LEU A 171 97.99 32.61 -44.85
CA LEU A 171 98.57 32.19 -43.57
C LEU A 171 97.88 32.87 -42.40
N GLN A 172 97.53 34.15 -42.55
CA GLN A 172 96.75 34.82 -41.50
C GLN A 172 95.42 34.12 -41.28
N ARG A 173 94.72 33.79 -42.37
CA ARG A 173 93.44 33.09 -42.24
C ARG A 173 93.62 31.74 -41.56
N LEU A 174 94.67 31.02 -41.91
CA LEU A 174 94.90 29.71 -41.30
C LEU A 174 95.25 29.82 -39.83
N LYS A 175 96.01 30.85 -39.44
CA LYS A 175 96.26 31.07 -38.02
C LYS A 175 94.97 31.37 -37.27
N ALA A 176 94.10 32.19 -37.87
CA ALA A 176 92.80 32.46 -37.26
C ALA A 176 92.00 31.17 -37.10
N ALA A 177 92.02 30.31 -38.12
CA ALA A 177 91.30 29.05 -38.05
C ALA A 177 91.86 28.14 -36.96
N LYS A 178 93.19 28.06 -36.85
CA LYS A 178 93.80 27.25 -35.80
C LYS A 178 93.40 27.75 -34.41
N ILE A 179 93.40 29.07 -34.23
CA ILE A 179 92.99 29.63 -32.94
C ILE A 179 91.53 29.31 -32.67
N GLY A 180 90.69 29.40 -33.69
CA GLY A 180 89.26 29.29 -33.45
C GLY A 180 88.76 27.86 -33.28
N THR A 181 89.47 26.89 -33.86
CA THR A 181 88.95 25.52 -33.88
C THR A 181 88.67 24.94 -32.49
N PRO A 182 89.61 25.00 -31.52
CA PRO A 182 89.22 24.56 -30.17
C PRO A 182 88.08 25.37 -29.60
N LEU A 183 88.01 26.66 -29.91
CA LEU A 183 86.94 27.50 -29.38
C LEU A 183 85.58 27.06 -29.92
N VAL A 184 85.49 26.77 -31.22
CA VAL A 184 84.20 26.37 -31.77
C VAL A 184 83.81 24.99 -31.27
N ARG A 185 84.79 24.08 -31.17
CA ARG A 185 84.50 22.78 -30.58
C ARG A 185 83.93 22.92 -29.17
N GLU A 186 84.57 23.76 -28.36
CA GLU A 186 84.11 23.96 -26.99
C GLU A 186 82.73 24.61 -26.94
N VAL A 187 82.49 25.58 -27.83
CA VAL A 187 81.19 26.27 -27.84
C VAL A 187 80.08 25.27 -28.15
N VAL A 188 80.28 24.43 -29.18
CA VAL A 188 79.27 23.44 -29.51
C VAL A 188 79.08 22.46 -28.36
N GLU A 189 80.18 22.00 -27.76
CA GLU A 189 80.08 21.04 -26.66
C GLU A 189 79.29 21.62 -25.50
N ARG A 190 79.59 22.86 -25.11
CA ARG A 190 78.88 23.49 -24.00
C ARG A 190 77.41 23.70 -24.32
N TYR A 191 77.11 24.15 -25.54
CA TYR A 191 75.71 24.36 -25.89
C TYR A 191 74.93 23.05 -25.95
N ARG A 192 75.59 21.93 -26.23
CA ARG A 192 74.91 20.65 -26.34
C ARG A 192 74.10 20.30 -25.08
N GLU A 193 74.71 20.43 -23.90
CA GLU A 193 74.02 20.01 -22.68
C GLU A 193 74.03 21.06 -21.57
N GLU A 194 75.05 21.93 -21.52
CA GLU A 194 75.15 22.85 -20.39
C GLU A 194 73.99 23.84 -20.35
N GLY A 195 73.61 24.39 -21.51
CA GLY A 195 72.38 25.15 -21.61
C GLY A 195 72.50 26.66 -21.60
N GLU A 196 73.69 27.17 -21.87
CA GLU A 196 73.89 28.61 -21.95
C GLU A 196 73.10 29.22 -23.11
N PRO A 197 73.19 30.55 -23.26
CA PRO A 197 72.52 31.18 -24.39
C PRO A 197 73.47 31.29 -25.55
N LEU A 198 73.22 30.51 -26.58
CA LEU A 198 74.17 30.47 -27.68
C LEU A 198 74.75 31.80 -28.06
N LEU A 199 73.90 32.79 -28.22
CA LEU A 199 74.45 34.04 -28.74
C LEU A 199 75.59 34.56 -27.86
N ASP A 200 75.47 34.41 -26.55
CA ASP A 200 76.51 34.89 -25.65
C ASP A 200 77.82 34.14 -25.88
N LEU A 201 77.75 32.80 -25.94
CA LEU A 201 78.95 32.02 -26.22
C LEU A 201 79.50 32.31 -27.60
N LEU A 202 78.63 32.51 -28.60
CA LEU A 202 79.12 32.86 -29.94
C LEU A 202 79.89 34.17 -29.91
N LEU A 203 79.35 35.18 -29.23
CA LEU A 203 80.03 36.47 -29.16
C LEU A 203 81.35 36.36 -28.42
N HIS A 204 81.37 35.62 -27.31
CA HIS A 204 82.61 35.45 -26.55
C HIS A 204 83.65 34.72 -27.38
N MET A 205 83.25 33.67 -28.10
CA MET A 205 84.18 32.93 -28.94
C MET A 205 84.73 33.82 -30.05
N ALA A 206 83.87 34.62 -30.69
CA ALA A 206 84.34 35.50 -31.75
C ALA A 206 85.32 36.53 -31.22
N GLU A 207 84.99 37.14 -30.07
CA GLU A 207 85.89 38.14 -29.49
C GLU A 207 87.22 37.53 -29.08
N THR A 208 87.19 36.33 -28.49
CA THR A 208 88.42 35.66 -28.13
C THR A 208 89.27 35.34 -29.35
N THR A 209 88.61 34.90 -30.43
CA THR A 209 89.32 34.62 -31.67
C THR A 209 89.99 35.88 -32.20
N ILE A 210 89.26 37.00 -32.21
CA ILE A 210 89.83 38.25 -32.73
C ILE A 210 91.01 38.69 -31.86
N ARG A 211 90.85 38.63 -30.55
CA ARG A 211 91.92 39.08 -29.66
C ARG A 211 93.17 38.22 -29.81
N GLU A 212 92.98 36.89 -29.82
CA GLU A 212 94.13 36.01 -29.95
C GLU A 212 94.78 36.13 -31.33
N SER A 213 93.98 36.37 -32.37
CA SER A 213 94.52 36.52 -33.70
C SER A 213 95.32 37.81 -33.84
N GLU A 214 94.83 38.90 -33.25
CA GLU A 214 95.59 40.14 -33.29
C GLU A 214 96.79 40.09 -32.36
N LYS A 215 96.77 39.19 -31.37
CA LYS A 215 97.96 38.95 -30.56
C LYS A 215 99.08 38.30 -31.35
N LEU A 216 98.77 37.71 -32.51
CA LEU A 216 99.76 37.11 -33.38
C LEU A 216 100.14 38.01 -34.55
N GLY A 217 99.73 39.27 -34.51
CA GLY A 217 100.05 40.23 -35.54
C GLY A 217 99.06 40.30 -36.69
N VAL A 218 97.99 39.51 -36.64
CA VAL A 218 97.05 39.44 -37.75
C VAL A 218 95.95 40.48 -37.54
N ASP A 219 95.60 41.14 -38.64
CA ASP A 219 94.56 42.14 -38.61
C ASP A 219 93.30 41.67 -37.98
N PRO A 220 92.47 42.60 -37.55
CA PRO A 220 91.19 42.20 -37.01
C PRO A 220 90.22 42.26 -38.13
N ARG A 221 90.71 42.02 -39.33
CA ARG A 221 89.80 41.96 -40.46
C ARG A 221 89.57 40.52 -40.91
N LEU A 222 90.46 39.99 -41.74
CA LEU A 222 90.22 38.67 -42.31
C LEU A 222 89.93 37.65 -41.22
N ALA A 223 90.56 37.79 -40.05
CA ALA A 223 90.19 36.95 -38.92
C ALA A 223 88.74 37.15 -38.53
N ALA A 224 88.23 38.38 -38.71
CA ALA A 224 86.82 38.62 -38.48
C ALA A 224 85.95 37.82 -39.44
N GLU A 225 86.33 37.76 -40.71
CA GLU A 225 85.54 36.96 -41.66
C GLU A 225 85.67 35.47 -41.37
N VAL A 226 86.83 35.02 -40.89
CA VAL A 226 86.97 33.61 -40.49
C VAL A 226 86.02 33.31 -39.34
N ALA A 227 86.00 34.18 -38.33
CA ALA A 227 85.07 34.02 -37.22
C ALA A 227 83.62 34.08 -37.68
N ARG A 228 83.34 34.90 -38.70
CA ARG A 228 81.99 34.97 -39.23
C ARG A 228 81.56 33.66 -39.89
N GLU A 229 82.45 33.07 -40.69
CA GLU A 229 82.16 31.77 -41.30
C GLU A 229 81.95 30.71 -40.22
N MET A 230 82.79 30.72 -39.18
CA MET A 230 82.65 29.72 -38.12
C MET A 230 81.37 29.94 -37.33
N VAL A 231 80.96 31.20 -37.14
CA VAL A 231 79.69 31.49 -36.48
C VAL A 231 78.53 30.97 -37.31
N ASP A 232 78.61 31.15 -38.63
CA ASP A 232 77.57 30.60 -39.50
C ASP A 232 77.51 29.09 -39.39
N GLY A 233 78.68 28.44 -39.34
CA GLY A 233 78.71 26.99 -39.16
C GLY A 233 78.11 26.55 -37.84
N VAL A 234 78.40 27.29 -36.77
CA VAL A 234 77.82 26.97 -35.46
C VAL A 234 76.30 27.11 -35.51
N GLY A 235 75.82 28.18 -36.15
CA GLY A 235 74.38 28.35 -36.28
C GLY A 235 73.73 27.22 -37.06
N HIS A 236 74.37 26.77 -38.13
CA HIS A 236 73.84 25.65 -38.91
C HIS A 236 73.82 24.37 -38.09
N GLU A 237 74.91 24.09 -37.37
CA GLU A 237 75.00 22.84 -36.62
C GLU A 237 74.02 22.82 -35.45
N THR A 238 73.92 23.93 -34.72
CA THR A 238 73.10 23.99 -33.52
C THR A 238 71.62 24.03 -33.82
N GLY A 239 71.22 24.27 -35.06
CA GLY A 239 69.82 24.36 -35.40
C GLY A 239 69.17 25.68 -35.06
N GLU A 240 69.95 26.70 -34.74
CA GLU A 240 69.43 28.03 -34.41
C GLU A 240 70.28 29.06 -35.14
N THR A 241 69.69 29.71 -36.15
CA THR A 241 70.43 30.67 -36.97
C THR A 241 70.13 32.12 -36.64
N GLU A 242 69.06 32.41 -35.89
CA GLU A 242 68.75 33.78 -35.54
C GLU A 242 69.83 34.37 -34.64
N ALA A 243 70.31 33.60 -33.65
CA ALA A 243 71.42 34.05 -32.83
C ALA A 243 72.69 34.21 -33.66
N ALA A 244 72.92 33.26 -34.57
CA ALA A 244 74.04 33.39 -35.50
C ALA A 244 73.89 34.62 -36.37
N PHE A 245 72.66 34.92 -36.80
CA PHE A 245 72.41 36.14 -37.57
C PHE A 245 72.75 37.38 -36.76
N ARG A 246 72.34 37.42 -35.49
CA ARG A 246 72.62 38.58 -34.66
C ARG A 246 74.12 38.76 -34.45
N VAL A 247 74.83 37.67 -34.16
CA VAL A 247 76.28 37.77 -33.96
C VAL A 247 76.96 38.17 -35.26
N ARG A 248 76.43 37.71 -36.40
CA ARG A 248 76.94 38.14 -37.69
C ARG A 248 76.78 39.65 -37.87
N ARG A 249 75.62 40.18 -37.48
CA ARG A 249 75.40 41.62 -37.58
C ARG A 249 76.36 42.40 -36.68
N GLU A 250 76.57 41.93 -35.45
CA GLU A 250 77.50 42.62 -34.57
C GLU A 250 78.93 42.58 -35.09
N LEU A 251 79.32 41.43 -35.67
CA LEU A 251 80.66 41.36 -36.25
C LEU A 251 80.80 42.25 -37.47
N ASP A 252 79.73 42.37 -38.27
CA ASP A 252 79.73 43.29 -39.40
C ASP A 252 79.84 44.73 -38.94
N THR A 253 79.22 45.07 -37.80
CA THR A 253 79.42 46.39 -37.22
C THR A 253 80.85 46.55 -36.70
N VAL A 254 81.42 45.49 -36.15
CA VAL A 254 82.78 45.56 -35.60
C VAL A 254 83.80 45.84 -36.70
N ILE A 255 83.67 45.17 -37.85
CA ILE A 255 84.68 45.35 -38.90
C ILE A 255 84.66 46.77 -39.43
N LEU A 256 83.57 47.49 -39.24
CA LEU A 256 83.48 48.89 -39.65
C LEU A 256 84.42 49.77 -38.83
N THR B 25 42.81 32.39 -66.40
CA THR B 25 42.77 32.68 -67.82
C THR B 25 42.06 34.00 -68.10
N GLU B 26 41.80 34.76 -67.03
CA GLU B 26 41.10 36.03 -67.17
C GLU B 26 41.90 37.01 -68.01
N LYS B 27 43.23 37.05 -67.81
CA LYS B 27 44.06 37.92 -68.63
C LYS B 27 43.96 37.57 -70.11
N LEU B 28 43.96 36.27 -70.42
CA LEU B 28 43.86 35.86 -71.82
C LEU B 28 42.51 36.23 -72.42
N LYS B 29 41.44 36.05 -71.64
CA LYS B 29 40.12 36.43 -72.12
C LYS B 29 40.04 37.94 -72.39
N LYS B 30 40.59 38.74 -71.47
CA LYS B 30 40.60 40.18 -71.67
C LYS B 30 41.44 40.57 -72.88
N ILE B 31 42.57 39.89 -73.09
CA ILE B 31 43.41 40.18 -74.25
C ILE B 31 42.65 39.89 -75.54
N THR B 32 41.97 38.75 -75.58
CA THR B 32 41.17 38.40 -76.76
C THR B 32 40.06 39.42 -76.99
N LYS B 33 39.37 39.83 -75.91
CA LYS B 33 38.30 40.81 -76.05
C LYS B 33 38.83 42.14 -76.60
N LEU B 34 39.94 42.61 -76.03
CA LEU B 34 40.48 43.90 -76.47
C LEU B 34 41.00 43.83 -77.89
N LEU B 35 41.57 42.68 -78.29
CA LEU B 35 42.00 42.52 -79.67
C LEU B 35 40.82 42.53 -80.62
N HIS B 36 39.69 41.98 -80.23
CA HIS B 36 38.55 42.05 -81.10
C HIS B 36 38.26 43.50 -81.20
N GLU B 37 37.97 44.13 -80.07
CA GLU B 37 37.55 45.52 -80.16
C GLU B 37 38.47 46.33 -81.08
N LEU B 38 39.78 46.13 -80.95
CA LEU B 38 40.71 46.87 -81.80
C LEU B 38 40.52 46.53 -83.27
N VAL B 39 40.32 45.25 -83.59
CA VAL B 39 40.17 44.87 -84.99
C VAL B 39 38.82 45.32 -85.53
N ASP B 40 37.82 45.48 -84.64
CA ASP B 40 36.52 45.95 -85.09
C ASP B 40 36.61 47.35 -85.69
N ARG B 41 37.30 48.27 -84.99
CA ARG B 41 37.48 49.63 -85.46
C ARG B 41 38.87 49.79 -86.05
N GLY B 42 39.03 49.25 -87.26
CA GLY B 42 40.30 49.38 -87.98
C GLY B 42 41.45 48.79 -87.20
N GLU B 43 42.55 49.54 -87.12
CA GLU B 43 43.72 49.22 -86.29
C GLU B 43 44.29 47.87 -86.75
N ILE B 44 44.40 46.88 -85.87
CA ILE B 44 45.06 45.61 -86.19
C ILE B 44 44.23 44.82 -87.20
N PRO B 45 44.85 43.94 -87.98
CA PRO B 45 44.08 43.11 -88.92
C PRO B 45 43.37 41.95 -88.22
N GLU B 46 42.59 41.18 -88.99
CA GLU B 46 41.74 40.16 -88.42
C GLU B 46 42.50 38.91 -87.99
N GLU B 47 43.64 38.63 -88.63
CA GLU B 47 44.36 37.38 -88.36
C GLU B 47 44.76 37.29 -86.89
N LEU B 48 45.18 38.41 -86.30
CA LEU B 48 45.60 38.39 -84.91
C LEU B 48 44.42 38.06 -83.98
N ALA B 49 43.24 38.62 -84.27
CA ALA B 49 42.06 38.30 -83.46
C ALA B 49 41.64 36.85 -83.62
N THR B 50 41.71 36.32 -84.85
CA THR B 50 41.37 34.92 -85.05
C THR B 50 42.33 34.00 -84.31
N LEU B 51 43.63 34.31 -84.36
CA LEU B 51 44.60 33.54 -83.60
C LEU B 51 44.33 33.63 -82.11
N ALA B 52 43.97 34.84 -81.63
CA ALA B 52 43.65 34.99 -80.22
C ALA B 52 42.48 34.10 -79.83
N THR B 53 41.44 34.03 -80.67
CA THR B 53 40.30 33.18 -80.37
C THR B 53 40.68 31.70 -80.34
N LEU B 54 41.41 31.25 -81.36
CA LEU B 54 41.79 29.84 -81.41
C LEU B 54 42.67 29.46 -80.22
N LEU B 55 43.66 30.29 -79.89
CA LEU B 55 44.52 29.99 -78.77
C LEU B 55 43.78 30.09 -77.44
N LEU B 56 42.80 30.99 -77.34
CA LEU B 56 42.00 31.08 -76.12
C LEU B 56 41.14 29.85 -75.95
N TYR B 57 40.73 29.22 -77.04
CA TYR B 57 40.04 27.93 -76.92
C TYR B 57 41.02 26.82 -76.51
N LEU B 58 42.17 26.78 -77.18
CA LEU B 58 43.14 25.71 -76.93
C LEU B 58 43.61 25.73 -75.48
N VAL B 59 44.08 26.89 -75.01
CA VAL B 59 44.23 27.14 -73.58
C VAL B 59 42.83 27.05 -72.99
N GLU B 60 42.71 26.51 -71.79
CA GLU B 60 41.43 26.32 -71.11
C GLU B 60 40.66 25.17 -71.77
N LYS B 61 41.14 24.69 -72.93
CA LYS B 61 40.87 23.31 -73.29
C LYS B 61 41.93 22.38 -72.71
N GLY B 62 43.07 22.95 -72.33
CA GLY B 62 44.12 22.17 -71.71
C GLY B 62 45.04 21.51 -72.71
N LEU B 63 45.37 22.22 -73.79
CA LEU B 63 46.20 21.66 -74.84
C LEU B 63 47.46 22.46 -75.12
N ILE B 64 47.56 23.70 -74.64
CA ILE B 64 48.80 24.47 -74.72
C ILE B 64 48.93 25.31 -73.45
N SER B 65 50.05 26.00 -73.32
CA SER B 65 50.31 26.85 -72.15
C SER B 65 50.25 28.31 -72.55
N GLU B 66 50.14 29.17 -71.54
CA GLU B 66 50.07 30.61 -71.79
C GLU B 66 51.31 31.12 -72.49
N PHE B 67 52.46 30.46 -72.28
CA PHE B 67 53.68 30.85 -72.96
C PHE B 67 53.53 30.71 -74.47
N ASP B 68 52.94 29.62 -74.93
CA ASP B 68 52.72 29.45 -76.37
C ASP B 68 51.75 30.49 -76.90
N PHE B 69 50.70 30.78 -76.14
CA PHE B 69 49.75 31.82 -76.53
C PHE B 69 50.47 33.15 -76.76
N ILE B 70 51.22 33.61 -75.77
CA ILE B 70 51.89 34.90 -75.88
C ILE B 70 52.95 34.87 -76.97
N GLU B 71 53.66 33.75 -77.11
CA GLU B 71 54.72 33.66 -78.11
C GLU B 71 54.12 33.76 -79.52
N HIS B 72 53.02 33.05 -79.77
CA HIS B 72 52.36 33.13 -81.07
C HIS B 72 51.84 34.54 -81.33
N LEU B 73 51.24 35.16 -80.32
CA LEU B 73 50.73 36.52 -80.49
C LEU B 73 51.85 37.48 -80.85
N VAL B 74 52.98 37.38 -80.15
CA VAL B 74 54.10 38.27 -80.41
C VAL B 74 54.70 38.01 -81.78
N ARG B 75 54.79 36.73 -82.18
CA ARG B 75 55.32 36.41 -83.50
C ARG B 75 54.45 37.00 -84.60
N LEU B 76 53.12 36.87 -84.47
CA LEU B 76 52.25 37.46 -85.48
C LEU B 76 52.34 38.99 -85.47
N ALA B 77 52.41 39.59 -84.28
CA ALA B 77 52.53 41.05 -84.21
C ALA B 77 53.80 41.53 -84.88
N GLU B 78 54.92 40.83 -84.66
CA GLU B 78 56.16 41.18 -85.33
C GLU B 78 56.05 40.99 -86.84
N LYS B 79 55.37 39.92 -87.27
CA LYS B 79 55.20 39.69 -88.70
C LYS B 79 54.40 40.80 -89.36
N LEU B 80 53.34 41.27 -88.70
CA LEU B 80 52.47 42.31 -89.25
C LEU B 80 52.89 43.70 -88.85
N GLY B 81 53.92 43.85 -88.01
CA GLY B 81 54.37 45.17 -87.58
C GLY B 81 53.32 45.95 -86.82
N VAL B 82 52.67 45.29 -85.87
CA VAL B 82 51.59 45.91 -85.09
C VAL B 82 51.90 45.71 -83.61
N LEU B 83 53.18 45.52 -83.29
CA LEU B 83 53.58 45.16 -81.93
C LEU B 83 53.21 46.23 -80.92
N GLU B 84 53.15 47.49 -81.34
CA GLU B 84 52.81 48.57 -80.41
C GLU B 84 51.39 48.42 -79.88
N GLU B 85 50.45 48.04 -80.75
CA GLU B 85 49.07 47.83 -80.30
C GLU B 85 48.98 46.65 -79.33
N LEU B 86 49.73 45.59 -79.59
CA LEU B 86 49.77 44.46 -78.65
C LEU B 86 50.35 44.90 -77.31
N LYS B 87 51.38 45.76 -77.34
CA LYS B 87 51.94 46.29 -76.10
C LYS B 87 50.90 47.09 -75.33
N LYS B 88 50.14 47.94 -76.04
CA LYS B 88 49.09 48.71 -75.39
C LYS B 88 48.04 47.80 -74.77
N VAL B 89 47.64 46.75 -75.49
CA VAL B 89 46.66 45.81 -74.97
C VAL B 89 47.18 45.14 -73.70
N LEU B 90 48.45 44.74 -73.72
CA LEU B 90 49.02 44.05 -72.55
C LEU B 90 49.16 45.00 -71.36
N GLU B 91 49.40 46.29 -71.61
CA GLU B 91 49.37 47.25 -70.51
C GLU B 91 47.95 47.45 -69.98
N GLU B 92 46.97 47.54 -70.88
CA GLU B 92 45.58 47.74 -70.45
C GLU B 92 45.09 46.58 -69.59
N VAL B 93 45.36 45.34 -70.00
CA VAL B 93 44.93 44.21 -69.21
C VAL B 93 45.67 44.16 -67.88
N GLY B 94 46.91 44.66 -67.85
CA GLY B 94 47.70 44.68 -66.63
C GLY B 94 48.45 43.38 -66.41
N ASP B 95 49.23 42.98 -67.41
CA ASP B 95 50.01 41.75 -67.34
C ASP B 95 51.49 42.09 -67.41
N GLU B 96 52.27 41.57 -66.46
CA GLU B 96 53.70 41.80 -66.44
C GLU B 96 54.48 40.70 -67.13
N PHE B 97 54.03 39.45 -67.00
CA PHE B 97 54.73 38.34 -67.65
C PHE B 97 54.71 38.49 -69.17
N GLY B 98 53.52 38.74 -69.74
CA GLY B 98 53.42 38.90 -71.18
C GLY B 98 54.20 40.10 -71.68
N LEU B 99 54.14 41.21 -70.95
CA LEU B 99 54.88 42.40 -71.35
C LEU B 99 56.38 42.16 -71.33
N THR B 100 56.88 41.47 -70.29
CA THR B 100 58.29 41.13 -70.25
C THR B 100 58.67 40.21 -71.39
N LEU B 101 57.79 39.26 -71.74
CA LEU B 101 58.07 38.39 -72.89
C LEU B 101 58.13 39.20 -74.18
N VAL B 102 57.24 40.18 -74.34
CA VAL B 102 57.26 41.03 -75.52
C VAL B 102 58.59 41.79 -75.62
N TYR B 103 59.02 42.37 -74.49
CA TYR B 103 60.30 43.07 -74.48
C TYR B 103 61.45 42.13 -74.81
N ALA B 104 61.40 40.91 -74.25
CA ALA B 104 62.47 39.94 -74.52
C ALA B 104 62.54 39.59 -75.99
N ILE B 105 61.39 39.35 -76.62
CA ILE B 105 61.37 38.98 -78.04
C ILE B 105 61.88 40.15 -78.90
N SER B 106 61.40 41.37 -78.61
CA SER B 106 61.84 42.52 -79.40
C SER B 106 63.33 42.75 -79.23
N LEU B 107 63.84 42.62 -78.00
CA LEU B 107 65.26 42.80 -77.74
C LEU B 107 66.09 41.72 -78.44
N LEU B 108 65.60 40.49 -78.45
CA LEU B 108 66.29 39.42 -79.17
C LEU B 108 66.35 39.71 -80.66
N LYS B 109 65.24 40.19 -81.23
CA LYS B 109 65.25 40.53 -82.65
C LYS B 109 66.23 41.66 -82.95
N GLU B 110 66.25 42.69 -82.10
CA GLU B 110 67.17 43.80 -82.30
C GLU B 110 68.62 43.34 -82.18
N VAL B 111 68.92 42.48 -81.21
CA VAL B 111 70.27 41.98 -81.04
C VAL B 111 70.67 41.09 -82.22
N GLU B 112 69.74 40.27 -82.73
CA GLU B 112 70.01 39.49 -83.92
C GLU B 112 70.34 40.40 -85.10
N LYS B 113 69.63 41.53 -85.20
CA LYS B 113 70.03 42.53 -86.20
C LYS B 113 71.43 43.04 -85.93
N GLU B 114 71.77 43.27 -84.66
CA GLU B 114 73.13 43.72 -84.32
C GLU B 114 74.14 42.58 -84.50
N GLY B 115 73.84 41.41 -83.96
CA GLY B 115 74.72 40.26 -84.11
C GLY B 115 75.79 40.11 -83.05
N ASP B 116 75.49 40.40 -81.78
CA ASP B 116 76.49 40.27 -80.72
C ASP B 116 76.16 39.06 -79.86
N GLU B 117 77.18 38.21 -79.61
CA GLU B 117 76.93 36.89 -79.06
C GLU B 117 76.59 36.92 -77.57
N GLU B 118 77.27 37.76 -76.79
CA GLU B 118 77.05 37.74 -75.34
C GLU B 118 75.62 38.16 -75.00
N LEU B 119 75.11 39.20 -75.66
CA LEU B 119 73.71 39.53 -75.47
C LEU B 119 72.78 38.46 -76.02
N LYS B 120 73.21 37.71 -77.04
CA LYS B 120 72.43 36.55 -77.47
C LYS B 120 72.24 35.57 -76.32
N GLU B 121 73.35 35.20 -75.66
CA GLU B 121 73.26 34.28 -74.54
C GLU B 121 72.43 34.87 -73.41
N TYR B 122 72.60 36.17 -73.15
CA TYR B 122 71.86 36.83 -72.07
C TYR B 122 70.37 36.75 -72.31
N VAL B 123 69.92 37.10 -73.52
CA VAL B 123 68.50 37.11 -73.82
C VAL B 123 67.94 35.70 -73.91
N LYS B 124 68.73 34.73 -74.37
CA LYS B 124 68.24 33.34 -74.35
C LYS B 124 68.03 32.85 -72.94
N LEU B 125 68.97 33.15 -72.03
CA LEU B 125 68.76 32.80 -70.63
C LEU B 125 67.54 33.51 -70.06
N ALA B 126 67.35 34.79 -70.42
CA ALA B 126 66.19 35.53 -69.96
C ALA B 126 64.90 34.88 -70.44
N ILE B 127 64.86 34.45 -71.70
CA ILE B 127 63.66 33.84 -72.26
C ILE B 127 63.39 32.49 -71.60
N GLU B 128 64.42 31.70 -71.36
CA GLU B 128 64.23 30.42 -70.68
C GLU B 128 63.70 30.62 -69.27
N THR B 129 64.24 31.60 -68.54
CA THR B 129 63.74 31.90 -67.21
C THR B 129 62.30 32.40 -67.26
N LEU B 130 61.97 33.20 -68.29
CA LEU B 130 60.60 33.66 -68.46
C LEU B 130 59.65 32.51 -68.69
N LYS B 131 60.06 31.52 -69.50
CA LYS B 131 59.23 30.34 -69.71
C LYS B 131 59.04 29.56 -68.41
N GLU B 132 60.12 29.39 -67.65
CA GLU B 132 60.01 28.67 -66.38
C GLU B 132 59.08 29.39 -65.41
N ALA B 133 59.14 30.72 -65.39
CA ALA B 133 58.21 31.49 -64.56
C ALA B 133 56.78 31.33 -65.05
N PHE B 134 56.57 31.47 -66.37
CA PHE B 134 55.24 31.30 -66.94
C PHE B 134 54.63 29.96 -66.60
N GLU B 135 55.47 28.93 -66.45
CA GLU B 135 54.97 27.60 -66.10
C GLU B 135 54.09 27.65 -64.85
N ARG B 136 54.48 28.45 -63.84
CA ARG B 136 53.72 28.50 -62.61
C ARG B 136 53.59 29.92 -62.04
N LYS B 137 53.90 30.96 -62.81
CA LYS B 137 53.85 32.35 -62.35
C LYS B 137 54.74 32.54 -61.11
N ASN B 138 56.02 32.22 -61.28
CA ASN B 138 57.00 32.34 -60.21
C ASN B 138 57.66 33.71 -60.34
N TYR B 139 57.46 34.55 -59.32
CA TYR B 139 57.78 35.97 -59.46
C TYR B 139 59.29 36.21 -59.46
N ALA B 140 60.06 35.33 -58.82
CA ALA B 140 61.50 35.55 -58.67
C ALA B 140 62.23 35.45 -60.01
N LEU B 141 61.95 34.40 -60.78
CA LEU B 141 62.54 34.31 -62.10
C LEU B 141 62.05 35.44 -63.01
N LEU B 142 60.84 35.93 -62.77
CA LEU B 142 60.37 37.12 -63.48
C LEU B 142 61.24 38.32 -63.15
N VAL B 143 61.61 38.50 -61.87
CA VAL B 143 62.50 39.59 -61.50
C VAL B 143 63.85 39.42 -62.18
N SER B 144 64.38 38.21 -62.19
CA SER B 144 65.69 37.96 -62.82
C SER B 144 65.65 38.30 -64.30
N ALA B 145 64.62 37.82 -65.00
CA ALA B 145 64.49 38.11 -66.43
C ALA B 145 64.29 39.59 -66.68
N LYS B 146 63.52 40.26 -65.84
CA LYS B 146 63.32 41.70 -65.97
C LYS B 146 64.64 42.43 -65.85
N ILE B 147 65.45 42.05 -64.85
CA ILE B 147 66.77 42.66 -64.68
C ILE B 147 67.61 42.46 -65.93
N ILE B 148 67.65 41.23 -66.44
CA ILE B 148 68.48 40.94 -67.60
C ILE B 148 68.05 41.77 -68.79
N VAL B 149 66.73 41.83 -69.05
CA VAL B 149 66.25 42.51 -70.24
C VAL B 149 66.45 44.02 -70.13
N GLU B 150 66.24 44.60 -68.95
CA GLU B 150 66.41 46.05 -68.83
C GLU B 150 67.88 46.43 -68.94
N ASN B 151 68.78 45.63 -68.36
CA ASN B 151 70.19 45.93 -68.52
C ASN B 151 70.63 45.77 -69.96
N ALA B 152 70.11 44.76 -70.67
CA ALA B 152 70.43 44.61 -72.07
C ALA B 152 69.92 45.80 -72.89
N GLU B 153 68.69 46.24 -72.61
CA GLU B 153 68.15 47.40 -73.31
C GLU B 153 69.01 48.63 -73.08
N GLU B 154 69.44 48.84 -71.84
CA GLU B 154 70.34 49.96 -71.54
C GLU B 154 71.66 49.80 -72.28
N ILE B 155 72.13 48.55 -72.44
CA ILE B 155 73.35 48.31 -73.21
C ILE B 155 73.17 48.76 -74.66
N LEU B 156 72.04 48.40 -75.27
CA LEU B 156 71.78 48.82 -76.64
C LEU B 156 71.66 50.34 -76.76
N LYS B 157 71.02 50.98 -75.79
CA LYS B 157 70.94 52.45 -75.82
C LYS B 157 72.34 53.07 -75.73
N ALA B 158 73.16 52.58 -74.80
CA ALA B 158 74.52 53.11 -74.67
C ALA B 158 75.39 52.77 -75.86
N LYS B 159 75.04 51.74 -76.62
CA LYS B 159 75.81 51.41 -77.82
C LYS B 159 75.77 52.56 -78.82
N LYS B 160 74.58 53.11 -79.07
CA LYS B 160 74.49 54.29 -79.93
C LYS B 160 74.91 55.55 -79.20
N LYS B 161 74.70 55.61 -77.88
CA LYS B 161 75.18 56.76 -77.11
C LYS B 161 76.71 56.80 -77.08
N GLY B 162 77.34 55.67 -76.73
CA GLY B 162 78.78 55.58 -76.75
C GLY B 162 79.47 55.91 -75.44
N ASP B 163 78.92 55.42 -74.34
CA ASP B 163 79.50 55.62 -73.00
C ASP B 163 79.99 54.24 -72.55
N GLU B 164 81.29 54.02 -72.68
CA GLU B 164 81.85 52.69 -72.44
C GLU B 164 81.76 52.29 -70.97
N GLU B 165 81.94 53.26 -70.06
CA GLU B 165 81.86 52.95 -68.64
C GLU B 165 80.51 52.35 -68.29
N LYS B 166 79.43 52.93 -68.83
CA LYS B 166 78.10 52.43 -68.55
C LYS B 166 77.90 51.03 -69.11
N ILE B 167 78.44 50.75 -70.31
CA ILE B 167 78.26 49.42 -70.88
C ILE B 167 79.02 48.38 -70.07
N LYS B 168 80.22 48.73 -69.59
CA LYS B 168 80.94 47.81 -68.72
C LYS B 168 80.18 47.56 -67.43
N GLU B 169 79.60 48.61 -66.85
CA GLU B 169 78.80 48.43 -65.64
C GLU B 169 77.60 47.53 -65.88
N LEU B 170 76.95 47.69 -67.03
CA LEU B 170 75.79 46.86 -67.34
C LEU B 170 76.19 45.41 -67.59
N LEU B 171 77.35 45.18 -68.22
CA LEU B 171 77.86 43.82 -68.34
C LEU B 171 78.14 43.21 -66.97
N GLN B 172 78.67 44.01 -66.05
CA GLN B 172 78.87 43.52 -64.68
C GLN B 172 77.54 43.12 -64.04
N ARG B 173 76.52 43.96 -64.21
CA ARG B 173 75.19 43.64 -63.67
C ARG B 173 74.65 42.35 -64.28
N LEU B 174 74.82 42.19 -65.60
CA LEU B 174 74.32 40.99 -66.28
C LEU B 174 75.07 39.73 -65.83
N LYS B 175 76.38 39.84 -65.60
CA LYS B 175 77.12 38.70 -65.06
C LYS B 175 76.61 38.33 -63.68
N ALA B 176 76.35 39.34 -62.84
CA ALA B 176 75.78 39.07 -61.52
C ALA B 176 74.43 38.38 -61.65
N ALA B 177 73.60 38.83 -62.58
CA ALA B 177 72.29 38.21 -62.78
C ALA B 177 72.42 36.77 -63.24
N LYS B 178 73.35 36.50 -64.18
CA LYS B 178 73.56 35.13 -64.64
C LYS B 178 74.00 34.23 -63.50
N ILE B 179 74.91 34.72 -62.66
CA ILE B 179 75.35 33.94 -61.51
C ILE B 179 74.19 33.67 -60.56
N GLY B 180 73.35 34.68 -60.33
CA GLY B 180 72.33 34.56 -59.29
C GLY B 180 71.12 33.77 -59.71
N THR B 181 70.83 33.71 -61.01
CA THR B 181 69.57 33.10 -61.45
C THR B 181 69.41 31.63 -61.02
N PRO B 182 70.38 30.74 -61.24
CA PRO B 182 70.22 29.39 -60.67
C PRO B 182 70.09 29.41 -59.15
N LEU B 183 70.79 30.33 -58.49
CA LEU B 183 70.73 30.40 -57.03
C LEU B 183 69.33 30.78 -56.56
N VAL B 184 68.71 31.77 -57.19
CA VAL B 184 67.37 32.17 -56.76
C VAL B 184 66.34 31.09 -57.08
N ARG B 185 66.49 30.45 -58.25
CA ARG B 185 65.61 29.33 -58.57
C ARG B 185 65.71 28.24 -57.50
N GLU B 186 66.94 27.90 -57.12
CA GLU B 186 67.15 26.86 -56.12
C GLU B 186 66.60 27.29 -54.76
N VAL B 187 66.79 28.54 -54.38
CA VAL B 187 66.31 29.01 -53.09
C VAL B 187 64.80 28.90 -53.01
N VAL B 188 64.11 29.36 -54.06
CA VAL B 188 62.65 29.26 -54.08
C VAL B 188 62.21 27.80 -54.03
N GLU B 189 62.88 26.94 -54.82
CA GLU B 189 62.49 25.53 -54.86
C GLU B 189 62.65 24.89 -53.48
N ARG B 190 63.77 25.14 -52.81
CA ARG B 190 64.00 24.56 -51.49
C ARG B 190 63.01 25.09 -50.47
N TYR B 191 62.73 26.39 -50.50
CA TYR B 191 61.77 26.94 -49.54
C TYR B 191 60.36 26.41 -49.78
N ARG B 192 60.03 26.04 -51.02
CA ARG B 192 58.69 25.55 -51.33
C ARG B 192 58.26 24.40 -50.45
N GLU B 193 59.10 23.38 -50.30
CA GLU B 193 58.71 22.18 -49.56
C GLU B 193 59.71 21.74 -48.50
N GLU B 194 61.01 22.02 -48.67
CA GLU B 194 62.01 21.51 -47.75
C GLU B 194 61.83 22.07 -46.35
N GLY B 195 61.57 23.37 -46.23
CA GLY B 195 61.17 23.97 -44.98
C GLY B 195 62.23 24.70 -44.17
N GLU B 196 63.32 25.08 -44.82
CA GLU B 196 64.35 25.84 -44.15
C GLU B 196 63.88 27.24 -43.74
N PRO B 197 64.77 28.03 -43.13
CA PRO B 197 64.39 29.40 -42.75
C PRO B 197 64.77 30.38 -43.83
N LEU B 198 63.77 30.86 -44.56
CA LEU B 198 64.06 31.72 -45.69
C LEU B 198 65.22 32.65 -45.49
N LEU B 199 65.26 33.31 -44.35
CA LEU B 199 66.30 34.33 -44.22
C LEU B 199 67.70 33.72 -44.35
N ASP B 200 67.89 32.52 -43.80
CA ASP B 200 69.20 31.88 -43.89
C ASP B 200 69.57 31.58 -45.34
N LEU B 201 68.64 30.98 -46.09
CA LEU B 201 68.90 30.71 -47.50
C LEU B 201 69.09 31.99 -48.29
N LEU B 202 68.31 33.03 -47.98
CA LEU B 202 68.49 34.31 -48.68
C LEU B 202 69.89 34.86 -48.45
N LEU B 203 70.36 34.83 -47.20
CA LEU B 203 71.68 35.34 -46.88
C LEU B 203 72.77 34.52 -47.57
N HIS B 204 72.63 33.19 -47.54
CA HIS B 204 73.61 32.34 -48.20
C HIS B 204 73.64 32.58 -49.71
N MET B 205 72.47 32.72 -50.33
CA MET B 205 72.42 32.99 -51.76
C MET B 205 73.05 34.34 -52.09
N ALA B 206 72.76 35.36 -51.29
CA ALA B 206 73.35 36.67 -51.54
C ALA B 206 74.87 36.63 -51.40
N GLU B 207 75.36 35.97 -50.36
CA GLU B 207 76.81 35.89 -50.16
C GLU B 207 77.48 35.09 -51.27
N THR B 208 76.86 33.99 -51.70
CA THR B 208 77.40 33.21 -52.81
C THR B 208 77.43 34.04 -54.08
N THR B 209 76.37 34.81 -54.34
CA THR B 209 76.34 35.68 -55.51
C THR B 209 77.46 36.69 -55.47
N ILE B 210 77.67 37.32 -54.31
CA ILE B 210 78.72 38.33 -54.19
C ILE B 210 80.10 37.70 -54.41
N ARG B 211 80.33 36.54 -53.78
CA ARG B 211 81.63 35.89 -53.90
C ARG B 211 81.91 35.47 -55.33
N GLU B 212 80.93 34.84 -55.99
CA GLU B 212 81.13 34.40 -57.37
C GLU B 212 81.27 35.59 -58.32
N SER B 213 80.56 36.68 -58.04
CA SER B 213 80.65 37.86 -58.90
C SER B 213 82.01 38.53 -58.76
N GLU B 214 82.53 38.61 -57.54
CA GLU B 214 83.86 39.20 -57.37
C GLU B 214 84.95 38.24 -57.85
N LYS B 215 84.64 36.94 -57.94
CA LYS B 215 85.57 36.01 -58.58
C LYS B 215 85.70 36.27 -60.08
N LEU B 216 84.76 37.00 -60.68
CA LEU B 216 84.82 37.36 -62.08
C LEU B 216 85.34 38.77 -62.31
N GLY B 217 85.87 39.41 -61.27
CA GLY B 217 86.42 40.74 -61.36
C GLY B 217 85.44 41.86 -61.10
N VAL B 218 84.18 41.53 -60.79
CA VAL B 218 83.15 42.55 -60.64
C VAL B 218 83.10 42.99 -59.18
N ASP B 219 82.96 44.30 -59.00
CA ASP B 219 82.87 44.87 -57.67
C ASP B 219 81.87 44.18 -56.80
N PRO B 220 81.95 44.42 -55.51
CA PRO B 220 80.96 43.86 -54.63
C PRO B 220 79.98 44.95 -54.38
N ARG B 221 79.85 45.85 -55.34
CA ARG B 221 78.84 46.87 -55.22
C ARG B 221 77.62 46.57 -56.08
N LEU B 222 77.69 46.91 -57.36
CA LEU B 222 76.50 46.77 -58.20
C LEU B 222 75.95 45.35 -58.14
N ALA B 223 76.83 44.36 -58.00
CA ALA B 223 76.36 43.00 -57.78
C ALA B 223 75.58 42.91 -56.48
N ALA B 224 75.95 43.72 -55.49
CA ALA B 224 75.17 43.78 -54.25
C ALA B 224 73.76 44.29 -54.52
N GLU B 225 73.62 45.32 -55.34
CA GLU B 225 72.29 45.82 -55.64
C GLU B 225 71.49 44.83 -56.48
N VAL B 226 72.15 44.07 -57.35
CA VAL B 226 71.47 43.01 -58.10
C VAL B 226 70.93 41.96 -57.14
N ALA B 227 71.78 41.53 -56.20
CA ALA B 227 71.33 40.57 -55.19
C ALA B 227 70.22 41.15 -54.33
N ARG B 228 70.25 42.46 -54.08
CA ARG B 228 69.18 43.10 -53.31
C ARG B 228 67.85 43.05 -54.05
N GLU B 229 67.86 43.36 -55.34
CA GLU B 229 66.64 43.26 -56.14
C GLU B 229 66.12 41.83 -56.17
N MET B 230 67.02 40.86 -56.33
CA MET B 230 66.59 39.47 -56.36
C MET B 230 66.05 39.01 -55.01
N VAL B 231 66.64 39.52 -53.92
CA VAL B 231 66.12 39.22 -52.58
C VAL B 231 64.72 39.79 -52.41
N ASP B 232 64.51 41.01 -52.91
CA ASP B 232 63.17 41.60 -52.88
C ASP B 232 62.18 40.75 -53.66
N GLY B 233 62.60 40.27 -54.84
CA GLY B 233 61.74 39.39 -55.62
C GLY B 233 61.41 38.09 -54.91
N VAL B 234 62.40 37.51 -54.24
CA VAL B 234 62.17 36.29 -53.47
C VAL B 234 61.18 36.54 -52.35
N GLY B 235 61.34 37.68 -51.65
CA GLY B 235 60.40 38.02 -50.61
C GLY B 235 58.98 38.18 -51.13
N HIS B 236 58.84 38.82 -52.29
CA HIS B 236 57.51 38.99 -52.88
C HIS B 236 56.91 37.65 -53.28
N GLU B 237 57.71 36.78 -53.90
CA GLU B 237 57.17 35.51 -54.38
C GLU B 237 56.81 34.59 -53.22
N THR B 238 57.68 34.52 -52.20
CA THR B 238 57.48 33.59 -51.10
C THR B 238 56.37 34.01 -50.15
N GLY B 239 55.89 35.25 -50.26
CA GLY B 239 54.85 35.73 -49.37
C GLY B 239 55.34 36.15 -48.00
N GLU B 240 56.65 36.31 -47.83
CA GLU B 240 57.22 36.73 -46.55
C GLU B 240 58.28 37.79 -46.85
N THR B 241 57.99 39.04 -46.49
CA THR B 241 58.89 40.15 -46.78
C THR B 241 59.71 40.62 -45.58
N GLU B 242 59.35 40.22 -44.36
CA GLU B 242 60.13 40.62 -43.19
C GLU B 242 61.54 40.03 -43.24
N ALA B 243 61.66 38.75 -43.60
CA ALA B 243 62.98 38.16 -43.78
C ALA B 243 63.72 38.82 -44.93
N ALA B 244 63.02 39.12 -46.03
CA ALA B 244 63.62 39.87 -47.11
C ALA B 244 64.06 41.25 -46.65
N PHE B 245 63.26 41.89 -45.80
CA PHE B 245 63.64 43.19 -45.24
C PHE B 245 64.92 43.08 -44.42
N ARG B 246 65.03 42.03 -43.58
CA ARG B 246 66.22 41.87 -42.76
C ARG B 246 67.45 41.61 -43.61
N VAL B 247 67.34 40.76 -44.63
CA VAL B 247 68.48 40.50 -45.50
C VAL B 247 68.84 41.76 -46.28
N ARG B 248 67.84 42.56 -46.64
CA ARG B 248 68.10 43.84 -47.30
C ARG B 248 68.91 44.76 -46.38
N ARG B 249 68.56 44.79 -45.09
CA ARG B 249 69.30 45.63 -44.15
C ARG B 249 70.74 45.14 -43.99
N GLU B 250 70.93 43.82 -43.90
CA GLU B 250 72.30 43.31 -43.77
C GLU B 250 73.12 43.60 -45.03
N LEU B 251 72.51 43.49 -46.21
CA LEU B 251 73.23 43.82 -47.43
C LEU B 251 73.54 45.30 -47.51
N ASP B 252 72.63 46.15 -47.03
CA ASP B 252 72.90 47.59 -46.96
C ASP B 252 74.05 47.89 -46.01
N THR B 253 74.15 47.15 -44.91
CA THR B 253 75.32 47.28 -44.04
C THR B 253 76.58 46.78 -44.72
N VAL B 254 76.46 45.71 -45.53
CA VAL B 254 77.61 45.14 -46.21
C VAL B 254 78.21 46.13 -47.21
N ILE B 255 77.36 46.80 -47.99
CA ILE B 255 77.88 47.69 -49.03
C ILE B 255 78.63 48.86 -48.41
N LEU B 256 78.37 49.17 -47.14
CA LEU B 256 79.09 50.23 -46.44
C LEU B 256 80.55 49.85 -46.24
N THR C 25 31.96 69.12 -38.63
CA THR C 25 31.70 70.49 -39.03
C THR C 25 31.97 71.45 -37.88
N GLU C 26 32.58 70.93 -36.82
CA GLU C 26 32.86 71.76 -35.65
C GLU C 26 33.83 72.89 -35.98
N LYS C 27 34.85 72.60 -36.81
CA LYS C 27 35.77 73.65 -37.22
C LYS C 27 35.04 74.76 -37.97
N LEU C 28 34.11 74.39 -38.86
CA LEU C 28 33.37 75.41 -39.61
C LEU C 28 32.48 76.24 -38.70
N LYS C 29 31.83 75.59 -37.72
CA LYS C 29 31.00 76.33 -36.77
C LYS C 29 31.85 77.30 -35.96
N LYS C 30 33.02 76.86 -35.50
CA LYS C 30 33.89 77.75 -34.75
C LYS C 30 34.39 78.91 -35.61
N ILE C 31 34.70 78.63 -36.88
CA ILE C 31 35.14 79.69 -37.78
C ILE C 31 34.04 80.73 -37.95
N THR C 32 32.80 80.27 -38.16
CA THR C 32 31.67 81.20 -38.28
C THR C 32 31.49 82.01 -37.00
N LYS C 33 31.57 81.36 -35.85
CA LYS C 33 31.41 82.07 -34.58
C LYS C 33 32.48 83.13 -34.40
N LEU C 34 33.74 82.79 -34.68
CA LEU C 34 34.83 83.74 -34.50
C LEU C 34 34.73 84.89 -35.50
N LEU C 35 34.28 84.60 -36.72
CA LEU C 35 34.08 85.68 -37.68
C LEU C 35 32.96 86.61 -37.23
N HIS C 36 31.94 86.11 -36.61
CA HIS C 36 30.92 87.01 -36.13
C HIS C 36 31.63 87.85 -35.12
N GLU C 37 32.16 87.22 -34.09
CA GLU C 37 32.74 88.02 -33.01
C GLU C 37 33.63 89.11 -33.57
N LEU C 38 34.46 88.79 -34.55
CA LEU C 38 35.36 89.79 -35.13
C LEU C 38 34.57 90.92 -35.79
N VAL C 39 33.52 90.57 -36.54
CA VAL C 39 32.76 91.61 -37.24
C VAL C 39 31.94 92.43 -36.25
N ASP C 40 31.60 91.84 -35.09
CA ASP C 40 30.85 92.60 -34.09
C ASP C 40 31.65 93.79 -33.59
N ARG C 41 32.91 93.57 -33.26
CA ARG C 41 33.80 94.64 -32.77
C ARG C 41 34.71 95.09 -33.92
N GLY C 42 34.14 95.85 -34.84
CA GLY C 42 34.90 96.40 -35.94
C GLY C 42 35.56 95.32 -36.78
N GLU C 43 36.85 95.53 -37.07
CA GLU C 43 37.70 94.53 -37.73
C GLU C 43 37.10 94.21 -39.10
N ILE C 44 36.80 92.95 -39.39
CA ILE C 44 36.35 92.52 -40.72
C ILE C 44 34.97 93.08 -41.02
N PRO C 45 34.61 93.27 -42.29
CA PRO C 45 33.26 93.73 -42.62
C PRO C 45 32.21 92.64 -42.52
N GLU C 46 30.95 92.99 -42.73
CA GLU C 46 29.83 92.07 -42.50
C GLU C 46 29.70 91.01 -43.58
N GLU C 47 30.14 91.31 -44.80
CA GLU C 47 29.92 90.39 -45.92
C GLU C 47 30.58 89.04 -45.64
N LEU C 48 31.76 89.04 -45.04
CA LEU C 48 32.45 87.78 -44.77
C LEU C 48 31.67 86.94 -43.75
N ALA C 49 31.11 87.58 -42.73
CA ALA C 49 30.32 86.85 -41.75
C ALA C 49 29.03 86.31 -42.36
N THR C 50 28.37 87.10 -43.22
CA THR C 50 27.17 86.61 -43.89
C THR C 50 27.48 85.42 -44.79
N LEU C 51 28.59 85.49 -45.54
CA LEU C 51 28.99 84.35 -46.36
C LEU C 51 29.30 83.14 -45.49
N ALA C 52 29.95 83.36 -44.34
CA ALA C 52 30.23 82.25 -43.44
C ALA C 52 28.94 81.58 -42.98
N THR C 53 27.92 82.38 -42.65
CA THR C 53 26.64 81.82 -42.21
C THR C 53 25.98 81.02 -43.32
N LEU C 54 25.90 81.61 -44.53
CA LEU C 54 25.24 80.91 -45.64
C LEU C 54 25.96 79.61 -45.98
N LEU C 55 27.29 79.64 -46.05
CA LEU C 55 28.04 78.44 -46.36
C LEU C 55 27.96 77.41 -45.23
N LEU C 56 27.89 77.87 -43.98
CA LEU C 56 27.73 76.93 -42.87
C LEU C 56 26.36 76.26 -42.90
N TYR C 57 25.35 76.94 -43.44
CA TYR C 57 24.07 76.26 -43.66
C TYR C 57 24.17 75.26 -44.80
N LEU C 58 24.76 75.70 -45.92
CA LEU C 58 24.83 74.86 -47.11
C LEU C 58 25.61 73.57 -46.84
N VAL C 59 26.82 73.70 -46.29
CA VAL C 59 27.49 72.57 -45.67
C VAL C 59 26.62 72.16 -44.49
N GLU C 60 26.53 70.86 -44.22
CA GLU C 60 25.70 70.32 -43.15
C GLU C 60 24.23 70.39 -43.56
N LYS C 61 23.92 71.11 -44.65
CA LYS C 61 22.73 70.76 -45.42
C LYS C 61 23.05 69.70 -46.46
N GLY C 62 24.33 69.53 -46.77
CA GLY C 62 24.76 68.51 -47.70
C GLY C 62 24.69 68.95 -49.15
N LEU C 63 25.06 70.21 -49.41
CA LEU C 63 24.99 70.75 -50.75
C LEU C 63 26.31 71.26 -51.29
N ILE C 64 27.33 71.44 -50.44
CA ILE C 64 28.67 71.79 -50.89
C ILE C 64 29.67 71.09 -49.97
N SER C 65 30.96 71.20 -50.29
CA SER C 65 32.01 70.60 -49.50
C SER C 65 32.80 71.68 -48.76
N GLU C 66 33.57 71.23 -47.77
CA GLU C 66 34.38 72.17 -46.99
C GLU C 66 35.39 72.91 -47.86
N PHE C 67 35.83 72.27 -48.96
CA PHE C 67 36.75 72.94 -49.86
C PHE C 67 36.13 74.19 -50.46
N ASP C 68 34.86 74.10 -50.88
CA ASP C 68 34.18 75.28 -51.42
C ASP C 68 34.01 76.35 -50.36
N PHE C 69 33.67 75.95 -49.13
CA PHE C 69 33.57 76.90 -48.02
C PHE C 69 34.86 77.68 -47.86
N ILE C 70 35.98 76.97 -47.70
CA ILE C 70 37.25 77.64 -47.46
C ILE C 70 37.67 78.46 -48.67
N GLU C 71 37.41 77.95 -49.89
CA GLU C 71 37.80 78.68 -51.08
C GLU C 71 37.04 80.00 -51.19
N HIS C 72 35.73 79.98 -50.94
CA HIS C 72 34.95 81.20 -50.98
C HIS C 72 35.40 82.17 -49.90
N LEU C 73 35.68 81.67 -48.69
CA LEU C 73 36.13 82.54 -47.62
C LEU C 73 37.45 83.22 -47.99
N VAL C 74 38.39 82.45 -48.55
CA VAL C 74 39.68 83.00 -48.92
C VAL C 74 39.53 83.99 -50.07
N ARG C 75 38.66 83.70 -51.04
CA ARG C 75 38.46 84.63 -52.14
C ARG C 75 37.90 85.96 -51.65
N LEU C 76 36.91 85.92 -50.75
CA LEU C 76 36.39 87.17 -50.20
C LEU C 76 37.43 87.90 -49.38
N ALA C 77 38.22 87.17 -48.59
CA ALA C 77 39.26 87.81 -47.79
C ALA C 77 40.28 88.50 -48.67
N GLU C 78 40.68 87.86 -49.78
CA GLU C 78 41.59 88.48 -50.72
C GLU C 78 40.96 89.71 -51.37
N LYS C 79 39.66 89.61 -51.70
CA LYS C 79 38.98 90.75 -52.31
C LYS C 79 38.94 91.95 -51.37
N LEU C 80 38.68 91.72 -50.09
CA LEU C 80 38.57 92.79 -49.11
C LEU C 80 39.90 93.10 -48.41
N GLY C 81 40.96 92.34 -48.70
CA GLY C 81 42.25 92.58 -48.07
C GLY C 81 42.24 92.42 -46.57
N VAL C 82 41.62 91.34 -46.10
CA VAL C 82 41.49 91.08 -44.67
C VAL C 82 41.99 89.67 -44.39
N LEU C 83 42.87 89.17 -45.27
CA LEU C 83 43.31 87.78 -45.19
C LEU C 83 44.03 87.48 -43.88
N GLU C 84 44.69 88.48 -43.28
CA GLU C 84 45.41 88.23 -42.04
C GLU C 84 44.46 87.84 -40.92
N GLU C 85 43.30 88.50 -40.82
CA GLU C 85 42.33 88.15 -39.80
C GLU C 85 41.78 86.73 -40.02
N LEU C 86 41.55 86.35 -41.27
CA LEU C 86 41.13 84.98 -41.56
C LEU C 86 42.21 83.98 -41.16
N LYS C 87 43.48 84.33 -41.40
CA LYS C 87 44.58 83.48 -40.97
C LYS C 87 44.57 83.30 -39.45
N LYS C 88 44.38 84.41 -38.72
CA LYS C 88 44.33 84.34 -37.27
C LYS C 88 43.16 83.47 -36.80
N VAL C 89 42.00 83.60 -37.44
CA VAL C 89 40.85 82.78 -37.08
C VAL C 89 41.16 81.31 -37.31
N LEU C 90 41.80 80.99 -38.44
CA LEU C 90 42.09 79.59 -38.75
C LEU C 90 43.14 79.02 -37.81
N GLU C 91 44.06 79.85 -37.33
CA GLU C 91 44.99 79.38 -36.30
C GLU C 91 44.27 79.17 -34.97
N GLU C 92 43.36 80.08 -34.60
CA GLU C 92 42.65 79.94 -33.33
C GLU C 92 41.80 78.67 -33.31
N VAL C 93 41.07 78.40 -34.39
CA VAL C 93 40.26 77.18 -34.41
C VAL C 93 41.14 75.94 -34.42
N GLY C 94 42.34 76.05 -34.98
CA GLY C 94 43.26 74.92 -35.01
C GLY C 94 43.04 74.01 -36.21
N ASP C 95 43.04 74.60 -37.40
CA ASP C 95 42.82 73.86 -38.63
C ASP C 95 44.06 73.93 -39.50
N GLU C 96 44.54 72.79 -39.94
CA GLU C 96 45.72 72.73 -40.80
C GLU C 96 45.35 72.71 -42.28
N PHE C 97 44.27 72.03 -42.64
CA PHE C 97 43.85 71.97 -44.04
C PHE C 97 43.50 73.35 -44.57
N GLY C 98 42.66 74.08 -43.83
CA GLY C 98 42.28 75.41 -44.26
C GLY C 98 43.45 76.37 -44.32
N LEU C 99 44.34 76.28 -43.33
CA LEU C 99 45.52 77.16 -43.31
C LEU C 99 46.42 76.87 -44.50
N THR C 100 46.63 75.59 -44.82
CA THR C 100 47.42 75.23 -45.98
C THR C 100 46.77 75.73 -47.26
N LEU C 101 45.43 75.65 -47.34
CA LEU C 101 44.75 76.18 -48.51
C LEU C 101 44.93 77.68 -48.63
N VAL C 102 44.90 78.40 -47.50
CA VAL C 102 45.11 79.85 -47.52
C VAL C 102 46.50 80.16 -48.03
N TYR C 103 47.52 79.44 -47.54
CA TYR C 103 48.88 79.65 -48.02
C TYR C 103 48.98 79.34 -49.51
N ALA C 104 48.32 78.27 -49.96
CA ALA C 104 48.38 77.91 -51.37
C ALA C 104 47.77 79.00 -52.25
N ILE C 105 46.63 79.54 -51.84
CA ILE C 105 45.98 80.59 -52.63
C ILE C 105 46.83 81.86 -52.65
N SER C 106 47.36 82.26 -51.50
CA SER C 106 48.19 83.46 -51.46
C SER C 106 49.44 83.29 -52.30
N LEU C 107 50.07 82.11 -52.22
CA LEU C 107 51.27 81.84 -53.00
C LEU C 107 50.96 81.82 -54.49
N LEU C 108 49.81 81.26 -54.88
CA LEU C 108 49.40 81.28 -56.28
C LEU C 108 49.20 82.72 -56.77
N LYS C 109 48.56 83.56 -55.95
CA LYS C 109 48.38 84.95 -56.34
C LYS C 109 49.71 85.66 -56.50
N GLU C 110 50.64 85.44 -55.56
CA GLU C 110 51.94 86.08 -55.65
C GLU C 110 52.72 85.60 -56.87
N VAL C 111 52.64 84.31 -57.18
CA VAL C 111 53.33 83.78 -58.36
C VAL C 111 52.70 84.31 -59.64
N GLU C 112 51.36 84.44 -59.67
CA GLU C 112 50.69 85.06 -60.81
C GLU C 112 51.18 86.50 -61.00
N LYS C 113 51.38 87.22 -59.90
CA LYS C 113 52.02 88.53 -60.00
C LYS C 113 53.42 88.41 -60.58
N GLU C 114 54.18 87.40 -60.15
CA GLU C 114 55.51 87.18 -60.70
C GLU C 114 55.45 86.68 -62.13
N GLY C 115 54.64 85.66 -62.39
CA GLY C 115 54.49 85.13 -63.74
C GLY C 115 55.44 84.03 -64.14
N ASP C 116 55.79 83.12 -63.23
CA ASP C 116 56.72 82.04 -63.56
C ASP C 116 55.95 80.73 -63.68
N GLU C 117 56.20 80.00 -64.78
CA GLU C 117 55.33 78.88 -65.16
C GLU C 117 55.54 77.66 -64.27
N GLU C 118 56.79 77.32 -63.95
CA GLU C 118 57.03 76.09 -63.20
C GLU C 118 56.39 76.14 -61.82
N LEU C 119 56.51 77.27 -61.13
CA LEU C 119 55.79 77.43 -59.87
C LEU C 119 54.28 77.45 -60.08
N LYS C 120 53.80 77.92 -61.24
CA LYS C 120 52.38 77.79 -61.55
C LYS C 120 51.95 76.33 -61.51
N GLU C 121 52.68 75.47 -62.22
CA GLU C 121 52.35 74.05 -62.22
C GLU C 121 52.47 73.46 -60.83
N TYR C 122 53.51 73.86 -60.10
CA TYR C 122 53.72 73.33 -58.75
C TYR C 122 52.54 73.65 -57.84
N VAL C 123 52.11 74.91 -57.84
CA VAL C 123 51.02 75.31 -56.95
C VAL C 123 49.69 74.74 -57.42
N LYS C 124 49.49 74.58 -58.73
CA LYS C 124 48.26 73.94 -59.19
C LYS C 124 48.19 72.48 -58.74
N LEU C 125 49.31 71.76 -58.84
CA LEU C 125 49.35 70.39 -58.32
C LEU C 125 49.11 70.38 -56.81
N ALA C 126 49.70 71.33 -56.09
CA ALA C 126 49.48 71.41 -54.66
C ALA C 126 48.02 71.64 -54.32
N ILE C 127 47.35 72.53 -55.07
CA ILE C 127 45.94 72.82 -54.82
C ILE C 127 45.06 71.61 -55.13
N GLU C 128 45.37 70.92 -56.23
CA GLU C 128 44.60 69.72 -56.56
C GLU C 128 44.76 68.64 -55.48
N THR C 129 45.98 68.45 -54.99
CA THR C 129 46.20 67.50 -53.91
C THR C 129 45.49 67.94 -52.63
N LEU C 130 45.47 69.24 -52.37
CA LEU C 130 44.76 69.76 -51.20
C LEU C 130 43.27 69.48 -51.31
N LYS C 131 42.70 69.65 -52.50
CA LYS C 131 41.29 69.33 -52.70
C LYS C 131 41.02 67.85 -52.48
N GLU C 132 41.90 66.99 -53.02
CA GLU C 132 41.72 65.55 -52.83
C GLU C 132 41.80 65.17 -51.36
N ALA C 133 42.72 65.81 -50.62
CA ALA C 133 42.80 65.56 -49.19
C ALA C 133 41.54 66.05 -48.47
N PHE C 134 41.10 67.27 -48.79
CA PHE C 134 39.89 67.82 -48.20
C PHE C 134 38.69 66.91 -48.42
N GLU C 135 38.66 66.19 -49.54
CA GLU C 135 37.55 65.28 -49.80
C GLU C 135 37.32 64.31 -48.65
N ARG C 136 38.40 63.80 -48.04
CA ARG C 136 38.26 62.84 -46.96
C ARG C 136 39.24 63.07 -45.81
N LYS C 137 39.90 64.22 -45.74
CA LYS C 137 40.91 64.50 -44.72
C LYS C 137 42.01 63.44 -44.71
N ASN C 138 42.66 63.31 -45.87
CA ASN C 138 43.74 62.35 -46.04
C ASN C 138 45.06 63.06 -45.76
N TYR C 139 45.76 62.63 -44.70
CA TYR C 139 46.86 63.42 -44.16
C TYR C 139 48.07 63.39 -45.08
N ALA C 140 48.24 62.32 -45.87
CA ALA C 140 49.44 62.16 -46.68
C ALA C 140 49.51 63.19 -47.80
N LEU C 141 48.41 63.36 -48.54
CA LEU C 141 48.38 64.41 -49.56
C LEU C 141 48.50 65.79 -48.93
N LEU C 142 48.03 65.95 -47.69
CA LEU C 142 48.26 67.20 -46.97
C LEU C 142 49.76 67.42 -46.75
N VAL C 143 50.49 66.38 -46.37
CA VAL C 143 51.93 66.49 -46.21
C VAL C 143 52.59 66.87 -47.53
N SER C 144 52.18 66.22 -48.62
CA SER C 144 52.77 66.52 -49.93
C SER C 144 52.53 67.97 -50.32
N ALA C 145 51.29 68.44 -50.16
CA ALA C 145 50.96 69.82 -50.51
C ALA C 145 51.70 70.80 -49.61
N LYS C 146 51.83 70.48 -48.32
CA LYS C 146 52.58 71.33 -47.40
C LYS C 146 54.04 71.45 -47.86
N ILE C 147 54.64 70.32 -48.23
CA ILE C 147 56.02 70.35 -48.73
C ILE C 147 56.13 71.24 -49.95
N ILE C 148 55.22 71.07 -50.90
CA ILE C 148 55.28 71.84 -52.14
C ILE C 148 55.16 73.33 -51.84
N VAL C 149 54.20 73.70 -50.99
CA VAL C 149 53.95 75.12 -50.76
C VAL C 149 55.09 75.76 -49.97
N GLU C 150 55.66 75.04 -48.99
CA GLU C 150 56.75 75.64 -48.23
C GLU C 150 58.01 75.79 -49.07
N ASN C 151 58.30 74.79 -49.92
CA ASN C 151 59.45 74.94 -50.81
C ASN C 151 59.23 76.05 -51.81
N ALA C 152 58.00 76.22 -52.32
CA ALA C 152 57.73 77.33 -53.22
C ALA C 152 57.89 78.67 -52.51
N GLU C 153 57.40 78.77 -51.27
CA GLU C 153 57.56 80.01 -50.52
C GLU C 153 59.03 80.33 -50.30
N GLU C 154 59.84 79.32 -49.96
CA GLU C 154 61.27 79.53 -49.82
C GLU C 154 61.89 79.96 -51.15
N ILE C 155 61.37 79.43 -52.27
CA ILE C 155 61.86 79.86 -53.58
C ILE C 155 61.59 81.34 -53.79
N LEU C 156 60.39 81.80 -53.47
CA LEU C 156 60.09 83.23 -53.61
C LEU C 156 60.94 84.09 -52.70
N LYS C 157 61.18 83.63 -51.45
CA LYS C 157 62.07 84.39 -50.57
C LYS C 157 63.48 84.48 -51.15
N ALA C 158 64.02 83.36 -51.63
CA ALA C 158 65.35 83.36 -52.21
C ALA C 158 65.41 84.15 -53.51
N LYS C 159 64.27 84.32 -54.19
CA LYS C 159 64.26 85.12 -55.41
C LYS C 159 64.69 86.56 -55.12
N LYS C 160 64.13 87.17 -54.08
CA LYS C 160 64.57 88.50 -53.69
C LYS C 160 65.89 88.46 -52.94
N LYS C 161 66.17 87.37 -52.21
CA LYS C 161 67.47 87.22 -51.57
C LYS C 161 68.59 87.07 -52.60
N GLY C 162 68.41 86.14 -53.55
CA GLY C 162 69.36 85.97 -54.63
C GLY C 162 70.44 84.94 -54.37
N ASP C 163 70.06 83.80 -53.81
CA ASP C 163 70.97 82.69 -53.55
C ASP C 163 70.56 81.57 -54.50
N GLU C 164 71.31 81.43 -55.61
CA GLU C 164 70.91 80.51 -56.67
C GLU C 164 71.02 79.06 -56.23
N GLU C 165 72.03 78.74 -55.42
CA GLU C 165 72.19 77.36 -54.96
C GLU C 165 70.95 76.90 -54.20
N LYS C 166 70.41 77.75 -53.34
CA LYS C 166 69.22 77.39 -52.57
C LYS C 166 68.01 77.21 -53.49
N ILE C 167 67.86 78.05 -54.51
CA ILE C 167 66.71 77.91 -55.40
C ILE C 167 66.81 76.62 -56.21
N LYS C 168 68.03 76.26 -56.64
CA LYS C 168 68.19 74.98 -57.32
C LYS C 168 67.87 73.82 -56.40
N GLU C 169 68.30 73.89 -55.14
CA GLU C 169 67.98 72.84 -54.18
C GLU C 169 66.47 72.73 -53.98
N LEU C 170 65.78 73.86 -53.89
CA LEU C 170 64.34 73.83 -53.70
C LEU C 170 63.62 73.29 -54.94
N LEU C 171 64.11 73.60 -56.13
CA LEU C 171 63.55 72.97 -57.33
C LEU C 171 63.75 71.46 -57.32
N GLN C 172 64.91 71.01 -56.84
CA GLN C 172 65.13 69.57 -56.70
C GLN C 172 64.11 68.96 -55.74
N ARG C 173 63.89 69.62 -54.60
CA ARG C 173 62.90 69.12 -53.64
C ARG C 173 61.51 69.07 -54.25
N LEU C 174 61.14 70.10 -55.03
CA LEU C 174 59.82 70.15 -55.64
C LEU C 174 59.67 69.07 -56.71
N LYS C 175 60.73 68.79 -57.48
CA LYS C 175 60.67 67.69 -58.43
C LYS C 175 60.47 66.36 -57.71
N ALA C 176 61.19 66.17 -56.60
CA ALA C 176 60.99 64.95 -55.82
C ALA C 176 59.55 64.84 -55.32
N ALA C 177 58.98 65.96 -54.87
CA ALA C 177 57.60 65.95 -54.39
C ALA C 177 56.62 65.62 -55.52
N LYS C 178 56.85 66.21 -56.70
CA LYS C 178 55.98 65.91 -57.84
C LYS C 178 56.04 64.44 -58.20
N ILE C 179 57.24 63.85 -58.20
CA ILE C 179 57.37 62.43 -58.49
C ILE C 179 56.66 61.60 -57.44
N GLY C 180 56.78 61.99 -56.17
CA GLY C 180 56.29 61.14 -55.10
C GLY C 180 54.79 61.22 -54.88
N THR C 181 54.17 62.35 -55.25
CA THR C 181 52.76 62.55 -54.91
C THR C 181 51.83 61.47 -55.47
N PRO C 182 51.89 61.11 -56.75
CA PRO C 182 51.05 59.96 -57.19
C PRO C 182 51.42 58.68 -56.47
N LEU C 183 52.70 58.50 -56.15
CA LEU C 183 53.12 57.29 -55.46
C LEU C 183 52.52 57.19 -54.06
N VAL C 184 52.52 58.30 -53.31
CA VAL C 184 51.97 58.26 -51.96
C VAL C 184 50.46 58.10 -52.01
N ARG C 185 49.80 58.78 -52.97
CA ARG C 185 48.36 58.58 -53.13
C ARG C 185 48.04 57.11 -53.39
N GLU C 186 48.80 56.49 -54.30
CA GLU C 186 48.56 55.09 -54.63
C GLU C 186 48.85 54.18 -53.44
N VAL C 187 49.91 54.46 -52.68
CA VAL C 187 50.25 53.62 -51.54
C VAL C 187 49.12 53.66 -50.51
N VAL C 188 48.62 54.86 -50.20
CA VAL C 188 47.53 54.96 -49.24
C VAL C 188 46.28 54.25 -49.77
N GLU C 189 45.97 54.43 -51.06
CA GLU C 189 44.78 53.81 -51.62
C GLU C 189 44.87 52.28 -51.54
N ARG C 190 46.03 51.72 -51.90
CA ARG C 190 46.20 50.27 -51.86
C ARG C 190 46.13 49.75 -50.42
N TYR C 191 46.77 50.46 -49.48
CA TYR C 191 46.72 49.99 -48.09
C TYR C 191 45.31 50.07 -47.51
N ARG C 192 44.48 50.99 -48.01
CA ARG C 192 43.13 51.15 -47.48
C ARG C 192 42.33 49.86 -47.50
N GLU C 193 42.32 49.14 -48.62
CA GLU C 193 41.49 47.95 -48.72
C GLU C 193 42.22 46.72 -49.25
N GLU C 194 43.26 46.88 -50.06
CA GLU C 194 43.89 45.72 -50.68
C GLU C 194 44.55 44.81 -49.65
N GLY C 195 45.24 45.39 -48.66
CA GLY C 195 45.70 44.64 -47.51
C GLY C 195 47.15 44.21 -47.50
N GLU C 196 47.97 44.84 -48.32
CA GLU C 196 49.37 44.55 -48.37
C GLU C 196 50.08 44.88 -47.05
N PRO C 197 51.39 44.63 -46.99
CA PRO C 197 52.13 44.99 -45.79
C PRO C 197 52.70 46.37 -45.92
N LEU C 198 52.11 47.32 -45.23
CA LEU C 198 52.54 48.69 -45.40
C LEU C 198 54.02 48.85 -45.59
N LEU C 199 54.80 48.32 -44.67
CA LEU C 199 56.23 48.61 -44.76
C LEU C 199 56.78 48.28 -46.14
N ASP C 200 56.31 47.20 -46.76
CA ASP C 200 56.79 46.83 -48.08
C ASP C 200 56.45 47.88 -49.12
N LEU C 201 55.18 48.33 -49.13
CA LEU C 201 54.79 49.38 -50.06
C LEU C 201 55.51 50.69 -49.76
N LEU C 202 55.73 51.01 -48.49
CA LEU C 202 56.48 52.22 -48.16
C LEU C 202 57.89 52.17 -48.72
N LEU C 203 58.56 51.02 -48.55
CA LEU C 203 59.92 50.88 -49.05
C LEU C 203 59.95 50.95 -50.56
N HIS C 204 59.00 50.29 -51.23
CA HIS C 204 58.97 50.33 -52.69
C HIS C 204 58.70 51.75 -53.20
N MET C 205 57.79 52.47 -52.55
CA MET C 205 57.51 53.84 -52.95
C MET C 205 58.73 54.74 -52.75
N ALA C 206 59.42 54.58 -51.62
CA ALA C 206 60.61 55.39 -51.38
C ALA C 206 61.69 55.10 -52.41
N GLU C 207 61.92 53.82 -52.70
CA GLU C 207 62.95 53.46 -53.68
C GLU C 207 62.58 53.97 -55.07
N THR C 208 61.31 53.85 -55.45
CA THR C 208 60.88 54.36 -56.74
C THR C 208 61.06 55.87 -56.81
N THR C 209 60.73 56.58 -55.72
CA THR C 209 60.92 58.03 -55.68
C THR C 209 62.40 58.38 -55.86
N ILE C 210 63.28 57.68 -55.16
CA ILE C 210 64.71 57.97 -55.26
C ILE C 210 65.22 57.70 -56.68
N ARG C 211 64.82 56.56 -57.26
CA ARG C 211 65.28 56.21 -58.59
C ARG C 211 64.79 57.21 -59.63
N GLU C 212 63.50 57.57 -59.58
CA GLU C 212 62.96 58.52 -60.56
C GLU C 212 63.55 59.91 -60.35
N SER C 213 63.82 60.29 -59.10
CA SER C 213 64.41 61.60 -58.83
C SER C 213 65.84 61.68 -59.34
N GLU C 214 66.63 60.62 -59.15
CA GLU C 214 67.99 60.62 -59.68
C GLU C 214 68.00 60.46 -61.19
N LYS C 215 66.92 59.93 -61.77
CA LYS C 215 66.78 59.92 -63.22
C LYS C 215 66.62 61.32 -63.79
N LEU C 216 66.25 62.29 -62.95
CA LEU C 216 66.11 63.68 -63.38
C LEU C 216 67.33 64.53 -63.00
N GLY C 217 68.41 63.90 -62.57
CA GLY C 217 69.64 64.58 -62.22
C GLY C 217 69.74 65.01 -60.78
N VAL C 218 68.72 64.71 -59.96
CA VAL C 218 68.70 65.17 -58.57
C VAL C 218 69.37 64.14 -57.69
N ASP C 219 70.17 64.66 -56.75
CA ASP C 219 70.83 63.80 -55.79
C ASP C 219 69.93 62.81 -55.15
N PRO C 220 70.52 61.82 -54.51
CA PRO C 220 69.72 60.87 -53.79
C PRO C 220 69.77 61.30 -52.38
N ARG C 221 70.05 62.56 -52.17
CA ARG C 221 70.02 63.07 -50.81
C ARG C 221 68.72 63.78 -50.51
N LEU C 222 68.60 65.05 -50.86
CA LEU C 222 67.43 65.82 -50.46
C LEU C 222 66.14 65.13 -50.88
N ALA C 223 66.16 64.43 -52.01
CA ALA C 223 65.01 63.60 -52.37
C ALA C 223 64.77 62.52 -51.34
N ALA C 224 65.85 62.03 -50.72
CA ALA C 224 65.70 61.06 -49.64
C ALA C 224 64.95 61.69 -48.46
N GLU C 225 65.28 62.93 -48.10
CA GLU C 225 64.57 63.57 -47.00
C GLU C 225 63.12 63.88 -47.36
N VAL C 226 62.86 64.19 -48.64
CA VAL C 226 61.47 64.37 -49.08
C VAL C 226 60.69 63.08 -48.92
N ALA C 227 61.28 61.97 -49.37
CA ALA C 227 60.65 60.67 -49.19
C ALA C 227 60.48 60.32 -47.73
N ARG C 228 61.42 60.76 -46.88
CA ARG C 228 61.29 60.51 -45.45
C ARG C 228 60.10 61.26 -44.85
N GLU C 229 59.95 62.52 -45.21
CA GLU C 229 58.79 63.29 -44.74
C GLU C 229 57.49 62.65 -45.22
N MET C 230 57.45 62.22 -46.49
CA MET C 230 56.24 61.60 -47.00
C MET C 230 55.96 60.26 -46.34
N VAL C 231 57.01 59.51 -45.99
CA VAL C 231 56.83 58.27 -45.26
C VAL C 231 56.26 58.54 -43.88
N ASP C 232 56.75 59.59 -43.22
CA ASP C 232 56.21 59.99 -41.93
C ASP C 232 54.73 60.34 -42.06
N GLY C 233 54.38 61.08 -43.12
CA GLY C 233 52.98 61.41 -43.35
C GLY C 233 52.12 60.19 -43.58
N VAL C 234 52.63 59.22 -44.34
CA VAL C 234 51.89 57.97 -44.57
C VAL C 234 51.69 57.23 -43.26
N GLY C 235 52.72 57.17 -42.42
CA GLY C 235 52.58 56.53 -41.13
C GLY C 235 51.55 57.20 -40.26
N HIS C 236 51.52 58.54 -40.27
CA HIS C 236 50.51 59.26 -39.49
C HIS C 236 49.11 59.00 -40.01
N GLU C 237 48.93 59.04 -41.33
CA GLU C 237 47.60 58.87 -41.90
C GLU C 237 47.09 57.45 -41.70
N THR C 238 47.94 56.45 -41.93
CA THR C 238 47.52 55.05 -41.87
C THR C 238 47.28 54.56 -40.46
N GLY C 239 47.71 55.31 -39.43
CA GLY C 239 47.54 54.88 -38.07
C GLY C 239 48.55 53.86 -37.60
N GLU C 240 49.64 53.67 -38.35
CA GLU C 240 50.68 52.72 -37.98
C GLU C 240 52.03 53.39 -38.23
N THR C 241 52.73 53.72 -37.15
CA THR C 241 54.00 54.44 -37.25
C THR C 241 55.23 53.55 -37.07
N GLU C 242 55.07 52.34 -36.54
CA GLU C 242 56.22 51.46 -36.37
C GLU C 242 56.82 51.06 -37.71
N ALA C 243 55.98 50.74 -38.69
CA ALA C 243 56.48 50.46 -40.03
C ALA C 243 57.11 51.71 -40.64
N ALA C 244 56.48 52.87 -40.43
CA ALA C 244 57.07 54.12 -40.87
C ALA C 244 58.41 54.36 -40.17
N PHE C 245 58.51 54.02 -38.89
CA PHE C 245 59.77 54.13 -38.18
C PHE C 245 60.84 53.25 -38.80
N ARG C 246 60.49 52.01 -39.13
CA ARG C 246 61.45 51.09 -39.71
C ARG C 246 61.92 51.58 -41.08
N VAL C 247 61.00 52.04 -41.92
CA VAL C 247 61.38 52.56 -43.23
C VAL C 247 62.22 53.82 -43.07
N ARG C 248 61.93 54.63 -42.06
CA ARG C 248 62.75 55.80 -41.76
C ARG C 248 64.18 55.38 -41.42
N ARG C 249 64.32 54.32 -40.61
CA ARG C 249 65.66 53.85 -40.26
C ARG C 249 66.41 53.33 -41.49
N GLU C 250 65.72 52.58 -42.35
CA GLU C 250 66.40 52.08 -43.55
C GLU C 250 66.80 53.22 -44.48
N LEU C 251 65.95 54.25 -44.60
CA LEU C 251 66.32 55.39 -45.43
C LEU C 251 67.48 56.16 -44.82
N ASP C 252 67.53 56.27 -43.48
CA ASP C 252 68.66 56.89 -42.81
C ASP C 252 69.94 56.10 -43.04
N THR C 253 69.85 54.77 -43.09
CA THR C 253 71.01 53.97 -43.47
C THR C 253 71.38 54.19 -44.93
N VAL C 254 70.38 54.37 -45.79
CA VAL C 254 70.63 54.56 -47.22
C VAL C 254 71.39 55.85 -47.48
N ILE C 255 71.01 56.94 -46.81
CA ILE C 255 71.64 58.22 -47.08
C ILE C 255 73.12 58.19 -46.68
N LEU C 256 73.50 57.28 -45.79
CA LEU C 256 74.89 57.13 -45.39
C LEU C 256 75.74 56.63 -46.55
N THR D 25 55.98 64.46 1.83
CA THR D 25 56.58 65.51 2.64
C THR D 25 57.71 64.96 3.49
N GLU D 26 58.12 63.73 3.21
CA GLU D 26 59.19 63.10 3.97
C GLU D 26 60.51 63.86 3.82
N LYS D 27 60.80 64.33 2.60
CA LYS D 27 62.01 65.12 2.40
C LYS D 27 61.99 66.39 3.23
N LEU D 28 60.84 67.07 3.30
CA LEU D 28 60.75 68.28 4.10
C LEU D 28 60.92 67.99 5.59
N LYS D 29 60.33 66.90 6.06
CA LYS D 29 60.49 66.53 7.47
C LYS D 29 61.94 66.22 7.78
N LYS D 30 62.62 65.49 6.90
CA LYS D 30 64.04 65.20 7.12
C LYS D 30 64.88 66.47 7.08
N ILE D 31 64.55 67.40 6.18
CA ILE D 31 65.30 68.66 6.12
C ILE D 31 65.13 69.43 7.42
N THR D 32 63.90 69.50 7.93
CA THR D 32 63.67 70.18 9.20
C THR D 32 64.44 69.50 10.34
N LYS D 33 64.40 68.17 10.39
CA LYS D 33 65.11 67.44 11.43
C LYS D 33 66.60 67.72 11.38
N LEU D 34 67.20 67.65 10.18
CA LEU D 34 68.63 67.85 10.05
C LEU D 34 69.01 69.30 10.37
N LEU D 35 68.16 70.26 10.01
CA LEU D 35 68.44 71.64 10.38
C LEU D 35 68.37 71.83 11.89
N HIS D 36 67.50 71.14 12.58
CA HIS D 36 67.51 71.28 14.01
C HIS D 36 68.83 70.76 14.42
N GLU D 37 69.10 69.50 14.11
CA GLU D 37 70.34 68.91 14.62
C GLU D 37 71.52 69.85 14.40
N LEU D 38 71.62 70.46 13.21
CA LEU D 38 72.72 71.35 12.93
C LEU D 38 72.70 72.57 13.87
N VAL D 39 71.53 73.15 14.09
CA VAL D 39 71.46 74.34 14.94
C VAL D 39 71.68 73.97 16.40
N ASP D 40 71.40 72.72 16.77
CA ASP D 40 71.64 72.30 18.16
C ASP D 40 73.12 72.39 18.50
N ARG D 41 73.98 71.85 17.62
CA ARG D 41 75.42 71.88 17.82
C ARG D 41 76.03 73.00 16.98
N GLY D 42 75.85 74.23 17.44
CA GLY D 42 76.43 75.39 16.77
C GLY D 42 75.96 75.50 15.33
N GLU D 43 76.91 75.73 14.43
CA GLU D 43 76.69 75.72 12.98
C GLU D 43 75.66 76.80 12.64
N ILE D 44 74.55 76.46 12.00
CA ILE D 44 73.57 77.43 11.51
C ILE D 44 72.87 78.11 12.69
N PRO D 45 72.36 79.34 12.51
CA PRO D 45 71.61 79.98 13.60
C PRO D 45 70.19 79.45 13.74
N GLU D 46 69.47 79.94 14.74
CA GLU D 46 68.16 79.39 15.08
C GLU D 46 67.06 79.81 14.10
N GLU D 47 67.21 80.97 13.47
CA GLU D 47 66.14 81.49 12.61
C GLU D 47 65.81 80.52 11.49
N LEU D 48 66.83 79.89 10.91
CA LEU D 48 66.58 78.96 9.81
C LEU D 48 65.79 77.75 10.29
N ALA D 49 66.10 77.23 11.47
CA ALA D 49 65.35 76.11 12.01
C ALA D 49 63.91 76.49 12.33
N THR D 50 63.71 77.69 12.89
CA THR D 50 62.35 78.14 13.18
C THR D 50 61.53 78.30 11.90
N LEU D 51 62.15 78.88 10.86
CA LEU D 51 61.46 78.97 9.58
C LEU D 51 61.15 77.59 9.01
N ALA D 52 62.08 76.65 9.16
CA ALA D 52 61.83 75.29 8.70
C ALA D 52 60.62 74.69 9.40
N THR D 53 60.51 74.90 10.72
CA THR D 53 59.37 74.37 11.46
C THR D 53 58.06 75.00 11.00
N LEU D 54 58.04 76.33 10.90
CA LEU D 54 56.80 77.01 10.49
C LEU D 54 56.37 76.59 9.09
N LEU D 55 57.32 76.54 8.14
CA LEU D 55 56.97 76.14 6.79
C LEU D 55 56.59 74.66 6.71
N LEU D 56 57.19 73.81 7.56
CA LEU D 56 56.80 72.41 7.59
C LEU D 56 55.39 72.24 8.12
N TYR D 57 54.95 73.14 9.01
CA TYR D 57 53.55 73.12 9.43
C TYR D 57 52.64 73.61 8.29
N LEU D 58 53.02 74.73 7.67
CA LEU D 58 52.18 75.33 6.64
C LEU D 58 51.98 74.37 5.47
N VAL D 59 53.07 73.85 4.92
CA VAL D 59 53.00 72.68 4.04
C VAL D 59 52.47 71.55 4.91
N GLU D 60 51.64 70.68 4.34
CA GLU D 60 51.01 69.56 5.03
C GLU D 60 49.90 70.11 5.94
N LYS D 61 49.84 71.43 6.12
CA LYS D 61 48.55 72.04 6.44
C LYS D 61 47.79 72.38 5.16
N GLY D 62 48.49 72.44 4.03
CA GLY D 62 47.86 72.69 2.76
C GLY D 62 47.68 74.17 2.46
N LEU D 63 48.68 74.98 2.82
CA LEU D 63 48.59 76.42 2.64
C LEU D 63 49.71 77.00 1.77
N ILE D 64 50.79 76.26 1.54
CA ILE D 64 51.83 76.68 0.60
C ILE D 64 52.36 75.44 -0.12
N SER D 65 53.24 75.65 -1.09
CA SER D 65 53.82 74.57 -1.85
C SER D 65 55.29 74.38 -1.47
N GLU D 66 55.84 73.23 -1.85
CA GLU D 66 57.24 72.94 -1.55
C GLU D 66 58.17 73.97 -2.19
N PHE D 67 57.76 74.55 -3.32
CA PHE D 67 58.59 75.57 -3.95
C PHE D 67 58.78 76.77 -3.04
N ASP D 68 57.70 77.21 -2.37
CA ASP D 68 57.82 78.33 -1.44
C ASP D 68 58.70 77.96 -0.26
N PHE D 69 58.56 76.74 0.25
CA PHE D 69 59.41 76.26 1.34
C PHE D 69 60.89 76.38 0.96
N ILE D 70 61.26 75.78 -0.17
CA ILE D 70 62.66 75.78 -0.57
C ILE D 70 63.14 77.20 -0.89
N GLU D 71 62.28 78.02 -1.50
CA GLU D 71 62.68 79.37 -1.86
C GLU D 71 62.95 80.20 -0.60
N HIS D 72 62.08 80.09 0.41
CA HIS D 72 62.31 80.81 1.65
C HIS D 72 63.58 80.32 2.35
N LEU D 73 63.79 79.00 2.37
CA LEU D 73 64.98 78.46 2.99
C LEU D 73 66.25 78.98 2.31
N VAL D 74 66.25 79.00 0.98
CA VAL D 74 67.42 79.47 0.24
C VAL D 74 67.62 80.96 0.45
N ARG D 75 66.53 81.73 0.49
CA ARG D 75 66.67 83.17 0.71
C ARG D 75 67.27 83.46 2.08
N LEU D 76 66.81 82.75 3.12
CA LEU D 76 67.39 82.96 4.44
C LEU D 76 68.85 82.50 4.48
N ALA D 77 69.17 81.37 3.82
CA ALA D 77 70.54 80.91 3.80
C ALA D 77 71.46 81.92 3.13
N GLU D 78 71.00 82.51 2.02
CA GLU D 78 71.78 83.54 1.36
C GLU D 78 71.93 84.78 2.23
N LYS D 79 70.86 85.14 2.95
CA LYS D 79 70.93 86.30 3.84
C LYS D 79 71.95 86.09 4.96
N LEU D 80 71.98 84.89 5.53
CA LEU D 80 72.89 84.58 6.63
C LEU D 80 74.22 84.01 6.18
N GLY D 81 74.40 83.77 4.88
CA GLY D 81 75.66 83.23 4.38
C GLY D 81 75.97 81.86 4.91
N VAL D 82 74.98 80.97 4.91
CA VAL D 82 75.13 79.63 5.44
C VAL D 82 74.67 78.63 4.38
N LEU D 83 74.71 79.06 3.12
CA LEU D 83 74.15 78.26 2.03
C LEU D 83 74.84 76.91 1.89
N GLU D 84 76.12 76.81 2.27
CA GLU D 84 76.84 75.55 2.14
C GLU D 84 76.24 74.48 3.04
N GLU D 85 75.87 74.84 4.27
CA GLU D 85 75.24 73.89 5.17
C GLU D 85 73.89 73.42 4.64
N LEU D 86 73.11 74.34 4.05
CA LEU D 86 71.85 73.95 3.44
C LEU D 86 72.09 73.00 2.26
N LYS D 87 73.14 73.26 1.48
CA LYS D 87 73.49 72.36 0.39
C LYS D 87 73.81 70.96 0.92
N LYS D 88 74.60 70.90 2.00
CA LYS D 88 74.94 69.61 2.60
C LYS D 88 73.69 68.89 3.09
N VAL D 89 72.78 69.63 3.73
CA VAL D 89 71.53 69.02 4.20
C VAL D 89 70.73 68.45 3.03
N LEU D 90 70.64 69.21 1.94
CA LEU D 90 69.87 68.75 0.79
C LEU D 90 70.52 67.56 0.11
N GLU D 91 71.85 67.46 0.15
CA GLU D 91 72.50 66.25 -0.34
C GLU D 91 72.23 65.07 0.58
N GLU D 92 72.29 65.29 1.90
CA GLU D 92 72.05 64.20 2.84
C GLU D 92 70.65 63.64 2.72
N VAL D 93 69.65 64.50 2.61
CA VAL D 93 68.27 64.00 2.47
C VAL D 93 68.10 63.30 1.13
N GLY D 94 68.86 63.72 0.11
CA GLY D 94 68.77 63.10 -1.19
C GLY D 94 67.68 63.70 -2.06
N ASP D 95 67.70 65.02 -2.22
CA ASP D 95 66.71 65.74 -3.00
C ASP D 95 67.40 66.41 -4.19
N GLU D 96 66.87 66.17 -5.39
CA GLU D 96 67.42 66.77 -6.59
C GLU D 96 66.73 68.07 -6.97
N PHE D 97 65.41 68.15 -6.74
CA PHE D 97 64.67 69.36 -7.08
C PHE D 97 65.16 70.55 -6.23
N GLY D 98 65.25 70.35 -4.92
CA GLY D 98 65.71 71.43 -4.05
C GLY D 98 67.15 71.82 -4.35
N LEU D 99 68.01 70.84 -4.60
CA LEU D 99 69.40 71.14 -4.92
C LEU D 99 69.51 71.95 -6.21
N THR D 100 68.75 71.56 -7.23
CA THR D 100 68.74 72.31 -8.48
C THR D 100 68.23 73.73 -8.26
N LEU D 101 67.21 73.89 -7.41
CA LEU D 101 66.71 75.23 -7.10
C LEU D 101 67.79 76.05 -6.40
N VAL D 102 68.55 75.43 -5.50
CA VAL D 102 69.64 76.15 -4.81
C VAL D 102 70.67 76.62 -5.81
N TYR D 103 71.07 75.73 -6.73
CA TYR D 103 72.03 76.12 -7.76
C TYR D 103 71.48 77.24 -8.63
N ALA D 104 70.19 77.16 -8.99
CA ALA D 104 69.59 78.20 -9.82
C ALA D 104 69.61 79.55 -9.12
N ILE D 105 69.27 79.58 -7.83
CA ILE D 105 69.24 80.85 -7.10
C ILE D 105 70.66 81.41 -6.97
N SER D 106 71.62 80.56 -6.63
CA SER D 106 72.99 81.04 -6.49
C SER D 106 73.53 81.56 -7.82
N LEU D 107 73.24 80.85 -8.91
CA LEU D 107 73.69 81.27 -10.23
C LEU D 107 73.02 82.58 -10.65
N LEU D 108 71.74 82.74 -10.32
CA LEU D 108 71.06 84.00 -10.60
C LEU D 108 71.69 85.15 -9.83
N LYS D 109 72.03 84.92 -8.56
CA LYS D 109 72.68 85.98 -7.78
C LYS D 109 74.04 86.34 -8.36
N GLU D 110 74.82 85.32 -8.75
CA GLU D 110 76.13 85.59 -9.33
C GLU D 110 76.01 86.33 -10.66
N VAL D 111 75.04 85.96 -11.48
CA VAL D 111 74.84 86.65 -12.77
C VAL D 111 74.37 88.07 -12.54
N GLU D 112 73.50 88.29 -11.55
CA GLU D 112 73.10 89.66 -11.19
C GLU D 112 74.31 90.48 -10.77
N LYS D 113 75.24 89.86 -10.04
CA LYS D 113 76.49 90.54 -9.77
C LYS D 113 77.24 90.85 -11.05
N GLU D 114 77.26 89.90 -12.00
CA GLU D 114 77.91 90.13 -13.28
C GLU D 114 77.12 91.13 -14.12
N GLY D 115 75.82 90.92 -14.26
CA GLY D 115 74.98 91.84 -15.01
C GLY D 115 74.83 91.55 -16.49
N ASP D 116 74.74 90.29 -16.90
CA ASP D 116 74.62 89.93 -18.30
C ASP D 116 73.19 89.47 -18.59
N GLU D 117 72.58 90.04 -19.63
CA GLU D 117 71.14 89.89 -19.82
C GLU D 117 70.75 88.49 -20.33
N GLU D 118 71.52 87.92 -21.26
CA GLU D 118 71.11 86.64 -21.84
C GLU D 118 71.09 85.54 -20.80
N LEU D 119 72.11 85.49 -19.92
CA LEU D 119 72.05 84.55 -18.82
C LEU D 119 70.94 84.89 -17.83
N LYS D 120 70.57 86.17 -17.70
CA LYS D 120 69.39 86.51 -16.91
C LYS D 120 68.16 85.80 -17.44
N GLU D 121 67.92 85.92 -18.74
CA GLU D 121 66.76 85.25 -19.35
C GLU D 121 66.87 83.74 -19.20
N TYR D 122 68.08 83.20 -19.38
CA TYR D 122 68.27 81.76 -19.28
C TYR D 122 67.91 81.25 -17.89
N VAL D 123 68.41 81.92 -16.85
CA VAL D 123 68.17 81.46 -15.50
C VAL D 123 66.71 81.70 -15.09
N LYS D 124 66.09 82.78 -15.59
CA LYS D 124 64.68 82.98 -15.29
C LYS D 124 63.82 81.88 -15.91
N LEU D 125 64.12 81.49 -17.15
CA LEU D 125 63.41 80.37 -17.75
C LEU D 125 63.67 79.08 -16.97
N ALA D 126 64.91 78.87 -16.53
CA ALA D 126 65.23 77.70 -15.73
C ALA D 126 64.43 77.67 -14.44
N ILE D 127 64.31 78.82 -13.77
CA ILE D 127 63.58 78.89 -12.50
C ILE D 127 62.09 78.64 -12.73
N GLU D 128 61.53 79.21 -13.80
CA GLU D 128 60.12 78.97 -14.09
C GLU D 128 59.86 77.49 -14.38
N THR D 129 60.75 76.87 -15.15
CA THR D 129 60.59 75.43 -15.41
C THR D 129 60.75 74.63 -14.13
N LEU D 130 61.65 75.04 -13.25
CA LEU D 130 61.82 74.36 -11.97
C LEU D 130 60.55 74.46 -11.13
N LYS D 131 59.92 75.64 -11.12
CA LYS D 131 58.65 75.79 -10.41
C LYS D 131 57.57 74.88 -10.99
N GLU D 132 57.49 74.84 -12.32
CA GLU D 132 56.49 73.99 -12.95
C GLU D 132 56.72 72.51 -12.63
N ALA D 133 57.99 72.10 -12.59
CA ALA D 133 58.30 70.73 -12.20
C ALA D 133 57.94 70.48 -10.75
N PHE D 134 58.31 71.40 -9.85
CA PHE D 134 57.99 71.29 -8.43
C PHE D 134 56.49 71.15 -8.21
N GLU D 135 55.68 71.75 -9.09
CA GLU D 135 54.23 71.65 -8.95
C GLU D 135 53.78 70.19 -8.88
N ARG D 136 54.39 69.31 -9.67
CA ARG D 136 53.98 67.92 -9.68
C ARG D 136 55.16 66.93 -9.77
N LYS D 137 56.40 67.39 -9.53
CA LYS D 137 57.58 66.54 -9.64
C LYS D 137 57.68 65.90 -11.02
N ASN D 138 57.72 66.77 -12.04
CA ASN D 138 57.82 66.34 -13.43
C ASN D 138 59.29 66.31 -13.80
N TYR D 139 59.81 65.12 -14.12
CA TYR D 139 61.26 64.93 -14.20
C TYR D 139 61.83 65.59 -15.45
N ALA D 140 61.03 65.72 -16.52
CA ALA D 140 61.54 66.22 -17.79
C ALA D 140 61.93 67.71 -17.70
N LEU D 141 61.05 68.54 -17.13
CA LEU D 141 61.41 69.92 -16.93
C LEU D 141 62.57 70.07 -15.95
N LEU D 142 62.70 69.12 -15.01
CA LEU D 142 63.88 69.09 -14.15
C LEU D 142 65.14 68.87 -14.97
N VAL D 143 65.09 67.95 -15.94
CA VAL D 143 66.24 67.73 -16.81
C VAL D 143 66.57 68.99 -17.59
N SER D 144 65.54 69.65 -18.14
CA SER D 144 65.76 70.87 -18.92
C SER D 144 66.42 71.95 -18.07
N ALA D 145 65.88 72.17 -16.86
CA ALA D 145 66.44 73.18 -15.98
C ALA D 145 67.86 72.82 -15.56
N LYS D 146 68.12 71.53 -15.29
CA LYS D 146 69.46 71.09 -14.95
C LYS D 146 70.44 71.40 -16.08
N ILE D 147 70.04 71.10 -17.32
CA ILE D 147 70.88 71.41 -18.47
C ILE D 147 71.18 72.90 -18.53
N ILE D 148 70.14 73.72 -18.39
CA ILE D 148 70.33 75.17 -18.50
C ILE D 148 71.29 75.66 -17.42
N VAL D 149 71.09 75.22 -16.18
CA VAL D 149 71.91 75.73 -15.08
C VAL D 149 73.35 75.26 -15.19
N GLU D 150 73.57 74.00 -15.60
CA GLU D 150 74.96 73.53 -15.69
C GLU D 150 75.69 74.21 -16.83
N ASN D 151 75.01 74.42 -17.97
CA ASN D 151 75.66 75.14 -19.06
C ASN D 151 75.94 76.59 -18.67
N ALA D 152 75.02 77.23 -17.94
CA ALA D 152 75.28 78.58 -17.46
C ALA D 152 76.48 78.61 -16.51
N GLU D 153 76.55 77.65 -15.59
CA GLU D 153 77.68 77.59 -14.67
C GLU D 153 78.99 77.42 -15.42
N GLU D 154 79.00 76.55 -16.43
CA GLU D 154 80.20 76.39 -17.26
C GLU D 154 80.52 77.68 -17.99
N ILE D 155 79.50 78.44 -18.40
CA ILE D 155 79.73 79.74 -19.03
C ILE D 155 80.45 80.68 -18.07
N LEU D 156 79.98 80.74 -16.82
CA LEU D 156 80.64 81.61 -15.84
C LEU D 156 82.07 81.15 -15.56
N LYS D 157 82.30 79.84 -15.48
CA LYS D 157 83.68 79.37 -15.29
C LYS D 157 84.57 79.77 -16.47
N ALA D 158 84.09 79.58 -17.69
CA ALA D 158 84.86 79.95 -18.87
C ALA D 158 85.04 81.46 -18.99
N LYS D 159 84.15 82.24 -18.37
CA LYS D 159 84.30 83.69 -18.40
C LYS D 159 85.62 84.12 -17.75
N LYS D 160 85.91 83.56 -16.57
CA LYS D 160 87.20 83.84 -15.94
C LYS D 160 88.32 83.04 -16.59
N LYS D 161 88.03 81.85 -17.12
CA LYS D 161 89.05 81.10 -17.85
C LYS D 161 89.43 81.81 -19.13
N GLY D 162 88.43 82.18 -19.93
CA GLY D 162 88.69 82.93 -21.15
C GLY D 162 88.85 82.09 -22.40
N ASP D 163 88.01 81.08 -22.57
CA ASP D 163 88.02 80.21 -23.74
C ASP D 163 86.73 80.52 -24.51
N GLU D 164 86.85 81.34 -25.56
CA GLU D 164 85.67 81.83 -26.27
C GLU D 164 84.94 80.72 -27.00
N GLU D 165 85.68 79.76 -27.56
CA GLU D 165 85.04 78.67 -28.28
C GLU D 165 84.08 77.92 -27.37
N LYS D 166 84.50 77.65 -26.14
CA LYS D 166 83.65 76.93 -25.20
C LYS D 166 82.41 77.73 -24.84
N ILE D 167 82.55 79.05 -24.67
CA ILE D 167 81.39 79.87 -24.31
C ILE D 167 80.40 79.91 -25.47
N LYS D 168 80.90 79.98 -26.71
CA LYS D 168 79.99 79.93 -27.86
C LYS D 168 79.28 78.59 -27.92
N GLU D 169 80.00 77.49 -27.66
CA GLU D 169 79.37 76.17 -27.65
C GLU D 169 78.29 76.08 -26.57
N LEU D 170 78.55 76.65 -25.40
CA LEU D 170 77.57 76.61 -24.32
C LEU D 170 76.36 77.47 -24.65
N LEU D 171 76.56 78.62 -25.31
CA LEU D 171 75.41 79.39 -25.78
C LEU D 171 74.59 78.61 -26.80
N GLN D 172 75.26 77.86 -27.67
CA GLN D 172 74.51 77.00 -28.60
C GLN D 172 73.68 75.97 -27.85
N ARG D 173 74.28 75.34 -26.83
CA ARG D 173 73.54 74.36 -26.03
C ARG D 173 72.34 75.01 -25.34
N LEU D 174 72.53 76.21 -24.81
CA LEU D 174 71.44 76.90 -24.12
C LEU D 174 70.33 77.30 -25.08
N LYS D 175 70.68 77.72 -26.30
CA LYS D 175 69.65 78.01 -27.30
C LYS D 175 68.87 76.75 -27.63
N ALA D 176 69.56 75.61 -27.78
CA ALA D 176 68.86 74.35 -28.03
C ALA D 176 67.92 74.02 -26.88
N ALA D 177 68.38 74.24 -25.64
CA ALA D 177 67.53 73.96 -24.48
C ALA D 177 66.31 74.86 -24.46
N LYS D 178 66.49 76.15 -24.76
CA LYS D 178 65.35 77.07 -24.80
C LYS D 178 64.34 76.64 -25.85
N ILE D 179 64.82 76.24 -27.03
CA ILE D 179 63.92 75.78 -28.08
C ILE D 179 63.18 74.52 -27.62
N GLY D 180 63.88 73.61 -26.96
CA GLY D 180 63.29 72.31 -26.66
C GLY D 180 62.35 72.31 -25.48
N THR D 181 62.53 73.25 -24.54
CA THR D 181 61.76 73.19 -23.29
C THR D 181 60.25 73.23 -23.51
N PRO D 182 59.68 74.16 -24.28
CA PRO D 182 58.23 74.05 -24.55
C PRO D 182 57.87 72.75 -25.25
N LEU D 183 58.74 72.26 -26.12
CA LEU D 183 58.46 71.03 -26.84
C LEU D 183 58.38 69.83 -25.89
N VAL D 184 59.31 69.73 -24.93
CA VAL D 184 59.29 68.60 -24.01
C VAL D 184 58.09 68.72 -23.07
N ARG D 185 57.80 69.94 -22.60
CA ARG D 185 56.61 70.13 -21.78
C ARG D 185 55.36 69.65 -22.53
N GLU D 186 55.23 70.06 -23.80
CA GLU D 186 54.06 69.66 -24.58
C GLU D 186 54.03 68.16 -24.82
N VAL D 187 55.17 67.54 -25.08
CA VAL D 187 55.20 66.10 -25.33
C VAL D 187 54.73 65.35 -24.10
N VAL D 188 55.24 65.73 -22.92
CA VAL D 188 54.80 65.06 -21.70
C VAL D 188 53.32 65.28 -21.46
N GLU D 189 52.84 66.52 -21.66
CA GLU D 189 51.43 66.82 -21.44
C GLU D 189 50.54 65.97 -22.36
N ARG D 190 50.89 65.89 -23.64
CA ARG D 190 50.09 65.12 -24.59
C ARG D 190 50.12 63.64 -24.24
N TYR D 191 51.30 63.10 -23.88
CA TYR D 191 51.37 61.69 -23.55
C TYR D 191 50.59 61.37 -22.28
N ARG D 192 50.45 62.33 -21.37
CA ARG D 192 49.75 62.09 -20.11
C ARG D 192 48.34 61.53 -20.31
N GLU D 193 47.55 62.15 -21.18
CA GLU D 193 46.16 61.73 -21.34
C GLU D 193 45.73 61.50 -22.78
N GLU D 194 46.34 62.18 -23.75
CA GLU D 194 45.87 62.08 -25.13
C GLU D 194 46.04 60.66 -25.68
N GLY D 195 47.19 60.04 -25.42
CA GLY D 195 47.36 58.63 -25.71
C GLY D 195 48.12 58.25 -26.97
N GLU D 196 48.87 59.20 -27.51
CA GLU D 196 49.66 58.94 -28.68
C GLU D 196 50.77 57.92 -28.41
N PRO D 197 51.57 57.59 -29.44
CA PRO D 197 52.67 56.67 -29.22
C PRO D 197 53.93 57.42 -28.89
N LEU D 198 54.34 57.36 -27.65
CA LEU D 198 55.48 58.15 -27.22
C LEU D 198 56.57 58.23 -28.22
N LEU D 199 57.00 57.11 -28.76
CA LEU D 199 58.17 57.19 -29.63
C LEU D 199 57.95 58.17 -30.78
N ASP D 200 56.73 58.20 -31.33
CA ASP D 200 56.46 59.10 -32.44
C ASP D 200 56.59 60.56 -32.01
N LEU D 201 55.99 60.92 -30.87
CA LEU D 201 56.11 62.28 -30.36
C LEU D 201 57.55 62.61 -29.99
N LEU D 202 58.29 61.64 -29.42
CA LEU D 202 59.69 61.88 -29.10
C LEU D 202 60.49 62.20 -30.35
N LEU D 203 60.28 61.41 -31.42
CA LEU D 203 61.01 61.64 -32.67
C LEU D 203 60.64 62.99 -33.28
N HIS D 204 59.34 63.33 -33.27
CA HIS D 204 58.92 64.62 -33.82
C HIS D 204 59.50 65.78 -33.03
N MET D 205 59.51 65.66 -31.70
CA MET D 205 60.08 66.72 -30.87
C MET D 205 61.57 66.87 -31.12
N ALA D 206 62.29 65.75 -31.23
CA ALA D 206 63.72 65.82 -31.49
C ALA D 206 64.00 66.46 -32.84
N GLU D 207 63.25 66.05 -33.87
CA GLU D 207 63.47 66.62 -35.20
C GLU D 207 63.14 68.11 -35.23
N THR D 208 62.05 68.51 -34.57
CA THR D 208 61.69 69.92 -34.49
C THR D 208 62.78 70.70 -33.77
N THR D 209 63.32 70.15 -32.68
CA THR D 209 64.40 70.82 -31.97
C THR D 209 65.62 71.00 -32.86
N ILE D 210 66.00 69.96 -33.60
CA ILE D 210 67.16 70.05 -34.47
C ILE D 210 66.94 71.09 -35.56
N ARG D 211 65.76 71.06 -36.18
CA ARG D 211 65.47 72.00 -37.27
C ARG D 211 65.47 73.44 -36.77
N GLU D 212 64.81 73.70 -35.64
CA GLU D 212 64.75 75.06 -35.12
C GLU D 212 66.12 75.52 -34.64
N SER D 213 66.92 74.59 -34.09
CA SER D 213 68.26 74.96 -33.62
C SER D 213 69.17 75.29 -34.78
N GLU D 214 69.10 74.53 -35.87
CA GLU D 214 69.91 74.84 -37.04
C GLU D 214 69.37 76.07 -37.78
N LYS D 215 68.11 76.42 -37.57
CA LYS D 215 67.58 77.68 -38.08
C LYS D 215 68.21 78.88 -37.38
N LEU D 216 68.82 78.68 -36.22
CA LEU D 216 69.49 79.74 -35.48
C LEU D 216 71.00 79.73 -35.68
N GLY D 217 71.49 78.93 -36.64
CA GLY D 217 72.90 78.85 -36.95
C GLY D 217 73.66 77.80 -36.17
N VAL D 218 72.99 77.05 -35.29
CA VAL D 218 73.67 76.09 -34.44
C VAL D 218 73.74 74.74 -35.13
N ASP D 219 74.90 74.12 -35.01
CA ASP D 219 75.13 72.82 -35.58
C ASP D 219 74.04 71.84 -35.27
N PRO D 220 74.03 70.74 -35.99
CA PRO D 220 73.06 69.74 -35.65
C PRO D 220 73.79 68.70 -34.88
N ARG D 221 74.83 69.13 -34.19
CA ARG D 221 75.53 68.19 -33.34
C ARG D 221 75.15 68.40 -31.89
N LEU D 222 75.75 69.38 -31.24
CA LEU D 222 75.54 69.53 -29.80
C LEU D 222 74.05 69.67 -29.48
N ALA D 223 73.29 70.31 -30.37
CA ALA D 223 71.84 70.32 -30.20
C ALA D 223 71.27 68.91 -30.24
N ALA D 224 71.90 68.03 -31.02
CA ALA D 224 71.49 66.64 -31.02
C ALA D 224 71.71 66.00 -29.66
N GLU D 225 72.83 66.27 -29.01
CA GLU D 225 73.07 65.71 -27.69
C GLU D 225 72.13 66.33 -26.64
N VAL D 226 71.78 67.60 -26.80
CA VAL D 226 70.79 68.21 -25.90
C VAL D 226 69.44 67.51 -26.05
N ALA D 227 69.02 67.29 -27.30
CA ALA D 227 67.78 66.55 -27.53
C ALA D 227 67.86 65.13 -27.00
N ARG D 228 69.05 64.53 -27.06
CA ARG D 228 69.23 63.18 -26.53
C ARG D 228 69.04 63.15 -25.01
N GLU D 229 69.64 64.11 -24.32
CA GLU D 229 69.44 64.20 -22.87
C GLU D 229 67.98 64.42 -22.52
N MET D 230 67.31 65.30 -23.28
CA MET D 230 65.90 65.56 -23.00
C MET D 230 65.04 64.35 -23.31
N VAL D 231 65.39 63.58 -24.33
CA VAL D 231 64.68 62.35 -24.64
C VAL D 231 64.85 61.34 -23.51
N ASP D 232 66.06 61.25 -22.96
CA ASP D 232 66.30 60.39 -21.81
C ASP D 232 65.44 60.83 -20.62
N GLY D 233 65.38 62.13 -20.39
CA GLY D 233 64.52 62.64 -19.31
C GLY D 233 63.06 62.32 -19.52
N VAL D 234 62.58 62.44 -20.76
CA VAL D 234 61.19 62.10 -21.06
C VAL D 234 60.94 60.62 -20.81
N GLY D 235 61.89 59.77 -21.22
CA GLY D 235 61.75 58.34 -20.96
C GLY D 235 61.70 58.02 -19.48
N HIS D 236 62.54 58.70 -18.69
CA HIS D 236 62.52 58.49 -17.25
C HIS D 236 61.20 58.94 -16.63
N GLU D 237 60.72 60.12 -17.03
CA GLU D 237 59.50 60.66 -16.43
C GLU D 237 58.28 59.83 -16.81
N THR D 238 58.17 59.45 -18.08
CA THR D 238 57.00 58.75 -18.58
C THR D 238 56.92 57.30 -18.12
N GLY D 239 58.00 56.76 -17.56
CA GLY D 239 58.00 55.38 -17.13
C GLY D 239 58.19 54.37 -18.23
N GLU D 240 58.62 54.81 -19.41
CA GLU D 240 58.86 53.91 -20.55
C GLU D 240 60.16 54.33 -21.20
N THR D 241 61.19 53.50 -21.05
CA THR D 241 62.52 53.81 -21.56
C THR D 241 62.88 53.10 -22.86
N GLU D 242 62.13 52.06 -23.24
CA GLU D 242 62.43 51.36 -24.48
C GLU D 242 62.21 52.26 -25.69
N ALA D 243 61.11 53.03 -25.69
CA ALA D 243 60.91 54.00 -26.76
C ALA D 243 61.98 55.08 -26.73
N ALA D 244 62.34 55.53 -25.52
CA ALA D 244 63.45 56.48 -25.40
C ALA D 244 64.74 55.87 -25.90
N PHE D 245 64.96 54.58 -25.64
CA PHE D 245 66.14 53.90 -26.15
C PHE D 245 66.15 53.89 -27.68
N ARG D 246 65.00 53.58 -28.29
CA ARG D 246 64.93 53.55 -29.75
C ARG D 246 65.18 54.92 -30.35
N VAL D 247 64.57 55.96 -29.79
CA VAL D 247 64.80 57.31 -30.30
C VAL D 247 66.25 57.72 -30.09
N ARG D 248 66.87 57.28 -28.99
CA ARG D 248 68.28 57.52 -28.76
C ARG D 248 69.13 56.87 -29.86
N ARG D 249 68.78 55.65 -30.24
CA ARG D 249 69.51 54.97 -31.31
C ARG D 249 69.36 55.70 -32.64
N GLU D 250 68.15 56.14 -32.96
CA GLU D 250 67.95 56.86 -34.22
C GLU D 250 68.70 58.19 -34.22
N LEU D 251 68.73 58.88 -33.08
CA LEU D 251 69.49 60.12 -33.01
C LEU D 251 70.98 59.87 -33.12
N ASP D 252 71.47 58.76 -32.55
CA ASP D 252 72.86 58.39 -32.69
C ASP D 252 73.20 58.06 -34.14
N THR D 253 72.27 57.45 -34.87
CA THR D 253 72.46 57.27 -36.31
C THR D 253 72.44 58.61 -37.04
N VAL D 254 71.60 59.53 -36.60
CA VAL D 254 71.48 60.83 -37.26
C VAL D 254 72.79 61.62 -37.15
N ILE D 255 73.40 61.63 -35.96
CA ILE D 255 74.60 62.44 -35.78
C ILE D 255 75.74 61.93 -36.66
N LEU D 256 75.68 60.67 -37.08
CA LEU D 256 76.68 60.11 -37.98
C LEU D 256 76.63 60.78 -39.35
N THR E 25 81.68 24.84 -0.90
CA THR E 25 83.02 24.61 -0.36
C THR E 25 83.72 23.49 -1.13
N GLU E 26 83.13 23.08 -2.26
CA GLU E 26 83.71 22.00 -3.05
C GLU E 26 85.07 22.39 -3.59
N LYS E 27 85.23 23.64 -4.03
CA LYS E 27 86.54 24.09 -4.50
C LYS E 27 87.59 23.99 -3.40
N LEU E 28 87.23 24.39 -2.18
CA LEU E 28 88.18 24.32 -1.07
C LEU E 28 88.54 22.87 -0.75
N LYS E 29 87.56 21.98 -0.77
CA LYS E 29 87.83 20.56 -0.52
C LYS E 29 88.76 19.99 -1.59
N LYS E 30 88.52 20.33 -2.85
CA LYS E 30 89.40 19.85 -3.92
C LYS E 30 90.79 20.44 -3.79
N ILE E 31 90.90 21.70 -3.39
CA ILE E 31 92.21 22.32 -3.20
C ILE E 31 92.98 21.59 -2.10
N THR E 32 92.30 21.30 -0.99
CA THR E 32 92.94 20.56 0.10
C THR E 32 93.38 19.18 -0.35
N LYS E 33 92.51 18.47 -1.10
CA LYS E 33 92.85 17.14 -1.58
C LYS E 33 94.06 17.17 -2.49
N LEU E 34 94.09 18.12 -3.43
CA LEU E 34 95.21 18.18 -4.37
C LEU E 34 96.50 18.59 -3.67
N LEU E 35 96.41 19.46 -2.65
CA LEU E 35 97.60 19.81 -1.89
C LEU E 35 98.11 18.60 -1.12
N HIS E 36 97.25 17.76 -0.62
CA HIS E 36 97.75 16.58 0.05
C HIS E 36 98.48 15.84 -1.02
N GLU E 37 97.76 15.45 -2.06
CA GLU E 37 98.42 14.60 -3.06
C GLU E 37 99.79 15.14 -3.43
N LEU E 38 99.90 16.45 -3.63
CA LEU E 38 101.19 17.04 -4.00
C LEU E 38 102.22 16.84 -2.90
N VAL E 39 101.83 17.04 -1.65
CA VAL E 39 102.79 16.91 -0.55
C VAL E 39 103.13 15.44 -0.32
N ASP E 40 102.24 14.52 -0.69
CA ASP E 40 102.54 13.11 -0.53
C ASP E 40 103.75 12.71 -1.38
N ARG E 41 103.76 13.12 -2.65
CA ARG E 41 104.86 12.80 -3.56
C ARG E 41 105.76 14.03 -3.69
N GLY E 42 106.57 14.26 -2.65
CA GLY E 42 107.52 15.36 -2.67
C GLY E 42 106.84 16.70 -2.86
N GLU E 43 107.41 17.50 -3.77
CA GLU E 43 106.82 18.77 -4.22
C GLU E 43 106.69 19.69 -3.01
N ILE E 44 105.49 20.19 -2.70
CA ILE E 44 105.30 21.20 -1.65
C ILE E 44 105.58 20.58 -0.29
N PRO E 45 105.95 21.39 0.72
CA PRO E 45 106.16 20.85 2.07
C PRO E 45 104.84 20.60 2.82
N GLU E 46 104.94 20.05 4.02
CA GLU E 46 103.75 19.62 4.75
C GLU E 46 102.96 20.78 5.36
N GLU E 47 103.64 21.90 5.67
CA GLU E 47 102.97 22.99 6.37
C GLU E 47 101.78 23.52 5.57
N LEU E 48 101.93 23.60 4.24
CA LEU E 48 100.84 24.10 3.42
C LEU E 48 99.64 23.18 3.48
N ALA E 49 99.86 21.86 3.45
CA ALA E 49 98.76 20.91 3.54
C ALA E 49 98.09 20.97 4.91
N THR E 50 98.88 21.10 5.98
CA THR E 50 98.30 21.22 7.31
C THR E 50 97.44 22.47 7.43
N LEU E 51 97.94 23.59 6.91
CA LEU E 51 97.16 24.82 6.91
C LEU E 51 95.89 24.65 6.10
N ALA E 52 95.98 23.96 4.96
CA ALA E 52 94.79 23.72 4.16
C ALA E 52 93.75 22.93 4.94
N THR E 53 94.19 21.91 5.69
CA THR E 53 93.25 21.12 6.48
C THR E 53 92.60 21.96 7.58
N LEU E 54 93.41 22.71 8.33
CA LEU E 54 92.86 23.51 9.42
C LEU E 54 91.88 24.56 8.89
N LEU E 55 92.24 25.25 7.81
CA LEU E 55 91.34 26.26 7.25
C LEU E 55 90.10 25.63 6.63
N LEU E 56 90.23 24.42 6.07
CA LEU E 56 89.06 23.74 5.54
C LEU E 56 88.10 23.33 6.65
N TYR E 57 88.63 23.05 7.84
CA TYR E 57 87.74 22.82 8.98
C TYR E 57 87.09 24.13 9.43
N LEU E 58 87.89 25.19 9.57
CA LEU E 58 87.39 26.46 10.08
C LEU E 58 86.30 27.01 9.17
N VAL E 59 86.58 27.12 7.87
CA VAL E 59 85.51 27.29 6.88
C VAL E 59 84.66 26.05 6.96
N GLU E 60 83.35 26.20 6.79
CA GLU E 60 82.39 25.11 6.88
C GLU E 60 82.21 24.69 8.34
N LYS E 61 83.06 25.21 9.24
CA LYS E 61 82.64 25.37 10.62
C LYS E 61 81.96 26.72 10.82
N GLY E 62 82.17 27.64 9.90
CA GLY E 62 81.51 28.93 9.95
C GLY E 62 82.25 29.93 10.81
N LEU E 63 83.58 29.92 10.74
CA LEU E 63 84.39 30.81 11.55
C LEU E 63 85.31 31.73 10.76
N ILE E 64 85.53 31.46 9.47
CA ILE E 64 86.26 32.38 8.61
C ILE E 64 85.63 32.33 7.22
N SER E 65 86.11 33.18 6.32
CA SER E 65 85.60 33.24 4.96
C SER E 65 86.63 32.69 3.99
N GLU E 66 86.17 32.39 2.77
CA GLU E 66 87.06 31.85 1.75
C GLU E 66 88.20 32.81 1.43
N PHE E 67 87.96 34.11 1.58
CA PHE E 67 89.02 35.09 1.34
C PHE E 67 90.18 34.87 2.28
N ASP E 68 89.90 34.63 3.57
CA ASP E 68 90.97 34.37 4.53
C ASP E 68 91.70 33.07 4.19
N PHE E 69 90.96 32.03 3.78
CA PHE E 69 91.57 30.78 3.36
C PHE E 69 92.58 31.02 2.24
N ILE E 70 92.13 31.67 1.16
CA ILE E 70 93.01 31.87 0.01
C ILE E 70 94.17 32.80 0.38
N GLU E 71 93.91 33.82 1.19
CA GLU E 71 94.96 34.76 1.56
C GLU E 71 96.06 34.06 2.37
N HIS E 72 95.66 33.23 3.34
CA HIS E 72 96.65 32.48 4.11
C HIS E 72 97.42 31.51 3.23
N LEU E 73 96.73 30.83 2.31
CA LEU E 73 97.41 29.90 1.42
C LEU E 73 98.44 30.62 0.57
N VAL E 74 98.07 31.77 0.02
CA VAL E 74 98.99 32.53 -0.83
C VAL E 74 100.15 33.08 -0.02
N ARG E 75 99.89 33.53 1.20
CA ARG E 75 100.97 34.03 2.05
C ARG E 75 101.99 32.94 2.35
N LEU E 76 101.51 31.74 2.70
CA LEU E 76 102.44 30.64 2.96
C LEU E 76 103.18 30.24 1.69
N ALA E 77 102.49 30.21 0.54
CA ALA E 77 103.15 29.87 -0.71
C ALA E 77 104.26 30.86 -1.04
N GLU E 78 104.00 32.15 -0.83
CA GLU E 78 105.02 33.17 -1.05
C GLU E 78 106.17 33.00 -0.07
N LYS E 79 105.86 32.67 1.18
CA LYS E 79 106.92 32.47 2.18
C LYS E 79 107.83 31.31 1.80
N LEU E 80 107.24 30.21 1.32
CA LEU E 80 108.00 29.02 0.97
C LEU E 80 108.45 29.00 -0.49
N GLY E 81 108.05 29.98 -1.29
CA GLY E 81 108.43 30.02 -2.68
C GLY E 81 107.93 28.84 -3.49
N VAL E 82 106.66 28.51 -3.32
CA VAL E 82 106.05 27.36 -3.99
C VAL E 82 104.77 27.82 -4.68
N LEU E 83 104.71 29.12 -4.98
CA LEU E 83 103.49 29.73 -5.51
C LEU E 83 103.07 29.11 -6.83
N GLU E 84 104.02 28.62 -7.63
CA GLU E 84 103.67 28.03 -8.92
C GLU E 84 102.82 26.77 -8.75
N GLU E 85 103.14 25.93 -7.76
CA GLU E 85 102.34 24.73 -7.51
C GLU E 85 100.94 25.10 -7.05
N LEU E 86 100.82 26.14 -6.22
CA LEU E 86 99.48 26.60 -5.82
C LEU E 86 98.71 27.12 -7.02
N LYS E 87 99.39 27.82 -7.93
CA LYS E 87 98.73 28.27 -9.15
C LYS E 87 98.23 27.09 -9.97
N LYS E 88 99.05 26.06 -10.12
CA LYS E 88 98.63 24.87 -10.85
C LYS E 88 97.44 24.20 -10.19
N VAL E 89 97.44 24.11 -8.86
CA VAL E 89 96.30 23.52 -8.14
C VAL E 89 95.04 24.33 -8.40
N LEU E 90 95.15 25.67 -8.35
CA LEU E 90 93.98 26.51 -8.55
C LEU E 90 93.47 26.43 -9.98
N GLU E 91 94.35 26.22 -10.96
CA GLU E 91 93.88 25.98 -12.32
C GLU E 91 93.20 24.62 -12.44
N GLU E 92 93.77 23.59 -11.80
CA GLU E 92 93.18 22.26 -11.88
C GLU E 92 91.78 22.22 -11.28
N VAL E 93 91.59 22.85 -10.11
CA VAL E 93 90.27 22.85 -9.51
C VAL E 93 89.31 23.69 -10.36
N GLY E 94 89.81 24.68 -11.06
CA GLY E 94 88.98 25.52 -11.90
C GLY E 94 88.34 26.67 -11.15
N ASP E 95 89.17 27.46 -10.47
CA ASP E 95 88.70 28.59 -9.67
C ASP E 95 89.27 29.87 -10.27
N GLU E 96 88.40 30.84 -10.52
CA GLU E 96 88.83 32.13 -11.06
C GLU E 96 89.06 33.16 -9.97
N PHE E 97 88.25 33.14 -8.91
CA PHE E 97 88.41 34.10 -7.82
C PHE E 97 89.76 33.92 -7.13
N GLY E 98 90.08 32.67 -6.75
CA GLY E 98 91.35 32.41 -6.11
C GLY E 98 92.54 32.72 -6.99
N LEU E 99 92.44 32.38 -8.28
CA LEU E 99 93.53 32.66 -9.20
C LEU E 99 93.75 34.15 -9.35
N THR E 100 92.66 34.93 -9.46
CA THR E 100 92.78 36.38 -9.54
C THR E 100 93.39 36.94 -8.26
N LEU E 101 93.02 36.38 -7.11
CA LEU E 101 93.63 36.83 -5.85
C LEU E 101 95.12 36.53 -5.83
N VAL E 102 95.52 35.37 -6.35
CA VAL E 102 96.94 35.03 -6.41
C VAL E 102 97.70 36.03 -7.28
N TYR E 103 97.13 36.33 -8.45
CA TYR E 103 97.77 37.32 -9.32
C TYR E 103 97.84 38.68 -8.65
N ALA E 104 96.78 39.08 -7.94
CA ALA E 104 96.78 40.36 -7.26
C ALA E 104 97.88 40.43 -6.20
N ILE E 105 98.02 39.37 -5.41
CA ILE E 105 99.03 39.36 -4.35
C ILE E 105 100.43 39.40 -4.96
N SER E 106 100.68 38.58 -5.99
CA SER E 106 102.00 38.57 -6.62
C SER E 106 102.33 39.91 -7.24
N LEU E 107 101.34 40.53 -7.90
CA LEU E 107 101.54 41.84 -8.52
C LEU E 107 101.80 42.90 -7.46
N LEU E 108 101.09 42.84 -6.34
CA LEU E 108 101.33 43.77 -5.24
C LEU E 108 102.75 43.62 -4.70
N LYS E 109 103.21 42.38 -4.52
CA LYS E 109 104.58 42.16 -4.05
C LYS E 109 105.60 42.70 -5.04
N GLU E 110 105.39 42.46 -6.33
CA GLU E 110 106.32 42.97 -7.34
C GLU E 110 106.34 44.49 -7.37
N VAL E 111 105.16 45.11 -7.25
CA VAL E 111 105.10 46.58 -7.25
C VAL E 111 105.75 47.14 -5.99
N GLU E 112 105.56 46.48 -4.84
CA GLU E 112 106.26 46.89 -3.62
C GLU E 112 107.76 46.82 -3.82
N LYS E 113 108.24 45.79 -4.52
CA LYS E 113 109.64 45.76 -4.89
C LYS E 113 110.00 46.95 -5.77
N GLU E 114 109.13 47.29 -6.72
CA GLU E 114 109.37 48.45 -7.57
C GLU E 114 109.20 49.76 -6.80
N GLY E 115 108.10 49.90 -6.06
CA GLY E 115 107.88 51.08 -5.24
C GLY E 115 107.17 52.23 -5.92
N ASP E 116 106.18 51.96 -6.77
CA ASP E 116 105.45 53.01 -7.47
C ASP E 116 104.06 53.16 -6.85
N GLU E 117 103.68 54.40 -6.53
CA GLU E 117 102.51 54.65 -5.69
C GLU E 117 101.20 54.42 -6.44
N GLU E 118 101.11 54.87 -7.69
CA GLU E 118 99.82 54.78 -8.39
C GLU E 118 99.40 53.33 -8.59
N LEU E 119 100.34 52.45 -8.96
CA LEU E 119 100.02 51.03 -9.02
C LEU E 119 99.74 50.45 -7.63
N LYS E 120 100.33 51.03 -6.57
CA LYS E 120 99.95 50.62 -5.22
C LYS E 120 98.47 50.85 -5.00
N GLU E 121 97.99 52.07 -5.30
CA GLU E 121 96.57 52.36 -5.13
C GLU E 121 95.72 51.48 -6.02
N TYR E 122 96.17 51.25 -7.26
CA TYR E 122 95.42 50.43 -8.19
C TYR E 122 95.23 49.01 -7.66
N VAL E 123 96.32 48.40 -7.19
CA VAL E 123 96.24 47.02 -6.72
C VAL E 123 95.49 46.93 -5.39
N LYS E 124 95.59 47.96 -4.54
CA LYS E 124 94.80 47.94 -3.31
C LYS E 124 93.32 48.02 -3.60
N LEU E 125 92.92 48.86 -4.56
CA LEU E 125 91.51 48.90 -4.96
C LEU E 125 91.09 47.56 -5.57
N ALA E 126 91.97 46.95 -6.37
CA ALA E 126 91.66 45.65 -6.95
C ALA E 126 91.45 44.60 -5.87
N ILE E 127 92.31 44.60 -4.84
CA ILE E 127 92.20 43.62 -3.77
C ILE E 127 90.93 43.84 -2.96
N GLU E 128 90.59 45.09 -2.68
CA GLU E 128 89.35 45.37 -1.95
C GLU E 128 88.13 44.91 -2.75
N THR E 129 88.12 45.17 -4.06
CA THR E 129 87.03 44.70 -4.90
C THR E 129 86.98 43.18 -4.94
N LEU E 130 88.15 42.54 -4.97
CA LEU E 130 88.20 41.09 -4.94
C LEU E 130 87.61 40.53 -3.65
N LYS E 131 87.91 41.17 -2.52
CA LYS E 131 87.32 40.75 -1.25
C LYS E 131 85.80 40.92 -1.27
N GLU E 132 85.32 42.05 -1.79
CA GLU E 132 83.89 42.27 -1.84
C GLU E 132 83.20 41.25 -2.73
N ALA E 133 83.85 40.87 -3.85
CA ALA E 133 83.30 39.82 -4.70
C ALA E 133 83.30 38.49 -3.97
N PHE E 134 84.43 38.14 -3.33
CA PHE E 134 84.53 36.90 -2.59
C PHE E 134 83.44 36.78 -1.53
N GLU E 135 83.00 37.91 -0.97
CA GLU E 135 81.95 37.88 0.03
C GLU E 135 80.72 37.14 -0.46
N ARG E 136 80.35 37.33 -1.74
CA ARG E 136 79.16 36.69 -2.27
C ARG E 136 79.33 36.16 -3.69
N LYS E 137 80.57 36.06 -4.20
CA LYS E 137 80.83 35.60 -5.57
C LYS E 137 80.08 36.48 -6.58
N ASN E 138 80.38 37.78 -6.53
CA ASN E 138 79.77 38.75 -7.42
C ASN E 138 80.69 38.92 -8.63
N TYR E 139 80.19 38.55 -9.80
CA TYR E 139 81.07 38.39 -10.96
C TYR E 139 81.54 39.74 -11.51
N ALA E 140 80.76 40.79 -11.30
CA ALA E 140 81.07 42.09 -11.90
C ALA E 140 82.32 42.71 -11.27
N LEU E 141 82.40 42.72 -9.94
CA LEU E 141 83.62 43.21 -9.30
C LEU E 141 84.80 42.31 -9.62
N LEU E 142 84.55 41.02 -9.87
CA LEU E 142 85.62 40.16 -10.35
C LEU E 142 86.13 40.62 -11.71
N VAL E 143 85.23 41.00 -12.61
CA VAL E 143 85.65 41.53 -13.91
C VAL E 143 86.46 42.81 -13.72
N SER E 144 86.00 43.71 -12.85
CA SER E 144 86.72 44.96 -12.63
C SER E 144 88.12 44.70 -12.10
N ALA E 145 88.24 43.82 -11.10
CA ALA E 145 89.54 43.49 -10.54
C ALA E 145 90.44 42.82 -11.57
N LYS E 146 89.86 41.93 -12.39
CA LYS E 146 90.64 41.29 -13.43
C LYS E 146 91.20 42.31 -14.41
N ILE E 147 90.36 43.28 -14.81
CA ILE E 147 90.81 44.33 -15.70
C ILE E 147 91.97 45.09 -15.08
N ILE E 148 91.81 45.48 -13.81
CA ILE E 148 92.84 46.28 -13.14
C ILE E 148 94.15 45.50 -13.08
N VAL E 149 94.09 44.22 -12.69
CA VAL E 149 95.32 43.46 -12.50
C VAL E 149 95.99 43.17 -13.83
N GLU E 150 95.22 42.88 -14.89
CA GLU E 150 95.87 42.59 -16.16
C GLU E 150 96.50 43.84 -16.76
N ASN E 151 95.82 44.99 -16.63
CA ASN E 151 96.44 46.22 -17.12
C ASN E 151 97.68 46.58 -16.31
N ALA E 152 97.65 46.35 -14.99
CA ALA E 152 98.85 46.59 -14.20
C ALA E 152 99.99 45.66 -14.61
N GLU E 153 99.69 44.38 -14.84
CA GLU E 153 100.72 43.45 -15.29
C GLU E 153 101.32 43.88 -16.62
N GLU E 154 100.47 44.32 -17.55
CA GLU E 154 100.96 44.84 -18.82
C GLU E 154 101.83 46.08 -18.60
N ILE E 155 101.47 46.91 -17.61
CA ILE E 155 102.29 48.08 -17.28
C ILE E 155 103.67 47.64 -16.83
N LEU E 156 103.75 46.64 -15.95
CA LEU E 156 105.06 46.17 -15.51
C LEU E 156 105.86 45.55 -16.66
N LYS E 157 105.20 44.81 -17.55
CA LYS E 157 105.93 44.28 -18.71
C LYS E 157 106.47 45.41 -19.58
N ALA E 158 105.65 46.42 -19.87
CA ALA E 158 106.10 47.53 -20.69
C ALA E 158 107.16 48.37 -19.98
N LYS E 159 107.22 48.31 -18.64
CA LYS E 159 108.25 49.04 -17.92
C LYS E 159 109.64 48.57 -18.33
N LYS E 160 109.85 47.25 -18.35
CA LYS E 160 111.12 46.72 -18.83
C LYS E 160 111.20 46.76 -20.36
N LYS E 161 110.07 46.65 -21.06
CA LYS E 161 110.09 46.80 -22.51
C LYS E 161 110.45 48.23 -22.91
N GLY E 162 109.76 49.21 -22.32
CA GLY E 162 110.07 50.61 -22.57
C GLY E 162 109.27 51.25 -23.70
N ASP E 163 107.98 50.98 -23.76
CA ASP E 163 107.09 51.56 -24.77
C ASP E 163 106.16 52.50 -24.00
N GLU E 164 106.46 53.80 -24.04
CA GLU E 164 105.74 54.76 -23.22
C GLU E 164 104.29 54.92 -23.66
N GLU E 165 104.04 54.87 -24.97
CA GLU E 165 102.67 55.00 -25.46
C GLU E 165 101.77 53.94 -24.84
N LYS E 166 102.25 52.69 -24.79
CA LYS E 166 101.46 51.62 -24.22
C LYS E 166 101.21 51.83 -22.73
N ILE E 167 102.21 52.33 -21.99
CA ILE E 167 102.01 52.54 -20.56
C ILE E 167 101.00 53.65 -20.31
N LYS E 168 101.04 54.71 -21.14
CA LYS E 168 100.03 55.76 -21.02
C LYS E 168 98.64 55.21 -21.32
N GLU E 169 98.53 54.38 -22.36
CA GLU E 169 97.24 53.78 -22.68
C GLU E 169 96.73 52.92 -21.53
N LEU E 170 97.62 52.15 -20.90
CA LEU E 170 97.21 51.30 -19.79
C LEU E 170 96.81 52.13 -18.57
N LEU E 171 97.49 53.24 -18.31
CA LEU E 171 97.05 54.15 -17.26
C LEU E 171 95.68 54.72 -17.56
N GLN E 172 95.40 55.05 -18.82
CA GLN E 172 94.06 55.49 -19.19
C GLN E 172 93.02 54.41 -18.89
N ARG E 173 93.32 53.17 -19.26
CA ARG E 173 92.40 52.06 -18.98
C ARG E 173 92.18 51.90 -17.48
N LEU E 174 93.24 52.02 -16.69
CA LEU E 174 93.12 51.88 -15.24
C LEU E 174 92.31 53.01 -14.63
N LYS E 175 92.47 54.24 -15.13
CA LYS E 175 91.64 55.34 -14.67
C LYS E 175 90.17 55.09 -14.99
N ALA E 176 89.89 54.59 -16.19
CA ALA E 176 88.52 54.24 -16.54
C ALA E 176 87.97 53.18 -15.60
N ALA E 177 88.79 52.17 -15.28
CA ALA E 177 88.35 51.12 -14.37
C ALA E 177 88.07 51.66 -12.97
N LYS E 178 88.94 52.55 -12.48
CA LYS E 178 88.72 53.15 -11.16
C LYS E 178 87.42 53.94 -11.14
N ILE E 179 87.17 54.71 -12.19
CA ILE E 179 85.92 55.47 -12.26
C ILE E 179 84.72 54.53 -12.30
N GLY E 180 84.83 53.44 -13.04
CA GLY E 180 83.66 52.59 -13.26
C GLY E 180 83.33 51.66 -12.11
N THR E 181 84.34 51.31 -11.30
CA THR E 181 84.12 50.28 -10.28
C THR E 181 83.01 50.63 -9.29
N PRO E 182 82.98 51.81 -8.67
CA PRO E 182 81.81 52.14 -7.83
C PRO E 182 80.51 52.12 -8.63
N LEU E 183 80.57 52.56 -9.89
CA LEU E 183 79.37 52.58 -10.70
C LEU E 183 78.82 51.18 -10.94
N VAL E 184 79.68 50.22 -11.26
CA VAL E 184 79.20 48.87 -11.52
C VAL E 184 78.70 48.22 -10.23
N ARG E 185 79.42 48.46 -9.12
CA ARG E 185 78.94 47.96 -7.83
C ARG E 185 77.53 48.49 -7.55
N GLU E 186 77.32 49.80 -7.74
CA GLU E 186 76.02 50.40 -7.48
C GLU E 186 74.96 49.86 -8.42
N VAL E 187 75.29 49.67 -9.70
CA VAL E 187 74.33 49.17 -10.66
C VAL E 187 73.86 47.77 -10.26
N VAL E 188 74.80 46.89 -9.90
CA VAL E 188 74.42 45.55 -9.48
C VAL E 188 73.57 45.61 -8.22
N GLU E 189 73.97 46.44 -7.25
CA GLU E 189 73.23 46.54 -5.99
C GLU E 189 71.79 47.00 -6.24
N ARG E 190 71.62 48.03 -7.07
CA ARG E 190 70.28 48.53 -7.35
C ARG E 190 69.44 47.50 -8.09
N TYR E 191 70.04 46.82 -9.07
CA TYR E 191 69.27 45.82 -9.81
C TYR E 191 68.88 44.63 -8.93
N ARG E 192 69.67 44.35 -7.89
CA ARG E 192 69.39 43.21 -7.01
C ARG E 192 67.97 43.24 -6.44
N GLU E 193 67.56 44.38 -5.88
CA GLU E 193 66.26 44.45 -5.22
C GLU E 193 65.39 45.61 -5.66
N GLU E 194 65.98 46.74 -6.09
CA GLU E 194 65.18 47.91 -6.38
C GLU E 194 64.22 47.68 -7.55
N GLY E 195 64.71 47.02 -8.62
CA GLY E 195 63.84 46.56 -9.68
C GLY E 195 63.77 47.39 -10.94
N GLU E 196 64.74 48.26 -11.14
CA GLU E 196 64.79 49.06 -12.34
C GLU E 196 65.00 48.22 -13.59
N PRO E 197 65.03 48.87 -14.77
CA PRO E 197 65.28 48.13 -15.99
C PRO E 197 66.76 48.09 -16.29
N LEU E 198 67.36 46.94 -16.11
CA LEU E 198 68.80 46.86 -16.26
C LEU E 198 69.33 47.67 -17.39
N LEU E 199 68.80 47.49 -18.56
CA LEU E 199 69.43 48.15 -19.71
C LEU E 199 69.56 49.65 -19.46
N ASP E 200 68.57 50.26 -18.82
CA ASP E 200 68.64 51.70 -18.55
C ASP E 200 69.80 52.04 -17.62
N LEU E 201 69.93 51.29 -16.52
CA LEU E 201 71.04 51.52 -15.61
C LEU E 201 72.37 51.21 -16.27
N LEU E 202 72.44 50.17 -17.11
CA LEU E 202 73.68 49.88 -17.82
C LEU E 202 74.08 51.05 -18.71
N LEU E 203 73.12 51.59 -19.46
CA LEU E 203 73.42 52.71 -20.36
C LEU E 203 73.85 53.93 -19.57
N HIS E 204 73.16 54.23 -18.47
CA HIS E 204 73.53 55.38 -17.65
C HIS E 204 74.92 55.22 -17.05
N MET E 205 75.24 54.01 -16.57
CA MET E 205 76.56 53.76 -16.01
C MET E 205 77.64 53.91 -17.07
N ALA E 206 77.39 53.38 -18.27
CA ALA E 206 78.38 53.50 -19.35
C ALA E 206 78.60 54.96 -19.73
N GLU E 207 77.51 55.72 -19.87
CA GLU E 207 77.64 57.13 -20.23
C GLU E 207 78.36 57.91 -19.14
N THR E 208 78.03 57.65 -17.88
CA THR E 208 78.72 58.32 -16.79
C THR E 208 80.20 57.98 -16.78
N THR E 209 80.54 56.72 -17.03
CA THR E 209 81.94 56.32 -17.10
C THR E 209 82.67 57.06 -18.22
N ILE E 210 82.04 57.15 -19.39
CA ILE E 210 82.67 57.83 -20.52
C ILE E 210 82.87 59.30 -20.21
N ARG E 211 81.84 59.95 -19.66
CA ARG E 211 81.93 61.38 -19.36
C ARG E 211 82.99 61.67 -18.32
N GLU E 212 83.02 60.88 -17.23
CA GLU E 212 84.01 61.11 -16.19
C GLU E 212 85.41 60.78 -16.68
N SER E 213 85.55 59.78 -17.55
CA SER E 213 86.85 59.43 -18.08
C SER E 213 87.39 60.51 -19.00
N GLU E 214 86.53 61.08 -19.86
CA GLU E 214 86.97 62.15 -20.73
C GLU E 214 87.16 63.45 -19.94
N LYS E 215 86.55 63.56 -18.76
CA LYS E 215 86.85 64.68 -17.88
C LYS E 215 88.26 64.61 -17.31
N LEU E 216 88.91 63.46 -17.38
CA LEU E 216 90.28 63.29 -16.93
C LEU E 216 91.28 63.29 -18.08
N GLY E 217 90.83 63.68 -19.28
CA GLY E 217 91.69 63.77 -20.45
C GLY E 217 91.78 62.50 -21.27
N VAL E 218 91.06 61.44 -20.87
CA VAL E 218 91.18 60.16 -21.54
C VAL E 218 90.16 60.09 -22.67
N ASP E 219 90.61 59.54 -23.79
CA ASP E 219 89.75 59.37 -24.94
C ASP E 219 88.47 58.69 -24.62
N PRO E 220 87.51 58.80 -25.52
CA PRO E 220 86.26 58.11 -25.32
C PRO E 220 86.34 56.87 -26.13
N ARG E 221 87.55 56.35 -26.27
CA ARG E 221 87.70 55.11 -26.97
C ARG E 221 88.00 53.99 -25.98
N LEU E 222 89.26 53.87 -25.58
CA LEU E 222 89.62 52.72 -24.75
C LEU E 222 88.75 52.66 -23.50
N ALA E 223 88.37 53.82 -22.96
CA ALA E 223 87.40 53.82 -21.87
C ALA E 223 86.08 53.21 -22.31
N ALA E 224 85.73 53.39 -23.58
CA ALA E 224 84.53 52.73 -24.11
C ALA E 224 84.67 51.22 -24.06
N GLU E 225 85.84 50.68 -24.42
CA GLU E 225 86.02 49.24 -24.37
C GLU E 225 86.05 48.74 -22.93
N VAL E 226 86.59 49.54 -21.99
CA VAL E 226 86.54 49.17 -20.58
C VAL E 226 85.10 49.09 -20.10
N ALA E 227 84.29 50.09 -20.46
CA ALA E 227 82.87 50.05 -20.11
C ALA E 227 82.17 48.89 -20.78
N ARG E 228 82.60 48.51 -21.99
CA ARG E 228 82.00 47.37 -22.67
C ARG E 228 82.29 46.06 -21.93
N GLU E 229 83.54 45.87 -21.51
CA GLU E 229 83.88 44.69 -20.71
C GLU E 229 83.09 44.65 -19.41
N MET E 230 82.96 45.80 -18.75
CA MET E 230 82.21 45.83 -17.49
C MET E 230 80.73 45.58 -17.72
N VAL E 231 80.19 46.05 -18.85
CA VAL E 231 78.80 45.77 -19.19
C VAL E 231 78.61 44.27 -19.42
N ASP E 232 79.56 43.65 -20.10
CA ASP E 232 79.51 42.20 -20.29
C ASP E 232 79.53 41.48 -18.95
N GLY E 233 80.39 41.93 -18.03
CA GLY E 233 80.43 41.34 -16.71
C GLY E 233 79.12 41.50 -15.96
N VAL E 234 78.50 42.67 -16.06
CA VAL E 234 77.20 42.91 -15.41
C VAL E 234 76.15 41.97 -16.00
N GLY E 235 76.15 41.81 -17.32
CA GLY E 235 75.21 40.90 -17.94
C GLY E 235 75.41 39.47 -17.48
N HIS E 236 76.66 39.04 -17.34
CA HIS E 236 76.93 37.69 -16.86
C HIS E 236 76.47 37.51 -15.42
N GLU E 237 76.77 38.49 -14.57
CA GLU E 237 76.42 38.36 -13.14
C GLU E 237 74.92 38.40 -12.93
N THR E 238 74.22 39.32 -13.61
CA THR E 238 72.80 39.52 -13.39
C THR E 238 71.95 38.41 -13.99
N GLY E 239 72.52 37.55 -14.83
CA GLY E 239 71.76 36.49 -15.46
C GLY E 239 70.93 36.93 -16.64
N GLU E 240 71.17 38.12 -17.17
CA GLU E 240 70.44 38.64 -18.32
C GLU E 240 71.44 39.27 -19.27
N THR E 241 71.67 38.63 -20.42
CA THR E 241 72.67 39.10 -21.37
C THR E 241 72.08 39.82 -22.57
N GLU E 242 70.77 39.71 -22.82
CA GLU E 242 70.17 40.40 -23.95
C GLU E 242 70.24 41.91 -23.77
N ALA E 243 69.97 42.41 -22.57
CA ALA E 243 70.14 43.83 -22.29
C ALA E 243 71.60 44.24 -22.39
N ALA E 244 72.51 43.38 -21.89
CA ALA E 244 73.93 43.64 -22.06
C ALA E 244 74.31 43.64 -23.53
N PHE E 245 73.71 42.75 -24.32
CA PHE E 245 73.95 42.75 -25.76
C PHE E 245 73.51 44.05 -26.40
N ARG E 246 72.33 44.54 -26.03
CA ARG E 246 71.82 45.79 -26.60
C ARG E 246 72.72 46.96 -26.23
N VAL E 247 73.12 47.06 -24.97
CA VAL E 247 74.00 48.14 -24.55
C VAL E 247 75.35 48.03 -25.25
N ARG E 248 75.82 46.79 -25.47
CA ARG E 248 77.04 46.58 -26.23
C ARG E 248 76.91 47.12 -27.65
N ARG E 249 75.76 46.87 -28.28
CA ARG E 249 75.54 47.39 -29.63
C ARG E 249 75.51 48.91 -29.66
N GLU E 250 74.85 49.52 -28.68
CA GLU E 250 74.80 50.99 -28.64
C GLU E 250 76.19 51.57 -28.40
N LEU E 251 76.98 50.94 -27.54
CA LEU E 251 78.35 51.42 -27.32
C LEU E 251 79.21 51.24 -28.57
N ASP E 252 79.01 50.14 -29.30
CA ASP E 252 79.70 49.95 -30.57
C ASP E 252 79.32 51.00 -31.59
N THR E 253 78.06 51.42 -31.59
CA THR E 253 77.66 52.55 -32.43
C THR E 253 78.29 53.85 -31.94
N VAL E 254 78.42 54.01 -30.62
CA VAL E 254 78.99 55.24 -30.06
C VAL E 254 80.45 55.41 -30.47
N ILE E 255 81.23 54.32 -30.41
CA ILE E 255 82.65 54.45 -30.70
C ILE E 255 82.87 54.84 -32.15
N LEU E 256 81.89 54.60 -33.02
CA LEU E 256 81.98 54.99 -34.42
C LEU E 256 81.99 56.51 -34.56
N THR F 25 21.27 31.02 -76.66
CA THR F 25 22.22 30.96 -77.77
C THR F 25 21.86 29.82 -78.72
N GLU F 26 20.66 29.25 -78.54
CA GLU F 26 20.24 28.14 -79.38
C GLU F 26 20.10 28.57 -80.83
N LYS F 27 19.57 29.78 -81.06
CA LYS F 27 19.48 30.27 -82.43
C LYS F 27 20.85 30.38 -83.08
N LEU F 28 21.85 30.87 -82.34
CA LEU F 28 23.19 31.00 -82.89
C LEU F 28 23.80 29.63 -83.19
N LYS F 29 23.59 28.67 -82.31
CA LYS F 29 24.08 27.31 -82.55
C LYS F 29 23.45 26.70 -83.80
N LYS F 30 22.13 26.88 -83.95
CA LYS F 30 21.46 26.36 -85.13
C LYS F 30 21.94 27.07 -86.40
N ILE F 31 22.19 28.38 -86.32
CA ILE F 31 22.69 29.11 -87.48
C ILE F 31 24.06 28.57 -87.89
N THR F 32 24.93 28.35 -86.89
CA THR F 32 26.26 27.79 -87.19
C THR F 32 26.14 26.40 -87.80
N LYS F 33 25.26 25.56 -87.24
CA LYS F 33 25.09 24.20 -87.78
C LYS F 33 24.60 24.25 -89.22
N LEU F 34 23.60 25.08 -89.50
CA LEU F 34 23.05 25.13 -90.85
C LEU F 34 24.05 25.72 -91.83
N LEU F 35 24.87 26.67 -91.39
CA LEU F 35 25.91 27.19 -92.27
C LEU F 35 26.96 26.14 -92.56
N HIS F 36 27.27 25.27 -91.62
CA HIS F 36 28.21 24.22 -91.94
C HIS F 36 27.53 23.43 -92.98
N GLU F 37 26.37 22.89 -92.67
CA GLU F 37 25.74 21.99 -93.63
C GLU F 37 25.75 22.58 -95.03
N LEU F 38 25.42 23.87 -95.14
CA LEU F 38 25.40 24.51 -96.45
C LEU F 38 26.78 24.52 -97.09
N VAL F 39 27.82 24.83 -96.31
CA VAL F 39 29.15 24.89 -96.88
C VAL F 39 29.68 23.49 -97.20
N ASP F 40 29.17 22.46 -96.50
CA ASP F 40 29.59 21.10 -96.80
C ASP F 40 29.21 20.71 -98.22
N ARG F 41 27.97 20.98 -98.62
CA ARG F 41 27.49 20.67 -99.97
C ARG F 41 27.49 21.93 -100.82
N GLY F 42 28.69 22.33 -101.23
CA GLY F 42 28.83 23.50 -102.10
C GLY F 42 28.27 24.75 -101.47
N GLU F 43 27.48 25.49 -102.25
CA GLU F 43 26.71 26.65 -101.78
C GLU F 43 27.69 27.69 -101.24
N ILE F 44 27.55 28.12 -99.98
CA ILE F 44 28.35 29.21 -99.42
C ILE F 44 29.80 28.78 -99.28
N PRO F 45 30.76 29.72 -99.29
CA PRO F 45 32.16 29.35 -99.07
C PRO F 45 32.49 29.09 -97.61
N GLU F 46 33.72 28.68 -97.34
CA GLU F 46 34.11 28.23 -95.99
C GLU F 46 34.28 29.37 -95.01
N GLU F 47 34.64 30.57 -95.51
CA GLU F 47 34.95 31.68 -94.61
C GLU F 47 33.76 32.02 -93.72
N LEU F 48 32.56 31.96 -94.27
CA LEU F 48 31.37 32.29 -93.48
C LEU F 48 31.17 31.28 -92.35
N ALA F 49 31.38 29.99 -92.64
CA ALA F 49 31.25 28.97 -91.60
C ALA F 49 32.32 29.13 -90.52
N THR F 50 33.56 29.44 -90.93
CA THR F 50 34.62 29.65 -89.95
C THR F 50 34.31 30.84 -89.06
N LEU F 51 33.83 31.94 -89.65
CA LEU F 51 33.43 33.09 -88.85
C LEU F 51 32.29 32.73 -87.90
N ALA F 52 31.33 31.94 -88.38
CA ALA F 52 30.23 31.51 -87.53
C ALA F 52 30.76 30.73 -86.33
N THR F 53 31.73 29.84 -86.54
CA THR F 53 32.30 29.07 -85.44
C THR F 53 33.01 29.97 -84.44
N LEU F 54 33.87 30.86 -84.94
CA LEU F 54 34.63 31.73 -84.04
C LEU F 54 33.70 32.63 -83.24
N LEU F 55 32.69 33.22 -83.88
CA LEU F 55 31.76 34.09 -83.17
C LEU F 55 30.88 33.29 -82.22
N LEU F 56 30.53 32.06 -82.56
CA LEU F 56 29.76 31.22 -81.65
C LEU F 56 30.56 30.86 -80.42
N TYR F 57 31.89 30.76 -80.55
CA TYR F 57 32.72 30.59 -79.36
C TYR F 57 32.77 31.87 -78.54
N LEU F 58 33.02 33.00 -79.21
CA LEU F 58 33.18 34.28 -78.53
C LEU F 58 31.91 34.65 -77.75
N VAL F 59 30.76 34.63 -78.42
CA VAL F 59 29.48 34.61 -77.72
C VAL F 59 29.45 33.31 -76.94
N GLU F 60 28.85 33.34 -75.75
CA GLU F 60 28.78 32.19 -74.86
C GLU F 60 30.16 31.93 -74.24
N LYS F 61 31.20 32.60 -74.74
CA LYS F 61 32.36 32.87 -73.89
C LYS F 61 32.16 34.17 -73.12
N GLY F 62 31.23 35.01 -73.58
CA GLY F 62 30.91 36.24 -72.89
C GLY F 62 31.83 37.38 -73.27
N LEU F 63 32.18 37.47 -74.56
CA LEU F 63 33.08 38.51 -75.03
C LEU F 63 32.49 39.40 -76.12
N ILE F 64 31.39 39.02 -76.74
CA ILE F 64 30.67 39.89 -77.67
C ILE F 64 29.19 39.64 -77.52
N SER F 65 28.37 40.43 -78.22
CA SER F 65 26.93 40.31 -78.17
C SER F 65 26.41 39.71 -79.48
N GLU F 66 25.15 39.25 -79.43
CA GLU F 66 24.53 38.68 -80.62
C GLU F 66 24.46 39.69 -81.77
N PHE F 67 24.37 40.98 -81.44
CA PHE F 67 24.34 42.00 -82.48
C PHE F 67 25.63 41.98 -83.29
N ASP F 68 26.77 41.86 -82.62
CA ASP F 68 28.04 41.79 -83.35
C ASP F 68 28.11 40.53 -84.20
N PHE F 69 27.63 39.40 -83.67
CA PHE F 69 27.59 38.16 -84.44
C PHE F 69 26.81 38.36 -85.73
N ILE F 70 25.57 38.84 -85.63
CA ILE F 70 24.74 38.99 -86.82
C ILE F 70 25.31 40.04 -87.76
N GLU F 71 25.89 41.13 -87.21
CA GLU F 71 26.43 42.18 -88.05
C GLU F 71 27.61 41.66 -88.86
N HIS F 72 28.51 40.91 -88.22
CA HIS F 72 29.65 40.33 -88.94
C HIS F 72 29.18 39.34 -89.99
N LEU F 73 28.20 38.50 -89.65
CA LEU F 73 27.68 37.54 -90.62
C LEU F 73 27.11 38.25 -91.84
N VAL F 74 26.32 39.31 -91.61
CA VAL F 74 25.70 40.03 -92.72
C VAL F 74 26.76 40.76 -93.55
N ARG F 75 27.78 41.31 -92.88
CA ARG F 75 28.83 41.99 -93.63
C ARG F 75 29.58 41.02 -94.54
N LEU F 76 29.92 39.83 -94.02
CA LEU F 76 30.58 38.85 -94.86
C LEU F 76 29.68 38.37 -95.99
N ALA F 77 28.39 38.16 -95.69
CA ALA F 77 27.46 37.73 -96.74
C ALA F 77 27.36 38.78 -97.85
N GLU F 78 27.31 40.06 -97.48
CA GLU F 78 27.29 41.12 -98.48
C GLU F 78 28.59 41.15 -99.27
N LYS F 79 29.72 40.94 -98.60
CA LYS F 79 31.01 40.94 -99.29
C LYS F 79 31.09 39.81 -100.31
N LEU F 80 30.58 38.63 -99.96
CA LEU F 80 30.65 37.47 -100.84
C LEU F 80 29.42 37.31 -101.72
N GLY F 81 28.41 38.17 -101.55
CA GLY F 81 27.21 38.10 -102.36
C GLY F 81 26.44 36.81 -102.19
N VAL F 82 26.26 36.38 -100.94
CA VAL F 82 25.59 35.13 -100.62
C VAL F 82 24.48 35.41 -99.61
N LEU F 83 24.00 36.66 -99.60
CA LEU F 83 23.06 37.10 -98.58
C LEU F 83 21.76 36.31 -98.62
N GLU F 84 21.36 35.81 -99.80
CA GLU F 84 20.13 35.06 -99.91
C GLU F 84 20.17 33.77 -99.10
N GLU F 85 21.31 33.07 -99.14
CA GLU F 85 21.45 31.85 -98.34
C GLU F 85 21.41 32.15 -96.85
N LEU F 86 22.02 33.26 -96.43
CA LEU F 86 21.93 33.65 -95.02
C LEU F 86 20.48 33.97 -94.65
N LYS F 87 19.75 34.62 -95.55
CA LYS F 87 18.33 34.89 -95.30
C LYS F 87 17.55 33.59 -95.13
N LYS F 88 17.82 32.61 -96.00
CA LYS F 88 17.14 31.32 -95.89
C LYS F 88 17.48 30.64 -94.57
N VAL F 89 18.75 30.70 -94.15
CA VAL F 89 19.15 30.09 -92.88
C VAL F 89 18.42 30.76 -91.72
N LEU F 90 18.31 32.09 -91.75
CA LEU F 90 17.65 32.82 -90.67
C LEU F 90 16.16 32.55 -90.64
N GLU F 91 15.55 32.30 -91.80
CA GLU F 91 14.15 31.87 -91.80
C GLU F 91 14.00 30.47 -91.25
N GLU F 92 14.91 29.55 -91.63
CA GLU F 92 14.82 28.18 -91.15
C GLU F 92 14.96 28.11 -89.63
N VAL F 93 15.92 28.83 -89.07
CA VAL F 93 16.08 28.80 -87.61
C VAL F 93 14.88 29.46 -86.93
N GLY F 94 14.24 30.41 -87.60
CA GLY F 94 13.08 31.08 -87.04
C GLY F 94 13.45 32.24 -86.15
N ASP F 95 14.25 33.17 -86.68
CA ASP F 95 14.70 34.34 -85.94
C ASP F 95 14.16 35.59 -86.61
N GLU F 96 13.52 36.46 -85.83
CA GLU F 96 12.98 37.71 -86.35
C GLU F 96 13.95 38.87 -86.18
N PHE F 97 14.69 38.90 -85.07
CA PHE F 97 15.65 39.98 -84.85
C PHE F 97 16.74 39.98 -85.91
N GLY F 98 17.35 38.81 -86.15
CA GLY F 98 18.39 38.73 -87.15
C GLY F 98 17.89 39.04 -88.55
N LEU F 99 16.68 38.54 -88.88
CA LEU F 99 16.12 38.81 -90.19
C LEU F 99 15.86 40.30 -90.38
N THR F 100 15.31 40.96 -89.36
CA THR F 100 15.09 42.40 -89.43
C THR F 100 16.42 43.14 -89.59
N LEU F 101 17.45 42.69 -88.90
CA LEU F 101 18.76 43.32 -89.06
C LEU F 101 19.29 43.15 -90.48
N VAL F 102 19.07 41.97 -91.06
CA VAL F 102 19.50 41.73 -92.45
C VAL F 102 18.78 42.69 -93.39
N TYR F 103 17.47 42.82 -93.22
CA TYR F 103 16.71 43.75 -94.06
C TYR F 103 17.20 45.18 -93.86
N ALA F 104 17.49 45.56 -92.61
CA ALA F 104 17.96 46.92 -92.34
C ALA F 104 19.29 47.19 -93.04
N ILE F 105 20.23 46.23 -92.97
CA ILE F 105 21.53 46.42 -93.60
C ILE F 105 21.39 46.50 -95.11
N SER F 106 20.60 45.60 -95.70
CA SER F 106 20.42 45.62 -97.15
C SER F 106 19.76 46.92 -97.61
N LEU F 107 18.75 47.38 -96.86
CA LEU F 107 18.07 48.63 -97.19
C LEU F 107 19.00 49.82 -97.05
N LEU F 108 19.85 49.81 -96.02
CA LEU F 108 20.84 50.88 -95.88
C LEU F 108 21.81 50.89 -97.05
N LYS F 109 22.27 49.72 -97.49
CA LYS F 109 23.17 49.67 -98.63
C LYS F 109 22.48 50.18 -99.89
N GLU F 110 21.23 49.79 -100.12
CA GLU F 110 20.50 50.25 -101.30
C GLU F 110 20.28 51.75 -101.25
N VAL F 111 19.96 52.29 -100.08
CA VAL F 111 19.76 53.73 -99.96
C VAL F 111 21.06 54.49 -100.15
N GLU F 112 22.17 53.94 -99.64
CA GLU F 112 23.49 54.53 -99.89
C GLU F 112 23.78 54.55 -101.39
N LYS F 113 23.40 53.51 -102.10
CA LYS F 113 23.49 53.55 -103.56
C LYS F 113 22.61 54.67 -104.13
N GLU F 114 21.41 54.83 -103.58
CA GLU F 114 20.52 55.91 -104.03
C GLU F 114 21.04 57.27 -103.58
N GLY F 115 21.38 57.40 -102.30
CA GLY F 115 21.92 58.64 -101.78
C GLY F 115 20.91 59.65 -101.27
N ASP F 116 19.85 59.20 -100.61
CA ASP F 116 18.83 60.12 -100.10
C ASP F 116 18.95 60.22 -98.58
N GLU F 117 18.98 61.46 -98.07
CA GLU F 117 19.38 61.69 -96.68
C GLU F 117 18.29 61.29 -95.68
N GLU F 118 17.03 61.59 -95.97
CA GLU F 118 15.98 61.31 -94.98
C GLU F 118 15.86 59.82 -94.70
N LEU F 119 15.91 58.99 -95.75
CA LEU F 119 15.94 57.56 -95.52
C LEU F 119 17.23 57.11 -94.84
N LYS F 120 18.34 57.84 -95.05
CA LYS F 120 19.55 57.56 -94.28
C LYS F 120 19.27 57.69 -92.79
N GLU F 121 18.68 58.82 -92.38
CA GLU F 121 18.37 59.02 -90.97
C GLU F 121 17.37 57.97 -90.48
N TYR F 122 16.37 57.65 -91.31
CA TYR F 122 15.37 56.67 -90.92
C TYR F 122 15.99 55.32 -90.64
N VAL F 123 16.85 54.84 -91.54
CA VAL F 123 17.45 53.53 -91.37
C VAL F 123 18.48 53.53 -90.26
N LYS F 124 19.18 54.64 -90.04
CA LYS F 124 20.10 54.70 -88.91
C LYS F 124 19.35 54.61 -87.58
N LEU F 125 18.22 55.32 -87.47
CA LEU F 125 17.40 55.19 -86.27
C LEU F 125 16.88 53.77 -86.12
N ALA F 126 16.46 53.15 -87.23
CA ALA F 126 15.99 51.78 -87.18
C ALA F 126 17.08 50.84 -86.68
N ILE F 127 18.31 51.02 -87.16
CA ILE F 127 19.41 50.15 -86.75
C ILE F 127 19.75 50.35 -85.29
N GLU F 128 19.74 51.61 -84.82
CA GLU F 128 20.02 51.86 -83.41
C GLU F 128 18.95 51.22 -82.52
N THR F 129 17.68 51.34 -82.93
CA THR F 129 16.61 50.69 -82.17
C THR F 129 16.75 49.18 -82.20
N LEU F 130 17.17 48.63 -83.35
CA LEU F 130 17.39 47.19 -83.45
C LEU F 130 18.50 46.75 -82.50
N LYS F 131 19.58 47.52 -82.40
CA LYS F 131 20.65 47.20 -81.46
C LYS F 131 20.14 47.24 -80.03
N GLU F 132 19.35 48.27 -79.68
CA GLU F 132 18.83 48.37 -78.33
C GLU F 132 17.91 47.20 -78.01
N ALA F 133 17.11 46.76 -78.98
CA ALA F 133 16.27 45.59 -78.78
C ALA F 133 17.13 44.33 -78.61
N PHE F 134 18.12 44.15 -79.49
CA PHE F 134 19.01 43.01 -79.39
C PHE F 134 19.69 42.92 -78.04
N GLU F 135 19.93 44.07 -77.39
CA GLU F 135 20.56 44.07 -76.08
C GLU F 135 19.80 43.17 -75.10
N ARG F 136 18.47 43.20 -75.15
CA ARG F 136 17.68 42.41 -74.21
C ARG F 136 16.46 41.74 -74.85
N LYS F 137 16.38 41.68 -76.18
CA LYS F 137 15.23 41.12 -76.89
C LYS F 137 13.93 41.81 -76.46
N ASN F 138 13.91 43.12 -76.68
CA ASN F 138 12.75 43.94 -76.33
C ASN F 138 11.88 44.06 -77.58
N TYR F 139 10.66 43.52 -77.51
CA TYR F 139 9.86 43.30 -78.71
C TYR F 139 9.32 44.62 -79.27
N ALA F 140 9.14 45.62 -78.41
CA ALA F 140 8.50 46.87 -78.85
C ALA F 140 9.40 47.65 -79.81
N LEU F 141 10.67 47.81 -79.46
CA LEU F 141 11.60 48.45 -80.39
C LEU F 141 11.77 47.63 -81.66
N LEU F 142 11.63 46.31 -81.55
CA LEU F 142 11.62 45.48 -82.76
C LEU F 142 10.44 45.83 -83.65
N VAL F 143 9.26 46.05 -83.06
CA VAL F 143 8.10 46.47 -83.85
C VAL F 143 8.36 47.81 -84.51
N SER F 144 8.92 48.75 -83.76
CA SER F 144 9.20 50.08 -84.31
C SER F 144 10.17 49.99 -85.49
N ALA F 145 11.25 49.23 -85.32
CA ALA F 145 12.24 49.08 -86.39
C ALA F 145 11.63 48.37 -87.60
N LYS F 146 10.79 47.36 -87.34
CA LYS F 146 10.12 46.66 -88.44
C LYS F 146 9.25 47.62 -89.23
N ILE F 147 8.49 48.46 -88.53
CA ILE F 147 7.65 49.46 -89.21
C ILE F 147 8.51 50.37 -90.07
N ILE F 148 9.59 50.88 -89.49
CA ILE F 148 10.44 51.82 -90.23
C ILE F 148 11.01 51.16 -91.49
N VAL F 149 11.52 49.93 -91.35
CA VAL F 149 12.17 49.29 -92.48
C VAL F 149 11.17 48.91 -93.56
N GLU F 150 9.97 48.45 -93.18
CA GLU F 150 9.01 48.08 -94.21
C GLU F 150 8.48 49.30 -94.94
N ASN F 151 8.25 50.40 -94.21
CA ASN F 151 7.81 51.62 -94.90
C ASN F 151 8.91 52.16 -95.80
N ALA F 152 10.17 52.07 -95.37
CA ALA F 152 11.27 52.49 -96.24
C ALA F 152 11.35 51.62 -97.49
N GLU F 153 11.20 50.30 -97.33
CA GLU F 153 11.22 49.41 -98.48
C GLU F 153 10.10 49.74 -99.46
N GLU F 154 8.90 50.01 -98.93
CA GLU F 154 7.80 50.42 -99.79
C GLU F 154 8.10 51.75 -100.48
N ILE F 155 8.82 52.65 -99.80
CA ILE F 155 9.24 53.91 -100.41
C ILE F 155 10.14 53.63 -101.61
N LEU F 156 11.13 52.75 -101.44
CA LEU F 156 12.01 52.43 -102.56
C LEU F 156 11.25 51.77 -103.71
N LYS F 157 10.30 50.87 -103.40
CA LYS F 157 9.50 50.28 -104.47
C LYS F 157 8.71 51.35 -105.22
N ALA F 158 8.06 52.25 -104.49
CA ALA F 158 7.28 53.30 -105.13
C ALA F 158 8.17 54.29 -105.87
N LYS F 159 9.44 54.39 -105.51
CA LYS F 159 10.36 55.28 -106.23
C LYS F 159 10.47 54.86 -107.70
N LYS F 160 10.67 53.57 -107.95
CA LYS F 160 10.68 53.10 -109.32
C LYS F 160 9.27 52.98 -109.90
N LYS F 161 8.27 52.71 -109.04
CA LYS F 161 6.89 52.70 -109.52
C LYS F 161 6.44 54.11 -109.92
N GLY F 162 6.65 55.09 -109.04
CA GLY F 162 6.33 56.46 -109.36
C GLY F 162 4.95 56.91 -108.94
N ASP F 163 4.52 56.54 -107.74
CA ASP F 163 3.22 56.93 -107.19
C ASP F 163 3.54 57.87 -106.03
N GLU F 164 3.42 59.17 -106.28
CA GLU F 164 3.85 60.16 -105.30
C GLU F 164 2.96 60.16 -104.05
N GLU F 165 1.66 59.93 -104.23
CA GLU F 165 0.76 59.90 -103.09
C GLU F 165 1.19 58.85 -102.08
N LYS F 166 1.56 57.66 -102.57
CA LYS F 166 1.99 56.59 -101.68
C LYS F 166 3.28 56.95 -100.96
N ILE F 167 4.23 57.60 -101.66
CA ILE F 167 5.49 57.95 -101.00
C ILE F 167 5.25 59.00 -99.93
N LYS F 168 4.36 59.96 -100.18
CA LYS F 168 4.03 60.93 -99.15
C LYS F 168 3.38 60.24 -97.95
N GLU F 169 2.48 59.30 -98.20
CA GLU F 169 1.85 58.56 -97.11
C GLU F 169 2.89 57.80 -96.29
N LEU F 170 3.86 57.18 -96.97
CA LEU F 170 4.89 56.42 -96.27
C LEU F 170 5.81 57.34 -95.46
N LEU F 171 6.11 58.53 -95.99
CA LEU F 171 6.86 59.51 -95.20
C LEU F 171 6.07 59.93 -93.96
N GLN F 172 4.75 60.09 -94.09
CA GLN F 172 3.93 60.38 -92.92
C GLN F 172 4.03 59.26 -91.88
N ARG F 173 3.95 58.01 -92.34
CA ARG F 173 4.06 56.88 -91.43
C ARG F 173 5.42 56.87 -90.74
N LEU F 174 6.49 57.16 -91.49
CA LEU F 174 7.83 57.16 -90.92
C LEU F 174 8.01 58.29 -89.92
N LYS F 175 7.43 59.45 -90.19
CA LYS F 175 7.47 60.53 -89.20
C LYS F 175 6.75 60.14 -87.92
N ALA F 176 5.59 59.48 -88.06
CA ALA F 176 4.87 59.00 -86.88
C ALA F 176 5.72 58.00 -86.11
N ALA F 177 6.42 57.10 -86.82
CA ALA F 177 7.27 56.12 -86.16
C ALA F 177 8.43 56.79 -85.43
N LYS F 178 9.06 57.80 -86.06
CA LYS F 178 10.15 58.51 -85.41
C LYS F 178 9.67 59.20 -84.14
N ILE F 179 8.49 59.83 -84.20
CA ILE F 179 7.94 60.47 -83.01
C ILE F 179 7.66 59.45 -81.92
N GLY F 180 7.13 58.28 -82.31
CA GLY F 180 6.68 57.33 -81.30
C GLY F 180 7.77 56.52 -80.67
N THR F 181 8.90 56.32 -81.38
CA THR F 181 9.92 55.40 -80.89
C THR F 181 10.47 55.77 -79.51
N PRO F 182 10.89 57.01 -79.23
CA PRO F 182 11.27 57.33 -77.84
C PRO F 182 10.13 57.12 -76.88
N LEU F 183 8.90 57.41 -77.31
CA LEU F 183 7.75 57.26 -76.42
C LEU F 183 7.53 55.80 -76.03
N VAL F 184 7.63 54.88 -77.00
CA VAL F 184 7.41 53.47 -76.68
C VAL F 184 8.57 52.94 -75.83
N ARG F 185 9.80 53.35 -76.14
CA ARG F 185 10.92 52.96 -75.30
C ARG F 185 10.69 53.41 -73.85
N GLU F 186 10.27 54.65 -73.67
CA GLU F 186 10.04 55.18 -72.33
C GLU F 186 8.89 54.45 -71.64
N VAL F 187 7.82 54.16 -72.37
CA VAL F 187 6.68 53.47 -71.77
C VAL F 187 7.09 52.10 -71.26
N VAL F 188 7.82 51.34 -72.08
CA VAL F 188 8.28 50.03 -71.65
C VAL F 188 9.20 50.16 -70.44
N GLU F 189 10.13 51.12 -70.47
CA GLU F 189 11.07 51.29 -69.37
C GLU F 189 10.34 51.59 -68.07
N ARG F 190 9.37 52.52 -68.12
CA ARG F 190 8.63 52.88 -66.92
C ARG F 190 7.80 51.71 -66.41
N TYR F 191 7.14 50.98 -67.32
CA TYR F 191 6.34 49.84 -66.85
C TYR F 191 7.20 48.74 -66.26
N ARG F 192 8.46 48.63 -66.69
CA ARG F 192 9.34 47.57 -66.19
C ARG F 192 9.45 47.55 -64.66
N GLU F 193 9.69 48.71 -64.05
CA GLU F 193 9.90 48.74 -62.61
C GLU F 193 9.07 49.78 -61.87
N GLU F 194 8.70 50.89 -62.52
CA GLU F 194 8.03 51.97 -61.81
C GLU F 194 6.66 51.53 -61.29
N GLY F 195 5.90 50.81 -62.11
CA GLY F 195 4.68 50.16 -61.64
C GLY F 195 3.37 50.83 -61.94
N GLU F 196 3.36 51.74 -62.90
CA GLU F 196 2.13 52.40 -63.29
C GLU F 196 1.13 51.43 -63.94
N PRO F 197 -0.04 51.93 -64.35
CA PRO F 197 -1.01 51.07 -65.01
C PRO F 197 -0.84 51.11 -66.50
N LEU F 198 -0.30 50.05 -67.06
CA LEU F 198 0.00 50.06 -68.48
C LEU F 198 -1.01 50.78 -69.33
N LEU F 199 -2.27 50.50 -69.12
CA LEU F 199 -3.23 51.10 -70.04
C LEU F 199 -3.15 52.62 -70.04
N ASP F 200 -2.94 53.21 -68.87
CA ASP F 200 -2.85 54.67 -68.78
C ASP F 200 -1.65 55.20 -69.58
N LEU F 201 -0.48 54.59 -69.37
CA LEU F 201 0.70 55.00 -70.13
C LEU F 201 0.52 54.73 -71.62
N LEU F 202 -0.11 53.62 -71.99
CA LEU F 202 -0.36 53.35 -73.41
C LEU F 202 -1.23 54.43 -74.03
N LEU F 203 -2.30 54.83 -73.33
CA LEU F 203 -3.19 55.85 -73.85
C LEU F 203 -2.47 57.20 -73.95
N HIS F 204 -1.69 57.55 -72.93
CA HIS F 204 -0.96 58.81 -72.98
C HIS F 204 0.06 58.82 -74.12
N MET F 205 0.77 57.71 -74.30
CA MET F 205 1.73 57.62 -75.40
C MET F 205 1.05 57.74 -76.76
N ALA F 206 -0.09 57.06 -76.93
CA ALA F 206 -0.80 57.14 -78.20
C ALA F 206 -1.29 58.56 -78.46
N GLU F 207 -1.85 59.22 -77.44
CA GLU F 207 -2.34 60.57 -77.62
C GLU F 207 -1.20 61.54 -77.93
N THR F 208 -0.07 61.39 -77.23
CA THR F 208 1.09 62.23 -77.50
C THR F 208 1.60 62.01 -78.92
N THR F 209 1.62 60.76 -79.37
CA THR F 209 2.04 60.47 -80.74
C THR F 209 1.12 61.14 -81.74
N ILE F 210 -0.19 61.04 -81.53
CA ILE F 210 -1.14 61.65 -82.46
C ILE F 210 -0.98 63.16 -82.47
N ARG F 211 -0.85 63.78 -81.30
CA ARG F 211 -0.74 65.23 -81.23
C ARG F 211 0.54 65.71 -81.90
N GLU F 212 1.67 65.07 -81.61
CA GLU F 212 2.93 65.48 -82.22
C GLU F 212 2.94 65.22 -83.72
N SER F 213 2.29 64.13 -84.15
CA SER F 213 2.25 63.83 -85.57
C SER F 213 1.39 64.85 -86.33
N GLU F 214 0.26 65.24 -85.75
CA GLU F 214 -0.56 66.26 -86.40
C GLU F 214 0.07 67.64 -86.29
N LYS F 215 0.98 67.84 -85.33
CA LYS F 215 1.76 69.06 -85.28
C LYS F 215 2.73 69.18 -86.45
N LEU F 216 3.02 68.06 -87.13
CA LEU F 216 3.89 68.05 -88.30
C LEU F 216 3.11 68.02 -89.60
N GLY F 217 1.80 68.23 -89.54
CA GLY F 217 0.95 68.26 -90.72
C GLY F 217 0.37 66.92 -91.12
N VAL F 218 0.66 65.86 -90.36
CA VAL F 218 0.22 64.52 -90.74
C VAL F 218 -1.14 64.25 -90.13
N ASP F 219 -1.99 63.63 -90.94
CA ASP F 219 -3.32 63.27 -90.49
C ASP F 219 -3.33 62.54 -89.18
N PRO F 220 -4.49 62.48 -88.56
CA PRO F 220 -4.58 61.72 -87.35
C PRO F 220 -5.13 60.40 -87.72
N ARG F 221 -4.88 60.00 -88.96
CA ARG F 221 -5.30 58.68 -89.38
C ARG F 221 -4.14 57.70 -89.39
N LEU F 222 -3.36 57.70 -90.46
CA LEU F 222 -2.33 56.68 -90.60
C LEU F 222 -1.40 56.69 -89.38
N ALA F 223 -1.17 57.86 -88.79
CA ALA F 223 -0.43 57.91 -87.53
C ALA F 223 -1.18 57.16 -86.44
N ALA F 224 -2.51 57.16 -86.50
CA ALA F 224 -3.29 56.36 -85.57
C ALA F 224 -3.01 54.87 -85.74
N GLU F 225 -2.92 54.40 -87.00
CA GLU F 225 -2.62 52.99 -87.21
C GLU F 225 -1.19 52.65 -86.80
N VAL F 226 -0.25 53.59 -86.97
CA VAL F 226 1.11 53.37 -86.50
C VAL F 226 1.12 53.22 -84.98
N ALA F 227 0.41 54.12 -84.28
CA ALA F 227 0.30 54.01 -82.83
C ALA F 227 -0.39 52.71 -82.43
N ARG F 228 -1.35 52.25 -83.24
CA ARG F 228 -2.03 51.00 -82.94
C ARG F 228 -1.08 49.81 -83.03
N GLU F 229 -0.26 49.76 -84.09
CA GLU F 229 0.74 48.70 -84.20
C GLU F 229 1.72 48.75 -83.04
N MET F 230 2.16 49.95 -82.67
CA MET F 230 3.11 50.06 -81.56
C MET F 230 2.47 49.67 -80.23
N VAL F 231 1.17 49.96 -80.06
CA VAL F 231 0.46 49.54 -78.86
C VAL F 231 0.38 48.02 -78.82
N ASP F 232 0.12 47.39 -79.97
CA ASP F 232 0.09 45.94 -80.04
C ASP F 232 1.46 45.37 -79.66
N GLY F 233 2.53 45.99 -80.16
CA GLY F 233 3.87 45.55 -79.80
C GLY F 233 4.15 45.68 -78.31
N VAL F 234 3.71 46.78 -77.72
CA VAL F 234 3.89 46.98 -76.28
C VAL F 234 3.13 45.91 -75.50
N GLY F 235 1.91 45.61 -75.92
CA GLY F 235 1.15 44.56 -75.27
C GLY F 235 1.83 43.20 -75.37
N HIS F 236 2.40 42.89 -76.53
CA HIS F 236 3.12 41.63 -76.69
C HIS F 236 4.35 41.58 -75.80
N GLU F 237 5.12 42.67 -75.77
CA GLU F 237 6.37 42.66 -75.01
C GLU F 237 6.09 42.61 -73.50
N THR F 238 5.12 43.39 -73.02
CA THR F 238 4.86 43.49 -71.59
C THR F 238 4.18 42.26 -71.03
N GLY F 239 3.68 41.36 -71.88
CA GLY F 239 2.99 40.19 -71.39
C GLY F 239 1.56 40.42 -70.96
N GLU F 240 0.98 41.57 -71.30
CA GLU F 240 -0.40 41.89 -70.96
C GLU F 240 -1.06 42.50 -72.18
N THR F 241 -1.98 41.76 -72.80
CA THR F 241 -2.64 42.20 -74.02
C THR F 241 -4.05 42.74 -73.82
N GLU F 242 -4.67 42.50 -72.66
CA GLU F 242 -6.01 43.02 -72.41
C GLU F 242 -6.01 44.54 -72.38
N ALA F 243 -5.02 45.14 -71.70
CA ALA F 243 -4.90 46.59 -71.72
C ALA F 243 -4.59 47.10 -73.12
N ALA F 244 -3.73 46.37 -73.85
CA ALA F 244 -3.48 46.72 -75.24
C ALA F 244 -4.75 46.60 -76.08
N PHE F 245 -5.56 45.58 -75.79
CA PHE F 245 -6.85 45.44 -76.48
C PHE F 245 -7.75 46.63 -76.21
N ARG F 246 -7.82 47.06 -74.95
CA ARG F 246 -8.69 48.19 -74.60
C ARG F 246 -8.22 49.47 -75.28
N VAL F 247 -6.90 49.73 -75.27
CA VAL F 247 -6.39 50.93 -75.93
C VAL F 247 -6.60 50.84 -77.43
N ARG F 248 -6.51 49.63 -78.00
CA ARG F 248 -6.82 49.44 -79.40
C ARG F 248 -8.27 49.80 -79.69
N ARG F 249 -9.19 49.40 -78.82
CA ARG F 249 -10.59 49.74 -79.01
C ARG F 249 -10.82 51.25 -78.93
N GLU F 250 -10.19 51.91 -77.97
CA GLU F 250 -10.35 53.36 -77.86
C GLU F 250 -9.77 54.08 -79.07
N LEU F 251 -8.63 53.60 -79.57
CA LEU F 251 -8.06 54.21 -80.78
C LEU F 251 -8.95 53.97 -82.00
N ASP F 252 -9.57 52.79 -82.09
CA ASP F 252 -10.52 52.51 -83.15
C ASP F 252 -11.73 53.42 -83.07
N THR F 253 -12.17 53.73 -81.85
CA THR F 253 -13.24 54.72 -81.70
C THR F 253 -12.75 56.12 -82.09
N VAL F 254 -11.49 56.43 -81.79
CA VAL F 254 -10.94 57.75 -82.10
C VAL F 254 -10.90 57.98 -83.60
N ILE F 255 -10.45 56.98 -84.37
CA ILE F 255 -10.31 57.19 -85.80
C ILE F 255 -11.66 57.44 -86.46
N LEU F 256 -12.75 57.02 -85.82
CA LEU F 256 -14.08 57.26 -86.33
C LEU F 256 -14.41 58.76 -86.31
N THR G 25 -18.42 6.16 -83.14
CA THR G 25 -18.84 5.44 -84.33
C THR G 25 -20.35 5.28 -84.37
N GLU G 26 -21.05 5.99 -83.48
CA GLU G 26 -22.50 5.89 -83.42
C GLU G 26 -23.14 6.40 -84.70
N LYS G 27 -22.62 7.47 -85.27
CA LYS G 27 -23.14 7.96 -86.55
C LYS G 27 -23.01 6.92 -87.64
N LEU G 28 -21.87 6.23 -87.69
CA LEU G 28 -21.67 5.20 -88.72
C LEU G 28 -22.61 4.04 -88.52
N LYS G 29 -22.82 3.62 -87.27
CA LYS G 29 -23.76 2.54 -86.99
C LYS G 29 -25.18 2.92 -87.40
N LYS G 30 -25.59 4.15 -87.09
CA LYS G 30 -26.92 4.59 -87.49
C LYS G 30 -27.05 4.68 -89.01
N ILE G 31 -25.99 5.12 -89.69
CA ILE G 31 -26.02 5.18 -91.15
C ILE G 31 -26.19 3.79 -91.73
N THR G 32 -25.44 2.83 -91.21
CA THR G 32 -25.58 1.45 -91.68
C THR G 32 -26.97 0.91 -91.42
N LYS G 33 -27.52 1.17 -90.23
CA LYS G 33 -28.87 0.70 -89.91
C LYS G 33 -29.90 1.30 -90.85
N LEU G 34 -29.83 2.61 -91.09
CA LEU G 34 -30.81 3.25 -91.94
C LEU G 34 -30.67 2.80 -93.39
N LEU G 35 -29.44 2.54 -93.84
CA LEU G 35 -29.26 2.01 -95.19
C LEU G 35 -29.85 0.61 -95.30
N HIS G 36 -29.76 -0.20 -94.27
CA HIS G 36 -30.38 -1.49 -94.37
C HIS G 36 -31.83 -1.19 -94.52
N GLU G 37 -32.41 -0.52 -93.55
CA GLU G 37 -33.85 -0.33 -93.60
C GLU G 37 -34.29 0.13 -94.99
N LEU G 38 -33.57 1.07 -95.58
CA LEU G 38 -33.93 1.56 -96.91
C LEU G 38 -33.86 0.46 -97.95
N VAL G 39 -32.81 -0.36 -97.90
CA VAL G 39 -32.67 -1.41 -98.91
C VAL G 39 -33.68 -2.53 -98.66
N ASP G 40 -34.14 -2.69 -97.43
CA ASP G 40 -35.15 -3.71 -97.14
C ASP G 40 -36.44 -3.43 -97.91
N ARG G 41 -36.92 -2.18 -97.86
CA ARG G 41 -38.14 -1.78 -98.56
C ARG G 41 -37.76 -1.05 -99.84
N GLY G 42 -37.33 -1.82 -100.84
CA GLY G 42 -37.00 -1.26 -102.14
C GLY G 42 -35.91 -0.21 -102.05
N GLU G 43 -36.14 0.93 -102.71
CA GLU G 43 -35.28 2.13 -102.62
C GLU G 43 -33.88 1.75 -103.09
N ILE G 44 -32.85 1.94 -102.28
CA ILE G 44 -31.46 1.75 -102.69
C ILE G 44 -31.18 0.27 -102.95
N PRO G 45 -30.20 -0.07 -103.79
CA PRO G 45 -29.86 -1.49 -103.99
C PRO G 45 -29.03 -2.06 -102.85
N GLU G 46 -28.72 -3.36 -102.92
CA GLU G 46 -28.09 -4.06 -101.82
C GLU G 46 -26.60 -3.74 -101.69
N GLU G 47 -25.94 -3.38 -102.80
CA GLU G 47 -24.49 -3.19 -102.77
C GLU G 47 -24.10 -2.10 -101.78
N LEU G 48 -24.89 -1.03 -101.71
CA LEU G 48 -24.56 0.05 -100.79
C LEU G 48 -24.65 -0.41 -99.33
N ALA G 49 -25.66 -1.22 -99.01
CA ALA G 49 -25.79 -1.73 -97.65
C ALA G 49 -24.65 -2.70 -97.31
N THR G 50 -24.27 -3.55 -98.27
CA THR G 50 -23.15 -4.46 -98.03
C THR G 50 -21.86 -3.69 -97.80
N LEU G 51 -21.61 -2.66 -98.62
CA LEU G 51 -20.43 -1.82 -98.40
C LEU G 51 -20.49 -1.14 -97.04
N ALA G 52 -21.68 -0.67 -96.65
CA ALA G 52 -21.81 -0.04 -95.33
C ALA G 52 -21.43 -1.02 -94.23
N THR G 53 -21.89 -2.28 -94.34
CA THR G 53 -21.56 -3.27 -93.32
C THR G 53 -20.05 -3.54 -93.28
N LEU G 54 -19.44 -3.77 -94.44
CA LEU G 54 -18.01 -4.08 -94.47
C LEU G 54 -17.19 -2.92 -93.91
N LEU G 55 -17.51 -1.69 -94.33
CA LEU G 55 -16.77 -0.53 -93.83
C LEU G 55 -17.03 -0.28 -92.35
N LEU G 56 -18.24 -0.59 -91.88
CA LEU G 56 -18.53 -0.44 -90.45
C LEU G 56 -17.75 -1.46 -89.63
N TYR G 57 -17.45 -2.62 -90.20
CA TYR G 57 -16.55 -3.55 -89.52
C TYR G 57 -15.11 -3.04 -89.54
N LEU G 58 -14.65 -2.60 -90.72
CA LEU G 58 -13.27 -2.16 -90.88
C LEU G 58 -12.96 -0.99 -89.97
N VAL G 59 -13.77 0.07 -90.02
CA VAL G 59 -13.78 1.08 -88.97
C VAL G 59 -14.23 0.36 -87.71
N GLU G 60 -13.67 0.74 -86.56
CA GLU G 60 -13.95 0.12 -85.27
C GLU G 60 -13.28 -1.26 -85.21
N LYS G 61 -12.77 -1.75 -86.34
CA LYS G 61 -11.67 -2.70 -86.27
C LYS G 61 -10.34 -1.95 -86.24
N GLY G 62 -10.34 -0.69 -86.63
CA GLY G 62 -9.14 0.12 -86.58
C GLY G 62 -8.26 -0.04 -87.81
N LEU G 63 -8.88 -0.14 -88.98
CA LEU G 63 -8.14 -0.34 -90.22
C LEU G 63 -8.37 0.74 -91.26
N ILE G 64 -9.41 1.56 -91.13
CA ILE G 64 -9.61 2.71 -92.00
C ILE G 64 -10.19 3.84 -91.17
N SER G 65 -10.35 5.01 -91.79
CA SER G 65 -10.89 6.18 -91.11
C SER G 65 -12.29 6.48 -91.63
N GLU G 66 -13.01 7.32 -90.89
CA GLU G 66 -14.37 7.69 -91.27
C GLU G 66 -14.38 8.39 -92.63
N PHE G 67 -13.30 9.09 -92.97
CA PHE G 67 -13.23 9.74 -94.27
C PHE G 67 -13.32 8.73 -95.40
N ASP G 68 -12.60 7.61 -95.28
CA ASP G 68 -12.68 6.57 -96.30
C ASP G 68 -14.07 5.96 -96.38
N PHE G 69 -14.70 5.75 -95.22
CA PHE G 69 -16.07 5.24 -95.18
C PHE G 69 -17.01 6.16 -95.98
N ILE G 70 -17.00 7.44 -95.65
CA ILE G 70 -17.92 8.36 -96.32
C ILE G 70 -17.57 8.51 -97.80
N GLU G 71 -16.27 8.51 -98.12
CA GLU G 71 -15.86 8.67 -99.51
C GLU G 71 -16.33 7.48 -100.35
N HIS G 72 -16.17 6.27 -99.84
CA HIS G 72 -16.63 5.09 -100.55
C HIS G 72 -18.15 5.10 -100.70
N LEU G 73 -18.86 5.49 -99.63
CA LEU G 73 -20.32 5.54 -99.71
C LEU G 73 -20.77 6.54 -100.77
N VAL G 74 -20.14 7.71 -100.81
CA VAL G 74 -20.52 8.73 -101.79
C VAL G 74 -20.17 8.28 -103.20
N ARG G 75 -19.03 7.62 -103.37
CA ARG G 75 -18.64 7.14 -104.69
C ARG G 75 -19.64 6.11 -105.21
N LEU G 76 -20.06 5.16 -104.36
CA LEU G 76 -21.05 4.20 -104.79
C LEU G 76 -22.39 4.86 -105.07
N ALA G 77 -22.79 5.82 -104.23
CA ALA G 77 -24.05 6.51 -104.46
C ALA G 77 -24.04 7.25 -105.80
N GLU G 78 -22.93 7.91 -106.12
CA GLU G 78 -22.79 8.57 -107.42
C GLU G 78 -22.83 7.57 -108.56
N LYS G 79 -22.18 6.41 -108.37
CA LYS G 79 -22.18 5.38 -109.41
C LYS G 79 -23.58 4.86 -109.68
N LEU G 80 -24.37 4.65 -108.63
CA LEU G 80 -25.72 4.11 -108.77
C LEU G 80 -26.79 5.19 -108.90
N GLY G 81 -26.42 6.47 -108.79
CA GLY G 81 -27.38 7.55 -108.91
C GLY G 81 -28.44 7.53 -107.83
N VAL G 82 -28.02 7.33 -106.59
CA VAL G 82 -28.94 7.24 -105.46
C VAL G 82 -28.49 8.21 -104.38
N LEU G 83 -27.75 9.25 -104.79
CA LEU G 83 -27.13 10.16 -103.84
C LEU G 83 -28.15 10.89 -102.98
N GLU G 84 -29.38 11.09 -103.50
CA GLU G 84 -30.39 11.80 -102.72
C GLU G 84 -30.78 11.01 -101.47
N GLU G 85 -30.91 9.68 -101.60
CA GLU G 85 -31.24 8.86 -100.45
C GLU G 85 -30.12 8.89 -99.41
N LEU G 86 -28.86 8.87 -99.87
CA LEU G 86 -27.75 8.99 -98.94
C LEU G 86 -27.76 10.34 -98.24
N LYS G 87 -28.12 11.41 -98.96
CA LYS G 87 -28.25 12.72 -98.35
C LYS G 87 -29.33 12.71 -97.27
N LYS G 88 -30.47 12.09 -97.56
CA LYS G 88 -31.54 12.00 -96.57
C LYS G 88 -31.10 11.21 -95.35
N VAL G 89 -30.37 10.11 -95.55
CA VAL G 89 -29.87 9.34 -94.42
C VAL G 89 -28.92 10.17 -93.58
N LEU G 90 -28.04 10.93 -94.22
CA LEU G 90 -27.07 11.73 -93.48
C LEU G 90 -27.75 12.87 -92.73
N GLU G 91 -28.85 13.41 -93.27
CA GLU G 91 -29.62 14.38 -92.51
C GLU G 91 -30.33 13.74 -91.32
N GLU G 92 -30.90 12.55 -91.53
CA GLU G 92 -31.60 11.87 -90.44
C GLU G 92 -30.67 11.54 -89.28
N VAL G 93 -29.48 11.02 -89.58
CA VAL G 93 -28.55 10.71 -88.50
C VAL G 93 -28.06 11.99 -87.82
N GLY G 94 -28.01 13.10 -88.56
CA GLY G 94 -27.58 14.36 -87.99
C GLY G 94 -26.08 14.53 -88.03
N ASP G 95 -25.49 14.38 -89.21
CA ASP G 95 -24.06 14.50 -89.39
C ASP G 95 -23.76 15.67 -90.32
N GLU G 96 -22.88 16.57 -89.88
CA GLU G 96 -22.50 17.72 -90.69
C GLU G 96 -21.25 17.46 -91.51
N PHE G 97 -20.29 16.71 -90.97
CA PHE G 97 -19.07 16.42 -91.70
C PHE G 97 -19.36 15.61 -92.96
N GLY G 98 -20.12 14.53 -92.80
CA GLY G 98 -20.45 13.70 -93.95
C GLY G 98 -21.27 14.44 -94.98
N LEU G 99 -22.23 15.26 -94.53
CA LEU G 99 -23.05 16.02 -95.45
C LEU G 99 -22.21 17.03 -96.23
N THR G 100 -21.29 17.71 -95.54
CA THR G 100 -20.39 18.63 -96.24
C THR G 100 -19.51 17.90 -97.24
N LEU G 101 -19.05 16.70 -96.88
CA LEU G 101 -18.27 15.92 -97.83
C LEU G 101 -19.09 15.54 -99.06
N VAL G 102 -20.37 15.19 -98.85
CA VAL G 102 -21.24 14.86 -99.97
C VAL G 102 -21.40 16.07 -100.89
N TYR G 103 -21.64 17.25 -100.31
CA TYR G 103 -21.75 18.45 -101.12
C TYR G 103 -20.46 18.73 -101.86
N ALA G 104 -19.31 18.54 -101.20
CA ALA G 104 -18.03 18.79 -101.85
C ALA G 104 -17.83 17.86 -103.04
N ILE G 105 -18.14 16.59 -102.88
CA ILE G 105 -17.95 15.63 -103.98
C ILE G 105 -18.89 15.96 -105.14
N SER G 106 -20.16 16.25 -104.84
CA SER G 106 -21.10 16.58 -105.90
C SER G 106 -20.69 17.85 -106.63
N LEU G 107 -20.24 18.86 -105.89
CA LEU G 107 -19.80 20.11 -106.49
C LEU G 107 -18.55 19.90 -107.34
N LEU G 108 -17.63 19.05 -106.88
CA LEU G 108 -16.44 18.73 -107.68
C LEU G 108 -16.83 18.04 -108.97
N LYS G 109 -17.79 17.10 -108.91
CA LYS G 109 -18.23 16.43 -110.13
C LYS G 109 -18.88 17.42 -111.09
N GLU G 110 -19.72 18.31 -110.57
CA GLU G 110 -20.37 19.30 -111.43
C GLU G 110 -19.35 20.25 -112.06
N VAL G 111 -18.35 20.67 -111.29
CA VAL G 111 -17.31 21.56 -111.82
C VAL G 111 -16.47 20.84 -112.86
N GLU G 112 -16.17 19.56 -112.63
CA GLU G 112 -15.47 18.76 -113.63
C GLU G 112 -16.27 18.69 -114.93
N LYS G 113 -17.59 18.57 -114.80
CA LYS G 113 -18.44 18.68 -115.98
C LYS G 113 -18.28 20.05 -116.63
N GLU G 114 -18.24 21.11 -115.82
CA GLU G 114 -18.06 22.46 -116.35
C GLU G 114 -16.64 22.65 -116.87
N GLY G 115 -15.63 22.29 -116.08
CA GLY G 115 -14.26 22.40 -116.51
C GLY G 115 -13.56 23.71 -116.21
N ASP G 116 -13.82 24.33 -115.06
CA ASP G 116 -13.20 25.60 -114.71
C ASP G 116 -12.14 25.38 -113.64
N GLU G 117 -10.94 25.92 -113.86
CA GLU G 117 -9.78 25.53 -113.06
C GLU G 117 -9.81 26.14 -111.65
N GLU G 118 -10.21 27.42 -111.53
CA GLU G 118 -10.14 28.07 -110.21
C GLU G 118 -11.07 27.39 -109.22
N LEU G 119 -12.29 27.04 -109.63
CA LEU G 119 -13.16 26.25 -108.76
C LEU G 119 -12.61 24.86 -108.52
N LYS G 120 -11.85 24.29 -109.47
CA LYS G 120 -11.16 23.03 -109.21
C LYS G 120 -10.24 23.17 -108.02
N GLU G 121 -9.38 24.20 -108.03
CA GLU G 121 -8.47 24.41 -106.91
C GLU G 121 -9.24 24.68 -105.62
N TYR G 122 -10.32 25.46 -105.71
CA TYR G 122 -11.11 25.79 -104.54
C TYR G 122 -11.68 24.53 -103.89
N VAL G 123 -12.30 23.66 -104.70
CA VAL G 123 -12.92 22.47 -104.16
C VAL G 123 -11.88 21.46 -103.69
N LYS G 124 -10.71 21.39 -104.34
CA LYS G 124 -9.66 20.51 -103.86
C LYS G 124 -9.15 20.96 -102.49
N LEU G 125 -8.96 22.27 -102.31
CA LEU G 125 -8.58 22.77 -100.99
C LEU G 125 -9.67 22.49 -99.97
N ALA G 126 -10.94 22.66 -100.37
CA ALA G 126 -12.05 22.35 -99.46
C ALA G 126 -12.04 20.89 -99.04
N ILE G 127 -11.79 19.99 -99.98
CA ILE G 127 -11.78 18.56 -99.67
C ILE G 127 -10.61 18.21 -98.77
N GLU G 128 -9.44 18.79 -99.02
CA GLU G 128 -8.29 18.53 -98.16
C GLU G 128 -8.55 19.01 -96.74
N THR G 129 -9.14 20.21 -96.61
CA THR G 129 -9.49 20.71 -95.28
C THR G 129 -10.54 19.83 -94.61
N LEU G 130 -11.50 19.32 -95.40
CA LEU G 130 -12.50 18.42 -94.86
C LEU G 130 -11.86 17.14 -94.33
N LYS G 131 -10.88 16.60 -95.06
CA LYS G 131 -10.16 15.41 -94.59
C LYS G 131 -9.42 15.70 -93.30
N GLU G 132 -8.73 16.85 -93.24
CA GLU G 132 -8.00 17.21 -92.03
C GLU G 132 -8.95 17.36 -90.84
N ALA G 133 -10.13 17.94 -91.06
CA ALA G 133 -11.11 18.04 -90.00
C ALA G 133 -11.61 16.66 -89.58
N PHE G 134 -11.95 15.81 -90.56
CA PHE G 134 -12.41 14.46 -90.29
C PHE G 134 -11.39 13.69 -89.45
N GLU G 135 -10.11 13.98 -89.62
CA GLU G 135 -9.08 13.29 -88.84
C GLU G 135 -9.35 13.38 -87.35
N ARG G 136 -9.82 14.55 -86.87
CA ARG G 136 -10.06 14.72 -85.44
C ARG G 136 -11.34 15.49 -85.13
N LYS G 137 -12.23 15.68 -86.10
CA LYS G 137 -13.46 16.46 -85.92
C LYS G 137 -13.14 17.87 -85.43
N ASN G 138 -12.34 18.58 -86.22
CA ASN G 138 -11.95 19.95 -85.91
C ASN G 138 -12.94 20.89 -86.59
N TYR G 139 -13.68 21.64 -85.79
CA TYR G 139 -14.85 22.36 -86.30
C TYR G 139 -14.45 23.54 -87.16
N ALA G 140 -13.27 24.13 -86.93
CA ALA G 140 -12.87 25.34 -87.63
C ALA G 140 -12.61 25.08 -89.12
N LEU G 141 -11.86 24.02 -89.43
CA LEU G 141 -11.66 23.67 -90.82
C LEU G 141 -12.97 23.25 -91.47
N LEU G 142 -13.90 22.69 -90.68
CA LEU G 142 -15.23 22.41 -91.20
C LEU G 142 -15.93 23.69 -91.61
N VAL G 143 -15.82 24.75 -90.79
CA VAL G 143 -16.40 26.04 -91.15
C VAL G 143 -15.77 26.58 -92.43
N SER G 144 -14.45 26.49 -92.54
CA SER G 144 -13.76 26.98 -93.73
C SER G 144 -14.23 26.24 -94.97
N ALA G 145 -14.29 24.91 -94.90
CA ALA G 145 -14.73 24.12 -96.04
C ALA G 145 -16.19 24.41 -96.39
N LYS G 146 -17.03 24.59 -95.37
CA LYS G 146 -18.42 24.93 -95.61
C LYS G 146 -18.54 26.25 -96.35
N ILE G 147 -17.76 27.25 -95.92
CA ILE G 147 -17.75 28.54 -96.60
C ILE G 147 -17.35 28.36 -98.06
N ILE G 148 -16.27 27.63 -98.30
CA ILE G 148 -15.78 27.47 -99.66
C ILE G 148 -16.83 26.79 -100.53
N VAL G 149 -17.45 25.72 -100.02
CA VAL G 149 -18.38 24.96 -100.84
C VAL G 149 -19.66 25.75 -101.10
N GLU G 150 -20.15 26.50 -100.11
CA GLU G 150 -21.39 27.25 -100.34
C GLU G 150 -21.15 28.40 -101.30
N ASN G 151 -20.00 29.08 -101.19
CA ASN G 151 -19.70 30.14 -102.15
C ASN G 151 -19.51 29.57 -103.55
N ALA G 152 -18.89 28.40 -103.68
CA ALA G 152 -18.76 27.78 -104.98
C ALA G 152 -20.12 27.40 -105.55
N GLU G 153 -21.00 26.85 -104.72
CA GLU G 153 -22.35 26.51 -105.19
C GLU G 153 -23.09 27.74 -105.66
N GLU G 154 -22.98 28.84 -104.91
CA GLU G 154 -23.59 30.10 -105.35
C GLU G 154 -22.98 30.58 -106.66
N ILE G 155 -21.67 30.34 -106.86
CA ILE G 155 -21.03 30.70 -108.12
C ILE G 155 -21.65 29.92 -109.27
N LEU G 156 -21.85 28.61 -109.08
CA LEU G 156 -22.48 27.81 -110.15
C LEU G 156 -23.92 28.25 -110.41
N LYS G 157 -24.67 28.58 -109.36
CA LYS G 157 -26.03 29.09 -109.59
C LYS G 157 -26.01 30.40 -110.37
N ALA G 158 -25.14 31.32 -109.99
CA ALA G 158 -25.05 32.59 -110.71
C ALA G 158 -24.50 32.42 -112.12
N LYS G 159 -23.78 31.34 -112.39
CA LYS G 159 -23.29 31.08 -113.74
C LYS G 159 -24.46 30.95 -114.72
N LYS G 160 -25.46 30.14 -114.37
CA LYS G 160 -26.65 30.06 -115.20
C LYS G 160 -27.57 31.27 -115.03
N LYS G 161 -27.56 31.89 -113.84
CA LYS G 161 -28.33 33.12 -113.67
C LYS G 161 -27.73 34.26 -114.50
N GLY G 162 -26.43 34.47 -114.37
CA GLY G 162 -25.75 35.48 -115.18
C GLY G 162 -25.64 36.84 -114.53
N ASP G 163 -25.31 36.88 -113.24
CA ASP G 163 -25.13 38.13 -112.51
C ASP G 163 -23.63 38.21 -112.19
N GLU G 164 -22.90 38.99 -112.98
CA GLU G 164 -21.44 39.01 -112.87
C GLU G 164 -20.98 39.63 -111.56
N GLU G 165 -21.69 40.65 -111.08
CA GLU G 165 -21.29 41.28 -109.82
C GLU G 165 -21.28 40.26 -108.68
N LYS G 166 -22.30 39.41 -108.62
CA LYS G 166 -22.36 38.40 -107.57
C LYS G 166 -21.22 37.38 -107.70
N ILE G 167 -20.87 36.99 -108.93
CA ILE G 167 -19.79 36.01 -109.09
C ILE G 167 -18.46 36.62 -108.69
N LYS G 168 -18.25 37.90 -109.01
CA LYS G 168 -17.02 38.56 -108.55
C LYS G 168 -16.98 38.63 -107.03
N GLU G 169 -18.12 38.95 -106.40
CA GLU G 169 -18.17 39.00 -104.94
C GLU G 169 -17.86 37.63 -104.34
N LEU G 170 -18.39 36.57 -104.94
CA LEU G 170 -18.14 35.22 -104.43
C LEU G 170 -16.68 34.82 -104.63
N LEU G 171 -16.06 35.21 -105.74
CA LEU G 171 -14.63 34.98 -105.89
C LEU G 171 -13.82 35.72 -104.84
N GLN G 172 -14.23 36.95 -104.50
CA GLN G 172 -13.57 37.67 -103.41
C GLN G 172 -13.70 36.90 -102.09
N ARG G 173 -14.90 36.39 -101.80
CA ARG G 173 -15.09 35.61 -100.58
C ARG G 173 -14.21 34.37 -100.58
N LEU G 174 -14.12 33.69 -101.72
CA LEU G 174 -13.31 32.47 -101.80
C LEU G 174 -11.82 32.78 -101.65
N LYS G 175 -11.36 33.90 -102.21
CA LYS G 175 -9.97 34.29 -101.99
C LYS G 175 -9.70 34.57 -100.52
N ALA G 176 -10.64 35.26 -99.85
CA ALA G 176 -10.50 35.48 -98.41
C ALA G 176 -10.43 34.15 -97.65
N ALA G 177 -11.28 33.20 -98.04
CA ALA G 177 -11.27 31.89 -97.38
C ALA G 177 -9.95 31.15 -97.60
N LYS G 178 -9.43 31.21 -98.83
CA LYS G 178 -8.15 30.56 -99.11
C LYS G 178 -7.04 31.18 -98.27
N ILE G 179 -7.02 32.50 -98.16
CA ILE G 179 -6.02 33.17 -97.35
C ILE G 179 -6.16 32.76 -95.88
N GLY G 180 -7.40 32.67 -95.40
CA GLY G 180 -7.60 32.48 -93.97
C GLY G 180 -7.42 31.05 -93.51
N THR G 181 -7.61 30.07 -94.41
CA THR G 181 -7.62 28.67 -93.97
C THR G 181 -6.32 28.22 -93.30
N PRO G 182 -5.12 28.47 -93.87
CA PRO G 182 -3.91 28.14 -93.10
C PRO G 182 -3.83 28.91 -91.79
N LEU G 183 -4.31 30.16 -91.79
CA LEU G 183 -4.26 30.97 -90.57
C LEU G 183 -5.13 30.37 -89.47
N VAL G 184 -6.35 29.94 -89.80
CA VAL G 184 -7.22 29.37 -88.78
C VAL G 184 -6.68 28.02 -88.30
N ARG G 185 -6.16 27.21 -89.24
CA ARG G 185 -5.54 25.96 -88.82
C ARG G 185 -4.41 26.21 -87.84
N GLU G 186 -3.55 27.18 -88.14
CA GLU G 186 -2.42 27.50 -87.27
C GLU G 186 -2.90 28.03 -85.93
N VAL G 187 -3.93 28.88 -85.93
CA VAL G 187 -4.42 29.45 -84.68
C VAL G 187 -4.93 28.35 -83.76
N VAL G 188 -5.73 27.42 -84.32
CA VAL G 188 -6.24 26.31 -83.51
C VAL G 188 -5.08 25.46 -83.00
N GLU G 189 -4.12 25.16 -83.87
CA GLU G 189 -2.99 24.31 -83.47
C GLU G 189 -2.21 24.95 -82.32
N ARG G 190 -1.91 26.25 -82.43
CA ARG G 190 -1.17 26.94 -81.39
C ARG G 190 -1.96 27.00 -80.09
N TYR G 191 -3.26 27.29 -80.17
CA TYR G 191 -4.04 27.35 -78.94
C TYR G 191 -4.17 25.98 -78.27
N ARG G 192 -4.08 24.90 -79.05
CA ARG G 192 -4.23 23.56 -78.48
C ARG G 192 -3.26 23.28 -77.33
N GLU G 193 -1.98 23.59 -77.52
CA GLU G 193 -0.99 23.26 -76.50
C GLU G 193 -0.07 24.42 -76.12
N GLU G 194 0.18 25.36 -77.02
CA GLU G 194 1.16 26.41 -76.73
C GLU G 194 0.71 27.30 -75.58
N GLY G 195 -0.56 27.68 -75.55
CA GLY G 195 -1.15 28.33 -74.40
C GLY G 195 -1.29 29.84 -74.45
N GLU G 196 -1.24 30.40 -75.64
CA GLU G 196 -1.40 31.83 -75.81
C GLU G 196 -2.81 32.30 -75.41
N PRO G 197 -3.06 33.61 -75.51
CA PRO G 197 -4.38 34.11 -75.21
C PRO G 197 -5.22 34.14 -76.46
N LEU G 198 -6.15 33.22 -76.56
CA LEU G 198 -6.92 33.12 -77.78
C LEU G 198 -7.26 34.44 -78.39
N LEU G 199 -7.88 35.30 -77.63
CA LEU G 199 -8.36 36.53 -78.27
C LEU G 199 -7.25 37.22 -79.04
N ASP G 200 -6.03 37.22 -78.51
CA ASP G 200 -4.92 37.87 -79.20
C ASP G 200 -4.65 37.20 -80.54
N LEU G 201 -4.55 35.87 -80.55
CA LEU G 201 -4.34 35.16 -81.81
C LEU G 201 -5.50 35.33 -82.77
N LEU G 202 -6.74 35.35 -82.24
CA LEU G 202 -7.89 35.59 -83.12
C LEU G 202 -7.80 36.95 -83.79
N LEU G 203 -7.46 37.99 -83.02
CA LEU G 203 -7.34 39.33 -83.58
C LEU G 203 -6.22 39.40 -84.60
N HIS G 204 -5.07 38.80 -84.29
CA HIS G 204 -3.95 38.81 -85.24
C HIS G 204 -4.32 38.07 -86.53
N MET G 205 -4.98 36.93 -86.41
CA MET G 205 -5.40 36.18 -87.60
C MET G 205 -6.38 36.97 -88.43
N ALA G 206 -7.35 37.63 -87.79
CA ALA G 206 -8.33 38.43 -88.53
C ALA G 206 -7.65 39.59 -89.24
N GLU G 207 -6.75 40.28 -88.55
CA GLU G 207 -6.06 41.42 -89.17
C GLU G 207 -5.18 40.95 -90.33
N THR G 208 -4.48 39.83 -90.16
CA THR G 208 -3.66 39.30 -91.24
C THR G 208 -4.52 38.92 -92.43
N THR G 209 -5.68 38.31 -92.18
CA THR G 209 -6.59 37.95 -93.26
C THR G 209 -7.05 39.19 -94.01
N ILE G 210 -7.43 40.25 -93.28
CA ILE G 210 -7.90 41.48 -93.92
C ILE G 210 -6.79 42.10 -94.75
N ARG G 211 -5.57 42.18 -94.19
CA ARG G 211 -4.47 42.80 -94.89
C ARG G 211 -4.11 42.03 -96.16
N GLU G 212 -4.01 40.70 -96.05
CA GLU G 212 -3.66 39.90 -97.21
C GLU G 212 -4.77 39.92 -98.26
N SER G 213 -6.03 39.98 -97.82
CA SER G 213 -7.14 40.03 -98.75
C SER G 213 -7.19 41.35 -99.50
N GLU G 214 -6.93 42.46 -98.80
CA GLU G 214 -6.88 43.75 -99.48
C GLU G 214 -5.62 43.89 -100.33
N LYS G 215 -4.59 43.11 -100.04
CA LYS G 215 -3.43 43.06 -100.92
C LYS G 215 -3.74 42.41 -102.25
N LEU G 216 -4.86 41.68 -102.34
CA LEU G 216 -5.29 41.06 -103.58
C LEU G 216 -6.40 41.85 -104.28
N GLY G 217 -6.65 43.08 -103.83
CA GLY G 217 -7.64 43.95 -104.42
C GLY G 217 -9.03 43.82 -103.84
N VAL G 218 -9.21 42.95 -102.85
CA VAL G 218 -10.55 42.69 -102.31
C VAL G 218 -10.82 43.65 -101.16
N ASP G 219 -12.05 44.15 -101.14
CA ASP G 219 -12.47 45.05 -100.09
C ASP G 219 -12.16 44.55 -98.72
N PRO G 220 -12.24 45.43 -97.75
CA PRO G 220 -12.03 44.99 -96.39
C PRO G 220 -13.38 44.83 -95.82
N ARG G 221 -14.35 44.60 -96.69
CA ARG G 221 -15.68 44.31 -96.20
C ARG G 221 -15.98 42.82 -96.19
N LEU G 222 -16.41 42.27 -97.31
CA LEU G 222 -16.86 40.89 -97.32
C LEU G 222 -15.79 39.96 -96.74
N ALA G 223 -14.52 40.28 -96.96
CA ALA G 223 -13.46 39.54 -96.29
C ALA G 223 -13.57 39.67 -94.78
N ALA G 224 -14.05 40.82 -94.30
CA ALA G 224 -14.30 40.98 -92.88
C ALA G 224 -15.37 40.01 -92.39
N GLU G 225 -16.44 39.84 -93.16
CA GLU G 225 -17.47 38.89 -92.75
C GLU G 225 -16.97 37.45 -92.83
N VAL G 226 -16.10 37.14 -93.80
CA VAL G 226 -15.51 35.81 -93.86
C VAL G 226 -14.66 35.56 -92.61
N ALA G 227 -13.84 36.54 -92.23
CA ALA G 227 -13.05 36.42 -91.01
C ALA G 227 -13.95 36.31 -89.79
N ARG G 228 -15.10 36.99 -89.81
CA ARG G 228 -16.04 36.89 -88.69
C ARG G 228 -16.62 35.49 -88.55
N GLU G 229 -17.03 34.89 -89.67
CA GLU G 229 -17.51 33.51 -89.63
C GLU G 229 -16.44 32.57 -89.15
N MET G 230 -15.19 32.75 -89.62
CA MET G 230 -14.11 31.87 -89.18
C MET G 230 -13.78 32.08 -87.70
N VAL G 231 -13.89 33.31 -87.21
CA VAL G 231 -13.70 33.56 -85.79
C VAL G 231 -14.78 32.87 -84.96
N ASP G 232 -16.01 32.91 -85.45
CA ASP G 232 -17.10 32.19 -84.78
C ASP G 232 -16.80 30.70 -84.74
N GLY G 233 -16.32 30.15 -85.86
CA GLY G 233 -15.95 28.75 -85.89
C GLY G 233 -14.85 28.40 -84.92
N VAL G 234 -13.83 29.27 -84.82
CA VAL G 234 -12.75 29.05 -83.87
C VAL G 234 -13.27 29.07 -82.45
N GLY G 235 -14.17 30.02 -82.15
CA GLY G 235 -14.76 30.06 -80.82
C GLY G 235 -15.55 28.81 -80.49
N HIS G 236 -16.30 28.29 -81.47
CA HIS G 236 -17.05 27.06 -81.25
C HIS G 236 -16.12 25.88 -81.02
N GLU G 237 -15.07 25.76 -81.84
CA GLU G 237 -14.18 24.61 -81.73
C GLU G 237 -13.38 24.65 -80.43
N THR G 238 -12.85 25.81 -80.06
CA THR G 238 -11.99 25.93 -78.91
C THR G 238 -12.73 25.83 -77.59
N GLY G 239 -14.06 25.89 -77.61
CA GLY G 239 -14.83 25.84 -76.38
C GLY G 239 -14.88 27.13 -75.60
N GLU G 240 -14.47 28.25 -76.20
CA GLU G 240 -14.50 29.55 -75.55
C GLU G 240 -15.04 30.57 -76.54
N THR G 241 -16.26 31.06 -76.28
CA THR G 241 -16.93 31.97 -77.19
C THR G 241 -16.90 33.41 -76.75
N GLU G 242 -16.56 33.70 -75.49
CA GLU G 242 -16.49 35.08 -75.03
C GLU G 242 -15.39 35.84 -75.74
N ALA G 243 -14.21 35.23 -75.91
CA ALA G 243 -13.15 35.86 -76.69
C ALA G 243 -13.56 36.01 -78.14
N ALA G 244 -14.24 34.99 -78.69
CA ALA G 244 -14.78 35.11 -80.05
C ALA G 244 -15.80 36.23 -80.13
N PHE G 245 -16.63 36.38 -79.08
CA PHE G 245 -17.58 37.48 -79.04
C PHE G 245 -16.88 38.82 -79.06
N ARG G 246 -15.82 38.96 -78.27
CA ARG G 246 -15.09 40.23 -78.22
C ARG G 246 -14.45 40.55 -79.57
N VAL G 247 -13.81 39.56 -80.19
CA VAL G 247 -13.20 39.80 -81.50
C VAL G 247 -14.27 40.11 -82.54
N ARG G 248 -15.45 39.49 -82.41
CA ARG G 248 -16.56 39.81 -83.29
C ARG G 248 -16.97 41.26 -83.13
N ARG G 249 -17.03 41.75 -81.89
CA ARG G 249 -17.38 43.15 -81.65
C ARG G 249 -16.34 44.09 -82.25
N GLU G 250 -15.05 43.78 -82.08
CA GLU G 250 -14.02 44.64 -82.65
C GLU G 250 -14.06 44.64 -84.16
N LEU G 251 -14.33 43.49 -84.77
CA LEU G 251 -14.45 43.44 -86.22
C LEU G 251 -15.68 44.21 -86.71
N ASP G 252 -16.78 44.15 -85.95
CA ASP G 252 -17.96 44.94 -86.27
C ASP G 252 -17.67 46.43 -86.17
N THR G 253 -16.85 46.83 -85.21
CA THR G 253 -16.41 48.23 -85.16
C THR G 253 -15.50 48.57 -86.33
N VAL G 254 -14.66 47.60 -86.76
CA VAL G 254 -13.74 47.85 -87.86
C VAL G 254 -14.49 48.09 -89.16
N ILE G 255 -15.52 47.29 -89.44
CA ILE G 255 -16.22 47.43 -90.72
C ILE G 255 -16.90 48.79 -90.81
N LEU G 256 -17.17 49.43 -89.68
CA LEU G 256 -17.76 50.76 -89.67
C LEU G 256 -16.80 51.79 -90.26
N THR H 25 -53.42 28.29 -60.29
CA THR H 25 -54.81 28.42 -60.70
C THR H 25 -55.46 29.64 -60.06
N GLU H 26 -54.63 30.50 -59.44
CA GLU H 26 -55.16 31.68 -58.77
C GLU H 26 -55.81 32.63 -59.77
N LYS H 27 -55.23 32.79 -60.95
CA LYS H 27 -55.84 33.63 -61.96
C LYS H 27 -57.22 33.11 -62.35
N LEU H 28 -57.35 31.79 -62.51
CA LEU H 28 -58.65 31.22 -62.87
C LEU H 28 -59.67 31.42 -61.77
N LYS H 29 -59.26 31.24 -60.52
CA LYS H 29 -60.17 31.46 -59.39
C LYS H 29 -60.63 32.92 -59.34
N LYS H 30 -59.70 33.86 -59.54
CA LYS H 30 -60.08 35.27 -59.55
C LYS H 30 -61.01 35.58 -60.73
N ILE H 31 -60.76 34.99 -61.89
CA ILE H 31 -61.64 35.21 -63.04
C ILE H 31 -63.04 34.72 -62.74
N THR H 32 -63.14 33.53 -62.15
CA THR H 32 -64.46 33.00 -61.78
C THR H 32 -65.15 33.90 -60.76
N LYS H 33 -64.41 34.36 -59.75
CA LYS H 33 -65.00 35.24 -58.74
C LYS H 33 -65.51 36.53 -59.36
N LEU H 34 -64.70 37.15 -60.22
CA LEU H 34 -65.10 38.43 -60.82
C LEU H 34 -66.27 38.23 -61.77
N LEU H 35 -66.32 37.10 -62.48
CA LEU H 35 -67.47 36.83 -63.33
C LEU H 35 -68.74 36.63 -62.50
N HIS H 36 -68.64 36.05 -61.34
CA HIS H 36 -69.83 35.93 -60.52
C HIS H 36 -70.20 37.34 -60.23
N GLU H 37 -69.30 38.07 -59.58
CA GLU H 37 -69.70 39.41 -59.14
C GLU H 37 -70.38 40.17 -60.26
N LEU H 38 -69.83 40.10 -61.48
CA LEU H 38 -70.43 40.81 -62.61
C LEU H 38 -71.84 40.30 -62.90
N VAL H 39 -72.03 38.97 -62.88
CA VAL H 39 -73.36 38.45 -63.19
C VAL H 39 -74.33 38.72 -62.05
N ASP H 40 -73.84 38.90 -60.83
CA ASP H 40 -74.72 39.21 -59.72
C ASP H 40 -75.43 40.54 -59.94
N ARG H 41 -74.68 41.57 -60.33
CA ARG H 41 -75.24 42.89 -60.59
C ARG H 41 -75.38 43.09 -62.10
N GLY H 42 -76.41 42.45 -62.65
CA GLY H 42 -76.70 42.60 -64.07
C GLY H 42 -75.54 42.19 -64.94
N GLU H 43 -75.23 43.02 -65.93
CA GLU H 43 -74.03 42.88 -66.78
C GLU H 43 -74.12 41.56 -67.52
N ILE H 44 -73.13 40.67 -67.40
CA ILE H 44 -73.05 39.43 -68.16
C ILE H 44 -74.17 38.48 -67.74
N PRO H 45 -74.60 37.57 -68.61
CA PRO H 45 -75.62 36.58 -68.21
C PRO H 45 -75.04 35.45 -67.36
N GLU H 46 -75.91 34.55 -66.91
CA GLU H 46 -75.50 33.52 -65.95
C GLU H 46 -74.69 32.39 -66.60
N GLU H 47 -74.91 32.13 -67.89
CA GLU H 47 -74.26 30.99 -68.53
C GLU H 47 -72.75 31.09 -68.45
N LEU H 48 -72.21 32.29 -68.61
CA LEU H 48 -70.77 32.46 -68.56
C LEU H 48 -70.22 32.14 -67.17
N ALA H 49 -70.93 32.56 -66.12
CA ALA H 49 -70.49 32.26 -64.77
C ALA H 49 -70.59 30.76 -64.47
N THR H 50 -71.65 30.11 -64.95
CA THR H 50 -71.77 28.67 -64.75
C THR H 50 -70.65 27.92 -65.46
N LEU H 51 -70.34 28.32 -66.70
CA LEU H 51 -69.22 27.71 -67.41
C LEU H 51 -67.91 27.95 -66.67
N ALA H 52 -67.72 29.16 -66.14
CA ALA H 52 -66.52 29.43 -65.37
C ALA H 52 -66.40 28.51 -64.18
N THR H 53 -67.50 28.26 -63.47
CA THR H 53 -67.47 27.37 -62.32
C THR H 53 -67.13 25.94 -62.74
N LEU H 54 -67.81 25.42 -63.77
CA LEU H 54 -67.56 24.06 -64.20
C LEU H 54 -66.12 23.87 -64.67
N LEU H 55 -65.61 24.81 -65.47
CA LEU H 55 -64.24 24.71 -65.95
C LEU H 55 -63.24 24.89 -64.82
N LEU H 56 -63.55 25.72 -63.82
CA LEU H 56 -62.66 25.88 -62.68
C LEU H 56 -62.61 24.60 -61.84
N TYR H 57 -63.70 23.82 -61.83
CA TYR H 57 -63.63 22.51 -61.20
C TYR H 57 -62.80 21.54 -62.04
N LEU H 58 -63.06 21.51 -63.34
CA LEU H 58 -62.38 20.56 -64.22
C LEU H 58 -60.88 20.77 -64.22
N VAL H 59 -60.44 22.01 -64.46
CA VAL H 59 -59.08 22.42 -64.14
C VAL H 59 -58.95 22.30 -62.62
N GLU H 60 -57.78 21.87 -62.15
CA GLU H 60 -57.52 21.65 -60.73
C GLU H 60 -58.24 20.39 -60.26
N LYS H 61 -59.12 19.83 -61.10
CA LYS H 61 -59.36 18.39 -61.02
C LYS H 61 -58.38 17.63 -61.88
N GLY H 62 -57.72 18.31 -62.81
CA GLY H 62 -56.71 17.69 -63.64
C GLY H 62 -57.29 17.00 -64.86
N LEU H 63 -58.30 17.61 -65.48
CA LEU H 63 -58.96 17.01 -66.63
C LEU H 63 -58.93 17.87 -67.88
N ILE H 64 -58.61 19.16 -67.78
CA ILE H 64 -58.40 20.01 -68.93
C ILE H 64 -57.27 20.99 -68.62
N SER H 65 -56.88 21.79 -69.62
CA SER H 65 -55.82 22.76 -69.46
C SER H 65 -56.40 24.17 -69.47
N GLU H 66 -55.58 25.13 -69.00
CA GLU H 66 -56.02 26.52 -68.96
C GLU H 66 -56.37 27.04 -70.35
N PHE H 67 -55.72 26.50 -71.39
CA PHE H 67 -56.05 26.92 -72.74
C PHE H 67 -57.49 26.62 -73.09
N ASP H 68 -57.97 25.42 -72.72
CA ASP H 68 -59.37 25.08 -72.97
C ASP H 68 -60.31 25.97 -72.18
N PHE H 69 -59.96 26.27 -70.92
CA PHE H 69 -60.75 27.18 -70.11
C PHE H 69 -60.92 28.53 -70.81
N ILE H 70 -59.79 29.15 -71.19
CA ILE H 70 -59.86 30.47 -71.81
C ILE H 70 -60.56 30.40 -73.16
N GLU H 71 -60.32 29.33 -73.92
CA GLU H 71 -60.93 29.23 -75.24
C GLU H 71 -62.46 29.12 -75.12
N HIS H 72 -62.95 28.30 -74.19
CA HIS H 72 -64.39 28.19 -73.97
C HIS H 72 -64.97 29.52 -73.51
N LEU H 73 -64.28 30.20 -72.59
CA LEU H 73 -64.78 31.48 -72.10
C LEU H 73 -64.89 32.48 -73.24
N VAL H 74 -63.87 32.56 -74.09
CA VAL H 74 -63.87 33.50 -75.19
C VAL H 74 -64.95 33.14 -76.21
N ARG H 75 -65.13 31.84 -76.48
CA ARG H 75 -66.17 31.42 -77.41
C ARG H 75 -67.55 31.82 -76.91
N LEU H 76 -67.83 31.59 -75.63
CA LEU H 76 -69.12 32.00 -75.09
C LEU H 76 -69.28 33.52 -75.11
N ALA H 77 -68.22 34.25 -74.78
CA ALA H 77 -68.29 35.71 -74.81
C ALA H 77 -68.59 36.22 -76.21
N GLU H 78 -67.95 35.64 -77.22
CA GLU H 78 -68.24 36.01 -78.60
C GLU H 78 -69.67 35.65 -78.98
N LYS H 79 -70.15 34.49 -78.52
CA LYS H 79 -71.52 34.09 -78.83
C LYS H 79 -72.54 35.06 -78.22
N LEU H 80 -72.30 35.51 -76.99
CA LEU H 80 -73.22 36.40 -76.30
C LEU H 80 -72.89 37.88 -76.51
N GLY H 81 -71.80 38.20 -77.20
CA GLY H 81 -71.44 39.57 -77.45
C GLY H 81 -71.13 40.35 -76.18
N VAL H 82 -70.36 39.75 -75.29
CA VAL H 82 -70.04 40.36 -74.00
C VAL H 82 -68.52 40.34 -73.83
N LEU H 83 -67.80 40.29 -74.94
CA LEU H 83 -66.36 40.11 -74.91
C LEU H 83 -65.65 41.26 -74.19
N GLU H 84 -66.23 42.46 -74.22
CA GLU H 84 -65.60 43.59 -73.55
C GLU H 84 -65.51 43.39 -72.04
N GLU H 85 -66.57 42.85 -71.44
CA GLU H 85 -66.55 42.58 -70.01
C GLU H 85 -65.52 41.52 -69.67
N LEU H 86 -65.38 40.49 -70.50
CA LEU H 86 -64.35 39.49 -70.28
C LEU H 86 -62.96 40.12 -70.39
N LYS H 87 -62.78 41.04 -71.34
CA LYS H 87 -61.51 41.74 -71.46
C LYS H 87 -61.21 42.53 -70.19
N LYS H 88 -62.21 43.23 -69.67
CA LYS H 88 -62.02 43.99 -68.44
C LYS H 88 -61.67 43.07 -67.27
N VAL H 89 -62.33 41.92 -67.17
CA VAL H 89 -62.02 40.97 -66.11
C VAL H 89 -60.58 40.49 -66.23
N LEU H 90 -60.14 40.18 -67.46
CA LEU H 90 -58.79 39.68 -67.66
C LEU H 90 -57.74 40.76 -67.37
N GLU H 91 -58.07 42.02 -67.62
CA GLU H 91 -57.16 43.09 -67.20
C GLU H 91 -57.13 43.23 -65.69
N GLU H 92 -58.29 43.15 -65.03
CA GLU H 92 -58.34 43.28 -63.58
C GLU H 92 -57.53 42.19 -62.89
N VAL H 93 -57.68 40.93 -63.34
CA VAL H 93 -56.92 39.86 -62.71
C VAL H 93 -55.43 40.02 -63.00
N GLY H 94 -55.09 40.62 -64.13
CA GLY H 94 -53.70 40.83 -64.49
C GLY H 94 -53.09 39.63 -65.19
N ASP H 95 -53.73 39.18 -66.27
CA ASP H 95 -53.28 38.03 -67.04
C ASP H 95 -52.92 38.48 -68.45
N GLU H 96 -51.73 38.13 -68.90
CA GLU H 96 -51.29 38.47 -70.24
C GLU H 96 -51.56 37.37 -71.25
N PHE H 97 -51.42 36.10 -70.83
CA PHE H 97 -51.68 34.99 -71.74
C PHE H 97 -53.13 34.97 -72.19
N GLY H 98 -54.06 35.06 -71.24
CA GLY H 98 -55.47 35.07 -71.60
C GLY H 98 -55.85 36.26 -72.45
N LEU H 99 -55.32 37.44 -72.11
CA LEU H 99 -55.62 38.63 -72.89
C LEU H 99 -55.11 38.51 -74.32
N THR H 100 -53.90 37.98 -74.48
CA THR H 100 -53.36 37.76 -75.82
C THR H 100 -54.20 36.75 -76.59
N LEU H 101 -54.69 35.70 -75.90
CA LEU H 101 -55.58 34.75 -76.56
C LEU H 101 -56.87 35.41 -77.00
N VAL H 102 -57.42 36.30 -76.17
CA VAL H 102 -58.65 37.01 -76.54
C VAL H 102 -58.41 37.86 -77.78
N TYR H 103 -57.30 38.59 -77.81
CA TYR H 103 -56.99 39.38 -78.99
C TYR H 103 -56.81 38.50 -80.22
N ALA H 104 -56.15 37.35 -80.06
CA ALA H 104 -55.94 36.45 -81.19
C ALA H 104 -57.27 35.95 -81.74
N ILE H 105 -58.19 35.55 -80.86
CA ILE H 105 -59.48 35.04 -81.31
C ILE H 105 -60.28 36.13 -82.01
N SER H 106 -60.31 37.33 -81.42
CA SER H 106 -61.06 38.43 -82.03
C SER H 106 -60.47 38.80 -83.39
N LEU H 107 -59.14 38.83 -83.49
CA LEU H 107 -58.48 39.16 -84.75
C LEU H 107 -58.74 38.08 -85.79
N LEU H 108 -58.74 36.81 -85.38
CA LEU H 108 -59.07 35.74 -86.30
C LEU H 108 -60.49 35.87 -86.82
N LYS H 109 -61.44 36.19 -85.93
CA LYS H 109 -62.82 36.37 -86.38
C LYS H 109 -62.93 37.54 -87.36
N GLU H 110 -62.26 38.66 -87.06
CA GLU H 110 -62.31 39.80 -87.96
C GLU H 110 -61.68 39.48 -89.31
N VAL H 111 -60.57 38.75 -89.31
CA VAL H 111 -59.93 38.38 -90.58
C VAL H 111 -60.80 37.40 -91.35
N GLU H 112 -61.46 36.47 -90.67
CA GLU H 112 -62.40 35.58 -91.33
C GLU H 112 -63.53 36.38 -91.98
N LYS H 113 -63.99 37.43 -91.31
CA LYS H 113 -64.93 38.35 -91.95
C LYS H 113 -64.31 38.98 -93.18
N GLU H 114 -63.04 39.39 -93.08
CA GLU H 114 -62.35 39.98 -94.24
C GLU H 114 -62.06 38.92 -95.30
N GLY H 115 -61.48 37.78 -94.90
CA GLY H 115 -61.21 36.71 -95.83
C GLY H 115 -59.86 36.74 -96.52
N ASP H 116 -58.81 37.15 -95.82
CA ASP H 116 -57.48 37.23 -96.42
C ASP H 116 -56.61 36.08 -95.90
N GLU H 117 -55.96 35.35 -96.82
CA GLU H 117 -55.34 34.07 -96.46
C GLU H 117 -54.05 34.25 -95.66
N GLU H 118 -53.20 35.22 -96.03
CA GLU H 118 -51.92 35.34 -95.35
C GLU H 118 -52.08 35.67 -93.88
N LEU H 119 -53.00 36.59 -93.56
CA LEU H 119 -53.30 36.83 -92.15
C LEU H 119 -53.96 35.64 -91.49
N LYS H 120 -54.70 34.81 -92.25
CA LYS H 120 -55.20 33.56 -91.70
C LYS H 120 -54.04 32.70 -91.20
N GLU H 121 -53.04 32.49 -92.05
CA GLU H 121 -51.88 31.68 -91.65
C GLU H 121 -51.16 32.33 -90.48
N TYR H 122 -51.03 33.66 -90.50
CA TYR H 122 -50.33 34.38 -89.44
C TYR H 122 -51.01 34.16 -88.10
N VAL H 123 -52.34 34.33 -88.06
CA VAL H 123 -53.05 34.20 -86.80
C VAL H 123 -53.12 32.75 -86.35
N LYS H 124 -53.19 31.79 -87.29
CA LYS H 124 -53.15 30.39 -86.89
C LYS H 124 -51.82 30.02 -86.25
N LEU H 125 -50.72 30.50 -86.83
CA LEU H 125 -49.41 30.29 -86.21
C LEU H 125 -49.34 30.96 -84.84
N ALA H 126 -49.90 32.18 -84.73
CA ALA H 126 -49.93 32.86 -83.45
C ALA H 126 -50.70 32.07 -82.40
N ILE H 127 -51.84 31.50 -82.79
CA ILE H 127 -52.66 30.74 -81.85
C ILE H 127 -51.95 29.46 -81.43
N GLU H 128 -51.30 28.79 -82.39
CA GLU H 128 -50.56 27.57 -82.03
C GLU H 128 -49.42 27.89 -81.07
N THR H 129 -48.70 28.97 -81.32
CA THR H 129 -47.64 29.38 -80.40
C THR H 129 -48.20 29.75 -79.04
N LEU H 130 -49.37 30.40 -79.02
CA LEU H 130 -50.00 30.74 -77.75
C LEU H 130 -50.37 29.49 -76.97
N LYS H 131 -50.89 28.46 -77.66
CA LYS H 131 -51.20 27.20 -76.99
C LYS H 131 -49.93 26.56 -76.43
N GLU H 132 -48.85 26.55 -77.21
CA GLU H 132 -47.61 25.97 -76.74
C GLU H 132 -47.07 26.72 -75.52
N ALA H 133 -47.20 28.04 -75.51
CA ALA H 133 -46.80 28.82 -74.35
C ALA H 133 -47.69 28.50 -73.15
N PHE H 134 -49.01 28.47 -73.36
CA PHE H 134 -49.95 28.14 -72.29
C PHE H 134 -49.64 26.79 -71.67
N GLU H 135 -49.10 25.85 -72.45
CA GLU H 135 -48.76 24.54 -71.92
C GLU H 135 -47.85 24.65 -70.69
N ARG H 136 -46.90 25.58 -70.71
CA ARG H 136 -45.97 25.72 -69.59
C ARG H 136 -45.67 27.16 -69.22
N LYS H 137 -46.43 28.14 -69.73
CA LYS H 137 -46.18 29.56 -69.48
C LYS H 137 -44.76 29.95 -69.91
N ASN H 138 -44.49 29.71 -71.20
CA ASN H 138 -43.19 30.03 -71.78
C ASN H 138 -43.28 31.43 -72.38
N TYR H 139 -42.49 32.36 -71.84
CA TYR H 139 -42.70 33.77 -72.13
C TYR H 139 -42.26 34.13 -73.54
N ALA H 140 -41.30 33.38 -74.11
CA ALA H 140 -40.75 33.74 -75.42
C ALA H 140 -41.77 33.55 -76.54
N LEU H 141 -42.45 32.40 -76.55
CA LEU H 141 -43.50 32.22 -77.54
C LEU H 141 -44.65 33.20 -77.32
N LEU H 142 -44.87 33.62 -76.07
CA LEU H 142 -45.83 34.68 -75.81
C LEU H 142 -45.41 35.98 -76.49
N VAL H 143 -44.11 36.31 -76.42
CA VAL H 143 -43.62 37.51 -77.10
C VAL H 143 -43.83 37.39 -78.60
N SER H 144 -43.51 36.21 -79.17
CA SER H 144 -43.67 36.01 -80.61
C SER H 144 -45.12 36.18 -81.02
N ALA H 145 -46.04 35.56 -80.29
CA ALA H 145 -47.45 35.67 -80.62
C ALA H 145 -47.95 37.10 -80.44
N LYS H 146 -47.48 37.79 -79.40
CA LYS H 146 -47.85 39.19 -79.22
C LYS H 146 -47.42 40.03 -80.40
N ILE H 147 -46.18 39.82 -80.86
CA ILE H 147 -45.68 40.55 -82.03
C ILE H 147 -46.58 40.28 -83.23
N ILE H 148 -46.88 39.01 -83.48
CA ILE H 148 -47.69 38.66 -84.65
C ILE H 148 -49.06 39.32 -84.58
N VAL H 149 -49.71 39.25 -83.42
CA VAL H 149 -51.06 39.76 -83.31
C VAL H 149 -51.09 41.28 -83.40
N GLU H 150 -50.12 41.97 -82.80
CA GLU H 150 -50.14 43.43 -82.87
C GLU H 150 -49.84 43.91 -84.28
N ASN H 151 -48.91 43.26 -84.97
CA ASN H 151 -48.65 43.64 -86.36
C ASN H 151 -49.86 43.36 -87.24
N ALA H 152 -50.56 42.24 -87.01
CA ALA H 152 -51.77 41.97 -87.77
C ALA H 152 -52.85 43.02 -87.49
N GLU H 153 -53.02 43.39 -86.22
CA GLU H 153 -54.00 44.42 -85.89
C GLU H 153 -53.67 45.73 -86.57
N GLU H 154 -52.38 46.12 -86.58
CA GLU H 154 -51.97 47.32 -87.29
C GLU H 154 -52.24 47.18 -88.78
N ILE H 155 -52.09 45.98 -89.33
CA ILE H 155 -52.40 45.74 -90.74
C ILE H 155 -53.87 46.02 -91.00
N LEU H 156 -54.76 45.51 -90.14
CA LEU H 156 -56.19 45.76 -90.33
C LEU H 156 -56.53 47.24 -90.19
N LYS H 157 -55.89 47.94 -89.23
CA LYS H 157 -56.14 49.37 -89.12
C LYS H 157 -55.69 50.11 -90.39
N ALA H 158 -54.50 49.79 -90.89
CA ALA H 158 -54.02 50.43 -92.11
C ALA H 158 -54.83 50.05 -93.33
N LYS H 159 -55.52 48.91 -93.29
CA LYS H 159 -56.38 48.52 -94.40
C LYS H 159 -57.47 49.55 -94.64
N LYS H 160 -58.16 49.97 -93.57
CA LYS H 160 -59.14 51.03 -93.71
C LYS H 160 -58.48 52.40 -93.81
N LYS H 161 -57.30 52.59 -93.20
CA LYS H 161 -56.58 53.84 -93.37
C LYS H 161 -56.09 54.00 -94.80
N GLY H 162 -55.42 52.99 -95.33
CA GLY H 162 -54.98 53.00 -96.72
C GLY H 162 -53.57 53.52 -96.93
N ASP H 163 -52.64 53.11 -96.08
CA ASP H 163 -51.23 53.51 -96.19
C ASP H 163 -50.48 52.23 -96.58
N GLU H 164 -50.17 52.08 -97.86
CA GLU H 164 -49.60 50.84 -98.37
C GLU H 164 -48.19 50.60 -97.84
N GLU H 165 -47.40 51.67 -97.68
CA GLU H 165 -46.04 51.51 -97.17
C GLU H 165 -46.06 50.85 -95.79
N LYS H 166 -46.98 51.28 -94.93
CA LYS H 166 -47.06 50.71 -93.58
C LYS H 166 -47.47 49.24 -93.63
N ILE H 167 -48.39 48.88 -94.53
CA ILE H 167 -48.83 47.49 -94.60
C ILE H 167 -47.70 46.60 -95.11
N LYS H 168 -46.91 47.11 -96.08
CA LYS H 168 -45.75 46.34 -96.53
C LYS H 168 -44.74 46.16 -95.40
N GLU H 169 -44.51 47.23 -94.63
CA GLU H 169 -43.59 47.12 -93.49
C GLU H 169 -44.08 46.10 -92.48
N LEU H 170 -45.39 46.09 -92.21
CA LEU H 170 -45.94 45.14 -91.25
C LEU H 170 -45.86 43.71 -91.77
N LEU H 171 -46.06 43.50 -93.08
CA LEU H 171 -45.84 42.18 -93.65
C LEU H 171 -44.39 41.75 -93.51
N GLN H 172 -43.44 42.68 -93.69
CA GLN H 172 -42.04 42.35 -93.45
C GLN H 172 -41.81 41.92 -92.01
N ARG H 173 -42.38 42.66 -91.06
CA ARG H 173 -42.25 42.29 -89.65
C ARG H 173 -42.84 40.91 -89.38
N LEU H 174 -43.99 40.61 -89.97
CA LEU H 174 -44.63 39.32 -89.75
C LEU H 174 -43.82 38.19 -90.37
N LYS H 175 -43.22 38.42 -91.54
CA LYS H 175 -42.33 37.40 -92.11
C LYS H 175 -41.14 37.15 -91.21
N ALA H 176 -40.55 38.22 -90.66
CA ALA H 176 -39.46 38.04 -89.72
C ALA H 176 -39.90 37.24 -88.50
N ALA H 177 -41.10 37.53 -87.99
CA ALA H 177 -41.61 36.78 -86.84
C ALA H 177 -41.83 35.31 -87.17
N LYS H 178 -42.39 35.02 -88.35
CA LYS H 178 -42.58 33.63 -88.76
C LYS H 178 -41.26 32.90 -88.84
N ILE H 179 -40.24 33.54 -89.42
CA ILE H 179 -38.92 32.93 -89.51
C ILE H 179 -38.36 32.68 -88.12
N GLY H 180 -38.53 33.64 -87.21
CA GLY H 180 -37.86 33.55 -85.93
C GLY H 180 -38.52 32.62 -84.93
N THR H 181 -39.83 32.39 -85.07
CA THR H 181 -40.56 31.65 -84.05
C THR H 181 -40.01 30.23 -83.82
N PRO H 182 -39.80 29.40 -84.84
CA PRO H 182 -39.14 28.10 -84.57
C PRO H 182 -37.76 28.28 -83.96
N LEU H 183 -37.04 29.32 -84.38
CA LEU H 183 -35.70 29.54 -83.85
C LEU H 183 -35.72 29.86 -82.37
N VAL H 184 -36.65 30.72 -81.93
CA VAL H 184 -36.70 31.06 -80.51
C VAL H 184 -37.18 29.88 -79.69
N ARG H 185 -38.17 29.12 -80.22
CA ARG H 185 -38.59 27.91 -79.53
C ARG H 185 -37.41 26.96 -79.33
N GLU H 186 -36.62 26.75 -80.39
CA GLU H 186 -35.48 25.84 -80.31
C GLU H 186 -34.43 26.37 -79.35
N VAL H 187 -34.18 27.68 -79.36
CA VAL H 187 -33.17 28.24 -78.47
C VAL H 187 -33.55 28.03 -77.01
N VAL H 188 -34.82 28.31 -76.68
CA VAL H 188 -35.27 28.09 -75.30
C VAL H 188 -35.17 26.61 -74.94
N GLU H 189 -35.60 25.73 -75.85
CA GLU H 189 -35.57 24.29 -75.57
C GLU H 189 -34.15 23.82 -75.29
N ARG H 190 -33.20 24.24 -76.14
CA ARG H 190 -31.81 23.82 -75.96
C ARG H 190 -31.22 24.38 -74.67
N TYR H 191 -31.51 25.65 -74.37
CA TYR H 191 -30.97 26.21 -73.13
C TYR H 191 -31.56 25.56 -71.90
N ARG H 192 -32.79 25.02 -71.99
CA ARG H 192 -33.43 24.40 -70.84
C ARG H 192 -32.58 23.31 -70.20
N GLU H 193 -32.06 22.39 -71.00
CA GLU H 193 -31.33 21.25 -70.43
C GLU H 193 -29.96 21.01 -71.06
N GLU H 194 -29.76 21.38 -72.33
CA GLU H 194 -28.51 21.04 -73.01
C GLU H 194 -27.32 21.74 -72.37
N GLY H 195 -27.47 23.02 -72.04
CA GLY H 195 -26.48 23.72 -71.23
C GLY H 195 -25.48 24.60 -71.96
N GLU H 196 -25.82 25.00 -73.17
CA GLU H 196 -24.97 25.89 -73.93
C GLU H 196 -24.89 27.28 -73.30
N PRO H 197 -24.12 28.18 -73.92
CA PRO H 197 -24.05 29.54 -73.39
C PRO H 197 -25.08 30.42 -74.05
N LEU H 198 -26.11 30.77 -73.32
CA LEU H 198 -27.20 31.51 -73.92
C LEU H 198 -26.76 32.55 -74.90
N LEU H 199 -25.81 33.36 -74.52
CA LEU H 199 -25.49 34.47 -75.43
C LEU H 199 -25.11 33.96 -76.81
N ASP H 200 -24.38 32.85 -76.88
CA ASP H 200 -23.97 32.31 -78.17
C ASP H 200 -25.18 31.88 -78.99
N LEU H 201 -26.10 31.14 -78.38
CA LEU H 201 -27.31 30.73 -79.09
C LEU H 201 -28.17 31.93 -79.46
N LEU H 202 -28.25 32.94 -78.59
CA LEU H 202 -29.01 34.13 -78.92
C LEU H 202 -28.43 34.82 -80.15
N LEU H 203 -27.10 34.97 -80.20
CA LEU H 203 -26.46 35.61 -81.34
C LEU H 203 -26.67 34.81 -82.62
N HIS H 204 -26.52 33.48 -82.53
CA HIS H 204 -26.72 32.64 -83.70
C HIS H 204 -28.16 32.73 -84.20
N MET H 205 -29.13 32.70 -83.29
CA MET H 205 -30.53 32.81 -83.67
C MET H 205 -30.82 34.15 -84.33
N ALA H 206 -30.28 35.24 -83.76
CA ALA H 206 -30.50 36.56 -84.34
C ALA H 206 -29.90 36.64 -85.74
N GLU H 207 -28.67 36.14 -85.90
CA GLU H 207 -28.03 36.20 -87.21
C GLU H 207 -28.77 35.35 -88.22
N THR H 208 -29.22 34.16 -87.82
CA THR H 208 -30.00 33.31 -88.72
C THR H 208 -31.30 33.99 -89.12
N THR H 209 -31.97 34.65 -88.16
CA THR H 209 -33.19 35.38 -88.47
C THR H 209 -32.93 36.48 -89.48
N ILE H 210 -31.86 37.25 -89.29
CA ILE H 210 -31.55 38.34 -90.21
C ILE H 210 -31.24 37.80 -91.60
N ARG H 211 -30.44 36.74 -91.67
CA ARG H 211 -30.06 36.19 -92.96
C ARG H 211 -31.27 35.63 -93.71
N GLU H 212 -32.12 34.87 -93.01
CA GLU H 212 -33.29 34.30 -93.65
C GLU H 212 -34.29 35.38 -94.03
N SER H 213 -34.40 36.43 -93.22
CA SER H 213 -35.32 37.52 -93.54
C SER H 213 -34.86 38.30 -94.75
N GLU H 214 -33.55 38.56 -94.86
CA GLU H 214 -33.05 39.26 -96.04
C GLU H 214 -33.05 38.34 -97.26
N LYS H 215 -33.07 37.04 -97.05
CA LYS H 215 -33.25 36.11 -98.16
C LYS H 215 -34.66 36.20 -98.76
N LEU H 216 -35.61 36.80 -98.03
CA LEU H 216 -36.96 37.00 -98.53
C LEU H 216 -37.20 38.42 -99.03
N GLY H 217 -36.13 39.21 -99.18
CA GLY H 217 -36.22 40.56 -99.67
C GLY H 217 -36.43 41.62 -98.60
N VAL H 218 -36.48 41.23 -97.33
CA VAL H 218 -36.79 42.17 -96.27
C VAL H 218 -35.48 42.76 -95.74
N ASP H 219 -35.53 44.07 -95.50
CA ASP H 219 -34.39 44.78 -94.97
C ASP H 219 -33.80 44.12 -93.78
N PRO H 220 -32.60 44.54 -93.43
CA PRO H 220 -32.02 44.00 -92.23
C PRO H 220 -32.21 45.02 -91.19
N ARG H 221 -33.27 45.79 -91.31
CA ARG H 221 -33.57 46.74 -90.27
C ARG H 221 -34.72 46.26 -89.40
N LEU H 222 -35.95 46.42 -89.88
CA LEU H 222 -37.08 46.10 -89.02
C LEU H 222 -37.02 44.66 -88.54
N ALA H 223 -36.50 43.75 -89.37
CA ALA H 223 -36.25 42.39 -88.90
C ALA H 223 -35.26 42.38 -87.75
N ALA H 224 -34.31 43.32 -87.76
CA ALA H 224 -33.40 43.45 -86.63
C ALA H 224 -34.14 43.82 -85.36
N GLU H 225 -35.11 44.74 -85.45
CA GLU H 225 -35.86 45.10 -84.26
C GLU H 225 -36.78 43.95 -83.80
N VAL H 226 -37.29 43.17 -84.75
CA VAL H 226 -38.08 41.98 -84.37
C VAL H 226 -37.20 40.99 -83.61
N ALA H 227 -35.99 40.74 -84.13
CA ALA H 227 -35.06 39.87 -83.42
C ALA H 227 -34.67 40.44 -82.07
N ARG H 228 -34.60 41.77 -81.96
CA ARG H 228 -34.28 42.41 -80.68
C ARG H 228 -35.39 42.17 -79.66
N GLU H 229 -36.64 42.35 -80.06
CA GLU H 229 -37.75 42.07 -79.18
C GLU H 229 -37.77 40.60 -78.74
N MET H 230 -37.51 39.69 -79.69
CA MET H 230 -37.50 38.27 -79.34
C MET H 230 -36.33 37.92 -78.43
N VAL H 231 -35.19 38.59 -78.61
CA VAL H 231 -34.05 38.39 -77.71
C VAL H 231 -34.41 38.87 -76.31
N ASP H 232 -35.08 40.00 -76.21
CA ASP H 232 -35.54 40.49 -74.92
C ASP H 232 -36.48 39.48 -74.26
N GLY H 233 -37.40 38.92 -75.05
CA GLY H 233 -38.30 37.90 -74.53
C GLY H 233 -37.56 36.66 -74.04
N VAL H 234 -36.55 36.23 -74.79
CA VAL H 234 -35.74 35.08 -74.37
C VAL H 234 -35.02 35.38 -73.07
N GLY H 235 -34.46 36.59 -72.95
CA GLY H 235 -33.81 36.96 -71.71
C GLY H 235 -34.77 36.97 -70.53
N HIS H 236 -35.98 37.46 -70.73
CA HIS H 236 -36.98 37.46 -69.66
C HIS H 236 -37.37 36.03 -69.27
N GLU H 237 -37.60 35.17 -70.26
CA GLU H 237 -38.05 33.82 -69.97
C GLU H 237 -36.95 33.00 -69.28
N THR H 238 -35.72 33.10 -69.79
CA THR H 238 -34.62 32.29 -69.29
C THR H 238 -34.13 32.72 -67.92
N GLY H 239 -34.54 33.90 -67.44
CA GLY H 239 -34.08 34.39 -66.16
C GLY H 239 -32.69 34.99 -66.17
N GLU H 240 -32.14 35.28 -67.35
CA GLU H 240 -30.81 35.88 -67.47
C GLU H 240 -30.90 36.97 -68.52
N THR H 241 -30.80 38.23 -68.08
CA THR H 241 -30.94 39.37 -68.98
C THR H 241 -29.62 40.03 -69.37
N GLU H 242 -28.53 39.74 -68.65
CA GLU H 242 -27.25 40.32 -69.01
C GLU H 242 -26.77 39.85 -70.37
N ALA H 243 -26.92 38.55 -70.65
CA ALA H 243 -26.60 38.05 -71.99
C ALA H 243 -27.54 38.64 -73.04
N ALA H 244 -28.82 38.77 -72.69
CA ALA H 244 -29.76 39.44 -73.59
C ALA H 244 -29.36 40.89 -73.79
N PHE H 245 -28.89 41.55 -72.74
CA PHE H 245 -28.40 42.93 -72.87
C PHE H 245 -27.22 43.01 -73.83
N ARG H 246 -26.28 42.07 -73.70
CA ARG H 246 -25.11 42.09 -74.57
C ARG H 246 -25.49 41.86 -76.03
N VAL H 247 -26.38 40.88 -76.28
CA VAL H 247 -26.82 40.62 -77.64
C VAL H 247 -27.60 41.81 -78.18
N ARG H 248 -28.35 42.48 -77.32
CA ARG H 248 -29.05 43.70 -77.73
C ARG H 248 -28.05 44.77 -78.16
N ARG H 249 -26.96 44.92 -77.41
CA ARG H 249 -25.93 45.91 -77.78
C ARG H 249 -25.29 45.56 -79.11
N GLU H 250 -24.97 44.28 -79.33
CA GLU H 250 -24.36 43.89 -80.60
C GLU H 250 -25.32 44.11 -81.77
N LEU H 251 -26.61 43.83 -81.56
CA LEU H 251 -27.58 44.07 -82.63
C LEU H 251 -27.75 45.56 -82.89
N ASP H 252 -27.68 46.39 -81.83
CA ASP H 252 -27.72 47.83 -82.01
C ASP H 252 -26.51 48.33 -82.78
N THR H 253 -25.34 47.72 -82.56
CA THR H 253 -24.18 48.03 -83.38
C THR H 253 -24.37 47.56 -84.81
N VAL H 254 -25.03 46.42 -85.00
CA VAL H 254 -25.23 45.86 -86.34
C VAL H 254 -26.12 46.77 -87.18
N ILE H 255 -27.21 47.29 -86.59
CA ILE H 255 -28.13 48.11 -87.37
C ILE H 255 -27.46 49.39 -87.85
N LEU H 256 -26.39 49.81 -87.18
CA LEU H 256 -25.64 50.99 -87.60
C LEU H 256 -24.96 50.76 -88.94
N THR I 25 -35.36 66.82 -39.68
CA THR I 25 -35.99 68.13 -39.52
C THR I 25 -34.94 69.23 -39.35
N GLU I 26 -33.68 68.88 -39.63
CA GLU I 26 -32.60 69.85 -39.48
C GLU I 26 -32.76 71.01 -40.46
N LYS I 27 -33.19 70.72 -41.69
CA LYS I 27 -33.43 71.78 -42.65
C LYS I 27 -34.51 72.74 -42.16
N LEU I 28 -35.58 72.21 -41.58
CA LEU I 28 -36.64 73.06 -41.07
C LEU I 28 -36.17 73.92 -39.90
N LYS I 29 -35.37 73.34 -39.00
CA LYS I 29 -34.82 74.11 -37.89
C LYS I 29 -33.92 75.22 -38.38
N LYS I 30 -33.07 74.93 -39.37
CA LYS I 30 -32.20 75.97 -39.92
C LYS I 30 -33.01 77.04 -40.62
N ILE I 31 -34.08 76.66 -41.32
CA ILE I 31 -34.92 77.66 -41.98
C ILE I 31 -35.56 78.58 -40.95
N THR I 32 -36.08 78.01 -39.86
CA THR I 32 -36.67 78.81 -38.80
C THR I 32 -35.62 79.75 -38.18
N LYS I 33 -34.42 79.23 -37.92
CA LYS I 33 -33.37 80.06 -37.33
C LYS I 33 -33.01 81.22 -38.25
N LEU I 34 -32.83 80.94 -39.54
CA LEU I 34 -32.44 82.00 -40.48
C LEU I 34 -33.56 83.01 -40.66
N LEU I 35 -34.81 82.56 -40.63
CA LEU I 35 -35.92 83.52 -40.71
C LEU I 35 -35.97 84.39 -39.47
N HIS I 36 -35.64 83.88 -38.30
CA HIS I 36 -35.61 84.74 -37.16
C HIS I 36 -34.56 85.74 -37.47
N GLU I 37 -33.33 85.27 -37.68
CA GLU I 37 -32.25 86.23 -37.85
C GLU I 37 -32.64 87.33 -38.82
N LEU I 38 -33.26 86.97 -39.94
CA LEU I 38 -33.66 87.96 -40.93
C LEU I 38 -34.67 88.95 -40.35
N VAL I 39 -35.65 88.44 -39.60
CA VAL I 39 -36.68 89.34 -39.07
C VAL I 39 -36.10 90.18 -37.93
N ASP I 40 -35.05 89.70 -37.27
CA ASP I 40 -34.44 90.50 -36.20
C ASP I 40 -33.86 91.81 -36.76
N ARG I 41 -33.12 91.73 -37.87
CA ARG I 41 -32.54 92.90 -38.51
C ARG I 41 -33.39 93.30 -39.71
N GLY I 42 -34.53 93.91 -39.42
CA GLY I 42 -35.41 94.40 -40.48
C GLY I 42 -35.84 93.29 -41.41
N GLU I 43 -35.76 93.56 -42.71
CA GLU I 43 -35.99 92.57 -43.78
C GLU I 43 -37.42 92.05 -43.66
N ILE I 44 -37.63 90.75 -43.51
CA ILE I 44 -38.96 90.14 -43.53
C ILE I 44 -39.74 90.57 -42.29
N PRO I 45 -41.08 90.57 -42.35
CA PRO I 45 -41.87 90.90 -41.15
C PRO I 45 -41.95 89.74 -40.17
N GLU I 46 -42.59 89.96 -39.03
CA GLU I 46 -42.59 88.99 -37.94
C GLU I 46 -43.52 87.81 -38.20
N GLU I 47 -44.58 88.00 -38.99
CA GLU I 47 -45.58 86.95 -39.18
C GLU I 47 -44.94 85.70 -39.77
N LEU I 48 -44.01 85.87 -40.70
CA LEU I 48 -43.37 84.70 -41.32
C LEU I 48 -42.56 83.91 -40.29
N ALA I 49 -41.84 84.62 -39.41
CA ALA I 49 -41.07 83.93 -38.37
C ALA I 49 -41.99 83.23 -37.38
N THR I 50 -43.09 83.86 -37.00
CA THR I 50 -44.03 83.21 -36.09
C THR I 50 -44.63 81.96 -36.72
N LEU I 51 -45.01 82.04 -38.00
CA LEU I 51 -45.50 80.85 -38.69
C LEU I 51 -44.44 79.77 -38.75
N ALA I 52 -43.18 80.16 -38.99
CA ALA I 52 -42.10 79.18 -39.02
C ALA I 52 -41.99 78.47 -37.68
N THR I 53 -42.09 79.22 -36.58
CA THR I 53 -42.00 78.60 -35.25
C THR I 53 -43.16 77.63 -35.01
N LEU I 54 -44.39 78.08 -35.29
CA LEU I 54 -45.55 77.22 -35.05
C LEU I 54 -45.48 75.95 -35.89
N LEU I 55 -45.14 76.08 -37.18
CA LEU I 55 -45.04 74.90 -38.04
C LEU I 55 -43.88 74.02 -37.65
N LEU I 56 -42.78 74.59 -37.15
CA LEU I 56 -41.66 73.78 -36.69
C LEU I 56 -42.03 72.99 -35.44
N TYR I 57 -42.93 73.52 -34.62
CA TYR I 57 -43.45 72.74 -33.51
C TYR I 57 -44.37 71.63 -34.01
N LEU I 58 -45.30 71.98 -34.91
CA LEU I 58 -46.30 71.03 -35.38
C LEU I 58 -45.63 69.85 -36.08
N VAL I 59 -44.75 70.13 -37.05
CA VAL I 59 -43.81 69.13 -37.54
C VAL I 59 -42.92 68.78 -36.36
N GLU I 60 -42.52 67.52 -36.23
CA GLU I 60 -41.71 67.02 -35.14
C GLU I 60 -42.56 66.94 -33.86
N LYS I 61 -43.77 67.51 -33.90
CA LYS I 61 -44.81 66.98 -33.02
C LYS I 61 -45.57 65.85 -33.71
N GLY I 62 -45.44 65.74 -35.02
CA GLY I 62 -46.06 64.66 -35.76
C GLY I 62 -47.49 64.94 -36.14
N LEU I 63 -47.78 66.19 -36.52
CA LEU I 63 -49.14 66.58 -36.86
C LEU I 63 -49.30 67.12 -38.26
N ILE I 64 -48.21 67.49 -38.94
CA ILE I 64 -48.26 67.88 -40.35
C ILE I 64 -47.00 67.38 -41.03
N SER I 65 -46.91 67.54 -42.35
CA SER I 65 -45.77 67.12 -43.12
C SER I 65 -44.96 68.33 -43.59
N GLU I 66 -43.73 68.07 -44.03
CA GLU I 66 -42.86 69.13 -44.50
C GLU I 66 -43.48 69.85 -45.70
N PHE I 67 -44.29 69.14 -46.49
CA PHE I 67 -44.93 69.78 -47.63
C PHE I 67 -45.85 70.91 -47.17
N ASP I 68 -46.64 70.67 -46.11
CA ASP I 68 -47.50 71.73 -45.59
C ASP I 68 -46.70 72.89 -45.05
N PHE I 69 -45.59 72.59 -44.35
CA PHE I 69 -44.70 73.64 -43.86
C PHE I 69 -44.24 74.55 -45.00
N ILE I 70 -43.67 73.95 -46.05
CA ILE I 70 -43.13 74.74 -47.14
C ILE I 70 -44.24 75.46 -47.89
N GLU I 71 -45.40 74.80 -48.04
CA GLU I 71 -46.50 75.43 -48.78
C GLU I 71 -47.01 76.65 -48.04
N HIS I 72 -47.17 76.55 -46.72
CA HIS I 72 -47.61 77.70 -45.92
C HIS I 72 -46.58 78.83 -45.98
N LEU I 73 -45.29 78.47 -45.87
CA LEU I 73 -44.25 79.48 -45.94
C LEU I 73 -44.28 80.23 -47.27
N VAL I 74 -44.42 79.48 -48.37
CA VAL I 74 -44.44 80.09 -49.69
C VAL I 74 -45.69 80.94 -49.87
N ARG I 75 -46.83 80.47 -49.36
CA ARG I 75 -48.05 81.26 -49.47
C ARG I 75 -47.94 82.58 -48.74
N LEU I 76 -47.39 82.56 -47.52
CA LEU I 76 -47.20 83.81 -46.80
C LEU I 76 -46.19 84.71 -47.49
N ALA I 77 -45.10 84.13 -48.02
CA ALA I 77 -44.12 84.94 -48.73
C ALA I 77 -44.72 85.61 -49.95
N GLU I 78 -45.55 84.88 -50.70
CA GLU I 78 -46.24 85.48 -51.85
C GLU I 78 -47.21 86.56 -51.40
N LYS I 79 -47.91 86.34 -50.27
CA LYS I 79 -48.84 87.34 -49.78
C LYS I 79 -48.13 88.63 -49.39
N LEU I 80 -46.97 88.51 -48.74
CA LEU I 80 -46.22 89.68 -48.29
C LEU I 80 -45.18 90.17 -49.31
N GLY I 81 -45.03 89.47 -50.43
CA GLY I 81 -44.07 89.89 -51.45
C GLY I 81 -42.64 89.88 -50.96
N VAL I 82 -42.25 88.81 -50.28
CA VAL I 82 -40.91 88.70 -49.71
C VAL I 82 -40.30 87.37 -50.16
N LEU I 83 -40.80 86.85 -51.29
CA LEU I 83 -40.41 85.52 -51.74
C LEU I 83 -38.91 85.41 -52.03
N GLU I 84 -38.27 86.53 -52.41
CA GLU I 84 -36.84 86.48 -52.71
C GLU I 84 -36.03 86.13 -51.47
N GLU I 85 -36.39 86.70 -50.32
CA GLU I 85 -35.69 86.38 -49.08
C GLU I 85 -35.88 84.92 -48.70
N LEU I 86 -37.08 84.39 -48.89
CA LEU I 86 -37.31 82.97 -48.63
C LEU I 86 -36.47 82.11 -49.58
N LYS I 87 -36.34 82.52 -50.84
CA LYS I 87 -35.49 81.81 -51.78
C LYS I 87 -34.04 81.81 -51.30
N LYS I 88 -33.56 82.97 -50.84
CA LYS I 88 -32.19 83.05 -50.33
C LYS I 88 -32.00 82.14 -49.12
N VAL I 89 -32.98 82.11 -48.22
CA VAL I 89 -32.88 81.25 -47.05
C VAL I 89 -32.82 79.79 -47.47
N LEU I 90 -33.65 79.40 -48.44
CA LEU I 90 -33.66 78.01 -48.88
C LEU I 90 -32.39 77.62 -49.60
N GLU I 91 -31.75 78.57 -50.29
CA GLU I 91 -30.43 78.30 -50.86
C GLU I 91 -29.38 78.17 -49.76
N GLU I 92 -29.42 79.05 -48.75
CA GLU I 92 -28.43 78.99 -47.68
C GLU I 92 -28.52 77.67 -46.92
N VAL I 93 -29.72 77.21 -46.59
CA VAL I 93 -29.84 75.95 -45.87
C VAL I 93 -29.41 74.78 -46.76
N GLY I 94 -29.58 74.92 -48.08
CA GLY I 94 -29.19 73.88 -49.00
C GLY I 94 -30.26 72.84 -49.20
N ASP I 95 -31.46 73.28 -49.55
CA ASP I 95 -32.60 72.40 -49.77
C ASP I 95 -33.04 72.48 -51.22
N GLU I 96 -33.16 71.32 -51.87
CA GLU I 96 -33.60 71.27 -53.26
C GLU I 96 -35.10 71.06 -53.38
N PHE I 97 -35.69 70.26 -52.49
CA PHE I 97 -37.13 70.02 -52.54
C PHE I 97 -37.92 71.30 -52.32
N GLY I 98 -37.58 72.04 -51.26
CA GLY I 98 -38.27 73.28 -50.98
C GLY I 98 -38.07 74.31 -52.07
N LEU I 99 -36.86 74.41 -52.60
CA LEU I 99 -36.59 75.36 -53.68
C LEU I 99 -37.40 75.03 -54.93
N THR I 100 -37.47 73.73 -55.28
CA THR I 100 -38.27 73.33 -56.42
C THR I 100 -39.74 73.63 -56.18
N LEU I 101 -40.22 73.44 -54.94
CA LEU I 101 -41.60 73.78 -54.64
C LEU I 101 -41.85 75.28 -54.78
N VAL I 102 -40.89 76.10 -54.36
CA VAL I 102 -41.03 77.55 -54.51
C VAL I 102 -41.12 77.91 -55.99
N TYR I 103 -40.24 77.34 -56.82
CA TYR I 103 -40.31 77.61 -58.25
C TYR I 103 -41.64 77.15 -58.83
N ALA I 104 -42.12 75.98 -58.40
CA ALA I 104 -43.40 75.48 -58.92
C ALA I 104 -44.55 76.42 -58.58
N ILE I 105 -44.59 76.91 -57.33
CA ILE I 105 -45.67 77.80 -56.93
C ILE I 105 -45.59 79.12 -57.68
N SER I 106 -44.39 79.69 -57.81
CA SER I 106 -44.25 80.95 -58.53
C SER I 106 -44.63 80.78 -60.00
N LEU I 107 -44.21 79.68 -60.61
CA LEU I 107 -44.54 79.42 -62.00
C LEU I 107 -46.04 79.22 -62.19
N LEU I 108 -46.69 78.53 -61.24
CA LEU I 108 -48.13 78.37 -61.30
C LEU I 108 -48.84 79.72 -61.20
N LYS I 109 -48.38 80.58 -60.31
CA LYS I 109 -48.98 81.91 -60.19
C LYS I 109 -48.81 82.71 -61.49
N GLU I 110 -47.61 82.67 -62.07
CA GLU I 110 -47.36 83.39 -63.31
C GLU I 110 -48.22 82.84 -64.45
N VAL I 111 -48.37 81.53 -64.52
CA VAL I 111 -49.20 80.93 -65.58
C VAL I 111 -50.67 81.27 -65.36
N GLU I 112 -51.12 81.28 -64.10
CA GLU I 112 -52.48 81.72 -63.81
C GLU I 112 -52.70 83.16 -64.26
N LYS I 113 -51.69 84.01 -64.08
CA LYS I 113 -51.75 85.35 -64.65
C LYS I 113 -51.86 85.28 -66.18
N GLU I 114 -51.08 84.39 -66.80
CA GLU I 114 -51.16 84.21 -68.25
C GLU I 114 -52.47 83.56 -68.67
N GLY I 115 -52.83 82.45 -68.02
CA GLY I 115 -54.07 81.77 -68.32
C GLY I 115 -54.02 80.72 -69.41
N ASP I 116 -52.95 79.93 -69.48
CA ASP I 116 -52.82 78.91 -70.51
C ASP I 116 -53.01 77.53 -69.88
N GLU I 117 -53.88 76.71 -70.49
CA GLU I 117 -54.36 75.50 -69.83
C GLU I 117 -53.30 74.39 -69.80
N GLU I 118 -52.56 74.20 -70.91
CA GLU I 118 -51.62 73.08 -70.95
C GLU I 118 -50.53 73.22 -69.90
N LEU I 119 -49.98 74.44 -69.74
CA LEU I 119 -49.04 74.66 -68.66
C LEU I 119 -49.71 74.55 -67.29
N LYS I 120 -51.00 74.84 -67.18
CA LYS I 120 -51.73 74.57 -65.94
C LYS I 120 -51.63 73.10 -65.58
N GLU I 121 -51.97 72.22 -66.53
CA GLU I 121 -51.90 70.79 -66.29
C GLU I 121 -50.47 70.36 -65.98
N TYR I 122 -49.50 70.93 -66.71
CA TYR I 122 -48.10 70.56 -66.52
C TYR I 122 -47.66 70.88 -65.10
N VAL I 123 -47.95 72.09 -64.63
CA VAL I 123 -47.50 72.51 -63.29
C VAL I 123 -48.27 71.78 -62.21
N LYS I 124 -49.55 71.46 -62.45
CA LYS I 124 -50.29 70.68 -61.45
C LYS I 124 -49.70 69.28 -61.30
N LEU I 125 -49.35 68.65 -62.43
CA LEU I 125 -48.68 67.35 -62.35
C LEU I 125 -47.33 67.48 -61.64
N ALA I 126 -46.59 68.55 -61.94
CA ALA I 126 -45.31 68.77 -61.27
C ALA I 126 -45.49 68.91 -59.77
N ILE I 127 -46.51 69.65 -59.34
CA ILE I 127 -46.74 69.87 -57.91
C ILE I 127 -47.16 68.57 -57.24
N GLU I 128 -48.00 67.77 -57.90
CA GLU I 128 -48.40 66.49 -57.32
C GLU I 128 -47.20 65.56 -57.17
N THR I 129 -46.34 65.52 -58.19
CA THR I 129 -45.13 64.70 -58.10
C THR I 129 -44.21 65.22 -56.99
N LEU I 130 -44.12 66.55 -56.85
CA LEU I 130 -43.31 67.12 -55.77
C LEU I 130 -43.83 66.72 -54.41
N LYS I 131 -45.16 66.71 -54.24
CA LYS I 131 -45.74 66.26 -52.98
C LYS I 131 -45.43 64.79 -52.72
N GLU I 132 -45.55 63.95 -53.76
CA GLU I 132 -45.25 62.54 -53.58
C GLU I 132 -43.79 62.33 -53.22
N ALA I 133 -42.89 63.11 -53.82
CA ALA I 133 -41.48 63.03 -53.45
C ALA I 133 -41.26 63.49 -52.01
N PHE I 134 -41.86 64.63 -51.65
CA PHE I 134 -41.75 65.15 -50.28
C PHE I 134 -42.21 64.13 -49.26
N GLU I 135 -43.17 63.28 -49.62
CA GLU I 135 -43.66 62.26 -48.69
C GLU I 135 -42.52 61.40 -48.14
N ARG I 136 -41.55 61.07 -48.99
CA ARG I 136 -40.45 60.21 -48.56
C ARG I 136 -39.09 60.63 -49.12
N LYS I 137 -38.96 61.83 -49.68
CA LYS I 137 -37.72 62.31 -50.28
C LYS I 137 -37.25 61.35 -51.37
N ASN I 138 -38.11 61.14 -52.37
CA ASN I 138 -37.81 60.26 -53.49
C ASN I 138 -37.23 61.11 -54.61
N TYR I 139 -35.97 60.85 -54.95
CA TYR I 139 -35.21 61.78 -55.79
C TYR I 139 -35.69 61.74 -57.23
N ALA I 140 -36.25 60.61 -57.68
CA ALA I 140 -36.62 60.46 -59.09
C ALA I 140 -37.79 61.37 -59.47
N LEU I 141 -38.85 61.37 -58.65
CA LEU I 141 -39.95 62.29 -58.90
C LEU I 141 -39.49 63.74 -58.77
N LEU I 142 -38.51 64.00 -57.92
CA LEU I 142 -37.91 65.33 -57.86
C LEU I 142 -37.27 65.70 -59.19
N VAL I 143 -36.56 64.75 -59.81
CA VAL I 143 -35.97 65.01 -61.13
C VAL I 143 -37.06 65.30 -62.15
N SER I 144 -38.12 64.50 -62.13
CA SER I 144 -39.21 64.70 -63.09
C SER I 144 -39.85 66.06 -62.93
N ALA I 145 -40.14 66.46 -61.68
CA ALA I 145 -40.74 67.75 -61.43
C ALA I 145 -39.79 68.88 -61.80
N LYS I 146 -38.50 68.72 -61.53
CA LYS I 146 -37.51 69.73 -61.92
C LYS I 146 -37.50 69.90 -63.43
N ILE I 147 -37.52 68.81 -64.17
CA ILE I 147 -37.57 68.87 -65.63
C ILE I 147 -38.80 69.65 -66.08
N ILE I 148 -39.96 69.29 -65.53
CA ILE I 148 -41.20 69.93 -65.95
C ILE I 148 -41.15 71.42 -65.67
N VAL I 149 -40.70 71.82 -64.48
CA VAL I 149 -40.73 73.23 -64.12
C VAL I 149 -39.72 74.03 -64.92
N GLU I 150 -38.53 73.46 -65.18
CA GLU I 150 -37.55 74.24 -65.94
C GLU I 150 -37.97 74.39 -67.39
N ASN I 151 -38.55 73.33 -67.98
CA ASN I 151 -39.06 73.47 -69.35
C ASN I 151 -40.21 74.46 -69.42
N ALA I 152 -41.09 74.46 -68.41
CA ALA I 152 -42.17 75.45 -68.39
C ALA I 152 -41.62 76.87 -68.26
N GLU I 153 -40.62 77.06 -67.40
CA GLU I 153 -40.01 78.38 -67.26
C GLU I 153 -39.39 78.84 -68.56
N GLU I 154 -38.70 77.94 -69.27
CA GLU I 154 -38.16 78.27 -70.57
C GLU I 154 -39.26 78.60 -71.56
N ILE I 155 -40.40 77.93 -71.45
CA ILE I 155 -41.55 78.24 -72.30
C ILE I 155 -42.02 79.67 -72.05
N LEU I 156 -42.15 80.06 -70.79
CA LEU I 156 -42.56 81.44 -70.50
C LEU I 156 -41.54 82.45 -70.97
N LYS I 157 -40.25 82.16 -70.83
CA LYS I 157 -39.23 83.08 -71.36
C LYS I 157 -39.35 83.21 -72.88
N ALA I 158 -39.49 82.09 -73.59
CA ALA I 158 -39.62 82.14 -75.03
C ALA I 158 -40.94 82.79 -75.47
N LYS I 159 -41.95 82.80 -74.61
CA LYS I 159 -43.21 83.46 -74.94
C LYS I 159 -42.99 84.95 -75.20
N LYS I 160 -42.25 85.62 -74.31
CA LYS I 160 -41.91 87.01 -74.55
C LYS I 160 -40.79 87.15 -75.57
N LYS I 161 -39.88 86.17 -75.65
CA LYS I 161 -38.86 86.21 -76.68
C LYS I 161 -39.47 86.03 -78.07
N GLY I 162 -40.29 85.00 -78.24
CA GLY I 162 -40.99 84.79 -79.50
C GLY I 162 -40.29 83.88 -80.47
N ASP I 163 -39.73 82.77 -79.98
CA ASP I 163 -39.06 81.78 -80.81
C ASP I 163 -39.94 80.54 -80.78
N GLU I 164 -40.74 80.35 -81.83
CA GLU I 164 -41.74 79.28 -81.83
C GLU I 164 -41.10 77.90 -81.85
N GLU I 165 -39.98 77.74 -82.57
CA GLU I 165 -39.32 76.44 -82.64
C GLU I 165 -38.94 75.96 -81.24
N LYS I 166 -38.41 76.88 -80.41
CA LYS I 166 -38.01 76.50 -79.07
C LYS I 166 -39.22 76.12 -78.21
N ILE I 167 -40.34 76.83 -78.37
CA ILE I 167 -41.51 76.51 -77.56
C ILE I 167 -42.08 75.14 -77.97
N LYS I 168 -42.06 74.84 -79.27
CA LYS I 168 -42.49 73.51 -79.70
C LYS I 168 -41.57 72.43 -79.14
N GLU I 169 -40.26 72.68 -79.15
CA GLU I 169 -39.32 71.71 -78.60
C GLU I 169 -39.58 71.50 -77.10
N LEU I 170 -39.86 72.58 -76.37
CA LEU I 170 -40.13 72.46 -74.95
C LEU I 170 -41.43 71.73 -74.67
N LEU I 171 -42.45 71.94 -75.51
CA LEU I 171 -43.68 71.15 -75.38
C LEU I 171 -43.41 69.67 -75.65
N GLN I 172 -42.54 69.36 -76.61
CA GLN I 172 -42.15 67.97 -76.82
C GLN I 172 -41.48 67.38 -75.58
N ARG I 173 -40.57 68.14 -74.97
CA ARG I 173 -39.90 67.68 -73.75
C ARG I 173 -40.92 67.45 -72.64
N LEU I 174 -41.88 68.36 -72.49
CA LEU I 174 -42.87 68.23 -71.44
C LEU I 174 -43.79 67.03 -71.68
N LYS I 175 -44.15 66.77 -72.93
CA LYS I 175 -44.93 65.57 -73.23
C LYS I 175 -44.15 64.30 -72.88
N ALA I 176 -42.84 64.29 -73.20
CA ALA I 176 -42.01 63.15 -72.82
C ALA I 176 -41.98 62.99 -71.30
N ALA I 177 -41.86 64.10 -70.57
CA ALA I 177 -41.85 64.04 -69.11
C ALA I 177 -43.17 63.52 -68.56
N LYS I 178 -44.30 63.97 -69.12
CA LYS I 178 -45.60 63.49 -68.66
C LYS I 178 -45.72 62.00 -68.89
N ILE I 179 -45.28 61.52 -70.07
CA ILE I 179 -45.34 60.09 -70.35
C ILE I 179 -44.45 59.32 -69.38
N GLY I 180 -43.27 59.85 -69.07
CA GLY I 180 -42.30 59.08 -68.29
C GLY I 180 -42.58 59.07 -66.80
N THR I 181 -43.26 60.09 -66.29
CA THR I 181 -43.40 60.22 -64.83
C THR I 181 -44.07 59.02 -64.18
N PRO I 182 -45.23 58.52 -64.64
CA PRO I 182 -45.75 57.28 -64.05
C PRO I 182 -44.79 56.11 -64.21
N LEU I 183 -44.06 56.07 -65.33
CA LEU I 183 -43.13 54.98 -65.57
C LEU I 183 -41.99 54.99 -64.56
N VAL I 184 -41.43 56.16 -64.27
CA VAL I 184 -40.32 56.22 -63.33
C VAL I 184 -40.82 55.94 -61.91
N ARG I 185 -42.01 56.46 -61.57
CA ARG I 185 -42.58 56.14 -60.26
C ARG I 185 -42.74 54.62 -60.11
N GLU I 186 -43.28 53.96 -61.13
CA GLU I 186 -43.48 52.52 -61.08
C GLU I 186 -42.16 51.78 -61.01
N VAL I 187 -41.15 52.22 -61.75
CA VAL I 187 -39.86 51.55 -61.75
C VAL I 187 -39.24 51.60 -60.36
N VAL I 188 -39.26 52.78 -59.73
CA VAL I 188 -38.71 52.89 -58.38
C VAL I 188 -39.51 52.03 -57.41
N GLU I 189 -40.84 52.05 -57.51
CA GLU I 189 -41.66 51.27 -56.60
C GLU I 189 -41.35 49.78 -56.72
N ARG I 190 -41.27 49.27 -57.95
CA ARG I 190 -40.98 47.86 -58.15
C ARG I 190 -39.59 47.50 -57.67
N TYR I 191 -38.59 48.34 -57.93
CA TYR I 191 -37.24 48.03 -57.47
C TYR I 191 -37.15 48.07 -55.95
N ARG I 192 -37.99 48.85 -55.28
CA ARG I 192 -37.93 48.96 -53.82
C ARG I 192 -38.02 47.61 -53.12
N GLU I 193 -38.99 46.79 -53.50
CA GLU I 193 -39.19 45.52 -52.80
C GLU I 193 -39.30 44.31 -53.70
N GLU I 194 -39.77 44.46 -54.95
CA GLU I 194 -40.01 43.30 -55.80
C GLU I 194 -38.71 42.56 -56.11
N GLY I 195 -37.64 43.30 -56.43
CA GLY I 195 -36.32 42.71 -56.54
C GLY I 195 -35.81 42.40 -57.92
N GLU I 196 -36.41 43.01 -58.94
CA GLU I 196 -35.96 42.81 -60.30
C GLU I 196 -34.55 43.38 -60.53
N PRO I 197 -34.03 43.23 -61.74
CA PRO I 197 -32.72 43.79 -62.05
C PRO I 197 -32.87 45.19 -62.58
N LEU I 198 -32.49 46.17 -61.77
CA LEU I 198 -32.71 47.55 -62.18
C LEU I 198 -32.45 47.81 -63.63
N LEU I 199 -31.31 47.39 -64.11
CA LEU I 199 -30.98 47.79 -65.48
C LEU I 199 -32.07 47.36 -66.45
N ASP I 200 -32.65 46.18 -66.24
CA ASP I 200 -33.70 45.70 -67.14
C ASP I 200 -34.92 46.61 -67.10
N LEU I 201 -35.39 46.95 -65.88
CA LEU I 201 -36.51 47.86 -65.76
C LEU I 201 -36.18 49.24 -66.30
N LEU I 202 -34.95 49.72 -66.08
CA LEU I 202 -34.56 51.02 -66.64
C LEU I 202 -34.65 51.01 -68.17
N LEU I 203 -34.13 49.96 -68.79
CA LEU I 203 -34.17 49.86 -70.24
C LEU I 203 -35.60 49.77 -70.75
N HIS I 204 -36.43 48.97 -70.09
CA HIS I 204 -37.83 48.85 -70.51
C HIS I 204 -38.56 50.18 -70.37
N MET I 205 -38.33 50.89 -69.26
CA MET I 205 -38.96 52.19 -69.07
C MET I 205 -38.52 53.18 -70.12
N ALA I 206 -37.21 53.21 -70.44
CA ALA I 206 -36.72 54.14 -71.44
C ALA I 206 -37.32 53.82 -72.81
N GLU I 207 -37.36 52.54 -73.17
CA GLU I 207 -37.92 52.16 -74.47
C GLU I 207 -39.41 52.49 -74.55
N THR I 208 -40.14 52.23 -73.47
CA THR I 208 -41.56 52.56 -73.44
C THR I 208 -41.77 54.06 -73.57
N THR I 209 -40.93 54.85 -72.89
CA THR I 209 -41.02 56.30 -73.01
C THR I 209 -40.78 56.76 -74.44
N ILE I 210 -39.75 56.20 -75.09
CA ILE I 210 -39.44 56.60 -76.46
C ILE I 210 -40.58 56.22 -77.39
N ARG I 211 -41.12 55.00 -77.25
CA ARG I 211 -42.18 54.54 -78.13
C ARG I 211 -43.44 55.39 -77.96
N GLU I 212 -43.83 55.63 -76.70
CA GLU I 212 -45.04 56.43 -76.46
C GLU I 212 -44.84 57.87 -76.89
N SER I 213 -43.62 58.41 -76.74
CA SER I 213 -43.37 59.79 -77.15
C SER I 213 -43.41 59.92 -78.66
N GLU I 214 -42.85 58.95 -79.39
CA GLU I 214 -42.93 59.01 -80.85
C GLU I 214 -44.32 58.68 -81.35
N LYS I 215 -45.13 58.02 -80.53
CA LYS I 215 -46.54 57.83 -80.86
C LYS I 215 -47.32 59.15 -80.82
N LEU I 216 -46.76 60.18 -80.18
CA LEU I 216 -47.38 61.49 -80.12
C LEU I 216 -46.76 62.47 -81.12
N GLY I 217 -45.94 61.97 -82.05
CA GLY I 217 -45.32 62.79 -83.06
C GLY I 217 -43.98 63.38 -82.67
N VAL I 218 -43.48 63.08 -81.47
CA VAL I 218 -42.26 63.70 -81.00
C VAL I 218 -41.07 62.82 -81.38
N ASP I 219 -40.01 63.50 -81.80
CA ASP I 219 -38.79 62.82 -82.18
C ASP I 219 -38.32 61.85 -81.15
N PRO I 220 -37.42 60.97 -81.55
CA PRO I 220 -36.85 60.05 -80.59
C PRO I 220 -35.54 60.63 -80.22
N ARG I 221 -35.44 61.94 -80.26
CA ARG I 221 -34.22 62.57 -79.83
C ARG I 221 -34.42 63.22 -78.48
N LEU I 222 -35.00 64.40 -78.44
CA LEU I 222 -35.08 65.12 -77.18
C LEU I 222 -35.78 64.28 -76.12
N ALA I 223 -36.76 63.47 -76.53
CA ALA I 223 -37.35 62.52 -75.59
C ALA I 223 -36.31 61.53 -75.09
N ALA I 224 -35.33 61.20 -75.93
CA ALA I 224 -34.23 60.36 -75.48
C ALA I 224 -33.44 61.04 -74.37
N GLU I 225 -33.16 62.34 -74.52
CA GLU I 225 -32.43 63.03 -73.47
C GLU I 225 -33.26 63.18 -72.19
N VAL I 226 -34.57 63.33 -72.33
CA VAL I 226 -35.45 63.36 -71.15
C VAL I 226 -35.37 62.03 -70.42
N ALA I 227 -35.47 60.93 -71.17
CA ALA I 227 -35.33 59.61 -70.56
C ALA I 227 -33.96 59.41 -69.95
N ARG I 228 -32.93 60.01 -70.55
CA ARG I 228 -31.57 59.91 -70.00
C ARG I 228 -31.47 60.62 -68.66
N GLU I 229 -32.03 61.83 -68.56
CA GLU I 229 -32.05 62.54 -67.28
C GLU I 229 -32.82 61.76 -66.24
N MET I 230 -33.97 61.18 -66.61
CA MET I 230 -34.76 60.42 -65.65
C MET I 230 -34.04 59.14 -65.23
N VAL I 231 -33.30 58.53 -66.15
CA VAL I 231 -32.50 57.35 -65.81
C VAL I 231 -31.41 57.73 -64.81
N ASP I 232 -30.77 58.88 -65.03
CA ASP I 232 -29.78 59.36 -64.08
C ASP I 232 -30.41 59.58 -62.71
N GLY I 233 -31.60 60.17 -62.68
CA GLY I 233 -32.30 60.36 -61.42
C GLY I 233 -32.63 59.06 -60.72
N VAL I 234 -33.05 58.05 -61.49
CA VAL I 234 -33.34 56.74 -60.91
C VAL I 234 -32.08 56.12 -60.34
N GLY I 235 -30.96 56.25 -61.06
CA GLY I 235 -29.70 55.74 -60.54
C GLY I 235 -29.29 56.42 -59.26
N HIS I 236 -29.48 57.74 -59.17
CA HIS I 236 -29.15 58.46 -57.95
C HIS I 236 -30.04 58.03 -56.79
N GLU I 237 -31.35 57.91 -57.04
CA GLU I 237 -32.27 57.57 -55.97
C GLU I 237 -32.06 56.14 -55.47
N THR I 238 -31.89 55.20 -56.40
CA THR I 238 -31.78 53.79 -56.04
C THR I 238 -30.45 53.44 -55.39
N GLY I 239 -29.46 54.32 -55.44
CA GLY I 239 -28.17 54.03 -54.86
C GLY I 239 -27.28 53.16 -55.72
N GLU I 240 -27.62 52.96 -56.98
CA GLU I 240 -26.83 52.15 -57.91
C GLU I 240 -26.74 52.88 -59.23
N THR I 241 -25.54 53.40 -59.54
CA THR I 241 -25.35 54.20 -60.74
C THR I 241 -24.68 53.44 -61.89
N GLU I 242 -24.07 52.28 -61.62
CA GLU I 242 -23.44 51.52 -62.69
C GLU I 242 -24.46 51.02 -63.70
N ALA I 243 -25.61 50.53 -63.23
CA ALA I 243 -26.69 50.15 -64.14
C ALA I 243 -27.22 51.37 -64.87
N ALA I 244 -27.36 52.50 -64.17
CA ALA I 244 -27.76 53.74 -64.81
C ALA I 244 -26.72 54.16 -65.85
N PHE I 245 -25.44 53.97 -65.55
CA PHE I 245 -24.38 54.26 -66.51
C PHE I 245 -24.53 53.40 -67.76
N ARG I 246 -24.79 52.10 -67.58
CA ARG I 246 -24.93 51.21 -68.72
C ARG I 246 -26.13 51.59 -69.58
N VAL I 247 -27.26 51.88 -68.94
CA VAL I 247 -28.44 52.27 -69.71
C VAL I 247 -28.20 53.60 -70.40
N ARG I 248 -27.44 54.51 -69.77
CA ARG I 248 -27.06 55.75 -70.41
C ARG I 248 -26.24 55.49 -71.66
N ARG I 249 -25.30 54.54 -71.59
CA ARG I 249 -24.49 54.22 -72.76
C ARG I 249 -25.34 53.63 -73.88
N GLU I 250 -26.28 52.74 -73.54
CA GLU I 250 -27.13 52.17 -74.58
C GLU I 250 -28.03 53.23 -75.20
N LEU I 251 -28.53 54.17 -74.40
CA LEU I 251 -29.35 55.24 -74.97
C LEU I 251 -28.52 56.18 -75.84
N ASP I 252 -27.25 56.41 -75.46
CA ASP I 252 -26.35 57.20 -76.29
C ASP I 252 -26.06 56.49 -77.61
N THR I 253 -25.97 55.17 -77.60
CA THR I 253 -25.87 54.42 -78.85
C THR I 253 -27.16 54.52 -79.65
N VAL I 254 -28.31 54.52 -78.98
CA VAL I 254 -29.59 54.56 -79.66
C VAL I 254 -29.76 55.88 -80.41
N ILE I 255 -29.40 57.00 -79.78
CA ILE I 255 -29.62 58.29 -80.42
C ILE I 255 -28.78 58.43 -81.69
N LEU I 256 -27.71 57.65 -81.80
CA LEU I 256 -26.88 57.65 -83.00
C LEU I 256 -27.65 57.10 -84.19
N THR J 25 10.82 68.52 -49.77
CA THR J 25 11.64 69.69 -50.04
C THR J 25 12.86 69.33 -50.87
N GLU J 26 12.88 68.12 -51.40
CA GLU J 26 14.02 67.66 -52.20
C GLU J 26 14.17 68.49 -53.46
N LYS J 27 13.06 68.85 -54.10
CA LYS J 27 13.14 69.71 -55.28
C LYS J 27 13.77 71.05 -54.95
N LEU J 28 13.38 71.64 -53.80
CA LEU J 28 13.95 72.93 -53.41
C LEU J 28 15.44 72.81 -53.12
N LYS J 29 15.85 71.74 -52.45
CA LYS J 29 17.27 71.53 -52.17
C LYS J 29 18.06 71.38 -53.47
N LYS J 30 17.53 70.62 -54.42
CA LYS J 30 18.22 70.46 -55.70
C LYS J 30 18.27 71.78 -56.46
N ILE J 31 17.20 72.59 -56.40
CA ILE J 31 17.21 73.88 -57.06
C ILE J 31 18.29 74.77 -56.46
N THR J 32 18.39 74.79 -55.14
CA THR J 32 19.43 75.59 -54.48
C THR J 32 20.81 75.11 -54.87
N LYS J 33 21.01 73.79 -54.89
CA LYS J 33 22.32 73.24 -55.25
C LYS J 33 22.70 73.63 -56.67
N LEU J 34 21.76 73.47 -57.62
CA LEU J 34 22.06 73.78 -59.01
C LEU J 34 22.29 75.27 -59.21
N LEU J 35 21.56 76.12 -58.47
CA LEU J 35 21.82 77.56 -58.56
C LEU J 35 23.20 77.90 -58.02
N HIS J 36 23.66 77.22 -57.00
CA HIS J 36 25.00 77.50 -56.55
C HIS J 36 25.86 77.15 -57.70
N GLU J 37 25.81 75.89 -58.10
CA GLU J 37 26.75 75.46 -59.13
C GLU J 37 26.79 76.46 -60.29
N LEU J 38 25.62 76.93 -60.72
CA LEU J 38 25.59 77.89 -61.83
C LEU J 38 26.30 79.18 -61.47
N VAL J 39 26.07 79.69 -60.26
CA VAL J 39 26.70 80.95 -59.87
C VAL J 39 28.19 80.77 -59.63
N ASP J 40 28.63 79.55 -59.29
CA ASP J 40 30.05 79.30 -59.10
C ASP J 40 30.82 79.54 -60.40
N ARG J 41 30.33 78.99 -61.52
CA ARG J 41 30.97 79.15 -62.81
C ARG J 41 30.22 80.22 -63.62
N GLY J 42 30.45 81.48 -63.24
CA GLY J 42 29.84 82.59 -63.95
C GLY J 42 28.32 82.51 -63.96
N GLU J 43 27.74 82.72 -65.14
CA GLU J 43 26.29 82.53 -65.39
C GLU J 43 25.52 83.48 -64.48
N ILE J 44 24.61 82.98 -63.63
CA ILE J 44 23.73 83.82 -62.83
C ILE J 44 24.54 84.57 -61.77
N PRO J 45 24.06 85.72 -61.29
CA PRO J 45 24.77 86.42 -60.21
C PRO J 45 24.52 85.80 -58.84
N GLU J 46 25.17 86.33 -57.81
CA GLU J 46 25.16 85.71 -56.49
C GLU J 46 23.85 85.94 -55.74
N GLU J 47 23.15 87.03 -56.04
CA GLU J 47 21.94 87.37 -55.28
C GLU J 47 20.90 86.26 -55.36
N LEU J 48 20.76 85.65 -56.54
CA LEU J 48 19.77 84.59 -56.69
C LEU J 48 20.13 83.39 -55.83
N ALA J 49 21.41 83.02 -55.77
CA ALA J 49 21.82 81.90 -54.93
C ALA J 49 21.63 82.21 -53.45
N THR J 50 21.94 83.44 -53.04
CA THR J 50 21.74 83.82 -51.64
C THR J 50 20.25 83.76 -51.27
N LEU J 51 19.39 84.26 -52.15
CA LEU J 51 17.95 84.17 -51.91
C LEU J 51 17.51 82.71 -51.85
N ALA J 52 18.06 81.88 -52.73
CA ALA J 52 17.71 80.46 -52.69
C ALA J 52 18.08 79.84 -51.34
N THR J 53 19.26 80.18 -50.81
CA THR J 53 19.68 79.64 -49.52
C THR J 53 18.75 80.12 -48.40
N LEU J 54 18.48 81.43 -48.36
CA LEU J 54 17.63 81.96 -47.28
C LEU J 54 16.23 81.36 -47.34
N LEU J 55 15.64 81.27 -48.54
CA LEU J 55 14.31 80.70 -48.66
C LEU J 55 14.31 79.20 -48.39
N LEU J 56 15.40 78.50 -48.72
CA LEU J 56 15.48 77.08 -48.39
C LEU J 56 15.58 76.86 -46.90
N TYR J 57 16.16 77.81 -46.16
CA TYR J 57 16.11 77.72 -44.71
C TYR J 57 14.71 78.01 -44.18
N LEU J 58 14.09 79.08 -44.69
CA LEU J 58 12.79 79.50 -44.20
C LEU J 58 11.74 78.42 -44.42
N VAL J 59 11.63 77.92 -45.65
CA VAL J 59 10.95 76.67 -45.91
C VAL J 59 11.73 75.59 -45.18
N GLU J 60 11.05 74.60 -44.61
CA GLU J 60 11.66 73.52 -43.84
C GLU J 60 12.10 74.07 -42.48
N LYS J 61 12.07 75.39 -42.30
CA LYS J 61 11.88 75.93 -40.95
C LYS J 61 10.41 76.07 -40.63
N GLY J 62 9.55 76.07 -41.65
CA GLY J 62 8.13 76.12 -41.45
C GLY J 62 7.61 77.53 -41.31
N LEU J 63 8.15 78.45 -42.11
CA LEU J 63 7.77 79.85 -42.02
C LEU J 63 7.22 80.43 -43.33
N ILE J 64 7.43 79.76 -44.45
CA ILE J 64 6.82 80.15 -45.72
C ILE J 64 6.45 78.90 -46.50
N SER J 65 5.79 79.06 -47.64
CA SER J 65 5.39 77.95 -48.49
C SER J 65 6.23 77.93 -49.76
N GLU J 66 6.19 76.79 -50.45
CA GLU J 66 6.94 76.65 -51.69
C GLU J 66 6.49 77.67 -52.73
N PHE J 67 5.23 78.09 -52.69
CA PHE J 67 4.76 79.10 -53.62
C PHE J 67 5.53 80.40 -53.45
N ASP J 68 5.76 80.83 -52.21
CA ASP J 68 6.54 82.05 -51.98
C ASP J 68 7.97 81.88 -52.45
N PHE J 69 8.56 80.71 -52.21
CA PHE J 69 9.91 80.43 -52.69
C PHE J 69 10.00 80.61 -54.21
N ILE J 70 9.12 79.93 -54.95
CA ILE J 70 9.19 80.00 -56.40
C ILE J 70 8.85 81.41 -56.88
N GLU J 71 7.90 82.08 -56.24
CA GLU J 71 7.52 83.42 -56.67
C GLU J 71 8.67 84.40 -56.50
N HIS J 72 9.37 84.34 -55.36
CA HIS J 72 10.53 85.20 -55.15
C HIS J 72 11.63 84.89 -56.14
N LEU J 73 11.88 83.60 -56.40
CA LEU J 73 12.91 83.22 -57.35
C LEU J 73 12.60 83.77 -58.74
N VAL J 74 11.34 83.64 -59.17
CA VAL J 74 10.95 84.12 -60.49
C VAL J 74 11.01 85.64 -60.56
N ARG J 75 10.61 86.32 -59.48
CA ARG J 75 10.69 87.78 -59.47
C ARG J 75 12.13 88.26 -59.60
N LEU J 76 13.05 87.65 -58.86
CA LEU J 76 14.45 88.03 -59.00
C LEU J 76 15.00 87.71 -60.38
N ALA J 77 14.61 86.54 -60.93
CA ALA J 77 15.09 86.19 -62.26
C ALA J 77 14.60 87.19 -63.30
N GLU J 78 13.34 87.61 -63.20
CA GLU J 78 12.82 88.63 -64.11
C GLU J 78 13.54 89.96 -63.91
N LYS J 79 13.84 90.32 -62.66
CA LYS J 79 14.54 91.56 -62.39
C LYS J 79 15.94 91.55 -63.02
N LEU J 80 16.65 90.43 -62.92
CA LEU J 80 18.00 90.33 -63.43
C LEU J 80 18.06 89.81 -64.87
N GLY J 81 16.93 89.45 -65.46
CA GLY J 81 16.92 88.96 -66.82
C GLY J 81 17.69 87.68 -67.02
N VAL J 82 17.50 86.72 -66.11
CA VAL J 82 18.22 85.45 -66.14
C VAL J 82 17.21 84.31 -66.08
N LEU J 83 15.97 84.61 -66.50
CA LEU J 83 14.87 83.65 -66.34
C LEU J 83 15.13 82.36 -67.10
N GLU J 84 15.89 82.41 -68.20
CA GLU J 84 16.16 81.19 -68.98
C GLU J 84 16.96 80.18 -68.16
N GLU J 85 17.94 80.65 -67.40
CA GLU J 85 18.73 79.75 -66.58
C GLU J 85 17.87 79.13 -65.47
N LEU J 86 16.96 79.91 -64.89
CA LEU J 86 16.04 79.35 -63.91
C LEU J 86 15.13 78.31 -64.54
N LYS J 87 14.68 78.56 -65.77
CA LYS J 87 13.88 77.57 -66.49
C LYS J 87 14.66 76.28 -66.69
N LYS J 88 15.93 76.40 -67.09
CA LYS J 88 16.76 75.22 -67.28
C LYS J 88 16.94 74.45 -65.97
N VAL J 89 17.16 75.18 -64.87
CA VAL J 89 17.30 74.53 -63.56
C VAL J 89 16.02 73.78 -63.19
N LEU J 90 14.87 74.40 -63.44
CA LEU J 90 13.60 73.77 -63.09
C LEU J 90 13.31 72.56 -63.97
N GLU J 91 13.77 72.57 -65.21
CA GLU J 91 13.66 71.36 -66.04
C GLU J 91 14.61 70.27 -65.54
N GLU J 92 15.84 70.64 -65.17
CA GLU J 92 16.80 69.64 -64.69
C GLU J 92 16.31 68.96 -63.43
N VAL J 93 15.79 69.73 -62.46
CA VAL J 93 15.30 69.11 -61.24
C VAL J 93 14.06 68.25 -61.53
N GLY J 94 13.29 68.61 -62.54
CA GLY J 94 12.10 67.86 -62.91
C GLY J 94 10.88 68.27 -62.13
N ASP J 95 10.58 69.57 -62.14
CA ASP J 95 9.44 70.12 -61.42
C ASP J 95 8.45 70.70 -62.43
N GLU J 96 7.18 70.29 -62.31
CA GLU J 96 6.14 70.80 -63.19
C GLU J 96 5.41 71.99 -62.60
N PHE J 97 5.20 71.99 -61.27
CA PHE J 97 4.50 73.09 -60.62
C PHE J 97 5.29 74.39 -60.77
N GLY J 98 6.58 74.35 -60.45
CA GLY J 98 7.40 75.55 -60.57
C GLY J 98 7.52 76.02 -62.00
N LEU J 99 7.67 75.09 -62.95
CA LEU J 99 7.77 75.48 -64.35
C LEU J 99 6.48 76.14 -64.84
N THR J 100 5.33 75.57 -64.44
CA THR J 100 4.05 76.19 -64.81
C THR J 100 3.93 77.57 -64.19
N LEU J 101 4.39 77.74 -62.96
CA LEU J 101 4.36 79.06 -62.33
C LEU J 101 5.24 80.05 -63.09
N VAL J 102 6.41 79.59 -63.55
CA VAL J 102 7.30 80.46 -64.32
C VAL J 102 6.61 80.89 -65.62
N TYR J 103 5.99 79.95 -66.32
CA TYR J 103 5.26 80.30 -67.54
C TYR J 103 4.13 81.27 -67.24
N ALA J 104 3.41 81.05 -66.14
CA ALA J 104 2.30 81.94 -65.79
C ALA J 104 2.79 83.36 -65.53
N ILE J 105 3.90 83.50 -64.80
CA ILE J 105 4.43 84.83 -64.49
C ILE J 105 4.91 85.52 -65.76
N SER J 106 5.64 84.79 -66.61
CA SER J 106 6.14 85.39 -67.86
C SER J 106 4.98 85.80 -68.76
N LEU J 107 3.95 84.96 -68.85
CA LEU J 107 2.79 85.26 -69.68
C LEU J 107 2.03 86.46 -69.13
N LEU J 108 1.92 86.56 -67.80
CA LEU J 108 1.28 87.73 -67.19
C LEU J 108 2.05 88.99 -67.50
N LYS J 109 3.38 88.94 -67.42
CA LYS J 109 4.19 90.11 -67.74
C LYS J 109 4.01 90.52 -69.21
N GLU J 110 4.02 89.54 -70.12
CA GLU J 110 3.85 89.83 -71.53
C GLU J 110 2.47 90.43 -71.81
N VAL J 111 1.42 89.89 -71.16
CA VAL J 111 0.08 90.40 -71.35
C VAL J 111 -0.04 91.81 -70.78
N GLU J 112 0.59 92.07 -69.62
CA GLU J 112 0.63 93.42 -69.08
C GLU J 112 1.30 94.38 -70.06
N LYS J 113 2.35 93.93 -70.73
CA LYS J 113 2.91 94.73 -71.81
C LYS J 113 1.88 94.96 -72.91
N GLU J 114 1.13 93.91 -73.26
CA GLU J 114 0.09 94.05 -74.28
C GLU J 114 -1.08 94.89 -73.76
N GLY J 115 -1.59 94.56 -72.57
CA GLY J 115 -2.67 95.33 -71.98
C GLY J 115 -4.07 94.86 -72.32
N ASP J 116 -4.31 93.56 -72.42
CA ASP J 116 -5.63 93.06 -72.76
C ASP J 116 -6.28 92.44 -71.52
N GLU J 117 -7.54 92.84 -71.25
CA GLU J 117 -8.15 92.56 -69.95
C GLU J 117 -8.56 91.09 -69.80
N GLU J 118 -9.13 90.48 -70.84
CA GLU J 118 -9.63 89.13 -70.69
C GLU J 118 -8.51 88.14 -70.39
N LEU J 119 -7.37 88.27 -71.08
CA LEU J 119 -6.22 87.46 -70.72
C LEU J 119 -5.68 87.81 -69.34
N LYS J 120 -5.84 89.06 -68.89
CA LYS J 120 -5.50 89.39 -67.51
C LYS J 120 -6.29 88.53 -66.54
N GLU J 121 -7.61 88.49 -66.71
CA GLU J 121 -8.45 87.67 -65.85
C GLU J 121 -8.08 86.19 -65.96
N TYR J 122 -7.82 85.74 -67.18
CA TYR J 122 -7.47 84.34 -67.41
C TYR J 122 -6.21 83.96 -66.64
N VAL J 123 -5.17 84.77 -66.75
CA VAL J 123 -3.90 84.44 -66.10
C VAL J 123 -4.00 84.62 -64.60
N LYS J 124 -4.81 85.57 -64.12
CA LYS J 124 -4.99 85.69 -62.67
C LYS J 124 -5.69 84.47 -62.10
N LEU J 125 -6.72 83.97 -62.80
CA LEU J 125 -7.36 82.73 -62.37
C LEU J 125 -6.38 81.56 -62.41
N ALA J 126 -5.55 81.51 -63.46
CA ALA J 126 -4.56 80.45 -63.55
C ALA J 126 -3.58 80.51 -62.40
N ILE J 127 -3.13 81.70 -62.02
CA ILE J 127 -2.18 81.84 -60.92
C ILE J 127 -2.81 81.46 -59.60
N GLU J 128 -4.07 81.86 -59.38
CA GLU J 128 -4.75 81.49 -58.15
C GLU J 128 -4.91 79.98 -58.05
N THR J 129 -5.29 79.33 -59.15
CA THR J 129 -5.40 77.87 -59.16
C THR J 129 -4.04 77.23 -58.94
N LEU J 130 -2.98 77.81 -59.49
CA LEU J 130 -1.63 77.29 -59.26
C LEU J 130 -1.24 77.38 -57.80
N LYS J 131 -1.59 78.48 -57.14
CA LYS J 131 -1.33 78.61 -55.72
C LYS J 131 -2.10 77.57 -54.92
N GLU J 132 -3.37 77.38 -55.25
CA GLU J 132 -4.17 76.38 -54.54
C GLU J 132 -3.60 74.98 -54.73
N ALA J 133 -3.12 74.67 -55.94
CA ALA J 133 -2.47 73.39 -56.17
C ALA J 133 -1.18 73.27 -55.36
N PHE J 134 -0.35 74.32 -55.40
CA PHE J 134 0.90 74.33 -54.65
C PHE J 134 0.66 74.09 -53.17
N GLU J 135 -0.48 74.52 -52.65
CA GLU J 135 -0.80 74.32 -51.24
C GLU J 135 -0.67 72.85 -50.84
N ARG J 136 -1.12 71.94 -51.71
CA ARG J 136 -1.09 70.52 -51.39
C ARG J 136 -0.67 69.64 -52.56
N LYS J 137 -0.13 70.20 -53.65
CA LYS J 137 0.25 69.45 -54.84
C LYS J 137 -0.94 68.68 -55.40
N ASN J 138 -1.99 69.42 -55.72
CA ASN J 138 -3.22 68.86 -56.28
C ASN J 138 -3.11 68.91 -57.80
N TYR J 139 -3.09 67.73 -58.43
CA TYR J 139 -2.70 67.66 -59.83
C TYR J 139 -3.79 68.22 -60.75
N ALA J 140 -5.05 68.17 -60.32
CA ALA J 140 -6.15 68.57 -61.20
C ALA J 140 -6.14 70.07 -61.47
N LEU J 141 -5.99 70.89 -60.41
CA LEU J 141 -5.87 72.33 -60.64
C LEU J 141 -4.61 72.66 -61.42
N LEU J 142 -3.56 71.84 -61.28
CA LEU J 142 -2.38 71.99 -62.13
C LEU J 142 -2.73 71.79 -63.59
N VAL J 143 -3.54 70.77 -63.89
CA VAL J 143 -3.98 70.54 -65.28
C VAL J 143 -4.78 71.73 -65.78
N SER J 144 -5.69 72.24 -64.95
CA SER J 144 -6.52 73.38 -65.36
C SER J 144 -5.65 74.60 -65.66
N ALA J 145 -4.71 74.90 -64.77
CA ALA J 145 -3.82 76.05 -64.97
C ALA J 145 -2.94 75.85 -66.21
N LYS J 146 -2.46 74.62 -66.42
CA LYS J 146 -1.66 74.34 -67.60
C LYS J 146 -2.45 74.59 -68.87
N ILE J 147 -3.71 74.13 -68.89
CA ILE J 147 -4.58 74.37 -70.04
C ILE J 147 -4.73 75.87 -70.28
N ILE J 148 -5.02 76.62 -69.22
CA ILE J 148 -5.25 78.05 -69.37
C ILE J 148 -4.00 78.74 -69.92
N VAL J 149 -2.84 78.41 -69.37
CA VAL J 149 -1.62 79.11 -69.75
C VAL J 149 -1.21 78.74 -71.18
N GLU J 150 -1.37 77.46 -71.57
CA GLU J 150 -0.97 77.10 -72.93
C GLU J 150 -1.91 77.72 -73.96
N ASN J 151 -3.21 77.74 -73.67
CA ASN J 151 -4.13 78.39 -74.60
C ASN J 151 -3.86 79.89 -74.69
N ALA J 152 -3.53 80.53 -73.56
CA ALA J 152 -3.18 81.94 -73.60
C ALA J 152 -1.92 82.18 -74.42
N GLU J 153 -0.91 81.33 -74.24
CA GLU J 153 0.33 81.46 -75.02
C GLU J 153 0.04 81.31 -76.51
N GLU J 154 -0.80 80.34 -76.87
CA GLU J 154 -1.19 80.18 -78.27
C GLU J 154 -1.94 81.42 -78.76
N ILE J 155 -2.74 82.04 -77.89
CA ILE J 155 -3.43 83.28 -78.26
C ILE J 155 -2.43 84.37 -78.59
N LEU J 156 -1.39 84.54 -77.75
CA LEU J 156 -0.39 85.55 -78.04
C LEU J 156 0.38 85.24 -79.31
N LYS J 157 0.70 83.97 -79.56
CA LYS J 157 1.36 83.64 -80.83
C LYS J 157 0.48 83.97 -82.02
N ALA J 158 -0.80 83.61 -81.97
CA ALA J 158 -1.71 83.90 -83.06
C ALA J 158 -1.97 85.40 -83.20
N LYS J 159 -1.76 86.18 -82.13
CA LYS J 159 -1.93 87.62 -82.23
C LYS J 159 -0.97 88.22 -83.25
N LYS J 160 0.31 87.83 -83.17
CA LYS J 160 1.26 88.28 -84.19
C LYS J 160 1.11 87.49 -85.49
N LYS J 161 0.68 86.23 -85.42
CA LYS J 161 0.40 85.50 -86.65
C LYS J 161 -0.79 86.08 -87.39
N GLY J 162 -1.91 86.29 -86.69
CA GLY J 162 -3.07 86.92 -87.29
C GLY J 162 -4.08 85.96 -87.87
N ASP J 163 -4.38 84.87 -87.17
CA ASP J 163 -5.37 83.89 -87.59
C ASP J 163 -6.52 84.01 -86.60
N GLU J 164 -7.58 84.71 -87.01
CA GLU J 164 -8.67 85.04 -86.10
C GLU J 164 -9.45 83.80 -85.68
N GLU J 165 -9.63 82.85 -86.61
CA GLU J 165 -10.37 81.63 -86.27
C GLU J 165 -9.71 80.91 -85.10
N LYS J 166 -8.37 80.80 -85.12
CA LYS J 166 -7.67 80.13 -84.05
C LYS J 166 -7.81 80.87 -82.72
N ILE J 167 -7.79 82.21 -82.76
CA ILE J 167 -7.91 82.96 -81.50
C ILE J 167 -9.32 82.80 -80.92
N LYS J 168 -10.33 82.77 -81.79
CA LYS J 168 -11.69 82.52 -81.29
C LYS J 168 -11.80 81.13 -80.69
N GLU J 169 -11.19 80.13 -81.34
CA GLU J 169 -11.21 78.77 -80.80
C GLU J 169 -10.51 78.72 -79.45
N LEU J 170 -9.40 79.42 -79.30
CA LEU J 170 -8.68 79.42 -78.03
C LEU J 170 -9.48 80.14 -76.94
N LEU J 171 -10.18 81.23 -77.29
CA LEU J 171 -11.08 81.86 -76.32
C LEU J 171 -12.19 80.90 -75.90
N GLN J 172 -12.72 80.11 -76.84
CA GLN J 172 -13.71 79.11 -76.47
C GLN J 172 -13.13 78.10 -75.48
N ARG J 173 -11.90 77.63 -75.75
CA ARG J 173 -11.26 76.69 -74.83
C ARG J 173 -11.06 77.31 -73.46
N LEU J 174 -10.65 78.58 -73.41
CA LEU J 174 -10.43 79.24 -72.13
C LEU J 174 -11.72 79.45 -71.37
N LYS J 175 -12.82 79.76 -72.08
CA LYS J 175 -14.12 79.85 -71.41
C LYS J 175 -14.52 78.50 -70.82
N ALA J 176 -14.31 77.42 -71.57
CA ALA J 176 -14.58 76.09 -71.04
C ALA J 176 -13.75 75.81 -69.80
N ALA J 177 -12.47 76.19 -69.82
CA ALA J 177 -11.60 75.99 -68.67
C ALA J 177 -12.08 76.78 -67.46
N LYS J 178 -12.48 78.04 -67.67
CA LYS J 178 -12.98 78.86 -66.58
C LYS J 178 -14.23 78.24 -65.96
N ILE J 179 -15.14 77.75 -66.81
CA ILE J 179 -16.34 77.11 -66.31
C ILE J 179 -15.99 75.85 -65.52
N GLY J 180 -15.02 75.08 -66.01
CA GLY J 180 -14.76 73.78 -65.41
C GLY J 180 -13.93 73.83 -64.14
N THR J 181 -13.12 74.87 -63.97
CA THR J 181 -12.18 74.89 -62.85
C THR J 181 -12.84 74.78 -61.48
N PRO J 182 -13.87 75.58 -61.15
CA PRO J 182 -14.57 75.33 -59.87
C PRO J 182 -15.16 73.94 -59.81
N LEU J 183 -15.65 73.42 -60.94
CA LEU J 183 -16.26 72.09 -60.95
C LEU J 183 -15.24 71.01 -60.62
N VAL J 184 -14.03 71.09 -61.20
CA VAL J 184 -13.03 70.07 -60.93
C VAL J 184 -12.51 70.19 -59.50
N ARG J 185 -12.34 71.43 -59.02
CA ARG J 185 -11.96 71.61 -57.62
C ARG J 185 -12.98 70.96 -56.70
N GLU J 186 -14.27 71.21 -56.96
CA GLU J 186 -15.32 70.65 -56.11
C GLU J 186 -15.36 69.12 -56.21
N VAL J 187 -15.17 68.58 -57.42
CA VAL J 187 -15.21 67.12 -57.59
C VAL J 187 -14.10 66.47 -56.77
N VAL J 188 -12.88 67.01 -56.87
CA VAL J 188 -11.77 66.46 -56.09
C VAL J 188 -12.05 66.58 -54.60
N GLU J 189 -12.55 67.74 -54.16
CA GLU J 189 -12.81 67.95 -52.75
C GLU J 189 -13.83 66.95 -52.22
N ARG J 190 -14.93 66.75 -52.97
CA ARG J 190 -15.97 65.82 -52.54
C ARG J 190 -15.44 64.39 -52.53
N TYR J 191 -14.68 64.00 -53.55
CA TYR J 191 -14.16 62.63 -53.57
C TYR J 191 -13.16 62.39 -52.45
N ARG J 192 -12.47 63.43 -51.98
CA ARG J 192 -11.47 63.28 -50.93
C ARG J 192 -12.02 62.59 -49.68
N GLU J 193 -13.16 63.05 -49.18
CA GLU J 193 -13.69 62.51 -47.93
C GLU J 193 -15.15 62.08 -47.99
N GLU J 194 -15.97 62.69 -48.85
CA GLU J 194 -17.40 62.41 -48.84
C GLU J 194 -17.69 60.97 -49.24
N GLY J 195 -17.01 60.47 -50.27
CA GLY J 195 -17.03 59.05 -50.59
C GLY J 195 -17.95 58.60 -51.71
N GLU J 196 -18.35 59.54 -52.56
CA GLU J 196 -19.17 59.20 -53.71
C GLU J 196 -18.41 58.31 -54.69
N PRO J 197 -19.08 57.90 -55.78
CA PRO J 197 -18.40 57.11 -56.79
C PRO J 197 -17.82 58.00 -57.84
N LEU J 198 -16.50 58.11 -57.87
CA LEU J 198 -15.87 59.05 -58.78
C LEU J 198 -16.50 59.12 -60.13
N LEU J 199 -16.73 57.98 -60.74
CA LEU J 199 -17.19 58.06 -62.12
C LEU J 199 -18.47 58.88 -62.24
N ASP J 200 -19.38 58.76 -61.27
CA ASP J 200 -20.62 59.52 -61.31
C ASP J 200 -20.36 61.01 -61.25
N LEU J 201 -19.52 61.44 -60.29
CA LEU J 201 -19.18 62.86 -60.20
C LEU J 201 -18.42 63.34 -61.43
N LEU J 202 -17.54 62.50 -61.99
CA LEU J 202 -16.84 62.89 -63.20
C LEU J 202 -17.81 63.13 -64.35
N LEU J 203 -18.78 62.22 -64.52
CA LEU J 203 -19.75 62.37 -65.60
C LEU J 203 -20.62 63.61 -65.38
N HIS J 204 -21.06 63.84 -64.14
CA HIS J 204 -21.87 65.02 -63.86
C HIS J 204 -21.09 66.31 -64.11
N MET J 205 -19.82 66.35 -63.70
CA MET J 205 -18.99 67.52 -63.94
C MET J 205 -18.79 67.76 -65.42
N ALA J 206 -18.53 66.70 -66.19
CA ALA J 206 -18.34 66.85 -67.62
C ALA J 206 -19.61 67.36 -68.29
N GLU J 207 -20.76 66.79 -67.93
CA GLU J 207 -22.01 67.22 -68.53
C GLU J 207 -22.34 68.67 -68.16
N THR J 208 -22.10 69.04 -66.89
CA THR J 208 -22.32 70.42 -66.49
C THR J 208 -21.41 71.37 -67.25
N THR J 209 -20.15 70.98 -67.44
CA THR J 209 -19.22 71.80 -68.20
C THR J 209 -19.71 71.99 -69.63
N ILE J 210 -20.15 70.90 -70.27
CA ILE J 210 -20.63 71.00 -71.66
C ILE J 210 -21.86 71.89 -71.73
N ARG J 211 -22.81 71.70 -70.82
CA ARG J 211 -24.03 72.49 -70.85
C ARG J 211 -23.75 73.97 -70.63
N GLU J 212 -22.93 74.29 -69.64
CA GLU J 212 -22.63 75.69 -69.37
C GLU J 212 -21.81 76.31 -70.49
N SER J 213 -20.92 75.52 -71.12
CA SER J 213 -20.12 76.03 -72.21
C SER J 213 -20.97 76.32 -73.44
N GLU J 214 -21.92 75.43 -73.74
CA GLU J 214 -22.82 75.69 -74.87
C GLU J 214 -23.83 76.78 -74.54
N LYS J 215 -24.07 77.04 -73.26
CA LYS J 215 -24.87 78.20 -72.88
C LYS J 215 -24.18 79.51 -73.19
N LEU J 216 -22.86 79.49 -73.42
CA LEU J 216 -22.10 80.68 -73.77
C LEU J 216 -21.82 80.75 -75.27
N GLY J 217 -22.47 79.90 -76.07
CA GLY J 217 -22.31 79.90 -77.51
C GLY J 217 -21.21 79.00 -78.02
N VAL J 218 -20.50 78.30 -77.14
CA VAL J 218 -19.35 77.51 -77.56
C VAL J 218 -19.82 76.10 -77.90
N ASP J 219 -19.27 75.58 -78.99
CA ASP J 219 -19.59 74.24 -79.44
C ASP J 219 -19.46 73.22 -78.37
N PRO J 220 -20.10 72.08 -78.57
CA PRO J 220 -19.96 71.01 -77.62
C PRO J 220 -18.87 70.14 -78.13
N ARG J 221 -17.93 70.74 -78.82
CA ARG J 221 -16.78 69.97 -79.25
C ARG J 221 -15.53 70.31 -78.44
N LEU J 222 -14.83 71.37 -78.79
CA LEU J 222 -13.57 71.66 -78.13
C LEU J 222 -13.74 71.71 -76.62
N ALA J 223 -14.90 72.18 -76.14
CA ALA J 223 -15.18 72.11 -74.72
C ALA J 223 -15.22 70.66 -74.25
N ALA J 224 -15.65 69.74 -75.12
CA ALA J 224 -15.59 68.33 -74.80
C ALA J 224 -14.16 67.86 -74.59
N GLU J 225 -13.24 68.30 -75.45
CA GLU J 225 -11.84 67.91 -75.27
C GLU J 225 -11.24 68.55 -74.03
N VAL J 226 -11.66 69.77 -73.69
CA VAL J 226 -11.20 70.40 -72.44
C VAL J 226 -11.66 69.57 -71.25
N ALA J 227 -12.94 69.18 -71.25
CA ALA J 227 -13.45 68.33 -70.18
C ALA J 227 -12.74 66.99 -70.15
N ARG J 228 -12.35 66.48 -71.32
CA ARG J 228 -11.62 65.21 -71.37
C ARG J 228 -10.25 65.33 -70.72
N GLU J 229 -9.52 66.41 -71.02
CA GLU J 229 -8.24 66.64 -70.38
C GLU J 229 -8.40 66.78 -68.86
N MET J 230 -9.43 67.52 -68.43
CA MET J 230 -9.63 67.70 -67.00
C MET J 230 -10.03 66.39 -66.32
N VAL J 231 -10.79 65.55 -67.03
CA VAL J 231 -11.14 64.23 -66.49
C VAL J 231 -9.89 63.38 -66.34
N ASP J 232 -8.99 63.44 -67.33
CA ASP J 232 -7.72 62.73 -67.22
C ASP J 232 -6.93 63.22 -66.02
N GLY J 233 -6.90 64.54 -65.81
CA GLY J 233 -6.21 65.09 -64.65
C GLY J 233 -6.81 64.62 -63.34
N VAL J 234 -8.16 64.57 -63.27
CA VAL J 234 -8.82 64.09 -62.07
C VAL J 234 -8.47 62.63 -61.82
N GLY J 235 -8.46 61.82 -62.87
CA GLY J 235 -8.07 60.43 -62.72
C GLY J 235 -6.65 60.27 -62.22
N HIS J 236 -5.73 61.09 -62.72
CA HIS J 236 -4.35 61.04 -62.27
C HIS J 236 -4.24 61.45 -60.80
N GLU J 237 -4.92 62.54 -60.42
CA GLU J 237 -4.80 63.04 -59.05
C GLU J 237 -5.43 62.08 -58.06
N THR J 238 -6.62 61.55 -58.38
CA THR J 238 -7.36 60.71 -57.44
C THR J 238 -6.76 59.32 -57.29
N GLY J 239 -5.83 58.93 -58.15
CA GLY J 239 -5.23 57.61 -58.08
C GLY J 239 -6.09 56.50 -58.66
N GLU J 240 -7.13 56.85 -59.41
CA GLU J 240 -8.01 55.86 -60.03
C GLU J 240 -8.27 56.30 -61.46
N THR J 241 -7.72 55.57 -62.43
CA THR J 241 -7.82 55.94 -63.83
C THR J 241 -8.84 55.12 -64.61
N GLU J 242 -9.29 53.99 -64.07
CA GLU J 242 -10.28 53.17 -64.76
C GLU J 242 -11.61 53.93 -64.91
N ALA J 243 -12.05 54.59 -63.84
CA ALA J 243 -13.24 55.43 -63.95
C ALA J 243 -13.02 56.59 -64.90
N ALA J 244 -11.82 57.20 -64.85
CA ALA J 244 -11.49 58.23 -65.81
C ALA J 244 -11.48 57.68 -67.23
N PHE J 245 -11.00 56.45 -67.41
CA PHE J 245 -11.03 55.81 -68.71
C PHE J 245 -12.47 55.63 -69.21
N ARG J 246 -13.36 55.18 -68.32
CA ARG J 246 -14.75 54.98 -68.72
C ARG J 246 -15.42 56.29 -69.09
N VAL J 247 -15.21 57.34 -68.29
CA VAL J 247 -15.79 58.64 -68.62
C VAL J 247 -15.20 59.18 -69.92
N ARG J 248 -13.91 58.91 -70.16
CA ARG J 248 -13.29 59.29 -71.42
C ARG J 248 -13.98 58.60 -72.60
N ARG J 249 -14.30 57.31 -72.44
CA ARG J 249 -14.98 56.58 -73.50
C ARG J 249 -16.37 57.15 -73.75
N GLU J 250 -17.11 57.46 -72.68
CA GLU J 250 -18.45 58.01 -72.86
C GLU J 250 -18.39 59.39 -73.52
N LEU J 251 -17.40 60.21 -73.16
CA LEU J 251 -17.26 61.50 -73.80
C LEU J 251 -16.86 61.35 -75.27
N ASP J 252 -16.03 60.37 -75.58
CA ASP J 252 -15.68 60.08 -76.97
C ASP J 252 -16.91 59.64 -77.76
N THR J 253 -17.80 58.88 -77.13
CA THR J 253 -19.07 58.55 -77.78
C THR J 253 -19.95 59.79 -77.95
N VAL J 254 -19.91 60.69 -76.97
CA VAL J 254 -20.74 61.90 -77.01
C VAL J 254 -20.33 62.80 -78.17
N ILE J 255 -19.01 62.98 -78.38
CA ILE J 255 -18.58 63.90 -79.43
C ILE J 255 -18.98 63.39 -80.81
N LEU J 256 -19.25 62.10 -80.94
CA LEU J 256 -19.71 61.52 -82.20
C LEU J 256 -21.10 62.04 -82.55
N THR K 25 65.64 -15.49 -52.39
CA THR K 25 67.09 -15.56 -52.51
C THR K 25 67.61 -16.90 -52.03
N GLU K 26 66.70 -17.84 -51.81
CA GLU K 26 67.09 -19.16 -51.33
C GLU K 26 67.97 -19.89 -52.34
N LYS K 27 67.65 -19.76 -53.63
CA LYS K 27 68.48 -20.38 -54.66
C LYS K 27 69.90 -19.82 -54.62
N LEU K 28 70.03 -18.50 -54.45
CA LEU K 28 71.36 -17.89 -54.40
C LEU K 28 72.14 -18.36 -53.17
N LYS K 29 71.46 -18.46 -52.02
CA LYS K 29 72.12 -18.94 -50.81
C LYS K 29 72.59 -20.38 -50.99
N LYS K 30 71.76 -21.23 -51.59
CA LYS K 30 72.16 -22.61 -51.83
C LYS K 30 73.32 -22.68 -52.82
N ILE K 31 73.30 -21.84 -53.85
CA ILE K 31 74.40 -21.81 -54.81
C ILE K 31 75.71 -21.44 -54.12
N THR K 32 75.66 -20.41 -53.26
CA THR K 32 76.85 -20.01 -52.52
C THR K 32 77.33 -21.13 -51.61
N LYS K 33 76.41 -21.79 -50.91
CA LYS K 33 76.79 -22.87 -50.01
C LYS K 33 77.45 -24.01 -50.78
N LEU K 34 76.86 -24.41 -51.90
CA LEU K 34 77.41 -25.52 -52.67
C LEU K 34 78.75 -25.16 -53.29
N LEU K 35 78.92 -23.90 -53.71
CA LEU K 35 80.23 -23.48 -54.21
C LEU K 35 81.27 -23.50 -53.11
N HIS K 36 80.92 -23.17 -51.90
CA HIS K 36 81.91 -23.28 -50.85
C HIS K 36 82.24 -24.72 -50.80
N GLU K 37 81.25 -25.55 -50.52
CA GLU K 37 81.56 -26.97 -50.33
C GLU K 37 82.49 -27.48 -51.43
N LEU K 38 82.21 -27.12 -52.68
CA LEU K 38 83.05 -27.58 -53.78
C LEU K 38 84.48 -27.05 -53.65
N VAL K 39 84.63 -25.77 -53.29
CA VAL K 39 85.98 -25.22 -53.19
C VAL K 39 86.70 -25.75 -51.97
N ASP K 40 85.95 -26.19 -50.95
CA ASP K 40 86.59 -26.77 -49.77
C ASP K 40 87.36 -28.03 -50.13
N ARG K 41 86.74 -28.93 -50.88
CA ARG K 41 87.37 -30.18 -51.31
C ARG K 41 87.84 -30.04 -52.75
N GLY K 42 88.95 -29.31 -52.94
CA GLY K 42 89.53 -29.14 -54.25
C GLY K 42 88.56 -28.53 -55.23
N GLU K 43 88.48 -29.12 -56.43
CA GLU K 43 87.50 -28.77 -57.45
C GLU K 43 87.71 -27.31 -57.85
N ILE K 44 86.69 -26.45 -57.73
CA ILE K 44 86.75 -25.07 -58.21
C ILE K 44 87.72 -24.26 -57.36
N PRO K 45 88.32 -23.19 -57.89
CA PRO K 45 89.19 -22.34 -57.08
C PRO K 45 88.43 -21.41 -56.15
N GLU K 46 89.15 -20.66 -55.33
CA GLU K 46 88.53 -19.85 -54.28
C GLU K 46 87.86 -18.60 -54.81
N GLU K 47 88.33 -18.06 -55.94
CA GLU K 47 87.81 -16.79 -56.44
C GLU K 47 86.32 -16.86 -56.70
N LEU K 48 85.84 -18.00 -57.23
CA LEU K 48 84.43 -18.13 -57.53
C LEU K 48 83.60 -18.11 -56.25
N ALA K 49 84.08 -18.77 -55.20
CA ALA K 49 83.35 -18.77 -53.93
C ALA K 49 83.35 -17.37 -53.30
N THR K 50 84.48 -16.65 -53.38
CA THR K 50 84.52 -15.30 -52.85
C THR K 50 83.55 -14.38 -53.60
N LEU K 51 83.52 -14.49 -54.93
CA LEU K 51 82.56 -13.71 -55.71
C LEU K 51 81.14 -14.08 -55.33
N ALA K 52 80.87 -15.37 -55.12
CA ALA K 52 79.53 -15.79 -54.72
C ALA K 52 79.14 -15.14 -53.40
N THR K 53 80.07 -15.10 -52.43
CA THR K 53 79.78 -14.46 -51.15
C THR K 53 79.50 -12.97 -51.30
N LEU K 54 80.36 -12.27 -52.03
CA LEU K 54 80.18 -10.83 -52.19
C LEU K 54 78.86 -10.51 -52.90
N LEU K 55 78.56 -11.24 -53.98
CA LEU K 55 77.32 -10.99 -54.69
C LEU K 55 76.10 -11.41 -53.87
N LEU K 56 76.23 -12.44 -53.04
CA LEU K 56 75.12 -12.82 -52.17
C LEU K 56 74.85 -11.76 -51.11
N TYR K 57 75.90 -11.04 -50.70
CA TYR K 57 75.67 -9.89 -49.81
C TYR K 57 75.00 -8.75 -50.58
N LEU K 58 75.54 -8.42 -51.76
CA LEU K 58 75.04 -7.29 -52.52
C LEU K 58 73.58 -7.47 -52.89
N VAL K 59 73.22 -8.61 -53.48
CA VAL K 59 71.83 -9.04 -53.55
C VAL K 59 71.39 -9.25 -52.12
N GLU K 60 70.14 -8.92 -51.81
CA GLU K 60 69.57 -9.02 -50.47
C GLU K 60 70.15 -7.90 -49.60
N LYS K 61 71.17 -7.19 -50.08
CA LYS K 61 71.36 -5.82 -49.63
C LYS K 61 70.56 -4.85 -50.49
N GLY K 62 70.13 -5.30 -51.67
CA GLY K 62 69.30 -4.49 -52.53
C GLY K 62 70.11 -3.56 -53.42
N LEU K 63 71.24 -4.04 -53.93
CA LEU K 63 72.12 -3.22 -54.75
C LEU K 63 72.37 -3.78 -56.14
N ILE K 64 72.06 -5.05 -56.39
CA ILE K 64 72.13 -5.62 -57.73
C ILE K 64 70.99 -6.62 -57.89
N SER K 65 70.82 -7.16 -59.09
CA SER K 65 69.78 -8.12 -59.38
C SER K 65 70.38 -9.50 -59.57
N GLU K 66 69.51 -10.53 -59.52
CA GLU K 66 69.96 -11.90 -59.69
C GLU K 66 70.61 -12.10 -61.06
N PHE K 67 70.18 -11.33 -62.07
CA PHE K 67 70.79 -11.45 -63.38
C PHE K 67 72.27 -11.11 -63.33
N ASP K 68 72.63 -10.04 -62.62
CA ASP K 68 74.05 -9.68 -62.49
C ASP K 68 74.82 -10.75 -61.73
N PHE K 69 74.22 -11.32 -60.69
CA PHE K 69 74.84 -12.40 -59.94
C PHE K 69 75.19 -13.56 -60.88
N ILE K 70 74.19 -14.06 -61.61
CA ILE K 70 74.41 -15.21 -62.48
C ILE K 70 75.38 -14.86 -63.60
N GLU K 71 75.29 -13.64 -64.14
CA GLU K 71 76.16 -13.26 -65.24
C GLU K 71 77.61 -13.22 -64.79
N HIS K 72 77.87 -12.64 -63.61
CA HIS K 72 79.24 -12.62 -63.08
C HIS K 72 79.74 -14.03 -62.80
N LEU K 73 78.88 -14.87 -62.22
CA LEU K 73 79.29 -16.25 -61.94
C LEU K 73 79.68 -16.97 -63.22
N VAL K 74 78.85 -16.83 -64.27
CA VAL K 74 79.12 -17.50 -65.53
C VAL K 74 80.38 -16.95 -66.19
N ARG K 75 80.58 -15.63 -66.11
CA ARG K 75 81.78 -15.04 -66.69
C ARG K 75 83.04 -15.57 -66.01
N LEU K 76 83.03 -15.64 -64.68
CA LEU K 76 84.20 -16.19 -63.99
C LEU K 76 84.38 -17.67 -64.31
N ALA K 77 83.29 -18.43 -64.38
CA ALA K 77 83.40 -19.85 -64.72
C ALA K 77 84.01 -20.04 -66.09
N GLU K 78 83.58 -19.24 -67.06
CA GLU K 78 84.16 -19.29 -68.40
C GLU K 78 85.63 -18.90 -68.38
N LYS K 79 85.98 -17.89 -67.59
CA LYS K 79 87.38 -17.46 -67.50
C LYS K 79 88.26 -18.57 -66.93
N LEU K 80 87.78 -19.26 -65.90
CA LEU K 80 88.55 -20.32 -65.26
C LEU K 80 88.32 -21.70 -65.86
N GLY K 81 87.41 -21.83 -66.81
CA GLY K 81 87.13 -23.11 -67.42
C GLY K 81 86.59 -24.14 -66.46
N VAL K 82 85.63 -23.74 -65.63
CA VAL K 82 85.06 -24.61 -64.61
C VAL K 82 83.54 -24.60 -64.76
N LEU K 83 83.07 -24.28 -65.97
CA LEU K 83 81.64 -24.08 -66.19
C LEU K 83 80.83 -25.34 -65.92
N GLU K 84 81.43 -26.52 -66.09
CA GLU K 84 80.70 -27.76 -65.84
C GLU K 84 80.29 -27.88 -64.38
N GLU K 85 81.19 -27.52 -63.46
CA GLU K 85 80.86 -27.58 -62.05
C GLU K 85 79.75 -26.59 -61.69
N LEU K 86 79.78 -25.39 -62.29
CA LEU K 86 78.69 -24.45 -62.08
C LEU K 86 77.37 -24.99 -62.62
N LYS K 87 77.41 -25.68 -63.76
CA LYS K 87 76.22 -26.31 -64.30
C LYS K 87 75.68 -27.36 -63.33
N LYS K 88 76.57 -28.18 -62.77
CA LYS K 88 76.14 -29.18 -61.81
C LYS K 88 75.53 -28.54 -60.57
N VAL K 89 76.13 -27.46 -60.08
CA VAL K 89 75.58 -26.75 -58.92
C VAL K 89 74.18 -26.22 -59.24
N LEU K 90 74.01 -25.64 -60.42
CA LEU K 90 72.71 -25.08 -60.79
C LEU K 90 71.65 -26.17 -60.98
N GLU K 91 72.06 -27.35 -61.43
CA GLU K 91 71.12 -28.47 -61.47
C GLU K 91 70.76 -28.94 -60.06
N GLU K 92 71.75 -29.03 -59.17
CA GLU K 92 71.49 -29.48 -57.81
C GLU K 92 70.54 -28.55 -57.08
N VAL K 93 70.75 -27.24 -57.19
CA VAL K 93 69.85 -26.31 -56.52
C VAL K 93 68.45 -26.37 -57.14
N GLY K 94 68.37 -26.68 -58.43
CA GLY K 94 67.09 -26.77 -59.11
C GLY K 94 66.62 -25.44 -59.64
N ASP K 95 67.46 -24.78 -60.43
CA ASP K 95 67.16 -23.48 -61.00
C ASP K 95 67.12 -23.60 -62.51
N GLU K 96 66.03 -23.13 -63.12
CA GLU K 96 65.90 -23.16 -64.57
C GLU K 96 66.34 -21.86 -65.22
N PHE K 97 66.09 -20.72 -64.58
CA PHE K 97 66.51 -19.44 -65.14
C PHE K 97 68.02 -19.35 -65.27
N GLY K 98 68.73 -19.68 -64.18
CA GLY K 98 70.18 -19.63 -64.22
C GLY K 98 70.77 -20.62 -65.21
N LEU K 99 70.21 -21.82 -65.27
CA LEU K 99 70.69 -22.83 -66.21
C LEU K 99 70.49 -22.37 -67.65
N THR K 100 69.33 -21.80 -67.95
CA THR K 100 69.08 -21.27 -69.28
C THR K 100 70.04 -20.14 -69.62
N LEU K 101 70.35 -19.28 -68.63
CA LEU K 101 71.33 -18.23 -68.86
C LEU K 101 72.70 -18.80 -69.14
N VAL K 102 73.08 -19.86 -68.44
CA VAL K 102 74.38 -20.51 -68.68
C VAL K 102 74.43 -21.05 -70.11
N TYR K 103 73.36 -21.73 -70.53
CA TYR K 103 73.33 -22.24 -71.90
C TYR K 103 73.39 -21.09 -72.91
N ALA K 104 72.69 -20.00 -72.65
CA ALA K 104 72.70 -18.86 -73.56
C ALA K 104 74.10 -18.27 -73.69
N ILE K 105 74.81 -18.11 -72.58
CA ILE K 105 76.15 -17.54 -72.62
C ILE K 105 77.10 -18.47 -73.36
N SER K 106 77.05 -19.77 -73.05
CA SER K 106 77.93 -20.72 -73.72
C SER K 106 77.65 -20.77 -75.22
N LEU K 107 76.37 -20.75 -75.60
CA LEU K 107 76.00 -20.78 -77.01
C LEU K 107 76.44 -19.49 -77.72
N LEU K 108 76.33 -18.35 -77.04
CA LEU K 108 76.82 -17.10 -77.61
C LEU K 108 78.32 -17.15 -77.83
N LYS K 109 79.07 -17.69 -76.87
CA LYS K 109 80.51 -17.80 -77.03
C LYS K 109 80.86 -18.72 -78.20
N GLU K 110 80.17 -19.86 -78.32
CA GLU K 110 80.44 -20.78 -79.41
C GLU K 110 80.10 -20.16 -80.75
N VAL K 111 78.99 -19.40 -80.83
CA VAL K 111 78.63 -18.75 -82.08
C VAL K 111 79.62 -17.65 -82.43
N GLU K 112 80.09 -16.91 -81.43
CA GLU K 112 81.14 -15.92 -81.66
C GLU K 112 82.40 -16.58 -82.22
N LYS K 113 82.72 -17.77 -81.71
CA LYS K 113 83.80 -18.54 -82.33
C LYS K 113 83.47 -18.88 -83.78
N GLU K 114 82.22 -19.26 -84.04
CA GLU K 114 81.80 -19.55 -85.41
C GLU K 114 81.72 -18.28 -86.26
N GLY K 115 81.04 -17.26 -85.74
CA GLY K 115 80.95 -15.99 -86.44
C GLY K 115 79.77 -15.84 -87.39
N ASP K 116 78.60 -16.36 -87.04
CA ASP K 116 77.44 -16.27 -87.92
C ASP K 116 76.44 -15.26 -87.34
N GLU K 117 75.99 -14.33 -88.18
CA GLU K 117 75.28 -13.15 -87.70
C GLU K 117 73.85 -13.47 -87.25
N GLU K 118 73.13 -14.30 -87.99
CA GLU K 118 71.73 -14.54 -87.65
C GLU K 118 71.58 -15.19 -86.29
N LEU K 119 72.44 -16.18 -85.99
CA LEU K 119 72.44 -16.75 -84.64
C LEU K 119 72.92 -15.73 -83.61
N LYS K 120 73.78 -14.78 -84.00
CA LYS K 120 74.12 -13.69 -83.09
C LYS K 120 72.87 -12.94 -82.66
N GLU K 121 72.06 -12.52 -83.64
CA GLU K 121 70.83 -11.80 -83.31
C GLU K 121 69.88 -12.67 -82.50
N TYR K 122 69.79 -13.97 -82.85
CA TYR K 122 68.91 -14.87 -82.15
C TYR K 122 69.29 -14.98 -80.67
N VAL K 123 70.57 -15.18 -80.39
CA VAL K 123 71.01 -15.36 -79.01
C VAL K 123 70.95 -14.04 -78.25
N LYS K 124 71.18 -12.90 -78.91
CA LYS K 124 71.04 -11.63 -78.23
C LYS K 124 69.59 -11.38 -77.83
N LEU K 125 68.64 -11.69 -78.72
CA LEU K 125 67.24 -11.59 -78.35
C LEU K 125 66.89 -12.54 -77.21
N ALA K 126 67.44 -13.76 -77.25
CA ALA K 126 67.21 -14.73 -76.18
C ALA K 126 67.73 -14.20 -74.85
N ILE K 127 68.92 -13.60 -74.85
CA ILE K 127 69.50 -13.08 -73.62
C ILE K 127 68.69 -11.90 -73.08
N GLU K 128 68.23 -11.02 -73.97
CA GLU K 128 67.41 -9.89 -73.53
C GLU K 128 66.10 -10.38 -72.92
N THR K 129 65.47 -11.37 -73.55
CA THR K 129 64.24 -11.94 -72.99
C THR K 129 64.53 -12.62 -71.66
N LEU K 130 65.67 -13.29 -71.54
CA LEU K 130 66.04 -13.92 -70.28
C LEU K 130 66.21 -12.88 -69.17
N LYS K 131 66.82 -11.74 -69.49
CA LYS K 131 66.95 -10.66 -68.51
C LYS K 131 65.59 -10.13 -68.10
N GLU K 132 64.70 -9.93 -69.07
CA GLU K 132 63.36 -9.43 -68.75
C GLU K 132 62.61 -10.42 -67.87
N ALA K 133 62.76 -11.72 -68.13
CA ALA K 133 62.15 -12.73 -67.28
C ALA K 133 62.75 -12.69 -65.88
N PHE K 134 64.08 -12.66 -65.80
CA PHE K 134 64.77 -12.59 -64.51
C PHE K 134 64.31 -11.41 -63.68
N GLU K 135 63.92 -10.31 -64.33
CA GLU K 135 63.44 -9.14 -63.61
C GLU K 135 62.31 -9.49 -62.65
N ARG K 136 61.39 -10.38 -63.08
CA ARG K 136 60.26 -10.74 -62.23
C ARG K 136 59.91 -12.22 -62.28
N LYS K 137 60.79 -13.08 -62.80
CA LYS K 137 60.53 -14.52 -62.94
C LYS K 137 59.24 -14.77 -63.74
N ASN K 138 59.24 -14.25 -64.97
CA ASN K 138 58.11 -14.40 -65.87
C ASN K 138 58.35 -15.62 -66.74
N TYR K 139 57.49 -16.62 -66.59
CA TYR K 139 57.79 -17.95 -67.14
C TYR K 139 57.67 -17.97 -68.65
N ALA K 140 56.84 -17.10 -69.23
CA ALA K 140 56.58 -17.14 -70.67
C ALA K 140 57.80 -16.73 -71.48
N LEU K 141 58.45 -15.62 -71.10
CA LEU K 141 59.69 -15.25 -71.77
C LEU K 141 60.78 -16.29 -71.53
N LEU K 142 60.73 -16.98 -70.40
CA LEU K 142 61.65 -18.09 -70.18
C LEU K 142 61.40 -19.20 -71.20
N VAL K 143 60.14 -19.50 -71.48
CA VAL K 143 59.82 -20.51 -72.50
C VAL K 143 60.34 -20.06 -73.86
N SER K 144 60.12 -18.79 -74.20
CA SER K 144 60.57 -18.28 -75.49
C SER K 144 62.08 -18.38 -75.63
N ALA K 145 62.81 -17.96 -74.59
CA ALA K 145 64.26 -18.03 -74.62
C ALA K 145 64.76 -19.46 -74.68
N LYS K 146 64.09 -20.36 -73.95
CA LYS K 146 64.45 -21.77 -73.99
C LYS K 146 64.29 -22.32 -75.41
N ILE K 147 63.18 -21.98 -76.05
CA ILE K 147 62.95 -22.43 -77.43
C ILE K 147 64.08 -21.93 -78.33
N ILE K 148 64.39 -20.63 -78.22
CA ILE K 148 65.42 -20.05 -79.09
C ILE K 148 66.76 -20.74 -78.88
N VAL K 149 67.14 -20.94 -77.62
CA VAL K 149 68.47 -21.50 -77.34
C VAL K 149 68.55 -22.97 -77.76
N GLU K 150 67.48 -23.74 -77.55
CA GLU K 150 67.56 -25.16 -77.92
C GLU K 150 67.57 -25.31 -79.44
N ASN K 151 66.79 -24.49 -80.16
CA ASN K 151 66.84 -24.56 -81.61
C ASN K 151 68.20 -24.11 -82.14
N ALA K 152 68.80 -23.09 -81.52
CA ALA K 152 70.14 -22.68 -81.93
C ALA K 152 71.16 -23.79 -81.67
N GLU K 153 71.07 -24.44 -80.51
CA GLU K 153 71.98 -25.54 -80.21
C GLU K 153 71.84 -26.67 -81.23
N GLU K 154 70.60 -27.00 -81.59
CA GLU K 154 70.37 -28.01 -82.62
C GLU K 154 70.94 -27.56 -83.96
N ILE K 155 70.88 -26.25 -84.23
CA ILE K 155 71.49 -25.72 -85.46
C ILE K 155 72.98 -25.96 -85.46
N LEU K 156 73.66 -25.67 -84.35
CA LEU K 156 75.10 -25.92 -84.27
C LEU K 156 75.43 -27.40 -84.39
N LYS K 157 74.63 -28.27 -83.77
CA LYS K 157 74.87 -29.71 -83.94
C LYS K 157 74.72 -30.13 -85.40
N ALA K 158 73.66 -29.68 -86.06
CA ALA K 158 73.46 -30.03 -87.47
C ALA K 158 74.51 -29.39 -88.37
N LYS K 159 75.15 -28.31 -87.94
CA LYS K 159 76.21 -27.70 -88.73
C LYS K 159 77.35 -28.69 -88.95
N LYS K 160 77.81 -29.34 -87.88
CA LYS K 160 78.81 -30.38 -88.04
C LYS K 160 78.23 -31.67 -88.59
N LYS K 161 76.95 -31.96 -88.29
CA LYS K 161 76.32 -33.12 -88.88
C LYS K 161 76.14 -32.95 -90.39
N GLY K 162 75.57 -31.82 -90.80
CA GLY K 162 75.44 -31.53 -92.22
C GLY K 162 74.12 -31.95 -92.83
N ASP K 163 73.01 -31.72 -92.13
CA ASP K 163 71.68 -32.04 -92.62
C ASP K 163 70.99 -30.70 -92.85
N GLU K 164 70.96 -30.27 -94.12
CA GLU K 164 70.48 -28.92 -94.44
C GLU K 164 68.98 -28.77 -94.18
N GLU K 165 68.20 -29.84 -94.44
CA GLU K 165 66.76 -29.76 -94.20
C GLU K 165 66.48 -29.42 -92.74
N LYS K 166 67.19 -30.06 -91.82
CA LYS K 166 66.98 -29.80 -90.40
C LYS K 166 67.36 -28.37 -90.03
N ILE K 167 68.45 -27.84 -90.61
CA ILE K 167 68.85 -26.48 -90.28
C ILE K 167 67.83 -25.47 -90.81
N LYS K 168 67.27 -25.72 -92.00
CA LYS K 168 66.22 -24.85 -92.51
C LYS K 168 65.00 -24.91 -91.61
N GLU K 169 64.62 -26.11 -91.15
CA GLU K 169 63.48 -26.24 -90.24
C GLU K 169 63.73 -25.49 -88.94
N LEU K 170 64.94 -25.57 -88.42
CA LEU K 170 65.26 -24.86 -87.17
C LEU K 170 65.25 -23.35 -87.37
N LEU K 171 65.72 -22.87 -88.52
CA LEU K 171 65.59 -21.44 -88.82
C LEU K 171 64.14 -21.02 -88.91
N GLN K 172 63.28 -21.87 -89.48
CA GLN K 172 61.84 -21.57 -89.47
C GLN K 172 61.30 -21.46 -88.05
N ARG K 173 61.69 -22.40 -87.19
CA ARG K 173 61.24 -22.35 -85.80
C ARG K 173 61.73 -21.08 -85.11
N LEU K 174 62.97 -20.69 -85.36
CA LEU K 174 63.52 -19.49 -84.74
C LEU K 174 62.83 -18.23 -85.25
N LYS K 175 62.50 -18.18 -86.53
CA LYS K 175 61.73 -17.05 -87.04
C LYS K 175 60.36 -16.97 -86.38
N ALA K 176 59.71 -18.12 -86.21
CA ALA K 176 58.43 -18.13 -85.51
C ALA K 176 58.59 -17.62 -84.08
N ALA K 177 59.65 -18.04 -83.40
CA ALA K 177 59.91 -17.59 -82.03
C ALA K 177 60.15 -16.09 -81.98
N LYS K 178 60.93 -15.56 -82.92
CA LYS K 178 61.17 -14.11 -82.95
C LYS K 178 59.88 -13.35 -83.16
N ILE K 179 59.03 -13.83 -84.06
CA ILE K 179 57.75 -13.17 -84.29
C ILE K 179 56.88 -13.23 -83.03
N GLY K 180 56.90 -14.37 -82.33
CA GLY K 180 55.96 -14.55 -81.24
C GLY K 180 56.38 -13.88 -79.94
N THR K 181 57.68 -13.67 -79.76
CA THR K 181 58.16 -13.18 -78.46
C THR K 181 57.55 -11.84 -78.04
N PRO K 182 57.53 -10.79 -78.88
CA PRO K 182 56.80 -9.58 -78.47
C PRO K 182 55.32 -9.85 -78.22
N LEU K 183 54.73 -10.75 -79.01
CA LEU K 183 53.31 -11.06 -78.84
C LEU K 183 53.03 -11.70 -77.48
N VAL K 184 53.86 -12.65 -77.06
CA VAL K 184 53.63 -13.31 -75.78
C VAL K 184 53.90 -12.34 -74.63
N ARG K 185 54.95 -11.51 -74.76
CA ARG K 185 55.19 -10.49 -73.74
C ARG K 185 53.97 -9.58 -73.59
N GLU K 186 53.43 -9.12 -74.73
CA GLU K 186 52.27 -8.23 -74.68
C GLU K 186 51.05 -8.93 -74.11
N VAL K 187 50.84 -10.20 -74.46
CA VAL K 187 49.67 -10.93 -73.96
C VAL K 187 49.74 -11.04 -72.44
N VAL K 188 50.91 -11.42 -71.92
CA VAL K 188 51.06 -11.52 -70.47
C VAL K 188 50.86 -10.16 -69.81
N GLU K 189 51.44 -9.11 -70.39
CA GLU K 189 51.31 -7.77 -69.80
C GLU K 189 49.86 -7.33 -69.74
N ARG K 190 49.12 -7.54 -70.84
CA ARG K 190 47.71 -7.13 -70.87
C ARG K 190 46.89 -7.95 -69.89
N TYR K 191 47.12 -9.26 -69.82
CA TYR K 191 46.36 -10.07 -68.89
C TYR K 191 46.66 -9.72 -67.43
N ARG K 192 47.86 -9.22 -67.15
CA ARG K 192 48.24 -8.89 -65.78
C ARG K 192 47.25 -7.93 -65.10
N GLU K 193 46.87 -6.84 -65.78
CA GLU K 193 46.01 -5.86 -65.14
C GLU K 193 44.81 -5.44 -65.97
N GLU K 194 44.89 -5.51 -67.30
CA GLU K 194 43.80 -5.00 -68.13
C GLU K 194 42.52 -5.80 -67.94
N GLY K 195 42.62 -7.12 -67.88
CA GLY K 195 41.51 -7.96 -67.47
C GLY K 195 40.71 -8.64 -68.57
N GLU K 196 41.30 -8.74 -69.75
CA GLU K 196 40.65 -9.41 -70.85
C GLU K 196 40.44 -10.90 -70.58
N PRO K 197 39.84 -11.61 -71.54
CA PRO K 197 39.67 -13.05 -71.38
C PRO K 197 40.83 -13.78 -71.97
N LEU K 198 41.70 -14.29 -71.12
CA LEU K 198 42.91 -14.91 -71.63
C LEU K 198 42.71 -15.69 -72.89
N LEU K 199 41.78 -16.62 -72.88
CA LEU K 199 41.69 -17.48 -74.05
C LEU K 199 41.59 -16.67 -75.35
N ASP K 200 40.86 -15.56 -75.32
CA ASP K 200 40.72 -14.73 -76.50
C ASP K 200 42.07 -14.17 -76.94
N LEU K 201 42.82 -13.59 -76.00
CA LEU K 201 44.15 -13.07 -76.32
C LEU K 201 45.08 -14.18 -76.77
N LEU K 202 45.01 -15.36 -76.14
CA LEU K 202 45.85 -16.48 -76.57
C LEU K 202 45.56 -16.85 -78.01
N LEU K 203 44.27 -16.94 -78.36
CA LEU K 203 43.91 -17.31 -79.73
C LEU K 203 44.36 -16.25 -80.72
N HIS K 204 44.16 -14.97 -80.38
CA HIS K 204 44.59 -13.90 -81.28
C HIS K 204 46.10 -13.89 -81.46
N MET K 205 46.86 -14.11 -80.38
CA MET K 205 48.31 -14.15 -80.47
C MET K 205 48.75 -15.33 -81.34
N ALA K 206 48.14 -16.50 -81.15
CA ALA K 206 48.51 -17.66 -81.95
C ALA K 206 48.21 -17.43 -83.42
N GLU K 207 47.03 -16.87 -83.73
CA GLU K 207 46.68 -16.62 -85.12
C GLU K 207 47.61 -15.58 -85.75
N THR K 208 47.94 -14.52 -84.99
CA THR K 208 48.87 -13.52 -85.50
C THR K 208 50.24 -14.12 -85.77
N THR K 209 50.69 -14.99 -84.85
CA THR K 209 51.98 -15.66 -85.05
C THR K 209 51.96 -16.51 -86.31
N ILE K 210 50.89 -17.27 -86.52
CA ILE K 210 50.81 -18.13 -87.70
C ILE K 210 50.79 -17.28 -88.97
N ARG K 211 49.99 -16.21 -88.98
CA ARG K 211 49.88 -15.38 -90.17
C ARG K 211 51.21 -14.70 -90.49
N GLU K 212 51.86 -14.13 -89.48
CA GLU K 212 53.14 -13.46 -89.72
C GLU K 212 54.22 -14.45 -90.12
N SER K 213 54.18 -15.67 -89.56
CA SER K 213 55.18 -16.67 -89.89
C SER K 213 55.00 -17.16 -91.33
N GLU K 214 53.76 -17.35 -91.77
CA GLU K 214 53.53 -17.76 -93.15
C GLU K 214 53.75 -16.60 -94.12
N LYS K 215 53.71 -15.36 -93.61
CA LYS K 215 54.10 -14.22 -94.43
C LYS K 215 55.61 -14.22 -94.73
N LEU K 216 56.39 -14.98 -93.97
CA LEU K 216 57.82 -15.09 -94.19
C LEU K 216 58.20 -16.38 -94.93
N GLY K 217 57.21 -17.09 -95.47
CA GLY K 217 57.43 -18.30 -96.23
C GLY K 217 57.42 -19.57 -95.41
N VAL K 218 57.21 -19.47 -94.10
CA VAL K 218 57.30 -20.64 -93.23
C VAL K 218 55.93 -21.30 -93.13
N ASP K 219 55.95 -22.63 -93.17
CA ASP K 219 54.74 -23.40 -93.05
C ASP K 219 53.88 -22.99 -91.90
N PRO K 220 52.65 -23.43 -91.90
CA PRO K 220 51.79 -23.14 -90.77
C PRO K 220 51.82 -24.37 -89.95
N ARG K 221 52.87 -25.14 -90.09
CA ARG K 221 53.01 -26.30 -89.23
C ARG K 221 53.93 -26.03 -88.05
N LEU K 222 55.24 -26.17 -88.26
CA LEU K 222 56.16 -26.08 -87.13
C LEU K 222 55.96 -24.78 -86.37
N ALA K 223 55.60 -23.70 -87.07
CA ALA K 223 55.23 -22.47 -86.37
C ALA K 223 54.02 -22.69 -85.48
N ALA K 224 53.11 -23.58 -85.90
CA ALA K 224 51.99 -23.95 -85.05
C ALA K 224 52.46 -24.60 -83.76
N GLU K 225 53.44 -25.50 -83.85
CA GLU K 225 53.94 -26.13 -82.63
C GLU K 225 54.71 -25.13 -81.76
N VAL K 226 55.40 -24.17 -82.36
CA VAL K 226 56.05 -23.12 -81.59
C VAL K 226 55.01 -22.31 -80.82
N ALA K 227 53.94 -21.92 -81.51
CA ALA K 227 52.85 -21.20 -80.85
C ALA K 227 52.20 -22.05 -79.77
N ARG K 228 52.14 -23.37 -79.97
CA ARG K 228 51.57 -24.26 -78.97
C ARG K 228 52.42 -24.29 -77.71
N GLU K 229 53.74 -24.40 -77.87
CA GLU K 229 54.64 -24.35 -76.72
C GLU K 229 54.52 -23.01 -75.98
N MET K 230 54.46 -21.92 -76.74
CA MET K 230 54.34 -20.61 -76.10
C MET K 230 52.99 -20.44 -75.39
N VAL K 231 51.93 -21.03 -75.96
CA VAL K 231 50.63 -21.01 -75.30
C VAL K 231 50.68 -21.78 -73.99
N ASP K 232 51.36 -22.93 -74.01
CA ASP K 232 51.55 -23.70 -72.78
C ASP K 232 52.29 -22.89 -71.74
N GLY K 233 53.35 -22.19 -72.18
CA GLY K 233 54.08 -21.33 -71.26
C GLY K 233 53.24 -20.22 -70.68
N VAL K 234 52.40 -19.60 -71.51
CA VAL K 234 51.50 -18.56 -71.02
C VAL K 234 50.52 -19.12 -70.01
N GLY K 235 49.98 -20.31 -70.27
CA GLY K 235 49.09 -20.94 -69.32
C GLY K 235 49.77 -21.23 -67.99
N HIS K 236 51.02 -21.69 -68.04
CA HIS K 236 51.77 -21.95 -66.81
C HIS K 236 52.03 -20.66 -66.04
N GLU K 237 52.44 -19.61 -66.74
CA GLU K 237 52.79 -18.36 -66.06
C GLU K 237 51.55 -17.69 -65.47
N THR K 238 50.45 -17.65 -66.23
CA THR K 238 49.25 -16.94 -65.80
C THR K 238 48.50 -17.66 -64.70
N GLY K 239 48.82 -18.92 -64.42
CA GLY K 239 48.11 -19.67 -63.41
C GLY K 239 46.78 -20.22 -63.84
N GLU K 240 46.50 -20.22 -65.14
CA GLU K 240 45.25 -20.75 -65.68
C GLU K 240 45.57 -21.59 -66.90
N THR K 241 45.42 -22.91 -66.79
CA THR K 241 45.77 -23.82 -67.87
C THR K 241 44.58 -24.35 -68.65
N GLU K 242 43.36 -24.20 -68.13
CA GLU K 242 42.19 -24.66 -68.88
C GLU K 242 42.00 -23.87 -70.17
N ALA K 243 42.18 -22.56 -70.13
CA ALA K 243 42.13 -21.76 -71.35
C ALA K 243 43.28 -22.13 -72.27
N ALA K 244 44.47 -22.35 -71.71
CA ALA K 244 45.59 -22.83 -72.51
C ALA K 244 45.28 -24.20 -73.11
N PHE K 245 44.61 -25.06 -72.35
CA PHE K 245 44.20 -26.36 -72.88
C PHE K 245 43.24 -26.19 -74.06
N ARG K 246 42.26 -25.30 -73.93
CA ARG K 246 41.31 -25.09 -75.02
C ARG K 246 41.99 -24.55 -76.27
N VAL K 247 42.88 -23.57 -76.10
CA VAL K 247 43.59 -23.02 -77.26
C VAL K 247 44.49 -24.08 -77.87
N ARG K 248 45.07 -24.95 -77.03
CA ARG K 248 45.86 -26.06 -77.54
C ARG K 248 45.01 -26.99 -78.40
N ARG K 249 43.78 -27.27 -77.96
CA ARG K 249 42.89 -28.12 -78.74
C ARG K 249 42.52 -27.47 -80.07
N GLU K 250 42.23 -26.17 -80.06
CA GLU K 250 41.90 -25.50 -81.32
C GLU K 250 43.08 -25.47 -82.26
N LEU K 251 44.29 -25.27 -81.74
CA LEU K 251 45.47 -25.30 -82.60
C LEU K 251 45.73 -26.69 -83.14
N ASP K 252 45.47 -27.73 -82.34
CA ASP K 252 45.57 -29.11 -82.81
C ASP K 252 44.56 -29.39 -83.92
N THR K 253 43.37 -28.81 -83.81
CA THR K 253 42.40 -28.91 -84.91
C THR K 253 42.88 -28.14 -86.14
N VAL K 254 43.53 -26.99 -85.92
CA VAL K 254 44.01 -26.17 -87.03
C VAL K 254 45.07 -26.89 -87.84
N ILE K 255 46.02 -27.55 -87.16
CA ILE K 255 47.11 -28.19 -87.90
C ILE K 255 46.59 -29.31 -88.77
N LEU K 256 45.41 -29.85 -88.46
CA LEU K 256 44.80 -30.90 -89.28
C LEU K 256 44.40 -30.35 -90.65
N THR L 25 44.54 -57.18 -45.12
CA THR L 25 45.16 -58.50 -45.12
C THR L 25 44.13 -59.59 -45.43
N GLU L 26 42.95 -59.15 -45.87
CA GLU L 26 41.89 -60.11 -46.18
C GLU L 26 42.28 -61.02 -47.34
N LYS L 27 42.95 -60.47 -48.35
CA LYS L 27 43.40 -61.31 -49.45
C LYS L 27 44.37 -62.38 -48.97
N LEU L 28 45.29 -62.01 -48.07
CA LEU L 28 46.24 -62.99 -47.55
C LEU L 28 45.55 -64.06 -46.73
N LYS L 29 44.57 -63.68 -45.91
CA LYS L 29 43.82 -64.66 -45.14
C LYS L 29 43.06 -65.62 -46.04
N LYS L 30 42.44 -65.10 -47.10
CA LYS L 30 41.73 -65.97 -48.04
C LYS L 30 42.70 -66.88 -48.77
N ILE L 31 43.88 -66.38 -49.13
CA ILE L 31 44.87 -67.22 -49.80
C ILE L 31 45.30 -68.36 -48.90
N THR L 32 45.55 -68.05 -47.61
CA THR L 32 45.92 -69.09 -46.67
C THR L 32 44.81 -70.11 -46.50
N LYS L 33 43.55 -69.64 -46.39
CA LYS L 33 42.43 -70.55 -46.23
C LYS L 33 42.30 -71.47 -47.44
N LEU L 34 42.39 -70.91 -48.65
CA LEU L 34 42.23 -71.73 -49.85
C LEU L 34 43.39 -72.71 -50.01
N LEU L 35 44.60 -72.30 -49.62
CA LEU L 35 45.72 -73.23 -49.67
C LEU L 35 45.53 -74.37 -48.68
N HIS L 36 44.94 -74.12 -47.54
CA HIS L 36 44.70 -75.22 -46.63
C HIS L 36 43.75 -76.09 -47.38
N GLU L 37 42.59 -75.56 -47.72
CA GLU L 37 41.59 -76.43 -48.33
C GLU L 37 42.20 -77.29 -49.43
N LEU L 38 43.04 -76.70 -50.27
CA LEU L 38 43.66 -77.47 -51.36
C LEU L 38 44.55 -78.58 -50.81
N VAL L 39 45.35 -78.28 -49.78
CA VAL L 39 46.25 -79.29 -49.24
C VAL L 39 45.48 -80.35 -48.47
N ASP L 40 44.30 -80.01 -47.96
CA ASP L 40 43.49 -81.01 -47.25
C ASP L 40 43.07 -82.14 -48.19
N ARG L 41 42.58 -81.79 -49.38
CA ARG L 41 42.17 -82.79 -50.36
C ARG L 41 43.26 -82.94 -51.43
N GLY L 42 44.34 -83.63 -51.04
CA GLY L 42 45.42 -83.88 -51.98
C GLY L 42 46.02 -82.60 -52.53
N GLU L 43 46.22 -82.58 -53.84
CA GLU L 43 46.65 -81.38 -54.59
C GLU L 43 48.01 -80.94 -54.06
N ILE L 44 48.15 -79.70 -53.59
CA ILE L 44 49.44 -79.14 -53.19
C ILE L 44 49.96 -79.85 -51.95
N PRO L 45 51.28 -79.88 -51.71
CA PRO L 45 51.80 -80.48 -50.48
C PRO L 45 51.65 -79.56 -49.27
N GLU L 46 52.04 -80.05 -48.09
CA GLU L 46 51.79 -79.34 -46.84
C GLU L 46 52.72 -78.15 -46.63
N GLU L 47 53.92 -78.20 -47.21
CA GLU L 47 54.91 -77.16 -46.95
C GLU L 47 54.39 -75.78 -47.36
N LEU L 48 53.67 -75.71 -48.48
CA LEU L 48 53.16 -74.44 -48.94
C LEU L 48 52.13 -73.87 -47.97
N ALA L 49 51.25 -74.74 -47.43
CA ALA L 49 50.26 -74.28 -46.45
C ALA L 49 50.93 -73.83 -45.15
N THR L 50 51.96 -74.56 -44.70
CA THR L 50 52.66 -74.15 -43.49
C THR L 50 53.35 -72.80 -43.69
N LEU L 51 53.99 -72.61 -44.84
CA LEU L 51 54.59 -71.31 -45.14
C LEU L 51 53.54 -70.22 -45.19
N ALA L 52 52.37 -70.51 -45.77
CA ALA L 52 51.30 -69.54 -45.80
C ALA L 52 50.89 -69.13 -44.40
N THR L 53 50.76 -70.11 -43.49
CA THR L 53 50.39 -69.80 -42.11
C THR L 53 51.44 -68.94 -41.43
N LEU L 54 52.71 -69.34 -41.53
CA LEU L 54 53.78 -68.58 -40.87
C LEU L 54 53.86 -67.15 -41.40
N LEU L 55 53.79 -66.99 -42.73
CA LEU L 55 53.86 -65.65 -43.30
C LEU L 55 52.61 -64.84 -42.98
N LEU L 56 51.45 -65.49 -42.87
CA LEU L 56 50.24 -64.77 -42.48
C LEU L 56 50.32 -64.29 -41.04
N TYR L 57 51.04 -65.02 -40.19
CA TYR L 57 51.30 -64.50 -38.84
C TYR L 57 52.27 -63.33 -38.88
N LEU L 58 53.38 -63.50 -39.62
CA LEU L 58 54.43 -62.49 -39.65
C LEU L 58 53.89 -61.17 -40.20
N VAL L 59 53.25 -61.20 -41.37
CA VAL L 59 52.40 -60.10 -41.81
C VAL L 59 51.28 -60.01 -40.79
N GLU L 60 50.84 -58.79 -40.49
CA GLU L 60 49.79 -58.53 -39.49
C GLU L 60 50.36 -58.75 -38.08
N LYS L 61 51.56 -59.33 -37.99
CA LYS L 61 52.38 -59.03 -36.82
C LYS L 61 53.24 -57.80 -37.05
N GLY L 62 53.39 -57.39 -38.32
CA GLY L 62 54.12 -56.19 -38.66
C GLY L 62 55.60 -56.42 -38.77
N LEU L 63 56.00 -57.55 -39.34
CA LEU L 63 57.42 -57.89 -39.47
C LEU L 63 57.88 -58.12 -40.89
N ILE L 64 56.96 -58.30 -41.85
CA ILE L 64 57.32 -58.36 -43.26
C ILE L 64 56.22 -57.69 -44.07
N SER L 65 56.41 -57.57 -45.38
CA SER L 65 55.45 -56.94 -46.26
C SER L 65 54.80 -58.00 -47.15
N GLU L 66 53.68 -57.63 -47.76
CA GLU L 66 52.96 -58.54 -48.64
C GLU L 66 53.82 -58.99 -49.81
N PHE L 67 54.77 -58.15 -50.24
CA PHE L 67 55.65 -58.53 -51.32
C PHE L 67 56.48 -59.75 -50.94
N ASP L 68 57.01 -59.77 -49.72
CA ASP L 68 57.77 -60.93 -49.27
C ASP L 68 56.90 -62.17 -49.18
N PHE L 69 55.66 -62.01 -48.69
CA PHE L 69 54.73 -63.12 -48.64
C PHE L 69 54.53 -63.74 -50.02
N ILE L 70 54.18 -62.90 -51.00
CA ILE L 70 53.90 -63.43 -52.34
C ILE L 70 55.17 -63.98 -52.97
N GLU L 71 56.31 -63.34 -52.73
CA GLU L 71 57.56 -63.82 -53.33
C GLU L 71 57.93 -65.19 -52.79
N HIS L 72 57.82 -65.39 -51.48
CA HIS L 72 58.10 -66.69 -50.90
C HIS L 72 57.13 -67.75 -51.41
N LEU L 73 55.84 -67.40 -51.50
CA LEU L 73 54.85 -68.35 -52.00
C LEU L 73 55.19 -68.77 -53.43
N VAL L 74 55.54 -67.80 -54.28
CA VAL L 74 55.85 -68.10 -55.67
C VAL L 74 57.13 -68.92 -55.77
N ARG L 75 58.13 -68.61 -54.94
CA ARG L 75 59.37 -69.37 -54.96
C ARG L 75 59.13 -70.82 -54.58
N LEU L 76 58.34 -71.07 -53.53
CA LEU L 76 58.02 -72.44 -53.15
C LEU L 76 57.21 -73.14 -54.24
N ALA L 77 56.25 -72.44 -54.84
CA ALA L 77 55.45 -73.04 -55.90
C ALA L 77 56.32 -73.44 -57.08
N GLU L 78 57.26 -72.59 -57.45
CA GLU L 78 58.20 -72.93 -58.54
C GLU L 78 59.07 -74.11 -58.14
N LYS L 79 59.52 -74.16 -56.88
CA LYS L 79 60.35 -75.26 -56.43
C LYS L 79 59.59 -76.58 -56.50
N LEU L 80 58.32 -76.59 -56.11
CA LEU L 80 57.52 -77.80 -56.09
C LEU L 80 56.75 -78.04 -57.38
N GLY L 81 56.81 -77.10 -58.33
CA GLY L 81 56.10 -77.25 -59.60
C GLY L 81 54.60 -77.32 -59.43
N VAL L 82 54.05 -76.43 -58.63
CA VAL L 82 52.61 -76.41 -58.35
C VAL L 82 52.09 -75.00 -58.61
N LEU L 83 52.79 -74.26 -59.46
CA LEU L 83 52.48 -72.85 -59.67
C LEU L 83 51.07 -72.64 -60.24
N GLU L 84 50.56 -73.63 -60.99
CA GLU L 84 49.22 -73.49 -61.56
C GLU L 84 48.15 -73.41 -60.48
N GLU L 85 48.28 -74.22 -59.43
CA GLU L 85 47.32 -74.17 -58.33
C GLU L 85 47.39 -72.84 -57.60
N LEU L 86 48.60 -72.30 -57.41
CA LEU L 86 48.72 -70.97 -56.81
C LEU L 86 48.08 -69.91 -57.69
N LYS L 87 48.24 -70.03 -59.01
CA LYS L 87 47.59 -69.11 -59.93
C LYS L 87 46.07 -69.18 -59.78
N LYS L 88 45.53 -70.40 -59.71
CA LYS L 88 44.08 -70.55 -59.52
C LYS L 88 43.62 -69.94 -58.21
N VAL L 89 44.39 -70.14 -57.14
CA VAL L 89 44.03 -69.55 -55.85
C VAL L 89 44.02 -68.03 -55.94
N LEU L 90 45.02 -67.45 -56.60
CA LEU L 90 45.11 -66.00 -56.72
C LEU L 90 43.99 -65.44 -57.58
N GLU L 91 43.53 -66.20 -58.58
CA GLU L 91 42.36 -65.76 -59.34
C GLU L 91 41.10 -65.85 -58.50
N GLU L 92 40.95 -66.94 -57.72
CA GLU L 92 39.76 -67.10 -56.89
C GLU L 92 39.64 -65.98 -55.85
N VAL L 93 40.74 -65.64 -55.18
CA VAL L 93 40.68 -64.57 -54.19
C VAL L 93 40.42 -63.23 -54.89
N GLY L 94 40.86 -63.08 -56.12
CA GLY L 94 40.65 -61.85 -56.86
C GLY L 94 41.72 -60.80 -56.59
N ASP L 95 42.98 -61.19 -56.77
CA ASP L 95 44.11 -60.31 -56.54
C ASP L 95 44.85 -60.08 -57.85
N GLU L 96 45.08 -58.81 -58.18
CA GLU L 96 45.80 -58.47 -59.40
C GLU L 96 47.29 -58.27 -59.16
N PHE L 97 47.66 -57.70 -58.01
CA PHE L 97 49.07 -57.48 -57.70
C PHE L 97 49.82 -58.81 -57.61
N GLY L 98 49.27 -59.75 -56.83
CA GLY L 98 49.93 -61.04 -56.70
C GLY L 98 49.99 -61.80 -58.00
N LEU L 99 48.92 -61.75 -58.79
CA LEU L 99 48.91 -62.43 -60.07
C LEU L 99 49.96 -61.85 -61.02
N THR L 100 50.06 -60.51 -61.05
CA THR L 100 51.08 -59.88 -61.87
C THR L 100 52.48 -60.26 -61.40
N LEU L 101 52.68 -60.36 -60.09
CA LEU L 101 53.98 -60.79 -59.58
C LEU L 101 54.28 -62.22 -60.00
N VAL L 102 53.27 -63.09 -59.98
CA VAL L 102 53.47 -64.47 -60.42
C VAL L 102 53.88 -64.51 -61.89
N TYR L 103 53.18 -63.74 -62.73
CA TYR L 103 53.56 -63.69 -64.14
C TYR L 103 54.97 -63.15 -64.31
N ALA L 104 55.33 -62.12 -63.55
CA ALA L 104 56.67 -61.55 -63.66
C ALA L 104 57.73 -62.56 -63.29
N ILE L 105 57.53 -63.31 -62.21
CA ILE L 105 58.52 -64.30 -61.79
C ILE L 105 58.64 -65.41 -62.82
N SER L 106 57.50 -65.92 -63.32
CA SER L 106 57.55 -66.98 -64.32
C SER L 106 58.23 -66.51 -65.59
N LEU L 107 57.92 -65.28 -66.03
CA LEU L 107 58.54 -64.73 -67.23
C LEU L 107 60.03 -64.52 -67.04
N LEU L 108 60.45 -64.08 -65.85
CA LEU L 108 61.87 -63.94 -65.56
C LEU L 108 62.57 -65.30 -65.62
N LYS L 109 61.95 -66.34 -65.06
CA LYS L 109 62.55 -67.66 -65.12
C LYS L 109 62.68 -68.15 -66.55
N GLU L 110 61.62 -67.95 -67.36
CA GLU L 110 61.67 -68.38 -68.75
C GLU L 110 62.73 -67.61 -69.54
N VAL L 111 62.86 -66.31 -69.29
CA VAL L 111 63.87 -65.51 -69.97
C VAL L 111 65.27 -65.93 -69.54
N GLU L 112 65.45 -66.24 -68.25
CA GLU L 112 66.73 -66.76 -67.77
C GLU L 112 67.07 -68.06 -68.49
N LYS L 113 66.06 -68.91 -68.71
CA LYS L 113 66.29 -70.09 -69.54
C LYS L 113 66.70 -69.68 -70.95
N GLU L 114 66.06 -68.66 -71.51
CA GLU L 114 66.43 -68.19 -72.84
C GLU L 114 67.79 -67.47 -72.81
N GLY L 115 67.97 -66.54 -71.88
CA GLY L 115 69.24 -65.85 -71.75
C GLY L 115 69.39 -64.58 -72.56
N ASP L 116 68.33 -63.77 -72.68
CA ASP L 116 68.41 -62.54 -73.46
C ASP L 116 68.43 -61.34 -72.52
N GLU L 117 69.38 -60.43 -72.73
CA GLU L 117 69.67 -59.40 -71.73
C GLU L 117 68.62 -58.31 -71.68
N GLU L 118 68.12 -57.86 -72.84
CA GLU L 118 67.19 -56.73 -72.84
C GLU L 118 65.90 -57.08 -72.10
N LEU L 119 65.36 -58.28 -72.34
CA LEU L 119 64.21 -58.72 -71.55
C LEU L 119 64.58 -58.93 -70.09
N LYS L 120 65.83 -59.27 -69.78
CA LYS L 120 66.27 -59.30 -68.38
C LYS L 120 66.06 -57.94 -67.73
N GLU L 121 66.58 -56.89 -68.38
CA GLU L 121 66.41 -55.55 -67.84
C GLU L 121 64.95 -55.16 -67.76
N TYR L 122 64.17 -55.52 -68.78
CA TYR L 122 62.75 -55.18 -68.81
C TYR L 122 62.02 -55.80 -67.62
N VAL L 123 62.23 -57.09 -67.38
CA VAL L 123 61.53 -57.78 -66.30
C VAL L 123 62.04 -57.33 -64.94
N LYS L 124 63.33 -56.98 -64.82
CA LYS L 124 63.82 -56.47 -63.55
C LYS L 124 63.18 -55.11 -63.22
N LEU L 125 63.06 -54.24 -64.22
CA LEU L 125 62.36 -52.99 -64.00
C LEU L 125 60.89 -53.23 -63.65
N ALA L 126 60.26 -54.20 -64.32
CA ALA L 126 58.87 -54.53 -64.01
C ALA L 126 58.73 -55.00 -62.57
N ILE L 127 59.66 -55.84 -62.11
CA ILE L 127 59.59 -56.37 -60.75
C ILE L 127 59.82 -55.26 -59.72
N GLU L 128 60.76 -54.36 -60.00
CA GLU L 128 61.00 -53.25 -59.08
C GLU L 128 59.77 -52.35 -59.00
N THR L 129 59.14 -52.06 -60.13
CA THR L 129 57.92 -51.27 -60.12
C THR L 129 56.81 -52.00 -59.38
N LEU L 130 56.73 -53.31 -59.55
CA LEU L 130 55.72 -54.09 -58.83
C LEU L 130 55.93 -54.01 -57.33
N LYS L 131 57.19 -54.08 -56.89
CA LYS L 131 57.49 -53.93 -55.46
C LYS L 131 57.09 -52.55 -54.96
N GLU L 132 57.40 -51.50 -55.73
CA GLU L 132 57.04 -50.15 -55.32
C GLU L 132 55.53 -49.99 -55.24
N ALA L 133 54.80 -50.60 -56.16
CA ALA L 133 53.34 -50.57 -56.10
C ALA L 133 52.84 -51.34 -54.87
N PHE L 134 53.37 -52.53 -54.65
CA PHE L 134 52.98 -53.34 -53.49
C PHE L 134 53.19 -52.59 -52.19
N GLU L 135 54.19 -51.70 -52.14
CA GLU L 135 54.45 -50.93 -50.93
C GLU L 135 53.19 -50.19 -50.47
N ARG L 136 52.42 -49.65 -51.40
CA ARG L 136 51.23 -48.89 -51.04
C ARG L 136 50.03 -49.14 -51.94
N LYS L 137 50.06 -50.19 -52.77
CA LYS L 137 48.99 -50.48 -53.71
C LYS L 137 48.72 -49.30 -54.64
N ASN L 138 49.78 -48.90 -55.35
CA ASN L 138 49.69 -47.78 -56.28
C ASN L 138 49.38 -48.35 -57.67
N TYR L 139 48.22 -47.98 -58.21
CA TYR L 139 47.68 -48.68 -59.37
C TYR L 139 48.45 -48.34 -60.64
N ALA L 140 49.07 -47.16 -60.69
CA ALA L 140 49.72 -46.70 -61.92
C ALA L 140 50.96 -47.53 -62.23
N LEU L 141 51.83 -47.74 -61.23
CA LEU L 141 52.98 -48.61 -61.45
C LEU L 141 52.54 -50.04 -61.73
N LEU L 142 51.40 -50.45 -61.19
CA LEU L 142 50.84 -51.75 -61.55
C LEU L 142 50.49 -51.80 -63.04
N VAL L 143 49.91 -50.74 -63.58
CA VAL L 143 49.62 -50.68 -65.00
C VAL L 143 50.91 -50.75 -65.81
N SER L 144 51.93 -49.99 -65.40
CA SER L 144 53.19 -50.00 -66.12
C SER L 144 53.81 -51.39 -66.13
N ALA L 145 53.84 -52.05 -64.97
CA ALA L 145 54.41 -53.40 -64.89
C ALA L 145 53.60 -54.39 -65.71
N LYS L 146 52.26 -54.25 -65.68
CA LYS L 146 51.41 -55.13 -66.48
C LYS L 146 51.73 -54.97 -67.96
N ILE L 147 51.88 -53.73 -68.42
CA ILE L 147 52.23 -53.48 -69.81
C ILE L 147 53.54 -54.16 -70.15
N ILE L 148 54.55 -53.97 -69.30
CA ILE L 148 55.87 -54.52 -69.58
C ILE L 148 55.80 -56.04 -69.66
N VAL L 149 55.12 -56.68 -68.71
CA VAL L 149 55.11 -58.13 -68.67
C VAL L 149 54.30 -58.70 -69.82
N GLU L 150 53.18 -58.08 -70.20
CA GLU L 150 52.40 -58.64 -71.30
C GLU L 150 53.13 -58.47 -72.62
N ASN L 151 53.80 -57.33 -72.83
CA ASN L 151 54.57 -57.17 -74.06
C ASN L 151 55.74 -58.14 -74.09
N ALA L 152 56.39 -58.39 -72.95
CA ALA L 152 57.46 -59.39 -72.92
C ALA L 152 56.93 -60.78 -73.23
N GLU L 153 55.78 -61.14 -72.66
CA GLU L 153 55.19 -62.45 -72.95
C GLU L 153 54.87 -62.58 -74.43
N GLU L 154 54.32 -61.54 -75.04
CA GLU L 154 54.06 -61.56 -76.48
C GLU L 154 55.37 -61.69 -77.25
N ILE L 155 56.44 -61.08 -76.76
CA ILE L 155 57.75 -61.22 -77.40
C ILE L 155 58.20 -62.68 -77.38
N LEU L 156 58.06 -63.35 -76.24
CA LEU L 156 58.43 -64.76 -76.17
C LEU L 156 57.56 -65.62 -77.07
N LYS L 157 56.26 -65.34 -77.14
CA LYS L 157 55.41 -66.09 -78.07
C LYS L 157 55.84 -65.90 -79.51
N ALA L 158 56.11 -64.65 -79.91
CA ALA L 158 56.54 -64.38 -81.27
C ALA L 158 57.93 -64.94 -81.55
N LYS L 159 58.73 -65.17 -80.52
CA LYS L 159 60.05 -65.76 -80.72
C LYS L 159 59.92 -67.15 -81.34
N LYS L 160 59.04 -67.99 -80.79
CA LYS L 160 58.80 -69.28 -81.41
C LYS L 160 57.91 -69.17 -82.64
N LYS L 161 57.02 -68.18 -82.69
CA LYS L 161 56.23 -67.96 -83.91
C LYS L 161 57.12 -67.49 -85.05
N GLY L 162 57.95 -66.47 -84.82
CA GLY L 162 58.88 -66.00 -85.81
C GLY L 162 58.38 -64.87 -86.70
N ASP L 163 57.70 -63.89 -86.09
CA ASP L 163 57.20 -62.73 -86.82
C ASP L 163 58.02 -61.54 -86.32
N GLU L 164 59.02 -61.15 -87.11
CA GLU L 164 59.97 -60.13 -86.66
C GLU L 164 59.32 -58.76 -86.52
N GLU L 165 58.37 -58.43 -87.40
CA GLU L 165 57.71 -57.13 -87.31
C GLU L 165 57.04 -56.97 -85.95
N LYS L 166 56.36 -58.02 -85.48
CA LYS L 166 55.68 -57.95 -84.19
C LYS L 166 56.67 -57.79 -83.06
N ILE L 167 57.81 -58.48 -83.12
CA ILE L 167 58.78 -58.36 -82.03
C ILE L 167 59.39 -56.96 -82.00
N LYS L 168 59.64 -56.37 -83.17
CA LYS L 168 60.12 -54.99 -83.19
C LYS L 168 59.08 -54.05 -82.62
N GLU L 169 57.80 -54.25 -82.96
CA GLU L 169 56.74 -53.41 -82.41
C GLU L 169 56.67 -53.54 -80.88
N LEU L 170 56.83 -54.76 -80.38
CA LEU L 170 56.78 -54.97 -78.93
C LEU L 170 57.98 -54.34 -78.23
N LEU L 171 59.16 -54.40 -78.87
CA LEU L 171 60.30 -53.68 -78.32
C LEU L 171 60.06 -52.17 -78.28
N GLN L 172 59.41 -51.65 -79.32
CA GLN L 172 59.04 -50.23 -79.29
C GLN L 172 58.12 -49.92 -78.13
N ARG L 173 57.11 -50.76 -77.92
CA ARG L 173 56.19 -50.57 -76.79
C ARG L 173 56.94 -50.62 -75.46
N LEU L 174 57.88 -51.56 -75.32
CA LEU L 174 58.62 -51.69 -74.08
C LEU L 174 59.54 -50.50 -73.85
N LYS L 175 60.14 -49.96 -74.91
CA LYS L 175 60.94 -48.74 -74.76
C LYS L 175 60.06 -47.58 -74.31
N ALA L 176 58.88 -47.45 -74.89
CA ALA L 176 57.95 -46.42 -74.44
C ALA L 176 57.59 -46.59 -72.98
N ALA L 177 57.35 -47.83 -72.55
CA ALA L 177 57.03 -48.09 -71.15
C ALA L 177 58.19 -47.73 -70.23
N LYS L 178 59.42 -48.09 -70.63
CA LYS L 178 60.58 -47.74 -69.82
C LYS L 178 60.72 -46.24 -69.68
N ILE L 179 60.52 -45.51 -70.77
CA ILE L 179 60.60 -44.06 -70.71
C ILE L 179 59.51 -43.50 -69.81
N GLY L 180 58.30 -44.05 -69.88
CA GLY L 180 57.19 -43.45 -69.18
C GLY L 180 57.13 -43.78 -67.70
N THR L 181 57.72 -44.91 -67.29
CA THR L 181 57.55 -45.35 -65.90
C THR L 181 58.04 -44.34 -64.87
N PRO L 182 59.25 -43.78 -64.97
CA PRO L 182 59.60 -42.72 -64.01
C PRO L 182 58.67 -41.53 -64.12
N LEU L 183 58.20 -41.21 -65.32
CA LEU L 183 57.31 -40.07 -65.50
C LEU L 183 55.99 -40.29 -64.77
N VAL L 184 55.40 -41.48 -64.89
CA VAL L 184 54.12 -41.72 -64.23
C VAL L 184 54.30 -41.77 -62.72
N ARG L 185 55.40 -42.39 -62.26
CA ARG L 185 55.69 -42.37 -60.82
C ARG L 185 55.76 -40.93 -60.30
N GLU L 186 56.49 -40.07 -61.03
CA GLU L 186 56.65 -38.68 -60.60
C GLU L 186 55.32 -37.94 -60.65
N VAL L 187 54.51 -38.19 -61.68
CA VAL L 187 53.22 -37.49 -61.79
C VAL L 187 52.33 -37.85 -60.61
N VAL L 188 52.25 -39.13 -60.28
CA VAL L 188 51.43 -39.54 -59.13
C VAL L 188 51.98 -38.93 -57.85
N GLU L 189 53.30 -38.96 -57.67
CA GLU L 189 53.89 -38.42 -56.45
C GLU L 189 53.58 -36.93 -56.29
N ARG L 190 53.74 -36.17 -57.38
CA ARG L 190 53.48 -34.73 -57.32
C ARG L 190 52.00 -34.46 -57.06
N TYR L 191 51.11 -35.19 -57.72
CA TYR L 191 49.69 -34.96 -57.50
C TYR L 191 49.27 -35.33 -56.08
N ARG L 192 49.97 -36.26 -55.44
CA ARG L 192 49.61 -36.69 -54.09
C ARG L 192 49.52 -35.54 -53.10
N GLU L 193 50.53 -34.67 -53.07
CA GLU L 193 50.55 -33.60 -52.08
C GLU L 193 50.81 -32.21 -52.64
N GLU L 194 51.53 -32.10 -53.77
CA GLU L 194 51.92 -30.79 -54.26
C GLU L 194 50.70 -29.96 -54.68
N GLY L 195 49.75 -30.58 -55.37
CA GLY L 195 48.45 -29.96 -55.63
C GLY L 195 48.24 -29.33 -56.99
N GLU L 196 49.05 -29.72 -57.95
CA GLU L 196 48.91 -29.23 -59.30
C GLU L 196 47.59 -29.69 -59.93
N PRO L 197 47.34 -29.27 -61.18
CA PRO L 197 46.13 -29.73 -61.86
C PRO L 197 46.41 -30.97 -62.66
N LEU L 198 45.93 -32.10 -62.18
CA LEU L 198 46.24 -33.36 -62.83
C LEU L 198 46.29 -33.27 -64.32
N LEU L 199 45.27 -32.73 -64.92
CA LEU L 199 45.25 -32.80 -66.38
C LEU L 199 46.51 -32.19 -66.99
N ASP L 200 47.01 -31.10 -66.41
CA ASP L 200 48.20 -30.45 -66.93
C ASP L 200 49.41 -31.39 -66.83
N LEU L 201 49.61 -32.00 -65.66
CA LEU L 201 50.71 -32.95 -65.50
C LEU L 201 50.54 -34.16 -66.39
N LEU L 202 49.30 -34.65 -66.55
CA LEU L 202 49.07 -35.78 -67.44
C LEU L 202 49.47 -35.44 -68.88
N LEU L 203 49.07 -34.25 -69.35
CA LEU L 203 49.41 -33.85 -70.70
C LEU L 203 50.91 -33.68 -70.87
N HIS L 204 51.58 -33.06 -69.89
CA HIS L 204 53.02 -32.89 -69.97
C HIS L 204 53.75 -34.22 -69.97
N MET L 205 53.30 -35.16 -69.13
CA MET L 205 53.92 -36.48 -69.09
C MET L 205 53.72 -37.22 -70.41
N ALA L 206 52.51 -37.14 -70.99
CA ALA L 206 52.27 -37.80 -72.26
C ALA L 206 53.13 -37.21 -73.37
N GLU L 207 53.22 -35.88 -73.42
CA GLU L 207 54.03 -35.24 -74.46
C GLU L 207 55.51 -35.56 -74.28
N THR L 208 56.00 -35.58 -73.04
CA THR L 208 57.38 -35.94 -72.79
C THR L 208 57.64 -37.38 -73.21
N THR L 209 56.70 -38.28 -72.91
CA THR L 209 56.85 -39.67 -73.31
C THR L 209 56.93 -39.79 -74.84
N ILE L 210 56.05 -39.09 -75.54
CA ILE L 210 56.05 -39.15 -77.01
C ILE L 210 57.35 -38.61 -77.57
N ARG L 211 57.80 -37.46 -77.05
CA ARG L 211 59.03 -36.85 -77.56
C ARG L 211 60.24 -37.74 -77.31
N GLU L 212 60.36 -38.27 -76.09
CA GLU L 212 61.51 -39.12 -75.79
C GLU L 212 61.45 -40.44 -76.56
N SER L 213 60.23 -40.95 -76.79
CA SER L 213 60.10 -42.19 -77.54
C SER L 213 60.46 -42.00 -79.00
N GLU L 214 60.05 -40.88 -79.61
CA GLU L 214 60.43 -40.61 -80.99
C GLU L 214 61.90 -40.21 -81.10
N LYS L 215 62.51 -39.77 -79.99
CA LYS L 215 63.95 -39.55 -79.98
C LYS L 215 64.72 -40.86 -80.07
N LEU L 216 64.08 -42.00 -79.80
CA LEU L 216 64.69 -43.30 -79.90
C LEU L 216 64.32 -44.02 -81.20
N GLY L 217 63.70 -43.32 -82.14
CA GLY L 217 63.33 -43.87 -83.41
C GLY L 217 61.96 -44.49 -83.46
N VAL L 218 61.21 -44.46 -82.35
CA VAL L 218 59.92 -45.14 -82.30
C VAL L 218 58.83 -44.18 -82.73
N ASP L 219 57.91 -44.71 -83.52
CA ASP L 219 56.78 -43.94 -84.00
C ASP L 219 56.09 -43.19 -82.92
N PRO L 220 55.25 -42.26 -83.31
CA PRO L 220 54.49 -41.57 -82.30
C PRO L 220 53.14 -42.17 -82.33
N ARG L 221 53.08 -43.43 -82.72
CA ARG L 221 51.81 -44.11 -82.67
C ARG L 221 51.72 -45.03 -81.46
N LEU L 222 52.31 -46.22 -81.57
CA LEU L 222 52.14 -47.20 -80.50
C LEU L 222 52.58 -46.64 -79.16
N ALA L 223 53.61 -45.77 -79.16
CA ALA L 223 53.96 -45.07 -77.93
C ALA L 223 52.81 -44.20 -77.45
N ALA L 224 52.03 -43.66 -78.39
CA ALA L 224 50.84 -42.92 -78.00
C ALA L 224 49.84 -43.80 -77.28
N GLU L 225 49.63 -45.03 -77.75
CA GLU L 225 48.71 -45.93 -77.06
C GLU L 225 49.26 -46.37 -75.71
N VAL L 226 50.59 -46.52 -75.60
CA VAL L 226 51.18 -46.82 -74.30
C VAL L 226 50.93 -45.69 -73.32
N ALA L 227 51.15 -44.45 -73.77
CA ALA L 227 50.87 -43.30 -72.93
C ALA L 227 49.39 -43.20 -72.59
N ARG L 228 48.52 -43.63 -73.51
CA ARG L 228 47.08 -43.63 -73.25
C ARG L 228 46.72 -44.61 -72.15
N GLU L 229 47.26 -45.82 -72.21
CA GLU L 229 47.03 -46.80 -71.14
C GLU L 229 47.55 -46.29 -69.81
N MET L 230 48.73 -45.68 -69.81
CA MET L 230 49.27 -45.17 -68.55
C MET L 230 48.46 -44.00 -68.02
N VAL L 231 47.91 -43.16 -68.92
CA VAL L 231 47.03 -42.09 -68.49
C VAL L 231 45.76 -42.64 -67.86
N ASP L 232 45.22 -43.71 -68.46
CA ASP L 232 44.05 -44.37 -67.87
C ASP L 232 44.39 -44.90 -66.48
N GLY L 233 45.57 -45.50 -66.33
CA GLY L 233 45.99 -45.99 -65.03
C GLY L 233 46.12 -44.88 -64.01
N VAL L 234 46.68 -43.74 -64.42
CA VAL L 234 46.81 -42.60 -63.53
C VAL L 234 45.44 -42.09 -63.11
N GLY L 235 44.50 -42.03 -64.06
CA GLY L 235 43.15 -41.61 -63.72
C GLY L 235 42.49 -42.55 -62.72
N HIS L 236 42.69 -43.86 -62.90
CA HIS L 236 42.13 -44.83 -61.96
C HIS L 236 42.74 -44.69 -60.58
N GLU L 237 44.08 -44.54 -60.51
CA GLU L 237 44.74 -44.47 -59.22
C GLU L 237 44.39 -43.19 -58.48
N THR L 238 44.39 -42.06 -59.19
CA THR L 238 44.19 -40.76 -58.56
C THR L 238 42.74 -40.53 -58.14
N GLY L 239 41.80 -41.36 -58.59
CA GLY L 239 40.41 -41.18 -58.26
C GLY L 239 39.70 -40.11 -59.05
N GLU L 240 40.31 -39.65 -60.16
CA GLU L 240 39.70 -38.63 -61.02
C GLU L 240 39.90 -39.06 -62.45
N THR L 241 38.82 -39.46 -63.12
CA THR L 241 38.89 -39.96 -64.48
C THR L 241 38.46 -38.96 -65.54
N GLU L 242 37.79 -37.87 -65.16
CA GLU L 242 37.37 -36.87 -66.15
C GLU L 242 38.58 -36.19 -66.79
N ALA L 243 39.59 -35.84 -65.99
CA ALA L 243 40.82 -35.30 -66.54
C ALA L 243 41.54 -36.34 -67.39
N ALA L 244 41.55 -37.60 -66.93
CA ALA L 244 42.10 -38.68 -67.75
C ALA L 244 41.32 -38.83 -69.04
N PHE L 245 40.00 -38.67 -68.98
CA PHE L 245 39.18 -38.73 -70.19
C PHE L 245 39.56 -37.61 -71.16
N ARG L 246 39.74 -36.39 -70.64
CA ARG L 246 40.10 -35.27 -71.51
C ARG L 246 41.46 -35.48 -72.15
N VAL L 247 42.44 -35.92 -71.37
CA VAL L 247 43.77 -36.18 -71.95
C VAL L 247 43.70 -37.31 -72.95
N ARG L 248 42.85 -38.31 -72.71
CA ARG L 248 42.65 -39.38 -73.66
C ARG L 248 42.10 -38.83 -74.98
N ARG L 249 41.14 -37.90 -74.90
CA ARG L 249 40.59 -37.30 -76.12
C ARG L 249 41.66 -36.50 -76.87
N GLU L 250 42.48 -35.73 -76.15
CA GLU L 250 43.51 -34.97 -76.83
C GLU L 250 44.54 -35.88 -77.48
N LEU L 251 44.90 -36.98 -76.81
CA LEU L 251 45.83 -37.92 -77.41
C LEU L 251 45.22 -38.62 -78.63
N ASP L 252 43.92 -38.92 -78.58
CA ASP L 252 43.23 -39.46 -79.73
C ASP L 252 43.22 -38.48 -80.90
N THR L 253 43.09 -37.18 -80.61
CA THR L 253 43.22 -36.18 -81.66
C THR L 253 44.66 -36.13 -82.18
N VAL L 254 45.64 -36.31 -81.29
CA VAL L 254 47.05 -36.23 -81.68
C VAL L 254 47.40 -37.35 -82.64
N ILE L 255 46.94 -38.57 -82.37
CA ILE L 255 47.32 -39.70 -83.23
C ILE L 255 46.78 -39.52 -84.63
N LEU L 256 45.73 -38.72 -84.80
CA LEU L 256 45.17 -38.43 -86.12
C LEU L 256 46.17 -37.65 -86.97
N THR M 25 1.61 -55.47 -64.87
CA THR M 25 0.90 -56.55 -65.56
C THR M 25 -0.14 -55.98 -66.53
N GLU M 26 -0.06 -54.67 -66.77
CA GLU M 26 -1.02 -54.03 -67.66
C GLU M 26 -0.89 -54.56 -69.08
N LYS M 27 0.35 -54.80 -69.55
CA LYS M 27 0.54 -55.36 -70.87
C LYS M 27 -0.11 -56.73 -70.98
N LEU M 28 0.04 -57.56 -69.95
CA LEU M 28 -0.57 -58.89 -69.98
C LEU M 28 -2.09 -58.81 -69.99
N LYS M 29 -2.66 -57.90 -69.20
CA LYS M 29 -4.11 -57.73 -69.20
C LYS M 29 -4.61 -57.27 -70.56
N LYS M 30 -3.91 -56.33 -71.19
CA LYS M 30 -4.31 -55.88 -72.51
C LYS M 30 -4.18 -57.00 -73.54
N ILE M 31 -3.12 -57.81 -73.43
CA ILE M 31 -2.96 -58.93 -74.36
C ILE M 31 -4.11 -59.91 -74.22
N THR M 32 -4.50 -60.23 -72.98
CA THR M 32 -5.62 -61.12 -72.74
C THR M 32 -6.91 -60.53 -73.31
N LYS M 33 -7.14 -59.23 -73.07
CA LYS M 33 -8.35 -58.59 -73.57
C LYS M 33 -8.41 -58.63 -75.10
N LEU M 34 -7.30 -58.30 -75.76
CA LEU M 34 -7.29 -58.29 -77.21
C LEU M 34 -7.44 -59.68 -77.79
N LEU M 35 -6.86 -60.70 -77.12
CA LEU M 35 -7.06 -62.07 -77.58
C LEU M 35 -8.51 -62.49 -77.43
N HIS M 36 -9.19 -62.05 -76.41
CA HIS M 36 -10.59 -62.39 -76.32
C HIS M 36 -11.21 -61.76 -77.51
N GLU M 37 -11.10 -60.44 -77.61
CA GLU M 37 -11.81 -59.78 -78.70
C GLU M 37 -11.58 -60.49 -80.02
N LEU M 38 -10.34 -60.89 -80.30
CA LEU M 38 -10.04 -61.58 -81.55
C LEU M 38 -10.78 -62.90 -81.65
N VAL M 39 -10.81 -63.67 -80.56
CA VAL M 39 -11.47 -64.97 -80.60
C VAL M 39 -12.98 -64.81 -80.66
N ASP M 40 -13.51 -63.69 -80.16
CA ASP M 40 -14.94 -63.46 -80.22
C ASP M 40 -15.42 -63.38 -81.67
N ARG M 41 -14.71 -62.61 -82.50
CA ARG M 41 -15.06 -62.47 -83.91
C ARG M 41 -14.13 -63.34 -84.75
N GLY M 42 -14.40 -64.64 -84.72
CA GLY M 42 -13.63 -65.59 -85.52
C GLY M 42 -12.15 -65.55 -85.19
N GLU M 43 -11.32 -65.50 -86.23
CA GLU M 43 -9.87 -65.30 -86.12
C GLU M 43 -9.29 -66.44 -85.30
N ILE M 44 -8.59 -66.17 -84.20
CA ILE M 44 -7.87 -67.19 -83.43
C ILE M 44 -8.86 -68.13 -82.76
N PRO M 45 -8.47 -69.37 -82.45
CA PRO M 45 -9.38 -70.27 -81.73
C PRO M 45 -9.45 -69.98 -80.24
N GLU M 46 -10.29 -70.70 -79.52
CA GLU M 46 -10.56 -70.39 -78.12
C GLU M 46 -9.44 -70.82 -77.18
N GLU M 47 -8.67 -71.85 -77.56
CA GLU M 47 -7.64 -72.37 -76.65
C GLU M 47 -6.63 -71.30 -76.27
N LEU M 48 -6.27 -70.44 -77.22
CA LEU M 48 -5.28 -69.40 -76.92
C LEU M 48 -5.84 -68.40 -75.91
N ALA M 49 -7.12 -68.03 -76.05
CA ALA M 49 -7.73 -67.12 -75.09
C ALA M 49 -7.85 -67.75 -73.71
N THR M 50 -8.21 -69.04 -73.65
CA THR M 50 -8.29 -69.71 -72.35
C THR M 50 -6.93 -69.77 -71.68
N LEU M 51 -5.88 -70.09 -72.45
CA LEU M 51 -4.53 -70.08 -71.90
C LEU M 51 -4.15 -68.70 -71.42
N ALA M 52 -4.51 -67.66 -72.18
CA ALA M 52 -4.22 -66.31 -71.76
C ALA M 52 -4.88 -65.99 -70.42
N THR M 53 -6.13 -66.41 -70.24
CA THR M 53 -6.83 -66.16 -68.98
C THR M 53 -6.15 -66.90 -67.83
N LEU M 54 -5.86 -68.19 -68.01
CA LEU M 54 -5.24 -68.97 -66.94
C LEU M 54 -3.88 -68.40 -66.55
N LEU M 55 -3.05 -68.07 -67.55
CA LEU M 55 -1.74 -67.51 -67.26
C LEU M 55 -1.84 -66.12 -66.66
N LEU M 56 -2.84 -65.33 -67.05
CA LEU M 56 -3.03 -64.02 -66.45
C LEU M 56 -3.44 -64.13 -65.00
N TYR M 57 -4.14 -65.20 -64.63
CA TYR M 57 -4.41 -65.45 -63.22
C TYR M 57 -3.14 -65.88 -62.49
N LEU M 58 -2.40 -66.83 -63.07
CA LEU M 58 -1.22 -67.38 -62.42
C LEU M 58 -0.18 -66.29 -62.17
N VAL M 59 0.17 -65.54 -63.22
CA VAL M 59 0.87 -64.28 -63.04
C VAL M 59 -0.07 -63.37 -62.27
N GLU M 60 0.45 -62.55 -61.37
CA GLU M 60 -0.34 -61.66 -60.51
C GLU M 60 -1.04 -62.48 -59.43
N LYS M 61 -1.02 -63.81 -59.56
CA LYS M 61 -1.11 -64.64 -58.35
C LYS M 61 0.26 -64.88 -57.76
N GLY M 62 1.32 -64.67 -58.55
CA GLY M 62 2.67 -64.80 -58.07
C GLY M 62 3.19 -66.22 -58.15
N LEU M 63 2.84 -66.93 -59.23
CA LEU M 63 3.24 -68.32 -59.38
C LEU M 63 4.05 -68.60 -60.62
N ILE M 64 4.08 -67.69 -61.60
CA ILE M 64 4.95 -67.82 -62.76
C ILE M 64 5.43 -66.43 -63.15
N SER M 65 6.33 -66.35 -64.12
CA SER M 65 6.87 -65.09 -64.60
C SER M 65 6.32 -64.77 -65.98
N GLU M 66 6.48 -63.51 -66.38
CA GLU M 66 6.01 -63.07 -67.69
C GLU M 66 6.68 -63.84 -68.81
N PHE M 67 7.92 -64.30 -68.59
CA PHE M 67 8.60 -65.09 -69.61
C PHE M 67 7.85 -66.37 -69.91
N ASP M 68 7.37 -67.06 -68.86
CA ASP M 68 6.60 -68.28 -69.08
C ASP M 68 5.29 -67.98 -69.80
N PHE M 69 4.62 -66.87 -69.43
CA PHE M 69 3.41 -66.45 -70.11
C PHE M 69 3.64 -66.31 -71.61
N ILE M 70 4.64 -65.50 -71.97
CA ILE M 70 4.89 -65.24 -73.39
C ILE M 70 5.35 -66.51 -74.09
N GLU M 71 6.15 -67.33 -73.42
CA GLU M 71 6.66 -68.56 -74.06
C GLU M 71 5.52 -69.52 -74.35
N HIS M 72 4.60 -69.69 -73.40
CA HIS M 72 3.44 -70.55 -73.64
C HIS M 72 2.56 -70.00 -74.76
N LEU M 73 2.35 -68.68 -74.76
CA LEU M 73 1.52 -68.08 -75.81
C LEU M 73 2.14 -68.31 -77.18
N VAL M 74 3.45 -68.12 -77.30
CA VAL M 74 4.13 -68.30 -78.57
C VAL M 74 4.12 -69.77 -78.99
N ARG M 75 4.30 -70.68 -78.04
CA ARG M 75 4.26 -72.10 -78.37
C ARG M 75 2.90 -72.51 -78.90
N LEU M 76 1.82 -72.05 -78.25
CA LEU M 76 0.48 -72.37 -78.75
C LEU M 76 0.24 -71.72 -80.11
N ALA M 77 0.69 -70.47 -80.30
CA ALA M 77 0.51 -69.82 -81.60
C ALA M 77 1.23 -70.58 -82.71
N GLU M 78 2.45 -71.04 -82.43
CA GLU M 78 3.17 -71.85 -83.41
C GLU M 78 2.46 -73.17 -83.67
N LYS M 79 1.91 -73.79 -82.63
CA LYS M 79 1.19 -75.05 -82.79
C LYS M 79 -0.03 -74.87 -83.68
N LEU M 80 -0.78 -73.78 -83.49
CA LEU M 80 -1.99 -73.53 -84.25
C LEU M 80 -1.77 -72.70 -85.51
N GLY M 81 -0.54 -72.25 -85.75
CA GLY M 81 -0.24 -71.47 -86.94
C GLY M 81 -1.00 -70.16 -87.00
N VAL M 82 -1.01 -69.43 -85.88
CA VAL M 82 -1.75 -68.17 -85.79
C VAL M 82 -0.80 -67.10 -85.25
N LEU M 83 0.50 -67.32 -85.46
CA LEU M 83 1.51 -66.45 -84.87
C LEU M 83 1.40 -65.01 -85.36
N GLU M 84 0.89 -64.80 -86.58
CA GLU M 84 0.76 -63.44 -87.10
C GLU M 84 -0.21 -62.61 -86.27
N GLU M 85 -1.33 -63.22 -85.87
CA GLU M 85 -2.30 -62.50 -85.04
C GLU M 85 -1.70 -62.16 -83.67
N LEU M 86 -0.91 -63.08 -83.10
CA LEU M 86 -0.24 -62.78 -81.84
C LEU M 86 0.76 -61.63 -82.02
N LYS M 87 1.46 -61.61 -83.16
CA LYS M 87 2.37 -60.52 -83.45
C LYS M 87 1.62 -59.19 -83.51
N LYS M 88 0.46 -59.19 -84.19
CA LYS M 88 -0.33 -57.97 -84.28
C LYS M 88 -0.80 -57.52 -82.90
N VAL M 89 -1.23 -58.46 -82.06
CA VAL M 89 -1.65 -58.12 -80.71
C VAL M 89 -0.51 -57.50 -79.93
N LEU M 90 0.69 -58.08 -80.04
CA LEU M 90 1.84 -57.57 -79.30
C LEU M 90 2.27 -56.20 -79.81
N GLU M 91 2.09 -55.92 -81.10
CA GLU M 91 2.33 -54.58 -81.59
C GLU M 91 1.29 -53.59 -81.08
N GLU M 92 0.02 -54.00 -81.06
CA GLU M 92 -1.05 -53.13 -80.59
C GLU M 92 -0.86 -52.75 -79.13
N VAL M 93 -0.53 -53.73 -78.28
CA VAL M 93 -0.32 -53.39 -76.87
C VAL M 93 0.92 -52.53 -76.70
N GLY M 94 1.90 -52.67 -77.59
CA GLY M 94 3.12 -51.88 -77.51
C GLY M 94 4.16 -52.49 -76.60
N ASP M 95 4.49 -53.75 -76.83
CA ASP M 95 5.47 -54.48 -76.04
C ASP M 95 6.65 -54.84 -76.90
N GLU M 96 7.86 -54.51 -76.43
CA GLU M 96 9.08 -54.84 -77.16
C GLU M 96 9.70 -56.14 -76.71
N PHE M 97 9.63 -56.44 -75.41
CA PHE M 97 10.19 -57.68 -74.89
C PHE M 97 9.48 -58.90 -75.49
N GLY M 98 8.15 -58.90 -75.44
CA GLY M 98 7.41 -60.01 -76.00
C GLY M 98 7.60 -60.16 -77.49
N LEU M 99 7.63 -59.03 -78.21
CA LEU M 99 7.84 -59.10 -79.65
C LEU M 99 9.22 -59.66 -79.99
N THR M 100 10.25 -59.23 -79.25
CA THR M 100 11.58 -59.78 -79.46
C THR M 100 11.62 -61.27 -79.15
N LEU M 101 10.89 -61.70 -78.11
CA LEU M 101 10.83 -63.13 -77.82
C LEU M 101 10.16 -63.89 -78.94
N VAL M 102 9.10 -63.32 -79.52
CA VAL M 102 8.42 -63.97 -80.64
C VAL M 102 9.37 -64.13 -81.82
N TYR M 103 10.11 -63.06 -82.15
CA TYR M 103 11.08 -63.16 -83.23
C TYR M 103 12.15 -64.18 -82.92
N ALA M 104 12.61 -64.23 -81.68
CA ALA M 104 13.64 -65.21 -81.31
C ALA M 104 13.14 -66.63 -81.48
N ILE M 105 11.91 -66.91 -81.05
CA ILE M 105 11.37 -68.26 -81.16
C ILE M 105 11.18 -68.64 -82.63
N SER M 106 10.63 -67.73 -83.42
CA SER M 106 10.41 -68.02 -84.84
C SER M 106 11.74 -68.25 -85.55
N LEU M 107 12.75 -67.43 -85.24
CA LEU M 107 14.07 -67.57 -85.85
C LEU M 107 14.72 -68.88 -85.43
N LEU M 108 14.56 -69.27 -84.16
CA LEU M 108 15.08 -70.55 -83.71
C LEU M 108 14.42 -71.71 -84.45
N LYS M 109 13.10 -71.64 -84.65
CA LYS M 109 12.42 -72.69 -85.38
C LYS M 109 12.90 -72.76 -86.82
N GLU M 110 13.06 -71.60 -87.47
CA GLU M 110 13.54 -71.58 -88.85
C GLU M 110 14.96 -72.14 -88.95
N VAL M 111 15.83 -71.78 -87.99
CA VAL M 111 17.20 -72.28 -88.01
C VAL M 111 17.23 -73.78 -87.75
N GLU M 112 16.37 -74.27 -86.85
CA GLU M 112 16.25 -75.71 -86.64
C GLU M 112 15.83 -76.41 -87.92
N LYS M 113 14.93 -75.80 -88.69
CA LYS M 113 14.62 -76.32 -90.01
C LYS M 113 15.86 -76.33 -90.89
N GLU M 114 16.65 -75.24 -90.83
CA GLU M 114 17.89 -75.18 -91.61
C GLU M 114 18.95 -76.14 -91.05
N GLY M 115 19.18 -76.10 -89.75
CA GLY M 115 20.13 -76.99 -89.12
C GLY M 115 21.56 -76.51 -89.05
N ASP M 116 21.79 -75.22 -88.80
CA ASP M 116 23.14 -74.68 -88.73
C ASP M 116 23.49 -74.38 -87.28
N GLU M 117 24.67 -74.85 -86.84
CA GLU M 117 24.99 -74.88 -85.41
C GLU M 117 25.32 -73.50 -84.85
N GLU M 118 26.08 -72.70 -85.60
CA GLU M 118 26.52 -71.40 -85.05
C GLU M 118 25.32 -70.49 -84.78
N LEU M 119 24.37 -70.43 -85.70
CA LEU M 119 23.14 -69.70 -85.42
C LEU M 119 22.33 -70.34 -84.30
N LYS M 120 22.43 -71.66 -84.13
CA LYS M 120 21.81 -72.28 -82.95
C LYS M 120 22.36 -71.68 -81.67
N GLU M 121 23.69 -71.63 -81.55
CA GLU M 121 24.30 -71.04 -80.35
C GLU M 121 23.93 -69.57 -80.22
N TYR M 122 23.91 -68.84 -81.34
CA TYR M 122 23.60 -67.42 -81.31
C TYR M 122 22.20 -67.19 -80.76
N VAL M 123 21.21 -67.93 -81.28
CA VAL M 123 19.83 -67.73 -80.85
C VAL M 123 19.61 -68.24 -79.44
N LYS M 124 20.32 -69.29 -79.02
CA LYS M 124 20.19 -69.74 -77.63
C LYS M 124 20.74 -68.68 -76.67
N LEU M 125 21.87 -68.07 -77.00
CA LEU M 125 22.38 -66.97 -76.18
C LEU M 125 21.41 -65.81 -76.18
N ALA M 126 20.82 -65.50 -77.33
CA ALA M 126 19.84 -64.43 -77.41
C ALA M 126 18.64 -64.71 -76.51
N ILE M 127 18.15 -65.95 -76.51
CA ILE M 127 16.99 -66.31 -75.70
C ILE M 127 17.32 -66.25 -74.22
N GLU M 128 18.51 -66.71 -73.84
CA GLU M 128 18.91 -66.64 -72.43
C GLU M 128 19.01 -65.19 -71.97
N THR M 129 19.60 -64.32 -72.81
CA THR M 129 19.67 -62.90 -72.47
C THR M 129 18.28 -62.29 -72.39
N LEU M 130 17.37 -62.71 -73.28
CA LEU M 130 16.01 -62.22 -73.23
C LEU M 130 15.31 -62.62 -71.93
N LYS M 131 15.54 -63.86 -71.48
CA LYS M 131 14.98 -64.29 -70.21
C LYS M 131 15.54 -63.47 -69.06
N GLU M 132 16.86 -63.23 -69.07
CA GLU M 132 17.46 -62.44 -68.00
C GLU M 132 16.91 -61.03 -67.99
N ALA M 133 16.68 -60.44 -69.16
CA ALA M 133 16.07 -59.12 -69.24
C ALA M 133 14.64 -59.15 -68.72
N PHE M 134 13.86 -60.14 -69.16
CA PHE M 134 12.48 -60.29 -68.71
C PHE M 134 12.39 -60.40 -67.20
N GLU M 135 13.41 -60.97 -66.57
CA GLU M 135 13.41 -61.09 -65.11
C GLU M 135 13.18 -59.75 -64.43
N ARG M 136 13.77 -58.67 -64.96
CA ARG M 136 13.64 -57.35 -64.35
C ARG M 136 13.46 -56.23 -65.36
N LYS M 137 13.17 -56.53 -66.63
CA LYS M 137 13.03 -55.52 -67.68
C LYS M 137 14.30 -54.67 -67.78
N ASN M 138 15.41 -55.35 -68.03
CA ASN M 138 16.72 -54.70 -68.18
C ASN M 138 16.94 -54.41 -69.66
N TYR M 139 17.02 -53.12 -70.00
CA TYR M 139 16.93 -52.73 -71.40
C TYR M 139 18.20 -53.10 -72.18
N ALA M 140 19.34 -53.18 -71.49
CA ALA M 140 20.62 -53.40 -72.17
C ALA M 140 20.70 -54.81 -72.77
N LEU M 141 20.35 -55.82 -71.99
CA LEU M 141 20.30 -57.17 -72.55
C LEU M 141 19.25 -57.29 -73.63
N LEU M 142 18.18 -56.50 -73.53
CA LEU M 142 17.21 -56.44 -74.62
C LEU M 142 17.85 -55.91 -75.90
N VAL M 143 18.68 -54.88 -75.79
CA VAL M 143 19.40 -54.37 -76.96
C VAL M 143 20.31 -55.43 -77.53
N SER M 144 21.04 -56.13 -76.66
CA SER M 144 21.96 -57.17 -77.13
C SER M 144 21.21 -58.27 -77.88
N ALA M 145 20.10 -58.74 -77.29
CA ALA M 145 19.32 -59.79 -77.93
C ALA M 145 18.70 -59.30 -79.24
N LYS M 146 18.25 -58.05 -79.27
CA LYS M 146 17.72 -57.49 -80.51
C LYS M 146 18.77 -57.48 -81.60
N ILE M 147 19.99 -57.05 -81.26
CA ILE M 147 21.08 -57.05 -82.22
C ILE M 147 21.32 -58.46 -82.75
N ILE M 148 21.40 -59.44 -81.84
CA ILE M 148 21.69 -60.80 -82.26
C ILE M 148 20.61 -61.32 -83.20
N VAL M 149 19.34 -61.10 -82.83
CA VAL M 149 18.25 -61.67 -83.63
C VAL M 149 18.13 -60.97 -84.99
N GLU M 150 18.34 -59.65 -85.04
CA GLU M 150 18.22 -58.98 -86.34
C GLU M 150 19.37 -59.37 -87.26
N ASN M 151 20.60 -59.50 -86.72
CA ASN M 151 21.70 -59.95 -87.55
C ASN M 151 21.49 -61.38 -88.02
N ALA M 152 20.95 -62.24 -87.16
CA ALA M 152 20.65 -63.61 -87.59
C ALA M 152 19.60 -63.62 -88.68
N GLU M 153 18.55 -62.80 -88.54
CA GLU M 153 17.51 -62.74 -89.56
C GLU M 153 18.10 -62.26 -90.89
N GLU M 154 18.97 -61.25 -90.85
CA GLU M 154 19.65 -60.81 -92.06
C GLU M 154 20.51 -61.91 -92.65
N ILE M 155 21.13 -62.73 -91.78
CA ILE M 155 21.90 -63.88 -92.26
C ILE M 155 21.02 -64.84 -93.04
N LEU M 156 19.85 -65.17 -92.49
CA LEU M 156 18.95 -66.06 -93.20
C LEU M 156 18.46 -65.47 -94.51
N LYS M 157 18.16 -64.16 -94.53
CA LYS M 157 17.78 -63.54 -95.80
C LYS M 157 18.90 -63.62 -96.83
N ALA M 158 20.13 -63.31 -96.42
CA ALA M 158 21.26 -63.38 -97.34
C ALA M 158 21.58 -64.82 -97.74
N LYS M 159 21.17 -65.80 -96.95
CA LYS M 159 21.39 -67.20 -97.32
C LYS M 159 20.68 -67.53 -98.63
N LYS M 160 19.40 -67.13 -98.74
CA LYS M 160 18.70 -67.32 -100.01
C LYS M 160 19.10 -66.28 -101.03
N LYS M 161 19.49 -65.07 -100.60
CA LYS M 161 19.99 -64.08 -101.54
C LYS M 161 21.33 -64.52 -102.14
N GLY M 162 22.27 -64.90 -101.28
CA GLY M 162 23.55 -65.41 -101.75
C GLY M 162 24.65 -64.38 -101.88
N ASP M 163 24.75 -63.48 -100.89
CA ASP M 163 25.79 -62.45 -100.87
C ASP M 163 26.72 -62.82 -99.71
N GLU M 164 27.85 -63.44 -100.03
CA GLU M 164 28.73 -63.98 -99.00
C GLU M 164 29.38 -62.88 -98.17
N GLU M 165 29.72 -61.75 -98.80
CA GLU M 165 30.33 -60.65 -98.06
C GLU M 165 29.44 -60.19 -96.92
N LYS M 166 28.13 -60.07 -97.20
CA LYS M 166 27.19 -59.62 -96.17
C LYS M 166 27.08 -60.65 -95.05
N ILE M 167 27.09 -61.94 -95.38
CA ILE M 167 26.97 -62.95 -94.33
C ILE M 167 28.21 -62.96 -93.45
N LYS M 168 29.40 -62.77 -94.06
CA LYS M 168 30.60 -62.66 -93.24
C LYS M 168 30.55 -61.44 -92.33
N GLU M 169 30.07 -60.32 -92.86
CA GLU M 169 29.93 -59.11 -92.04
C GLU M 169 28.98 -59.35 -90.88
N LEU M 170 27.86 -60.04 -91.13
CA LEU M 170 26.90 -60.30 -90.07
C LEU M 170 27.47 -61.27 -89.03
N LEU M 171 28.25 -62.26 -89.46
CA LEU M 171 28.94 -63.10 -88.48
C LEU M 171 29.92 -62.30 -87.64
N GLN M 172 30.61 -61.33 -88.24
CA GLN M 172 31.47 -60.45 -87.46
C GLN M 172 30.68 -59.68 -86.42
N ARG M 173 29.53 -59.13 -86.82
CA ARG M 173 28.68 -58.40 -85.89
C ARG M 173 28.21 -59.31 -84.75
N LEU M 174 27.84 -60.55 -85.08
CA LEU M 174 27.35 -61.47 -84.06
C LEU M 174 28.47 -61.88 -83.10
N LYS M 175 29.70 -62.05 -83.61
CA LYS M 175 30.81 -62.32 -82.72
C LYS M 175 31.06 -61.15 -81.78
N ALA M 176 30.99 -59.93 -82.30
CA ALA M 176 31.11 -58.75 -81.44
C ALA M 176 30.02 -58.73 -80.37
N ALA M 177 28.79 -59.07 -80.75
CA ALA M 177 27.70 -59.09 -79.79
C ALA M 177 27.92 -60.16 -78.71
N LYS M 178 28.39 -61.34 -79.11
CA LYS M 178 28.67 -62.40 -78.15
C LYS M 178 29.74 -61.96 -77.16
N ILE M 179 30.80 -61.31 -77.67
CA ILE M 179 31.85 -60.83 -76.78
C ILE M 179 31.31 -59.77 -75.83
N GLY M 180 30.45 -58.88 -76.33
CA GLY M 180 30.04 -57.75 -75.53
C GLY M 180 28.97 -58.06 -74.51
N THR M 181 28.16 -59.10 -74.75
CA THR M 181 27.00 -59.33 -73.89
C THR M 181 27.37 -59.56 -72.42
N PRO M 182 28.32 -60.42 -72.06
CA PRO M 182 28.71 -60.48 -70.64
C PRO M 182 29.25 -59.15 -70.14
N LEU M 183 29.95 -58.42 -71.00
CA LEU M 183 30.51 -57.14 -70.59
C LEU M 183 29.42 -56.12 -70.25
N VAL M 184 28.38 -56.05 -71.08
CA VAL M 184 27.31 -55.08 -70.81
C VAL M 184 26.52 -55.51 -69.58
N ARG M 185 26.27 -56.82 -69.43
CA ARG M 185 25.60 -57.29 -68.23
C ARG M 185 26.39 -56.89 -66.98
N GLU M 186 27.71 -57.11 -67.02
CA GLU M 186 28.55 -56.77 -65.86
C GLU M 186 28.57 -55.27 -65.62
N VAL M 187 28.63 -54.47 -66.68
CA VAL M 187 28.67 -53.01 -66.51
C VAL M 187 27.40 -52.53 -65.83
N VAL M 188 26.24 -53.00 -66.29
CA VAL M 188 24.98 -52.61 -65.66
C VAL M 188 24.94 -53.07 -64.21
N GLU M 189 25.36 -54.31 -63.95
CA GLU M 189 25.31 -54.84 -62.59
C GLU M 189 26.18 -54.00 -61.65
N ARG M 190 27.40 -53.67 -62.09
CA ARG M 190 28.31 -52.87 -61.25
C ARG M 190 27.76 -51.47 -61.03
N TYR M 191 27.22 -50.84 -62.09
CA TYR M 191 26.68 -49.50 -61.90
C TYR M 191 25.46 -49.49 -60.99
N ARG M 192 24.71 -50.60 -60.93
CA ARG M 192 23.51 -50.65 -60.11
C ARG M 192 23.77 -50.27 -58.65
N GLU M 193 24.80 -50.86 -58.03
CA GLU M 193 25.03 -50.62 -56.61
C GLU M 193 26.47 -50.23 -56.26
N GLU M 194 27.45 -50.65 -57.05
CA GLU M 194 28.85 -50.42 -56.68
C GLU M 194 29.18 -48.93 -56.67
N GLY M 195 28.71 -48.19 -57.69
CA GLY M 195 28.78 -46.74 -57.67
C GLY M 195 29.90 -46.08 -58.44
N GLU M 196 30.49 -46.81 -59.37
CA GLU M 196 31.53 -46.27 -60.20
C GLU M 196 31.01 -45.15 -61.12
N PRO M 197 31.90 -44.56 -61.93
CA PRO M 197 31.45 -43.54 -62.86
C PRO M 197 31.10 -44.16 -64.18
N LEU M 198 29.82 -44.20 -64.49
CA LEU M 198 29.40 -44.89 -65.69
C LEU M 198 30.30 -44.68 -66.86
N LEU M 199 30.60 -43.43 -67.16
CA LEU M 199 31.34 -43.21 -68.39
C LEU M 199 32.64 -44.02 -68.42
N ASP M 200 33.31 -44.14 -67.27
CA ASP M 200 34.56 -44.90 -67.22
C ASP M 200 34.33 -46.36 -67.55
N LEU M 201 33.32 -46.98 -66.91
CA LEU M 201 33.00 -48.37 -67.21
C LEU M 201 32.53 -48.54 -68.64
N LEU M 202 31.76 -47.58 -69.17
CA LEU M 202 31.34 -47.67 -70.57
C LEU M 202 32.54 -47.68 -71.50
N LEU M 203 33.50 -46.78 -71.27
CA LEU M 203 34.68 -46.71 -72.11
C LEU M 203 35.51 -47.98 -72.00
N HIS M 204 35.69 -48.50 -70.78
CA HIS M 204 36.45 -49.72 -70.60
C HIS M 204 35.77 -50.90 -71.29
N MET M 205 34.45 -51.00 -71.18
CA MET M 205 33.72 -52.08 -71.84
C MET M 205 33.84 -51.97 -73.34
N ALA M 206 33.71 -50.77 -73.89
CA ALA M 206 33.83 -50.59 -75.34
C ALA M 206 35.23 -50.96 -75.82
N GLU M 207 36.26 -50.52 -75.10
CA GLU M 207 37.63 -50.84 -75.50
C GLU M 207 37.90 -52.33 -75.41
N THR M 208 37.41 -52.98 -74.33
CA THR M 208 37.57 -54.42 -74.20
C THR M 208 36.87 -55.16 -75.34
N THR M 209 35.66 -54.70 -75.71
CA THR M 209 34.94 -55.32 -76.81
C THR M 209 35.72 -55.18 -78.11
N ILE M 210 36.27 -53.99 -78.38
CA ILE M 210 37.02 -53.79 -79.61
C ILE M 210 38.26 -54.67 -79.63
N ARG M 211 39.00 -54.72 -78.51
CA ARG M 211 40.23 -55.50 -78.46
C ARG M 211 39.94 -56.99 -78.65
N GLU M 212 38.93 -57.50 -77.94
CA GLU M 212 38.61 -58.92 -78.06
C GLU M 212 38.06 -59.25 -79.44
N SER M 213 37.31 -58.33 -80.04
CA SER M 213 36.76 -58.57 -81.37
C SER M 213 37.87 -58.59 -82.42
N GLU M 214 38.84 -57.68 -82.32
CA GLU M 214 39.95 -57.70 -83.26
C GLU M 214 40.91 -58.86 -82.98
N LYS M 215 40.87 -59.41 -81.76
CA LYS M 215 41.60 -60.63 -81.48
C LYS M 215 41.02 -61.83 -82.22
N LEU M 216 39.78 -61.74 -82.70
CA LEU M 216 39.14 -62.79 -83.47
C LEU M 216 39.19 -62.52 -84.98
N GLY M 217 39.97 -61.53 -85.41
CA GLY M 217 40.13 -61.20 -86.81
C GLY M 217 39.13 -60.20 -87.33
N VAL M 218 38.23 -59.69 -86.48
CA VAL M 218 37.19 -58.79 -86.94
C VAL M 218 37.67 -57.36 -86.85
N ASP M 219 37.32 -56.59 -87.89
CA ASP M 219 37.68 -55.19 -87.95
C ASP M 219 37.32 -54.46 -86.71
N PRO M 220 37.90 -53.28 -86.55
CA PRO M 220 37.53 -52.46 -85.41
C PRO M 220 36.58 -51.46 -85.94
N ARG M 221 35.83 -51.85 -86.94
CA ARG M 221 34.81 -50.98 -87.45
C ARG M 221 33.43 -51.45 -87.01
N LEU M 222 32.89 -52.42 -87.71
CA LEU M 222 31.51 -52.83 -87.42
C LEU M 222 31.36 -53.22 -85.96
N ALA M 223 32.41 -53.81 -85.36
CA ALA M 223 32.39 -54.06 -83.92
C ALA M 223 32.29 -52.75 -83.16
N ALA M 224 32.86 -51.68 -83.69
CA ALA M 224 32.71 -50.37 -83.07
C ALA M 224 31.25 -49.93 -83.08
N GLU M 225 30.54 -50.15 -84.19
CA GLU M 225 29.13 -49.76 -84.22
C GLU M 225 28.29 -50.65 -83.32
N VAL M 226 28.66 -51.93 -83.17
CA VAL M 226 27.97 -52.80 -82.22
C VAL M 226 28.14 -52.28 -80.80
N ALA M 227 29.38 -51.93 -80.45
CA ALA M 227 29.64 -51.35 -79.13
C ALA M 227 28.91 -50.03 -78.96
N ARG M 228 28.76 -49.26 -80.03
CA ARG M 228 28.02 -48.00 -79.96
C ARG M 228 26.55 -48.23 -79.66
N GLU M 229 25.93 -49.19 -80.34
CA GLU M 229 24.54 -49.52 -80.04
C GLU M 229 24.39 -50.01 -78.61
N MET M 230 25.31 -50.85 -78.14
CA MET M 230 25.22 -51.35 -76.78
C MET M 230 25.44 -50.22 -75.75
N VAL M 231 26.31 -49.27 -76.07
CA VAL M 231 26.50 -48.11 -75.20
C VAL M 231 25.23 -47.28 -75.13
N ASP M 232 24.56 -47.11 -76.27
CA ASP M 232 23.28 -46.40 -76.28
C ASP M 232 22.27 -47.13 -75.41
N GLY M 233 22.22 -48.46 -75.52
CA GLY M 233 21.32 -49.24 -74.68
C GLY M 233 21.62 -49.09 -73.20
N VAL M 234 22.91 -49.10 -72.84
CA VAL M 234 23.30 -48.91 -71.44
C VAL M 234 22.87 -47.53 -70.96
N GLY M 235 23.06 -46.51 -71.78
CA GLY M 235 22.62 -45.17 -71.41
C GLY M 235 21.11 -45.10 -71.20
N HIS M 236 20.35 -45.76 -72.07
CA HIS M 236 18.90 -45.78 -71.91
C HIS M 236 18.49 -46.50 -70.63
N GLU M 237 19.10 -47.66 -70.36
CA GLU M 237 18.71 -48.45 -69.20
C GLU M 237 19.09 -47.75 -67.89
N THR M 238 20.30 -47.19 -67.83
CA THR M 238 20.81 -46.60 -66.61
C THR M 238 20.16 -45.27 -66.27
N GLY M 239 19.42 -44.67 -67.20
CA GLY M 239 18.80 -43.39 -66.96
C GLY M 239 19.72 -42.20 -67.09
N GLU M 240 20.91 -42.40 -67.67
CA GLU M 240 21.87 -41.31 -67.85
C GLU M 240 22.44 -41.43 -69.26
N THR M 241 22.09 -40.49 -70.13
CA THR M 241 22.50 -40.54 -71.53
C THR M 241 23.64 -39.59 -71.87
N GLU M 242 23.94 -38.62 -71.00
CA GLU M 242 25.04 -37.70 -71.29
C GLU M 242 26.38 -38.43 -71.31
N ALA M 243 26.59 -39.33 -70.35
CA ALA M 243 27.80 -40.15 -70.37
C ALA M 243 27.81 -41.06 -71.60
N ALA M 244 26.66 -41.64 -71.93
CA ALA M 244 26.55 -42.43 -73.15
C ALA M 244 26.83 -41.58 -74.38
N PHE M 245 26.37 -40.32 -74.37
CA PHE M 245 26.66 -39.40 -75.47
C PHE M 245 28.17 -39.16 -75.59
N ARG M 246 28.84 -38.94 -74.46
CA ARG M 246 30.28 -38.69 -74.50
C ARG M 246 31.04 -39.90 -75.01
N VAL M 247 30.69 -41.10 -74.53
CA VAL M 247 31.37 -42.31 -75.00
C VAL M 247 31.07 -42.53 -76.47
N ARG M 248 29.86 -42.18 -76.92
CA ARG M 248 29.52 -42.25 -78.33
C ARG M 248 30.43 -41.34 -79.15
N ARG M 249 30.67 -40.12 -78.65
CA ARG M 249 31.55 -39.19 -79.37
C ARG M 249 32.98 -39.72 -79.42
N GLU M 250 33.48 -40.28 -78.32
CA GLU M 250 34.84 -40.82 -78.34
C GLU M 250 34.95 -42.00 -79.28
N LEU M 251 33.93 -42.86 -79.33
CA LEU M 251 33.96 -43.98 -80.26
C LEU M 251 33.88 -43.50 -81.70
N ASP M 252 33.11 -42.44 -81.97
CA ASP M 252 33.06 -41.85 -83.29
C ASP M 252 34.41 -41.27 -83.69
N THR M 253 35.14 -40.69 -82.74
CA THR M 253 36.50 -40.26 -83.01
C THR M 253 37.42 -41.46 -83.26
N VAL M 254 37.20 -42.55 -82.53
CA VAL M 254 38.05 -43.74 -82.67
C VAL M 254 37.91 -44.34 -84.07
N ILE M 255 36.68 -44.45 -84.58
CA ILE M 255 36.49 -45.10 -85.87
C ILE M 255 37.18 -44.30 -86.98
N LEU M 256 37.42 -43.02 -86.76
CA LEU M 256 38.12 -42.19 -87.74
C LEU M 256 39.57 -42.65 -87.89
N THR N 25 -3.84 -12.73 -84.34
CA THR N 25 -4.53 -12.39 -85.58
C THR N 25 -4.01 -11.08 -86.16
N GLU N 26 -2.89 -10.60 -85.60
CA GLU N 26 -2.33 -9.33 -86.07
C GLU N 26 -1.87 -9.43 -87.52
N LYS N 27 -1.28 -10.56 -87.90
CA LYS N 27 -0.89 -10.75 -89.29
C LYS N 27 -2.09 -10.68 -90.22
N LEU N 28 -3.20 -11.31 -89.84
CA LEU N 28 -4.40 -11.27 -90.68
C LEU N 28 -4.96 -9.86 -90.79
N LYS N 29 -4.97 -9.11 -89.68
CA LYS N 29 -5.44 -7.73 -89.72
C LYS N 29 -4.56 -6.88 -90.62
N LYS N 30 -3.24 -7.05 -90.54
CA LYS N 30 -2.34 -6.30 -91.42
C LYS N 30 -2.54 -6.69 -92.87
N ILE N 31 -2.76 -7.98 -93.14
CA ILE N 31 -3.00 -8.41 -94.51
C ILE N 31 -4.25 -7.77 -95.07
N THR N 32 -5.33 -7.75 -94.27
CA THR N 32 -6.57 -7.11 -94.70
C THR N 32 -6.36 -5.62 -94.95
N LYS N 33 -5.64 -4.94 -94.04
CA LYS N 33 -5.39 -3.52 -94.21
C LYS N 33 -4.60 -3.24 -95.50
N LEU N 34 -3.54 -4.02 -95.73
CA LEU N 34 -2.73 -3.78 -96.91
C LEU N 34 -3.49 -4.11 -98.19
N LEU N 35 -4.35 -5.13 -98.16
CA LEU N 35 -5.17 -5.41 -99.33
C LEU N 35 -6.16 -4.28 -99.59
N HIS N 36 -6.68 -3.65 -98.57
CA HIS N 36 -7.56 -2.54 -98.84
C HIS N 36 -6.69 -1.54 -99.51
N GLU N 37 -5.64 -1.11 -98.84
CA GLU N 37 -4.85 -0.03 -99.42
C GLU N 37 -4.54 -0.30 -100.89
N LEU N 38 -4.17 -1.54 -101.22
CA LEU N 38 -3.85 -1.87 -102.61
C LEU N 38 -5.07 -1.71 -103.50
N VAL N 39 -6.24 -2.15 -103.05
CA VAL N 39 -7.42 -2.06 -103.88
C VAL N 39 -7.90 -0.61 -103.99
N ASP N 40 -7.58 0.22 -102.99
CA ASP N 40 -7.96 1.62 -103.06
C ASP N 40 -7.30 2.32 -104.25
N ARG N 41 -5.99 2.11 -104.42
CA ARG N 41 -5.25 2.71 -105.53
C ARG N 41 -5.04 1.66 -106.62
N GLY N 42 -6.12 1.39 -107.36
CA GLY N 42 -6.04 0.45 -108.47
C GLY N 42 -5.59 -0.92 -108.03
N GLU N 43 -4.65 -1.49 -108.78
CA GLU N 43 -3.96 -2.75 -108.43
C GLU N 43 -5.00 -3.86 -108.35
N ILE N 44 -5.13 -4.56 -107.23
CA ILE N 44 -6.00 -5.72 -107.10
C ILE N 44 -7.46 -5.30 -107.18
N PRO N 45 -8.37 -6.19 -107.59
CA PRO N 45 -9.80 -5.84 -107.60
C PRO N 45 -10.43 -5.90 -106.22
N GLU N 46 -11.71 -5.54 -106.13
CA GLU N 46 -12.36 -5.39 -104.83
C GLU N 46 -12.73 -6.73 -104.19
N GLU N 47 -12.94 -7.77 -104.99
CA GLU N 47 -13.40 -9.04 -104.46
C GLU N 47 -12.42 -9.60 -103.43
N LEU N 48 -11.13 -9.45 -103.69
CA LEU N 48 -10.14 -9.98 -102.76
C LEU N 48 -10.19 -9.25 -101.43
N ALA N 49 -10.38 -7.93 -101.46
CA ALA N 49 -10.48 -7.16 -100.21
C ALA N 49 -11.76 -7.52 -99.45
N THR N 50 -12.88 -7.70 -100.17
CA THR N 50 -14.12 -8.11 -99.50
C THR N 50 -13.98 -9.47 -98.85
N LEU N 51 -13.35 -10.42 -99.56
CA LEU N 51 -13.10 -11.73 -98.96
C LEU N 51 -12.20 -11.62 -97.76
N ALA N 52 -11.18 -10.76 -97.83
CA ALA N 52 -10.30 -10.56 -96.68
C ALA N 52 -11.08 -10.06 -95.48
N THR N 53 -12.00 -9.11 -95.70
CA THR N 53 -12.81 -8.60 -94.59
C THR N 53 -13.69 -9.68 -93.99
N LEU N 54 -14.41 -10.41 -94.85
CA LEU N 54 -15.31 -11.45 -94.34
C LEU N 54 -14.56 -12.52 -93.57
N LEU N 55 -13.43 -12.98 -94.12
CA LEU N 55 -12.65 -14.01 -93.44
C LEU N 55 -12.00 -13.47 -92.17
N LEU N 56 -11.63 -12.19 -92.14
CA LEU N 56 -11.07 -11.60 -90.93
C LEU N 56 -12.14 -11.50 -89.84
N TYR N 57 -13.41 -11.35 -90.22
CA TYR N 57 -14.47 -11.43 -89.23
C TYR N 57 -14.66 -12.86 -88.75
N LEU N 58 -14.72 -13.80 -89.69
CA LEU N 58 -15.00 -15.19 -89.35
C LEU N 58 -13.92 -15.75 -88.43
N VAL N 59 -12.66 -15.62 -88.82
CA VAL N 59 -11.55 -15.79 -87.88
C VAL N 59 -11.71 -14.69 -86.84
N GLU N 60 -11.39 -15.00 -85.59
CA GLU N 60 -11.54 -14.08 -84.46
C GLU N 60 -13.02 -13.92 -84.12
N LYS N 61 -13.91 -14.45 -84.97
CA LYS N 61 -15.21 -14.87 -84.46
C LYS N 61 -15.15 -16.31 -83.97
N GLY N 62 -14.13 -17.06 -84.40
CA GLY N 62 -13.94 -18.41 -83.95
C GLY N 62 -14.72 -19.42 -84.76
N LEU N 63 -14.78 -19.21 -86.08
CA LEU N 63 -15.54 -20.09 -86.95
C LEU N 63 -14.73 -20.74 -88.05
N ILE N 64 -13.52 -20.26 -88.33
CA ILE N 64 -12.61 -20.91 -89.27
C ILE N 64 -11.19 -20.74 -88.74
N SER N 65 -10.23 -21.37 -89.41
CA SER N 65 -8.82 -21.29 -89.03
C SER N 65 -8.06 -20.45 -90.04
N GLU N 66 -6.85 -20.04 -89.64
CA GLU N 66 -6.01 -19.23 -90.51
C GLU N 66 -5.68 -19.96 -91.80
N PHE N 67 -5.62 -21.29 -91.76
CA PHE N 67 -5.35 -22.06 -92.97
C PHE N 67 -6.43 -21.83 -94.01
N ASP N 68 -7.70 -21.83 -93.59
CA ASP N 68 -8.79 -21.57 -94.54
C ASP N 68 -8.71 -20.15 -95.08
N PHE N 69 -8.37 -19.18 -94.22
CA PHE N 69 -8.20 -17.80 -94.66
C PHE N 69 -7.16 -17.72 -95.78
N ILE N 70 -5.97 -18.26 -95.53
CA ILE N 70 -4.90 -18.15 -96.52
C ILE N 70 -5.24 -18.95 -97.76
N GLU N 71 -5.88 -20.11 -97.60
CA GLU N 71 -6.22 -20.94 -98.76
C GLU N 71 -7.21 -20.23 -99.65
N HIS N 72 -8.25 -19.62 -99.07
CA HIS N 72 -9.21 -18.86 -99.86
C HIS N 72 -8.56 -17.67 -100.56
N LEU N 73 -7.69 -16.96 -99.83
CA LEU N 73 -7.01 -15.82 -100.44
C LEU N 73 -6.17 -16.25 -101.64
N VAL N 74 -5.43 -17.34 -101.48
CA VAL N 74 -4.57 -17.83 -102.56
C VAL N 74 -5.42 -18.32 -103.74
N ARG N 75 -6.53 -18.99 -103.45
CA ARG N 75 -7.39 -19.46 -104.53
C ARG N 75 -7.95 -18.29 -105.34
N LEU N 76 -8.43 -17.24 -104.64
CA LEU N 76 -8.92 -16.08 -105.38
C LEU N 76 -7.80 -15.38 -106.15
N ALA N 77 -6.61 -15.28 -105.56
CA ALA N 77 -5.49 -14.66 -106.26
C ALA N 77 -5.14 -15.42 -107.52
N GLU N 78 -5.13 -16.76 -107.44
CA GLU N 78 -4.88 -17.56 -108.63
C GLU N 78 -5.98 -17.39 -109.66
N LYS N 79 -7.24 -17.30 -109.20
CA LYS N 79 -8.35 -17.11 -110.13
C LYS N 79 -8.23 -15.79 -110.88
N LEU N 80 -7.85 -14.73 -110.17
CA LEU N 80 -7.76 -13.40 -110.77
C LEU N 80 -6.36 -13.09 -111.32
N GLY N 81 -5.39 -13.99 -111.13
CA GLY N 81 -4.05 -13.76 -111.64
C GLY N 81 -3.37 -12.55 -111.02
N VAL N 82 -3.47 -12.43 -109.70
CA VAL N 82 -2.91 -11.30 -108.98
C VAL N 82 -2.04 -11.82 -107.85
N LEU N 83 -1.55 -13.05 -108.00
CA LEU N 83 -0.83 -13.73 -106.94
C LEU N 83 0.45 -12.98 -106.54
N GLU N 84 1.05 -12.25 -107.46
CA GLU N 84 2.29 -11.52 -107.13
C GLU N 84 2.03 -10.44 -106.08
N GLU N 85 0.91 -9.72 -106.20
CA GLU N 85 0.57 -8.71 -105.20
C GLU N 85 0.32 -9.33 -103.83
N LEU N 86 -0.36 -10.49 -103.81
CA LEU N 86 -0.55 -11.19 -102.55
C LEU N 86 0.79 -11.62 -101.95
N LYS N 87 1.71 -12.07 -102.80
CA LYS N 87 3.06 -12.42 -102.33
C LYS N 87 3.74 -11.20 -101.71
N LYS N 88 3.65 -10.05 -102.37
CA LYS N 88 4.26 -8.84 -101.84
C LYS N 88 3.63 -8.46 -100.50
N VAL N 89 2.30 -8.57 -100.38
CA VAL N 89 1.63 -8.27 -99.12
C VAL N 89 2.13 -9.19 -98.02
N LEU N 90 2.26 -10.49 -98.33
CA LEU N 90 2.69 -11.45 -97.33
C LEU N 90 4.14 -11.23 -96.91
N GLU N 91 4.97 -10.74 -97.84
CA GLU N 91 6.33 -10.36 -97.44
C GLU N 91 6.32 -9.11 -96.58
N GLU N 92 5.50 -8.13 -96.92
CA GLU N 92 5.45 -6.89 -96.14
C GLU N 92 5.00 -7.15 -94.72
N VAL N 93 3.96 -7.96 -94.54
CA VAL N 93 3.49 -8.25 -93.18
C VAL N 93 4.53 -9.06 -92.43
N GLY N 94 5.33 -9.87 -93.13
CA GLY N 94 6.35 -10.67 -92.50
C GLY N 94 5.84 -11.99 -92.00
N ASP N 95 5.19 -12.76 -92.88
CA ASP N 95 4.62 -14.06 -92.53
C ASP N 95 5.31 -15.14 -93.33
N GLU N 96 5.80 -16.17 -92.64
CA GLU N 96 6.47 -17.29 -93.31
C GLU N 96 5.51 -18.43 -93.60
N PHE N 97 4.55 -18.69 -92.72
CA PHE N 97 3.60 -19.77 -92.95
C PHE N 97 2.76 -19.51 -94.19
N GLY N 98 2.17 -18.31 -94.29
CA GLY N 98 1.37 -17.98 -95.44
C GLY N 98 2.17 -17.98 -96.73
N LEU N 99 3.39 -17.46 -96.68
CA LEU N 99 4.23 -17.43 -97.87
C LEU N 99 4.57 -18.84 -98.33
N THR N 100 4.90 -19.72 -97.39
CA THR N 100 5.16 -21.12 -97.74
C THR N 100 3.92 -21.78 -98.32
N LEU N 101 2.75 -21.47 -97.78
CA LEU N 101 1.52 -22.01 -98.35
C LEU N 101 1.30 -21.52 -99.77
N VAL N 102 1.60 -20.24 -100.03
CA VAL N 102 1.48 -19.70 -101.38
C VAL N 102 2.39 -20.43 -102.34
N TYR N 103 3.66 -20.63 -101.92
CA TYR N 103 4.58 -21.37 -102.77
C TYR N 103 4.09 -22.79 -103.00
N ALA N 104 3.57 -23.44 -101.97
CA ALA N 104 3.08 -24.81 -102.11
C ALA N 104 1.93 -24.88 -103.11
N ILE N 105 0.98 -23.94 -103.03
CA ILE N 105 -0.15 -23.96 -103.94
C ILE N 105 0.31 -23.70 -105.37
N SER N 106 1.18 -22.71 -105.56
CA SER N 106 1.67 -22.42 -106.91
C SER N 106 2.43 -23.60 -107.49
N LEU N 107 3.27 -24.23 -106.67
CA LEU N 107 4.04 -25.39 -107.13
C LEU N 107 3.12 -26.56 -107.46
N LEU N 108 2.07 -26.77 -106.65
CA LEU N 108 1.11 -27.81 -106.96
C LEU N 108 0.40 -27.55 -108.29
N LYS N 109 0.02 -26.29 -108.54
CA LYS N 109 -0.62 -25.96 -109.81
C LYS N 109 0.33 -26.21 -110.98
N GLU N 110 1.59 -25.79 -110.83
CA GLU N 110 2.56 -26.00 -111.91
C GLU N 110 2.80 -27.49 -112.15
N VAL N 111 2.89 -28.28 -111.10
CA VAL N 111 3.09 -29.72 -111.25
C VAL N 111 1.87 -30.37 -111.88
N GLU N 112 0.66 -29.93 -111.50
CA GLU N 112 -0.55 -30.41 -112.16
C GLU N 112 -0.52 -30.11 -113.65
N LYS N 113 -0.03 -28.93 -114.01
CA LYS N 113 0.20 -28.65 -115.42
C LYS N 113 1.20 -29.63 -116.02
N GLU N 114 2.28 -29.93 -115.29
CA GLU N 114 3.25 -30.90 -115.77
C GLU N 114 2.68 -32.32 -115.75
N GLY N 115 2.08 -32.73 -114.63
CA GLY N 115 1.47 -34.04 -114.53
C GLY N 115 2.38 -35.16 -114.06
N ASP N 116 3.27 -34.90 -113.10
CA ASP N 116 4.18 -35.92 -112.61
C ASP N 116 3.74 -36.37 -111.22
N GLU N 117 3.64 -37.69 -111.01
CA GLU N 117 2.96 -38.21 -109.83
C GLU N 117 3.79 -38.07 -108.56
N GLU N 118 5.10 -38.32 -108.63
CA GLU N 118 5.91 -38.30 -107.41
C GLU N 118 5.94 -36.91 -106.78
N LEU N 119 6.10 -35.87 -107.61
CA LEU N 119 5.98 -34.52 -107.07
C LEU N 119 4.56 -34.21 -106.60
N LYS N 120 3.54 -34.84 -107.19
CA LYS N 120 2.19 -34.71 -106.65
C LYS N 120 2.14 -35.17 -105.20
N GLU N 121 2.67 -36.38 -104.95
CA GLU N 121 2.68 -36.90 -103.58
C GLU N 121 3.52 -36.02 -102.67
N TYR N 122 4.66 -35.54 -103.18
CA TYR N 122 5.55 -34.70 -102.39
C TYR N 122 4.84 -33.43 -101.94
N VAL N 123 4.19 -32.74 -102.88
CA VAL N 123 3.54 -31.47 -102.55
C VAL N 123 2.29 -31.70 -101.70
N LYS N 124 1.58 -32.82 -101.88
CA LYS N 124 0.45 -33.10 -101.01
C LYS N 124 0.90 -33.34 -99.58
N LEU N 125 1.99 -34.08 -99.39
CA LEU N 125 2.54 -34.24 -98.05
C LEU N 125 2.99 -32.90 -97.48
N ALA N 126 3.61 -32.07 -98.31
CA ALA N 126 4.04 -30.74 -97.86
C ALA N 126 2.84 -29.91 -97.40
N ILE N 127 1.74 -29.95 -98.16
CA ILE N 127 0.56 -29.16 -97.82
C ILE N 127 -0.08 -29.69 -96.53
N GLU N 128 -0.14 -31.01 -96.36
CA GLU N 128 -0.70 -31.56 -95.14
C GLU N 128 0.14 -31.17 -93.93
N THR N 129 1.47 -31.22 -94.06
CA THR N 129 2.34 -30.78 -92.97
C THR N 129 2.18 -29.30 -92.71
N LEU N 130 2.00 -28.50 -93.76
CA LEU N 130 1.77 -27.07 -93.58
C LEU N 130 0.48 -26.81 -92.81
N LYS N 131 -0.58 -27.58 -93.12
CA LYS N 131 -1.83 -27.44 -92.38
C LYS N 131 -1.64 -27.82 -90.91
N GLU N 132 -0.92 -28.91 -90.66
CA GLU N 132 -0.69 -29.32 -89.28
C GLU N 132 0.11 -28.27 -88.51
N ALA N 133 1.09 -27.65 -89.17
CA ALA N 133 1.84 -26.57 -88.55
C ALA N 133 0.94 -25.37 -88.29
N PHE N 134 0.15 -24.96 -89.29
CA PHE N 134 -0.77 -23.85 -89.14
C PHE N 134 -1.73 -24.06 -87.97
N GLU N 135 -2.06 -25.31 -87.67
CA GLU N 135 -2.96 -25.59 -86.54
C GLU N 135 -2.45 -24.95 -85.25
N ARG N 136 -1.13 -25.00 -85.02
CA ARG N 136 -0.57 -24.45 -83.79
C ARG N 136 0.73 -23.70 -84.00
N LYS N 137 1.09 -23.34 -85.23
CA LYS N 137 2.35 -22.66 -85.53
C LYS N 137 3.55 -23.46 -85.01
N ASN N 138 3.64 -24.70 -85.49
CA ASN N 138 4.73 -25.60 -85.12
C ASN N 138 5.84 -25.45 -86.14
N TYR N 139 7.00 -24.97 -85.69
CA TYR N 139 8.03 -24.51 -86.62
C TYR N 139 8.71 -25.68 -87.34
N ALA N 140 8.75 -26.86 -86.70
CA ALA N 140 9.47 -27.99 -87.27
C ALA N 140 8.82 -28.52 -88.54
N LEU N 141 7.50 -28.72 -88.51
CA LEU N 141 6.81 -29.12 -89.74
C LEU N 141 6.89 -28.03 -90.79
N LEU N 142 6.98 -26.77 -90.37
CA LEU N 142 7.22 -25.70 -91.32
C LEU N 142 8.57 -25.87 -92.02
N VAL N 143 9.61 -26.23 -91.25
CA VAL N 143 10.91 -26.50 -91.85
C VAL N 143 10.83 -27.65 -92.83
N SER N 144 10.14 -28.72 -92.44
CA SER N 144 10.02 -29.89 -93.32
C SER N 144 9.32 -29.52 -94.62
N ALA N 145 8.20 -28.79 -94.53
CA ALA N 145 7.48 -28.39 -95.72
C ALA N 145 8.30 -27.43 -96.57
N LYS N 146 9.04 -26.53 -95.94
CA LYS N 146 9.91 -25.63 -96.69
C LYS N 146 10.95 -26.40 -97.47
N ILE N 147 11.57 -27.40 -96.83
CA ILE N 147 12.55 -28.23 -97.51
C ILE N 147 11.92 -28.90 -98.72
N ILE N 148 10.74 -29.51 -98.52
CA ILE N 148 10.10 -30.24 -99.60
C ILE N 148 9.80 -29.31 -100.76
N VAL N 149 9.24 -28.12 -100.47
CA VAL N 149 8.82 -27.23 -101.55
C VAL N 149 10.03 -26.65 -102.28
N GLU N 150 11.11 -26.31 -101.56
CA GLU N 150 12.25 -25.74 -102.26
C GLU N 150 12.95 -26.79 -103.12
N ASN N 151 13.06 -28.02 -102.62
CA ASN N 151 13.64 -29.07 -103.44
C ASN N 151 12.78 -29.36 -104.66
N ALA N 152 11.45 -29.35 -104.50
CA ALA N 152 10.57 -29.54 -105.65
C ALA N 152 10.74 -28.41 -106.66
N GLU N 153 10.82 -27.17 -106.18
CA GLU N 153 11.02 -26.04 -107.09
C GLU N 153 12.33 -26.18 -107.85
N GLU N 154 13.40 -26.58 -107.16
CA GLU N 154 14.67 -26.82 -107.83
C GLU N 154 14.54 -27.95 -108.85
N ILE N 155 13.72 -28.96 -108.55
CA ILE N 155 13.48 -30.04 -109.51
C ILE N 155 12.83 -29.49 -110.77
N LEU N 156 11.82 -28.64 -110.62
CA LEU N 156 11.18 -28.05 -111.80
C LEU N 156 12.15 -27.17 -112.59
N LYS N 157 12.99 -26.39 -111.90
CA LYS N 157 13.98 -25.60 -112.63
C LYS N 157 14.95 -26.48 -113.40
N ALA N 158 15.45 -27.55 -112.77
CA ALA N 158 16.36 -28.45 -113.45
C ALA N 158 15.69 -29.23 -114.57
N LYS N 159 14.36 -29.37 -114.51
CA LYS N 159 13.63 -30.05 -115.58
C LYS N 159 13.83 -29.33 -116.91
N LYS N 160 13.65 -28.00 -116.90
CA LYS N 160 13.92 -27.23 -118.11
C LYS N 160 15.42 -27.03 -118.33
N LYS N 161 16.21 -26.97 -117.25
CA LYS N 161 17.66 -26.90 -117.41
C LYS N 161 18.21 -28.19 -118.01
N GLY N 162 17.85 -29.32 -117.44
CA GLY N 162 18.26 -30.61 -117.99
C GLY N 162 19.54 -31.18 -117.39
N ASP N 163 19.69 -31.08 -116.08
CA ASP N 163 20.85 -31.63 -115.36
C ASP N 163 20.32 -32.79 -114.53
N GLU N 164 20.51 -34.01 -115.03
CA GLU N 164 19.91 -35.18 -114.41
C GLU N 164 20.51 -35.48 -113.04
N GLU N 165 21.82 -35.24 -112.88
CA GLU N 165 22.47 -35.50 -111.59
C GLU N 165 21.80 -34.68 -110.50
N LYS N 166 21.51 -33.40 -110.78
CA LYS N 166 20.89 -32.55 -109.78
C LYS N 166 19.47 -33.02 -109.45
N ILE N 167 18.72 -33.48 -110.45
CA ILE N 167 17.35 -33.93 -110.18
C ILE N 167 17.37 -35.21 -109.34
N LYS N 168 18.33 -36.10 -109.61
CA LYS N 168 18.46 -37.29 -108.77
C LYS N 168 18.82 -36.92 -107.34
N GLU N 169 19.74 -35.95 -107.17
CA GLU N 169 20.10 -35.49 -105.84
C GLU N 169 18.89 -34.89 -105.11
N LEU N 170 18.08 -34.13 -105.82
CA LEU N 170 16.90 -33.52 -105.20
C LEU N 170 15.87 -34.57 -104.83
N LEU N 171 15.70 -35.61 -105.66
CA LEU N 171 14.83 -36.72 -105.29
C LEU N 171 15.35 -37.42 -104.03
N GLN N 172 16.67 -37.58 -103.92
CA GLN N 172 17.23 -38.15 -102.70
C GLN N 172 16.89 -37.29 -101.48
N ARG N 173 17.04 -35.97 -101.62
CA ARG N 173 16.70 -35.06 -100.53
C ARG N 173 15.22 -35.17 -100.16
N LEU N 174 14.36 -35.25 -101.16
CA LEU N 174 12.92 -35.35 -100.89
C LEU N 174 12.57 -36.68 -100.23
N LYS N 175 13.21 -37.77 -100.62
CA LYS N 175 12.99 -39.04 -99.93
C LYS N 175 13.41 -38.95 -98.48
N ALA N 176 14.57 -38.32 -98.22
CA ALA N 176 15.00 -38.12 -96.83
C ALA N 176 13.98 -37.30 -96.05
N ALA N 177 13.44 -36.24 -96.68
CA ALA N 177 12.44 -35.42 -96.02
C ALA N 177 11.16 -36.20 -95.71
N LYS N 178 10.72 -37.03 -96.67
CA LYS N 178 9.52 -37.85 -96.44
C LYS N 178 9.75 -38.80 -95.29
N ILE N 179 10.92 -39.43 -95.23
CA ILE N 179 11.23 -40.34 -94.13
C ILE N 179 11.24 -39.59 -92.80
N GLY N 180 11.81 -38.38 -92.80
CA GLY N 180 12.03 -37.69 -91.54
C GLY N 180 10.80 -37.00 -90.99
N THR N 181 9.85 -36.64 -91.86
CA THR N 181 8.72 -35.82 -91.40
C THR N 181 7.91 -36.47 -90.28
N PRO N 182 7.47 -37.73 -90.39
CA PRO N 182 6.80 -38.34 -89.21
C PRO N 182 7.71 -38.39 -88.00
N LEU N 183 9.01 -38.60 -88.22
CA LEU N 183 9.94 -38.68 -87.10
C LEU N 183 10.04 -37.35 -86.37
N VAL N 184 10.13 -36.23 -87.09
CA VAL N 184 10.24 -34.94 -86.43
C VAL N 184 8.93 -34.57 -85.75
N ARG N 185 7.80 -34.89 -86.40
CA ARG N 185 6.51 -34.66 -85.74
C ARG N 185 6.44 -35.42 -84.42
N GLU N 186 6.84 -36.69 -84.43
CA GLU N 186 6.80 -37.50 -83.22
C GLU N 186 7.76 -36.98 -82.16
N VAL N 187 8.95 -36.55 -82.57
CA VAL N 187 9.93 -36.04 -81.61
C VAL N 187 9.39 -34.81 -80.90
N VAL N 188 8.82 -33.88 -81.67
CA VAL N 188 8.25 -32.68 -81.05
C VAL N 188 7.10 -33.05 -80.14
N GLU N 189 6.22 -33.96 -80.57
CA GLU N 189 5.07 -34.34 -79.76
C GLU N 189 5.52 -34.95 -78.44
N ARG N 190 6.49 -35.86 -78.49
CA ARG N 190 6.99 -36.51 -77.27
C ARG N 190 7.66 -35.50 -76.35
N TYR N 191 8.47 -34.59 -76.90
CA TYR N 191 9.12 -33.61 -76.05
C TYR N 191 8.13 -32.65 -75.42
N ARG N 192 7.00 -32.41 -76.06
CA ARG N 192 6.01 -31.47 -75.54
C ARG N 192 5.58 -31.80 -74.11
N GLU N 193 5.24 -33.05 -73.84
CA GLU N 193 4.72 -33.39 -72.51
C GLU N 193 5.41 -34.60 -71.87
N GLU N 194 5.93 -35.54 -72.66
CA GLU N 194 6.47 -36.77 -72.07
C GLU N 194 7.69 -36.48 -71.19
N GLY N 195 8.59 -35.61 -71.66
CA GLY N 195 9.66 -35.11 -70.82
C GLY N 195 11.03 -35.75 -70.96
N GLU N 196 11.26 -36.42 -72.08
CA GLU N 196 12.55 -37.00 -72.35
C GLU N 196 13.63 -35.93 -72.50
N PRO N 197 14.88 -36.34 -72.73
CA PRO N 197 15.93 -35.36 -72.96
C PRO N 197 16.07 -35.10 -74.44
N LEU N 198 15.68 -33.92 -74.87
CA LEU N 198 15.67 -33.64 -76.30
C LEU N 198 16.85 -34.18 -77.04
N LEU N 199 18.03 -33.96 -76.53
CA LEU N 199 19.19 -34.35 -77.34
C LEU N 199 19.15 -35.84 -77.70
N ASP N 200 18.71 -36.67 -76.76
CA ASP N 200 18.63 -38.11 -77.02
C ASP N 200 17.64 -38.42 -78.14
N LEU N 201 16.44 -37.85 -78.07
CA LEU N 201 15.47 -38.05 -79.13
C LEU N 201 15.94 -37.46 -80.45
N LEU N 202 16.62 -36.31 -80.42
CA LEU N 202 17.15 -35.73 -81.65
C LEU N 202 18.15 -36.68 -82.30
N LEU N 203 19.07 -37.24 -81.50
CA LEU N 203 20.06 -38.15 -82.04
C LEU N 203 19.42 -39.41 -82.59
N HIS N 204 18.44 -39.96 -81.86
CA HIS N 204 17.76 -41.17 -82.33
C HIS N 204 17.01 -40.90 -83.63
N MET N 205 16.33 -39.76 -83.72
CA MET N 205 15.61 -39.41 -84.94
C MET N 205 16.58 -39.24 -86.11
N ALA N 206 17.70 -38.57 -85.88
CA ALA N 206 18.68 -38.37 -86.95
C ALA N 206 19.24 -39.71 -87.43
N GLU N 207 19.59 -40.59 -86.48
CA GLU N 207 20.14 -41.89 -86.85
C GLU N 207 19.11 -42.73 -87.60
N THR N 208 17.86 -42.71 -87.14
CA THR N 208 16.80 -43.44 -87.83
C THR N 208 16.60 -42.90 -89.24
N THR N 209 16.63 -41.58 -89.40
CA THR N 209 16.51 -40.98 -90.73
C THR N 209 17.64 -41.43 -91.64
N ILE N 210 18.88 -41.43 -91.13
CA ILE N 210 20.01 -41.83 -91.95
C ILE N 210 19.90 -43.30 -92.34
N ARG N 211 19.55 -44.16 -91.39
CA ARG N 211 19.45 -45.58 -91.67
C ARG N 211 18.35 -45.88 -92.68
N GLU N 212 17.18 -45.28 -92.49
CA GLU N 212 16.07 -45.52 -93.42
C GLU N 212 16.37 -44.93 -94.79
N SER N 213 17.07 -43.79 -94.83
CA SER N 213 17.41 -43.18 -96.12
C SER N 213 18.42 -44.02 -96.88
N GLU N 214 19.43 -44.57 -96.18
CA GLU N 214 20.38 -45.43 -96.86
C GLU N 214 19.78 -46.79 -97.18
N LYS N 215 18.69 -47.17 -96.50
CA LYS N 215 17.95 -48.36 -96.90
C LYS N 215 17.25 -48.18 -98.24
N LEU N 216 17.09 -46.94 -98.70
CA LEU N 216 16.48 -46.65 -99.99
C LEU N 216 17.52 -46.34 -101.06
N GLY N 217 18.78 -46.60 -100.79
CA GLY N 217 19.86 -46.38 -101.73
C GLY N 217 20.48 -45.01 -101.68
N VAL N 218 20.01 -44.14 -100.78
CA VAL N 218 20.49 -42.75 -100.77
C VAL N 218 21.69 -42.65 -99.84
N ASP N 219 22.68 -41.89 -100.30
CA ASP N 219 23.88 -41.67 -99.51
C ASP N 219 23.61 -41.24 -98.12
N PRO N 220 24.59 -41.40 -97.25
CA PRO N 220 24.42 -40.93 -95.89
C PRO N 220 25.02 -39.58 -95.87
N ARG N 221 24.98 -38.89 -96.99
CA ARG N 221 25.45 -37.52 -97.00
C ARG N 221 24.29 -36.54 -97.04
N LEU N 222 23.78 -36.25 -98.22
CA LEU N 222 22.76 -35.21 -98.34
C LEU N 222 21.61 -35.46 -97.38
N ALA N 223 21.28 -36.73 -97.12
CA ALA N 223 20.30 -37.04 -96.10
C ALA N 223 20.78 -36.57 -94.73
N ALA N 224 22.10 -36.58 -94.51
CA ALA N 224 22.64 -36.04 -93.28
C ALA N 224 22.37 -34.54 -93.18
N GLU N 225 22.53 -33.80 -94.27
CA GLU N 225 22.26 -32.37 -94.23
C GLU N 225 20.76 -32.09 -94.07
N VAL N 226 19.91 -32.95 -94.64
CA VAL N 226 18.47 -32.81 -94.43
C VAL N 226 18.14 -33.00 -92.95
N ALA N 227 18.70 -34.04 -92.34
CA ALA N 227 18.50 -34.26 -90.91
C ALA N 227 19.07 -33.12 -90.09
N ARG N 228 20.15 -32.50 -90.56
CA ARG N 228 20.73 -31.35 -89.85
C ARG N 228 19.79 -30.16 -89.87
N GLU N 229 19.22 -29.86 -91.04
CA GLU N 229 18.24 -28.78 -91.13
C GLU N 229 17.03 -29.05 -90.24
N MET N 230 16.55 -30.30 -90.24
CA MET N 230 15.39 -30.63 -89.41
C MET N 230 15.73 -30.56 -87.93
N VAL N 231 16.96 -30.92 -87.56
CA VAL N 231 17.40 -30.78 -86.17
C VAL N 231 17.44 -29.32 -85.77
N ASP N 232 17.92 -28.46 -86.67
CA ASP N 232 17.92 -27.03 -86.41
C ASP N 232 16.49 -26.53 -86.21
N GLY N 233 15.56 -26.99 -87.05
CA GLY N 233 14.17 -26.60 -86.89
C GLY N 233 13.58 -27.06 -85.57
N VAL N 234 13.91 -28.28 -85.15
CA VAL N 234 13.44 -28.79 -83.87
C VAL N 234 13.99 -27.94 -82.72
N GLY N 235 15.27 -27.58 -82.81
CA GLY N 235 15.85 -26.72 -81.79
C GLY N 235 15.17 -25.36 -81.72
N HIS N 236 14.86 -24.78 -82.88
CA HIS N 236 14.16 -23.50 -82.90
C HIS N 236 12.76 -23.62 -82.30
N GLU N 237 12.03 -24.67 -82.68
CA GLU N 237 10.65 -24.81 -82.21
C GLU N 237 10.60 -25.08 -80.71
N THR N 238 11.46 -25.98 -80.23
CA THR N 238 11.42 -26.40 -78.84
C THR N 238 11.94 -25.35 -77.88
N GLY N 239 12.59 -24.29 -78.39
CA GLY N 239 13.13 -23.28 -77.51
C GLY N 239 14.44 -23.63 -76.86
N GLU N 240 15.10 -24.69 -77.32
CA GLU N 240 16.39 -25.11 -76.76
C GLU N 240 17.31 -25.46 -77.93
N THR N 241 18.32 -24.61 -78.15
CA THR N 241 19.24 -24.79 -79.28
C THR N 241 20.57 -25.39 -78.91
N GLU N 242 20.93 -25.43 -77.62
CA GLU N 242 22.21 -26.02 -77.22
C GLU N 242 22.23 -27.51 -77.51
N ALA N 243 21.14 -28.22 -77.23
CA ALA N 243 21.06 -29.63 -77.59
C ALA N 243 21.07 -29.80 -79.10
N ALA N 244 20.36 -28.92 -79.81
CA ALA N 244 20.42 -28.94 -81.27
C ALA N 244 21.84 -28.67 -81.76
N PHE N 245 22.54 -27.76 -81.09
CA PHE N 245 23.94 -27.49 -81.44
C PHE N 245 24.79 -28.74 -81.26
N ARG N 246 24.62 -29.45 -80.15
CA ARG N 246 25.40 -30.64 -79.89
C ARG N 246 25.12 -31.72 -80.92
N VAL N 247 23.84 -31.95 -81.24
CA VAL N 247 23.50 -32.96 -82.24
C VAL N 247 24.02 -32.55 -83.61
N ARG N 248 24.03 -31.24 -83.89
CA ARG N 248 24.62 -30.74 -85.12
C ARG N 248 26.11 -31.07 -85.19
N ARG N 249 26.82 -30.89 -84.07
CA ARG N 249 28.25 -31.22 -84.04
C ARG N 249 28.48 -32.71 -84.24
N GLU N 250 27.67 -33.55 -83.60
CA GLU N 250 27.85 -35.00 -83.79
C GLU N 250 27.55 -35.42 -85.21
N LEU N 251 26.53 -34.81 -85.84
CA LEU N 251 26.24 -35.13 -87.24
C LEU N 251 27.35 -34.64 -88.16
N ASP N 252 27.95 -33.48 -87.85
CA ASP N 252 29.10 -32.99 -88.60
C ASP N 252 30.29 -33.93 -88.46
N THR N 253 30.48 -34.52 -87.28
CA THR N 253 31.50 -35.54 -87.14
C THR N 253 31.15 -36.80 -87.92
N VAL N 254 29.86 -37.14 -87.98
CA VAL N 254 29.42 -38.35 -88.67
C VAL N 254 29.70 -38.24 -90.16
N ILE N 255 29.41 -37.09 -90.77
CA ILE N 255 29.57 -36.96 -92.22
C ILE N 255 31.03 -37.10 -92.61
N LEU N 256 31.95 -36.85 -91.67
CA LEU N 256 33.37 -37.01 -91.93
C LEU N 256 33.73 -38.48 -92.18
N THR O 25 35.73 12.01 -76.61
CA THR O 25 36.37 12.97 -77.50
C THR O 25 37.85 13.10 -77.18
N GLU O 26 38.36 12.19 -76.34
CA GLU O 26 39.76 12.23 -75.96
C GLU O 26 40.68 12.02 -77.15
N LYS O 27 40.30 11.11 -78.05
CA LYS O 27 41.10 10.89 -79.26
C LYS O 27 41.18 12.16 -80.09
N LEU O 28 40.05 12.87 -80.24
CA LEU O 28 40.05 14.09 -81.03
C LEU O 28 40.91 15.18 -80.37
N LYS O 29 40.84 15.29 -79.05
CA LYS O 29 41.67 16.26 -78.34
C LYS O 29 43.15 15.95 -78.52
N LYS O 30 43.52 14.68 -78.41
CA LYS O 30 44.91 14.29 -78.62
C LYS O 30 45.35 14.54 -80.05
N ILE O 31 44.48 14.29 -81.02
CA ILE O 31 44.82 14.54 -82.42
C ILE O 31 45.07 16.04 -82.62
N THR O 32 44.21 16.88 -82.06
CA THR O 32 44.41 18.32 -82.18
C THR O 32 45.71 18.75 -81.52
N LYS O 33 46.00 18.22 -80.33
CA LYS O 33 47.23 18.57 -79.64
C LYS O 33 48.45 18.18 -80.45
N LEU O 34 48.46 16.96 -80.98
CA LEU O 34 49.62 16.49 -81.73
C LEU O 34 49.77 17.26 -83.04
N LEU O 35 48.66 17.65 -83.67
CA LEU O 35 48.77 18.46 -84.87
C LEU O 35 49.32 19.84 -84.55
N HIS O 36 49.01 20.40 -83.41
CA HIS O 36 49.60 21.67 -83.07
C HIS O 36 51.06 21.38 -82.98
N GLU O 37 51.43 20.48 -82.09
CA GLU O 37 52.86 20.28 -81.88
C GLU O 37 53.60 20.13 -83.20
N LEU O 38 53.04 19.36 -84.13
CA LEU O 38 53.68 19.16 -85.42
C LEU O 38 53.81 20.47 -86.18
N VAL O 39 52.75 21.29 -86.19
CA VAL O 39 52.80 22.54 -86.94
C VAL O 39 53.70 23.55 -86.24
N ASP O 40 53.90 23.42 -84.92
CA ASP O 40 54.79 24.33 -84.22
C ASP O 40 56.22 24.18 -84.74
N ARG O 41 56.70 22.95 -84.87
CA ARG O 41 58.06 22.69 -85.36
C ARG O 41 57.98 22.26 -86.83
N GLY O 42 57.75 23.25 -87.70
CA GLY O 42 57.72 23.00 -89.14
C GLY O 42 56.65 21.98 -89.51
N GLU O 43 57.05 21.02 -90.33
CA GLU O 43 56.22 19.85 -90.70
C GLU O 43 54.94 20.36 -91.36
N ILE O 44 53.76 20.02 -90.85
CA ILE O 44 52.48 20.33 -91.49
C ILE O 44 52.24 21.84 -91.46
N PRO O 45 51.44 22.37 -92.40
CA PRO O 45 51.12 23.81 -92.35
C PRO O 45 50.06 24.14 -91.31
N GLU O 46 49.75 25.43 -91.16
CA GLU O 46 48.87 25.87 -90.08
C GLU O 46 47.40 25.58 -90.34
N GLU O 47 46.99 25.49 -91.62
CA GLU O 47 45.59 25.33 -91.95
C GLU O 47 45.01 24.07 -91.32
N LEU O 48 45.80 22.98 -91.32
CA LEU O 48 45.30 21.73 -90.76
C LEU O 48 45.07 21.86 -89.26
N ALA O 49 45.98 22.55 -88.55
CA ALA O 49 45.80 22.74 -87.11
C ALA O 49 44.60 23.63 -86.82
N THR O 50 44.40 24.68 -87.62
CA THR O 50 43.24 25.55 -87.43
C THR O 50 41.95 24.78 -87.66
N LEU O 51 41.90 23.96 -88.71
CA LEU O 51 40.72 23.13 -88.94
C LEU O 51 40.51 22.16 -87.79
N ALA O 52 41.59 21.58 -87.26
CA ALA O 52 41.47 20.69 -86.12
C ALA O 52 40.84 21.39 -84.94
N THR O 53 41.27 22.63 -84.67
CA THR O 53 40.71 23.39 -83.54
C THR O 53 39.23 23.67 -83.76
N LEU O 54 38.88 24.17 -84.95
CA LEU O 54 37.48 24.51 -85.21
C LEU O 54 36.58 23.28 -85.11
N LEU O 55 37.01 22.17 -85.71
CA LEU O 55 36.21 20.95 -85.65
C LEU O 55 36.17 20.37 -84.24
N LEU O 56 37.24 20.52 -83.46
CA LEU O 56 37.22 20.07 -82.09
C LEU O 56 36.25 20.88 -81.24
N TYR O 57 36.05 22.16 -81.59
CA TYR O 57 35.02 22.94 -80.93
C TYR O 57 33.63 22.48 -81.36
N LEU O 58 33.44 22.32 -82.67
CA LEU O 58 32.13 21.97 -83.22
C LEU O 58 31.66 20.62 -82.67
N VAL O 59 32.49 19.60 -82.78
CA VAL O 59 32.30 18.37 -82.00
C VAL O 59 32.46 18.78 -80.55
N GLU O 60 31.67 18.16 -79.66
CA GLU O 60 31.67 18.48 -78.24
C GLU O 60 30.97 19.83 -78.01
N LYS O 61 30.70 20.57 -79.09
CA LYS O 61 29.58 21.51 -79.05
C LYS O 61 28.29 20.81 -79.46
N GLY O 62 28.40 19.66 -80.12
CA GLY O 62 27.24 18.89 -80.51
C GLY O 62 26.64 19.34 -81.82
N LEU O 63 27.49 19.69 -82.78
CA LEU O 63 27.02 20.17 -84.07
C LEU O 63 27.49 19.34 -85.26
N ILE O 64 28.50 18.48 -85.09
CA ILE O 64 28.91 17.56 -86.14
C ILE O 64 29.32 16.25 -85.47
N SER O 65 29.64 15.24 -86.28
CA SER O 65 30.05 13.94 -85.79
C SER O 65 31.53 13.73 -86.06
N GLU O 66 32.10 12.73 -85.38
CA GLU O 66 33.52 12.42 -85.55
C GLU O 66 33.84 12.04 -86.99
N PHE O 67 32.86 11.46 -87.70
CA PHE O 67 33.08 11.11 -89.10
C PHE O 67 33.38 12.36 -89.92
N ASP O 68 32.64 13.44 -89.71
CA ASP O 68 32.91 14.67 -90.44
C ASP O 68 34.26 15.25 -90.08
N PHE O 69 34.62 15.19 -88.80
CA PHE O 69 35.95 15.63 -88.36
C PHE O 69 37.05 14.91 -89.13
N ILE O 70 37.02 13.56 -89.10
CA ILE O 70 38.07 12.79 -89.74
C ILE O 70 38.04 12.99 -91.26
N GLU O 71 36.84 13.09 -91.84
CA GLU O 71 36.74 13.26 -93.29
C GLU O 71 37.35 14.59 -93.72
N HIS O 72 37.05 15.67 -93.00
CA HIS O 72 37.63 16.97 -93.32
C HIS O 72 39.14 16.95 -93.15
N LEU O 73 39.62 16.32 -92.06
CA LEU O 73 41.06 16.24 -91.84
C LEU O 73 41.75 15.50 -92.98
N VAL O 74 41.18 14.38 -93.41
CA VAL O 74 41.77 13.59 -94.48
C VAL O 74 41.72 14.35 -95.80
N ARG O 75 40.62 15.06 -96.06
CA ARG O 75 40.51 15.83 -97.29
C ARG O 75 41.57 16.92 -97.35
N LEU O 76 41.77 17.65 -96.24
CA LEU O 76 42.82 18.66 -96.23
C LEU O 76 44.21 18.05 -96.36
N ALA O 77 44.44 16.91 -95.69
CA ALA O 77 45.74 16.26 -95.80
C ALA O 77 46.03 15.83 -97.23
N GLU O 78 45.02 15.29 -97.93
CA GLU O 78 45.18 14.94 -99.33
C GLU O 78 45.42 16.17 -100.18
N LYS O 79 44.72 17.27 -99.88
CA LYS O 79 44.92 18.49 -100.65
C LYS O 79 46.34 19.04 -100.50
N LEU O 80 46.88 18.99 -99.28
CA LEU O 80 48.22 19.51 -99.02
C LEU O 80 49.30 18.47 -99.15
N GLY O 81 48.96 17.21 -99.41
CA GLY O 81 49.95 16.15 -99.56
C GLY O 81 50.76 15.91 -98.31
N VAL O 82 50.08 15.84 -97.16
CA VAL O 82 50.74 15.66 -95.88
C VAL O 82 50.09 14.48 -95.16
N LEU O 83 49.49 13.57 -95.94
CA LEU O 83 48.70 12.48 -95.37
C LEU O 83 49.54 11.56 -94.49
N GLU O 84 50.83 11.44 -94.77
CA GLU O 84 51.68 10.56 -93.97
C GLU O 84 51.78 11.05 -92.53
N GLU O 85 51.90 12.36 -92.33
CA GLU O 85 51.97 12.90 -90.98
C GLU O 85 50.65 12.68 -90.24
N LEU O 86 49.53 12.83 -90.93
CA LEU O 86 48.23 12.53 -90.31
C LEU O 86 48.14 11.05 -89.94
N LYS O 87 48.67 10.17 -90.79
CA LYS O 87 48.69 8.75 -90.47
C LYS O 87 49.52 8.49 -89.21
N LYS O 88 50.69 9.14 -89.12
CA LYS O 88 51.52 8.98 -87.93
C LYS O 88 50.80 9.47 -86.68
N VAL O 89 50.11 10.61 -86.78
CA VAL O 89 49.36 11.14 -85.64
C VAL O 89 48.28 10.16 -85.22
N LEU O 90 47.57 9.58 -86.19
CA LEU O 90 46.48 8.66 -85.86
C LEU O 90 47.02 7.36 -85.26
N GLU O 91 48.22 6.93 -85.66
CA GLU O 91 48.84 5.79 -84.99
C GLU O 91 49.27 6.15 -83.57
N GLU O 92 49.84 7.34 -83.38
CA GLU O 92 50.28 7.75 -82.04
C GLU O 92 49.12 7.83 -81.06
N VAL O 93 48.00 8.43 -81.48
CA VAL O 93 46.86 8.52 -80.58
C VAL O 93 46.28 7.13 -80.32
N GLY O 94 46.41 6.21 -81.28
CA GLY O 94 45.90 4.88 -81.12
C GLY O 94 44.44 4.74 -81.50
N ASP O 95 44.11 5.17 -82.72
CA ASP O 95 42.74 5.13 -83.23
C ASP O 95 42.68 4.20 -84.43
N GLU O 96 41.75 3.25 -84.39
CA GLU O 96 41.58 2.32 -85.50
C GLU O 96 40.52 2.79 -86.49
N PHE O 97 39.45 3.41 -86.01
CA PHE O 97 38.40 3.89 -86.89
C PHE O 97 38.93 4.96 -87.85
N GLY O 98 39.62 5.96 -87.31
CA GLY O 98 40.17 7.01 -88.15
C GLY O 98 41.21 6.49 -89.12
N LEU O 99 42.06 5.57 -88.67
CA LEU O 99 43.08 5.01 -89.54
C LEU O 99 42.44 4.22 -90.69
N THR O 100 41.41 3.44 -90.38
CA THR O 100 40.70 2.71 -91.42
C THR O 100 40.04 3.66 -92.40
N LEU O 101 39.49 4.77 -91.90
CA LEU O 101 38.90 5.77 -92.79
C LEU O 101 39.96 6.39 -93.70
N VAL O 102 41.15 6.65 -93.16
CA VAL O 102 42.24 7.19 -93.97
C VAL O 102 42.61 6.22 -95.08
N TYR O 103 42.76 4.93 -94.73
CA TYR O 103 43.06 3.94 -95.75
C TYR O 103 41.96 3.86 -96.79
N ALA O 104 40.69 3.92 -96.36
CA ALA O 104 39.58 3.86 -97.30
C ALA O 104 39.61 5.02 -98.27
N ILE O 105 39.86 6.23 -97.77
CA ILE O 105 39.89 7.41 -98.64
C ILE O 105 41.05 7.33 -99.62
N SER O 106 42.24 6.94 -99.13
CA SER O 106 43.39 6.84 -100.03
C SER O 106 43.17 5.77 -101.09
N LEU O 107 42.59 4.63 -100.69
CA LEU O 107 42.32 3.56 -101.64
C LEU O 107 41.27 3.98 -102.67
N LEU O 108 40.26 4.72 -102.24
CA LEU O 108 39.27 5.25 -103.17
C LEU O 108 39.91 6.19 -104.18
N LYS O 109 40.79 7.07 -103.70
CA LYS O 109 41.47 7.98 -104.62
C LYS O 109 42.33 7.23 -105.62
N GLU O 110 43.07 6.21 -105.15
CA GLU O 110 43.90 5.42 -106.05
C GLU O 110 43.06 4.67 -107.06
N VAL O 111 41.94 4.11 -106.63
CA VAL O 111 41.06 3.39 -107.56
C VAL O 111 40.43 4.34 -108.57
N GLU O 112 40.05 5.55 -108.13
CA GLU O 112 39.56 6.56 -109.06
C GLU O 112 40.62 6.89 -110.10
N LYS O 113 41.88 6.96 -109.68
CA LYS O 113 42.96 7.09 -110.66
C LYS O 113 42.98 5.90 -111.60
N GLU O 114 42.79 4.69 -111.07
CA GLU O 114 42.76 3.50 -111.92
C GLU O 114 41.49 3.46 -112.76
N GLY O 115 40.32 3.66 -112.14
CA GLY O 115 39.07 3.68 -112.85
C GLY O 115 38.36 2.35 -113.01
N ASP O 116 38.39 1.50 -111.99
CA ASP O 116 37.75 0.20 -112.08
C ASP O 116 36.48 0.20 -111.23
N GLU O 117 35.36 -0.26 -111.81
CA GLU O 117 34.04 -0.03 -111.21
C GLU O 117 33.79 -0.93 -110.00
N GLU O 118 34.19 -2.21 -110.08
CA GLU O 118 33.86 -3.13 -108.99
C GLU O 118 34.53 -2.72 -107.69
N LEU O 119 35.81 -2.32 -107.75
CA LEU O 119 36.45 -1.76 -106.57
C LEU O 119 35.84 -0.44 -106.15
N LYS O 120 35.28 0.33 -107.09
CA LYS O 120 34.53 1.52 -106.70
C LYS O 120 33.37 1.15 -105.78
N GLU O 121 32.56 0.17 -106.21
CA GLU O 121 31.45 -0.26 -105.38
C GLU O 121 31.93 -0.83 -104.05
N TYR O 122 33.03 -1.59 -104.09
CA TYR O 122 33.56 -2.20 -102.87
C TYR O 122 33.95 -1.13 -101.86
N VAL O 123 34.70 -0.11 -102.31
CA VAL O 123 35.16 0.91 -101.39
C VAL O 123 34.03 1.82 -100.94
N LYS O 124 33.03 2.05 -101.80
CA LYS O 124 31.88 2.84 -101.36
C LYS O 124 31.10 2.11 -100.27
N LEU O 125 30.90 0.79 -100.43
CA LEU O 125 30.27 0.01 -99.37
C LEU O 125 31.11 0.04 -98.10
N ALA O 126 32.43 -0.07 -98.24
CA ALA O 126 33.32 0.00 -97.08
C ALA O 126 33.18 1.33 -96.35
N ILE O 127 33.12 2.43 -97.11
CA ILE O 127 33.01 3.75 -96.50
C ILE O 127 31.67 3.93 -95.81
N GLU O 128 30.59 3.44 -96.42
CA GLU O 128 29.29 3.54 -95.79
C GLU O 128 29.25 2.73 -94.49
N THR O 129 29.83 1.53 -94.49
CA THR O 129 29.89 0.74 -93.28
C THR O 129 30.76 1.43 -92.23
N LEU O 130 31.84 2.07 -92.66
CA LEU O 130 32.70 2.81 -91.72
C LEU O 130 31.92 3.96 -91.08
N LYS O 131 31.12 4.66 -91.86
CA LYS O 131 30.29 5.73 -91.30
C LYS O 131 29.28 5.19 -90.30
N GLU O 132 28.65 4.06 -90.64
CA GLU O 132 27.68 3.47 -89.72
C GLU O 132 28.35 3.03 -88.43
N ALA O 133 29.57 2.48 -88.52
CA ALA O 133 30.32 2.14 -87.31
C ALA O 133 30.68 3.38 -86.51
N PHE O 134 31.20 4.41 -87.18
CA PHE O 134 31.54 5.66 -86.52
C PHE O 134 30.37 6.25 -85.77
N GLU O 135 29.14 6.02 -86.26
CA GLU O 135 27.96 6.56 -85.59
C GLU O 135 27.92 6.13 -84.13
N ARG O 136 28.30 4.88 -83.83
CA ARG O 136 28.24 4.38 -82.46
C ARG O 136 29.44 3.54 -82.07
N LYS O 137 30.52 3.54 -82.85
CA LYS O 137 31.70 2.71 -82.58
C LYS O 137 31.32 1.23 -82.49
N ASN O 138 30.73 0.73 -83.58
CA ASN O 138 30.31 -0.66 -83.66
C ASN O 138 31.44 -1.45 -84.32
N TYR O 139 32.01 -2.38 -83.56
CA TYR O 139 33.28 -2.99 -83.96
C TYR O 139 33.10 -3.94 -85.14
N ALA O 140 31.91 -4.53 -85.29
CA ALA O 140 31.70 -5.55 -86.31
C ALA O 140 31.75 -4.96 -87.72
N LEU O 141 31.05 -3.85 -87.94
CA LEU O 141 31.15 -3.18 -89.24
C LEU O 141 32.56 -2.66 -89.48
N LEU O 142 33.27 -2.31 -88.42
CA LEU O 142 34.69 -1.97 -88.57
C LEU O 142 35.49 -3.14 -89.08
N VAL O 143 35.22 -4.35 -88.57
CA VAL O 143 35.90 -5.55 -89.08
C VAL O 143 35.57 -5.76 -90.54
N SER O 144 34.29 -5.62 -90.90
CA SER O 144 33.88 -5.82 -92.29
C SER O 144 34.59 -4.84 -93.21
N ALA O 145 34.60 -3.56 -92.83
CA ALA O 145 35.26 -2.55 -93.65
C ALA O 145 36.76 -2.78 -93.74
N LYS O 146 37.37 -3.20 -92.63
CA LYS O 146 38.80 -3.52 -92.65
C LYS O 146 39.09 -4.65 -93.62
N ILE O 147 38.27 -5.69 -93.59
CA ILE O 147 38.44 -6.80 -94.53
C ILE O 147 38.35 -6.30 -95.96
N ILE O 148 37.32 -5.49 -96.25
CA ILE O 148 37.13 -5.03 -97.62
C ILE O 148 38.33 -4.20 -98.08
N VAL O 149 38.79 -3.28 -97.23
CA VAL O 149 39.86 -2.38 -97.64
C VAL O 149 41.19 -3.13 -97.79
N GLU O 150 41.47 -4.09 -96.91
CA GLU O 150 42.75 -4.81 -97.04
C GLU O 150 42.74 -5.71 -98.26
N ASN O 151 41.61 -6.36 -98.54
CA ASN O 151 41.55 -7.17 -99.76
C ASN O 151 41.64 -6.31 -101.00
N ALA O 152 41.02 -5.12 -101.00
CA ALA O 152 41.17 -4.22 -102.13
C ALA O 152 42.61 -3.76 -102.31
N GLU O 153 43.29 -3.43 -101.20
CA GLU O 153 44.69 -3.03 -101.28
C GLU O 153 45.54 -4.15 -101.86
N GLU O 154 45.31 -5.38 -101.41
CA GLU O 154 46.03 -6.53 -101.97
C GLU O 154 45.71 -6.69 -103.46
N ILE O 155 44.48 -6.39 -103.86
CA ILE O 155 44.12 -6.43 -105.28
C ILE O 155 44.95 -5.43 -106.08
N LEU O 156 45.07 -4.21 -105.57
CA LEU O 156 45.89 -3.21 -106.27
C LEU O 156 47.36 -3.61 -106.31
N LYS O 157 47.89 -4.18 -105.23
CA LYS O 157 49.27 -4.66 -105.27
C LYS O 157 49.45 -5.75 -106.31
N ALA O 158 48.54 -6.73 -106.34
CA ALA O 158 48.63 -7.81 -107.32
C ALA O 158 48.40 -7.32 -108.74
N LYS O 159 47.72 -6.17 -108.91
CA LYS O 159 47.53 -5.61 -110.25
C LYS O 159 48.86 -5.30 -110.90
N LYS O 160 49.76 -4.62 -110.17
CA LYS O 160 51.09 -4.37 -110.70
C LYS O 160 51.97 -5.62 -110.61
N LYS O 161 51.74 -6.49 -109.62
CA LYS O 161 52.48 -7.74 -109.56
C LYS O 161 52.10 -8.65 -110.72
N GLY O 162 50.80 -8.86 -110.93
CA GLY O 162 50.33 -9.64 -112.07
C GLY O 162 50.12 -11.11 -111.78
N ASP O 163 49.53 -11.43 -110.63
CA ASP O 163 49.22 -12.80 -110.24
C ASP O 163 47.69 -12.92 -110.27
N GLU O 164 47.17 -13.48 -111.35
CA GLU O 164 45.72 -13.49 -111.57
C GLU O 164 45.00 -14.38 -110.55
N GLU O 165 45.61 -15.49 -110.16
CA GLU O 165 44.99 -16.38 -109.19
C GLU O 165 44.70 -15.63 -107.89
N LYS O 166 45.67 -14.83 -107.43
CA LYS O 166 45.48 -14.09 -106.20
C LYS O 166 44.38 -13.04 -106.32
N ILE O 167 44.29 -12.38 -107.48
CA ILE O 167 43.24 -11.36 -107.64
C ILE O 167 41.86 -12.01 -107.68
N LYS O 168 41.75 -13.18 -108.31
CA LYS O 168 40.48 -13.90 -108.28
C LYS O 168 40.12 -14.31 -106.86
N GLU O 169 41.10 -14.79 -106.09
CA GLU O 169 40.85 -15.15 -104.71
C GLU O 169 40.38 -13.95 -103.89
N LEU O 170 41.00 -12.79 -104.12
CA LEU O 170 40.62 -11.59 -103.39
C LEU O 170 39.22 -11.11 -103.78
N LEU O 171 38.87 -11.23 -105.07
CA LEU O 171 37.49 -10.94 -105.47
C LEU O 171 36.50 -11.88 -104.80
N GLN O 172 36.86 -13.16 -104.66
CA GLN O 172 36.01 -14.09 -103.91
C GLN O 172 35.83 -13.63 -102.47
N ARG O 173 36.92 -13.24 -101.82
CA ARG O 173 36.84 -12.75 -100.44
C ARG O 173 35.95 -11.51 -100.36
N LEU O 174 36.08 -10.60 -101.31
CA LEU O 174 35.28 -9.38 -101.29
C LEU O 174 33.81 -9.67 -101.53
N LYS O 175 33.50 -10.63 -102.40
CA LYS O 175 32.10 -11.02 -102.58
C LYS O 175 31.53 -11.62 -101.30
N ALA O 176 32.33 -12.45 -100.61
CA ALA O 176 31.88 -12.98 -99.33
C ALA O 176 31.63 -11.86 -98.33
N ALA O 177 32.52 -10.86 -98.30
CA ALA O 177 32.35 -9.74 -97.38
C ALA O 177 31.08 -8.94 -97.71
N LYS O 178 30.83 -8.70 -99.00
CA LYS O 178 29.63 -7.98 -99.39
C LYS O 178 28.38 -8.74 -98.97
N ILE O 179 28.37 -10.06 -99.16
CA ILE O 179 27.23 -10.86 -98.74
C ILE O 179 27.05 -10.80 -97.23
N GLY O 180 28.16 -10.84 -96.48
CA GLY O 180 28.05 -10.97 -95.04
C GLY O 180 27.74 -9.67 -94.32
N THR O 181 28.10 -8.53 -94.92
CA THR O 181 27.98 -7.26 -94.20
C THR O 181 26.56 -6.96 -93.73
N PRO O 182 25.52 -7.03 -94.58
CA PRO O 182 24.16 -6.86 -94.03
C PRO O 182 23.83 -7.89 -92.97
N LEU O 183 24.33 -9.12 -93.14
CA LEU O 183 24.03 -10.17 -92.18
C LEU O 183 24.63 -9.85 -90.81
N VAL O 184 25.88 -9.38 -90.77
CA VAL O 184 26.51 -9.09 -89.48
C VAL O 184 25.85 -7.87 -88.85
N ARG O 185 25.52 -6.85 -89.66
CA ARG O 185 24.80 -5.71 -89.13
C ARG O 185 23.49 -6.16 -88.48
N GLU O 186 22.74 -7.01 -89.17
CA GLU O 186 21.46 -7.48 -88.65
C GLU O 186 21.65 -8.31 -87.39
N VAL O 187 22.68 -9.17 -87.36
CA VAL O 187 22.91 -10.01 -86.19
C VAL O 187 23.19 -9.15 -84.97
N VAL O 188 24.06 -8.14 -85.12
CA VAL O 188 24.37 -7.26 -84.00
C VAL O 188 23.11 -6.51 -83.57
N GLU O 189 22.34 -5.99 -84.54
CA GLU O 189 21.14 -5.23 -84.20
C GLU O 189 20.15 -6.09 -83.41
N ARG O 190 19.92 -7.32 -83.87
CA ARG O 190 18.98 -8.20 -83.19
C ARG O 190 19.47 -8.57 -81.80
N TYR O 191 20.78 -8.86 -81.67
CA TYR O 191 21.28 -9.21 -80.34
C TYR O 191 21.23 -8.04 -79.38
N ARG O 192 21.30 -6.81 -79.89
CA ARG O 192 21.28 -5.63 -79.03
C ARG O 192 20.09 -5.60 -78.08
N GLU O 193 18.88 -5.82 -78.59
CA GLU O 193 17.69 -5.70 -77.76
C GLU O 193 16.74 -6.89 -77.85
N GLU O 194 16.71 -7.61 -78.97
CA GLU O 194 15.71 -8.67 -79.13
C GLU O 194 15.93 -9.80 -78.14
N GLY O 195 17.18 -10.21 -77.93
CA GLY O 195 17.52 -11.12 -76.85
C GLY O 195 17.70 -12.58 -77.20
N GLU O 196 17.93 -12.87 -78.46
CA GLU O 196 18.18 -14.23 -78.87
C GLU O 196 19.52 -14.78 -78.32
N PRO O 197 19.86 -16.03 -78.65
CA PRO O 197 21.12 -16.59 -78.19
C PRO O 197 22.21 -16.38 -79.21
N LEU O 198 23.10 -15.45 -78.93
CA LEU O 198 24.12 -15.10 -79.91
C LEU O 198 24.63 -16.26 -80.70
N LEU O 199 24.94 -17.35 -80.05
CA LEU O 199 25.57 -18.42 -80.82
C LEU O 199 24.67 -18.91 -81.96
N ASP O 200 23.37 -18.98 -81.71
CA ASP O 200 22.44 -19.43 -82.73
C ASP O 200 22.44 -18.49 -83.92
N LEU O 201 22.31 -17.18 -83.66
CA LEU O 201 22.35 -16.21 -84.74
C LEU O 201 23.71 -16.19 -85.45
N LEU O 202 24.80 -16.36 -84.70
CA LEU O 202 26.12 -16.43 -85.33
C LEU O 202 26.20 -17.60 -86.30
N LEU O 203 25.73 -18.77 -85.87
CA LEU O 203 25.77 -19.95 -86.73
C LEU O 203 24.89 -19.77 -87.95
N HIS O 204 23.69 -19.22 -87.77
CA HIS O 204 22.79 -19.00 -88.91
C HIS O 204 23.39 -18.00 -89.89
N MET O 205 24.00 -16.93 -89.38
CA MET O 205 24.63 -15.94 -90.25
C MET O 205 25.80 -16.56 -91.02
N ALA O 206 26.63 -17.36 -90.35
CA ALA O 206 27.75 -18.00 -91.02
C ALA O 206 27.27 -18.95 -92.10
N GLU O 207 26.26 -19.77 -91.79
CA GLU O 207 25.74 -20.71 -92.78
C GLU O 207 25.12 -19.99 -93.97
N THR O 208 24.36 -18.91 -93.70
CA THR O 208 23.79 -18.13 -94.78
C THR O 208 24.87 -17.51 -95.65
N THR O 209 25.93 -17.00 -95.03
CA THR O 209 27.04 -16.44 -95.80
C THR O 209 27.69 -17.51 -96.68
N ILE O 210 27.92 -18.70 -96.14
CA ILE O 210 28.54 -19.76 -96.93
C ILE O 210 27.65 -20.17 -98.09
N ARG O 211 26.34 -20.33 -97.83
CA ARG O 211 25.43 -20.76 -98.87
C ARG O 211 25.32 -19.71 -99.98
N GLU O 212 25.17 -18.44 -99.60
CA GLU O 212 25.06 -17.39 -100.61
C GLU O 212 26.37 -17.21 -101.37
N SER O 213 27.50 -17.39 -100.69
CA SER O 213 28.79 -17.26 -101.36
C SER O 213 29.02 -18.38 -102.37
N GLU O 214 28.64 -19.62 -102.00
CA GLU O 214 28.78 -20.72 -102.94
C GLU O 214 27.73 -20.64 -104.04
N LYS O 215 26.63 -19.92 -103.81
CA LYS O 215 25.68 -19.64 -104.87
C LYS O 215 26.27 -18.73 -105.95
N LEU O 216 27.36 -18.01 -105.63
CA LEU O 216 28.03 -17.14 -106.59
C LEU O 216 29.26 -17.80 -107.19
N GLY O 217 29.44 -19.10 -106.98
CA GLY O 217 30.56 -19.84 -107.52
C GLY O 217 31.79 -19.87 -106.65
N VAL O 218 31.74 -19.25 -105.47
CA VAL O 218 32.93 -19.15 -104.62
C VAL O 218 32.98 -20.35 -103.69
N ASP O 219 34.18 -20.88 -103.52
CA ASP O 219 34.40 -22.01 -102.64
C ASP O 219 33.82 -21.81 -101.28
N PRO O 220 33.68 -22.90 -100.55
CA PRO O 220 33.21 -22.78 -99.20
C PRO O 220 34.42 -22.78 -98.33
N ARG O 221 35.52 -22.33 -98.89
CA ARG O 221 36.72 -22.21 -98.07
C ARG O 221 36.98 -20.78 -97.65
N LEU O 222 37.60 -20.00 -98.53
CA LEU O 222 38.00 -18.65 -98.14
C LEU O 222 36.81 -17.86 -97.61
N ALA O 223 35.62 -18.10 -98.15
CA ALA O 223 34.43 -17.49 -97.58
C ALA O 223 34.21 -17.96 -96.15
N ALA O 224 34.61 -19.19 -95.85
CA ALA O 224 34.57 -19.67 -94.48
C ALA O 224 35.48 -18.86 -93.57
N GLU O 225 36.69 -18.54 -94.04
CA GLU O 225 37.59 -17.74 -93.22
C GLU O 225 37.09 -16.31 -93.08
N VAL O 226 36.43 -15.77 -94.13
CA VAL O 226 35.83 -14.45 -94.01
C VAL O 226 34.74 -14.45 -92.94
N ALA O 227 33.88 -15.47 -92.98
CA ALA O 227 32.85 -15.61 -91.95
C ALA O 227 33.46 -15.79 -90.57
N ARG O 228 34.61 -16.47 -90.50
CA ARG O 228 35.28 -16.66 -89.21
C ARG O 228 35.78 -15.34 -88.65
N GLU O 229 36.41 -14.51 -89.49
CA GLU O 229 36.85 -13.19 -89.05
C GLU O 229 35.66 -12.35 -88.60
N MET O 230 34.56 -12.39 -89.35
CA MET O 230 33.39 -11.60 -88.97
C MET O 230 32.76 -12.12 -87.68
N VAL O 231 32.80 -13.44 -87.46
CA VAL O 231 32.31 -14.00 -86.21
C VAL O 231 33.18 -13.54 -85.05
N ASP O 232 34.49 -13.50 -85.25
CA ASP O 232 35.39 -12.97 -84.22
C ASP O 232 35.06 -11.51 -83.92
N GLY O 233 34.81 -10.72 -84.96
CA GLY O 233 34.42 -9.33 -84.76
C GLY O 233 33.12 -9.18 -83.99
N VAL O 234 32.14 -10.03 -84.30
CA VAL O 234 30.87 -10.00 -83.58
C VAL O 234 31.09 -10.35 -82.12
N GLY O 235 31.91 -11.36 -81.86
CA GLY O 235 32.22 -11.71 -80.47
C GLY O 235 32.89 -10.58 -79.72
N HIS O 236 33.81 -9.87 -80.37
CA HIS O 236 34.48 -8.74 -79.74
C HIS O 236 33.49 -7.61 -79.46
N GLU O 237 32.63 -7.30 -80.43
CA GLU O 237 31.71 -6.18 -80.26
C GLU O 237 30.66 -6.48 -79.20
N THR O 238 30.10 -7.69 -79.22
CA THR O 238 29.00 -8.04 -78.33
C THR O 238 29.46 -8.25 -76.89
N GLY O 239 30.76 -8.34 -76.64
CA GLY O 239 31.25 -8.58 -75.30
C GLY O 239 31.16 -10.01 -74.83
N GLU O 240 30.92 -10.95 -75.74
CA GLU O 240 30.83 -12.38 -75.40
C GLU O 240 31.60 -13.15 -76.45
N THR O 241 32.75 -13.72 -76.06
CA THR O 241 33.61 -14.42 -76.99
C THR O 241 33.52 -15.94 -76.90
N GLU O 242 32.94 -16.48 -75.83
CA GLU O 242 32.80 -17.93 -75.71
C GLU O 242 31.89 -18.49 -76.79
N ALA O 243 30.77 -17.82 -77.06
CA ALA O 243 29.91 -18.23 -78.16
C ALA O 243 30.62 -18.07 -79.50
N ALA O 244 31.37 -16.98 -79.66
CA ALA O 244 32.18 -16.80 -80.85
C ALA O 244 33.23 -17.89 -80.96
N PHE O 245 33.82 -18.30 -79.83
CA PHE O 245 34.77 -19.40 -79.83
C PHE O 245 34.12 -20.70 -80.29
N ARG O 246 32.92 -20.99 -79.79
CA ARG O 246 32.22 -22.21 -80.19
C ARG O 246 31.89 -22.21 -81.67
N VAL O 247 31.38 -21.09 -82.18
CA VAL O 247 31.06 -21.01 -83.61
C VAL O 247 32.33 -21.11 -84.44
N ARG O 248 33.44 -20.56 -83.94
CA ARG O 248 34.73 -20.70 -84.61
C ARG O 248 35.12 -22.17 -84.70
N ARG O 249 34.93 -22.92 -83.61
CA ARG O 249 35.25 -24.34 -83.63
C ARG O 249 34.38 -25.11 -84.62
N GLU O 250 33.08 -24.81 -84.65
CA GLU O 250 32.21 -25.50 -85.60
C GLU O 250 32.57 -25.17 -87.04
N LEU O 251 32.95 -23.91 -87.31
CA LEU O 251 33.37 -23.55 -88.66
C LEU O 251 34.69 -24.22 -89.02
N ASP O 252 35.60 -24.35 -88.06
CA ASP O 252 36.83 -25.08 -88.29
C ASP O 252 36.57 -26.55 -88.58
N THR O 253 35.57 -27.14 -87.94
CA THR O 253 35.16 -28.51 -88.29
C THR O 253 34.53 -28.54 -89.67
N VAL O 254 33.78 -27.50 -90.04
CA VAL O 254 33.12 -27.46 -91.34
C VAL O 254 34.13 -27.43 -92.47
N ILE O 255 35.18 -26.62 -92.34
CA ILE O 255 36.13 -26.48 -93.44
C ILE O 255 36.86 -27.80 -93.69
N LEU O 256 36.89 -28.69 -92.70
CA LEU O 256 37.50 -30.00 -92.86
C LEU O 256 36.71 -30.85 -93.85
N THR P 25 84.62 4.15 10.65
CA THR P 25 85.74 4.97 11.08
C THR P 25 85.90 4.92 12.60
N GLU P 26 85.20 3.99 13.23
CA GLU P 26 85.27 3.87 14.69
C GLU P 26 86.67 3.49 15.15
N LYS P 27 87.33 2.60 14.41
CA LYS P 27 88.70 2.23 14.76
C LYS P 27 89.62 3.44 14.70
N LEU P 28 89.47 4.28 13.67
CA LEU P 28 90.31 5.46 13.56
C LEU P 28 90.04 6.45 14.68
N LYS P 29 88.77 6.64 15.05
CA LYS P 29 88.44 7.52 16.17
C LYS P 29 89.04 7.01 17.47
N LYS P 30 88.95 5.70 17.71
CA LYS P 30 89.55 5.14 18.92
C LYS P 30 91.06 5.27 18.91
N ILE P 31 91.69 5.09 17.74
CA ILE P 31 93.13 5.25 17.65
C ILE P 31 93.54 6.68 17.99
N THR P 32 92.81 7.65 17.44
CA THR P 32 93.09 9.05 17.75
C THR P 32 92.90 9.34 19.24
N LYS P 33 91.82 8.83 19.83
CA LYS P 33 91.57 9.05 21.24
C LYS P 33 92.69 8.46 22.10
N LEU P 34 93.09 7.23 21.80
CA LEU P 34 94.13 6.59 22.60
C LEU P 34 95.48 7.28 22.42
N LEU P 35 95.76 7.77 21.21
CA LEU P 35 97.00 8.52 21.02
C LEU P 35 96.98 9.82 21.79
N HIS P 36 95.84 10.47 21.92
CA HIS P 36 95.82 11.66 22.72
C HIS P 36 96.15 11.19 24.09
N GLU P 37 95.35 10.30 24.63
CA GLU P 37 95.57 9.92 26.02
C GLU P 37 97.04 9.62 26.28
N LEU P 38 97.69 8.89 25.36
CA LEU P 38 99.10 8.56 25.55
C LEU P 38 99.97 9.82 25.57
N VAL P 39 99.70 10.75 24.66
CA VAL P 39 100.53 11.96 24.60
C VAL P 39 100.24 12.87 25.79
N ASP P 40 99.04 12.77 26.38
CA ASP P 40 98.73 13.59 27.54
C ASP P 40 99.65 13.24 28.71
N ARG P 41 99.82 11.95 28.98
CA ARG P 41 100.68 11.49 30.07
C ARG P 41 102.01 11.03 29.49
N GLY P 42 102.85 11.99 29.10
CA GLY P 42 104.17 11.69 28.59
C GLY P 42 104.12 10.80 27.36
N GLU P 43 104.95 9.76 27.36
CA GLU P 43 104.94 8.70 26.34
C GLU P 43 105.22 9.33 24.97
N ILE P 44 104.34 9.16 23.99
CA ILE P 44 104.57 9.62 22.62
C ILE P 44 104.59 11.14 22.56
N PRO P 45 105.27 11.74 21.59
CA PRO P 45 105.24 13.20 21.44
C PRO P 45 103.95 13.70 20.81
N GLU P 46 103.82 15.02 20.70
CA GLU P 46 102.56 15.63 20.26
C GLU P 46 102.34 15.52 18.77
N GLU P 47 103.41 15.44 17.97
CA GLU P 47 103.26 15.44 16.52
C GLU P 47 102.40 14.28 16.05
N LEU P 48 102.56 13.11 16.66
CA LEU P 48 101.77 11.95 16.25
C LEU P 48 100.28 12.17 16.52
N ALA P 49 99.95 12.77 17.67
CA ALA P 49 98.54 13.04 17.97
C ALA P 49 97.97 14.09 17.03
N THR P 50 98.75 15.13 16.71
CA THR P 50 98.27 16.14 15.78
C THR P 50 98.03 15.53 14.39
N LEU P 51 98.95 14.69 13.92
CA LEU P 51 98.74 14.00 12.65
C LEU P 51 97.50 13.12 12.71
N ALA P 52 97.29 12.43 13.83
CA ALA P 52 96.10 11.60 13.98
C ALA P 52 94.84 12.44 13.85
N THR P 53 94.82 13.62 14.47
CA THR P 53 93.65 14.49 14.38
C THR P 53 93.41 14.95 12.95
N LEU P 54 94.46 15.44 12.29
CA LEU P 54 94.30 15.94 10.93
C LEU P 54 93.84 14.84 9.99
N LEU P 55 94.45 13.66 10.08
CA LEU P 55 94.05 12.56 9.21
C LEU P 55 92.65 12.05 9.55
N LEU P 56 92.26 12.10 10.83
CA LEU P 56 90.90 11.71 11.19
C LEU P 56 89.88 12.68 10.65
N TYR P 57 90.25 13.95 10.48
CA TYR P 57 89.36 14.87 9.80
C TYR P 57 89.31 14.58 8.30
N LEU P 58 90.48 14.40 7.69
CA LEU P 58 90.55 14.19 6.25
C LEU P 58 89.78 12.94 5.83
N VAL P 59 90.07 11.81 6.47
CA VAL P 59 89.18 10.65 6.40
C VAL P 59 87.88 11.10 7.05
N GLU P 60 86.75 10.63 6.54
CA GLU P 60 85.42 11.01 7.02
C GLU P 60 85.10 12.44 6.58
N LYS P 61 86.10 13.16 6.06
CA LYS P 61 85.78 14.23 5.12
C LYS P 61 85.71 13.69 3.70
N GLY P 62 86.29 12.51 3.47
CA GLY P 62 86.23 11.88 2.16
C GLY P 62 87.32 12.34 1.23
N LEU P 63 88.54 12.54 1.77
CA LEU P 63 89.64 13.03 0.97
C LEU P 63 90.84 12.11 0.94
N ILE P 64 90.93 11.13 1.85
CA ILE P 64 91.98 10.11 1.81
C ILE P 64 91.37 8.79 2.26
N SER P 65 92.15 7.72 2.19
CA SER P 65 91.71 6.39 2.60
C SER P 65 92.41 5.99 3.89
N GLU P 66 91.85 4.96 4.54
CA GLU P 66 92.43 4.46 5.79
C GLU P 66 93.86 3.98 5.58
N PHE P 67 94.20 3.50 4.38
CA PHE P 67 95.56 3.08 4.11
C PHE P 67 96.54 4.22 4.26
N ASP P 68 96.18 5.41 3.74
CA ASP P 68 97.06 6.56 3.90
C ASP P 68 97.19 6.97 5.35
N PHE P 69 96.08 6.91 6.10
CA PHE P 69 96.11 7.21 7.53
C PHE P 69 97.11 6.32 8.24
N ILE P 70 96.98 5.00 8.07
CA ILE P 70 97.85 4.07 8.77
C ILE P 70 99.29 4.21 8.29
N GLU P 71 99.48 4.44 6.99
CA GLU P 71 100.84 4.55 6.45
C GLU P 71 101.54 5.77 7.03
N HIS P 72 100.84 6.91 7.09
CA HIS P 72 101.43 8.11 7.68
C HIS P 72 101.74 7.90 9.16
N LEU P 73 100.81 7.26 9.89
CA LEU P 73 101.05 7.01 11.31
C LEU P 73 102.27 6.15 11.51
N VAL P 74 102.42 5.09 10.72
CA VAL P 74 103.55 4.19 10.85
C VAL P 74 104.85 4.89 10.46
N ARG P 75 104.80 5.72 9.42
CA ARG P 75 106.01 6.45 9.02
C ARG P 75 106.47 7.39 10.12
N LEU P 76 105.55 8.13 10.73
CA LEU P 76 105.94 9.00 11.83
C LEU P 76 106.43 8.21 13.03
N ALA P 77 105.79 7.09 13.33
CA ALA P 77 106.24 6.27 14.46
C ALA P 77 107.66 5.75 14.23
N GLU P 78 107.95 5.31 13.00
CA GLU P 78 109.31 4.87 12.67
C GLU P 78 110.30 6.04 12.76
N LYS P 79 109.88 7.23 12.32
CA LYS P 79 110.77 8.39 12.39
C LYS P 79 111.11 8.74 13.84
N LEU P 80 110.12 8.68 14.72
CA LEU P 80 110.31 9.04 16.12
C LEU P 80 110.69 7.86 17.00
N GLY P 81 110.73 6.64 16.45
CA GLY P 81 111.10 5.47 17.22
C GLY P 81 110.14 5.17 18.36
N VAL P 82 108.84 5.23 18.07
CA VAL P 82 107.82 5.02 19.08
C VAL P 82 106.84 3.96 18.57
N LEU P 83 107.32 3.12 17.66
CA LEU P 83 106.46 2.17 16.97
C LEU P 83 105.80 1.18 17.94
N GLU P 84 106.46 0.88 19.07
CA GLU P 84 105.89 -0.06 20.02
C GLU P 84 104.60 0.47 20.62
N GLU P 85 104.55 1.76 20.95
CA GLU P 85 103.33 2.35 21.49
C GLU P 85 102.20 2.32 20.47
N LEU P 86 102.53 2.58 19.20
CA LEU P 86 101.52 2.48 18.15
C LEU P 86 101.02 1.05 18.02
N LYS P 87 101.92 0.06 18.14
CA LYS P 87 101.51 -1.33 18.12
C LYS P 87 100.55 -1.64 19.27
N LYS P 88 100.87 -1.15 20.47
CA LYS P 88 100.00 -1.36 21.61
C LYS P 88 98.63 -0.72 21.39
N VAL P 89 98.60 0.50 20.83
CA VAL P 89 97.33 1.16 20.54
C VAL P 89 96.51 0.34 19.55
N LEU P 90 97.16 -0.18 18.51
CA LEU P 90 96.45 -0.95 17.49
C LEU P 90 95.94 -2.27 18.04
N GLU P 91 96.65 -2.86 19.00
CA GLU P 91 96.12 -4.05 19.67
C GLU P 91 94.94 -3.69 20.56
N GLU P 92 95.03 -2.58 21.29
CA GLU P 92 93.94 -2.17 22.18
C GLU P 92 92.65 -1.91 21.40
N VAL P 93 92.76 -1.18 20.28
CA VAL P 93 91.55 -0.92 19.50
C VAL P 93 91.02 -2.20 18.89
N GLY P 94 91.89 -3.17 18.60
CA GLY P 94 91.47 -4.42 18.03
C GLY P 94 91.38 -4.39 16.52
N ASP P 95 92.46 -3.97 15.87
CA ASP P 95 92.51 -3.86 14.42
C ASP P 95 93.55 -4.81 13.88
N GLU P 96 93.16 -5.63 12.90
CA GLU P 96 94.08 -6.58 12.29
C GLU P 96 94.73 -6.03 11.04
N PHE P 97 93.99 -5.24 10.25
CA PHE P 97 94.54 -4.68 9.03
C PHE P 97 95.70 -3.73 9.35
N GLY P 98 95.47 -2.79 10.28
CA GLY P 98 96.53 -1.86 10.64
C GLY P 98 97.73 -2.55 11.25
N LEU P 99 97.49 -3.55 12.10
CA LEU P 99 98.60 -4.27 12.72
C LEU P 99 99.42 -5.02 11.68
N THR P 100 98.74 -5.66 10.71
CA THR P 100 99.45 -6.33 9.63
C THR P 100 100.25 -5.34 8.81
N LEU P 101 99.69 -4.15 8.57
CA LEU P 101 100.43 -3.12 7.84
C LEU P 101 101.67 -2.69 8.60
N VAL P 102 101.56 -2.57 9.93
CA VAL P 102 102.70 -2.19 10.76
C VAL P 102 103.79 -3.25 10.65
N TYR P 103 103.40 -4.52 10.76
CA TYR P 103 104.39 -5.60 10.61
C TYR P 103 105.02 -5.58 9.24
N ALA P 104 104.22 -5.33 8.19
CA ALA P 104 104.77 -5.30 6.84
C ALA P 104 105.79 -4.18 6.68
N ILE P 105 105.49 -2.99 7.21
CA ILE P 105 106.41 -1.86 7.09
C ILE P 105 107.70 -2.14 7.86
N SER P 106 107.57 -2.65 9.09
CA SER P 106 108.77 -2.94 9.88
C SER P 106 109.61 -4.02 9.23
N LEU P 107 108.98 -5.05 8.68
CA LEU P 107 109.70 -6.12 8.01
C LEU P 107 110.38 -5.61 6.75
N LEU P 108 109.72 -4.73 6.00
CA LEU P 108 110.33 -4.12 4.83
C LEU P 108 111.56 -3.30 5.22
N LYS P 109 111.46 -2.53 6.30
CA LYS P 109 112.61 -1.75 6.75
C LYS P 109 113.77 -2.66 7.16
N GLU P 110 113.47 -3.74 7.89
CA GLU P 110 114.51 -4.66 8.31
C GLU P 110 115.16 -5.35 7.11
N VAL P 111 114.36 -5.73 6.12
CA VAL P 111 114.90 -6.38 4.93
C VAL P 111 115.74 -5.39 4.12
N GLU P 112 115.30 -4.13 4.03
CA GLU P 112 116.11 -3.10 3.38
C GLU P 112 117.45 -2.95 4.09
N LYS P 113 117.46 -3.03 5.41
CA LYS P 113 118.72 -3.08 6.14
C LYS P 113 119.54 -4.30 5.73
N GLU P 114 118.87 -5.46 5.60
CA GLU P 114 119.57 -6.66 5.15
C GLU P 114 119.97 -6.57 3.68
N GLY P 115 119.03 -6.20 2.82
CA GLY P 115 119.33 -6.04 1.40
C GLY P 115 119.15 -7.27 0.55
N ASP P 116 118.12 -8.09 0.80
CA ASP P 116 117.90 -9.30 0.02
C ASP P 116 116.71 -9.10 -0.91
N GLU P 117 116.87 -9.43 -2.18
CA GLU P 117 115.91 -9.02 -3.21
C GLU P 117 114.62 -9.83 -3.16
N GLU P 118 114.72 -11.15 -2.96
CA GLU P 118 113.51 -11.98 -3.02
C GLU P 118 112.52 -11.59 -1.92
N LEU P 119 113.01 -11.36 -0.71
CA LEU P 119 112.13 -10.86 0.34
C LEU P 119 111.65 -9.44 0.04
N LYS P 120 112.43 -8.64 -0.70
CA LYS P 120 111.92 -7.35 -1.16
C LYS P 120 110.67 -7.54 -2.00
N GLU P 121 110.74 -8.42 -3.00
CA GLU P 121 109.57 -8.67 -3.84
C GLU P 121 108.42 -9.24 -3.02
N TYR P 122 108.72 -10.14 -2.08
CA TYR P 122 107.69 -10.75 -1.27
C TYR P 122 106.94 -9.71 -0.46
N VAL P 123 107.68 -8.81 0.21
CA VAL P 123 107.04 -7.81 1.06
C VAL P 123 106.33 -6.75 0.22
N LYS P 124 106.86 -6.43 -0.96
CA LYS P 124 106.14 -5.49 -1.82
C LYS P 124 104.81 -6.06 -2.29
N LEU P 125 104.79 -7.35 -2.67
CA LEU P 125 103.52 -7.99 -3.01
C LEU P 125 102.58 -8.02 -1.81
N ALA P 126 103.13 -8.30 -0.63
CA ALA P 126 102.30 -8.31 0.58
C ALA P 126 101.68 -6.93 0.84
N ILE P 127 102.46 -5.88 0.65
CA ILE P 127 101.97 -4.52 0.90
C ILE P 127 100.90 -4.14 -0.13
N GLU P 128 101.12 -4.51 -1.40
CA GLU P 128 100.11 -4.23 -2.42
C GLU P 128 98.80 -4.96 -2.12
N THR P 129 98.90 -6.24 -1.71
CA THR P 129 97.70 -6.98 -1.35
C THR P 129 97.03 -6.36 -0.12
N LEU P 130 97.83 -5.88 0.83
CA LEU P 130 97.26 -5.22 2.00
C LEU P 130 96.51 -3.96 1.62
N LYS P 131 97.06 -3.19 0.67
CA LYS P 131 96.36 -2.00 0.19
C LYS P 131 95.05 -2.37 -0.49
N GLU P 132 95.08 -3.41 -1.33
CA GLU P 132 93.86 -3.83 -2.01
C GLU P 132 92.81 -4.31 -1.02
N ALA P 133 93.23 -5.00 0.04
CA ALA P 133 92.30 -5.40 1.08
C ALA P 133 91.75 -4.18 1.82
N PHE P 134 92.63 -3.26 2.20
CA PHE P 134 92.21 -2.03 2.88
C PHE P 134 91.18 -1.26 2.07
N GLU P 135 91.26 -1.34 0.74
CA GLU P 135 90.29 -0.65 -0.11
C GLU P 135 88.85 -1.01 0.27
N ARG P 136 88.59 -2.28 0.59
CA ARG P 136 87.23 -2.69 0.92
C ARG P 136 87.17 -3.69 2.08
N LYS P 137 88.24 -3.85 2.85
CA LYS P 137 88.28 -4.81 3.96
C LYS P 137 87.97 -6.22 3.47
N ASN P 138 88.77 -6.68 2.52
CA ASN P 138 88.61 -8.01 1.94
C ASN P 138 89.52 -8.97 2.71
N TYR P 139 88.91 -9.94 3.39
CA TYR P 139 89.63 -10.72 4.39
C TYR P 139 90.62 -11.69 3.75
N ALA P 140 90.34 -12.12 2.51
CA ALA P 140 91.16 -13.15 1.87
C ALA P 140 92.56 -12.62 1.54
N LEU P 141 92.64 -11.45 0.94
CA LEU P 141 93.95 -10.86 0.69
C LEU P 141 94.66 -10.53 1.99
N LEU P 142 93.90 -10.23 3.05
CA LEU P 142 94.50 -10.07 4.37
C LEU P 142 95.15 -11.37 4.84
N VAL P 143 94.49 -12.50 4.61
CA VAL P 143 95.08 -13.79 4.96
C VAL P 143 96.35 -14.03 4.16
N SER P 144 96.31 -13.74 2.86
CA SER P 144 97.47 -13.95 2.01
C SER P 144 98.66 -13.09 2.49
N ALA P 145 98.40 -11.82 2.76
CA ALA P 145 99.46 -10.93 3.23
C ALA P 145 99.98 -11.36 4.59
N LYS P 146 99.09 -11.81 5.47
CA LYS P 146 99.51 -12.31 6.78
C LYS P 146 100.45 -13.51 6.62
N ILE P 147 100.09 -14.43 5.74
CA ILE P 147 100.93 -15.59 5.48
C ILE P 147 102.31 -15.15 5.00
N ILE P 148 102.33 -14.23 4.02
CA ILE P 148 103.60 -13.80 3.46
C ILE P 148 104.47 -13.15 4.53
N VAL P 149 103.88 -12.27 5.35
CA VAL P 149 104.68 -11.53 6.32
C VAL P 149 105.17 -12.45 7.43
N GLU P 150 104.34 -13.40 7.88
CA GLU P 150 104.81 -14.27 8.96
C GLU P 150 105.89 -15.22 8.47
N ASN P 151 105.76 -15.73 7.25
CA ASN P 151 106.82 -16.58 6.71
C ASN P 151 108.10 -15.78 6.51
N ALA P 152 108.00 -14.53 6.05
CA ALA P 152 109.19 -13.70 5.92
C ALA P 152 109.84 -13.45 7.28
N GLU P 153 109.02 -13.15 8.30
CA GLU P 153 109.57 -12.94 9.63
C GLU P 153 110.29 -14.18 10.14
N GLU P 154 109.69 -15.36 9.92
CA GLU P 154 110.36 -16.60 10.29
C GLU P 154 111.65 -16.78 9.52
N ILE P 155 111.68 -16.34 8.25
CA ILE P 155 112.91 -16.40 7.47
C ILE P 155 114.00 -15.55 8.11
N LEU P 156 113.66 -14.33 8.52
CA LEU P 156 114.65 -13.48 9.17
C LEU P 156 115.12 -14.06 10.50
N LYS P 157 114.21 -14.65 11.28
CA LYS P 157 114.64 -15.30 12.52
C LYS P 157 115.59 -16.46 12.23
N ALA P 158 115.26 -17.31 11.26
CA ALA P 158 116.14 -18.42 10.92
C ALA P 158 117.45 -17.96 10.31
N LYS P 159 117.48 -16.76 9.74
CA LYS P 159 118.73 -16.24 9.19
C LYS P 159 119.80 -16.11 10.28
N LYS P 160 119.43 -15.53 11.42
CA LYS P 160 120.37 -15.48 12.54
C LYS P 160 120.46 -16.82 13.26
N LYS P 161 119.38 -17.61 13.26
CA LYS P 161 119.45 -18.95 13.84
C LYS P 161 120.36 -19.85 13.02
N GLY P 162 120.15 -19.90 11.71
CA GLY P 162 121.01 -20.66 10.82
C GLY P 162 120.56 -22.08 10.55
N ASP P 163 119.25 -22.27 10.32
CA ASP P 163 118.68 -23.57 10.01
C ASP P 163 118.23 -23.49 8.55
N GLU P 164 119.04 -24.03 7.64
CA GLU P 164 118.80 -23.87 6.21
C GLU P 164 117.54 -24.61 5.76
N GLU P 165 117.28 -25.78 6.34
CA GLU P 165 116.09 -26.53 5.96
C GLU P 165 114.83 -25.69 6.19
N LYS P 166 114.75 -25.02 7.32
CA LYS P 166 113.59 -24.21 7.63
C LYS P 166 113.45 -23.03 6.66
N ILE P 167 114.58 -22.42 6.27
CA ILE P 167 114.49 -21.28 5.35
C ILE P 167 114.05 -21.74 3.98
N LYS P 168 114.51 -22.92 3.54
CA LYS P 168 114.03 -23.47 2.27
C LYS P 168 112.54 -23.76 2.34
N GLU P 169 112.08 -24.33 3.46
CA GLU P 169 110.65 -24.60 3.62
C GLU P 169 109.84 -23.32 3.57
N LEU P 170 110.34 -22.26 4.21
CA LEU P 170 109.61 -20.99 4.22
C LEU P 170 109.60 -20.35 2.82
N LEU P 171 110.70 -20.48 2.06
CA LEU P 171 110.67 -20.03 0.68
C LEU P 171 109.65 -20.81 -0.15
N GLN P 172 109.53 -22.11 0.10
CA GLN P 172 108.50 -22.89 -0.57
C GLN P 172 107.10 -22.36 -0.24
N ARG P 173 106.86 -22.08 1.04
CA ARG P 173 105.57 -21.53 1.45
C ARG P 173 105.30 -20.19 0.78
N LEU P 174 106.33 -19.34 0.69
CA LEU P 174 106.16 -18.02 0.08
C LEU P 174 105.90 -18.14 -1.42
N LYS P 175 106.55 -19.07 -2.08
CA LYS P 175 106.26 -19.31 -3.50
C LYS P 175 104.83 -19.76 -3.69
N ALA P 176 104.35 -20.66 -2.82
CA ALA P 176 102.96 -21.08 -2.89
C ALA P 176 102.02 -19.89 -2.68
N ALA P 177 102.34 -19.02 -1.73
CA ALA P 177 101.52 -17.84 -1.48
C ALA P 177 101.50 -16.91 -2.68
N LYS P 178 102.66 -16.69 -3.31
CA LYS P 178 102.71 -15.83 -4.49
C LYS P 178 101.86 -16.41 -5.61
N ILE P 179 101.95 -17.72 -5.83
CA ILE P 179 101.13 -18.36 -6.86
C ILE P 179 99.65 -18.20 -6.54
N GLY P 180 99.28 -18.37 -5.26
CA GLY P 180 97.87 -18.42 -4.92
C GLY P 180 97.19 -17.06 -4.84
N THR P 181 97.96 -16.01 -4.57
CA THR P 181 97.34 -14.70 -4.31
C THR P 181 96.49 -14.19 -5.48
N PRO P 182 96.96 -14.17 -6.72
CA PRO P 182 96.02 -13.80 -7.82
C PRO P 182 94.84 -14.73 -7.90
N LEU P 183 95.06 -16.03 -7.63
CA LEU P 183 93.97 -16.99 -7.70
C LEU P 183 92.89 -16.70 -6.68
N VAL P 184 93.28 -16.40 -5.44
CA VAL P 184 92.27 -16.12 -4.40
C VAL P 184 91.57 -14.79 -4.69
N ARG P 185 92.32 -13.79 -5.14
CA ARG P 185 91.69 -12.54 -5.54
C ARG P 185 90.62 -12.78 -6.61
N GLU P 186 90.98 -13.57 -7.64
CA GLU P 186 90.04 -13.85 -8.72
C GLU P 186 88.85 -14.64 -8.23
N VAL P 187 89.07 -15.62 -7.35
CA VAL P 187 87.97 -16.43 -6.84
C VAL P 187 86.97 -15.57 -6.10
N VAL P 188 87.47 -14.69 -5.22
CA VAL P 188 86.57 -13.81 -4.48
C VAL P 188 85.82 -12.88 -5.44
N GLU P 189 86.54 -12.32 -6.42
CA GLU P 189 85.92 -11.40 -7.37
C GLU P 189 84.80 -12.09 -8.14
N ARG P 190 85.06 -13.29 -8.64
CA ARG P 190 84.05 -14.02 -9.41
C ARG P 190 82.86 -14.39 -8.53
N TYR P 191 83.10 -14.84 -7.30
CA TYR P 191 81.99 -15.20 -6.44
C TYR P 191 81.15 -13.99 -6.06
N ARG P 192 81.75 -12.80 -6.03
CA ARG P 192 81.03 -11.59 -5.64
C ARG P 192 79.76 -11.36 -6.46
N GLU P 193 79.85 -11.45 -7.78
CA GLU P 193 78.71 -11.14 -8.63
C GLU P 193 78.39 -12.21 -9.68
N GLU P 194 79.39 -12.97 -10.15
CA GLU P 194 79.16 -13.89 -11.24
C GLU P 194 78.18 -15.00 -10.85
N GLY P 195 78.35 -15.55 -9.65
CA GLY P 195 77.36 -16.46 -9.08
C GLY P 195 77.62 -17.94 -9.17
N GLU P 196 78.88 -18.31 -9.40
CA GLU P 196 79.25 -19.71 -9.44
C GLU P 196 79.05 -20.39 -8.08
N PRO P 197 79.35 -21.69 -8.01
CA PRO P 197 79.25 -22.36 -6.72
C PRO P 197 80.59 -22.34 -6.04
N LEU P 198 80.68 -21.57 -4.96
CA LEU P 198 81.98 -21.40 -4.33
C LEU P 198 82.80 -22.65 -4.24
N LEU P 199 82.20 -23.72 -3.77
CA LEU P 199 83.04 -24.89 -3.55
C LEU P 199 83.78 -25.31 -4.80
N ASP P 200 83.14 -25.20 -5.96
CA ASP P 200 83.80 -25.57 -7.22
C ASP P 200 85.00 -24.68 -7.49
N LEU P 201 84.81 -23.36 -7.38
CA LEU P 201 85.93 -22.44 -7.58
C LEU P 201 87.02 -22.64 -6.53
N LEU P 202 86.63 -22.91 -5.28
CA LEU P 202 87.64 -23.16 -4.25
C LEU P 202 88.48 -24.38 -4.61
N LEU P 203 87.83 -25.46 -5.05
CA LEU P 203 88.57 -26.68 -5.40
C LEU P 203 89.47 -26.44 -6.60
N HIS P 204 88.97 -25.72 -7.62
CA HIS P 204 89.78 -25.44 -8.79
C HIS P 204 90.98 -24.57 -8.42
N MET P 205 90.78 -23.56 -7.58
CA MET P 205 91.88 -22.71 -7.16
C MET P 205 92.92 -23.50 -6.37
N ALA P 206 92.47 -24.37 -5.47
CA ALA P 206 93.40 -25.18 -4.69
C ALA P 206 94.20 -26.11 -5.59
N GLU P 207 93.53 -26.76 -6.54
CA GLU P 207 94.23 -27.68 -7.43
C GLU P 207 95.21 -26.93 -8.32
N THR P 208 94.82 -25.76 -8.82
CA THR P 208 95.73 -24.95 -9.64
C THR P 208 96.94 -24.52 -8.82
N THR P 209 96.72 -24.13 -7.57
CA THR P 209 97.82 -23.75 -6.69
C THR P 209 98.79 -24.91 -6.49
N ILE P 210 98.25 -26.11 -6.23
CA ILE P 210 99.10 -27.27 -6.01
C ILE P 210 99.89 -27.60 -7.27
N ARG P 211 99.23 -27.59 -8.42
CA ARG P 211 99.90 -27.94 -9.67
C ARG P 211 101.00 -26.93 -10.00
N GLU P 212 100.71 -25.64 -9.88
CA GLU P 212 101.71 -24.63 -10.20
C GLU P 212 102.85 -24.65 -9.19
N SER P 213 102.54 -24.95 -7.93
CA SER P 213 103.59 -25.01 -6.91
C SER P 213 104.51 -26.19 -7.13
N GLU P 214 103.95 -27.35 -7.50
CA GLU P 214 104.81 -28.50 -7.79
C GLU P 214 105.53 -28.34 -9.13
N LYS P 215 105.02 -27.46 -10.00
CA LYS P 215 105.77 -27.12 -11.21
C LYS P 215 107.02 -26.33 -10.90
N LEU P 216 107.13 -25.75 -9.70
CA LEU P 216 108.31 -25.01 -9.27
C LEU P 216 109.21 -25.84 -8.37
N GLY P 217 108.96 -27.15 -8.26
CA GLY P 217 109.76 -28.05 -7.48
C GLY P 217 109.31 -28.20 -6.03
N VAL P 218 108.23 -27.53 -5.64
CA VAL P 218 107.80 -27.55 -4.25
C VAL P 218 106.84 -28.70 -4.03
N ASP P 219 107.03 -29.38 -2.91
CA ASP P 219 106.19 -30.51 -2.56
C ASP P 219 104.75 -30.14 -2.59
N PRO P 220 103.90 -31.15 -2.69
CA PRO P 220 102.48 -30.90 -2.68
C PRO P 220 102.03 -31.03 -1.27
N ARG P 221 102.92 -30.77 -0.34
CA ARG P 221 102.51 -30.79 1.05
C ARG P 221 102.32 -29.37 1.59
N LEU P 222 103.41 -28.73 1.99
CA LEU P 222 103.28 -27.43 2.64
C LEU P 222 102.47 -26.47 1.78
N ALA P 223 102.59 -26.57 0.46
CA ALA P 223 101.74 -25.80 -0.42
C ALA P 223 100.27 -26.18 -0.22
N ALA P 224 100.01 -27.44 0.12
CA ALA P 224 98.66 -27.85 0.46
C ALA P 224 98.15 -27.13 1.69
N GLU P 225 98.99 -26.99 2.72
CA GLU P 225 98.56 -26.27 3.91
C GLU P 225 98.39 -24.78 3.64
N VAL P 226 99.21 -24.21 2.75
CA VAL P 226 99.02 -22.82 2.36
C VAL P 226 97.68 -22.64 1.67
N ALA P 227 97.35 -23.54 0.74
CA ALA P 227 96.05 -23.49 0.08
C ALA P 227 94.93 -23.71 1.08
N ARG P 228 95.15 -24.52 2.11
CA ARG P 228 94.13 -24.74 3.13
C ARG P 228 93.86 -23.47 3.93
N GLU P 229 94.92 -22.77 4.33
CA GLU P 229 94.74 -21.49 5.03
C GLU P 229 94.02 -20.49 4.14
N MET P 230 94.38 -20.42 2.86
CA MET P 230 93.72 -19.48 1.97
C MET P 230 92.26 -19.86 1.74
N VAL P 231 91.96 -21.15 1.69
CA VAL P 231 90.57 -21.60 1.57
C VAL P 231 89.78 -21.19 2.80
N ASP P 232 90.38 -21.33 3.98
CA ASP P 232 89.73 -20.89 5.21
C ASP P 232 89.46 -19.38 5.15
N GLY P 233 90.43 -18.61 4.67
CA GLY P 233 90.23 -17.18 4.53
C GLY P 233 89.11 -16.83 3.57
N VAL P 234 89.03 -17.56 2.45
CA VAL P 234 87.96 -17.34 1.48
C VAL P 234 86.61 -17.65 2.11
N GLY P 235 86.54 -18.75 2.86
CA GLY P 235 85.30 -19.08 3.55
C GLY P 235 84.88 -18.01 4.54
N HIS P 236 85.85 -17.46 5.28
CA HIS P 236 85.53 -16.40 6.23
C HIS P 236 85.05 -15.14 5.51
N GLU P 237 85.74 -14.75 4.43
CA GLU P 237 85.38 -13.53 3.74
C GLU P 237 84.02 -13.64 3.06
N THR P 238 83.78 -14.78 2.38
CA THR P 238 82.56 -14.94 1.60
C THR P 238 81.32 -15.15 2.46
N GLY P 239 81.49 -15.40 3.76
CA GLY P 239 80.35 -15.64 4.62
C GLY P 239 79.76 -17.03 4.53
N GLU P 240 80.47 -17.97 3.91
CA GLU P 240 80.00 -19.35 3.78
C GLU P 240 81.18 -20.26 4.08
N THR P 241 81.12 -20.95 5.23
CA THR P 241 82.21 -21.80 5.68
C THR P 241 81.98 -23.29 5.46
N GLU P 242 80.74 -23.70 5.18
CA GLU P 242 80.46 -25.11 4.93
C GLU P 242 81.17 -25.60 3.67
N ALA P 243 81.12 -24.80 2.61
CA ALA P 243 81.88 -25.15 1.40
C ALA P 243 83.37 -25.13 1.66
N ALA P 244 83.84 -24.15 2.44
CA ALA P 244 85.24 -24.13 2.84
C ALA P 244 85.58 -25.36 3.68
N PHE P 245 84.66 -25.78 4.55
CA PHE P 245 84.86 -27.00 5.32
C PHE P 245 85.01 -28.22 4.42
N ARG P 246 84.13 -28.32 3.41
CA ARG P 246 84.20 -29.47 2.51
C ARG P 246 85.50 -29.48 1.72
N VAL P 247 85.91 -28.33 1.19
CA VAL P 247 87.17 -28.28 0.46
C VAL P 247 88.34 -28.57 1.38
N ARG P 248 88.26 -28.14 2.64
CA ARG P 248 89.27 -28.48 3.62
C ARG P 248 89.37 -30.00 3.81
N ARG P 249 88.22 -30.66 3.88
CA ARG P 249 88.22 -32.12 4.03
C ARG P 249 88.82 -32.80 2.82
N GLU P 250 88.48 -32.34 1.61
CA GLU P 250 89.05 -32.95 0.42
C GLU P 250 90.56 -32.72 0.34
N LEU P 251 91.02 -31.54 0.74
CA LEU P 251 92.46 -31.30 0.75
C LEU P 251 93.16 -32.14 1.81
N ASP P 252 92.52 -32.36 2.96
CA ASP P 252 93.07 -33.25 3.98
C ASP P 252 93.15 -34.68 3.47
N THR P 253 92.17 -35.11 2.67
CA THR P 253 92.27 -36.41 2.02
C THR P 253 93.39 -36.43 0.99
N VAL P 254 93.59 -35.32 0.28
CA VAL P 254 94.61 -35.25 -0.76
C VAL P 254 96.01 -35.40 -0.17
N ILE P 255 96.27 -34.72 0.96
CA ILE P 255 97.61 -34.75 1.52
C ILE P 255 97.97 -36.16 1.99
N LEU P 256 96.97 -37.01 2.23
CA LEU P 256 97.21 -38.40 2.62
C LEU P 256 97.84 -39.18 1.47
N THR Q 25 68.73 -25.90 43.53
CA THR Q 25 69.29 -26.17 44.85
C THR Q 25 68.88 -27.55 45.35
N GLU Q 26 68.31 -28.36 44.45
CA GLU Q 26 67.88 -29.69 44.84
C GLU Q 26 69.05 -30.56 45.26
N LYS Q 27 70.19 -30.46 44.56
CA LYS Q 27 71.36 -31.21 44.96
C LYS Q 27 71.80 -30.83 46.37
N LEU Q 28 71.80 -29.54 46.69
CA LEU Q 28 72.21 -29.11 48.02
C LEU Q 28 71.25 -29.61 49.09
N LYS Q 29 69.94 -29.58 48.81
CA LYS Q 29 68.96 -30.09 49.76
C LYS Q 29 69.17 -31.59 50.00
N LYS Q 30 69.40 -32.34 48.92
CA LYS Q 30 69.65 -33.78 49.08
C LYS Q 30 70.93 -34.04 49.84
N ILE Q 31 71.97 -33.23 49.60
CA ILE Q 31 73.23 -33.40 50.33
C ILE Q 31 73.00 -33.16 51.83
N THR Q 32 72.26 -32.11 52.16
CA THR Q 32 71.96 -31.83 53.56
C THR Q 32 71.16 -32.96 54.18
N LYS Q 33 70.15 -33.47 53.46
CA LYS Q 33 69.33 -34.56 53.99
C LYS Q 33 70.17 -35.80 54.25
N LEU Q 34 71.03 -36.17 53.29
CA LEU Q 34 71.83 -37.37 53.44
C LEU Q 34 72.86 -37.20 54.56
N LEU Q 35 73.41 -35.99 54.72
CA LEU Q 35 74.33 -35.77 55.83
C LEU Q 35 73.61 -35.88 57.17
N HIS Q 36 72.37 -35.46 57.25
CA HIS Q 36 71.68 -35.64 58.50
C HIS Q 36 71.61 -37.11 58.67
N GLU Q 37 70.98 -37.80 57.74
CA GLU Q 37 70.78 -39.23 57.95
C GLU Q 37 72.06 -39.90 58.41
N LEU Q 38 73.19 -39.56 57.80
CA LEU Q 38 74.46 -40.18 58.18
C LEU Q 38 74.82 -39.82 59.63
N VAL Q 39 74.63 -38.57 60.02
CA VAL Q 39 75.00 -38.18 61.38
C VAL Q 39 74.02 -38.76 62.39
N ASP Q 40 72.79 -39.04 61.97
CA ASP Q 40 71.83 -39.66 62.88
C ASP Q 40 72.30 -41.02 63.36
N ARG Q 41 72.75 -41.86 62.43
CA ARG Q 41 73.25 -43.20 62.76
C ARG Q 41 74.78 -43.18 62.76
N GLY Q 42 75.34 -42.60 63.82
CA GLY Q 42 76.79 -42.57 63.97
C GLY Q 42 77.47 -41.87 62.82
N GLU Q 43 78.53 -42.50 62.30
CA GLU Q 43 79.23 -42.07 61.09
C GLU Q 43 79.77 -40.66 61.31
N ILE Q 44 79.43 -39.68 60.49
CA ILE Q 44 80.01 -38.34 60.54
C ILE Q 44 79.57 -37.64 61.82
N PRO Q 45 80.34 -36.66 62.32
CA PRO Q 45 79.91 -35.91 63.50
C PRO Q 45 78.87 -34.85 63.17
N GLU Q 46 78.37 -34.15 64.19
CA GLU Q 46 77.24 -33.24 64.03
C GLU Q 46 77.64 -31.92 63.36
N GLU Q 47 78.90 -31.50 63.52
CA GLU Q 47 79.31 -30.19 63.00
C GLU Q 47 79.10 -30.09 61.50
N LEU Q 48 79.37 -31.17 60.76
CA LEU Q 48 79.20 -31.14 59.32
C LEU Q 48 77.73 -30.96 58.95
N ALA Q 49 76.82 -31.64 59.66
CA ALA Q 49 75.40 -31.48 59.38
C ALA Q 49 74.92 -30.07 59.72
N THR Q 50 75.39 -29.51 60.84
CA THR Q 50 75.01 -28.16 61.19
C THR Q 50 75.50 -27.15 60.15
N LEU Q 51 76.74 -27.31 59.68
CA LEU Q 51 77.24 -26.45 58.62
C LEU Q 51 76.42 -26.62 57.35
N ALA Q 52 76.04 -27.86 57.03
CA ALA Q 52 75.20 -28.08 55.85
C ALA Q 52 73.89 -27.33 55.97
N THR Q 53 73.26 -27.36 57.16
CA THR Q 53 72.00 -26.65 57.35
C THR Q 53 72.18 -25.14 57.20
N LEU Q 54 73.19 -24.59 57.86
CA LEU Q 54 73.40 -23.14 57.79
C LEU Q 54 73.70 -22.69 56.36
N LEU Q 55 74.57 -23.42 55.66
CA LEU Q 55 74.88 -23.04 54.29
C LEU Q 55 73.70 -23.26 53.35
N LEU Q 56 72.86 -24.27 53.62
CA LEU Q 56 71.66 -24.47 52.82
C LEU Q 56 70.66 -23.35 53.02
N TYR Q 57 70.65 -22.74 54.21
CA TYR Q 57 69.83 -21.54 54.40
C TYR Q 57 70.44 -20.35 53.66
N LEU Q 58 71.75 -20.16 53.82
CA LEU Q 58 72.41 -18.99 53.24
C LEU Q 58 72.28 -18.99 51.72
N VAL Q 59 72.66 -20.11 51.07
CA VAL Q 59 72.26 -20.36 49.70
C VAL Q 59 70.74 -20.46 49.71
N GLU Q 60 70.09 -19.96 48.66
CA GLU Q 60 68.63 -19.92 48.54
C GLU Q 60 68.07 -18.85 49.47
N LYS Q 61 68.91 -18.29 50.36
CA LYS Q 61 68.65 -16.94 50.84
C LYS Q 61 69.29 -15.92 49.91
N GLY Q 62 70.24 -16.36 49.09
CA GLY Q 62 70.87 -15.48 48.13
C GLY Q 62 72.03 -14.70 48.70
N LEU Q 63 72.83 -15.35 49.56
CA LEU Q 63 73.94 -14.67 50.21
C LEU Q 63 75.30 -15.32 49.95
N ILE Q 64 75.34 -16.55 49.44
CA ILE Q 64 76.58 -17.19 49.02
C ILE Q 64 76.30 -18.03 47.79
N SER Q 65 77.35 -18.60 47.20
CA SER Q 65 77.22 -19.43 46.00
C SER Q 65 77.47 -20.89 46.37
N GLU Q 66 77.07 -21.78 45.45
CA GLU Q 66 77.27 -23.21 45.68
C GLU Q 66 78.75 -23.56 45.83
N PHE Q 67 79.63 -22.78 45.20
CA PHE Q 67 81.06 -23.03 45.34
C PHE Q 67 81.50 -22.87 46.79
N ASP Q 68 81.02 -21.83 47.47
CA ASP Q 68 81.37 -21.65 48.88
C ASP Q 68 80.80 -22.78 49.73
N PHE Q 69 79.58 -23.22 49.43
CA PHE Q 69 78.98 -24.34 50.14
C PHE Q 69 79.87 -25.57 50.05
N ILE Q 70 80.22 -25.97 48.82
CA ILE Q 70 81.01 -27.17 48.63
C ILE Q 70 82.41 -27.00 49.22
N GLU Q 71 82.99 -25.80 49.09
CA GLU Q 71 84.33 -25.58 49.62
C GLU Q 71 84.35 -25.71 51.13
N HIS Q 72 83.38 -25.12 51.82
CA HIS Q 72 83.29 -25.25 53.26
C HIS Q 72 83.07 -26.69 53.68
N LEU Q 73 82.19 -27.41 52.96
CA LEU Q 73 81.94 -28.81 53.29
C LEU Q 73 83.22 -29.63 53.16
N VAL Q 74 83.97 -29.42 52.08
CA VAL Q 74 85.19 -30.18 51.85
C VAL Q 74 86.24 -29.82 52.89
N ARG Q 75 86.34 -28.53 53.25
CA ARG Q 75 87.30 -28.13 54.26
C ARG Q 75 87.01 -28.78 55.60
N LEU Q 76 85.74 -28.80 56.01
CA LEU Q 76 85.40 -29.46 57.26
C LEU Q 76 85.64 -30.97 57.18
N ALA Q 77 85.31 -31.58 56.04
CA ALA Q 77 85.55 -33.02 55.90
C ALA Q 77 87.03 -33.34 56.00
N GLU Q 78 87.88 -32.52 55.38
CA GLU Q 78 89.33 -32.72 55.50
C GLU Q 78 89.79 -32.52 56.94
N LYS Q 79 89.22 -31.52 57.63
CA LYS Q 79 89.61 -31.27 59.02
C LYS Q 79 89.25 -32.45 59.91
N LEU Q 80 88.08 -33.05 59.70
CA LEU Q 80 87.62 -34.16 60.53
C LEU Q 80 88.00 -35.52 59.97
N GLY Q 81 88.61 -35.57 58.79
CA GLY Q 81 89.01 -36.83 58.19
C GLY Q 81 87.85 -37.75 57.88
N VAL Q 82 86.80 -37.19 57.28
CA VAL Q 82 85.59 -37.94 56.97
C VAL Q 82 85.26 -37.73 55.49
N LEU Q 83 86.29 -37.41 54.70
CA LEU Q 83 86.07 -37.03 53.31
C LEU Q 83 85.46 -38.17 52.50
N GLU Q 84 85.71 -39.43 52.88
CA GLU Q 84 85.16 -40.55 52.14
C GLU Q 84 83.63 -40.57 52.20
N GLU Q 85 83.06 -40.28 53.38
CA GLU Q 85 81.62 -40.23 53.51
C GLU Q 85 81.02 -39.10 52.68
N LEU Q 86 81.69 -37.95 52.65
CA LEU Q 86 81.23 -36.86 51.79
C LEU Q 86 81.29 -37.26 50.32
N LYS Q 87 82.33 -37.99 49.92
CA LYS Q 87 82.42 -38.48 48.56
C LYS Q 87 81.25 -39.41 48.24
N LYS Q 88 80.94 -40.31 49.17
CA LYS Q 88 79.81 -41.22 48.96
C LYS Q 88 78.49 -40.45 48.85
N VAL Q 89 78.31 -39.42 49.68
CA VAL Q 89 77.09 -38.62 49.60
C VAL Q 89 77.00 -37.92 48.24
N LEU Q 90 78.13 -37.38 47.77
CA LEU Q 90 78.11 -36.67 46.49
C LEU Q 90 77.88 -37.61 45.32
N GLU Q 91 78.33 -38.86 45.43
CA GLU Q 91 77.99 -39.85 44.40
C GLU Q 91 76.51 -40.21 44.47
N GLU Q 92 75.97 -40.39 45.68
CA GLU Q 92 74.56 -40.75 45.82
C GLU Q 92 73.64 -39.68 45.24
N VAL Q 93 73.92 -38.41 45.55
CA VAL Q 93 73.07 -37.34 45.02
C VAL Q 93 73.24 -37.25 43.50
N GLY Q 94 74.41 -37.61 42.98
CA GLY Q 94 74.64 -37.56 41.55
C GLY Q 94 75.11 -36.21 41.08
N ASP Q 95 76.17 -35.69 41.70
CA ASP Q 95 76.72 -34.38 41.37
C ASP Q 95 78.14 -34.56 40.84
N GLU Q 96 78.40 -33.97 39.67
CA GLU Q 96 79.74 -34.04 39.08
C GLU Q 96 80.60 -32.85 39.44
N PHE Q 97 80.00 -31.66 39.53
CA PHE Q 97 80.76 -30.46 39.88
C PHE Q 97 81.36 -30.58 41.28
N GLY Q 98 80.53 -30.95 42.26
CA GLY Q 98 81.02 -31.08 43.61
C GLY Q 98 82.05 -32.19 43.75
N LEU Q 99 81.84 -33.31 43.07
CA LEU Q 99 82.80 -34.40 43.12
C LEU Q 99 84.14 -33.99 42.52
N THR Q 100 84.11 -33.28 41.39
CA THR Q 100 85.35 -32.78 40.80
C THR Q 100 86.04 -31.79 41.73
N LEU Q 101 85.27 -30.95 42.42
CA LEU Q 101 85.87 -30.03 43.38
C LEU Q 101 86.53 -30.79 44.52
N VAL Q 102 85.89 -31.86 44.99
CA VAL Q 102 86.47 -32.68 46.06
C VAL Q 102 87.79 -33.28 45.61
N TYR Q 103 87.81 -33.84 44.39
CA TYR Q 103 89.05 -34.39 43.86
C TYR Q 103 90.12 -33.31 43.73
N ALA Q 104 89.74 -32.12 43.27
CA ALA Q 104 90.71 -31.04 43.12
C ALA Q 104 91.31 -30.65 44.45
N ILE Q 105 90.48 -30.52 45.50
CA ILE Q 105 90.98 -30.13 46.81
C ILE Q 105 91.90 -31.21 47.37
N SER Q 106 91.49 -32.47 47.28
CA SER Q 106 92.32 -33.56 47.79
C SER Q 106 93.66 -33.63 47.05
N LEU Q 107 93.62 -33.46 45.72
CA LEU Q 107 94.84 -33.49 44.92
C LEU Q 107 95.74 -32.31 45.26
N LEU Q 108 95.17 -31.14 45.49
CA LEU Q 108 95.95 -29.99 45.91
C LEU Q 108 96.63 -30.24 47.24
N LYS Q 109 95.90 -30.82 48.19
CA LYS Q 109 96.50 -31.13 49.49
C LYS Q 109 97.63 -32.13 49.36
N GLU Q 110 97.44 -33.18 48.54
CA GLU Q 110 98.48 -34.17 48.34
C GLU Q 110 99.70 -33.56 47.67
N VAL Q 111 99.49 -32.69 46.69
CA VAL Q 111 100.61 -32.04 46.01
C VAL Q 111 101.35 -31.09 46.96
N GLU Q 112 100.60 -30.37 47.81
CA GLU Q 112 101.22 -29.54 48.82
C GLU Q 112 102.08 -30.38 49.75
N LYS Q 113 101.62 -31.57 50.10
CA LYS Q 113 102.47 -32.50 50.83
C LYS Q 113 103.71 -32.85 50.03
N GLU Q 114 103.55 -33.09 48.72
CA GLU Q 114 104.69 -33.38 47.86
C GLU Q 114 105.57 -32.14 47.66
N GLY Q 115 104.96 -31.02 47.30
CA GLY Q 115 105.69 -29.79 47.12
C GLY Q 115 106.24 -29.52 45.73
N ASP Q 116 105.50 -29.87 44.68
CA ASP Q 116 105.98 -29.67 43.32
C ASP Q 116 105.21 -28.51 42.68
N GLU Q 117 105.94 -27.58 42.08
CA GLU Q 117 105.35 -26.29 41.69
C GLU Q 117 104.45 -26.40 40.46
N GLU Q 118 104.87 -27.18 39.44
CA GLU Q 118 104.10 -27.22 38.20
C GLU Q 118 102.71 -27.79 38.44
N LEU Q 119 102.62 -28.86 39.22
CA LEU Q 119 101.29 -29.36 39.60
C LEU Q 119 100.54 -28.38 40.49
N LYS Q 120 101.25 -27.57 41.27
CA LYS Q 120 100.57 -26.49 42.00
C LYS Q 120 99.85 -25.57 41.04
N GLU Q 121 100.55 -25.09 40.01
CA GLU Q 121 99.93 -24.21 39.03
C GLU Q 121 98.79 -24.92 38.31
N TYR Q 122 99.00 -26.19 37.97
CA TYR Q 122 97.98 -26.95 37.25
C TYR Q 122 96.69 -27.05 38.07
N VAL Q 123 96.81 -27.41 39.34
CA VAL Q 123 95.62 -27.58 40.18
C VAL Q 123 94.99 -26.23 40.51
N LYS Q 124 95.79 -25.16 40.64
CA LYS Q 124 95.19 -23.85 40.85
C LYS Q 124 94.38 -23.40 39.65
N LEU Q 125 94.90 -23.63 38.44
CA LEU Q 125 94.13 -23.33 37.24
C LEU Q 125 92.87 -24.19 37.17
N ALA Q 126 92.99 -25.47 37.55
CA ALA Q 126 91.82 -26.34 37.56
C ALA Q 126 90.76 -25.83 38.52
N ILE Q 127 91.17 -25.38 39.71
CA ILE Q 127 90.23 -24.89 40.71
C ILE Q 127 89.57 -23.61 40.24
N GLU Q 128 90.34 -22.71 39.63
CA GLU Q 128 89.75 -21.47 39.11
C GLU Q 128 88.73 -21.76 38.02
N THR Q 129 89.05 -22.69 37.11
CA THR Q 129 88.10 -23.07 36.07
C THR Q 129 86.87 -23.73 36.68
N LEU Q 130 87.06 -24.53 37.73
CA LEU Q 130 85.93 -25.15 38.42
C LEU Q 130 85.02 -24.09 39.03
N LYS Q 131 85.60 -23.05 39.63
CA LYS Q 131 84.80 -21.97 40.19
C LYS Q 131 84.03 -21.25 39.08
N GLU Q 132 84.69 -20.98 37.96
CA GLU Q 132 84.02 -20.29 36.85
C GLU Q 132 82.87 -21.15 36.31
N ALA Q 133 83.05 -22.46 36.24
CA ALA Q 133 81.98 -23.34 35.82
C ALA Q 133 80.85 -23.33 36.84
N PHE Q 134 81.18 -23.46 38.13
CA PHE Q 134 80.18 -23.43 39.18
C PHE Q 134 79.34 -22.17 39.13
N GLU Q 135 79.93 -21.06 38.69
CA GLU Q 135 79.18 -19.80 38.59
C GLU Q 135 77.90 -19.98 37.79
N ARG Q 136 77.95 -20.75 36.70
CA ARG Q 136 76.77 -20.93 35.86
C ARG Q 136 76.59 -22.35 35.35
N LYS Q 137 77.29 -23.34 35.92
CA LYS Q 137 77.22 -24.72 35.47
C LYS Q 137 77.57 -24.84 33.98
N ASN Q 138 78.77 -24.38 33.64
CA ASN Q 138 79.26 -24.42 32.28
C ASN Q 138 80.05 -25.71 32.11
N TYR Q 139 79.57 -26.59 31.23
CA TYR Q 139 80.07 -27.96 31.19
C TYR Q 139 81.48 -28.03 30.60
N ALA Q 140 81.84 -27.09 29.73
CA ALA Q 140 83.11 -27.15 29.01
C ALA Q 140 84.29 -26.93 29.97
N LEU Q 141 84.22 -25.90 30.81
CA LEU Q 141 85.28 -25.72 31.80
C LEU Q 141 85.30 -26.87 32.80
N LEU Q 142 84.15 -27.50 33.04
CA LEU Q 142 84.15 -28.72 33.85
C LEU Q 142 84.95 -29.82 33.18
N VAL Q 143 84.79 -29.98 31.87
CA VAL Q 143 85.59 -30.98 31.14
C VAL Q 143 87.08 -30.66 31.24
N SER Q 144 87.43 -29.38 31.06
CA SER Q 144 88.83 -28.99 31.13
C SER Q 144 89.43 -29.29 32.51
N ALA Q 145 88.70 -28.92 33.57
CA ALA Q 145 89.17 -29.17 34.92
C ALA Q 145 89.26 -30.67 35.20
N LYS Q 146 88.28 -31.43 34.72
CA LYS Q 146 88.33 -32.89 34.88
C LYS Q 146 89.57 -33.47 34.23
N ILE Q 147 89.88 -33.02 33.01
CA ILE Q 147 91.08 -33.48 32.32
C ILE Q 147 92.32 -33.17 33.15
N ILE Q 148 92.41 -31.92 33.62
CA ILE Q 148 93.60 -31.51 34.37
C ILE Q 148 93.76 -32.36 35.63
N VAL Q 149 92.67 -32.56 36.37
CA VAL Q 149 92.77 -33.27 37.64
C VAL Q 149 93.07 -34.75 37.43
N GLU Q 150 92.48 -35.37 36.41
CA GLU Q 150 92.76 -36.79 36.20
C GLU Q 150 94.18 -37.01 35.72
N ASN Q 151 94.68 -36.14 34.85
CA ASN Q 151 96.07 -36.26 34.43
C ASN Q 151 97.02 -36.02 35.59
N ALA Q 152 96.71 -35.06 36.47
CA ALA Q 152 97.54 -34.84 37.64
C ALA Q 152 97.52 -36.06 38.57
N GLU Q 153 96.34 -36.66 38.78
CA GLU Q 153 96.25 -37.84 39.60
C GLU Q 153 97.08 -38.98 39.03
N GLU Q 154 97.01 -39.17 37.71
CA GLU Q 154 97.84 -40.18 37.06
C GLU Q 154 99.32 -39.86 37.23
N ILE Q 155 99.67 -38.58 37.22
CA ILE Q 155 101.06 -38.17 37.45
C ILE Q 155 101.51 -38.60 38.85
N LEU Q 156 100.67 -38.36 39.86
CA LEU Q 156 101.04 -38.78 41.22
C LEU Q 156 101.14 -40.30 41.33
N LYS Q 157 100.23 -41.03 40.68
CA LYS Q 157 100.35 -42.49 40.71
C LYS Q 157 101.65 -42.95 40.06
N ALA Q 158 101.99 -42.39 38.90
CA ALA Q 158 103.22 -42.77 38.23
C ALA Q 158 104.46 -42.32 38.99
N LYS Q 159 104.33 -41.31 39.85
CA LYS Q 159 105.46 -40.88 40.67
C LYS Q 159 105.95 -42.01 41.57
N LYS Q 160 105.02 -42.68 42.25
CA LYS Q 160 105.41 -43.83 43.05
C LYS Q 160 105.63 -45.07 42.19
N LYS Q 161 104.93 -45.17 41.05
CA LYS Q 161 105.20 -46.27 40.13
C LYS Q 161 106.59 -46.14 39.51
N GLY Q 162 106.91 -44.97 38.97
CA GLY Q 162 108.22 -44.71 38.42
C GLY Q 162 108.37 -44.99 36.94
N ASP Q 163 107.38 -44.59 36.14
CA ASP Q 163 107.40 -44.76 34.70
C ASP Q 163 107.51 -43.35 34.12
N GLU Q 164 108.74 -42.97 33.73
CA GLU Q 164 109.01 -41.59 33.31
C GLU Q 164 108.31 -41.25 32.01
N GLU Q 165 108.23 -42.21 31.08
CA GLU Q 165 107.56 -41.94 29.81
C GLU Q 165 106.12 -41.50 30.03
N LYS Q 166 105.41 -42.19 30.93
CA LYS Q 166 104.02 -41.84 31.21
C LYS Q 166 103.90 -40.46 31.84
N ILE Q 167 104.83 -40.10 32.74
CA ILE Q 167 104.74 -38.79 33.37
C ILE Q 167 105.01 -37.69 32.35
N LYS Q 168 105.95 -37.92 31.43
CA LYS Q 168 106.18 -36.93 30.36
C LYS Q 168 104.94 -36.80 29.48
N GLU Q 169 104.30 -37.92 29.15
CA GLU Q 169 103.08 -37.87 28.35
C GLU Q 169 101.98 -37.09 29.07
N LEU Q 170 101.85 -37.30 30.38
CA LEU Q 170 100.83 -36.60 31.15
C LEU Q 170 101.13 -35.10 31.24
N LEU Q 171 102.41 -34.73 31.37
CA LEU Q 171 102.77 -33.31 31.31
C LEU Q 171 102.42 -32.72 29.96
N GLN Q 172 102.63 -33.47 28.87
CA GLN Q 172 102.22 -32.99 27.55
C GLN Q 172 100.72 -32.76 27.50
N ARG Q 173 99.93 -33.71 28.04
CA ARG Q 173 98.48 -33.54 28.06
C ARG Q 173 98.08 -32.32 28.88
N LEU Q 174 98.74 -32.10 30.02
CA LEU Q 174 98.41 -30.95 30.86
C LEU Q 174 98.78 -29.64 30.19
N LYS Q 175 99.89 -29.59 29.47
CA LYS Q 175 100.23 -28.40 28.71
C LYS Q 175 99.19 -28.11 27.64
N ALA Q 176 98.74 -29.17 26.94
CA ALA Q 176 97.67 -28.99 25.96
C ALA Q 176 96.40 -28.45 26.62
N ALA Q 177 96.06 -28.97 27.80
CA ALA Q 177 94.88 -28.49 28.51
C ALA Q 177 95.02 -27.03 28.92
N LYS Q 178 96.19 -26.64 29.42
CA LYS Q 178 96.42 -25.25 29.79
C LYS Q 178 96.28 -24.34 28.59
N ILE Q 179 96.83 -24.74 27.45
CA ILE Q 179 96.69 -23.93 26.24
C ILE Q 179 95.23 -23.83 25.83
N GLY Q 180 94.49 -24.93 25.93
CA GLY Q 180 93.15 -24.95 25.37
C GLY Q 180 92.10 -24.28 26.25
N THR Q 181 92.34 -24.22 27.56
CA THR Q 181 91.30 -23.76 28.47
C THR Q 181 90.82 -22.33 28.17
N PRO Q 182 91.70 -21.33 28.00
CA PRO Q 182 91.18 -20.01 27.58
C PRO Q 182 90.47 -20.08 26.24
N LEU Q 183 90.95 -20.93 25.33
CA LEU Q 183 90.33 -21.05 24.02
C LEU Q 183 88.91 -21.59 24.12
N VAL Q 184 88.69 -22.62 24.93
CA VAL Q 184 87.34 -23.18 25.04
C VAL Q 184 86.43 -22.21 25.77
N ARG Q 185 86.94 -21.54 26.80
CA ARG Q 185 86.13 -20.51 27.46
C ARG Q 185 85.69 -19.45 26.45
N GLU Q 186 86.62 -18.97 25.63
CA GLU Q 186 86.30 -17.94 24.65
C GLU Q 186 85.32 -18.46 23.61
N VAL Q 187 85.49 -19.70 23.16
CA VAL Q 187 84.60 -20.25 22.15
C VAL Q 187 83.17 -20.31 22.68
N VAL Q 188 83.00 -20.81 23.91
CA VAL Q 188 81.67 -20.87 24.50
C VAL Q 188 81.09 -19.47 24.65
N GLU Q 189 81.90 -18.52 25.14
CA GLU Q 189 81.42 -17.16 25.35
C GLU Q 189 80.94 -16.54 24.05
N ARG Q 190 81.74 -16.68 22.98
CA ARG Q 190 81.37 -16.11 21.69
C ARG Q 190 80.11 -16.78 21.14
N TYR Q 191 80.01 -18.10 21.24
CA TYR Q 191 78.83 -18.77 20.72
C TYR Q 191 77.58 -18.40 21.50
N ARG Q 192 77.72 -18.04 22.78
CA ARG Q 192 76.56 -17.70 23.61
C ARG Q 192 75.69 -16.61 22.98
N GLU Q 193 76.29 -15.51 22.54
CA GLU Q 193 75.50 -14.39 22.04
C GLU Q 193 75.96 -13.86 20.68
N GLU Q 194 77.24 -14.00 20.34
CA GLU Q 194 77.74 -13.38 19.10
C GLU Q 194 77.09 -14.00 17.86
N GLY Q 195 76.96 -15.33 17.84
CA GLY Q 195 76.16 -15.99 16.82
C GLY Q 195 76.89 -16.62 15.65
N GLU Q 196 78.18 -16.85 15.81
CA GLU Q 196 78.95 -17.51 14.77
C GLU Q 196 78.51 -18.96 14.55
N PRO Q 197 79.17 -19.67 13.62
CA PRO Q 197 78.83 -21.07 13.39
C PRO Q 197 79.71 -21.98 14.21
N LEU Q 198 79.14 -22.55 15.26
CA LEU Q 198 79.94 -23.34 16.16
C LEU Q 198 81.02 -24.15 15.50
N LEU Q 199 80.68 -24.83 14.44
CA LEU Q 199 81.69 -25.73 13.89
C LEU Q 199 82.95 -24.97 13.47
N ASP Q 200 82.79 -23.77 12.92
CA ASP Q 200 83.94 -22.98 12.49
C ASP Q 200 84.81 -22.61 13.68
N LEU Q 201 84.20 -22.09 14.75
CA LEU Q 201 84.96 -21.76 15.96
C LEU Q 201 85.58 -23.00 16.58
N LEU Q 202 84.87 -24.13 16.58
CA LEU Q 202 85.44 -25.37 17.12
C LEU Q 202 86.69 -25.77 16.34
N LEU Q 203 86.62 -25.71 15.02
CA LEU Q 203 87.78 -26.08 14.20
C LEU Q 203 88.94 -25.12 14.42
N HIS Q 204 88.65 -23.82 14.48
CA HIS Q 204 89.72 -22.84 14.72
C HIS Q 204 90.36 -23.05 16.08
N MET Q 205 89.55 -23.30 17.12
CA MET Q 205 90.08 -23.54 18.44
C MET Q 205 90.95 -24.80 18.47
N ALA Q 206 90.49 -25.88 17.83
CA ALA Q 206 91.27 -27.11 17.79
C ALA Q 206 92.59 -26.90 17.07
N GLU Q 207 92.56 -26.21 15.92
CA GLU Q 207 93.80 -25.97 15.18
C GLU Q 207 94.76 -25.09 15.96
N THR Q 208 94.23 -24.05 16.63
CA THR Q 208 95.07 -23.19 17.46
C THR Q 208 95.70 -23.98 18.59
N THR Q 209 94.91 -24.86 19.22
CA THR Q 209 95.44 -25.69 20.29
C THR Q 209 96.57 -26.58 19.79
N ILE Q 210 96.37 -27.22 18.63
CA ILE Q 210 97.40 -28.10 18.08
C ILE Q 210 98.66 -27.31 17.76
N ARG Q 211 98.50 -26.16 17.12
CA ARG Q 211 99.67 -25.35 16.73
C ARG Q 211 100.44 -24.88 17.95
N GLU Q 212 99.73 -24.35 18.96
CA GLU Q 212 100.41 -23.85 20.15
C GLU Q 212 101.04 -24.99 20.94
N SER Q 213 100.39 -26.16 20.94
CA SER Q 213 100.94 -27.30 21.67
C SER Q 213 102.20 -27.82 20.99
N GLU Q 214 102.22 -27.88 19.66
CA GLU Q 214 103.43 -28.31 18.96
C GLU Q 214 104.50 -27.23 19.01
N LYS Q 215 104.11 -25.98 19.25
CA LYS Q 215 105.10 -24.93 19.49
C LYS Q 215 105.84 -25.13 20.81
N LEU Q 216 105.31 -25.95 21.70
CA LEU Q 216 105.95 -26.26 22.97
C LEU Q 216 106.66 -27.61 22.95
N GLY Q 217 106.82 -28.21 21.76
CA GLY Q 217 107.51 -29.47 21.61
C GLY Q 217 106.62 -30.70 21.73
N VAL Q 218 105.33 -30.52 21.94
CA VAL Q 218 104.44 -31.65 22.18
C VAL Q 218 103.87 -32.12 20.85
N ASP Q 219 103.82 -33.44 20.71
CA ASP Q 219 103.27 -34.04 19.51
C ASP Q 219 101.95 -33.50 19.12
N PRO Q 220 101.54 -33.76 17.90
CA PRO Q 220 100.22 -33.34 17.49
C PRO Q 220 99.35 -34.52 17.63
N ARG Q 221 99.72 -35.42 18.53
CA ARG Q 221 98.85 -36.55 18.79
C ARG Q 221 98.05 -36.37 20.06
N LEU Q 222 98.64 -36.67 21.21
CA LEU Q 222 97.88 -36.64 22.45
C LEU Q 222 97.19 -35.30 22.65
N ALA Q 223 97.83 -34.21 22.20
CA ALA Q 223 97.16 -32.91 22.21
C ALA Q 223 95.92 -32.94 21.32
N ALA Q 224 95.96 -33.73 20.25
CA ALA Q 224 94.78 -33.90 19.41
C ALA Q 224 93.66 -34.56 20.19
N GLU Q 225 93.96 -35.58 20.99
CA GLU Q 225 92.91 -36.23 21.78
C GLU Q 225 92.40 -35.30 22.88
N VAL Q 226 93.28 -34.45 23.45
CA VAL Q 226 92.83 -33.47 24.42
C VAL Q 226 91.84 -32.50 23.77
N ALA Q 227 92.19 -32.00 22.58
CA ALA Q 227 91.28 -31.13 21.85
C ALA Q 227 89.99 -31.84 21.48
N ARG Q 228 90.07 -33.15 21.22
CA ARG Q 228 88.87 -33.91 20.91
C ARG Q 228 87.93 -34.00 22.11
N GLU Q 229 88.49 -34.27 23.29
CA GLU Q 229 87.68 -34.30 24.51
C GLU Q 229 87.06 -32.94 24.77
N MET Q 230 87.83 -31.86 24.59
CA MET Q 230 87.29 -30.53 24.81
C MET Q 230 86.22 -30.17 23.79
N VAL Q 231 86.38 -30.62 22.55
CA VAL Q 231 85.36 -30.41 21.53
C VAL Q 231 84.07 -31.14 21.91
N ASP Q 232 84.20 -32.36 22.42
CA ASP Q 232 83.03 -33.10 22.89
C ASP Q 232 82.35 -32.34 24.03
N GLY Q 233 83.14 -31.80 24.95
CA GLY Q 233 82.56 -31.01 26.04
C GLY Q 233 81.85 -29.77 25.54
N VAL Q 234 82.42 -29.09 24.55
CA VAL Q 234 81.78 -27.92 23.96
C VAL Q 234 80.46 -28.31 23.32
N GLY Q 235 80.45 -29.43 22.59
CA GLY Q 235 79.22 -29.90 21.98
C GLY Q 235 78.15 -30.22 23.02
N HIS Q 236 78.54 -30.84 24.13
CA HIS Q 236 77.59 -31.14 25.19
C HIS Q 236 77.04 -29.86 25.82
N GLU Q 237 77.92 -28.90 26.10
CA GLU Q 237 77.48 -27.68 26.77
C GLU Q 237 76.59 -26.83 25.87
N THR Q 238 76.97 -26.69 24.60
CA THR Q 238 76.26 -25.81 23.68
C THR Q 238 74.91 -26.38 23.24
N GLY Q 239 74.65 -27.67 23.50
CA GLY Q 239 73.41 -28.27 23.07
C GLY Q 239 73.37 -28.67 21.61
N GLU Q 240 74.51 -28.70 20.94
CA GLU Q 240 74.60 -29.07 19.53
C GLU Q 240 75.79 -30.00 19.36
N THR Q 241 75.53 -31.28 19.11
CA THR Q 241 76.58 -32.28 19.01
C THR Q 241 76.92 -32.67 17.58
N GLU Q 242 76.07 -32.34 16.60
CA GLU Q 242 76.36 -32.69 15.21
C GLU Q 242 77.60 -31.94 14.72
N ALA Q 243 77.71 -30.66 15.04
CA ALA Q 243 78.92 -29.92 14.69
C ALA Q 243 80.13 -30.47 15.44
N ALA Q 244 79.94 -30.81 16.72
CA ALA Q 244 81.01 -31.47 17.47
C ALA Q 244 81.38 -32.80 16.84
N PHE Q 245 80.38 -33.55 16.35
CA PHE Q 245 80.66 -34.80 15.66
C PHE Q 245 81.49 -34.56 14.40
N ARG Q 246 81.14 -33.55 13.62
CA ARG Q 246 81.88 -33.27 12.39
C ARG Q 246 83.32 -32.86 12.70
N VAL Q 247 83.52 -31.99 13.70
CA VAL Q 247 84.88 -31.59 14.06
C VAL Q 247 85.65 -32.78 14.61
N ARG Q 248 84.97 -33.69 15.32
CA ARG Q 248 85.61 -34.91 15.79
C ARG Q 248 86.08 -35.76 14.61
N ARG Q 249 85.26 -35.86 13.56
CA ARG Q 249 85.65 -36.63 12.38
C ARG Q 249 86.85 -35.99 11.69
N GLU Q 250 86.86 -34.65 11.56
CA GLU Q 250 88.00 -34.00 10.91
C GLU Q 250 89.27 -34.17 11.74
N LEU Q 251 89.15 -34.10 13.06
CA LEU Q 251 90.33 -34.31 13.90
C LEU Q 251 90.83 -35.75 13.82
N ASP Q 252 89.90 -36.71 13.71
CA ASP Q 252 90.28 -38.11 13.51
C ASP Q 252 90.99 -38.30 12.18
N THR Q 253 90.56 -37.58 11.14
CA THR Q 253 91.29 -37.60 9.88
C THR Q 253 92.66 -36.95 10.03
N VAL Q 254 92.75 -35.89 10.84
CA VAL Q 254 94.01 -35.17 11.01
C VAL Q 254 95.05 -36.06 11.69
N ILE Q 255 94.65 -36.80 12.72
CA ILE Q 255 95.63 -37.61 13.45
C ILE Q 255 96.22 -38.70 12.56
N LEU Q 256 95.51 -39.07 11.49
CA LEU Q 256 96.02 -40.05 10.54
C LEU Q 256 97.23 -39.52 9.79
N THR R 25 52.01 -64.23 21.43
CA THR R 25 52.10 -65.62 21.86
C THR R 25 51.98 -66.58 20.67
N GLU R 26 52.08 -66.02 19.46
CA GLU R 26 51.96 -66.83 18.26
C GLU R 26 53.10 -67.84 18.16
N LYS R 27 54.32 -67.43 18.53
CA LYS R 27 55.44 -68.36 18.53
C LYS R 27 55.19 -69.52 19.48
N LEU R 28 54.66 -69.24 20.67
CA LEU R 28 54.39 -70.31 21.63
C LEU R 28 53.30 -71.26 21.11
N LYS R 29 52.26 -70.70 20.49
CA LYS R 29 51.22 -71.55 19.92
C LYS R 29 51.77 -72.44 18.82
N LYS R 30 52.61 -71.89 17.94
CA LYS R 30 53.22 -72.70 16.89
C LYS R 30 54.13 -73.76 17.47
N ILE R 31 54.88 -73.42 18.53
CA ILE R 31 55.76 -74.41 19.15
C ILE R 31 54.94 -75.57 19.72
N THR R 32 53.84 -75.24 20.40
CA THR R 32 52.97 -76.28 20.94
C THR R 32 52.38 -77.14 19.82
N LYS R 33 51.92 -76.51 18.73
CA LYS R 33 51.36 -77.26 17.62
C LYS R 33 52.39 -78.20 17.01
N LEU R 34 53.61 -77.71 16.77
CA LEU R 34 54.63 -78.55 16.16
C LEU R 34 55.06 -79.66 17.09
N LEU R 35 55.10 -79.41 18.40
CA LEU R 35 55.42 -80.47 19.34
C LEU R 35 54.34 -81.54 19.35
N HIS R 36 53.09 -81.17 19.18
CA HIS R 36 52.08 -82.19 19.12
C HIS R 36 52.41 -82.97 17.90
N GLU R 37 52.43 -82.30 16.75
CA GLU R 37 52.62 -83.06 15.52
C GLU R 37 53.78 -84.04 15.66
N LEU R 38 54.89 -83.59 16.24
CA LEU R 38 56.04 -84.48 16.40
C LEU R 38 55.72 -85.67 17.29
N VAL R 39 55.01 -85.43 18.40
CA VAL R 39 54.71 -86.54 19.31
C VAL R 39 53.65 -87.45 18.72
N ASP R 40 52.82 -86.94 17.80
CA ASP R 40 51.83 -87.80 17.15
C ASP R 40 52.49 -88.90 16.35
N ARG R 41 53.50 -88.54 15.55
CA ARG R 41 54.23 -89.52 14.74
C ARG R 41 55.57 -89.85 15.41
N GLY R 42 55.48 -90.65 16.47
CA GLY R 42 56.68 -91.09 17.17
C GLY R 42 57.48 -89.92 17.71
N GLU R 43 58.80 -89.97 17.48
CA GLU R 43 59.73 -88.87 17.76
C GLU R 43 59.69 -88.58 19.26
N ILE R 44 59.38 -87.36 19.68
CA ILE R 44 59.44 -86.95 21.09
C ILE R 44 58.36 -87.67 21.89
N PRO R 45 58.55 -87.85 23.20
CA PRO R 45 57.50 -88.47 24.02
C PRO R 45 56.37 -87.49 24.36
N GLU R 46 55.35 -87.98 25.05
CA GLU R 46 54.14 -87.19 25.28
C GLU R 46 54.32 -86.12 26.36
N GLU R 47 55.24 -86.35 27.31
CA GLU R 47 55.38 -85.43 28.43
C GLU R 47 55.72 -84.02 27.96
N LEU R 48 56.56 -83.91 26.93
CA LEU R 48 56.94 -82.59 26.44
C LEU R 48 55.74 -81.87 25.84
N ALA R 49 54.90 -82.59 25.10
CA ALA R 49 53.71 -81.97 24.53
C ALA R 49 52.71 -81.56 25.62
N THR R 50 52.55 -82.40 26.65
CA THR R 50 51.65 -82.03 27.74
C THR R 50 52.15 -80.79 28.46
N LEU R 51 53.46 -80.72 28.73
CA LEU R 51 54.03 -79.53 29.34
C LEU R 51 53.83 -78.31 28.46
N ALA R 52 54.00 -78.48 27.14
CA ALA R 52 53.78 -77.37 26.23
C ALA R 52 52.34 -76.86 26.32
N THR R 53 51.37 -77.78 26.40
CA THR R 53 49.98 -77.36 26.51
C THR R 53 49.71 -76.62 27.82
N LEU R 54 50.18 -77.18 28.93
CA LEU R 54 49.94 -76.55 30.22
C LEU R 54 50.59 -75.16 30.29
N LEU R 55 51.83 -75.04 29.84
CA LEU R 55 52.50 -73.75 29.86
C LEU R 55 51.88 -72.77 28.86
N LEU R 56 51.36 -73.26 27.74
CA LEU R 56 50.68 -72.38 26.80
C LEU R 56 49.38 -71.85 27.38
N TYR R 57 48.73 -72.63 28.25
CA TYR R 57 47.58 -72.10 28.97
C TYR R 57 48.01 -71.07 30.01
N LEU R 58 49.03 -71.41 30.81
CA LEU R 58 49.47 -70.54 31.89
C LEU R 58 49.93 -69.19 31.36
N VAL R 59 50.83 -69.18 30.38
CA VAL R 59 51.07 -68.00 29.56
C VAL R 59 49.77 -67.73 28.83
N GLU R 60 49.44 -66.45 28.65
CA GLU R 60 48.19 -66.02 28.01
C GLU R 60 47.02 -66.25 28.96
N LYS R 61 47.26 -66.97 30.06
CA LYS R 61 46.43 -66.74 31.24
C LYS R 61 47.02 -65.63 32.10
N GLY R 62 48.29 -65.32 31.89
CA GLY R 62 48.92 -64.23 32.60
C GLY R 62 49.48 -64.64 33.94
N LEU R 63 50.06 -65.83 34.01
CA LEU R 63 50.58 -66.36 35.26
C LEU R 63 52.06 -66.70 35.22
N ILE R 64 52.68 -66.80 34.04
CA ILE R 64 54.11 -66.97 33.92
C ILE R 64 54.59 -66.19 32.70
N SER R 65 55.90 -66.15 32.48
CA SER R 65 56.49 -65.45 31.36
C SER R 65 57.04 -66.45 30.35
N GLU R 66 57.31 -65.95 29.14
CA GLU R 66 57.85 -66.80 28.08
C GLU R 66 59.18 -67.41 28.49
N PHE R 67 59.95 -66.71 29.33
CA PHE R 67 61.23 -67.25 29.77
C PHE R 67 61.02 -68.55 30.55
N ASP R 68 60.02 -68.59 31.43
CA ASP R 68 59.74 -69.82 32.17
C ASP R 68 59.29 -70.94 31.24
N PHE R 69 58.46 -70.60 30.25
CA PHE R 69 58.03 -71.57 29.25
C PHE R 69 59.23 -72.21 28.57
N ILE R 70 60.12 -71.38 28.01
CA ILE R 70 61.26 -71.92 27.27
C ILE R 70 62.20 -72.66 28.21
N GLU R 71 62.38 -72.16 29.43
CA GLU R 71 63.29 -72.81 30.36
C GLU R 71 62.80 -74.20 30.74
N HIS R 72 61.49 -74.32 31.02
CA HIS R 72 60.93 -75.63 31.33
C HIS R 72 61.03 -76.58 30.13
N LEU R 73 60.76 -76.06 28.94
CA LEU R 73 60.85 -76.90 27.74
C LEU R 73 62.26 -77.42 27.56
N VAL R 74 63.26 -76.55 27.72
CA VAL R 74 64.65 -76.94 27.54
C VAL R 74 65.08 -77.92 28.63
N ARG R 75 64.62 -77.70 29.86
CA ARG R 75 64.97 -78.62 30.95
C ARG R 75 64.41 -80.01 30.68
N LEU R 76 63.15 -80.10 30.24
CA LEU R 76 62.60 -81.41 29.92
C LEU R 76 63.31 -82.04 28.73
N ALA R 77 63.64 -81.24 27.71
CA ALA R 77 64.36 -81.79 26.56
C ALA R 77 65.71 -82.34 26.95
N GLU R 78 66.43 -81.63 27.82
CA GLU R 78 67.70 -82.13 28.33
C GLU R 78 67.52 -83.40 29.14
N LYS R 79 66.46 -83.45 29.95
CA LYS R 79 66.20 -84.64 30.76
C LYS R 79 65.93 -85.86 29.88
N LEU R 80 65.16 -85.68 28.81
CA LEU R 80 64.80 -86.78 27.93
C LEU R 80 65.77 -86.96 26.76
N GLY R 81 66.76 -86.08 26.62
CA GLY R 81 67.72 -86.19 25.54
C GLY R 81 67.10 -86.06 24.16
N VAL R 82 66.23 -85.07 24.00
CA VAL R 82 65.52 -84.86 22.74
C VAL R 82 65.72 -83.41 22.31
N LEU R 83 66.81 -82.80 22.78
CA LEU R 83 67.03 -81.37 22.57
C LEU R 83 67.15 -81.01 21.10
N GLU R 84 67.61 -81.94 20.27
CA GLU R 84 67.76 -81.66 18.84
C GLU R 84 66.40 -81.39 18.19
N GLU R 85 65.39 -82.18 18.55
CA GLU R 85 64.05 -81.96 18.00
C GLU R 85 63.48 -80.61 18.44
N LEU R 86 63.73 -80.23 19.70
CA LEU R 86 63.30 -78.92 20.15
C LEU R 86 64.02 -77.81 19.39
N LYS R 87 65.31 -78.01 19.10
CA LYS R 87 66.05 -77.04 18.29
C LYS R 87 65.43 -76.92 16.90
N LYS R 88 65.09 -78.05 16.29
CA LYS R 88 64.47 -78.01 14.97
C LYS R 88 63.13 -77.29 15.02
N VAL R 89 62.32 -77.55 16.06
CA VAL R 89 61.04 -76.86 16.19
C VAL R 89 61.25 -75.36 16.32
N LEU R 90 62.24 -74.94 17.12
CA LEU R 90 62.48 -73.52 17.32
C LEU R 90 63.01 -72.85 16.05
N GLU R 91 63.76 -73.59 15.23
CA GLU R 91 64.13 -73.04 13.93
C GLU R 91 62.94 -72.93 12.99
N GLU R 92 62.07 -73.95 12.99
CA GLU R 92 60.90 -73.92 12.11
C GLU R 92 59.98 -72.76 12.45
N VAL R 93 59.71 -72.53 13.74
CA VAL R 93 58.83 -71.43 14.10
C VAL R 93 59.50 -70.09 13.79
N GLY R 94 60.84 -70.05 13.82
CA GLY R 94 61.56 -68.83 13.52
C GLY R 94 61.72 -67.93 14.73
N ASP R 95 62.25 -68.47 15.82
CA ASP R 95 62.45 -67.74 17.06
C ASP R 95 63.94 -67.66 17.36
N GLU R 96 64.43 -66.45 17.61
CA GLU R 96 65.84 -66.25 17.94
C GLU R 96 66.08 -66.24 19.44
N PHE R 97 65.15 -65.67 20.22
CA PHE R 97 65.32 -65.62 21.66
C PHE R 97 65.35 -67.03 22.26
N GLY R 98 64.37 -67.86 21.90
CA GLY R 98 64.34 -69.22 22.41
C GLY R 98 65.54 -70.03 21.97
N LEU R 99 65.96 -69.87 20.72
CA LEU R 99 67.12 -70.60 20.23
C LEU R 99 68.39 -70.19 20.98
N THR R 100 68.55 -68.89 21.21
CA THR R 100 69.71 -68.42 21.98
C THR R 100 69.66 -68.97 23.40
N LEU R 101 68.47 -69.03 23.99
CA LEU R 101 68.35 -69.60 25.33
C LEU R 101 68.73 -71.08 25.34
N VAL R 102 68.33 -71.82 24.29
CA VAL R 102 68.70 -73.22 24.19
C VAL R 102 70.22 -73.37 24.11
N TYR R 103 70.86 -72.56 23.27
CA TYR R 103 72.31 -72.61 23.18
C TYR R 103 72.96 -72.26 24.51
N ALA R 104 72.42 -71.25 25.20
CA ALA R 104 72.99 -70.86 26.49
C ALA R 104 72.90 -72.00 27.51
N ILE R 105 71.74 -72.67 27.57
CA ILE R 105 71.57 -73.76 28.53
C ILE R 105 72.50 -74.92 28.20
N SER R 106 72.58 -75.29 26.91
CA SER R 106 73.46 -76.39 26.52
C SER R 106 74.92 -76.06 26.81
N LEU R 107 75.32 -74.83 26.52
CA LEU R 107 76.70 -74.41 26.78
C LEU R 107 77.00 -74.39 28.27
N LEU R 108 76.03 -73.95 29.09
CA LEU R 108 76.21 -73.99 30.53
C LEU R 108 76.38 -75.42 31.02
N LYS R 109 75.57 -76.35 30.51
CA LYS R 109 75.71 -77.74 30.91
C LYS R 109 77.07 -78.30 30.52
N GLU R 110 77.52 -78.00 29.30
CA GLU R 110 78.82 -78.49 28.84
C GLU R 110 79.95 -77.90 29.69
N VAL R 111 79.86 -76.61 30.03
CA VAL R 111 80.89 -75.98 30.84
C VAL R 111 80.87 -76.55 32.26
N GLU R 112 79.68 -76.83 32.81
CA GLU R 112 79.60 -77.49 34.10
C GLU R 112 80.26 -78.85 34.06
N LYS R 113 80.11 -79.57 32.95
CA LYS R 113 80.87 -80.80 32.76
C LYS R 113 82.36 -80.52 32.76
N GLU R 114 82.77 -79.44 32.08
CA GLU R 114 84.19 -79.07 32.06
C GLU R 114 84.64 -78.54 33.42
N GLY R 115 83.89 -77.61 34.00
CA GLY R 115 84.21 -77.07 35.30
C GLY R 115 85.12 -75.87 35.33
N ASP R 116 84.98 -74.94 34.39
CA ASP R 116 85.84 -73.76 34.34
C ASP R 116 85.04 -72.53 34.79
N GLU R 117 85.61 -71.76 35.72
CA GLU R 117 84.84 -70.74 36.42
C GLU R 117 84.55 -69.51 35.56
N GLU R 118 85.53 -69.05 34.78
CA GLU R 118 85.33 -67.81 34.02
C GLU R 118 84.21 -67.96 33.00
N LEU R 119 84.16 -69.10 32.29
CA LEU R 119 83.03 -69.35 31.42
C LEU R 119 81.73 -69.54 32.19
N LYS R 120 81.81 -70.03 33.44
CA LYS R 120 80.61 -70.06 34.28
C LYS R 120 80.05 -68.66 34.45
N GLU R 121 80.89 -67.71 34.85
CA GLU R 121 80.44 -66.33 35.01
C GLU R 121 79.94 -65.76 33.69
N TYR R 122 80.64 -66.06 32.59
CA TYR R 122 80.25 -65.55 31.29
C TYR R 122 78.85 -66.02 30.91
N VAL R 123 78.59 -67.32 31.05
CA VAL R 123 77.30 -67.86 30.65
C VAL R 123 76.20 -67.42 31.61
N LYS R 124 76.51 -67.25 32.91
CA LYS R 124 75.50 -66.75 33.82
C LYS R 124 75.10 -65.32 33.48
N LEU R 125 76.08 -64.47 33.13
CA LEU R 125 75.75 -63.13 32.68
C LEU R 125 74.94 -63.16 31.39
N ALA R 126 75.30 -64.07 30.47
CA ALA R 126 74.56 -64.21 29.23
C ALA R 126 73.11 -64.61 29.50
N ILE R 127 72.89 -65.53 30.43
CA ILE R 127 71.54 -66.00 30.73
C ILE R 127 70.74 -64.89 31.40
N GLU R 128 71.36 -64.12 32.30
CA GLU R 128 70.64 -63.02 32.93
C GLU R 128 70.25 -61.96 31.90
N THR R 129 71.17 -61.64 30.98
CA THR R 129 70.83 -60.69 29.92
C THR R 129 69.73 -61.24 29.02
N LEU R 130 69.76 -62.55 28.75
CA LEU R 130 68.71 -63.17 27.95
C LEU R 130 67.36 -63.06 28.63
N LYS R 131 67.32 -63.26 29.96
CA LYS R 131 66.07 -63.09 30.69
C LYS R 131 65.58 -61.65 30.63
N GLU R 132 66.49 -60.69 30.80
CA GLU R 132 66.10 -59.29 30.74
C GLU R 132 65.56 -58.93 29.36
N ALA R 133 66.17 -59.47 28.30
CA ALA R 133 65.65 -59.25 26.95
C ALA R 133 64.29 -59.90 26.79
N PHE R 134 64.14 -61.16 27.22
CA PHE R 134 62.87 -61.85 27.14
C PHE R 134 61.75 -61.08 27.83
N GLU R 135 62.08 -60.33 28.89
CA GLU R 135 61.08 -59.55 29.60
C GLU R 135 60.31 -58.64 28.65
N ARG R 136 61.00 -58.03 27.67
CA ARG R 136 60.33 -57.11 26.75
C ARG R 136 60.81 -57.24 25.31
N LYS R 137 61.52 -58.32 24.96
CA LYS R 137 62.06 -58.52 23.61
C LYS R 137 62.94 -57.35 23.20
N ASN R 138 63.98 -57.11 24.01
CA ASN R 138 64.93 -56.03 23.76
C ASN R 138 66.09 -56.61 22.97
N TYR R 139 66.27 -56.12 21.74
CA TYR R 139 67.15 -56.79 20.78
C TYR R 139 68.62 -56.60 21.15
N ALA R 140 68.96 -55.51 21.84
CA ALA R 140 70.37 -55.19 22.12
C ALA R 140 70.97 -56.19 23.11
N LEU R 141 70.28 -56.47 24.21
CA LEU R 141 70.77 -57.48 25.13
C LEU R 141 70.80 -58.86 24.47
N LEU R 142 69.89 -59.10 23.52
CA LEU R 142 69.96 -60.33 22.73
C LEU R 142 71.26 -60.40 21.94
N VAL R 143 71.67 -59.28 21.33
CA VAL R 143 72.94 -59.24 20.61
C VAL R 143 74.10 -59.51 21.56
N SER R 144 74.07 -58.89 22.74
CA SER R 144 75.15 -59.09 23.70
C SER R 144 75.25 -60.55 24.12
N ALA R 145 74.11 -61.16 24.46
CA ALA R 145 74.10 -62.55 24.87
C ALA R 145 74.54 -63.47 23.73
N LYS R 146 74.12 -63.16 22.50
CA LYS R 146 74.54 -63.94 21.35
C LYS R 146 76.05 -63.89 21.19
N ILE R 147 76.63 -62.70 21.32
CA ILE R 147 78.08 -62.55 21.24
C ILE R 147 78.75 -63.41 22.30
N ILE R 148 78.28 -63.31 23.54
CA ILE R 148 78.91 -64.05 24.63
C ILE R 148 78.84 -65.55 24.38
N VAL R 149 77.67 -66.04 23.96
CA VAL R 149 77.52 -67.49 23.81
C VAL R 149 78.32 -68.00 22.62
N GLU R 150 78.38 -67.24 21.52
CA GLU R 150 79.14 -67.75 20.37
C GLU R 150 80.63 -67.73 20.66
N ASN R 151 81.12 -66.69 21.35
CA ASN R 151 82.53 -66.68 21.71
C ASN R 151 82.86 -67.80 22.69
N ALA R 152 81.96 -68.08 23.64
CA ALA R 152 82.18 -69.20 24.55
C ALA R 152 82.20 -70.53 23.79
N GLU R 153 81.28 -70.71 22.84
CA GLU R 153 81.27 -71.94 22.06
C GLU R 153 82.56 -72.11 21.28
N GLU R 154 83.04 -71.01 20.67
CA GLU R 154 84.33 -71.07 19.98
C GLU R 154 85.46 -71.39 20.95
N ILE R 155 85.37 -70.90 22.18
CA ILE R 155 86.37 -71.24 23.20
C ILE R 155 86.37 -72.74 23.46
N LEU R 156 85.20 -73.35 23.62
CA LEU R 156 85.14 -74.79 23.85
C LEU R 156 85.65 -75.56 22.64
N LYS R 157 85.34 -75.12 21.43
CA LYS R 157 85.89 -75.80 20.24
C LYS R 157 87.42 -75.71 20.22
N ALA R 158 87.96 -74.52 20.48
CA ALA R 158 89.42 -74.37 20.49
C ALA R 158 90.07 -75.12 21.64
N LYS R 159 89.32 -75.40 22.71
CA LYS R 159 89.87 -76.17 23.81
C LYS R 159 90.31 -77.55 23.36
N LYS R 160 89.45 -78.25 22.60
CA LYS R 160 89.86 -79.52 22.04
C LYS R 160 90.77 -79.35 20.82
N LYS R 161 90.61 -78.25 20.08
CA LYS R 161 91.54 -77.99 18.97
C LYS R 161 92.94 -77.68 19.50
N GLY R 162 93.04 -76.76 20.45
CA GLY R 162 94.32 -76.47 21.07
C GLY R 162 95.08 -75.32 20.44
N ASP R 163 94.38 -74.23 20.11
CA ASP R 163 95.00 -73.04 19.52
C ASP R 163 94.88 -71.96 20.59
N GLU R 164 95.97 -71.72 21.32
CA GLU R 164 95.92 -70.82 22.47
C GLU R 164 95.68 -69.37 22.05
N GLU R 165 96.26 -68.96 20.92
CA GLU R 165 96.07 -67.59 20.47
C GLU R 165 94.59 -67.28 20.28
N LYS R 166 93.85 -68.21 19.67
CA LYS R 166 92.43 -68.00 19.44
C LYS R 166 91.65 -67.93 20.76
N ILE R 167 92.03 -68.76 21.75
CA ILE R 167 91.30 -68.73 23.01
C ILE R 167 91.57 -67.42 23.75
N LYS R 168 92.81 -66.92 23.67
CA LYS R 168 93.09 -65.60 24.27
C LYS R 168 92.29 -64.51 23.58
N GLU R 169 92.20 -64.57 22.24
CA GLU R 169 91.42 -63.58 21.51
C GLU R 169 89.95 -63.63 21.91
N LEU R 170 89.42 -64.85 22.08
CA LEU R 170 88.01 -64.98 22.47
C LEU R 170 87.78 -64.49 23.90
N LEU R 171 88.73 -64.72 24.80
CA LEU R 171 88.62 -64.14 26.14
C LEU R 171 88.64 -62.61 26.08
N GLN R 172 89.46 -62.04 25.19
CA GLN R 172 89.44 -60.59 25.01
C GLN R 172 88.07 -60.12 24.54
N ARG R 173 87.48 -60.82 23.57
CA ARG R 173 86.16 -60.46 23.08
C ARG R 173 85.12 -60.56 24.20
N LEU R 174 85.21 -61.59 25.02
CA LEU R 174 84.25 -61.77 26.11
C LEU R 174 84.40 -60.69 27.18
N LYS R 175 85.64 -60.28 27.47
CA LYS R 175 85.84 -59.17 28.40
C LYS R 175 85.23 -57.90 27.84
N ALA R 176 85.42 -57.64 26.55
CA ALA R 176 84.80 -56.47 25.93
C ALA R 176 83.28 -56.55 26.04
N ALA R 177 82.71 -57.73 25.82
CA ALA R 177 81.26 -57.89 25.93
C ALA R 177 80.77 -57.64 27.35
N LYS R 178 81.50 -58.16 28.34
CA LYS R 178 81.12 -57.94 29.74
C LYS R 178 81.15 -56.46 30.08
N ILE R 179 82.19 -55.76 29.61
CA ILE R 179 82.27 -54.32 29.87
C ILE R 179 81.11 -53.59 29.20
N GLY R 180 80.77 -54.00 27.97
CA GLY R 180 79.81 -53.23 27.20
C GLY R 180 78.36 -53.48 27.59
N THR R 181 78.06 -54.66 28.14
CA THR R 181 76.66 -55.02 28.38
C THR R 181 75.92 -54.04 29.27
N PRO R 182 76.42 -53.65 30.46
CA PRO R 182 75.72 -52.60 31.21
C PRO R 182 75.62 -51.31 30.43
N LEU R 183 76.64 -50.98 29.64
CA LEU R 183 76.62 -49.75 28.86
C LEU R 183 75.51 -49.76 27.82
N VAL R 184 75.35 -50.87 27.09
CA VAL R 184 74.30 -50.92 26.08
C VAL R 184 72.92 -50.93 26.72
N ARG R 185 72.78 -51.66 27.84
CA ARG R 185 71.51 -51.62 28.56
C ARG R 185 71.16 -50.19 28.95
N GLU R 186 72.13 -49.46 29.51
CA GLU R 186 71.89 -48.09 29.93
C GLU R 186 71.58 -47.18 28.75
N VAL R 187 72.29 -47.36 27.63
CA VAL R 187 72.05 -46.52 26.47
C VAL R 187 70.63 -46.70 25.96
N VAL R 188 70.18 -47.95 25.84
CA VAL R 188 68.81 -48.21 25.40
C VAL R 188 67.82 -47.62 26.39
N GLU R 189 68.05 -47.81 27.69
CA GLU R 189 67.12 -47.30 28.69
C GLU R 189 67.00 -45.78 28.61
N ARG R 190 68.13 -45.09 28.50
CA ARG R 190 68.11 -43.63 28.42
C ARG R 190 67.43 -43.16 27.14
N TYR R 191 67.72 -43.80 26.01
CA TYR R 191 67.08 -43.38 24.78
C TYR R 191 65.58 -43.63 24.79
N ARG R 192 65.12 -44.63 25.55
CA ARG R 192 63.69 -44.95 25.59
C ARG R 192 62.82 -43.75 25.94
N GLU R 193 63.17 -43.01 27.00
CA GLU R 193 62.31 -41.92 27.45
C GLU R 193 63.05 -40.60 27.67
N GLU R 194 64.34 -40.63 28.00
CA GLU R 194 65.04 -39.40 28.35
C GLU R 194 65.12 -38.44 27.16
N GLY R 195 65.44 -38.96 25.98
CA GLY R 195 65.33 -38.19 24.75
C GLY R 195 66.60 -37.59 24.18
N GLU R 196 67.73 -38.12 24.61
CA GLU R 196 69.01 -37.66 24.10
C GLU R 196 69.17 -37.95 22.60
N PRO R 197 70.32 -37.56 22.04
CA PRO R 197 70.56 -37.86 20.63
C PRO R 197 71.29 -39.17 20.51
N LEU R 198 70.59 -40.19 20.07
CA LEU R 198 71.20 -41.50 20.04
C LEU R 198 72.64 -41.49 19.63
N LEU R 199 72.92 -40.90 18.49
CA LEU R 199 74.29 -41.03 18.01
C LEU R 199 75.31 -40.60 19.06
N ASP R 200 74.99 -39.57 19.84
CA ASP R 200 75.91 -39.11 20.87
C ASP R 200 76.12 -40.18 21.94
N LEU R 201 75.03 -40.76 22.44
CA LEU R 201 75.14 -41.84 23.43
C LEU R 201 75.84 -43.05 22.83
N LEU R 202 75.57 -43.38 21.57
CA LEU R 202 76.25 -44.51 20.95
C LEU R 202 77.77 -44.28 20.91
N LEU R 203 78.18 -43.07 20.51
CA LEU R 203 79.61 -42.77 20.45
C LEU R 203 80.24 -42.81 21.83
N HIS R 204 79.56 -42.23 22.83
CA HIS R 204 80.10 -42.26 24.18
C HIS R 204 80.22 -43.67 24.72
N MET R 205 79.20 -44.51 24.47
CA MET R 205 79.26 -45.90 24.91
C MET R 205 80.39 -46.65 24.23
N ALA R 206 80.58 -46.45 22.93
CA ALA R 206 81.64 -47.12 22.21
C ALA R 206 83.01 -46.68 22.74
N GLU R 207 83.20 -45.39 22.95
CA GLU R 207 84.47 -44.90 23.46
C GLU R 207 84.75 -45.40 24.86
N THR R 208 83.72 -45.42 25.72
CA THR R 208 83.88 -45.95 27.07
C THR R 208 84.24 -47.43 27.03
N THR R 209 83.60 -48.19 26.14
CA THR R 209 83.92 -49.60 26.00
C THR R 209 85.37 -49.79 25.57
N ILE R 210 85.83 -49.01 24.59
CA ILE R 210 87.21 -49.14 24.12
C ILE R 210 88.19 -48.79 25.24
N ARG R 211 87.93 -47.69 25.95
CA ARG R 211 88.84 -47.26 27.00
C ARG R 211 88.92 -48.29 28.13
N GLU R 212 87.76 -48.78 28.57
CA GLU R 212 87.75 -49.76 29.66
C GLU R 212 88.36 -51.09 29.21
N SER R 213 88.16 -51.45 27.95
CA SER R 213 88.74 -52.70 27.45
C SER R 213 90.25 -52.61 27.34
N GLU R 214 90.78 -51.47 26.88
CA GLU R 214 92.22 -51.31 26.84
C GLU R 214 92.81 -51.11 28.22
N LYS R 215 91.98 -50.70 29.20
CA LYS R 215 92.44 -50.67 30.58
C LYS R 215 92.66 -52.06 31.14
N LEU R 216 92.11 -53.10 30.49
CA LEU R 216 92.30 -54.48 30.91
C LEU R 216 93.36 -55.19 30.06
N GLY R 217 94.12 -54.45 29.26
CA GLY R 217 95.17 -55.00 28.43
C GLY R 217 94.74 -55.44 27.06
N VAL R 218 93.46 -55.28 26.71
CA VAL R 218 92.95 -55.78 25.45
C VAL R 218 93.10 -54.71 24.38
N ASP R 219 93.51 -55.14 23.19
CA ASP R 219 93.66 -54.25 22.08
C ASP R 219 92.47 -53.37 21.86
N PRO R 220 92.65 -52.34 21.06
CA PRO R 220 91.52 -51.50 20.74
C PRO R 220 91.07 -51.95 19.40
N ARG R 221 91.37 -53.19 19.08
CA ARG R 221 90.87 -53.73 17.83
C ARG R 221 89.64 -54.58 18.04
N LEU R 222 89.81 -55.85 18.39
CA LEU R 222 88.67 -56.76 18.46
C LEU R 222 87.59 -56.19 19.36
N ALA R 223 87.97 -55.47 20.42
CA ALA R 223 86.98 -54.77 21.22
C ALA R 223 86.23 -53.74 20.38
N ALA R 224 86.92 -53.14 19.40
CA ALA R 224 86.25 -52.24 18.49
C ALA R 224 85.17 -52.96 17.68
N GLU R 225 85.47 -54.17 17.20
CA GLU R 225 84.46 -54.91 16.45
C GLU R 225 83.32 -55.37 17.36
N VAL R 226 83.60 -55.68 18.61
CA VAL R 226 82.54 -56.01 19.56
C VAL R 226 81.62 -54.81 19.75
N ALA R 227 82.20 -53.63 19.96
CA ALA R 227 81.41 -52.42 20.08
C ALA R 227 80.64 -52.13 18.80
N ARG R 228 81.21 -52.47 17.64
CA ARG R 228 80.52 -52.27 16.37
C ARG R 228 79.28 -53.15 16.27
N GLU R 229 79.41 -54.43 16.64
CA GLU R 229 78.26 -55.33 16.65
C GLU R 229 77.19 -54.83 17.62
N MET R 230 77.60 -54.37 18.80
CA MET R 230 76.63 -53.89 19.77
C MET R 230 75.96 -52.60 19.29
N VAL R 231 76.71 -51.74 18.58
CA VAL R 231 76.12 -50.54 18.01
C VAL R 231 75.09 -50.91 16.95
N ASP R 232 75.40 -51.92 16.13
CA ASP R 232 74.43 -52.39 15.15
C ASP R 232 73.17 -52.91 15.85
N GLY R 233 73.34 -53.66 16.93
CA GLY R 233 72.20 -54.14 17.69
C GLY R 233 71.36 -53.01 18.28
N VAL R 234 72.02 -51.97 18.79
CA VAL R 234 71.31 -50.82 19.31
C VAL R 234 70.52 -50.13 18.21
N GLY R 235 71.14 -49.98 17.03
CA GLY R 235 70.43 -49.39 15.92
C GLY R 235 69.21 -50.19 15.50
N HIS R 236 69.34 -51.52 15.49
CA HIS R 236 68.20 -52.37 15.16
C HIS R 236 67.09 -52.25 16.19
N GLU R 237 67.45 -52.27 17.47
CA GLU R 237 66.44 -52.24 18.52
C GLU R 237 65.73 -50.89 18.57
N THR R 238 66.49 -49.80 18.47
CA THR R 238 65.93 -48.46 18.61
C THR R 238 65.10 -48.03 17.41
N GLY R 239 65.18 -48.75 16.30
CA GLY R 239 64.44 -48.37 15.12
C GLY R 239 65.06 -47.26 14.31
N GLU R 240 66.32 -46.92 14.58
CA GLU R 240 67.04 -45.87 13.85
C GLU R 240 68.43 -46.38 13.53
N THR R 241 68.70 -46.66 12.25
CA THR R 241 69.97 -47.23 11.84
C THR R 241 70.92 -46.23 11.21
N GLU R 242 70.43 -45.05 10.81
CA GLU R 242 71.32 -44.04 10.22
C GLU R 242 72.35 -43.56 11.23
N ALA R 243 71.93 -43.30 12.46
CA ALA R 243 72.88 -42.94 13.52
C ALA R 243 73.82 -44.10 13.80
N ALA R 244 73.30 -45.33 13.82
CA ALA R 244 74.16 -46.49 13.96
C ALA R 244 75.14 -46.60 12.81
N PHE R 245 74.67 -46.28 11.59
CA PHE R 245 75.56 -46.28 10.44
C PHE R 245 76.69 -45.25 10.60
N ARG R 246 76.35 -44.05 11.07
CA ARG R 246 77.37 -43.02 11.25
C ARG R 246 78.39 -43.43 12.31
N VAL R 247 77.92 -43.97 13.45
CA VAL R 247 78.85 -44.42 14.48
C VAL R 247 79.69 -45.57 13.98
N ARG R 248 79.11 -46.44 13.14
CA ARG R 248 79.88 -47.51 12.53
C ARG R 248 80.99 -46.94 11.66
N ARG R 249 80.70 -45.90 10.89
CA ARG R 249 81.72 -45.29 10.05
C ARG R 249 82.83 -44.66 10.89
N GLU R 250 82.47 -43.97 11.98
CA GLU R 250 83.50 -43.37 12.82
C GLU R 250 84.35 -44.43 13.49
N LEU R 251 83.75 -45.54 13.92
CA LEU R 251 84.52 -46.63 14.51
C LEU R 251 85.43 -47.28 13.47
N ASP R 252 84.97 -47.40 12.23
CA ASP R 252 85.80 -47.91 11.15
C ASP R 252 86.98 -46.99 10.88
N THR R 253 86.76 -45.68 10.99
CA THR R 253 87.89 -44.74 10.90
C THR R 253 88.82 -44.88 12.08
N VAL R 254 88.26 -45.16 13.27
CA VAL R 254 89.08 -45.27 14.48
C VAL R 254 90.02 -46.47 14.39
N ILE R 255 89.52 -47.61 13.90
CA ILE R 255 90.36 -48.81 13.87
C ILE R 255 91.53 -48.63 12.93
N LEU R 256 91.43 -47.69 11.98
CA LEU R 256 92.54 -47.40 11.07
C LEU R 256 93.71 -46.78 11.81
N THR S 25 57.56 -57.87 -25.11
CA THR S 25 57.90 -58.87 -26.11
C THR S 25 58.55 -58.22 -27.32
N GLU S 26 58.90 -56.94 -27.19
CA GLU S 26 59.51 -56.21 -28.30
C GLU S 26 60.85 -56.81 -28.69
N LYS S 27 61.64 -57.23 -27.69
CA LYS S 27 62.92 -57.87 -28.01
C LYS S 27 62.72 -59.15 -28.80
N LEU S 28 61.71 -59.95 -28.42
CA LEU S 28 61.45 -61.19 -29.15
C LEU S 28 61.00 -60.91 -30.58
N LYS S 29 60.14 -59.90 -30.76
CA LYS S 29 59.70 -59.55 -32.10
C LYS S 29 60.87 -59.09 -32.96
N LYS S 30 61.76 -58.27 -32.39
CA LYS S 30 62.93 -57.82 -33.15
C LYS S 30 63.86 -58.99 -33.47
N ILE S 31 64.01 -59.93 -32.53
CA ILE S 31 64.85 -61.10 -32.79
C ILE S 31 64.29 -61.92 -33.95
N THR S 32 62.96 -62.13 -33.94
CA THR S 32 62.33 -62.87 -35.03
C THR S 32 62.50 -62.13 -36.35
N LYS S 33 62.30 -60.81 -36.36
CA LYS S 33 62.46 -60.04 -37.58
C LYS S 33 63.89 -60.14 -38.12
N LEU S 34 64.88 -59.98 -37.26
CA LEU S 34 66.27 -60.03 -37.70
C LEU S 34 66.65 -61.42 -38.18
N LEU S 35 66.12 -62.46 -37.54
CA LEU S 35 66.38 -63.81 -38.01
C LEU S 35 65.76 -64.04 -39.38
N HIS S 36 64.60 -63.47 -39.66
CA HIS S 36 64.07 -63.64 -40.98
C HIS S 36 65.05 -62.99 -41.87
N GLU S 37 65.29 -61.69 -41.66
CA GLU S 37 66.15 -60.98 -42.60
C GLU S 37 67.42 -61.78 -42.88
N LEU S 38 68.04 -62.35 -41.84
CA LEU S 38 69.26 -63.11 -42.04
C LEU S 38 69.02 -64.34 -42.92
N VAL S 39 67.91 -65.05 -42.67
CA VAL S 39 67.65 -66.26 -43.45
C VAL S 39 67.23 -65.90 -44.88
N ASP S 40 66.69 -64.70 -45.08
CA ASP S 40 66.33 -64.29 -46.44
C ASP S 40 67.55 -64.22 -47.33
N ARG S 41 68.63 -63.58 -46.85
CA ARG S 41 69.87 -63.44 -47.61
C ARG S 41 70.88 -64.46 -47.10
N GLY S 42 70.67 -65.72 -47.48
CA GLY S 42 71.59 -66.79 -47.11
C GLY S 42 71.74 -66.92 -45.61
N GLU S 43 72.99 -67.03 -45.17
CA GLU S 43 73.35 -67.01 -43.74
C GLU S 43 72.66 -68.19 -43.04
N ILE S 44 71.86 -67.96 -42.01
CA ILE S 44 71.27 -69.03 -41.20
C ILE S 44 70.24 -69.80 -42.02
N PRO S 45 69.98 -71.07 -41.69
CA PRO S 45 68.94 -71.82 -42.41
C PRO S 45 67.54 -71.45 -41.96
N GLU S 46 66.53 -72.04 -42.61
CA GLU S 46 65.14 -71.64 -42.39
C GLU S 46 64.57 -72.17 -41.09
N GLU S 47 65.09 -73.29 -40.58
CA GLU S 47 64.51 -73.90 -39.39
C GLU S 47 64.54 -72.96 -38.20
N LEU S 48 65.62 -72.20 -38.06
CA LEU S 48 65.73 -71.27 -36.93
C LEU S 48 64.67 -70.18 -37.03
N ALA S 49 64.44 -69.65 -38.23
CA ALA S 49 63.41 -68.63 -38.40
C ALA S 49 62.02 -69.18 -38.15
N THR S 50 61.75 -70.41 -38.61
CA THR S 50 60.45 -71.02 -38.35
C THR S 50 60.22 -71.23 -36.85
N LEU S 51 61.25 -71.71 -36.15
CA LEU S 51 61.14 -71.85 -34.70
C LEU S 51 60.92 -70.51 -34.04
N ALA S 52 61.61 -69.46 -34.51
CA ALA S 52 61.41 -68.14 -33.96
C ALA S 52 59.96 -67.69 -34.12
N THR S 53 59.37 -67.94 -35.29
CA THR S 53 57.98 -67.56 -35.52
C THR S 53 57.04 -68.32 -34.59
N LEU S 54 57.21 -69.64 -34.51
CA LEU S 54 56.31 -70.44 -33.67
C LEU S 54 56.42 -70.04 -32.21
N LEU S 55 57.65 -69.87 -31.71
CA LEU S 55 57.82 -69.47 -30.32
C LEU S 55 57.34 -68.05 -30.07
N LEU S 56 57.46 -67.16 -31.06
CA LEU S 56 56.94 -65.81 -30.90
C LEU S 56 55.41 -65.80 -30.84
N TYR S 57 54.77 -66.77 -31.50
CA TYR S 57 53.32 -66.91 -31.33
C TYR S 57 52.99 -67.48 -29.95
N LEU S 58 53.71 -68.53 -29.55
CA LEU S 58 53.41 -69.20 -28.29
C LEU S 58 53.59 -68.25 -27.10
N VAL S 59 54.75 -67.59 -27.02
CA VAL S 59 54.89 -66.42 -26.16
C VAL S 59 53.93 -65.37 -26.73
N GLU S 60 53.31 -64.59 -25.84
CA GLU S 60 52.34 -63.57 -26.21
C GLU S 60 51.02 -64.25 -26.63
N LYS S 61 51.05 -65.58 -26.79
CA LYS S 61 49.81 -66.33 -26.60
C LYS S 61 49.65 -66.72 -25.13
N GLY S 62 50.75 -66.68 -24.38
CA GLY S 62 50.70 -66.97 -22.96
C GLY S 62 50.81 -68.45 -22.66
N LEU S 63 51.68 -69.15 -23.39
CA LEU S 63 51.84 -70.58 -23.22
C LEU S 63 53.25 -71.02 -22.88
N ILE S 64 54.25 -70.16 -23.06
CA ILE S 64 55.61 -70.44 -22.62
C ILE S 64 56.24 -69.14 -22.14
N SER S 65 57.44 -69.22 -21.60
CA SER S 65 58.17 -68.06 -21.09
C SER S 65 59.33 -67.73 -22.02
N GLU S 66 59.86 -66.51 -21.87
CA GLU S 66 60.99 -66.08 -22.67
C GLU S 66 62.19 -66.98 -22.49
N PHE S 67 62.34 -67.57 -21.30
CA PHE S 67 63.45 -68.48 -21.06
C PHE S 67 63.39 -69.68 -22.01
N ASP S 68 62.20 -70.25 -22.21
CA ASP S 68 62.07 -71.37 -23.13
C ASP S 68 62.37 -70.93 -24.56
N PHE S 69 61.90 -69.74 -24.94
CA PHE S 69 62.20 -69.20 -26.27
C PHE S 69 63.71 -69.14 -26.50
N ILE S 70 64.43 -68.49 -25.59
CA ILE S 70 65.87 -68.31 -25.77
C ILE S 70 66.58 -69.67 -25.70
N GLU S 71 66.13 -70.56 -24.82
CA GLU S 71 66.78 -71.86 -24.68
C GLU S 71 66.63 -72.67 -25.95
N HIS S 72 65.44 -72.69 -26.55
CA HIS S 72 65.23 -73.40 -27.80
C HIS S 72 66.06 -72.79 -28.92
N LEU S 73 66.10 -71.46 -28.98
CA LEU S 73 66.88 -70.80 -30.02
C LEU S 73 68.36 -71.17 -29.91
N VAL S 74 68.89 -71.15 -28.69
CA VAL S 74 70.30 -71.47 -28.47
C VAL S 74 70.57 -72.94 -28.77
N ARG S 75 69.64 -73.82 -28.40
CA ARG S 75 69.84 -75.24 -28.69
C ARG S 75 69.88 -75.49 -30.19
N LEU S 76 68.97 -74.87 -30.95
CA LEU S 76 69.01 -75.04 -32.40
C LEU S 76 70.28 -74.42 -33.00
N ALA S 77 70.70 -73.26 -32.49
CA ALA S 77 71.92 -72.63 -33.00
C ALA S 77 73.13 -73.53 -32.76
N GLU S 78 73.21 -74.13 -31.58
CA GLU S 78 74.29 -75.07 -31.29
C GLU S 78 74.22 -76.29 -32.19
N LYS S 79 73.01 -76.79 -32.44
CA LYS S 79 72.85 -77.95 -33.31
C LYS S 79 73.32 -77.66 -34.73
N LEU S 80 72.99 -76.47 -35.25
CA LEU S 80 73.36 -76.10 -36.60
C LEU S 80 74.69 -75.37 -36.70
N GLY S 81 75.33 -75.08 -35.57
CA GLY S 81 76.62 -74.39 -35.59
C GLY S 81 76.55 -73.00 -36.18
N VAL S 82 75.53 -72.23 -35.76
CA VAL S 82 75.32 -70.89 -36.28
C VAL S 82 75.20 -69.92 -35.10
N LEU S 83 75.78 -70.32 -33.97
CA LEU S 83 75.60 -69.57 -32.73
C LEU S 83 76.14 -68.14 -32.83
N GLU S 84 77.15 -67.91 -33.68
CA GLU S 84 77.72 -66.57 -33.82
C GLU S 84 76.70 -65.60 -34.39
N GLU S 85 75.92 -66.03 -35.38
CA GLU S 85 74.88 -65.17 -35.94
C GLU S 85 73.81 -64.84 -34.91
N LEU S 86 73.43 -65.83 -34.09
CA LEU S 86 72.48 -65.57 -33.02
C LEU S 86 73.05 -64.58 -32.01
N LYS S 87 74.34 -64.69 -31.71
CA LYS S 87 74.99 -63.73 -30.83
C LYS S 87 74.93 -62.32 -31.41
N LYS S 88 75.22 -62.20 -32.71
CA LYS S 88 75.14 -60.90 -33.36
C LYS S 88 73.73 -60.34 -33.32
N VAL S 89 72.73 -61.18 -33.56
CA VAL S 89 71.33 -60.73 -33.49
C VAL S 89 71.00 -60.22 -32.09
N LEU S 90 71.44 -60.96 -31.06
CA LEU S 90 71.13 -60.57 -29.69
C LEU S 90 71.85 -59.29 -29.30
N GLU S 91 73.05 -59.05 -29.85
CA GLU S 91 73.69 -57.76 -29.62
C GLU S 91 72.96 -56.63 -30.34
N GLU S 92 72.51 -56.88 -31.59
CA GLU S 92 71.81 -55.85 -32.33
C GLU S 92 70.51 -55.44 -31.65
N VAL S 93 69.73 -56.41 -31.18
CA VAL S 93 68.48 -56.06 -30.50
C VAL S 93 68.77 -55.36 -29.19
N GLY S 94 69.91 -55.66 -28.56
CA GLY S 94 70.28 -55.02 -27.30
C GLY S 94 69.68 -55.73 -26.10
N ASP S 95 69.91 -57.03 -25.99
CA ASP S 95 69.41 -57.84 -24.90
C ASP S 95 70.57 -58.39 -24.10
N GLU S 96 70.53 -58.19 -22.78
CA GLU S 96 71.57 -58.70 -21.89
C GLU S 96 71.23 -60.06 -21.31
N PHE S 97 69.94 -60.29 -21.00
CA PHE S 97 69.53 -61.57 -20.43
C PHE S 97 69.78 -62.71 -21.43
N GLY S 98 69.32 -62.53 -22.66
CA GLY S 98 69.53 -63.57 -23.67
C GLY S 98 71.00 -63.80 -23.97
N LEU S 99 71.78 -62.72 -24.04
CA LEU S 99 73.21 -62.86 -24.32
C LEU S 99 73.90 -63.62 -23.18
N THR S 100 73.56 -63.29 -21.93
CA THR S 100 74.12 -64.01 -20.80
C THR S 100 73.73 -65.48 -20.83
N LEU S 101 72.48 -65.78 -21.22
CA LEU S 101 72.07 -67.17 -21.35
C LEU S 101 72.86 -67.89 -22.43
N VAL S 102 73.13 -67.21 -23.55
CA VAL S 102 73.93 -67.82 -24.62
C VAL S 102 75.33 -68.13 -24.11
N TYR S 103 75.95 -67.19 -23.41
CA TYR S 103 77.27 -67.45 -22.85
C TYR S 103 77.23 -68.60 -21.85
N ALA S 104 76.19 -68.65 -21.02
CA ALA S 104 76.09 -69.74 -20.04
C ALA S 104 75.97 -71.09 -20.73
N ILE S 105 75.16 -71.19 -21.77
CA ILE S 105 74.99 -72.47 -22.47
C ILE S 105 76.30 -72.88 -23.15
N SER S 106 76.95 -71.93 -23.83
CA SER S 106 78.21 -72.26 -24.51
C SER S 106 79.28 -72.68 -23.51
N LEU S 107 79.36 -71.99 -22.37
CA LEU S 107 80.33 -72.32 -21.34
C LEU S 107 80.03 -73.69 -20.72
N LEU S 108 78.75 -74.00 -20.52
CA LEU S 108 78.38 -75.32 -20.03
C LEU S 108 78.79 -76.41 -21.01
N LYS S 109 78.56 -76.18 -22.31
CA LYS S 109 78.97 -77.17 -23.30
C LYS S 109 80.48 -77.36 -23.30
N GLU S 110 81.23 -76.26 -23.23
CA GLU S 110 82.69 -76.36 -23.23
C GLU S 110 83.18 -77.08 -21.97
N VAL S 111 82.57 -76.80 -20.82
CA VAL S 111 82.97 -77.48 -19.58
C VAL S 111 82.61 -78.96 -19.64
N GLU S 112 81.45 -79.30 -20.21
CA GLU S 112 81.10 -80.70 -20.42
C GLU S 112 82.13 -81.40 -21.29
N LYS S 113 82.63 -80.69 -22.32
CA LYS S 113 83.75 -81.24 -23.08
C LYS S 113 84.96 -81.43 -22.20
N GLU S 114 85.24 -80.46 -21.31
CA GLU S 114 86.37 -80.59 -20.40
C GLU S 114 86.10 -81.65 -19.33
N GLY S 115 84.92 -81.59 -18.69
CA GLY S 115 84.55 -82.57 -17.69
C GLY S 115 84.97 -82.26 -16.26
N ASP S 116 84.91 -81.01 -15.83
CA ASP S 116 85.31 -80.64 -14.48
C ASP S 116 84.07 -80.34 -13.65
N GLU S 117 83.98 -80.94 -12.46
CA GLU S 117 82.72 -80.95 -11.70
C GLU S 117 82.41 -79.60 -11.06
N GLU S 118 83.41 -78.92 -10.50
CA GLU S 118 83.13 -77.69 -9.77
C GLU S 118 82.57 -76.62 -10.70
N LEU S 119 83.16 -76.47 -11.90
CA LEU S 119 82.57 -75.57 -12.88
C LEU S 119 81.21 -76.05 -13.36
N LYS S 120 80.96 -77.37 -13.36
CA LYS S 120 79.61 -77.86 -13.63
C LYS S 120 78.61 -77.28 -12.65
N GLU S 121 78.92 -77.39 -11.35
CA GLU S 121 78.02 -76.84 -10.33
C GLU S 121 77.90 -75.34 -10.48
N TYR S 122 79.01 -74.66 -10.77
CA TYR S 122 79.00 -73.21 -10.91
C TYR S 122 78.06 -72.77 -12.03
N VAL S 123 78.18 -73.41 -13.20
CA VAL S 123 77.37 -73.01 -14.34
C VAL S 123 75.92 -73.42 -14.15
N LYS S 124 75.66 -74.55 -13.47
CA LYS S 124 74.27 -74.91 -13.19
C LYS S 124 73.61 -73.90 -12.26
N LEU S 125 74.33 -73.45 -11.23
CA LEU S 125 73.80 -72.40 -10.37
C LEU S 125 73.58 -71.11 -11.16
N ALA S 126 74.52 -70.78 -12.06
CA ALA S 126 74.37 -69.59 -12.87
C ALA S 126 73.13 -69.68 -13.76
N ILE S 127 72.88 -70.85 -14.35
CA ILE S 127 71.73 -71.02 -15.22
C ILE S 127 70.42 -70.95 -14.43
N GLU S 128 70.40 -71.55 -13.24
CA GLU S 128 69.20 -71.46 -12.42
C GLU S 128 68.91 -70.02 -12.02
N THR S 129 69.95 -69.27 -11.63
CA THR S 129 69.76 -67.86 -11.31
C THR S 129 69.30 -67.07 -12.52
N LEU S 130 69.84 -67.41 -13.71
CA LEU S 130 69.40 -66.74 -14.93
C LEU S 130 67.93 -67.00 -15.21
N LYS S 131 67.48 -68.23 -14.98
CA LYS S 131 66.06 -68.54 -15.16
C LYS S 131 65.20 -67.76 -14.17
N GLU S 132 65.64 -67.68 -12.91
CA GLU S 132 64.88 -66.93 -11.92
C GLU S 132 64.81 -65.45 -12.27
N ALA S 133 65.91 -64.91 -12.80
CA ALA S 133 65.89 -63.52 -13.26
C ALA S 133 64.95 -63.35 -14.45
N PHE S 134 65.04 -64.24 -15.43
CA PHE S 134 64.18 -64.20 -16.61
C PHE S 134 62.71 -64.23 -16.22
N GLU S 135 62.38 -64.90 -15.11
CA GLU S 135 60.99 -64.96 -14.67
C GLU S 135 60.39 -63.56 -14.53
N ARG S 136 61.16 -62.60 -14.01
CA ARG S 136 60.64 -61.26 -13.81
C ARG S 136 61.63 -60.15 -14.17
N LYS S 137 62.72 -60.47 -14.88
CA LYS S 137 63.76 -59.50 -15.23
C LYS S 137 64.31 -58.82 -13.98
N ASN S 138 64.84 -59.65 -13.08
CA ASN S 138 65.44 -59.17 -11.84
C ASN S 138 66.92 -58.98 -12.07
N TYR S 139 67.38 -57.73 -11.96
CA TYR S 139 68.72 -57.39 -12.44
C TYR S 139 69.80 -57.94 -11.53
N ALA S 140 69.51 -58.14 -10.24
CA ALA S 140 70.53 -58.55 -9.28
C ALA S 140 71.01 -59.98 -9.55
N LEU S 141 70.08 -60.91 -9.74
CA LEU S 141 70.48 -62.26 -10.11
C LEU S 141 71.17 -62.29 -11.47
N LEU S 142 70.82 -61.37 -12.36
CA LEU S 142 71.55 -61.23 -13.61
C LEU S 142 73.00 -60.85 -13.35
N VAL S 143 73.23 -59.92 -12.42
CA VAL S 143 74.61 -59.55 -12.06
C VAL S 143 75.35 -60.75 -11.50
N SER S 144 74.70 -61.50 -10.60
CA SER S 144 75.34 -62.66 -10.01
C SER S 144 75.72 -63.69 -11.06
N ALA S 145 74.80 -63.99 -11.98
CA ALA S 145 75.08 -64.95 -13.03
C ALA S 145 76.16 -64.45 -13.97
N LYS S 146 76.15 -63.15 -14.27
CA LYS S 146 77.19 -62.58 -15.11
C LYS S 146 78.56 -62.74 -14.47
N ILE S 147 78.65 -62.47 -13.16
CA ILE S 147 79.90 -62.65 -12.43
C ILE S 147 80.36 -64.10 -12.54
N ILE S 148 79.45 -65.04 -12.27
CA ILE S 148 79.83 -66.45 -12.28
C ILE S 148 80.33 -66.85 -13.66
N VAL S 149 79.63 -66.46 -14.71
CA VAL S 149 79.99 -66.91 -16.05
C VAL S 149 81.29 -66.28 -16.51
N GLU S 150 81.53 -64.99 -16.19
CA GLU S 150 82.77 -64.37 -16.64
C GLU S 150 83.96 -64.94 -15.89
N ASN S 151 83.81 -65.19 -14.59
CA ASN S 151 84.91 -65.82 -13.85
C ASN S 151 85.17 -67.23 -14.35
N ALA S 152 84.13 -67.99 -14.69
CA ALA S 152 84.33 -69.31 -15.25
C ALA S 152 85.04 -69.23 -16.60
N GLU S 153 84.64 -68.29 -17.45
CA GLU S 153 85.31 -68.13 -18.74
C GLU S 153 86.78 -67.79 -18.56
N GLU S 154 87.09 -66.90 -17.62
CA GLU S 154 88.49 -66.59 -17.32
C GLU S 154 89.22 -67.82 -16.81
N ILE S 155 88.53 -68.68 -16.05
CA ILE S 155 89.13 -69.93 -15.58
C ILE S 155 89.51 -70.81 -16.77
N LEU S 156 88.60 -70.95 -17.74
CA LEU S 156 88.92 -71.76 -18.92
C LEU S 156 90.07 -71.15 -19.73
N LYS S 157 90.09 -69.83 -19.86
CA LYS S 157 91.22 -69.21 -20.56
C LYS S 157 92.54 -69.48 -19.83
N ALA S 158 92.56 -69.32 -18.52
CA ALA S 158 93.77 -69.57 -17.75
C ALA S 158 94.15 -71.04 -17.73
N LYS S 159 93.18 -71.94 -17.98
CA LYS S 159 93.49 -73.36 -18.04
C LYS S 159 94.49 -73.65 -19.17
N LYS S 160 94.23 -73.10 -20.36
CA LYS S 160 95.19 -73.25 -21.45
C LYS S 160 96.38 -72.31 -21.27
N LYS S 161 96.19 -71.15 -20.65
CA LYS S 161 97.32 -70.28 -20.36
C LYS S 161 98.25 -70.90 -19.34
N GLY S 162 97.70 -71.37 -18.21
CA GLY S 162 98.50 -72.06 -17.22
C GLY S 162 99.04 -71.17 -16.11
N ASP S 163 98.22 -70.26 -15.60
CA ASP S 163 98.60 -69.37 -14.51
C ASP S 163 97.76 -69.80 -13.31
N GLU S 164 98.37 -70.58 -12.41
CA GLU S 164 97.62 -71.19 -11.31
C GLU S 164 97.12 -70.14 -10.31
N GLU S 165 97.92 -69.09 -10.08
CA GLU S 165 97.49 -68.06 -9.13
C GLU S 165 96.16 -67.45 -9.58
N LYS S 166 96.05 -67.16 -10.87
CA LYS S 166 94.81 -66.56 -11.38
C LYS S 166 93.63 -67.50 -11.25
N ILE S 167 93.84 -68.81 -11.49
CA ILE S 167 92.73 -69.75 -11.38
C ILE S 167 92.29 -69.88 -9.93
N LYS S 168 93.24 -69.86 -8.99
CA LYS S 168 92.85 -69.89 -7.57
C LYS S 168 92.07 -68.63 -7.20
N GLU S 169 92.51 -67.47 -7.70
CA GLU S 169 91.79 -66.23 -7.43
C GLU S 169 90.37 -66.29 -8.00
N LEU S 170 90.21 -66.84 -9.20
CA LEU S 170 88.89 -66.94 -9.80
C LEU S 170 88.00 -67.92 -9.04
N LEU S 171 88.56 -69.03 -8.54
CA LEU S 171 87.79 -69.91 -7.68
C LEU S 171 87.36 -69.20 -6.40
N GLN S 172 88.22 -68.36 -5.84
CA GLN S 172 87.82 -67.57 -4.68
C GLN S 172 86.65 -66.66 -5.01
N ARG S 173 86.72 -65.99 -6.17
CA ARG S 173 85.62 -65.11 -6.59
C ARG S 173 84.33 -65.91 -6.77
N LEU S 174 84.43 -67.10 -7.37
CA LEU S 174 83.24 -67.91 -7.59
C LEU S 174 82.64 -68.41 -6.28
N LYS S 175 83.49 -68.76 -5.30
CA LYS S 175 82.98 -69.13 -3.99
C LYS S 175 82.25 -67.97 -3.34
N ALA S 176 82.82 -66.76 -3.45
CA ALA S 176 82.15 -65.58 -2.92
C ALA S 176 80.79 -65.37 -3.60
N ALA S 177 80.74 -65.57 -4.92
CA ALA S 177 79.48 -65.42 -5.65
C ALA S 177 78.45 -66.46 -5.22
N LYS S 178 78.88 -67.71 -5.04
CA LYS S 178 77.96 -68.75 -4.57
C LYS S 178 77.40 -68.41 -3.21
N ILE S 179 78.26 -67.93 -2.30
CA ILE S 179 77.79 -67.54 -0.97
C ILE S 179 76.80 -66.39 -1.07
N GLY S 180 77.08 -65.42 -1.94
CA GLY S 180 76.29 -64.20 -1.95
C GLY S 180 74.96 -64.33 -2.67
N THR S 181 74.86 -65.27 -3.62
CA THR S 181 73.66 -65.33 -4.47
C THR S 181 72.37 -65.52 -3.68
N PRO S 182 72.25 -66.50 -2.76
CA PRO S 182 71.03 -66.55 -1.94
C PRO S 182 70.83 -65.28 -1.14
N LEU S 183 71.92 -64.68 -0.67
CA LEU S 183 71.80 -63.45 0.14
C LEU S 183 71.23 -62.30 -0.68
N VAL S 184 71.69 -62.12 -1.92
CA VAL S 184 71.17 -61.02 -2.72
C VAL S 184 69.74 -61.30 -3.14
N ARG S 185 69.41 -62.55 -3.47
CA ARG S 185 68.02 -62.89 -3.76
C ARG S 185 67.12 -62.54 -2.58
N GLU S 186 67.54 -62.93 -1.37
CA GLU S 186 66.75 -62.65 -0.18
C GLU S 186 66.64 -61.15 0.08
N VAL S 187 67.73 -60.41 -0.12
CA VAL S 187 67.70 -58.97 0.14
C VAL S 187 66.69 -58.30 -0.79
N VAL S 188 66.73 -58.65 -2.08
CA VAL S 188 65.78 -58.06 -3.02
C VAL S 188 64.35 -58.45 -2.66
N GLU S 189 64.14 -59.72 -2.31
CA GLU S 189 62.79 -60.18 -1.97
C GLU S 189 62.24 -59.43 -0.76
N ARG S 190 63.06 -59.27 0.28
CA ARG S 190 62.61 -58.57 1.48
C ARG S 190 62.34 -57.11 1.19
N TYR S 191 63.22 -56.45 0.41
CA TYR S 191 62.99 -55.04 0.11
C TYR S 191 61.75 -54.84 -0.75
N ARG S 192 61.37 -55.84 -1.55
CA ARG S 192 60.21 -55.70 -2.43
C ARG S 192 58.95 -55.30 -1.69
N GLU S 193 58.63 -55.99 -0.58
CA GLU S 193 57.38 -55.72 0.12
C GLU S 193 57.53 -55.50 1.62
N GLU S 194 58.55 -56.09 2.26
CA GLU S 194 58.63 -56.01 3.71
C GLU S 194 58.85 -54.57 4.18
N GLY S 195 59.72 -53.83 3.51
CA GLY S 195 59.85 -52.40 3.73
C GLY S 195 60.98 -51.92 4.60
N GLU S 196 61.99 -52.76 4.79
CA GLU S 196 63.15 -52.39 5.56
C GLU S 196 63.94 -51.25 4.89
N PRO S 197 65.03 -50.82 5.53
CA PRO S 197 65.85 -49.78 4.91
C PRO S 197 66.96 -50.40 4.10
N LEU S 198 66.84 -50.32 2.79
CA LEU S 198 67.80 -50.98 1.93
C LEU S 198 69.20 -50.92 2.44
N LEU S 199 69.67 -49.75 2.79
CA LEU S 199 71.08 -49.68 3.13
C LEU S 199 71.45 -50.64 4.25
N ASP S 200 70.56 -50.80 5.23
CA ASP S 200 70.84 -51.71 6.34
C ASP S 200 70.96 -53.15 5.86
N LEU S 201 69.99 -53.60 5.05
CA LEU S 201 70.07 -54.95 4.50
C LEU S 201 71.27 -55.12 3.58
N LEU S 202 71.61 -54.10 2.79
CA LEU S 202 72.80 -54.19 1.95
C LEU S 202 74.05 -54.39 2.77
N LEU S 203 74.19 -53.60 3.85
CA LEU S 203 75.36 -53.73 4.71
C LEU S 203 75.42 -55.09 5.39
N HIS S 204 74.27 -55.57 5.88
CA HIS S 204 74.25 -56.88 6.52
C HIS S 204 74.59 -57.98 5.54
N MET S 205 74.06 -57.91 4.32
CA MET S 205 74.37 -58.90 3.30
C MET S 205 75.85 -58.88 2.95
N ALA S 206 76.44 -57.69 2.79
CA ALA S 206 77.86 -57.59 2.47
C ALA S 206 78.71 -58.17 3.58
N GLU S 207 78.39 -57.83 4.84
CA GLU S 207 79.16 -58.34 5.96
C GLU S 207 79.04 -59.85 6.09
N THR S 208 77.82 -60.37 5.89
CA THR S 208 77.64 -61.82 5.93
C THR S 208 78.43 -62.50 4.83
N THR S 209 78.44 -61.91 3.63
CA THR S 209 79.21 -62.48 2.53
C THR S 209 80.70 -62.50 2.87
N ILE S 210 81.21 -61.41 3.42
CA ILE S 210 82.64 -61.35 3.76
C ILE S 210 82.97 -62.38 4.84
N ARG S 211 82.13 -62.48 5.87
CA ARG S 211 82.40 -63.41 6.96
C ARG S 211 82.36 -64.85 6.47
N GLU S 212 81.34 -65.21 5.68
CA GLU S 212 81.24 -66.57 5.19
C GLU S 212 82.35 -66.89 4.20
N SER S 213 82.76 -65.90 3.40
CA SER S 213 83.84 -66.13 2.44
C SER S 213 85.17 -66.33 3.15
N GLU S 214 85.44 -65.55 4.20
CA GLU S 214 86.68 -65.75 4.94
C GLU S 214 86.62 -67.01 5.80
N LYS S 215 85.41 -67.50 6.10
CA LYS S 215 85.28 -68.80 6.74
C LYS S 215 85.71 -69.94 5.83
N LEU S 216 85.79 -69.70 4.52
CA LEU S 216 86.23 -70.70 3.56
C LEU S 216 87.69 -70.51 3.15
N GLY S 217 88.42 -69.64 3.86
CA GLY S 217 89.82 -69.40 3.59
C GLY S 217 90.09 -68.28 2.60
N VAL S 218 89.05 -67.63 2.09
CA VAL S 218 89.24 -66.63 1.04
C VAL S 218 89.42 -65.26 1.69
N ASP S 219 90.37 -64.52 1.13
CA ASP S 219 90.64 -63.18 1.61
C ASP S 219 89.43 -62.35 1.75
N PRO S 220 89.57 -61.25 2.46
CA PRO S 220 88.43 -60.35 2.55
C PRO S 220 88.69 -59.27 1.59
N ARG S 221 89.42 -59.59 0.53
CA ARG S 221 89.61 -58.60 -0.50
C ARG S 221 88.72 -58.88 -1.70
N LEU S 222 89.13 -59.81 -2.56
CA LEU S 222 88.39 -60.01 -3.80
C LEU S 222 86.93 -60.32 -3.52
N ALA S 223 86.65 -61.01 -2.42
CA ALA S 223 85.26 -61.20 -2.00
C ALA S 223 84.61 -59.86 -1.71
N ALA S 224 85.38 -58.90 -1.22
CA ALA S 224 84.85 -57.55 -1.03
C ALA S 224 84.44 -56.93 -2.35
N GLU S 225 85.26 -57.09 -3.40
CA GLU S 225 84.88 -56.54 -4.69
C GLU S 225 83.68 -57.27 -5.29
N VAL S 226 83.56 -58.58 -5.04
CA VAL S 226 82.38 -59.32 -5.49
C VAL S 226 81.13 -58.77 -4.81
N ALA S 227 81.21 -58.56 -3.49
CA ALA S 227 80.09 -57.97 -2.78
C ALA S 227 79.80 -56.56 -3.27
N ARG S 228 80.83 -55.82 -3.67
CA ARG S 228 80.64 -54.48 -4.19
C ARG S 228 79.88 -54.49 -5.51
N GLU S 229 80.25 -55.40 -6.41
CA GLU S 229 79.52 -55.55 -7.67
C GLU S 229 78.07 -55.94 -7.42
N MET S 230 77.84 -56.87 -6.48
CA MET S 230 76.47 -57.29 -6.19
C MET S 230 75.67 -56.18 -5.54
N VAL S 231 76.32 -55.35 -4.71
CA VAL S 231 75.64 -54.20 -4.13
C VAL S 231 75.25 -53.21 -5.21
N ASP S 232 76.14 -52.99 -6.19
CA ASP S 232 75.81 -52.13 -7.32
C ASP S 232 74.61 -52.68 -8.08
N GLY S 233 74.59 -54.00 -8.31
CA GLY S 233 73.46 -54.62 -8.96
C GLY S 233 72.16 -54.46 -8.19
N VAL S 234 72.22 -54.61 -6.88
CA VAL S 234 71.03 -54.41 -6.04
C VAL S 234 70.55 -52.97 -6.15
N GLY S 235 71.47 -52.02 -6.12
CA GLY S 235 71.08 -50.63 -6.27
C GLY S 235 70.42 -50.35 -7.60
N HIS S 236 70.95 -50.95 -8.68
CA HIS S 236 70.35 -50.77 -9.99
C HIS S 236 68.96 -51.39 -10.05
N GLU S 237 68.80 -52.60 -9.52
CA GLU S 237 67.51 -53.28 -9.61
C GLU S 237 66.45 -52.58 -8.75
N THR S 238 66.81 -52.19 -7.53
CA THR S 238 65.86 -51.61 -6.60
C THR S 238 65.44 -50.19 -6.96
N GLY S 239 66.16 -49.55 -7.89
CA GLY S 239 65.83 -48.19 -8.26
C GLY S 239 66.33 -47.14 -7.29
N GLU S 240 67.23 -47.50 -6.38
CA GLU S 240 67.79 -46.56 -5.42
C GLU S 240 69.29 -46.81 -5.33
N THR S 241 70.08 -45.87 -5.86
CA THR S 241 71.53 -46.03 -5.91
C THR S 241 72.28 -45.25 -4.85
N GLU S 242 71.63 -44.29 -4.18
CA GLU S 242 72.31 -43.53 -3.13
C GLU S 242 72.69 -44.42 -1.97
N ALA S 243 71.78 -45.31 -1.55
CA ALA S 243 72.11 -46.28 -0.51
C ALA S 243 73.19 -47.23 -0.98
N ALA S 244 73.11 -47.67 -2.24
CA ALA S 244 74.17 -48.49 -2.81
C ALA S 244 75.49 -47.73 -2.85
N PHE S 245 75.43 -46.43 -3.14
CA PHE S 245 76.64 -45.61 -3.12
C PHE S 245 77.24 -45.55 -1.71
N ARG S 246 76.41 -45.37 -0.70
CA ARG S 246 76.90 -45.31 0.68
C ARG S 246 77.52 -46.63 1.10
N VAL S 247 76.86 -47.75 0.79
CA VAL S 247 77.43 -49.05 1.14
C VAL S 247 78.71 -49.30 0.37
N ARG S 248 78.79 -48.82 -0.87
CA ARG S 248 80.03 -48.91 -1.64
C ARG S 248 81.15 -48.15 -0.95
N ARG S 249 80.85 -46.95 -0.44
CA ARG S 249 81.87 -46.17 0.27
C ARG S 249 82.32 -46.88 1.54
N GLU S 250 81.39 -47.46 2.31
CA GLU S 250 81.79 -48.16 3.52
C GLU S 250 82.61 -49.39 3.20
N LEU S 251 82.27 -50.11 2.13
CA LEU S 251 83.08 -51.26 1.74
C LEU S 251 84.47 -50.84 1.25
N ASP S 252 84.55 -49.70 0.56
CA ASP S 252 85.85 -49.16 0.16
C ASP S 252 86.68 -48.78 1.37
N THR S 253 86.05 -48.26 2.42
CA THR S 253 86.77 -48.01 3.66
C THR S 253 87.19 -49.33 4.32
N VAL S 254 86.35 -50.36 4.22
CA VAL S 254 86.65 -51.65 4.85
C VAL S 254 87.88 -52.29 4.21
N ILE S 255 87.98 -52.25 2.88
CA ILE S 255 89.09 -52.93 2.23
C ILE S 255 90.42 -52.28 2.60
N LEU S 256 90.38 -51.02 3.04
CA LEU S 256 91.60 -50.34 3.49
C LEU S 256 92.15 -50.98 4.75
N THR T 25 77.69 -15.59 -31.78
CA THR T 25 78.68 -15.22 -32.78
C THR T 25 79.49 -14.01 -32.33
N GLU T 26 79.35 -13.65 -31.06
CA GLU T 26 80.07 -12.49 -30.52
C GLU T 26 81.57 -12.71 -30.57
N LYS T 27 82.02 -13.93 -30.26
CA LYS T 27 83.46 -14.22 -30.35
C LYS T 27 83.97 -14.03 -31.76
N LEU T 28 83.21 -14.49 -32.77
CA LEU T 28 83.63 -14.34 -34.15
C LEU T 28 83.68 -12.87 -34.56
N LYS T 29 82.69 -12.08 -34.14
CA LYS T 29 82.69 -10.66 -34.44
C LYS T 29 83.89 -9.96 -33.81
N LYS T 30 84.20 -10.29 -32.55
CA LYS T 30 85.37 -9.70 -31.91
C LYS T 30 86.66 -10.13 -32.60
N ILE T 31 86.74 -11.39 -33.03
CA ILE T 31 87.94 -11.84 -33.73
C ILE T 31 88.12 -11.07 -35.03
N THR T 32 87.02 -10.89 -35.78
CA THR T 32 87.11 -10.10 -37.01
C THR T 32 87.53 -8.67 -36.73
N LYS T 33 86.95 -8.05 -35.70
CA LYS T 33 87.30 -6.67 -35.36
C LYS T 33 88.77 -6.56 -35.00
N LEU T 34 89.26 -7.47 -34.16
CA LEU T 34 90.67 -7.39 -33.74
C LEU T 34 91.61 -7.66 -34.90
N LEU T 35 91.23 -8.56 -35.81
CA LEU T 35 92.07 -8.79 -36.98
C LEU T 35 92.10 -7.56 -37.88
N HIS T 36 91.01 -6.82 -37.98
CA HIS T 36 91.09 -5.62 -38.76
C HIS T 36 92.07 -4.77 -38.06
N GLU T 37 91.80 -4.45 -36.80
CA GLU T 37 92.68 -3.50 -36.12
C GLU T 37 94.14 -3.88 -36.33
N LEU T 38 94.48 -5.17 -36.22
CA LEU T 38 95.85 -5.59 -36.40
C LEU T 38 96.35 -5.31 -37.81
N VAL T 39 95.51 -5.58 -38.81
CA VAL T 39 95.95 -5.37 -40.20
C VAL T 39 96.02 -3.88 -40.51
N ASP T 40 95.23 -3.06 -39.80
CA ASP T 40 95.30 -1.61 -40.03
C ASP T 40 96.68 -1.06 -39.71
N ARG T 41 97.24 -1.44 -38.56
CA ARG T 41 98.56 -0.99 -38.14
C ARG T 41 99.57 -2.11 -38.41
N GLY T 42 99.93 -2.27 -39.68
CA GLY T 42 100.93 -3.25 -40.06
C GLY T 42 100.53 -4.66 -39.65
N GLU T 43 101.49 -5.37 -39.06
CA GLU T 43 101.28 -6.68 -38.44
C GLU T 43 100.78 -7.65 -39.53
N ILE T 44 99.63 -8.28 -39.36
CA ILE T 44 99.14 -9.32 -40.26
C ILE T 44 98.80 -8.72 -41.62
N PRO T 45 98.84 -9.50 -42.71
CA PRO T 45 98.44 -8.97 -44.02
C PRO T 45 96.93 -8.88 -44.18
N GLU T 46 96.47 -8.36 -45.31
CA GLU T 46 95.05 -8.08 -45.51
C GLU T 46 94.23 -9.33 -45.79
N GLU T 47 94.84 -10.37 -46.36
CA GLU T 47 94.09 -11.54 -46.76
C GLU T 47 93.37 -12.18 -45.58
N LEU T 48 94.03 -12.22 -44.42
CA LEU T 48 93.41 -12.82 -43.25
C LEU T 48 92.19 -12.03 -42.80
N ALA T 49 92.26 -10.70 -42.84
CA ALA T 49 91.11 -9.88 -42.46
C ALA T 49 89.97 -10.04 -43.46
N THR T 50 90.28 -10.11 -44.76
CA THR T 50 89.24 -10.32 -45.76
C THR T 50 88.56 -11.67 -45.57
N LEU T 51 89.35 -12.72 -45.31
CA LEU T 51 88.76 -14.03 -45.03
C LEU T 51 87.90 -13.97 -43.77
N ALA T 52 88.35 -13.27 -42.75
CA ALA T 52 87.55 -13.13 -41.53
C ALA T 52 86.21 -12.48 -41.84
N THR T 53 86.21 -11.43 -42.67
CA THR T 53 84.95 -10.77 -43.02
C THR T 53 84.02 -11.70 -43.78
N LEU T 54 84.56 -12.37 -44.81
CA LEU T 54 83.72 -13.27 -45.61
C LEU T 54 83.14 -14.39 -44.77
N LEU T 55 83.97 -15.02 -43.93
CA LEU T 55 83.48 -16.11 -43.09
C LEU T 55 82.52 -15.61 -42.02
N LEU T 56 82.72 -14.38 -41.52
CA LEU T 56 81.78 -13.81 -40.56
C LEU T 56 80.42 -13.54 -41.20
N TYR T 57 80.41 -13.24 -42.50
CA TYR T 57 79.13 -13.13 -43.20
C TYR T 57 78.50 -14.52 -43.38
N LEU T 58 79.30 -15.48 -43.84
CA LEU T 58 78.78 -16.81 -44.14
C LEU T 58 78.20 -17.47 -42.90
N VAL T 59 78.98 -17.50 -41.81
CA VAL T 59 78.42 -17.78 -40.49
C VAL T 59 77.47 -16.63 -40.19
N GLU T 60 76.35 -16.92 -39.53
CA GLU T 60 75.32 -15.95 -39.20
C GLU T 60 74.54 -15.59 -40.47
N LYS T 61 75.03 -16.03 -41.64
CA LYS T 61 74.11 -16.26 -42.75
C LYS T 61 73.56 -17.68 -42.70
N GLY T 62 74.21 -18.56 -41.95
CA GLY T 62 73.73 -19.91 -41.79
C GLY T 62 74.19 -20.85 -42.88
N LEU T 63 75.43 -20.69 -43.34
CA LEU T 63 75.95 -21.50 -44.43
C LEU T 63 77.19 -22.29 -44.08
N ILE T 64 77.87 -21.97 -42.98
CA ILE T 64 78.98 -22.78 -42.48
C ILE T 64 78.95 -22.77 -40.96
N SER T 65 79.83 -23.55 -40.33
CA SER T 65 79.91 -23.63 -38.89
C SER T 65 81.17 -22.93 -38.39
N GLU T 66 81.20 -22.66 -37.08
CA GLU T 66 82.34 -22.01 -36.48
C GLU T 66 83.61 -22.83 -36.66
N PHE T 67 83.48 -24.16 -36.73
CA PHE T 67 84.65 -25.00 -36.94
C PHE T 67 85.32 -24.68 -38.27
N ASP T 68 84.53 -24.49 -39.33
CA ASP T 68 85.12 -24.14 -40.62
C ASP T 68 85.77 -22.77 -40.57
N PHE T 69 85.13 -21.81 -39.89
CA PHE T 69 85.72 -20.49 -39.71
C PHE T 69 87.10 -20.58 -39.08
N ILE T 70 87.19 -21.26 -37.93
CA ILE T 70 88.46 -21.33 -37.22
C ILE T 70 89.48 -22.13 -38.02
N GLU T 71 89.03 -23.20 -38.70
CA GLU T 71 89.96 -24.02 -39.47
C GLU T 71 90.56 -23.22 -40.62
N HIS T 72 89.74 -22.46 -41.34
CA HIS T 72 90.24 -21.63 -42.43
C HIS T 72 91.19 -20.56 -41.89
N LEU T 73 90.84 -19.94 -40.77
CA LEU T 73 91.71 -18.92 -40.20
C LEU T 73 93.06 -19.50 -39.83
N VAL T 74 93.07 -20.67 -39.21
CA VAL T 74 94.32 -21.30 -38.80
C VAL T 74 95.13 -21.73 -40.01
N ARG T 75 94.47 -22.24 -41.05
CA ARG T 75 95.18 -22.64 -42.26
C ARG T 75 95.86 -21.45 -42.92
N LEU T 76 95.15 -20.32 -43.02
CA LEU T 76 95.78 -19.13 -43.60
C LEU T 76 96.91 -18.62 -42.71
N ALA T 77 96.73 -18.64 -41.39
CA ALA T 77 97.79 -18.20 -40.50
C ALA T 77 99.04 -19.05 -40.64
N GLU T 78 98.86 -20.37 -40.75
CA GLU T 78 99.99 -21.26 -40.97
C GLU T 78 100.65 -20.99 -42.33
N LYS T 79 99.83 -20.72 -43.35
CA LYS T 79 100.38 -20.43 -44.67
C LYS T 79 101.23 -19.16 -44.65
N LEU T 80 100.77 -18.13 -43.96
CA LEU T 80 101.47 -16.86 -43.92
C LEU T 80 102.44 -16.75 -42.74
N GLY T 81 102.49 -17.75 -41.87
CA GLY T 81 103.41 -17.71 -40.74
C GLY T 81 103.12 -16.58 -39.77
N VAL T 82 101.85 -16.40 -39.43
CA VAL T 82 101.44 -15.31 -38.56
C VAL T 82 100.59 -15.90 -37.43
N LEU T 83 100.80 -17.19 -37.15
CA LEU T 83 99.95 -17.91 -36.21
C LEU T 83 100.02 -17.31 -34.80
N GLU T 84 101.16 -16.70 -34.43
CA GLU T 84 101.27 -16.12 -33.10
C GLU T 84 100.29 -14.98 -32.89
N GLU T 85 100.11 -14.13 -33.90
CA GLU T 85 99.15 -13.03 -33.80
C GLU T 85 97.72 -13.56 -33.67
N LEU T 86 97.40 -14.63 -34.42
CA LEU T 86 96.08 -15.24 -34.28
C LEU T 86 95.89 -15.82 -32.88
N LYS T 87 96.95 -16.41 -32.32
CA LYS T 87 96.89 -16.91 -30.95
C LYS T 87 96.61 -15.77 -29.97
N LYS T 88 97.31 -14.64 -30.15
CA LYS T 88 97.09 -13.50 -29.28
C LYS T 88 95.65 -12.99 -29.40
N VAL T 89 95.12 -12.93 -30.62
CA VAL T 89 93.75 -12.48 -30.82
C VAL T 89 92.78 -13.41 -30.11
N LEU T 90 93.01 -14.73 -30.22
CA LEU T 90 92.11 -15.70 -29.59
C LEU T 90 92.19 -15.64 -28.08
N GLU T 91 93.36 -15.32 -27.53
CA GLU T 91 93.45 -15.09 -26.09
C GLU T 91 92.72 -13.82 -25.67
N GLU T 92 92.87 -12.75 -26.46
CA GLU T 92 92.22 -11.49 -26.13
C GLU T 92 90.70 -11.62 -26.13
N VAL T 93 90.14 -12.29 -27.15
CA VAL T 93 88.69 -12.46 -27.18
C VAL T 93 88.23 -13.37 -26.05
N GLY T 94 89.09 -14.30 -25.62
CA GLY T 94 88.74 -15.20 -24.54
C GLY T 94 88.00 -16.43 -25.01
N ASP T 95 88.57 -17.14 -25.98
CA ASP T 95 87.97 -18.33 -26.55
C ASP T 95 88.86 -19.53 -26.26
N GLU T 96 88.26 -20.58 -25.70
CA GLU T 96 89.01 -21.79 -25.40
C GLU T 96 88.91 -22.82 -26.52
N PHE T 97 87.75 -22.93 -27.17
CA PHE T 97 87.58 -23.88 -28.26
C PHE T 97 88.52 -23.56 -29.43
N GLY T 98 88.53 -22.30 -29.86
CA GLY T 98 89.40 -21.92 -30.96
C GLY T 98 90.87 -22.07 -30.61
N LEU T 99 91.24 -21.71 -29.39
CA LEU T 99 92.64 -21.84 -28.97
C LEU T 99 93.06 -23.31 -28.95
N THR T 100 92.20 -24.19 -28.43
CA THR T 100 92.50 -25.61 -28.45
C THR T 100 92.62 -26.13 -29.87
N LEU T 101 91.77 -25.65 -30.77
CA LEU T 101 91.88 -26.05 -32.17
C LEU T 101 93.21 -25.60 -32.78
N VAL T 102 93.64 -24.39 -32.44
CA VAL T 102 94.93 -23.88 -32.92
C VAL T 102 96.06 -24.76 -32.44
N TYR T 103 96.05 -25.11 -31.15
CA TYR T 103 97.08 -26.00 -30.62
C TYR T 103 97.03 -27.36 -31.31
N ALA T 104 95.83 -27.88 -31.55
CA ALA T 104 95.71 -29.19 -32.20
C ALA T 104 96.29 -29.15 -33.61
N ILE T 105 95.99 -28.10 -34.37
CA ILE T 105 96.51 -28.01 -35.74
C ILE T 105 98.03 -27.87 -35.74
N SER T 106 98.56 -27.01 -34.85
CA SER T 106 100.01 -26.83 -34.80
C SER T 106 100.70 -28.12 -34.39
N LEU T 107 100.14 -28.83 -33.41
CA LEU T 107 100.72 -30.09 -32.94
C LEU T 107 100.64 -31.15 -34.05
N LEU T 108 99.55 -31.19 -34.80
CA LEU T 108 99.46 -32.11 -35.93
C LEU T 108 100.51 -31.81 -36.97
N LYS T 109 100.73 -30.53 -37.28
CA LYS T 109 101.76 -30.18 -38.25
C LYS T 109 103.14 -30.58 -37.76
N GLU T 110 103.43 -30.33 -36.48
CA GLU T 110 104.73 -30.71 -35.92
C GLU T 110 104.93 -32.22 -35.93
N VAL T 111 103.87 -32.98 -35.61
CA VAL T 111 103.98 -34.44 -35.62
C VAL T 111 104.15 -34.95 -37.04
N GLU T 112 103.45 -34.34 -38.01
CA GLU T 112 103.66 -34.69 -39.41
C GLU T 112 105.10 -34.46 -39.83
N LYS T 113 105.69 -33.36 -39.34
CA LYS T 113 107.13 -33.17 -39.55
C LYS T 113 107.92 -34.29 -38.90
N GLU T 114 107.54 -34.70 -37.70
CA GLU T 114 108.22 -35.81 -37.03
C GLU T 114 107.91 -37.15 -37.72
N GLY T 115 106.64 -37.43 -37.96
CA GLY T 115 106.25 -38.64 -38.65
C GLY T 115 105.99 -39.84 -37.77
N ASP T 116 105.38 -39.67 -36.60
CA ASP T 116 105.11 -40.78 -35.70
C ASP T 116 103.62 -41.10 -35.72
N GLU T 117 103.28 -42.38 -35.89
CA GLU T 117 101.91 -42.78 -36.21
C GLU T 117 100.97 -42.68 -35.00
N GLU T 118 101.44 -43.10 -33.82
CA GLU T 118 100.53 -43.14 -32.67
C GLU T 118 100.06 -41.74 -32.30
N LEU T 119 100.97 -40.76 -32.30
CA LEU T 119 100.54 -39.38 -32.10
C LEU T 119 99.67 -38.88 -33.25
N LYS T 120 99.87 -39.40 -34.46
CA LYS T 120 98.95 -39.07 -35.55
C LYS T 120 97.52 -39.47 -35.18
N GLU T 121 97.34 -40.72 -34.74
CA GLU T 121 96.01 -41.18 -34.35
C GLU T 121 95.48 -40.37 -33.17
N TYR T 122 96.35 -40.07 -32.21
CA TYR T 122 95.94 -39.31 -31.03
C TYR T 122 95.40 -37.94 -31.43
N VAL T 123 96.15 -37.22 -32.27
CA VAL T 123 95.74 -35.87 -32.63
C VAL T 123 94.53 -35.90 -33.56
N LYS T 124 94.39 -36.92 -34.40
CA LYS T 124 93.20 -37.02 -35.23
C LYS T 124 91.95 -37.25 -34.38
N LEU T 125 92.06 -38.12 -33.37
CA LEU T 125 90.94 -38.30 -32.44
C LEU T 125 90.65 -37.00 -31.69
N ALA T 126 91.69 -36.28 -31.28
CA ALA T 126 91.49 -35.01 -30.59
C ALA T 126 90.77 -34.01 -31.48
N ILE T 127 91.14 -33.95 -32.76
CA ILE T 127 90.51 -33.01 -33.68
C ILE T 127 89.06 -33.38 -33.94
N GLU T 128 88.78 -34.68 -34.09
CA GLU T 128 87.39 -35.10 -34.28
C GLU T 128 86.54 -34.76 -33.06
N THR T 129 87.07 -35.00 -31.85
CA THR T 129 86.35 -34.64 -30.65
C THR T 129 86.16 -33.13 -30.55
N LEU T 130 87.16 -32.36 -30.97
CA LEU T 130 87.04 -30.91 -30.98
C LEU T 130 85.93 -30.45 -31.92
N LYS T 131 85.83 -31.08 -33.10
CA LYS T 131 84.76 -30.75 -34.03
C LYS T 131 83.40 -31.10 -33.43
N GLU T 132 83.29 -32.26 -32.79
CA GLU T 132 82.02 -32.64 -32.17
C GLU T 132 81.63 -31.67 -31.06
N ALA T 133 82.61 -31.21 -30.28
CA ALA T 133 82.33 -30.21 -29.26
C ALA T 133 81.90 -28.89 -29.89
N PHE T 134 82.63 -28.43 -30.91
CA PHE T 134 82.29 -27.20 -31.61
C PHE T 134 80.88 -27.24 -32.16
N GLU T 135 80.39 -28.42 -32.52
CA GLU T 135 79.02 -28.53 -33.04
C GLU T 135 78.01 -27.92 -32.08
N ARG T 136 78.20 -28.11 -30.77
CA ARG T 136 77.24 -27.60 -29.79
C ARG T 136 77.90 -27.02 -28.54
N LYS T 137 79.22 -26.78 -28.55
CA LYS T 137 79.94 -26.27 -27.40
C LYS T 137 79.76 -27.19 -26.19
N ASN T 138 80.15 -28.45 -26.39
CA ASN T 138 80.05 -29.47 -25.34
C ASN T 138 81.38 -29.51 -24.60
N TYR T 139 81.35 -29.17 -23.31
CA TYR T 139 82.59 -28.88 -22.59
C TYR T 139 83.38 -30.16 -22.30
N ALA T 140 82.70 -31.30 -22.20
CA ALA T 140 83.37 -32.54 -21.81
C ALA T 140 84.33 -33.03 -22.89
N LEU T 141 83.88 -33.06 -24.15
CA LEU T 141 84.79 -33.43 -25.23
C LEU T 141 85.91 -32.39 -25.37
N LEU T 142 85.63 -31.14 -25.02
CA LEU T 142 86.70 -30.14 -24.97
C LEU T 142 87.75 -30.52 -23.93
N VAL T 143 87.32 -30.99 -22.77
CA VAL T 143 88.27 -31.43 -21.74
C VAL T 143 89.08 -32.61 -22.27
N SER T 144 88.42 -33.57 -22.90
CA SER T 144 89.13 -34.75 -23.42
C SER T 144 90.18 -34.34 -24.46
N ALA T 145 89.79 -33.47 -25.40
CA ALA T 145 90.73 -33.02 -26.42
C ALA T 145 91.87 -32.23 -25.81
N LYS T 146 91.57 -31.39 -24.81
CA LYS T 146 92.62 -30.64 -24.13
C LYS T 146 93.62 -31.58 -23.48
N ILE T 147 93.13 -32.62 -22.80
CA ILE T 147 94.00 -33.60 -22.19
C ILE T 147 94.90 -34.24 -23.24
N ILE T 148 94.30 -34.68 -24.35
CA ILE T 148 95.07 -35.36 -25.38
C ILE T 148 96.16 -34.45 -25.93
N VAL T 149 95.80 -33.20 -26.24
CA VAL T 149 96.76 -32.30 -26.88
C VAL T 149 97.87 -31.91 -25.91
N GLU T 150 97.55 -31.69 -24.63
CA GLU T 150 98.61 -31.29 -23.70
C GLU T 150 99.56 -32.45 -23.43
N ASN T 151 99.02 -33.67 -23.31
CA ASN T 151 99.90 -34.82 -23.14
C ASN T 151 100.77 -35.05 -24.37
N ALA T 152 100.21 -34.86 -25.57
CA ALA T 152 101.01 -34.98 -26.78
C ALA T 152 102.10 -33.93 -26.82
N GLU T 153 101.78 -32.68 -26.46
CA GLU T 153 102.79 -31.63 -26.43
C GLU T 153 103.90 -31.96 -25.46
N GLU T 154 103.54 -32.47 -24.27
CA GLU T 154 104.56 -32.90 -23.31
C GLU T 154 105.39 -34.04 -23.88
N ILE T 155 104.77 -34.93 -24.66
CA ILE T 155 105.52 -36.01 -25.31
C ILE T 155 106.57 -35.43 -26.27
N LEU T 156 106.18 -34.45 -27.09
CA LEU T 156 107.14 -33.84 -27.99
C LEU T 156 108.26 -33.12 -27.23
N LYS T 157 107.93 -32.43 -26.14
CA LYS T 157 108.98 -31.79 -25.35
C LYS T 157 109.95 -32.84 -24.78
N ALA T 158 109.41 -33.92 -24.22
CA ALA T 158 110.27 -34.97 -23.67
C ALA T 158 111.05 -35.70 -24.76
N LYS T 159 110.58 -35.66 -26.00
CA LYS T 159 111.32 -36.29 -27.10
C LYS T 159 112.69 -35.65 -27.26
N LYS T 160 112.75 -34.32 -27.28
CA LYS T 160 114.04 -33.64 -27.32
C LYS T 160 114.72 -33.64 -25.96
N LYS T 161 113.95 -33.64 -24.86
CA LYS T 161 114.55 -33.76 -23.54
C LYS T 161 115.19 -35.13 -23.35
N GLY T 162 114.44 -36.19 -23.63
CA GLY T 162 114.98 -37.53 -23.56
C GLY T 162 114.77 -38.24 -22.24
N ASP T 163 113.58 -38.11 -21.66
CA ASP T 163 113.23 -38.76 -20.40
C ASP T 163 112.18 -39.81 -20.77
N GLU T 164 112.62 -41.07 -20.87
CA GLU T 164 111.74 -42.13 -21.37
C GLU T 164 110.61 -42.44 -20.39
N GLU T 165 110.89 -42.38 -19.09
CA GLU T 165 109.85 -42.65 -18.11
C GLU T 165 108.67 -41.71 -18.30
N LYS T 166 108.95 -40.43 -18.52
CA LYS T 166 107.87 -39.45 -18.70
C LYS T 166 107.08 -39.72 -19.97
N ILE T 167 107.77 -40.13 -21.05
CA ILE T 167 107.05 -40.39 -22.30
C ILE T 167 106.15 -41.62 -22.15
N LYS T 168 106.64 -42.65 -21.44
CA LYS T 168 105.78 -43.81 -21.18
C LYS T 168 104.57 -43.41 -20.34
N GLU T 169 104.78 -42.57 -19.32
CA GLU T 169 103.66 -42.11 -18.51
C GLU T 169 102.65 -41.34 -19.34
N LEU T 170 103.13 -40.50 -20.26
CA LEU T 170 102.22 -39.72 -21.10
C LEU T 170 101.47 -40.61 -22.08
N LEU T 171 102.13 -41.65 -22.61
CA LEU T 171 101.40 -42.62 -23.42
C LEU T 171 100.33 -43.33 -22.62
N GLN T 172 100.62 -43.66 -21.36
CA GLN T 172 99.58 -44.24 -20.50
C GLN T 172 98.39 -43.29 -20.34
N ARG T 173 98.67 -42.01 -20.10
CA ARG T 173 97.61 -41.02 -19.97
C ARG T 173 96.79 -40.92 -21.25
N LEU T 174 97.46 -40.95 -22.41
CA LEU T 174 96.77 -40.85 -23.68
C LEU T 174 95.91 -42.07 -23.95
N LYS T 175 96.41 -43.26 -23.59
CA LYS T 175 95.58 -44.47 -23.72
C LYS T 175 94.34 -44.37 -22.84
N ALA T 176 94.51 -43.88 -21.61
CA ALA T 176 93.34 -43.68 -20.74
C ALA T 176 92.35 -42.71 -21.36
N ALA T 177 92.86 -41.62 -21.96
CA ALA T 177 91.99 -40.64 -22.60
C ALA T 177 91.25 -41.24 -23.79
N LYS T 178 91.94 -42.04 -24.61
CA LYS T 178 91.30 -42.70 -25.75
C LYS T 178 90.19 -43.63 -25.27
N ILE T 179 90.45 -44.40 -24.22
CA ILE T 179 89.43 -45.29 -23.68
C ILE T 179 88.24 -44.49 -23.16
N GLY T 180 88.51 -43.37 -22.49
CA GLY T 180 87.44 -42.66 -21.81
C GLY T 180 86.58 -41.80 -22.73
N THR T 181 87.14 -41.35 -23.85
CA THR T 181 86.42 -40.37 -24.68
C THR T 181 85.06 -40.87 -25.17
N PRO T 182 84.92 -42.07 -25.76
CA PRO T 182 83.57 -42.53 -26.07
C PRO T 182 82.69 -42.65 -24.84
N LEU T 183 83.28 -43.04 -23.70
CA LEU T 183 82.51 -43.18 -22.48
C LEU T 183 81.94 -41.85 -22.01
N VAL T 184 82.76 -40.78 -22.03
CA VAL T 184 82.26 -39.49 -21.58
C VAL T 184 81.24 -38.94 -22.57
N ARG T 185 81.48 -39.12 -23.86
CA ARG T 185 80.47 -38.71 -24.85
C ARG T 185 79.14 -39.39 -24.57
N GLU T 186 79.18 -40.71 -24.34
CA GLU T 186 77.95 -41.46 -24.08
C GLU T 186 77.29 -41.02 -22.78
N VAL T 187 78.08 -40.75 -21.74
CA VAL T 187 77.51 -40.35 -20.47
C VAL T 187 76.77 -39.03 -20.62
N VAL T 188 77.39 -38.06 -21.30
CA VAL T 188 76.73 -36.77 -21.51
C VAL T 188 75.47 -36.95 -22.34
N GLU T 189 75.55 -37.76 -23.41
CA GLU T 189 74.40 -37.97 -24.27
C GLU T 189 73.23 -38.57 -23.49
N ARG T 190 73.51 -39.59 -22.69
CA ARG T 190 72.44 -40.24 -21.92
C ARG T 190 71.87 -39.29 -20.88
N TYR T 191 72.72 -38.53 -20.19
CA TYR T 191 72.19 -37.60 -19.19
C TYR T 191 71.36 -36.49 -19.82
N ARG T 192 71.64 -36.14 -21.08
CA ARG T 192 70.91 -35.06 -21.75
C ARG T 192 69.40 -35.26 -21.73
N GLU T 193 68.92 -36.46 -22.10
CA GLU T 193 67.49 -36.68 -22.20
C GLU T 193 66.99 -37.93 -21.48
N GLU T 194 67.82 -38.96 -21.34
CA GLU T 194 67.35 -40.22 -20.78
C GLU T 194 66.91 -40.06 -19.33
N GLY T 195 67.70 -39.33 -18.53
CA GLY T 195 67.27 -38.95 -17.20
C GLY T 195 67.78 -39.75 -16.02
N GLU T 196 68.86 -40.50 -16.25
CA GLU T 196 69.46 -41.27 -15.18
C GLU T 196 70.05 -40.38 -14.09
N PRO T 197 70.60 -40.98 -13.04
CA PRO T 197 71.24 -40.20 -12.00
C PRO T 197 72.69 -39.98 -12.30
N LEU T 198 73.05 -38.77 -12.67
CA LEU T 198 74.42 -38.52 -13.10
C LEU T 198 75.44 -39.24 -12.29
N LEU T 199 75.37 -39.10 -10.99
CA LEU T 199 76.47 -39.67 -10.21
C LEU T 199 76.67 -41.15 -10.51
N ASP T 200 75.58 -41.89 -10.73
CA ASP T 200 75.69 -43.32 -11.03
C ASP T 200 76.43 -43.54 -12.35
N LEU T 201 76.03 -42.81 -13.40
CA LEU T 201 76.71 -42.94 -14.68
C LEU T 201 78.16 -42.47 -14.59
N LEU T 202 78.42 -41.42 -13.82
CA LEU T 202 79.80 -40.96 -13.64
C LEU T 202 80.66 -42.05 -13.01
N LEU T 203 80.14 -42.69 -11.96
CA LEU T 203 80.88 -43.75 -11.27
C LEU T 203 81.10 -44.94 -12.20
N HIS T 204 80.07 -45.33 -12.94
CA HIS T 204 80.21 -46.46 -13.87
C HIS T 204 81.23 -46.15 -14.96
N MET T 205 81.20 -44.93 -15.50
CA MET T 205 82.16 -44.54 -16.53
C MET T 205 83.57 -44.55 -15.97
N ALA T 206 83.77 -44.02 -14.77
CA ALA T 206 85.10 -44.00 -14.17
C ALA T 206 85.62 -45.41 -13.94
N GLU T 207 84.76 -46.29 -13.40
CA GLU T 207 85.17 -47.67 -13.14
C GLU T 207 85.49 -48.40 -14.44
N THR T 208 84.68 -48.19 -15.47
CA THR T 208 84.94 -48.82 -16.76
C THR T 208 86.26 -48.32 -17.34
N THR T 209 86.53 -47.01 -17.22
CA THR T 209 87.79 -46.46 -17.69
C THR T 209 88.97 -47.09 -16.97
N ILE T 210 88.87 -47.22 -15.64
CA ILE T 210 89.97 -47.81 -14.87
C ILE T 210 90.19 -49.25 -15.27
N ARG T 211 89.10 -50.02 -15.38
CA ARG T 211 89.22 -51.44 -15.72
C ARG T 211 89.83 -51.63 -17.11
N GLU T 212 89.32 -50.87 -18.10
CA GLU T 212 89.85 -51.01 -19.45
C GLU T 212 91.29 -50.52 -19.54
N SER T 213 91.64 -49.48 -18.77
CA SER T 213 93.01 -48.97 -18.79
C SER T 213 93.97 -49.97 -18.17
N GLU T 214 93.58 -50.62 -17.06
CA GLU T 214 94.44 -51.62 -16.47
C GLU T 214 94.46 -52.90 -17.29
N LYS T 215 93.45 -53.11 -18.14
CA LYS T 215 93.50 -54.21 -19.09
C LYS T 215 94.56 -54.00 -20.16
N LEU T 216 95.05 -52.76 -20.33
CA LEU T 216 96.10 -52.45 -21.28
C LEU T 216 97.47 -52.33 -20.61
N GLY T 217 97.58 -52.74 -19.34
CA GLY T 217 98.82 -52.70 -18.61
C GLY T 217 99.09 -51.41 -17.86
N VAL T 218 98.16 -50.45 -17.92
CA VAL T 218 98.40 -49.15 -17.32
C VAL T 218 97.89 -49.15 -15.88
N ASP T 219 98.69 -48.54 -15.02
CA ASP T 219 98.33 -48.44 -13.61
C ASP T 219 96.96 -47.91 -13.39
N PRO T 220 96.45 -48.11 -12.20
CA PRO T 220 95.15 -47.58 -11.89
C PRO T 220 95.41 -46.32 -11.14
N ARG T 221 96.50 -45.67 -11.47
CA ARG T 221 96.78 -44.39 -10.86
C ARG T 221 96.55 -43.27 -11.86
N LEU T 222 97.52 -43.02 -12.70
CA LEU T 222 97.40 -41.85 -13.59
C LEU T 222 96.12 -41.92 -14.40
N ALA T 223 95.67 -43.13 -14.76
CA ALA T 223 94.36 -43.26 -15.39
C ALA T 223 93.26 -42.80 -14.46
N ALA T 224 93.46 -42.97 -13.15
CA ALA T 224 92.51 -42.44 -12.19
C ALA T 224 92.44 -40.93 -12.24
N GLU T 225 93.60 -40.26 -12.36
CA GLU T 225 93.57 -38.80 -12.45
C GLU T 225 92.99 -38.34 -13.78
N VAL T 226 93.20 -39.09 -14.86
CA VAL T 226 92.56 -38.77 -16.14
C VAL T 226 91.04 -38.85 -16.00
N ALA T 227 90.55 -39.92 -15.39
CA ALA T 227 89.12 -40.06 -15.14
C ALA T 227 88.61 -38.96 -14.23
N ARG T 228 89.44 -38.51 -13.28
CA ARG T 228 89.04 -37.43 -12.39
C ARG T 228 88.87 -36.12 -13.15
N GLU T 229 89.81 -35.81 -14.04
CA GLU T 229 89.69 -34.61 -14.87
C GLU T 229 88.45 -34.69 -15.75
N MET T 230 88.20 -35.86 -16.34
CA MET T 230 87.03 -36.00 -17.20
C MET T 230 85.72 -35.92 -16.40
N VAL T 231 85.73 -36.42 -15.16
CA VAL T 231 84.56 -36.28 -14.30
C VAL T 231 84.32 -34.81 -13.98
N ASP T 232 85.38 -34.07 -13.71
CA ASP T 232 85.24 -32.63 -13.48
C ASP T 232 84.65 -31.95 -14.71
N GLY T 233 85.13 -32.32 -15.90
CA GLY T 233 84.58 -31.76 -17.12
C GLY T 233 83.11 -32.07 -17.31
N VAL T 234 82.71 -33.31 -16.99
CA VAL T 234 81.31 -33.70 -17.08
C VAL T 234 80.48 -32.88 -16.11
N GLY T 235 80.97 -32.69 -14.89
CA GLY T 235 80.26 -31.87 -13.93
C GLY T 235 80.09 -30.44 -14.40
N HIS T 236 81.14 -29.87 -15.00
CA HIS T 236 81.05 -28.52 -15.53
C HIS T 236 80.04 -28.43 -16.67
N GLU T 237 80.08 -29.38 -17.60
CA GLU T 237 79.20 -29.33 -18.76
C GLU T 237 77.74 -29.53 -18.36
N THR T 238 77.48 -30.51 -17.48
CA THR T 238 76.12 -30.87 -17.13
C THR T 238 75.45 -29.85 -16.22
N GLY T 239 76.22 -28.91 -15.66
CA GLY T 239 75.64 -27.93 -14.76
C GLY T 239 75.39 -28.43 -13.36
N GLU T 240 75.95 -29.57 -12.99
CA GLU T 240 75.79 -30.14 -11.65
C GLU T 240 77.15 -30.65 -11.19
N THR T 241 77.74 -29.95 -10.22
CA THR T 241 79.07 -30.28 -9.74
C THR T 241 79.09 -31.04 -8.42
N GLU T 242 77.99 -31.06 -7.68
CA GLU T 242 77.95 -31.80 -6.42
C GLU T 242 78.12 -33.30 -6.65
N ALA T 243 77.45 -33.84 -7.66
CA ALA T 243 77.65 -35.25 -8.00
C ALA T 243 79.08 -35.49 -8.50
N ALA T 244 79.61 -34.55 -9.29
CA ALA T 244 81.00 -34.63 -9.70
C ALA T 244 81.93 -34.57 -8.50
N PHE T 245 81.59 -33.73 -7.52
CA PHE T 245 82.38 -33.66 -6.29
C PHE T 245 82.37 -35.00 -5.55
N ARG T 246 81.20 -35.63 -5.45
CA ARG T 246 81.11 -36.90 -4.75
C ARG T 246 81.90 -37.98 -5.47
N VAL T 247 81.79 -38.05 -6.79
CA VAL T 247 82.55 -39.05 -7.54
C VAL T 247 84.05 -38.76 -7.43
N ARG T 248 84.42 -37.49 -7.38
CA ARG T 248 85.82 -37.12 -7.15
C ARG T 248 86.31 -37.63 -5.81
N ARG T 249 85.48 -37.51 -4.78
CA ARG T 249 85.86 -38.01 -3.46
C ARG T 249 86.01 -39.53 -3.45
N GLU T 250 85.09 -40.24 -4.12
CA GLU T 250 85.20 -41.69 -4.16
C GLU T 250 86.44 -42.13 -4.93
N LEU T 251 86.76 -41.43 -6.03
CA LEU T 251 87.97 -41.76 -6.77
C LEU T 251 89.23 -41.45 -5.98
N ASP T 252 89.20 -40.37 -5.18
CA ASP T 252 90.32 -40.07 -4.29
C ASP T 252 90.48 -41.14 -3.22
N THR T 253 89.37 -41.70 -2.74
CA THR T 253 89.46 -42.84 -1.83
C THR T 253 90.00 -44.08 -2.55
N VAL T 254 89.63 -44.25 -3.83
CA VAL T 254 90.05 -45.42 -4.59
C VAL T 254 91.56 -45.41 -4.79
N ILE T 255 92.13 -44.26 -5.13
CA ILE T 255 93.57 -44.21 -5.42
C ILE T 255 94.39 -44.54 -4.18
N LEU T 256 93.80 -44.38 -3.00
CA LEU T 256 94.47 -44.73 -1.75
C LEU T 256 94.69 -46.24 -1.66
N THR U 25 51.99 62.81 25.36
CA THR U 25 52.40 64.19 25.15
C THR U 25 51.47 65.16 25.86
N GLU U 26 50.61 64.61 26.73
CA GLU U 26 49.65 65.45 27.45
C GLU U 26 50.37 66.42 28.38
N LYS U 27 51.44 65.98 29.03
CA LYS U 27 52.19 66.88 29.88
C LYS U 27 52.77 68.04 29.09
N LEU U 28 53.30 67.76 27.89
CA LEU U 28 53.85 68.83 27.06
C LEU U 28 52.78 69.80 26.61
N LYS U 29 51.61 69.29 26.23
CA LYS U 29 50.51 70.16 25.83
C LYS U 29 50.07 71.06 26.99
N LYS U 30 49.96 70.49 28.19
CA LYS U 30 49.60 71.29 29.35
C LYS U 30 50.67 72.32 29.67
N ILE U 31 51.94 71.97 29.53
CA ILE U 31 53.02 72.92 29.77
C ILE U 31 52.92 74.09 28.80
N THR U 32 52.69 73.78 27.52
CA THR U 32 52.53 74.84 26.52
C THR U 32 51.34 75.72 26.83
N LYS U 33 50.21 75.11 27.21
CA LYS U 33 49.02 75.89 27.53
C LYS U 33 49.27 76.82 28.71
N LEU U 34 49.89 76.30 29.78
CA LEU U 34 50.12 77.11 30.96
C LEU U 34 51.14 78.21 30.68
N LEU U 35 52.13 77.94 29.83
CA LEU U 35 53.07 78.99 29.46
C LEU U 35 52.38 80.08 28.65
N HIS U 36 51.42 79.74 27.82
CA HIS U 36 50.73 80.78 27.12
C HIS U 36 50.05 81.57 28.19
N GLU U 37 49.20 80.91 28.96
CA GLU U 37 48.42 81.68 29.93
C GLU U 37 49.31 82.63 30.71
N LEU U 38 50.47 82.16 31.16
CA LEU U 38 51.38 83.01 31.92
C LEU U 38 51.86 84.19 31.10
N VAL U 39 52.21 83.97 29.83
CA VAL U 39 52.72 85.06 29.01
C VAL U 39 51.59 86.02 28.63
N ASP U 40 50.35 85.53 28.61
CA ASP U 40 49.22 86.41 28.30
C ASP U 40 49.08 87.51 29.34
N ARG U 41 49.15 87.15 30.63
CA ARG U 41 49.05 88.11 31.72
C ARG U 41 50.44 88.40 32.27
N GLY U 42 51.20 89.19 31.52
CA GLY U 42 52.53 89.59 31.96
C GLY U 42 53.44 88.40 32.19
N GLU U 43 54.13 88.42 33.32
CA GLU U 43 54.94 87.30 33.83
C GLU U 43 56.03 86.99 32.79
N ILE U 44 56.11 85.77 32.26
CA ILE U 44 57.19 85.36 31.38
C ILE U 44 57.09 86.09 30.05
N PRO U 45 58.21 86.25 29.32
CA PRO U 45 58.14 86.88 27.99
C PRO U 45 57.63 85.93 26.93
N GLU U 46 57.47 86.43 25.70
CA GLU U 46 56.83 85.67 24.63
C GLU U 46 57.73 84.60 24.04
N GLU U 47 59.05 84.78 24.10
CA GLU U 47 59.96 83.85 23.45
C GLU U 47 59.80 82.44 24.00
N LEU U 48 59.59 82.32 25.31
CA LEU U 48 59.44 80.99 25.90
C LEU U 48 58.18 80.31 25.40
N ALA U 49 57.08 81.05 25.27
CA ALA U 49 55.84 80.46 24.76
C ALA U 49 56.00 80.07 23.29
N THR U 50 56.67 80.90 22.49
CA THR U 50 56.89 80.55 21.09
C THR U 50 57.74 79.28 20.96
N LEU U 51 58.80 79.19 21.77
CA LEU U 51 59.61 77.97 21.77
C LEU U 51 58.78 76.77 22.20
N ALA U 52 57.92 76.95 23.20
CA ALA U 52 57.06 75.85 23.63
C ALA U 52 56.17 75.38 22.49
N THR U 53 55.60 76.31 21.73
CA THR U 53 54.74 75.93 20.60
C THR U 53 55.54 75.18 19.53
N LEU U 54 56.70 75.72 19.14
CA LEU U 54 57.49 75.07 18.10
C LEU U 54 57.93 73.67 18.52
N LEU U 55 58.41 73.53 19.76
CA LEU U 55 58.84 72.23 20.24
C LEU U 55 57.68 71.27 20.41
N LEU U 56 56.49 71.78 20.78
CA LEU U 56 55.32 70.93 20.89
C LEU U 56 54.88 70.43 19.52
N TYR U 57 55.12 71.20 18.46
CA TYR U 57 54.89 70.70 17.12
C TYR U 57 55.92 69.65 16.74
N LEU U 58 57.20 69.96 16.98
CA LEU U 58 58.29 69.06 16.58
C LEU U 58 58.16 67.70 17.26
N VAL U 59 58.02 67.70 18.59
CA VAL U 59 57.55 66.52 19.30
C VAL U 59 56.13 66.28 18.81
N GLU U 60 55.74 65.01 18.67
CA GLU U 60 54.43 64.62 18.16
C GLU U 60 54.36 64.86 16.65
N LYS U 61 55.36 65.57 16.10
CA LYS U 61 55.69 65.34 14.69
C LYS U 61 56.70 64.21 14.54
N GLY U 62 57.37 63.86 15.64
CA GLY U 62 58.31 62.75 15.63
C GLY U 62 59.69 63.15 15.16
N LEU U 63 60.15 64.33 15.56
CA LEU U 63 61.45 64.83 15.13
C LEU U 63 62.41 65.13 16.27
N ILE U 64 61.93 65.23 17.51
CA ILE U 64 62.81 65.36 18.67
C ILE U 64 62.19 64.59 19.83
N SER U 65 62.89 64.53 20.95
CA SER U 65 62.43 63.82 22.13
C SER U 65 62.05 64.81 23.22
N GLU U 66 61.31 64.33 24.22
CA GLU U 66 60.91 65.17 25.33
C GLU U 66 62.10 65.75 26.07
N PHE U 67 63.22 65.02 26.08
CA PHE U 67 64.42 65.53 26.74
C PHE U 67 64.90 66.82 26.09
N ASP U 68 64.89 66.88 24.76
CA ASP U 68 65.29 68.10 24.07
C ASP U 68 64.32 69.24 24.36
N PHE U 69 63.01 68.93 24.39
CA PHE U 69 62.01 69.93 24.74
C PHE U 69 62.31 70.54 26.10
N ILE U 70 62.46 69.71 27.13
CA ILE U 70 62.68 70.22 28.48
C ILE U 70 64.02 70.93 28.57
N GLU U 71 65.05 70.41 27.89
CA GLU U 71 66.36 71.03 27.96
C GLU U 71 66.34 72.42 27.35
N HIS U 72 65.70 72.58 26.19
CA HIS U 72 65.58 73.90 25.58
C HIS U 72 64.78 74.85 26.45
N LEU U 73 63.68 74.35 27.04
CA LEU U 73 62.87 75.21 27.91
C LEU U 73 63.69 75.69 29.10
N VAL U 74 64.45 74.79 29.72
CA VAL U 74 65.24 75.15 30.89
C VAL U 74 66.36 76.11 30.50
N ARG U 75 66.99 75.90 29.33
CA ARG U 75 68.04 76.79 28.88
C ARG U 75 67.50 78.20 28.67
N LEU U 76 66.35 78.33 28.01
CA LEU U 76 65.77 79.65 27.82
C LEU U 76 65.37 80.28 29.15
N ALA U 77 64.80 79.48 30.07
CA ALA U 77 64.42 80.02 31.37
C ALA U 77 65.63 80.54 32.13
N GLU U 78 66.75 79.80 32.08
CA GLU U 78 67.98 80.27 32.71
C GLU U 78 68.49 81.53 32.04
N LYS U 79 68.40 81.59 30.70
CA LYS U 79 68.86 82.78 29.99
C LYS U 79 68.05 84.02 30.38
N LEU U 80 66.73 83.87 30.52
CA LEU U 80 65.86 84.99 30.84
C LEU U 80 65.63 85.15 32.35
N GLY U 81 66.16 84.26 33.17
CA GLY U 81 66.00 84.36 34.60
C GLY U 81 64.55 84.26 35.06
N VAL U 82 63.84 83.28 34.51
CA VAL U 82 62.42 83.11 34.82
C VAL U 82 62.19 81.65 35.23
N LEU U 83 63.25 81.01 35.71
CA LEU U 83 63.21 79.58 36.01
C LEU U 83 62.17 79.24 37.07
N GLU U 84 61.89 80.17 37.99
CA GLU U 84 60.90 79.89 39.03
C GLU U 84 59.52 79.67 38.45
N GLU U 85 59.13 80.47 37.46
CA GLU U 85 57.83 80.29 36.83
C GLU U 85 57.76 78.95 36.10
N LEU U 86 58.84 78.56 35.44
CA LEU U 86 58.87 77.24 34.80
C LEU U 86 58.75 76.13 35.84
N LYS U 87 59.39 76.30 36.99
CA LYS U 87 59.26 75.32 38.07
C LYS U 87 57.81 75.23 38.53
N LYS U 88 57.15 76.37 38.70
CA LYS U 88 55.75 76.37 39.10
C LYS U 88 54.87 75.67 38.07
N VAL U 89 55.13 75.93 36.78
CA VAL U 89 54.36 75.28 35.72
C VAL U 89 54.56 73.77 35.78
N LEU U 90 55.80 73.33 35.98
CA LEU U 90 56.07 71.89 36.01
C LEU U 90 55.46 71.22 37.24
N GLU U 91 55.36 71.96 38.35
CA GLU U 91 54.63 71.41 39.49
C GLU U 91 53.13 71.34 39.22
N GLU U 92 52.57 72.37 38.58
CA GLU U 92 51.14 72.39 38.29
C GLU U 92 50.75 71.25 37.37
N VAL U 93 51.53 71.02 36.30
CA VAL U 93 51.20 69.92 35.39
C VAL U 93 51.38 68.58 36.09
N GLY U 94 52.29 68.50 37.06
CA GLY U 94 52.53 67.26 37.79
C GLY U 94 53.51 66.35 37.10
N ASP U 95 54.69 66.88 36.78
CA ASP U 95 55.73 66.12 36.11
C ASP U 95 56.94 66.01 37.01
N GLU U 96 57.43 64.77 37.20
CA GLU U 96 58.60 64.54 38.03
C GLU U 96 59.89 64.51 37.22
N PHE U 97 59.84 63.95 36.00
CA PHE U 97 61.03 63.89 35.16
C PHE U 97 61.53 65.28 34.81
N GLY U 98 60.62 66.15 34.33
CA GLY U 98 61.03 67.50 33.99
C GLY U 98 61.51 68.29 35.18
N LEU U 99 60.84 68.13 36.32
CA LEU U 99 61.26 68.85 37.52
C LEU U 99 62.66 68.40 37.97
N THR U 100 62.91 67.09 37.93
CA THR U 100 64.24 66.58 38.27
C THR U 100 65.29 67.11 37.30
N LEU U 101 64.94 67.20 36.01
CA LEU U 101 65.88 67.77 35.04
C LEU U 101 66.16 69.23 35.34
N VAL U 102 65.14 69.99 35.75
CA VAL U 102 65.33 71.39 36.11
C VAL U 102 66.29 71.51 37.29
N TYR U 103 66.06 70.68 38.32
CA TYR U 103 66.96 70.70 39.47
C TYR U 103 68.39 70.32 39.07
N ALA U 104 68.52 69.32 38.19
CA ALA U 104 69.86 68.90 37.76
C ALA U 104 70.57 70.03 37.03
N ILE U 105 69.88 70.73 36.13
CA ILE U 105 70.51 71.81 35.38
C ILE U 105 70.90 72.95 36.31
N SER U 106 70.00 73.34 37.22
CA SER U 106 70.31 74.42 38.15
C SER U 106 71.49 74.05 39.05
N LEU U 107 71.52 72.81 39.53
CA LEU U 107 72.61 72.35 40.38
C LEU U 107 73.92 72.31 39.61
N LEU U 108 73.88 71.89 38.35
CA LEU U 108 75.08 71.91 37.53
C LEU U 108 75.60 73.33 37.34
N LYS U 109 74.69 74.27 37.08
CA LYS U 109 75.12 75.66 36.93
C LYS U 109 75.74 76.19 38.22
N GLU U 110 75.12 75.90 39.37
CA GLU U 110 75.66 76.36 40.64
C GLU U 110 77.02 75.73 40.92
N VAL U 111 77.18 74.45 40.61
CA VAL U 111 78.46 73.79 40.84
C VAL U 111 79.53 74.34 39.89
N GLU U 112 79.15 74.64 38.65
CA GLU U 112 80.08 75.29 37.72
C GLU U 112 80.52 76.64 38.27
N LYS U 113 79.59 77.38 38.89
CA LYS U 113 80.00 78.59 39.59
C LYS U 113 80.97 78.27 40.72
N GLU U 114 80.72 77.19 41.46
CA GLU U 114 81.63 76.78 42.53
C GLU U 114 82.94 76.24 41.96
N GLY U 115 82.85 75.31 41.01
CA GLY U 115 84.03 74.76 40.37
C GLY U 115 84.62 73.53 41.02
N ASP U 116 83.80 72.62 41.54
CA ASP U 116 84.31 71.42 42.20
C ASP U 116 84.09 70.21 41.29
N GLU U 117 85.14 69.41 41.09
CA GLU U 117 85.14 68.40 40.03
C GLU U 117 84.27 67.19 40.37
N GLU U 118 84.32 66.71 41.63
CA GLU U 118 83.59 65.48 41.96
C GLU U 118 82.09 65.68 41.80
N LEU U 119 81.56 66.82 42.26
CA LEU U 119 80.15 67.11 41.99
C LEU U 119 79.89 67.32 40.51
N LYS U 120 80.88 67.80 39.74
CA LYS U 120 80.72 67.84 38.28
C LYS U 120 80.43 66.45 37.74
N GLU U 121 81.27 65.48 38.10
CA GLU U 121 81.06 64.11 37.63
C GLU U 121 79.73 63.57 38.12
N TYR U 122 79.38 63.87 39.38
CA TYR U 122 78.13 63.37 39.95
C TYR U 122 76.93 63.88 39.16
N VAL U 123 76.89 65.18 38.89
CA VAL U 123 75.75 65.75 38.19
C VAL U 123 75.73 65.33 36.72
N LYS U 124 76.90 65.14 36.10
CA LYS U 124 76.91 64.65 34.73
C LYS U 124 76.35 63.23 34.65
N LEU U 125 76.72 62.37 35.59
CA LEU U 125 76.14 61.04 35.64
C LEU U 125 74.63 61.11 35.88
N ALA U 126 74.21 62.01 36.78
CA ALA U 126 72.78 62.19 37.05
C ALA U 126 72.04 62.61 35.79
N ILE U 127 72.60 63.54 35.02
CA ILE U 127 71.95 64.02 33.81
C ILE U 127 71.89 62.93 32.75
N GLU U 128 72.96 62.15 32.61
CA GLU U 128 72.94 61.05 31.65
C GLU U 128 71.88 60.01 32.02
N THR U 129 71.78 59.68 33.32
CA THR U 129 70.75 58.75 33.76
C THR U 129 69.35 59.33 33.55
N LEU U 130 69.20 60.64 33.75
CA LEU U 130 67.92 61.29 33.51
C LEU U 130 67.54 61.20 32.04
N LYS U 131 68.51 61.39 31.15
CA LYS U 131 68.22 61.25 29.72
C LYS U 131 67.82 59.82 29.38
N GLU U 132 68.53 58.84 29.94
CA GLU U 132 68.19 57.44 29.66
C GLU U 132 66.79 57.11 30.18
N ALA U 133 66.42 57.65 31.34
CA ALA U 133 65.06 57.46 31.84
C ALA U 133 64.04 58.13 30.93
N PHE U 134 64.30 59.39 30.55
CA PHE U 134 63.41 60.12 29.66
C PHE U 134 63.18 59.37 28.35
N GLU U 135 64.17 58.60 27.90
CA GLU U 135 64.01 57.83 26.67
C GLU U 135 62.77 56.95 26.72
N ARG U 136 62.49 56.34 27.87
CA ARG U 136 61.33 55.44 27.98
C ARG U 136 60.57 55.58 29.29
N LYS U 137 60.80 56.65 30.06
CA LYS U 137 60.16 56.84 31.36
C LYS U 137 60.42 55.66 32.29
N ASN U 138 61.70 55.38 32.53
CA ASN U 138 62.12 54.29 33.39
C ASN U 138 62.31 54.85 34.79
N TYR U 139 61.50 54.36 35.73
CA TYR U 139 61.39 55.03 37.02
C TYR U 139 62.63 54.80 37.89
N ALA U 140 63.34 53.70 37.68
CA ALA U 140 64.48 53.34 38.53
C ALA U 140 65.64 54.31 38.35
N LEU U 141 66.01 54.59 37.10
CA LEU U 141 67.05 55.59 36.86
C LEU U 141 66.61 56.97 37.34
N LEU U 142 65.31 57.24 37.29
CA LEU U 142 64.79 58.48 37.88
C LEU U 142 65.05 58.53 39.37
N VAL U 143 64.84 57.41 40.07
CA VAL U 143 65.15 57.34 41.51
C VAL U 143 66.64 57.58 41.74
N SER U 144 67.48 56.93 40.94
CA SER U 144 68.93 57.10 41.11
C SER U 144 69.34 58.56 40.91
N ALA U 145 68.84 59.19 39.84
CA ALA U 145 69.18 60.58 39.58
C ALA U 145 68.64 61.49 40.67
N LYS U 146 67.43 61.21 41.17
CA LYS U 146 66.87 62.00 42.25
C LYS U 146 67.76 61.92 43.50
N ILE U 147 68.21 60.70 43.82
CA ILE U 147 69.11 60.52 44.96
C ILE U 147 70.37 61.36 44.78
N ILE U 148 70.98 61.25 43.59
CA ILE U 148 72.23 61.97 43.35
C ILE U 148 72.03 63.47 43.49
N VAL U 149 70.96 64.00 42.89
CA VAL U 149 70.77 65.45 42.89
C VAL U 149 70.42 65.95 44.29
N GLU U 150 69.62 65.21 45.05
CA GLU U 150 69.27 65.70 46.38
C GLU U 150 70.48 65.65 47.31
N ASN U 151 71.30 64.60 47.22
CA ASN U 151 72.51 64.55 48.03
C ASN U 151 73.48 65.65 47.63
N ALA U 152 73.59 65.94 46.33
CA ALA U 152 74.45 67.04 45.90
C ALA U 152 73.93 68.39 46.44
N GLU U 153 72.62 68.60 46.37
CA GLU U 153 72.04 69.84 46.90
C GLU U 153 72.32 69.97 48.39
N GLU U 154 72.17 68.87 49.14
CA GLU U 154 72.50 68.91 50.56
C GLU U 154 73.99 69.20 50.77
N ILE U 155 74.84 68.70 49.87
CA ILE U 155 76.27 69.00 49.96
C ILE U 155 76.51 70.50 49.81
N LEU U 156 75.86 71.13 48.82
CA LEU U 156 76.02 72.57 48.65
C LEU U 156 75.48 73.36 49.84
N LYS U 157 74.35 72.92 50.40
CA LYS U 157 73.85 73.60 51.60
C LYS U 157 74.83 73.48 52.76
N ALA U 158 75.37 72.28 52.99
CA ALA U 158 76.33 72.08 54.07
C ALA U 158 77.65 72.81 53.80
N LYS U 159 77.96 73.10 52.53
CA LYS U 159 79.17 73.85 52.21
C LYS U 159 79.15 75.22 52.87
N LYS U 160 78.03 75.94 52.73
CA LYS U 160 77.90 77.22 53.43
C LYS U 160 77.59 77.03 54.91
N LYS U 161 76.91 75.95 55.28
CA LYS U 161 76.69 75.67 56.70
C LYS U 161 78.00 75.33 57.39
N GLY U 162 78.77 74.40 56.82
CA GLY U 162 80.07 74.06 57.37
C GLY U 162 80.08 72.91 58.34
N ASP U 163 79.34 71.85 58.04
CA ASP U 163 79.29 70.64 58.87
C ASP U 163 79.97 69.55 58.06
N GLU U 164 81.24 69.27 58.39
CA GLU U 164 82.05 68.37 57.57
C GLU U 164 81.55 66.93 57.67
N GLU U 165 81.07 66.52 58.84
CA GLU U 165 80.57 65.15 58.99
C GLU U 165 79.44 64.88 58.00
N LYS U 166 78.52 65.84 57.87
CA LYS U 166 77.40 65.66 56.95
C LYS U 166 77.88 65.60 55.50
N ILE U 167 78.87 66.41 55.13
CA ILE U 167 79.34 66.38 53.75
C ILE U 167 80.04 65.05 53.44
N LYS U 168 80.79 64.52 54.41
CA LYS U 168 81.39 63.20 54.21
C LYS U 168 80.32 62.13 54.07
N GLU U 169 79.27 62.20 54.89
CA GLU U 169 78.18 61.24 54.78
C GLU U 169 77.50 61.32 53.41
N LEU U 170 77.31 62.55 52.90
CA LEU U 170 76.67 62.72 51.60
C LEU U 170 77.57 62.21 50.48
N LEU U 171 78.89 62.41 50.60
CA LEU U 171 79.80 61.81 49.62
C LEU U 171 79.73 60.29 49.65
N GLN U 172 79.60 59.70 50.85
CA GLN U 172 79.41 58.26 50.94
C GLN U 172 78.15 57.83 50.22
N ARG U 173 77.04 58.55 50.43
CA ARG U 173 75.80 58.23 49.76
C ARG U 173 75.94 58.34 48.25
N LEU U 174 76.64 59.37 47.77
CA LEU U 174 76.82 59.56 46.34
C LEU U 174 77.70 58.47 45.74
N LYS U 175 78.72 58.03 46.47
CA LYS U 175 79.53 56.90 45.99
C LYS U 175 78.68 55.63 45.88
N ALA U 176 77.83 55.40 46.88
CA ALA U 176 76.93 54.25 46.82
C ALA U 176 76.01 54.36 45.61
N ALA U 177 75.49 55.55 45.33
CA ALA U 177 74.61 55.74 44.19
C ALA U 177 75.35 55.49 42.87
N LYS U 178 76.59 55.99 42.77
CA LYS U 178 77.37 55.76 41.56
C LYS U 178 77.61 54.28 41.33
N ILE U 179 77.94 53.55 42.40
CA ILE U 179 78.15 52.11 42.29
C ILE U 179 76.87 51.42 41.86
N GLY U 180 75.73 51.84 42.42
CA GLY U 180 74.49 51.11 42.21
C GLY U 180 73.83 51.39 40.86
N THR U 181 74.08 52.57 40.29
CA THR U 181 73.34 52.96 39.09
C THR U 181 73.49 51.99 37.93
N PRO U 182 74.70 51.58 37.51
CA PRO U 182 74.76 50.53 36.48
C PRO U 182 74.09 49.25 36.91
N LEU U 183 74.17 48.91 38.20
CA LEU U 183 73.55 47.68 38.69
C LEU U 183 72.04 47.73 38.55
N VAL U 184 71.41 48.85 38.91
CA VAL U 184 69.95 48.93 38.81
C VAL U 184 69.52 48.98 37.35
N ARG U 185 70.27 49.69 36.51
CA ARG U 185 69.98 49.67 35.08
C ARG U 185 70.00 48.24 34.54
N GLU U 186 71.04 47.49 34.89
CA GLU U 186 71.17 46.12 34.41
C GLU U 186 70.06 45.24 34.96
N VAL U 187 69.69 45.42 36.23
CA VAL U 187 68.64 44.59 36.83
C VAL U 187 67.33 44.81 36.09
N VAL U 188 66.98 46.07 35.85
CA VAL U 188 65.74 46.35 35.12
C VAL U 188 65.80 45.78 33.71
N GLU U 189 66.94 45.95 33.03
CA GLU U 189 67.05 45.46 31.66
C GLU U 189 66.88 43.94 31.62
N ARG U 190 67.54 43.22 32.52
CA ARG U 190 67.43 41.76 32.54
C ARG U 190 66.01 41.32 32.87
N TYR U 191 65.36 41.98 33.85
CA TYR U 191 64.01 41.58 34.19
C TYR U 191 63.03 41.87 33.06
N ARG U 192 63.31 42.86 32.22
CA ARG U 192 62.40 43.22 31.14
C ARG U 192 62.06 42.04 30.24
N GLU U 193 63.07 41.28 29.79
CA GLU U 193 62.81 40.21 28.84
C GLU U 193 63.44 38.87 29.23
N GLU U 194 64.55 38.86 29.98
CA GLU U 194 65.24 37.60 30.25
C GLU U 194 64.38 36.66 31.09
N GLY U 195 63.71 37.19 32.11
CA GLY U 195 62.71 36.44 32.84
C GLY U 195 63.11 35.82 34.16
N GLU U 196 64.19 36.31 34.73
CA GLU U 196 64.64 35.83 36.02
C GLU U 196 63.65 36.15 37.13
N PRO U 197 63.94 35.74 38.37
CA PRO U 197 63.07 36.06 39.48
C PRO U 197 63.49 37.35 40.13
N LEU U 198 62.74 38.40 39.91
CA LEU U 198 63.15 39.70 40.40
C LEU U 198 63.79 39.66 41.76
N LEU U 199 63.13 39.03 42.71
CA LEU U 199 63.69 39.13 44.05
C LEU U 199 65.13 38.67 44.10
N ASP U 200 65.48 37.64 43.35
CA ASP U 200 66.86 37.15 43.35
C ASP U 200 67.82 38.20 42.80
N LEU U 201 67.48 38.81 41.66
CA LEU U 201 68.31 39.86 41.11
C LEU U 201 68.36 41.07 42.02
N LEU U 202 67.24 41.43 42.67
CA LEU U 202 67.26 42.54 43.60
C LEU U 202 68.23 42.27 44.75
N LEU U 203 68.18 41.07 45.32
CA LEU U 203 69.07 40.73 46.42
C LEU U 203 70.52 40.74 45.98
N HIS U 204 70.80 40.17 44.81
CA HIS U 204 72.18 40.16 44.31
C HIS U 204 72.68 41.58 44.06
N MET U 205 71.85 42.44 43.48
CA MET U 205 72.25 43.81 43.24
C MET U 205 72.51 44.55 44.54
N ALA U 206 71.64 44.35 45.54
CA ALA U 206 71.85 45.01 46.82
C ALA U 206 73.13 44.54 47.50
N GLU U 207 73.38 43.23 47.48
CA GLU U 207 74.60 42.70 48.09
C GLU U 207 75.85 43.19 47.37
N THR U 208 75.79 43.23 46.03
CA THR U 208 76.93 43.74 45.27
C THR U 208 77.17 45.22 45.58
N THR U 209 76.10 46.00 45.70
CA THR U 209 76.24 47.40 46.05
C THR U 209 76.89 47.56 47.42
N ILE U 210 76.44 46.78 48.40
CA ILE U 210 77.01 46.88 49.75
C ILE U 210 78.48 46.49 49.74
N ARG U 211 78.81 45.40 49.05
CA ARG U 211 80.20 44.93 49.03
C ARG U 211 81.11 45.94 48.34
N GLU U 212 80.69 46.46 47.19
CA GLU U 212 81.52 47.43 46.48
C GLU U 212 81.62 48.74 47.25
N SER U 213 80.55 49.13 47.94
CA SER U 213 80.58 50.37 48.71
C SER U 213 81.51 50.24 49.91
N GLU U 214 81.49 49.09 50.60
CA GLU U 214 82.41 48.91 51.71
C GLU U 214 83.83 48.68 51.23
N LYS U 215 84.01 48.27 49.97
CA LYS U 215 85.34 48.22 49.39
C LYS U 215 85.94 49.61 49.19
N LEU U 216 85.12 50.66 49.22
CA LEU U 216 85.58 52.03 49.11
C LEU U 216 85.67 52.73 50.47
N GLY U 217 85.55 51.97 51.56
CA GLY U 217 85.65 52.51 52.89
C GLY U 217 84.34 52.99 53.49
N VAL U 218 83.23 52.84 52.76
CA VAL U 218 81.96 53.37 53.23
C VAL U 218 81.23 52.30 54.04
N ASP U 219 80.64 52.75 55.14
CA ASP U 219 79.89 51.86 55.99
C ASP U 219 78.92 51.03 55.25
N PRO U 220 78.43 50.00 55.91
CA PRO U 220 77.41 49.22 55.26
C PRO U 220 76.12 49.66 55.83
N ARG U 221 76.08 50.92 56.24
CA ARG U 221 74.82 51.46 56.71
C ARG U 221 74.16 52.34 55.67
N LEU U 222 74.60 53.58 55.56
CA LEU U 222 73.92 54.51 54.68
C LEU U 222 73.86 53.97 53.26
N ALA U 223 74.88 53.23 52.83
CA ALA U 223 74.81 52.54 51.55
C ALA U 223 73.67 51.54 51.54
N ALA U 224 73.38 50.94 52.69
CA ALA U 224 72.22 50.06 52.79
C ALA U 224 70.93 50.81 52.53
N GLU U 225 70.79 52.02 53.09
CA GLU U 225 69.58 52.78 52.84
C GLU U 225 69.50 53.26 51.38
N VAL U 226 70.65 53.56 50.76
CA VAL U 226 70.65 53.90 49.34
C VAL U 226 70.16 52.72 48.52
N ALA U 227 70.68 51.53 48.81
CA ALA U 227 70.22 50.33 48.12
C ALA U 227 68.73 50.07 48.40
N ARG U 228 68.25 50.41 49.59
CA ARG U 228 66.85 50.24 49.91
C ARG U 228 65.97 51.16 49.06
N GLU U 229 66.37 52.43 48.94
CA GLU U 229 65.62 53.35 48.07
C GLU U 229 65.63 52.87 46.63
N MET U 230 66.78 52.39 46.15
CA MET U 230 66.84 51.91 44.77
C MET U 230 66.01 50.65 44.57
N VAL U 231 65.96 49.78 45.59
CA VAL U 231 65.11 48.60 45.52
C VAL U 231 63.64 49.00 45.45
N ASP U 232 63.26 50.01 46.24
CA ASP U 232 61.89 50.53 46.17
C ASP U 232 61.60 51.06 44.77
N GLY U 233 62.55 51.79 44.19
CA GLY U 233 62.35 52.29 42.84
C GLY U 233 62.21 51.18 41.82
N VAL U 234 63.01 50.11 41.95
CA VAL U 234 62.91 48.97 41.05
C VAL U 234 61.54 48.32 41.19
N GLY U 235 61.07 48.16 42.42
CA GLY U 235 59.74 47.60 42.63
C GLY U 235 58.65 48.43 42.01
N HIS U 236 58.76 49.76 42.12
CA HIS U 236 57.77 50.64 41.50
C HIS U 236 57.80 50.53 39.99
N GLU U 237 59.00 50.54 39.40
CA GLU U 237 59.11 50.52 37.95
C GLU U 237 58.65 49.18 37.37
N THR U 238 59.05 48.08 38.00
CA THR U 238 58.76 46.75 37.46
C THR U 238 57.30 46.36 37.65
N GLY U 239 56.53 47.08 38.45
CA GLY U 239 55.15 46.73 38.68
C GLY U 239 54.94 45.61 39.67
N GLU U 240 55.96 45.24 40.43
CA GLU U 240 55.86 44.19 41.43
C GLU U 240 56.57 44.66 42.69
N THR U 241 55.80 44.96 43.74
CA THR U 241 56.34 45.49 44.97
C THR U 241 56.47 44.48 46.09
N GLU U 242 55.83 43.31 45.98
CA GLU U 242 55.95 42.30 47.02
C GLU U 242 57.38 41.78 47.12
N ALA U 243 58.02 41.52 45.97
CA ALA U 243 59.43 41.13 46.00
C ALA U 243 60.30 42.26 46.53
N ALA U 244 59.99 43.50 46.13
CA ALA U 244 60.69 44.65 46.69
C ALA U 244 60.48 44.74 48.20
N PHE U 245 59.26 44.44 48.65
CA PHE U 245 58.98 44.43 50.08
C PHE U 245 59.83 43.38 50.80
N ARG U 246 59.93 42.18 50.22
CA ARG U 246 60.72 41.12 50.85
C ARG U 246 62.19 41.49 50.92
N VAL U 247 62.74 42.03 49.82
CA VAL U 247 64.14 42.45 49.84
C VAL U 247 64.35 43.59 50.81
N ARG U 248 63.36 44.48 50.94
CA ARG U 248 63.44 45.53 51.93
C ARG U 248 63.51 44.96 53.34
N ARG U 249 62.71 43.93 53.62
CA ARG U 249 62.75 43.30 54.93
C ARG U 249 64.10 42.64 55.20
N GLU U 250 64.65 41.95 54.20
CA GLU U 250 65.95 41.31 54.40
C GLU U 250 67.05 42.36 54.60
N LEU U 251 66.99 43.47 53.88
CA LEU U 251 67.98 44.52 54.09
C LEU U 251 67.82 45.17 55.46
N ASP U 252 66.58 45.32 55.93
CA ASP U 252 66.34 45.82 57.29
C ASP U 252 66.89 44.87 58.34
N THR U 253 66.81 43.56 58.10
CA THR U 253 67.45 42.60 58.98
C THR U 253 68.97 42.71 58.89
N VAL U 254 69.50 42.98 57.69
CA VAL U 254 70.95 43.07 57.50
C VAL U 254 71.53 44.25 58.28
N ILE U 255 70.86 45.41 58.23
CA ILE U 255 71.42 46.58 58.90
C ILE U 255 71.49 46.38 60.40
N LEU U 256 70.69 45.46 60.94
CA LEU U 256 70.73 45.15 62.36
C LEU U 256 72.06 44.50 62.75
N THR V 25 20.72 56.78 60.30
CA THR V 25 20.22 57.77 61.24
C THR V 25 19.71 57.12 62.52
N GLU V 26 20.02 55.83 62.68
CA GLU V 26 19.57 55.11 63.87
C GLU V 26 20.19 55.69 65.13
N LYS V 27 21.47 56.06 65.07
CA LYS V 27 22.10 56.68 66.24
C LYS V 27 21.39 57.97 66.63
N LEU V 28 21.03 58.79 65.64
CA LEU V 28 20.34 60.04 65.94
C LEU V 28 18.97 59.80 66.54
N LYS V 29 18.24 58.82 66.01
CA LYS V 29 16.93 58.47 66.57
C LYS V 29 17.06 58.00 68.01
N LYS V 30 18.05 57.16 68.30
CA LYS V 30 18.25 56.70 69.66
C LYS V 30 18.66 57.84 70.57
N ILE V 31 19.48 58.77 70.08
CA ILE V 31 19.87 59.92 70.90
C ILE V 31 18.65 60.76 71.24
N THR V 32 17.79 61.00 70.25
CA THR V 32 16.57 61.76 70.51
C THR V 32 15.67 61.05 71.51
N LYS V 33 15.51 59.72 71.36
CA LYS V 33 14.68 58.96 72.28
C LYS V 33 15.21 59.04 73.71
N LEU V 34 16.53 58.84 73.86
CA LEU V 34 17.11 58.87 75.21
C LEU V 34 17.04 60.26 75.82
N LEU V 35 17.19 61.30 75.00
CA LEU V 35 17.04 62.65 75.53
C LEU V 35 15.61 62.91 75.97
N HIS V 36 14.63 62.37 75.29
CA HIS V 36 13.28 62.55 75.76
C HIS V 36 13.26 61.89 77.09
N GLU V 37 13.54 60.60 77.10
CA GLU V 37 13.39 59.88 78.38
C GLU V 37 14.04 60.64 79.52
N LEU V 38 15.24 61.18 79.29
CA LEU V 38 15.92 61.92 80.35
C LEU V 38 15.13 63.16 80.76
N VAL V 39 14.60 63.89 79.78
CA VAL V 39 13.87 65.12 80.12
C VAL V 39 12.53 64.79 80.74
N ASP V 40 11.98 63.61 80.46
CA ASP V 40 10.72 63.21 81.08
C ASP V 40 10.86 63.12 82.60
N ARG V 41 11.91 62.45 83.07
CA ARG V 41 12.17 62.30 84.50
C ARG V 41 13.24 63.29 84.94
N GLY V 42 12.84 64.56 85.04
CA GLY V 42 13.75 65.59 85.49
C GLY V 42 14.97 65.72 84.61
N GLU V 43 16.15 65.78 85.25
CA GLU V 43 17.45 65.75 84.57
C GLU V 43 17.54 66.93 83.61
N ILE V 44 17.78 66.71 82.32
CA ILE V 44 18.01 67.78 81.36
C ILE V 44 16.74 68.59 81.15
N PRO V 45 16.85 69.86 80.74
CA PRO V 45 15.64 70.64 80.45
C PRO V 45 15.02 70.30 79.09
N GLU V 46 13.89 70.92 78.78
CA GLU V 46 13.12 70.55 77.60
C GLU V 46 13.74 71.07 76.30
N GLU V 47 14.47 72.18 76.36
CA GLU V 47 15.00 72.80 75.14
C GLU V 47 15.88 71.84 74.37
N LEU V 48 16.70 71.05 75.08
CA LEU V 48 17.59 70.11 74.40
C LEU V 48 16.79 69.04 73.67
N ALA V 49 15.72 68.53 74.29
CA ALA V 49 14.90 67.54 73.62
C ALA V 49 14.16 68.12 72.41
N THR V 50 13.67 69.36 72.53
CA THR V 50 13.02 70.00 71.39
C THR V 50 14.00 70.18 70.23
N LEU V 51 15.21 70.64 70.54
CA LEU V 51 16.24 70.77 69.50
C LEU V 51 16.56 69.42 68.88
N ALA V 52 16.63 68.37 69.70
CA ALA V 52 16.88 67.04 69.16
C ALA V 52 15.79 66.63 68.19
N THR V 53 14.53 66.91 68.52
CA THR V 53 13.43 66.55 67.63
C THR V 53 13.51 67.33 66.31
N LEU V 54 13.71 68.65 66.40
CA LEU V 54 13.76 69.46 65.18
C LEU V 54 14.92 69.05 64.29
N LEU V 55 16.11 68.84 64.88
CA LEU V 55 17.26 68.42 64.08
C LEU V 55 17.08 67.01 63.54
N LEU V 56 16.41 66.13 64.28
CA LEU V 56 16.14 64.79 63.77
C LEU V 56 15.19 64.82 62.59
N TYR V 57 14.28 65.80 62.56
CA TYR V 57 13.46 65.98 61.36
C TYR V 57 14.28 66.53 60.21
N LEU V 58 15.08 67.57 60.48
CA LEU V 58 15.84 68.23 59.43
C LEU V 58 16.82 67.26 58.77
N VAL V 59 17.63 66.58 59.57
CA VAL V 59 18.34 65.39 59.11
C VAL V 59 17.28 64.38 58.74
N GLU V 60 17.50 63.60 57.69
CA GLU V 60 16.55 62.61 57.19
C GLU V 60 15.38 63.32 56.50
N LYS V 61 15.31 64.65 56.63
CA LYS V 61 14.66 65.42 55.59
C LYS V 61 15.66 65.82 54.50
N GLY V 62 16.94 65.73 54.82
CA GLY V 62 17.99 66.01 53.84
C GLY V 62 18.32 67.48 53.74
N LEU V 63 18.35 68.17 54.89
CA LEU V 63 18.62 69.60 54.90
C LEU V 63 19.82 70.00 55.74
N ILE V 64 20.32 69.12 56.60
CA ILE V 64 21.57 69.36 57.33
C ILE V 64 22.31 68.05 57.47
N SER V 65 23.53 68.09 58.01
CA SER V 65 24.34 66.91 58.20
C SER V 65 24.42 66.57 59.69
N GLU V 66 24.86 65.33 59.96
CA GLU V 66 24.99 64.87 61.34
C GLU V 66 25.96 65.75 62.13
N PHE V 67 26.95 66.33 61.45
CA PHE V 67 27.89 67.21 62.15
C PHE V 67 27.17 68.41 62.74
N ASP V 68 26.25 69.01 61.99
CA ASP V 68 25.48 70.14 62.51
C ASP V 68 24.60 69.72 63.68
N PHE V 69 23.98 68.54 63.57
CA PHE V 69 23.19 68.01 64.66
C PHE V 69 24.01 67.92 65.95
N ILE V 70 25.15 67.24 65.88
CA ILE V 70 25.97 67.04 67.08
C ILE V 70 26.51 68.36 67.58
N GLU V 71 26.90 69.27 66.66
CA GLU V 71 27.47 70.54 67.07
C GLU V 71 26.43 71.37 67.81
N HIS V 72 25.20 71.42 67.31
CA HIS V 72 24.14 72.16 68.00
C HIS V 72 23.84 71.53 69.35
N LEU V 73 23.79 70.20 69.41
CA LEU V 73 23.51 69.54 70.68
C LEU V 73 24.58 69.88 71.71
N VAL V 74 25.86 69.83 71.29
CA VAL V 74 26.95 70.11 72.21
C VAL V 74 26.94 71.58 72.63
N ARG V 75 26.63 72.48 71.70
CA ARG V 75 26.57 73.89 72.05
C ARG V 75 25.48 74.16 73.08
N LEU V 76 24.30 73.57 72.91
CA LEU V 76 23.24 73.75 73.90
C LEU V 76 23.62 73.12 75.23
N ALA V 77 24.25 71.93 75.20
CA ALA V 77 24.66 71.29 76.44
C ALA V 77 25.67 72.15 77.20
N GLU V 78 26.62 72.74 76.49
CA GLU V 78 27.58 73.64 77.12
C GLU V 78 26.88 74.88 77.67
N LYS V 79 25.90 75.41 76.93
CA LYS V 79 25.18 76.58 77.41
C LYS V 79 24.41 76.29 78.69
N LEU V 80 23.78 75.12 78.78
CA LEU V 80 22.99 74.76 79.95
C LEU V 80 23.79 73.99 81.00
N GLY V 81 25.07 73.68 80.72
CA GLY V 81 25.89 72.96 81.69
C GLY V 81 25.37 71.58 82.01
N VAL V 82 24.99 70.83 80.97
CA VAL V 82 24.42 69.50 81.14
C VAL V 82 25.21 68.53 80.26
N LEU V 83 26.45 68.89 79.94
CA LEU V 83 27.24 68.12 78.99
C LEU V 83 27.49 66.69 79.45
N GLU V 84 27.52 66.45 80.77
CA GLU V 84 27.76 65.11 81.27
C GLU V 84 26.64 64.16 80.86
N GLU V 85 25.39 64.62 80.94
CA GLU V 85 24.26 63.78 80.54
C GLU V 85 24.31 63.48 79.04
N LEU V 86 24.69 64.47 78.23
CA LEU V 86 24.86 64.21 76.80
C LEU V 86 25.96 63.20 76.55
N LYS V 87 27.06 63.28 77.31
CA LYS V 87 28.12 62.30 77.20
C LYS V 87 27.61 60.90 77.53
N LYS V 88 26.82 60.78 78.61
CA LYS V 88 26.27 59.49 78.98
C LYS V 88 25.35 58.95 77.88
N VAL V 89 24.52 59.82 77.29
CA VAL V 89 23.64 59.39 76.21
C VAL V 89 24.45 58.90 75.02
N LEU V 90 25.52 59.60 74.68
CA LEU V 90 26.34 59.21 73.53
C LEU V 90 27.09 57.91 73.81
N GLU V 91 27.46 57.65 75.05
CA GLU V 91 28.02 56.34 75.38
C GLU V 91 26.98 55.24 75.29
N GLU V 92 25.76 55.51 75.79
CA GLU V 92 24.71 54.51 75.75
C GLU V 92 24.35 54.12 74.32
N VAL V 93 24.21 55.10 73.43
CA VAL V 93 23.88 54.77 72.05
C VAL V 93 25.04 54.04 71.38
N GLY V 94 26.27 54.32 71.82
CA GLY V 94 27.44 53.67 71.26
C GLY V 94 27.96 54.36 70.02
N ASP V 95 28.23 55.66 70.13
CA ASP V 95 28.72 56.47 69.04
C ASP V 95 30.11 56.99 69.38
N GLU V 96 31.06 56.78 68.47
CA GLU V 96 32.42 57.25 68.67
C GLU V 96 32.65 58.62 68.04
N PHE V 97 32.05 58.87 66.88
CA PHE V 97 32.23 60.16 66.21
C PHE V 97 31.68 61.29 67.06
N GLY V 98 30.44 61.14 67.54
CA GLY V 98 29.86 62.18 68.37
C GLY V 98 30.60 62.39 69.68
N LEU V 99 31.04 61.29 70.30
CA LEU V 99 31.79 61.40 71.55
C LEU V 99 33.11 62.13 71.33
N THR V 100 33.82 61.79 70.24
CA THR V 100 35.06 62.49 69.91
C THR V 100 34.80 63.97 69.66
N LEU V 101 33.69 64.30 68.99
CA LEU V 101 33.35 65.69 68.77
C LEU V 101 33.09 66.41 70.08
N VAL V 102 32.42 65.73 71.02
CA VAL V 102 32.17 66.33 72.33
C VAL V 102 33.47 66.62 73.05
N TYR V 103 34.39 65.65 73.03
CA TYR V 103 35.69 65.87 73.65
C TYR V 103 36.44 67.02 72.98
N ALA V 104 36.38 67.09 71.64
CA ALA V 104 37.06 68.17 70.93
C ALA V 104 36.51 69.52 71.32
N ILE V 105 35.19 69.65 71.40
CA ILE V 105 34.58 70.94 71.75
C ILE V 105 34.94 71.33 73.19
N SER V 106 34.85 70.37 74.12
CA SER V 106 35.18 70.68 75.51
C SER V 106 36.65 71.07 75.65
N LEU V 107 37.54 70.36 74.95
CA LEU V 107 38.96 70.66 75.00
C LEU V 107 39.25 72.03 74.38
N LEU V 108 38.56 72.36 73.29
CA LEU V 108 38.72 73.69 72.70
C LEU V 108 38.28 74.78 73.66
N LYS V 109 37.15 74.57 74.36
CA LYS V 109 36.70 75.56 75.33
C LYS V 109 37.70 75.72 76.46
N GLU V 110 38.23 74.60 76.97
CA GLU V 110 39.20 74.66 78.05
C GLU V 110 40.48 75.36 77.60
N VAL V 111 40.94 75.09 76.38
CA VAL V 111 42.14 75.74 75.86
C VAL V 111 41.89 77.23 75.64
N GLU V 112 40.71 77.60 75.16
CA GLU V 112 40.36 79.01 75.05
C GLU V 112 40.39 79.69 76.41
N LYS V 113 39.94 79.00 77.45
CA LYS V 113 40.13 79.51 78.80
C LYS V 113 41.61 79.67 79.13
N GLU V 114 42.42 78.69 78.74
CA GLU V 114 43.87 78.78 78.97
C GLU V 114 44.50 79.84 78.07
N GLY V 115 44.21 79.79 76.77
CA GLY V 115 44.73 80.77 75.84
C GLY V 115 46.06 80.45 75.20
N ASP V 116 46.31 79.19 74.86
CA ASP V 116 47.58 78.79 74.26
C ASP V 116 47.38 78.51 72.77
N GLU V 117 48.22 79.10 71.92
CA GLU V 117 47.96 79.13 70.49
C GLU V 117 48.19 77.78 69.81
N GLU V 118 49.27 77.08 70.18
CA GLU V 118 49.59 75.84 69.47
C GLU V 118 48.50 74.79 69.66
N LEU V 119 47.99 74.65 70.89
CA LEU V 119 46.85 73.77 71.09
C LEU V 119 45.60 74.29 70.40
N LYS V 120 45.47 75.61 70.22
CA LYS V 120 44.37 76.13 69.40
C LYS V 120 44.44 75.56 68.00
N GLU V 121 45.61 75.66 67.36
CA GLU V 121 45.77 75.12 66.02
C GLU V 121 45.55 73.61 66.00
N TYR V 122 46.05 72.92 67.02
CA TYR V 122 45.90 71.46 67.09
C TYR V 122 44.43 71.07 67.13
N VAL V 123 43.65 71.71 68.00
CA VAL V 123 42.25 71.34 68.15
C VAL V 123 41.44 71.79 66.94
N LYS V 124 41.81 72.91 66.31
CA LYS V 124 41.10 73.30 65.09
C LYS V 124 41.33 72.30 63.96
N LEU V 125 42.57 71.82 63.81
CA LEU V 125 42.83 70.78 62.83
C LEU V 125 42.07 69.50 63.18
N ALA V 126 42.02 69.15 64.47
CA ALA V 126 41.27 67.98 64.90
C ALA V 126 39.79 68.10 64.55
N ILE V 127 39.22 69.29 64.77
CA ILE V 127 37.80 69.49 64.49
C ILE V 127 37.53 69.44 62.99
N GLU V 128 38.42 70.03 62.19
CA GLU V 128 38.24 69.97 60.75
C GLU V 128 38.31 68.52 60.24
N THR V 129 39.27 67.74 60.76
CA THR V 129 39.36 66.35 60.38
C THR V 129 38.12 65.57 60.85
N LEU V 130 37.60 65.91 62.03
CA LEU V 130 36.38 65.27 62.51
C LEU V 130 35.20 65.56 61.59
N LYS V 131 35.10 66.80 61.12
CA LYS V 131 34.03 67.15 60.18
C LYS V 131 34.19 66.37 58.88
N GLU V 132 35.42 66.28 58.37
CA GLU V 132 35.64 65.53 57.13
C GLU V 132 35.29 64.06 57.30
N ALA V 133 35.61 63.49 58.46
CA ALA V 133 35.23 62.11 58.74
C ALA V 133 33.71 61.97 58.82
N PHE V 134 33.06 62.88 59.56
CA PHE V 134 31.61 62.86 59.69
C PHE V 134 30.93 62.92 58.33
N GLU V 135 31.55 63.59 57.35
CA GLU V 135 30.96 63.68 56.02
C GLU V 135 30.63 62.30 55.47
N ARG V 136 31.51 61.31 55.69
CA ARG V 136 31.28 59.98 55.15
C ARG V 136 31.65 58.85 56.13
N LYS V 137 31.85 59.15 57.42
CA LYS V 137 32.24 58.16 58.41
C LYS V 137 33.54 57.45 57.99
N ASN V 138 34.57 58.26 57.80
CA ASN V 138 35.89 57.76 57.41
C ASN V 138 36.71 57.54 58.67
N TYR V 139 37.06 56.28 58.93
CA TYR V 139 37.57 55.90 60.25
C TYR V 139 38.99 56.42 60.47
N ALA V 140 39.76 56.62 59.39
CA ALA V 140 41.17 57.00 59.53
C ALA V 140 41.32 58.42 60.08
N LEU V 141 40.58 59.37 59.51
CA LEU V 141 40.60 60.72 60.07
C LEU V 141 40.05 60.74 61.49
N LEU V 142 39.13 59.83 61.80
CA LEU V 142 38.67 59.69 63.18
C LEU V 142 39.82 59.27 64.10
N VAL V 143 40.64 58.34 63.64
CA VAL V 143 41.82 57.93 64.43
C VAL V 143 42.76 59.11 64.62
N SER V 144 43.01 59.86 63.55
CA SER V 144 43.91 61.00 63.64
C SER V 144 43.40 62.03 64.65
N ALA V 145 42.11 62.36 64.55
CA ALA V 145 41.52 63.33 65.48
C ALA V 145 41.53 62.82 66.90
N LYS V 146 41.27 61.51 67.09
CA LYS V 146 41.32 60.93 68.42
C LYS V 146 42.71 61.05 69.01
N ILE V 147 43.74 60.77 68.21
CA ILE V 147 45.12 60.91 68.67
C ILE V 147 45.39 62.34 69.10
N ILE V 148 44.99 63.30 68.26
CA ILE V 148 45.27 64.71 68.55
C ILE V 148 44.59 65.12 69.85
N VAL V 149 43.32 64.74 70.01
CA VAL V 149 42.57 65.20 71.18
C VAL V 149 43.07 64.54 72.45
N GLU V 150 43.43 63.25 72.40
CA GLU V 150 43.90 62.61 73.62
C GLU V 150 45.27 63.14 74.02
N ASN V 151 46.15 63.39 73.05
CA ASN V 151 47.45 63.97 73.39
C ASN V 151 47.28 65.39 73.94
N ALA V 152 46.36 66.17 73.38
CA ALA V 152 46.09 67.49 73.92
C ALA V 152 45.55 67.41 75.35
N GLU V 153 44.64 66.48 75.60
CA GLU V 153 44.11 66.32 76.96
C GLU V 153 45.22 65.96 77.93
N GLU V 154 46.11 65.05 77.53
CA GLU V 154 47.24 64.70 78.37
C GLU V 154 48.15 65.92 78.59
N ILE V 155 48.27 66.78 77.58
CA ILE V 155 49.05 68.01 77.74
C ILE V 155 48.43 68.89 78.81
N LEU V 156 47.11 69.06 78.78
CA LEU V 156 46.46 69.88 79.81
C LEU V 156 46.59 69.25 81.19
N LYS V 157 46.49 67.93 81.30
CA LYS V 157 46.70 67.30 82.60
C LYS V 157 48.12 67.53 83.11
N ALA V 158 49.12 67.35 82.24
CA ALA V 158 50.50 67.56 82.65
C ALA V 158 50.79 69.03 82.94
N LYS V 159 50.00 69.95 82.38
CA LYS V 159 50.18 71.36 82.67
C LYS V 159 50.01 71.64 84.16
N LYS V 160 48.93 71.12 84.75
CA LYS V 160 48.76 71.25 86.19
C LYS V 160 49.65 70.28 86.97
N LYS V 161 49.97 69.12 86.39
CA LYS V 161 50.91 68.21 87.04
C LYS V 161 52.31 68.81 87.07
N GLY V 162 52.79 69.28 85.91
CA GLY V 162 54.08 69.94 85.86
C GLY V 162 55.25 69.03 85.52
N ASP V 163 55.07 68.13 84.56
CA ASP V 163 56.12 67.22 84.11
C ASP V 163 56.47 67.66 82.69
N GLU V 164 57.57 68.41 82.56
CA GLU V 164 57.90 69.02 81.27
C GLU V 164 58.29 67.98 80.22
N GLU V 165 58.98 66.91 80.64
CA GLU V 165 59.37 65.88 79.69
C GLU V 165 58.15 65.30 79.00
N LYS V 166 57.09 65.03 79.76
CA LYS V 166 55.88 64.46 79.17
C LYS V 166 55.22 65.44 78.20
N ILE V 167 55.21 66.74 78.53
CA ILE V 167 54.57 67.71 77.64
C ILE V 167 55.37 67.83 76.34
N LYS V 168 56.70 67.78 76.43
CA LYS V 168 57.51 67.79 75.21
C LYS V 168 57.23 66.56 74.37
N GLU V 169 57.12 65.39 75.01
CA GLU V 169 56.82 64.17 74.28
C GLU V 169 55.46 64.26 73.59
N LEU V 170 54.47 64.83 74.28
CA LEU V 170 53.15 64.96 73.69
C LEU V 170 53.15 65.96 72.53
N LEU V 171 53.92 67.04 72.64
CA LEU V 171 54.08 67.94 71.49
C LEU V 171 54.73 67.23 70.31
N GLN V 172 55.70 66.35 70.58
CA GLN V 172 56.28 65.56 69.50
C GLN V 172 55.24 64.68 68.84
N ARG V 173 54.40 64.02 69.66
CA ARG V 173 53.34 63.19 69.10
C ARG V 173 52.37 64.00 68.26
N LEU V 174 52.02 65.20 68.74
CA LEU V 174 51.08 66.05 68.01
C LEU V 174 51.67 66.54 66.70
N LYS V 175 52.97 66.86 66.69
CA LYS V 175 53.62 67.23 65.44
C LYS V 175 53.60 66.08 64.45
N ALA V 176 53.87 64.87 64.94
CA ALA V 176 53.78 63.69 64.07
C ALA V 176 52.38 63.53 63.50
N ALA V 177 51.36 63.74 64.34
CA ALA V 177 49.98 63.62 63.89
C ALA V 177 49.65 64.67 62.84
N LYS V 178 50.09 65.91 63.05
CA LYS V 178 49.85 66.96 62.07
C LYS V 178 50.50 66.63 60.74
N ILE V 179 51.73 66.12 60.77
CA ILE V 179 52.41 65.73 59.54
C ILE V 179 51.65 64.60 58.85
N GLY V 180 51.16 63.63 59.63
CA GLY V 180 50.60 62.44 59.02
C GLY V 180 49.18 62.60 58.51
N THR V 181 48.43 63.56 59.08
CA THR V 181 47.01 63.65 58.74
C THR V 181 46.74 63.87 57.26
N PRO V 182 47.38 64.83 56.57
CA PRO V 182 47.18 64.90 55.11
C PRO V 182 47.62 63.62 54.41
N LEU V 183 48.68 62.99 54.91
CA LEU V 183 49.17 61.78 54.28
C LEU V 183 48.15 60.65 54.38
N VAL V 184 47.53 60.46 55.54
CA VAL V 184 46.56 59.38 55.69
C VAL V 184 45.30 59.69 54.88
N ARG V 185 44.87 60.96 54.88
CA ARG V 185 43.73 61.33 54.03
C ARG V 185 44.02 60.98 52.57
N GLU V 186 45.21 61.35 52.09
CA GLU V 186 45.56 61.09 50.70
C GLU V 186 45.65 59.59 50.43
N VAL V 187 46.22 58.82 51.36
CA VAL V 187 46.34 57.37 51.15
C VAL V 187 44.97 56.74 51.02
N VAL V 188 44.04 57.10 51.91
CA VAL V 188 42.69 56.55 51.81
C VAL V 188 42.03 56.97 50.51
N GLU V 189 42.17 58.24 50.13
CA GLU V 189 41.55 58.73 48.90
C GLU V 189 42.07 57.97 47.68
N ARG V 190 43.39 57.79 47.60
CA ARG V 190 43.98 57.08 46.46
C ARG V 190 43.54 55.62 46.44
N TYR V 191 43.53 54.96 47.60
CA TYR V 191 43.12 53.57 47.62
C TYR V 191 41.65 53.40 47.26
N ARG V 192 40.82 54.41 47.51
CA ARG V 192 39.38 54.31 47.23
C ARG V 192 39.10 53.94 45.78
N GLU V 193 39.73 54.62 44.83
CA GLU V 193 39.41 54.37 43.42
C GLU V 193 40.63 54.13 42.54
N GLU V 194 41.79 54.68 42.87
CA GLU V 194 42.94 54.59 41.98
C GLU V 194 43.41 53.15 41.81
N GLY V 195 43.47 52.39 42.91
CA GLY V 195 43.68 50.95 42.84
C GLY V 195 45.08 50.44 43.10
N GLU V 196 45.91 51.26 43.72
CA GLU V 196 47.25 50.85 44.06
C GLU V 196 47.26 49.71 45.09
N PRO V 197 48.46 49.23 45.45
CA PRO V 197 48.54 48.19 46.46
C PRO V 197 48.66 48.80 47.82
N LEU V 198 47.61 48.71 48.60
CA LEU V 198 47.62 49.38 49.90
C LEU V 198 48.93 49.29 50.61
N LEU V 199 49.43 48.09 50.78
CA LEU V 199 50.62 47.98 51.62
C LEU V 199 51.72 48.93 51.16
N ASP V 200 51.87 49.10 49.84
CA ASP V 200 52.91 49.99 49.32
C ASP V 200 52.66 51.43 49.75
N LEU V 201 51.42 51.91 49.57
CA LEU V 201 51.09 53.26 50.00
C LEU V 201 51.20 53.42 51.51
N LEU V 202 50.82 52.39 52.27
CA LEU V 202 50.97 52.46 53.72
C LEU V 202 52.43 52.63 54.12
N LEU V 203 53.31 51.83 53.50
CA LEU V 203 54.73 51.91 53.81
C LEU V 203 55.30 53.27 53.42
N HIS V 204 54.93 53.77 52.23
CA HIS V 204 55.42 55.07 51.81
C HIS V 204 54.94 56.18 52.73
N MET V 205 53.67 56.13 53.14
CA MET V 205 53.15 57.13 54.06
C MET V 205 53.86 57.08 55.40
N ALA V 206 54.09 55.88 55.92
CA ALA V 206 54.79 55.74 57.20
C ALA V 206 56.21 56.29 57.11
N GLU V 207 56.92 55.94 56.03
CA GLU V 207 58.29 56.42 55.87
C GLU V 207 58.33 57.93 55.71
N THR V 208 57.40 58.50 54.94
CA THR V 208 57.33 59.95 54.79
C THR V 208 57.06 60.62 56.12
N THR V 209 56.15 60.04 56.91
CA THR V 209 55.85 60.60 58.23
C THR V 209 57.09 60.58 59.11
N ILE V 210 57.82 59.47 59.12
CA ILE V 210 59.02 59.38 59.95
C ILE V 210 60.06 60.40 59.50
N ARG V 211 60.29 60.50 58.19
CA ARG V 211 61.30 61.41 57.69
C ARG V 211 60.94 62.86 58.00
N GLU V 212 59.69 63.24 57.76
CA GLU V 212 59.29 64.62 58.02
C GLU V 212 59.29 64.92 59.52
N SER V 213 58.95 63.93 60.34
CA SER V 213 58.94 64.14 61.78
C SER V 213 60.36 64.31 62.32
N GLU V 214 61.31 63.50 61.81
CA GLU V 214 62.69 63.68 62.25
C GLU V 214 63.32 64.92 61.64
N LYS V 215 62.75 65.43 60.55
CA LYS V 215 63.18 66.74 60.03
C LYS V 215 62.80 67.88 60.97
N LEU V 216 61.87 67.65 61.89
CA LEU V 216 61.47 68.65 62.88
C LEU V 216 62.12 68.42 64.24
N GLY V 217 63.12 67.53 64.31
CA GLY V 217 63.84 67.25 65.52
C GLY V 217 63.25 66.15 66.37
N VAL V 218 62.16 65.53 65.94
CA VAL V 218 61.48 64.53 66.75
C VAL V 218 62.06 63.16 66.45
N ASP V 219 62.24 62.39 67.52
CA ASP V 219 62.75 61.05 67.39
C ASP V 219 62.02 60.23 66.39
N PRO V 220 62.62 59.14 65.97
CA PRO V 220 61.93 58.26 65.05
C PRO V 220 61.37 57.17 65.89
N ARG V 221 61.03 57.50 67.11
CA ARG V 221 60.38 56.52 67.96
C ARG V 221 58.91 56.84 68.11
N LEU V 222 58.56 57.75 69.01
CA LEU V 222 57.15 57.99 69.27
C LEU V 222 56.39 58.32 67.99
N ALA V 223 57.05 59.01 67.05
CA ALA V 223 56.44 59.23 65.74
C ALA V 223 56.19 57.91 65.04
N ALA V 224 57.06 56.92 65.29
CA ALA V 224 56.82 55.58 64.75
C ALA V 224 55.54 54.98 65.31
N GLU V 225 55.30 55.14 66.62
CA GLU V 225 54.07 54.61 67.19
C GLU V 225 52.85 55.37 66.71
N VAL V 226 52.98 56.68 66.46
CA VAL V 226 51.88 57.45 65.88
C VAL V 226 51.55 56.92 64.50
N ALA V 227 52.58 56.70 63.68
CA ALA V 227 52.36 56.13 62.35
C ALA V 227 51.77 54.72 62.45
N ARG V 228 52.14 53.97 63.48
CA ARG V 228 51.58 52.63 63.67
C ARG V 228 50.09 52.69 63.97
N GLU V 229 49.69 53.59 64.86
CA GLU V 229 48.26 53.76 65.14
C GLU V 229 47.50 54.20 63.90
N MET V 230 48.08 55.11 63.12
CA MET V 230 47.40 55.57 61.91
C MET V 230 47.33 54.46 60.87
N VAL V 231 48.35 53.61 60.79
CA VAL V 231 48.31 52.47 59.89
C VAL V 231 47.22 51.50 60.30
N ASP V 232 47.07 51.28 61.61
CA ASP V 232 45.99 50.44 62.10
C ASP V 232 44.63 51.03 61.72
N GLY V 233 44.49 52.35 61.86
CA GLY V 233 43.25 53.00 61.46
C GLY V 233 42.96 52.85 59.99
N VAL V 234 44.00 52.99 59.15
CA VAL V 234 43.83 52.82 57.71
C VAL V 234 43.40 51.39 57.40
N GLY V 235 44.01 50.41 58.06
CA GLY V 235 43.61 49.03 57.86
C GLY V 235 42.16 48.79 58.24
N HIS V 236 41.73 49.37 59.36
CA HIS V 236 40.33 49.22 59.78
C HIS V 236 39.38 49.87 58.78
N GLU V 237 39.71 51.09 58.33
CA GLU V 237 38.81 51.80 57.43
C GLU V 237 38.72 51.12 56.06
N THR V 238 39.87 50.70 55.52
CA THR V 238 39.92 50.14 54.18
C THR V 238 39.34 48.73 54.09
N GLY V 239 39.10 48.08 55.24
CA GLY V 239 38.58 46.72 55.22
C GLY V 239 39.61 45.66 54.94
N GLU V 240 40.89 45.99 55.02
CA GLU V 240 41.97 45.03 54.78
C GLU V 240 43.03 45.25 55.85
N THR V 241 43.14 44.29 56.78
CA THR V 241 44.06 44.42 57.91
C THR V 241 45.34 43.61 57.76
N GLU V 242 45.39 42.66 56.82
CA GLU V 242 46.61 41.87 56.63
C GLU V 242 47.75 42.74 56.13
N ALA V 243 47.48 43.64 55.19
CA ALA V 243 48.51 44.59 54.76
C ALA V 243 48.88 45.53 55.90
N ALA V 244 47.90 45.98 56.67
CA ALA V 244 48.19 46.78 57.86
C ALA V 244 49.02 45.99 58.86
N PHE V 245 48.74 44.69 59.00
CA PHE V 245 49.54 43.85 59.87
C PHE V 245 50.99 43.77 59.39
N ARG V 246 51.18 43.59 58.09
CA ARG V 246 52.54 43.51 57.55
C ARG V 246 53.30 44.81 57.75
N VAL V 247 52.65 45.95 57.47
CA VAL V 247 53.33 47.23 57.66
C VAL V 247 53.61 47.46 59.15
N ARG V 248 52.71 46.99 60.03
CA ARG V 248 52.96 47.05 61.45
C ARG V 248 54.21 46.27 61.84
N ARG V 249 54.36 45.07 61.25
CA ARG V 249 55.55 44.26 61.54
C ARG V 249 56.82 44.95 61.04
N GLU V 250 56.79 45.53 59.85
CA GLU V 250 57.97 46.22 59.35
C GLU V 250 58.31 47.43 60.20
N LEU V 251 57.30 48.16 60.66
CA LEU V 251 57.57 49.30 61.53
C LEU V 251 58.11 48.86 62.88
N ASP V 252 57.62 47.72 63.40
CA ASP V 252 58.17 47.16 64.62
C ASP V 252 59.62 46.75 64.45
N THR V 253 59.97 46.23 63.27
CA THR V 253 61.38 45.96 62.98
C THR V 253 62.18 47.25 62.87
N VAL V 254 61.57 48.30 62.32
CA VAL V 254 62.27 49.58 62.15
C VAL V 254 62.63 50.19 63.48
N ILE V 255 61.69 50.17 64.45
CA ILE V 255 61.96 50.83 65.72
C ILE V 255 63.10 50.14 66.46
N LEU V 256 63.38 48.89 66.13
CA LEU V 256 64.50 48.16 66.73
C LEU V 256 65.84 48.79 66.32
N THR W 25 28.14 14.13 79.36
CA THR W 25 28.04 13.75 80.76
C THR W 25 28.88 12.51 81.06
N GLU W 26 29.74 12.15 80.10
CA GLU W 26 30.58 10.97 80.28
C GLU W 26 31.55 11.15 81.43
N LYS W 27 32.12 12.36 81.58
CA LYS W 27 33.01 12.61 82.71
C LYS W 27 32.28 12.43 84.03
N LEU W 28 31.04 12.91 84.12
CA LEU W 28 30.28 12.77 85.37
C LEU W 28 29.98 11.31 85.66
N LYS W 29 29.62 10.53 84.62
CA LYS W 29 29.35 9.11 84.82
C LYS W 29 30.60 8.39 85.29
N LYS W 30 31.76 8.70 84.69
CA LYS W 30 33.00 8.07 85.12
C LYS W 30 33.36 8.48 86.55
N ILE W 31 33.12 9.73 86.91
CA ILE W 31 33.39 10.18 88.28
C ILE W 31 32.53 9.40 89.27
N THR W 32 31.24 9.25 88.95
CA THR W 32 30.35 8.48 89.82
C THR W 32 30.81 7.03 89.93
N LYS W 33 31.18 6.42 88.81
CA LYS W 33 31.64 5.04 88.82
C LYS W 33 32.88 4.88 89.69
N LEU W 34 33.86 5.77 89.52
CA LEU W 34 35.10 5.66 90.28
C LEU W 34 34.86 5.92 91.76
N LEU W 35 33.95 6.84 92.09
CA LEU W 35 33.63 7.06 93.49
C LEU W 35 32.96 5.83 94.09
N HIS W 36 32.15 5.12 93.35
CA HIS W 36 31.58 3.92 93.90
C HIS W 36 32.74 3.04 94.16
N GLU W 37 33.49 2.72 93.12
CA GLU W 37 34.56 1.75 93.33
C GLU W 37 35.39 2.09 94.57
N LEU W 38 35.72 3.37 94.74
CA LEU W 38 36.51 3.77 95.90
C LEU W 38 35.78 3.48 97.21
N VAL W 39 34.48 3.78 97.25
CA VAL W 39 33.73 3.58 98.49
C VAL W 39 33.50 2.10 98.73
N ASP W 40 33.51 1.28 97.68
CA ASP W 40 33.33 -0.16 97.86
C ASP W 40 34.48 -0.74 98.68
N ARG W 41 35.72 -0.39 98.33
CA ARG W 41 36.89 -0.87 99.04
C ARG W 41 37.39 0.21 99.98
N GLY W 42 36.68 0.38 101.10
CA GLY W 42 37.08 1.35 102.11
C GLY W 42 37.16 2.75 101.56
N GLU W 43 38.25 3.44 101.89
CA GLU W 43 38.60 4.75 101.33
C GLU W 43 37.49 5.74 101.69
N ILE W 44 36.86 6.40 100.71
CA ILE W 44 35.89 7.45 100.97
C ILE W 44 34.63 6.88 101.61
N PRO W 45 33.86 7.67 102.37
CA PRO W 45 32.60 7.16 102.93
C PRO W 45 31.47 7.12 101.90
N GLU W 46 30.31 6.61 102.31
CA GLU W 46 29.22 6.36 101.38
C GLU W 46 28.49 7.63 100.96
N GLU W 47 28.49 8.66 101.81
CA GLU W 47 27.72 9.86 101.52
C GLU W 47 28.15 10.51 100.21
N LEU W 48 29.45 10.51 99.93
CA LEU W 48 29.93 11.12 98.70
C LEU W 48 29.43 10.36 97.48
N ALA W 49 29.43 9.03 97.54
CA ALA W 49 28.92 8.23 96.43
C ALA W 49 27.43 8.42 96.24
N THR W 50 26.67 8.50 97.34
CA THR W 50 25.23 8.74 97.22
C THR W 50 24.95 10.10 96.60
N LEU W 51 25.69 11.13 97.03
CA LEU W 51 25.54 12.45 96.41
C LEU W 51 25.91 12.41 94.94
N ALA W 52 26.96 11.67 94.59
CA ALA W 52 27.34 11.54 93.19
C ALA W 52 26.20 10.93 92.38
N THR W 53 25.56 9.89 92.92
CA THR W 53 24.44 9.26 92.20
C THR W 53 23.28 10.22 92.03
N LEU W 54 22.88 10.90 93.11
CA LEU W 54 21.73 11.80 93.02
C LEU W 54 22.01 12.95 92.04
N LEU W 55 23.21 13.55 92.11
CA LEU W 55 23.53 14.63 91.21
C LEU W 55 23.68 14.14 89.77
N LEU W 56 24.16 12.91 89.57
CA LEU W 56 24.25 12.36 88.23
C LEU W 56 22.86 12.12 87.64
N TYR W 57 21.88 11.82 88.48
CA TYR W 57 20.50 11.76 87.99
C TYR W 57 19.97 13.15 87.66
N LEU W 58 20.19 14.10 88.58
CA LEU W 58 19.65 15.45 88.40
C LEU W 58 20.21 16.11 87.14
N VAL W 59 21.53 16.11 87.00
CA VAL W 59 22.16 16.39 85.71
C VAL W 59 21.73 15.27 84.78
N GLU W 60 21.49 15.58 83.52
CA GLU W 60 21.01 14.61 82.52
C GLU W 60 19.54 14.29 82.77
N LYS W 61 19.00 14.73 83.91
CA LYS W 61 17.58 15.00 83.98
C LYS W 61 17.27 16.43 83.54
N GLY W 62 18.29 17.28 83.55
CA GLY W 62 18.13 18.64 83.08
C GLY W 62 17.63 19.58 84.17
N LEU W 63 18.11 19.40 85.39
CA LEU W 63 17.66 20.21 86.52
C LEU W 63 18.77 20.96 87.22
N ILE W 64 20.04 20.62 86.99
CA ILE W 64 21.16 21.40 87.51
C ILE W 64 22.27 21.37 86.47
N SER W 65 23.34 22.12 86.73
CA SER W 65 24.48 22.19 85.82
C SER W 65 25.67 21.46 86.43
N GLU W 66 26.66 21.18 85.57
CA GLU W 66 27.86 20.49 86.02
C GLU W 66 28.59 21.28 87.10
N PHE W 67 28.47 22.62 87.07
CA PHE W 67 29.12 23.43 88.09
C PHE W 67 28.56 23.11 89.47
N ASP W 68 27.23 22.95 89.58
CA ASP W 68 26.65 22.60 90.87
C ASP W 68 27.09 21.21 91.31
N PHE W 69 27.16 20.26 90.37
CA PHE W 69 27.65 18.93 90.67
C PHE W 69 29.04 18.98 91.29
N ILE W 70 29.97 19.64 90.60
CA ILE W 70 31.35 19.68 91.09
C ILE W 70 31.44 20.47 92.39
N GLU W 71 30.67 21.54 92.52
CA GLU W 71 30.72 22.36 93.73
C GLU W 71 30.24 21.56 94.93
N HIS W 72 29.14 20.82 94.78
CA HIS W 72 28.64 19.98 95.88
C HIS W 72 29.65 18.89 96.22
N LEU W 73 30.24 18.27 95.21
CA LEU W 73 31.22 17.22 95.46
C LEU W 73 32.42 17.77 96.24
N VAL W 74 32.91 18.94 95.85
CA VAL W 74 34.06 19.53 96.52
C VAL W 74 33.70 19.96 97.93
N ARG W 75 32.49 20.49 98.13
CA ARG W 75 32.07 20.88 99.46
C ARG W 75 32.00 19.68 100.40
N LEU W 76 31.43 18.57 99.93
CA LEU W 76 31.39 17.38 100.77
C LEU W 76 32.79 16.83 101.02
N ALA W 77 33.66 16.84 100.00
CA ALA W 77 35.02 16.36 100.20
C ALA W 77 35.75 17.20 101.24
N GLU W 78 35.59 18.52 101.20
CA GLU W 78 36.19 19.38 102.20
C GLU W 78 35.60 19.11 103.58
N LYS W 79 34.29 18.87 103.66
CA LYS W 79 33.66 18.58 104.94
C LYS W 79 34.21 17.30 105.54
N LEU W 80 34.40 16.26 104.72
CA LEU W 80 34.87 14.97 105.21
C LEU W 80 36.39 14.83 105.16
N GLY W 81 37.10 15.82 104.63
CA GLY W 81 38.54 15.75 104.56
C GLY W 81 39.07 14.62 103.70
N VAL W 82 38.47 14.45 102.52
CA VAL W 82 38.82 13.37 101.61
C VAL W 82 39.12 13.97 100.24
N LEU W 83 39.49 15.26 100.22
CA LEU W 83 39.65 15.98 98.97
C LEU W 83 40.74 15.37 98.08
N GLU W 84 41.74 14.73 98.68
CA GLU W 84 42.81 14.14 97.88
C GLU W 84 42.28 13.01 96.99
N GLU W 85 41.39 12.18 97.52
CA GLU W 85 40.81 11.11 96.72
C GLU W 85 39.97 11.67 95.58
N LEU W 86 39.22 12.74 95.83
CA LEU W 86 38.47 13.39 94.76
C LEU W 86 39.41 13.95 93.70
N LYS W 87 40.53 14.52 94.12
CA LYS W 87 41.53 15.00 93.18
C LYS W 87 42.05 13.87 92.32
N LYS W 88 42.36 12.72 92.94
CA LYS W 88 42.83 11.57 92.18
C LYS W 88 41.79 11.09 91.18
N VAL W 89 40.52 11.06 91.60
CA VAL W 89 39.44 10.65 90.70
C VAL W 89 39.35 11.60 89.51
N LEU W 90 39.45 12.91 89.77
CA LEU W 90 39.35 13.89 88.70
C LEU W 90 40.54 13.82 87.75
N GLU W 91 41.71 13.45 88.25
CA GLU W 91 42.84 13.22 87.36
C GLU W 91 42.63 11.95 86.53
N GLU W 92 42.13 10.89 87.16
CA GLU W 92 41.91 9.63 86.43
C GLU W 92 40.90 9.81 85.30
N VAL W 93 39.79 10.50 85.56
CA VAL W 93 38.80 10.70 84.50
C VAL W 93 39.37 11.62 83.42
N GLY W 94 40.28 12.51 83.78
CA GLY W 94 40.89 13.42 82.82
C GLY W 94 40.06 14.66 82.58
N ASP W 95 39.73 15.37 83.66
CA ASP W 95 38.93 16.58 83.60
C ASP W 95 39.77 17.76 84.09
N GLU W 96 39.82 18.82 83.28
CA GLU W 96 40.56 20.01 83.66
C GLU W 96 39.68 21.05 84.34
N PHE W 97 38.43 21.18 83.91
CA PHE W 97 37.53 22.16 84.51
C PHE W 97 37.27 21.82 85.97
N GLY W 98 36.92 20.57 86.26
CA GLY W 98 36.68 20.18 87.64
C GLY W 98 37.90 20.30 88.51
N LEU W 99 39.06 19.91 87.97
CA LEU W 99 40.31 20.02 88.74
C LEU W 99 40.64 21.46 89.06
N THR W 100 40.47 22.36 88.08
CA THR W 100 40.69 23.78 88.32
C THR W 100 39.72 24.31 89.37
N LEU W 101 38.46 23.85 89.33
CA LEU W 101 37.50 24.27 90.34
C LEU W 101 37.92 23.78 91.72
N VAL W 102 38.44 22.56 91.82
CA VAL W 102 38.90 22.03 93.09
C VAL W 102 40.05 22.89 93.63
N TYR W 103 41.01 23.22 92.77
CA TYR W 103 42.11 24.09 93.20
C TYR W 103 41.60 25.45 93.63
N ALA W 104 40.63 26.01 92.89
CA ALA W 104 40.09 27.31 93.26
C ALA W 104 39.43 27.27 94.62
N ILE W 105 38.63 26.25 94.90
CA ILE W 105 37.95 26.15 96.19
C ILE W 105 38.96 25.98 97.32
N SER W 106 39.94 25.10 97.13
CA SER W 106 40.95 24.89 98.18
C SER W 106 41.75 26.17 98.43
N LEU W 107 42.12 26.87 97.36
CA LEU W 107 42.87 28.11 97.50
C LEU W 107 42.04 29.18 98.19
N LEU W 108 40.73 29.25 97.88
CA LEU W 108 39.86 30.19 98.56
C LEU W 108 39.77 29.88 100.04
N LYS W 109 39.65 28.59 100.39
CA LYS W 109 39.61 28.23 101.81
C LYS W 109 40.91 28.59 102.52
N GLU W 110 42.05 28.33 101.89
CA GLU W 110 43.33 28.66 102.49
C GLU W 110 43.48 30.17 102.66
N VAL W 111 43.05 30.95 101.67
CA VAL W 111 43.14 32.41 101.77
C VAL W 111 42.20 32.93 102.84
N GLU W 112 41.00 32.34 102.95
CA GLU W 112 40.10 32.71 104.04
C GLU W 112 40.74 32.44 105.39
N LYS W 113 41.47 31.33 105.50
CA LYS W 113 42.26 31.10 106.71
C LYS W 113 43.30 32.21 106.90
N GLU W 114 43.95 32.61 105.81
CA GLU W 114 44.93 33.70 105.88
C GLU W 114 44.25 35.05 106.13
N GLY W 115 43.22 35.36 105.34
CA GLY W 115 42.48 36.60 105.52
C GLY W 115 42.99 37.79 104.76
N ASP W 116 43.45 37.61 103.52
CA ASP W 116 43.98 38.72 102.73
C ASP W 116 42.98 39.08 101.63
N GLU W 117 42.65 40.37 101.51
CA GLU W 117 41.51 40.79 100.70
C GLU W 117 41.79 40.71 99.20
N GLU W 118 42.99 41.12 98.76
CA GLU W 118 43.25 41.16 97.32
C GLU W 118 43.18 39.76 96.70
N LEU W 119 43.77 38.77 97.37
CA LEU W 119 43.60 37.40 96.91
C LEU W 119 42.16 36.92 97.01
N LYS W 120 41.39 37.45 97.98
CA LYS W 120 39.95 37.16 98.01
C LYS W 120 39.30 37.59 96.70
N GLU W 121 39.53 38.83 96.29
CA GLU W 121 38.95 39.32 95.04
C GLU W 121 39.46 38.51 93.86
N TYR W 122 40.75 38.18 93.86
CA TYR W 122 41.35 37.42 92.76
C TYR W 122 40.67 36.06 92.61
N VAL W 123 40.52 35.33 93.71
CA VAL W 123 39.93 34.00 93.63
C VAL W 123 38.44 34.07 93.34
N LYS W 124 37.74 35.11 93.82
CA LYS W 124 36.33 35.23 93.47
C LYS W 124 36.15 35.48 91.97
N LEU W 125 37.00 36.33 91.39
CA LEU W 125 36.96 36.53 89.94
C LEU W 125 37.29 35.24 89.21
N ALA W 126 38.28 34.49 89.72
CA ALA W 126 38.63 33.22 89.10
C ALA W 126 37.46 32.24 89.14
N ILE W 127 36.74 32.18 90.27
CA ILE W 127 35.62 31.27 90.40
C ILE W 127 34.48 31.68 89.48
N GLU W 128 34.20 32.98 89.38
CA GLU W 128 33.15 33.45 88.48
C GLU W 128 33.49 33.11 87.03
N THR W 129 34.75 33.32 86.63
CA THR W 129 35.16 32.97 85.28
C THR W 129 35.07 31.46 85.06
N LEU W 130 35.41 30.67 86.09
CA LEU W 130 35.29 29.22 85.98
C LEU W 130 33.84 28.80 85.77
N LYS W 131 32.92 29.45 86.48
CA LYS W 131 31.49 29.15 86.29
C LYS W 131 31.05 29.51 84.88
N GLU W 132 31.48 30.68 84.38
CA GLU W 132 31.10 31.08 83.03
C GLU W 132 31.66 30.11 81.99
N ALA W 133 32.88 29.62 82.21
CA ALA W 133 33.44 28.62 81.31
C ALA W 133 32.65 27.31 81.39
N PHE W 134 32.37 26.86 82.62
CA PHE W 134 31.59 25.64 82.81
C PHE W 134 30.23 25.70 82.11
N GLU W 135 29.66 26.90 82.01
CA GLU W 135 28.38 27.05 81.32
C GLU W 135 28.41 26.45 79.93
N ARG W 136 29.52 26.64 79.19
CA ARG W 136 29.61 26.13 77.84
C ARG W 136 30.96 25.53 77.49
N LYS W 137 31.82 25.25 78.48
CA LYS W 137 33.16 24.72 78.25
C LYS W 137 33.96 25.63 77.32
N ASN W 138 34.10 26.88 77.75
CA ASN W 138 34.84 27.89 77.00
C ASN W 138 36.28 27.89 77.50
N TYR W 139 37.21 27.53 76.63
CA TYR W 139 38.57 27.21 77.06
C TYR W 139 39.34 28.47 77.47
N ALA W 140 38.98 29.63 76.92
CA ALA W 140 39.75 30.85 77.16
C ALA W 140 39.59 31.32 78.61
N LEU W 141 38.36 31.39 79.11
CA LEU W 141 38.15 31.73 80.51
C LEU W 141 38.77 30.68 81.42
N LEU W 142 38.82 29.42 80.98
CA LEU W 142 39.54 28.41 81.74
C LEU W 142 41.02 28.75 81.84
N VAL W 143 41.62 29.21 80.74
CA VAL W 143 43.02 29.63 80.78
C VAL W 143 43.21 30.79 81.74
N SER W 144 42.31 31.77 81.68
CA SER W 144 42.41 32.93 82.56
C SER W 144 42.33 32.51 84.03
N ALA W 145 41.35 31.67 84.36
CA ALA W 145 41.20 31.21 85.74
C ALA W 145 42.39 30.37 86.18
N LYS W 146 42.92 29.54 85.28
CA LYS W 146 44.11 28.75 85.60
C LYS W 146 45.28 29.67 85.93
N ILE W 147 45.48 30.71 85.12
CA ILE W 147 46.55 31.67 85.38
C ILE W 147 46.37 32.29 86.75
N ILE W 148 45.15 32.75 87.05
CA ILE W 148 44.91 33.43 88.32
C ILE W 148 45.20 32.50 89.49
N VAL W 149 44.70 31.26 89.41
CA VAL W 149 44.84 30.35 90.55
C VAL W 149 46.29 29.92 90.73
N GLU W 150 47.03 29.69 89.64
CA GLU W 150 48.41 29.26 89.81
C GLU W 150 49.28 30.40 90.35
N ASN W 151 49.04 31.63 89.88
CA ASN W 151 49.78 32.76 90.43
C ASN W 151 49.43 32.98 91.90
N ALA W 152 48.16 32.81 92.27
CA ALA W 152 47.80 32.93 93.67
C ALA W 152 48.46 31.85 94.52
N GLU W 153 48.49 30.62 94.02
CA GLU W 153 49.15 29.54 94.74
C GLU W 153 50.64 29.83 94.93
N GLU W 154 51.29 30.34 93.89
CA GLU W 154 52.69 30.74 94.02
C GLU W 154 52.85 31.87 95.03
N ILE W 155 51.87 32.77 95.09
CA ILE W 155 51.90 33.84 96.09
C ILE W 155 51.87 33.25 97.50
N LEU W 156 50.98 32.29 97.74
CA LEU W 156 50.93 31.66 99.07
C LEU W 156 52.21 30.91 99.38
N LYS W 157 52.80 30.22 98.40
CA LYS W 157 54.08 29.55 98.66
C LYS W 157 55.16 30.55 99.02
N ALA W 158 55.26 31.65 98.26
CA ALA W 158 56.26 32.67 98.55
C ALA W 158 55.99 33.39 99.86
N LYS W 159 54.74 33.39 100.33
CA LYS W 159 54.43 34.01 101.62
C LYS W 159 55.21 33.34 102.75
N LYS W 160 55.20 32.00 102.78
CA LYS W 160 56.00 31.30 103.77
C LYS W 160 57.48 31.26 103.37
N LYS W 161 57.78 31.27 102.07
CA LYS W 161 59.17 31.36 101.65
C LYS W 161 59.77 32.72 102.01
N GLY W 162 59.08 33.80 101.65
CA GLY W 162 59.53 35.14 102.02
C GLY W 162 60.40 35.82 100.99
N ASP W 163 60.04 35.72 99.71
CA ASP W 163 60.76 36.37 98.62
C ASP W 163 59.82 37.44 98.09
N GLU W 164 60.06 38.69 98.50
CA GLU W 164 59.12 39.78 98.20
C GLU W 164 59.12 40.10 96.71
N GLU W 165 60.26 40.02 96.05
CA GLU W 165 60.32 40.31 94.62
C GLU W 165 59.37 39.40 93.85
N LYS W 166 59.37 38.10 94.18
CA LYS W 166 58.50 37.16 93.50
C LYS W 166 57.03 37.47 93.76
N ILE W 167 56.68 37.87 94.99
CA ILE W 167 55.28 38.15 95.28
C ILE W 167 54.81 39.40 94.53
N LYS W 168 55.70 40.41 94.42
CA LYS W 168 55.35 41.58 93.62
C LYS W 168 55.16 41.21 92.16
N GLU W 169 56.05 40.35 91.62
CA GLU W 169 55.90 39.91 90.24
C GLU W 169 54.58 39.18 90.04
N LEU W 170 54.20 38.33 91.00
CA LEU W 170 52.95 37.58 90.88
C LEU W 170 51.74 38.50 90.96
N LEU W 171 51.81 39.54 91.82
CA LEU W 171 50.74 40.53 91.83
C LEU W 171 50.64 41.26 90.50
N GLN W 172 51.78 41.56 89.87
CA GLN W 172 51.75 42.16 88.54
C GLN W 172 51.07 41.23 87.54
N ARG W 173 51.40 39.94 87.57
CA ARG W 173 50.77 38.98 86.68
C ARG W 173 49.26 38.92 86.92
N LEU W 174 48.85 38.93 88.19
CA LEU W 174 47.43 38.86 88.52
C LEU W 174 46.68 40.11 88.08
N LYS W 175 47.31 41.28 88.20
CA LYS W 175 46.70 42.50 87.68
C LYS W 175 46.53 42.43 86.18
N ALA W 176 47.55 41.92 85.47
CA ALA W 176 47.41 41.74 84.03
C ALA W 176 46.28 40.79 83.70
N ALA W 177 46.15 39.71 84.45
CA ALA W 177 45.06 38.75 84.22
C ALA W 177 43.69 39.39 84.47
N LYS W 178 43.56 40.18 85.53
CA LYS W 178 42.30 40.85 85.81
C LYS W 178 41.93 41.80 84.68
N ILE W 179 42.92 42.56 84.19
CA ILE W 179 42.66 43.46 83.08
C ILE W 179 42.25 42.70 81.83
N GLY W 180 42.89 41.56 81.57
CA GLY W 180 42.67 40.87 80.31
C GLY W 180 41.41 40.03 80.27
N THR W 181 40.92 39.59 81.43
CA THR W 181 39.81 38.64 81.43
C THR W 181 38.55 39.17 80.75
N PRO W 182 38.05 40.37 81.05
CA PRO W 182 36.91 40.88 80.25
C PRO W 182 37.27 40.99 78.78
N LEU W 183 38.51 41.36 78.46
CA LEU W 183 38.92 41.51 77.08
C LEU W 183 38.87 40.19 76.33
N VAL W 184 39.36 39.11 76.94
CA VAL W 184 39.34 37.82 76.26
C VAL W 184 37.92 37.30 76.14
N ARG W 185 37.11 37.48 77.18
CA ARG W 185 35.70 37.11 77.08
C ARG W 185 35.04 37.83 75.90
N GLU W 186 35.26 39.14 75.79
CA GLU W 186 34.65 39.91 74.71
C GLU W 186 35.18 39.47 73.36
N VAL W 187 36.48 39.18 73.25
CA VAL W 187 37.05 38.77 71.97
C VAL W 187 36.41 37.47 71.51
N VAL W 188 36.30 36.49 72.41
CA VAL W 188 35.67 35.22 72.05
C VAL W 188 34.21 35.45 71.65
N GLU W 189 33.48 36.26 72.43
CA GLU W 189 32.07 36.50 72.15
C GLU W 189 31.90 37.13 70.76
N ARG W 190 32.70 38.14 70.44
CA ARG W 190 32.60 38.80 69.15
C ARG W 190 32.97 37.86 68.01
N TYR W 191 34.03 37.05 68.18
CA TYR W 191 34.41 36.14 67.12
C TYR W 191 33.35 35.05 66.91
N ARG W 192 32.59 34.71 67.95
CA ARG W 192 31.59 33.65 67.83
C ARG W 192 30.60 33.89 66.69
N GLU W 193 30.04 35.10 66.59
CA GLU W 193 29.02 35.35 65.59
C GLU W 193 29.25 36.60 64.75
N GLU W 194 29.94 37.62 65.29
CA GLU W 194 30.07 38.88 64.58
C GLU W 194 30.85 38.72 63.29
N GLY W 195 31.96 37.97 63.33
CA GLY W 195 32.67 37.57 62.13
C GLY W 195 33.90 38.35 61.75
N GLU W 196 34.48 39.06 62.70
CA GLU W 196 35.69 39.80 62.46
C GLU W 196 36.86 38.86 62.15
N PRO W 197 38.05 39.42 61.88
CA PRO W 197 39.21 38.57 61.65
C PRO W 197 39.95 38.35 62.94
N LEU W 198 39.89 37.15 63.47
CA LEU W 198 40.48 36.90 64.77
C LEU W 198 41.78 37.59 65.01
N LEU W 199 42.68 37.48 64.08
CA LEU W 199 44.01 38.03 64.37
C LEU W 199 43.95 39.51 64.75
N ASP W 200 43.08 40.26 64.08
CA ASP W 200 42.96 41.69 64.39
C ASP W 200 42.46 41.91 65.81
N LEU W 201 41.40 41.21 66.20
CA LEU W 201 40.90 41.32 67.56
C LEU W 201 41.92 40.82 68.58
N LEU W 202 42.65 39.75 68.26
CA LEU W 202 43.68 39.27 69.17
C LEU W 202 44.75 40.33 69.40
N LEU W 203 45.21 40.97 68.31
CA LEU W 203 46.23 42.00 68.43
C LEU W 203 45.72 43.19 69.22
N HIS W 204 44.48 43.62 68.95
CA HIS W 204 43.91 44.75 69.69
C HIS W 204 43.76 44.43 71.16
N MET W 205 43.30 43.22 71.48
CA MET W 205 43.17 42.83 72.88
C MET W 205 44.52 42.79 73.57
N ALA W 206 45.54 42.24 72.90
CA ALA W 206 46.87 42.18 73.50
C ALA W 206 47.42 43.59 73.75
N GLU W 207 47.28 44.47 72.76
CA GLU W 207 47.77 45.84 72.93
C GLU W 207 47.04 46.57 74.03
N THR W 208 45.71 46.40 74.10
CA THR W 208 44.94 47.03 75.16
C THR W 208 45.36 46.50 76.52
N THR W 209 45.61 45.20 76.63
CA THR W 209 46.08 44.62 77.88
C THR W 209 47.42 45.21 78.29
N ILE W 210 48.35 45.32 77.34
CA ILE W 210 49.67 45.88 77.66
C ILE W 210 49.54 47.33 78.10
N ARG W 211 48.76 48.12 77.37
CA ARG W 211 48.62 49.54 77.70
C ARG W 211 47.98 49.73 79.07
N GLU W 212 46.90 48.99 79.35
CA GLU W 212 46.24 49.14 80.64
C GLU W 212 47.11 48.62 81.77
N SER W 213 47.90 47.57 81.51
CA SER W 213 48.77 47.03 82.54
C SER W 213 49.91 47.99 82.86
N GLU W 214 50.48 48.64 81.84
CA GLU W 214 51.53 49.61 82.10
C GLU W 214 50.95 50.90 82.67
N LYS W 215 49.65 51.14 82.48
CA LYS W 215 49.00 52.25 83.16
C LYS W 215 48.90 52.02 84.67
N LEU W 216 49.07 50.78 85.13
CA LEU W 216 49.05 50.46 86.55
C LEU W 216 50.45 50.30 87.12
N GLY W 217 51.48 50.68 86.37
CA GLY W 217 52.86 50.61 86.81
C GLY W 217 53.56 49.31 86.50
N VAL W 218 52.88 48.37 85.84
CA VAL W 218 53.46 47.06 85.60
C VAL W 218 54.20 47.06 84.27
N ASP W 219 55.37 46.44 84.28
CA ASP W 219 56.18 46.34 83.08
C ASP W 219 55.44 45.85 81.89
N PRO W 220 55.98 46.09 80.72
CA PRO W 220 55.36 45.57 79.52
C PRO W 220 56.05 44.28 79.23
N ARG W 221 56.51 43.63 80.27
CA ARG W 221 57.09 42.31 80.06
C ARG W 221 56.17 41.21 80.53
N LEU W 222 56.18 40.90 81.81
CA LEU W 222 55.42 39.76 82.29
C LEU W 222 53.96 39.85 81.87
N ALA W 223 53.42 41.07 81.80
CA ALA W 223 52.09 41.25 81.24
C ALA W 223 52.04 40.80 79.79
N ALA W 224 53.16 40.96 79.07
CA ALA W 224 53.23 40.45 77.71
C ALA W 224 53.11 38.93 77.69
N GLU W 225 53.78 38.23 78.62
CA GLU W 225 53.66 36.78 78.66
C GLU W 225 52.27 36.35 79.08
N VAL W 226 51.62 37.11 79.97
CA VAL W 226 50.23 36.81 80.33
C VAL W 226 49.32 36.92 79.11
N ALA W 227 49.48 38.00 78.35
CA ALA W 227 48.72 38.17 77.12
C ALA W 227 49.04 37.07 76.12
N ARG W 228 50.29 36.60 76.10
CA ARG W 228 50.66 35.51 75.20
C ARG W 228 49.95 34.21 75.56
N GLU W 229 49.92 33.88 76.86
CA GLU W 229 49.18 32.70 77.30
C GLU W 229 47.70 32.82 76.97
N MET W 230 47.11 34.00 77.18
CA MET W 230 45.70 34.17 76.88
C MET W 230 45.43 34.11 75.37
N VAL W 231 46.37 34.60 74.56
CA VAL W 231 46.24 34.48 73.12
C VAL W 231 46.28 33.01 72.69
N ASP W 232 47.18 32.24 73.31
CA ASP W 232 47.23 30.81 73.04
C ASP W 232 45.90 30.14 73.41
N GLY W 233 45.34 30.52 74.55
CA GLY W 233 44.05 29.99 74.95
C GLY W 233 42.94 30.34 73.98
N VAL W 234 42.94 31.58 73.48
CA VAL W 234 41.95 32.01 72.50
C VAL W 234 42.10 31.19 71.23
N GLY W 235 43.34 30.98 70.79
CA GLY W 235 43.56 30.17 69.60
C GLY W 235 43.07 28.74 69.77
N HIS W 236 43.30 28.16 70.95
CA HIS W 236 42.81 26.80 71.21
C HIS W 236 41.29 26.75 71.22
N GLU W 237 40.65 27.72 71.88
CA GLU W 237 39.20 27.69 71.99
C GLU W 237 38.53 27.94 70.64
N THR W 238 39.03 28.91 69.87
CA THR W 238 38.40 29.30 68.63
C THR W 238 38.61 28.27 67.51
N GLY W 239 39.51 27.32 67.69
CA GLY W 239 39.79 26.34 66.66
C GLY W 239 40.69 26.83 65.54
N GLU W 240 41.36 27.97 65.73
CA GLU W 240 42.26 28.52 64.73
C GLU W 240 43.52 28.98 65.45
N THR W 241 44.63 28.27 65.23
CA THR W 241 45.88 28.57 65.92
C THR W 241 46.90 29.31 65.07
N GLU W 242 46.71 29.35 63.74
CA GLU W 242 47.64 30.08 62.89
C GLU W 242 47.63 31.58 63.19
N ALA W 243 46.43 32.15 63.36
CA ALA W 243 46.34 33.55 63.76
C ALA W 243 46.92 33.75 65.15
N ALA W 244 46.66 32.81 66.06
CA ALA W 244 47.28 32.87 67.38
C ALA W 244 48.79 32.77 67.27
N PHE W 245 49.29 31.93 66.36
CA PHE W 245 50.72 31.84 66.14
C PHE W 245 51.30 33.16 65.65
N ARG W 246 50.61 33.82 64.71
CA ARG W 246 51.11 35.09 64.19
C ARG W 246 51.12 36.16 65.27
N VAL W 247 50.05 36.25 66.07
CA VAL W 247 50.02 37.23 67.15
C VAL W 247 51.09 36.91 68.19
N ARG W 248 51.35 35.62 68.42
CA ARG W 248 52.43 35.22 69.31
C ARG W 248 53.77 35.72 68.80
N ARG W 249 54.00 35.59 67.49
CA ARG W 249 55.25 36.08 66.90
C ARG W 249 55.39 37.59 67.03
N GLU W 250 54.30 38.33 66.78
CA GLU W 250 54.38 39.78 66.92
C GLU W 250 54.62 40.19 68.36
N LEU W 251 54.01 39.50 69.32
CA LEU W 251 54.26 39.80 70.72
C LEU W 251 55.69 39.46 71.12
N ASP W 252 56.23 38.38 70.57
CA ASP W 252 57.63 38.03 70.81
C ASP W 252 58.56 39.10 70.23
N THR W 253 58.20 39.67 69.09
CA THR W 253 58.97 40.81 68.57
C THR W 253 58.81 42.03 69.46
N VAL W 254 57.61 42.23 70.03
CA VAL W 254 57.36 43.40 70.86
C VAL W 254 58.20 43.35 72.13
N ILE W 255 58.30 42.18 72.77
CA ILE W 255 59.03 42.12 74.03
C ILE W 255 60.52 42.42 73.83
N LEU W 256 61.01 42.26 72.60
CA LEU W 256 62.40 42.59 72.28
C LEU W 256 62.64 44.08 72.40
N THR X 25 64.00 -6.19 56.18
CA THR X 25 65.05 -7.05 56.72
C THR X 25 66.29 -7.02 55.85
N GLU X 26 66.32 -6.08 54.90
CA GLU X 26 67.45 -5.98 53.99
C GLU X 26 68.74 -5.63 54.74
N LYS X 27 68.65 -4.75 55.73
CA LYS X 27 69.83 -4.42 56.53
C LYS X 27 70.36 -5.65 57.24
N LEU X 28 69.47 -6.48 57.80
CA LEU X 28 69.92 -7.68 58.49
C LEU X 28 70.57 -8.67 57.54
N LYS X 29 69.99 -8.83 56.34
CA LYS X 29 70.59 -9.71 55.35
C LYS X 29 71.97 -9.24 54.94
N LYS X 30 72.12 -7.92 54.72
CA LYS X 30 73.43 -7.39 54.37
C LYS X 30 74.42 -7.56 55.50
N ILE X 31 73.97 -7.38 56.75
CA ILE X 31 74.86 -7.57 57.89
C ILE X 31 75.35 -9.01 57.96
N THR X 32 74.43 -9.96 57.76
CA THR X 32 74.82 -11.37 57.76
C THR X 32 75.80 -11.67 56.63
N LYS X 33 75.53 -11.13 55.43
CA LYS X 33 76.42 -11.37 54.30
C LYS X 33 77.81 -10.82 54.58
N LEU X 34 77.90 -9.59 55.08
CA LEU X 34 79.19 -8.98 55.34
C LEU X 34 79.93 -9.70 56.46
N LEU X 35 79.21 -10.18 57.47
CA LEU X 35 79.87 -10.97 58.51
C LEU X 35 80.40 -12.28 57.96
N HIS X 36 79.74 -12.90 57.02
CA HIS X 36 80.28 -14.09 56.46
C HIS X 36 81.54 -13.64 55.81
N GLU X 37 81.43 -12.73 54.86
CA GLU X 37 82.64 -12.38 54.11
C GLU X 37 83.81 -12.11 55.04
N LEU X 38 83.58 -11.39 56.13
CA LEU X 38 84.65 -11.10 57.08
C LEU X 38 85.21 -12.37 57.70
N VAL X 39 84.33 -13.29 58.09
CA VAL X 39 84.81 -14.52 58.74
C VAL X 39 85.49 -15.44 57.72
N ASP X 40 85.12 -15.32 56.43
CA ASP X 40 85.77 -16.13 55.41
C ASP X 40 87.26 -15.82 55.34
N ARG X 41 87.62 -14.54 55.29
CA ARG X 41 89.02 -14.11 55.22
C ARG X 41 89.47 -13.67 56.62
N GLY X 42 89.72 -14.66 57.48
CA GLY X 42 90.22 -14.37 58.82
C GLY X 42 89.27 -13.47 59.59
N GLU X 43 89.86 -12.46 60.23
CA GLU X 43 89.12 -11.39 60.91
C GLU X 43 88.26 -12.01 62.01
N ILE X 44 86.94 -11.82 62.02
CA ILE X 44 86.07 -12.26 63.10
C ILE X 44 86.00 -13.78 63.13
N PRO X 45 85.71 -14.38 64.29
CA PRO X 45 85.55 -15.84 64.34
C PRO X 45 84.21 -16.31 63.79
N GLU X 46 84.01 -17.62 63.74
CA GLU X 46 82.83 -18.20 63.09
C GLU X 46 81.56 -18.06 63.92
N GLU X 47 81.69 -17.99 65.25
CA GLU X 47 80.50 -17.98 66.11
C GLU X 47 79.60 -16.80 65.79
N LEU X 48 80.19 -15.64 65.50
CA LEU X 48 79.39 -14.46 65.21
C LEU X 48 78.60 -14.65 63.92
N ALA X 49 79.22 -15.25 62.89
CA ALA X 49 78.51 -15.50 61.64
C ALA X 49 77.40 -16.52 61.82
N THR X 50 77.66 -17.57 62.61
CA THR X 50 76.61 -18.56 62.87
C THR X 50 75.44 -17.94 63.60
N LEU X 51 75.72 -17.10 64.61
CA LEU X 51 74.64 -16.40 65.30
C LEU X 51 73.88 -15.49 64.35
N ALA X 52 74.60 -14.80 63.46
CA ALA X 52 73.94 -13.96 62.49
C ALA X 52 72.98 -14.75 61.62
N THR X 53 73.41 -15.94 61.17
CA THR X 53 72.54 -16.78 60.35
C THR X 53 71.31 -17.23 61.11
N LEU X 54 71.50 -17.73 62.33
CA LEU X 54 70.36 -18.22 63.11
C LEU X 54 69.38 -17.10 63.41
N LEU X 55 69.87 -15.94 63.81
CA LEU X 55 68.99 -14.81 64.10
C LEU X 55 68.33 -14.27 62.84
N LEU X 56 69.02 -14.32 61.70
CA LEU X 56 68.41 -13.91 60.45
C LEU X 56 67.28 -14.85 60.02
N TYR X 57 67.38 -16.13 60.39
CA TYR X 57 66.27 -17.03 60.17
C TYR X 57 65.12 -16.71 61.14
N LEU X 58 65.44 -16.55 62.42
CA LEU X 58 64.42 -16.34 63.43
C LEU X 58 63.62 -15.07 63.15
N VAL X 59 64.31 -13.95 62.95
CA VAL X 59 63.70 -12.78 62.34
C VAL X 59 63.32 -13.19 60.93
N GLU X 60 62.18 -12.70 60.44
CA GLU X 60 61.65 -13.04 59.12
C GLU X 60 61.08 -14.46 59.15
N LYS X 61 61.34 -15.20 60.24
CA LYS X 61 60.40 -16.26 60.61
C LYS X 61 59.31 -15.70 61.52
N GLY X 62 59.54 -14.53 62.11
CA GLY X 62 58.55 -13.89 62.93
C GLY X 62 58.57 -14.36 64.37
N LEU X 63 59.76 -14.59 64.92
CA LEU X 63 59.89 -15.10 66.27
C LEU X 63 60.70 -14.21 67.19
N ILE X 64 61.45 -13.24 66.67
CA ILE X 64 62.13 -12.24 67.49
C ILE X 64 62.11 -10.92 66.75
N SER X 65 62.60 -9.86 67.40
CA SER X 65 62.63 -8.53 66.80
C SER X 65 64.08 -8.15 66.47
N GLU X 66 64.21 -7.11 65.64
CA GLU X 66 65.54 -6.64 65.26
C GLU X 66 66.35 -6.20 66.46
N PHE X 67 65.68 -5.72 67.52
CA PHE X 67 66.40 -5.32 68.72
C PHE X 67 67.13 -6.49 69.34
N ASP X 68 66.48 -7.66 69.41
CA ASP X 68 67.15 -8.84 69.95
C ASP X 68 68.31 -9.26 69.07
N PHE X 69 68.14 -9.19 67.75
CA PHE X 69 69.23 -9.50 66.82
C PHE X 69 70.44 -8.64 67.10
N ILE X 70 70.26 -7.32 67.13
CA ILE X 70 71.38 -6.42 67.33
C ILE X 70 71.97 -6.58 68.72
N GLU X 71 71.12 -6.81 69.73
CA GLU X 71 71.62 -6.94 71.09
C GLU X 71 72.49 -8.18 71.23
N HIS X 72 72.05 -9.31 70.65
CA HIS X 72 72.85 -10.53 70.69
C HIS X 72 74.17 -10.34 69.93
N LEU X 73 74.10 -9.69 68.76
CA LEU X 73 75.32 -9.46 68.00
C LEU X 73 76.32 -8.63 68.80
N VAL X 74 75.84 -7.56 69.44
CA VAL X 74 76.72 -6.69 70.21
C VAL X 74 77.27 -7.42 71.43
N ARG X 75 76.44 -8.23 72.08
CA ARG X 75 76.92 -8.99 73.24
C ARG X 75 78.03 -9.95 72.84
N LEU X 76 77.86 -10.68 71.73
CA LEU X 76 78.91 -11.57 71.28
C LEU X 76 80.16 -10.80 70.87
N ALA X 77 79.99 -9.66 70.20
CA ALA X 77 81.15 -8.86 69.80
C ALA X 77 81.92 -8.37 71.02
N GLU X 78 81.21 -7.94 72.07
CA GLU X 78 81.88 -7.53 73.29
C GLU X 78 82.57 -8.71 73.96
N LYS X 79 81.94 -9.89 73.94
CA LYS X 79 82.55 -11.07 74.53
C LYS X 79 83.85 -11.45 73.82
N LEU X 80 83.86 -11.37 72.49
CA LEU X 80 85.03 -11.75 71.70
C LEU X 80 85.97 -10.58 71.43
N GLY X 81 85.60 -9.37 71.84
CA GLY X 81 86.45 -8.20 71.61
C GLY X 81 86.67 -7.90 70.14
N VAL X 82 85.60 -7.93 69.35
CA VAL X 82 85.68 -7.71 67.92
C VAL X 82 84.68 -6.62 67.54
N LEU X 83 84.33 -5.78 68.52
CA LEU X 83 83.26 -4.80 68.33
C LEU X 83 83.58 -3.80 67.22
N GLU X 84 84.86 -3.53 66.96
CA GLU X 84 85.22 -2.58 65.92
C GLU X 84 84.81 -3.09 64.54
N GLU X 85 84.99 -4.39 64.28
CA GLU X 85 84.57 -4.95 63.01
C GLU X 85 83.05 -4.89 62.85
N LEU X 86 82.31 -5.15 63.92
CA LEU X 86 80.86 -5.00 63.87
C LEU X 86 80.46 -3.56 63.59
N LYS X 87 81.18 -2.60 64.19
CA LYS X 87 80.92 -1.19 63.92
C LYS X 87 81.15 -0.88 62.44
N LYS X 88 82.25 -1.39 61.88
CA LYS X 88 82.53 -1.17 60.46
C LYS X 88 81.43 -1.77 59.58
N VAL X 89 80.97 -2.97 59.92
CA VAL X 89 79.90 -3.61 59.16
C VAL X 89 78.63 -2.76 59.21
N LEU X 90 78.30 -2.25 60.39
CA LEU X 90 77.08 -1.45 60.54
C LEU X 90 77.19 -0.12 59.81
N GLU X 91 78.40 0.45 59.71
CA GLU X 91 78.57 1.63 58.88
C GLU X 91 78.45 1.30 57.41
N GLU X 92 79.03 0.17 56.97
CA GLU X 92 78.96 -0.21 55.57
C GLU X 92 77.52 -0.44 55.12
N VAL X 93 76.72 -1.15 55.93
CA VAL X 93 75.34 -1.39 55.55
C VAL X 93 74.55 -0.09 55.57
N GLY X 94 74.94 0.86 56.42
CA GLY X 94 74.27 2.13 56.50
C GLY X 94 73.07 2.12 57.43
N ASP X 95 73.29 1.67 58.68
CA ASP X 95 72.24 1.58 59.68
C ASP X 95 72.55 2.53 60.82
N GLU X 96 71.59 3.36 61.18
CA GLU X 96 71.76 4.29 62.28
C GLU X 96 71.23 3.73 63.60
N PHE X 97 70.13 2.97 63.56
CA PHE X 97 69.58 2.40 64.78
C PHE X 97 70.55 1.42 65.42
N GLY X 98 71.08 0.49 64.63
CA GLY X 98 72.03 -0.47 65.16
C GLY X 98 73.30 0.18 65.67
N LEU X 99 73.80 1.18 64.93
CA LEU X 99 75.01 1.87 65.35
C LEU X 99 74.79 2.60 66.67
N THR X 100 73.64 3.27 66.81
CA THR X 100 73.32 3.94 68.06
C THR X 100 73.21 2.93 69.20
N LEU X 101 72.63 1.76 68.93
CA LEU X 101 72.56 0.73 69.96
C LEU X 101 73.95 0.26 70.37
N VAL X 102 74.86 0.12 69.40
CA VAL X 102 76.22 -0.28 69.70
C VAL X 102 76.89 0.74 70.61
N TYR X 103 76.74 2.03 70.26
CA TYR X 103 77.32 3.07 71.09
C TYR X 103 76.70 3.05 72.49
N ALA X 104 75.39 2.84 72.58
CA ALA X 104 74.73 2.80 73.89
C ALA X 104 75.27 1.67 74.75
N ILE X 105 75.43 0.48 74.15
CA ILE X 105 75.94 -0.67 74.92
C ILE X 105 77.37 -0.43 75.37
N SER X 106 78.22 0.07 74.46
CA SER X 106 79.61 0.33 74.82
C SER X 106 79.71 1.39 75.91
N LEU X 107 78.90 2.44 75.80
CA LEU X 107 78.91 3.50 76.80
C LEU X 107 78.40 2.99 78.15
N LEU X 108 77.38 2.13 78.13
CA LEU X 108 76.90 1.53 79.37
C LEU X 108 77.99 0.67 80.02
N LYS X 109 78.72 -0.11 79.22
CA LYS X 109 79.80 -0.92 79.78
C LYS X 109 80.88 -0.04 80.38
N GLU X 110 81.26 1.02 79.68
CA GLU X 110 82.29 1.93 80.19
C GLU X 110 81.84 2.61 81.48
N VAL X 111 80.57 3.03 81.54
CA VAL X 111 80.06 3.67 82.75
C VAL X 111 79.98 2.68 83.90
N GLU X 112 79.61 1.43 83.61
CA GLU X 112 79.63 0.38 84.64
C GLU X 112 81.04 0.19 85.17
N LYS X 113 82.04 0.26 84.29
CA LYS X 113 83.42 0.27 84.76
C LYS X 113 83.68 1.48 85.65
N GLU X 114 83.17 2.64 85.26
CA GLU X 114 83.33 3.84 86.08
C GLU X 114 82.50 3.75 87.36
N GLY X 115 81.22 3.42 87.23
CA GLY X 115 80.36 3.27 88.38
C GLY X 115 79.62 4.51 88.83
N ASP X 116 79.15 5.35 87.91
CA ASP X 116 78.45 6.57 88.28
C ASP X 116 76.96 6.41 88.00
N GLU X 117 76.13 6.75 88.98
CA GLU X 117 74.71 6.37 88.93
C GLU X 117 73.90 7.21 87.95
N GLU X 118 74.15 8.52 87.89
CA GLU X 118 73.32 9.37 87.04
C GLU X 118 73.47 9.01 85.56
N LEU X 119 74.71 8.75 85.12
CA LEU X 119 74.89 8.25 83.77
C LEU X 119 74.31 6.85 83.59
N LYS X 120 74.27 6.05 84.65
CA LYS X 120 73.55 4.77 84.57
C LYS X 120 72.10 5.00 84.19
N GLU X 121 71.42 5.89 84.91
CA GLU X 121 70.02 6.17 84.60
C GLU X 121 69.88 6.76 83.21
N TYR X 122 70.80 7.64 82.83
CA TYR X 122 70.74 8.28 81.52
C TYR X 122 70.82 7.23 80.40
N VAL X 123 71.79 6.31 80.49
CA VAL X 123 71.98 5.33 79.45
C VAL X 123 70.86 4.30 79.46
N LYS X 124 70.31 3.97 80.64
CA LYS X 124 69.17 3.06 80.66
C LYS X 124 67.96 3.67 79.98
N LEU X 125 67.70 4.96 80.23
CA LEU X 125 66.61 5.63 79.52
C LEU X 125 66.89 5.68 78.03
N ALA X 126 68.14 5.92 77.64
CA ALA X 126 68.50 5.93 76.23
C ALA X 126 68.24 4.58 75.59
N ILE X 127 68.60 3.49 76.27
CA ILE X 127 68.42 2.15 75.73
C ILE X 127 66.93 1.82 75.61
N GLU X 128 66.14 2.19 76.62
CA GLU X 128 64.70 1.95 76.54
C GLU X 128 64.08 2.71 75.38
N THR X 129 64.47 3.97 75.19
CA THR X 129 63.97 4.73 74.05
C THR X 129 64.42 4.13 72.73
N LEU X 130 65.66 3.62 72.69
CA LEU X 130 66.15 2.95 71.49
C LEU X 130 65.32 1.72 71.17
N LYS X 131 64.97 0.94 72.19
CA LYS X 131 64.11 -0.23 71.97
C LYS X 131 62.74 0.19 71.45
N GLU X 132 62.16 1.23 72.05
CA GLU X 132 60.85 1.69 71.60
C GLU X 132 60.91 2.17 70.15
N ALA X 133 62.00 2.85 69.77
CA ALA X 133 62.17 3.26 68.38
C ALA X 133 62.32 2.05 67.47
N PHE X 134 63.17 1.09 67.86
CA PHE X 134 63.37 -0.12 67.08
C PHE X 134 62.06 -0.87 66.84
N GLU X 135 61.11 -0.76 67.78
CA GLU X 135 59.83 -1.43 67.62
C GLU X 135 59.17 -1.04 66.30
N ARG X 136 59.26 0.23 65.91
CA ARG X 136 58.61 0.68 64.68
C ARG X 136 59.46 1.65 63.86
N LYS X 137 60.75 1.79 64.16
CA LYS X 137 61.64 2.73 63.47
C LYS X 137 61.09 4.16 63.57
N ASN X 138 60.92 4.61 64.81
CA ASN X 138 60.42 5.95 65.09
C ASN X 138 61.61 6.87 65.26
N TYR X 139 61.74 7.85 64.36
CA TYR X 139 62.98 8.60 64.25
C TYR X 139 63.18 9.56 65.42
N ALA X 140 62.08 10.01 66.04
CA ALA X 140 62.18 11.02 67.09
C ALA X 140 62.85 10.48 68.35
N LEU X 141 62.42 9.30 68.81
CA LEU X 141 63.09 8.68 69.94
C LEU X 141 64.53 8.32 69.60
N LEU X 142 64.80 8.03 68.32
CA LEU X 142 66.19 7.85 67.90
C LEU X 142 66.99 9.12 68.10
N VAL X 143 66.42 10.28 67.75
CA VAL X 143 67.10 11.55 67.97
C VAL X 143 67.34 11.77 69.46
N SER X 144 66.35 11.49 70.29
CA SER X 144 66.49 11.68 71.73
C SER X 144 67.60 10.80 72.29
N ALA X 145 67.62 9.51 71.90
CA ALA X 145 68.65 8.60 72.38
C ALA X 145 70.02 9.01 71.86
N LYS X 146 70.10 9.47 70.62
CA LYS X 146 71.37 9.94 70.07
C LYS X 146 71.90 11.11 70.89
N ILE X 147 71.02 12.06 71.21
CA ILE X 147 71.42 13.20 72.03
C ILE X 147 71.95 12.73 73.37
N ILE X 148 71.22 11.83 74.02
CA ILE X 148 71.63 11.36 75.35
C ILE X 148 73.00 10.69 75.27
N VAL X 149 73.19 9.81 74.29
CA VAL X 149 74.43 9.04 74.23
C VAL X 149 75.61 9.93 73.87
N GLU X 150 75.42 10.91 72.97
CA GLU X 150 76.56 11.75 72.60
C GLU X 150 76.93 12.68 73.75
N ASN X 151 75.93 13.22 74.47
CA ASN X 151 76.27 14.04 75.63
C ASN X 151 76.95 13.22 76.72
N ALA X 152 76.51 11.98 76.92
CA ALA X 152 77.18 11.12 77.89
C ALA X 152 78.62 10.83 77.47
N GLU X 153 78.83 10.55 76.18
CA GLU X 153 80.19 10.30 75.70
C GLU X 153 81.07 11.53 75.92
N GLU X 154 80.55 12.72 75.63
CA GLU X 154 81.30 13.94 75.89
C GLU X 154 81.57 14.10 77.39
N ILE X 155 80.64 13.67 78.24
CA ILE X 155 80.87 13.71 79.68
C ILE X 155 82.05 12.83 80.05
N LEU X 156 82.10 11.61 79.52
CA LEU X 156 83.23 10.73 79.82
C LEU X 156 84.55 11.30 79.29
N LYS X 157 84.54 11.90 78.10
CA LYS X 157 85.77 12.53 77.60
C LYS X 157 86.22 13.66 78.52
N ALA X 158 85.29 14.52 78.93
CA ALA X 158 85.63 15.62 79.81
C ALA X 158 86.04 15.14 81.20
N LYS X 159 85.61 13.94 81.60
CA LYS X 159 86.01 13.40 82.89
C LYS X 159 87.53 13.24 82.96
N LYS X 160 88.13 12.64 81.92
CA LYS X 160 89.59 12.57 81.88
C LYS X 160 90.21 13.89 81.47
N LYS X 161 89.52 14.71 80.68
CA LYS X 161 90.04 16.05 80.36
C LYS X 161 90.05 16.93 81.61
N GLY X 162 88.92 17.00 82.32
CA GLY X 162 88.85 17.74 83.55
C GLY X 162 88.37 19.17 83.41
N ASP X 163 87.34 19.40 82.59
CA ASP X 163 86.76 20.72 82.39
C ASP X 163 85.37 20.67 83.01
N GLU X 164 85.24 21.19 84.23
CA GLU X 164 84.01 21.04 84.99
C GLU X 164 82.85 21.82 84.37
N GLU X 165 83.14 22.99 83.79
CA GLU X 165 82.08 23.78 83.16
C GLU X 165 81.39 22.98 82.07
N LYS X 166 82.19 22.28 81.24
CA LYS X 166 81.61 21.50 80.16
C LYS X 166 80.77 20.33 80.69
N ILE X 167 81.22 19.69 81.78
CA ILE X 167 80.45 18.57 82.31
C ILE X 167 79.13 19.06 82.90
N LYS X 168 79.15 20.23 83.55
CA LYS X 168 77.88 20.79 84.03
C LYS X 168 76.95 21.13 82.88
N GLU X 169 77.50 21.70 81.80
CA GLU X 169 76.68 22.00 80.64
C GLU X 169 76.07 20.73 80.05
N LEU X 170 76.85 19.65 79.98
CA LEU X 170 76.35 18.41 79.43
C LEU X 170 75.29 17.78 80.33
N LEU X 171 75.45 17.89 81.65
CA LEU X 171 74.39 17.46 82.55
C LEU X 171 73.12 18.27 82.35
N GLN X 172 73.25 19.58 82.11
CA GLN X 172 72.07 20.38 81.78
C GLN X 172 71.39 19.88 80.52
N ARG X 173 72.18 19.59 79.48
CA ARG X 173 71.61 19.07 78.23
C ARG X 173 70.91 17.74 78.47
N LEU X 174 71.51 16.87 79.28
CA LEU X 174 70.91 15.56 79.55
C LEU X 174 69.62 15.70 80.35
N LYS X 175 69.57 16.63 81.30
CA LYS X 175 68.32 16.88 82.02
C LYS X 175 67.24 17.37 81.07
N ALA X 176 67.59 18.27 80.15
CA ALA X 176 66.64 18.72 79.16
C ALA X 176 66.13 17.56 78.31
N ALA X 177 67.04 16.67 77.91
CA ALA X 177 66.65 15.51 77.11
C ALA X 177 65.72 14.58 77.89
N LYS X 178 66.02 14.34 79.17
CA LYS X 178 65.15 13.50 79.99
C LYS X 178 63.76 14.11 80.10
N ILE X 179 63.68 15.42 80.32
CA ILE X 179 62.38 16.09 80.40
C ILE X 179 61.64 15.97 79.07
N GLY X 180 62.35 16.11 77.96
CA GLY X 180 61.67 16.20 76.67
C GLY X 180 61.25 14.87 76.11
N THR X 181 61.94 13.78 76.49
CA THR X 181 61.69 12.49 75.84
C THR X 181 60.24 12.02 75.97
N PRO X 182 59.61 11.99 77.15
CA PRO X 182 58.18 11.65 77.18
C PRO X 182 57.35 12.62 76.36
N LEU X 183 57.73 13.90 76.35
CA LEU X 183 56.97 14.89 75.59
C LEU X 183 57.01 14.62 74.09
N VAL X 184 58.19 14.29 73.56
CA VAL X 184 58.29 14.03 72.13
C VAL X 184 57.58 12.73 71.77
N ARG X 185 57.71 11.70 72.62
CA ARG X 185 56.97 10.48 72.39
C ARG X 185 55.46 10.76 72.32
N GLU X 186 54.96 11.54 73.28
CA GLU X 186 53.54 11.85 73.30
C GLU X 186 53.12 12.67 72.09
N VAL X 187 53.95 13.64 71.68
CA VAL X 187 53.61 14.48 70.53
C VAL X 187 53.49 13.62 69.27
N VAL X 188 54.46 12.72 69.06
CA VAL X 188 54.39 11.85 67.88
C VAL X 188 53.16 10.95 67.96
N GLU X 189 52.89 10.38 69.14
CA GLU X 189 51.75 9.48 69.28
C GLU X 189 50.44 10.21 68.98
N ARG X 190 50.27 11.42 69.52
CA ARG X 190 49.04 12.17 69.28
C ARG X 190 48.91 12.57 67.81
N TYR X 191 50.01 13.00 67.18
CA TYR X 191 49.92 13.37 65.78
C TYR X 191 49.63 12.17 64.89
N ARG X 192 50.02 10.97 65.30
CA ARG X 192 49.80 9.78 64.48
C ARG X 192 48.34 9.60 64.08
N GLU X 193 47.42 9.70 65.03
CA GLU X 193 46.01 9.42 64.73
C GLU X 193 45.06 10.50 65.21
N GLU X 194 45.37 11.23 66.27
CA GLU X 194 44.42 12.18 66.84
C GLU X 194 44.09 13.32 65.86
N GLY X 195 45.11 13.85 65.19
CA GLY X 195 44.90 14.76 64.09
C GLY X 195 45.05 16.25 64.36
N GLU X 196 45.73 16.59 65.44
CA GLU X 196 45.97 17.98 65.74
C GLU X 196 46.91 18.66 64.73
N PRO X 197 47.23 19.95 64.92
CA PRO X 197 48.15 20.62 64.01
C PRO X 197 49.56 20.55 64.51
N LEU X 198 50.38 19.73 63.87
CA LEU X 198 51.73 19.51 64.36
C LEU X 198 52.39 20.74 64.92
N LEU X 199 52.25 21.86 64.25
CA LEU X 199 53.00 23.01 64.74
C LEU X 199 52.58 23.41 66.15
N ASP X 200 51.27 23.33 66.43
CA ASP X 200 50.78 23.71 67.76
C ASP X 200 51.35 22.79 68.83
N LEU X 201 51.28 21.47 68.60
CA LEU X 201 51.85 20.53 69.56
C LEU X 201 53.35 20.69 69.68
N LEU X 202 54.05 20.96 68.56
CA LEU X 202 55.49 21.19 68.63
C LEU X 202 55.81 22.38 69.51
N LEU X 203 55.08 23.49 69.33
CA LEU X 203 55.33 24.68 70.12
C LEU X 203 55.02 24.43 71.60
N HIS X 204 53.91 23.75 71.88
CA HIS X 204 53.57 23.45 73.28
C HIS X 204 54.62 22.55 73.92
N MET X 205 55.09 21.54 73.20
CA MET X 205 56.12 20.66 73.73
C MET X 205 57.42 21.41 73.99
N ALA X 206 57.81 22.29 73.06
CA ALA X 206 59.04 23.06 73.25
C ALA X 206 58.92 23.98 74.47
N GLU X 207 57.78 24.67 74.60
CA GLU X 207 57.59 25.57 75.72
C GLU X 207 57.57 24.81 77.04
N THR X 208 56.89 23.65 77.07
CA THR X 208 56.88 22.84 78.28
C THR X 208 58.28 22.37 78.64
N THR X 209 59.06 21.96 77.64
CA THR X 209 60.44 21.54 77.89
C THR X 209 61.26 22.69 78.47
N ILE X 210 61.12 23.89 77.91
CA ILE X 210 61.88 25.03 78.42
C ILE X 210 61.48 25.35 79.85
N ARG X 211 60.17 25.38 80.12
CA ARG X 211 59.69 25.71 81.46
C ARG X 211 60.14 24.70 82.49
N GLU X 212 60.01 23.41 82.17
CA GLU X 212 60.42 22.37 83.12
C GLU X 212 61.93 22.36 83.30
N SER X 213 62.68 22.65 82.24
CA SER X 213 64.13 22.68 82.34
C SER X 213 64.60 23.84 83.20
N GLU X 214 63.98 25.02 83.04
CA GLU X 214 64.36 26.15 83.87
C GLU X 214 63.84 25.99 85.30
N LYS X 215 62.83 25.13 85.49
CA LYS X 215 62.40 24.78 86.85
C LYS X 215 63.46 23.95 87.58
N LEU X 216 64.41 23.37 86.85
CA LEU X 216 65.49 22.59 87.44
C LEU X 216 66.79 23.39 87.53
N GLY X 217 66.73 24.71 87.29
CA GLY X 217 67.88 25.57 87.37
C GLY X 217 68.66 25.72 86.08
N VAL X 218 68.21 25.07 85.00
CA VAL X 218 68.98 25.09 83.75
C VAL X 218 68.52 26.26 82.91
N ASP X 219 69.50 26.91 82.29
CA ASP X 219 69.22 28.03 81.41
C ASP X 219 68.18 27.74 80.39
N PRO X 220 67.64 28.79 79.79
CA PRO X 220 66.69 28.57 78.73
C PRO X 220 67.45 28.70 77.46
N ARG X 221 68.74 28.40 77.53
CA ARG X 221 69.52 28.40 76.32
C ARG X 221 69.76 27.00 75.80
N LEU X 222 70.75 26.31 76.34
CA LEU X 222 71.11 25.01 75.79
C LEU X 222 69.91 24.08 75.75
N ALA X 223 69.01 24.19 76.73
CA ALA X 223 67.76 23.45 76.66
C ALA X 223 66.96 23.86 75.44
N ALA X 224 67.07 25.12 75.03
CA ALA X 224 66.43 25.56 73.80
C ALA X 224 67.00 24.83 72.59
N GLU X 225 68.33 24.66 72.54
CA GLU X 225 68.92 23.95 71.41
C GLU X 225 68.56 22.46 71.45
N VAL X 226 68.43 21.88 72.65
CA VAL X 226 67.98 20.50 72.75
C VAL X 226 66.57 20.36 72.20
N ALA X 227 65.69 21.27 72.59
CA ALA X 227 64.33 21.27 72.05
C ALA X 227 64.32 21.49 70.55
N ARG X 228 65.27 22.29 70.05
CA ARG X 228 65.36 22.53 68.61
C ARG X 228 65.74 21.26 67.87
N GLU X 229 66.74 20.53 68.38
CA GLU X 229 67.11 19.25 67.77
C GLU X 229 65.94 18.27 67.79
N MET X 230 65.22 18.21 68.92
CA MET X 230 64.10 17.28 69.01
C MET X 230 62.95 17.70 68.08
N VAL X 231 62.76 19.01 67.90
CA VAL X 231 61.76 19.48 66.95
C VAL X 231 62.14 19.09 65.53
N ASP X 232 63.43 19.20 65.20
CA ASP X 232 63.90 18.76 63.89
C ASP X 232 63.64 17.27 63.71
N GLY X 233 63.92 16.48 64.75
CA GLY X 233 63.64 15.05 64.68
C GLY X 233 62.16 14.74 64.48
N VAL X 234 61.29 15.47 65.17
CA VAL X 234 59.86 15.30 65.01
C VAL X 234 59.44 15.63 63.58
N GLY X 235 59.98 16.72 63.04
CA GLY X 235 59.67 17.07 61.67
C GLY X 235 60.12 16.00 60.68
N HIS X 236 61.30 15.43 60.90
CA HIS X 236 61.77 14.36 60.03
C HIS X 236 60.89 13.12 60.13
N GLU X 237 60.52 12.74 61.35
CA GLU X 237 59.74 11.52 61.53
C GLU X 237 58.33 11.68 60.98
N THR X 238 57.70 12.81 61.25
CA THR X 238 56.31 13.03 60.86
C THR X 238 56.13 13.25 59.37
N GLY X 239 57.21 13.49 58.63
CA GLY X 239 57.11 13.74 57.21
C GLY X 239 56.69 15.14 56.84
N GLU X 240 56.72 16.07 57.80
CA GLU X 240 56.34 17.46 57.55
C GLU X 240 57.37 18.35 58.23
N THR X 241 58.20 19.02 57.44
CA THR X 241 59.28 19.85 57.97
C THR X 241 58.99 21.34 57.96
N GLU X 242 57.97 21.79 57.22
CA GLU X 242 57.65 23.21 57.19
C GLU X 242 57.18 23.69 58.57
N ALA X 243 56.34 22.91 59.23
CA ALA X 243 55.93 23.24 60.60
C ALA X 243 57.13 23.20 61.54
N ALA X 244 57.99 22.19 61.36
CA ALA X 244 59.23 22.13 62.15
C ALA X 244 60.10 23.35 61.86
N PHE X 245 60.16 23.78 60.59
CA PHE X 245 60.91 24.98 60.25
C PHE X 245 60.35 26.21 60.96
N ARG X 246 59.02 26.35 60.98
CA ARG X 246 58.41 27.50 61.64
C ARG X 246 58.68 27.49 63.14
N VAL X 247 58.53 26.33 63.78
CA VAL X 247 58.82 26.25 65.21
C VAL X 247 60.30 26.51 65.49
N ARG X 248 61.17 26.07 64.58
CA ARG X 248 62.59 26.38 64.69
C ARG X 248 62.82 27.89 64.64
N ARG X 249 62.14 28.58 63.74
CA ARG X 249 62.28 30.04 63.66
C ARG X 249 61.79 30.72 64.93
N GLU X 250 60.65 30.28 65.47
CA GLU X 250 60.15 30.88 66.70
C GLU X 250 61.09 30.63 67.86
N LEU X 251 61.66 29.42 67.94
CA LEU X 251 62.62 29.14 69.00
C LEU X 251 63.89 29.97 68.85
N ASP X 252 64.34 30.19 67.60
CA ASP X 252 65.47 31.06 67.34
C ASP X 252 65.19 32.49 67.76
N THR X 253 63.95 32.94 67.56
CA THR X 253 63.57 34.25 68.08
C THR X 253 63.53 34.26 69.60
N VAL X 254 63.11 33.14 70.21
CA VAL X 254 63.01 33.06 71.66
C VAL X 254 64.38 33.17 72.30
N ILE X 255 65.38 32.48 71.75
CA ILE X 255 66.70 32.48 72.39
C ILE X 255 67.31 33.88 72.37
N LEU X 256 66.85 34.73 71.46
CA LEU X 256 67.33 36.11 71.40
C LEU X 256 66.91 36.88 72.65
N THR Y 25 78.74 23.88 22.78
CA THR Y 25 80.10 24.11 22.32
C THR Y 25 80.24 25.50 21.70
N GLU Y 26 79.22 26.33 21.88
CA GLU Y 26 79.24 27.68 21.32
C GLU Y 26 80.36 28.51 21.92
N LYS Y 27 80.58 28.38 23.22
CA LYS Y 27 81.68 29.11 23.86
C LYS Y 27 83.02 28.71 23.26
N LEU Y 28 83.22 27.41 23.01
CA LEU Y 28 84.48 26.95 22.43
C LEU Y 28 84.66 27.48 21.01
N LYS Y 29 83.58 27.47 20.22
CA LYS Y 29 83.66 28.00 18.86
C LYS Y 29 83.99 29.48 18.87
N LYS Y 30 83.36 30.25 19.77
CA LYS Y 30 83.68 31.67 19.87
C LYS Y 30 85.12 31.90 20.33
N ILE Y 31 85.60 31.07 21.25
CA ILE Y 31 86.99 31.20 21.71
C ILE Y 31 87.95 30.96 20.55
N THR Y 32 87.69 29.91 19.76
CA THR Y 32 88.53 29.63 18.60
C THR Y 32 88.48 30.77 17.60
N LYS Y 33 87.29 31.31 17.33
CA LYS Y 33 87.17 32.41 16.38
C LYS Y 33 87.94 33.63 16.86
N LEU Y 34 87.80 33.99 18.13
CA LEU Y 34 88.48 35.17 18.65
C LEU Y 34 89.99 34.97 18.69
N LEU Y 35 90.45 33.74 18.96
CA LEU Y 35 91.88 33.48 18.92
C LEU Y 35 92.40 33.60 17.49
N HIS Y 36 91.64 33.22 16.49
CA HIS Y 36 92.12 33.40 15.16
C HIS Y 36 92.24 34.87 15.00
N GLU Y 37 91.14 35.58 15.17
CA GLU Y 37 91.19 37.01 14.89
C GLU Y 37 92.40 37.65 15.55
N LEU Y 38 92.68 37.29 16.81
CA LEU Y 38 93.84 37.87 17.50
C LEU Y 38 95.15 37.50 16.81
N VAL Y 39 95.29 36.24 16.39
CA VAL Y 39 96.54 35.83 15.76
C VAL Y 39 96.66 36.43 14.36
N ASP Y 40 95.53 36.75 13.73
CA ASP Y 40 95.59 37.36 12.41
C ASP Y 40 96.29 38.71 12.46
N ARG Y 41 95.92 39.55 13.42
CA ARG Y 41 96.52 40.87 13.59
C ARG Y 41 97.53 40.82 14.73
N GLY Y 42 98.69 40.22 14.45
CA GLY Y 42 99.76 40.16 15.43
C GLY Y 42 99.33 39.45 16.70
N GLU Y 43 99.67 40.06 17.83
CA GLU Y 43 99.21 39.63 19.16
C GLU Y 43 99.71 38.20 19.41
N ILE Y 44 98.84 37.24 19.69
CA ILE Y 44 99.23 35.88 20.06
C ILE Y 44 99.88 35.17 18.88
N PRO Y 45 100.75 34.18 19.12
CA PRO Y 45 101.32 33.42 17.99
C PRO Y 45 100.37 32.39 17.43
N GLU Y 46 100.78 31.70 16.37
CA GLU Y 46 99.89 30.82 15.63
C GLU Y 46 99.63 29.50 16.36
N GLU Y 47 100.56 29.04 17.19
CA GLU Y 47 100.42 27.73 17.82
C GLU Y 47 99.16 27.65 18.66
N LEU Y 48 98.81 28.73 19.35
CA LEU Y 48 97.62 28.72 20.19
C LEU Y 48 96.36 28.57 19.33
N ALA Y 49 96.31 29.27 18.20
CA ALA Y 49 95.15 29.15 17.31
C ALA Y 49 95.06 27.75 16.71
N THR Y 50 96.20 27.17 16.32
CA THR Y 50 96.18 25.81 15.79
C THR Y 50 95.69 24.81 16.83
N LEU Y 51 96.17 24.94 18.07
CA LEU Y 51 95.69 24.09 19.14
C LEU Y 51 94.20 24.28 19.37
N ALA Y 52 93.73 25.53 19.31
CA ALA Y 52 92.30 25.78 19.46
C ALA Y 52 91.50 25.06 18.39
N THR Y 53 91.98 25.10 17.14
CA THR Y 53 91.26 24.42 16.06
C THR Y 53 91.24 22.91 16.28
N LEU Y 54 92.40 22.32 16.60
CA LEU Y 54 92.46 20.87 16.78
C LEU Y 54 91.56 20.43 17.94
N LEU Y 55 91.63 21.13 19.07
CA LEU Y 55 90.80 20.77 20.21
C LEU Y 55 89.33 21.03 19.94
N LEU Y 56 89.00 22.05 19.15
CA LEU Y 56 87.60 22.28 18.79
C LEU Y 56 87.07 21.18 17.89
N TYR Y 57 87.94 20.56 17.08
CA TYR Y 57 87.51 19.38 16.34
C TYR Y 57 87.33 18.18 17.27
N LEU Y 58 88.32 17.96 18.15
CA LEU Y 58 88.29 16.78 19.02
C LEU Y 58 87.07 16.81 19.93
N VAL Y 59 86.86 17.91 20.64
CA VAL Y 59 85.58 18.19 21.26
C VAL Y 59 84.58 18.32 20.12
N GLU Y 60 83.35 17.85 20.33
CA GLU Y 60 82.29 17.85 19.32
C GLU Y 60 82.60 16.78 18.26
N LYS Y 61 83.81 16.20 18.30
CA LYS Y 61 83.96 14.86 17.77
C LYS Y 61 83.67 13.82 18.85
N GLY Y 62 83.70 14.25 20.11
CA GLY Y 62 83.37 13.37 21.22
C GLY Y 62 84.55 12.56 21.69
N LEU Y 63 85.73 13.17 21.73
CA LEU Y 63 86.94 12.47 22.12
C LEU Y 63 87.65 13.09 23.31
N ILE Y 64 87.33 14.32 23.70
CA ILE Y 64 87.86 14.93 24.92
C ILE Y 64 86.77 15.78 25.54
N SER Y 65 87.04 16.34 26.71
CA SER Y 65 86.08 17.19 27.41
C SER Y 65 86.55 18.63 27.39
N GLU Y 66 85.63 19.54 27.70
CA GLU Y 66 85.96 20.97 27.71
C GLU Y 66 87.06 21.27 28.71
N PHE Y 67 87.15 20.48 29.79
CA PHE Y 67 88.21 20.69 30.77
C PHE Y 67 89.58 20.51 30.13
N ASP Y 68 89.75 19.48 29.30
CA ASP Y 68 91.02 19.28 28.64
C ASP Y 68 91.32 20.41 27.65
N PHE Y 69 90.30 20.87 26.94
CA PHE Y 69 90.45 22.01 26.04
C PHE Y 69 91.00 23.22 26.78
N ILE Y 70 90.33 23.62 27.87
CA ILE Y 70 90.73 24.81 28.60
C ILE Y 70 92.10 24.60 29.24
N GLU Y 71 92.36 23.39 29.76
CA GLU Y 71 93.64 23.13 30.41
C GLU Y 71 94.79 23.25 29.42
N HIS Y 72 94.64 22.67 28.22
CA HIS Y 72 95.67 22.78 27.21
C HIS Y 72 95.86 24.24 26.78
N LEU Y 73 94.77 24.97 26.61
CA LEU Y 73 94.88 26.37 26.21
C LEU Y 73 95.64 27.17 27.27
N VAL Y 74 95.32 26.96 28.54
CA VAL Y 74 95.98 27.69 29.62
C VAL Y 74 97.44 27.29 29.71
N ARG Y 75 97.75 26.00 29.53
CA ARG Y 75 99.14 25.56 29.58
C ARG Y 75 99.96 26.21 28.48
N LEU Y 76 99.43 26.26 27.25
CA LEU Y 76 100.16 26.91 26.18
C LEU Y 76 100.28 28.41 26.42
N ALA Y 77 99.24 29.05 26.95
CA ALA Y 77 99.32 30.47 27.23
C ALA Y 77 100.38 30.77 28.28
N GLU Y 78 100.47 29.93 29.32
CA GLU Y 78 101.52 30.09 30.32
C GLU Y 78 102.90 29.86 29.71
N LYS Y 79 103.01 28.87 28.82
CA LYS Y 79 104.29 28.61 28.18
C LYS Y 79 104.76 29.79 27.34
N LEU Y 80 103.84 30.40 26.60
CA LEU Y 80 104.18 31.52 25.72
C LEU Y 80 104.04 32.88 26.40
N GLY Y 81 103.56 32.93 27.63
CA GLY Y 81 103.41 34.19 28.35
C GLY Y 81 102.43 35.13 27.69
N VAL Y 82 101.27 34.61 27.30
CA VAL Y 82 100.25 35.39 26.61
C VAL Y 82 98.92 35.21 27.34
N LEU Y 83 99.01 34.86 28.62
CA LEU Y 83 97.82 34.51 29.39
C LEU Y 83 96.82 35.66 29.48
N GLU Y 84 97.31 36.90 29.43
CA GLU Y 84 96.40 38.05 29.52
C GLU Y 84 95.45 38.10 28.34
N GLU Y 85 95.94 37.82 27.13
CA GLU Y 85 95.08 37.80 25.95
C GLU Y 85 94.04 36.70 26.05
N LEU Y 86 94.43 35.53 26.56
CA LEU Y 86 93.46 34.45 26.78
C LEU Y 86 92.41 34.87 27.80
N LYS Y 87 92.83 35.57 28.84
CA LYS Y 87 91.87 36.08 29.82
C LYS Y 87 90.88 37.03 29.17
N LYS Y 88 91.39 37.94 28.33
CA LYS Y 88 90.51 38.88 27.63
C LYS Y 88 89.52 38.13 26.72
N VAL Y 89 90.00 37.12 26.01
CA VAL Y 89 89.12 36.33 25.14
C VAL Y 89 88.03 35.65 25.98
N LEU Y 90 88.40 35.08 27.12
CA LEU Y 90 87.43 34.39 27.95
C LEU Y 90 86.41 35.35 28.57
N GLU Y 91 86.83 36.59 28.84
CA GLU Y 91 85.86 37.59 29.28
C GLU Y 91 84.93 38.00 28.13
N GLU Y 92 85.48 38.16 26.92
CA GLU Y 92 84.66 38.56 25.79
C GLU Y 92 83.60 37.52 25.47
N VAL Y 93 83.98 36.23 25.46
CA VAL Y 93 83.00 35.20 25.17
C VAL Y 93 81.97 35.11 26.29
N GLY Y 94 82.37 35.45 27.51
CA GLY Y 94 81.46 35.41 28.65
C GLY Y 94 81.37 34.04 29.29
N ASP Y 95 82.54 33.50 29.67
CA ASP Y 95 82.61 32.18 30.28
C ASP Y 95 83.16 32.33 31.69
N GLU Y 96 82.46 31.76 32.67
CA GLU Y 96 82.90 31.80 34.06
C GLU Y 96 83.71 30.58 34.45
N PHE Y 97 83.36 29.41 33.93
CA PHE Y 97 84.10 28.19 34.25
C PHE Y 97 85.54 28.28 33.77
N GLY Y 98 85.73 28.65 32.51
CA GLY Y 98 87.08 28.77 31.97
C GLY Y 98 87.89 29.84 32.67
N LEU Y 99 87.25 30.98 32.97
CA LEU Y 99 87.97 32.04 33.67
C LEU Y 99 88.39 31.60 35.06
N THR Y 100 87.52 30.91 35.78
CA THR Y 100 87.88 30.39 37.10
C THR Y 100 89.01 29.38 36.99
N LEU Y 101 89.00 28.54 35.95
CA LEU Y 101 90.09 27.60 35.74
C LEU Y 101 91.40 28.33 35.49
N VAL Y 102 91.35 29.42 34.71
CA VAL Y 102 92.56 30.20 34.44
C VAL Y 102 93.11 30.78 35.74
N TYR Y 103 92.22 31.36 36.57
CA TYR Y 103 92.67 31.88 37.85
C TYR Y 103 93.25 30.79 38.73
N ALA Y 104 92.62 29.61 38.73
CA ALA Y 104 93.12 28.51 39.55
C ALA Y 104 94.52 28.08 39.11
N ILE Y 105 94.74 27.96 37.80
CA ILE Y 105 96.05 27.55 37.30
C ILE Y 105 97.11 28.60 37.62
N SER Y 106 96.79 29.87 37.39
CA SER Y 106 97.75 30.94 37.69
C SER Y 106 98.09 30.98 39.18
N LEU Y 107 97.06 30.83 40.02
CA LEU Y 107 97.28 30.85 41.47
C LEU Y 107 98.10 29.64 41.91
N LEU Y 108 97.86 28.47 41.31
CA LEU Y 108 98.67 27.30 41.62
C LEU Y 108 100.13 27.52 41.23
N LYS Y 109 100.36 28.12 40.06
CA LYS Y 109 101.74 28.40 39.65
C LYS Y 109 102.41 29.37 40.60
N GLU Y 110 101.69 30.43 41.01
CA GLU Y 110 102.27 31.40 41.93
C GLU Y 110 102.56 30.77 43.29
N VAL Y 111 101.67 29.91 43.78
CA VAL Y 111 101.89 29.24 45.05
C VAL Y 111 103.06 28.27 44.95
N GLU Y 112 103.17 27.56 43.83
CA GLU Y 112 104.34 26.70 43.61
C GLU Y 112 105.63 27.51 43.65
N LYS Y 113 105.60 28.71 43.09
CA LYS Y 113 106.74 29.61 43.25
C LYS Y 113 106.96 29.94 44.72
N GLU Y 114 105.88 30.19 45.46
CA GLU Y 114 106.01 30.46 46.89
C GLU Y 114 106.40 29.21 47.67
N GLY Y 115 105.70 28.11 47.43
CA GLY Y 115 106.03 26.86 48.08
C GLY Y 115 105.35 26.59 49.42
N ASP Y 116 104.08 26.98 49.56
CA ASP Y 116 103.37 26.78 50.83
C ASP Y 116 102.36 25.65 50.66
N GLU Y 117 102.37 24.69 51.60
CA GLU Y 117 101.66 23.42 51.40
C GLU Y 117 100.15 23.57 51.56
N GLU Y 118 99.69 24.34 52.54
CA GLU Y 118 98.25 24.41 52.79
C GLU Y 118 97.51 25.02 51.60
N LEU Y 119 98.06 26.09 51.02
CA LEU Y 119 97.48 26.62 49.79
C LEU Y 119 97.62 25.64 48.62
N LYS Y 120 98.66 24.81 48.62
CA LYS Y 120 98.74 23.74 47.63
C LYS Y 120 97.51 22.84 47.71
N GLU Y 121 97.20 22.35 48.92
CA GLU Y 121 96.03 21.50 49.09
C GLU Y 121 94.75 22.25 48.73
N TYR Y 122 94.67 23.52 49.12
CA TYR Y 122 93.47 24.31 48.84
C TYR Y 122 93.23 24.42 47.34
N VAL Y 123 94.27 24.76 46.57
CA VAL Y 123 94.11 24.95 45.14
C VAL Y 123 93.91 23.62 44.43
N LYS Y 124 94.51 22.53 44.93
CA LYS Y 124 94.24 21.23 44.33
C LYS Y 124 92.79 20.81 44.52
N LEU Y 125 92.24 21.04 45.71
CA LEU Y 125 90.82 20.77 45.93
C LEU Y 125 89.96 21.66 45.04
N ALA Y 126 90.34 22.93 44.90
CA ALA Y 126 89.60 23.83 44.02
C ALA Y 126 89.61 23.34 42.58
N ILE Y 127 90.76 22.87 42.10
CA ILE Y 127 90.86 22.40 40.72
C ILE Y 127 90.05 21.12 40.52
N GLU Y 128 90.09 20.21 41.50
CA GLU Y 128 89.29 19.00 41.39
C GLU Y 128 87.79 19.32 41.35
N THR Y 129 87.36 20.25 42.21
CA THR Y 129 85.96 20.67 42.18
C THR Y 129 85.61 21.35 40.87
N LEU Y 130 86.53 22.14 40.31
CA LEU Y 130 86.30 22.77 39.03
C LEU Y 130 86.14 21.73 37.93
N LYS Y 131 86.95 20.67 37.95
CA LYS Y 131 86.80 19.60 36.98
C LYS Y 131 85.45 18.91 37.12
N GLU Y 132 85.05 18.63 38.36
CA GLU Y 132 83.76 17.98 38.58
C GLU Y 132 82.62 18.85 38.09
N ALA Y 133 82.72 20.17 38.30
CA ALA Y 133 81.71 21.09 37.78
C ALA Y 133 81.71 21.09 36.25
N PHE Y 134 82.90 21.19 35.65
CA PHE Y 134 83.03 21.18 34.20
C PHE Y 134 82.41 19.93 33.59
N GLU Y 135 82.44 18.82 34.32
CA GLU Y 135 81.84 17.58 33.80
C GLU Y 135 80.40 17.79 33.38
N ARG Y 136 79.63 18.58 34.15
CA ARG Y 136 78.22 18.79 33.83
C ARG Y 136 77.76 20.22 34.04
N LYS Y 137 78.67 21.18 34.20
CA LYS Y 137 78.32 22.58 34.46
C LYS Y 137 77.44 22.71 35.71
N ASN Y 138 77.97 22.22 36.82
CA ASN Y 138 77.27 22.25 38.11
C ASN Y 138 77.70 23.53 38.83
N TYR Y 139 76.75 24.42 39.06
CA TYR Y 139 77.09 25.78 39.48
C TYR Y 139 77.58 25.83 40.92
N ALA Y 140 77.14 24.88 41.75
CA ALA Y 140 77.46 24.93 43.18
C ALA Y 140 78.94 24.68 43.44
N LEU Y 141 79.50 23.63 42.81
CA LEU Y 141 80.94 23.42 42.93
C LEU Y 141 81.73 24.57 42.31
N LEU Y 142 81.17 25.22 41.29
CA LEU Y 142 81.79 26.43 40.76
C LEU Y 142 81.85 27.52 41.82
N VAL Y 143 80.77 27.69 42.58
CA VAL Y 143 80.77 28.67 43.67
C VAL Y 143 81.82 28.32 44.71
N SER Y 144 81.90 27.03 45.08
CA SER Y 144 82.87 26.60 46.08
C SER Y 144 84.29 26.88 45.60
N ALA Y 145 84.60 26.52 44.36
CA ALA Y 145 85.94 26.75 43.82
C ALA Y 145 86.24 28.23 43.71
N LYS Y 146 85.25 29.03 43.32
CA LYS Y 146 85.43 30.48 43.25
C LYS Y 146 85.78 31.04 44.62
N ILE Y 147 85.06 30.60 45.65
CA ILE Y 147 85.35 31.04 47.02
C ILE Y 147 86.78 30.69 47.39
N ILE Y 148 87.18 29.44 47.13
CA ILE Y 148 88.51 28.99 47.52
C ILE Y 148 89.58 29.83 46.82
N VAL Y 149 89.41 30.04 45.51
CA VAL Y 149 90.45 30.74 44.75
C VAL Y 149 90.52 32.21 45.14
N GLU Y 150 89.38 32.86 45.38
CA GLU Y 150 89.44 34.27 45.73
C GLU Y 150 90.03 34.46 47.11
N ASN Y 151 89.69 33.58 48.06
CA ASN Y 151 90.31 33.69 49.38
C ASN Y 151 91.80 33.40 49.32
N ALA Y 152 92.22 32.44 48.49
CA ALA Y 152 93.64 32.20 48.33
C ALA Y 152 94.35 33.40 47.72
N GLU Y 153 93.74 34.03 46.71
CA GLU Y 153 94.34 35.21 46.10
C GLU Y 153 94.48 36.33 47.12
N GLU Y 154 93.45 36.53 47.94
CA GLU Y 154 93.53 37.53 49.00
C GLU Y 154 94.64 37.17 50.00
N ILE Y 155 94.83 35.88 50.25
CA ILE Y 155 95.92 35.45 51.12
C ILE Y 155 97.27 35.85 50.55
N LEU Y 156 97.47 35.61 49.25
CA LEU Y 156 98.73 36.01 48.62
C LEU Y 156 98.92 37.53 48.64
N LYS Y 157 97.84 38.29 48.41
CA LYS Y 157 97.98 39.75 48.49
C LYS Y 157 98.37 40.19 49.90
N ALA Y 158 97.71 39.64 50.92
CA ALA Y 158 98.03 39.99 52.29
C ALA Y 158 99.41 39.50 52.71
N LYS Y 159 99.95 38.48 52.02
CA LYS Y 159 101.30 38.01 52.32
C LYS Y 159 102.32 39.12 52.10
N LYS Y 160 102.24 39.80 50.95
CA LYS Y 160 103.12 40.95 50.73
C LYS Y 160 102.65 42.19 51.49
N LYS Y 161 101.34 42.32 51.72
CA LYS Y 161 100.85 43.42 52.55
C LYS Y 161 101.30 43.26 53.99
N GLY Y 162 101.08 42.09 54.58
CA GLY Y 162 101.54 41.81 55.92
C GLY Y 162 100.53 42.10 57.01
N ASP Y 163 99.27 41.73 56.80
CA ASP Y 163 98.21 41.90 57.78
C ASP Y 163 97.82 40.51 58.24
N GLU Y 164 98.34 40.09 59.40
CA GLU Y 164 98.16 38.72 59.85
C GLU Y 164 96.72 38.40 60.20
N GLU Y 165 95.99 39.37 60.77
CA GLU Y 165 94.59 39.13 61.11
C GLU Y 165 93.80 38.72 59.87
N LYS Y 166 94.02 39.42 58.75
CA LYS Y 166 93.30 39.11 57.53
C LYS Y 166 93.66 37.72 57.01
N ILE Y 167 94.93 37.33 57.11
CA ILE Y 167 95.32 36.01 56.61
C ILE Y 167 94.72 34.91 57.47
N LYS Y 168 94.65 35.13 58.79
CA LYS Y 168 93.98 34.16 59.65
C LYS Y 168 92.49 34.06 59.30
N GLU Y 169 91.85 35.20 59.07
CA GLU Y 169 90.44 35.18 58.68
C GLU Y 169 90.24 34.42 57.37
N LEU Y 170 91.13 34.62 56.41
CA LEU Y 170 91.01 33.94 55.13
C LEU Y 170 91.25 32.44 55.27
N LEU Y 171 92.18 32.03 56.14
CA LEU Y 171 92.34 30.62 56.43
C LEU Y 171 91.08 30.03 57.07
N GLN Y 172 90.43 30.79 57.95
CA GLN Y 172 89.16 30.33 58.51
C GLN Y 172 88.12 30.14 57.41
N ARG Y 173 88.03 31.09 56.48
CA ARG Y 173 87.08 30.97 55.38
C ARG Y 173 87.39 29.74 54.53
N LEU Y 174 88.68 29.50 54.26
CA LEU Y 174 89.07 28.35 53.44
C LEU Y 174 88.78 27.03 54.14
N LYS Y 175 88.98 26.98 55.47
CA LYS Y 175 88.61 25.77 56.21
C LYS Y 175 87.10 25.53 56.13
N ALA Y 176 86.31 26.59 56.26
CA ALA Y 176 84.87 26.46 56.11
C ALA Y 176 84.50 25.93 54.73
N ALA Y 177 85.17 26.46 53.70
CA ALA Y 177 84.91 26.00 52.33
C ALA Y 177 85.27 24.53 52.15
N LYS Y 178 86.42 24.11 52.70
CA LYS Y 178 86.82 22.71 52.60
C LYS Y 178 85.80 21.81 53.27
N ILE Y 179 85.32 22.21 54.46
CA ILE Y 179 84.31 21.42 55.15
C ILE Y 179 83.03 21.36 54.34
N GLY Y 180 82.64 22.47 53.72
CA GLY Y 180 81.34 22.53 53.08
C GLY Y 180 81.29 21.87 51.71
N THR Y 181 82.42 21.80 51.02
CA THR Y 181 82.40 21.35 49.63
C THR Y 181 81.83 19.93 49.46
N PRO Y 182 82.26 18.91 50.21
CA PRO Y 182 81.56 17.62 50.08
C PRO Y 182 80.09 17.72 50.44
N LEU Y 183 79.75 18.56 51.42
CA LEU Y 183 78.37 18.70 51.83
C LEU Y 183 77.50 19.27 50.72
N VAL Y 184 78.00 20.30 50.02
CA VAL Y 184 77.20 20.89 48.94
C VAL Y 184 77.10 19.95 47.76
N ARG Y 185 78.21 19.25 47.45
CA ARG Y 185 78.14 18.23 46.40
C ARG Y 185 77.07 17.19 46.72
N GLU Y 186 77.07 16.71 47.96
CA GLU Y 186 76.09 15.68 48.36
C GLU Y 186 74.67 16.24 48.32
N VAL Y 187 74.48 17.47 48.76
CA VAL Y 187 73.14 18.06 48.77
C VAL Y 187 72.59 18.15 47.35
N VAL Y 188 73.42 18.64 46.42
CA VAL Y 188 72.96 18.73 45.02
C VAL Y 188 72.68 17.33 44.47
N GLU Y 189 73.56 16.37 44.75
CA GLU Y 189 73.36 15.02 44.23
C GLU Y 189 72.05 14.42 44.74
N ARG Y 190 71.79 14.55 46.04
CA ARG Y 190 70.57 14.01 46.61
C ARG Y 190 69.33 14.70 46.06
N TYR Y 191 69.38 16.03 45.92
CA TYR Y 191 68.22 16.73 45.39
C TYR Y 191 67.96 16.37 43.93
N ARG Y 192 69.00 16.00 43.18
CA ARG Y 192 68.84 15.68 41.77
C ARG Y 192 67.78 14.62 41.51
N GLU Y 193 67.82 13.51 42.25
CA GLU Y 193 66.90 12.42 41.98
C GLU Y 193 66.17 11.89 43.22
N GLU Y 194 66.77 11.99 44.41
CA GLU Y 194 66.15 11.39 45.58
C GLU Y 194 64.82 12.03 45.93
N GLY Y 195 64.74 13.36 45.86
CA GLY Y 195 63.47 14.05 45.95
C GLY Y 195 63.09 14.67 47.28
N GLU Y 196 64.08 14.87 48.13
CA GLU Y 196 63.85 15.48 49.42
C GLU Y 196 63.39 16.93 49.29
N PRO Y 197 63.15 17.59 50.43
CA PRO Y 197 62.77 18.99 50.37
C PRO Y 197 63.97 19.87 50.48
N LEU Y 198 64.38 20.46 49.37
CA LEU Y 198 65.60 21.22 49.38
C LEU Y 198 65.84 22.00 50.64
N LEU Y 199 64.87 22.81 51.02
CA LEU Y 199 65.16 23.68 52.15
C LEU Y 199 65.67 22.89 53.35
N ASP Y 200 65.12 21.70 53.58
CA ASP Y 200 65.55 20.90 54.72
C ASP Y 200 67.01 20.49 54.57
N LEU Y 201 67.39 19.98 53.40
CA LEU Y 201 68.78 19.63 53.17
C LEU Y 201 69.70 20.84 53.23
N LEU Y 202 69.25 21.99 52.71
CA LEU Y 202 70.05 23.20 52.80
C LEU Y 202 70.32 23.57 54.25
N LEU Y 203 69.27 23.54 55.08
CA LEU Y 203 69.43 23.89 56.49
C LEU Y 203 70.35 22.90 57.20
N HIS Y 204 70.19 21.61 56.93
CA HIS Y 204 71.04 20.61 57.57
C HIS Y 204 72.49 20.78 57.13
N MET Y 205 72.73 21.05 55.85
CA MET Y 205 74.09 21.27 55.37
C MET Y 205 74.71 22.50 56.01
N ALA Y 206 73.94 23.59 56.11
CA ALA Y 206 74.47 24.80 56.73
C ALA Y 206 74.80 24.57 58.20
N GLU Y 207 73.91 23.89 58.93
CA GLU Y 207 74.16 23.63 60.34
C GLU Y 207 75.37 22.71 60.53
N THR Y 208 75.49 21.69 59.68
CA THR Y 208 76.64 20.80 59.77
C THR Y 208 77.93 21.57 59.48
N THR Y 209 77.90 22.46 58.48
CA THR Y 209 79.07 23.26 58.17
C THR Y 209 79.46 24.14 59.36
N ILE Y 210 78.48 24.78 59.99
CA ILE Y 210 78.78 25.65 61.13
C ILE Y 210 79.35 24.84 62.29
N ARG Y 211 78.74 23.69 62.58
CA ARG Y 211 79.20 22.86 63.70
C ARG Y 211 80.61 22.36 63.46
N GLU Y 212 80.89 21.84 62.26
CA GLU Y 212 82.22 21.32 61.96
C GLU Y 212 83.25 22.43 61.92
N SER Y 213 82.86 23.61 61.45
CA SER Y 213 83.78 24.74 61.40
C SER Y 213 84.13 25.23 62.80
N GLU Y 214 83.15 25.30 63.69
CA GLU Y 214 83.43 25.71 65.06
C GLU Y 214 84.16 24.60 65.83
N LYS Y 215 84.05 23.36 65.36
CA LYS Y 215 84.86 22.28 65.93
C LYS Y 215 86.34 22.46 65.62
N LEU Y 216 86.68 23.28 64.62
CA LEU Y 216 88.06 23.57 64.27
C LEU Y 216 88.55 24.90 64.84
N GLY Y 217 87.78 25.50 65.74
CA GLY Y 217 88.14 26.75 66.38
C GLY Y 217 87.67 28.00 65.64
N VAL Y 218 86.97 27.83 64.52
CA VAL Y 218 86.59 28.99 63.71
C VAL Y 218 85.22 29.49 64.18
N ASP Y 219 85.12 30.82 64.25
CA ASP Y 219 83.87 31.45 64.63
C ASP Y 219 82.69 30.91 63.89
N PRO Y 220 81.51 31.23 64.40
CA PRO Y 220 80.32 30.81 63.69
C PRO Y 220 79.87 32.01 62.95
N ARG Y 221 80.81 32.90 62.68
CA ARG Y 221 80.46 34.04 61.86
C ARG Y 221 80.88 33.87 60.40
N LEU Y 222 82.13 34.15 60.09
CA LEU Y 222 82.55 34.13 58.69
C LEU Y 222 82.21 32.81 58.03
N ALA Y 223 82.27 31.70 58.79
CA ALA Y 223 81.81 30.43 58.27
C ALA Y 223 80.32 30.49 57.94
N ALA Y 224 79.56 31.29 58.69
CA ALA Y 224 78.16 31.50 58.36
C ALA Y 224 78.01 32.17 57.00
N GLU Y 225 78.84 33.18 56.72
CA GLU Y 225 78.74 33.84 55.42
C GLU Y 225 79.21 32.92 54.29
N VAL Y 226 80.20 32.04 54.56
CA VAL Y 226 80.60 31.06 53.56
C VAL Y 226 79.44 30.11 53.25
N ALA Y 227 78.77 29.63 54.30
CA ALA Y 227 77.60 28.78 54.10
C ALA Y 227 76.49 29.53 53.38
N ARG Y 228 76.37 30.83 53.63
CA ARG Y 228 75.36 31.64 52.94
C ARG Y 228 75.64 31.73 51.44
N GLU Y 229 76.90 31.99 51.08
CA GLU Y 229 77.26 32.01 49.67
C GLU Y 229 77.02 30.66 49.01
N MET Y 230 77.37 29.57 49.71
CA MET Y 230 77.16 28.24 49.14
C MET Y 230 75.68 27.92 49.00
N VAL Y 231 74.86 28.38 49.96
CA VAL Y 231 73.41 28.21 49.86
C VAL Y 231 72.87 28.96 48.66
N ASP Y 232 73.36 30.18 48.43
CA ASP Y 232 72.97 30.94 47.25
C ASP Y 232 73.34 30.18 45.98
N GLY Y 233 74.54 29.62 45.95
CA GLY Y 233 74.96 28.83 44.80
C GLY Y 233 74.07 27.61 44.57
N VAL Y 234 73.70 26.93 45.65
CA VAL Y 234 72.80 25.77 45.54
C VAL Y 234 71.45 26.21 44.99
N GLY Y 235 70.93 27.33 45.48
CA GLY Y 235 69.67 27.84 44.96
C GLY Y 235 69.74 28.17 43.49
N HIS Y 236 70.85 28.77 43.05
CA HIS Y 236 71.01 29.08 41.63
C HIS Y 236 71.10 27.82 40.79
N GLU Y 237 71.87 26.82 41.25
CA GLU Y 237 72.06 25.61 40.46
C GLU Y 237 70.77 24.80 40.39
N THR Y 238 70.07 24.65 41.51
CA THR Y 238 68.88 23.80 41.58
C THR Y 238 67.68 24.41 40.88
N GLY Y 239 67.73 25.69 40.52
CA GLY Y 239 66.60 26.33 39.88
C GLY Y 239 65.49 26.75 40.82
N GLU Y 240 65.75 26.75 42.13
CA GLU Y 240 64.75 27.14 43.12
C GLU Y 240 65.44 28.03 44.14
N THR Y 241 65.11 29.33 44.12
CA THR Y 241 65.75 30.30 44.99
C THR Y 241 64.91 30.70 46.19
N GLU Y 242 63.61 30.41 46.21
CA GLU Y 242 62.78 30.75 47.35
C GLU Y 242 63.20 29.99 48.60
N ALA Y 243 63.50 28.69 48.46
CA ALA Y 243 64.03 27.92 49.58
C ALA Y 243 65.39 28.44 49.99
N ALA Y 244 66.23 28.79 49.01
CA ALA Y 244 67.52 29.41 49.31
C ALA Y 244 67.32 30.73 50.02
N PHE Y 245 66.31 31.50 49.62
CA PHE Y 245 66.00 32.76 50.29
C PHE Y 245 65.61 32.52 51.74
N ARG Y 246 64.77 31.52 51.99
CA ARG Y 246 64.34 31.22 53.36
C ARG Y 246 65.52 30.79 54.22
N VAL Y 247 66.37 29.91 53.70
CA VAL Y 247 67.54 29.47 54.47
C VAL Y 247 68.49 30.63 54.70
N ARG Y 248 68.58 31.55 53.74
CA ARG Y 248 69.38 32.75 53.91
C ARG Y 248 68.84 33.60 55.06
N ARG Y 249 67.52 33.73 55.14
CA ARG Y 249 66.91 34.49 56.23
C ARG Y 249 67.17 33.84 57.58
N GLU Y 250 67.05 32.51 57.65
CA GLU Y 250 67.30 31.83 58.92
C GLU Y 250 68.77 31.96 59.33
N LEU Y 251 69.69 31.88 58.37
CA LEU Y 251 71.09 32.06 58.69
C LEU Y 251 71.39 33.49 59.13
N ASP Y 252 70.72 34.48 58.52
CA ASP Y 252 70.85 35.87 58.95
C ASP Y 252 70.33 36.06 60.37
N THR Y 253 69.26 35.35 60.73
CA THR Y 253 68.80 35.37 62.11
C THR Y 253 69.81 34.68 63.03
N VAL Y 254 70.45 33.61 62.55
CA VAL Y 254 71.40 32.86 63.36
C VAL Y 254 72.61 33.72 63.71
N ILE Y 255 73.13 34.47 62.74
CA ILE Y 255 74.35 35.24 62.99
C ILE Y 255 74.10 36.32 64.03
N LEU Y 256 72.84 36.72 64.22
CA LEU Y 256 72.47 37.70 65.23
C LEU Y 256 72.72 37.15 66.63
N THR Z 25 12.85 79.42 -28.61
CA THR Z 25 13.15 80.25 -29.77
C THR Z 25 11.89 80.54 -30.58
N GLU Z 26 10.73 80.22 -30.00
CA GLU Z 26 9.47 80.44 -30.69
C GLU Z 26 9.22 81.92 -30.94
N LYS Z 27 9.57 82.77 -29.97
CA LYS Z 27 9.42 84.21 -30.18
C LYS Z 27 10.28 84.67 -31.35
N LEU Z 28 11.51 84.18 -31.45
CA LEU Z 28 12.38 84.59 -32.55
C LEU Z 28 11.84 84.12 -33.89
N LYS Z 29 11.32 82.89 -33.94
CA LYS Z 29 10.74 82.38 -35.18
C LYS Z 29 9.53 83.22 -35.59
N LYS Z 30 8.67 83.56 -34.64
CA LYS Z 30 7.52 84.40 -34.96
C LYS Z 30 7.95 85.79 -35.41
N ILE Z 31 8.99 86.35 -34.79
CA ILE Z 31 9.48 87.66 -35.20
C ILE Z 31 9.98 87.61 -36.63
N THR Z 32 10.75 86.56 -36.97
CA THR Z 32 11.24 86.41 -38.34
C THR Z 32 10.07 86.26 -39.32
N LYS Z 33 9.08 85.44 -38.97
CA LYS Z 33 7.93 85.25 -39.85
C LYS Z 33 7.19 86.56 -40.08
N LEU Z 34 6.93 87.31 -39.02
CA LEU Z 34 6.19 88.56 -39.16
C LEU Z 34 6.99 89.60 -39.94
N LEU Z 35 8.32 89.62 -39.76
CA LEU Z 35 9.13 90.52 -40.55
C LEU Z 35 9.11 90.14 -42.02
N HIS Z 36 9.04 88.87 -42.36
CA HIS Z 36 8.94 88.54 -43.74
C HIS Z 36 7.65 89.12 -44.17
N GLU Z 37 6.56 88.69 -43.54
CA GLU Z 37 5.26 89.13 -44.03
C GLU Z 37 5.25 90.63 -44.26
N LEU Z 38 5.80 91.41 -43.33
CA LEU Z 38 5.83 92.86 -43.48
C LEU Z 38 6.63 93.27 -44.72
N VAL Z 39 7.78 92.65 -44.93
CA VAL Z 39 8.60 93.04 -46.08
C VAL Z 39 7.98 92.57 -47.38
N ASP Z 40 7.16 91.51 -47.33
CA ASP Z 40 6.49 91.05 -48.55
C ASP Z 40 5.56 92.12 -49.10
N ARG Z 41 4.74 92.72 -48.24
CA ARG Z 41 3.81 93.77 -48.65
C ARG Z 41 4.38 95.13 -48.26
N GLY Z 42 5.37 95.57 -49.04
CA GLY Z 42 5.97 96.88 -48.82
C GLY Z 42 6.56 97.01 -47.43
N GLU Z 43 6.26 98.14 -46.78
CA GLU Z 43 6.59 98.39 -45.37
C GLU Z 43 8.11 98.33 -45.23
N ILE Z 44 8.65 97.48 -44.36
CA ILE Z 44 10.09 97.46 -44.06
C ILE Z 44 10.88 96.98 -45.26
N PRO Z 45 12.16 97.35 -45.39
CA PRO Z 45 12.98 96.85 -46.50
C PRO Z 45 13.45 95.42 -46.28
N GLU Z 46 14.15 94.86 -47.26
CA GLU Z 46 14.52 93.45 -47.23
C GLU Z 46 15.67 93.15 -46.28
N GLU Z 47 16.55 94.12 -46.05
CA GLU Z 47 17.74 93.88 -45.24
C GLU Z 47 17.38 93.39 -43.85
N LEU Z 48 16.33 93.97 -43.25
CA LEU Z 48 15.94 93.55 -41.91
C LEU Z 48 15.46 92.11 -41.89
N ALA Z 49 14.71 91.69 -42.91
CA ALA Z 49 14.25 90.30 -42.97
C ALA Z 49 15.42 89.35 -43.20
N THR Z 50 16.38 89.73 -44.05
CA THR Z 50 17.55 88.88 -44.25
C THR Z 50 18.36 88.73 -42.98
N LEU Z 51 18.56 89.84 -42.25
CA LEU Z 51 19.25 89.76 -40.96
C LEU Z 51 18.48 88.88 -39.99
N ALA Z 52 17.15 88.99 -39.98
CA ALA Z 52 16.35 88.14 -39.10
C ALA Z 52 16.57 86.68 -39.42
N THR Z 53 16.60 86.32 -40.71
CA THR Z 53 16.83 84.93 -41.10
C THR Z 53 18.20 84.45 -40.67
N LEU Z 54 19.25 85.24 -40.96
CA LEU Z 54 20.61 84.82 -40.61
C LEU Z 54 20.76 84.66 -39.10
N LEU Z 55 20.25 85.62 -38.32
CA LEU Z 55 20.35 85.52 -36.87
C LEU Z 55 19.49 84.40 -36.32
N LEU Z 56 18.35 84.11 -36.94
CA LEU Z 56 17.53 82.98 -36.50
C LEU Z 56 18.23 81.66 -36.76
N TYR Z 57 19.06 81.59 -37.80
CA TYR Z 57 19.88 80.40 -37.99
C TYR Z 57 20.99 80.33 -36.94
N LEU Z 58 21.69 81.44 -36.74
CA LEU Z 58 22.83 81.47 -35.82
C LEU Z 58 22.39 81.10 -34.40
N VAL Z 59 21.37 81.79 -33.88
CA VAL Z 59 20.65 81.31 -32.71
C VAL Z 59 20.02 79.99 -33.12
N GLU Z 60 19.97 79.03 -32.19
CA GLU Z 60 19.43 77.70 -32.44
C GLU Z 60 20.42 76.90 -33.30
N LYS Z 61 21.44 77.57 -33.84
CA LYS Z 61 22.67 76.85 -34.14
C LYS Z 61 23.61 76.86 -32.93
N GLY Z 62 23.35 77.75 -31.99
CA GLY Z 62 24.13 77.80 -30.76
C GLY Z 62 25.39 78.61 -30.90
N LEU Z 63 25.32 79.74 -31.61
CA LEU Z 63 26.50 80.56 -31.85
C LEU Z 63 26.35 82.00 -31.36
N ILE Z 64 25.13 82.46 -31.07
CA ILE Z 64 24.92 83.76 -30.45
C ILE Z 64 23.75 83.65 -29.48
N SER Z 65 23.47 84.73 -28.76
CA SER Z 65 22.39 84.77 -27.80
C SER Z 65 21.26 85.66 -28.31
N GLU Z 66 20.09 85.51 -27.68
CA GLU Z 66 18.94 86.32 -28.08
C GLU Z 66 19.21 87.80 -27.91
N PHE Z 67 20.07 88.18 -26.96
CA PHE Z 67 20.41 89.57 -26.77
C PHE Z 67 21.07 90.15 -28.03
N ASP Z 68 21.99 89.40 -28.62
CA ASP Z 68 22.63 89.86 -29.85
C ASP Z 68 21.63 89.96 -31.00
N PHE Z 69 20.72 89.00 -31.09
CA PHE Z 69 19.66 89.05 -32.09
C PHE Z 69 18.87 90.34 -31.98
N ILE Z 70 18.34 90.61 -30.78
CA ILE Z 70 17.50 91.79 -30.61
C ILE Z 70 18.31 93.07 -30.79
N GLU Z 71 19.57 93.07 -30.34
CA GLU Z 71 20.38 94.27 -30.45
C GLU Z 71 20.66 94.60 -31.92
N HIS Z 72 20.99 93.58 -32.71
CA HIS Z 72 21.22 93.80 -34.14
C HIS Z 72 19.93 94.26 -34.83
N LEU Z 73 18.80 93.66 -34.49
CA LEU Z 73 17.54 94.06 -35.09
C LEU Z 73 17.23 95.52 -34.78
N VAL Z 74 17.42 95.92 -33.53
CA VAL Z 74 17.13 97.30 -33.13
C VAL Z 74 18.11 98.27 -33.79
N ARG Z 75 19.38 97.88 -33.90
CA ARG Z 75 20.35 98.75 -34.56
C ARG Z 75 19.99 98.98 -36.02
N LEU Z 76 19.61 97.91 -36.73
CA LEU Z 76 19.20 98.08 -38.13
C LEU Z 76 17.93 98.91 -38.23
N ALA Z 77 16.97 98.68 -37.33
CA ALA Z 77 15.73 99.46 -37.36
C ALA Z 77 16.01 100.95 -37.15
N GLU Z 78 16.90 101.27 -36.21
CA GLU Z 78 17.29 102.65 -35.99
C GLU Z 78 18.00 103.22 -37.21
N LYS Z 79 18.85 102.42 -37.85
CA LYS Z 79 19.56 102.88 -39.04
C LYS Z 79 18.60 103.21 -40.17
N LEU Z 80 17.58 102.36 -40.36
CA LEU Z 80 16.63 102.54 -41.45
C LEU Z 80 15.40 103.36 -41.04
N GLY Z 81 15.29 103.74 -39.77
CA GLY Z 81 14.16 104.51 -39.31
C GLY Z 81 12.83 103.79 -39.45
N VAL Z 82 12.79 102.53 -39.05
CA VAL Z 82 11.61 101.70 -39.18
C VAL Z 82 11.29 101.08 -37.82
N LEU Z 83 11.76 101.74 -36.76
CA LEU Z 83 11.67 101.17 -35.41
C LEU Z 83 10.23 100.95 -34.98
N GLU Z 84 9.30 101.75 -35.48
CA GLU Z 84 7.90 101.60 -35.09
C GLU Z 84 7.35 100.24 -35.54
N GLU Z 85 7.68 99.81 -36.76
CA GLU Z 85 7.22 98.51 -37.24
C GLU Z 85 7.81 97.38 -36.41
N LEU Z 86 9.08 97.49 -36.03
CA LEU Z 86 9.68 96.50 -35.14
C LEU Z 86 8.98 96.47 -33.80
N LYS Z 87 8.62 97.65 -33.28
CA LYS Z 87 7.86 97.70 -32.03
C LYS Z 87 6.52 96.98 -32.17
N LYS Z 88 5.83 97.23 -33.29
CA LYS Z 88 4.55 96.56 -33.51
C LYS Z 88 4.72 95.05 -33.60
N VAL Z 89 5.78 94.59 -34.28
CA VAL Z 89 6.04 93.15 -34.38
C VAL Z 89 6.29 92.56 -33.00
N LEU Z 90 7.07 93.27 -32.17
CA LEU Z 90 7.38 92.76 -30.85
C LEU Z 90 6.16 92.75 -29.94
N GLU Z 91 5.24 93.68 -30.14
CA GLU Z 91 3.97 93.61 -29.40
C GLU Z 91 3.11 92.44 -29.89
N GLU Z 92 3.07 92.24 -31.21
CA GLU Z 92 2.25 91.14 -31.75
C GLU Z 92 2.74 89.79 -31.26
N VAL Z 93 4.06 89.56 -31.28
CA VAL Z 93 4.57 88.28 -30.80
C VAL Z 93 4.34 88.13 -29.30
N GLY Z 94 4.31 89.24 -28.57
CA GLY Z 94 4.09 89.21 -27.15
C GLY Z 94 5.35 88.98 -26.35
N ASP Z 95 6.36 89.81 -26.59
CA ASP Z 95 7.65 89.72 -25.93
C ASP Z 95 7.88 90.97 -25.10
N GLU Z 96 8.21 90.78 -23.82
CA GLU Z 96 8.48 91.91 -22.93
C GLU Z 96 9.97 92.24 -22.86
N PHE Z 97 10.84 91.23 -22.91
CA PHE Z 97 12.27 91.48 -22.86
C PHE Z 97 12.74 92.29 -24.06
N GLY Z 98 12.34 91.86 -25.26
CA GLY Z 98 12.74 92.59 -26.46
C GLY Z 98 12.17 93.98 -26.50
N LEU Z 99 10.92 94.15 -26.09
CA LEU Z 99 10.30 95.46 -26.08
C LEU Z 99 11.02 96.39 -25.11
N THR Z 100 11.35 95.89 -23.91
CA THR Z 100 12.10 96.69 -22.97
C THR Z 100 13.47 97.06 -23.51
N LEU Z 101 14.12 96.13 -24.23
CA LEU Z 101 15.40 96.46 -24.84
C LEU Z 101 15.26 97.55 -25.90
N VAL Z 102 14.17 97.49 -26.68
CA VAL Z 102 13.92 98.52 -27.69
C VAL Z 102 13.76 99.88 -27.02
N TYR Z 103 12.96 99.93 -25.95
CA TYR Z 103 12.79 101.19 -25.23
C TYR Z 103 14.12 101.68 -24.66
N ALA Z 104 14.92 100.77 -24.12
CA ALA Z 104 16.20 101.16 -23.55
C ALA Z 104 17.11 101.76 -24.61
N ILE Z 105 17.19 101.14 -25.79
CA ILE Z 105 18.04 101.64 -26.85
C ILE Z 105 17.56 103.00 -27.34
N SER Z 106 16.25 103.15 -27.55
CA SER Z 106 15.71 104.42 -28.02
C SER Z 106 15.95 105.51 -26.98
N LEU Z 107 15.75 105.20 -25.70
CA LEU Z 107 15.97 106.18 -24.64
C LEU Z 107 17.44 106.55 -24.54
N LEU Z 108 18.35 105.59 -24.71
CA LEU Z 108 19.77 105.89 -24.72
C LEU Z 108 20.13 106.82 -25.88
N LYS Z 109 19.57 106.56 -27.07
CA LYS Z 109 19.84 107.43 -28.20
C LYS Z 109 19.32 108.85 -27.95
N GLU Z 110 18.11 108.96 -27.40
CA GLU Z 110 17.56 110.28 -27.10
C GLU Z 110 18.39 111.02 -26.06
N VAL Z 111 18.84 110.31 -25.03
CA VAL Z 111 19.67 110.93 -23.99
C VAL Z 111 21.02 111.34 -24.56
N GLU Z 112 21.60 110.52 -25.44
CA GLU Z 112 22.84 110.90 -26.12
C GLU Z 112 22.63 112.18 -26.92
N LYS Z 113 21.47 112.31 -27.57
CA LYS Z 113 21.14 113.57 -28.21
C LYS Z 113 21.08 114.70 -27.18
N GLU Z 114 20.48 114.43 -26.01
CA GLU Z 114 20.43 115.44 -24.96
C GLU Z 114 21.80 115.68 -24.34
N GLY Z 115 22.49 114.60 -23.97
CA GLY Z 115 23.83 114.72 -23.41
C GLY Z 115 23.91 114.88 -21.90
N ASP Z 116 23.06 114.19 -21.14
CA ASP Z 116 23.08 114.31 -19.69
C ASP Z 116 23.68 113.04 -19.09
N GLU Z 117 24.64 113.21 -18.18
CA GLU Z 117 25.48 112.10 -17.74
C GLU Z 117 24.74 111.13 -16.81
N GLU Z 118 23.96 111.66 -15.87
CA GLU Z 118 23.33 110.77 -14.88
C GLU Z 118 22.35 109.81 -15.55
N LEU Z 119 21.55 110.29 -16.50
CA LEU Z 119 20.71 109.38 -17.27
C LEU Z 119 21.54 108.44 -18.15
N LYS Z 120 22.73 108.88 -18.58
CA LYS Z 120 23.63 107.95 -19.26
C LYS Z 120 23.95 106.75 -18.38
N GLU Z 121 24.38 107.03 -17.15
CA GLU Z 121 24.70 105.93 -16.22
C GLU Z 121 23.47 105.10 -15.93
N TYR Z 122 22.31 105.74 -15.77
CA TYR Z 122 21.07 105.03 -15.46
C TYR Z 122 20.72 104.05 -16.58
N VAL Z 123 20.77 104.51 -17.83
CA VAL Z 123 20.39 103.66 -18.94
C VAL Z 123 21.44 102.58 -19.20
N LYS Z 124 22.72 102.89 -18.95
CA LYS Z 124 23.73 101.84 -19.10
C LYS Z 124 23.54 100.72 -18.07
N LEU Z 125 23.22 101.09 -16.82
CA LEU Z 125 22.91 100.08 -15.83
C LEU Z 125 21.66 99.29 -16.22
N ALA Z 126 20.65 99.99 -16.75
CA ALA Z 126 19.44 99.31 -17.20
C ALA Z 126 19.74 98.31 -18.30
N ILE Z 127 20.60 98.68 -19.26
CA ILE Z 127 20.93 97.80 -20.37
C ILE Z 127 21.74 96.61 -19.88
N GLU Z 128 22.67 96.82 -18.95
CA GLU Z 128 23.43 95.70 -18.41
C GLU Z 128 22.53 94.73 -17.67
N THR Z 129 21.59 95.25 -16.87
CA THR Z 129 20.64 94.38 -16.19
C THR Z 129 19.74 93.65 -17.18
N LEU Z 130 19.36 94.32 -18.26
CA LEU Z 130 18.56 93.67 -19.30
C LEU Z 130 19.32 92.53 -19.94
N LYS Z 131 20.62 92.72 -20.20
CA LYS Z 131 21.44 91.64 -20.75
C LYS Z 131 21.53 90.47 -19.78
N GLU Z 132 21.74 90.77 -18.50
CA GLU Z 132 21.82 89.71 -17.50
C GLU Z 132 20.50 88.94 -17.41
N ALA Z 133 19.38 89.64 -17.50
CA ALA Z 133 18.09 88.97 -17.52
C ALA Z 133 17.93 88.11 -18.77
N PHE Z 134 18.26 88.68 -19.93
CA PHE Z 134 18.18 87.95 -21.19
C PHE Z 134 19.00 86.66 -21.16
N GLU Z 135 20.10 86.66 -20.39
CA GLU Z 135 20.92 85.46 -20.29
C GLU Z 135 20.10 84.24 -19.86
N ARG Z 136 19.15 84.43 -18.94
CA ARG Z 136 18.35 83.31 -18.46
C ARG Z 136 16.88 83.65 -18.26
N LYS Z 137 16.39 84.78 -18.78
CA LYS Z 137 15.02 85.22 -18.60
C LYS Z 137 14.67 85.32 -17.11
N ASN Z 138 15.44 86.16 -16.42
CA ASN Z 138 15.24 86.39 -14.99
C ASN Z 138 14.34 87.60 -14.84
N TYR Z 139 13.15 87.39 -14.26
CA TYR Z 139 12.10 88.40 -14.33
C TYR Z 139 12.40 89.59 -13.42
N ALA Z 140 13.16 89.38 -12.35
CA ALA Z 140 13.39 90.43 -11.36
C ALA Z 140 14.26 91.56 -11.93
N LEU Z 141 15.37 91.21 -12.59
CA LEU Z 141 16.16 92.24 -13.25
C LEU Z 141 15.38 92.91 -14.37
N LEU Z 142 14.46 92.17 -14.99
CA LEU Z 142 13.57 92.80 -15.97
C LEU Z 142 12.71 93.86 -15.32
N VAL Z 143 12.18 93.58 -14.11
CA VAL Z 143 11.40 94.58 -13.39
C VAL Z 143 12.26 95.79 -13.06
N SER Z 144 13.49 95.55 -12.60
CA SER Z 144 14.37 96.66 -12.25
C SER Z 144 14.66 97.54 -13.47
N ALA Z 145 14.99 96.91 -14.59
CA ALA Z 145 15.27 97.67 -15.81
C ALA Z 145 14.04 98.41 -16.31
N LYS Z 146 12.87 97.77 -16.20
CA LYS Z 146 11.63 98.44 -16.59
C LYS Z 146 11.40 99.69 -15.75
N ILE Z 147 11.61 99.57 -14.44
CA ILE Z 147 11.46 100.72 -13.55
C ILE Z 147 12.40 101.84 -13.98
N ILE Z 148 13.67 101.49 -14.21
CA ILE Z 148 14.67 102.51 -14.56
C ILE Z 148 14.28 103.21 -15.85
N VAL Z 149 13.88 102.43 -16.87
CA VAL Z 149 13.61 103.03 -18.17
C VAL Z 149 12.33 103.86 -18.13
N GLU Z 150 11.30 103.43 -17.41
CA GLU Z 150 10.08 104.23 -17.39
C GLU Z 150 10.29 105.51 -16.60
N ASN Z 151 11.04 105.46 -15.50
CA ASN Z 151 11.32 106.69 -14.77
C ASN Z 151 12.18 107.64 -15.60
N ALA Z 152 13.15 107.10 -16.35
CA ALA Z 152 13.93 107.95 -17.24
C ALA Z 152 13.07 108.58 -18.32
N GLU Z 153 12.16 107.81 -18.91
CA GLU Z 153 11.27 108.36 -19.93
C GLU Z 153 10.41 109.48 -19.35
N GLU Z 154 9.89 109.27 -18.14
CA GLU Z 154 9.12 110.33 -17.48
C GLU Z 154 10.00 111.54 -17.22
N ILE Z 155 11.28 111.33 -16.91
CA ILE Z 155 12.20 112.45 -16.72
C ILE Z 155 12.32 113.25 -18.00
N LEU Z 156 12.49 112.58 -19.15
CA LEU Z 156 12.58 113.29 -20.41
C LEU Z 156 11.29 114.03 -20.75
N LYS Z 157 10.14 113.42 -20.47
CA LYS Z 157 8.89 114.13 -20.70
C LYS Z 157 8.78 115.38 -19.83
N ALA Z 158 9.12 115.25 -18.55
CA ALA Z 158 9.06 116.41 -17.66
C ALA Z 158 10.11 117.45 -18.01
N LYS Z 159 11.18 117.06 -18.69
CA LYS Z 159 12.19 118.03 -19.13
C LYS Z 159 11.59 119.08 -20.04
N LYS Z 160 10.81 118.64 -21.05
CA LYS Z 160 10.11 119.60 -21.89
C LYS Z 160 8.88 120.16 -21.21
N LYS Z 161 8.24 119.40 -20.32
CA LYS Z 161 7.13 119.94 -19.56
C LYS Z 161 7.60 121.03 -18.60
N GLY Z 162 8.63 120.73 -17.81
CA GLY Z 162 9.20 121.73 -16.91
C GLY Z 162 8.64 121.72 -15.51
N ASP Z 163 8.44 120.54 -14.94
CA ASP Z 163 7.94 120.40 -13.57
C ASP Z 163 9.10 119.83 -12.76
N GLU Z 164 9.79 120.69 -12.02
CA GLU Z 164 11.02 120.29 -11.34
C GLU Z 164 10.75 119.31 -10.21
N GLU Z 165 9.62 119.48 -9.50
CA GLU Z 165 9.30 118.57 -8.41
C GLU Z 165 9.23 117.13 -8.91
N LYS Z 166 8.57 116.93 -10.06
CA LYS Z 166 8.43 115.59 -10.62
C LYS Z 166 9.80 115.02 -11.02
N ILE Z 167 10.68 115.85 -11.58
CA ILE Z 167 11.98 115.33 -12.00
C ILE Z 167 12.81 114.95 -10.78
N LYS Z 168 12.73 115.73 -9.69
CA LYS Z 168 13.42 115.35 -8.47
C LYS Z 168 12.87 114.05 -7.91
N GLU Z 169 11.55 113.89 -7.94
CA GLU Z 169 10.95 112.63 -7.47
C GLU Z 169 11.42 111.45 -8.32
N LEU Z 170 11.51 111.63 -9.63
CA LEU Z 170 11.95 110.55 -10.50
C LEU Z 170 13.43 110.22 -10.27
N LEU Z 171 14.26 111.24 -10.01
CA LEU Z 171 15.64 110.96 -9.63
C LEU Z 171 15.72 110.19 -8.33
N GLN Z 172 14.85 110.50 -7.37
CA GLN Z 172 14.80 109.72 -6.14
C GLN Z 172 14.44 108.26 -6.43
N ARG Z 173 13.44 108.04 -7.28
CA ARG Z 173 13.07 106.68 -7.64
C ARG Z 173 14.22 105.95 -8.32
N LEU Z 174 14.94 106.64 -9.20
CA LEU Z 174 16.06 106.01 -9.92
C LEU Z 174 17.20 105.69 -8.96
N LYS Z 175 17.47 106.56 -7.99
CA LYS Z 175 18.47 106.24 -6.99
C LYS Z 175 18.08 105.01 -6.17
N ALA Z 176 16.80 104.92 -5.80
CA ALA Z 176 16.32 103.73 -5.10
C ALA Z 176 16.51 102.48 -5.96
N ALA Z 177 16.21 102.59 -7.26
CA ALA Z 177 16.38 101.45 -8.16
C ALA Z 177 17.84 101.04 -8.27
N LYS Z 178 18.74 102.02 -8.38
CA LYS Z 178 20.17 101.70 -8.45
C LYS Z 178 20.64 101.00 -7.21
N ILE Z 179 20.19 101.47 -6.04
CA ILE Z 179 20.56 100.82 -4.78
C ILE Z 179 20.02 99.40 -4.74
N GLY Z 180 18.79 99.21 -5.21
CA GLY Z 180 18.14 97.92 -5.01
C GLY Z 180 18.58 96.85 -6.00
N THR Z 181 19.04 97.26 -7.18
CA THR Z 181 19.31 96.28 -8.23
C THR Z 181 20.33 95.21 -7.84
N PRO Z 182 21.52 95.55 -7.29
CA PRO Z 182 22.38 94.47 -6.81
C PRO Z 182 21.74 93.65 -5.72
N LEU Z 183 20.92 94.29 -4.87
CA LEU Z 183 20.27 93.57 -3.79
C LEU Z 183 19.29 92.53 -4.32
N VAL Z 184 18.48 92.90 -5.32
CA VAL Z 184 17.51 91.94 -5.86
C VAL Z 184 18.23 90.83 -6.63
N ARG Z 185 19.27 91.18 -7.37
CA ARG Z 185 20.06 90.15 -8.04
C ARG Z 185 20.60 89.15 -7.01
N GLU Z 186 21.17 89.65 -5.92
CA GLU Z 186 21.73 88.77 -4.90
C GLU Z 186 20.65 87.93 -4.23
N VAL Z 187 19.48 88.53 -3.96
CA VAL Z 187 18.41 87.78 -3.31
C VAL Z 187 17.96 86.62 -4.18
N VAL Z 188 17.76 86.87 -5.48
CA VAL Z 188 17.36 85.80 -6.38
C VAL Z 188 18.44 84.73 -6.45
N GLU Z 189 19.72 85.16 -6.56
CA GLU Z 189 20.80 84.19 -6.66
C GLU Z 189 20.86 83.30 -5.43
N ARG Z 190 20.77 83.89 -4.23
CA ARG Z 190 20.82 83.10 -3.01
C ARG Z 190 19.63 82.17 -2.90
N TYR Z 191 18.43 82.65 -3.24
CA TYR Z 191 17.27 81.78 -3.15
C TYR Z 191 17.34 80.62 -4.15
N ARG Z 192 18.02 80.82 -5.27
CA ARG Z 192 18.11 79.77 -6.29
C ARG Z 192 18.62 78.44 -5.75
N GLU Z 193 19.71 78.46 -4.99
CA GLU Z 193 20.30 77.21 -4.52
C GLU Z 193 20.61 77.18 -3.03
N GLU Z 194 20.87 78.32 -2.39
CA GLU Z 194 21.28 78.31 -1.00
C GLU Z 194 20.18 77.78 -0.08
N GLY Z 195 18.95 78.20 -0.31
CA GLY Z 195 17.80 77.59 0.35
C GLY Z 195 17.23 78.32 1.55
N GLU Z 196 17.54 79.59 1.68
CA GLU Z 196 17.01 80.39 2.77
C GLU Z 196 15.48 80.56 2.66
N PRO Z 197 14.88 81.25 3.62
CA PRO Z 197 13.44 81.50 3.55
C PRO Z 197 13.18 82.79 2.82
N LEU Z 198 12.67 82.69 1.61
CA LEU Z 198 12.50 83.89 0.82
C LEU Z 198 12.01 85.07 1.60
N LEU Z 199 10.94 84.90 2.32
CA LEU Z 199 10.38 86.09 2.96
C LEU Z 199 11.41 86.83 3.79
N ASP Z 200 12.29 86.09 4.47
CA ASP Z 200 13.31 86.73 5.30
C ASP Z 200 14.26 87.57 4.44
N LEU Z 201 14.76 86.98 3.34
CA LEU Z 201 15.64 87.72 2.45
C LEU Z 201 14.91 88.88 1.80
N LEU Z 202 13.64 88.71 1.44
CA LEU Z 202 12.88 89.82 0.87
C LEU Z 202 12.79 90.98 1.86
N LEU Z 203 12.48 90.67 3.11
CA LEU Z 203 12.37 91.73 4.12
C LEU Z 203 13.71 92.41 4.35
N HIS Z 204 14.78 91.63 4.44
CA HIS Z 204 16.11 92.22 4.63
C HIS Z 204 16.50 93.11 3.46
N MET Z 205 16.23 92.66 2.23
CA MET Z 205 16.54 93.46 1.06
C MET Z 205 15.74 94.75 1.05
N ALA Z 206 14.45 94.67 1.38
CA ALA Z 206 13.63 95.88 1.40
C ALA Z 206 14.13 96.86 2.45
N GLU Z 207 14.44 96.36 3.65
CA GLU Z 207 14.92 97.25 4.71
C GLU Z 207 16.26 97.86 4.35
N THR Z 208 17.16 97.08 3.76
CA THR Z 208 18.44 97.62 3.32
C THR Z 208 18.25 98.68 2.25
N THR Z 209 17.34 98.45 1.32
CA THR Z 209 17.05 99.44 0.28
C THR Z 209 16.54 100.73 0.91
N ILE Z 210 15.60 100.63 1.86
CA ILE Z 210 15.06 101.82 2.49
C ILE Z 210 16.14 102.58 3.25
N ARG Z 211 16.97 101.86 4.01
CA ARG Z 211 18.01 102.51 4.80
C ARG Z 211 19.02 103.19 3.91
N GLU Z 212 19.48 102.51 2.86
CA GLU Z 212 20.47 103.11 1.96
C GLU Z 212 19.89 104.27 1.19
N SER Z 213 18.60 104.18 0.83
CA SER Z 213 17.96 105.26 0.09
C SER Z 213 17.79 106.50 0.97
N GLU Z 214 17.42 106.31 2.23
CA GLU Z 214 17.30 107.46 3.13
C GLU Z 214 18.67 107.98 3.53
N LYS Z 215 19.71 107.16 3.41
CA LYS Z 215 21.07 107.66 3.60
C LYS Z 215 21.49 108.62 2.50
N LEU Z 216 20.78 108.62 1.37
CA LEU Z 216 21.06 109.54 0.26
C LEU Z 216 20.10 110.73 0.26
N GLY Z 217 19.32 110.92 1.32
CA GLY Z 217 18.41 112.03 1.45
C GLY Z 217 17.02 111.77 0.90
N VAL Z 218 16.76 110.56 0.40
CA VAL Z 218 15.47 110.27 -0.23
C VAL Z 218 14.51 109.74 0.81
N ASP Z 219 13.27 110.21 0.70
CA ASP Z 219 12.23 109.76 1.60
C ASP Z 219 12.13 108.29 1.71
N PRO Z 220 11.44 107.82 2.74
CA PRO Z 220 11.24 106.40 2.87
C PRO Z 220 9.88 106.15 2.36
N ARG Z 221 9.46 106.96 1.40
CA ARG Z 221 8.17 106.72 0.79
C ARG Z 221 8.36 106.14 -0.59
N LEU Z 222 8.62 106.99 -1.58
CA LEU Z 222 8.67 106.49 -2.94
C LEU Z 222 9.66 105.36 -3.08
N ALA Z 223 10.77 105.41 -2.33
CA ALA Z 223 11.68 104.28 -2.29
C ALA Z 223 10.98 103.03 -1.76
N ALA Z 224 10.02 103.21 -0.84
CA ALA Z 224 9.22 102.10 -0.37
C ALA Z 224 8.41 101.48 -1.51
N GLU Z 225 7.81 102.31 -2.36
CA GLU Z 225 7.05 101.77 -3.48
C GLU Z 225 7.96 101.11 -4.51
N VAL Z 226 9.18 101.63 -4.69
CA VAL Z 226 10.14 100.98 -5.57
C VAL Z 226 10.50 99.60 -5.04
N ALA Z 227 10.77 99.51 -3.74
CA ALA Z 227 11.04 98.22 -3.13
C ALA Z 227 9.84 97.30 -3.22
N ARG Z 228 8.62 97.85 -3.15
CA ARG Z 228 7.42 97.04 -3.28
C ARG Z 228 7.30 96.44 -4.68
N GLU Z 229 7.55 97.25 -5.71
CA GLU Z 229 7.54 96.72 -7.08
C GLU Z 229 8.59 95.65 -7.26
N MET Z 230 9.79 95.88 -6.72
CA MET Z 230 10.85 94.88 -6.85
C MET Z 230 10.53 93.60 -6.09
N VAL Z 231 9.86 93.73 -4.94
CA VAL Z 231 9.42 92.56 -4.19
C VAL Z 231 8.40 91.77 -4.99
N ASP Z 232 7.47 92.48 -5.65
CA ASP Z 232 6.51 91.81 -6.51
C ASP Z 232 7.22 91.07 -7.64
N GLY Z 233 8.23 91.71 -8.23
CA GLY Z 233 8.99 91.05 -9.28
C GLY Z 233 9.72 89.81 -8.79
N VAL Z 234 10.29 89.88 -7.58
CA VAL Z 234 10.95 88.72 -7.00
C VAL Z 234 9.95 87.60 -6.78
N GLY Z 235 8.77 87.93 -6.26
CA GLY Z 235 7.74 86.92 -6.07
C GLY Z 235 7.33 86.27 -7.37
N HIS Z 236 7.19 87.05 -8.44
CA HIS Z 236 6.84 86.50 -9.74
C HIS Z 236 7.94 85.59 -10.27
N GLU Z 237 9.19 86.02 -10.17
CA GLU Z 237 10.29 85.24 -10.72
C GLU Z 237 10.50 83.94 -9.94
N THR Z 238 10.46 84.01 -8.61
CA THR Z 238 10.75 82.86 -7.77
C THR Z 238 9.63 81.82 -7.77
N GLY Z 239 8.45 82.15 -8.30
CA GLY Z 239 7.35 81.23 -8.30
C GLY Z 239 6.61 81.11 -6.98
N GLU Z 240 6.84 82.04 -6.06
CA GLU Z 240 6.18 82.03 -4.75
C GLU Z 240 5.75 83.46 -4.44
N THR Z 241 4.44 83.71 -4.48
CA THR Z 241 3.90 85.04 -4.28
C THR Z 241 3.31 85.28 -2.89
N GLU Z 242 3.05 84.22 -2.12
CA GLU Z 242 2.51 84.39 -0.78
C GLU Z 242 3.50 85.11 0.13
N ALA Z 243 4.79 84.74 0.06
CA ALA Z 243 5.81 85.46 0.81
C ALA Z 243 5.94 86.89 0.31
N ALA Z 244 5.87 87.08 -1.02
CA ALA Z 244 5.88 88.43 -1.57
C ALA Z 244 4.65 89.20 -1.09
N PHE Z 245 3.50 88.54 -1.00
CA PHE Z 245 2.30 89.18 -0.48
C PHE Z 245 2.50 89.63 0.97
N ARG Z 246 3.10 88.77 1.80
CA ARG Z 246 3.32 89.11 3.20
C ARG Z 246 4.29 90.28 3.33
N VAL Z 247 5.38 90.27 2.56
CA VAL Z 247 6.33 91.38 2.63
C VAL Z 247 5.68 92.66 2.11
N ARG Z 248 4.81 92.54 1.11
CA ARG Z 248 4.05 93.69 0.63
C ARG Z 248 3.18 94.27 1.73
N ARG Z 249 2.53 93.40 2.50
CA ARG Z 249 1.69 93.88 3.61
C ARG Z 249 2.53 94.58 4.68
N GLU Z 250 3.68 94.01 5.02
CA GLU Z 250 4.54 94.66 6.02
C GLU Z 250 5.05 96.00 5.53
N LEU Z 251 5.41 96.09 4.25
CA LEU Z 251 5.86 97.37 3.71
C LEU Z 251 4.72 98.39 3.67
N ASP Z 252 3.50 97.93 3.38
CA ASP Z 252 2.33 98.82 3.44
C ASP Z 252 2.08 99.31 4.86
N THR Z 253 2.32 98.46 5.86
CA THR Z 253 2.26 98.92 7.24
C THR Z 253 3.38 99.91 7.55
N VAL Z 254 4.56 99.68 6.97
CA VAL Z 254 5.72 100.54 7.23
C VAL Z 254 5.47 101.95 6.72
N ILE Z 255 4.91 102.07 5.50
CA ILE Z 255 4.73 103.41 4.92
C ILE Z 255 3.75 104.23 5.74
N LEU Z 256 2.89 103.57 6.53
CA LEU Z 256 1.96 104.27 7.40
C LEU Z 256 2.69 105.02 8.50
N THR AA 25 -33.14 76.59 -17.96
CA THR AA 25 -34.24 77.31 -18.59
C THR AA 25 -35.44 77.41 -17.64
N GLU AA 26 -35.21 77.06 -16.37
CA GLU AA 26 -36.27 77.10 -15.38
C GLU AA 26 -36.78 78.53 -15.17
N LYS AA 27 -35.88 79.50 -15.16
CA LYS AA 27 -36.31 80.89 -15.02
C LYS AA 27 -37.20 81.30 -16.19
N LEU AA 28 -36.85 80.90 -17.41
CA LEU AA 28 -37.67 81.25 -18.57
C LEU AA 28 -39.04 80.59 -18.50
N LYS AA 29 -39.08 79.32 -18.08
CA LYS AA 29 -40.36 78.65 -17.93
C LYS AA 29 -41.24 79.32 -16.89
N LYS AA 30 -40.65 79.71 -15.75
CA LYS AA 30 -41.42 80.41 -14.74
C LYS AA 30 -41.89 81.77 -15.22
N ILE AA 31 -41.06 82.48 -15.99
CA ILE AA 31 -41.46 83.77 -16.53
C ILE AA 31 -42.65 83.60 -17.47
N THR AA 32 -42.59 82.59 -18.34
CA THR AA 32 -43.71 82.33 -19.24
C THR AA 32 -44.97 81.98 -18.46
N LYS AA 33 -44.84 81.13 -17.44
CA LYS AA 33 -46.01 80.75 -16.63
C LYS AA 33 -46.62 81.96 -15.96
N LEU AA 34 -45.80 82.81 -15.34
CA LEU AA 34 -46.33 83.97 -14.64
C LEU AA 34 -46.94 84.98 -15.60
N LEU AA 35 -46.37 85.12 -16.80
CA LEU AA 35 -46.98 86.00 -17.79
C LEU AA 35 -48.32 85.46 -18.25
N HIS AA 36 -48.49 84.16 -18.34
CA HIS AA 36 -49.79 83.66 -18.69
C HIS AA 36 -50.67 84.09 -17.58
N GLU AA 37 -50.35 83.64 -16.37
CA GLU AA 37 -51.27 83.93 -15.28
C GLU AA 37 -51.69 85.39 -15.28
N LEU AA 38 -50.73 86.30 -15.48
CA LEU AA 38 -51.06 87.71 -15.49
C LEU AA 38 -52.03 88.06 -16.62
N VAL AA 39 -51.80 87.51 -17.81
CA VAL AA 39 -52.67 87.84 -18.94
C VAL AA 39 -54.03 87.18 -18.78
N ASP AA 40 -54.11 86.07 -18.03
CA ASP AA 40 -55.39 85.43 -17.81
C ASP AA 40 -56.34 86.35 -17.05
N ARG AA 41 -55.87 86.98 -15.98
CA ARG AA 41 -56.67 87.90 -15.18
C ARG AA 41 -56.30 89.33 -15.55
N GLY AA 42 -56.79 89.77 -16.72
CA GLY AA 42 -56.56 91.14 -17.15
C GLY AA 42 -55.09 91.47 -17.27
N GLU AA 43 -54.72 92.62 -16.73
CA GLU AA 43 -53.32 93.06 -16.59
C GLU AA 43 -52.70 93.14 -17.98
N ILE AA 44 -51.61 92.43 -18.26
CA ILE AA 44 -50.87 92.56 -19.52
C ILE AA 44 -51.70 92.01 -20.68
N PRO AA 45 -51.47 92.48 -21.91
CA PRO AA 45 -52.20 91.92 -23.06
C PRO AA 45 -51.65 90.56 -23.49
N GLU AA 46 -52.29 89.95 -24.49
CA GLU AA 46 -51.98 88.59 -24.89
C GLU AA 46 -50.69 88.49 -25.70
N GLU AA 47 -50.31 89.55 -26.41
CA GLU AA 47 -49.15 89.48 -27.29
C GLU AA 47 -47.89 89.13 -26.53
N LEU AA 48 -47.73 89.67 -25.32
CA LEU AA 48 -46.53 89.39 -24.54
C LEU AA 48 -46.48 87.92 -24.15
N ALA AA 49 -47.62 87.33 -23.77
CA ALA AA 49 -47.64 85.92 -23.42
C ALA AA 49 -47.36 85.04 -24.63
N THR AA 50 -47.92 85.41 -25.79
CA THR AA 50 -47.64 84.64 -27.01
C THR AA 50 -46.17 84.69 -27.37
N LEU AA 51 -45.56 85.87 -27.28
CA LEU AA 51 -44.13 85.99 -27.53
C LEU AA 51 -43.33 85.17 -26.53
N ALA AA 52 -43.75 85.18 -25.26
CA ALA AA 52 -43.07 84.37 -24.26
C ALA AA 52 -43.11 82.90 -24.63
N THR AA 53 -44.27 82.42 -25.09
CA THR AA 53 -44.39 81.01 -25.48
C THR AA 53 -43.49 80.69 -26.67
N LEU AA 54 -43.54 81.52 -27.71
CA LEU AA 54 -42.73 81.24 -28.90
C LEU AA 54 -41.24 81.26 -28.58
N LEU AA 55 -40.79 82.26 -27.81
CA LEU AA 55 -39.38 82.33 -27.45
C LEU AA 55 -38.98 81.21 -26.50
N LEU AA 56 -39.89 80.76 -25.64
CA LEU AA 56 -39.58 79.63 -24.77
C LEU AA 56 -39.45 78.35 -25.56
N TYR AA 57 -40.16 78.24 -26.69
CA TYR AA 57 -39.93 77.10 -27.57
C TYR AA 57 -38.58 77.23 -28.29
N LEU AA 58 -38.31 78.42 -28.84
CA LEU AA 58 -37.10 78.63 -29.62
C LEU AA 58 -35.85 78.39 -28.78
N VAL AA 59 -35.77 79.04 -27.62
CA VAL AA 59 -34.83 78.65 -26.59
C VAL AA 59 -35.23 77.24 -26.17
N GLU AA 60 -34.26 76.38 -25.86
CA GLU AA 60 -34.49 74.98 -25.49
C GLU AA 60 -34.89 74.19 -26.73
N LYS AA 61 -35.17 74.87 -27.85
CA LYS AA 61 -34.98 74.23 -29.14
C LYS AA 61 -33.55 74.43 -29.63
N GLY AA 62 -32.85 75.41 -29.06
CA GLY AA 62 -31.47 75.65 -29.40
C GLY AA 62 -31.30 76.54 -30.62
N LEU AA 63 -32.15 77.57 -30.73
CA LEU AA 63 -32.11 78.46 -31.87
C LEU AA 63 -31.88 79.92 -31.52
N ILE AA 64 -32.05 80.31 -30.26
CA ILE AA 64 -31.70 81.66 -29.81
C ILE AA 64 -31.14 81.56 -28.41
N SER AA 65 -30.67 82.69 -27.87
CA SER AA 65 -30.10 82.74 -26.53
C SER AA 65 -31.05 83.48 -25.60
N GLU AA 66 -30.81 83.31 -24.29
CA GLU AA 66 -31.64 83.97 -23.29
C GLU AA 66 -31.59 85.48 -23.43
N PHE AA 67 -30.48 86.02 -23.93
CA PHE AA 67 -30.39 87.46 -24.14
C PHE AA 67 -31.43 87.94 -25.13
N ASP AA 68 -31.61 87.21 -26.23
CA ASP AA 68 -32.63 87.59 -27.20
C ASP AA 68 -34.03 87.48 -26.61
N PHE AA 69 -34.28 86.44 -25.83
CA PHE AA 69 -35.56 86.30 -25.14
C PHE AA 69 -35.86 87.53 -24.29
N ILE AA 70 -34.93 87.88 -23.40
CA ILE AA 70 -35.18 89.00 -22.50
C ILE AA 70 -35.27 90.31 -23.27
N GLU AA 71 -34.45 90.47 -24.32
CA GLU AA 71 -34.46 91.70 -25.09
C GLU AA 71 -35.79 91.89 -25.80
N HIS AA 72 -36.32 90.82 -26.41
CA HIS AA 72 -37.62 90.90 -27.06
C HIS AA 72 -38.72 91.19 -26.06
N LEU AA 73 -38.67 90.52 -24.89
CA LEU AA 73 -39.68 90.77 -23.87
C LEU AA 73 -39.67 92.22 -23.42
N VAL AA 74 -38.48 92.77 -23.19
CA VAL AA 74 -38.37 94.15 -22.73
C VAL AA 74 -38.83 95.12 -23.82
N ARG AA 75 -38.48 94.82 -25.08
CA ARG AA 75 -38.91 95.69 -26.18
C ARG AA 75 -40.43 95.73 -26.29
N LEU AA 76 -41.08 94.57 -26.20
CA LEU AA 76 -42.54 94.56 -26.24
C LEU AA 76 -43.14 95.25 -25.04
N ALA AA 77 -42.56 95.05 -23.84
CA ALA AA 77 -43.07 95.72 -22.66
C ALA AA 77 -42.98 97.24 -22.79
N GLU AA 78 -41.85 97.73 -23.33
CA GLU AA 78 -41.72 99.17 -23.56
C GLU AA 78 -42.72 99.65 -24.61
N LYS AA 79 -42.95 98.85 -25.65
CA LYS AA 79 -43.90 99.24 -26.68
C LYS AA 79 -45.32 99.35 -26.11
N LEU AA 80 -45.70 98.42 -25.25
CA LEU AA 80 -47.05 98.41 -24.68
C LEU AA 80 -47.15 99.15 -23.36
N GLY AA 81 -46.02 99.66 -22.83
CA GLY AA 81 -46.05 100.40 -21.58
C GLY AA 81 -46.50 99.56 -20.40
N VAL AA 82 -45.97 98.35 -20.29
CA VAL AA 82 -46.35 97.41 -19.23
C VAL AA 82 -45.09 96.92 -18.53
N LEU AA 83 -44.02 97.72 -18.62
CA LEU AA 83 -42.72 97.30 -18.13
C LEU AA 83 -42.73 97.01 -16.63
N GLU AA 84 -43.60 97.69 -15.87
CA GLU AA 84 -43.64 97.46 -14.43
C GLU AA 84 -44.07 96.03 -14.10
N GLU AA 85 -45.05 95.50 -14.83
CA GLU AA 85 -45.48 94.13 -14.60
C GLU AA 85 -44.37 93.13 -14.94
N LEU AA 86 -43.63 93.40 -16.02
CA LEU AA 86 -42.48 92.55 -16.34
C LEU AA 86 -41.42 92.62 -15.25
N LYS AA 87 -41.20 93.80 -14.69
CA LYS AA 87 -40.27 93.93 -13.58
C LYS AA 87 -40.73 93.10 -12.39
N LYS AA 88 -42.02 93.17 -12.07
CA LYS AA 88 -42.54 92.38 -10.96
C LYS AA 88 -42.38 90.88 -11.23
N VAL AA 89 -42.63 90.44 -12.45
CA VAL AA 89 -42.46 89.03 -12.79
C VAL AA 89 -41.01 88.62 -12.62
N LEU AA 90 -40.08 89.47 -13.07
CA LEU AA 90 -38.65 89.12 -12.95
C LEU AA 90 -38.18 89.12 -11.51
N GLU AA 91 -38.77 89.95 -10.65
CA GLU AA 91 -38.47 89.86 -9.23
C GLU AA 91 -39.05 88.59 -8.62
N GLU AA 92 -40.27 88.23 -9.00
CA GLU AA 92 -40.90 87.03 -8.45
C GLU AA 92 -40.12 85.77 -8.82
N VAL AA 93 -39.69 85.65 -10.07
CA VAL AA 93 -38.92 84.47 -10.45
C VAL AA 93 -37.56 84.47 -9.77
N GLY AA 94 -37.02 85.66 -9.46
CA GLY AA 94 -35.74 85.75 -8.80
C GLY AA 94 -34.57 85.72 -9.76
N ASP AA 95 -34.60 86.61 -10.75
CA ASP AA 95 -33.55 86.69 -11.77
C ASP AA 95 -32.87 88.03 -11.67
N GLU AA 96 -31.53 88.02 -11.59
CA GLU AA 96 -30.76 89.24 -11.52
C GLU AA 96 -30.28 89.71 -12.89
N PHE AA 97 -29.92 88.76 -13.76
CA PHE AA 97 -29.46 89.13 -15.10
C PHE AA 97 -30.55 89.84 -15.89
N GLY AA 98 -31.75 89.24 -15.92
CA GLY AA 98 -32.85 89.86 -16.65
C GLY AA 98 -33.25 91.20 -16.06
N LEU AA 99 -33.27 91.31 -14.73
CA LEU AA 99 -33.62 92.56 -14.10
C LEU AA 99 -32.60 93.65 -14.43
N THR AA 100 -31.32 93.31 -14.38
CA THR AA 100 -30.29 94.27 -14.77
C THR AA 100 -30.42 94.68 -16.22
N LEU AA 101 -30.77 93.74 -17.10
CA LEU AA 101 -31.00 94.09 -18.50
C LEU AA 101 -32.18 95.04 -18.65
N VAL AA 102 -33.24 94.81 -17.87
CA VAL AA 102 -34.40 95.71 -17.92
C VAL AA 102 -34.00 97.12 -17.49
N TYR AA 103 -33.24 97.22 -16.39
CA TYR AA 103 -32.78 98.53 -15.95
C TYR AA 103 -31.90 99.18 -17.00
N ALA AA 104 -31.02 98.40 -17.63
CA ALA AA 104 -30.14 98.96 -18.65
C ALA AA 104 -30.93 99.50 -19.83
N ILE AA 105 -31.94 98.77 -20.29
CA ILE AA 105 -32.74 99.22 -21.42
C ILE AA 105 -33.52 100.48 -21.06
N SER AA 106 -34.15 100.49 -19.88
CA SER AA 106 -34.91 101.66 -19.47
C SER AA 106 -34.01 102.88 -19.33
N LEU AA 107 -32.83 102.69 -18.74
CA LEU AA 107 -31.89 103.79 -18.58
C LEU AA 107 -31.38 104.29 -19.92
N LEU AA 108 -31.15 103.39 -20.87
CA LEU AA 108 -30.75 103.79 -22.21
C LEU AA 108 -31.84 104.61 -22.88
N LYS AA 109 -33.10 104.19 -22.73
CA LYS AA 109 -34.20 104.95 -23.32
C LYS AA 109 -34.30 106.34 -22.69
N GLU AA 110 -34.17 106.41 -21.36
CA GLU AA 110 -34.24 107.71 -20.69
C GLU AA 110 -33.10 108.62 -21.12
N VAL AA 111 -31.88 108.07 -21.25
CA VAL AA 111 -30.74 108.86 -21.67
C VAL AA 111 -30.91 109.31 -23.12
N GLU AA 112 -31.46 108.45 -23.98
CA GLU AA 112 -31.76 108.86 -25.35
C GLU AA 112 -32.75 110.01 -25.36
N LYS AA 113 -33.73 109.98 -24.46
CA LYS AA 113 -34.60 111.14 -24.30
C LYS AA 113 -33.80 112.37 -23.87
N GLU AA 114 -32.85 112.18 -22.94
CA GLU AA 114 -32.00 113.29 -22.51
C GLU AA 114 -31.02 113.69 -23.61
N GLY AA 115 -30.31 112.73 -24.19
CA GLY AA 115 -29.39 113.02 -25.28
C GLY AA 115 -27.97 113.34 -24.87
N ASP AA 116 -27.42 112.68 -23.86
CA ASP AA 116 -26.07 112.96 -23.40
C ASP AA 116 -25.15 111.81 -23.83
N GLU AA 117 -24.02 112.15 -24.45
CA GLU AA 117 -23.20 111.16 -25.15
C GLU AA 117 -22.43 110.25 -24.20
N GLU AA 118 -21.86 110.82 -23.12
CA GLU AA 118 -21.01 109.99 -22.25
C GLU AA 118 -21.81 108.89 -21.59
N LEU AA 119 -23.01 109.20 -21.10
CA LEU AA 119 -23.88 108.14 -20.60
C LEU AA 119 -24.33 107.19 -21.70
N LYS AA 120 -24.44 107.66 -22.93
CA LYS AA 120 -24.68 106.74 -24.05
C LYS AA 120 -23.59 105.68 -24.11
N GLU AA 121 -22.33 106.11 -24.12
CA GLU AA 121 -21.22 105.16 -24.18
C GLU AA 121 -21.22 104.27 -22.94
N TYR AA 122 -21.51 104.84 -21.77
CA TYR AA 122 -21.52 104.06 -20.54
C TYR AA 122 -22.54 102.94 -20.61
N VAL AA 123 -23.77 103.26 -21.02
CA VAL AA 123 -24.83 102.26 -21.05
C VAL AA 123 -24.60 101.26 -22.17
N LYS AA 124 -24.01 101.68 -23.30
CA LYS AA 124 -23.70 100.72 -24.34
C LYS AA 124 -22.64 99.71 -23.87
N LEU AA 125 -21.62 100.18 -23.17
CA LEU AA 125 -20.65 99.26 -22.59
C LEU AA 125 -21.30 98.34 -21.57
N ALA AA 126 -22.20 98.89 -20.75
CA ALA AA 126 -22.91 98.08 -19.78
C ALA AA 126 -23.73 96.98 -20.46
N ILE AA 127 -24.41 97.33 -21.55
CA ILE AA 127 -25.23 96.35 -22.26
C ILE AA 127 -24.38 95.28 -22.92
N GLU AA 128 -23.24 95.68 -23.49
CA GLU AA 128 -22.36 94.69 -24.10
C GLU AA 128 -21.81 93.73 -23.04
N THR AA 129 -21.42 94.26 -21.87
CA THR AA 129 -20.96 93.40 -20.79
C THR AA 129 -22.07 92.49 -20.30
N LEU AA 130 -23.30 93.01 -20.24
CA LEU AA 130 -24.44 92.19 -19.85
C LEU AA 130 -24.66 91.05 -20.82
N LYS AA 131 -24.52 91.31 -22.12
CA LYS AA 131 -24.66 90.25 -23.11
C LYS AA 131 -23.56 89.20 -22.94
N GLU AA 132 -22.32 89.65 -22.71
CA GLU AA 132 -21.22 88.71 -22.52
C GLU AA 132 -21.44 87.85 -21.28
N ALA AA 133 -21.97 88.46 -20.21
CA ALA AA 133 -22.30 87.68 -19.02
C ALA AA 133 -23.42 86.69 -19.30
N PHE AA 134 -24.49 87.15 -19.97
CA PHE AA 134 -25.60 86.28 -20.32
C PHE AA 134 -25.15 85.08 -21.13
N GLU AA 135 -24.08 85.25 -21.93
CA GLU AA 135 -23.58 84.13 -22.73
C GLU AA 135 -23.28 82.91 -21.86
N ARG AA 136 -22.73 83.12 -20.66
CA ARG AA 136 -22.37 81.99 -19.80
C ARG AA 136 -22.69 82.24 -18.33
N LYS AA 137 -23.48 83.26 -17.99
CA LYS AA 137 -23.80 83.61 -16.61
C LYS AA 137 -22.52 83.85 -15.80
N ASN AA 138 -21.72 84.81 -16.27
CA ASN AA 138 -20.47 85.18 -15.62
C ASN AA 138 -20.77 86.33 -14.67
N TYR AA 139 -20.57 86.09 -13.38
CA TYR AA 139 -21.09 86.99 -12.36
C TYR AA 139 -20.29 88.30 -12.30
N ALA AA 140 -19.01 88.27 -12.70
CA ALA AA 140 -18.15 89.43 -12.56
C ALA AA 140 -18.56 90.55 -13.51
N LEU AA 141 -18.80 90.23 -14.79
CA LEU AA 141 -19.30 91.24 -15.71
C LEU AA 141 -20.69 91.72 -15.30
N LEU AA 142 -21.47 90.85 -14.66
CA LEU AA 142 -22.74 91.29 -14.10
C LEU AA 142 -22.53 92.35 -13.02
N VAL AA 143 -21.53 92.16 -12.15
CA VAL AA 143 -21.21 93.16 -11.15
C VAL AA 143 -20.79 94.47 -11.80
N SER AA 144 -19.95 94.39 -12.83
CA SER AA 144 -19.48 95.59 -13.51
C SER AA 144 -20.64 96.35 -14.13
N ALA AA 145 -21.53 95.63 -14.83
CA ALA AA 145 -22.69 96.27 -15.46
C ALA AA 145 -23.63 96.85 -14.42
N LYS AA 146 -23.82 96.14 -13.30
CA LYS AA 146 -24.65 96.66 -12.22
C LYS AA 146 -24.09 97.97 -11.68
N ILE AA 147 -22.78 98.01 -11.47
CA ILE AA 147 -22.13 99.24 -11.01
C ILE AA 147 -22.39 100.37 -11.98
N ILE AA 148 -22.17 100.10 -13.28
CA ILE AA 148 -22.32 101.16 -14.28
C ILE AA 148 -23.76 101.68 -14.29
N VAL AA 149 -24.74 100.76 -14.28
CA VAL AA 149 -26.13 101.19 -14.41
C VAL AA 149 -26.59 101.93 -13.15
N GLU AA 150 -26.16 101.49 -11.96
CA GLU AA 150 -26.62 102.18 -10.76
C GLU AA 150 -25.99 103.57 -10.66
N ASN AA 151 -24.71 103.69 -11.02
CA ASN AA 151 -24.10 105.01 -11.01
C ASN AA 151 -24.73 105.93 -12.06
N ALA AA 152 -25.07 105.38 -13.23
CA ALA AA 152 -25.77 106.19 -14.22
C ALA AA 152 -27.14 106.64 -13.72
N GLU AA 153 -27.87 105.73 -13.07
CA GLU AA 153 -29.18 106.09 -12.53
C GLU AA 153 -29.04 107.19 -11.48
N GLU AA 154 -28.04 107.08 -10.61
CA GLU AA 154 -27.80 108.13 -9.64
C GLU AA 154 -27.44 109.45 -10.33
N ILE AA 155 -26.72 109.37 -11.45
CA ILE AA 155 -26.41 110.57 -12.23
C ILE AA 155 -27.68 111.23 -12.72
N LEU AA 156 -28.61 110.46 -13.27
CA LEU AA 156 -29.87 111.04 -13.73
C LEU AA 156 -30.68 111.62 -12.58
N LYS AA 157 -30.70 110.95 -11.42
CA LYS AA 157 -31.40 111.54 -10.28
C LYS AA 157 -30.77 112.86 -9.85
N ALA AA 158 -29.45 112.91 -9.77
CA ALA AA 158 -28.77 114.14 -9.39
C ALA AA 158 -28.91 115.23 -10.45
N LYS AA 159 -29.18 114.84 -11.70
CA LYS AA 159 -29.39 115.84 -12.75
C LYS AA 159 -30.58 116.73 -12.42
N LYS AA 160 -31.70 116.12 -12.03
CA LYS AA 160 -32.84 116.91 -11.60
C LYS AA 160 -32.66 117.46 -10.19
N LYS AA 161 -31.92 116.74 -9.33
CA LYS AA 161 -31.61 117.28 -8.01
C LYS AA 161 -30.70 118.49 -8.11
N GLY AA 162 -29.59 118.38 -8.85
CA GLY AA 162 -28.71 119.50 -9.07
C GLY AA 162 -27.56 119.60 -8.08
N ASP AA 163 -26.92 118.48 -7.76
CA ASP AA 163 -25.78 118.44 -6.86
C ASP AA 163 -24.58 118.06 -7.72
N GLU AA 164 -23.79 119.06 -8.11
CA GLU AA 164 -22.72 118.84 -9.08
C GLU AA 164 -21.60 117.97 -8.49
N GLU AA 165 -21.31 118.12 -7.20
CA GLU AA 165 -20.26 117.31 -6.59
C GLU AA 165 -20.58 115.82 -6.74
N LYS AA 166 -21.83 115.46 -6.49
CA LYS AA 166 -22.23 114.05 -6.60
C LYS AA 166 -22.11 113.55 -8.03
N ILE AA 167 -22.47 114.38 -9.02
CA ILE AA 167 -22.39 113.92 -10.40
C ILE AA 167 -20.94 113.75 -10.82
N LYS AA 168 -20.04 114.64 -10.35
CA LYS AA 168 -18.63 114.44 -10.64
C LYS AA 168 -18.11 113.16 -10.00
N GLU AA 169 -18.52 112.90 -8.76
CA GLU AA 169 -18.11 111.66 -8.09
C GLU AA 169 -18.59 110.44 -8.85
N LEU AA 170 -19.83 110.48 -9.35
CA LEU AA 170 -20.37 109.35 -10.10
C LEU AA 170 -19.66 109.16 -11.43
N LEU AA 171 -19.29 110.26 -12.10
CA LEU AA 171 -18.46 110.14 -13.30
C LEU AA 171 -17.12 109.53 -12.99
N GLN AA 172 -16.52 109.88 -11.84
CA GLN AA 172 -15.28 109.23 -11.44
C GLN AA 172 -15.47 107.72 -11.26
N ARG AA 173 -16.56 107.33 -10.59
CA ARG AA 173 -16.85 105.92 -10.40
C ARG AA 173 -17.03 105.21 -11.74
N LEU AA 174 -17.73 105.85 -12.68
CA LEU AA 174 -17.96 105.24 -13.98
C LEU AA 174 -16.68 105.11 -14.78
N LYS AA 175 -15.78 106.10 -14.69
CA LYS AA 175 -14.48 105.98 -15.34
C LYS AA 175 -13.69 104.82 -14.75
N ALA AA 176 -13.72 104.67 -13.42
CA ALA AA 176 -13.06 103.53 -12.80
C ALA AA 176 -13.65 102.22 -13.30
N ALA AA 177 -14.97 102.15 -13.43
CA ALA AA 177 -15.62 100.94 -13.91
C ALA AA 177 -15.22 100.63 -15.35
N LYS AA 178 -15.17 101.66 -16.21
CA LYS AA 178 -14.77 101.45 -17.59
C LYS AA 178 -13.34 100.93 -17.67
N ILE AA 179 -12.44 101.50 -16.86
CA ILE AA 179 -11.06 101.02 -16.84
C ILE AA 179 -11.00 99.58 -16.36
N GLY AA 180 -11.80 99.23 -15.35
CA GLY AA 180 -11.66 97.92 -14.73
C GLY AA 180 -12.32 96.79 -15.50
N THR AA 181 -13.34 97.11 -16.30
CA THR AA 181 -14.12 96.04 -16.92
C THR AA 181 -13.29 95.11 -17.82
N PRO AA 182 -12.46 95.60 -18.75
CA PRO AA 182 -11.59 94.66 -19.47
C PRO AA 182 -10.66 93.90 -18.53
N LEU AA 183 -10.19 94.56 -17.47
CA LEU AA 183 -9.28 93.91 -16.53
C LEU AA 183 -9.96 92.75 -15.82
N VAL AA 184 -11.20 92.94 -15.36
CA VAL AA 184 -11.88 91.86 -14.65
C VAL AA 184 -12.24 90.73 -15.62
N ARG AA 185 -12.66 91.08 -16.83
CA ARG AA 185 -12.91 90.05 -17.84
C ARG AA 185 -11.66 89.21 -18.06
N GLU AA 186 -10.51 89.88 -18.23
CA GLU AA 186 -9.27 89.16 -18.47
C GLU AA 186 -8.86 88.31 -17.28
N VAL AA 187 -9.04 88.84 -16.06
CA VAL AA 187 -8.67 88.09 -14.86
C VAL AA 187 -9.47 86.81 -14.76
N VAL AA 188 -10.79 86.91 -14.98
CA VAL AA 188 -11.63 85.70 -14.93
C VAL AA 188 -11.22 84.72 -16.02
N GLU AA 189 -10.98 85.23 -17.23
CA GLU AA 189 -10.62 84.36 -18.34
C GLU AA 189 -9.32 83.61 -18.04
N ARG AA 190 -8.30 84.32 -17.55
CA ARG AA 190 -7.03 83.69 -17.24
C ARG AA 190 -7.18 82.67 -16.10
N TYR AA 191 -7.94 83.01 -15.07
CA TYR AA 191 -8.09 82.06 -13.97
C TYR AA 191 -8.87 80.82 -14.40
N ARG AA 192 -9.74 80.94 -15.41
CA ARG AA 192 -10.54 79.80 -15.86
C ARG AA 192 -9.69 78.58 -16.22
N GLU AA 193 -8.64 78.77 -17.02
CA GLU AA 193 -7.86 77.63 -17.48
C GLU AA 193 -6.36 77.78 -17.29
N GLU AA 194 -5.83 79.00 -17.29
CA GLU AA 194 -4.38 79.18 -17.25
C GLU AA 194 -3.78 78.67 -15.93
N GLY AA 195 -4.44 78.97 -14.81
CA GLY AA 195 -4.09 78.34 -13.54
C GLY AA 195 -3.23 79.14 -12.59
N GLU AA 196 -3.19 80.45 -12.78
CA GLU AA 196 -2.44 81.31 -11.88
C GLU AA 196 -3.05 81.32 -10.47
N PRO AA 197 -2.43 82.06 -9.55
CA PRO AA 197 -3.01 82.16 -8.21
C PRO AA 197 -3.92 83.36 -8.13
N LEU AA 198 -5.22 83.12 -8.06
CA LEU AA 198 -6.15 84.22 -8.10
C LEU AA 198 -5.71 85.44 -7.34
N LEU AA 199 -5.30 85.26 -6.12
CA LEU AA 199 -5.04 86.45 -5.33
C LEU AA 199 -4.02 87.36 -6.02
N ASP AA 200 -3.02 86.78 -6.66
CA ASP AA 200 -2.01 87.59 -7.34
C ASP AA 200 -2.62 88.39 -8.48
N LEU AA 201 -3.42 87.72 -9.33
CA LEU AA 201 -4.10 88.44 -10.42
C LEU AA 201 -5.08 89.46 -9.88
N LEU AA 202 -5.79 89.15 -8.80
CA LEU AA 202 -6.71 90.13 -8.22
C LEU AA 202 -5.95 91.38 -7.77
N LEU AA 203 -4.82 91.19 -7.09
CA LEU AA 203 -4.05 92.34 -6.62
C LEU AA 203 -3.50 93.15 -7.78
N HIS AA 204 -2.99 92.47 -8.81
CA HIS AA 204 -2.46 93.17 -9.98
C HIS AA 204 -3.56 93.95 -10.69
N MET AA 205 -4.74 93.35 -10.83
CA MET AA 205 -5.86 94.05 -11.48
C MET AA 205 -6.28 95.26 -10.67
N ALA AA 206 -6.37 95.11 -9.34
CA ALA AA 206 -6.75 96.24 -8.50
C ALA AA 206 -5.73 97.37 -8.59
N GLU AA 207 -4.45 97.04 -8.54
CA GLU AA 207 -3.41 98.06 -8.62
C GLU AA 207 -3.42 98.75 -9.99
N THR AA 208 -3.60 97.97 -11.06
CA THR AA 208 -3.68 98.56 -12.39
C THR AA 208 -4.88 99.49 -12.50
N THR AA 209 -6.02 99.08 -11.94
CA THR AA 209 -7.21 99.92 -11.95
C THR AA 209 -6.95 101.23 -11.21
N ILE AA 210 -6.32 101.16 -10.04
CA ILE AA 210 -6.05 102.37 -9.27
C ILE AA 210 -5.09 103.29 -10.02
N ARG AA 211 -4.03 102.72 -10.60
CA ARG AA 211 -3.05 103.53 -11.30
C ARG AA 211 -3.67 104.20 -12.52
N GLU AA 212 -4.42 103.44 -13.33
CA GLU AA 212 -5.03 104.02 -14.52
C GLU AA 212 -6.10 105.04 -14.15
N SER AA 213 -6.83 104.80 -13.05
CA SER AA 213 -7.85 105.74 -12.64
C SER AA 213 -7.24 107.06 -12.15
N GLU AA 214 -6.14 106.97 -11.40
CA GLU AA 214 -5.48 108.21 -10.96
C GLU AA 214 -4.74 108.88 -12.10
N LYS AA 215 -4.43 108.13 -13.17
CA LYS AA 215 -3.89 108.75 -14.38
C LYS AA 215 -4.93 109.62 -15.09
N LEU AA 216 -6.21 109.44 -14.78
CA LEU AA 216 -7.29 110.25 -15.35
C LEU AA 216 -7.74 111.35 -14.40
N GLY AA 217 -7.00 111.59 -13.31
CA GLY AA 217 -7.31 112.63 -12.36
C GLY AA 217 -8.22 112.20 -11.22
N VAL AA 218 -8.62 110.93 -11.19
CA VAL AA 218 -9.57 110.47 -10.19
C VAL AA 218 -8.81 109.99 -8.96
N ASP AA 219 -9.35 110.36 -7.80
CA ASP AA 219 -8.76 109.96 -6.54
C ASP AA 219 -8.49 108.49 -6.45
N PRO AA 220 -7.62 108.11 -5.54
CA PRO AA 220 -7.38 106.70 -5.35
C PRO AA 220 -8.28 106.28 -4.24
N ARG AA 221 -9.41 106.94 -4.12
CA ARG AA 221 -10.37 106.50 -3.14
C ARG AA 221 -11.56 105.79 -3.78
N LEU AA 222 -12.54 106.53 -4.25
CA LEU AA 222 -13.75 105.89 -4.75
C LEU AA 222 -13.42 104.83 -5.78
N ALA AA 223 -12.38 105.05 -6.59
CA ALA AA 223 -11.92 104.00 -7.48
C ALA AA 223 -11.47 102.78 -6.71
N ALA AA 224 -10.93 102.99 -5.50
CA ALA AA 224 -10.59 101.86 -4.63
C ALA AA 224 -11.83 101.06 -4.26
N GLU AA 225 -12.93 101.76 -3.92
CA GLU AA 225 -14.15 101.02 -3.58
C GLU AA 225 -14.75 100.33 -4.80
N VAL AA 226 -14.61 100.93 -5.99
CA VAL AA 226 -15.06 100.26 -7.21
C VAL AA 226 -14.27 98.98 -7.43
N ALA AA 227 -12.95 99.06 -7.28
CA ALA AA 227 -12.12 97.86 -7.39
C ALA AA 227 -12.46 96.84 -6.32
N ARG AA 228 -12.85 97.31 -5.13
CA ARG AA 228 -13.25 96.39 -4.06
C ARG AA 228 -14.52 95.63 -4.41
N GLU AA 229 -15.52 96.34 -4.95
CA GLU AA 229 -16.74 95.67 -5.39
C GLU AA 229 -16.45 94.67 -6.50
N MET AA 230 -15.59 95.05 -7.45
CA MET AA 230 -15.27 94.13 -8.54
C MET AA 230 -14.47 92.92 -8.04
N VAL AA 231 -13.61 93.12 -7.03
CA VAL AA 231 -12.89 92.01 -6.43
C VAL AA 231 -13.86 91.06 -5.74
N ASP AA 232 -14.86 91.61 -5.05
CA ASP AA 232 -15.89 90.79 -4.43
C ASP AA 232 -16.63 89.99 -5.50
N GLY AA 233 -16.97 90.63 -6.61
CA GLY AA 233 -17.63 89.92 -7.70
C GLY AA 233 -16.79 88.81 -8.28
N VAL AA 234 -15.48 89.06 -8.44
CA VAL AA 234 -14.58 88.02 -8.93
C VAL AA 234 -14.52 86.86 -7.96
N GLY AA 235 -14.46 87.15 -6.66
CA GLY AA 235 -14.47 86.08 -5.67
C GLY AA 235 -15.74 85.26 -5.71
N HIS AA 236 -16.89 85.92 -5.89
CA HIS AA 236 -18.14 85.19 -5.99
C HIS AA 236 -18.19 84.32 -7.24
N GLU AA 237 -17.75 84.86 -8.38
CA GLU AA 237 -17.83 84.11 -9.63
C GLU AA 237 -16.87 82.93 -9.63
N THR AA 238 -15.64 83.14 -9.16
CA THR AA 238 -14.61 82.12 -9.23
C THR AA 238 -14.83 81.00 -8.21
N GLY AA 239 -15.72 81.18 -7.24
CA GLY AA 239 -15.95 80.18 -6.24
C GLY AA 239 -14.92 80.14 -5.12
N GLU AA 240 -14.10 81.18 -5.01
CA GLU AA 240 -13.08 81.26 -3.97
C GLU AA 240 -13.10 82.67 -3.41
N THR AA 241 -13.57 82.81 -2.16
CA THR AA 241 -13.72 84.12 -1.54
C THR AA 241 -12.64 84.45 -0.53
N GLU AA 242 -11.85 83.47 -0.08
CA GLU AA 242 -10.78 83.75 0.86
C GLU AA 242 -9.71 84.64 0.24
N ALA AA 243 -9.32 84.36 -1.01
CA ALA AA 243 -8.39 85.23 -1.71
C ALA AA 243 -9.01 86.61 -1.94
N ALA AA 244 -10.30 86.64 -2.29
CA ALA AA 244 -11.00 87.92 -2.41
C ALA AA 244 -11.03 88.65 -1.07
N PHE AA 245 -11.21 87.91 0.03
CA PHE AA 245 -11.17 88.51 1.35
C PHE AA 245 -9.80 89.12 1.64
N ARG AA 246 -8.73 88.41 1.31
CA ARG AA 246 -7.39 88.93 1.55
C ARG AA 246 -7.12 90.18 0.73
N VAL AA 247 -7.49 90.16 -0.55
CA VAL AA 247 -7.28 91.35 -1.38
C VAL AA 247 -8.14 92.50 -0.88
N ARG AA 248 -9.33 92.20 -0.38
CA ARG AA 248 -10.17 93.23 0.23
C ARG AA 248 -9.48 93.86 1.44
N ARG AA 249 -8.84 93.03 2.26
CA ARG AA 249 -8.12 93.56 3.42
C ARG AA 249 -6.95 94.44 3.00
N GLU AA 250 -6.19 94.00 1.98
CA GLU AA 250 -5.07 94.81 1.53
C GLU AA 250 -5.54 96.13 0.93
N LEU AA 251 -6.65 96.11 0.20
CA LEU AA 251 -7.18 97.36 -0.35
C LEU AA 251 -7.70 98.27 0.76
N ASP AA 252 -8.30 97.70 1.80
CA ASP AA 252 -8.72 98.49 2.97
C ASP AA 252 -7.52 99.11 3.67
N THR AA 253 -6.40 98.40 3.73
CA THR AA 253 -5.17 99.00 4.25
C THR AA 253 -4.66 100.10 3.32
N VAL AA 254 -4.80 99.90 2.01
CA VAL AA 254 -4.31 100.88 1.03
C VAL AA 254 -5.07 102.19 1.16
N ILE AA 255 -6.40 102.14 1.31
CA ILE AA 255 -7.16 103.38 1.35
C ILE AA 255 -6.81 104.21 2.58
N LEU AA 256 -6.25 103.58 3.61
CA LEU AA 256 -5.81 104.29 4.80
C LEU AA 256 -4.64 105.22 4.48
N THR BA 25 -37.01 71.32 28.87
CA THR BA 25 -38.03 71.87 29.75
C THR BA 25 -37.51 71.98 31.19
N GLU BA 26 -36.20 71.80 31.35
CA GLU BA 26 -35.60 71.86 32.69
C GLU BA 26 -35.75 73.24 33.29
N LYS BA 27 -35.58 74.29 32.47
CA LYS BA 27 -35.76 75.65 32.97
C LYS BA 27 -37.18 75.86 33.48
N LEU BA 28 -38.17 75.36 32.74
CA LEU BA 28 -39.56 75.51 33.16
C LEU BA 28 -39.84 74.76 34.46
N LYS BA 29 -39.29 73.54 34.58
CA LYS BA 29 -39.48 72.79 35.81
C LYS BA 29 -38.84 73.51 37.00
N LYS BA 30 -37.64 74.06 36.81
CA LYS BA 30 -37.01 74.80 37.89
C LYS BA 30 -37.79 76.06 38.25
N ILE BA 31 -38.34 76.74 37.24
CA ILE BA 31 -39.14 77.93 37.50
C ILE BA 31 -40.37 77.57 38.33
N THR BA 32 -41.05 76.48 37.96
CA THR BA 32 -42.21 76.03 38.72
C THR BA 32 -41.82 75.67 40.15
N LYS BA 33 -40.70 74.95 40.31
CA LYS BA 33 -40.26 74.57 41.65
C LYS BA 33 -39.97 75.79 42.51
N LEU BA 34 -39.24 76.77 41.94
CA LEU BA 34 -38.89 77.95 42.72
C LEU BA 34 -40.11 78.79 43.04
N LEU BA 35 -41.08 78.85 42.12
CA LEU BA 35 -42.32 79.57 42.42
C LEU BA 35 -43.09 78.88 43.53
N HIS BA 36 -43.07 77.57 43.60
CA HIS BA 36 -43.75 76.93 44.70
C HIS BA 36 -43.02 77.40 45.91
N GLU BA 37 -41.72 77.12 45.97
CA GLU BA 37 -41.01 77.45 47.20
C GLU BA 37 -41.33 78.86 47.66
N LEU BA 38 -41.35 79.81 46.73
CA LEU BA 38 -41.64 81.20 47.10
C LEU BA 38 -43.04 81.34 47.67
N VAL BA 39 -44.03 80.68 47.04
CA VAL BA 39 -45.39 80.82 47.53
C VAL BA 39 -45.58 80.07 48.84
N ASP BA 40 -44.76 79.06 49.10
CA ASP BA 40 -44.87 78.34 50.37
C ASP BA 40 -44.57 79.26 51.54
N ARG BA 41 -43.49 80.03 51.46
CA ARG BA 41 -43.10 80.97 52.51
C ARG BA 41 -43.52 82.38 52.11
N GLY BA 42 -44.81 82.65 52.22
CA GLY BA 42 -45.34 83.97 51.92
C GLY BA 42 -45.03 84.41 50.50
N GLU BA 43 -44.56 85.64 50.37
CA GLU BA 43 -44.05 86.19 49.10
C GLU BA 43 -45.18 86.18 48.07
N ILE BA 44 -45.01 85.53 46.92
CA ILE BA 44 -45.99 85.57 45.83
C ILE BA 44 -47.26 84.85 46.23
N PRO BA 45 -48.41 85.19 45.65
CA PRO BA 45 -49.65 84.45 45.95
C PRO BA 45 -49.73 83.11 45.23
N GLU BA 46 -50.78 82.34 45.51
CA GLU BA 46 -50.89 80.97 45.02
C GLU BA 46 -51.24 80.89 43.53
N GLU BA 47 -51.93 81.89 42.99
CA GLU BA 47 -52.40 81.82 41.62
C GLU BA 47 -51.24 81.66 40.64
N LEU BA 48 -50.12 82.33 40.91
CA LEU BA 48 -48.98 82.23 40.00
C LEU BA 48 -48.40 80.82 40.01
N ALA BA 49 -48.32 80.19 41.19
CA ALA BA 49 -47.82 78.83 41.26
C ALA BA 49 -48.76 77.84 40.58
N THR BA 50 -50.08 78.03 40.76
CA THR BA 50 -51.03 77.16 40.08
C THR BA 50 -50.93 77.30 38.57
N LEU BA 51 -50.81 78.53 38.07
CA LEU BA 51 -50.61 78.72 36.64
C LEU BA 51 -49.32 78.08 36.17
N ALA BA 52 -48.25 78.20 36.97
CA ALA BA 52 -47.00 77.56 36.60
C ALA BA 52 -47.17 76.06 36.47
N THR BA 53 -47.90 75.43 37.40
CA THR BA 53 -48.13 73.99 37.33
C THR BA 53 -48.93 73.61 36.09
N LEU BA 54 -50.04 74.32 35.84
CA LEU BA 54 -50.87 73.99 34.69
C LEU BA 54 -50.10 74.16 33.38
N LEU BA 55 -49.37 75.27 33.24
CA LEU BA 55 -48.61 75.49 32.02
C LEU BA 55 -47.44 74.51 31.89
N LEU BA 56 -46.85 74.09 33.01
CA LEU BA 56 -45.80 73.09 32.95
C LEU BA 56 -46.34 71.73 32.52
N TYR BA 57 -47.60 71.45 32.82
CA TYR BA 57 -48.21 70.24 32.27
C TYR BA 57 -48.50 70.40 30.79
N LEU BA 58 -49.08 71.54 30.41
CA LEU BA 58 -49.48 71.75 29.02
C LEU BA 58 -48.26 71.71 28.10
N VAL BA 59 -47.22 72.48 28.41
CA VAL BA 59 -45.91 72.28 27.82
C VAL BA 59 -45.46 70.91 28.29
N GLU BA 60 -44.76 70.16 27.42
CA GLU BA 60 -44.30 68.80 27.70
C GLU BA 60 -45.50 67.84 27.66
N LYS BA 61 -46.72 68.38 27.60
CA LYS BA 61 -47.80 67.62 26.98
C LYS BA 61 -47.84 67.88 25.48
N GLY BA 62 -47.22 68.96 25.04
CA GLY BA 62 -47.14 69.27 23.62
C GLY BA 62 -48.35 70.04 23.13
N LEU BA 63 -48.84 70.98 23.92
CA LEU BA 63 -50.03 71.73 23.57
C LEU BA 63 -49.81 73.24 23.52
N ILE BA 64 -48.72 73.76 24.09
CA ILE BA 64 -48.37 75.16 23.97
C ILE BA 64 -46.85 75.27 23.87
N SER BA 65 -46.35 76.48 23.65
CA SER BA 65 -44.92 76.72 23.54
C SER BA 65 -44.43 77.47 24.76
N GLU BA 66 -43.10 77.47 24.93
CA GLU BA 66 -42.50 78.17 26.07
C GLU BA 66 -42.81 79.66 26.04
N PHE BA 67 -43.01 80.23 24.84
CA PHE BA 67 -43.35 81.64 24.75
C PHE BA 67 -44.67 81.92 25.44
N ASP BA 68 -45.67 81.06 25.24
CA ASP BA 68 -46.96 81.25 25.90
C ASP BA 68 -46.81 81.10 27.42
N PHE BA 69 -46.01 80.13 27.86
CA PHE BA 69 -45.75 79.96 29.28
C PHE BA 69 -45.20 81.25 29.90
N ILE BA 70 -44.12 81.77 29.31
CA ILE BA 70 -43.49 82.97 29.87
C ILE BA 70 -44.41 84.17 29.76
N GLU BA 71 -45.17 84.28 28.66
CA GLU BA 71 -46.05 85.42 28.48
C GLU BA 71 -47.15 85.42 29.52
N HIS BA 72 -47.76 84.26 29.79
CA HIS BA 72 -48.79 84.16 30.82
C HIS BA 72 -48.22 84.46 32.19
N LEU BA 73 -47.01 83.95 32.48
CA LEU BA 73 -46.41 84.21 33.77
C LEU BA 73 -46.16 85.70 33.98
N VAL BA 74 -45.64 86.37 32.94
CA VAL BA 74 -45.35 87.79 33.04
C VAL BA 74 -46.65 88.59 33.15
N ARG BA 75 -47.69 88.20 32.42
CA ARG BA 75 -48.96 88.90 32.51
C ARG BA 75 -49.55 88.80 33.92
N LEU BA 76 -49.52 87.60 34.52
CA LEU BA 76 -50.01 87.47 35.89
C LEU BA 76 -49.14 88.26 36.87
N ALA BA 77 -47.82 88.23 36.69
CA ALA BA 77 -46.95 88.99 37.58
C ALA BA 77 -47.23 90.48 37.50
N GLU BA 78 -47.45 91.00 36.29
CA GLU BA 78 -47.82 92.40 36.14
C GLU BA 78 -49.17 92.69 36.78
N LYS BA 79 -50.12 91.77 36.63
CA LYS BA 79 -51.43 91.97 37.23
C LYS BA 79 -51.35 92.03 38.75
N LEU BA 80 -50.54 91.16 39.36
CA LEU BA 80 -50.41 91.11 40.81
C LEU BA 80 -49.29 91.99 41.35
N GLY BA 81 -48.53 92.63 40.49
CA GLY BA 81 -47.44 93.50 40.93
C GLY BA 81 -46.36 92.76 41.70
N VAL BA 82 -45.94 91.61 41.18
CA VAL BA 82 -44.95 90.77 41.84
C VAL BA 82 -43.84 90.46 40.85
N LEU BA 83 -43.68 91.33 39.84
CA LEU BA 83 -42.76 91.07 38.74
C LEU BA 83 -41.32 90.95 39.21
N GLU BA 84 -40.96 91.62 40.31
CA GLU BA 84 -39.59 91.56 40.80
C GLU BA 84 -39.23 90.14 41.24
N GLU BA 85 -40.15 89.46 41.92
CA GLU BA 85 -39.90 88.08 42.34
C GLU BA 85 -39.74 87.16 41.14
N LEU BA 86 -40.57 87.35 40.11
CA LEU BA 86 -40.41 86.57 38.89
C LEU BA 86 -39.06 86.83 38.24
N LYS BA 87 -38.61 88.10 38.25
CA LYS BA 87 -37.29 88.42 37.72
C LYS BA 87 -36.20 87.68 38.50
N LYS BA 88 -36.31 87.69 39.83
CA LYS BA 88 -35.33 86.97 40.65
C LYS BA 88 -35.33 85.48 40.35
N VAL BA 89 -36.51 84.90 40.18
CA VAL BA 89 -36.60 83.47 39.85
C VAL BA 89 -35.93 83.20 38.51
N LEU BA 90 -36.17 84.06 37.52
CA LEU BA 90 -35.59 83.85 36.20
C LEU BA 90 -34.08 84.03 36.20
N GLU BA 91 -33.56 84.90 37.07
CA GLU BA 91 -32.11 84.99 37.23
C GLU BA 91 -31.55 83.76 37.91
N GLU BA 92 -32.25 83.26 38.95
CA GLU BA 92 -31.77 82.08 39.66
C GLU BA 92 -31.70 80.86 38.75
N VAL BA 93 -32.75 80.64 37.95
CA VAL BA 93 -32.72 79.49 37.05
C VAL BA 93 -31.65 79.67 35.98
N GLY BA 94 -31.35 80.91 35.62
CA GLY BA 94 -30.34 81.19 34.61
C GLY BA 94 -30.89 81.14 33.20
N ASP BA 95 -31.94 81.90 32.95
CA ASP BA 95 -32.58 81.95 31.64
C ASP BA 95 -32.44 83.35 31.07
N GLU BA 96 -31.96 83.46 29.84
CA GLU BA 96 -31.81 84.74 29.17
C GLU BA 96 -33.01 85.09 28.30
N PHE BA 97 -33.61 84.09 27.65
CA PHE BA 97 -34.77 84.34 26.80
C PHE BA 97 -35.94 84.87 27.61
N GLY BA 98 -36.27 84.19 28.72
CA GLY BA 98 -37.36 84.63 29.55
C GLY BA 98 -37.12 85.99 30.17
N LEU BA 99 -35.87 86.24 30.62
CA LEU BA 99 -35.54 87.53 31.20
C LEU BA 99 -35.68 88.65 30.18
N THR BA 100 -35.21 88.42 28.95
CA THR BA 100 -35.36 89.40 27.89
C THR BA 100 -36.83 89.65 27.59
N LEU BA 101 -37.65 88.59 27.60
CA LEU BA 101 -39.08 88.77 27.38
C LEU BA 101 -39.70 89.60 28.49
N VAL BA 102 -39.27 89.39 29.74
CA VAL BA 102 -39.78 90.16 30.86
C VAL BA 102 -39.44 91.65 30.68
N TYR BA 103 -38.19 91.92 30.31
CA TYR BA 103 -37.80 93.31 30.06
C TYR BA 103 -38.59 93.91 28.91
N ALA BA 104 -38.82 93.13 27.86
CA ALA BA 104 -39.58 93.64 26.72
C ALA BA 104 -41.01 93.99 27.13
N ILE BA 105 -41.65 93.13 27.91
CA ILE BA 105 -43.03 93.40 28.32
C ILE BA 105 -43.10 94.62 29.23
N SER BA 106 -42.18 94.71 30.19
CA SER BA 106 -42.17 95.85 31.09
C SER BA 106 -41.91 97.15 30.34
N LEU BA 107 -40.97 97.12 29.39
CA LEU BA 107 -40.67 98.30 28.60
C LEU BA 107 -41.84 98.70 27.72
N LEU BA 108 -42.55 97.71 27.15
CA LEU BA 108 -43.74 98.01 26.36
C LEU BA 108 -44.81 98.66 27.23
N LYS BA 109 -45.02 98.15 28.45
CA LYS BA 109 -45.99 98.76 29.34
C LYS BA 109 -45.62 100.20 29.69
N GLU BA 110 -44.33 100.42 29.99
CA GLU BA 110 -43.89 101.77 30.32
C GLU BA 110 -44.05 102.72 29.14
N VAL BA 111 -43.74 102.25 27.92
CA VAL BA 111 -43.87 103.08 26.73
C VAL BA 111 -45.35 103.37 26.46
N GLU BA 112 -46.22 102.37 26.67
CA GLU BA 112 -47.66 102.60 26.53
C GLU BA 112 -48.12 103.66 27.51
N LYS BA 113 -47.58 103.65 28.73
CA LYS BA 113 -47.83 104.75 29.66
C LYS BA 113 -47.34 106.07 29.08
N GLU BA 114 -46.15 106.06 28.46
CA GLU BA 114 -45.63 107.28 27.84
C GLU BA 114 -46.41 107.64 26.59
N GLY BA 115 -46.62 106.68 25.69
CA GLY BA 115 -47.39 106.91 24.49
C GLY BA 115 -46.61 107.39 23.28
N ASP BA 116 -45.40 106.89 23.07
CA ASP BA 116 -44.58 107.32 21.92
C ASP BA 116 -44.55 106.21 20.87
N GLU BA 117 -44.83 106.58 19.61
CA GLU BA 117 -45.12 105.57 18.59
C GLU BA 117 -43.86 104.85 18.12
N GLU BA 118 -42.74 105.56 17.94
CA GLU BA 118 -41.55 104.91 17.37
C GLU BA 118 -41.03 103.82 18.30
N LEU BA 119 -41.00 104.09 19.61
CA LEU BA 119 -40.64 103.03 20.54
C LEU BA 119 -41.69 101.93 20.58
N LYS BA 120 -42.97 102.25 20.31
CA LYS BA 120 -43.97 101.20 20.15
C LYS BA 120 -43.56 100.23 19.06
N GLU BA 121 -43.23 100.75 17.88
CA GLU BA 121 -42.82 99.90 16.77
C GLU BA 121 -41.54 99.14 17.13
N TYR BA 122 -40.61 99.81 17.79
CA TYR BA 122 -39.34 99.17 18.16
C TYR BA 122 -39.58 97.97 19.07
N VAL BA 123 -40.39 98.15 20.11
CA VAL BA 123 -40.62 97.08 21.06
C VAL BA 123 -41.48 95.97 20.45
N LYS BA 124 -42.41 96.32 19.55
CA LYS BA 124 -43.17 95.27 18.88
C LYS BA 124 -42.28 94.42 18.00
N LEU BA 125 -41.35 95.04 17.27
CA LEU BA 125 -40.39 94.27 16.49
C LEU BA 125 -39.51 93.41 17.40
N ALA BA 126 -39.10 93.97 18.54
CA ALA BA 126 -38.29 93.21 19.48
C ALA BA 126 -39.05 92.00 19.99
N ILE BA 127 -40.33 92.16 20.31
CA ILE BA 127 -41.13 91.06 20.83
C ILE BA 127 -41.34 89.99 19.76
N GLU BA 128 -41.59 90.41 18.51
CA GLU BA 128 -41.75 89.43 17.44
C GLU BA 128 -40.47 88.64 17.22
N THR BA 129 -39.31 89.33 17.24
CA THR BA 129 -38.04 88.63 17.12
C THR BA 129 -37.81 87.70 18.29
N LEU BA 130 -38.20 88.12 19.50
CA LEU BA 130 -38.07 87.26 20.67
C LEU BA 130 -38.91 86.00 20.52
N LYS BA 131 -40.13 86.13 20.00
CA LYS BA 131 -40.97 84.96 19.75
C LYS BA 131 -40.33 84.04 18.73
N GLU BA 132 -39.80 84.60 17.64
CA GLU BA 132 -39.16 83.77 16.63
C GLU BA 132 -37.95 83.04 17.20
N ALA BA 133 -37.17 83.71 18.06
CA ALA BA 133 -36.06 83.05 18.72
C ALA BA 133 -36.54 81.94 19.65
N PHE BA 134 -37.56 82.24 20.47
CA PHE BA 134 -38.12 81.25 21.37
C PHE BA 134 -38.60 80.01 20.64
N GLU BA 135 -39.04 80.18 19.39
CA GLU BA 135 -39.50 79.03 18.61
C GLU BA 135 -38.43 77.93 18.55
N ARG BA 136 -37.16 78.31 18.41
CA ARG BA 136 -36.09 77.32 18.30
C ARG BA 136 -34.83 77.70 19.08
N LYS BA 137 -34.88 78.68 19.98
CA LYS BA 137 -33.72 79.16 20.73
C LYS BA 137 -32.60 79.58 19.78
N ASN BA 138 -32.93 80.54 18.92
CA ASN BA 138 -31.97 81.08 17.96
C ASN BA 138 -31.31 82.30 18.58
N TYR BA 139 -29.99 82.22 18.80
CA TYR BA 139 -29.31 83.18 19.65
C TYR BA 139 -29.19 84.54 18.96
N ALA BA 140 -29.16 84.57 17.62
CA ALA BA 140 -28.92 85.82 16.90
C ALA BA 140 -30.08 86.79 17.04
N LEU BA 141 -31.31 86.30 16.84
CA LEU BA 141 -32.46 87.17 17.07
C LEU BA 141 -32.57 87.58 18.53
N LEU BA 142 -32.09 86.73 19.44
CA LEU BA 142 -32.02 87.13 20.84
C LEU BA 142 -31.07 88.31 21.02
N VAL BA 143 -29.92 88.29 20.33
CA VAL BA 143 -29.00 89.42 20.40
C VAL BA 143 -29.66 90.68 19.84
N SER BA 144 -30.35 90.55 18.72
CA SER BA 144 -31.01 91.70 18.11
C SER BA 144 -32.05 92.30 19.06
N ALA BA 145 -32.89 91.44 19.64
CA ALA BA 145 -33.92 91.92 20.56
C ALA BA 145 -33.30 92.53 21.81
N LYS BA 146 -32.21 91.93 22.31
CA LYS BA 146 -31.53 92.49 23.47
C LYS BA 146 -31.02 93.89 23.16
N ILE BA 147 -30.41 94.07 21.98
CA ILE BA 147 -29.93 95.39 21.57
C ILE BA 147 -31.08 96.38 21.55
N ILE BA 148 -32.19 95.99 20.92
CA ILE BA 148 -33.32 96.91 20.79
C ILE BA 148 -33.84 97.31 22.16
N VAL BA 149 -34.01 96.33 23.06
CA VAL BA 149 -34.62 96.63 24.35
C VAL BA 149 -33.67 97.46 25.22
N GLU BA 150 -32.37 97.19 25.18
CA GLU BA 150 -31.46 97.97 26.02
C GLU BA 150 -31.36 99.40 25.51
N ASN BA 151 -31.31 99.59 24.18
CA ASN BA 151 -31.28 100.95 23.66
C ASN BA 151 -32.58 101.69 23.98
N ALA BA 152 -33.72 101.00 23.91
CA ALA BA 152 -34.98 101.64 24.28
C ALA BA 152 -34.98 102.02 25.76
N GLU BA 153 -34.49 101.14 26.62
CA GLU BA 153 -34.43 101.45 28.05
C GLU BA 153 -33.54 102.67 28.29
N GLU BA 154 -32.40 102.73 27.62
CA GLU BA 154 -31.53 103.90 27.73
C GLU BA 154 -32.24 105.16 27.22
N ILE BA 155 -33.07 105.01 26.18
CA ILE BA 155 -33.85 106.15 25.69
C ILE BA 155 -34.80 106.65 26.77
N LEU BA 156 -35.51 105.74 27.45
CA LEU BA 156 -36.41 106.17 28.51
C LEU BA 156 -35.65 106.81 29.68
N LYS BA 157 -34.48 106.27 30.03
CA LYS BA 157 -33.69 106.91 31.08
C LYS BA 157 -33.27 108.33 30.68
N ALA BA 158 -32.78 108.48 29.44
CA ALA BA 158 -32.37 109.80 28.98
C ALA BA 158 -33.55 110.75 28.82
N LYS BA 159 -34.77 110.22 28.65
CA LYS BA 159 -35.95 111.06 28.56
C LYS BA 159 -36.12 111.90 29.83
N LYS BA 160 -36.02 111.25 30.99
CA LYS BA 160 -36.07 112.00 32.25
C LYS BA 160 -34.75 112.69 32.54
N LYS BA 161 -33.62 112.14 32.08
CA LYS BA 161 -32.35 112.84 32.24
C LYS BA 161 -32.32 114.11 31.38
N GLY BA 162 -32.65 114.00 30.10
CA GLY BA 162 -32.73 115.15 29.23
C GLY BA 162 -31.47 115.45 28.47
N ASP BA 163 -30.82 114.43 27.92
CA ASP BA 163 -29.61 114.58 27.11
C ASP BA 163 -30.01 114.20 25.69
N GLU BA 164 -30.25 115.21 24.86
CA GLU BA 164 -30.80 114.97 23.53
C GLU BA 164 -29.80 114.26 22.62
N GLU BA 165 -28.51 114.58 22.75
CA GLU BA 165 -27.50 113.92 21.93
C GLU BA 165 -27.54 112.41 22.12
N LYS BA 166 -27.66 111.97 23.37
CA LYS BA 166 -27.70 110.53 23.65
C LYS BA 166 -28.95 109.89 23.07
N ILE BA 167 -30.10 110.58 23.13
CA ILE BA 167 -31.32 109.98 22.59
C ILE BA 167 -31.25 109.87 21.08
N LYS BA 168 -30.64 110.87 20.42
CA LYS BA 168 -30.45 110.77 18.98
C LYS BA 168 -29.52 109.61 18.64
N GLU BA 169 -28.45 109.45 19.41
CA GLU BA 169 -27.53 108.33 19.17
C GLU BA 169 -28.24 106.99 19.35
N LEU BA 170 -29.10 106.89 20.37
CA LEU BA 170 -29.82 105.64 20.60
C LEU BA 170 -30.84 105.37 19.49
N LEU BA 171 -31.49 106.42 18.98
CA LEU BA 171 -32.36 106.23 17.81
C LEU BA 171 -31.57 105.75 16.61
N GLN BA 172 -30.35 106.28 16.42
CA GLN BA 172 -29.50 105.78 15.34
C GLN BA 172 -29.19 104.30 15.52
N ARG BA 173 -28.85 103.89 16.74
CA ARG BA 173 -28.58 102.48 17.02
C ARG BA 173 -29.81 101.63 16.74
N LEU BA 174 -30.99 102.10 17.13
CA LEU BA 174 -32.22 101.34 16.91
C LEU BA 174 -32.55 101.22 15.44
N LYS BA 175 -32.32 102.29 14.67
CA LYS BA 175 -32.50 102.20 13.22
C LYS BA 175 -31.57 101.17 12.61
N ALA BA 176 -30.30 101.17 13.05
CA ALA BA 176 -29.37 100.15 12.57
C ALA BA 176 -29.85 98.76 12.92
N ALA BA 177 -30.37 98.57 14.14
CA ALA BA 177 -30.87 97.27 14.55
C ALA BA 177 -32.07 96.84 13.69
N LYS BA 178 -32.99 97.77 13.43
CA LYS BA 178 -34.15 97.45 12.59
C LYS BA 178 -33.70 97.03 11.20
N ILE BA 179 -32.74 97.75 10.63
CA ILE BA 179 -32.23 97.39 9.31
C ILE BA 179 -31.58 96.01 9.34
N GLY BA 180 -30.82 95.72 10.40
CA GLY BA 180 -30.04 94.51 10.41
C GLY BA 180 -30.82 93.25 10.74
N THR BA 181 -31.93 93.39 11.48
CA THR BA 181 -32.63 92.20 11.97
C THR BA 181 -33.09 91.25 10.86
N PRO BA 182 -33.77 91.70 9.80
CA PRO BA 182 -34.06 90.75 8.71
C PRO BA 182 -32.79 90.18 8.10
N LEU BA 183 -31.73 90.99 8.02
CA LEU BA 183 -30.49 90.51 7.42
C LEU BA 183 -29.88 89.39 8.24
N VAL BA 184 -29.85 89.53 9.57
CA VAL BA 184 -29.25 88.48 10.40
C VAL BA 184 -30.13 87.23 10.38
N ARG BA 185 -31.45 87.41 10.41
CA ARG BA 185 -32.33 86.26 10.29
C ARG BA 185 -32.05 85.50 8.99
N GLU BA 186 -31.94 86.24 7.89
CA GLU BA 186 -31.70 85.60 6.60
C GLU BA 186 -30.33 84.93 6.55
N VAL BA 187 -29.32 85.56 7.14
CA VAL BA 187 -27.97 84.98 7.13
C VAL BA 187 -27.97 83.65 7.87
N VAL BA 188 -28.59 83.62 9.06
CA VAL BA 188 -28.64 82.38 9.82
C VAL BA 188 -29.43 81.32 9.05
N GLU BA 189 -30.56 81.71 8.45
CA GLU BA 189 -31.38 80.74 7.72
C GLU BA 189 -30.60 80.14 6.56
N ARG BA 190 -29.91 80.98 5.79
CA ARG BA 190 -29.15 80.48 4.64
C ARG BA 190 -28.00 79.59 5.10
N TYR BA 191 -27.29 79.98 6.16
CA TYR BA 191 -26.19 79.15 6.62
C TYR BA 191 -26.67 77.81 7.17
N ARG BA 192 -27.90 77.75 7.68
CA ARG BA 192 -28.43 76.52 8.25
C ARG BA 192 -28.35 75.33 7.29
N GLU BA 193 -28.80 75.51 6.05
CA GLU BA 193 -28.85 74.40 5.11
C GLU BA 193 -28.22 74.68 3.76
N GLU BA 194 -28.22 75.94 3.29
CA GLU BA 194 -27.75 76.23 1.95
C GLU BA 194 -26.27 75.91 1.78
N GLY BA 195 -25.45 76.27 2.76
CA GLY BA 195 -24.07 75.83 2.82
C GLY BA 195 -23.00 76.79 2.34
N GLU BA 196 -23.33 78.07 2.28
CA GLU BA 196 -22.35 79.07 1.91
C GLU BA 196 -21.23 79.21 2.94
N PRO BA 197 -20.28 80.11 2.69
CA PRO BA 197 -19.21 80.33 3.66
C PRO BA 197 -19.54 81.44 4.62
N LEU BA 198 -19.88 81.07 5.84
CA LEU BA 198 -20.33 82.07 6.79
C LEU BA 198 -19.63 83.39 6.68
N LEU BA 199 -18.33 83.38 6.60
CA LEU BA 199 -17.66 84.68 6.65
C LEU BA 199 -18.11 85.59 5.51
N ASP BA 200 -18.33 85.01 4.32
CA ASP BA 200 -18.76 85.82 3.18
C ASP BA 200 -20.14 86.45 3.44
N LEU BA 201 -21.09 85.63 3.90
CA LEU BA 201 -22.42 86.17 4.22
C LEU BA 201 -22.35 87.16 5.37
N LEU BA 202 -21.51 86.91 6.38
CA LEU BA 202 -21.37 87.88 7.46
C LEU BA 202 -20.87 89.23 6.94
N LEU BA 203 -19.86 89.20 6.08
CA LEU BA 203 -19.32 90.45 5.53
C LEU BA 203 -20.35 91.16 4.69
N HIS BA 204 -21.07 90.42 3.84
CA HIS BA 204 -22.10 91.04 3.01
C HIS BA 204 -23.21 91.65 3.85
N MET BA 205 -23.65 90.93 4.90
CA MET BA 205 -24.67 91.47 5.78
C MET BA 205 -24.20 92.73 6.50
N ALA BA 206 -22.96 92.72 6.98
CA ALA BA 206 -22.44 93.90 7.66
C ALA BA 206 -22.35 95.09 6.72
N GLU BA 207 -21.85 94.86 5.49
CA GLU BA 207 -21.74 95.96 4.54
C GLU BA 207 -23.11 96.48 4.13
N THR BA 208 -24.08 95.59 3.94
CA THR BA 208 -25.44 96.02 3.61
C THR BA 208 -26.03 96.83 4.75
N THR BA 209 -25.80 96.39 6.00
CA THR BA 209 -26.30 97.14 7.15
C THR BA 209 -25.69 98.54 7.19
N ILE BA 210 -24.38 98.64 6.96
CA ILE BA 210 -23.72 99.95 7.00
C ILE BA 210 -24.25 100.84 5.90
N ARG BA 211 -24.39 100.30 4.69
CA ARG BA 211 -24.86 101.11 3.57
C ARG BA 211 -26.28 101.59 3.78
N GLU BA 212 -27.17 100.69 4.22
CA GLU BA 212 -28.55 101.08 4.44
C GLU BA 212 -28.68 102.05 5.61
N SER BA 213 -27.84 101.88 6.64
CA SER BA 213 -27.89 102.78 7.78
C SER BA 213 -27.41 104.18 7.42
N GLU BA 214 -26.34 104.27 6.60
CA GLU BA 214 -25.89 105.59 6.17
C GLU BA 214 -26.82 106.19 5.13
N LYS BA 215 -27.63 105.35 4.47
CA LYS BA 215 -28.68 105.88 3.60
C LYS BA 215 -29.77 106.58 4.39
N LEU BA 216 -29.86 106.34 5.70
CA LEU BA 216 -30.83 107.00 6.57
C LEU BA 216 -30.22 108.15 7.35
N GLY BA 217 -29.01 108.57 7.00
CA GLY BA 217 -28.34 109.68 7.64
C GLY BA 217 -27.49 109.30 8.84
N VAL BA 218 -27.42 108.02 9.18
CA VAL BA 218 -26.71 107.59 10.38
C VAL BA 218 -25.25 107.30 10.03
N ASP BA 219 -24.37 107.75 10.92
CA ASP BA 219 -22.96 107.52 10.75
C ASP BA 219 -22.63 106.10 10.44
N PRO BA 220 -21.42 105.88 9.96
CA PRO BA 220 -21.00 104.51 9.72
C PRO BA 220 -20.18 104.14 10.90
N ARG BA 221 -20.47 104.75 12.03
CA ARG BA 221 -19.78 104.37 13.24
C ARG BA 221 -20.65 103.49 14.13
N LEU BA 222 -21.53 104.10 14.92
CA LEU BA 222 -22.30 103.32 15.88
C LEU BA 222 -23.04 102.18 15.20
N ALA BA 223 -23.49 102.40 13.96
CA ALA BA 223 -24.06 101.29 13.20
C ALA BA 223 -23.03 100.20 12.97
N ALA BA 224 -21.76 100.58 12.85
CA ALA BA 224 -20.70 99.59 12.76
C ALA BA 224 -20.63 98.74 14.02
N GLU BA 225 -20.73 99.37 15.18
CA GLU BA 225 -20.70 98.59 16.42
C GLU BA 225 -21.94 97.73 16.58
N VAL BA 226 -23.09 98.20 16.10
CA VAL BA 226 -24.30 97.37 16.11
C VAL BA 226 -24.10 96.13 15.25
N ALA BA 227 -23.56 96.33 14.04
CA ALA BA 227 -23.26 95.21 13.16
C ALA BA 227 -22.21 94.28 13.79
N ARG BA 228 -21.28 94.83 14.55
CA ARG BA 228 -20.28 94.02 15.23
C ARG BA 228 -20.91 93.13 16.29
N GLU BA 229 -21.81 93.69 17.10
CA GLU BA 229 -22.52 92.89 18.09
C GLU BA 229 -23.34 91.80 17.42
N MET BA 230 -24.02 92.13 16.33
CA MET BA 230 -24.83 91.13 15.63
C MET BA 230 -23.96 90.05 15.00
N VAL BA 231 -22.77 90.43 14.51
CA VAL BA 231 -21.83 89.45 13.97
C VAL BA 231 -21.37 88.51 15.06
N ASP BA 232 -21.10 89.05 16.26
CA ASP BA 232 -20.74 88.22 17.39
C ASP BA 232 -21.86 87.25 17.73
N GLY BA 233 -23.10 87.74 17.71
CA GLY BA 233 -24.24 86.87 17.97
C GLY BA 233 -24.38 85.76 16.94
N VAL BA 234 -24.16 86.10 15.66
CA VAL BA 234 -24.21 85.09 14.61
C VAL BA 234 -23.13 84.04 14.81
N GLY BA 235 -21.92 84.47 15.18
CA GLY BA 235 -20.85 83.53 15.45
C GLY BA 235 -21.18 82.61 16.61
N HIS BA 236 -21.78 83.15 17.67
CA HIS BA 236 -22.18 82.33 18.80
C HIS BA 236 -23.25 81.32 18.41
N GLU BA 237 -24.26 81.76 17.66
CA GLU BA 237 -25.38 80.88 17.31
C GLU BA 237 -24.93 79.79 16.35
N THR BA 238 -24.13 80.15 15.34
CA THR BA 238 -23.74 79.20 14.31
C THR BA 238 -22.70 78.19 14.78
N GLY BA 239 -22.10 78.40 15.95
CA GLY BA 239 -21.08 77.49 16.44
C GLY BA 239 -19.72 77.66 15.83
N GLU BA 240 -19.49 78.77 15.11
CA GLU BA 240 -18.20 79.04 14.48
C GLU BA 240 -17.86 80.50 14.74
N THR BA 241 -16.86 80.74 15.59
CA THR BA 241 -16.48 82.10 15.98
C THR BA 241 -15.24 82.62 15.28
N GLU BA 242 -14.45 81.75 14.64
CA GLU BA 242 -13.26 82.22 13.93
C GLU BA 242 -13.63 83.12 12.76
N ALA BA 243 -14.65 82.73 11.99
CA ALA BA 243 -15.14 83.60 10.92
C ALA BA 243 -15.72 84.89 11.49
N ALA BA 244 -16.45 84.78 12.60
CA ALA BA 244 -16.94 85.98 13.28
C ALA BA 244 -15.78 86.84 13.76
N PHE BA 245 -14.71 86.21 14.25
CA PHE BA 245 -13.52 86.96 14.66
C PHE BA 245 -12.91 87.71 13.48
N ARG BA 246 -12.80 87.04 12.32
CA ARG BA 246 -12.22 87.69 11.16
C ARG BA 246 -13.07 88.86 10.68
N VAL BA 247 -14.39 88.68 10.63
CA VAL BA 247 -15.26 89.78 10.22
C VAL BA 247 -15.20 90.91 11.24
N ARG BA 248 -15.06 90.58 12.52
CA ARG BA 248 -14.88 91.59 13.55
C ARG BA 248 -13.61 92.40 13.30
N ARG BA 249 -12.52 91.72 12.92
CA ARG BA 249 -11.27 92.43 12.62
C ARG BA 249 -11.42 93.35 11.41
N GLU BA 250 -12.09 92.86 10.36
CA GLU BA 250 -12.28 93.71 9.18
C GLU BA 250 -13.15 94.92 9.50
N LEU BA 251 -14.19 94.73 10.32
CA LEU BA 251 -15.03 95.86 10.70
C LEU BA 251 -14.26 96.84 11.58
N ASP BA 252 -13.38 96.34 12.45
CA ASP BA 252 -12.52 97.21 13.25
C ASP BA 252 -11.57 98.00 12.36
N THR BA 253 -11.08 97.39 11.29
CA THR BA 253 -10.28 98.14 10.32
C THR BA 253 -11.13 99.16 9.58
N VAL BA 254 -12.40 98.83 9.30
CA VAL BA 254 -13.28 99.72 8.56
C VAL BA 254 -13.56 100.99 9.36
N ILE BA 255 -13.83 100.84 10.67
CA ILE BA 255 -14.19 102.00 11.47
C ILE BA 255 -13.03 102.99 11.55
N LEU BA 256 -11.80 102.53 11.32
CA LEU BA 256 -10.64 103.39 11.31
C LEU BA 256 -10.69 104.36 10.13
N THR CA 25 6.59 70.88 47.19
CA THR CA 25 7.04 71.43 48.45
C THR CA 25 8.53 71.74 48.42
N GLU CA 26 9.12 71.68 47.23
CA GLU CA 26 10.55 71.93 47.09
C GLU CA 26 10.90 73.36 47.47
N LYS CA 27 10.05 74.32 47.09
CA LYS CA 27 10.29 75.70 47.48
C LYS CA 27 10.30 75.86 49.00
N LEU CA 28 9.36 75.20 49.68
CA LEU CA 28 9.31 75.29 51.14
C LEU CA 28 10.53 74.66 51.78
N LYS CA 29 10.98 73.52 51.25
CA LYS CA 29 12.18 72.88 51.78
C LYS CA 29 13.40 73.77 51.59
N LYS CA 30 13.53 74.39 50.42
CA LYS CA 30 14.65 75.30 50.19
C LYS CA 30 14.57 76.52 51.10
N ILE CA 31 13.36 77.04 51.33
CA ILE CA 31 13.21 78.19 52.22
C ILE CA 31 13.66 77.82 53.64
N THR CA 32 13.24 76.65 54.11
CA THR CA 32 13.65 76.19 55.43
C THR CA 32 15.17 76.01 55.50
N LYS CA 33 15.76 75.41 54.48
CA LYS CA 33 17.21 75.22 54.46
C LYS CA 33 17.95 76.54 54.50
N LEU CA 34 17.52 77.51 53.68
CA LEU CA 34 18.20 78.80 53.64
C LEU CA 34 18.02 79.56 54.94
N LEU CA 35 16.84 79.44 55.57
CA LEU CA 35 16.65 80.09 56.86
C LEU CA 35 17.55 79.46 57.92
N HIS CA 36 17.79 78.18 57.87
CA HIS CA 36 18.70 77.62 58.83
C HIS CA 36 19.99 78.27 58.54
N GLU CA 37 20.49 78.10 57.33
CA GLU CA 37 21.84 78.61 57.05
C GLU CA 37 21.99 80.04 57.55
N LEU CA 38 20.98 80.88 57.31
CA LEU CA 38 21.07 82.27 57.76
C LEU CA 38 21.15 82.35 59.29
N VAL CA 39 20.34 81.56 59.99
CA VAL CA 39 20.36 81.64 61.45
C VAL CA 39 21.63 81.03 62.01
N ASP CA 40 22.26 80.11 61.27
CA ASP CA 40 23.51 79.53 61.74
C ASP CA 40 24.59 80.59 61.88
N ARG CA 41 24.74 81.44 60.85
CA ARG CA 41 25.74 82.51 60.86
C ARG CA 41 25.05 83.83 61.19
N GLY CA 42 24.71 84.01 62.46
CA GLY CA 42 24.11 85.24 62.92
C GLY CA 42 22.81 85.54 62.20
N GLU CA 43 22.66 86.79 61.75
CA GLU CA 43 21.56 87.23 60.89
C GLU CA 43 20.25 87.02 61.65
N ILE CA 44 19.30 86.27 61.09
CA ILE CA 44 17.96 86.12 61.67
C ILE CA 44 18.04 85.33 62.97
N PRO CA 45 17.08 85.52 63.90
CA PRO CA 45 17.08 84.72 65.12
C PRO CA 45 16.55 83.31 64.92
N GLU CA 46 16.58 82.50 65.97
CA GLU CA 46 16.27 81.08 65.86
C GLU CA 46 14.77 80.81 65.71
N GLU CA 47 13.92 81.69 66.24
CA GLU CA 47 12.49 81.43 66.25
C GLU CA 47 11.95 81.25 64.83
N LEU CA 48 12.46 82.05 63.88
CA LEU CA 48 11.98 81.94 62.51
C LEU CA 48 12.34 80.58 61.91
N ALA CA 49 13.55 80.10 62.18
CA ALA CA 49 13.96 78.80 61.67
C ALA CA 49 13.15 77.67 62.31
N THR CA 50 12.88 77.77 63.62
CA THR CA 50 12.06 76.76 64.28
C THR CA 50 10.64 76.74 63.70
N LEU CA 51 10.06 77.92 63.48
CA LEU CA 51 8.74 77.97 62.85
C LEU CA 51 8.78 77.38 61.45
N ALA CA 52 9.85 77.67 60.70
CA ALA CA 52 9.98 77.09 59.36
C ALA CA 52 10.00 75.58 59.42
N THR CA 53 10.72 75.00 60.39
CA THR CA 53 10.77 73.54 60.51
C THR CA 53 9.40 72.97 60.87
N LEU CA 54 8.73 73.56 61.86
CA LEU CA 54 7.43 73.04 62.28
C LEU CA 54 6.41 73.13 61.14
N LEU CA 55 6.37 74.27 60.44
CA LEU CA 55 5.43 74.42 59.35
C LEU CA 55 5.79 73.53 58.17
N LEU CA 56 7.09 73.28 57.94
CA LEU CA 56 7.48 72.36 56.88
C LEU CA 56 7.08 70.94 57.20
N TYR CA 57 7.02 70.58 58.48
CA TYR CA 57 6.47 69.28 58.84
C TYR CA 57 4.96 69.25 58.63
N LEU CA 58 4.27 70.29 59.12
CA LEU CA 58 2.81 70.33 59.07
C LEU CA 58 2.32 70.28 57.62
N VAL CA 59 2.84 71.17 56.77
CA VAL CA 59 2.72 71.00 55.33
C VAL CA 59 3.48 69.72 54.99
N GLU CA 60 2.97 68.96 54.03
CA GLU CA 60 3.54 67.66 53.62
C GLU CA 60 3.26 66.62 54.70
N LYS CA 61 2.76 67.05 55.86
CA LYS CA 61 1.93 66.14 56.66
C LYS CA 61 0.47 66.24 56.24
N GLY CA 62 0.11 67.31 55.55
CA GLY CA 62 -1.23 67.47 55.04
C GLY CA 62 -2.18 68.08 56.06
N LEU CA 63 -1.69 69.05 56.82
CA LEU CA 63 -2.50 69.67 57.85
C LEU CA 63 -2.67 71.18 57.70
N ILE CA 64 -1.85 71.83 56.86
CA ILE CA 64 -2.05 73.24 56.55
C ILE CA 64 -1.68 73.46 55.09
N SER CA 65 -1.89 74.67 54.59
CA SER CA 65 -1.58 75.01 53.21
C SER CA 65 -0.37 75.94 53.16
N GLU CA 66 0.21 76.06 51.96
CA GLU CA 66 1.37 76.92 51.78
C GLU CA 66 1.06 78.36 52.13
N PHE CA 67 -0.20 78.78 51.95
CA PHE CA 67 -0.58 80.14 52.31
C PHE CA 67 -0.37 80.39 53.80
N ASP CA 68 -0.77 79.43 54.64
CA ASP CA 68 -0.55 79.59 56.09
C ASP CA 68 0.92 79.62 56.42
N PHE CA 69 1.72 78.78 55.76
CA PHE CA 69 3.17 78.78 55.96
C PHE CA 69 3.75 80.17 55.69
N ILE CA 70 3.46 80.72 54.50
CA ILE CA 70 4.04 82.01 54.13
C ILE CA 70 3.49 83.11 55.03
N GLU CA 71 2.21 83.04 55.39
CA GLU CA 71 1.61 84.08 56.21
C GLU CA 71 2.26 84.11 57.59
N HIS CA 72 2.47 82.93 58.20
CA HIS CA 72 3.13 82.87 59.50
C HIS CA 72 4.57 83.37 59.40
N LEU CA 73 5.27 82.97 58.34
CA LEU CA 73 6.66 83.43 58.17
C LEU CA 73 6.72 84.94 58.07
N VAL CA 74 5.82 85.53 57.28
CA VAL CA 74 5.82 86.98 57.11
C VAL CA 74 5.43 87.69 58.40
N ARG CA 75 4.47 87.13 59.14
CA ARG CA 75 4.07 87.73 60.40
C ARG CA 75 5.23 87.74 61.40
N LEU CA 76 5.96 86.62 61.50
CA LEU CA 76 7.10 86.60 62.40
C LEU CA 76 8.20 87.56 61.93
N ALA CA 77 8.44 87.61 60.61
CA ALA CA 77 9.45 88.53 60.09
C ALA CA 77 9.11 89.98 60.41
N GLU CA 78 7.83 90.34 60.25
CA GLU CA 78 7.39 91.68 60.60
C GLU CA 78 7.54 91.94 62.10
N LYS CA 79 7.22 90.93 62.93
CA LYS CA 79 7.36 91.09 64.37
C LYS CA 79 8.81 91.32 64.78
N LEU CA 80 9.74 90.60 64.16
CA LEU CA 80 11.15 90.71 64.50
C LEU CA 80 11.90 91.72 63.64
N GLY CA 81 11.24 92.34 62.66
CA GLY CA 81 11.88 93.32 61.82
C GLY CA 81 13.03 92.76 61.01
N VAL CA 82 12.82 91.60 60.39
CA VAL CA 82 13.86 90.92 59.63
C VAL CA 82 13.31 90.59 58.25
N LEU CA 83 12.30 91.35 57.82
CA LEU CA 83 11.57 91.05 56.59
C LEU CA 83 12.48 91.10 55.36
N GLU CA 84 13.54 91.92 55.40
CA GLU CA 84 14.43 92.01 54.26
C GLU CA 84 15.15 90.68 53.99
N GLU CA 85 15.59 90.01 55.05
CA GLU CA 85 16.25 88.72 54.89
C GLU CA 85 15.28 87.67 54.33
N LEU CA 86 14.02 87.70 54.78
CA LEU CA 86 13.02 86.80 54.22
C LEU CA 86 12.79 87.09 52.74
N LYS CA 87 12.78 88.38 52.38
CA LYS CA 87 12.65 88.75 50.97
C LYS CA 87 13.82 88.20 50.16
N LYS CA 88 15.04 88.33 50.68
CA LYS CA 88 16.20 87.80 49.98
C LYS CA 88 16.11 86.29 49.82
N VAL CA 89 15.66 85.58 50.87
CA VAL CA 89 15.51 84.14 50.79
C VAL CA 89 14.48 83.77 49.71
N LEU CA 90 13.37 84.50 49.66
CA LEU CA 90 12.32 84.19 48.69
C LEU CA 90 12.78 84.50 47.27
N GLU CA 91 13.65 85.50 47.09
CA GLU CA 91 14.23 85.72 45.77
C GLU CA 91 15.22 84.61 45.41
N GLU CA 92 16.03 84.17 46.37
CA GLU CA 92 17.01 83.11 46.09
C GLU CA 92 16.33 81.82 45.69
N VAL CA 93 15.27 81.43 46.42
CA VAL CA 93 14.57 80.19 46.06
C VAL CA 93 13.88 80.34 44.72
N GLY CA 94 13.46 81.56 44.37
CA GLY CA 94 12.80 81.80 43.10
C GLY CA 94 11.32 81.56 43.17
N ASP CA 95 10.64 82.20 44.12
CA ASP CA 95 9.21 82.06 44.32
C ASP CA 95 8.54 83.40 44.07
N GLU CA 96 7.52 83.40 43.21
CA GLU CA 96 6.77 84.62 42.92
C GLU CA 96 5.54 84.77 43.78
N PHE CA 97 4.86 83.67 44.10
CA PHE CA 97 3.67 83.73 44.94
C PHE CA 97 4.01 84.25 46.33
N GLY CA 98 5.03 83.66 46.96
CA GLY CA 98 5.42 84.10 48.29
C GLY CA 98 5.91 85.55 48.30
N LEU CA 99 6.68 85.94 47.29
CA LEU CA 99 7.17 87.30 47.21
C LEU CA 99 6.02 88.29 47.06
N THR CA 100 5.04 87.97 46.21
CA THR CA 100 3.87 88.82 46.06
C THR CA 100 3.09 88.91 47.37
N LEU CA 101 2.99 87.80 48.10
CA LEU CA 101 2.32 87.83 49.40
C LEU CA 101 3.06 88.73 50.38
N VAL CA 102 4.40 88.68 50.36
CA VAL CA 102 5.19 89.54 51.23
C VAL CA 102 4.94 91.01 50.90
N TYR CA 103 4.95 91.35 49.61
CA TYR CA 103 4.66 92.73 49.22
C TYR CA 103 3.26 93.14 49.64
N ALA CA 104 2.28 92.23 49.48
CA ALA CA 104 0.90 92.56 49.87
C ALA CA 104 0.81 92.83 51.36
N ILE CA 105 1.44 92.01 52.19
CA ILE CA 105 1.38 92.21 53.64
C ILE CA 105 2.06 93.51 54.03
N SER CA 106 3.24 93.78 53.47
CA SER CA 106 3.95 95.01 53.81
C SER CA 106 3.15 96.23 53.37
N LEU CA 107 2.55 96.18 52.18
CA LEU CA 107 1.75 97.29 51.68
C LEU CA 107 0.50 97.49 52.54
N LEU CA 108 -0.12 96.40 52.98
CA LEU CA 108 -1.27 96.50 53.88
C LEU CA 108 -0.88 97.16 55.19
N LYS CA 109 0.28 96.78 55.74
CA LYS CA 109 0.73 97.40 56.99
C LYS CA 109 1.00 98.88 56.80
N GLU CA 110 1.65 99.25 55.69
CA GLU CA 110 1.93 100.66 55.43
C GLU CA 110 0.64 101.46 55.24
N VAL CA 111 -0.34 100.88 54.54
CA VAL CA 111 -1.61 101.57 54.34
C VAL CA 111 -2.37 101.70 55.65
N GLU CA 112 -2.32 100.67 56.50
CA GLU CA 112 -2.91 100.76 57.83
C GLU CA 112 -2.27 101.89 58.63
N LYS CA 113 -0.96 102.05 58.49
CA LYS CA 113 -0.30 103.22 59.07
C LYS CA 113 -0.87 104.51 58.48
N GLU CA 114 -1.07 104.53 57.16
CA GLU CA 114 -1.65 105.70 56.51
C GLU CA 114 -3.12 105.86 56.88
N GLY CA 115 -3.91 104.80 56.75
CA GLY CA 115 -5.31 104.85 57.11
C GLY CA 115 -6.26 105.24 56.01
N ASP CA 116 -6.03 104.82 54.76
CA ASP CA 116 -6.90 105.18 53.66
C ASP CA 116 -7.75 103.98 53.25
N GLU CA 117 -9.06 104.18 53.12
CA GLU CA 117 -9.99 103.06 53.03
C GLU CA 117 -9.95 102.38 51.66
N GLU CA 118 -9.87 103.16 50.57
CA GLU CA 118 -9.95 102.55 49.24
C GLU CA 118 -8.77 101.62 48.99
N LEU CA 119 -7.57 102.02 49.38
CA LEU CA 119 -6.43 101.11 49.31
C LEU CA 119 -6.59 99.93 50.27
N LYS CA 120 -7.28 100.12 51.40
CA LYS CA 120 -7.60 98.99 52.25
C LYS CA 120 -8.38 97.93 51.48
N GLU CA 121 -9.46 98.35 50.82
CA GLU CA 121 -10.26 97.42 50.03
C GLU CA 121 -9.44 96.81 48.91
N TYR CA 122 -8.60 97.62 48.26
CA TYR CA 122 -7.79 97.13 47.15
C TYR CA 122 -6.85 96.02 47.61
N VAL CA 123 -6.15 96.24 48.72
CA VAL CA 123 -5.18 95.27 49.19
C VAL CA 123 -5.88 94.04 49.76
N LYS CA 124 -7.06 94.20 50.38
CA LYS CA 124 -7.80 93.04 50.85
C LYS CA 124 -8.24 92.16 49.69
N LEU CA 125 -8.72 92.77 48.60
CA LEU CA 125 -9.06 92.00 47.42
C LEU CA 125 -7.82 91.32 46.84
N ALA CA 126 -6.69 92.03 46.82
CA ALA CA 126 -5.45 91.45 46.33
C ALA CA 126 -5.05 90.24 47.16
N ILE CA 127 -5.17 90.33 48.48
CA ILE CA 127 -4.78 89.23 49.36
C ILE CA 127 -5.72 88.04 49.18
N GLU CA 128 -7.02 88.30 49.03
CA GLU CA 128 -7.97 87.20 48.80
C GLU CA 128 -7.67 86.50 47.48
N THR CA 129 -7.39 87.27 46.43
CA THR CA 129 -7.02 86.67 45.15
C THR CA 129 -5.72 85.89 45.26
N LEU CA 130 -4.76 86.41 46.04
CA LEU CA 130 -3.51 85.69 46.25
C LEU CA 130 -3.75 84.37 46.95
N LYS CA 131 -4.63 84.34 47.95
CA LYS CA 131 -4.97 83.08 48.61
C LYS CA 131 -5.62 82.10 47.64
N GLU CA 132 -6.54 82.59 46.82
CA GLU CA 132 -7.20 81.72 45.85
C GLU CA 132 -6.20 81.15 44.85
N ALA CA 133 -5.23 81.97 44.42
CA ALA CA 133 -4.18 81.47 43.55
C ALA CA 133 -3.31 80.43 44.26
N PHE CA 134 -2.89 80.74 45.49
CA PHE CA 134 -2.09 79.82 46.28
C PHE CA 134 -2.77 78.47 46.44
N GLU CA 135 -4.10 78.46 46.47
CA GLU CA 135 -4.83 77.20 46.61
C GLU CA 135 -4.42 76.19 45.53
N ARG CA 136 -4.20 76.66 44.30
CA ARG CA 136 -3.85 75.75 43.22
C ARG CA 136 -2.77 76.31 42.28
N LYS CA 137 -2.07 77.37 42.66
CA LYS CA 137 -1.07 78.01 41.82
C LYS CA 137 -1.66 78.43 40.47
N ASN CA 138 -2.70 79.26 40.55
CA ASN CA 138 -3.38 79.76 39.36
C ASN CA 138 -2.74 81.10 38.98
N TYR CA 139 -2.12 81.14 37.80
CA TYR CA 139 -1.23 82.25 37.46
C TYR CA 139 -2.01 83.53 37.18
N ALA CA 140 -3.26 83.41 36.72
CA ALA CA 140 -4.04 84.58 36.32
C ALA CA 140 -4.39 85.47 37.51
N LEU CA 141 -4.90 84.88 38.59
CA LEU CA 141 -5.16 85.66 39.79
C LEU CA 141 -3.86 86.21 40.37
N LEU CA 142 -2.75 85.51 40.18
CA LEU CA 142 -1.45 86.06 40.56
C LEU CA 142 -1.14 87.33 39.78
N VAL CA 143 -1.42 87.33 38.47
CA VAL CA 143 -1.23 88.53 37.67
C VAL CA 143 -2.11 89.66 38.16
N SER CA 144 -3.37 89.36 38.46
CA SER CA 144 -4.30 90.39 38.94
C SER CA 144 -3.81 90.99 40.25
N ALA CA 145 -3.41 90.13 41.20
CA ALA CA 145 -2.92 90.63 42.47
C ALA CA 145 -1.63 91.42 42.32
N LYS CA 146 -0.74 90.97 41.42
CA LYS CA 146 0.49 91.71 41.16
C LYS CA 146 0.18 93.10 40.64
N ILE CA 147 -0.77 93.19 39.70
CA ILE CA 147 -1.18 94.49 39.16
C ILE CA 147 -1.67 95.39 40.28
N ILE CA 148 -2.56 94.84 41.12
CA ILE CA 148 -3.16 95.65 42.19
C ILE CA 148 -2.07 96.15 43.14
N VAL CA 149 -1.16 95.26 43.54
CA VAL CA 149 -0.17 95.66 44.54
C VAL CA 149 0.84 96.64 43.95
N GLU CA 150 1.24 96.47 42.69
CA GLU CA 150 2.21 97.42 42.14
C GLU CA 150 1.58 98.79 41.93
N ASN CA 151 0.32 98.83 41.47
CA ASN CA 151 -0.33 100.12 41.33
C ASN CA 151 -0.54 100.79 42.69
N ALA CA 152 -0.87 100.00 43.72
CA ALA CA 152 -0.99 100.58 45.06
C ALA CA 152 0.35 101.12 45.55
N GLU CA 153 1.44 100.37 45.32
CA GLU CA 153 2.75 100.85 45.73
C GLU CA 153 3.11 102.15 45.02
N GLU CA 154 2.82 102.23 43.72
CA GLU CA 154 3.04 103.47 42.99
C GLU CA 154 2.18 104.60 43.54
N ILE CA 155 0.97 104.28 43.99
CA ILE CA 155 0.11 105.28 44.63
C ILE CA 155 0.77 105.83 45.90
N LEU CA 156 1.30 104.94 46.74
CA LEU CA 156 1.98 105.41 47.94
C LEU CA 156 3.23 106.23 47.62
N LYS CA 157 3.99 105.83 46.60
CA LYS CA 157 5.14 106.65 46.21
C LYS CA 157 4.71 108.04 45.75
N ALA CA 158 3.69 108.10 44.91
CA ALA CA 158 3.21 109.39 44.42
C ALA CA 158 2.57 110.21 45.53
N LYS CA 159 2.11 109.57 46.60
CA LYS CA 159 1.54 110.32 47.73
C LYS CA 159 2.58 111.25 48.33
N LYS CA 160 3.80 110.75 48.58
CA LYS CA 160 4.86 111.62 49.06
C LYS CA 160 5.45 112.46 47.93
N LYS CA 161 5.44 111.94 46.69
CA LYS CA 161 5.89 112.75 45.56
C LYS CA 161 4.94 113.92 45.31
N GLY CA 162 3.65 113.64 45.23
CA GLY CA 162 2.65 114.68 45.08
C GLY CA 162 2.28 115.00 43.64
N ASP CA 163 2.10 113.98 42.81
CA ASP CA 163 1.70 114.14 41.41
C ASP CA 163 0.28 113.58 41.32
N GLU CA 164 -0.72 114.47 41.34
CA GLU CA 164 -2.11 114.04 41.42
C GLU CA 164 -2.56 113.31 40.16
N GLU CA 165 -2.08 113.74 38.99
CA GLU CA 165 -2.46 113.09 37.74
C GLU CA 165 -2.10 111.61 37.79
N LYS CA 166 -0.89 111.30 38.27
CA LYS CA 166 -0.46 109.91 38.34
C LYS CA 166 -1.31 109.10 39.32
N ILE CA 167 -1.70 109.70 40.44
CA ILE CA 167 -2.51 108.96 41.42
C ILE CA 167 -3.89 108.70 40.85
N LYS CA 168 -4.46 109.66 40.12
CA LYS CA 168 -5.74 109.41 39.47
C LYS CA 168 -5.63 108.30 38.43
N GLU CA 169 -4.55 108.30 37.65
CA GLU CA 169 -4.34 107.25 36.67
C GLU CA 169 -4.23 105.89 37.34
N LEU CA 170 -3.52 105.82 38.47
CA LEU CA 170 -3.37 104.56 39.17
C LEU CA 170 -4.69 104.09 39.77
N LEU CA 171 -5.52 105.01 40.27
CA LEU CA 171 -6.85 104.63 40.72
C LEU CA 171 -7.69 104.10 39.56
N GLN CA 172 -7.55 104.69 38.37
CA GLN CA 172 -8.24 104.15 37.20
C GLN CA 172 -7.78 102.73 36.91
N ARG CA 173 -6.47 102.49 36.97
CA ARG CA 173 -5.96 101.14 36.74
C ARG CA 173 -6.48 100.16 37.77
N LEU CA 174 -6.54 100.59 39.04
CA LEU CA 174 -7.02 99.71 40.10
C LEU CA 174 -8.51 99.40 39.95
N LYS CA 175 -9.30 100.40 39.51
CA LYS CA 175 -10.71 100.13 39.24
C LYS CA 175 -10.86 99.12 38.11
N ALA CA 176 -10.06 99.27 37.06
CA ALA CA 176 -10.09 98.28 35.97
C ALA CA 176 -9.73 96.90 36.48
N ALA CA 177 -8.72 96.81 37.34
CA ALA CA 177 -8.32 95.52 37.90
C ALA CA 177 -9.43 94.91 38.75
N LYS CA 178 -10.10 95.73 39.58
CA LYS CA 178 -11.20 95.23 40.39
C LYS CA 178 -12.32 94.69 39.51
N ILE CA 179 -12.66 95.42 38.44
CA ILE CA 179 -13.70 94.96 37.53
C ILE CA 179 -13.28 93.66 36.87
N GLY CA 180 -12.02 93.54 36.48
CA GLY CA 180 -11.60 92.40 35.68
C GLY CA 180 -11.38 91.13 36.48
N THR CA 181 -11.05 91.26 37.77
CA THR CA 181 -10.65 90.08 38.54
C THR CA 181 -11.71 88.99 38.59
N PRO CA 182 -12.98 89.26 38.91
CA PRO CA 182 -13.98 88.18 38.80
C PRO CA 182 -14.09 87.65 37.39
N LEU CA 183 -13.94 88.53 36.38
CA LEU CA 183 -14.05 88.09 35.00
C LEU CA 183 -12.95 87.11 34.63
N VAL CA 184 -11.70 87.40 35.04
CA VAL CA 184 -10.61 86.50 34.69
C VAL CA 184 -10.73 85.19 35.46
N ARG CA 185 -11.14 85.27 36.73
CA ARG CA 185 -11.38 84.03 37.49
C ARG CA 185 -12.42 83.16 36.78
N GLU CA 186 -13.52 83.78 36.35
CA GLU CA 186 -14.58 83.03 35.68
C GLU CA 186 -14.10 82.47 34.35
N VAL CA 187 -13.32 83.24 33.59
CA VAL CA 187 -12.84 82.77 32.29
C VAL CA 187 -11.97 81.54 32.48
N VAL CA 188 -11.04 81.59 33.43
CA VAL CA 188 -10.18 80.43 33.68
C VAL CA 188 -11.01 79.24 34.13
N GLU CA 189 -11.98 79.46 35.03
CA GLU CA 189 -12.79 78.37 35.53
C GLU CA 189 -13.57 77.71 34.40
N ARG CA 190 -14.19 78.51 33.54
CA ARG CA 190 -14.97 77.95 32.43
C ARG CA 190 -14.07 77.21 31.45
N TYR CA 191 -12.90 77.76 31.13
CA TYR CA 191 -12.01 77.08 30.20
C TYR CA 191 -11.48 75.78 30.78
N ARG CA 192 -11.38 75.67 32.10
CA ARG CA 192 -10.84 74.47 32.73
C ARG CA 192 -11.58 73.20 32.30
N GLU CA 193 -12.90 73.21 32.34
CA GLU CA 193 -13.66 71.99 32.05
C GLU CA 193 -14.79 72.18 31.03
N GLU CA 194 -15.37 73.38 30.93
CA GLU CA 194 -16.54 73.56 30.07
C GLU CA 194 -16.19 73.34 28.60
N GLY CA 195 -15.06 73.87 28.16
CA GLY CA 195 -14.52 73.55 26.84
C GLY CA 195 -14.76 74.53 25.73
N GLU CA 196 -15.09 75.77 26.09
CA GLU CA 196 -15.31 76.81 25.10
C GLU CA 196 -14.03 77.13 24.32
N PRO CA 197 -14.12 78.08 23.37
CA PRO CA 197 -12.93 78.48 22.65
C PRO CA 197 -12.28 79.64 23.33
N LEU CA 198 -11.17 79.39 23.99
CA LEU CA 198 -10.55 80.44 24.77
C LEU CA 198 -10.61 81.80 24.14
N LEU CA 199 -10.14 81.90 22.92
CA LEU CA 199 -10.06 83.24 22.36
C LEU CA 199 -11.39 83.99 22.46
N ASP CA 200 -12.51 83.27 22.26
CA ASP CA 200 -13.81 83.91 22.35
C ASP CA 200 -14.08 84.45 23.75
N LEU CA 201 -13.83 83.62 24.78
CA LEU CA 201 -14.00 84.07 26.15
C LEU CA 201 -13.04 85.19 26.50
N LEU CA 202 -11.79 85.13 26.01
CA LEU CA 202 -10.84 86.20 26.26
C LEU CA 202 -11.36 87.52 25.69
N LEU CA 203 -11.85 87.49 24.45
CA LEU CA 203 -12.36 88.70 23.81
C LEU CA 203 -13.57 89.24 24.55
N HIS CA 204 -14.49 88.35 24.94
CA HIS CA 204 -15.68 88.80 25.67
C HIS CA 204 -15.30 89.41 27.02
N MET CA 205 -14.35 88.78 27.73
CA MET CA 205 -13.92 89.31 29.01
C MET CA 205 -13.25 90.68 28.84
N ALA CA 206 -12.41 90.83 27.82
CA ALA CA 206 -11.75 92.11 27.59
C ALA CA 206 -12.77 93.19 27.26
N GLU CA 207 -13.74 92.87 26.39
CA GLU CA 207 -14.75 93.86 26.02
C GLU CA 207 -15.62 94.23 27.22
N THR CA 208 -16.00 93.25 28.03
CA THR CA 208 -16.77 93.54 29.24
C THR CA 208 -16.00 94.41 30.19
N THR CA 209 -14.70 94.13 30.35
CA THR CA 209 -13.85 94.95 31.22
C THR CA 209 -13.81 96.40 30.71
N ILE CA 210 -13.63 96.58 29.40
CA ILE CA 210 -13.55 97.93 28.85
C ILE CA 210 -14.87 98.66 29.04
N ARG CA 211 -16.00 97.98 28.76
CA ARG CA 211 -17.30 98.62 28.89
C ARG CA 211 -17.60 99.01 30.32
N GLU CA 212 -17.35 98.09 31.27
CA GLU CA 212 -17.61 98.39 32.66
C GLU CA 212 -16.68 99.46 33.19
N SER CA 213 -15.43 99.48 32.72
CA SER CA 213 -14.47 100.49 33.16
C SER CA 213 -14.85 101.87 32.64
N GLU CA 214 -15.30 101.96 31.39
CA GLU CA 214 -15.73 103.25 30.87
C GLU CA 214 -17.08 103.66 31.45
N LYS CA 215 -17.85 102.70 31.97
CA LYS CA 215 -19.06 103.04 32.71
C LYS CA 215 -18.74 103.74 34.03
N LEU CA 216 -17.51 103.63 34.52
CA LEU CA 216 -17.07 104.30 35.74
C LEU CA 216 -16.29 105.58 35.45
N GLY CA 217 -16.30 106.05 34.21
CA GLY CA 217 -15.63 107.27 33.83
C GLY CA 217 -14.19 107.09 33.39
N VAL CA 218 -13.69 105.86 33.38
CA VAL CA 218 -12.28 105.63 33.07
C VAL CA 218 -12.12 105.42 31.57
N ASP CA 219 -11.06 106.03 31.04
CA ASP CA 219 -10.76 105.89 29.63
C ASP CA 219 -10.77 104.48 29.17
N PRO CA 220 -10.80 104.30 27.86
CA PRO CA 220 -10.74 102.95 27.33
C PRO CA 220 -9.32 102.77 26.93
N ARG CA 221 -8.45 103.52 27.55
CA ARG CA 221 -7.04 103.32 27.29
C ARG CA 221 -6.37 102.47 28.35
N LEU CA 222 -5.96 103.08 29.45
CA LEU CA 222 -5.18 102.35 30.45
C LEU CA 222 -5.91 101.09 30.90
N ALA CA 223 -7.25 101.12 30.94
CA ALA CA 223 -8.00 99.91 31.19
C ALA CA 223 -7.76 98.88 30.10
N ALA CA 224 -7.52 99.35 28.87
CA ALA CA 224 -7.15 98.43 27.79
C ALA CA 224 -5.83 97.74 28.09
N GLU CA 225 -4.84 98.48 28.59
CA GLU CA 225 -3.56 97.85 28.91
C GLU CA 225 -3.69 96.90 30.11
N VAL CA 226 -4.57 97.23 31.07
CA VAL CA 226 -4.83 96.31 32.18
C VAL CA 226 -5.42 95.01 31.66
N ALA CA 227 -6.42 95.12 30.77
CA ALA CA 227 -7.00 93.93 30.16
C ALA CA 227 -5.98 93.17 29.34
N ARG CA 228 -5.03 93.88 28.71
CA ARG CA 228 -3.99 93.22 27.94
C ARG CA 228 -3.06 92.40 28.84
N GLU CA 229 -2.66 92.98 29.97
CA GLU CA 229 -1.83 92.23 30.93
C GLU CA 229 -2.59 91.01 31.45
N MET CA 230 -3.87 91.17 31.77
CA MET CA 230 -4.64 90.04 32.27
C MET CA 230 -4.84 88.97 31.19
N VAL CA 231 -4.98 89.38 29.93
CA VAL CA 231 -5.07 88.42 28.84
C VAL CA 231 -3.76 87.64 28.70
N ASP CA 232 -2.64 88.34 28.85
CA ASP CA 232 -1.34 87.67 28.82
C ASP CA 232 -1.25 86.65 29.96
N GLY CA 233 -1.71 87.04 31.16
CA GLY CA 233 -1.71 86.11 32.27
C GLY CA 233 -2.58 84.90 32.03
N VAL CA 234 -3.76 85.10 31.43
CA VAL CA 234 -4.64 83.99 31.10
C VAL CA 234 -3.98 83.06 30.10
N GLY CA 235 -3.32 83.64 29.09
CA GLY CA 235 -2.61 82.81 28.13
C GLY CA 235 -1.50 81.99 28.77
N HIS CA 236 -0.76 82.60 29.70
CA HIS CA 236 0.30 81.86 30.40
C HIS CA 236 -0.28 80.74 31.25
N GLU CA 237 -1.35 81.02 31.99
CA GLU CA 237 -1.92 80.02 32.89
C GLU CA 237 -2.54 78.87 32.11
N THR CA 238 -3.29 79.18 31.06
CA THR CA 238 -4.02 78.16 30.32
C THR CA 238 -3.13 77.29 29.45
N GLY CA 239 -1.86 77.68 29.26
CA GLY CA 239 -0.98 76.90 28.41
C GLY CA 239 -1.16 77.12 26.94
N GLU CA 240 -1.90 78.16 26.53
CA GLU CA 240 -2.12 78.47 25.12
C GLU CA 240 -1.96 79.97 24.94
N THR CA 241 -0.88 80.38 24.27
CA THR CA 241 -0.57 81.78 24.09
C THR CA 241 -0.92 82.33 22.72
N GLU CA 242 -1.16 81.47 21.73
CA GLU CA 242 -1.51 81.95 20.39
C GLU CA 242 -2.85 82.68 20.41
N ALA CA 243 -3.84 82.13 21.12
CA ALA CA 243 -5.11 82.84 21.27
C ALA CA 243 -4.92 84.13 22.06
N ALA CA 244 -4.09 84.09 23.11
CA ALA CA 244 -3.75 85.31 23.84
C ALA CA 244 -3.05 86.31 22.92
N PHE CA 245 -2.18 85.82 22.04
CA PHE CA 245 -1.53 86.70 21.07
C PHE CA 245 -2.54 87.36 20.15
N ARG CA 246 -3.51 86.59 19.65
CA ARG CA 246 -4.51 87.15 18.76
C ARG CA 246 -5.37 88.19 19.46
N VAL CA 247 -5.81 87.90 20.69
CA VAL CA 247 -6.60 88.87 21.44
C VAL CA 247 -5.77 90.12 21.75
N ARG CA 248 -4.47 89.93 22.00
CA ARG CA 248 -3.58 91.06 22.19
C ARG CA 248 -3.52 91.94 20.95
N ARG CA 249 -3.45 91.31 19.77
CA ARG CA 249 -3.44 92.08 18.53
C ARG CA 249 -4.74 92.84 18.32
N GLU CA 250 -5.88 92.19 18.60
CA GLU CA 250 -7.15 92.89 18.43
C GLU CA 250 -7.28 94.05 19.42
N LEU CA 251 -6.81 93.87 20.65
CA LEU CA 251 -6.85 94.97 21.61
C LEU CA 251 -5.91 96.10 21.20
N ASP CA 252 -4.75 95.77 20.63
CA ASP CA 252 -3.86 96.79 20.10
C ASP CA 252 -4.50 97.55 18.95
N THR CA 253 -5.27 96.86 18.11
CA THR CA 253 -6.04 97.57 17.09
C THR CA 253 -7.13 98.44 17.71
N VAL CA 254 -7.74 97.96 18.80
CA VAL CA 254 -8.83 98.70 19.45
C VAL CA 254 -8.32 100.02 20.01
N ILE CA 255 -7.15 100.00 20.68
CA ILE CA 255 -6.66 101.22 21.31
C ILE CA 255 -6.35 102.29 20.28
N LEU CA 256 -6.12 101.90 19.03
CA LEU CA 256 -5.88 102.85 17.95
C LEU CA 256 -7.13 103.69 17.68
N THR DA 25 37.42 75.85 11.65
CA THR DA 25 38.68 76.59 11.66
C THR DA 25 39.07 77.00 10.25
N GLU DA 26 38.14 76.86 9.31
CA GLU DA 26 38.42 77.20 7.92
C GLU DA 26 38.71 78.69 7.77
N LYS DA 27 37.96 79.53 8.49
CA LYS DA 27 38.23 80.97 8.45
C LYS DA 27 39.64 81.28 8.93
N LEU DA 28 40.08 80.63 10.01
CA LEU DA 28 41.42 80.88 10.52
C LEU DA 28 42.49 80.42 9.54
N LYS DA 29 42.28 79.27 8.91
CA LYS DA 29 43.23 78.79 7.90
C LYS DA 29 43.32 79.74 6.73
N LYS DA 30 42.17 80.25 6.26
CA LYS DA 30 42.18 81.21 5.16
C LYS DA 30 42.86 82.51 5.57
N ILE DA 31 42.63 82.95 6.81
CA ILE DA 31 43.28 84.18 7.28
C ILE DA 31 44.80 84.00 7.29
N THR DA 32 45.27 82.85 7.79
CA THR DA 32 46.70 82.58 7.80
C THR DA 32 47.25 82.54 6.39
N LYS DA 33 46.55 81.87 5.46
CA LYS DA 33 47.01 81.80 4.09
C LYS DA 33 47.11 83.18 3.46
N LEU DA 34 46.08 84.01 3.63
CA LEU DA 34 46.09 85.33 3.03
C LEU DA 34 47.15 86.22 3.65
N LEU DA 35 47.40 86.08 4.95
CA LEU DA 35 48.47 86.84 5.57
C LEU DA 35 49.83 86.40 5.04
N HIS DA 36 50.02 85.14 4.74
CA HIS DA 36 51.28 84.76 4.16
C HIS DA 36 51.33 85.48 2.86
N GLU DA 37 50.36 85.22 2.00
CA GLU DA 37 50.45 85.80 0.67
C GLU DA 37 50.79 87.29 0.74
N LEU DA 38 50.15 88.02 1.65
CA LEU DA 38 50.42 89.45 1.78
C LEU DA 38 51.86 89.71 2.18
N VAL DA 39 52.38 88.94 3.14
CA VAL DA 39 53.74 89.17 3.60
C VAL DA 39 54.74 88.73 2.53
N ASP DA 40 54.37 87.78 1.66
CA ASP DA 40 55.28 87.36 0.60
C ASP DA 40 55.59 88.52 -0.34
N ARG DA 41 54.57 89.25 -0.77
CA ARG DA 41 54.75 90.40 -1.66
C ARG DA 41 54.68 91.69 -0.85
N GLY DA 42 55.75 91.97 -0.12
CA GLY DA 42 55.83 93.20 0.65
C GLY DA 42 54.71 93.31 1.66
N GLU DA 43 54.09 94.49 1.71
CA GLU DA 43 52.88 94.75 2.50
C GLU DA 43 53.20 94.51 3.98
N ILE DA 44 52.49 93.63 4.67
CA ILE DA 44 52.64 93.44 6.11
C ILE DA 44 54.00 92.81 6.42
N PRO DA 45 54.54 93.02 7.62
CA PRO DA 45 55.81 92.36 7.99
C PRO DA 45 55.62 90.90 8.35
N GLU DA 46 56.73 90.21 8.64
CA GLU DA 46 56.70 88.76 8.83
C GLU DA 46 56.14 88.36 10.19
N GLU DA 47 56.26 89.23 11.21
CA GLU DA 47 55.85 88.86 12.56
C GLU DA 47 54.38 88.48 12.61
N LEU DA 48 53.54 89.21 11.87
CA LEU DA 48 52.11 88.92 11.88
C LEU DA 48 51.83 87.54 11.28
N ALA DA 49 52.52 87.18 10.20
CA ALA DA 49 52.34 85.86 9.60
C ALA DA 49 52.83 84.75 10.52
N THR DA 50 53.97 84.97 11.20
CA THR DA 50 54.47 83.98 12.14
C THR DA 50 53.49 83.77 13.30
N LEU DA 51 52.95 84.88 13.83
CA LEU DA 51 51.93 84.75 14.88
C LEU DA 51 50.71 84.03 14.37
N ALA DA 52 50.29 84.31 13.14
CA ALA DA 52 49.14 83.61 12.57
C ALA DA 52 49.40 82.11 12.51
N THR DA 53 50.61 81.71 12.10
CA THR DA 53 50.94 80.29 12.04
C THR DA 53 50.91 79.65 13.42
N LEU DA 54 51.57 80.28 14.40
CA LEU DA 54 51.63 79.70 15.74
C LEU DA 54 50.22 79.59 16.34
N LEU DA 55 49.41 80.64 16.22
CA LEU DA 55 48.06 80.59 16.76
C LEU DA 55 47.18 79.61 16.01
N LEU DA 56 47.40 79.45 14.70
CA LEU DA 56 46.64 78.46 13.95
C LEU DA 56 47.00 77.04 14.38
N TYR DA 57 48.23 76.83 14.82
CA TYR DA 57 48.57 75.53 15.41
C TYR DA 57 47.91 75.36 16.78
N LEU DA 58 48.02 76.40 17.62
CA LEU DA 58 47.51 76.31 18.99
C LEU DA 58 46.00 76.06 18.99
N VAL DA 59 45.25 76.88 18.26
CA VAL DA 59 43.88 76.55 17.91
C VAL DA 59 43.96 75.31 17.04
N GLU DA 60 43.00 74.40 17.18
CA GLU DA 60 42.95 73.14 16.45
C GLU DA 60 44.01 72.19 17.02
N LYS DA 61 44.90 72.70 17.89
CA LYS DA 61 45.51 71.83 18.88
C LYS DA 61 44.65 71.76 20.14
N GLY DA 62 43.74 72.72 20.29
CA GLY DA 62 42.83 72.71 21.42
C GLY DA 62 43.42 73.35 22.66
N LEU DA 63 44.17 74.44 22.49
CA LEU DA 63 44.82 75.10 23.61
C LEU DA 63 44.42 76.56 23.77
N ILE DA 64 43.81 77.18 22.77
CA ILE DA 64 43.26 78.54 22.92
C ILE DA 64 41.97 78.62 22.11
N SER DA 65 41.28 79.74 22.19
CA SER DA 65 40.04 79.96 21.48
C SER DA 65 40.24 80.97 20.36
N GLU DA 66 39.28 81.00 19.44
CA GLU DA 66 39.37 81.93 18.31
C GLU DA 66 39.41 83.38 18.77
N PHE DA 67 38.80 83.67 19.93
CA PHE DA 67 38.84 85.02 20.47
C PHE DA 67 40.27 85.45 20.75
N ASP DA 68 41.07 84.57 21.35
CA ASP DA 68 42.47 84.90 21.62
C ASP DA 68 43.25 85.08 20.32
N PHE DA 69 42.98 84.22 19.32
CA PHE DA 69 43.61 84.37 18.01
C PHE DA 69 43.35 85.76 17.43
N ILE DA 70 42.08 86.15 17.35
CA ILE DA 70 41.74 87.43 16.74
C ILE DA 70 42.28 88.59 17.58
N GLU DA 71 42.23 88.44 18.91
CA GLU DA 71 42.69 89.52 19.78
C GLU DA 71 44.19 89.75 19.61
N HIS DA 72 44.97 88.67 19.56
CA HIS DA 72 46.41 88.81 19.34
C HIS DA 72 46.71 89.39 17.97
N LEU DA 73 45.97 88.95 16.94
CA LEU DA 73 46.18 89.49 15.60
C LEU DA 73 45.92 90.99 15.57
N VAL DA 74 44.81 91.42 16.20
CA VAL DA 74 44.47 92.84 16.20
C VAL DA 74 45.46 93.63 17.01
N ARG DA 75 45.94 93.09 18.13
CA ARG DA 75 46.93 93.80 18.93
C ARG DA 75 48.22 94.00 18.16
N LEU DA 76 48.69 92.97 17.46
CA LEU DA 76 49.90 93.14 16.65
C LEU DA 76 49.67 94.11 15.50
N ALA DA 77 48.50 94.04 14.86
CA ALA DA 77 48.21 94.98 13.77
C ALA DA 77 48.22 96.42 14.26
N GLU DA 78 47.62 96.66 15.44
CA GLU DA 78 47.65 98.00 16.02
C GLU DA 78 49.07 98.42 16.36
N LYS DA 79 49.88 97.48 16.88
CA LYS DA 79 51.26 97.81 17.22
C LYS DA 79 52.05 98.20 15.98
N LEU DA 80 51.86 97.49 14.88
CA LEU DA 80 52.60 97.75 13.65
C LEU DA 80 51.90 98.73 12.72
N GLY DA 81 50.69 99.17 13.06
CA GLY DA 81 49.96 100.11 12.22
C GLY DA 81 49.63 99.55 10.84
N VAL DA 82 49.14 98.32 10.80
CA VAL DA 82 48.83 97.65 9.54
C VAL DA 82 47.40 97.13 9.62
N LEU DA 83 46.58 97.76 10.47
CA LEU DA 83 45.24 97.26 10.75
C LEU DA 83 44.36 97.25 9.51
N GLU DA 84 44.61 98.15 8.55
CA GLU DA 84 43.80 98.19 7.34
C GLU DA 84 43.94 96.91 6.53
N GLU DA 85 45.17 96.39 6.42
CA GLU DA 85 45.39 95.13 5.69
C GLU DA 85 44.69 93.97 6.39
N LEU DA 86 44.73 93.94 7.72
CA LEU DA 86 44.00 92.91 8.45
C LEU DA 86 42.50 93.03 8.22
N LYS DA 87 41.99 94.26 8.16
CA LYS DA 87 40.57 94.47 7.85
C LYS DA 87 40.24 93.92 6.48
N LYS DA 88 41.10 94.20 5.49
CA LYS DA 88 40.87 93.69 4.14
C LYS DA 88 40.88 92.17 4.12
N VAL DA 89 41.82 91.55 4.85
CA VAL DA 89 41.88 90.09 4.90
C VAL DA 89 40.60 89.54 5.52
N LEU DA 90 40.12 90.16 6.59
CA LEU DA 90 38.91 89.67 7.25
C LEU DA 90 37.68 89.86 6.38
N GLU DA 91 37.64 90.90 5.55
CA GLU DA 91 36.56 91.02 4.58
C GLU DA 91 36.66 89.96 3.49
N GLU DA 92 37.87 89.69 3.01
CA GLU DA 92 38.05 88.70 1.95
C GLU DA 92 37.64 87.31 2.42
N VAL DA 93 38.04 86.91 3.63
CA VAL DA 93 37.65 85.60 4.12
C VAL DA 93 36.14 85.55 4.36
N GLY DA 94 35.53 86.69 4.69
CA GLY DA 94 34.10 86.74 4.93
C GLY DA 94 33.72 86.38 6.35
N ASP DA 95 34.34 87.07 7.31
CA ASP DA 95 34.09 86.84 8.73
C ASP DA 95 33.48 88.09 9.34
N GLU DA 96 32.36 87.91 10.04
CA GLU DA 96 31.69 89.03 10.70
C GLU DA 96 32.11 89.17 12.15
N PHE DA 97 32.34 88.06 12.85
CA PHE DA 97 32.76 88.12 14.25
C PHE DA 97 34.10 88.81 14.38
N GLY DA 98 35.09 88.38 13.60
CA GLY DA 98 36.41 88.99 13.66
C GLY DA 98 36.39 90.46 13.27
N LEU DA 99 35.61 90.79 12.23
CA LEU DA 99 35.52 92.19 11.80
C LEU DA 99 34.90 93.06 12.88
N THR DA 100 33.83 92.56 13.53
CA THR DA 100 33.23 93.30 14.62
C THR DA 100 34.20 93.47 15.78
N LEU DA 101 35.00 92.44 16.06
CA LEU DA 101 36.01 92.56 17.11
C LEU DA 101 37.05 93.62 16.75
N VAL DA 102 37.45 93.67 15.48
CA VAL DA 102 38.40 94.68 15.04
C VAL DA 102 37.83 96.08 15.24
N TYR DA 103 36.57 96.28 14.83
CA TYR DA 103 35.94 97.58 15.04
C TYR DA 103 35.84 97.91 16.52
N ALA DA 104 35.52 96.92 17.35
CA ALA DA 104 35.41 97.17 18.78
C ALA DA 104 36.74 97.61 19.37
N ILE DA 105 37.83 96.93 19.00
CA ILE DA 105 39.14 97.28 19.53
C ILE DA 105 39.57 98.67 19.06
N SER DA 106 39.37 98.97 17.76
CA SER DA 106 39.74 100.28 17.26
C SER DA 106 38.93 101.38 17.92
N LEU DA 107 37.63 101.15 18.11
CA LEU DA 107 36.77 102.13 18.76
C LEU DA 107 37.16 102.32 20.23
N LEU DA 108 37.53 101.23 20.91
CA LEU DA 108 38.00 101.35 22.28
C LEU DA 108 39.29 102.18 22.36
N LYS DA 109 40.21 101.95 21.43
CA LYS DA 109 41.44 102.74 21.41
C LYS DA 109 41.15 104.20 21.16
N GLU DA 110 40.26 104.50 20.21
CA GLU DA 110 39.92 105.88 19.92
C GLU DA 110 39.25 106.55 21.12
N VAL DA 111 38.36 105.83 21.80
CA VAL DA 111 37.68 106.39 22.96
C VAL DA 111 38.67 106.60 24.11
N GLU DA 112 39.62 105.68 24.28
CA GLU DA 112 40.67 105.87 25.27
C GLU DA 112 41.47 107.12 24.96
N LYS DA 113 41.74 107.38 23.68
CA LYS DA 113 42.34 108.65 23.30
C LYS DA 113 41.44 109.82 23.69
N GLU DA 114 40.13 109.67 23.48
CA GLU DA 114 39.19 110.72 23.87
C GLU DA 114 39.06 110.81 25.38
N GLY DA 115 38.83 109.68 26.04
CA GLY DA 115 38.73 109.65 27.49
C GLY DA 115 37.34 109.85 28.06
N ASP DA 116 36.30 109.31 27.42
CA ASP DA 116 34.94 109.49 27.92
C ASP DA 116 34.45 108.17 28.54
N GLU DA 117 33.89 108.25 29.75
CA GLU DA 117 33.66 107.05 30.55
C GLU DA 117 32.47 106.24 30.05
N GLU DA 118 31.37 106.90 29.66
CA GLU DA 118 30.18 106.15 29.28
C GLU DA 118 30.43 105.28 28.06
N LEU DA 119 31.11 105.83 27.05
CA LEU DA 119 31.51 105.00 25.92
C LEU DA 119 32.52 103.93 26.32
N LYS DA 120 33.34 104.19 27.35
CA LYS DA 120 34.20 103.12 27.87
C LYS DA 120 33.36 101.93 28.32
N GLU DA 121 32.35 102.20 29.16
CA GLU DA 121 31.48 101.12 29.63
C GLU DA 121 30.76 100.46 28.46
N TYR DA 122 30.30 101.26 27.50
CA TYR DA 122 29.57 100.72 26.36
C TYR DA 122 30.43 99.74 25.57
N VAL DA 123 31.68 100.14 25.26
CA VAL DA 123 32.54 99.30 24.46
C VAL DA 123 33.02 98.10 25.25
N LYS DA 124 33.21 98.24 26.56
CA LYS DA 124 33.57 97.06 27.36
C LYS DA 124 32.45 96.03 27.38
N LEU DA 125 31.21 96.48 27.52
CA LEU DA 125 30.08 95.56 27.43
C LEU DA 125 30.00 94.93 26.05
N ALA DA 126 30.25 95.73 25.00
CA ALA DA 126 30.24 95.18 23.65
C ALA DA 126 31.30 94.11 23.47
N ILE DA 127 32.51 94.33 24.02
CA ILE DA 127 33.59 93.37 23.89
C ILE DA 127 33.28 92.10 24.67
N GLU DA 128 32.71 92.24 25.86
CA GLU DA 128 32.34 91.05 26.64
C GLU DA 128 31.28 90.24 25.91
N THR DA 129 30.29 90.91 25.33
CA THR DA 129 29.27 90.20 24.56
C THR DA 129 29.87 89.54 23.33
N LEU DA 130 30.84 90.21 22.69
CA LEU DA 130 31.51 89.63 21.54
C LEU DA 130 32.27 88.37 21.94
N LYS DA 131 32.93 88.38 23.09
CA LYS DA 131 33.62 87.19 23.57
C LYS DA 131 32.63 86.06 23.84
N GLU DA 132 31.50 86.38 24.48
CA GLU DA 132 30.50 85.35 24.75
C GLU DA 132 29.94 84.76 23.46
N ALA DA 133 29.74 85.60 22.44
CA ALA DA 133 29.30 85.10 21.15
C ALA DA 133 30.37 84.22 20.51
N PHE DA 134 31.62 84.69 20.51
CA PHE DA 134 32.74 83.93 19.96
C PHE DA 134 32.85 82.55 20.60
N GLU DA 135 32.46 82.44 21.87
CA GLU DA 135 32.52 81.14 22.56
C GLU DA 135 31.77 80.07 21.79
N ARG DA 136 30.62 80.41 21.20
CA ARG DA 136 29.83 79.42 20.49
C ARG DA 136 29.20 79.96 19.20
N LYS DA 137 29.65 81.11 18.70
CA LYS DA 137 29.08 81.74 17.50
C LYS DA 137 27.58 81.95 17.66
N ASN DA 138 27.21 82.71 18.69
CA ASN DA 138 25.82 83.02 18.98
C ASN DA 138 25.50 84.35 18.32
N TYR DA 139 24.57 84.31 17.36
CA TYR DA 139 24.38 85.44 16.45
C TYR DA 139 23.72 86.63 17.16
N ALA DA 140 22.91 86.35 18.19
CA ALA DA 140 22.13 87.41 18.84
C ALA DA 140 23.03 88.39 19.59
N LEU DA 141 23.97 87.87 20.39
CA LEU DA 141 24.92 88.77 21.05
C LEU DA 141 25.80 89.48 20.03
N LEU DA 142 26.06 88.85 18.88
CA LEU DA 142 26.75 89.54 17.80
C LEU DA 142 25.94 90.74 17.31
N VAL DA 143 24.62 90.58 17.16
CA VAL DA 143 23.77 91.69 16.77
C VAL DA 143 23.82 92.80 17.82
N SER DA 144 23.74 92.42 19.09
CA SER DA 144 23.77 93.42 20.16
C SER DA 144 25.08 94.21 20.14
N ALA DA 145 26.20 93.49 20.02
CA ALA DA 145 27.51 94.16 19.99
C ALA DA 145 27.65 95.03 18.75
N LYS DA 146 27.14 94.55 17.61
CA LYS DA 146 27.18 95.36 16.39
C LYS DA 146 26.41 96.65 16.57
N ILE DA 147 25.23 96.57 17.17
CA ILE DA 147 24.44 97.77 17.44
C ILE DA 147 25.22 98.73 18.31
N ILE DA 148 25.80 98.22 19.40
CA ILE DA 148 26.52 99.08 20.34
C ILE DA 148 27.68 99.77 19.63
N VAL DA 149 28.46 99.01 18.85
CA VAL DA 149 29.66 99.58 18.25
C VAL DA 149 29.29 100.58 17.15
N GLU DA 150 28.25 100.31 16.36
CA GLU DA 150 27.91 101.26 15.30
C GLU DA 150 27.33 102.54 15.88
N ASN DA 151 26.51 102.43 16.94
CA ASN DA 151 26.01 103.65 17.58
C ASN DA 151 27.15 104.44 18.22
N ALA DA 152 28.11 103.75 18.83
CA ALA DA 152 29.27 104.45 19.39
C ALA DA 152 30.07 105.15 18.30
N GLU DA 153 30.29 104.48 17.16
CA GLU DA 153 31.02 105.09 16.07
C GLU DA 153 30.29 106.33 15.56
N GLU DA 154 28.97 106.25 15.43
CA GLU DA 154 28.19 107.41 15.03
C GLU DA 154 28.30 108.53 16.07
N ILE DA 155 28.39 108.16 17.35
CA ILE DA 155 28.60 109.15 18.40
C ILE DA 155 29.92 109.89 18.20
N LEU DA 156 30.99 109.14 17.93
CA LEU DA 156 32.28 109.79 17.69
C LEU DA 156 32.25 110.67 16.44
N LYS DA 157 31.59 110.23 15.38
CA LYS DA 157 31.47 111.08 14.20
C LYS DA 157 30.73 112.36 14.51
N ALA DA 158 29.60 112.26 15.23
CA ALA DA 158 28.84 113.44 15.59
C ALA DA 158 29.57 114.33 16.58
N LYS DA 159 30.52 113.78 17.32
CA LYS DA 159 31.32 114.59 18.24
C LYS DA 159 32.09 115.67 17.49
N LYS DA 160 32.76 115.29 16.40
CA LYS DA 160 33.43 116.28 15.58
C LYS DA 160 32.44 117.04 14.69
N LYS DA 161 31.34 116.40 14.29
CA LYS DA 161 30.31 117.12 13.54
C LYS DA 161 29.63 118.17 14.41
N GLY DA 162 29.18 117.78 15.60
CA GLY DA 162 28.59 118.73 16.53
C GLY DA 162 27.08 118.86 16.44
N ASP DA 163 26.39 117.73 16.31
CA ASP DA 163 24.92 117.71 16.25
C ASP DA 163 24.47 117.03 17.54
N GLU DA 164 24.06 117.83 18.52
CA GLU DA 164 23.76 117.30 19.85
C GLU DA 164 22.53 116.41 19.85
N GLU DA 165 21.52 116.76 19.03
CA GLU DA 165 20.31 115.93 18.98
C GLU DA 165 20.65 114.50 18.59
N LYS DA 166 21.52 114.34 17.58
CA LYS DA 166 21.89 113.00 17.14
C LYS DA 166 22.66 112.25 18.23
N ILE DA 167 23.53 112.93 18.98
CA ILE DA 167 24.28 112.24 20.01
C ILE DA 167 23.35 111.81 21.14
N LYS DA 168 22.36 112.64 21.48
CA LYS DA 168 21.39 112.22 22.48
C LYS DA 168 20.59 111.01 22.00
N GLU DA 169 20.19 111.03 20.73
CA GLU DA 169 19.47 109.89 20.18
C GLU DA 169 20.31 108.62 20.23
N LEU DA 170 21.59 108.73 19.91
CA LEU DA 170 22.47 107.57 19.94
C LEU DA 170 22.69 107.06 21.37
N LEU DA 171 22.78 107.97 22.34
CA LEU DA 171 22.84 107.54 23.74
C LEU DA 171 21.56 106.81 24.14
N GLN DA 172 20.40 107.28 23.66
CA GLN DA 172 19.16 106.56 23.92
C GLN DA 172 19.21 105.15 23.33
N ARG DA 173 19.69 105.02 22.09
CA ARG DA 173 19.81 103.71 21.48
C ARG DA 173 20.74 102.81 22.27
N LEU DA 174 21.87 103.37 22.74
CA LEU DA 174 22.83 102.56 23.50
C LEU DA 174 22.26 102.14 24.85
N LYS DA 175 21.49 103.01 25.50
CA LYS DA 175 20.82 102.61 26.73
C LYS DA 175 19.83 101.47 26.48
N ALA DA 176 19.07 101.57 25.39
CA ALA DA 176 18.17 100.47 25.03
C ALA DA 176 18.94 99.17 24.80
N ALA DA 177 20.08 99.26 24.11
CA ALA DA 177 20.90 98.08 23.86
C ALA DA 177 21.43 97.48 25.16
N LYS DA 178 21.90 98.32 26.08
CA LYS DA 178 22.39 97.83 27.36
C LYS DA 178 21.28 97.12 28.13
N ILE DA 179 20.08 97.70 28.14
CA ILE DA 179 18.95 97.06 28.81
C ILE DA 179 18.62 95.73 28.16
N GLY DA 180 18.67 95.67 26.83
CA GLY DA 180 18.19 94.49 26.14
C GLY DA 180 19.17 93.33 26.12
N THR DA 181 20.47 93.63 26.23
CA THR DA 181 21.48 92.58 26.04
C THR DA 181 21.33 91.41 27.02
N PRO DA 182 21.21 91.61 28.34
CA PRO DA 182 20.93 90.45 29.20
C PRO DA 182 19.63 89.77 28.84
N LEU DA 183 18.62 90.54 28.41
CA LEU DA 183 17.33 89.94 28.06
C LEU DA 183 17.46 89.02 26.86
N VAL DA 184 18.19 89.45 25.82
CA VAL DA 184 18.31 88.60 24.63
C VAL DA 184 19.17 87.38 24.94
N ARG DA 185 20.24 87.56 25.73
CA ARG DA 185 21.03 86.41 26.14
C ARG DA 185 20.15 85.38 26.87
N GLU DA 186 19.33 85.86 27.81
CA GLU DA 186 18.46 84.97 28.56
C GLU DA 186 17.43 84.30 27.67
N VAL DA 187 16.86 85.04 26.72
CA VAL DA 187 15.84 84.47 25.83
C VAL DA 187 16.45 83.34 25.01
N VAL DA 188 17.62 83.57 24.44
CA VAL DA 188 18.27 82.52 23.66
C VAL DA 188 18.60 81.32 24.54
N GLU DA 189 19.12 81.57 25.75
CA GLU DA 189 19.48 80.47 26.64
C GLU DA 189 18.25 79.62 26.99
N ARG DA 190 17.14 80.28 27.33
CA ARG DA 190 15.94 79.55 27.69
C ARG DA 190 15.38 78.77 26.50
N TYR DA 191 15.38 79.39 25.31
CA TYR DA 191 14.85 78.68 24.15
C TYR DA 191 15.74 77.49 23.78
N ARG DA 192 17.04 77.54 24.09
CA ARG DA 192 17.95 76.45 23.73
C ARG DA 192 17.47 75.10 24.24
N GLU DA 193 17.10 75.00 25.51
CA GLU DA 193 16.75 73.71 26.08
C GLU DA 193 15.42 73.70 26.84
N GLU DA 194 14.99 74.82 27.41
CA GLU DA 194 13.79 74.81 28.25
C GLU DA 194 12.54 74.47 27.45
N GLY DA 195 12.41 75.03 26.24
CA GLY DA 195 11.37 74.62 25.31
C GLY DA 195 10.12 75.46 25.23
N GLU DA 196 10.19 76.69 25.69
CA GLU DA 196 9.07 77.59 25.61
C GLU DA 196 8.73 77.94 24.17
N PRO DA 197 7.69 78.76 23.98
CA PRO DA 197 7.35 79.18 22.63
C PRO DA 197 8.04 80.47 22.27
N LEU DA 198 9.03 80.39 21.41
CA LEU DA 198 9.82 81.57 21.11
C LEU DA 198 9.02 82.83 21.03
N LEU DA 199 7.96 82.81 20.27
CA LEU DA 199 7.28 84.09 20.07
C LEU DA 199 6.87 84.73 21.39
N ASP DA 200 6.44 83.91 22.36
CA ASP DA 200 6.03 84.45 23.65
C ASP DA 200 7.20 85.11 24.36
N LEU DA 201 8.35 84.42 24.42
CA LEU DA 201 9.53 85.00 25.04
C LEU DA 201 10.02 86.23 24.29
N LEU DA 202 9.95 86.21 22.95
CA LEU DA 202 10.33 87.38 22.17
C LEU DA 202 9.47 88.59 22.53
N LEU DA 203 8.16 88.38 22.60
CA LEU DA 203 7.25 89.47 22.92
C LEU DA 203 7.50 89.99 24.34
N HIS DA 204 7.70 89.08 25.30
CA HIS DA 204 7.96 89.50 26.67
C HIS DA 204 9.27 90.28 26.76
N MET DA 205 10.31 89.81 26.07
CA MET DA 205 11.59 90.52 26.08
C MET DA 205 11.45 91.90 25.45
N ALA DA 206 10.73 92.01 24.34
CA ALA DA 206 10.55 93.30 23.70
C ALA DA 206 9.78 94.26 24.60
N GLU DA 207 8.71 93.78 25.23
CA GLU DA 207 7.93 94.63 26.12
C GLU DA 207 8.74 95.06 27.33
N THR DA 208 9.51 94.14 27.91
CA THR DA 208 10.37 94.50 29.04
C THR DA 208 11.40 95.53 28.64
N THR DA 209 11.98 95.37 27.45
CA THR DA 209 12.95 96.35 26.95
C THR DA 209 12.31 97.72 26.81
N ILE DA 210 11.11 97.78 26.23
CA ILE DA 210 10.44 99.06 26.04
C ILE DA 210 10.11 99.70 27.38
N ARG DA 211 9.60 98.91 28.32
CA ARG DA 211 9.22 99.45 29.63
C ARG DA 211 10.44 99.97 30.38
N GLU DA 212 11.51 99.19 30.40
CA GLU DA 212 12.71 99.62 31.12
C GLU DA 212 13.36 100.81 30.44
N SER DA 213 13.29 100.88 29.11
CA SER DA 213 13.88 102.00 28.38
C SER DA 213 13.10 103.28 28.64
N GLU DA 214 11.77 103.20 28.67
CA GLU DA 214 10.97 104.39 28.97
C GLU DA 214 11.05 104.74 30.45
N LYS DA 215 11.43 103.79 31.29
CA LYS DA 215 11.71 104.11 32.69
C LYS DA 215 12.96 104.97 32.85
N LEU DA 216 13.82 105.02 31.81
CA LEU DA 216 15.01 105.84 31.83
C LEU DA 216 14.83 107.14 31.05
N GLY DA 217 13.59 107.47 30.69
CA GLY DA 217 13.28 108.70 29.98
C GLY DA 217 13.34 108.59 28.46
N VAL DA 218 13.64 107.41 27.93
CA VAL DA 218 13.82 107.27 26.49
C VAL DA 218 12.48 106.90 25.86
N ASP DA 219 12.24 107.54 24.71
CA ASP DA 219 11.03 107.30 23.96
C ASP DA 219 10.74 105.85 23.77
N PRO DA 220 9.53 105.56 23.36
CA PRO DA 220 9.23 104.17 23.06
C PRO DA 220 9.29 104.06 21.59
N ARG DA 221 10.11 104.88 20.97
CA ARG DA 221 10.29 104.74 19.55
C ARG DA 221 11.62 104.08 19.22
N LEU DA 222 12.71 104.83 19.24
CA LEU DA 222 13.98 104.28 18.80
C LEU DA 222 14.32 103.02 19.58
N ALA DA 223 13.94 102.96 20.86
CA ALA DA 223 14.11 101.72 21.61
C ALA DA 223 13.29 100.60 20.99
N ALA DA 224 12.14 100.95 20.39
CA ALA DA 224 11.36 99.96 19.66
C ALA DA 224 12.14 99.41 18.47
N GLU DA 225 12.83 100.27 17.73
CA GLU DA 225 13.60 99.78 16.60
C GLU DA 225 14.81 98.97 17.07
N VAL DA 226 15.40 99.33 18.21
CA VAL DA 226 16.48 98.52 18.77
C VAL DA 226 15.98 97.12 19.11
N ALA DA 227 14.82 97.06 19.77
CA ALA DA 227 14.22 95.77 20.08
C ALA DA 227 13.86 95.01 18.82
N ARG DA 228 13.47 95.72 17.76
CA ARG DA 228 13.16 95.06 16.49
C ARG DA 228 14.39 94.42 15.88
N GLU DA 229 15.51 95.14 15.86
CA GLU DA 229 16.76 94.58 15.36
C GLU DA 229 17.17 93.37 16.19
N MET DA 230 17.05 93.45 17.51
CA MET DA 230 17.43 92.33 18.36
C MET DA 230 16.50 91.14 18.15
N VAL DA 231 15.22 91.40 17.91
CA VAL DA 231 14.28 90.32 17.61
C VAL DA 231 14.65 89.64 16.29
N ASP DA 232 15.05 90.44 15.30
CA ASP DA 232 15.52 89.87 14.04
C ASP DA 232 16.74 88.99 14.27
N GLY DA 233 17.67 89.47 15.10
CA GLY DA 233 18.84 88.67 15.41
C GLY DA 233 18.50 87.37 16.12
N VAL DA 234 17.54 87.42 17.05
CA VAL DA 234 17.11 86.20 17.74
C VAL DA 234 16.49 85.23 16.75
N GLY DA 235 15.67 85.74 15.83
CA GLY DA 235 15.10 84.87 14.81
C GLY DA 235 16.14 84.22 13.93
N HIS DA 236 17.17 84.98 13.56
CA HIS DA 236 18.25 84.42 12.75
C HIS DA 236 19.02 83.35 13.52
N GLU DA 237 19.34 83.63 14.78
CA GLU DA 237 20.15 82.69 15.55
C GLU DA 237 19.38 81.41 15.86
N THR DA 238 18.10 81.54 16.24
CA THR DA 238 17.31 80.40 16.67
C THR DA 238 16.88 79.51 15.50
N GLY DA 239 17.04 79.98 14.26
CA GLY DA 239 16.62 79.19 13.12
C GLY DA 239 15.14 79.23 12.83
N GLU DA 240 14.41 80.15 13.45
CA GLU DA 240 12.96 80.28 13.23
C GLU DA 240 12.65 81.77 13.07
N THR DA 241 12.30 82.18 11.86
CA THR DA 241 12.05 83.59 11.57
C THR DA 241 10.58 83.94 11.47
N GLU DA 242 9.68 82.96 11.36
CA GLU DA 242 8.25 83.27 11.29
C GLU DA 242 7.77 83.89 12.59
N ALA DA 243 8.19 83.35 13.73
CA ALA DA 243 7.86 83.96 15.01
C ALA DA 243 8.49 85.34 15.13
N ALA DA 244 9.74 85.48 14.68
CA ALA DA 244 10.37 86.79 14.64
C ALA DA 244 9.59 87.74 13.73
N PHE DA 245 9.10 87.23 12.60
CA PHE DA 245 8.27 88.05 11.71
C PHE DA 245 7.01 88.52 12.41
N ARG DA 246 6.34 87.63 13.14
CA ARG DA 246 5.11 88.00 13.83
C ARG DA 246 5.38 89.05 14.90
N VAL DA 247 6.44 88.86 15.70
CA VAL DA 247 6.76 89.84 16.73
C VAL DA 247 7.16 91.17 16.09
N ARG DA 248 7.83 91.12 14.94
CA ARG DA 248 8.14 92.33 14.19
C ARG DA 248 6.87 93.07 13.79
N ARG DA 249 5.86 92.33 13.32
CA ARG DA 249 4.60 92.95 12.94
C ARG DA 249 3.90 93.58 14.14
N GLU DA 250 3.90 92.88 15.28
CA GLU DA 250 3.25 93.45 16.47
C GLU DA 250 3.99 94.69 16.95
N LEU DA 251 5.32 94.69 16.88
CA LEU DA 251 6.08 95.88 17.28
C LEU DA 251 5.84 97.04 16.31
N ASP DA 252 5.69 96.73 15.00
CA ASP DA 252 5.34 97.75 14.03
C ASP DA 252 3.96 98.33 14.30
N THR DA 253 3.03 97.51 14.75
CA THR DA 253 1.73 98.03 15.17
C THR DA 253 1.87 98.86 16.44
N VAL DA 254 2.76 98.47 17.35
CA VAL DA 254 2.94 99.18 18.61
C VAL DA 254 3.47 100.60 18.36
N ILE DA 255 4.45 100.73 17.47
CA ILE DA 255 5.06 102.05 17.25
C ILE DA 255 4.04 103.03 16.68
N LEU DA 256 2.99 102.52 16.05
CA LEU DA 256 1.92 103.37 15.52
C LEU DA 256 1.17 104.07 16.65
N THR EA 25 -52.33 63.36 -23.23
CA THR EA 25 -52.47 64.56 -24.04
C THR EA 25 -52.83 64.22 -25.48
N GLU EA 26 -53.18 62.94 -25.70
CA GLU EA 26 -53.51 62.51 -27.05
C GLU EA 26 -54.76 63.21 -27.57
N LYS EA 27 -55.76 63.40 -26.70
CA LYS EA 27 -56.95 64.13 -27.12
C LYS EA 27 -56.61 65.55 -27.55
N LEU EA 28 -55.74 66.22 -26.80
CA LEU EA 28 -55.36 67.59 -27.16
C LEU EA 28 -54.61 67.63 -28.49
N LYS EA 29 -53.71 66.66 -28.71
CA LYS EA 29 -52.99 66.60 -29.97
C LYS EA 29 -53.94 66.37 -31.14
N LYS EA 30 -54.91 65.47 -30.97
CA LYS EA 30 -55.88 65.23 -32.03
C LYS EA 30 -56.74 66.46 -32.27
N ILE EA 31 -57.12 67.18 -31.21
CA ILE EA 31 -57.92 68.39 -31.37
C ILE EA 31 -57.13 69.43 -32.16
N THR EA 32 -55.86 69.61 -31.83
CA THR EA 32 -55.02 70.55 -32.58
C THR EA 32 -54.89 70.13 -34.03
N LYS EA 33 -54.67 68.84 -34.29
CA LYS EA 33 -54.54 68.37 -35.66
C LYS EA 33 -55.82 68.62 -36.45
N LEU EA 34 -56.98 68.29 -35.87
CA LEU EA 34 -58.24 68.47 -36.59
C LEU EA 34 -58.54 69.94 -36.81
N LEU EA 35 -58.18 70.80 -35.85
CA LEU EA 35 -58.37 72.23 -36.06
C LEU EA 35 -57.48 72.75 -37.17
N HIS EA 36 -56.29 72.22 -37.33
CA HIS EA 36 -55.48 72.66 -38.43
C HIS EA 36 -56.25 72.24 -39.64
N GLU EA 37 -56.49 70.94 -39.77
CA GLU EA 37 -57.11 70.49 -41.00
C GLU EA 37 -58.31 71.35 -41.36
N LEU EA 38 -59.15 71.69 -40.37
CA LEU EA 38 -60.32 72.51 -40.66
C LEU EA 38 -59.93 73.89 -41.16
N VAL EA 39 -58.92 74.51 -40.54
CA VAL EA 39 -58.53 75.85 -40.96
C VAL EA 39 -57.81 75.81 -42.31
N ASP EA 40 -57.20 74.68 -42.66
CA ASP EA 40 -56.56 74.57 -43.96
C ASP EA 40 -57.57 74.72 -45.10
N ARG EA 41 -58.70 74.01 -45.00
CA ARG EA 41 -59.75 74.09 -46.02
C ARG EA 41 -60.87 75.00 -45.51
N GLY EA 42 -60.61 76.30 -45.56
CA GLY EA 42 -61.62 77.27 -45.16
C GLY EA 42 -62.08 77.08 -43.73
N GLU EA 43 -63.40 77.11 -43.55
CA GLU EA 43 -64.06 76.78 -42.26
C GLU EA 43 -63.56 77.76 -41.20
N ILE EA 44 -62.99 77.29 -40.09
CA ILE EA 44 -62.60 78.13 -38.96
C ILE EA 44 -61.45 79.05 -39.36
N PRO EA 45 -61.30 80.20 -38.70
CA PRO EA 45 -60.15 81.07 -39.01
C PRO EA 45 -58.86 80.58 -38.37
N GLU EA 46 -57.75 81.28 -38.64
CA GLU EA 46 -56.43 80.81 -38.23
C GLU EA 46 -56.16 81.01 -36.74
N GLU EA 47 -56.79 82.01 -36.12
CA GLU EA 47 -56.49 82.33 -34.73
C GLU EA 47 -56.76 81.15 -33.82
N LEU EA 48 -57.82 80.39 -34.08
CA LEU EA 48 -58.14 79.24 -33.23
C LEU EA 48 -57.06 78.18 -33.34
N ALA EA 49 -56.57 77.93 -34.56
CA ALA EA 49 -55.51 76.94 -34.74
C ALA EA 49 -54.21 77.40 -34.07
N THR EA 50 -53.88 78.68 -34.19
CA THR EA 50 -52.67 79.19 -33.53
C THR EA 50 -52.78 79.05 -32.02
N LEU EA 51 -53.95 79.39 -31.46
CA LEU EA 51 -54.15 79.21 -30.02
C LEU EA 51 -54.05 77.74 -29.64
N ALA EA 52 -54.59 76.85 -30.47
CA ALA EA 52 -54.48 75.42 -30.19
C ALA EA 52 -53.02 74.99 -30.14
N THR EA 53 -52.20 75.48 -31.08
CA THR EA 53 -50.79 75.12 -31.08
C THR EA 53 -50.08 75.64 -29.83
N LEU EA 54 -50.28 76.91 -29.50
CA LEU EA 54 -49.62 77.49 -28.34
C LEU EA 54 -50.02 76.77 -27.05
N LEU EA 55 -51.32 76.52 -26.88
CA LEU EA 55 -51.77 75.83 -25.68
C LEU EA 55 -51.32 74.37 -25.65
N LEU EA 56 -51.20 73.73 -26.82
CA LEU EA 56 -50.69 72.37 -26.86
C LEU EA 56 -49.22 72.31 -26.48
N TYR EA 57 -48.47 73.39 -26.76
CA TYR EA 57 -47.10 73.46 -26.25
C TYR EA 57 -47.08 73.69 -24.74
N LEU EA 58 -47.88 74.65 -24.29
CA LEU EA 58 -47.88 75.01 -22.86
C LEU EA 58 -48.28 73.83 -22.00
N VAL EA 59 -49.41 73.19 -22.30
CA VAL EA 59 -49.70 71.86 -21.78
C VAL EA 59 -48.63 70.95 -22.34
N GLU EA 60 -48.19 69.97 -21.55
CA GLU EA 60 -47.12 69.04 -21.92
C GLU EA 60 -45.78 69.76 -21.89
N LYS EA 61 -45.79 71.09 -21.75
CA LYS EA 61 -44.65 71.75 -21.13
C LYS EA 61 -44.81 71.81 -19.62
N GLY EA 62 -46.04 71.63 -19.14
CA GLY EA 62 -46.30 71.59 -17.72
C GLY EA 62 -46.51 72.96 -17.13
N LEU EA 63 -47.21 73.83 -17.85
CA LEU EA 63 -47.44 75.20 -17.40
C LEU EA 63 -48.91 75.58 -17.28
N ILE EA 64 -49.82 74.81 -17.86
CA ILE EA 64 -51.25 75.01 -17.66
C ILE EA 64 -51.93 73.66 -17.63
N SER EA 65 -53.23 73.64 -17.35
CA SER EA 65 -54.01 72.42 -17.28
C SER EA 65 -54.94 72.33 -18.48
N GLU EA 66 -55.47 71.11 -18.71
CA GLU EA 66 -56.38 70.90 -19.82
C GLU EA 66 -57.63 71.76 -19.69
N PHE EA 67 -58.03 72.09 -18.46
CA PHE EA 67 -59.19 72.94 -18.27
C PHE EA 67 -58.97 74.31 -18.89
N ASP EA 68 -57.78 74.89 -18.70
CA ASP EA 68 -57.47 76.19 -19.30
C ASP EA 68 -57.45 76.08 -20.83
N PHE EA 69 -56.90 75.00 -21.36
CA PHE EA 69 -56.89 74.77 -22.79
C PHE EA 69 -58.32 74.81 -23.35
N ILE EA 70 -59.20 73.97 -22.78
CA ILE EA 70 -60.56 73.89 -23.30
C ILE EA 70 -61.30 75.20 -23.09
N GLU EA 71 -61.07 75.87 -21.95
CA GLU EA 71 -61.76 77.11 -21.67
C GLU EA 71 -61.38 78.20 -22.67
N HIS EA 72 -60.08 78.31 -22.97
CA HIS EA 72 -59.63 79.29 -23.97
C HIS EA 72 -60.19 78.95 -25.34
N LEU EA 73 -60.18 77.66 -25.71
CA LEU EA 73 -60.72 77.28 -27.00
C LEU EA 73 -62.19 77.65 -27.13
N VAL EA 74 -62.97 77.36 -26.08
CA VAL EA 74 -64.40 77.67 -26.10
C VAL EA 74 -64.64 79.17 -26.12
N ARG EA 75 -63.83 79.93 -25.37
CA ARG EA 75 -63.99 81.37 -25.38
C ARG EA 75 -63.74 81.96 -26.77
N LEU EA 76 -62.67 81.50 -27.43
CA LEU EA 76 -62.40 81.99 -28.79
C LEU EA 76 -63.50 81.55 -29.75
N ALA EA 77 -63.99 80.31 -29.62
CA ALA EA 77 -65.05 79.85 -30.50
C ALA EA 77 -66.31 80.69 -30.33
N GLU EA 78 -66.66 81.02 -29.08
CA GLU EA 78 -67.81 81.88 -28.83
C GLU EA 78 -67.56 83.28 -29.40
N LYS EA 79 -66.34 83.80 -29.27
CA LYS EA 79 -66.04 85.12 -29.81
C LYS EA 79 -66.19 85.16 -31.32
N LEU EA 80 -65.73 84.11 -32.00
CA LEU EA 80 -65.78 84.06 -33.46
C LEU EA 80 -67.05 83.39 -33.99
N GLY EA 81 -67.91 82.88 -33.12
CA GLY EA 81 -69.14 82.25 -33.55
C GLY EA 81 -68.92 81.02 -34.41
N VAL EA 82 -68.00 80.15 -33.98
CA VAL EA 82 -67.65 78.94 -34.73
C VAL EA 82 -67.75 77.75 -33.79
N LEU EA 83 -68.57 77.89 -32.74
CA LEU EA 83 -68.64 76.87 -31.70
C LEU EA 83 -69.11 75.53 -32.23
N GLU EA 84 -69.92 75.52 -33.30
CA GLU EA 84 -70.40 74.25 -33.84
C GLU EA 84 -69.26 73.41 -34.38
N GLU EA 85 -68.30 74.03 -35.06
CA GLU EA 85 -67.15 73.29 -35.58
C GLU EA 85 -66.32 72.72 -34.44
N LEU EA 86 -66.14 73.49 -33.37
CA LEU EA 86 -65.42 72.98 -32.20
C LEU EA 86 -66.17 71.79 -31.59
N LYS EA 87 -67.50 71.87 -31.54
CA LYS EA 87 -68.30 70.75 -31.05
C LYS EA 87 -68.08 69.52 -31.91
N LYS EA 88 -68.08 69.69 -33.24
CA LYS EA 88 -67.85 68.56 -34.13
C LYS EA 88 -66.46 67.96 -33.91
N VAL EA 89 -65.44 68.82 -33.74
CA VAL EA 89 -64.10 68.33 -33.48
C VAL EA 89 -64.05 67.52 -32.19
N LEU EA 90 -64.71 68.02 -31.15
CA LEU EA 90 -64.70 67.33 -29.86
C LEU EA 90 -65.45 66.01 -29.92
N GLU EA 91 -66.49 65.92 -30.76
CA GLU EA 91 -67.14 64.64 -30.96
C GLU EA 91 -66.24 63.69 -31.74
N GLU EA 92 -65.56 64.19 -32.77
CA GLU EA 92 -64.68 63.34 -33.57
C GLU EA 92 -63.56 62.75 -32.73
N VAL EA 93 -62.91 63.57 -31.91
CA VAL EA 93 -61.82 63.05 -31.07
C VAL EA 93 -62.37 62.08 -30.04
N GLY EA 94 -63.61 62.26 -29.61
CA GLY EA 94 -64.22 61.38 -28.64
C GLY EA 94 -63.92 61.77 -27.22
N ASP EA 95 -64.20 63.03 -26.87
CA ASP EA 95 -63.95 63.56 -25.55
C ASP EA 95 -65.27 63.95 -24.90
N GLU EA 96 -65.49 63.46 -23.68
CA GLU EA 96 -66.71 63.78 -22.95
C GLU EA 96 -66.53 64.97 -22.01
N PHE EA 97 -65.36 65.09 -21.40
CA PHE EA 97 -65.10 66.22 -20.49
C PHE EA 97 -65.17 67.54 -21.23
N GLY EA 98 -64.45 67.64 -22.35
CA GLY EA 98 -64.47 68.87 -23.12
C GLY EA 98 -65.85 69.21 -23.67
N LEU EA 99 -66.57 68.20 -24.14
CA LEU EA 99 -67.91 68.42 -24.67
C LEU EA 99 -68.85 68.92 -23.58
N THR EA 100 -68.76 68.32 -22.38
CA THR EA 100 -69.58 68.79 -21.26
C THR EA 100 -69.22 70.21 -20.89
N LEU EA 101 -67.93 70.55 -20.93
CA LEU EA 101 -67.52 71.93 -20.65
C LEU EA 101 -68.09 72.89 -21.69
N VAL EA 102 -68.10 72.48 -22.95
CA VAL EA 102 -68.67 73.33 -24.01
C VAL EA 102 -70.15 73.57 -23.75
N TYR EA 103 -70.88 72.50 -23.42
CA TYR EA 103 -72.30 72.65 -23.11
C TYR EA 103 -72.50 73.56 -21.89
N ALA EA 104 -71.66 73.41 -20.87
CA ALA EA 104 -71.78 74.24 -19.68
C ALA EA 104 -71.58 75.71 -20.00
N ILE EA 105 -70.55 76.02 -20.81
CA ILE EA 105 -70.28 77.41 -21.15
C ILE EA 105 -71.41 78.00 -21.99
N SER EA 106 -71.89 77.24 -22.99
CA SER EA 106 -72.99 77.74 -23.82
C SER EA 106 -74.24 77.96 -23.00
N LEU EA 107 -74.54 77.02 -22.09
CA LEU EA 107 -75.73 77.15 -21.24
C LEU EA 107 -75.59 78.34 -20.29
N LEU EA 108 -74.39 78.57 -19.76
CA LEU EA 108 -74.17 79.73 -18.91
C LEU EA 108 -74.39 81.02 -19.69
N LYS EA 109 -73.89 81.08 -20.93
CA LYS EA 109 -74.09 82.28 -21.74
C LYS EA 109 -75.59 82.49 -22.03
N GLU EA 110 -76.31 81.43 -22.36
CA GLU EA 110 -77.73 81.56 -22.63
C GLU EA 110 -78.49 82.00 -21.39
N VAL EA 111 -78.14 81.46 -20.22
CA VAL EA 111 -78.80 81.85 -18.99
C VAL EA 111 -78.48 83.29 -18.62
N GLU EA 112 -77.24 83.72 -18.85
CA GLU EA 112 -76.88 85.13 -18.66
C GLU EA 112 -77.72 86.03 -19.56
N LYS EA 113 -77.97 85.58 -20.79
CA LYS EA 113 -78.91 86.30 -21.64
C LYS EA 113 -80.30 86.32 -21.01
N GLU EA 114 -80.74 85.19 -20.44
CA GLU EA 114 -82.03 85.14 -19.77
C GLU EA 114 -82.01 85.93 -18.47
N GLY EA 115 -81.01 85.70 -17.63
CA GLY EA 115 -80.87 86.43 -16.38
C GLY EA 115 -81.57 85.83 -15.18
N ASP EA 116 -81.57 84.51 -15.03
CA ASP EA 116 -82.24 83.86 -13.91
C ASP EA 116 -81.19 83.34 -12.92
N GLU EA 117 -81.37 83.66 -11.64
CA GLU EA 117 -80.31 83.48 -10.66
C GLU EA 117 -80.09 82.00 -10.28
N GLU EA 118 -81.19 81.24 -10.10
CA GLU EA 118 -81.03 79.87 -9.63
C GLU EA 118 -80.27 79.03 -10.64
N LEU EA 119 -80.57 79.17 -11.93
CA LEU EA 119 -79.78 78.48 -12.94
C LEU EA 119 -78.35 79.03 -13.00
N LYS EA 120 -78.15 80.31 -12.65
CA LYS EA 120 -76.78 80.82 -12.52
C LYS EA 120 -76.00 80.00 -11.50
N GLU EA 121 -76.58 79.83 -10.31
CA GLU EA 121 -75.90 79.06 -9.26
C GLU EA 121 -75.71 77.62 -9.71
N TYR EA 122 -76.73 77.05 -10.38
CA TYR EA 122 -76.65 75.66 -10.83
C TYR EA 122 -75.48 75.46 -11.80
N VAL EA 123 -75.37 76.34 -12.79
CA VAL EA 123 -74.33 76.19 -13.79
C VAL EA 123 -72.96 76.52 -13.21
N LYS EA 124 -72.87 77.45 -12.27
CA LYS EA 124 -71.59 77.71 -11.63
C LYS EA 124 -71.11 76.51 -10.84
N LEU EA 125 -72.02 75.86 -10.10
CA LEU EA 125 -71.65 74.63 -9.41
C LEU EA 125 -71.24 73.55 -10.40
N ALA EA 126 -71.96 73.44 -11.52
CA ALA EA 126 -71.61 72.46 -12.53
C ALA EA 126 -70.22 72.71 -13.09
N ILE EA 127 -69.89 73.99 -13.34
CA ILE EA 127 -68.58 74.32 -13.90
C ILE EA 127 -67.47 74.04 -12.89
N GLU EA 128 -67.71 74.36 -11.62
CA GLU EA 128 -66.71 74.07 -10.59
C GLU EA 128 -66.47 72.56 -10.46
N THR EA 129 -67.55 71.78 -10.49
CA THR EA 129 -67.40 70.32 -10.46
C THR EA 129 -66.68 69.81 -11.70
N LEU EA 130 -66.96 70.41 -12.85
CA LEU EA 130 -66.27 70.02 -14.08
C LEU EA 130 -64.77 70.30 -13.97
N LYS EA 131 -64.40 71.44 -13.39
CA LYS EA 131 -62.98 71.75 -13.18
C LYS EA 131 -62.34 70.75 -12.24
N GLU EA 132 -63.03 70.41 -11.14
CA GLU EA 132 -62.48 69.44 -10.21
C GLU EA 132 -62.30 68.08 -10.87
N ALA EA 133 -63.25 67.68 -11.72
CA ALA EA 133 -63.10 66.43 -12.45
C ALA EA 133 -61.93 66.50 -13.43
N PHE EA 134 -61.84 67.60 -14.19
CA PHE EA 134 -60.74 67.79 -15.13
C PHE EA 134 -59.39 67.71 -14.45
N GLU EA 135 -59.32 68.10 -13.18
CA GLU EA 135 -58.06 68.02 -12.45
C GLU EA 135 -57.45 66.62 -12.49
N ARG EA 136 -58.30 65.59 -12.39
CA ARG EA 136 -57.80 64.22 -12.37
C ARG EA 136 -58.67 63.25 -13.18
N LYS EA 137 -59.59 63.74 -14.01
CA LYS EA 137 -60.50 62.89 -14.78
C LYS EA 137 -61.30 61.98 -13.86
N ASN EA 138 -62.02 62.60 -12.93
CA ASN EA 138 -62.85 61.87 -11.97
C ASN EA 138 -64.26 61.76 -12.55
N TYR EA 139 -64.69 60.53 -12.82
CA TYR EA 139 -65.89 60.34 -13.64
C TYR EA 139 -67.16 60.70 -12.88
N ALA EA 140 -67.15 60.60 -11.55
CA ALA EA 140 -68.36 60.82 -10.76
C ALA EA 140 -68.81 62.27 -10.79
N LEU EA 141 -67.87 63.21 -10.57
CA LEU EA 141 -68.23 64.62 -10.70
C LEU EA 141 -68.61 64.96 -12.13
N LEU EA 142 -68.06 64.25 -13.11
CA LEU EA 142 -68.51 64.41 -14.49
C LEU EA 142 -69.97 64.01 -14.63
N VAL EA 143 -70.37 62.91 -14.00
CA VAL EA 143 -71.78 62.50 -14.04
C VAL EA 143 -72.65 63.56 -13.38
N SER EA 144 -72.22 64.08 -12.24
CA SER EA 144 -73.01 65.10 -11.54
C SER EA 144 -73.19 66.34 -12.40
N ALA EA 145 -72.09 66.82 -13.00
CA ALA EA 145 -72.16 68.00 -13.86
C ALA EA 145 -73.01 67.74 -15.09
N LYS EA 146 -72.91 66.54 -15.67
CA LYS EA 146 -73.74 66.19 -16.82
C LYS EA 146 -75.22 66.25 -16.45
N ILE EA 147 -75.57 65.69 -15.29
CA ILE EA 147 -76.95 65.73 -14.81
C ILE EA 147 -77.41 67.17 -14.69
N ILE EA 148 -76.61 68.01 -14.05
CA ILE EA 148 -77.01 69.40 -13.82
C ILE EA 148 -77.22 70.11 -15.15
N VAL EA 149 -76.29 69.94 -16.09
CA VAL EA 149 -76.38 70.69 -17.33
C VAL EA 149 -77.54 70.20 -18.19
N GLU EA 150 -77.80 68.88 -18.22
CA GLU EA 150 -78.90 68.41 -19.05
C GLU EA 150 -80.25 68.82 -18.46
N ASN EA 151 -80.38 68.78 -17.13
CA ASN EA 151 -81.62 69.25 -16.52
C ASN EA 151 -81.81 70.74 -16.74
N ALA EA 152 -80.73 71.52 -16.67
CA ALA EA 152 -80.84 72.95 -16.96
C ALA EA 152 -81.26 73.19 -18.41
N GLU EA 153 -80.66 72.45 -19.34
CA GLU EA 153 -81.04 72.59 -20.75
C GLU EA 153 -82.50 72.27 -20.96
N GLU EA 154 -82.98 71.19 -20.32
CA GLU EA 154 -84.40 70.86 -20.41
C GLU EA 154 -85.26 71.96 -19.79
N ILE EA 155 -84.77 72.61 -18.73
CA ILE EA 155 -85.48 73.74 -18.15
C ILE EA 155 -85.62 74.87 -19.16
N LEU EA 156 -84.53 75.21 -19.86
CA LEU EA 156 -84.62 76.26 -20.87
C LEU EA 156 -85.55 75.89 -22.01
N LYS EA 157 -85.52 74.62 -22.45
CA LYS EA 157 -86.47 74.20 -23.49
C LYS EA 157 -87.91 74.33 -23.02
N ALA EA 158 -88.20 73.87 -21.80
CA ALA EA 158 -89.56 73.98 -21.27
C ALA EA 158 -89.96 75.43 -21.01
N LYS EA 159 -88.99 76.33 -20.83
CA LYS EA 159 -89.31 77.74 -20.65
C LYS EA 159 -90.05 78.30 -21.85
N LYS EA 160 -89.53 78.02 -23.06
CA LYS EA 160 -90.26 78.42 -24.26
C LYS EA 160 -91.43 77.50 -24.56
N LYS EA 161 -91.34 76.22 -24.18
CA LYS EA 161 -92.48 75.34 -24.34
C LYS EA 161 -93.63 75.73 -23.42
N GLY EA 162 -93.34 75.93 -22.14
CA GLY EA 162 -94.35 76.41 -21.20
C GLY EA 162 -95.08 75.31 -20.46
N ASP EA 163 -94.37 74.28 -20.01
CA ASP EA 163 -94.95 73.18 -19.24
C ASP EA 163 -94.39 73.32 -17.83
N GLU EA 164 -95.20 73.89 -16.93
CA GLU EA 164 -94.71 74.22 -15.60
C GLU EA 164 -94.40 72.97 -14.77
N GLU EA 165 -95.20 71.91 -14.93
CA GLU EA 165 -94.97 70.68 -14.19
C GLU EA 165 -93.56 70.15 -14.47
N LYS EA 166 -93.16 70.16 -15.74
CA LYS EA 166 -91.83 69.66 -16.10
C LYS EA 166 -90.73 70.53 -15.51
N ILE EA 167 -90.93 71.85 -15.49
CA ILE EA 167 -89.88 72.72 -14.94
C ILE EA 167 -89.76 72.51 -13.44
N LYS EA 168 -90.88 72.31 -12.74
CA LYS EA 168 -90.81 72.00 -11.32
C LYS EA 168 -90.09 70.69 -11.09
N GLU EA 169 -90.38 69.68 -11.90
CA GLU EA 169 -89.71 68.39 -11.77
C GLU EA 169 -88.20 68.54 -11.99
N LEU EA 170 -87.81 69.34 -12.98
CA LEU EA 170 -86.39 69.54 -13.26
C LEU EA 170 -85.70 70.31 -12.12
N LEU EA 171 -86.39 71.28 -11.52
CA LEU EA 171 -85.84 71.94 -10.34
C LEU EA 171 -85.67 70.95 -9.20
N GLN EA 172 -86.61 70.03 -9.03
CA GLN EA 172 -86.44 68.99 -8.01
C GLN EA 172 -85.20 68.14 -8.29
N ARG EA 173 -85.01 67.75 -9.55
CA ARG EA 173 -83.83 66.97 -9.91
C ARG EA 173 -82.55 67.75 -9.64
N LEU EA 174 -82.54 69.04 -9.95
CA LEU EA 174 -81.36 69.86 -9.74
C LEU EA 174 -81.07 70.05 -8.26
N LYS EA 175 -82.10 70.19 -7.44
CA LYS EA 175 -81.89 70.25 -5.99
C LYS EA 175 -81.29 68.95 -5.48
N ALA EA 176 -81.80 67.81 -5.97
CA ALA EA 176 -81.22 66.53 -5.58
C ALA EA 176 -79.75 66.45 -5.99
N ALA EA 177 -79.42 66.93 -7.20
CA ALA EA 177 -78.04 66.91 -7.66
C ALA EA 177 -77.15 67.80 -6.79
N LYS EA 178 -77.64 68.99 -6.43
CA LYS EA 178 -76.86 69.88 -5.58
C LYS EA 178 -76.59 69.24 -4.22
N ILE EA 179 -77.61 68.59 -3.66
CA ILE EA 179 -77.42 67.91 -2.38
C ILE EA 179 -76.41 66.77 -2.52
N GLY EA 180 -76.47 66.04 -3.62
CA GLY EA 180 -75.67 64.83 -3.73
C GLY EA 180 -74.21 65.09 -4.11
N THR EA 181 -73.95 66.20 -4.78
CA THR EA 181 -72.60 66.42 -5.32
C THR EA 181 -71.50 66.41 -4.26
N PRO EA 182 -71.61 67.15 -3.14
CA PRO EA 182 -70.59 66.99 -2.09
C PRO EA 182 -70.53 65.57 -1.56
N LEU EA 183 -71.68 64.90 -1.48
CA LEU EA 183 -71.71 63.53 -0.97
C LEU EA 183 -70.94 62.58 -1.87
N VAL EA 184 -71.13 62.69 -3.19
CA VAL EA 184 -70.43 61.78 -4.10
C VAL EA 184 -68.94 62.10 -4.12
N ARG EA 185 -68.59 63.39 -4.10
CA ARG EA 185 -67.18 63.75 -4.01
C ARG EA 185 -66.54 63.13 -2.76
N GLU EA 186 -67.22 63.25 -1.62
CA GLU EA 186 -66.67 62.69 -0.38
C GLU EA 186 -66.59 61.18 -0.44
N VAL EA 187 -67.59 60.52 -1.02
CA VAL EA 187 -67.57 59.06 -1.09
C VAL EA 187 -66.38 58.59 -1.91
N VAL EA 188 -66.17 59.22 -3.08
CA VAL EA 188 -65.02 58.83 -3.90
C VAL EA 188 -63.71 59.10 -3.17
N GLU EA 189 -63.61 60.26 -2.51
CA GLU EA 189 -62.38 60.59 -1.80
C GLU EA 189 -62.07 59.57 -0.71
N ARG EA 190 -63.09 59.22 0.08
CA ARG EA 190 -62.89 58.26 1.17
C ARG EA 190 -62.52 56.88 0.61
N TYR EA 191 -63.21 56.44 -0.45
CA TYR EA 191 -62.89 55.13 -1.00
C TYR EA 191 -61.48 55.09 -1.60
N ARG EA 192 -60.97 56.23 -2.07
CA ARG EA 192 -59.65 56.27 -2.69
C ARG EA 192 -58.56 55.68 -1.80
N GLU EA 193 -58.50 56.10 -0.54
CA GLU EA 193 -57.42 55.65 0.34
C GLU EA 193 -57.88 55.11 1.68
N GLU EA 194 -59.01 55.57 2.21
CA GLU EA 194 -59.41 55.17 3.56
C GLU EA 194 -59.69 53.67 3.64
N GLY EA 195 -60.39 53.12 2.64
CA GLY EA 195 -60.51 51.68 2.52
C GLY EA 195 -61.79 51.04 3.02
N GLU EA 196 -62.82 51.85 3.16
CA GLU EA 196 -64.12 51.35 3.59
C GLU EA 196 -64.73 50.38 2.56
N PRO EA 197 -65.93 49.86 2.86
CA PRO EA 197 -66.59 49.00 1.90
C PRO EA 197 -67.49 49.80 1.02
N LEU EA 198 -67.08 50.00 -0.22
CA LEU EA 198 -67.85 50.87 -1.09
C LEU EA 198 -69.33 50.74 -0.91
N LEU EA 199 -69.84 49.53 -1.03
CA LEU EA 199 -71.30 49.42 -1.03
C LEU EA 199 -71.91 50.13 0.18
N ASP EA 200 -71.26 50.03 1.34
CA ASP EA 200 -71.78 50.68 2.54
C ASP EA 200 -71.83 52.19 2.36
N LEU EA 201 -70.73 52.79 1.90
CA LEU EA 201 -70.71 54.23 1.66
C LEU EA 201 -71.71 54.63 0.57
N LEU EA 202 -71.84 53.81 -0.48
CA LEU EA 202 -72.83 54.12 -1.52
C LEU EA 202 -74.24 54.16 -0.94
N LEU EA 203 -74.58 53.17 -0.12
CA LEU EA 203 -75.91 53.11 0.47
C LEU EA 203 -76.14 54.29 1.41
N HIS EA 204 -75.14 54.62 2.23
CA HIS EA 204 -75.28 55.76 3.14
C HIS EA 204 -75.43 57.06 2.38
N MET EA 205 -74.66 57.25 1.30
CA MET EA 205 -74.78 58.46 0.50
C MET EA 205 -76.14 58.54 -0.16
N ALA EA 206 -76.65 57.43 -0.70
CA ALA EA 206 -77.96 57.44 -1.33
C ALA EA 206 -79.05 57.77 -0.31
N GLU EA 207 -78.99 57.16 0.87
CA GLU EA 207 -80.00 57.42 1.89
C GLU EA 207 -79.94 58.86 2.37
N THR EA 208 -78.72 59.39 2.55
CA THR EA 208 -78.59 60.79 2.95
C THR EA 208 -79.15 61.72 1.89
N THR EA 209 -78.88 61.42 0.62
CA THR EA 209 -79.43 62.22 -0.47
C THR EA 209 -80.95 62.20 -0.45
N ILE EA 210 -81.54 61.02 -0.28
CA ILE EA 210 -83.00 60.93 -0.26
C ILE EA 210 -83.58 61.70 0.91
N ARG EA 211 -82.98 61.55 2.09
CA ARG EA 211 -83.50 62.23 3.28
C ARG EA 211 -83.39 63.74 3.15
N GLU EA 212 -82.24 64.23 2.69
CA GLU EA 212 -82.07 65.67 2.55
C GLU EA 212 -82.96 66.22 1.45
N SER EA 213 -83.17 65.45 0.38
CA SER EA 213 -84.01 65.90 -0.71
C SER EA 213 -85.47 65.98 -0.28
N GLU EA 214 -85.94 64.99 0.49
CA GLU EA 214 -87.32 65.05 0.98
C GLU EA 214 -87.47 66.09 2.10
N LYS EA 215 -86.36 66.47 2.73
CA LYS EA 215 -86.39 67.59 3.67
C LYS EA 215 -86.65 68.92 2.97
N LEU EA 216 -86.45 68.98 1.65
CA LEU EA 216 -86.70 70.17 0.86
C LEU EA 216 -88.03 70.10 0.12
N GLY EA 217 -88.88 69.12 0.45
CA GLY EA 217 -90.18 68.98 -0.15
C GLY EA 217 -90.22 68.12 -1.41
N VAL EA 218 -89.07 67.58 -1.82
CA VAL EA 218 -89.01 66.84 -3.07
C VAL EA 218 -89.29 65.36 -2.79
N ASP EA 219 -90.07 64.78 -3.70
CA ASP EA 219 -90.40 63.37 -3.60
C ASP EA 219 -89.21 62.51 -3.37
N PRO EA 220 -89.45 61.28 -2.97
CA PRO EA 220 -88.35 60.35 -2.81
C PRO EA 220 -88.36 59.54 -4.05
N ARG EA 221 -88.91 60.09 -5.11
CA ARG EA 221 -88.85 59.39 -6.37
C ARG EA 221 -87.73 59.91 -7.26
N LEU EA 222 -87.98 60.98 -8.01
CA LEU EA 222 -87.00 61.44 -8.98
C LEU EA 222 -85.64 61.65 -8.33
N ALA EA 223 -85.62 62.07 -7.07
CA ALA EA 223 -84.35 62.13 -6.34
C ALA EA 223 -83.73 60.74 -6.22
N ALA EA 224 -84.57 59.70 -6.14
CA ALA EA 224 -84.06 58.34 -6.14
C ALA EA 224 -83.36 58.02 -7.45
N GLU EA 225 -83.95 58.44 -8.58
CA GLU EA 225 -83.29 58.17 -9.86
C GLU EA 225 -82.01 59.00 -10.02
N VAL EA 226 -81.98 60.21 -9.46
CA VAL EA 226 -80.75 61.00 -9.47
C VAL EA 226 -79.66 60.28 -8.69
N ALA EA 227 -80.01 59.79 -7.49
CA ALA EA 227 -79.06 59.03 -6.71
C ALA EA 227 -78.64 57.75 -7.41
N ARG EA 228 -79.55 57.15 -8.19
CA ARG EA 228 -79.20 55.94 -8.94
C ARG EA 228 -78.18 56.24 -10.03
N GLU EA 229 -78.38 57.33 -10.78
CA GLU EA 229 -77.40 57.74 -11.78
C GLU EA 229 -76.05 58.03 -11.14
N MET EA 230 -76.05 58.73 -10.00
CA MET EA 230 -74.79 59.04 -9.34
C MET EA 230 -74.11 57.78 -8.80
N VAL EA 231 -74.90 56.81 -8.33
CA VAL EA 231 -74.33 55.54 -7.90
C VAL EA 231 -73.69 54.81 -9.07
N ASP EA 232 -74.35 54.84 -10.23
CA ASP EA 232 -73.77 54.24 -11.43
C ASP EA 232 -72.45 54.93 -11.77
N GLY EA 233 -72.42 56.26 -11.68
CA GLY EA 233 -71.19 56.98 -11.95
C GLY EA 233 -70.08 56.62 -10.97
N VAL EA 234 -70.42 56.48 -9.69
CA VAL EA 234 -69.43 56.07 -8.69
C VAL EA 234 -68.90 54.68 -9.00
N GLY EA 235 -69.78 53.76 -9.39
CA GLY EA 235 -69.34 52.43 -9.76
C GLY EA 235 -68.40 52.44 -10.96
N HIS EA 236 -68.71 53.28 -11.96
CA HIS EA 236 -67.84 53.38 -13.12
C HIS EA 236 -66.48 53.96 -12.74
N GLU EA 237 -66.47 55.02 -11.94
CA GLU EA 237 -65.21 55.68 -11.59
C GLU EA 237 -64.34 54.78 -10.72
N THR EA 238 -64.94 54.13 -9.72
CA THR EA 238 -64.19 53.34 -8.75
C THR EA 238 -63.67 52.04 -9.33
N GLY EA 239 -64.15 51.62 -10.51
CA GLY EA 239 -63.73 50.37 -11.09
C GLY EA 239 -64.39 49.14 -10.52
N GLU EA 240 -65.47 49.32 -9.75
CA GLU EA 240 -66.20 48.20 -9.16
C GLU EA 240 -67.68 48.46 -9.34
N THR EA 241 -68.33 47.69 -10.21
CA THR EA 241 -69.74 47.89 -10.54
C THR EA 241 -70.68 46.90 -9.86
N GLU EA 242 -70.16 45.80 -9.30
CA GLU EA 242 -71.03 44.84 -8.61
C GLU EA 242 -71.66 45.46 -7.38
N ALA EA 243 -70.89 46.22 -6.60
CA ALA EA 243 -71.45 46.93 -5.46
C ALA EA 243 -72.44 48.00 -5.92
N ALA EA 244 -72.10 48.70 -7.01
CA ALA EA 244 -73.03 49.65 -7.60
C ALA EA 244 -74.29 48.95 -8.08
N PHE EA 245 -74.15 47.75 -8.64
CA PHE EA 245 -75.32 46.96 -9.05
C PHE EA 245 -76.20 46.62 -7.85
N ARG EA 246 -75.58 46.20 -6.74
CA ARG EA 246 -76.36 45.85 -5.56
C ARG EA 246 -77.09 47.05 -4.99
N VAL EA 247 -76.40 48.20 -4.90
CA VAL EA 247 -77.06 49.40 -4.39
C VAL EA 247 -78.16 49.84 -5.34
N ARG EA 248 -77.96 49.65 -6.65
CA ARG EA 248 -79.01 49.94 -7.62
C ARG EA 248 -80.24 49.07 -7.37
N ARG EA 249 -80.02 47.78 -7.08
CA ARG EA 249 -81.14 46.90 -6.79
C ARG EA 249 -81.88 47.31 -5.53
N GLU EA 250 -81.14 47.68 -4.48
CA GLU EA 250 -81.80 48.11 -3.24
C GLU EA 250 -82.57 49.40 -3.45
N LEU EA 251 -82.03 50.33 -4.24
CA LEU EA 251 -82.77 51.55 -4.53
C LEU EA 251 -84.01 51.29 -5.37
N ASP EA 252 -83.92 50.33 -6.31
CA ASP EA 252 -85.09 49.93 -7.08
C ASP EA 252 -86.15 49.30 -6.20
N THR EA 253 -85.74 48.55 -5.17
CA THR EA 253 -86.70 48.05 -4.19
C THR EA 253 -87.28 49.19 -3.37
N VAL EA 254 -86.46 50.20 -3.05
CA VAL EA 254 -86.92 51.32 -2.24
C VAL EA 254 -88.00 52.11 -2.96
N ILE EA 255 -87.81 52.39 -4.25
CA ILE EA 255 -88.78 53.22 -4.97
C ILE EA 255 -90.15 52.53 -5.03
N LEU EA 256 -90.18 51.21 -4.88
CA LEU EA 256 -91.43 50.47 -4.87
C LEU EA 256 -92.27 50.83 -3.64
N THR FA 25 -69.58 24.11 -43.20
CA THR FA 25 -70.32 24.00 -44.44
C THR FA 25 -71.18 22.74 -44.46
N GLU FA 26 -71.30 22.10 -43.29
CA GLU FA 26 -72.09 20.88 -43.20
C GLU FA 26 -73.56 21.13 -43.51
N LYS FA 27 -74.09 22.27 -43.05
CA LYS FA 27 -75.48 22.60 -43.36
C LYS FA 27 -75.68 22.74 -44.87
N LEU FA 28 -74.73 23.40 -45.55
CA LEU FA 28 -74.86 23.56 -47.00
C LEU FA 28 -74.78 22.23 -47.72
N LYS FA 29 -73.87 21.34 -47.28
CA LYS FA 29 -73.78 20.02 -47.89
C LYS FA 29 -75.07 19.23 -47.70
N LYS FA 30 -75.65 19.28 -46.49
CA LYS FA 30 -76.90 18.59 -46.26
C LYS FA 30 -78.03 19.18 -47.09
N ILE FA 31 -78.05 20.51 -47.24
CA ILE FA 31 -79.08 21.14 -48.06
C ILE FA 31 -78.97 20.69 -49.50
N THR FA 32 -77.74 20.64 -50.03
CA THR FA 32 -77.54 20.16 -51.39
C THR FA 32 -77.97 18.70 -51.53
N LYS FA 33 -77.61 17.86 -50.56
CA LYS FA 33 -77.99 16.45 -50.62
C LYS FA 33 -79.50 16.29 -50.61
N LEU FA 34 -80.18 17.00 -49.72
CA LEU FA 34 -81.64 16.87 -49.63
C LEU FA 34 -82.33 17.42 -50.86
N LEU FA 35 -81.78 18.48 -51.45
CA LEU FA 35 -82.34 18.98 -52.71
C LEU FA 35 -82.16 17.98 -53.84
N HIS FA 36 -81.07 17.26 -53.86
CA HIS FA 36 -80.94 16.26 -54.90
C HIS FA 36 -82.04 15.31 -54.62
N GLU FA 37 -82.02 14.70 -53.44
CA GLU FA 37 -83.01 13.65 -53.19
C GLU FA 37 -84.40 14.10 -53.61
N LEU FA 38 -84.78 15.34 -53.29
CA LEU FA 38 -86.11 15.82 -53.66
C LEU FA 38 -86.28 15.87 -55.16
N VAL FA 39 -85.26 16.34 -55.89
CA VAL FA 39 -85.39 16.45 -57.34
C VAL FA 39 -85.35 15.08 -57.98
N ASP FA 40 -84.72 14.10 -57.33
CA ASP FA 40 -84.69 12.74 -57.87
C ASP FA 40 -86.10 12.17 -57.99
N ARG FA 41 -86.89 12.29 -56.92
CA ARG FA 41 -88.27 11.80 -56.91
C ARG FA 41 -89.23 12.96 -57.13
N GLY FA 42 -89.30 13.41 -58.38
CA GLY FA 42 -90.22 14.48 -58.75
C GLY FA 42 -89.96 15.75 -57.96
N GLU FA 43 -91.04 16.33 -57.43
CA GLU FA 43 -90.99 17.47 -56.51
C GLU FA 43 -90.31 18.64 -57.22
N ILE FA 44 -89.23 19.19 -56.67
CA ILE FA 44 -88.59 20.39 -57.20
C ILE FA 44 -87.95 20.10 -58.56
N PRO FA 45 -87.78 21.10 -59.43
CA PRO FA 45 -87.10 20.87 -60.71
C PRO FA 45 -85.58 20.79 -60.55
N GLU FA 46 -84.88 20.52 -61.66
CA GLU FA 46 -83.46 20.25 -61.61
C GLU FA 46 -82.62 21.51 -61.42
N GLU FA 47 -83.12 22.67 -61.87
CA GLU FA 47 -82.32 23.89 -61.83
C GLU FA 47 -81.90 24.24 -60.41
N LEU FA 48 -82.79 24.02 -59.43
CA LEU FA 48 -82.44 24.34 -58.06
C LEU FA 48 -81.33 23.44 -57.54
N ALA FA 49 -81.35 22.15 -57.89
CA ALA FA 49 -80.28 21.25 -57.48
C ALA FA 49 -78.97 21.59 -58.15
N THR FA 50 -79.01 21.96 -59.43
CA THR FA 50 -77.78 22.36 -60.12
C THR FA 50 -77.18 23.62 -59.49
N LEU FA 51 -78.04 24.60 -59.18
CA LEU FA 51 -77.55 25.80 -58.50
C LEU FA 51 -76.97 25.45 -57.13
N ALA FA 52 -77.62 24.53 -56.41
CA ALA FA 52 -77.09 24.11 -55.12
C ALA FA 52 -75.70 23.52 -55.26
N THR FA 53 -75.49 22.69 -56.29
CA THR FA 53 -74.18 22.09 -56.50
C THR FA 53 -73.14 23.14 -56.83
N LEU FA 54 -73.45 24.05 -57.77
CA LEU FA 54 -72.48 25.07 -58.15
C LEU FA 54 -72.12 25.97 -56.98
N LEU FA 55 -73.13 26.41 -56.22
CA LEU FA 55 -72.85 27.27 -55.08
C LEU FA 55 -72.13 26.52 -53.96
N LEU FA 56 -72.40 25.22 -53.81
CA LEU FA 56 -71.67 24.44 -52.81
C LEU FA 56 -70.21 24.28 -53.21
N TYR FA 57 -69.91 24.27 -54.50
CA TYR FA 57 -68.52 24.30 -54.92
C TYR FA 57 -67.89 25.67 -54.65
N LEU FA 58 -68.60 26.73 -55.05
CA LEU FA 58 -68.07 28.08 -54.93
C LEU FA 58 -67.78 28.43 -53.47
N VAL FA 59 -68.76 28.24 -52.60
CA VAL FA 59 -68.50 28.21 -51.16
C VAL FA 59 -67.60 27.00 -50.93
N GLU FA 60 -66.67 27.11 -49.99
CA GLU FA 60 -65.70 26.06 -49.69
C GLU FA 60 -64.65 25.98 -50.81
N LYS FA 61 -64.90 26.68 -51.93
CA LYS FA 61 -63.78 27.13 -52.74
C LYS FA 61 -63.28 28.49 -52.26
N GLY FA 62 -64.10 29.19 -51.49
CA GLY FA 62 -63.70 30.46 -50.93
C GLY FA 62 -63.94 31.62 -51.86
N LEU FA 63 -65.05 31.61 -52.59
CA LEU FA 63 -65.35 32.64 -53.55
C LEU FA 63 -66.66 33.37 -53.31
N ILE FA 64 -67.55 32.83 -52.47
CA ILE FA 64 -68.75 33.53 -52.06
C ILE FA 64 -69.04 33.19 -50.61
N SER FA 65 -70.06 33.82 -50.03
CA SER FA 65 -70.44 33.59 -48.65
C SER FA 65 -71.76 32.83 -48.60
N GLU FA 66 -72.05 32.27 -47.41
CA GLU FA 66 -73.29 31.53 -47.23
C GLU FA 66 -74.51 32.40 -47.48
N PHE FA 67 -74.40 33.70 -47.23
CA PHE FA 67 -75.52 34.60 -47.50
C PHE FA 67 -75.88 34.60 -48.97
N ASP FA 68 -74.89 34.64 -49.86
CA ASP FA 68 -75.17 34.59 -51.29
C ASP FA 68 -75.79 33.26 -51.69
N PHE FA 69 -75.29 32.16 -51.10
CA PHE FA 69 -75.86 30.84 -51.35
C PHE FA 69 -77.35 30.83 -51.03
N ILE FA 70 -77.70 31.23 -49.80
CA ILE FA 70 -79.10 31.18 -49.38
C ILE FA 70 -79.94 32.16 -50.19
N GLU FA 71 -79.38 33.33 -50.51
CA GLU FA 71 -80.15 34.33 -51.25
C GLU FA 71 -80.48 33.83 -52.65
N HIS FA 72 -79.49 33.22 -53.32
CA HIS FA 72 -79.74 32.66 -54.65
C HIS FA 72 -80.76 31.53 -54.58
N LEU FA 73 -80.64 30.66 -53.57
CA LEU FA 73 -81.58 29.56 -53.44
C LEU FA 73 -83.00 30.07 -53.25
N VAL FA 74 -83.17 31.08 -52.39
CA VAL FA 74 -84.48 31.64 -52.12
C VAL FA 74 -85.03 32.35 -53.36
N ARG FA 75 -84.17 33.05 -54.10
CA ARG FA 75 -84.62 33.73 -55.30
C ARG FA 75 -85.13 32.72 -56.34
N LEU FA 76 -84.38 31.63 -56.54
CA LEU FA 76 -84.85 30.62 -57.48
C LEU FA 76 -86.12 29.95 -57.00
N ALA FA 77 -86.23 29.67 -55.69
CA ALA FA 77 -87.43 29.06 -55.17
C ALA FA 77 -88.64 29.97 -55.39
N GLU FA 78 -88.48 31.27 -55.16
CA GLU FA 78 -89.57 32.21 -55.41
C GLU FA 78 -89.91 32.26 -56.90
N LYS FA 79 -88.89 32.21 -57.76
CA LYS FA 79 -89.14 32.23 -59.20
C LYS FA 79 -89.94 31.01 -59.64
N LEU FA 80 -89.60 29.84 -59.11
CA LEU FA 80 -90.28 28.60 -59.49
C LEU FA 80 -91.47 28.26 -58.62
N GLY FA 81 -91.73 29.05 -57.57
CA GLY FA 81 -92.86 28.78 -56.70
C GLY FA 81 -92.76 27.47 -55.97
N VAL FA 82 -91.59 27.17 -55.42
CA VAL FA 82 -91.34 25.91 -54.74
C VAL FA 82 -90.77 26.21 -53.35
N LEU FA 83 -91.06 27.42 -52.84
CA LEU FA 83 -90.45 27.88 -51.60
C LEU FA 83 -90.80 27.00 -50.41
N GLU FA 84 -91.96 26.34 -50.45
CA GLU FA 84 -92.36 25.48 -49.33
C GLU FA 84 -91.41 24.30 -49.17
N GLU FA 85 -91.00 23.69 -50.29
CA GLU FA 85 -90.05 22.59 -50.23
C GLU FA 85 -88.70 23.03 -49.69
N LEU FA 86 -88.25 24.23 -50.09
CA LEU FA 86 -87.01 24.77 -49.54
C LEU FA 86 -87.14 25.01 -48.04
N LYS FA 87 -88.30 25.50 -47.60
CA LYS FA 87 -88.54 25.68 -46.17
C LYS FA 87 -88.46 24.34 -45.44
N LYS FA 88 -89.07 23.30 -46.00
CA LYS FA 88 -89.00 21.98 -45.38
C LYS FA 88 -87.57 21.48 -45.31
N VAL FA 89 -86.80 21.68 -46.38
CA VAL FA 89 -85.39 21.26 -46.37
C VAL FA 89 -84.62 21.99 -45.28
N LEU FA 90 -84.85 23.30 -45.15
CA LEU FA 90 -84.13 24.07 -44.15
C LEU FA 90 -84.53 23.69 -42.74
N GLU FA 91 -85.78 23.27 -42.52
CA GLU FA 91 -86.16 22.74 -41.22
C GLU FA 91 -85.51 21.39 -40.96
N GLU FA 92 -85.46 20.52 -41.99
CA GLU FA 92 -84.86 19.21 -41.81
C GLU FA 92 -83.38 19.30 -41.46
N VAL FA 93 -82.64 20.16 -42.16
CA VAL FA 93 -81.22 20.30 -41.85
C VAL FA 93 -81.03 20.93 -40.46
N GLY FA 94 -81.98 21.75 -40.04
CA GLY FA 94 -81.91 22.39 -38.73
C GLY FA 94 -81.11 23.67 -38.75
N ASP FA 95 -81.47 24.60 -39.63
CA ASP FA 95 -80.79 25.87 -39.78
C ASP FA 95 -81.76 26.99 -39.43
N GLU FA 96 -81.32 27.88 -38.54
CA GLU FA 96 -82.14 29.02 -38.14
C GLU FA 96 -81.83 30.27 -38.96
N PHE FA 97 -80.56 30.48 -39.31
CA PHE FA 97 -80.19 31.65 -40.10
C PHE FA 97 -80.86 31.62 -41.47
N GLY FA 98 -80.74 30.49 -42.18
CA GLY FA 98 -81.35 30.38 -43.48
C GLY FA 98 -82.86 30.48 -43.44
N LEU FA 99 -83.48 29.87 -42.43
CA LEU FA 99 -84.93 29.94 -42.30
C LEU FA 99 -85.39 31.37 -42.04
N THR FA 100 -84.67 32.10 -41.17
CA THR FA 100 -85.00 33.50 -40.94
C THR FA 100 -84.83 34.33 -42.20
N LEU FA 101 -83.80 34.03 -43.00
CA LEU FA 101 -83.61 34.74 -44.26
C LEU FA 101 -84.76 34.46 -45.21
N VAL FA 102 -85.24 33.21 -45.24
CA VAL FA 102 -86.38 32.86 -46.09
C VAL FA 102 -87.61 33.64 -45.67
N TYR FA 103 -87.88 33.69 -44.36
CA TYR FA 103 -89.02 34.47 -43.88
C TYR FA 103 -88.86 35.93 -44.23
N ALA FA 104 -87.65 36.48 -44.09
CA ALA FA 104 -87.42 37.88 -44.39
C ALA FA 104 -87.70 38.18 -45.86
N ILE FA 105 -87.22 37.32 -46.76
CA ILE FA 105 -87.44 37.55 -48.19
C ILE FA 105 -88.91 37.44 -48.54
N SER FA 106 -89.60 36.43 -48.01
CA SER FA 106 -91.03 36.27 -48.30
C SER FA 106 -91.82 37.46 -47.77
N LEU FA 107 -91.49 37.92 -46.56
CA LEU FA 107 -92.18 39.05 -45.96
C LEU FA 107 -91.91 40.33 -46.75
N LEU FA 108 -90.68 40.51 -47.24
CA LEU FA 108 -90.37 41.66 -48.08
C LEU FA 108 -91.18 41.62 -49.37
N LYS FA 109 -91.30 40.45 -49.99
CA LYS FA 109 -92.08 40.34 -51.21
C LYS FA 109 -93.55 40.66 -50.94
N GLU FA 110 -94.10 40.14 -49.84
CA GLU FA 110 -95.49 40.41 -49.52
C GLU FA 110 -95.72 41.89 -49.22
N VAL FA 111 -94.79 42.53 -48.52
CA VAL FA 111 -94.91 43.95 -48.23
C VAL FA 111 -94.79 44.78 -49.50
N GLU FA 112 -93.89 44.38 -50.42
CA GLU FA 112 -93.80 45.05 -51.72
C GLU FA 112 -95.12 44.94 -52.47
N LYS FA 113 -95.78 43.78 -52.37
CA LYS FA 113 -97.12 43.67 -52.91
C LYS FA 113 -98.07 44.65 -52.22
N GLU FA 114 -97.96 44.77 -50.89
CA GLU FA 114 -98.80 45.72 -50.16
C GLU FA 114 -98.38 47.16 -50.46
N GLY FA 115 -97.09 47.46 -50.37
CA GLY FA 115 -96.59 48.79 -50.66
C GLY FA 115 -96.55 49.76 -49.51
N ASP FA 116 -96.20 49.31 -48.30
CA ASP FA 116 -96.16 50.19 -47.14
C ASP FA 116 -94.71 50.47 -46.77
N GLU FA 117 -94.37 51.75 -46.58
CA GLU FA 117 -92.97 52.17 -46.51
C GLU FA 117 -92.31 51.79 -45.19
N GLU FA 118 -93.02 51.95 -44.06
CA GLU FA 118 -92.38 51.71 -42.77
C GLU FA 118 -91.96 50.25 -42.62
N LEU FA 119 -92.83 49.32 -43.04
CA LEU FA 119 -92.41 47.92 -43.05
C LEU FA 119 -91.32 47.66 -44.07
N LYS FA 120 -91.26 48.44 -45.16
CA LYS FA 120 -90.12 48.34 -46.07
C LYS FA 120 -88.82 48.62 -45.33
N GLU FA 121 -88.77 49.74 -44.60
CA GLU FA 121 -87.56 50.06 -43.85
C GLU FA 121 -87.27 49.00 -42.80
N TYR FA 122 -88.32 48.51 -42.13
CA TYR FA 122 -88.15 47.51 -41.08
C TYR FA 122 -87.51 46.24 -41.64
N VAL FA 123 -88.04 45.74 -42.77
CA VAL FA 123 -87.53 44.50 -43.33
C VAL FA 123 -86.14 44.71 -43.95
N LYS FA 124 -85.87 45.89 -44.50
CA LYS FA 124 -84.52 46.14 -45.01
C LYS FA 124 -83.50 46.15 -43.88
N LEU FA 125 -83.83 46.77 -42.75
CA LEU FA 125 -82.95 46.71 -41.59
C LEU FA 125 -82.78 45.27 -41.10
N ALA FA 126 -83.87 44.50 -41.10
CA ALA FA 126 -83.80 43.11 -40.68
C ALA FA 126 -82.87 42.32 -41.59
N ILE FA 127 -82.96 42.54 -42.91
CA ILE FA 127 -82.13 41.82 -43.86
C ILE FA 127 -80.66 42.21 -43.71
N GLU FA 128 -80.39 43.49 -43.50
CA GLU FA 128 -79.01 43.92 -43.30
C GLU FA 128 -78.42 43.30 -42.04
N THR FA 129 -79.21 43.27 -40.95
CA THR FA 129 -78.75 42.64 -39.72
C THR FA 129 -78.54 41.14 -39.93
N LEU FA 130 -79.42 40.51 -40.72
CA LEU FA 130 -79.26 39.09 -41.02
C LEU FA 130 -77.97 38.83 -41.77
N LYS FA 131 -77.63 39.70 -42.74
CA LYS FA 131 -76.38 39.57 -43.47
C LYS FA 131 -75.19 39.73 -42.53
N GLU FA 132 -75.24 40.72 -41.64
CA GLU FA 132 -74.15 40.92 -40.70
C GLU FA 132 -73.97 39.72 -39.78
N ALA FA 133 -75.08 39.13 -39.35
CA ALA FA 133 -75.00 37.92 -38.54
C ALA FA 133 -74.41 36.76 -39.34
N PHE FA 134 -74.91 36.57 -40.57
CA PHE FA 134 -74.40 35.51 -41.44
C PHE FA 134 -72.90 35.63 -41.65
N GLU FA 135 -72.37 36.86 -41.63
CA GLU FA 135 -70.94 37.05 -41.80
C GLU FA 135 -70.13 36.21 -40.81
N ARG FA 136 -70.60 36.12 -39.56
CA ARG FA 136 -69.85 35.38 -38.55
C ARG FA 136 -70.75 34.55 -37.62
N LYS FA 137 -72.02 34.35 -37.98
CA LYS FA 137 -72.97 33.61 -37.13
C LYS FA 137 -73.07 34.24 -35.74
N ASN FA 138 -73.44 35.52 -35.73
CA ASN FA 138 -73.58 36.27 -34.48
C ASN FA 138 -75.04 36.18 -34.06
N TYR FA 139 -75.28 35.55 -32.90
CA TYR FA 139 -76.63 35.15 -32.53
C TYR FA 139 -77.49 36.35 -32.15
N ALA FA 140 -76.88 37.43 -31.66
CA ALA FA 140 -77.65 38.56 -31.15
C ALA FA 140 -78.38 39.31 -32.27
N LEU FA 141 -77.67 39.61 -33.37
CA LEU FA 141 -78.33 40.21 -34.51
C LEU FA 141 -79.37 39.27 -35.10
N LEU FA 142 -79.15 37.96 -34.99
CA LEU FA 142 -80.18 37.00 -35.40
C LEU FA 142 -81.43 37.17 -34.56
N VAL FA 143 -81.27 37.35 -33.24
CA VAL FA 143 -82.43 37.59 -32.38
C VAL FA 143 -83.15 38.86 -32.77
N SER FA 144 -82.38 39.93 -33.03
CA SER FA 144 -82.98 41.20 -33.41
C SER FA 144 -83.78 41.06 -34.70
N ALA FA 145 -83.19 40.42 -35.71
CA ALA FA 145 -83.87 40.23 -36.98
C ALA FA 145 -85.10 39.34 -36.83
N LYS FA 146 -85.00 38.30 -35.99
CA LYS FA 146 -86.15 37.44 -35.74
C LYS FA 146 -87.29 38.23 -35.12
N ILE FA 147 -86.98 39.08 -34.14
CA ILE FA 147 -87.99 39.93 -33.52
C ILE FA 147 -88.66 40.81 -34.57
N ILE FA 148 -87.84 41.46 -35.40
CA ILE FA 148 -88.40 42.38 -36.40
C ILE FA 148 -89.32 41.64 -37.35
N VAL FA 149 -88.88 40.47 -37.85
CA VAL FA 149 -89.66 39.77 -38.85
C VAL FA 149 -90.94 39.19 -38.26
N GLU FA 150 -90.89 38.68 -37.03
CA GLU FA 150 -92.12 38.12 -36.45
C GLU FA 150 -93.12 39.21 -36.14
N ASN FA 151 -92.65 40.36 -35.64
CA ASN FA 151 -93.58 41.47 -35.40
C ASN FA 151 -94.16 41.98 -36.70
N ALA FA 152 -93.36 42.05 -37.77
CA ALA FA 152 -93.90 42.45 -39.06
C ALA FA 152 -94.93 41.46 -39.58
N GLU FA 153 -94.66 40.17 -39.43
CA GLU FA 153 -95.62 39.15 -39.86
C GLU FA 153 -96.93 39.29 -39.09
N GLU FA 154 -96.84 39.51 -37.78
CA GLU FA 154 -98.05 39.74 -36.98
C GLU FA 154 -98.77 41.01 -37.44
N ILE FA 155 -98.01 42.02 -37.86
CA ILE FA 155 -98.63 43.24 -38.40
C ILE FA 155 -99.44 42.91 -39.65
N LEU FA 156 -98.87 42.13 -40.57
CA LEU FA 156 -99.61 41.76 -41.77
C LEU FA 156 -100.83 40.92 -41.45
N LYS FA 157 -100.72 39.99 -40.49
CA LYS FA 157 -101.91 39.22 -40.10
C LYS FA 157 -103.00 40.13 -39.54
N ALA FA 158 -102.63 41.06 -38.65
CA ALA FA 158 -103.61 41.96 -38.08
C ALA FA 158 -104.16 42.95 -39.11
N LYS FA 159 -103.43 43.17 -40.20
CA LYS FA 159 -103.94 44.05 -41.26
C LYS FA 159 -105.23 43.49 -41.84
N LYS FA 160 -105.25 42.20 -42.17
CA LYS FA 160 -106.48 41.58 -42.63
C LYS FA 160 -107.43 41.29 -41.49
N LYS FA 161 -106.92 41.03 -40.28
CA LYS FA 161 -107.78 40.86 -39.13
C LYS FA 161 -108.48 42.17 -38.77
N GLY FA 162 -107.71 43.26 -38.65
CA GLY FA 162 -108.29 44.56 -38.39
C GLY FA 162 -108.38 44.95 -36.93
N ASP FA 163 -107.34 44.66 -36.16
CA ASP FA 163 -107.27 45.02 -34.74
C ASP FA 163 -106.20 46.10 -34.63
N GLU FA 164 -106.64 47.36 -34.55
CA GLU FA 164 -105.70 48.48 -34.60
C GLU FA 164 -104.81 48.54 -33.37
N GLU FA 165 -105.36 48.19 -32.20
CA GLU FA 165 -104.55 48.22 -30.98
C GLU FA 165 -103.33 47.32 -31.12
N LYS FA 166 -103.53 46.12 -31.66
CA LYS FA 166 -102.42 45.19 -31.83
C LYS FA 166 -101.39 45.72 -32.83
N ILE FA 167 -101.83 46.37 -33.91
CA ILE FA 167 -100.87 46.88 -34.88
C ILE FA 167 -100.07 48.03 -34.28
N LYS FA 168 -100.71 48.87 -33.47
CA LYS FA 168 -99.96 49.92 -32.78
C LYS FA 168 -98.95 49.32 -31.82
N GLU FA 169 -99.34 48.29 -31.08
CA GLU FA 169 -98.41 47.62 -30.17
C GLU FA 169 -97.22 47.04 -30.93
N LEU FA 170 -97.48 46.43 -32.08
CA LEU FA 170 -96.40 45.84 -32.86
C LEU FA 170 -95.48 46.92 -33.44
N LEU FA 171 -96.03 48.05 -33.85
CA LEU FA 171 -95.18 49.18 -34.26
C LEU FA 171 -94.31 49.67 -33.11
N GLN FA 172 -94.86 49.70 -31.90
CA GLN FA 172 -94.05 50.06 -30.74
C GLN FA 172 -92.90 49.07 -30.54
N ARG FA 173 -93.20 47.77 -30.67
CA ARG FA 173 -92.15 46.76 -30.53
C ARG FA 173 -91.08 46.92 -31.60
N LEU FA 174 -91.51 47.22 -32.84
CA LEU FA 174 -90.54 47.38 -33.92
C LEU FA 174 -89.69 48.63 -33.73
N LYS FA 175 -90.27 49.72 -33.22
CA LYS FA 175 -89.47 50.89 -32.90
C LYS FA 175 -88.44 50.58 -31.83
N ALA FA 176 -88.85 49.83 -30.79
CA ALA FA 176 -87.90 49.41 -29.77
C ALA FA 176 -86.78 48.58 -30.37
N ALA FA 177 -87.11 47.66 -31.28
CA ALA FA 177 -86.10 46.84 -31.93
C ALA FA 177 -85.14 47.67 -32.77
N LYS FA 178 -85.67 48.64 -33.52
CA LYS FA 178 -84.81 49.52 -34.32
C LYS FA 178 -83.85 50.29 -33.42
N ILE FA 179 -84.35 50.82 -32.31
CA ILE FA 179 -83.49 51.54 -31.38
C ILE FA 179 -82.42 50.62 -30.81
N GLY FA 180 -82.79 49.38 -30.48
CA GLY FA 180 -81.87 48.52 -29.77
C GLY FA 180 -80.82 47.86 -30.64
N THR FA 181 -81.12 47.69 -31.94
CA THR FA 181 -80.22 46.91 -32.79
C THR FA 181 -78.80 47.46 -32.86
N PRO FA 182 -78.57 48.75 -33.12
CA PRO FA 182 -77.19 49.26 -33.02
C PRO FA 182 -76.60 49.07 -31.65
N LEU FA 183 -77.42 49.20 -30.60
CA LEU FA 183 -76.93 49.06 -29.24
C LEU FA 183 -76.45 47.64 -28.97
N VAL FA 184 -77.20 46.63 -29.40
CA VAL FA 184 -76.78 45.25 -29.15
C VAL FA 184 -75.57 44.91 -30.00
N ARG FA 185 -75.53 45.38 -31.24
CA ARG FA 185 -74.33 45.18 -32.06
C ARG FA 185 -73.10 45.76 -31.36
N GLU FA 186 -73.22 46.99 -30.86
CA GLU FA 186 -72.09 47.63 -30.18
C GLU FA 186 -71.71 46.90 -28.91
N VAL FA 187 -72.70 46.43 -28.14
CA VAL FA 187 -72.40 45.73 -26.90
C VAL FA 187 -71.61 44.46 -27.18
N VAL FA 188 -72.05 43.69 -28.17
CA VAL FA 188 -71.33 42.46 -28.52
C VAL FA 188 -69.92 42.79 -29.00
N GLU FA 189 -69.80 43.82 -29.86
CA GLU FA 189 -68.49 44.18 -30.39
C GLU FA 189 -67.53 44.57 -29.26
N ARG FA 190 -67.99 45.41 -28.33
CA ARG FA 190 -67.15 45.83 -27.23
C ARG FA 190 -66.76 44.67 -26.33
N TYR FA 191 -67.72 43.78 -26.03
CA TYR FA 191 -67.40 42.65 -25.17
C TYR FA 191 -66.43 41.68 -25.84
N ARG FA 192 -66.42 41.63 -27.17
CA ARG FA 192 -65.55 40.71 -27.89
C ARG FA 192 -64.09 40.87 -27.51
N GLU FA 193 -63.57 42.10 -27.50
CA GLU FA 193 -62.15 42.30 -27.24
C GLU FA 193 -61.85 43.35 -26.17
N GLU FA 194 -62.72 44.35 -25.99
CA GLU FA 194 -62.40 45.44 -25.07
C GLU FA 194 -62.28 44.95 -23.63
N GLY FA 195 -63.19 44.09 -23.19
CA GLY FA 195 -63.05 43.40 -21.93
C GLY FA 195 -63.82 43.93 -20.75
N GLU FA 196 -64.84 44.72 -21.03
CA GLU FA 196 -65.68 45.26 -19.97
C GLU FA 196 -66.46 44.15 -19.25
N PRO FA 197 -67.26 44.52 -18.24
CA PRO FA 197 -68.07 43.53 -17.55
C PRO FA 197 -69.42 43.44 -18.19
N LEU FA 198 -69.67 42.35 -18.90
CA LEU FA 198 -70.91 42.24 -19.64
C LEU FA 198 -72.09 42.78 -18.93
N LEU FA 199 -72.29 42.37 -17.70
CA LEU FA 199 -73.54 42.77 -17.06
C LEU FA 199 -73.70 44.29 -17.07
N ASP FA 200 -72.61 45.03 -16.87
CA ASP FA 200 -72.69 46.49 -16.87
C ASP FA 200 -73.14 47.02 -18.24
N LEU FA 201 -72.51 46.54 -19.31
CA LEU FA 201 -72.91 46.96 -20.65
C LEU FA 201 -74.33 46.51 -20.97
N LEU FA 202 -74.73 45.32 -20.52
CA LEU FA 202 -76.10 44.88 -20.75
C LEU FA 202 -77.09 45.82 -20.08
N LEU FA 203 -76.83 46.19 -18.83
CA LEU FA 203 -77.73 47.09 -18.12
C LEU FA 203 -77.78 48.45 -18.77
N HIS FA 204 -76.61 48.98 -19.17
CA HIS FA 204 -76.59 50.29 -19.83
C HIS FA 204 -77.35 50.25 -21.16
N MET FA 205 -77.16 49.19 -21.94
CA MET FA 205 -77.88 49.06 -23.20
C MET FA 205 -79.38 48.97 -22.98
N ALA FA 206 -79.81 48.19 -21.98
CA ALA FA 206 -81.24 48.07 -21.70
C ALA FA 206 -81.82 49.41 -21.26
N GLU FA 207 -81.12 50.13 -20.39
CA GLU FA 207 -81.62 51.42 -19.92
C GLU FA 207 -81.67 52.42 -21.06
N THR FA 208 -80.65 52.44 -21.92
CA THR FA 208 -80.65 53.34 -23.07
C THR FA 208 -81.80 53.01 -24.01
N THR FA 209 -82.06 51.72 -24.23
CA THR FA 209 -83.18 51.32 -25.07
C THR FA 209 -84.50 51.79 -24.49
N ILE FA 210 -84.69 51.63 -23.18
CA ILE FA 210 -85.94 52.05 -22.55
C ILE FA 210 -86.11 53.56 -22.65
N ARG FA 211 -85.04 54.30 -22.37
CA ARG FA 211 -85.12 55.76 -22.40
C ARG FA 211 -85.42 56.27 -23.80
N GLU FA 212 -84.71 55.74 -24.80
CA GLU FA 212 -84.94 56.19 -26.17
C GLU FA 212 -86.31 55.77 -26.67
N SER FA 213 -86.79 54.60 -26.25
CA SER FA 213 -88.10 54.13 -26.67
C SER FA 213 -89.21 54.99 -26.06
N GLU FA 214 -89.07 55.37 -24.78
CA GLU FA 214 -90.07 56.23 -24.17
C GLU FA 214 -89.94 57.67 -24.68
N LYS FA 215 -88.78 58.03 -25.22
CA LYS FA 215 -88.65 59.31 -25.90
C LYS FA 215 -89.47 59.37 -27.19
N LEU FA 216 -89.87 58.22 -27.72
CA LEU FA 216 -90.70 58.15 -28.92
C LEU FA 216 -92.17 57.92 -28.59
N GLY FA 217 -92.55 58.03 -27.32
CA GLY FA 217 -93.92 57.87 -26.90
C GLY FA 217 -94.31 56.44 -26.52
N VAL FA 218 -93.37 55.51 -26.60
CA VAL FA 218 -93.69 54.10 -26.37
C VAL FA 218 -93.50 53.79 -24.89
N ASP FA 219 -94.46 53.03 -24.37
CA ASP FA 219 -94.41 52.61 -22.98
C ASP FA 219 -93.10 52.05 -22.59
N PRO FA 220 -92.89 51.92 -21.30
CA PRO FA 220 -91.67 51.30 -20.87
C PRO FA 220 -92.03 49.91 -20.50
N ARG FA 221 -93.04 49.38 -21.16
CA ARG FA 221 -93.38 48.00 -20.92
C ARG FA 221 -92.90 47.12 -22.06
N LEU FA 222 -93.66 47.08 -23.15
CA LEU FA 222 -93.33 46.14 -24.23
C LEU FA 222 -91.90 46.35 -24.71
N ALA FA 223 -91.42 47.60 -24.70
CA ALA FA 223 -90.02 47.85 -24.99
C ALA FA 223 -89.12 47.16 -23.97
N ALA FA 224 -89.59 47.04 -22.72
CA ALA FA 224 -88.86 46.29 -21.72
C ALA FA 224 -88.74 44.82 -22.10
N GLU FA 225 -89.83 44.23 -22.60
CA GLU FA 225 -89.75 42.83 -23.01
C GLU FA 225 -88.88 42.66 -24.25
N VAL FA 226 -88.88 43.64 -25.15
CA VAL FA 226 -87.98 43.59 -26.31
C VAL FA 226 -86.53 43.60 -25.84
N ALA FA 227 -86.21 44.50 -24.91
CA ALA FA 227 -84.86 44.55 -24.35
C ALA FA 227 -84.53 43.26 -23.61
N ARG FA 228 -85.52 42.63 -22.99
CA ARG FA 228 -85.30 41.37 -22.30
C ARG FA 228 -84.93 40.26 -23.27
N GLU FA 229 -85.66 40.16 -24.38
CA GLU FA 229 -85.34 39.18 -25.41
C GLU FA 229 -83.94 39.43 -25.97
N MET FA 230 -83.60 40.70 -26.23
CA MET FA 230 -82.28 41.00 -26.77
C MET FA 230 -81.18 40.70 -25.76
N VAL FA 231 -81.45 40.92 -24.47
CA VAL FA 231 -80.49 40.56 -23.43
C VAL FA 231 -80.28 39.06 -23.39
N ASP FA 232 -81.37 38.29 -23.53
CA ASP FA 232 -81.25 36.84 -23.60
C ASP FA 232 -80.40 36.43 -24.79
N GLY FA 233 -80.62 37.07 -25.94
CA GLY FA 233 -79.81 36.78 -27.11
C GLY FA 233 -78.33 37.10 -26.91
N VAL FA 234 -78.05 38.22 -26.25
CA VAL FA 234 -76.66 38.58 -25.96
C VAL FA 234 -76.03 37.55 -25.03
N GLY FA 235 -76.77 37.11 -24.03
CA GLY FA 235 -76.26 36.09 -23.14
C GLY FA 235 -75.96 34.79 -23.87
N HIS FA 236 -76.84 34.40 -24.79
CA HIS FA 236 -76.61 33.18 -25.57
C HIS FA 236 -75.38 33.33 -26.47
N GLU FA 237 -75.25 34.47 -27.14
CA GLU FA 237 -74.15 34.65 -28.07
C GLU FA 237 -72.81 34.73 -27.34
N THR FA 238 -72.76 35.49 -26.25
CA THR FA 238 -71.51 35.72 -25.53
C THR FA 238 -71.03 34.51 -24.76
N GLY FA 239 -71.86 33.49 -24.59
CA GLY FA 239 -71.47 32.32 -23.83
C GLY FA 239 -71.55 32.48 -22.33
N GLU FA 240 -72.19 33.54 -21.85
CA GLU FA 240 -72.33 33.78 -20.41
C GLU FA 240 -73.78 34.21 -20.15
N THR FA 241 -74.54 33.33 -19.49
CA THR FA 241 -75.95 33.58 -19.25
C THR FA 241 -76.26 34.03 -17.83
N GLU FA 242 -75.34 33.87 -16.88
CA GLU FA 242 -75.59 34.30 -15.52
C GLU FA 242 -75.74 35.81 -15.43
N ALA FA 243 -74.89 36.56 -16.14
CA ALA FA 243 -75.05 38.01 -16.20
C ALA FA 243 -76.34 38.37 -16.92
N ALA FA 244 -76.67 37.65 -17.99
CA ALA FA 244 -77.95 37.86 -18.66
C ALA FA 244 -79.10 37.54 -17.72
N PHE FA 245 -78.96 36.50 -16.90
CA PHE FA 245 -79.98 36.18 -15.91
C PHE FA 245 -80.17 37.32 -14.91
N ARG FA 246 -79.06 37.88 -14.43
CA ARG FA 246 -79.15 38.97 -13.46
C ARG FA 246 -79.80 40.20 -14.08
N VAL FA 247 -79.42 40.56 -15.30
CA VAL FA 247 -80.03 41.72 -15.95
C VAL FA 247 -81.50 41.45 -16.22
N ARG FA 248 -81.85 40.20 -16.54
CA ARG FA 248 -83.25 39.83 -16.71
C ARG FA 248 -84.02 40.05 -15.41
N ARG FA 249 -83.43 39.67 -14.27
CA ARG FA 249 -84.10 39.87 -12.99
C ARG FA 249 -84.29 41.36 -12.68
N GLU FA 250 -83.26 42.17 -12.96
CA GLU FA 250 -83.40 43.60 -12.71
C GLU FA 250 -84.45 44.23 -13.61
N LEU FA 251 -84.52 43.79 -14.87
CA LEU FA 251 -85.55 44.32 -15.76
C LEU FA 251 -86.94 43.87 -15.33
N ASP FA 252 -87.06 42.64 -14.82
CA ASP FA 252 -88.33 42.17 -14.27
C ASP FA 252 -88.74 42.99 -13.05
N THR FA 253 -87.78 43.40 -12.23
CA THR FA 253 -88.08 44.31 -11.14
C THR FA 253 -88.48 45.68 -11.66
N VAL FA 254 -87.85 46.13 -12.75
CA VAL FA 254 -88.13 47.45 -13.31
C VAL FA 254 -89.57 47.52 -13.83
N ILE FA 255 -90.02 46.48 -14.53
CA ILE FA 255 -91.36 46.54 -15.11
C ILE FA 255 -92.43 46.61 -14.03
N LEU FA 256 -92.11 46.18 -12.82
CA LEU FA 256 -93.04 46.26 -11.70
C LEU FA 256 -93.31 47.72 -11.32
N THR GA 25 -84.82 -4.37 -8.66
CA THR GA 25 -85.99 -5.24 -8.66
C THR GA 25 -86.47 -5.53 -7.25
N GLU GA 26 -85.93 -4.78 -6.28
CA GLU GA 26 -86.31 -4.98 -4.89
C GLU GA 26 -87.79 -4.67 -4.66
N LYS GA 27 -88.30 -3.63 -5.30
CA LYS GA 27 -89.72 -3.32 -5.18
C LYS GA 27 -90.58 -4.47 -5.71
N LEU GA 28 -90.19 -5.06 -6.84
CA LEU GA 28 -90.96 -6.17 -7.38
C LEU GA 28 -90.91 -7.38 -6.47
N LYS GA 29 -89.75 -7.68 -5.89
CA LYS GA 29 -89.63 -8.79 -4.97
C LYS GA 29 -90.51 -8.57 -3.73
N LYS GA 30 -90.50 -7.35 -3.19
CA LYS GA 30 -91.35 -7.05 -2.05
C LYS GA 30 -92.82 -7.15 -2.40
N ILE GA 31 -93.20 -6.70 -3.61
CA ILE GA 31 -94.60 -6.79 -4.03
C ILE GA 31 -95.02 -8.25 -4.11
N THR GA 32 -94.16 -9.09 -4.70
CA THR GA 32 -94.47 -10.52 -4.77
C THR GA 32 -94.60 -11.13 -3.39
N LYS GA 33 -93.68 -10.79 -2.48
CA LYS GA 33 -93.73 -11.33 -1.13
C LYS GA 33 -95.02 -10.93 -0.42
N LEU GA 34 -95.38 -9.64 -0.51
CA LEU GA 34 -96.58 -9.17 0.17
C LEU GA 34 -97.84 -9.77 -0.44
N LEU GA 35 -97.85 -9.98 -1.76
CA LEU GA 35 -99.00 -10.63 -2.37
C LEU GA 35 -99.10 -12.09 -1.92
N HIS GA 36 -98.01 -12.76 -1.70
CA HIS GA 36 -98.12 -14.11 -1.19
C HIS GA 36 -98.76 -13.94 0.14
N GLU GA 37 -98.11 -13.21 1.03
CA GLU GA 37 -98.63 -13.14 2.39
C GLU GA 37 -100.13 -12.88 2.39
N LEU GA 38 -100.58 -11.95 1.55
CA LEU GA 38 -102.01 -11.63 1.50
C LEU GA 38 -102.83 -12.84 1.05
N VAL GA 39 -102.35 -13.56 0.04
CA VAL GA 39 -103.12 -14.70 -0.46
C VAL GA 39 -103.06 -15.86 0.53
N ASP GA 40 -102.01 -15.92 1.36
CA ASP GA 40 -101.93 -16.98 2.35
C ASP GA 40 -103.09 -16.89 3.35
N ARG GA 41 -103.35 -15.68 3.87
CA ARG GA 41 -104.44 -15.45 4.82
C ARG GA 41 -105.63 -14.84 4.08
N GLY GA 42 -106.34 -15.67 3.33
CA GLY GA 42 -107.53 -15.23 2.62
C GLY GA 42 -107.23 -14.10 1.66
N GLU GA 43 -108.08 -13.06 1.72
CA GLU GA 43 -107.88 -11.81 0.98
C GLU GA 43 -107.84 -12.11 -0.51
N ILE GA 44 -106.78 -11.75 -1.23
CA ILE GA 44 -106.72 -11.88 -2.69
C ILE GA 44 -106.68 -13.35 -3.08
N PRO GA 45 -107.12 -13.70 -4.29
CA PRO GA 45 -107.03 -15.10 -4.73
C PRO GA 45 -105.63 -15.48 -5.19
N GLU GA 46 -105.43 -16.75 -5.54
CA GLU GA 46 -104.10 -17.27 -5.83
C GLU GA 46 -103.57 -16.83 -7.19
N GLU GA 47 -104.45 -16.55 -8.16
CA GLU GA 47 -104.01 -16.24 -9.50
C GLU GA 47 -103.09 -15.02 -9.52
N LEU GA 48 -103.40 -14.01 -8.70
CA LEU GA 48 -102.56 -12.82 -8.68
C LEU GA 48 -101.17 -13.12 -8.16
N ALA GA 49 -101.07 -13.96 -7.12
CA ALA GA 49 -99.76 -14.33 -6.60
C ALA GA 49 -98.98 -15.17 -7.60
N THR GA 50 -99.64 -16.09 -8.30
CA THR GA 50 -98.95 -16.87 -9.33
C THR GA 50 -98.44 -15.99 -10.45
N LEU GA 51 -99.26 -15.03 -10.89
CA LEU GA 51 -98.80 -14.09 -11.91
C LEU GA 51 -97.62 -13.27 -11.40
N ALA GA 52 -97.68 -12.84 -10.13
CA ALA GA 52 -96.56 -12.10 -9.56
C ALA GA 52 -95.28 -12.91 -9.60
N THR GA 53 -95.36 -14.21 -9.26
CA THR GA 53 -94.18 -15.07 -9.30
C THR GA 53 -93.63 -15.21 -10.71
N LEU GA 54 -94.51 -15.51 -11.67
CA LEU GA 54 -94.06 -15.71 -13.05
C LEU GA 54 -93.43 -14.43 -13.61
N LEU GA 55 -94.07 -13.28 -13.38
CA LEU GA 55 -93.52 -12.03 -13.89
C LEU GA 55 -92.25 -11.63 -13.15
N LEU GA 56 -92.13 -11.98 -11.86
CA LEU GA 56 -90.89 -11.71 -11.14
C LEU GA 56 -89.75 -12.56 -11.67
N TYR GA 57 -90.05 -13.76 -12.17
CA TYR GA 57 -89.01 -14.53 -12.84
C TYR GA 57 -88.65 -13.92 -14.19
N LEU GA 58 -89.67 -13.56 -14.98
CA LEU GA 58 -89.45 -13.05 -16.32
C LEU GA 58 -88.63 -11.76 -16.29
N VAL GA 59 -89.08 -10.78 -15.48
CA VAL GA 59 -88.22 -9.67 -15.10
C VAL GA 59 -87.08 -10.27 -14.31
N GLU GA 60 -85.87 -9.73 -14.46
CA GLU GA 60 -84.66 -10.23 -13.80
C GLU GA 60 -84.23 -11.54 -14.48
N LYS GA 61 -85.07 -12.10 -15.34
CA LYS GA 61 -84.54 -12.94 -16.40
C LYS GA 61 -84.19 -12.11 -17.62
N GLY GA 62 -84.73 -10.89 -17.70
CA GLY GA 62 -84.41 -9.99 -18.79
C GLY GA 62 -85.27 -10.21 -20.01
N LEU GA 63 -86.57 -10.49 -19.80
CA LEU GA 63 -87.47 -10.76 -20.91
C LEU GA 63 -88.66 -9.83 -20.98
N ILE GA 64 -88.96 -9.08 -19.92
CA ILE GA 64 -90.00 -8.05 -19.95
C ILE GA 64 -89.53 -6.88 -19.10
N SER GA 65 -90.31 -5.79 -19.09
CA SER GA 65 -90.00 -4.61 -18.31
C SER GA 65 -90.96 -4.48 -17.14
N GLU GA 66 -90.58 -3.63 -16.18
CA GLU GA 66 -91.42 -3.41 -15.01
C GLU GA 66 -92.79 -2.87 -15.40
N PHE GA 67 -92.87 -2.13 -16.51
CA PHE GA 67 -94.16 -1.61 -16.95
C PHE GA 67 -95.12 -2.74 -17.27
N ASP GA 68 -94.63 -3.79 -17.95
CA ASP GA 68 -95.50 -4.93 -18.25
C ASP GA 68 -95.92 -5.65 -16.98
N PHE GA 69 -94.99 -5.80 -16.03
CA PHE GA 69 -95.31 -6.39 -14.74
C PHE GA 69 -96.47 -5.66 -14.07
N ILE GA 70 -96.33 -4.34 -13.91
CA ILE GA 70 -97.36 -3.57 -13.22
C ILE GA 70 -98.65 -3.56 -14.01
N GLU GA 71 -98.56 -3.49 -15.35
CA GLU GA 71 -99.77 -3.45 -16.16
C GLU GA 71 -100.55 -4.75 -16.04
N HIS GA 72 -99.86 -5.89 -16.08
CA HIS GA 72 -100.53 -7.18 -15.92
C HIS GA 72 -101.15 -7.30 -14.52
N LEU GA 73 -100.41 -6.85 -13.49
CA LEU GA 73 -100.94 -6.92 -12.13
C LEU GA 73 -102.20 -6.10 -12.00
N VAL GA 74 -102.19 -4.88 -12.55
CA VAL GA 74 -103.36 -4.01 -12.47
C VAL GA 74 -104.53 -4.57 -13.27
N ARG GA 75 -104.25 -5.15 -14.44
CA ARG GA 75 -105.32 -5.75 -15.24
C ARG GA 75 -105.98 -6.89 -14.49
N LEU GA 76 -105.18 -7.77 -13.87
CA LEU GA 76 -105.78 -8.87 -13.11
C LEU GA 76 -106.54 -8.34 -11.90
N ALA GA 77 -106.00 -7.33 -11.22
CA ALA GA 77 -106.71 -6.76 -10.06
C ALA GA 77 -108.05 -6.18 -10.46
N GLU GA 78 -108.09 -5.48 -11.60
CA GLU GA 78 -109.35 -4.95 -12.11
C GLU GA 78 -110.31 -6.07 -12.48
N LYS GA 79 -109.79 -7.14 -13.08
CA LYS GA 79 -110.63 -8.27 -13.46
C LYS GA 79 -111.26 -8.93 -12.23
N LEU GA 80 -110.48 -9.08 -11.16
CA LEU GA 80 -110.96 -9.74 -9.95
C LEU GA 80 -111.55 -8.77 -8.94
N GLY GA 81 -111.50 -7.47 -9.20
CA GLY GA 81 -112.04 -6.49 -8.29
C GLY GA 81 -111.36 -6.48 -6.93
N VAL GA 82 -110.03 -6.50 -6.94
CA VAL GA 82 -109.24 -6.54 -5.72
C VAL GA 82 -108.20 -5.42 -5.76
N LEU GA 83 -108.51 -4.39 -6.55
CA LEU GA 83 -107.54 -3.32 -6.81
C LEU GA 83 -107.13 -2.60 -5.53
N GLU GA 84 -108.02 -2.54 -4.53
CA GLU GA 84 -107.69 -1.84 -3.29
C GLU GA 84 -106.54 -2.52 -2.56
N GLU GA 85 -106.53 -3.86 -2.53
CA GLU GA 85 -105.43 -4.57 -1.89
C GLU GA 85 -104.12 -4.34 -2.62
N LEU GA 86 -104.16 -4.31 -3.95
CA LEU GA 86 -102.95 -4.00 -4.71
C LEU GA 86 -102.47 -2.58 -4.42
N LYS GA 87 -103.40 -1.65 -4.27
CA LYS GA 87 -103.03 -0.28 -3.90
C LYS GA 87 -102.34 -0.26 -2.54
N LYS GA 88 -102.90 -1.00 -1.57
CA LYS GA 88 -102.28 -1.06 -0.24
C LYS GA 88 -100.89 -1.67 -0.31
N VAL GA 89 -100.72 -2.73 -1.11
CA VAL GA 89 -99.40 -3.35 -1.26
C VAL GA 89 -98.41 -2.34 -1.85
N LEU GA 90 -98.85 -1.59 -2.87
CA LEU GA 90 -97.95 -0.64 -3.51
C LEU GA 90 -97.60 0.52 -2.59
N GLU GA 91 -98.51 0.90 -1.70
CA GLU GA 91 -98.16 1.89 -0.68
C GLU GA 91 -97.18 1.32 0.35
N GLU GA 92 -97.40 0.07 0.77
CA GLU GA 92 -96.51 -0.54 1.75
C GLU GA 92 -95.08 -0.66 1.23
N VAL GA 93 -94.93 -1.11 -0.02
CA VAL GA 93 -93.58 -1.23 -0.58
C VAL GA 93 -92.96 0.14 -0.75
N GLY GA 94 -93.78 1.16 -1.00
CA GLY GA 94 -93.28 2.51 -1.18
C GLY GA 94 -92.86 2.80 -2.61
N ASP GA 95 -93.77 2.57 -3.55
CA ASP GA 95 -93.52 2.78 -4.96
C ASP GA 95 -94.45 3.87 -5.48
N GLU GA 96 -93.88 4.87 -6.15
CA GLU GA 96 -94.67 5.96 -6.71
C GLU GA 96 -95.03 5.70 -8.17
N PHE GA 97 -94.12 5.10 -8.94
CA PHE GA 97 -94.39 4.83 -10.35
C PHE GA 97 -95.55 3.86 -10.50
N GLY GA 98 -95.51 2.74 -9.76
CA GLY GA 98 -96.60 1.78 -9.85
C GLY GA 98 -97.92 2.33 -9.36
N LEU GA 99 -97.89 3.11 -8.28
CA LEU GA 99 -99.12 3.72 -7.77
C LEU GA 99 -99.72 4.69 -8.77
N THR GA 100 -98.87 5.51 -9.40
CA THR GA 100 -99.35 6.42 -10.43
C THR GA 100 -99.93 5.66 -11.61
N LEU GA 101 -99.31 4.54 -11.99
CA LEU GA 101 -99.85 3.72 -13.06
C LEU GA 101 -101.22 3.15 -12.69
N VAL GA 102 -101.37 2.74 -11.43
CA VAL GA 102 -102.66 2.22 -10.97
C VAL GA 102 -103.73 3.30 -11.06
N TYR GA 103 -103.40 4.50 -10.60
CA TYR GA 103 -104.36 5.61 -10.71
C TYR GA 103 -104.69 5.91 -12.16
N ALA GA 104 -103.69 5.88 -13.04
CA ALA GA 104 -103.93 6.16 -14.45
C ALA GA 104 -104.87 5.12 -15.06
N ILE GA 105 -104.66 3.85 -14.76
CA ILE GA 105 -105.51 2.80 -15.32
C ILE GA 105 -106.94 2.92 -14.79
N SER GA 106 -107.08 3.15 -13.48
CA SER GA 106 -108.43 3.28 -12.92
C SER GA 106 -109.14 4.49 -13.48
N LEU GA 107 -108.42 5.61 -13.64
CA LEU GA 107 -109.02 6.82 -14.19
C LEU GA 107 -109.41 6.61 -15.65
N LEU GA 108 -108.58 5.90 -16.42
CA LEU GA 108 -108.93 5.59 -17.79
C LEU GA 108 -110.18 4.74 -17.86
N LYS GA 109 -110.30 3.74 -16.99
CA LYS GA 109 -111.50 2.91 -16.98
C LYS GA 109 -112.73 3.73 -16.62
N GLU GA 110 -112.62 4.60 -15.63
CA GLU GA 110 -113.75 5.44 -15.25
C GLU GA 110 -114.15 6.40 -16.37
N VAL GA 111 -113.16 6.97 -17.05
CA VAL GA 111 -113.46 7.88 -18.17
C VAL GA 111 -114.09 7.12 -19.33
N GLU GA 112 -113.61 5.89 -19.60
CA GLU GA 112 -114.24 5.06 -20.61
C GLU GA 112 -115.69 4.77 -20.26
N LYS GA 113 -115.97 4.56 -18.98
CA LYS GA 113 -117.37 4.48 -18.55
C LYS GA 113 -118.10 5.78 -18.84
N GLU GA 114 -117.46 6.92 -18.57
CA GLU GA 114 -118.07 8.21 -18.87
C GLU GA 114 -118.15 8.47 -20.38
N GLY GA 115 -117.05 8.27 -21.09
CA GLY GA 115 -117.04 8.44 -22.53
C GLY GA 115 -116.71 9.82 -23.03
N ASP GA 116 -115.78 10.54 -22.40
CA ASP GA 116 -115.43 11.89 -22.82
C ASP GA 116 -114.05 11.87 -23.49
N GLU GA 117 -113.96 12.47 -24.68
CA GLU GA 117 -112.80 12.28 -25.54
C GLU GA 117 -111.56 13.03 -25.05
N GLU GA 118 -111.73 14.27 -24.58
CA GLU GA 118 -110.56 15.06 -24.20
C GLU GA 118 -109.81 14.42 -23.03
N LEU GA 119 -110.54 13.94 -22.02
CA LEU GA 119 -109.89 13.19 -20.96
C LEU GA 119 -109.32 11.86 -21.46
N LYS GA 120 -109.91 11.27 -22.49
CA LYS GA 120 -109.29 10.10 -23.12
C LYS GA 120 -107.89 10.44 -23.61
N GLU GA 121 -107.76 11.53 -24.38
CA GLU GA 121 -106.45 11.93 -24.88
C GLU GA 121 -105.51 12.28 -23.73
N TYR GA 122 -106.04 12.95 -22.71
CA TYR GA 122 -105.21 13.34 -21.57
C TYR GA 122 -104.62 12.12 -20.88
N VAL GA 123 -105.47 11.12 -20.58
CA VAL GA 123 -104.99 9.95 -19.86
C VAL GA 123 -104.10 9.09 -20.74
N LYS GA 124 -104.35 9.05 -22.06
CA LYS GA 124 -103.45 8.29 -22.94
C LYS GA 124 -102.07 8.94 -22.97
N LEU GA 125 -102.00 10.26 -23.04
CA LEU GA 125 -100.71 10.94 -22.96
C LEU GA 125 -100.05 10.68 -21.62
N ALA GA 126 -100.83 10.70 -20.54
CA ALA GA 126 -100.28 10.42 -19.21
C ALA GA 126 -99.69 9.02 -19.15
N ILE GA 127 -100.40 8.04 -19.72
CA ILE GA 127 -99.92 6.66 -19.68
C ILE GA 127 -98.66 6.49 -20.52
N GLU GA 128 -98.61 7.14 -21.69
CA GLU GA 128 -97.40 7.06 -22.52
C GLU GA 128 -96.21 7.68 -21.80
N THR GA 129 -96.42 8.83 -21.15
CA THR GA 129 -95.35 9.45 -20.38
C THR GA 129 -94.92 8.56 -19.21
N LEU GA 130 -95.90 7.89 -18.58
CA LEU GA 130 -95.58 6.98 -17.48
C LEU GA 130 -94.73 5.83 -17.98
N LYS GA 131 -95.05 5.28 -19.15
CA LYS GA 131 -94.23 4.21 -19.73
C LYS GA 131 -92.81 4.70 -20.03
N GLU GA 132 -92.70 5.91 -20.60
CA GLU GA 132 -91.37 6.44 -20.90
C GLU GA 132 -90.56 6.64 -19.62
N ALA GA 133 -91.22 7.10 -18.55
CA ALA GA 133 -90.53 7.24 -17.27
C ALA GA 133 -90.12 5.87 -16.72
N PHE GA 134 -91.04 4.90 -16.75
CA PHE GA 134 -90.74 3.55 -16.29
C PHE GA 134 -89.55 2.96 -17.01
N GLU GA 135 -89.35 3.34 -18.27
CA GLU GA 135 -88.20 2.83 -19.03
C GLU GA 135 -86.89 3.05 -18.29
N ARG GA 136 -86.73 4.21 -17.65
CA ARG GA 136 -85.49 4.52 -16.96
C ARG GA 136 -85.69 5.22 -15.62
N LYS GA 137 -86.91 5.24 -15.08
CA LYS GA 137 -87.21 5.93 -13.82
C LYS GA 137 -86.83 7.40 -13.90
N ASN GA 138 -87.42 8.08 -14.88
CA ASN GA 138 -87.17 9.51 -15.11
C ASN GA 138 -88.25 10.29 -14.34
N TYR GA 139 -87.82 11.08 -13.35
CA TYR GA 139 -88.75 11.62 -12.38
C TYR GA 139 -89.60 12.74 -12.99
N ALA GA 140 -89.08 13.43 -14.01
CA ALA GA 140 -89.78 14.59 -14.56
C ALA GA 140 -91.06 14.19 -15.29
N LEU GA 141 -90.98 13.17 -16.14
CA LEU GA 141 -92.19 12.69 -16.79
C LEU GA 141 -93.15 12.09 -15.77
N LEU GA 142 -92.63 11.55 -14.67
CA LEU GA 142 -93.50 11.12 -13.58
C LEU GA 142 -94.26 12.29 -12.99
N VAL GA 143 -93.59 13.43 -12.80
CA VAL GA 143 -94.28 14.63 -12.31
C VAL GA 143 -95.35 15.07 -13.29
N SER GA 144 -95.03 15.06 -14.58
CA SER GA 144 -95.99 15.49 -15.59
C SER GA 144 -97.23 14.59 -15.57
N ALA GA 145 -97.01 13.27 -15.53
CA ALA GA 145 -98.12 12.32 -15.52
C ALA GA 145 -98.93 12.46 -14.24
N LYS GA 146 -98.26 12.68 -13.11
CA LYS GA 146 -98.96 12.89 -11.84
C LYS GA 146 -99.86 14.10 -11.92
N ILE GA 147 -99.35 15.20 -12.48
CA ILE GA 147 -100.15 16.40 -12.65
C ILE GA 147 -101.38 16.11 -13.49
N ILE GA 148 -101.17 15.43 -14.63
CA ILE GA 148 -102.28 15.16 -15.53
C ILE GA 148 -103.35 14.32 -14.84
N VAL GA 149 -102.92 13.26 -14.14
CA VAL GA 149 -103.89 12.35 -13.54
C VAL GA 149 -104.62 13.01 -12.38
N GLU GA 150 -103.93 13.82 -11.57
CA GLU GA 150 -104.63 14.44 -10.44
C GLU GA 150 -105.61 15.50 -10.93
N ASN GA 151 -105.23 16.27 -11.95
CA ASN GA 151 -106.18 17.24 -12.50
C ASN GA 151 -107.37 16.54 -13.15
N ALA GA 152 -107.14 15.41 -13.83
CA ALA GA 152 -108.26 14.67 -14.39
C ALA GA 152 -109.18 14.12 -13.29
N GLU GA 153 -108.60 13.59 -12.21
CA GLU GA 153 -109.40 13.11 -11.10
C GLU GA 153 -110.24 14.22 -10.50
N GLU GA 154 -109.64 15.40 -10.32
CA GLU GA 154 -110.40 16.55 -9.83
C GLU GA 154 -111.51 16.93 -10.80
N ILE GA 155 -111.25 16.78 -12.10
CA ILE GA 155 -112.29 17.04 -13.10
C ILE GA 155 -113.47 16.09 -12.91
N LEU GA 156 -113.19 14.81 -12.73
CA LEU GA 156 -114.28 13.85 -12.50
C LEU GA 156 -115.04 14.14 -11.20
N LYS GA 157 -114.32 14.53 -10.14
CA LYS GA 157 -115.02 14.89 -8.91
C LYS GA 157 -115.92 16.10 -9.12
N ALA GA 158 -115.41 17.14 -9.79
CA ALA GA 158 -116.22 18.32 -10.05
C ALA GA 158 -117.36 18.04 -11.02
N LYS GA 159 -117.25 17.00 -11.83
CA LYS GA 159 -118.34 16.63 -12.73
C LYS GA 159 -119.61 16.30 -11.94
N LYS GA 160 -119.48 15.47 -10.91
CA LYS GA 160 -120.63 15.20 -10.06
C LYS GA 160 -120.90 16.35 -9.09
N LYS GA 161 -119.86 17.08 -8.68
CA LYS GA 161 -120.09 18.26 -7.85
C LYS GA 161 -120.83 19.35 -8.64
N GLY GA 162 -120.34 19.68 -9.83
CA GLY GA 162 -121.01 20.64 -10.68
C GLY GA 162 -120.54 22.07 -10.53
N ASP GA 163 -119.23 22.27 -10.42
CA ASP GA 163 -118.64 23.61 -10.32
C ASP GA 163 -117.89 23.83 -11.63
N GLU GA 164 -118.51 24.58 -12.55
CA GLU GA 164 -117.96 24.73 -13.89
C GLU GA 164 -116.66 25.52 -13.89
N GLU GA 165 -116.55 26.53 -13.02
CA GLU GA 165 -115.33 27.33 -12.96
C GLU GA 165 -114.12 26.44 -12.67
N LYS GA 166 -114.27 25.51 -11.72
CA LYS GA 166 -113.17 24.63 -11.36
C LYS GA 166 -112.82 23.69 -12.52
N ILE GA 167 -113.81 23.20 -13.26
CA ILE GA 167 -113.51 22.29 -14.36
C ILE GA 167 -112.79 23.05 -15.49
N LYS GA 168 -113.18 24.30 -15.74
CA LYS GA 168 -112.46 25.10 -16.72
C LYS GA 168 -111.02 25.34 -16.28
N GLU GA 169 -110.83 25.63 -15.00
CA GLU GA 169 -109.47 25.83 -14.49
C GLU GA 169 -108.64 24.56 -14.64
N LEU GA 170 -109.23 23.41 -14.37
CA LEU GA 170 -108.50 22.15 -14.50
C LEU GA 170 -108.18 21.84 -15.96
N LEU GA 171 -109.08 22.16 -16.87
CA LEU GA 171 -108.76 22.02 -18.30
C LEU GA 171 -107.61 22.94 -18.69
N GLN GA 172 -107.57 24.16 -18.14
CA GLN GA 172 -106.44 25.05 -18.39
C GLN GA 172 -105.13 24.42 -17.90
N ARG GA 173 -105.16 23.85 -16.69
CA ARG GA 173 -103.97 23.19 -16.15
C ARG GA 173 -103.54 22.03 -17.03
N LEU GA 174 -104.50 21.24 -17.51
CA LEU GA 174 -104.18 20.10 -18.35
C LEU GA 174 -103.61 20.53 -19.70
N LYS GA 175 -104.13 21.62 -20.27
CA LYS GA 175 -103.55 22.14 -21.50
C LYS GA 175 -102.11 22.59 -21.27
N ALA GA 176 -101.86 23.27 -20.15
CA ALA GA 176 -100.49 23.66 -19.82
C ALA GA 176 -99.59 22.44 -19.70
N ALA GA 177 -100.09 21.38 -19.05
CA ALA GA 177 -99.31 20.15 -18.90
C ALA GA 177 -99.00 19.50 -20.25
N LYS GA 178 -100.01 19.46 -21.14
CA LYS GA 178 -99.79 18.90 -22.47
C LYS GA 178 -98.74 19.68 -23.23
N ILE GA 179 -98.81 21.01 -23.15
CA ILE GA 179 -97.80 21.84 -23.82
C ILE GA 179 -96.42 21.58 -23.24
N GLY GA 180 -96.34 21.44 -21.92
CA GLY GA 180 -95.03 21.39 -21.27
C GLY GA 180 -94.35 20.04 -21.36
N THR GA 181 -95.14 18.96 -21.50
CA THR GA 181 -94.55 17.62 -21.41
C THR GA 181 -93.46 17.36 -22.45
N PRO GA 182 -93.65 17.63 -23.75
CA PRO GA 182 -92.51 17.48 -24.67
C PRO GA 182 -91.35 18.39 -24.30
N LEU GA 183 -91.66 19.59 -23.79
CA LEU GA 183 -90.59 20.52 -23.42
C LEU GA 183 -89.75 19.98 -22.28
N VAL GA 184 -90.38 19.42 -21.25
CA VAL GA 184 -89.62 18.90 -20.12
C VAL GA 184 -88.83 17.66 -20.53
N ARG GA 185 -89.45 16.80 -21.34
CA ARG GA 185 -88.71 15.64 -21.86
C ARG GA 185 -87.46 16.10 -22.61
N GLU GA 186 -87.60 17.10 -23.49
CA GLU GA 186 -86.47 17.59 -24.26
C GLU GA 186 -85.43 18.24 -23.36
N VAL GA 187 -85.86 18.99 -22.35
CA VAL GA 187 -84.90 19.65 -21.47
C VAL GA 187 -84.05 18.62 -20.73
N VAL GA 188 -84.71 17.57 -20.19
CA VAL GA 188 -83.96 16.53 -19.50
C VAL GA 188 -83.02 15.83 -20.46
N GLU GA 189 -83.49 15.51 -21.67
CA GLU GA 189 -82.66 14.81 -22.64
C GLU GA 189 -81.42 15.63 -22.99
N ARG GA 190 -81.60 16.92 -23.25
CA ARG GA 190 -80.47 17.77 -23.61
C ARG GA 190 -79.49 17.92 -22.44
N TYR GA 191 -80.01 18.08 -21.23
CA TYR GA 191 -79.11 18.22 -20.09
C TYR GA 191 -78.35 16.92 -19.82
N ARG GA 192 -78.91 15.78 -20.18
CA ARG GA 192 -78.26 14.49 -19.92
C ARG GA 192 -76.84 14.43 -20.49
N GLU GA 193 -76.66 14.81 -21.75
CA GLU GA 193 -75.35 14.68 -22.38
C GLU GA 193 -74.85 15.93 -23.07
N GLU GA 194 -75.74 16.79 -23.56
CA GLU GA 194 -75.30 17.94 -24.36
C GLU GA 194 -74.46 18.91 -23.53
N GLY GA 195 -74.88 19.19 -22.29
CA GLY GA 195 -74.06 19.92 -21.35
C GLY GA 195 -74.33 21.39 -21.17
N GLU GA 196 -75.51 21.82 -21.57
CA GLU GA 196 -75.91 23.21 -21.40
C GLU GA 196 -76.04 23.58 -19.92
N PRO GA 197 -76.37 24.85 -19.65
CA PRO GA 197 -76.58 25.25 -18.26
C PRO GA 197 -78.01 25.09 -17.87
N LEU GA 198 -78.29 24.10 -17.04
CA LEU GA 198 -79.67 23.81 -16.72
C LEU GA 198 -80.53 25.02 -16.53
N LEU GA 199 -80.08 25.94 -15.71
CA LEU GA 199 -80.98 27.04 -15.41
C LEU GA 199 -81.46 27.74 -16.67
N ASP GA 200 -80.58 27.88 -17.67
CA ASP GA 200 -80.96 28.54 -18.91
C ASP GA 200 -82.06 27.76 -19.63
N LEU GA 201 -81.87 26.44 -19.78
CA LEU GA 201 -82.90 25.62 -20.40
C LEU GA 201 -84.18 25.60 -19.59
N LEU GA 202 -84.08 25.58 -18.26
CA LEU GA 202 -85.28 25.63 -17.43
C LEU GA 202 -86.07 26.92 -17.68
N LEU GA 203 -85.36 28.05 -17.72
CA LEU GA 203 -86.04 29.33 -17.95
C LEU GA 203 -86.66 29.38 -19.33
N HIS GA 204 -85.93 28.90 -20.35
CA HIS GA 204 -86.48 28.90 -21.70
C HIS GA 204 -87.71 28.01 -21.80
N MET GA 205 -87.66 26.82 -21.18
CA MET GA 205 -88.80 25.93 -21.19
C MET GA 205 -90.00 26.55 -20.49
N ALA GA 206 -89.77 27.19 -19.34
CA ALA GA 206 -90.88 27.82 -18.62
C ALA GA 206 -91.49 28.95 -19.44
N GLU GA 207 -90.65 29.79 -20.05
CA GLU GA 207 -91.17 30.89 -20.86
C GLU GA 207 -91.92 30.38 -22.08
N THR GA 208 -91.40 29.34 -22.72
CA THR GA 208 -92.10 28.76 -23.87
C THR GA 208 -93.44 28.19 -23.44
N THR GA 209 -93.49 27.51 -22.29
CA THR GA 209 -94.74 26.98 -21.78
C THR GA 209 -95.75 28.09 -21.53
N ILE GA 210 -95.31 29.18 -20.91
CA ILE GA 210 -96.22 30.29 -20.62
C ILE GA 210 -96.73 30.91 -21.91
N ARG GA 211 -95.84 31.14 -22.87
CA ARG GA 211 -96.25 31.77 -24.12
C ARG GA 211 -97.22 30.89 -24.89
N GLU GA 212 -96.92 29.59 -25.00
CA GLU GA 212 -97.81 28.70 -25.74
C GLU GA 212 -99.14 28.53 -25.01
N SER GA 213 -99.12 28.53 -23.67
CA SER GA 213 -100.35 28.39 -22.92
C SER GA 213 -101.24 29.62 -23.06
N GLU GA 214 -100.64 30.82 -23.05
CA GLU GA 214 -101.45 32.02 -23.24
C GLU GA 214 -101.86 32.18 -24.70
N LYS GA 215 -101.16 31.51 -25.62
CA LYS GA 215 -101.62 31.45 -27.00
C LYS GA 215 -102.91 30.65 -27.16
N LEU GA 216 -103.24 29.82 -26.16
CA LEU GA 216 -104.47 29.03 -26.16
C LEU GA 216 -105.57 29.66 -25.31
N GLY GA 217 -105.37 30.91 -24.88
CA GLY GA 217 -106.34 31.63 -24.09
C GLY GA 217 -106.22 31.44 -22.59
N VAL GA 218 -105.22 30.68 -22.14
CA VAL GA 218 -105.10 30.37 -20.72
C VAL GA 218 -104.23 31.43 -20.05
N ASP GA 219 -104.66 31.81 -18.85
CA ASP GA 219 -103.91 32.79 -18.08
C ASP GA 219 -102.47 32.45 -17.94
N PRO GA 220 -101.69 33.43 -17.53
CA PRO GA 220 -100.28 33.16 -17.30
C PRO GA 220 -100.16 33.00 -15.83
N ARG GA 221 -101.21 32.51 -15.21
CA ARG GA 221 -101.12 32.23 -13.80
C ARG GA 221 -101.02 30.73 -13.55
N LEU GA 222 -102.16 30.04 -13.59
CA LEU GA 222 -102.12 28.63 -13.23
C LEU GA 222 -101.13 27.86 -14.09
N ALA GA 223 -100.98 28.26 -15.35
CA ALA GA 223 -99.93 27.68 -16.18
C ALA GA 223 -98.56 27.97 -15.59
N ALA GA 224 -98.40 29.12 -14.93
CA ALA GA 224 -97.16 29.42 -14.24
C ALA GA 224 -96.90 28.42 -13.11
N GLU GA 225 -97.94 28.08 -12.35
CA GLU GA 225 -97.75 27.11 -11.28
C GLU GA 225 -97.49 25.71 -11.83
N VAL GA 226 -98.10 25.37 -12.98
CA VAL GA 226 -97.80 24.09 -13.62
C VAL GA 226 -96.32 24.04 -14.02
N ALA GA 227 -95.84 25.11 -14.65
CA ALA GA 227 -94.44 25.18 -15.01
C ALA GA 227 -93.55 25.15 -13.78
N ARG GA 228 -94.01 25.72 -12.66
CA ARG GA 228 -93.23 25.68 -11.43
C ARG GA 228 -93.10 24.26 -10.89
N GLU GA 229 -94.20 23.51 -10.88
CA GLU GA 229 -94.14 22.11 -10.46
C GLU GA 229 -93.23 21.31 -11.38
N MET GA 230 -93.31 21.54 -12.69
CA MET GA 230 -92.45 20.79 -13.61
C MET GA 230 -90.99 21.19 -13.44
N VAL GA 231 -90.71 22.45 -13.13
CA VAL GA 231 -89.34 22.88 -12.86
C VAL GA 231 -88.82 22.20 -11.61
N ASP GA 232 -89.67 22.08 -10.58
CA ASP GA 232 -89.27 21.36 -9.37
C ASP GA 232 -88.96 19.90 -9.70
N GLY GA 233 -89.79 19.28 -10.54
CA GLY GA 233 -89.53 17.91 -10.95
C GLY GA 233 -88.22 17.76 -11.71
N VAL GA 234 -87.93 18.71 -12.60
CA VAL GA 234 -86.67 18.69 -13.34
C VAL GA 234 -85.49 18.82 -12.38
N GLY GA 235 -85.61 19.72 -11.41
CA GLY GA 235 -84.54 19.86 -10.42
C GLY GA 235 -84.32 18.59 -9.62
N HIS GA 236 -85.41 17.91 -9.24
CA HIS GA 236 -85.28 16.66 -8.51
C HIS GA 236 -84.62 15.58 -9.36
N GLU GA 237 -85.06 15.46 -10.62
CA GLU GA 237 -84.53 14.40 -11.49
C GLU GA 237 -83.07 14.64 -11.83
N THR GA 238 -82.71 15.88 -12.16
CA THR GA 238 -81.35 16.20 -12.60
C THR GA 238 -80.34 16.17 -11.49
N GLY GA 239 -80.77 16.14 -10.23
CA GLY GA 239 -79.85 16.15 -9.11
C GLY GA 239 -79.29 17.51 -8.77
N GLU GA 240 -79.88 18.58 -9.30
CA GLU GA 240 -79.43 19.95 -9.03
C GLU GA 240 -80.66 20.80 -8.78
N THR GA 241 -80.86 21.21 -7.51
CA THR GA 241 -82.05 21.97 -7.14
C THR GA 241 -81.80 23.46 -6.97
N GLU GA 242 -80.55 23.90 -6.87
CA GLU GA 242 -80.26 25.32 -6.74
C GLU GA 242 -80.69 26.09 -7.98
N ALA GA 243 -80.41 25.55 -9.17
CA ALA GA 243 -80.89 26.18 -10.39
C ALA GA 243 -82.41 26.14 -10.46
N ALA GA 244 -83.01 25.02 -10.04
CA ALA GA 244 -84.46 24.94 -9.95
C ALA GA 244 -85.00 25.96 -8.96
N PHE GA 245 -84.29 26.15 -7.85
CA PHE GA 245 -84.70 27.18 -6.88
C PHE GA 245 -84.67 28.57 -7.50
N ARG GA 246 -83.60 28.88 -8.25
CA ARG GA 246 -83.50 30.20 -8.87
C ARG GA 246 -84.60 30.42 -9.90
N VAL GA 247 -84.87 29.42 -10.74
CA VAL GA 247 -85.95 29.55 -11.72
C VAL GA 247 -87.29 29.67 -11.02
N ARG GA 248 -87.46 28.97 -9.90
CA ARG GA 248 -88.68 29.11 -9.10
C ARG GA 248 -88.84 30.54 -8.60
N ARG GA 249 -87.75 31.15 -8.14
CA ARG GA 249 -87.82 32.53 -7.68
C ARG GA 249 -88.17 33.49 -8.81
N GLU GA 250 -87.57 33.29 -9.99
CA GLU GA 250 -87.89 34.17 -11.12
C GLU GA 250 -89.34 34.00 -11.56
N LEU GA 251 -89.85 32.77 -11.54
CA LEU GA 251 -91.25 32.56 -11.89
C LEU GA 251 -92.18 33.17 -10.84
N ASP GA 252 -91.80 33.11 -9.57
CA ASP GA 252 -92.57 33.76 -8.51
C ASP GA 252 -92.57 35.27 -8.69
N THR GA 253 -91.46 35.84 -9.16
CA THR GA 253 -91.45 37.26 -9.50
C THR GA 253 -92.33 37.54 -10.72
N VAL GA 254 -92.35 36.61 -11.68
CA VAL GA 254 -93.12 36.80 -12.90
C VAL GA 254 -94.62 36.85 -12.60
N ILE GA 255 -95.09 35.94 -11.73
CA ILE GA 255 -96.54 35.89 -11.47
C ILE GA 255 -97.02 37.16 -10.79
N LEU GA 256 -96.11 37.91 -10.16
CA LEU GA 256 -96.46 39.18 -9.54
C LEU GA 256 -96.85 40.21 -10.59
N THR HA 25 -76.97 17.26 32.67
CA THR HA 25 -77.81 17.24 33.85
C THR HA 25 -77.55 18.46 34.73
N GLU HA 26 -76.83 19.43 34.18
CA GLU HA 26 -76.51 20.64 34.92
C GLU HA 26 -77.77 21.43 35.28
N LYS HA 27 -78.72 21.50 34.35
CA LYS HA 27 -79.98 22.17 34.64
C LYS HA 27 -80.71 21.50 35.80
N LEU HA 28 -80.73 20.17 35.83
CA LEU HA 28 -81.40 19.46 36.92
C LEU HA 28 -80.70 19.70 38.25
N LYS HA 29 -79.37 19.69 38.24
CA LYS HA 29 -78.63 19.97 39.47
C LYS HA 29 -78.90 21.38 39.98
N LYS HA 30 -78.93 22.36 39.08
CA LYS HA 30 -79.24 23.72 39.50
C LYS HA 30 -80.66 23.84 40.01
N ILE HA 31 -81.61 23.14 39.39
CA ILE HA 31 -82.99 23.17 39.85
C ILE HA 31 -83.08 22.60 41.27
N THR HA 32 -82.40 21.47 41.50
CA THR HA 32 -82.40 20.88 42.84
C THR HA 32 -81.77 21.83 43.85
N LYS HA 33 -80.65 22.46 43.49
CA LYS HA 33 -79.98 23.39 44.41
C LYS HA 33 -80.89 24.57 44.74
N LEU HA 34 -81.53 25.16 43.74
CA LEU HA 34 -82.39 26.31 43.99
C LEU HA 34 -83.62 25.93 44.79
N LEU HA 35 -84.16 24.73 44.56
CA LEU HA 35 -85.29 24.29 45.37
C LEU HA 35 -84.87 24.08 46.82
N HIS HA 36 -83.66 23.62 47.07
CA HIS HA 36 -83.25 23.51 48.45
C HIS HA 36 -83.26 24.90 48.96
N GLU HA 37 -82.46 25.76 48.34
CA GLU HA 37 -82.36 27.11 48.91
C GLU HA 37 -83.72 27.69 49.23
N LEU HA 38 -84.69 27.53 48.32
CA LEU HA 38 -86.02 28.06 48.56
C LEU HA 38 -86.67 27.41 49.79
N VAL HA 39 -86.54 26.09 49.92
CA VAL HA 39 -87.17 25.42 51.05
C VAL HA 39 -86.45 25.74 52.35
N ASP HA 40 -85.15 26.09 52.27
CA ASP HA 40 -84.42 26.44 53.48
C ASP HA 40 -85.02 27.69 54.13
N ARG HA 41 -85.28 28.73 53.33
CA ARG HA 41 -85.88 29.96 53.84
C ARG HA 41 -87.36 29.99 53.52
N GLY HA 42 -88.12 29.20 54.29
CA GLY HA 42 -89.58 29.18 54.11
C GLY HA 42 -89.98 28.76 52.72
N GLU HA 43 -90.92 29.51 52.14
CA GLU HA 43 -91.33 29.38 50.73
C GLU HA 43 -91.89 27.97 50.53
N ILE HA 44 -91.35 27.18 49.60
CA ILE HA 44 -91.89 25.88 49.23
C ILE HA 44 -91.72 24.90 50.38
N PRO HA 45 -92.56 23.86 50.48
CA PRO HA 45 -92.36 22.85 51.53
C PRO HA 45 -91.24 21.87 51.20
N GLU HA 46 -90.96 20.95 52.13
CA GLU HA 46 -89.81 20.08 52.00
C GLU HA 46 -90.02 18.95 50.99
N GLU HA 47 -91.27 18.53 50.77
CA GLU HA 47 -91.53 17.39 49.92
C GLU HA 47 -91.01 17.61 48.50
N LEU HA 48 -91.14 18.84 47.99
CA LEU HA 48 -90.67 19.11 46.64
C LEU HA 48 -89.15 18.99 46.56
N ALA HA 49 -88.43 19.47 47.57
CA ALA HA 49 -86.98 19.34 47.58
C ALA HA 49 -86.55 17.89 47.70
N THR HA 50 -87.24 17.10 48.53
CA THR HA 50 -86.90 15.69 48.65
C THR HA 50 -87.13 14.95 47.33
N LEU HA 51 -88.25 15.25 46.66
CA LEU HA 51 -88.50 14.65 45.35
C LEU HA 51 -87.43 15.08 44.35
N ALA HA 52 -87.02 16.35 44.41
CA ALA HA 52 -85.96 16.80 43.51
C ALA HA 52 -84.68 16.02 43.74
N THR HA 53 -84.33 15.77 45.00
CA THR HA 53 -83.11 15.00 45.30
C THR HA 53 -83.22 13.57 44.78
N LEU HA 54 -84.34 12.91 45.08
CA LEU HA 54 -84.49 11.51 44.65
C LEU HA 54 -84.47 11.40 43.13
N LEU HA 55 -85.18 12.29 42.43
CA LEU HA 55 -85.19 12.24 40.98
C LEU HA 55 -83.84 12.63 40.39
N LEU HA 56 -83.11 13.53 41.04
CA LEU HA 56 -81.77 13.87 40.57
C LEU HA 56 -80.81 12.71 40.73
N TYR HA 57 -81.03 11.85 41.72
CA TYR HA 57 -80.24 10.62 41.81
C TYR HA 57 -80.66 9.64 40.72
N LEU HA 58 -81.97 9.44 40.55
CA LEU HA 58 -82.46 8.45 39.60
C LEU HA 58 -82.02 8.79 38.18
N VAL HA 59 -82.26 10.03 37.73
CA VAL HA 59 -81.59 10.57 36.56
C VAL HA 59 -80.11 10.62 36.92
N GLU HA 60 -79.25 10.35 35.94
CA GLU HA 60 -77.80 10.31 36.13
C GLU HA 60 -77.43 9.05 36.90
N LYS HA 61 -78.42 8.34 37.45
CA LYS HA 61 -78.23 6.90 37.65
C LYS HA 61 -78.63 6.13 36.41
N GLY HA 62 -79.40 6.75 35.53
CA GLY HA 62 -79.80 6.12 34.28
C GLY HA 62 -81.03 5.27 34.41
N LEU HA 63 -82.01 5.72 35.20
CA LEU HA 63 -83.21 4.96 35.44
C LEU HA 63 -84.49 5.68 35.04
N ILE HA 64 -84.46 6.99 34.83
CA ILE HA 64 -85.60 7.72 34.30
C ILE HA 64 -85.09 8.82 33.37
N SER HA 65 -85.99 9.53 32.71
CA SER HA 65 -85.64 10.59 31.80
C SER HA 65 -86.00 11.95 32.41
N GLU HA 66 -85.45 13.01 31.82
CA GLU HA 66 -85.71 14.35 32.31
C GLU HA 66 -87.20 14.69 32.21
N PHE HA 67 -87.91 14.09 31.26
CA PHE HA 67 -89.34 14.35 31.15
C PHE HA 67 -90.07 13.88 32.40
N ASP HA 68 -89.71 12.71 32.92
CA ASP HA 68 -90.35 12.22 34.15
C ASP HA 68 -90.01 13.13 35.32
N PHE HA 69 -88.75 13.58 35.40
CA PHE HA 69 -88.35 14.51 36.45
C PHE HA 69 -89.24 15.75 36.44
N ILE HA 70 -89.33 16.41 35.29
CA ILE HA 70 -90.09 17.65 35.21
C ILE HA 70 -91.57 17.39 35.44
N GLU HA 71 -92.08 16.27 34.93
CA GLU HA 71 -93.51 15.97 35.09
C GLU HA 71 -93.85 15.75 36.55
N HIS HA 72 -93.02 15.01 37.29
CA HIS HA 72 -93.25 14.80 38.71
C HIS HA 72 -93.16 16.12 39.47
N LEU HA 73 -92.16 16.95 39.13
CA LEU HA 73 -92.02 18.23 39.81
C LEU HA 73 -93.26 19.10 39.59
N VAL HA 74 -93.76 19.15 38.36
CA VAL HA 74 -94.92 19.97 38.06
C VAL HA 74 -96.17 19.41 38.74
N ARG HA 75 -96.30 18.09 38.78
CA ARG HA 75 -97.46 17.49 39.45
C ARG HA 75 -97.47 17.82 40.94
N LEU HA 76 -96.30 17.72 41.60
CA LEU HA 76 -96.26 18.08 43.01
C LEU HA 76 -96.51 19.57 43.21
N ALA HA 77 -95.96 20.42 42.33
CA ALA HA 77 -96.20 21.85 42.46
C ALA HA 77 -97.68 22.18 42.32
N GLU HA 78 -98.36 21.54 41.37
CA GLU HA 78 -99.79 21.74 41.22
C GLU HA 78 -100.55 21.23 42.44
N LYS HA 79 -100.12 20.09 43.00
CA LYS HA 79 -100.78 19.55 44.19
C LYS HA 79 -100.65 20.50 45.37
N LEU HA 80 -99.47 21.10 45.55
CA LEU HA 80 -99.23 21.99 46.69
C LEU HA 80 -99.51 23.45 46.36
N GLY HA 81 -99.87 23.78 45.13
CA GLY HA 81 -100.16 25.14 44.76
C GLY HA 81 -98.98 26.08 44.92
N VAL HA 82 -97.81 25.64 44.44
CA VAL HA 82 -96.58 26.42 44.56
C VAL HA 82 -95.94 26.54 43.18
N LEU HA 83 -96.77 26.41 42.14
CA LEU HA 83 -96.26 26.36 40.77
C LEU HA 83 -95.51 27.62 40.38
N GLU HA 84 -95.87 28.77 40.97
CA GLU HA 84 -95.20 30.02 40.63
C GLU HA 84 -93.72 29.98 41.02
N GLU HA 85 -93.42 29.43 42.19
CA GLU HA 85 -92.02 29.33 42.62
C GLU HA 85 -91.24 28.38 41.70
N LEU HA 86 -91.86 27.29 41.27
CA LEU HA 86 -91.20 26.40 40.31
C LEU HA 86 -90.96 27.12 38.99
N LYS HA 87 -91.92 27.94 38.55
CA LYS HA 87 -91.72 28.73 37.35
C LYS HA 87 -90.54 29.67 37.50
N LYS HA 88 -90.44 30.35 38.65
CA LYS HA 88 -89.32 31.24 38.89
C LYS HA 88 -87.99 30.50 38.88
N VAL HA 89 -87.96 29.30 39.48
CA VAL HA 89 -86.74 28.50 39.49
C VAL HA 89 -86.34 28.12 38.07
N LEU HA 90 -87.33 27.72 37.25
CA LEU HA 90 -87.03 27.32 35.88
C LEU HA 90 -86.58 28.50 35.03
N GLU HA 91 -87.07 29.70 35.31
CA GLU HA 91 -86.54 30.88 34.63
C GLU HA 91 -85.12 31.18 35.08
N GLU HA 92 -84.86 31.08 36.39
CA GLU HA 92 -83.52 31.36 36.89
C GLU HA 92 -82.48 30.43 36.31
N VAL HA 93 -82.78 29.12 36.26
CA VAL HA 93 -81.81 28.19 35.69
C VAL HA 93 -81.65 28.43 34.20
N GLY HA 94 -82.70 28.92 33.54
CA GLY HA 94 -82.63 29.20 32.11
C GLY HA 94 -82.94 27.99 31.27
N ASP HA 95 -84.09 27.37 31.51
CA ASP HA 95 -84.53 26.19 30.80
C ASP HA 95 -85.81 26.51 30.03
N GLU HA 96 -85.81 26.21 28.73
CA GLU HA 96 -86.99 26.44 27.90
C GLU HA 96 -87.88 25.22 27.80
N PHE HA 97 -87.29 24.02 27.75
CA PHE HA 97 -88.08 22.79 27.66
C PHE HA 97 -88.96 22.61 28.89
N GLY HA 98 -88.36 22.73 30.07
CA GLY HA 98 -89.13 22.58 31.30
C GLY HA 98 -90.20 23.65 31.45
N LEU HA 99 -89.88 24.89 31.09
CA LEU HA 99 -90.85 25.96 31.18
C LEU HA 99 -92.02 25.72 30.24
N THR HA 100 -91.74 25.28 29.01
CA THR HA 100 -92.80 24.96 28.07
C THR HA 100 -93.66 23.81 28.60
N LEU HA 101 -93.03 22.81 29.23
CA LEU HA 101 -93.80 21.72 29.82
C LEU HA 101 -94.70 22.22 30.93
N VAL HA 102 -94.20 23.15 31.75
CA VAL HA 102 -95.01 23.72 32.83
C VAL HA 102 -96.23 24.44 32.24
N TYR HA 103 -96.00 25.25 31.21
CA TYR HA 103 -97.12 25.94 30.56
C TYR HA 103 -98.10 24.94 29.98
N ALA HA 104 -97.61 23.87 29.36
CA ALA HA 104 -98.49 22.88 28.76
C ALA HA 104 -99.35 22.21 29.83
N ILE HA 105 -98.75 21.84 30.96
CA ILE HA 105 -99.52 21.18 32.02
C ILE HA 105 -100.56 22.12 32.60
N SER HA 106 -100.17 23.37 32.87
CA SER HA 106 -101.12 24.33 33.43
C SER HA 106 -102.27 24.60 32.45
N LEU HA 107 -101.95 24.73 31.17
CA LEU HA 107 -102.98 24.97 30.16
C LEU HA 107 -103.90 23.77 30.02
N LEU HA 108 -103.35 22.56 30.10
CA LEU HA 108 -104.18 21.36 30.08
C LEU HA 108 -105.13 21.32 31.27
N LYS HA 109 -104.63 21.67 32.46
CA LYS HA 109 -105.50 21.69 33.63
C LYS HA 109 -106.60 22.73 33.48
N GLU HA 110 -106.26 23.91 32.98
CA GLU HA 110 -107.27 24.96 32.79
C GLU HA 110 -108.31 24.54 31.76
N VAL HA 111 -107.88 23.90 30.68
CA VAL HA 111 -108.81 23.44 29.65
C VAL HA 111 -109.70 22.33 30.18
N GLU HA 112 -109.13 21.42 30.99
CA GLU HA 112 -109.94 20.40 31.64
C GLU HA 112 -111.00 21.03 32.53
N LYS HA 113 -110.65 22.11 33.22
CA LYS HA 113 -111.66 22.87 33.95
C LYS HA 113 -112.70 23.43 32.99
N GLU HA 114 -112.27 23.93 31.84
CA GLU HA 114 -113.22 24.44 30.85
C GLU HA 114 -114.00 23.30 30.19
N GLY HA 115 -113.29 22.27 29.73
CA GLY HA 115 -113.94 21.12 29.13
C GLY HA 115 -114.18 21.19 27.64
N ASP HA 116 -113.25 21.75 26.87
CA ASP HA 116 -113.42 21.86 25.42
C ASP HA 116 -112.51 20.85 24.72
N GLU HA 117 -113.08 20.08 23.79
CA GLU HA 117 -112.39 18.91 23.26
C GLU HA 117 -111.26 19.27 22.30
N GLU HA 118 -111.46 20.25 21.42
CA GLU HA 118 -110.45 20.55 20.41
C GLU HA 118 -109.15 21.03 21.05
N LEU HA 119 -109.25 21.90 22.06
CA LEU HA 119 -108.06 22.27 22.81
C LEU HA 119 -107.48 21.10 23.59
N LYS HA 120 -108.32 20.15 24.01
CA LYS HA 120 -107.79 18.92 24.61
C LYS HA 120 -106.85 18.22 23.64
N GLU HA 121 -107.32 18.00 22.41
CA GLU HA 121 -106.48 17.34 21.41
C GLU HA 121 -105.23 18.17 21.12
N TYR HA 122 -105.40 19.49 21.04
CA TYR HA 122 -104.27 20.36 20.75
C TYR HA 122 -103.18 20.24 21.81
N VAL HA 123 -103.57 20.32 23.09
CA VAL HA 123 -102.59 20.26 24.16
C VAL HA 123 -102.01 18.86 24.31
N LYS HA 124 -102.79 17.82 24.03
CA LYS HA 124 -102.21 16.47 24.08
C LYS HA 124 -101.16 16.29 22.99
N LEU HA 125 -101.42 16.78 21.79
CA LEU HA 125 -100.41 16.74 20.74
C LEU HA 125 -99.18 17.56 21.13
N ALA HA 126 -99.41 18.74 21.74
CA ALA HA 126 -98.29 19.55 22.19
C ALA HA 126 -97.44 18.82 23.23
N ILE HA 127 -98.09 18.13 24.17
CA ILE HA 127 -97.36 17.41 25.21
C ILE HA 127 -96.59 16.24 24.63
N GLU HA 128 -97.19 15.52 23.67
CA GLU HA 128 -96.48 14.41 23.04
C GLU HA 128 -95.26 14.92 22.28
N THR HA 129 -95.41 16.03 21.55
CA THR HA 129 -94.26 16.60 20.85
C THR HA 129 -93.21 17.08 21.84
N LEU HA 130 -93.63 17.64 22.97
CA LEU HA 130 -92.68 18.06 24.00
C LEU HA 130 -91.90 16.88 24.54
N LYS HA 131 -92.57 15.75 24.76
CA LYS HA 131 -91.88 14.54 25.21
C LYS HA 131 -90.88 14.06 24.17
N GLU HA 132 -91.28 14.06 22.90
CA GLU HA 132 -90.37 13.63 21.85
C GLU HA 132 -89.15 14.55 21.76
N ALA HA 133 -89.36 15.86 21.93
CA ALA HA 133 -88.24 16.78 21.96
C ALA HA 133 -87.34 16.52 23.16
N PHE HA 134 -87.94 16.37 24.35
CA PHE HA 134 -87.19 16.08 25.56
C PHE HA 134 -86.33 14.84 25.42
N GLU HA 135 -86.78 13.87 24.61
CA GLU HA 135 -86.00 12.65 24.41
C GLU HA 135 -84.58 12.96 23.95
N ARG HA 136 -84.42 13.96 23.07
CA ARG HA 136 -83.10 14.29 22.55
C ARG HA 136 -82.85 15.79 22.44
N LYS HA 137 -83.67 16.64 23.04
CA LYS HA 137 -83.54 18.09 22.94
C LYS HA 137 -83.57 18.54 21.48
N ASN HA 138 -84.66 18.20 20.80
CA ASN HA 138 -84.86 18.55 19.40
C ASN HA 138 -85.63 19.86 19.35
N TYR HA 139 -84.99 20.90 18.81
CA TYR HA 139 -85.51 22.26 18.98
C TYR HA 139 -86.76 22.49 18.13
N ALA HA 140 -86.90 21.77 17.01
CA ALA HA 140 -88.00 22.02 16.09
C ALA HA 140 -89.35 21.63 16.69
N LEU HA 141 -89.43 20.44 17.28
CA LEU HA 141 -90.67 20.06 17.96
C LEU HA 141 -90.94 20.97 19.16
N LEU HA 142 -89.88 21.50 19.78
CA LEU HA 142 -90.06 22.51 20.82
C LEU HA 142 -90.74 23.75 20.25
N VAL HA 143 -90.32 24.20 19.07
CA VAL HA 143 -90.97 25.35 18.42
C VAL HA 143 -92.43 25.04 18.14
N SER HA 144 -92.70 23.85 17.62
CA SER HA 144 -94.08 23.48 17.30
C SER HA 144 -94.95 23.48 18.56
N ALA HA 145 -94.46 22.87 19.63
CA ALA HA 145 -95.21 22.83 20.88
C ALA HA 145 -95.40 24.22 21.45
N LYS HA 146 -94.37 25.07 21.36
CA LYS HA 146 -94.48 26.44 21.84
C LYS HA 146 -95.57 27.18 21.08
N ILE HA 147 -95.60 27.03 19.75
CA ILE HA 147 -96.64 27.65 18.95
C ILE HA 147 -98.01 27.20 19.41
N ILE HA 148 -98.18 25.89 19.56
CA ILE HA 148 -99.48 25.35 19.94
C ILE HA 148 -99.92 25.90 21.29
N VAL HA 149 -99.01 25.90 22.26
CA VAL HA 149 -99.40 26.31 23.61
C VAL HA 149 -99.68 27.80 23.67
N GLU HA 150 -98.91 28.63 22.96
CA GLU HA 150 -99.17 30.07 23.03
C GLU HA 150 -100.47 30.42 22.31
N ASN HA 151 -100.75 29.77 21.18
CA ASN HA 151 -102.02 30.02 20.52
C ASN HA 151 -103.19 29.55 21.37
N ALA HA 152 -103.05 28.41 22.06
CA ALA HA 152 -104.10 27.96 22.96
C ALA HA 152 -104.30 28.94 24.10
N GLU HA 153 -103.21 29.44 24.68
CA GLU HA 153 -103.33 30.42 25.77
C GLU HA 153 -104.05 31.67 25.28
N GLU HA 154 -103.71 32.15 24.08
CA GLU HA 154 -104.40 33.29 23.52
C GLU HA 154 -105.88 32.98 23.30
N ILE HA 155 -106.19 31.74 22.93
CA ILE HA 155 -107.58 31.33 22.77
C ILE HA 155 -108.33 31.45 24.09
N LEU HA 156 -107.72 30.96 25.18
CA LEU HA 156 -108.37 31.08 26.48
C LEU HA 156 -108.53 32.54 26.92
N LYS HA 157 -107.53 33.38 26.64
CA LYS HA 157 -107.68 34.80 26.96
C LYS HA 157 -108.83 35.43 26.18
N ALA HA 158 -108.89 35.15 24.88
CA ALA HA 158 -109.97 35.70 24.06
C ALA HA 158 -111.33 35.11 24.43
N LYS HA 159 -111.36 33.93 25.06
CA LYS HA 159 -112.63 33.36 25.50
C LYS HA 159 -113.32 34.27 26.49
N LYS HA 160 -112.57 34.75 27.50
CA LYS HA 160 -113.15 35.71 28.43
C LYS HA 160 -113.22 37.11 27.83
N LYS HA 161 -112.30 37.45 26.92
CA LYS HA 161 -112.39 38.74 26.23
C LYS HA 161 -113.61 38.78 25.31
N GLY HA 162 -113.78 37.76 24.48
CA GLY HA 162 -114.95 37.67 23.62
C GLY HA 162 -114.78 38.26 22.24
N ASP HA 163 -113.64 38.03 21.61
CA ASP HA 163 -113.36 38.52 20.26
C ASP HA 163 -113.32 37.27 19.36
N GLU HA 164 -114.42 37.01 18.66
CA GLU HA 164 -114.56 35.76 17.91
C GLU HA 164 -113.59 35.71 16.73
N GLU HA 165 -113.33 36.84 16.08
CA GLU HA 165 -112.42 36.85 14.94
C GLU HA 165 -111.04 36.33 15.37
N LYS HA 166 -110.56 36.79 16.53
CA LYS HA 166 -109.25 36.36 17.01
C LYS HA 166 -109.24 34.87 17.32
N ILE HA 167 -110.32 34.34 17.90
CA ILE HA 167 -110.34 32.92 18.23
C ILE HA 167 -110.36 32.08 16.96
N LYS HA 168 -111.08 32.53 15.94
CA LYS HA 168 -111.06 31.81 14.66
C LYS HA 168 -109.66 31.85 14.06
N GLU HA 169 -108.99 33.00 14.12
CA GLU HA 169 -107.63 33.09 13.60
C GLU HA 169 -106.69 32.15 14.36
N LEU HA 170 -106.85 32.06 15.67
CA LEU HA 170 -105.98 31.18 16.46
C LEU HA 170 -106.26 29.71 16.15
N LEU HA 171 -107.53 29.36 15.93
CA LEU HA 171 -107.84 28.00 15.48
C LEU HA 171 -107.20 27.70 14.13
N GLN HA 172 -107.19 28.68 13.22
CA GLN HA 172 -106.50 28.49 11.95
C GLN HA 172 -105.01 28.24 12.16
N ARG HA 173 -104.39 29.03 13.04
CA ARG HA 173 -102.98 28.83 13.34
C ARG HA 173 -102.72 27.45 13.93
N LEU HA 174 -103.60 27.00 14.83
CA LEU HA 174 -103.43 25.69 15.45
C LEU HA 174 -103.62 24.56 14.44
N LYS HA 175 -104.55 24.71 13.51
CA LYS HA 175 -104.69 23.71 12.45
C LYS HA 175 -103.44 23.65 11.59
N ALA HA 176 -102.87 24.82 11.25
CA ALA HA 176 -101.63 24.84 10.51
C ALA HA 176 -100.51 24.14 11.29
N ALA HA 177 -100.44 24.38 12.59
CA ALA HA 177 -99.42 23.73 13.42
C ALA HA 177 -99.61 22.21 13.46
N LYS HA 178 -100.86 21.76 13.59
CA LYS HA 178 -101.12 20.32 13.60
C LYS HA 178 -100.70 19.69 12.27
N ILE HA 179 -101.02 20.34 11.16
CA ILE HA 179 -100.61 19.83 9.85
C ILE HA 179 -99.10 19.78 9.75
N GLY HA 180 -98.41 20.81 10.24
CA GLY HA 180 -96.98 20.93 10.00
C GLY HA 180 -96.13 20.06 10.91
N THR HA 181 -96.65 19.72 12.10
CA THR HA 181 -95.80 19.02 13.08
C THR HA 181 -95.25 17.69 12.58
N PRO HA 182 -96.03 16.78 12.02
CA PRO HA 182 -95.40 15.57 11.43
C PRO HA 182 -94.43 15.92 10.33
N LEU HA 183 -94.73 16.97 9.54
CA LEU HA 183 -93.85 17.35 8.45
C LEU HA 183 -92.50 17.82 8.96
N VAL HA 184 -92.47 18.65 10.01
CA VAL HA 184 -91.20 19.14 10.52
C VAL HA 184 -90.44 18.01 11.19
N ARG HA 185 -91.14 17.14 11.93
CA ARG HA 185 -90.46 15.97 12.50
C ARG HA 185 -89.79 15.14 11.40
N GLU HA 186 -90.52 14.88 10.31
CA GLU HA 186 -89.97 14.08 9.22
C GLU HA 186 -88.81 14.80 8.55
N VAL HA 187 -88.90 16.11 8.36
CA VAL HA 187 -87.83 16.85 7.71
C VAL HA 187 -86.54 16.76 8.53
N VAL HA 188 -86.65 16.97 9.84
CA VAL HA 188 -85.48 16.87 10.69
C VAL HA 188 -84.92 15.45 10.66
N GLU HA 189 -85.79 14.44 10.74
CA GLU HA 189 -85.32 13.06 10.74
C GLU HA 189 -84.57 12.73 9.46
N ARG HA 190 -85.13 13.12 8.31
CA ARG HA 190 -84.48 12.85 7.03
C ARG HA 190 -83.15 13.59 6.91
N TYR HA 191 -83.11 14.85 7.33
CA TYR HA 191 -81.86 15.59 7.24
C TYR HA 191 -80.79 15.02 8.16
N ARG HA 192 -81.20 14.39 9.26
CA ARG HA 192 -80.23 13.86 10.23
C ARG HA 192 -79.22 12.91 9.58
N GLU HA 193 -79.69 11.95 8.78
CA GLU HA 193 -78.78 10.95 8.22
C GLU HA 193 -78.93 10.74 6.71
N GLU HA 194 -80.11 10.98 6.14
CA GLU HA 194 -80.32 10.67 4.74
C GLU HA 194 -79.43 11.53 3.83
N GLY HA 195 -79.33 12.83 4.13
CA GLY HA 195 -78.36 13.68 3.48
C GLY HA 195 -78.85 14.56 2.34
N GLU HA 196 -80.14 14.78 2.28
CA GLU HA 196 -80.70 15.67 1.27
C GLU HA 196 -80.23 17.11 1.47
N PRO HA 197 -80.67 18.01 0.58
CA PRO HA 197 -80.32 19.42 0.76
C PRO HA 197 -81.38 20.13 1.55
N LEU HA 198 -81.08 20.49 2.77
CA LEU HA 198 -82.10 21.06 3.63
C LEU HA 198 -83.03 22.01 2.95
N LEU HA 199 -82.48 22.93 2.20
CA LEU HA 199 -83.38 23.96 1.66
C LEU HA 199 -84.51 23.33 0.83
N ASP HA 200 -84.20 22.28 0.08
CA ASP HA 200 -85.22 21.64 -0.75
C ASP HA 200 -86.32 21.03 0.12
N LEU HA 201 -85.93 20.28 1.16
CA LEU HA 201 -86.92 19.71 2.06
C LEU HA 201 -87.68 20.79 2.81
N LEU HA 202 -87.01 21.88 3.20
CA LEU HA 202 -87.72 22.97 3.87
C LEU HA 202 -88.79 23.56 2.95
N LEU HA 203 -88.44 23.80 1.69
CA LEU HA 203 -89.40 24.37 0.75
C LEU HA 203 -90.56 23.42 0.51
N HIS HA 204 -90.26 22.13 0.34
CA HIS HA 204 -91.33 21.15 0.12
C HIS HA 204 -92.26 21.06 1.33
N MET HA 205 -91.68 21.07 2.54
CA MET HA 205 -92.49 21.01 3.75
C MET HA 205 -93.37 22.25 3.87
N ALA HA 206 -92.81 23.43 3.58
CA ALA HA 206 -93.60 24.66 3.67
C ALA HA 206 -94.74 24.65 2.65
N GLU HA 207 -94.45 24.23 1.42
CA GLU HA 207 -95.49 24.19 0.39
C GLU HA 207 -96.57 23.17 0.75
N THR HA 208 -96.17 22.00 1.25
CA THR HA 208 -97.15 21.01 1.67
C THR HA 208 -98.02 21.54 2.80
N THR HA 209 -97.41 22.24 3.76
CA THR HA 209 -98.17 22.82 4.86
C THR HA 209 -99.18 23.84 4.33
N ILE HA 210 -98.76 24.70 3.42
CA ILE HA 210 -99.67 25.71 2.88
C ILE HA 210 -100.82 25.04 2.12
N ARG HA 211 -100.51 24.05 1.29
CA ARG HA 211 -101.54 23.39 0.50
C ARG HA 211 -102.54 22.67 1.38
N GLU HA 212 -102.04 21.91 2.38
CA GLU HA 212 -102.94 21.18 3.26
C GLU HA 212 -103.76 22.13 4.13
N SER HA 213 -103.16 23.26 4.54
CA SER HA 213 -103.88 24.22 5.35
C SER HA 213 -104.98 24.91 4.56
N GLU HA 214 -104.71 25.27 3.30
CA GLU HA 214 -105.75 25.86 2.48
C GLU HA 214 -106.79 24.83 2.05
N LYS HA 215 -106.44 23.54 2.09
CA LYS HA 215 -107.42 22.49 1.88
C LYS HA 215 -108.43 22.41 3.02
N LEU HA 216 -108.12 23.01 4.17
CA LEU HA 216 -109.02 23.04 5.31
C LEU HA 216 -109.75 24.38 5.43
N GLY HA 217 -109.66 25.22 4.41
CA GLY HA 217 -110.33 26.51 4.39
C GLY HA 217 -109.52 27.66 4.97
N VAL HA 218 -108.29 27.39 5.41
CA VAL HA 218 -107.50 28.43 6.07
C VAL HA 218 -106.67 29.18 5.03
N ASP HA 219 -106.63 30.49 5.19
CA ASP HA 219 -105.87 31.34 4.30
C ASP HA 219 -104.48 30.88 4.11
N PRO HA 220 -103.85 31.34 3.04
CA PRO HA 220 -102.46 31.00 2.84
C PRO HA 220 -101.68 32.12 3.41
N ARG HA 221 -102.22 32.76 4.43
CA ARG HA 221 -101.47 33.79 5.09
C ARG HA 221 -100.94 33.32 6.44
N LEU HA 222 -101.76 33.40 7.47
CA LEU HA 222 -101.27 33.08 8.82
C LEU HA 222 -100.61 31.71 8.85
N ALA HA 223 -101.11 30.77 8.05
CA ALA HA 223 -100.43 29.49 7.90
C ALA HA 223 -99.03 29.68 7.33
N ALA HA 224 -98.87 30.69 6.47
CA ALA HA 224 -97.54 31.01 5.97
C ALA HA 224 -96.62 31.46 7.10
N GLU HA 225 -97.11 32.28 8.02
CA GLU HA 225 -96.27 32.71 9.13
C GLU HA 225 -95.98 31.55 10.09
N VAL HA 226 -96.93 30.62 10.25
CA VAL HA 226 -96.67 29.43 11.05
C VAL HA 226 -95.55 28.61 10.43
N ALA HA 227 -95.63 28.40 9.11
CA ALA HA 227 -94.57 27.67 8.41
C ALA HA 227 -93.25 28.43 8.50
N ARG HA 228 -93.29 29.76 8.52
CA ARG HA 228 -92.08 30.55 8.64
C ARG HA 228 -91.42 30.34 10.01
N GLU HA 229 -92.21 30.37 11.07
CA GLU HA 229 -91.68 30.10 12.41
C GLU HA 229 -91.09 28.70 12.49
N MET HA 230 -91.78 27.72 11.91
CA MET HA 230 -91.28 26.35 11.95
C MET HA 230 -90.01 26.20 11.12
N VAL HA 231 -89.91 26.93 10.00
CA VAL HA 231 -88.68 26.91 9.21
C VAL HA 231 -87.53 27.51 9.99
N ASP HA 232 -87.80 28.59 10.73
CA ASP HA 232 -86.78 29.18 11.59
C ASP HA 232 -86.33 28.17 12.64
N GLY HA 233 -87.28 27.46 13.24
CA GLY HA 233 -86.93 26.43 14.22
C GLY HA 233 -86.09 25.32 13.63
N VAL HA 234 -86.43 24.90 12.40
CA VAL HA 234 -85.65 23.85 11.73
C VAL HA 234 -84.22 24.35 11.47
N GLY HA 235 -84.10 25.61 11.03
CA GLY HA 235 -82.78 26.17 10.83
C GLY HA 235 -81.96 26.23 12.10
N HIS HA 236 -82.60 26.60 13.21
CA HIS HA 236 -81.89 26.63 14.48
C HIS HA 236 -81.45 25.23 14.92
N GLU HA 237 -82.35 24.25 14.79
CA GLU HA 237 -82.04 22.90 15.26
C GLU HA 237 -80.96 22.26 14.40
N THR HA 238 -81.05 22.40 13.07
CA THR HA 238 -80.14 21.74 12.16
C THR HA 238 -78.76 22.36 12.15
N GLY HA 239 -78.58 23.55 12.73
CA GLY HA 239 -77.29 24.21 12.72
C GLY HA 239 -76.96 24.91 11.43
N GLU HA 240 -77.93 25.11 10.55
CA GLU HA 240 -77.71 25.80 9.28
C GLU HA 240 -78.88 26.76 9.07
N THR HA 241 -78.59 28.06 9.18
CA THR HA 241 -79.62 29.09 9.07
C THR HA 241 -79.67 29.79 7.72
N GLU HA 242 -78.62 29.67 6.91
CA GLU HA 242 -78.63 30.32 5.60
C GLU HA 242 -79.71 29.73 4.70
N ALA HA 243 -79.86 28.41 4.69
CA ALA HA 243 -80.95 27.79 3.94
C ALA HA 243 -82.29 28.19 4.52
N ALA HA 244 -82.39 28.24 5.86
CA ALA HA 244 -83.61 28.74 6.48
C ALA HA 244 -83.86 30.19 6.10
N PHE HA 245 -82.81 31.00 6.02
CA PHE HA 245 -82.97 32.38 5.58
C PHE HA 245 -83.51 32.45 4.15
N ARG HA 246 -82.98 31.62 3.26
CA ARG HA 246 -83.43 31.63 1.88
C ARG HA 246 -84.89 31.21 1.77
N VAL HA 247 -85.28 30.15 2.48
CA VAL HA 247 -86.67 29.71 2.46
C VAL HA 247 -87.58 30.76 3.08
N ARG HA 248 -87.08 31.47 4.10
CA ARG HA 248 -87.83 32.57 4.68
C ARG HA 248 -88.07 33.67 3.64
N ARG HA 249 -87.04 33.99 2.84
CA ARG HA 249 -87.20 34.99 1.80
C ARG HA 249 -88.21 34.56 0.75
N GLU HA 250 -88.15 33.29 0.33
CA GLU HA 250 -89.12 32.82 -0.67
C GLU HA 250 -90.54 32.83 -0.12
N LEU HA 251 -90.71 32.47 1.15
CA LEU HA 251 -92.04 32.52 1.75
C LEU HA 251 -92.53 33.96 1.89
N ASP HA 252 -91.63 34.90 2.19
CA ASP HA 252 -91.99 36.31 2.23
C ASP HA 252 -92.40 36.81 0.86
N THR HA 253 -91.75 36.32 -0.20
CA THR HA 253 -92.21 36.64 -1.55
C THR HA 253 -93.56 36.00 -1.84
N VAL HA 254 -93.79 34.80 -1.32
CA VAL HA 254 -95.04 34.08 -1.58
C VAL HA 254 -96.23 34.83 -0.96
N ILE HA 255 -96.07 35.32 0.27
CA ILE HA 255 -97.20 35.96 0.93
C ILE HA 255 -97.61 37.24 0.20
N LEU HA 256 -96.70 37.81 -0.58
CA LEU HA 256 -97.01 39.00 -1.38
C LEU HA 256 -98.03 38.67 -2.46
N THR IA 25 -56.87 59.12 23.67
CA THR IA 25 -57.07 60.38 24.37
C THR IA 25 -56.74 61.56 23.47
N GLU IA 26 -56.56 61.30 22.17
CA GLU IA 26 -56.21 62.35 21.24
C GLU IA 26 -57.34 63.39 21.13
N LYS IA 27 -58.59 62.93 21.13
CA LYS IA 27 -59.70 63.87 21.10
C LYS IA 27 -59.69 64.78 22.31
N LEU IA 28 -59.41 64.23 23.50
CA LEU IA 28 -59.37 65.05 24.70
C LEU IA 28 -58.23 66.06 24.65
N LYS IA 29 -57.06 65.64 24.16
CA LYS IA 29 -55.95 66.57 24.02
C LYS IA 29 -56.27 67.69 23.06
N LYS IA 30 -56.90 67.37 21.92
CA LYS IA 30 -57.28 68.40 20.97
C LYS IA 30 -58.34 69.33 21.57
N ILE IA 31 -59.27 68.79 22.34
CA ILE IA 31 -60.29 69.64 22.97
C ILE IA 31 -59.63 70.61 23.94
N THR IA 32 -58.69 70.11 24.74
CA THR IA 32 -57.98 70.99 25.68
C THR IA 32 -57.20 72.07 24.93
N LYS IA 33 -56.51 71.68 23.84
CA LYS IA 33 -55.74 72.65 23.07
C LYS IA 33 -56.64 73.72 22.49
N LEU IA 34 -57.77 73.32 21.89
CA LEU IA 34 -58.66 74.29 21.27
C LEU IA 34 -59.30 75.19 22.32
N LEU IA 35 -59.61 74.65 23.50
CA LEU IA 35 -60.15 75.50 24.56
C LEU IA 35 -59.11 76.50 25.04
N HIS IA 36 -57.84 76.15 25.07
CA HIS IA 36 -56.87 77.13 25.44
C HIS IA 36 -56.97 78.17 24.38
N GLU IA 37 -56.72 77.78 23.14
CA GLU IA 37 -56.66 78.79 22.10
C GLU IA 37 -57.84 79.75 22.19
N LEU IA 38 -59.05 79.22 22.42
CA LEU IA 38 -60.23 80.06 22.53
C LEU IA 38 -60.12 81.02 23.71
N VAL IA 39 -59.67 80.52 24.85
CA VAL IA 39 -59.59 81.38 26.03
C VAL IA 39 -58.45 82.39 25.88
N ASP IA 40 -57.44 82.08 25.08
CA ASP IA 40 -56.35 83.03 24.86
C ASP IA 40 -56.86 84.31 24.21
N ARG IA 41 -57.66 84.16 23.15
CA ARG IA 41 -58.23 85.31 22.44
C ARG IA 41 -59.67 85.51 22.88
N GLY IA 42 -59.84 86.05 24.08
CA GLY IA 42 -61.17 86.35 24.59
C GLY IA 42 -62.05 85.11 24.67
N GLU IA 43 -63.28 85.25 24.18
CA GLU IA 43 -64.23 84.13 24.02
C GLU IA 43 -64.48 83.52 25.39
N ILE IA 44 -64.25 82.22 25.58
CA ILE IA 44 -64.60 81.52 26.81
C ILE IA 44 -63.74 82.01 27.97
N PRO IA 45 -64.20 81.91 29.22
CA PRO IA 45 -63.35 82.29 30.36
C PRO IA 45 -62.31 81.24 30.70
N GLU IA 46 -61.45 81.54 31.68
CA GLU IA 46 -60.31 80.69 31.98
C GLU IA 46 -60.70 79.42 32.73
N GLU IA 47 -61.79 79.45 33.49
CA GLU IA 47 -62.14 78.30 34.33
C GLU IA 47 -62.34 77.05 33.49
N LEU IA 48 -62.95 77.19 32.32
CA LEU IA 48 -63.18 76.02 31.47
C LEU IA 48 -61.86 75.42 30.99
N ALA IA 49 -60.90 76.26 30.62
CA ALA IA 49 -59.60 75.75 30.20
C ALA IA 49 -58.85 75.09 31.35
N THR IA 50 -58.92 75.67 32.55
CA THR IA 50 -58.27 75.06 33.70
C THR IA 50 -58.88 73.70 34.02
N LEU IA 51 -60.22 73.61 33.97
CA LEU IA 51 -60.87 72.32 34.17
C LEU IA 51 -60.47 71.32 33.10
N ALA IA 52 -60.35 71.78 31.85
CA ALA IA 52 -59.92 70.90 30.77
C ALA IA 52 -58.53 70.35 31.05
N THR IA 53 -57.62 71.20 31.54
CA THR IA 53 -56.26 70.74 31.84
C THR IA 53 -56.27 69.72 32.98
N LEU IA 54 -56.97 70.03 34.07
CA LEU IA 54 -56.99 69.11 35.21
C LEU IA 54 -57.60 67.77 34.83
N LEU IA 55 -58.73 67.78 34.11
CA LEU IA 55 -59.35 66.54 33.70
C LEU IA 55 -58.51 65.79 32.68
N LEU IA 56 -57.78 66.50 31.81
CA LEU IA 56 -56.89 65.84 30.86
C LEU IA 56 -55.73 65.16 31.58
N TYR IA 57 -55.31 65.71 32.72
CA TYR IA 57 -54.32 65.01 33.53
C TYR IA 57 -54.94 63.78 34.20
N LEU IA 58 -56.11 63.96 34.82
CA LEU IA 58 -56.74 62.88 35.56
C LEU IA 58 -57.04 61.69 34.66
N VAL IA 59 -57.72 61.93 33.54
CA VAL IA 59 -57.76 60.96 32.44
C VAL IA 59 -56.33 60.82 31.97
N GLU IA 60 -55.93 59.61 31.58
CA GLU IA 60 -54.57 59.31 31.13
C GLU IA 60 -53.63 59.29 32.33
N LYS IA 61 -54.11 59.75 33.49
CA LYS IA 61 -53.54 59.25 34.75
C LYS IA 61 -54.27 57.99 35.19
N GLY IA 62 -55.46 57.75 34.65
CA GLY IA 62 -56.20 56.55 34.95
C GLY IA 62 -57.04 56.68 36.21
N LEU IA 63 -57.65 57.85 36.41
CA LEU IA 63 -58.45 58.08 37.61
C LEU IA 63 -59.88 58.46 37.34
N ILE IA 64 -60.24 58.84 36.11
CA ILE IA 64 -61.62 59.07 35.72
C ILE IA 64 -61.81 58.59 34.28
N SER IA 65 -63.05 58.63 33.80
CA SER IA 65 -63.37 58.20 32.44
C SER IA 65 -63.71 59.42 31.59
N GLU IA 66 -63.71 59.21 30.27
CA GLU IA 66 -64.03 60.29 29.34
C GLU IA 66 -65.44 60.82 29.57
N PHE IA 67 -66.35 59.97 30.05
CA PHE IA 67 -67.70 60.42 30.34
C PHE IA 67 -67.70 61.52 31.40
N ASP IA 68 -66.91 61.34 32.47
CA ASP IA 68 -66.83 62.36 33.50
C ASP IA 68 -66.21 63.64 32.96
N PHE IA 69 -65.18 63.52 32.12
CA PHE IA 69 -64.58 64.68 31.47
C PHE IA 69 -65.62 65.48 30.71
N ILE IA 70 -66.35 64.82 29.80
CA ILE IA 70 -67.32 65.53 28.98
C ILE IA 70 -68.46 66.08 29.84
N GLU IA 71 -68.88 65.31 30.85
CA GLU IA 71 -69.99 65.76 31.70
C GLU IA 71 -69.61 67.02 32.46
N HIS IA 72 -68.40 67.05 33.04
CA HIS IA 72 -67.94 68.25 33.74
C HIS IA 72 -67.81 69.42 32.79
N LEU IA 73 -67.28 69.19 31.59
CA LEU IA 73 -67.14 70.28 30.62
C LEU IA 73 -68.50 70.86 30.26
N VAL IA 74 -69.48 69.99 30.01
CA VAL IA 74 -70.81 70.46 29.64
C VAL IA 74 -71.48 71.17 30.80
N ARG IA 75 -71.29 70.67 32.03
CA ARG IA 75 -71.88 71.34 33.18
C ARG IA 75 -71.31 72.74 33.36
N LEU IA 76 -70.00 72.90 33.22
CA LEU IA 76 -69.41 74.23 33.33
C LEU IA 76 -69.87 75.13 32.18
N ALA IA 77 -69.97 74.58 30.97
CA ALA IA 77 -70.43 75.39 29.84
C ALA IA 77 -71.86 75.87 30.06
N GLU IA 78 -72.72 75.00 30.57
CA GLU IA 78 -74.08 75.42 30.89
C GLU IA 78 -74.11 76.46 31.99
N LYS IA 79 -73.24 76.31 33.00
CA LYS IA 79 -73.19 77.28 34.08
C LYS IA 79 -72.77 78.66 33.57
N LEU IA 80 -71.79 78.70 32.68
CA LEU IA 80 -71.27 79.96 32.16
C LEU IA 80 -71.98 80.42 30.88
N GLY IA 81 -72.89 79.61 30.34
CA GLY IA 81 -73.61 79.99 29.14
C GLY IA 81 -72.71 80.15 27.93
N VAL IA 82 -71.81 79.20 27.74
CA VAL IA 82 -70.84 79.26 26.64
C VAL IA 82 -70.91 77.94 25.87
N LEU IA 83 -72.06 77.27 25.96
CA LEU IA 83 -72.19 75.93 25.39
C LEU IA 83 -71.99 75.91 23.88
N GLU IA 84 -72.29 77.02 23.20
CA GLU IA 84 -72.12 77.06 21.75
C GLU IA 84 -70.65 76.91 21.36
N GLU IA 85 -69.75 77.57 22.09
CA GLU IA 85 -68.33 77.45 21.79
C GLU IA 85 -67.84 76.02 22.04
N LEU IA 86 -68.34 75.38 23.10
CA LEU IA 86 -67.98 73.98 23.33
C LEU IA 86 -68.50 73.09 22.21
N LYS IA 87 -69.70 73.38 21.71
CA LYS IA 87 -70.23 72.64 20.57
C LYS IA 87 -69.33 72.81 19.35
N LYS IA 88 -68.90 74.04 19.08
CA LYS IA 88 -68.01 74.28 17.96
C LYS IA 88 -66.68 73.53 18.12
N VAL IA 89 -66.14 73.53 19.33
CA VAL IA 89 -64.89 72.80 19.58
C VAL IA 89 -65.08 71.31 19.33
N LEU IA 90 -66.20 70.77 19.78
CA LEU IA 90 -66.45 69.33 19.61
C LEU IA 90 -66.69 68.98 18.14
N GLU IA 91 -67.25 69.90 17.36
CA GLU IA 91 -67.35 69.66 15.93
C GLU IA 91 -65.97 69.74 15.26
N GLU IA 92 -65.14 70.71 15.66
CA GLU IA 92 -63.82 70.85 15.07
C GLU IA 92 -62.96 69.62 15.33
N VAL IA 93 -62.96 69.10 16.57
CA VAL IA 93 -62.16 67.92 16.85
C VAL IA 93 -62.72 66.71 16.11
N GLY IA 94 -64.03 66.68 15.86
CA GLY IA 94 -64.64 65.59 15.14
C GLY IA 94 -65.03 64.44 16.06
N ASP IA 95 -65.80 64.74 17.11
CA ASP IA 95 -66.23 63.76 18.09
C ASP IA 95 -67.75 63.65 18.04
N GLU IA 96 -68.25 62.42 17.91
CA GLU IA 96 -69.68 62.20 17.88
C GLU IA 96 -70.24 61.85 19.25
N PHE IA 97 -69.48 61.11 20.06
CA PHE IA 97 -69.95 60.75 21.40
C PHE IA 97 -70.14 61.98 22.27
N GLY IA 98 -69.13 62.84 22.30
CA GLY IA 98 -69.24 64.06 23.10
C GLY IA 98 -70.34 64.98 22.62
N LEU IA 99 -70.48 65.11 21.30
CA LEU IA 99 -71.53 65.96 20.75
C LEU IA 99 -72.91 65.42 21.10
N THR IA 100 -73.10 64.11 21.00
CA THR IA 100 -74.37 63.51 21.39
C THR IA 100 -74.64 63.71 22.87
N LEU IA 101 -73.60 63.62 23.70
CA LEU IA 101 -73.78 63.88 25.13
C LEU IA 101 -74.20 65.33 25.38
N VAL IA 102 -73.61 66.26 24.63
CA VAL IA 102 -73.98 67.67 24.77
C VAL IA 102 -75.44 67.87 24.41
N TYR IA 103 -75.87 67.28 23.29
CA TYR IA 103 -77.28 67.39 22.91
C TYR IA 103 -78.18 66.76 23.96
N ALA IA 104 -77.77 65.61 24.52
CA ALA IA 104 -78.59 64.96 25.53
C ALA IA 104 -78.74 65.84 26.78
N ILE IA 105 -77.64 66.45 27.23
CA ILE IA 105 -77.72 67.30 28.42
C ILE IA 105 -78.58 68.52 28.15
N SER IA 106 -78.39 69.17 27.00
CA SER IA 106 -79.19 70.35 26.69
C SER IA 106 -80.66 70.01 26.58
N LEU IA 107 -80.98 68.87 25.94
CA LEU IA 107 -82.36 68.44 25.80
C LEU IA 107 -82.97 68.10 27.16
N LEU IA 108 -82.19 67.47 28.04
CA LEU IA 108 -82.67 67.19 29.39
C LEU IA 108 -82.97 68.47 30.14
N LYS IA 109 -82.09 69.47 30.02
CA LYS IA 109 -82.35 70.74 30.69
C LYS IA 109 -83.61 71.41 30.15
N GLU IA 110 -83.78 71.40 28.82
CA GLU IA 110 -84.97 72.01 28.23
C GLU IA 110 -86.24 71.27 28.67
N VAL IA 111 -86.19 69.94 28.72
CA VAL IA 111 -87.36 69.17 29.14
C VAL IA 111 -87.65 69.42 30.62
N GLU IA 112 -86.61 69.53 31.45
CA GLU IA 112 -86.81 69.88 32.85
C GLU IA 112 -87.49 71.25 32.97
N LYS IA 113 -87.12 72.19 32.11
CA LYS IA 113 -87.85 73.45 32.04
C LYS IA 113 -89.31 73.21 31.66
N GLU IA 114 -89.53 72.31 30.69
CA GLU IA 114 -90.91 71.99 30.29
C GLU IA 114 -91.62 71.19 31.37
N GLY IA 115 -90.98 70.12 31.88
CA GLY IA 115 -91.57 69.33 32.94
C GLY IA 115 -92.43 68.17 32.50
N ASP IA 116 -92.08 67.47 31.42
CA ASP IA 116 -92.87 66.35 30.93
C ASP IA 116 -92.17 65.04 31.25
N GLU IA 117 -92.90 64.09 31.85
CA GLU IA 117 -92.26 62.92 32.47
C GLU IA 117 -91.77 61.90 31.42
N GLU IA 118 -92.55 61.66 30.37
CA GLU IA 118 -92.16 60.62 29.42
C GLU IA 118 -90.85 60.96 28.72
N LEU IA 119 -90.69 62.22 28.31
CA LEU IA 119 -89.41 62.64 27.76
C LEU IA 119 -88.31 62.62 28.82
N LYS IA 120 -88.65 62.82 30.10
CA LYS IA 120 -87.67 62.64 31.16
C LYS IA 120 -87.11 61.21 31.13
N GLU IA 121 -88.00 60.22 31.11
CA GLU IA 121 -87.56 58.83 31.07
C GLU IA 121 -86.77 58.55 29.78
N TYR IA 122 -87.24 59.11 28.66
CA TYR IA 122 -86.57 58.89 27.39
C TYR IA 122 -85.14 59.40 27.43
N VAL IA 123 -84.94 60.63 27.90
CA VAL IA 123 -83.61 61.21 27.91
C VAL IA 123 -82.73 60.55 28.96
N LYS IA 124 -83.31 60.11 30.08
CA LYS IA 124 -82.49 59.39 31.06
C LYS IA 124 -82.00 58.06 30.49
N LEU IA 125 -82.86 57.33 29.79
CA LEU IA 125 -82.41 56.12 29.12
C LEU IA 125 -81.35 56.43 28.07
N ALA IA 126 -81.53 57.51 27.33
CA ALA IA 126 -80.54 57.91 26.33
C ALA IA 126 -79.20 58.19 26.97
N ILE IA 127 -79.20 58.89 28.11
CA ILE IA 127 -77.96 59.23 28.79
C ILE IA 127 -77.28 57.99 29.34
N GLU IA 128 -78.06 57.06 29.91
CA GLU IA 128 -77.48 55.83 30.41
C GLU IA 128 -76.85 55.02 29.28
N THR IA 129 -77.53 54.93 28.15
CA THR IA 129 -76.96 54.24 27.00
C THR IA 129 -75.72 54.95 26.49
N LEU IA 130 -75.72 56.28 26.52
CA LEU IA 130 -74.53 57.03 26.11
C LEU IA 130 -73.36 56.73 27.03
N LYS IA 131 -73.60 56.64 28.34
CA LYS IA 131 -72.54 56.29 29.27
C LYS IA 131 -72.01 54.88 28.99
N GLU IA 132 -72.92 53.93 28.74
CA GLU IA 132 -72.48 52.57 28.46
C GLU IA 132 -71.65 52.52 27.17
N ALA IA 133 -72.04 53.29 26.17
CA ALA IA 133 -71.25 53.37 24.94
C ALA IA 133 -69.88 54.00 25.21
N PHE IA 134 -69.87 55.12 25.93
CA PHE IA 134 -68.62 55.79 26.29
C PHE IA 134 -67.66 54.86 27.01
N GLU IA 135 -68.19 53.90 27.78
CA GLU IA 135 -67.34 52.96 28.49
C GLU IA 135 -66.36 52.26 27.54
N ARG IA 136 -66.82 51.90 26.33
CA ARG IA 136 -65.96 51.19 25.40
C ARG IA 136 -66.12 51.66 23.95
N LYS IA 137 -66.76 52.80 23.71
CA LYS IA 137 -67.01 53.31 22.35
C LYS IA 137 -67.76 52.27 21.52
N ASN IA 138 -68.93 51.89 22.01
CA ASN IA 138 -69.79 50.92 21.34
C ASN IA 138 -70.77 51.69 20.47
N TYR IA 139 -70.68 51.48 19.16
CA TYR IA 139 -71.35 52.37 18.22
C TYR IA 139 -72.85 52.15 18.21
N ALA IA 140 -73.31 50.93 18.55
CA ALA IA 140 -74.73 50.60 18.44
C ALA IA 140 -75.56 51.36 19.48
N LEU IA 141 -75.12 51.37 20.74
CA LEU IA 141 -75.82 52.17 21.73
C LEU IA 141 -75.73 53.65 21.40
N LEU IA 142 -74.66 54.08 20.74
CA LEU IA 142 -74.59 55.45 20.25
C LEU IA 142 -75.69 55.73 19.24
N VAL IA 143 -75.94 54.78 18.33
CA VAL IA 143 -77.02 54.94 17.37
C VAL IA 143 -78.36 55.02 18.09
N SER IA 144 -78.57 54.15 19.07
CA SER IA 144 -79.84 54.15 19.80
C SER IA 144 -80.06 55.48 20.52
N ALA IA 145 -79.03 55.97 21.20
CA ALA IA 145 -79.14 57.24 21.91
C ALA IA 145 -79.34 58.40 20.94
N LYS IA 146 -78.67 58.36 19.79
CA LYS IA 146 -78.85 59.40 18.77
C LYS IA 146 -80.30 59.42 18.30
N ILE IA 147 -80.86 58.23 18.03
CA ILE IA 147 -82.26 58.14 17.61
C ILE IA 147 -83.16 58.77 18.67
N ILE IA 148 -82.96 58.38 19.93
CA ILE IA 148 -83.83 58.86 21.00
C ILE IA 148 -83.74 60.38 21.10
N VAL IA 149 -82.52 60.93 21.07
CA VAL IA 149 -82.37 62.37 21.28
C VAL IA 149 -82.91 63.15 20.09
N GLU IA 150 -82.73 62.67 18.86
CA GLU IA 150 -83.23 63.43 17.71
C GLU IA 150 -84.75 63.38 17.67
N ASN IA 151 -85.36 62.23 17.99
CA ASN IA 151 -86.82 62.18 18.04
C ASN IA 151 -87.36 63.06 19.16
N ALA IA 152 -86.69 63.10 20.30
CA ALA IA 152 -87.12 64.00 21.37
C ALA IA 152 -87.01 65.46 20.95
N GLU IA 153 -85.92 65.82 20.28
CA GLU IA 153 -85.77 67.20 19.80
C GLU IA 153 -86.88 67.56 18.82
N GLU IA 154 -87.19 66.64 17.91
CA GLU IA 154 -88.31 66.87 16.99
C GLU IA 154 -89.62 67.01 17.74
N ILE IA 155 -89.78 66.26 18.83
CA ILE IA 155 -90.98 66.38 19.65
C ILE IA 155 -91.08 67.79 20.24
N LEU IA 156 -89.97 68.31 20.77
CA LEU IA 156 -90.00 69.67 21.31
C LEU IA 156 -90.27 70.71 20.24
N LYS IA 157 -89.69 70.54 19.04
CA LYS IA 157 -90.00 71.47 17.96
C LYS IA 157 -91.48 71.42 17.59
N ALA IA 158 -92.04 70.23 17.46
CA ALA IA 158 -93.45 70.11 17.13
C ALA IA 158 -94.37 70.59 18.25
N LYS IA 159 -93.86 70.62 19.49
CA LYS IA 159 -94.65 71.14 20.60
C LYS IA 159 -95.02 72.59 20.38
N LYS IA 160 -94.04 73.42 19.99
CA LYS IA 160 -94.34 74.80 19.66
C LYS IA 160 -94.97 74.92 18.26
N LYS IA 161 -94.64 74.01 17.34
CA LYS IA 161 -95.29 74.02 16.04
C LYS IA 161 -96.77 73.64 16.17
N GLY IA 162 -97.05 72.53 16.86
CA GLY IA 162 -98.43 72.14 17.12
C GLY IA 162 -99.01 71.18 16.10
N ASP IA 163 -98.23 70.18 15.68
CA ASP IA 163 -98.68 69.16 14.74
C ASP IA 163 -98.76 67.86 15.54
N GLU IA 164 -99.97 67.49 15.95
CA GLU IA 164 -100.15 66.36 16.86
C GLU IA 164 -99.81 65.04 16.18
N GLU IA 165 -100.11 64.90 14.89
CA GLU IA 165 -99.79 63.66 14.20
C GLU IA 165 -98.30 63.37 14.26
N LYS IA 166 -97.48 64.39 14.05
CA LYS IA 166 -96.03 64.21 14.09
C LYS IA 166 -95.55 63.83 15.48
N ILE IA 167 -96.14 64.42 16.53
CA ILE IA 167 -95.70 64.09 17.88
C ILE IA 167 -96.09 62.66 18.24
N LYS IA 168 -97.27 62.21 17.79
CA LYS IA 168 -97.63 60.81 18.01
C LYS IA 168 -96.69 59.88 17.27
N GLU IA 169 -96.32 60.23 16.04
CA GLU IA 169 -95.38 59.41 15.28
C GLU IA 169 -94.03 59.34 15.99
N LEU IA 170 -93.57 60.47 16.53
CA LEU IA 170 -92.29 60.48 17.23
C LEU IA 170 -92.35 59.68 18.52
N LEU IA 171 -93.47 59.72 19.24
CA LEU IA 171 -93.63 58.85 20.40
C LEU IA 171 -93.61 57.38 20.00
N GLN IA 172 -94.20 57.05 18.86
CA GLN IA 172 -94.11 55.66 18.37
C GLN IA 172 -92.66 55.27 18.11
N ARG IA 173 -91.90 56.17 17.46
CA ARG IA 173 -90.49 55.90 17.20
C ARG IA 173 -89.72 55.71 18.50
N LEU IA 174 -90.00 56.55 19.50
CA LEU IA 174 -89.29 56.46 20.78
C LEU IA 174 -89.64 55.17 21.51
N LYS IA 175 -90.91 54.74 21.45
CA LYS IA 175 -91.27 53.45 22.04
C LYS IA 175 -90.53 52.31 21.35
N ALA IA 176 -90.44 52.36 20.02
CA ALA IA 176 -89.67 51.34 19.31
C ALA IA 176 -88.22 51.35 19.75
N ALA IA 177 -87.64 52.53 19.92
CA ALA IA 177 -86.24 52.63 20.37
C ALA IA 177 -86.07 52.07 21.77
N LYS IA 178 -87.00 52.37 22.68
CA LYS IA 178 -86.92 51.84 24.03
C LYS IA 178 -86.98 50.33 24.02
N ILE IA 179 -87.87 49.77 23.22
CA ILE IA 179 -87.97 48.31 23.12
C ILE IA 179 -86.69 47.73 22.56
N GLY IA 180 -86.10 48.38 21.55
CA GLY IA 180 -84.98 47.78 20.85
C GLY IA 180 -83.65 47.91 21.58
N THR IA 181 -83.51 48.92 22.44
CA THR IA 181 -82.20 49.19 23.03
C THR IA 181 -81.63 48.02 23.84
N PRO IA 182 -82.38 47.39 24.76
CA PRO IA 182 -81.81 46.18 25.39
C PRO IA 182 -81.51 45.09 24.38
N LEU IA 183 -82.35 44.97 23.34
CA LEU IA 183 -82.15 43.94 22.33
C LEU IA 183 -80.84 44.16 21.57
N VAL IA 184 -80.55 45.39 21.17
CA VAL IA 184 -79.31 45.64 20.43
C VAL IA 184 -78.10 45.48 21.34
N ARG IA 185 -78.21 45.94 22.59
CA ARG IA 185 -77.12 45.71 23.54
C ARG IA 185 -76.83 44.21 23.67
N GLU IA 186 -77.88 43.41 23.84
CA GLU IA 186 -77.70 41.97 23.99
C GLU IA 186 -77.13 41.34 22.73
N VAL IA 187 -77.59 41.78 21.55
CA VAL IA 187 -77.09 41.22 20.30
C VAL IA 187 -75.60 41.47 20.16
N VAL IA 188 -75.16 42.71 20.42
CA VAL IA 188 -73.74 43.02 20.34
C VAL IA 188 -72.96 42.20 21.36
N GLU IA 189 -73.47 42.11 22.59
CA GLU IA 189 -72.75 41.37 23.63
C GLU IA 189 -72.58 39.90 23.24
N ARG IA 190 -73.65 39.28 22.74
CA ARG IA 190 -73.58 37.87 22.35
C ARG IA 190 -72.63 37.68 21.17
N TYR IA 191 -72.69 38.56 20.18
CA TYR IA 191 -71.79 38.41 19.03
C TYR IA 191 -70.34 38.62 19.42
N ARG IA 192 -70.07 39.40 20.47
CA ARG IA 192 -68.70 39.67 20.88
C ARG IA 192 -67.89 38.41 21.14
N GLU IA 193 -68.43 37.47 21.90
CA GLU IA 193 -67.67 36.27 22.27
C GLU IA 193 -68.40 34.96 22.03
N GLU IA 194 -69.74 34.94 22.08
CA GLU IA 194 -70.46 33.69 21.99
C GLU IA 194 -70.27 33.02 20.63
N GLY IA 195 -70.34 33.80 19.56
CA GLY IA 195 -69.95 33.32 18.24
C GLY IA 195 -71.06 32.89 17.30
N GLU IA 196 -72.27 33.34 17.56
CA GLU IA 196 -73.39 33.03 16.68
C GLU IA 196 -73.23 33.71 15.30
N PRO IA 197 -74.20 33.50 14.41
CA PRO IA 197 -74.14 34.14 13.09
C PRO IA 197 -74.87 35.46 13.10
N LEU IA 198 -74.12 36.54 13.10
CA LEU IA 198 -74.74 37.85 13.22
C LEU IA 198 -76.06 37.98 12.52
N LEU IA 199 -76.12 37.53 11.28
CA LEU IA 199 -77.36 37.80 10.55
C LEU IA 199 -78.57 37.18 11.25
N ASP IA 200 -78.40 35.98 11.82
CA ASP IA 200 -79.50 35.33 12.52
C ASP IA 200 -79.96 36.14 13.73
N LEU IA 201 -79.00 36.57 14.56
CA LEU IA 201 -79.36 37.40 15.71
C LEU IA 201 -79.94 38.74 15.28
N LEU IA 202 -79.42 39.33 14.20
CA LEU IA 202 -79.98 40.58 13.71
C LEU IA 202 -81.45 40.41 13.31
N LEU IA 203 -81.74 39.33 12.58
CA LEU IA 203 -83.11 39.08 12.15
C LEU IA 203 -84.02 38.82 13.33
N HIS IA 204 -83.56 38.03 14.31
CA HIS IA 204 -84.37 37.76 15.49
C HIS IA 204 -84.63 39.03 16.28
N MET IA 205 -83.61 39.87 16.44
CA MET IA 205 -83.79 41.13 17.16
C MET IA 205 -84.78 42.03 16.44
N ALA IA 206 -84.66 42.13 15.12
CA ALA IA 206 -85.58 42.97 14.36
C ALA IA 206 -87.01 42.47 14.48
N GLU IA 207 -87.21 41.15 14.36
CA GLU IA 207 -88.55 40.59 14.45
C GLU IA 207 -89.13 40.79 15.86
N THR IA 208 -88.30 40.59 16.88
CA THR IA 208 -88.76 40.82 18.25
C THR IA 208 -89.14 42.27 18.47
N THR IA 209 -88.34 43.20 17.92
CA THR IA 209 -88.67 44.62 18.03
C THR IA 209 -90.00 44.93 17.37
N ILE IA 210 -90.21 44.39 16.17
CA ILE IA 210 -91.47 44.66 15.45
C ILE IA 210 -92.65 44.09 16.23
N ARG IA 211 -92.53 42.86 16.72
CA ARG IA 211 -93.62 42.22 17.43
C ARG IA 211 -93.96 42.97 18.71
N GLU IA 212 -92.93 43.33 19.49
CA GLU IA 212 -93.18 44.04 20.75
C GLU IA 212 -93.71 45.44 20.49
N SER IA 213 -93.26 46.09 19.40
CA SER IA 213 -93.74 47.43 19.08
C SER IA 213 -95.21 47.40 18.64
N GLU IA 214 -95.59 46.40 17.85
CA GLU IA 214 -96.99 46.29 17.46
C GLU IA 214 -97.85 45.79 18.61
N LYS IA 215 -97.24 45.17 19.62
CA LYS IA 215 -97.97 44.84 20.83
C LYS IA 215 -98.34 46.08 21.63
N LEU IA 216 -97.70 47.21 21.36
CA LEU IA 216 -98.00 48.47 22.02
C LEU IA 216 -98.88 49.39 21.15
N GLY IA 217 -99.43 48.86 20.07
CA GLY IA 217 -100.30 49.61 19.18
C GLY IA 217 -99.59 50.34 18.05
N VAL IA 218 -98.27 50.21 17.96
CA VAL IA 218 -97.52 50.98 16.98
C VAL IA 218 -97.41 50.16 15.69
N ASP IA 219 -97.58 50.86 14.57
CA ASP IA 219 -97.48 50.22 13.28
C ASP IA 219 -96.25 49.41 13.11
N PRO IA 220 -96.25 48.56 12.10
CA PRO IA 220 -95.05 47.79 11.83
C PRO IA 220 -94.36 48.52 10.75
N ARG IA 221 -94.56 49.82 10.68
CA ARG IA 221 -93.82 50.60 9.71
C ARG IA 221 -92.68 51.37 10.35
N LEU IA 222 -92.97 52.53 10.93
CA LEU IA 222 -91.89 53.37 11.44
C LEU IA 222 -91.00 52.60 12.41
N ALA IA 223 -91.58 51.67 13.17
CA ALA IA 223 -90.77 50.79 13.99
C ALA IA 223 -89.84 49.95 13.13
N ALA IA 224 -90.28 49.60 11.91
CA ALA IA 224 -89.41 48.90 10.98
C ALA IA 224 -88.21 49.76 10.60
N GLU IA 225 -88.43 51.05 10.35
CA GLU IA 225 -87.30 51.92 10.02
C GLU IA 225 -86.38 52.14 11.21
N VAL IA 226 -86.93 52.16 12.43
CA VAL IA 226 -86.10 52.25 13.63
C VAL IA 226 -85.22 51.02 13.73
N ALA IA 227 -85.81 49.84 13.55
CA ALA IA 227 -85.03 48.60 13.56
C ALA IA 227 -84.00 48.58 12.44
N ARG IA 228 -84.33 49.19 11.29
CA ARG IA 228 -83.37 49.26 10.18
C ARG IA 228 -82.16 50.13 10.55
N GLU IA 229 -82.40 51.28 11.15
CA GLU IA 229 -81.29 52.13 11.60
C GLU IA 229 -80.44 51.40 12.64
N MET IA 230 -81.09 50.70 13.58
CA MET IA 230 -80.33 49.99 14.59
C MET IA 230 -79.55 48.83 13.99
N VAL IA 231 -80.10 48.17 12.98
CA VAL IA 231 -79.38 47.11 12.28
C VAL IA 231 -78.16 47.68 11.58
N ASP IA 232 -78.31 48.85 10.96
CA ASP IA 232 -77.17 49.51 10.33
C ASP IA 232 -76.09 49.83 11.37
N GLY IA 233 -76.52 50.32 12.54
CA GLY IA 233 -75.57 50.59 13.60
C GLY IA 233 -74.85 49.35 14.08
N VAL IA 234 -75.57 48.23 14.21
CA VAL IA 234 -74.96 46.97 14.61
C VAL IA 234 -73.94 46.52 13.56
N GLY IA 235 -74.29 46.65 12.29
CA GLY IA 235 -73.34 46.31 11.24
C GLY IA 235 -72.08 47.16 11.28
N HIS IA 236 -72.24 48.46 11.54
CA HIS IA 236 -71.08 49.34 11.65
C HIS IA 236 -70.21 48.96 12.85
N GLU IA 237 -70.84 48.71 13.99
CA GLU IA 237 -70.06 48.42 15.20
C GLU IA 237 -69.35 47.07 15.09
N THR IA 238 -70.04 46.05 14.59
CA THR IA 238 -69.50 44.70 14.55
C THR IA 238 -68.42 44.53 13.49
N GLY IA 239 -68.28 45.48 12.57
CA GLY IA 239 -67.30 45.36 11.51
C GLY IA 239 -67.72 44.46 10.37
N GLU IA 240 -68.99 44.11 10.28
CA GLU IA 240 -69.51 43.27 9.21
C GLU IA 240 -70.82 43.87 8.73
N THR IA 241 -70.81 44.43 7.51
CA THR IA 241 -71.99 45.11 6.98
C THR IA 241 -72.75 44.29 5.95
N GLU IA 242 -72.17 43.21 5.41
CA GLU IA 242 -72.88 42.40 4.44
C GLU IA 242 -74.09 41.71 5.07
N ALA IA 243 -73.93 41.18 6.29
CA ALA IA 243 -75.07 40.62 7.00
C ALA IA 243 -76.09 41.71 7.33
N ALA IA 244 -75.62 42.89 7.74
CA ALA IA 244 -76.51 44.02 7.95
C ALA IA 244 -77.21 44.40 6.66
N PHE IA 245 -76.51 44.34 5.54
CA PHE IA 245 -77.13 44.61 4.24
C PHE IA 245 -78.24 43.62 3.94
N ARG IA 246 -77.99 42.33 4.20
CA ARG IA 246 -78.99 41.32 3.93
C ARG IA 246 -80.22 41.50 4.81
N VAL IA 247 -80.01 41.76 6.10
CA VAL IA 247 -81.15 41.98 7.00
C VAL IA 247 -81.89 43.24 6.60
N ARG IA 248 -81.17 44.26 6.11
CA ARG IA 248 -81.82 45.46 5.60
C ARG IA 248 -82.72 45.14 4.41
N ARG IA 249 -82.23 44.28 3.51
CA ARG IA 249 -83.05 43.89 2.36
C ARG IA 249 -84.29 43.11 2.79
N GLU IA 250 -84.15 42.20 3.75
CA GLU IA 250 -85.32 41.45 4.20
C GLU IA 250 -86.32 42.36 4.90
N LEU IA 251 -85.84 43.33 5.66
CA LEU IA 251 -86.76 44.27 6.30
C LEU IA 251 -87.44 45.17 5.28
N ASP IA 252 -86.72 45.55 4.21
CA ASP IA 252 -87.32 46.31 3.12
C ASP IA 252 -88.39 45.49 2.41
N THR IA 253 -88.18 44.19 2.27
CA THR IA 253 -89.23 43.32 1.74
C THR IA 253 -90.40 43.21 2.71
N VAL IA 254 -90.12 43.21 4.01
CA VAL IA 254 -91.17 43.07 5.02
C VAL IA 254 -92.10 44.28 5.00
N ILE IA 255 -91.53 45.49 4.90
CA ILE IA 255 -92.38 46.68 4.96
C ILE IA 255 -93.32 46.74 3.78
N LEU IA 256 -93.00 46.05 2.68
CA LEU IA 256 -93.87 45.98 1.52
C LEU IA 256 -95.17 45.24 1.85
N THR JA 25 -27.04 -15.81 -79.44
CA THR JA 25 -26.70 -15.77 -80.85
C THR JA 25 -25.90 -17.02 -81.25
N GLU JA 26 -25.86 -18.01 -80.35
CA GLU JA 26 -25.11 -19.22 -80.62
C GLU JA 26 -25.71 -19.98 -81.81
N LYS JA 27 -27.04 -20.02 -81.91
CA LYS JA 27 -27.66 -20.68 -83.04
C LYS JA 27 -27.26 -20.00 -84.35
N LEU JA 28 -27.23 -18.67 -84.37
CA LEU JA 28 -26.85 -17.96 -85.59
C LEU JA 28 -25.40 -18.22 -85.96
N LYS JA 29 -24.50 -18.24 -84.95
CA LYS JA 29 -23.11 -18.55 -85.21
C LYS JA 29 -22.94 -19.95 -85.78
N LYS JA 30 -23.65 -20.93 -85.21
CA LYS JA 30 -23.58 -22.28 -85.73
C LYS JA 30 -24.14 -22.37 -87.14
N ILE JA 31 -25.22 -21.65 -87.42
CA ILE JA 31 -25.79 -21.65 -88.77
C ILE JA 31 -24.78 -21.09 -89.76
N THR JA 32 -24.13 -19.99 -89.41
CA THR JA 32 -23.11 -19.41 -90.29
C THR JA 32 -21.96 -20.38 -90.50
N LYS JA 33 -21.50 -21.04 -89.43
CA LYS JA 33 -20.40 -21.99 -89.55
C LYS JA 33 -20.77 -23.15 -90.46
N LEU JA 34 -21.96 -23.71 -90.27
CA LEU JA 34 -22.37 -24.85 -91.09
C LEU JA 34 -22.58 -24.44 -92.54
N LEU JA 35 -23.08 -23.23 -92.78
CA LEU JA 35 -23.21 -22.76 -94.16
C LEU JA 35 -21.84 -22.59 -94.80
N HIS JA 36 -20.85 -22.16 -94.07
CA HIS JA 36 -19.55 -22.06 -94.68
C HIS JA 36 -19.21 -23.47 -95.03
N GLU JA 37 -19.15 -24.34 -94.04
CA GLU JA 37 -18.69 -25.69 -94.35
C GLU JA 37 -19.37 -26.25 -95.59
N LEU JA 38 -20.68 -26.05 -95.70
CA LEU JA 38 -21.40 -26.56 -96.87
C LEU JA 38 -20.91 -25.92 -98.16
N VAL JA 39 -20.68 -24.59 -98.14
CA VAL JA 39 -20.25 -23.92 -99.36
C VAL JA 39 -18.80 -24.26 -99.67
N ASP JA 40 -18.01 -24.64 -98.67
CA ASP JA 40 -16.62 -25.03 -98.92
C ASP JA 40 -16.56 -26.27 -99.82
N ARG JA 41 -17.36 -27.29 -99.50
CA ARG JA 41 -17.41 -28.52 -100.29
C ARG JA 41 -18.64 -28.51 -101.18
N GLY JA 42 -18.55 -27.71 -102.26
CA GLY JA 42 -19.64 -27.65 -103.23
C GLY JA 42 -20.94 -27.21 -102.59
N GLU JA 43 -22.01 -27.94 -102.92
CA GLU JA 43 -23.33 -27.78 -102.31
C GLU JA 43 -23.83 -26.36 -102.56
N ILE JA 44 -24.15 -25.58 -101.52
CA ILE JA 44 -24.75 -24.26 -101.67
C ILE JA 44 -23.75 -23.28 -102.30
N PRO JA 45 -24.21 -22.24 -102.98
CA PRO JA 45 -23.28 -21.24 -103.53
C PRO JA 45 -22.76 -20.27 -102.46
N GLU JA 46 -21.86 -19.38 -102.85
CA GLU JA 46 -21.16 -18.52 -101.90
C GLU JA 46 -22.03 -17.38 -101.37
N GLU JA 47 -23.02 -16.93 -102.17
CA GLU JA 47 -23.81 -15.77 -101.78
C GLU JA 47 -24.52 -15.99 -100.45
N LEU JA 48 -25.01 -17.21 -100.22
CA LEU JA 48 -25.72 -17.49 -98.98
C LEU JA 48 -24.78 -17.40 -97.78
N ALA JA 49 -23.55 -17.91 -97.92
CA ALA JA 49 -22.58 -17.81 -96.84
C ALA JA 49 -22.17 -16.37 -96.58
N THR JA 50 -21.98 -15.58 -97.64
CA THR JA 50 -21.64 -14.17 -97.46
C THR JA 50 -22.76 -13.43 -96.74
N LEU JA 51 -24.01 -13.68 -97.14
CA LEU JA 51 -25.15 -13.06 -96.44
C LEU JA 51 -25.19 -13.51 -94.99
N ALA JA 52 -24.91 -14.79 -94.73
CA ALA JA 52 -24.89 -15.26 -93.35
C ALA JA 52 -23.84 -14.51 -92.54
N THR JA 53 -22.66 -14.28 -93.11
CA THR JA 53 -21.62 -13.54 -92.39
C THR JA 53 -22.04 -12.10 -92.11
N LEU JA 54 -22.55 -11.41 -93.13
CA LEU JA 54 -22.94 -10.01 -92.95
C LEU JA 54 -24.06 -9.88 -91.93
N LEU JA 55 -25.08 -10.74 -92.00
CA LEU JA 55 -26.16 -10.68 -91.05
C LEU JA 55 -25.72 -11.09 -89.65
N LEU JA 56 -24.76 -12.02 -89.54
CA LEU JA 56 -24.24 -12.39 -88.24
C LEU JA 56 -23.45 -11.25 -87.61
N TYR JA 57 -22.83 -10.40 -88.43
CA TYR JA 57 -22.23 -9.19 -87.88
C TYR JA 57 -23.29 -8.19 -87.45
N LEU JA 58 -24.28 -7.96 -88.32
CA LEU JA 58 -25.30 -6.95 -88.05
C LEU JA 58 -26.08 -7.29 -86.78
N VAL JA 59 -26.59 -8.51 -86.68
CA VAL JA 59 -27.04 -9.05 -85.41
C VAL JA 59 -25.80 -9.15 -84.54
N GLU JA 60 -25.94 -8.88 -83.24
CA GLU JA 60 -24.84 -8.88 -82.28
C GLU JA 60 -23.97 -7.64 -82.50
N LYS JA 61 -24.21 -6.90 -83.59
CA LYS JA 61 -23.90 -5.48 -83.58
C LYS JA 61 -25.09 -4.67 -83.05
N GLY JA 62 -26.27 -5.28 -83.05
CA GLY JA 62 -27.45 -4.64 -82.50
C GLY JA 62 -28.15 -3.74 -83.51
N LEU JA 63 -28.21 -4.19 -84.76
CA LEU JA 63 -28.82 -3.40 -85.81
C LEU JA 63 -29.99 -4.08 -86.52
N ILE JA 64 -30.15 -5.39 -86.35
CA ILE JA 64 -31.33 -6.10 -86.87
C ILE JA 64 -31.70 -7.19 -85.88
N SER JA 65 -32.81 -7.87 -86.13
CA SER JA 65 -33.29 -8.94 -85.26
C SER JA 65 -33.11 -10.28 -85.96
N GLU JA 66 -33.19 -11.35 -85.16
CA GLU JA 66 -33.04 -12.70 -85.70
C GLU JA 66 -34.10 -13.00 -86.75
N PHE JA 67 -35.27 -12.38 -86.64
CA PHE JA 67 -36.31 -12.60 -87.63
C PHE JA 67 -35.85 -12.13 -89.01
N ASP JA 68 -35.20 -10.97 -89.08
CA ASP JA 68 -34.69 -10.48 -90.37
C ASP JA 68 -33.61 -11.40 -90.90
N PHE JA 69 -32.73 -11.89 -90.02
CA PHE JA 69 -31.70 -12.84 -90.43
C PHE JA 69 -32.32 -14.07 -91.09
N ILE JA 70 -33.26 -14.71 -90.40
CA ILE JA 70 -33.86 -15.93 -90.94
C ILE JA 70 -34.66 -15.64 -92.19
N GLU JA 71 -35.35 -14.49 -92.22
CA GLU JA 71 -36.17 -14.17 -93.39
C GLU JA 71 -35.30 -13.96 -94.61
N HIS JA 72 -34.18 -13.24 -94.47
CA HIS JA 72 -33.26 -13.05 -95.59
C HIS JA 72 -32.67 -14.37 -96.04
N LEU JA 73 -32.28 -15.22 -95.08
CA LEU JA 73 -31.71 -16.51 -95.43
C LEU JA 73 -32.71 -17.35 -96.23
N VAL JA 74 -33.96 -17.38 -95.78
CA VAL JA 74 -34.98 -18.16 -96.46
C VAL JA 74 -35.29 -17.58 -97.83
N ARG JA 75 -35.31 -16.26 -97.95
CA ARG JA 75 -35.57 -15.64 -99.25
C ARG JA 75 -34.47 -15.98 -100.24
N LEU JA 76 -33.21 -15.92 -99.82
CA LEU JA 76 -32.12 -16.29 -100.73
C LEU JA 76 -32.18 -17.77 -101.06
N ALA JA 77 -32.49 -18.64 -100.08
CA ALA JA 77 -32.58 -20.06 -100.36
C ALA JA 77 -33.68 -20.36 -101.37
N GLU JA 78 -34.82 -19.69 -101.24
CA GLU JA 78 -35.89 -19.86 -102.22
C GLU JA 78 -35.47 -19.34 -103.59
N LYS JA 79 -34.74 -18.22 -103.63
CA LYS JA 79 -34.28 -17.68 -104.90
C LYS JA 79 -33.33 -18.63 -105.61
N LEU JA 80 -32.43 -19.26 -104.86
CA LEU JA 80 -31.44 -20.17 -105.43
C LEU JA 80 -31.89 -21.62 -105.44
N GLY JA 81 -33.07 -21.93 -104.89
CA GLY JA 81 -33.57 -23.29 -104.88
C GLY JA 81 -32.69 -24.24 -104.11
N VAL JA 82 -32.26 -23.83 -102.92
CA VAL JA 82 -31.37 -24.63 -102.08
C VAL JA 82 -31.98 -24.76 -100.69
N LEU JA 83 -33.31 -24.60 -100.62
CA LEU JA 83 -33.98 -24.55 -99.33
C LEU JA 83 -33.82 -25.83 -98.52
N GLU JA 84 -33.63 -26.98 -99.20
CA GLU JA 84 -33.47 -28.23 -98.47
C GLU JA 84 -32.21 -28.23 -97.63
N GLU JA 85 -31.11 -27.70 -98.18
CA GLU JA 85 -29.87 -27.63 -97.41
C GLU JA 85 -30.01 -26.70 -96.21
N LEU JA 86 -30.71 -25.58 -96.38
CA LEU JA 86 -30.97 -24.70 -95.24
C LEU JA 86 -31.82 -25.41 -94.19
N LYS JA 87 -32.80 -26.20 -94.62
CA LYS JA 87 -33.60 -26.98 -93.69
C LYS JA 87 -32.72 -27.96 -92.91
N LYS JA 88 -31.81 -28.65 -93.61
CA LYS JA 88 -30.90 -29.57 -92.94
C LYS JA 88 -30.01 -28.84 -91.93
N VAL JA 89 -29.50 -27.67 -92.30
CA VAL JA 89 -28.67 -26.90 -91.38
C VAL JA 89 -29.47 -26.51 -90.14
N LEU JA 90 -30.72 -26.09 -90.32
CA LEU JA 90 -31.54 -25.67 -89.19
C LEU JA 90 -31.90 -26.85 -88.30
N GLU JA 91 -32.05 -28.04 -88.87
CA GLU JA 91 -32.23 -29.23 -88.03
C GLU JA 91 -30.96 -29.57 -87.28
N GLU JA 92 -29.80 -29.48 -87.94
CA GLU JA 92 -28.53 -29.80 -87.28
C GLU JA 92 -28.26 -28.87 -86.11
N VAL JA 93 -28.47 -27.57 -86.28
CA VAL JA 93 -28.23 -26.65 -85.18
C VAL JA 93 -29.25 -26.88 -84.06
N GLY JA 94 -30.45 -27.35 -84.41
CA GLY JA 94 -31.47 -27.61 -83.41
C GLY JA 94 -32.30 -26.39 -83.08
N ASP JA 95 -32.85 -25.75 -84.10
CA ASP JA 95 -33.66 -24.55 -83.94
C ASP JA 95 -35.09 -24.83 -84.38
N GLU JA 96 -36.05 -24.51 -83.52
CA GLU JA 96 -37.45 -24.71 -83.85
C GLU JA 96 -38.09 -23.46 -84.44
N PHE JA 97 -37.71 -22.28 -83.95
CA PHE JA 97 -38.28 -21.04 -84.46
C PHE JA 97 -37.94 -20.85 -85.94
N GLY JA 98 -36.65 -21.00 -86.28
CA GLY JA 98 -36.25 -20.84 -87.66
C GLY JA 98 -36.86 -21.88 -88.58
N LEU JA 99 -36.95 -23.12 -88.10
CA LEU JA 99 -37.56 -24.18 -88.91
C LEU JA 99 -39.03 -23.90 -89.16
N THR JA 100 -39.75 -23.46 -88.12
CA THR JA 100 -41.15 -23.10 -88.30
C THR JA 100 -41.30 -21.94 -89.27
N LEU JA 101 -40.39 -20.96 -89.21
CA LEU JA 101 -40.43 -19.86 -90.15
C LEU JA 101 -40.21 -20.34 -91.58
N VAL JA 102 -39.29 -21.29 -91.77
CA VAL JA 102 -39.04 -21.86 -93.09
C VAL JA 102 -40.29 -22.54 -93.62
N TYR JA 103 -40.93 -23.35 -92.78
CA TYR JA 103 -42.18 -24.01 -93.19
C TYR JA 103 -43.24 -22.98 -93.53
N ALA JA 104 -43.36 -21.92 -92.72
CA ALA JA 104 -44.36 -20.89 -92.99
C ALA JA 104 -44.13 -20.22 -94.32
N ILE JA 105 -42.88 -19.87 -94.64
CA ILE JA 105 -42.58 -19.20 -95.90
C ILE JA 105 -42.86 -20.13 -97.08
N SER JA 106 -42.42 -21.39 -96.97
CA SER JA 106 -42.66 -22.33 -98.07
C SER JA 106 -44.15 -22.57 -98.28
N LEU JA 107 -44.90 -22.69 -97.19
CA LEU JA 107 -46.34 -22.90 -97.29
C LEU JA 107 -47.03 -21.68 -97.87
N LEU JA 108 -46.58 -20.48 -97.50
CA LEU JA 108 -47.13 -19.26 -98.10
C LEU JA 108 -46.86 -19.21 -99.59
N LYS JA 109 -45.65 -19.58 -100.02
CA LYS JA 109 -45.35 -19.60 -101.44
C LYS JA 109 -46.22 -20.60 -102.18
N GLU JA 110 -46.39 -21.80 -101.61
CA GLU JA 110 -47.22 -22.81 -102.24
C GLU JA 110 -48.67 -22.36 -102.33
N VAL JA 111 -49.19 -21.72 -101.27
CA VAL JA 111 -50.56 -21.24 -101.29
C VAL JA 111 -50.73 -20.10 -102.30
N GLU JA 112 -49.73 -19.23 -102.40
CA GLU JA 112 -49.76 -18.18 -103.43
C GLU JA 112 -49.81 -18.81 -104.82
N LYS JA 113 -49.07 -19.90 -105.03
CA LYS JA 113 -49.22 -20.64 -106.27
C LYS JA 113 -50.65 -21.16 -106.42
N GLU JA 114 -51.23 -21.67 -105.34
CA GLU JA 114 -52.62 -22.14 -105.40
C GLU JA 114 -53.60 -20.98 -105.53
N GLY JA 115 -53.46 -19.96 -104.69
CA GLY JA 115 -54.31 -18.79 -104.77
C GLY JA 115 -55.58 -18.83 -103.95
N ASP JA 116 -55.56 -19.42 -102.75
CA ASP JA 116 -56.75 -19.51 -101.91
C ASP JA 116 -56.64 -18.52 -100.75
N GLU JA 117 -57.70 -17.73 -100.55
CA GLU JA 117 -57.62 -16.56 -99.67
C GLU JA 117 -57.59 -16.93 -98.19
N GLU JA 118 -58.41 -17.90 -97.78
CA GLU JA 118 -58.50 -18.22 -96.35
C GLU JA 118 -57.16 -18.73 -95.81
N LEU JA 119 -56.50 -19.61 -96.57
CA LEU JA 119 -55.15 -20.01 -96.17
C LEU JA 119 -54.15 -18.86 -96.25
N LYS JA 120 -54.37 -17.90 -97.14
CA LYS JA 120 -53.55 -16.69 -97.14
C LYS JA 120 -53.64 -15.99 -95.79
N GLU JA 121 -54.86 -15.75 -95.31
CA GLU JA 121 -55.04 -15.10 -94.02
C GLU JA 121 -54.44 -15.96 -92.90
N TYR JA 122 -54.64 -17.28 -92.98
CA TYR JA 122 -54.13 -18.18 -91.95
C TYR JA 122 -52.61 -18.08 -91.84
N VAL JA 123 -51.93 -18.16 -92.99
CA VAL JA 123 -50.47 -18.15 -92.97
C VAL JA 123 -49.94 -16.76 -92.61
N LYS JA 124 -50.65 -15.69 -93.00
CA LYS JA 124 -50.20 -14.36 -92.59
C LYS JA 124 -50.30 -14.18 -91.08
N LEU JA 125 -51.39 -14.67 -90.48
CA LEU JA 125 -51.50 -14.63 -89.02
C LEU JA 125 -50.40 -15.49 -88.37
N ALA JA 126 -50.12 -16.66 -88.97
CA ALA JA 126 -49.06 -17.51 -88.44
C ALA JA 126 -47.71 -16.81 -88.48
N ILE JA 127 -47.43 -16.11 -89.59
CA ILE JA 127 -46.15 -15.42 -89.72
C ILE JA 127 -46.04 -14.26 -88.75
N GLU JA 128 -47.14 -13.51 -88.56
CA GLU JA 128 -47.12 -12.42 -87.59
C GLU JA 128 -46.89 -12.94 -86.18
N THR JA 129 -47.55 -14.05 -85.82
CA THR JA 129 -47.33 -14.64 -84.51
C THR JA 129 -45.90 -15.16 -84.37
N LEU JA 130 -45.35 -15.71 -85.45
CA LEU JA 130 -43.96 -16.16 -85.43
C LEU JA 130 -43.01 -15.00 -85.19
N LYS JA 131 -43.27 -13.86 -85.83
CA LYS JA 131 -42.44 -12.68 -85.60
C LYS JA 131 -42.54 -12.21 -84.15
N GLU JA 132 -43.76 -12.19 -83.61
CA GLU JA 132 -43.93 -11.76 -82.22
C GLU JA 132 -43.22 -12.71 -81.27
N ALA JA 133 -43.25 -14.01 -81.55
CA ALA JA 133 -42.50 -14.96 -80.73
C ALA JA 133 -41.00 -14.74 -80.86
N PHE JA 134 -40.51 -14.58 -82.10
CA PHE JA 134 -39.09 -14.32 -82.34
C PHE JA 134 -38.61 -13.10 -81.58
N GLU JA 135 -39.49 -12.12 -81.38
CA GLU JA 135 -39.10 -10.91 -80.65
C GLU JA 135 -38.50 -11.25 -79.29
N ARG JA 136 -39.08 -12.24 -78.59
CA ARG JA 136 -38.59 -12.60 -77.27
C ARG JA 136 -38.55 -14.11 -77.01
N LYS JA 137 -38.67 -14.94 -78.04
CA LYS JA 137 -38.69 -16.39 -77.90
C LYS JA 137 -39.81 -16.82 -76.95
N ASN JA 138 -41.03 -16.45 -77.31
CA ASN JA 138 -42.22 -16.79 -76.53
C ASN JA 138 -42.80 -18.08 -77.09
N TYR JA 139 -42.79 -19.13 -76.27
CA TYR JA 139 -43.04 -20.47 -76.78
C TYR JA 139 -44.51 -20.68 -77.15
N ALA JA 140 -45.42 -19.94 -76.51
CA ALA JA 140 -46.85 -20.15 -76.71
C ALA JA 140 -47.29 -19.74 -78.12
N LEU JA 141 -46.88 -18.55 -78.57
CA LEU JA 141 -47.18 -18.15 -79.94
C LEU JA 141 -46.48 -19.07 -80.94
N LEU JA 142 -45.33 -19.63 -80.56
CA LEU JA 142 -44.70 -20.64 -81.40
C LEU JA 142 -45.60 -21.87 -81.54
N VAL JA 143 -46.22 -22.31 -80.45
CA VAL JA 143 -47.15 -23.43 -80.52
C VAL JA 143 -48.32 -23.10 -81.42
N SER JA 144 -48.87 -21.88 -81.26
CA SER JA 144 -50.02 -21.48 -82.08
C SER JA 144 -49.66 -21.48 -83.56
N ALA JA 145 -48.52 -20.89 -83.90
CA ALA JA 145 -48.08 -20.85 -85.30
C ALA JA 145 -47.80 -22.25 -85.83
N LYS JA 146 -47.21 -23.11 -85.01
CA LYS JA 146 -46.96 -24.48 -85.42
C LYS JA 146 -48.26 -25.20 -85.74
N ILE JA 147 -49.27 -25.02 -84.88
CA ILE JA 147 -50.57 -25.62 -85.12
C ILE JA 147 -51.14 -25.13 -86.45
N ILE JA 148 -51.09 -23.81 -86.67
CA ILE JA 148 -51.67 -23.25 -87.89
C ILE JA 148 -50.97 -23.80 -89.11
N VAL JA 149 -49.64 -23.84 -89.09
CA VAL JA 149 -48.90 -24.25 -90.29
C VAL JA 149 -49.08 -25.74 -90.55
N GLU JA 150 -49.11 -26.58 -89.50
CA GLU JA 150 -49.27 -28.00 -89.76
C GLU JA 150 -50.67 -28.32 -90.26
N ASN JA 151 -51.69 -27.65 -89.71
CA ASN JA 151 -53.04 -27.88 -90.22
C ASN JA 151 -53.17 -27.38 -91.65
N ALA JA 152 -52.52 -26.25 -91.99
CA ALA JA 152 -52.55 -25.79 -93.38
C ALA JA 152 -51.84 -26.78 -94.30
N GLU JA 153 -50.70 -27.31 -93.88
CA GLU JA 153 -49.99 -28.29 -94.69
C GLU JA 153 -50.85 -29.53 -94.92
N GLU JA 154 -51.54 -30.00 -93.87
CA GLU JA 154 -52.45 -31.13 -94.03
C GLU JA 154 -53.59 -30.77 -94.98
N ILE JA 155 -54.04 -29.52 -94.95
CA ILE JA 155 -55.07 -29.08 -95.89
C ILE JA 155 -54.58 -29.20 -97.32
N LEU JA 156 -53.35 -28.74 -97.59
CA LEU JA 156 -52.81 -28.86 -98.94
C LEU JA 156 -52.63 -30.31 -99.36
N LYS JA 157 -52.18 -31.17 -98.44
CA LYS JA 157 -52.08 -32.59 -98.79
C LYS JA 157 -53.44 -33.18 -99.12
N ALA JA 158 -54.46 -32.89 -98.31
CA ALA JA 158 -55.79 -33.40 -98.57
C ALA JA 158 -56.41 -32.79 -99.83
N LYS JA 159 -55.93 -31.62 -100.25
CA LYS JA 159 -56.43 -31.02 -101.49
C LYS JA 159 -56.16 -31.92 -102.68
N LYS JA 160 -54.93 -32.43 -102.79
CA LYS JA 160 -54.63 -33.39 -103.85
C LYS JA 160 -55.16 -34.78 -103.52
N LYS JA 161 -55.24 -35.14 -102.23
CA LYS JA 161 -55.85 -36.41 -101.86
C LYS JA 161 -57.34 -36.41 -102.16
N GLY JA 162 -58.06 -35.38 -101.71
CA GLY JA 162 -59.46 -35.25 -102.01
C GLY JA 162 -60.41 -35.84 -100.98
N ASP JA 163 -60.12 -35.62 -99.71
CA ASP JA 163 -60.95 -36.09 -98.60
C ASP JA 163 -61.55 -34.85 -97.97
N GLU JA 164 -62.81 -34.56 -98.33
CA GLU JA 164 -63.43 -33.30 -97.92
C GLU JA 164 -63.68 -33.26 -96.41
N GLU JA 165 -64.02 -34.39 -95.80
CA GLU JA 165 -64.25 -34.41 -94.36
C GLU JA 165 -63.01 -33.93 -93.61
N LYS JA 166 -61.84 -34.40 -94.02
CA LYS JA 166 -60.60 -34.02 -93.36
C LYS JA 166 -60.32 -32.52 -93.55
N ILE JA 167 -60.59 -31.98 -94.73
CA ILE JA 167 -60.32 -30.56 -94.95
C ILE JA 167 -61.28 -29.70 -94.12
N LYS JA 168 -62.53 -30.12 -93.98
CA LYS JA 168 -63.45 -29.40 -93.10
C LYS JA 168 -62.97 -29.46 -91.65
N GLU JA 169 -62.51 -30.63 -91.21
CA GLU JA 169 -62.00 -30.75 -89.85
C GLU JA 169 -60.79 -29.83 -89.63
N LEU JA 170 -59.90 -29.76 -90.63
CA LEU JA 170 -58.73 -28.90 -90.50
C LEU JA 170 -59.10 -27.42 -90.50
N LEU JA 171 -60.11 -27.04 -91.28
CA LEU JA 171 -60.61 -25.67 -91.20
C LEU JA 171 -61.20 -25.37 -89.82
N GLN JA 172 -61.89 -26.35 -89.23
CA GLN JA 172 -62.38 -26.16 -87.86
C GLN JA 172 -61.22 -25.94 -86.89
N ARG JA 173 -60.17 -26.75 -87.02
CA ARG JA 173 -59.00 -26.58 -86.16
C ARG JA 173 -58.36 -25.21 -86.35
N LEU JA 174 -58.26 -24.76 -87.59
CA LEU JA 174 -57.66 -23.46 -87.87
C LEU JA 174 -58.50 -22.32 -87.32
N LYS JA 175 -59.83 -22.44 -87.40
CA LYS JA 175 -60.70 -21.43 -86.80
C LYS JA 175 -60.50 -21.38 -85.29
N ALA JA 176 -60.41 -22.56 -84.66
CA ALA JA 176 -60.13 -22.60 -83.22
C ALA JA 176 -58.80 -21.93 -82.90
N ALA JA 177 -57.78 -22.18 -83.71
CA ALA JA 177 -56.48 -21.57 -83.50
C ALA JA 177 -56.54 -20.05 -83.64
N LYS JA 178 -57.25 -19.57 -84.67
CA LYS JA 178 -57.39 -18.13 -84.85
C LYS JA 178 -58.08 -17.49 -83.65
N ILE JA 179 -59.14 -18.13 -83.15
CA ILE JA 179 -59.83 -17.61 -81.98
C ILE JA 179 -58.91 -17.60 -80.78
N GLY JA 180 -58.11 -18.65 -80.60
CA GLY JA 180 -57.34 -18.79 -79.38
C GLY JA 180 -56.08 -17.95 -79.34
N THR JA 181 -55.52 -17.61 -80.51
CA THR JA 181 -54.21 -16.95 -80.52
C THR JA 181 -54.18 -15.62 -79.76
N PRO JA 182 -55.11 -14.68 -79.96
CA PRO JA 182 -55.10 -13.49 -79.09
C PRO JA 182 -55.29 -13.85 -77.63
N LEU JA 183 -56.10 -14.87 -77.35
CA LEU JA 183 -56.35 -15.27 -75.96
C LEU JA 183 -55.07 -15.77 -75.30
N VAL JA 184 -54.29 -16.61 -75.99
CA VAL JA 184 -53.08 -17.15 -75.39
C VAL JA 184 -52.04 -16.04 -75.24
N ARG JA 185 -51.94 -15.15 -76.24
CA ARG JA 185 -51.03 -14.01 -76.11
C ARG JA 185 -51.39 -13.19 -74.87
N GLU JA 186 -52.68 -12.89 -74.69
CA GLU JA 186 -53.11 -12.10 -73.55
C GLU JA 186 -52.86 -12.83 -72.24
N VAL JA 187 -53.10 -14.14 -72.19
CA VAL JA 187 -52.89 -14.91 -70.96
C VAL JA 187 -51.43 -14.85 -70.56
N VAL JA 188 -50.52 -15.07 -71.51
CA VAL JA 188 -49.10 -15.00 -71.20
C VAL JA 188 -48.72 -13.60 -70.73
N GLU JA 189 -49.22 -12.57 -71.43
CA GLU JA 189 -48.87 -11.20 -71.07
C GLU JA 189 -49.32 -10.88 -69.66
N ARG JA 190 -50.56 -11.25 -69.31
CA ARG JA 190 -51.08 -10.97 -67.97
C ARG JA 190 -50.30 -11.73 -66.91
N TYR JA 191 -50.00 -13.00 -67.17
CA TYR JA 191 -49.25 -13.77 -66.18
C TYR JA 191 -47.84 -13.24 -65.99
N ARG JA 192 -47.26 -12.61 -67.01
CA ARG JA 192 -45.90 -12.10 -66.93
C ARG JA 192 -45.69 -11.17 -65.73
N GLU JA 193 -46.58 -10.19 -65.55
CA GLU JA 193 -46.36 -9.21 -64.49
C GLU JA 193 -47.58 -8.99 -63.59
N GLU JA 194 -48.80 -9.19 -64.10
CA GLU JA 194 -49.99 -8.86 -63.31
C GLU JA 194 -50.10 -9.73 -62.06
N GLY JA 195 -49.84 -11.04 -62.20
CA GLY JA 195 -49.69 -11.90 -61.05
C GLY JA 195 -50.89 -12.77 -60.67
N GLU JA 196 -51.80 -12.95 -61.59
CA GLU JA 196 -52.95 -13.79 -61.36
C GLU JA 196 -52.56 -15.26 -61.16
N PRO JA 197 -53.54 -16.12 -60.92
CA PRO JA 197 -53.25 -17.55 -60.77
C PRO JA 197 -53.36 -18.23 -62.10
N LEU JA 198 -52.22 -18.61 -62.67
CA LEU JA 198 -52.25 -19.17 -64.01
C LEU JA 198 -53.40 -20.10 -64.25
N LEU JA 199 -53.60 -21.06 -63.38
CA LEU JA 199 -54.62 -22.05 -63.70
C LEU JA 199 -55.97 -21.39 -63.98
N ASP JA 200 -56.31 -20.34 -63.23
CA ASP JA 200 -57.58 -19.65 -63.45
C ASP JA 200 -57.64 -19.04 -64.84
N LEU JA 201 -56.60 -18.30 -65.23
CA LEU JA 201 -56.56 -17.72 -66.57
C LEU JA 201 -56.55 -18.79 -67.65
N LEU JA 202 -55.83 -19.90 -67.42
CA LEU JA 202 -55.83 -20.98 -68.40
C LEU JA 202 -57.23 -21.55 -68.60
N LEU JA 203 -57.95 -21.78 -67.50
CA LEU JA 203 -59.30 -22.31 -67.60
C LEU JA 203 -60.23 -21.33 -68.30
N HIS JA 204 -60.13 -20.04 -67.95
CA HIS JA 204 -60.98 -19.05 -68.59
C HIS JA 204 -60.69 -18.95 -70.08
N MET JA 205 -59.40 -18.97 -70.46
CA MET JA 205 -59.04 -18.92 -71.87
C MET JA 205 -59.56 -20.14 -72.62
N ALA JA 206 -59.43 -21.32 -72.02
CA ALA JA 206 -59.92 -22.54 -72.68
C ALA JA 206 -61.43 -22.49 -72.86
N GLU JA 207 -62.15 -22.07 -71.82
CA GLU JA 207 -63.61 -21.99 -71.92
C GLU JA 207 -64.04 -20.95 -72.94
N THR JA 208 -63.37 -19.81 -72.97
CA THR JA 208 -63.69 -18.79 -73.97
C THR JA 208 -63.43 -19.30 -75.38
N THR JA 209 -62.32 -20.03 -75.56
CA THR JA 209 -62.02 -20.61 -76.87
C THR JA 209 -63.10 -21.59 -77.28
N ILE JA 210 -63.54 -22.45 -76.36
CA ILE JA 210 -64.56 -23.44 -76.70
C ILE JA 210 -65.87 -22.74 -77.05
N ARG JA 211 -66.27 -21.74 -76.26
CA ARG JA 211 -67.53 -21.05 -76.49
C ARG JA 211 -67.51 -20.32 -77.83
N GLU JA 212 -66.42 -19.59 -78.11
CA GLU JA 212 -66.35 -18.85 -79.36
C GLU JA 212 -66.25 -19.79 -80.55
N SER JA 213 -65.59 -20.93 -80.38
CA SER JA 213 -65.47 -21.88 -81.48
C SER JA 213 -66.80 -22.54 -81.79
N GLU JA 214 -67.58 -22.88 -80.75
CA GLU JA 214 -68.90 -23.45 -80.99
C GLU JA 214 -69.88 -22.39 -81.46
N LYS JA 215 -69.59 -21.11 -81.21
CA LYS JA 215 -70.39 -20.04 -81.80
C LYS JA 215 -70.20 -19.95 -83.31
N LEU JA 216 -69.14 -20.56 -83.84
CA LEU JA 216 -68.89 -20.58 -85.27
C LEU JA 216 -69.31 -21.91 -85.91
N GLY JA 217 -70.03 -22.74 -85.18
CA GLY JA 217 -70.52 -24.01 -85.68
C GLY JA 217 -69.58 -25.18 -85.47
N VAL JA 218 -68.43 -24.96 -84.84
CA VAL JA 218 -67.43 -26.01 -84.70
C VAL JA 218 -67.69 -26.77 -83.40
N ASP JA 219 -67.54 -28.08 -83.49
CA ASP JA 219 -67.70 -28.94 -82.34
C ASP JA 219 -66.91 -28.49 -81.16
N PRO JA 220 -67.25 -29.00 -80.00
CA PRO JA 220 -66.47 -28.68 -78.82
C PRO JA 220 -65.58 -29.84 -78.61
N ARG JA 221 -65.20 -30.46 -79.70
CA ARG JA 221 -64.24 -31.54 -79.58
C ARG JA 221 -62.88 -31.10 -80.09
N LEU JA 222 -62.69 -31.13 -81.40
CA LEU JA 222 -61.35 -30.84 -81.91
C LEU JA 222 -60.86 -29.48 -81.43
N ALA JA 223 -61.77 -28.51 -81.26
CA ALA JA 223 -61.39 -27.25 -80.64
C ALA JA 223 -60.90 -27.46 -79.22
N ALA JA 224 -61.45 -28.47 -78.53
CA ALA JA 224 -60.95 -28.82 -77.22
C ALA JA 224 -59.50 -29.29 -77.28
N GLU JA 225 -59.17 -30.12 -78.27
CA GLU JA 225 -57.79 -30.57 -78.39
C GLU JA 225 -56.85 -29.43 -78.79
N VAL JA 226 -57.34 -28.48 -79.60
CA VAL JA 226 -56.54 -27.31 -79.93
C VAL JA 226 -56.25 -26.51 -78.66
N ALA JA 227 -57.28 -26.27 -77.85
CA ALA JA 227 -57.09 -25.58 -76.59
C ALA JA 227 -56.15 -26.36 -75.67
N ARG JA 228 -56.20 -27.69 -75.72
CA ARG JA 228 -55.31 -28.51 -74.90
C ARG JA 228 -53.86 -28.33 -75.31
N GLU JA 229 -53.59 -28.35 -76.62
CA GLU JA 229 -52.23 -28.11 -77.10
C GLU JA 229 -51.76 -26.72 -76.71
N MET JA 230 -52.63 -25.71 -76.82
CA MET JA 230 -52.22 -24.36 -76.46
C MET JA 230 -51.99 -24.23 -74.96
N VAL JA 231 -52.78 -24.95 -74.15
CA VAL JA 231 -52.56 -24.96 -72.71
C VAL JA 231 -51.22 -25.59 -72.38
N ASP JA 232 -50.87 -26.67 -73.08
CA ASP JA 232 -49.57 -27.30 -72.89
C ASP JA 232 -48.45 -26.30 -73.25
N GLY JA 233 -48.63 -25.57 -74.35
CA GLY JA 233 -47.64 -24.57 -74.72
C GLY JA 233 -47.50 -23.47 -73.68
N VAL JA 234 -48.63 -23.02 -73.12
CA VAL JA 234 -48.59 -22.00 -72.08
C VAL JA 234 -47.86 -22.53 -70.85
N GLY JA 235 -48.13 -23.78 -70.48
CA GLY JA 235 -47.42 -24.37 -69.35
C GLY JA 235 -45.92 -24.45 -69.59
N HIS JA 236 -45.52 -24.82 -70.80
CA HIS JA 236 -44.10 -24.88 -71.13
C HIS JA 236 -43.46 -23.51 -71.08
N GLU JA 237 -44.13 -22.50 -71.66
CA GLU JA 237 -43.54 -21.16 -71.72
C GLU JA 237 -43.45 -20.53 -70.33
N THR JA 238 -44.50 -20.67 -69.52
CA THR JA 238 -44.56 -20.00 -68.23
C THR JA 238 -43.67 -20.66 -67.19
N GLY JA 239 -43.14 -21.86 -67.46
CA GLY JA 239 -42.31 -22.54 -66.50
C GLY JA 239 -43.07 -23.24 -65.40
N GLU JA 240 -44.38 -23.42 -65.54
CA GLU JA 240 -45.20 -24.09 -64.55
C GLU JA 240 -46.15 -25.02 -65.28
N THR JA 241 -45.91 -26.34 -65.15
CA THR JA 241 -46.71 -27.33 -65.86
C THR JA 241 -47.75 -28.03 -65.01
N GLU JA 242 -47.67 -27.92 -63.68
CA GLU JA 242 -48.66 -28.55 -62.82
C GLU JA 242 -50.04 -27.93 -63.03
N ALA JA 243 -50.11 -26.61 -63.12
CA ALA JA 243 -51.38 -25.96 -63.44
C ALA JA 243 -51.85 -26.34 -64.83
N ALA JA 244 -50.92 -26.40 -65.79
CA ALA JA 244 -51.27 -26.87 -67.13
C ALA JA 244 -51.76 -28.31 -67.08
N PHE JA 245 -51.14 -29.14 -66.23
CA PHE JA 245 -51.61 -30.51 -66.07
C PHE JA 245 -53.03 -30.56 -65.54
N ARG JA 246 -53.33 -29.73 -64.53
CA ARG JA 246 -54.67 -29.72 -63.96
C ARG JA 246 -55.71 -29.26 -64.97
N VAL JA 247 -55.40 -28.20 -65.73
CA VAL JA 247 -56.33 -27.73 -66.75
C VAL JA 247 -56.50 -28.77 -67.84
N ARG JA 248 -55.42 -29.50 -68.16
CA ARG JA 248 -55.51 -30.59 -69.12
C ARG JA 248 -56.47 -31.67 -68.62
N ARG JA 249 -56.39 -32.00 -67.33
CA ARG JA 249 -57.30 -33.00 -66.76
C ARG JA 249 -58.75 -32.52 -66.81
N GLU JA 250 -59.00 -31.26 -66.48
CA GLU JA 250 -60.37 -30.76 -66.53
C GLU JA 250 -60.90 -30.74 -67.96
N LEU JA 251 -60.05 -30.39 -68.92
CA LEU JA 251 -60.49 -30.41 -70.31
C LEU JA 251 -60.75 -31.84 -70.80
N ASP JA 252 -59.93 -32.80 -70.33
CA ASP JA 252 -60.18 -34.20 -70.64
C ASP JA 252 -61.49 -34.68 -70.04
N THR JA 253 -61.85 -34.20 -68.85
CA THR JA 253 -63.16 -34.49 -68.29
C THR JA 253 -64.26 -33.82 -69.11
N VAL JA 254 -64.01 -32.61 -69.61
CA VAL JA 254 -65.01 -31.87 -70.37
C VAL JA 254 -65.35 -32.60 -71.67
N ILE JA 255 -64.33 -33.10 -72.38
CA ILE JA 255 -64.60 -33.73 -73.68
C ILE JA 255 -65.45 -34.99 -73.51
N LEU JA 256 -65.45 -35.58 -72.31
CA LEU JA 256 -66.28 -36.74 -72.03
C LEU JA 256 -67.76 -36.39 -72.07
N THR KA 25 -21.38 -58.01 -58.87
CA THR KA 25 -21.02 -59.27 -59.49
C THR KA 25 -21.50 -60.46 -58.66
N GLU KA 26 -22.34 -60.18 -57.67
CA GLU KA 26 -22.84 -61.24 -56.80
C GLU KA 26 -23.68 -62.24 -57.57
N LYS KA 27 -24.51 -61.76 -58.51
CA LYS KA 27 -25.30 -62.66 -59.33
C LYS KA 27 -24.40 -63.59 -60.14
N LEU KA 28 -23.32 -63.07 -60.70
CA LEU KA 28 -22.41 -63.89 -61.48
C LEU KA 28 -21.71 -64.93 -60.61
N LYS KA 29 -21.30 -64.53 -59.41
CA LYS KA 29 -20.67 -65.48 -58.49
C LYS KA 29 -21.64 -66.60 -58.10
N LYS KA 30 -22.89 -66.23 -57.82
CA LYS KA 30 -23.89 -67.25 -57.48
C LYS KA 30 -24.16 -68.17 -58.66
N ILE KA 31 -24.19 -67.62 -59.88
CA ILE KA 31 -24.41 -68.44 -61.07
C ILE KA 31 -23.27 -69.43 -61.23
N THR KA 32 -22.04 -68.97 -61.06
CA THR KA 32 -20.89 -69.88 -61.15
C THR KA 32 -20.95 -70.96 -60.08
N LYS KA 33 -21.29 -70.58 -58.84
CA LYS KA 33 -21.38 -71.56 -57.76
C LYS KA 33 -22.44 -72.61 -58.06
N LEU KA 34 -23.62 -72.18 -58.50
CA LEU KA 34 -24.70 -73.13 -58.76
C LEU KA 34 -24.37 -74.02 -59.95
N LEU KA 35 -23.67 -73.48 -60.96
CA LEU KA 35 -23.25 -74.32 -62.08
C LEU KA 35 -22.23 -75.36 -61.63
N HIS KA 36 -21.36 -75.03 -60.70
CA HIS KA 36 -20.46 -76.03 -60.23
C HIS KA 36 -21.34 -77.06 -59.60
N GLU KA 37 -22.10 -76.66 -58.60
CA GLU KA 37 -22.86 -77.67 -57.87
C GLU KA 37 -23.59 -78.60 -58.83
N LEU KA 38 -24.21 -78.04 -59.88
CA LEU KA 38 -24.93 -78.86 -60.83
C LEU KA 38 -24.00 -79.83 -61.55
N VAL KA 39 -22.82 -79.36 -61.97
CA VAL KA 39 -21.91 -80.24 -62.70
C VAL KA 39 -21.29 -81.27 -61.77
N ASP KA 40 -21.22 -80.96 -60.46
CA ASP KA 40 -20.67 -81.94 -59.51
C ASP KA 40 -21.54 -83.19 -59.48
N ARG KA 41 -22.86 -83.02 -59.37
CA ARG KA 41 -23.79 -84.15 -59.34
C ARG KA 41 -24.43 -84.32 -60.71
N GLY KA 42 -23.65 -84.87 -61.64
CA GLY KA 42 -24.16 -85.15 -62.97
C GLY KA 42 -24.65 -83.89 -63.67
N GLU KA 43 -25.84 -83.99 -64.26
CA GLU KA 43 -26.56 -82.85 -64.86
C GLU KA 43 -25.69 -82.25 -65.96
N ILE KA 44 -25.37 -80.96 -65.90
CA ILE KA 44 -24.66 -80.26 -66.97
C ILE KA 44 -23.24 -80.79 -67.08
N PRO KA 45 -22.61 -80.68 -68.26
CA PRO KA 45 -21.20 -81.10 -68.40
C PRO KA 45 -20.23 -80.08 -67.83
N GLU KA 46 -18.94 -80.40 -67.85
CA GLU KA 46 -17.93 -79.58 -67.18
C GLU KA 46 -17.60 -78.30 -67.95
N GLU KA 47 -17.76 -78.32 -69.28
CA GLU KA 47 -17.34 -77.18 -70.09
C GLU KA 47 -18.06 -75.90 -69.67
N LEU KA 48 -19.36 -76.03 -69.34
CA LEU KA 48 -20.11 -74.84 -68.94
C LEU KA 48 -19.58 -74.26 -67.63
N ALA KA 49 -19.24 -75.12 -66.68
CA ALA KA 49 -18.68 -74.64 -65.41
C ALA KA 49 -17.31 -74.01 -65.62
N THR KA 50 -16.48 -74.60 -66.46
CA THR KA 50 -15.17 -74.01 -66.74
C THR KA 50 -15.31 -72.64 -67.39
N LEU KA 51 -16.23 -72.52 -68.36
CA LEU KA 51 -16.48 -71.22 -68.97
C LEU KA 51 -16.99 -70.23 -67.93
N ALA KA 52 -17.86 -70.67 -67.03
CA ALA KA 52 -18.35 -69.79 -65.98
C ALA KA 52 -17.21 -69.27 -65.13
N THR KA 53 -16.27 -70.15 -64.77
CA THR KA 53 -15.12 -69.72 -63.96
C THR KA 53 -14.26 -68.71 -64.70
N LEU KA 54 -13.92 -69.02 -65.96
CA LEU KA 54 -13.06 -68.11 -66.73
C LEU KA 54 -13.72 -66.75 -66.91
N LEU KA 55 -15.00 -66.73 -67.27
CA LEU KA 55 -15.70 -65.47 -67.45
C LEU KA 55 -15.89 -64.73 -66.15
N LEU KA 56 -16.06 -65.45 -65.03
CA LEU KA 56 -16.17 -64.80 -63.74
C LEU KA 56 -14.85 -64.16 -63.33
N TYR KA 57 -13.73 -64.72 -63.78
CA TYR KA 57 -12.45 -64.05 -63.57
C TYR KA 57 -12.32 -62.82 -64.46
N LEU KA 58 -12.66 -62.98 -65.74
CA LEU KA 58 -12.49 -61.89 -66.70
C LEU KA 58 -13.34 -60.69 -66.32
N VAL KA 59 -14.64 -60.90 -66.08
CA VAL KA 59 -15.45 -59.92 -65.38
C VAL KA 59 -14.86 -59.81 -63.98
N GLU KA 60 -14.86 -58.61 -63.41
CA GLU KA 60 -14.29 -58.32 -62.10
C GLU KA 60 -12.75 -58.34 -62.20
N LYS KA 61 -12.22 -58.80 -63.33
CA LYS KA 61 -10.90 -58.32 -63.73
C LYS KA 61 -11.02 -57.06 -64.56
N GLY KA 62 -12.21 -56.79 -65.10
CA GLY KA 62 -12.45 -55.57 -65.84
C GLY KA 62 -12.07 -55.69 -67.30
N LEU KA 63 -12.35 -56.84 -67.90
CA LEU KA 63 -11.98 -57.08 -69.30
C LEU KA 63 -13.16 -57.42 -70.19
N ILE KA 64 -14.31 -57.77 -69.64
CA ILE KA 64 -15.53 -57.97 -70.42
C ILE KA 64 -16.72 -57.47 -69.61
N SER KA 65 -17.90 -57.48 -70.21
CA SER KA 65 -19.12 -57.04 -69.54
C SER KA 65 -20.01 -58.23 -69.25
N GLU KA 66 -20.99 -58.01 -68.37
CA GLU KA 66 -21.92 -59.07 -68.00
C GLU KA 66 -22.70 -59.58 -69.21
N PHE KA 67 -22.92 -58.72 -70.20
CA PHE KA 67 -23.61 -59.14 -71.41
C PHE KA 67 -22.84 -60.23 -72.12
N ASP KA 68 -21.52 -60.09 -72.23
CA ASP KA 68 -20.71 -61.12 -72.87
C ASP KA 68 -20.75 -62.41 -72.06
N PHE KA 69 -20.68 -62.31 -70.73
CA PHE KA 69 -20.79 -63.48 -69.87
C PHE KA 69 -22.07 -64.24 -70.15
N ILE KA 70 -23.21 -63.56 -70.09
CA ILE KA 70 -24.49 -64.24 -70.27
C ILE KA 70 -24.61 -64.76 -71.70
N GLU KA 71 -24.12 -64.01 -72.68
CA GLU KA 71 -24.24 -64.43 -74.07
C GLU KA 71 -23.44 -65.72 -74.31
N HIS KA 72 -22.21 -65.77 -73.79
CA HIS KA 72 -21.40 -66.99 -73.93
C HIS KA 72 -22.06 -68.16 -73.21
N LEU KA 73 -22.59 -67.92 -72.01
CA LEU KA 73 -23.25 -69.00 -71.28
C LEU KA 73 -24.43 -69.55 -72.06
N VAL KA 74 -25.25 -68.66 -72.62
CA VAL KA 74 -26.42 -69.09 -73.37
C VAL KA 74 -26.01 -69.80 -74.65
N ARG KA 75 -24.96 -69.32 -75.32
CA ARG KA 75 -24.50 -69.98 -76.53
C ARG KA 75 -24.04 -71.40 -76.24
N LEU KA 76 -23.26 -71.58 -75.17
CA LEU KA 76 -22.83 -72.93 -74.82
C LEU KA 76 -24.01 -73.82 -74.41
N ALA KA 77 -24.96 -73.25 -73.66
CA ALA KA 77 -26.13 -74.03 -73.26
C ALA KA 77 -26.92 -74.49 -74.49
N GLU KA 78 -27.10 -73.61 -75.47
CA GLU KA 78 -27.77 -73.98 -76.70
C GLU KA 78 -26.99 -75.04 -77.46
N LYS KA 79 -25.66 -74.92 -77.48
CA LYS KA 79 -24.83 -75.90 -78.17
C LYS KA 79 -24.96 -77.28 -77.53
N LEU KA 80 -24.98 -77.34 -76.20
CA LEU KA 80 -25.06 -78.60 -75.49
C LEU KA 80 -26.49 -79.04 -75.18
N GLY KA 81 -27.48 -78.21 -75.50
CA GLY KA 81 -28.87 -78.56 -75.23
C GLY KA 81 -29.17 -78.73 -73.76
N VAL KA 82 -28.70 -77.80 -72.94
CA VAL KA 82 -28.88 -77.86 -71.50
C VAL KA 82 -29.47 -76.54 -71.02
N LEU KA 83 -30.15 -75.84 -71.93
CA LEU KA 83 -30.64 -74.49 -71.64
C LEU KA 83 -31.63 -74.46 -70.49
N GLU KA 84 -32.36 -75.55 -70.27
CA GLU KA 84 -33.35 -75.59 -69.18
C GLU KA 84 -32.66 -75.47 -67.82
N GLU KA 85 -31.53 -76.16 -67.65
CA GLU KA 85 -30.80 -76.06 -66.38
C GLU KA 85 -30.26 -74.65 -66.17
N LEU KA 86 -29.78 -74.00 -67.23
CA LEU KA 86 -29.34 -72.62 -67.11
C LEU KA 86 -30.50 -71.71 -66.73
N LYS KA 87 -31.69 -71.96 -67.30
CA LYS KA 87 -32.87 -71.20 -66.94
C LYS KA 87 -33.19 -71.37 -65.45
N LYS KA 88 -33.12 -72.61 -64.96
CA LYS KA 88 -33.38 -72.86 -63.55
C LYS KA 88 -32.37 -72.15 -62.67
N VAL KA 89 -31.09 -72.17 -63.06
CA VAL KA 89 -30.07 -71.48 -62.29
C VAL KA 89 -30.36 -69.98 -62.24
N LEU KA 90 -30.75 -69.41 -63.39
CA LEU KA 90 -31.01 -67.97 -63.44
C LEU KA 90 -32.24 -67.59 -62.64
N GLU KA 91 -33.23 -68.49 -62.56
CA GLU KA 91 -34.36 -68.24 -61.66
C GLU KA 91 -33.95 -68.34 -60.20
N GLU KA 92 -33.12 -69.33 -59.87
CA GLU KA 92 -32.68 -69.49 -58.47
C GLU KA 92 -31.89 -68.29 -57.99
N VAL KA 93 -30.97 -67.79 -58.80
CA VAL KA 93 -30.19 -66.63 -58.39
C VAL KA 93 -31.08 -65.39 -58.30
N GLY KA 94 -32.14 -65.34 -59.11
CA GLY KA 94 -33.06 -64.22 -59.09
C GLY KA 94 -32.61 -63.07 -59.98
N ASP KA 95 -32.34 -63.38 -61.24
CA ASP KA 95 -31.88 -62.39 -62.21
C ASP KA 95 -32.92 -62.25 -63.31
N GLU KA 96 -33.32 -61.00 -63.58
CA GLU KA 96 -34.29 -60.74 -64.64
C GLU KA 96 -33.63 -60.40 -65.96
N PHE KA 97 -32.50 -59.68 -65.93
CA PHE KA 97 -31.80 -59.32 -67.16
C PHE KA 97 -31.31 -60.56 -67.88
N GLY KA 98 -30.63 -61.45 -67.17
CA GLY KA 98 -30.13 -62.67 -67.80
C GLY KA 98 -31.24 -63.55 -68.30
N LEU KA 99 -32.33 -63.67 -67.53
CA LEU KA 99 -33.46 -64.49 -67.97
C LEU KA 99 -34.09 -63.93 -69.23
N THR KA 100 -34.26 -62.60 -69.28
CA THR KA 100 -34.80 -61.99 -70.48
C THR KA 100 -33.88 -62.20 -71.67
N LEU KA 101 -32.57 -62.14 -71.44
CA LEU KA 101 -31.62 -62.41 -72.53
C LEU KA 101 -31.75 -63.85 -73.01
N VAL KA 102 -31.93 -64.79 -72.09
CA VAL KA 102 -32.10 -66.19 -72.47
C VAL KA 102 -33.35 -66.36 -73.33
N TYR KA 103 -34.46 -65.74 -72.91
CA TYR KA 103 -35.68 -65.81 -73.71
C TYR KA 103 -35.48 -65.18 -75.07
N ALA KA 104 -34.78 -64.04 -75.13
CA ALA KA 104 -34.53 -63.39 -76.41
C ALA KA 104 -33.72 -64.27 -77.35
N ILE KA 105 -32.68 -64.91 -76.84
CA ILE KA 105 -31.85 -65.76 -77.68
C ILE KA 105 -32.64 -66.97 -78.18
N SER KA 106 -33.39 -67.62 -77.28
CA SER KA 106 -34.19 -68.78 -77.68
C SER KA 106 -35.25 -68.39 -78.71
N LEU KA 107 -35.90 -67.25 -78.51
CA LEU KA 107 -36.91 -66.78 -79.44
C LEU KA 107 -36.30 -66.44 -80.79
N LEU KA 108 -35.11 -65.83 -80.79
CA LEU KA 108 -34.41 -65.55 -82.04
C LEU KA 108 -34.07 -66.85 -82.78
N LYS KA 109 -33.60 -67.86 -82.05
CA LYS KA 109 -33.30 -69.13 -82.70
C LYS KA 109 -34.56 -69.77 -83.29
N GLU KA 110 -35.66 -69.74 -82.55
CA GLU KA 110 -36.91 -70.30 -83.04
C GLU KA 110 -37.41 -69.55 -84.27
N VAL KA 111 -37.30 -68.22 -84.26
CA VAL KA 111 -37.75 -67.44 -85.40
C VAL KA 111 -36.84 -67.69 -86.60
N GLU KA 112 -35.53 -67.83 -86.38
CA GLU KA 112 -34.63 -68.20 -87.46
C GLU KA 112 -35.02 -69.54 -88.06
N LYS KA 113 -35.44 -70.48 -87.22
CA LYS KA 113 -36.00 -71.72 -87.74
C LYS KA 113 -37.25 -71.45 -88.57
N GLU KA 114 -38.11 -70.54 -88.10
CA GLU KA 114 -39.31 -70.18 -88.84
C GLU KA 114 -38.95 -69.38 -90.09
N GLY KA 115 -38.14 -68.33 -89.94
CA GLY KA 115 -37.71 -67.53 -91.07
C GLY KA 115 -38.59 -66.35 -91.42
N ASP KA 116 -39.14 -65.65 -90.42
CA ASP KA 116 -40.00 -64.51 -90.69
C ASP KA 116 -39.26 -63.21 -90.35
N GLU KA 117 -39.29 -62.25 -91.29
CA GLU KA 117 -38.39 -61.11 -91.21
C GLU KA 117 -38.81 -60.09 -90.14
N GLU KA 118 -40.12 -59.82 -90.03
CA GLU KA 118 -40.54 -58.78 -89.09
C GLU KA 118 -40.20 -59.15 -87.65
N LEU KA 119 -40.44 -60.40 -87.26
CA LEU KA 119 -39.99 -60.85 -85.95
C LEU KA 119 -38.47 -60.86 -85.84
N LYS KA 120 -37.76 -61.07 -86.94
CA LYS KA 120 -36.30 -60.91 -86.91
C LYS KA 120 -35.93 -59.50 -86.46
N GLU KA 121 -36.51 -58.49 -87.10
CA GLU KA 121 -36.22 -57.11 -86.72
C GLU KA 121 -36.65 -56.84 -85.29
N TYR KA 122 -37.81 -57.38 -84.89
CA TYR KA 122 -38.31 -57.16 -83.54
C TYR KA 122 -37.34 -57.69 -82.50
N VAL KA 123 -36.89 -58.94 -82.69
CA VAL KA 123 -36.01 -59.55 -81.70
C VAL KA 123 -34.62 -58.91 -81.73
N LYS KA 124 -34.15 -58.47 -82.90
CA LYS KA 124 -32.87 -57.78 -82.94
C LYS KA 124 -32.93 -56.45 -82.18
N LEU KA 125 -34.02 -55.70 -82.34
CA LEU KA 125 -34.19 -54.48 -81.56
C LEU KA 125 -34.28 -54.81 -80.07
N ALA KA 126 -34.98 -55.89 -79.72
CA ALA KA 126 -35.08 -56.30 -78.32
C ALA KA 126 -33.71 -56.62 -77.75
N ILE KA 127 -32.88 -57.33 -78.52
CA ILE KA 127 -31.55 -57.71 -78.05
C ILE KA 127 -30.66 -56.49 -77.89
N GLU KA 128 -30.73 -55.55 -78.84
CA GLU KA 128 -29.94 -54.32 -78.72
C GLU KA 128 -30.35 -53.52 -77.49
N THR KA 129 -31.66 -53.41 -77.25
CA THR KA 129 -32.13 -52.71 -76.05
C THR KA 129 -31.69 -53.45 -74.79
N LEU KA 130 -31.70 -54.78 -74.82
CA LEU KA 130 -31.24 -55.55 -73.68
C LEU KA 130 -29.77 -55.30 -73.40
N LYS KA 131 -28.95 -55.20 -74.44
CA LYS KA 131 -27.53 -54.88 -74.27
C LYS KA 131 -27.36 -53.49 -73.68
N GLU KA 132 -28.13 -52.51 -74.18
CA GLU KA 132 -28.02 -51.17 -73.64
C GLU KA 132 -28.43 -51.12 -72.19
N ALA KA 133 -29.46 -51.88 -71.81
CA ALA KA 133 -29.85 -51.95 -70.41
C ALA KA 133 -28.76 -52.62 -69.57
N PHE KA 134 -28.23 -53.75 -70.05
CA PHE KA 134 -27.16 -54.45 -69.35
C PHE KA 134 -25.95 -53.54 -69.11
N GLU KA 135 -25.71 -52.58 -70.01
CA GLU KA 135 -24.59 -51.66 -69.83
C GLU KA 135 -24.64 -50.98 -68.46
N ARG KA 136 -25.83 -50.60 -68.00
CA ARG KA 136 -25.95 -49.90 -66.73
C ARG KA 136 -27.14 -50.35 -65.89
N LYS KA 137 -27.78 -51.48 -66.23
CA LYS KA 137 -28.97 -51.96 -65.52
C LYS KA 137 -30.07 -50.89 -65.51
N ASN KA 138 -30.47 -50.50 -66.72
CA ASN KA 138 -31.52 -49.50 -66.90
C ASN KA 138 -32.84 -50.24 -67.06
N TYR KA 139 -33.75 -50.03 -66.12
CA TYR KA 139 -34.93 -50.89 -66.00
C TYR KA 139 -35.93 -50.63 -67.12
N ALA KA 140 -35.95 -49.41 -67.67
CA ALA KA 140 -36.95 -49.05 -68.67
C ALA KA 140 -36.76 -49.80 -69.98
N LEU KA 141 -35.52 -49.83 -70.49
CA LEU KA 141 -35.26 -50.63 -71.68
C LEU KA 141 -35.48 -52.11 -71.41
N LEU KA 142 -35.27 -52.54 -70.17
CA LEU KA 142 -35.62 -53.91 -69.82
C LEU KA 142 -37.11 -54.16 -69.97
N VAL KA 143 -37.94 -53.20 -69.54
CA VAL KA 143 -39.38 -53.32 -69.71
C VAL KA 143 -39.74 -53.38 -71.19
N SER KA 144 -39.12 -52.52 -71.99
CA SER KA 144 -39.41 -52.49 -73.42
C SER KA 144 -39.05 -53.82 -74.07
N ALA KA 145 -37.86 -54.35 -73.76
CA ALA KA 145 -37.44 -55.62 -74.33
C ALA KA 145 -38.33 -56.76 -73.85
N LYS KA 146 -38.74 -56.73 -72.58
CA LYS KA 146 -39.65 -57.74 -72.06
C LYS KA 146 -40.96 -57.73 -72.82
N ILE KA 147 -41.50 -56.54 -73.05
CA ILE KA 147 -42.74 -56.41 -73.82
C ILE KA 147 -42.57 -57.02 -75.21
N ILE KA 148 -41.47 -56.65 -75.88
CA ILE KA 148 -41.27 -57.13 -77.25
C ILE KA 148 -41.17 -58.65 -77.27
N VAL KA 149 -40.40 -59.23 -76.34
CA VAL KA 149 -40.17 -60.68 -76.38
C VAL KA 149 -41.44 -61.43 -76.01
N GLU KA 150 -42.22 -60.94 -75.05
CA GLU KA 150 -43.43 -61.68 -74.68
C GLU KA 150 -44.48 -61.59 -75.78
N ASN KA 151 -44.61 -60.43 -76.43
CA ASN KA 151 -45.54 -60.35 -77.55
C ASN KA 151 -45.09 -61.23 -78.71
N ALA KA 152 -43.78 -61.29 -78.97
CA ALA KA 152 -43.29 -62.18 -80.01
C ALA KA 152 -43.57 -63.65 -79.67
N GLU KA 153 -43.35 -64.03 -78.41
CA GLU KA 153 -43.63 -65.41 -78.00
C GLU KA 153 -45.11 -65.73 -78.18
N GLU KA 154 -45.98 -64.79 -77.79
CA GLU KA 154 -47.42 -65.00 -78.01
C GLU KA 154 -47.73 -65.11 -79.50
N ILE KA 155 -47.00 -64.36 -80.33
CA ILE KA 155 -47.19 -64.47 -81.79
C ILE KA 155 -46.84 -65.88 -82.25
N LEU KA 156 -45.73 -66.43 -81.80
CA LEU KA 156 -45.37 -67.80 -82.19
C LEU KA 156 -46.37 -68.82 -81.69
N LYS KA 157 -46.88 -68.65 -80.45
CA LYS KA 157 -47.91 -69.56 -79.98
C LYS KA 157 -49.17 -69.48 -80.85
N ALA KA 158 -49.62 -68.27 -81.16
CA ALA KA 158 -50.80 -68.12 -82.00
C ALA KA 158 -50.57 -68.59 -83.42
N LYS KA 159 -49.32 -68.64 -83.87
CA LYS KA 159 -49.02 -69.15 -85.20
C LYS KA 159 -49.46 -70.60 -85.34
N LYS KA 160 -49.12 -71.44 -84.37
CA LYS KA 160 -49.61 -72.82 -84.38
C LYS KA 160 -51.06 -72.91 -83.93
N LYS KA 161 -51.51 -72.00 -83.05
CA LYS KA 161 -52.92 -71.97 -82.69
C LYS KA 161 -53.79 -71.56 -83.87
N GLY KA 162 -53.44 -70.46 -84.53
CA GLY KA 162 -54.16 -70.03 -85.72
C GLY KA 162 -55.28 -69.05 -85.48
N ASP KA 163 -55.05 -68.06 -84.61
CA ASP KA 163 -56.03 -67.03 -84.30
C ASP KA 163 -55.46 -65.74 -84.88
N GLU KA 164 -55.95 -65.35 -86.06
CA GLU KA 164 -55.36 -64.22 -86.78
C GLU KA 164 -55.61 -62.90 -86.06
N GLU KA 165 -56.77 -62.74 -85.43
CA GLU KA 165 -57.06 -61.50 -84.72
C GLU KA 165 -56.01 -61.24 -83.64
N LYS KA 166 -55.65 -62.29 -82.89
CA LYS KA 166 -54.66 -62.13 -81.84
C LYS KA 166 -53.28 -61.77 -82.40
N ILE KA 167 -52.91 -62.37 -83.54
CA ILE KA 167 -51.60 -62.06 -84.12
C ILE KA 167 -51.56 -60.62 -84.62
N LYS KA 168 -52.66 -60.14 -85.20
CA LYS KA 168 -52.71 -58.74 -85.60
C LYS KA 168 -52.61 -57.82 -84.40
N GLU KA 169 -53.31 -58.17 -83.31
CA GLU KA 169 -53.22 -57.36 -82.09
C GLU KA 169 -51.79 -57.32 -81.56
N LEU KA 170 -51.11 -58.47 -81.58
CA LEU KA 170 -49.73 -58.52 -81.09
C LEU KA 170 -48.79 -57.73 -81.99
N LEU KA 171 -49.00 -57.76 -83.30
CA LEU KA 171 -48.22 -56.89 -84.18
C LEU KA 171 -48.46 -55.43 -83.88
N GLN KA 172 -49.71 -55.06 -83.57
CA GLN KA 172 -49.98 -53.67 -83.16
C GLN KA 172 -49.21 -53.32 -81.89
N ARG KA 173 -49.21 -54.22 -80.91
CA ARG KA 173 -48.46 -53.97 -79.68
C ARG KA 173 -46.97 -53.82 -79.96
N LEU KA 174 -46.43 -54.66 -80.84
CA LEU KA 174 -45.01 -54.59 -81.16
C LEU KA 174 -44.66 -53.31 -81.90
N LYS KA 175 -45.54 -52.85 -82.80
CA LYS KA 175 -45.32 -51.56 -83.45
C LYS KA 175 -45.31 -50.43 -82.43
N ALA KA 176 -46.24 -50.47 -81.48
CA ALA KA 176 -46.24 -49.47 -80.42
C ALA KA 176 -44.95 -49.51 -79.62
N ALA KA 177 -44.46 -50.71 -79.32
CA ALA KA 177 -43.20 -50.84 -78.57
C ALA KA 177 -42.03 -50.30 -79.36
N LYS KA 178 -41.97 -50.58 -80.67
CA LYS KA 178 -40.89 -50.07 -81.51
C LYS KA 178 -40.90 -48.55 -81.53
N ILE KA 179 -42.10 -47.96 -81.66
CA ILE KA 179 -42.20 -46.50 -81.65
C ILE KA 179 -41.76 -45.94 -80.31
N GLY KA 180 -42.13 -46.60 -79.22
CA GLY KA 180 -41.89 -46.02 -77.90
C GLY KA 180 -40.47 -46.17 -77.39
N THR KA 181 -39.76 -47.21 -77.87
CA THR KA 181 -38.45 -47.52 -77.29
C THR KA 181 -37.45 -46.36 -77.38
N PRO KA 182 -37.24 -45.73 -78.55
CA PRO KA 182 -36.37 -44.54 -78.53
C PRO KA 182 -36.90 -43.44 -77.62
N LEU KA 183 -38.23 -43.30 -77.55
CA LEU KA 183 -38.82 -42.25 -76.72
C LEU KA 183 -38.53 -42.50 -75.24
N VAL KA 184 -38.65 -43.74 -74.77
CA VAL KA 184 -38.40 -44.01 -73.36
C VAL KA 184 -36.91 -43.88 -73.06
N ARG KA 185 -36.06 -44.34 -73.97
CA ARG KA 185 -34.63 -44.15 -73.79
C ARG KA 185 -34.30 -42.67 -73.64
N GLU KA 186 -34.86 -41.84 -74.53
CA GLU KA 186 -34.60 -40.40 -74.48
C GLU KA 186 -35.14 -39.78 -73.21
N VAL KA 187 -36.33 -40.20 -72.78
CA VAL KA 187 -36.93 -39.63 -71.56
C VAL KA 187 -36.05 -39.91 -70.36
N VAL KA 188 -35.59 -41.16 -70.23
CA VAL KA 188 -34.71 -41.51 -69.11
C VAL KA 188 -33.41 -40.72 -69.18
N GLU KA 189 -32.83 -40.62 -70.38
CA GLU KA 189 -31.57 -39.91 -70.54
C GLU KA 189 -31.71 -38.44 -70.13
N ARG KA 190 -32.78 -37.78 -70.60
CA ARG KA 190 -32.99 -36.38 -70.27
C ARG KA 190 -33.24 -36.19 -68.77
N TYR KA 191 -34.04 -37.08 -68.17
CA TYR KA 191 -34.30 -36.93 -66.74
C TYR KA 191 -33.05 -37.17 -65.91
N ARG KA 192 -32.10 -37.98 -66.41
CA ARG KA 192 -30.89 -38.29 -65.66
C ARG KA 192 -30.13 -37.04 -65.21
N GLU KA 193 -29.90 -36.09 -66.13
CA GLU KA 193 -29.09 -34.92 -65.78
C GLU KA 193 -29.73 -33.59 -66.16
N GLU KA 194 -30.57 -33.55 -67.19
CA GLU KA 194 -31.10 -32.27 -67.66
C GLU KA 194 -31.97 -31.59 -66.61
N GLY KA 195 -32.84 -32.36 -65.95
CA GLY KA 195 -33.55 -31.87 -64.78
C GLY KA 195 -34.99 -31.41 -64.98
N GLU KA 196 -35.61 -31.84 -66.07
CA GLU KA 196 -36.99 -31.51 -66.32
C GLU KA 196 -37.91 -32.14 -65.27
N PRO KA 197 -39.23 -31.89 -65.39
CA PRO KA 197 -40.16 -32.52 -64.47
C PRO KA 197 -40.66 -33.82 -65.06
N LEU KA 198 -40.24 -34.93 -64.51
CA LEU KA 198 -40.60 -36.20 -65.10
C LEU KA 198 -42.00 -36.28 -65.62
N LEU KA 199 -42.95 -35.88 -64.82
CA LEU KA 199 -44.33 -36.10 -65.27
C LEU KA 199 -44.58 -35.46 -66.63
N ASP KA 200 -44.01 -34.28 -66.87
CA ASP KA 200 -44.22 -33.61 -68.15
C ASP KA 200 -43.63 -34.42 -69.30
N LEU KA 201 -42.39 -34.88 -69.14
CA LEU KA 201 -41.78 -35.72 -70.18
C LEU KA 201 -42.52 -37.03 -70.34
N LEU KA 202 -42.99 -37.63 -69.25
CA LEU KA 202 -43.76 -38.87 -69.36
C LEU KA 202 -45.02 -38.66 -70.18
N LEU KA 203 -45.74 -37.57 -69.90
CA LEU KA 203 -46.97 -37.28 -70.64
C LEU KA 203 -46.69 -37.02 -72.10
N HIS KA 204 -45.64 -36.24 -72.39
CA HIS KA 204 -45.28 -35.96 -73.78
C HIS KA 204 -44.89 -37.23 -74.52
N MET KA 205 -44.11 -38.10 -73.86
CA MET KA 205 -43.72 -39.36 -74.50
C MET KA 205 -44.93 -40.25 -74.76
N ALA KA 206 -45.85 -40.33 -73.79
CA ALA KA 206 -47.05 -41.14 -73.99
C ALA KA 206 -47.90 -40.60 -75.13
N GLU KA 207 -48.09 -39.28 -75.19
CA GLU KA 207 -48.89 -38.70 -76.25
C GLU KA 207 -48.23 -38.89 -77.61
N THR KA 208 -46.91 -38.72 -77.67
CA THR KA 208 -46.20 -38.95 -78.93
C THR KA 208 -46.32 -40.40 -79.37
N THR KA 209 -46.22 -41.33 -78.42
CA THR KA 209 -46.38 -42.75 -78.75
C THR KA 209 -47.77 -43.02 -79.30
N ILE KA 210 -48.80 -42.47 -78.67
CA ILE KA 210 -50.17 -42.69 -79.13
C ILE KA 210 -50.37 -42.12 -80.52
N ARG KA 211 -49.88 -40.88 -80.74
CA ARG KA 211 -50.07 -40.24 -82.04
C ARG KA 211 -49.34 -41.00 -83.14
N GLU KA 212 -48.08 -41.38 -82.90
CA GLU KA 212 -47.33 -42.10 -83.92
C GLU KA 212 -47.91 -43.49 -84.16
N SER KA 213 -48.44 -44.13 -83.11
CA SER KA 213 -49.03 -45.45 -83.27
C SER KA 213 -50.32 -45.38 -84.08
N GLU KA 214 -51.16 -44.37 -83.82
CA GLU KA 214 -52.37 -44.23 -84.61
C GLU KA 214 -52.07 -43.73 -86.02
N LYS KA 215 -50.90 -43.12 -86.22
CA LYS KA 215 -50.47 -42.79 -87.58
C LYS KA 215 -50.14 -44.03 -88.39
N LEU KA 216 -49.95 -45.18 -87.74
CA LEU KA 216 -49.69 -46.44 -88.42
C LEU KA 216 -50.92 -47.32 -88.50
N GLY KA 217 -52.11 -46.76 -88.19
CA GLY KA 217 -53.35 -47.48 -88.27
C GLY KA 217 -53.74 -48.22 -87.00
N VAL KA 218 -52.93 -48.13 -85.94
CA VAL KA 218 -53.19 -48.89 -84.73
C VAL KA 218 -54.05 -48.08 -83.79
N ASP KA 219 -55.02 -48.76 -83.19
CA ASP KA 219 -55.92 -48.12 -82.25
C ASP KA 219 -55.22 -47.34 -81.20
N PRO KA 220 -55.93 -46.44 -80.57
CA PRO KA 220 -55.34 -45.71 -79.47
C PRO KA 220 -55.71 -46.44 -78.24
N ARG KA 221 -55.88 -47.74 -78.36
CA ARG KA 221 -56.14 -48.52 -77.17
C ARG KA 221 -54.92 -49.32 -76.75
N LEU KA 222 -54.72 -50.49 -77.34
CA LEU KA 222 -53.64 -51.36 -76.87
C LEU KA 222 -52.31 -50.61 -76.84
N ALA KA 223 -52.10 -49.68 -77.78
CA ALA KA 223 -50.93 -48.83 -77.70
C ALA KA 223 -50.94 -48.00 -76.42
N ALA KA 224 -52.13 -47.64 -75.95
CA ALA KA 224 -52.25 -46.95 -74.67
C ALA KA 224 -51.75 -47.83 -73.53
N GLU KA 225 -52.11 -49.12 -73.54
CA GLU KA 225 -51.63 -50.00 -72.48
C GLU KA 225 -50.13 -50.25 -72.60
N VAL KA 226 -49.59 -50.28 -73.82
CA VAL KA 226 -48.15 -50.39 -73.99
C VAL KA 226 -47.45 -49.18 -73.38
N ALA KA 227 -47.96 -47.98 -73.69
CA ALA KA 227 -47.41 -46.77 -73.10
C ALA KA 227 -47.56 -46.77 -71.58
N ARG KA 228 -48.65 -47.35 -71.07
CA ARG KA 228 -48.84 -47.43 -69.63
C ARG KA 228 -47.79 -48.32 -68.97
N GLU KA 229 -47.52 -49.49 -69.57
CA GLU KA 229 -46.47 -50.35 -69.04
C GLU KA 229 -45.11 -49.66 -69.09
N MET KA 230 -44.82 -48.96 -70.19
CA MET KA 230 -43.53 -48.27 -70.28
C MET KA 230 -43.44 -47.12 -69.29
N VAL KA 231 -44.56 -46.44 -69.02
CA VAL KA 231 -44.57 -45.39 -68.01
C VAL KA 231 -44.30 -45.98 -66.63
N ASP KA 232 -44.89 -47.14 -66.35
CA ASP KA 232 -44.62 -47.82 -65.09
C ASP KA 232 -43.14 -48.18 -64.98
N GLY KA 233 -42.55 -48.67 -66.09
CA GLY KA 233 -41.13 -48.97 -66.07
C GLY KA 233 -40.26 -47.75 -65.85
N VAL KA 234 -40.64 -46.62 -66.46
CA VAL KA 234 -39.90 -45.37 -66.25
C VAL KA 234 -39.98 -44.94 -64.80
N GLY KA 235 -41.19 -45.05 -64.20
CA GLY KA 235 -41.34 -44.72 -62.80
C GLY KA 235 -40.49 -45.60 -61.90
N HIS KA 236 -40.42 -46.89 -62.20
CA HIS KA 236 -39.59 -47.79 -61.41
C HIS KA 236 -38.11 -47.45 -61.55
N GLU KA 237 -37.66 -47.20 -62.78
CA GLU KA 237 -36.24 -46.94 -63.00
C GLU KA 237 -35.81 -45.61 -62.38
N THR KA 238 -36.62 -44.56 -62.56
CA THR KA 238 -36.26 -43.23 -62.11
C THR KA 238 -36.35 -43.07 -60.59
N GLY KA 239 -36.96 -44.02 -59.89
CA GLY KA 239 -37.10 -43.90 -58.46
C GLY KA 239 -38.20 -42.99 -57.99
N GLU KA 240 -39.11 -42.61 -58.89
CA GLU KA 240 -40.24 -41.74 -58.55
C GLU KA 240 -41.48 -42.30 -59.22
N THR KA 241 -42.40 -42.86 -58.41
CA THR KA 241 -43.59 -43.50 -58.94
C THR KA 241 -44.85 -42.66 -58.82
N GLU KA 242 -44.83 -41.59 -58.02
CA GLU KA 242 -46.01 -40.75 -57.90
C GLU KA 242 -46.34 -40.04 -59.22
N ALA KA 243 -45.31 -39.53 -59.90
CA ALA KA 243 -45.52 -38.96 -61.22
C ALA KA 243 -45.97 -40.02 -62.22
N ALA KA 244 -45.38 -41.21 -62.14
CA ALA KA 244 -45.83 -42.32 -62.96
C ALA KA 244 -47.28 -42.68 -62.64
N PHE KA 245 -47.66 -42.62 -61.36
CA PHE KA 245 -49.03 -42.88 -60.97
C PHE KA 245 -49.98 -41.84 -61.60
N ARG KA 246 -49.59 -40.57 -61.55
CA ARG KA 246 -50.44 -39.52 -62.12
C ARG KA 246 -50.59 -39.69 -63.63
N VAL KA 247 -49.49 -39.97 -64.33
CA VAL KA 247 -49.59 -40.18 -65.77
C VAL KA 247 -50.41 -41.42 -66.08
N ARG KA 248 -50.31 -42.44 -65.23
CA ARG KA 248 -51.15 -43.63 -65.39
C ARG KA 248 -52.63 -43.26 -65.26
N ARG KA 249 -52.96 -42.42 -64.30
CA ARG KA 249 -54.36 -41.98 -64.13
C ARG KA 249 -54.84 -41.20 -65.35
N GLU KA 250 -54.01 -40.29 -65.87
CA GLU KA 250 -54.43 -39.52 -67.03
C GLU KA 250 -54.60 -40.41 -68.25
N LEU KA 251 -53.72 -41.40 -68.42
CA LEU KA 251 -53.88 -42.34 -69.53
C LEU KA 251 -55.12 -43.20 -69.37
N ASP KA 252 -55.44 -43.60 -68.14
CA ASP KA 252 -56.68 -44.32 -67.87
C ASP KA 252 -57.90 -43.48 -68.19
N THR KA 253 -57.84 -42.17 -67.92
CA THR KA 253 -58.91 -41.28 -68.34
C THR KA 253 -58.96 -41.17 -69.87
N VAL KA 254 -57.80 -41.17 -70.51
CA VAL KA 254 -57.74 -41.03 -71.97
C VAL KA 254 -58.39 -42.21 -72.66
N ILE KA 255 -58.13 -43.43 -72.18
CA ILE KA 255 -58.66 -44.61 -72.86
C ILE KA 255 -60.19 -44.63 -72.79
N LEU KA 256 -60.77 -43.93 -71.82
CA LEU KA 256 -62.22 -43.84 -71.70
C LEU KA 256 -62.81 -43.08 -72.87
N THR LA 25 -53.53 -61.89 -24.39
CA THR LA 25 -54.26 -63.07 -23.96
C THR LA 25 -55.56 -62.71 -23.27
N GLU LA 26 -55.93 -61.43 -23.37
CA GLU LA 26 -57.16 -60.96 -22.73
C GLU LA 26 -58.38 -61.63 -23.32
N LYS LA 27 -58.41 -61.81 -24.64
CA LYS LA 27 -59.52 -62.51 -25.27
C LYS LA 27 -59.66 -63.92 -24.74
N LEU LA 28 -58.53 -64.63 -24.59
CA LEU LA 28 -58.58 -66.00 -24.08
C LEU LA 28 -59.07 -66.04 -22.64
N LYS LA 29 -58.61 -65.09 -21.82
CA LYS LA 29 -59.08 -65.04 -20.43
C LYS LA 29 -60.58 -64.78 -20.37
N LYS LA 30 -61.07 -63.85 -21.19
CA LYS LA 30 -62.51 -63.59 -21.22
C LYS LA 30 -63.29 -64.80 -21.72
N ILE LA 31 -62.76 -65.50 -22.71
CA ILE LA 31 -63.44 -66.70 -23.21
C ILE LA 31 -63.54 -67.75 -22.11
N THR LA 32 -62.44 -67.96 -21.36
CA THR LA 32 -62.47 -68.90 -20.26
C THR LA 32 -63.47 -68.48 -19.20
N LYS LA 33 -63.48 -67.20 -18.85
CA LYS LA 33 -64.41 -66.70 -17.83
C LYS LA 33 -65.85 -66.92 -18.27
N LEU LA 34 -66.18 -66.57 -19.51
CA LEU LA 34 -67.55 -66.71 -19.98
C LEU LA 34 -67.96 -68.18 -20.09
N LEU LA 35 -67.02 -69.06 -20.45
CA LEU LA 35 -67.34 -70.48 -20.48
C LEU LA 35 -67.59 -71.00 -19.06
N HIS LA 36 -66.90 -70.50 -18.08
CA HIS LA 36 -67.20 -70.95 -16.74
C HIS LA 36 -68.60 -70.50 -16.51
N GLU LA 37 -68.82 -69.21 -16.60
CA GLU LA 37 -70.16 -68.72 -16.24
C GLU LA 37 -71.24 -69.55 -16.90
N LEU LA 38 -71.07 -69.87 -18.19
CA LEU LA 38 -72.07 -70.67 -18.89
C LEU LA 38 -72.22 -72.05 -18.27
N VAL LA 39 -71.10 -72.70 -17.93
CA VAL LA 39 -71.19 -74.05 -17.38
C VAL LA 39 -71.72 -74.01 -15.95
N ASP LA 40 -71.56 -72.88 -15.25
CA ASP LA 40 -72.09 -72.77 -13.90
C ASP LA 40 -73.61 -72.89 -13.91
N ARG LA 41 -74.28 -72.16 -14.81
CA ARG LA 41 -75.73 -72.20 -14.91
C ARG LA 41 -76.13 -73.09 -16.10
N GLY LA 42 -76.02 -74.40 -15.89
CA GLY LA 42 -76.41 -75.35 -16.92
C GLY LA 42 -75.64 -75.16 -18.20
N GLU LA 43 -76.38 -75.16 -19.31
CA GLU LA 43 -75.85 -74.83 -20.65
C GLU LA 43 -74.75 -75.84 -20.99
N ILE LA 44 -73.53 -75.39 -21.29
CA ILE LA 44 -72.45 -76.26 -21.77
C ILE LA 44 -72.00 -77.19 -20.65
N PRO LA 45 -71.43 -78.36 -20.99
CA PRO LA 45 -70.92 -79.26 -19.93
C PRO LA 45 -69.58 -78.79 -19.38
N GLU LA 46 -69.06 -79.52 -18.38
CA GLU LA 46 -67.87 -79.08 -17.67
C GLU LA 46 -66.58 -79.30 -18.45
N GLU LA 47 -66.56 -80.29 -19.36
CA GLU LA 47 -65.33 -80.64 -20.06
C GLU LA 47 -64.79 -79.45 -20.84
N LEU LA 48 -65.68 -78.67 -21.46
CA LEU LA 48 -65.23 -77.53 -22.25
C LEU LA 48 -64.57 -76.47 -21.37
N ALA LA 49 -65.14 -76.23 -20.18
CA ALA LA 49 -64.55 -75.26 -19.26
C ALA LA 49 -63.21 -75.76 -18.73
N THR LA 50 -63.10 -77.05 -18.43
CA THR LA 50 -61.82 -77.59 -17.97
C THR LA 50 -60.75 -77.47 -19.05
N LEU LA 51 -61.12 -77.78 -20.30
CA LEU LA 51 -60.17 -77.61 -21.40
C LEU LA 51 -59.79 -76.15 -21.56
N ALA LA 52 -60.75 -75.24 -21.41
CA ALA LA 52 -60.43 -73.82 -21.50
C ALA LA 52 -59.42 -73.43 -20.44
N THR LA 53 -59.59 -73.92 -19.20
CA THR LA 53 -58.64 -73.59 -18.13
C THR LA 53 -57.25 -74.14 -18.45
N LEU LA 54 -57.16 -75.42 -18.83
CA LEU LA 54 -55.87 -76.02 -19.11
C LEU LA 54 -55.16 -75.31 -20.25
N LEU LA 55 -55.88 -75.02 -21.33
CA LEU LA 55 -55.27 -74.33 -22.47
C LEU LA 55 -54.92 -72.89 -22.13
N LEU LA 56 -55.70 -72.24 -21.26
CA LEU LA 56 -55.36 -70.89 -20.85
C LEU LA 56 -54.10 -70.88 -19.99
N TYR LA 57 -53.83 -71.95 -19.26
CA TYR LA 57 -52.55 -72.06 -18.57
C TYR LA 57 -51.42 -72.31 -19.55
N LEU LA 58 -51.62 -73.25 -20.47
CA LEU LA 58 -50.57 -73.64 -21.42
C LEU LA 58 -50.16 -72.45 -22.28
N VAL LA 59 -51.12 -71.78 -22.92
CA VAL LA 59 -50.90 -70.46 -23.47
C VAL LA 59 -50.58 -69.56 -22.28
N GLU LA 60 -49.68 -68.60 -22.47
CA GLU LA 60 -49.23 -67.69 -21.42
C GLU LA 60 -48.33 -68.44 -20.44
N LYS LA 61 -48.26 -69.77 -20.55
CA LYS LA 61 -47.06 -70.47 -20.11
C LYS LA 61 -46.04 -70.53 -21.24
N GLY LA 62 -46.49 -70.33 -22.47
CA GLY LA 62 -45.59 -70.30 -23.62
C GLY LA 62 -45.33 -71.67 -24.18
N LEU LA 63 -46.35 -72.53 -24.24
CA LEU LA 63 -46.20 -73.88 -24.71
C LEU LA 63 -47.09 -74.24 -25.89
N ILE LA 64 -48.11 -73.44 -26.18
CA ILE LA 64 -48.92 -73.61 -27.39
C ILE LA 64 -49.31 -72.24 -27.91
N SER LA 65 -49.97 -72.21 -29.06
CA SER LA 65 -50.40 -70.97 -29.68
C SER LA 65 -51.92 -70.83 -29.59
N GLU LA 66 -52.40 -69.61 -29.82
CA GLU LA 66 -53.85 -69.37 -29.76
C GLU LA 66 -54.59 -70.20 -30.79
N PHE LA 67 -53.94 -70.53 -31.90
CA PHE LA 67 -54.59 -71.37 -32.91
C PHE LA 67 -54.94 -72.72 -32.34
N ASP LA 68 -54.02 -73.33 -31.58
CA ASP LA 68 -54.30 -74.63 -30.97
C ASP LA 68 -55.42 -74.51 -29.94
N PHE LA 69 -55.42 -73.43 -29.16
CA PHE LA 69 -56.49 -73.19 -28.19
C PHE LA 69 -57.85 -73.18 -28.90
N ILE LA 70 -57.99 -72.35 -29.93
CA ILE LA 70 -59.28 -72.23 -30.60
C ILE LA 70 -59.64 -73.52 -31.32
N GLU LA 71 -58.65 -74.21 -31.90
CA GLU LA 71 -58.94 -75.43 -32.62
C GLU LA 71 -59.45 -76.51 -31.67
N HIS LA 72 -58.82 -76.66 -30.50
CA HIS LA 72 -59.29 -77.63 -29.52
C HIS LA 72 -60.68 -77.27 -29.02
N LEU LA 73 -60.92 -75.98 -28.76
CA LEU LA 73 -62.23 -75.57 -28.29
C LEU LA 73 -63.31 -75.90 -29.31
N VAL LA 74 -63.04 -75.61 -30.60
CA VAL LA 74 -64.01 -75.87 -31.65
C VAL LA 74 -64.21 -77.37 -31.83
N ARG LA 75 -63.14 -78.16 -31.73
CA ARG LA 75 -63.28 -79.60 -31.86
C ARG LA 75 -64.16 -80.18 -30.75
N LEU LA 76 -63.94 -79.74 -29.51
CA LEU LA 76 -64.79 -80.21 -28.42
C LEU LA 76 -66.23 -79.75 -28.59
N ALA LA 77 -66.43 -78.50 -29.03
CA ALA LA 77 -67.79 -78.00 -29.24
C ALA LA 77 -68.51 -78.81 -30.30
N GLU LA 78 -67.81 -79.15 -31.40
CA GLU LA 78 -68.40 -80.00 -32.42
C GLU LA 78 -68.71 -81.39 -31.89
N LYS LA 79 -67.81 -81.93 -31.06
CA LYS LA 79 -68.03 -83.25 -30.49
C LYS LA 79 -69.27 -83.27 -29.59
N LEU LA 80 -69.45 -82.23 -28.79
CA LEU LA 80 -70.58 -82.16 -27.87
C LEU LA 80 -71.80 -81.47 -28.44
N GLY LA 81 -71.71 -80.95 -29.66
CA GLY LA 81 -72.84 -80.28 -30.29
C GLY LA 81 -73.30 -79.04 -29.55
N VAL LA 82 -72.35 -78.20 -29.14
CA VAL LA 82 -72.64 -77.00 -28.36
C VAL LA 82 -71.99 -75.81 -29.05
N LEU LA 83 -71.75 -75.94 -30.36
CA LEU LA 83 -71.00 -74.93 -31.10
C LEU LA 83 -71.67 -73.57 -31.08
N GLU LA 84 -73.00 -73.53 -30.98
CA GLU LA 84 -73.71 -72.25 -30.96
C GLU LA 84 -73.33 -71.43 -29.75
N GLU LA 85 -73.22 -72.07 -28.58
CA GLU LA 85 -72.83 -71.34 -27.37
C GLU LA 85 -71.40 -70.81 -27.49
N LEU LA 86 -70.50 -71.60 -28.08
CA LEU LA 86 -69.14 -71.11 -28.32
C LEU LA 86 -69.15 -69.92 -29.27
N LYS LA 87 -70.01 -69.96 -30.30
CA LYS LA 87 -70.14 -68.83 -31.21
C LYS LA 87 -70.61 -67.59 -30.46
N LYS LA 88 -71.60 -67.74 -29.59
CA LYS LA 88 -72.09 -66.62 -28.81
C LYS LA 88 -71.00 -66.06 -27.91
N VAL LA 89 -70.22 -66.93 -27.28
CA VAL LA 89 -69.12 -66.48 -26.43
C VAL LA 89 -68.10 -65.69 -27.25
N LEU LA 90 -67.77 -66.18 -28.44
CA LEU LA 90 -66.78 -65.50 -29.26
C LEU LA 90 -67.30 -64.17 -29.79
N GLU LA 91 -68.61 -64.05 -30.01
CA GLU LA 91 -69.17 -62.74 -30.34
C GLU LA 91 -69.13 -61.80 -29.15
N GLU LA 92 -69.46 -62.31 -27.95
CA GLU LA 92 -69.46 -61.47 -26.76
C GLU LA 92 -68.07 -60.92 -26.46
N VAL LA 93 -67.04 -61.76 -26.54
CA VAL LA 93 -65.69 -61.27 -26.27
C VAL LA 93 -65.25 -60.30 -27.36
N GLY LA 94 -65.77 -60.46 -28.58
CA GLY LA 94 -65.42 -59.58 -29.67
C GLY LA 94 -64.16 -60.00 -30.39
N ASP LA 95 -64.12 -61.25 -30.84
CA ASP LA 95 -62.97 -61.80 -31.54
C ASP LA 95 -63.38 -62.16 -32.96
N GLU LA 96 -62.60 -61.68 -33.93
CA GLU LA 96 -62.87 -61.99 -35.34
C GLU LA 96 -62.09 -63.19 -35.83
N PHE LA 97 -60.85 -63.35 -35.36
CA PHE LA 97 -60.02 -64.48 -35.79
C PHE LA 97 -60.65 -65.80 -35.35
N GLY LA 98 -61.01 -65.90 -34.07
CA GLY LA 98 -61.62 -67.12 -33.60
C GLY LA 98 -62.96 -67.41 -34.26
N LEU LA 99 -63.77 -66.38 -34.48
CA LEU LA 99 -65.06 -66.57 -35.13
C LEU LA 99 -64.87 -67.07 -36.56
N THR LA 100 -63.92 -66.48 -37.28
CA THR LA 100 -63.63 -66.93 -38.64
C THR LA 100 -63.14 -68.37 -38.64
N LEU LA 101 -62.33 -68.74 -37.64
CA LEU LA 101 -61.88 -70.13 -37.54
C LEU LA 101 -63.05 -71.07 -37.29
N VAL LA 102 -64.00 -70.65 -36.45
CA VAL LA 102 -65.18 -71.46 -36.19
C VAL LA 102 -65.98 -71.67 -37.47
N TYR LA 103 -66.20 -70.59 -38.23
CA TYR LA 103 -66.90 -70.72 -39.49
C TYR LA 103 -66.15 -71.63 -40.45
N ALA LA 104 -64.82 -71.51 -40.51
CA ALA LA 104 -64.03 -72.35 -41.41
C ALA LA 104 -64.17 -73.83 -41.04
N ILE LA 105 -64.10 -74.15 -39.75
CA ILE LA 105 -64.21 -75.54 -39.32
C ILE LA 105 -65.60 -76.09 -39.62
N SER LA 106 -66.64 -75.32 -39.31
CA SER LA 106 -68.00 -75.78 -39.59
C SER LA 106 -68.23 -75.98 -41.08
N LEU LA 107 -67.73 -75.05 -41.90
CA LEU LA 107 -67.88 -75.15 -43.34
C LEU LA 107 -67.11 -76.35 -43.88
N LEU LA 108 -65.91 -76.62 -43.35
CA LEU LA 108 -65.17 -77.80 -43.74
C LEU LA 108 -65.92 -79.08 -43.41
N LYS LA 109 -66.51 -79.14 -42.21
CA LYS LA 109 -67.29 -80.31 -41.84
C LYS LA 109 -68.49 -80.50 -42.76
N GLU LA 110 -69.20 -79.41 -43.07
CA GLU LA 110 -70.35 -79.50 -43.97
C GLU LA 110 -69.94 -79.94 -45.36
N VAL LA 111 -68.81 -79.41 -45.86
CA VAL LA 111 -68.33 -79.80 -47.19
C VAL LA 111 -67.89 -81.27 -47.20
N GLU LA 112 -67.25 -81.72 -46.11
CA GLU LA 112 -66.89 -83.12 -45.99
C GLU LA 112 -68.14 -84.00 -46.03
N LYS LA 113 -69.22 -83.54 -45.40
CA LYS LA 113 -70.50 -84.23 -45.55
C LYS LA 113 -70.94 -84.23 -47.00
N GLU LA 114 -70.78 -83.09 -47.69
CA GLU LA 114 -71.14 -83.02 -49.11
C GLU LA 114 -70.17 -83.83 -49.97
N GLY LA 115 -68.87 -83.62 -49.78
CA GLY LA 115 -67.87 -84.37 -50.51
C GLY LA 115 -67.42 -83.77 -51.83
N ASP LA 116 -67.29 -82.44 -51.91
CA ASP LA 116 -66.87 -81.79 -53.15
C ASP LA 116 -65.42 -81.31 -53.01
N GLU LA 117 -64.59 -81.64 -54.00
CA GLU LA 117 -63.14 -81.48 -53.86
C GLU LA 117 -62.69 -80.02 -53.93
N GLU LA 118 -63.26 -79.25 -54.86
CA GLU LA 118 -62.78 -77.88 -55.04
C GLU LA 118 -63.00 -77.04 -53.79
N LEU LA 119 -64.17 -77.15 -53.17
CA LEU LA 119 -64.39 -76.49 -51.89
C LEU LA 119 -63.50 -77.07 -50.79
N LYS LA 120 -63.13 -78.36 -50.88
CA LYS LA 120 -62.14 -78.89 -49.95
C LYS LA 120 -60.84 -78.10 -50.04
N GLU LA 121 -60.32 -77.94 -51.26
CA GLU LA 121 -59.08 -77.19 -51.43
C GLU LA 121 -59.26 -75.74 -50.99
N TYR LA 122 -60.41 -75.14 -51.29
CA TYR LA 122 -60.67 -73.76 -50.92
C TYR LA 122 -60.61 -73.58 -49.41
N VAL LA 123 -61.31 -74.45 -48.68
CA VAL LA 123 -61.36 -74.30 -47.23
C VAL LA 123 -60.02 -74.67 -46.59
N LYS LA 124 -59.28 -75.62 -47.17
CA LYS LA 124 -57.96 -75.92 -46.63
C LYS LA 124 -57.01 -74.73 -46.79
N LEU LA 125 -57.06 -74.07 -47.95
CA LEU LA 125 -56.26 -72.86 -48.13
C LEU LA 125 -56.71 -71.77 -47.15
N ALA LA 126 -58.03 -71.63 -46.95
CA ALA LA 126 -58.53 -70.65 -45.99
C ALA LA 126 -58.03 -70.93 -44.59
N ILE LA 127 -58.03 -72.21 -44.18
CA ILE LA 127 -57.58 -72.57 -42.84
C ILE LA 127 -56.08 -72.33 -42.68
N GLU LA 128 -55.30 -72.65 -43.71
CA GLU LA 128 -53.86 -72.39 -43.64
C GLU LA 128 -53.57 -70.89 -43.53
N THR LA 129 -54.29 -70.08 -44.31
CA THR LA 129 -54.13 -68.64 -44.21
C THR LA 129 -54.56 -68.12 -42.84
N LEU LA 130 -55.63 -68.71 -42.28
CA LEU LA 130 -56.08 -68.32 -40.95
C LEU LA 130 -55.02 -68.64 -39.91
N LYS LA 131 -54.36 -69.80 -40.03
CA LYS LA 131 -53.28 -70.14 -39.10
C LYS LA 131 -52.12 -69.15 -39.24
N GLU LA 132 -51.75 -68.81 -40.47
CA GLU LA 132 -50.66 -67.86 -40.68
C GLU LA 132 -51.00 -66.50 -40.10
N ALA LA 133 -52.26 -66.07 -40.24
CA ALA LA 133 -52.69 -64.82 -39.62
C ALA LA 133 -52.64 -64.91 -38.10
N PHE LA 134 -53.17 -66.00 -37.54
CA PHE LA 134 -53.16 -66.21 -36.09
C PHE LA 134 -51.74 -66.16 -35.53
N GLU LA 135 -50.75 -66.57 -36.33
CA GLU LA 135 -49.37 -66.53 -35.87
C GLU LA 135 -48.98 -65.14 -35.38
N ARG LA 136 -49.43 -64.09 -36.07
CA ARG LA 136 -49.07 -62.73 -35.69
C ARG LA 136 -50.21 -61.74 -35.80
N LYS LA 137 -51.46 -62.19 -35.94
CA LYS LA 137 -52.62 -61.31 -36.10
C LYS LA 137 -52.44 -60.39 -37.30
N ASN LA 138 -52.24 -61.00 -38.47
CA ASN LA 138 -52.06 -60.27 -39.71
C ASN LA 138 -53.42 -60.14 -40.38
N TYR LA 139 -53.88 -58.89 -40.52
CA TYR LA 139 -55.28 -58.65 -40.86
C TYR LA 139 -55.57 -59.00 -42.32
N ALA LA 140 -54.56 -58.91 -43.19
CA ALA LA 140 -54.78 -59.11 -44.62
C ALA LA 140 -55.13 -60.56 -44.95
N LEU LA 141 -54.37 -61.52 -44.41
CA LEU LA 141 -54.74 -62.91 -44.60
C LEU LA 141 -56.08 -63.23 -43.95
N LEU LA 142 -56.42 -62.52 -42.87
CA LEU LA 142 -57.76 -62.66 -42.30
C LEU LA 142 -58.82 -62.22 -43.29
N VAL LA 143 -58.59 -61.12 -44.00
CA VAL LA 143 -59.53 -60.68 -45.02
C VAL LA 143 -59.66 -61.72 -46.12
N SER LA 144 -58.52 -62.27 -46.57
CA SER LA 144 -58.55 -63.27 -47.63
C SER LA 144 -59.34 -64.51 -47.19
N ALA LA 145 -59.07 -65.00 -45.98
CA ALA LA 145 -59.78 -66.17 -45.48
C ALA LA 145 -61.26 -65.88 -45.30
N LYS LA 146 -61.60 -64.67 -44.83
CA LYS LA 146 -63.00 -64.29 -44.68
C LYS LA 146 -63.70 -64.32 -46.03
N ILE LA 147 -63.05 -63.76 -47.05
CA ILE LA 147 -63.63 -63.78 -48.40
C ILE LA 147 -63.88 -65.21 -48.85
N ILE LA 148 -62.86 -66.07 -48.68
CA ILE LA 148 -62.99 -67.45 -49.15
C ILE LA 148 -64.14 -68.15 -48.43
N VAL LA 149 -64.23 -68.00 -47.11
CA VAL LA 149 -65.24 -68.73 -46.35
C VAL LA 149 -66.64 -68.20 -46.66
N GLU LA 150 -66.80 -66.88 -46.82
CA GLU LA 150 -68.15 -66.37 -47.09
C GLU LA 150 -68.60 -66.76 -48.49
N ASN LA 151 -67.70 -66.73 -49.47
CA ASN LA 151 -68.08 -67.18 -50.80
C ASN LA 151 -68.41 -68.67 -50.81
N ALA LA 152 -67.65 -69.47 -50.06
CA ALA LA 152 -67.98 -70.90 -49.97
C ALA LA 152 -69.34 -71.11 -49.32
N GLU LA 153 -69.63 -70.37 -48.24
CA GLU LA 153 -70.93 -70.50 -47.59
C GLU LA 153 -72.05 -70.12 -48.55
N GLU LA 154 -71.87 -69.05 -49.31
CA GLU LA 154 -72.87 -68.68 -50.32
C GLU LA 154 -73.01 -69.77 -51.37
N ILE LA 155 -71.90 -70.44 -51.71
CA ILE LA 155 -71.96 -71.56 -52.65
C ILE LA 155 -72.83 -72.68 -52.10
N LEU LA 156 -72.64 -73.03 -50.82
CA LEU LA 156 -73.47 -74.07 -50.23
C LEU LA 156 -74.95 -73.66 -50.16
N LYS LA 157 -75.22 -72.39 -49.84
CA LYS LA 157 -76.62 -71.94 -49.85
C LYS LA 157 -77.22 -72.06 -51.24
N ALA LA 158 -76.50 -71.60 -52.26
CA ALA LA 158 -77.01 -71.68 -53.63
C ALA LA 158 -77.11 -73.12 -54.13
N LYS LA 159 -76.36 -74.04 -53.52
CA LYS LA 159 -76.47 -75.45 -53.90
C LYS LA 159 -77.87 -75.97 -53.66
N LYS LA 160 -78.43 -75.70 -52.47
CA LYS LA 160 -79.81 -76.08 -52.21
C LYS LA 160 -80.79 -75.12 -52.88
N LYS LA 161 -80.42 -73.85 -53.06
CA LYS LA 161 -81.27 -72.93 -53.79
C LYS LA 161 -81.36 -73.32 -55.26
N GLY LA 162 -80.21 -73.53 -55.90
CA GLY LA 162 -80.19 -73.99 -57.28
C GLY LA 162 -80.10 -72.89 -58.32
N ASP LA 163 -79.27 -71.88 -58.07
CA ASP LA 163 -79.05 -70.78 -59.00
C ASP LA 163 -77.63 -70.94 -59.53
N GLU LA 164 -77.49 -71.50 -60.73
CA GLU LA 164 -76.18 -71.86 -61.26
C GLU LA 164 -75.34 -70.62 -61.56
N GLU LA 165 -75.97 -69.55 -62.04
CA GLU LA 165 -75.22 -68.34 -62.34
C GLU LA 165 -74.48 -67.83 -61.11
N LYS LA 166 -75.17 -67.83 -59.96
CA LYS LA 166 -74.55 -67.35 -58.73
C LYS LA 166 -73.39 -68.25 -58.30
N ILE LA 167 -73.53 -69.58 -58.47
CA ILE LA 167 -72.46 -70.48 -58.07
C ILE LA 167 -71.24 -70.28 -58.97
N LYS LA 168 -71.47 -70.07 -60.27
CA LYS LA 168 -70.34 -69.79 -61.15
C LYS LA 168 -69.66 -68.47 -60.76
N GLU LA 169 -70.45 -67.45 -60.43
CA GLU LA 169 -69.87 -66.18 -59.99
C GLU LA 169 -69.05 -66.37 -58.72
N LEU LA 170 -69.54 -67.16 -57.78
CA LEU LA 170 -68.81 -67.40 -56.54
C LEU LA 170 -67.52 -68.18 -56.79
N LEU LA 171 -67.55 -69.15 -57.70
CA LEU LA 171 -66.32 -69.83 -58.08
C LEU LA 171 -65.32 -68.86 -58.71
N GLN LA 172 -65.81 -67.92 -59.52
CA GLN LA 172 -64.90 -66.90 -60.05
C GLN LA 172 -64.27 -66.07 -58.93
N ARG LA 173 -65.08 -65.67 -57.95
CA ARG LA 173 -64.56 -64.91 -56.81
C ARG LA 173 -63.52 -65.73 -56.05
N LEU LA 174 -63.78 -67.02 -55.85
CA LEU LA 174 -62.85 -67.86 -55.11
C LEU LA 174 -61.56 -68.07 -55.88
N LYS LA 175 -61.63 -68.20 -57.21
CA LYS LA 175 -60.40 -68.28 -58.00
C LYS LA 175 -59.60 -67.00 -57.89
N ALA LA 176 -60.26 -65.85 -57.92
CA ALA LA 176 -59.57 -64.58 -57.72
C ALA LA 176 -58.90 -64.53 -56.36
N ALA LA 177 -59.60 -65.00 -55.33
CA ALA LA 177 -59.02 -65.02 -53.98
C ALA LA 177 -57.81 -65.93 -53.90
N LYS LA 178 -57.89 -67.11 -54.52
CA LYS LA 178 -56.75 -68.03 -54.52
C LYS LA 178 -55.55 -67.41 -55.20
N ILE LA 179 -55.79 -66.74 -56.33
CA ILE LA 179 -54.69 -66.08 -57.04
C ILE LA 179 -54.10 -64.97 -56.18
N GLY LA 180 -54.94 -64.21 -55.48
CA GLY LA 180 -54.47 -63.02 -54.79
C GLY LA 180 -53.79 -63.31 -53.46
N THR LA 181 -54.14 -64.43 -52.82
CA THR LA 181 -53.66 -64.66 -51.46
C THR LA 181 -52.13 -64.70 -51.35
N PRO LA 182 -51.38 -65.45 -52.17
CA PRO LA 182 -49.92 -65.31 -52.10
C PRO LA 182 -49.45 -63.90 -52.40
N LEU LA 183 -50.14 -63.20 -53.31
CA LEU LA 183 -49.74 -61.85 -53.65
C LEU LA 183 -49.88 -60.90 -52.47
N VAL LA 184 -51.00 -60.99 -51.74
CA VAL LA 184 -51.19 -60.09 -50.60
C VAL LA 184 -50.24 -60.45 -49.47
N ARG LA 185 -50.01 -61.74 -49.24
CA ARG LA 185 -49.01 -62.14 -48.25
C ARG LA 185 -47.65 -61.54 -48.59
N GLU LA 186 -47.24 -61.66 -49.85
CA GLU LA 186 -45.94 -61.13 -50.27
C GLU LA 186 -45.89 -59.62 -50.15
N VAL LA 187 -46.98 -58.93 -50.51
CA VAL LA 187 -47.00 -57.47 -50.43
C VAL LA 187 -46.81 -57.01 -48.99
N VAL LA 188 -47.54 -57.64 -48.06
CA VAL LA 188 -47.39 -57.27 -46.65
C VAL LA 188 -45.97 -57.57 -46.18
N GLU LA 189 -45.44 -58.74 -46.54
CA GLU LA 189 -44.10 -59.11 -46.10
C GLU LA 189 -43.06 -58.11 -46.58
N ARG LA 190 -43.13 -57.74 -47.87
CA ARG LA 190 -42.18 -56.79 -48.42
C ARG LA 190 -42.32 -55.42 -47.77
N TYR LA 191 -43.55 -54.95 -47.57
CA TYR LA 191 -43.72 -53.65 -46.94
C TYR LA 191 -43.24 -53.64 -45.50
N ARG LA 192 -43.27 -54.79 -44.82
CA ARG LA 192 -42.86 -54.84 -43.42
C ARG LA 192 -41.46 -54.29 -43.18
N GLU LA 193 -40.48 -54.72 -43.99
CA GLU LA 193 -39.10 -54.30 -43.75
C GLU LA 193 -38.39 -53.76 -44.98
N GLU LA 194 -38.76 -54.21 -46.19
CA GLU LA 194 -38.00 -53.81 -47.37
C GLU LA 194 -38.09 -52.30 -47.63
N GLY LA 195 -39.28 -51.73 -47.48
CA GLY LA 195 -39.44 -50.29 -47.47
C GLY LA 195 -39.90 -49.62 -48.76
N GLU LA 196 -40.51 -50.39 -49.64
CA GLU LA 196 -41.06 -49.84 -50.86
C GLU LA 196 -42.23 -48.89 -50.60
N PRO LA 197 -42.82 -48.33 -51.66
CA PRO LA 197 -43.98 -47.45 -51.47
C PRO LA 197 -45.27 -48.22 -51.59
N LEU LA 198 -45.91 -48.46 -50.47
CA LEU LA 198 -47.10 -49.29 -50.47
C LEU LA 198 -47.96 -49.12 -51.68
N LEU LA 199 -48.23 -47.89 -52.07
CA LEU LA 199 -49.18 -47.75 -53.16
C LEU LA 199 -48.71 -48.45 -54.44
N ASP LA 200 -47.41 -48.39 -54.72
CA ASP LA 200 -46.87 -49.03 -55.91
C ASP LA 200 -47.07 -50.55 -55.85
N LEU LA 201 -46.71 -51.16 -54.71
CA LEU LA 201 -46.91 -52.60 -54.57
C LEU LA 201 -48.39 -52.96 -54.59
N LEU LA 202 -49.24 -52.13 -53.99
CA LEU LA 202 -50.68 -52.40 -54.03
C LEU LA 202 -51.19 -52.42 -55.47
N LEU LA 203 -50.77 -51.42 -56.26
CA LEU LA 203 -51.22 -51.35 -57.66
C LEU LA 203 -50.70 -52.53 -58.45
N HIS LA 204 -49.42 -52.90 -58.26
CA HIS LA 204 -48.87 -54.03 -58.98
C HIS LA 204 -49.57 -55.33 -58.60
N MET LA 205 -49.86 -55.52 -57.31
CA MET LA 205 -50.57 -56.72 -56.87
C MET LA 205 -51.97 -56.77 -57.47
N ALA LA 206 -52.68 -55.64 -57.47
CA ALA LA 206 -54.02 -55.61 -58.04
C ALA LA 206 -53.99 -55.92 -59.52
N GLU LA 207 -53.05 -55.33 -60.25
CA GLU LA 207 -52.96 -55.58 -61.70
C GLU LA 207 -52.60 -57.02 -61.98
N THR LA 208 -51.66 -57.59 -61.20
CA THR LA 208 -51.31 -58.99 -61.37
C THR LA 208 -52.50 -59.89 -61.10
N THR LA 209 -53.27 -59.58 -60.06
CA THR LA 209 -54.46 -60.37 -59.74
C THR LA 209 -55.46 -60.32 -60.89
N ILE LA 210 -55.69 -59.13 -61.44
CA ILE LA 210 -56.65 -58.99 -62.54
C ILE LA 210 -56.17 -59.78 -63.76
N ARG LA 211 -54.89 -59.64 -64.10
CA ARG LA 211 -54.35 -60.32 -65.28
C ARG LA 211 -54.43 -61.83 -65.12
N GLU LA 212 -54.01 -62.35 -63.97
CA GLU LA 212 -54.03 -63.79 -63.76
C GLU LA 212 -55.46 -64.31 -63.69
N SER LA 213 -56.39 -63.51 -63.13
CA SER LA 213 -57.78 -63.94 -63.05
C SER LA 213 -58.41 -63.99 -64.44
N GLU LA 214 -58.13 -63.00 -65.28
CA GLU LA 214 -58.68 -63.03 -66.64
C GLU LA 214 -57.96 -64.08 -67.49
N LYS LA 215 -56.76 -64.49 -67.10
CA LYS LA 215 -56.12 -65.62 -67.75
C LYS LA 215 -56.84 -66.94 -67.49
N LEU LA 216 -57.69 -66.98 -66.47
CA LEU LA 216 -58.47 -68.16 -66.15
C LEU LA 216 -59.91 -68.06 -66.66
N GLY LA 217 -60.20 -67.06 -67.49
CA GLY LA 217 -61.52 -66.87 -68.07
C GLY LA 217 -62.45 -66.01 -67.25
N VAL LA 218 -61.98 -65.49 -66.12
CA VAL LA 218 -62.87 -64.73 -65.23
C VAL LA 218 -62.82 -63.27 -65.61
N ASP LA 219 -64.00 -62.65 -65.60
CA ASP LA 219 -64.10 -61.24 -65.90
C ASP LA 219 -63.14 -60.39 -65.14
N PRO LA 220 -62.96 -59.17 -65.60
CA PRO LA 220 -62.10 -58.27 -64.85
C PRO LA 220 -63.02 -57.43 -64.04
N ARG LA 221 -64.17 -57.97 -63.71
CA ARG LA 221 -65.06 -57.25 -62.83
C ARG LA 221 -65.01 -57.78 -61.40
N LEU LA 222 -65.74 -58.85 -61.13
CA LEU LA 222 -65.83 -59.32 -59.75
C LEU LA 222 -64.45 -59.57 -59.16
N ALA LA 223 -63.49 -60.01 -59.99
CA ALA LA 223 -62.11 -60.10 -59.53
C ALA LA 223 -61.59 -58.73 -59.14
N ALA LA 224 -62.06 -57.68 -59.81
CA ALA LA 224 -61.68 -56.33 -59.41
C ALA LA 224 -62.19 -56.00 -58.02
N GLU LA 225 -63.44 -56.39 -57.71
CA GLU LA 225 -63.95 -56.14 -56.36
C GLU LA 225 -63.24 -56.99 -55.31
N VAL LA 226 -62.83 -58.21 -55.68
CA VAL LA 226 -62.04 -59.02 -54.75
C VAL LA 226 -60.72 -58.33 -54.45
N ALA LA 227 -60.05 -57.85 -55.50
CA ALA LA 227 -58.80 -57.12 -55.30
C ALA LA 227 -59.03 -55.84 -54.50
N ARG LA 228 -60.19 -55.21 -54.66
CA ARG LA 228 -60.50 -54.01 -53.89
C ARG LA 228 -60.65 -54.31 -52.40
N GLU LA 229 -61.36 -55.39 -52.07
CA GLU LA 229 -61.47 -55.81 -50.68
C GLU LA 229 -60.10 -56.15 -50.09
N MET LA 230 -59.27 -56.85 -50.86
CA MET LA 230 -57.95 -57.20 -50.36
C MET LA 230 -57.06 -55.97 -50.19
N VAL LA 231 -57.21 -54.98 -51.08
CA VAL LA 231 -56.48 -53.73 -50.94
C VAL LA 231 -56.92 -53.00 -49.68
N ASP LA 232 -58.22 -53.01 -49.40
CA ASP LA 232 -58.72 -52.41 -48.17
C ASP LA 232 -58.12 -53.12 -46.95
N GLY LA 233 -58.06 -54.45 -47.00
CA GLY LA 233 -57.46 -55.19 -45.91
C GLY LA 233 -55.99 -54.87 -45.72
N VAL LA 234 -55.25 -54.73 -46.83
CA VAL LA 234 -53.84 -54.36 -46.75
C VAL LA 234 -53.68 -52.99 -46.12
N GLY LA 235 -54.54 -52.04 -46.53
CA GLY LA 235 -54.49 -50.71 -45.93
C GLY LA 235 -54.77 -50.74 -44.44
N HIS LA 236 -55.74 -51.55 -44.01
CA HIS LA 236 -56.03 -51.66 -42.59
C HIS LA 236 -54.86 -52.28 -41.83
N GLU LA 237 -54.28 -53.34 -42.38
CA GLU LA 237 -53.20 -54.03 -41.66
C GLU LA 237 -51.95 -53.16 -41.59
N THR LA 238 -51.59 -52.51 -42.69
CA THR LA 238 -50.35 -51.75 -42.76
C THR LA 238 -50.40 -50.44 -41.97
N GLY LA 239 -51.59 -50.01 -41.55
CA GLY LA 239 -51.71 -48.76 -40.83
C GLY LA 239 -51.70 -47.53 -41.71
N GLU LA 240 -51.85 -47.68 -43.01
CA GLU LA 240 -51.86 -46.56 -43.95
C GLU LA 240 -52.99 -46.79 -44.94
N THR LA 241 -54.05 -45.99 -44.83
CA THR LA 241 -55.23 -46.15 -45.67
C THR LA 241 -55.32 -45.15 -46.82
N GLU LA 242 -54.54 -44.07 -46.79
CA GLU LA 242 -54.58 -43.10 -47.88
C GLU LA 242 -54.09 -43.72 -49.18
N ALA LA 243 -53.01 -44.49 -49.13
CA ALA LA 243 -52.55 -45.21 -50.31
C ALA LA 243 -53.57 -46.25 -50.75
N ALA LA 244 -54.18 -46.95 -49.79
CA ALA LA 244 -55.26 -47.87 -50.10
C ALA LA 244 -56.44 -47.13 -50.72
N PHE LA 245 -56.74 -45.93 -50.23
CA PHE LA 245 -57.79 -45.12 -50.82
C PHE LA 245 -57.48 -44.77 -52.27
N ARG LA 246 -56.24 -44.37 -52.54
CA ARG LA 246 -55.86 -44.01 -53.90
C ARG LA 246 -55.94 -45.21 -54.84
N VAL LA 247 -55.45 -46.37 -54.40
CA VAL LA 247 -55.53 -47.56 -55.24
C VAL LA 247 -56.98 -47.97 -55.44
N ARG LA 248 -57.83 -47.77 -54.42
CA ARG LA 248 -59.25 -48.02 -54.56
C ARG LA 248 -59.86 -47.13 -55.64
N ARG LA 249 -59.47 -45.85 -55.65
CA ARG LA 249 -59.98 -44.94 -56.68
C ARG LA 249 -59.53 -45.36 -58.08
N GLU LA 250 -58.26 -45.75 -58.22
CA GLU LA 250 -57.79 -46.17 -59.54
C GLU LA 250 -58.49 -47.45 -59.99
N LEU LA 251 -58.74 -48.38 -59.07
CA LEU LA 251 -59.47 -49.59 -59.44
C LEU LA 251 -60.92 -49.27 -59.80
N ASP LA 252 -61.53 -48.32 -59.11
CA ASP LA 252 -62.88 -47.88 -59.46
C ASP LA 252 -62.90 -47.25 -60.84
N THR LA 253 -61.86 -46.51 -61.21
CA THR LA 253 -61.74 -46.00 -62.56
C THR LA 253 -61.54 -47.14 -63.56
N VAL LA 254 -60.79 -48.17 -63.17
CA VAL LA 254 -60.50 -49.28 -64.06
C VAL LA 254 -61.77 -50.05 -64.41
N ILE LA 255 -62.63 -50.30 -63.41
CA ILE LA 255 -63.82 -51.10 -63.67
C ILE LA 255 -64.77 -50.38 -64.63
N LEU LA 256 -64.64 -49.07 -64.75
CA LEU LA 256 -65.44 -48.29 -65.69
C LEU LA 256 -65.08 -48.65 -67.12
N THR MA 25 -79.04 -22.07 -23.64
CA THR MA 25 -80.46 -21.93 -23.36
C THR MA 25 -81.01 -20.64 -23.98
N GLU MA 26 -80.20 -20.02 -24.84
CA GLU MA 26 -80.62 -18.78 -25.48
C GLU MA 26 -81.84 -18.99 -26.37
N LYS MA 27 -81.88 -20.11 -27.10
CA LYS MA 27 -83.03 -20.42 -27.92
C LYS MA 27 -84.29 -20.54 -27.08
N LEU MA 28 -84.19 -21.20 -25.92
CA LEU MA 28 -85.36 -21.36 -25.05
C LEU MA 28 -85.82 -20.01 -24.50
N LYS MA 29 -84.88 -19.16 -24.11
CA LYS MA 29 -85.24 -17.83 -23.63
C LYS MA 29 -85.93 -17.01 -24.71
N LYS MA 30 -85.41 -17.07 -25.93
CA LYS MA 30 -86.06 -16.35 -27.03
C LYS MA 30 -87.44 -16.91 -27.33
N ILE MA 31 -87.60 -18.24 -27.25
CA ILE MA 31 -88.90 -18.84 -27.49
C ILE MA 31 -89.90 -18.35 -26.44
N THR MA 32 -89.48 -18.33 -25.17
CA THR MA 32 -90.35 -17.85 -24.11
C THR MA 32 -90.71 -16.38 -24.33
N LYS MA 33 -89.73 -15.55 -24.69
CA LYS MA 33 -89.99 -14.14 -24.92
C LYS MA 33 -90.99 -13.94 -26.06
N LEU MA 34 -90.79 -14.65 -27.18
CA LEU MA 34 -91.68 -14.48 -28.32
C LEU MA 34 -93.08 -15.01 -28.01
N LEU MA 35 -93.18 -16.07 -27.22
CA LEU MA 35 -94.50 -16.56 -26.82
C LEU MA 35 -95.19 -15.54 -25.92
N HIS MA 36 -94.48 -14.85 -25.08
CA HIS MA 36 -95.14 -13.84 -24.29
C HIS MA 36 -95.64 -12.86 -25.29
N GLU MA 37 -94.74 -12.28 -26.06
CA GLU MA 37 -95.18 -11.20 -26.95
C GLU MA 37 -96.43 -11.61 -27.72
N LEU MA 38 -96.47 -12.85 -28.23
CA LEU MA 38 -97.63 -13.30 -28.98
C LEU MA 38 -98.88 -13.32 -28.10
N VAL MA 39 -98.75 -13.81 -26.86
CA VAL MA 39 -99.93 -13.90 -26.00
C VAL MA 39 -100.35 -12.53 -25.52
N ASP MA 40 -99.43 -11.56 -25.48
CA ASP MA 40 -99.78 -10.21 -25.09
C ASP MA 40 -100.78 -9.60 -26.06
N ARG MA 41 -100.52 -9.72 -27.35
CA ARG MA 41 -101.41 -9.19 -28.39
C ARG MA 41 -102.24 -10.33 -28.97
N GLY MA 42 -103.24 -10.76 -28.20
CA GLY MA 42 -104.14 -11.80 -28.67
C GLY MA 42 -103.40 -13.09 -29.01
N GLU MA 43 -103.74 -13.65 -30.16
CA GLU MA 43 -103.05 -14.80 -30.75
C GLU MA 43 -103.15 -15.98 -29.78
N ILE MA 44 -102.03 -16.56 -29.34
CA ILE MA 44 -102.04 -17.78 -28.53
C ILE MA 44 -102.62 -17.48 -27.15
N PRO MA 45 -103.18 -18.48 -26.45
CA PRO MA 45 -103.68 -18.25 -25.09
C PRO MA 45 -102.56 -18.21 -24.05
N GLU MA 46 -102.91 -17.94 -22.80
CA GLU MA 46 -101.93 -17.70 -21.76
C GLU MA 46 -101.26 -18.98 -21.27
N GLU MA 47 -101.95 -20.12 -21.36
CA GLU MA 47 -101.42 -21.36 -20.80
C GLU MA 47 -100.08 -21.73 -21.43
N LEU MA 48 -99.94 -21.50 -22.74
CA LEU MA 48 -98.69 -21.84 -23.40
C LEU MA 48 -97.54 -20.98 -22.89
N ALA MA 49 -97.79 -19.68 -22.67
CA ALA MA 49 -96.75 -18.82 -22.14
C ALA MA 49 -96.39 -19.18 -20.71
N THR MA 50 -97.39 -19.53 -19.88
CA THR MA 50 -97.09 -19.95 -18.52
C THR MA 50 -96.26 -21.23 -18.51
N LEU MA 51 -96.61 -22.20 -19.36
CA LEU MA 51 -95.80 -23.41 -19.46
C LEU MA 51 -94.40 -23.09 -19.93
N ALA MA 52 -94.27 -22.17 -20.88
CA ALA MA 52 -92.93 -21.78 -21.34
C ALA MA 52 -92.11 -21.21 -20.20
N THR MA 53 -92.72 -20.37 -19.36
CA THR MA 53 -92.00 -19.80 -18.22
C THR MA 53 -91.57 -20.88 -17.23
N LEU MA 54 -92.50 -21.76 -16.86
CA LEU MA 54 -92.17 -22.80 -15.88
C LEU MA 54 -91.08 -23.72 -16.41
N LEU MA 55 -91.18 -24.15 -17.67
CA LEU MA 55 -90.17 -25.03 -18.23
C LEU MA 55 -88.84 -24.31 -18.42
N LEU MA 56 -88.87 -23.00 -18.71
CA LEU MA 56 -87.62 -22.25 -18.82
C LEU MA 56 -86.94 -22.11 -17.47
N TYR MA 57 -87.72 -22.09 -16.38
CA TYR MA 57 -87.09 -22.15 -15.06
C TYR MA 57 -86.52 -23.54 -14.79
N LEU MA 58 -87.31 -24.58 -15.06
CA LEU MA 58 -86.89 -25.94 -14.75
C LEU MA 58 -85.62 -26.31 -15.51
N VAL MA 59 -85.62 -26.12 -16.82
CA VAL MA 59 -84.37 -26.09 -17.58
C VAL MA 59 -83.58 -24.91 -17.05
N GLU MA 60 -82.26 -25.06 -16.97
CA GLU MA 60 -81.36 -24.03 -16.45
C GLU MA 60 -81.51 -23.96 -14.92
N LYS MA 61 -82.52 -24.64 -14.37
CA LYS MA 61 -82.40 -25.10 -12.99
C LYS MA 61 -81.74 -26.48 -12.95
N GLY MA 62 -81.72 -27.17 -14.08
CA GLY MA 62 -81.06 -28.46 -14.17
C GLY MA 62 -81.94 -29.61 -13.73
N LEU MA 63 -83.23 -29.56 -14.09
CA LEU MA 63 -84.17 -30.58 -13.67
C LEU MA 63 -84.88 -31.28 -14.83
N ILE MA 64 -84.82 -30.73 -16.05
CA ILE MA 64 -85.34 -31.41 -17.22
C ILE MA 64 -84.43 -31.08 -18.41
N SER MA 65 -84.69 -31.69 -19.55
CA SER MA 65 -83.91 -31.46 -20.76
C SER MA 65 -84.72 -30.68 -21.77
N GLU MA 66 -84.02 -30.13 -22.76
CA GLU MA 66 -84.69 -29.35 -23.81
C GLU MA 66 -85.70 -30.19 -24.56
N PHE MA 67 -85.47 -31.50 -24.65
CA PHE MA 67 -86.43 -32.37 -25.33
C PHE MA 67 -87.78 -32.34 -24.62
N ASP MA 68 -87.78 -32.39 -23.29
CA ASP MA 68 -89.04 -32.33 -22.54
C ASP MA 68 -89.71 -30.97 -22.74
N PHE MA 69 -88.92 -29.90 -22.74
CA PHE MA 69 -89.46 -28.56 -22.99
C PHE MA 69 -90.21 -28.52 -24.32
N ILE MA 70 -89.52 -28.93 -25.40
CA ILE MA 70 -90.14 -28.85 -26.72
C ILE MA 70 -91.32 -29.81 -26.82
N GLU MA 71 -91.22 -30.99 -26.21
CA GLU MA 71 -92.29 -31.96 -26.30
C GLU MA 71 -93.55 -31.43 -25.61
N HIS MA 72 -93.39 -30.84 -24.42
CA HIS MA 72 -94.54 -30.26 -23.73
C HIS MA 72 -95.13 -29.10 -24.52
N LEU MA 73 -94.27 -28.25 -25.08
CA LEU MA 73 -94.78 -27.13 -25.87
C LEU MA 73 -95.58 -27.62 -27.06
N VAL MA 74 -95.08 -28.64 -27.76
CA VAL MA 74 -95.78 -29.16 -28.93
C VAL MA 74 -97.08 -29.84 -28.53
N ARG MA 75 -97.07 -30.56 -27.41
CA ARG MA 75 -98.29 -31.22 -26.95
C ARG MA 75 -99.37 -30.19 -26.62
N LEU MA 76 -99.01 -29.11 -25.92
CA LEU MA 76 -99.99 -28.08 -25.64
C LEU MA 76 -100.46 -27.39 -26.91
N ALA MA 77 -99.55 -27.13 -27.85
CA ALA MA 77 -99.94 -26.49 -29.11
C ALA MA 77 -100.93 -27.36 -29.87
N GLU MA 78 -100.68 -28.67 -29.91
CA GLU MA 78 -101.61 -29.59 -30.56
C GLU MA 78 -102.95 -29.61 -29.83
N LYS MA 79 -102.92 -29.58 -28.50
CA LYS MA 79 -104.17 -29.58 -27.73
C LYS MA 79 -105.00 -28.33 -28.02
N LEU MA 80 -104.35 -27.18 -28.11
CA LEU MA 80 -105.06 -25.92 -28.34
C LEU MA 80 -105.19 -25.56 -29.82
N GLY MA 81 -104.60 -26.35 -30.72
CA GLY MA 81 -104.68 -26.07 -32.14
C GLY MA 81 -104.04 -24.76 -32.54
N VAL MA 82 -102.85 -24.50 -32.02
CA VAL MA 82 -102.13 -23.25 -32.27
C VAL MA 82 -100.73 -23.58 -32.77
N LEU MA 83 -100.57 -24.77 -33.33
CA LEU MA 83 -99.25 -25.27 -33.71
C LEU MA 83 -98.58 -24.40 -34.75
N GLU MA 84 -99.35 -23.72 -35.60
CA GLU MA 84 -98.76 -22.86 -36.62
C GLU MA 84 -97.99 -21.70 -36.00
N GLU MA 85 -98.54 -21.09 -34.95
CA GLU MA 85 -97.83 -20.00 -34.28
C GLU MA 85 -96.55 -20.49 -33.62
N LEU MA 86 -96.58 -21.69 -33.02
CA LEU MA 86 -95.36 -22.26 -32.47
C LEU MA 86 -94.33 -22.52 -33.56
N LYS MA 87 -94.78 -22.98 -34.73
CA LYS MA 87 -93.87 -23.16 -35.86
C LYS MA 87 -93.24 -21.84 -36.27
N LYS MA 88 -94.04 -20.78 -36.34
CA LYS MA 88 -93.50 -19.47 -36.69
C LYS MA 88 -92.48 -19.00 -35.67
N VAL MA 89 -92.78 -19.20 -34.38
CA VAL MA 89 -91.83 -18.82 -33.33
C VAL MA 89 -90.52 -19.58 -33.48
N LEU MA 90 -90.60 -20.89 -33.76
CA LEU MA 90 -89.40 -21.69 -33.89
C LEU MA 90 -88.60 -21.32 -35.12
N GLU MA 91 -89.26 -20.87 -36.19
CA GLU MA 91 -88.52 -20.34 -37.33
C GLU MA 91 -87.87 -19.01 -37.01
N GLU MA 92 -88.58 -18.14 -36.29
CA GLU MA 92 -88.02 -16.83 -35.94
C GLU MA 92 -86.78 -16.97 -35.07
N VAL MA 93 -86.83 -17.84 -34.05
CA VAL MA 93 -85.66 -18.01 -33.21
C VAL MA 93 -84.52 -18.65 -33.98
N GLY MA 94 -84.84 -19.46 -34.99
CA GLY MA 94 -83.83 -20.11 -35.80
C GLY MA 94 -83.34 -21.41 -35.20
N ASP MA 95 -84.27 -22.32 -34.89
CA ASP MA 95 -83.96 -23.61 -34.30
C ASP MA 95 -84.36 -24.71 -35.26
N GLU MA 96 -83.42 -25.62 -35.54
CA GLU MA 96 -83.70 -26.75 -36.43
C GLU MA 96 -84.13 -27.98 -35.67
N PHE MA 97 -83.56 -28.23 -34.49
CA PHE MA 97 -83.93 -29.40 -33.70
C PHE MA 97 -85.39 -29.34 -33.28
N GLY MA 98 -85.81 -28.20 -32.72
CA GLY MA 98 -87.21 -28.06 -32.31
C GLY MA 98 -88.17 -28.14 -33.47
N LEU MA 99 -87.81 -27.52 -34.60
CA LEU MA 99 -88.67 -27.56 -35.77
C LEU MA 99 -88.82 -28.99 -36.29
N THR MA 100 -87.71 -29.73 -36.35
CA THR MA 100 -87.78 -31.13 -36.76
C THR MA 100 -88.64 -31.94 -35.80
N LEU MA 101 -88.53 -31.66 -34.50
CA LEU MA 101 -89.38 -32.36 -33.53
C LEU MA 101 -90.85 -32.04 -33.76
N VAL MA 102 -91.16 -30.78 -34.08
CA VAL MA 102 -92.54 -30.40 -34.36
C VAL MA 102 -93.06 -31.16 -35.58
N TYR MA 103 -92.27 -31.21 -36.64
CA TYR MA 103 -92.68 -31.97 -37.82
C TYR MA 103 -92.87 -33.45 -37.50
N ALA MA 104 -91.96 -34.01 -36.69
CA ALA MA 104 -92.08 -35.42 -36.33
C ALA MA 104 -93.37 -35.70 -35.56
N ILE MA 105 -93.71 -34.83 -34.60
CA ILE MA 105 -94.92 -35.04 -33.81
C ILE MA 105 -96.16 -34.90 -34.69
N SER MA 106 -96.19 -33.87 -35.54
CA SER MA 106 -97.35 -33.68 -36.41
C SER MA 106 -97.50 -34.86 -37.37
N LEU MA 107 -96.39 -35.34 -37.93
CA LEU MA 107 -96.43 -36.47 -38.86
C LEU MA 107 -96.88 -37.74 -38.14
N LEU MA 108 -96.42 -37.94 -36.90
CA LEU MA 108 -96.88 -39.08 -36.12
C LEU MA 108 -98.38 -39.02 -35.88
N LYS MA 109 -98.89 -37.83 -35.53
CA LYS MA 109 -100.33 -37.70 -35.31
C LYS MA 109 -101.11 -37.99 -36.59
N GLU MA 110 -100.63 -37.46 -37.72
CA GLU MA 110 -101.32 -37.71 -39.00
C GLU MA 110 -101.29 -39.19 -39.36
N VAL MA 111 -100.15 -39.85 -39.14
CA VAL MA 111 -100.06 -41.28 -39.44
C VAL MA 111 -100.95 -42.09 -38.51
N GLU MA 112 -101.02 -41.71 -37.23
CA GLU MA 112 -101.95 -42.35 -36.31
C GLU MA 112 -103.38 -42.21 -36.79
N LYS MA 113 -103.72 -41.04 -37.33
CA LYS MA 113 -105.02 -40.89 -37.99
C LYS MA 113 -105.15 -41.85 -39.16
N GLU MA 114 -104.09 -41.99 -39.96
CA GLU MA 114 -104.11 -42.93 -41.08
C GLU MA 114 -104.09 -44.37 -40.59
N GLY MA 115 -103.17 -44.71 -39.69
CA GLY MA 115 -103.09 -46.05 -39.14
C GLY MA 115 -102.23 -47.03 -39.89
N ASP MA 116 -101.08 -46.60 -40.41
CA ASP MA 116 -100.20 -47.50 -41.17
C ASP MA 116 -98.97 -47.82 -40.32
N GLU MA 117 -98.64 -49.10 -40.21
CA GLU MA 117 -97.66 -49.55 -39.21
C GLU MA 117 -96.23 -49.19 -39.60
N GLU MA 118 -95.86 -49.36 -40.88
CA GLU MA 118 -94.46 -49.15 -41.25
C GLU MA 118 -94.05 -47.70 -41.02
N LEU MA 119 -94.90 -46.74 -41.38
CA LEU MA 119 -94.61 -45.35 -41.06
C LEU MA 119 -94.64 -45.10 -39.55
N LYS MA 120 -95.45 -45.88 -38.79
CA LYS MA 120 -95.36 -45.80 -37.34
C LYS MA 120 -93.95 -46.11 -36.86
N GLU MA 121 -93.40 -47.24 -37.31
CA GLU MA 121 -92.04 -47.60 -36.91
C GLU MA 121 -91.04 -46.55 -37.39
N TYR MA 122 -91.23 -46.05 -38.61
CA TYR MA 122 -90.30 -45.06 -39.16
C TYR MA 122 -90.27 -43.79 -38.30
N VAL MA 123 -91.45 -43.27 -37.94
CA VAL MA 123 -91.50 -42.04 -37.17
C VAL MA 123 -91.05 -42.27 -35.74
N LYS MA 124 -91.31 -43.46 -35.18
CA LYS MA 124 -90.80 -43.73 -33.83
C LYS MA 124 -89.27 -43.77 -33.81
N LEU MA 125 -88.66 -44.40 -34.82
CA LEU MA 125 -87.21 -44.36 -34.92
C LEU MA 125 -86.70 -42.94 -35.11
N ALA MA 126 -87.41 -42.16 -35.93
CA ALA MA 126 -87.02 -40.76 -36.12
C ALA MA 126 -87.07 -39.98 -34.82
N ILE MA 127 -88.11 -40.19 -34.02
CA ILE MA 127 -88.25 -39.47 -32.76
C ILE MA 127 -87.19 -39.90 -31.77
N GLU MA 128 -86.87 -41.20 -31.71
CA GLU MA 128 -85.82 -41.66 -30.82
C GLU MA 128 -84.47 -41.07 -31.22
N THR MA 129 -84.18 -41.03 -32.52
CA THR MA 129 -82.93 -40.41 -32.97
C THR MA 129 -82.92 -38.92 -32.67
N LEU MA 130 -84.08 -38.26 -32.80
CA LEU MA 130 -84.16 -36.84 -32.46
C LEU MA 130 -83.87 -36.60 -31.00
N LYS MA 131 -84.39 -37.48 -30.12
CA LYS MA 131 -84.10 -37.36 -28.70
C LYS MA 131 -82.61 -37.56 -28.42
N GLU MA 132 -82.01 -38.56 -29.06
CA GLU MA 132 -80.58 -38.80 -28.87
C GLU MA 132 -79.75 -37.61 -29.34
N ALA MA 133 -80.14 -36.99 -30.46
CA ALA MA 133 -79.46 -35.79 -30.92
C ALA MA 133 -79.64 -34.64 -29.93
N PHE MA 134 -80.88 -34.41 -29.49
CA PHE MA 134 -81.17 -33.37 -28.52
C PHE MA 134 -80.34 -33.52 -27.26
N GLU MA 135 -80.00 -34.76 -26.89
CA GLU MA 135 -79.18 -34.98 -25.69
C GLU MA 135 -77.89 -34.18 -25.74
N ARG MA 136 -77.26 -34.09 -26.93
CA ARG MA 136 -75.99 -33.37 -27.04
C ARG MA 136 -75.88 -32.54 -28.31
N LYS MA 137 -76.97 -32.29 -29.02
CA LYS MA 137 -76.96 -31.54 -30.29
C LYS MA 137 -76.00 -32.19 -31.29
N ASN MA 138 -76.27 -33.46 -31.59
CA ASN MA 138 -75.45 -34.22 -32.53
C ASN MA 138 -76.10 -34.10 -33.91
N TYR MA 139 -75.38 -33.49 -34.85
CA TYR MA 139 -75.99 -33.05 -36.10
C TYR MA 139 -76.30 -34.23 -37.00
N ALA MA 140 -75.55 -35.33 -36.89
CA ALA MA 140 -75.70 -36.45 -37.81
C ALA MA 140 -77.04 -37.16 -37.62
N LEU MA 141 -77.40 -37.47 -36.36
CA LEU MA 141 -78.71 -38.05 -36.11
C LEU MA 141 -79.82 -37.08 -36.48
N LEU MA 142 -79.56 -35.78 -36.38
CA LEU MA 142 -80.52 -34.79 -36.86
C LEU MA 142 -80.73 -34.94 -38.37
N VAL MA 143 -79.65 -35.13 -39.12
CA VAL MA 143 -79.76 -35.36 -40.56
C VAL MA 143 -80.57 -36.62 -40.85
N SER MA 144 -80.28 -37.69 -40.12
CA SER MA 144 -81.00 -38.95 -40.33
C SER MA 144 -82.49 -38.77 -40.06
N ALA MA 145 -82.84 -38.14 -38.95
CA ALA MA 145 -84.24 -37.92 -38.62
C ALA MA 145 -84.92 -37.00 -39.63
N LYS MA 146 -84.20 -35.98 -40.09
CA LYS MA 146 -84.75 -35.10 -41.11
C LYS MA 146 -85.07 -35.86 -42.38
N ILE MA 147 -84.14 -36.73 -42.80
CA ILE MA 147 -84.37 -37.56 -43.99
C ILE MA 147 -85.62 -38.41 -43.80
N ILE MA 148 -85.71 -39.08 -42.64
CA ILE MA 148 -86.85 -39.97 -42.41
C ILE MA 148 -88.16 -39.20 -42.45
N VAL MA 149 -88.20 -38.04 -41.78
CA VAL MA 149 -89.46 -37.31 -41.69
C VAL MA 149 -89.84 -36.71 -43.03
N GLU MA 150 -88.88 -36.22 -43.82
CA GLU MA 150 -89.26 -35.63 -45.11
C GLU MA 150 -89.71 -36.71 -46.08
N ASN MA 151 -89.05 -37.86 -46.07
CA ASN MA 151 -89.51 -38.95 -46.93
C ASN MA 151 -90.89 -39.45 -46.51
N ALA MA 152 -91.15 -39.52 -45.20
CA ALA MA 152 -92.48 -39.89 -44.75
C ALA MA 152 -93.53 -38.87 -45.18
N GLU MA 153 -93.21 -37.59 -45.06
CA GLU MA 153 -94.15 -36.55 -45.49
C GLU MA 153 -94.45 -36.66 -46.97
N GLU MA 154 -93.41 -36.90 -47.78
CA GLU MA 154 -93.62 -37.11 -49.21
C GLU MA 154 -94.47 -38.35 -49.46
N ILE MA 155 -94.31 -39.39 -48.63
CA ILE MA 155 -95.16 -40.57 -48.74
C ILE MA 155 -96.62 -40.22 -48.51
N LEU MA 156 -96.90 -39.44 -47.47
CA LEU MA 156 -98.29 -39.04 -47.22
C LEU MA 156 -98.84 -38.18 -48.34
N LYS MA 157 -98.03 -37.26 -48.89
CA LYS MA 157 -98.50 -36.47 -50.03
C LYS MA 157 -98.83 -37.36 -51.23
N ALA MA 158 -97.94 -38.30 -51.54
CA ALA MA 158 -98.18 -39.20 -52.67
C ALA MA 158 -99.33 -40.15 -52.40
N LYS MA 159 -99.68 -40.39 -51.14
CA LYS MA 159 -100.83 -41.24 -50.82
C LYS MA 159 -102.11 -40.65 -51.39
N LYS MA 160 -102.33 -39.35 -51.17
CA LYS MA 160 -103.49 -38.70 -51.79
C LYS MA 160 -103.25 -38.40 -53.26
N LYS MA 161 -102.00 -38.17 -53.67
CA LYS MA 161 -101.71 -37.99 -55.08
C LYS MA 161 -101.93 -39.29 -55.86
N GLY MA 162 -101.36 -40.39 -55.37
CA GLY MA 162 -101.58 -41.69 -55.98
C GLY MA 162 -100.56 -42.08 -57.02
N ASP MA 163 -99.28 -41.83 -56.75
CA ASP MA 163 -98.19 -42.20 -57.65
C ASP MA 163 -97.41 -43.31 -56.94
N GLU MA 164 -97.68 -44.56 -57.33
CA GLU MA 164 -97.12 -45.69 -56.60
C GLU MA 164 -95.61 -45.79 -56.75
N GLU MA 165 -95.08 -45.44 -57.93
CA GLU MA 165 -93.64 -45.50 -58.15
C GLU MA 165 -92.92 -44.62 -57.13
N LYS MA 166 -93.43 -43.42 -56.90
CA LYS MA 166 -92.80 -42.51 -55.96
C LYS MA 166 -92.86 -43.05 -54.52
N ILE MA 167 -93.98 -43.68 -54.15
CA ILE MA 167 -94.09 -44.21 -52.79
C ILE MA 167 -93.12 -45.37 -52.60
N LYS MA 168 -92.97 -46.22 -53.62
CA LYS MA 168 -91.98 -47.29 -53.52
C LYS MA 168 -90.57 -46.72 -53.40
N GLU MA 169 -90.26 -45.69 -54.18
CA GLU MA 169 -88.94 -45.06 -54.08
C GLU MA 169 -88.71 -44.49 -52.68
N LEU MA 170 -89.73 -43.86 -52.10
CA LEU MA 170 -89.59 -43.29 -50.77
C LEU MA 170 -89.43 -44.38 -49.71
N LEU MA 171 -90.13 -45.51 -49.86
CA LEU MA 171 -89.90 -46.63 -48.96
C LEU MA 171 -88.47 -47.16 -49.08
N GLN MA 172 -87.93 -47.19 -50.30
CA GLN MA 172 -86.53 -47.58 -50.47
C GLN MA 172 -85.61 -46.62 -49.73
N ARG MA 173 -85.86 -45.32 -49.86
CA ARG MA 173 -85.05 -44.33 -49.15
C ARG MA 173 -85.14 -44.51 -47.65
N LEU MA 174 -86.35 -44.78 -47.14
CA LEU MA 174 -86.54 -44.95 -45.70
C LEU MA 174 -85.85 -46.21 -45.20
N LYS MA 175 -85.88 -47.30 -45.99
CA LYS MA 175 -85.14 -48.49 -45.61
C LYS MA 175 -83.64 -48.21 -45.55
N ALA MA 176 -83.12 -47.46 -46.53
CA ALA MA 176 -81.71 -47.08 -46.49
C ALA MA 176 -81.40 -46.26 -45.25
N ALA MA 177 -82.29 -45.33 -44.89
CA ALA MA 177 -82.08 -44.53 -43.69
C ALA MA 177 -82.09 -45.38 -42.43
N LYS MA 178 -83.02 -46.32 -42.34
CA LYS MA 178 -83.07 -47.21 -41.18
C LYS MA 178 -81.79 -48.02 -41.06
N ILE MA 179 -81.29 -48.54 -42.18
CA ILE MA 179 -80.05 -49.29 -42.15
C ILE MA 179 -78.89 -48.41 -41.72
N GLY MA 180 -78.86 -47.16 -42.20
CA GLY MA 180 -77.69 -46.32 -41.99
C GLY MA 180 -77.64 -45.68 -40.61
N THR MA 181 -78.80 -45.48 -39.97
CA THR MA 181 -78.82 -44.72 -38.73
C THR MA 181 -77.95 -45.31 -37.62
N PRO MA 182 -78.02 -46.60 -37.30
CA PRO MA 182 -77.04 -47.13 -36.32
C PRO MA 182 -75.62 -46.98 -36.80
N LEU MA 183 -75.39 -47.11 -38.11
CA LEU MA 183 -74.03 -46.99 -38.65
C LEU MA 183 -73.48 -45.58 -38.44
N VAL MA 184 -74.28 -44.55 -38.71
CA VAL MA 184 -73.79 -43.18 -38.56
C VAL MA 184 -73.60 -42.86 -37.08
N ARG MA 185 -74.53 -43.32 -36.22
CA ARG MA 185 -74.33 -43.13 -34.78
C ARG MA 185 -73.01 -43.75 -34.34
N GLU MA 186 -72.73 -44.98 -34.77
CA GLU MA 186 -71.51 -45.66 -34.39
C GLU MA 186 -70.28 -44.94 -34.93
N VAL MA 187 -70.35 -44.46 -36.17
CA VAL MA 187 -69.20 -43.79 -36.78
C VAL MA 187 -68.86 -42.53 -35.98
N VAL MA 188 -69.88 -41.73 -35.65
CA VAL MA 188 -69.64 -40.52 -34.87
C VAL MA 188 -69.07 -40.88 -33.50
N GLU MA 189 -69.64 -41.90 -32.85
CA GLU MA 189 -69.18 -42.29 -31.51
C GLU MA 189 -67.72 -42.71 -31.55
N ARG MA 190 -67.35 -43.54 -32.53
CA ARG MA 190 -65.97 -44.00 -32.62
C ARG MA 190 -65.01 -42.85 -32.93
N TYR MA 191 -65.41 -41.95 -33.83
CA TYR MA 191 -64.53 -40.83 -34.15
C TYR MA 191 -64.37 -39.89 -32.97
N ARG MA 192 -65.35 -39.81 -32.08
CA ARG MA 192 -65.30 -38.91 -30.94
C ARG MA 192 -64.04 -39.10 -30.10
N GLU MA 193 -63.72 -40.35 -29.73
CA GLU MA 193 -62.58 -40.58 -28.84
C GLU MA 193 -61.62 -41.65 -29.33
N GLU MA 194 -62.07 -42.63 -30.13
CA GLU MA 194 -61.20 -43.74 -30.50
C GLU MA 194 -60.03 -43.27 -31.37
N GLY MA 195 -60.29 -42.39 -32.32
CA GLY MA 195 -59.24 -41.71 -33.05
C GLY MA 195 -58.87 -42.25 -34.42
N GLU MA 196 -59.77 -43.01 -35.01
CA GLU MA 196 -59.55 -43.56 -36.33
C GLU MA 196 -59.48 -42.45 -37.39
N PRO MA 197 -59.27 -42.84 -38.66
CA PRO MA 197 -59.26 -41.84 -39.72
C PRO MA 197 -60.62 -41.69 -40.31
N LEU MA 198 -61.28 -40.60 -39.98
CA LEU MA 198 -62.66 -40.45 -40.42
C LEU MA 198 -62.92 -40.97 -41.79
N LEU MA 199 -62.17 -40.52 -42.76
CA LEU MA 199 -62.53 -40.91 -44.12
C LEU MA 199 -62.69 -42.42 -44.26
N ASP MA 200 -61.83 -43.18 -43.57
CA ASP MA 200 -61.91 -44.64 -43.65
C ASP MA 200 -63.24 -45.15 -43.08
N LEU MA 201 -63.62 -44.66 -41.90
CA LEU MA 201 -64.90 -45.05 -41.31
C LEU MA 201 -66.07 -44.58 -42.16
N LEU MA 202 -65.97 -43.38 -42.74
CA LEU MA 202 -67.05 -42.90 -43.61
C LEU MA 202 -67.23 -43.83 -44.80
N LEU MA 203 -66.12 -44.23 -45.44
CA LEU MA 203 -66.19 -45.11 -46.60
C LEU MA 203 -66.75 -46.47 -46.22
N HIS MA 204 -66.29 -47.02 -45.09
CA HIS MA 204 -66.80 -48.31 -44.64
C HIS MA 204 -68.29 -48.25 -44.33
N MET MA 205 -68.73 -47.18 -43.67
CA MET MA 205 -70.15 -47.03 -43.35
C MET MA 205 -70.97 -46.90 -44.64
N ALA MA 206 -70.50 -46.12 -45.60
CA ALA MA 206 -71.23 -45.97 -46.86
C ALA MA 206 -71.33 -47.30 -47.59
N GLU MA 207 -70.22 -48.05 -47.67
CA GLU MA 207 -70.23 -49.33 -48.36
C GLU MA 207 -71.14 -50.33 -47.66
N THR MA 208 -71.10 -50.36 -46.31
CA THR MA 208 -71.98 -51.24 -45.57
C THR MA 208 -73.44 -50.88 -45.80
N THR MA 209 -73.75 -49.58 -45.83
CA THR MA 209 -75.11 -49.14 -46.11
C THR MA 209 -75.57 -49.60 -47.48
N ILE MA 210 -74.71 -49.44 -48.49
CA ILE MA 210 -75.08 -49.84 -49.85
C ILE MA 210 -75.29 -51.34 -49.92
N ARG MA 211 -74.39 -52.12 -49.32
CA ARG MA 211 -74.50 -53.57 -49.38
C ARG MA 211 -75.76 -54.06 -48.67
N GLU MA 212 -76.02 -53.54 -47.47
CA GLU MA 212 -77.22 -53.96 -46.73
C GLU MA 212 -78.49 -53.51 -47.43
N SER MA 213 -78.46 -52.33 -48.06
CA SER MA 213 -79.64 -51.83 -48.76
C SER MA 213 -79.94 -52.67 -50.00
N GLU MA 214 -78.89 -53.06 -50.75
CA GLU MA 214 -79.12 -53.91 -51.91
C GLU MA 214 -79.44 -55.34 -51.50
N LYS MA 215 -79.10 -55.73 -50.26
CA LYS MA 215 -79.55 -57.01 -49.73
C LYS MA 215 -81.05 -57.04 -49.48
N LEU MA 216 -81.69 -55.87 -49.43
CA LEU MA 216 -83.13 -55.76 -49.25
C LEU MA 216 -83.86 -55.50 -50.56
N GLY MA 217 -83.17 -55.62 -51.69
CA GLY MA 217 -83.75 -55.43 -53.00
C GLY MA 217 -83.70 -54.00 -53.52
N VAL MA 218 -83.11 -53.08 -52.75
CA VAL MA 218 -83.12 -51.67 -53.14
C VAL MA 218 -81.88 -51.38 -53.97
N ASP MA 219 -82.10 -50.60 -55.03
CA ASP MA 219 -81.02 -50.20 -55.89
C ASP MA 219 -79.84 -49.66 -55.16
N PRO MA 220 -78.73 -49.56 -55.86
CA PRO MA 220 -77.56 -48.98 -55.24
C PRO MA 220 -77.52 -47.59 -55.71
N ARG MA 221 -78.67 -47.07 -56.09
CA ARG MA 221 -78.72 -45.68 -56.48
C ARG MA 221 -79.23 -44.79 -55.34
N LEU MA 222 -80.53 -44.69 -55.18
CA LEU MA 222 -81.09 -43.75 -54.21
C LEU MA 222 -80.51 -43.99 -52.82
N ALA MA 223 -80.21 -45.25 -52.49
CA ALA MA 223 -79.50 -45.52 -51.24
C ALA MA 223 -78.14 -44.86 -51.24
N ALA MA 224 -77.52 -44.76 -52.41
CA ALA MA 224 -76.25 -44.02 -52.52
C ALA MA 224 -76.44 -42.56 -52.17
N GLU MA 225 -77.51 -41.93 -52.65
CA GLU MA 225 -77.74 -40.53 -52.31
C GLU MA 225 -78.09 -40.36 -50.83
N VAL MA 226 -78.78 -41.34 -50.24
CA VAL MA 226 -79.04 -41.30 -48.80
C VAL MA 226 -77.73 -41.35 -48.02
N ALA MA 227 -76.85 -42.27 -48.41
CA ALA MA 227 -75.54 -42.34 -47.78
C ALA MA 227 -74.74 -41.08 -48.00
N ARG MA 228 -74.91 -40.43 -49.16
CA ARG MA 228 -74.21 -39.18 -49.43
C ARG MA 228 -74.68 -38.07 -48.50
N GLU MA 229 -76.00 -37.95 -48.31
CA GLU MA 229 -76.53 -36.96 -47.37
C GLU MA 229 -76.03 -37.23 -45.96
N MET MA 230 -76.02 -38.50 -45.55
CA MET MA 230 -75.55 -38.83 -44.20
C MET MA 230 -74.06 -38.57 -44.05
N VAL MA 231 -73.28 -38.79 -45.11
CA VAL MA 231 -71.86 -38.47 -45.08
C VAL MA 231 -71.65 -36.96 -44.93
N ASP MA 232 -72.46 -36.18 -45.64
CA ASP MA 232 -72.40 -34.73 -45.50
C ASP MA 232 -72.72 -34.32 -44.06
N GLY MA 233 -73.75 -34.95 -43.47
CA GLY MA 233 -74.07 -34.67 -42.08
C GLY MA 233 -72.96 -35.02 -41.12
N VAL MA 234 -72.29 -36.16 -41.35
CA VAL MA 234 -71.17 -36.56 -40.52
C VAL MA 234 -70.04 -35.55 -40.64
N GLY MA 235 -69.76 -35.10 -41.87
CA GLY MA 235 -68.73 -34.09 -42.06
C GLY MA 235 -69.05 -32.79 -41.34
N HIS MA 236 -70.32 -32.37 -41.38
CA HIS MA 236 -70.72 -31.15 -40.67
C HIS MA 236 -70.57 -31.32 -39.17
N GLU MA 237 -71.02 -32.45 -38.63
CA GLU MA 237 -70.99 -32.65 -37.19
C GLU MA 237 -69.56 -32.78 -36.68
N THR MA 238 -68.72 -33.54 -37.37
CA THR MA 238 -67.37 -33.81 -36.91
C THR MA 238 -66.43 -32.62 -37.06
N GLY MA 239 -66.85 -31.58 -37.78
CA GLY MA 239 -65.98 -30.43 -37.98
C GLY MA 239 -64.92 -30.61 -39.03
N GLU MA 240 -65.01 -31.65 -39.85
CA GLU MA 240 -64.04 -31.91 -40.91
C GLU MA 240 -64.80 -32.30 -42.17
N THR MA 241 -64.80 -31.42 -43.17
CA THR MA 241 -65.56 -31.63 -44.38
C THR MA 241 -64.72 -32.09 -45.57
N GLU MA 242 -63.40 -31.96 -45.50
CA GLU MA 242 -62.55 -32.40 -46.60
C GLU MA 242 -62.63 -33.91 -46.78
N ALA MA 243 -62.59 -34.66 -45.69
CA ALA MA 243 -62.78 -36.11 -45.78
C ALA MA 243 -64.19 -36.44 -46.27
N ALA MA 244 -65.19 -35.70 -45.79
CA ALA MA 244 -66.54 -35.87 -46.31
C ALA MA 244 -66.61 -35.54 -47.80
N PHE MA 245 -65.87 -34.51 -48.22
CA PHE MA 245 -65.80 -34.18 -49.64
C PHE MA 245 -65.20 -35.32 -50.45
N ARG MA 246 -64.11 -35.92 -49.95
CA ARG MA 246 -63.48 -37.01 -50.67
C ARG MA 246 -64.39 -38.23 -50.77
N VAL MA 247 -65.06 -38.58 -49.66
CA VAL MA 247 -65.99 -39.71 -49.70
C VAL MA 247 -67.16 -39.41 -50.62
N ARG MA 248 -67.59 -38.15 -50.66
CA ARG MA 248 -68.64 -37.74 -51.60
C ARG MA 248 -68.19 -37.95 -53.04
N ARG MA 249 -66.94 -37.60 -53.34
CA ARG MA 249 -66.43 -37.81 -54.70
C ARG MA 249 -66.36 -39.29 -55.05
N GLU MA 250 -65.89 -40.13 -54.11
CA GLU MA 250 -65.83 -41.55 -54.40
C GLU MA 250 -67.22 -42.15 -54.59
N LEU MA 251 -68.19 -41.69 -53.80
CA LEU MA 251 -69.56 -42.18 -53.98
C LEU MA 251 -70.15 -41.71 -55.31
N ASP MA 252 -69.82 -40.48 -55.72
CA ASP MA 252 -70.24 -40.00 -57.03
C ASP MA 252 -69.62 -40.82 -58.16
N THR MA 253 -68.37 -41.25 -57.98
CA THR MA 253 -67.78 -42.17 -58.95
C THR MA 253 -68.47 -43.53 -58.92
N VAL MA 254 -68.88 -43.98 -57.72
CA VAL MA 254 -69.52 -45.28 -57.58
C VAL MA 254 -70.85 -45.33 -58.31
N ILE MA 255 -71.66 -44.26 -58.17
CA ILE MA 255 -72.98 -44.28 -58.79
C ILE MA 255 -72.89 -44.34 -60.30
N LEU MA 256 -71.75 -43.93 -60.86
CA LEU MA 256 -71.53 -44.00 -62.30
C LEU MA 256 -71.47 -45.45 -62.77
N THR NA 25 -62.65 6.43 -57.65
CA THR NA 25 -63.42 7.33 -58.50
C THR NA 25 -62.67 7.62 -59.80
N GLU NA 26 -61.61 6.85 -60.04
CA GLU NA 26 -60.81 7.05 -61.26
C GLU NA 26 -61.63 6.77 -62.51
N LYS NA 27 -62.48 5.74 -62.48
CA LYS NA 27 -63.34 5.47 -63.62
C LYS NA 27 -64.26 6.63 -63.91
N LEU NA 28 -64.84 7.23 -62.86
CA LEU NA 28 -65.73 8.36 -63.06
C LEU NA 28 -65.00 9.57 -63.63
N LYS NA 29 -63.79 9.83 -63.12
CA LYS NA 29 -62.99 10.93 -63.65
C LYS NA 29 -62.65 10.72 -65.13
N LYS NA 30 -62.28 9.49 -65.49
CA LYS NA 30 -61.99 9.21 -66.89
C LYS NA 30 -63.23 9.33 -67.75
N ILE NA 31 -64.38 8.91 -67.25
CA ILE NA 31 -65.63 9.03 -67.99
C ILE NA 31 -65.94 10.51 -68.25
N THR NA 32 -65.79 11.33 -67.22
CA THR NA 32 -66.01 12.77 -67.38
C THR NA 32 -65.05 13.37 -68.39
N LYS NA 33 -63.76 13.00 -68.30
CA LYS NA 33 -62.78 13.52 -69.23
C LYS NA 33 -63.11 13.14 -70.67
N LEU NA 34 -63.45 11.87 -70.90
CA LEU NA 34 -63.74 11.42 -72.25
C LEU NA 34 -65.02 12.05 -72.78
N LEU NA 35 -66.01 12.27 -71.91
CA LEU NA 35 -67.22 12.96 -72.35
C LEU NA 35 -66.92 14.40 -72.72
N HIS NA 36 -66.01 15.06 -72.05
CA HIS NA 36 -65.68 16.40 -72.45
C HIS NA 36 -65.10 16.24 -73.81
N GLU NA 37 -64.02 15.48 -73.91
CA GLU NA 37 -63.36 15.41 -75.21
C GLU NA 37 -64.36 15.17 -76.33
N LEU NA 38 -65.31 14.27 -76.12
CA LEU NA 38 -66.30 13.99 -77.16
C LEU NA 38 -67.15 15.22 -77.47
N VAL NA 39 -67.58 15.94 -76.42
CA VAL NA 39 -68.43 17.10 -76.66
C VAL NA 39 -67.63 18.25 -77.26
N ASP NA 40 -66.32 18.28 -77.03
CA ASP NA 40 -65.49 19.33 -77.62
C ASP NA 40 -65.52 19.24 -79.14
N ARG NA 41 -65.33 18.04 -79.69
CA ARG NA 41 -65.35 17.84 -81.14
C ARG NA 41 -66.70 17.25 -81.55
N GLY NA 42 -67.71 18.11 -81.56
CA GLY NA 42 -69.04 17.70 -82.00
C GLY NA 42 -69.59 16.57 -81.15
N GLU NA 43 -70.13 15.56 -81.83
CA GLU NA 43 -70.57 14.30 -81.21
C GLU NA 43 -71.66 14.63 -80.18
N ILE NA 44 -71.50 14.25 -78.92
CA ILE NA 44 -72.54 14.39 -77.90
C ILE NA 44 -72.79 15.86 -77.59
N PRO NA 45 -73.98 16.23 -77.12
CA PRO NA 45 -74.22 17.64 -76.74
C PRO NA 45 -73.61 17.99 -75.39
N GLU NA 46 -73.73 19.25 -74.99
CA GLU NA 46 -73.04 19.74 -73.81
C GLU NA 46 -73.71 19.31 -72.50
N GLU NA 47 -75.02 19.05 -72.53
CA GLU NA 47 -75.74 18.75 -71.30
C GLU NA 47 -75.17 17.52 -70.62
N LEU NA 48 -74.80 16.51 -71.40
CA LEU NA 48 -74.26 15.28 -70.81
C LEU NA 48 -72.93 15.56 -70.11
N ALA NA 49 -72.07 16.38 -70.71
CA ALA NA 49 -70.81 16.72 -70.08
C ALA NA 49 -71.01 17.54 -68.81
N THR NA 50 -71.96 18.49 -68.84
CA THR NA 50 -72.24 19.27 -67.64
C THR NA 50 -72.77 18.38 -66.51
N LEU NA 51 -73.67 17.45 -66.84
CA LEU NA 51 -74.15 16.50 -65.83
C LEU NA 51 -73.00 15.65 -65.31
N ALA NA 52 -72.10 15.22 -66.19
CA ALA NA 52 -70.95 14.45 -65.74
C ALA NA 52 -70.11 15.23 -64.75
N THR NA 53 -69.88 16.52 -65.02
CA THR NA 53 -69.10 17.35 -64.10
C THR NA 53 -69.80 17.49 -62.75
N LEU NA 54 -71.09 17.83 -62.77
CA LEU NA 54 -71.81 18.02 -61.52
C LEU NA 54 -71.84 16.74 -60.69
N LEU NA 55 -72.13 15.60 -61.33
CA LEU NA 55 -72.16 14.34 -60.60
C LEU NA 55 -70.78 13.92 -60.14
N LEU NA 56 -69.73 14.24 -60.90
CA LEU NA 56 -68.38 13.94 -60.46
C LEU NA 56 -67.99 14.77 -59.25
N TYR NA 57 -68.54 15.97 -59.12
CA TYR NA 57 -68.34 16.73 -57.89
C TYR NA 57 -69.12 16.11 -56.74
N LEU NA 58 -70.40 15.80 -56.98
CA LEU NA 58 -71.27 15.30 -55.92
C LEU NA 58 -70.73 13.98 -55.36
N VAL NA 59 -70.44 13.02 -56.23
CA VAL NA 59 -69.61 11.88 -55.86
C VAL NA 59 -68.25 12.45 -55.51
N GLU NA 60 -67.57 11.88 -54.53
CA GLU NA 60 -66.27 12.34 -54.04
C GLU NA 60 -66.44 13.64 -53.27
N LYS NA 61 -67.64 14.24 -53.32
CA LYS NA 61 -68.07 15.08 -52.20
C LYS NA 61 -68.77 14.25 -51.14
N GLY NA 62 -69.21 13.05 -51.51
CA GLY NA 62 -69.83 12.15 -50.56
C GLY NA 62 -71.31 12.40 -50.39
N LEU NA 63 -72.01 12.71 -51.49
CA LEU NA 63 -73.42 13.01 -51.43
C LEU NA 63 -74.29 12.10 -52.29
N ILE NA 64 -73.71 11.35 -53.21
CA ILE NA 64 -74.45 10.34 -53.98
C ILE NA 64 -73.54 9.16 -54.22
N SER NA 65 -74.07 8.10 -54.81
CA SER NA 65 -73.31 6.89 -55.10
C SER NA 65 -73.08 6.77 -56.60
N GLU NA 66 -72.13 5.90 -56.97
CA GLU NA 66 -71.81 5.69 -58.37
C GLU NA 66 -73.02 5.19 -59.15
N PHE NA 67 -73.92 4.46 -58.47
CA PHE NA 67 -75.11 3.97 -59.15
C PHE NA 67 -75.97 5.14 -59.64
N ASP NA 68 -76.13 6.18 -58.81
CA ASP NA 68 -76.90 7.34 -59.25
C ASP NA 68 -76.21 8.05 -60.40
N PHE NA 69 -74.88 8.16 -60.34
CA PHE NA 69 -74.11 8.76 -61.44
C PHE NA 69 -74.40 8.04 -62.75
N ILE NA 70 -74.23 6.72 -62.76
CA ILE NA 70 -74.40 5.96 -64.00
C ILE NA 70 -75.86 6.00 -64.44
N GLU NA 71 -76.79 5.94 -63.49
CA GLU NA 71 -78.21 5.94 -63.85
C GLU NA 71 -78.60 7.25 -64.50
N HIS NA 72 -78.15 8.37 -63.95
CA HIS NA 72 -78.44 9.67 -64.55
C HIS NA 72 -77.80 9.80 -65.93
N LEU NA 73 -76.56 9.32 -66.06
CA LEU NA 73 -75.89 9.39 -67.35
C LEU NA 73 -76.66 8.59 -68.41
N VAL NA 74 -77.10 7.38 -68.05
CA VAL NA 74 -77.82 6.54 -68.98
C VAL NA 74 -79.17 7.13 -69.32
N ARG NA 75 -79.85 7.73 -68.33
CA ARG NA 75 -81.14 8.35 -68.59
C ARG NA 75 -81.01 9.51 -69.57
N LEU NA 76 -79.99 10.36 -69.37
CA LEU NA 76 -79.79 11.45 -70.32
C LEU NA 76 -79.40 10.94 -71.69
N ALA NA 77 -78.55 9.90 -71.76
CA ALA NA 77 -78.17 9.35 -73.05
C ALA NA 77 -79.38 8.80 -73.80
N GLU NA 78 -80.28 8.10 -73.08
CA GLU NA 78 -81.50 7.61 -73.70
C GLU NA 78 -82.39 8.77 -74.14
N LYS NA 79 -82.46 9.83 -73.35
CA LYS NA 79 -83.28 10.98 -73.71
C LYS NA 79 -82.76 11.63 -74.99
N LEU NA 80 -81.45 11.77 -75.12
CA LEU NA 80 -80.84 12.42 -76.28
C LEU NA 80 -80.50 11.46 -77.40
N GLY NA 81 -80.70 10.15 -77.20
CA GLY NA 81 -80.39 9.17 -78.23
C GLY NA 81 -78.93 9.13 -78.61
N VAL NA 82 -78.05 9.13 -77.61
CA VAL NA 82 -76.61 9.15 -77.84
C VAL NA 82 -75.99 8.00 -77.04
N LEU NA 83 -76.79 6.97 -76.75
CA LEU NA 83 -76.36 5.89 -75.86
C LEU NA 83 -75.16 5.14 -76.42
N GLU NA 84 -75.01 5.10 -77.75
CA GLU NA 84 -73.88 4.38 -78.33
C GLU NA 84 -72.55 5.03 -77.95
N GLU NA 85 -72.49 6.36 -77.95
CA GLU NA 85 -71.27 7.04 -77.56
C GLU NA 85 -70.95 6.80 -76.08
N LEU NA 86 -71.97 6.77 -75.23
CA LEU NA 86 -71.75 6.44 -73.82
C LEU NA 86 -71.24 5.02 -73.67
N LYS NA 87 -71.77 4.09 -74.48
CA LYS NA 87 -71.27 2.73 -74.46
C LYS NA 87 -69.79 2.67 -74.86
N LYS NA 88 -69.43 3.41 -75.91
CA LYS NA 88 -68.03 3.45 -76.32
C LYS NA 88 -67.14 4.03 -75.23
N VAL NA 89 -67.60 5.09 -74.56
CA VAL NA 89 -66.82 5.67 -73.47
C VAL NA 89 -66.63 4.65 -72.35
N LEU NA 90 -67.70 3.92 -72.00
CA LEU NA 90 -67.60 2.96 -70.91
C LEU NA 90 -66.71 1.78 -71.28
N GLU NA 91 -66.65 1.42 -72.56
CA GLU NA 91 -65.69 0.40 -72.98
C GLU NA 91 -64.25 0.94 -72.92
N GLU NA 92 -64.06 2.19 -73.36
CA GLU NA 92 -62.72 2.76 -73.34
C GLU NA 92 -62.17 2.86 -71.92
N VAL NA 93 -62.98 3.33 -70.97
CA VAL NA 93 -62.49 3.42 -69.60
C VAL NA 93 -62.25 2.03 -69.03
N GLY NA 94 -63.00 1.03 -69.48
CA GLY NA 94 -62.83 -0.33 -69.01
C GLY NA 94 -63.63 -0.61 -67.76
N ASP NA 95 -64.93 -0.34 -67.81
CA ASP NA 95 -65.82 -0.56 -66.68
C ASP NA 95 -66.86 -1.61 -67.04
N GLU NA 96 -66.99 -2.62 -66.19
CA GLU NA 96 -67.97 -3.68 -66.41
C GLU NA 96 -69.29 -3.41 -65.71
N PHE NA 97 -69.24 -2.81 -64.51
CA PHE NA 97 -70.47 -2.52 -63.78
C PHE NA 97 -71.34 -1.52 -64.54
N GLY NA 98 -70.75 -0.42 -64.98
CA GLY NA 98 -71.50 0.58 -65.73
C GLY NA 98 -72.03 0.04 -67.04
N LEU NA 99 -71.22 -0.76 -67.74
CA LEU NA 99 -71.66 -1.33 -69.01
C LEU NA 99 -72.83 -2.28 -68.79
N THR NA 100 -72.77 -3.12 -67.76
CA THR NA 100 -73.88 -4.00 -67.44
C THR NA 100 -75.12 -3.21 -67.09
N LEU NA 101 -74.96 -2.10 -66.36
CA LEU NA 101 -76.11 -1.26 -66.04
C LEU NA 101 -76.72 -0.67 -67.31
N VAL NA 102 -75.88 -0.26 -68.26
CA VAL NA 102 -76.37 0.28 -69.52
C VAL NA 102 -77.18 -0.77 -70.27
N TYR NA 103 -76.64 -1.99 -70.35
CA TYR NA 103 -77.38 -3.07 -71.00
C TYR NA 103 -78.69 -3.34 -70.29
N ALA NA 104 -78.68 -3.33 -68.96
CA ALA NA 104 -79.91 -3.59 -68.21
C ALA NA 104 -80.96 -2.54 -68.48
N ILE NA 105 -80.56 -1.26 -68.52
CA ILE NA 105 -81.53 -0.19 -68.77
C ILE NA 105 -82.08 -0.28 -70.19
N SER NA 106 -81.20 -0.52 -71.17
CA SER NA 106 -81.67 -0.63 -72.55
C SER NA 106 -82.60 -1.82 -72.73
N LEU NA 107 -82.26 -2.95 -72.10
CA LEU NA 107 -83.10 -4.14 -72.18
C LEU NA 107 -84.45 -3.91 -71.50
N LEU NA 108 -84.45 -3.21 -70.37
CA LEU NA 108 -85.70 -2.88 -69.71
C LEU NA 108 -86.58 -1.99 -70.59
N LYS NA 109 -85.98 -1.00 -71.25
CA LYS NA 109 -86.74 -0.14 -72.15
C LYS NA 109 -87.32 -0.94 -73.31
N GLU NA 110 -86.52 -1.83 -73.90
CA GLU NA 110 -87.00 -2.64 -75.01
C GLU NA 110 -88.12 -3.57 -74.57
N VAL NA 111 -88.01 -4.17 -73.38
CA VAL NA 111 -89.05 -5.05 -72.88
C VAL NA 111 -90.32 -4.26 -72.57
N GLU NA 112 -90.18 -3.05 -72.02
CA GLU NA 112 -91.33 -2.19 -71.81
C GLU NA 112 -92.02 -1.89 -73.12
N LYS NA 113 -91.25 -1.68 -74.19
CA LYS NA 113 -91.85 -1.56 -75.52
C LYS NA 113 -92.58 -2.85 -75.88
N GLU NA 114 -91.99 -4.00 -75.58
CA GLU NA 114 -92.64 -5.28 -75.86
C GLU NA 114 -93.83 -5.50 -74.92
N GLY NA 115 -93.62 -5.33 -73.62
CA GLY NA 115 -94.70 -5.48 -72.66
C GLY NA 115 -94.89 -6.88 -72.10
N ASP NA 116 -93.81 -7.61 -71.83
CA ASP NA 116 -93.93 -8.96 -71.30
C ASP NA 116 -93.51 -8.97 -69.83
N GLU NA 117 -94.36 -9.57 -68.98
CA GLU NA 117 -94.23 -9.39 -67.54
C GLU NA 117 -93.05 -10.17 -66.95
N GLU NA 118 -92.84 -11.42 -67.40
CA GLU NA 118 -91.80 -12.24 -66.77
C GLU NA 118 -90.42 -11.63 -66.99
N LEU NA 119 -90.13 -11.14 -68.20
CA LEU NA 119 -88.89 -10.42 -68.41
C LEU NA 119 -88.84 -9.10 -67.64
N LYS NA 120 -90.00 -8.48 -67.39
CA LYS NA 120 -90.03 -7.33 -66.50
C LYS NA 120 -89.47 -7.69 -65.13
N GLU NA 121 -90.00 -8.77 -64.54
CA GLU NA 121 -89.51 -9.19 -63.23
C GLU NA 121 -88.04 -9.58 -63.29
N TYR NA 122 -87.64 -10.25 -64.37
CA TYR NA 122 -86.24 -10.68 -64.52
C TYR NA 122 -85.31 -9.47 -64.52
N VAL NA 123 -85.63 -8.46 -65.32
CA VAL NA 123 -84.75 -7.30 -65.44
C VAL NA 123 -84.80 -6.45 -64.17
N LYS NA 124 -85.94 -6.39 -63.49
CA LYS NA 124 -85.98 -5.66 -62.23
C LYS NA 124 -85.10 -6.32 -61.18
N LEU NA 125 -85.14 -7.65 -61.10
CA LEU NA 125 -84.24 -8.36 -60.20
C LEU NA 125 -82.79 -8.13 -60.59
N ALA NA 126 -82.50 -8.14 -61.89
CA ALA NA 126 -81.14 -7.89 -62.35
C ALA NA 126 -80.67 -6.50 -61.95
N ILE NA 127 -81.54 -5.49 -62.08
CA ILE NA 127 -81.17 -4.13 -61.73
C ILE NA 127 -80.96 -3.98 -60.23
N GLU NA 128 -81.82 -4.62 -59.42
CA GLU NA 128 -81.63 -4.56 -57.98
C GLU NA 128 -80.31 -5.21 -57.57
N THR NA 129 -80.00 -6.37 -58.17
CA THR NA 129 -78.71 -7.01 -57.88
C THR NA 129 -77.55 -6.15 -58.33
N LEU NA 130 -77.70 -5.47 -59.48
CA LEU NA 130 -76.65 -4.57 -59.95
C LEU NA 130 -76.43 -3.43 -58.98
N LYS NA 131 -77.51 -2.88 -58.42
CA LYS NA 131 -77.38 -1.82 -57.42
C LYS NA 131 -76.67 -2.33 -56.17
N GLU NA 132 -77.04 -3.54 -55.72
CA GLU NA 132 -76.40 -4.10 -54.54
C GLU NA 132 -74.91 -4.34 -54.77
N ALA NA 133 -74.56 -4.78 -55.98
CA ALA NA 133 -73.15 -4.95 -56.33
C ALA NA 133 -72.44 -3.61 -56.36
N PHE NA 134 -73.05 -2.61 -57.01
CA PHE NA 134 -72.47 -1.27 -57.09
C PHE NA 134 -72.20 -0.69 -55.71
N GLU NA 135 -73.02 -1.07 -54.72
CA GLU NA 135 -72.83 -0.57 -53.36
C GLU NA 135 -71.40 -0.84 -52.87
N ARG NA 136 -70.85 -2.01 -53.20
CA ARG NA 136 -69.51 -2.35 -52.73
C ARG NA 136 -68.65 -3.07 -53.77
N LYS NA 137 -69.06 -3.06 -55.05
CA LYS NA 137 -68.34 -3.76 -56.12
C LYS NA 137 -68.17 -5.24 -55.79
N ASN NA 138 -69.32 -5.90 -55.59
CA ASN NA 138 -69.35 -7.32 -55.27
C ASN NA 138 -69.51 -8.08 -56.59
N TYR NA 139 -68.50 -8.89 -56.93
CA TYR NA 139 -68.41 -9.42 -58.28
C TYR NA 139 -69.45 -10.51 -58.52
N ALA NA 140 -69.89 -11.21 -57.47
CA ALA NA 140 -70.79 -12.35 -57.63
C ALA NA 140 -72.18 -11.91 -58.11
N LEU NA 141 -72.75 -10.89 -57.46
CA LEU NA 141 -74.01 -10.36 -57.94
C LEU NA 141 -73.87 -9.75 -59.34
N LEU NA 142 -72.69 -9.24 -59.67
CA LEU NA 142 -72.45 -8.80 -61.03
C LEU NA 142 -72.54 -9.96 -62.01
N VAL NA 143 -71.98 -11.12 -61.64
CA VAL NA 143 -72.09 -12.30 -62.49
C VAL NA 143 -73.54 -12.71 -62.65
N SER NA 144 -74.30 -12.70 -61.55
CA SER NA 144 -75.71 -13.09 -61.61
C SER NA 144 -76.50 -12.16 -62.53
N ALA NA 145 -76.29 -10.85 -62.38
CA ALA NA 145 -76.99 -9.88 -63.22
C ALA NA 145 -76.57 -10.00 -64.67
N LYS NA 146 -75.29 -10.26 -64.91
CA LYS NA 146 -74.81 -10.45 -66.28
C LYS NA 146 -75.49 -11.65 -66.92
N ILE NA 147 -75.59 -12.76 -66.18
CA ILE NA 147 -76.28 -13.94 -66.68
C ILE NA 147 -77.72 -13.60 -67.03
N ILE NA 148 -78.42 -12.93 -66.11
CA ILE NA 148 -79.83 -12.63 -66.34
C ILE NA 148 -79.99 -11.76 -67.59
N VAL NA 149 -79.17 -10.72 -67.73
CA VAL NA 149 -79.35 -9.79 -68.83
C VAL NA 149 -78.98 -10.44 -70.16
N GLU NA 150 -77.92 -11.28 -70.19
CA GLU NA 150 -77.57 -11.89 -71.48
C GLU NA 150 -78.60 -12.92 -71.89
N ASN NA 151 -79.14 -13.70 -70.94
CA ASN NA 151 -80.19 -14.63 -71.30
C ASN NA 151 -81.45 -13.90 -71.75
N ALA NA 152 -81.79 -12.78 -71.11
CA ALA NA 152 -82.93 -11.99 -71.57
C ALA NA 152 -82.70 -11.45 -72.97
N GLU NA 153 -81.49 -10.95 -73.25
CA GLU NA 153 -81.19 -10.45 -74.59
C GLU NA 153 -81.32 -11.54 -75.63
N GLU NA 154 -80.82 -12.74 -75.31
CA GLU NA 154 -80.98 -13.87 -76.22
C GLU NA 154 -82.45 -14.22 -76.40
N ILE NA 155 -83.25 -14.07 -75.35
CA ILE NA 155 -84.70 -14.29 -75.46
C ILE NA 155 -85.32 -13.32 -76.46
N LEU NA 156 -84.96 -12.04 -76.36
CA LEU NA 156 -85.49 -11.07 -77.32
C LEU NA 156 -85.03 -11.35 -78.74
N LYS NA 157 -83.76 -11.76 -78.92
CA LYS NA 157 -83.31 -12.12 -80.26
C LYS NA 157 -84.10 -13.31 -80.81
N ALA NA 158 -84.29 -14.35 -79.99
CA ALA NA 158 -85.04 -15.51 -80.44
C ALA NA 158 -86.53 -15.20 -80.65
N LYS NA 159 -87.03 -14.14 -80.01
CA LYS NA 159 -88.43 -13.75 -80.23
C LYS NA 159 -88.66 -13.40 -81.69
N LYS NA 160 -87.79 -12.58 -82.28
CA LYS NA 160 -87.90 -12.29 -83.70
C LYS NA 160 -87.39 -13.43 -84.55
N LYS NA 161 -86.41 -14.21 -84.06
CA LYS NA 161 -85.97 -15.39 -84.80
C LYS NA 161 -87.07 -16.45 -84.84
N GLY NA 162 -87.65 -16.78 -83.68
CA GLY NA 162 -88.75 -17.71 -83.63
C GLY NA 162 -88.36 -19.16 -83.39
N ASP NA 163 -87.42 -19.39 -82.48
CA ASP NA 163 -86.98 -20.74 -82.12
C ASP NA 163 -87.46 -20.97 -80.69
N GLU NA 164 -88.57 -21.69 -80.56
CA GLU NA 164 -89.22 -21.84 -79.25
C GLU NA 164 -88.37 -22.66 -78.30
N GLU NA 165 -87.68 -23.68 -78.80
CA GLU NA 165 -86.84 -24.51 -77.93
C GLU NA 165 -85.80 -23.65 -77.21
N LYS NA 166 -85.17 -22.73 -77.95
CA LYS NA 166 -84.15 -21.87 -77.35
C LYS NA 166 -84.76 -20.93 -76.31
N ILE NA 167 -85.96 -20.41 -76.56
CA ILE NA 167 -86.57 -19.51 -75.59
C ILE NA 167 -86.95 -20.26 -74.31
N LYS NA 168 -87.42 -21.50 -74.45
CA LYS NA 168 -87.70 -22.30 -73.26
C LYS NA 168 -86.42 -22.58 -72.49
N GLU NA 169 -85.33 -22.90 -73.19
CA GLU NA 169 -84.05 -23.13 -72.53
C GLU NA 169 -83.58 -21.89 -71.79
N LEU NA 170 -83.76 -20.72 -72.40
CA LEU NA 170 -83.34 -19.47 -71.75
C LEU NA 170 -84.20 -19.16 -70.54
N LEU NA 171 -85.51 -19.45 -70.61
CA LEU NA 171 -86.35 -19.30 -69.43
C LEU NA 171 -85.90 -20.24 -68.32
N GLN NA 172 -85.49 -21.47 -68.67
CA GLN NA 172 -84.95 -22.37 -67.65
C GLN NA 172 -83.70 -21.78 -67.01
N ARG NA 173 -82.80 -21.23 -67.82
CA ARG NA 173 -81.59 -20.60 -67.29
C ARG NA 173 -81.94 -19.45 -66.36
N LEU NA 174 -82.92 -18.62 -66.76
CA LEU NA 174 -83.31 -17.48 -65.94
C LEU NA 174 -83.94 -17.91 -64.63
N LYS NA 175 -84.74 -18.98 -64.65
CA LYS NA 175 -85.30 -19.51 -63.40
C LYS NA 175 -84.18 -20.00 -62.49
N ALA NA 176 -83.18 -20.68 -63.05
CA ALA NA 176 -82.04 -21.11 -62.25
C ALA NA 176 -81.31 -19.91 -61.65
N ALA NA 177 -81.15 -18.85 -62.44
CA ALA NA 177 -80.48 -17.64 -61.93
C ALA NA 177 -81.28 -17.00 -60.81
N LYS NA 178 -82.61 -16.92 -60.97
CA LYS NA 178 -83.45 -16.34 -59.92
C LYS NA 178 -83.33 -17.14 -58.64
N ILE NA 179 -83.35 -18.47 -58.75
CA ILE NA 179 -83.21 -19.31 -57.57
C ILE NA 179 -81.84 -19.10 -56.92
N GLY NA 180 -80.79 -18.97 -57.73
CA GLY NA 180 -79.45 -18.95 -57.18
C GLY NA 180 -79.03 -17.62 -56.60
N THR NA 181 -79.63 -16.52 -57.08
CA THR NA 181 -79.15 -15.20 -56.69
C THR NA 181 -79.19 -14.95 -55.18
N PRO NA 182 -80.30 -15.20 -54.46
CA PRO NA 182 -80.23 -15.07 -52.99
C PRO NA 182 -79.20 -16.01 -52.39
N LEU NA 183 -79.05 -17.21 -52.96
CA LEU NA 183 -78.09 -18.17 -52.42
C LEU NA 183 -76.66 -17.66 -52.54
N VAL NA 184 -76.30 -17.10 -53.70
CA VAL NA 184 -74.93 -16.61 -53.87
C VAL NA 184 -74.70 -15.38 -53.00
N ARG NA 185 -75.69 -14.50 -52.90
CA ARG NA 185 -75.57 -13.35 -52.00
C ARG NA 185 -75.31 -13.83 -50.57
N GLU NA 186 -76.08 -14.81 -50.11
CA GLU NA 186 -75.92 -15.32 -48.75
C GLU NA 186 -74.57 -16.00 -48.57
N VAL NA 187 -74.11 -16.75 -49.57
CA VAL NA 187 -72.83 -17.45 -49.45
C VAL NA 187 -71.70 -16.44 -49.31
N VAL NA 188 -71.70 -15.40 -50.13
CA VAL NA 188 -70.66 -14.37 -50.02
C VAL NA 188 -70.74 -13.67 -48.67
N GLU NA 189 -71.96 -13.34 -48.22
CA GLU NA 189 -72.12 -12.65 -46.95
C GLU NA 189 -71.58 -13.49 -45.79
N ARG NA 190 -71.92 -14.78 -45.77
CA ARG NA 190 -71.45 -15.65 -44.70
C ARG NA 190 -69.94 -15.82 -44.75
N TYR NA 191 -69.38 -15.99 -45.95
CA TYR NA 191 -67.93 -16.16 -46.03
C TYR NA 191 -67.19 -14.89 -45.62
N ARG NA 192 -67.81 -13.72 -45.79
CA ARG NA 192 -67.15 -12.46 -45.46
C ARG NA 192 -66.63 -12.42 -44.02
N GLU NA 193 -67.46 -12.80 -43.05
CA GLU NA 193 -67.06 -12.69 -41.65
C GLU NA 193 -67.28 -13.94 -40.83
N GLU NA 194 -68.26 -14.78 -41.18
CA GLU NA 194 -68.59 -15.93 -40.34
C GLU NA 194 -67.43 -16.92 -40.27
N GLY NA 195 -66.80 -17.21 -41.41
CA GLY NA 195 -65.56 -17.96 -41.42
C GLY NA 195 -65.64 -19.43 -41.78
N GLU NA 196 -66.73 -19.84 -42.40
CA GLU NA 196 -66.89 -21.21 -42.83
C GLU NA 196 -65.88 -21.59 -43.91
N PRO NA 197 -65.93 -22.85 -44.37
CA PRO NA 197 -65.04 -23.26 -45.44
C PRO NA 197 -65.69 -23.07 -46.78
N LEU NA 198 -65.25 -22.08 -47.52
CA LEU NA 198 -65.90 -21.76 -48.77
C LEU NA 198 -66.35 -22.95 -49.55
N LEU NA 199 -65.47 -23.90 -49.74
CA LEU NA 199 -65.87 -24.99 -50.62
C LEU NA 199 -67.15 -25.67 -50.15
N ASP NA 200 -67.31 -25.81 -48.83
CA ASP NA 200 -68.52 -26.46 -48.30
C ASP NA 200 -69.76 -25.64 -48.64
N LEU NA 201 -69.71 -24.33 -48.39
CA LEU NA 201 -70.84 -23.48 -48.72
C LEU NA 201 -71.09 -23.43 -50.22
N LEU NA 202 -70.03 -23.43 -51.04
CA LEU NA 202 -70.21 -23.46 -52.48
C LEU NA 202 -70.94 -24.72 -52.91
N LEU NA 203 -70.53 -25.87 -52.38
CA LEU NA 203 -71.18 -27.13 -52.74
C LEU NA 203 -72.63 -27.16 -52.29
N HIS NA 204 -72.89 -26.68 -51.07
CA HIS NA 204 -74.27 -26.65 -50.58
C HIS NA 204 -75.14 -25.73 -51.42
N MET NA 205 -74.62 -24.56 -51.79
CA MET NA 205 -75.36 -23.63 -52.63
C MET NA 205 -75.65 -24.24 -53.99
N ALA NA 206 -74.65 -24.89 -54.59
CA ALA NA 206 -74.85 -25.50 -55.90
C ALA NA 206 -75.91 -26.61 -55.82
N GLU NA 207 -75.82 -27.46 -54.81
CA GLU NA 207 -76.78 -28.55 -54.67
C GLU NA 207 -78.20 -28.00 -54.42
N THR NA 208 -78.31 -26.97 -53.58
CA THR NA 208 -79.62 -26.36 -53.35
C THR NA 208 -80.18 -25.76 -54.62
N THR NA 209 -79.32 -25.11 -55.41
CA THR NA 209 -79.77 -24.54 -56.68
C THR NA 209 -80.28 -25.63 -57.61
N ILE NA 210 -79.54 -26.75 -57.71
CA ILE NA 210 -79.95 -27.83 -58.60
C ILE NA 210 -81.27 -28.43 -58.14
N ARG NA 211 -81.40 -28.67 -56.83
CA ARG NA 211 -82.62 -29.27 -56.31
C ARG NA 211 -83.83 -28.37 -56.52
N GLU NA 212 -83.69 -27.08 -56.21
CA GLU NA 212 -84.80 -26.16 -56.37
C GLU NA 212 -85.14 -25.96 -57.85
N SER NA 213 -84.12 -25.98 -58.72
CA SER NA 213 -84.37 -25.82 -60.14
C SER NA 213 -85.10 -27.02 -60.72
N GLU NA 214 -84.72 -28.23 -60.30
CA GLU NA 214 -85.42 -29.42 -60.78
C GLU NA 214 -86.79 -29.55 -60.12
N LYS NA 215 -87.00 -28.88 -58.98
CA LYS NA 215 -88.34 -28.81 -58.41
C LYS NA 215 -89.28 -27.97 -59.26
N LEU NA 216 -88.75 -27.15 -60.16
CA LEU NA 216 -89.54 -26.33 -61.07
C LEU NA 216 -89.65 -26.94 -62.46
N GLY NA 217 -89.22 -28.20 -62.62
CA GLY NA 217 -89.30 -28.90 -63.88
C GLY NA 217 -88.09 -28.74 -64.77
N VAL NA 218 -87.07 -28.00 -64.33
CA VAL NA 218 -85.92 -27.71 -65.17
C VAL NA 218 -84.86 -28.79 -64.97
N ASP NA 219 -84.28 -29.20 -66.10
CA ASP NA 219 -83.24 -30.20 -66.07
C ASP NA 219 -82.18 -29.93 -65.07
N PRO NA 220 -81.36 -30.93 -64.81
CA PRO NA 220 -80.26 -30.69 -63.91
C PRO NA 220 -79.07 -30.52 -64.77
N ARG NA 221 -79.29 -30.02 -65.97
CA ARG NA 221 -78.16 -29.74 -66.82
C ARG NA 221 -77.87 -28.25 -66.89
N LEU NA 222 -78.63 -27.52 -67.70
CA LEU NA 222 -78.30 -26.11 -67.90
C LEU NA 222 -78.28 -25.36 -66.58
N ALA NA 223 -79.12 -25.75 -65.63
CA ALA NA 223 -79.03 -25.18 -64.29
C ALA NA 223 -77.69 -25.51 -63.65
N ALA NA 224 -77.13 -26.67 -63.99
CA ALA NA 224 -75.79 -27.00 -63.52
C ALA NA 224 -74.76 -26.02 -64.08
N GLU NA 225 -74.86 -25.66 -65.35
CA GLU NA 225 -73.91 -24.71 -65.91
C GLU NA 225 -74.12 -23.31 -65.33
N VAL NA 226 -75.37 -22.95 -65.02
CA VAL NA 226 -75.62 -21.67 -64.36
C VAL NA 226 -74.95 -21.64 -62.99
N ALA NA 227 -75.12 -22.72 -62.22
CA ALA NA 227 -74.45 -22.82 -60.93
C ALA NA 227 -72.94 -22.83 -61.08
N ARG NA 228 -72.43 -23.39 -62.17
CA ARG NA 228 -70.99 -23.38 -62.42
C ARG NA 228 -70.47 -21.97 -62.65
N GLU NA 229 -71.18 -21.20 -63.47
CA GLU NA 229 -70.80 -19.81 -63.70
C GLU NA 229 -70.85 -19.01 -62.40
N MET NA 230 -71.89 -19.23 -61.59
CA MET NA 230 -72.00 -18.50 -60.33
C MET NA 230 -70.91 -18.92 -59.35
N VAL NA 231 -70.52 -20.19 -59.37
CA VAL NA 231 -69.41 -20.66 -58.53
C VAL NA 231 -68.12 -20.00 -58.96
N ASP NA 232 -67.90 -19.88 -60.27
CA ASP NA 232 -66.73 -19.18 -60.77
C ASP NA 232 -66.74 -17.72 -60.31
N GLY NA 233 -67.89 -17.08 -60.36
CA GLY NA 233 -68.00 -15.71 -59.88
C GLY NA 233 -67.70 -15.57 -58.40
N VAL NA 234 -68.19 -16.53 -57.60
CA VAL NA 234 -67.90 -16.52 -56.16
C VAL NA 234 -66.41 -16.70 -55.92
N GLY NA 235 -65.77 -17.60 -56.66
CA GLY NA 235 -64.34 -17.77 -56.53
C GLY NA 235 -63.57 -16.52 -56.87
N HIS NA 236 -63.99 -15.82 -57.93
CA HIS NA 236 -63.32 -14.58 -58.30
C HIS NA 236 -63.51 -13.51 -57.24
N GLU NA 237 -64.73 -13.37 -56.72
CA GLU NA 237 -65.01 -12.31 -55.75
C GLU NA 237 -64.29 -12.57 -54.43
N THR NA 238 -64.33 -13.82 -53.95
CA THR NA 238 -63.78 -14.16 -52.65
C THR NA 238 -62.26 -14.17 -52.63
N GLY NA 239 -61.61 -14.15 -53.78
CA GLY NA 239 -60.17 -14.19 -53.84
C GLY NA 239 -59.57 -15.57 -53.67
N GLU NA 240 -60.38 -16.62 -53.76
CA GLU NA 240 -59.91 -17.99 -53.63
C GLU NA 240 -60.55 -18.82 -54.72
N THR NA 241 -59.76 -19.24 -55.72
CA THR NA 241 -60.28 -19.98 -56.85
C THR NA 241 -60.03 -21.47 -56.80
N GLU NA 242 -59.12 -21.94 -55.93
CA GLU NA 242 -58.88 -23.37 -55.83
C GLU NA 242 -60.10 -24.12 -55.33
N ALA NA 243 -60.80 -23.57 -54.32
CA ALA NA 243 -62.04 -24.17 -53.88
C ALA NA 243 -63.11 -24.10 -54.97
N ALA NA 244 -63.15 -22.97 -55.68
CA ALA NA 244 -64.06 -22.86 -56.83
C ALA NA 244 -63.69 -23.87 -57.90
N PHE NA 245 -62.39 -24.11 -58.11
CA PHE NA 245 -61.96 -25.12 -59.06
C PHE NA 245 -62.43 -26.51 -58.64
N ARG NA 246 -62.30 -26.84 -57.35
CA ARG NA 246 -62.72 -28.15 -56.88
C ARG NA 246 -64.23 -28.33 -57.03
N VAL NA 247 -65.01 -27.32 -56.66
CA VAL NA 247 -66.46 -27.43 -56.81
C VAL NA 247 -66.84 -27.51 -58.29
N ARG NA 248 -66.10 -26.82 -59.15
CA ARG NA 248 -66.31 -26.93 -60.58
C ARG NA 248 -66.08 -28.37 -61.06
N ARG NA 249 -65.02 -29.02 -60.55
CA ARG NA 249 -64.75 -30.40 -60.92
C ARG NA 249 -65.85 -31.33 -60.44
N GLU NA 250 -66.33 -31.14 -59.22
CA GLU NA 250 -67.40 -31.99 -58.72
C GLU NA 250 -68.69 -31.79 -59.51
N LEU NA 251 -68.99 -30.54 -59.89
CA LEU NA 251 -70.18 -30.30 -60.70
C LEU NA 251 -70.03 -30.90 -62.09
N ASP NA 252 -68.82 -30.86 -62.65
CA ASP NA 252 -68.55 -31.51 -63.94
C ASP NA 252 -68.73 -33.02 -63.84
N THR NA 253 -68.35 -33.61 -62.71
CA THR NA 253 -68.64 -35.02 -62.49
C THR NA 253 -70.13 -35.27 -62.33
N VAL NA 254 -70.84 -34.33 -61.70
CA VAL NA 254 -72.28 -34.48 -61.47
C VAL NA 254 -73.04 -34.51 -62.79
N ILE NA 255 -72.69 -33.59 -63.71
CA ILE NA 255 -73.45 -33.51 -64.96
C ILE NA 255 -73.29 -34.78 -65.79
N LEU NA 256 -72.23 -35.55 -65.54
CA LEU NA 256 -72.03 -36.82 -66.22
C LEU NA 256 -73.10 -37.84 -65.82
N THR OA 25 38.02 -71.49 -27.11
CA THR OA 25 39.25 -72.07 -27.62
C THR OA 25 40.21 -72.41 -26.50
N GLU OA 26 39.71 -72.35 -25.25
CA GLU OA 26 40.55 -72.63 -24.10
C GLU OA 26 41.03 -74.08 -24.10
N LYS OA 27 40.16 -75.02 -24.50
CA LYS OA 27 40.58 -76.41 -24.59
C LYS OA 27 41.72 -76.57 -25.60
N LEU OA 28 41.63 -75.91 -26.75
CA LEU OA 28 42.67 -76.02 -27.75
C LEU OA 28 43.98 -75.41 -27.25
N LYS OA 29 43.91 -74.28 -26.56
CA LYS OA 29 45.11 -73.68 -26.00
C LYS OA 29 45.77 -74.59 -24.98
N LYS OA 30 44.96 -75.20 -24.10
CA LYS OA 30 45.51 -76.13 -23.12
C LYS OA 30 46.11 -77.36 -23.79
N ILE OA 31 45.47 -77.86 -24.86
CA ILE OA 31 46.01 -79.01 -25.57
C ILE OA 31 47.36 -78.66 -26.18
N THR OA 32 47.47 -77.48 -26.80
CA THR OA 32 48.75 -77.06 -27.35
C THR OA 32 49.81 -76.92 -26.27
N LYS OA 33 49.44 -76.32 -25.13
CA LYS OA 33 50.40 -76.15 -24.04
C LYS OA 33 50.89 -77.51 -23.54
N LEU OA 34 49.97 -78.45 -23.31
CA LEU OA 34 50.37 -79.75 -22.79
C LEU OA 34 51.19 -80.52 -23.79
N LEU OA 35 50.89 -80.38 -25.08
CA LEU OA 35 51.72 -81.04 -26.09
C LEU OA 35 53.12 -80.45 -26.12
N HIS OA 36 53.27 -79.16 -25.90
CA HIS OA 36 54.61 -78.63 -25.85
C HIS OA 36 55.23 -79.32 -24.69
N GLU OA 37 54.66 -79.14 -23.52
CA GLU OA 37 55.33 -79.68 -22.34
C GLU OA 37 55.78 -81.12 -22.57
N LEU OA 38 54.91 -81.94 -23.17
CA LEU OA 38 55.26 -83.33 -23.43
C LEU OA 38 56.46 -83.44 -24.37
N VAL OA 39 56.47 -82.63 -25.43
CA VAL OA 39 57.56 -82.72 -26.39
C VAL OA 39 58.85 -82.15 -25.81
N ASP OA 40 58.74 -81.23 -24.84
CA ASP OA 40 59.93 -80.69 -24.21
C ASP OA 40 60.72 -81.78 -23.50
N ARG OA 41 60.04 -82.62 -22.72
CA ARG OA 41 60.68 -83.71 -21.98
C ARG OA 41 60.43 -85.03 -22.73
N GLY OA 42 61.16 -85.19 -23.83
CA GLY OA 42 61.07 -86.43 -24.61
C GLY OA 42 59.66 -86.68 -25.10
N GLU OA 43 59.20 -87.93 -24.91
CA GLU OA 43 57.82 -88.35 -25.19
C GLU OA 43 57.51 -88.10 -26.66
N ILE OA 44 56.49 -87.32 -26.99
CA ILE OA 44 56.03 -87.15 -28.38
C ILE OA 44 57.08 -86.38 -29.18
N PRO OA 45 57.13 -86.55 -30.50
CA PRO OA 45 58.07 -85.77 -31.31
C PRO OA 45 57.60 -84.34 -31.55
N GLU OA 46 58.43 -83.54 -32.23
CA GLU OA 46 58.17 -82.12 -32.37
C GLU OA 46 57.07 -81.80 -33.39
N GLU OA 47 56.88 -82.68 -34.39
CA GLU OA 47 55.93 -82.39 -35.46
C GLU OA 47 54.53 -82.19 -34.92
N LEU OA 48 54.13 -82.97 -33.92
CA LEU OA 48 52.80 -82.84 -33.37
C LEU OA 48 52.62 -81.49 -32.68
N ALA OA 49 53.64 -81.04 -31.95
CA ALA OA 49 53.55 -79.73 -31.30
C ALA OA 49 53.52 -78.60 -32.32
N THR OA 50 54.31 -78.71 -33.38
CA THR OA 50 54.29 -77.68 -34.43
C THR OA 50 52.93 -77.61 -35.10
N LEU OA 51 52.34 -78.78 -35.40
CA LEU OA 51 51.00 -78.81 -35.97
C LEU OA 51 49.98 -78.20 -35.00
N ALA OA 52 50.12 -78.50 -33.71
CA ALA OA 52 49.23 -77.92 -32.73
C ALA OA 52 49.32 -76.40 -32.74
N THR OA 53 50.53 -75.86 -32.82
CA THR OA 53 50.69 -74.40 -32.86
C THR OA 53 50.07 -73.80 -34.11
N LEU OA 54 50.35 -74.38 -35.28
CA LEU OA 54 49.81 -73.84 -36.52
C LEU OA 54 48.29 -73.89 -36.53
N LEU OA 55 47.71 -75.02 -36.12
CA LEU OA 55 46.26 -75.13 -36.09
C LEU OA 55 45.64 -74.24 -35.02
N LEU OA 56 46.33 -74.03 -33.90
CA LEU OA 56 45.83 -73.11 -32.89
C LEU OA 56 45.83 -71.67 -33.39
N TYR OA 57 46.76 -71.33 -34.28
CA TYR OA 57 46.69 -70.01 -34.92
C TYR OA 57 45.53 -69.95 -35.92
N LEU OA 58 45.42 -70.99 -36.76
CA LEU OA 58 44.41 -70.99 -37.81
C LEU OA 58 43.00 -70.91 -37.23
N VAL OA 59 42.69 -71.80 -36.28
CA VAL OA 59 41.53 -71.61 -35.41
C VAL OA 59 41.82 -70.35 -34.61
N GLU OA 60 40.77 -69.56 -34.34
CA GLU OA 60 40.89 -68.29 -33.63
C GLU OA 60 41.53 -67.24 -34.55
N LYS OA 61 42.05 -67.67 -35.70
CA LYS OA 61 42.12 -66.76 -36.83
C LYS OA 61 40.84 -66.81 -37.64
N GLY OA 62 40.06 -67.87 -37.46
CA GLY OA 62 38.78 -67.99 -38.14
C GLY OA 62 38.90 -68.59 -39.52
N LEU OA 63 39.77 -69.59 -39.68
CA LEU OA 63 39.99 -70.19 -40.98
C LEU OA 63 39.73 -71.69 -41.02
N ILE OA 64 39.64 -72.36 -39.87
CA ILE OA 64 39.23 -73.76 -39.81
C ILE OA 64 38.38 -73.96 -38.57
N SER OA 65 37.84 -75.17 -38.40
CA SER OA 65 37.00 -75.50 -37.26
C SER OA 65 37.75 -76.46 -36.33
N GLU OA 66 37.23 -76.58 -35.10
CA GLU OA 66 37.85 -77.46 -34.12
C GLU OA 66 37.87 -78.91 -34.61
N PHE OA 67 36.89 -79.29 -35.43
CA PHE OA 67 36.88 -80.64 -35.97
C PHE OA 67 38.13 -80.92 -36.81
N ASP OA 68 38.52 -79.96 -37.65
CA ASP OA 68 39.73 -80.14 -38.45
C ASP OA 68 40.97 -80.20 -37.56
N PHE OA 69 41.02 -79.38 -36.52
CA PHE OA 69 42.12 -79.41 -35.57
C PHE OA 69 42.27 -80.81 -34.97
N ILE OA 70 41.18 -81.33 -34.40
CA ILE OA 70 41.26 -82.63 -33.74
C ILE OA 70 41.53 -83.74 -34.75
N GLU OA 71 40.95 -83.63 -35.96
CA GLU OA 71 41.16 -84.68 -36.95
C GLU OA 71 42.62 -84.73 -37.39
N HIS OA 72 43.24 -83.56 -37.63
CA HIS OA 72 44.65 -83.53 -37.99
C HIS OA 72 45.52 -84.06 -36.87
N LEU OA 73 45.21 -83.68 -35.62
CA LEU OA 73 45.99 -84.16 -34.49
C LEU OA 73 45.92 -85.68 -34.38
N VAL OA 74 44.72 -86.23 -34.53
CA VAL OA 74 44.55 -87.68 -34.43
C VAL OA 74 45.24 -88.39 -35.59
N ARG OA 75 45.16 -87.81 -36.80
CA ARG OA 75 45.84 -88.43 -37.94
C ARG OA 75 47.34 -88.47 -37.73
N LEU OA 76 47.93 -87.37 -37.25
CA LEU OA 76 49.37 -87.40 -36.98
C LEU OA 76 49.71 -88.36 -35.86
N ALA OA 77 48.89 -88.42 -34.81
CA ALA OA 77 49.16 -89.34 -33.72
C ALA OA 77 49.13 -90.78 -34.20
N GLU OA 78 48.16 -91.12 -35.05
CA GLU OA 78 48.10 -92.47 -35.63
C GLU OA 78 49.31 -92.73 -36.52
N LYS OA 79 49.74 -91.73 -37.29
CA LYS OA 79 50.90 -91.90 -38.14
C LYS OA 79 52.16 -92.17 -37.34
N LEU OA 80 52.34 -91.46 -36.22
CA LEU OA 80 53.53 -91.61 -35.39
C LEU OA 80 53.36 -92.63 -34.28
N GLY OA 81 52.17 -93.22 -34.12
CA GLY OA 81 51.94 -94.21 -33.09
C GLY OA 81 52.12 -93.67 -31.69
N VAL OA 82 51.55 -92.49 -31.43
CA VAL OA 82 51.68 -91.84 -30.14
C VAL OA 82 50.28 -91.48 -29.63
N LEU OA 83 49.28 -92.22 -30.11
CA LEU OA 83 47.88 -91.88 -29.83
C LEU OA 83 47.57 -91.93 -28.34
N GLU OA 84 48.28 -92.77 -27.58
CA GLU OA 84 48.01 -92.87 -26.14
C GLU OA 84 48.33 -91.57 -25.43
N GLU OA 85 49.43 -90.91 -25.79
CA GLU OA 85 49.77 -89.63 -25.19
C GLU OA 85 48.74 -88.56 -25.52
N LEU OA 86 48.24 -88.56 -26.76
CA LEU OA 86 47.18 -87.63 -27.13
C LEU OA 86 45.91 -87.91 -26.33
N LYS OA 87 45.60 -89.19 -26.10
CA LYS OA 87 44.46 -89.55 -25.27
C LYS OA 87 44.63 -89.01 -23.85
N LYS OA 88 45.82 -89.17 -23.29
CA LYS OA 88 46.09 -88.66 -21.95
C LYS OA 88 45.95 -87.14 -21.90
N VAL OA 89 46.45 -86.44 -22.92
CA VAL OA 89 46.31 -84.99 -22.97
C VAL OA 89 44.85 -84.59 -23.01
N LEU OA 90 44.05 -85.29 -23.82
CA LEU OA 90 42.64 -84.95 -23.95
C LEU OA 90 41.87 -85.26 -22.67
N GLU OA 91 42.29 -86.27 -21.92
CA GLU OA 91 41.68 -86.49 -20.60
C GLU OA 91 42.09 -85.40 -19.62
N GLU OA 92 43.37 -84.99 -19.64
CA GLU OA 92 43.82 -83.96 -18.72
C GLU OA 92 43.10 -82.64 -18.95
N VAL OA 93 42.95 -82.23 -20.21
CA VAL OA 93 42.25 -80.98 -20.48
C VAL OA 93 40.78 -81.10 -20.12
N GLY OA 94 40.22 -82.30 -20.20
CA GLY OA 94 38.83 -82.51 -19.87
C GLY OA 94 37.89 -82.23 -21.02
N ASP OA 95 38.15 -82.88 -22.16
CA ASP OA 95 37.35 -82.71 -23.36
C ASP OA 95 36.68 -84.02 -23.71
N GLU OA 96 35.37 -83.99 -23.91
CA GLU OA 96 34.62 -85.19 -24.28
C GLU OA 96 34.46 -85.32 -25.79
N PHE OA 97 34.27 -84.20 -26.49
CA PHE OA 97 34.11 -84.25 -27.94
C PHE OA 97 35.36 -84.79 -28.62
N GLY OA 98 36.51 -84.24 -28.26
CA GLY OA 98 37.76 -84.71 -28.85
C GLY OA 98 38.06 -86.15 -28.51
N LEU OA 99 37.80 -86.55 -27.27
CA LEU OA 99 38.04 -87.93 -26.86
C LEU OA 99 37.14 -88.89 -27.63
N THR OA 100 35.87 -88.53 -27.80
CA THR OA 100 34.96 -89.36 -28.58
C THR OA 100 35.41 -89.44 -30.03
N LEU OA 101 35.92 -88.34 -30.58
CA LEU OA 101 36.45 -88.37 -31.95
C LEU OA 101 37.65 -89.29 -32.05
N VAL OA 102 38.52 -89.28 -31.03
CA VAL OA 102 39.68 -90.16 -31.03
C VAL OA 102 39.23 -91.62 -31.02
N TYR OA 103 38.26 -91.95 -30.15
CA TYR OA 103 37.74 -93.31 -30.12
C TYR OA 103 37.12 -93.69 -31.46
N ALA OA 104 36.38 -92.76 -32.07
CA ALA OA 104 35.75 -93.06 -33.35
C ALA OA 104 36.79 -93.35 -34.43
N ILE OA 105 37.85 -92.55 -34.49
CA ILE OA 105 38.88 -92.77 -35.50
C ILE OA 105 39.61 -94.09 -35.27
N SER OA 106 39.96 -94.38 -34.02
CA SER OA 106 40.65 -95.63 -33.72
C SER OA 106 39.76 -96.83 -34.05
N LEU OA 107 38.48 -96.75 -33.70
CA LEU OA 107 37.55 -97.83 -33.99
C LEU OA 107 37.36 -98.01 -35.48
N LEU OA 108 37.30 -96.91 -36.24
CA LEU OA 108 37.20 -97.01 -37.69
C LEU OA 108 38.44 -97.68 -38.27
N LYS OA 109 39.63 -97.33 -37.77
CA LYS OA 109 40.84 -97.98 -38.27
C LYS OA 109 40.84 -99.47 -37.95
N GLU OA 110 40.44 -99.83 -36.74
CA GLU OA 110 40.39 -101.24 -36.37
C GLU OA 110 39.38 -102.01 -37.21
N VAL OA 111 38.22 -101.41 -37.48
CA VAL OA 111 37.21 -102.06 -38.30
C VAL OA 111 37.69 -102.19 -39.74
N GLU OA 112 38.37 -101.17 -40.25
CA GLU OA 112 38.97 -101.26 -41.59
C GLU OA 112 39.97 -102.42 -41.64
N LYS OA 113 40.74 -102.61 -40.57
CA LYS OA 113 41.57 -103.80 -40.49
C LYS OA 113 40.73 -105.06 -40.52
N GLU OA 114 39.61 -105.07 -39.80
CA GLU OA 114 38.71 -106.22 -39.82
C GLU OA 114 38.00 -106.35 -41.16
N GLY OA 115 37.41 -105.27 -41.65
CA GLY OA 115 36.74 -105.28 -42.94
C GLY OA 115 35.28 -105.65 -42.93
N ASP OA 116 34.51 -105.22 -41.92
CA ASP OA 116 33.10 -105.55 -41.84
C ASP OA 116 32.27 -104.32 -42.20
N GLU OA 117 31.30 -104.49 -43.09
CA GLU OA 117 30.63 -103.34 -43.71
C GLU OA 117 29.65 -102.65 -42.76
N GLU OA 118 28.87 -103.42 -41.99
CA GLU OA 118 27.84 -102.80 -41.16
C GLU OA 118 28.46 -101.88 -40.11
N LEU OA 119 29.54 -102.33 -39.47
CA LEU OA 119 30.26 -101.43 -38.56
C LEU OA 119 30.91 -100.27 -39.30
N LYS OA 120 31.28 -100.45 -40.58
CA LYS OA 120 31.74 -99.31 -41.37
C LYS OA 120 30.66 -98.24 -41.44
N GLU OA 121 29.44 -98.63 -41.81
CA GLU OA 121 28.35 -97.67 -41.87
C GLU OA 121 28.06 -97.06 -40.51
N TYR OA 122 28.11 -97.88 -39.46
CA TYR OA 122 27.84 -97.41 -38.11
C TYR OA 122 28.83 -96.32 -37.70
N VAL OA 123 30.13 -96.57 -37.91
CA VAL OA 123 31.14 -95.62 -37.50
C VAL OA 123 31.13 -94.39 -38.39
N LYS OA 124 30.81 -94.54 -39.68
CA LYS OA 124 30.69 -93.35 -40.53
C LYS OA 124 29.55 -92.45 -40.08
N LEU OA 125 28.41 -93.04 -39.73
CA LEU OA 125 27.31 -92.25 -39.18
C LEU OA 125 27.71 -91.60 -37.86
N ALA OA 126 28.44 -92.34 -37.02
CA ALA OA 126 28.90 -91.77 -35.75
C ALA OA 126 29.83 -90.58 -36.00
N ILE OA 127 30.73 -90.68 -36.96
CA ILE OA 127 31.66 -89.60 -37.24
C ILE OA 127 30.93 -88.39 -37.81
N GLU OA 128 29.96 -88.61 -38.70
CA GLU OA 128 29.19 -87.50 -39.23
C GLU OA 128 28.41 -86.78 -38.13
N THR OA 129 27.80 -87.55 -37.22
CA THR OA 129 27.10 -86.94 -36.10
C THR OA 129 28.06 -86.19 -35.19
N LEU OA 130 29.27 -86.74 -34.99
CA LEU OA 130 30.27 -86.06 -34.20
C LEU OA 130 30.67 -84.73 -34.82
N LYS OA 131 30.82 -84.70 -36.15
CA LYS OA 131 31.13 -83.44 -36.83
C LYS OA 131 29.99 -82.44 -36.66
N GLU OA 132 28.75 -82.90 -36.81
CA GLU OA 132 27.62 -82.00 -36.65
C GLU OA 132 27.55 -81.44 -35.23
N ALA OA 133 27.85 -82.27 -34.24
CA ALA OA 133 27.90 -81.80 -32.86
C ALA OA 133 29.04 -80.79 -32.67
N PHE OA 134 30.23 -81.11 -33.18
CA PHE OA 134 31.37 -80.21 -33.09
C PHE OA 134 31.07 -78.86 -33.69
N GLU OA 135 30.21 -78.81 -34.72
CA GLU OA 135 29.86 -77.54 -35.33
C GLU OA 135 29.36 -76.53 -34.30
N ARG OA 136 28.56 -76.99 -33.33
CA ARG OA 136 28.02 -76.08 -32.32
C ARG OA 136 28.01 -76.65 -30.91
N LYS OA 137 28.73 -77.74 -30.65
CA LYS OA 137 28.77 -78.40 -29.34
C LYS OA 137 27.34 -78.78 -28.90
N ASN OA 138 26.70 -79.59 -29.73
CA ASN OA 138 25.34 -80.06 -29.46
C ASN OA 138 25.45 -81.40 -28.75
N TYR OA 139 24.98 -81.45 -27.50
CA TYR OA 139 25.29 -82.57 -26.62
C TYR OA 139 24.53 -83.83 -27.03
N ALA OA 140 23.37 -83.68 -27.66
CA ALA OA 140 22.53 -84.83 -27.98
C ALA OA 140 23.16 -85.72 -29.05
N LEU OA 141 23.65 -85.13 -30.13
CA LEU OA 141 24.36 -85.92 -31.13
C LEU OA 141 25.63 -86.51 -30.56
N LEU OA 142 26.24 -85.83 -29.59
CA LEU OA 142 27.37 -86.42 -28.88
C LEU OA 142 26.96 -87.68 -28.14
N VAL OA 143 25.80 -87.66 -27.48
CA VAL OA 143 25.30 -88.86 -26.81
C VAL OA 143 25.06 -89.98 -27.82
N SER OA 144 24.45 -89.64 -28.95
CA SER OA 144 24.16 -90.65 -29.97
C SER OA 144 25.46 -91.28 -30.48
N ALA OA 145 26.46 -90.45 -30.80
CA ALA OA 145 27.73 -90.97 -31.29
C ALA OA 145 28.44 -91.79 -30.23
N LYS OA 146 28.37 -91.34 -28.97
CA LYS OA 146 28.97 -92.11 -27.89
C LYS OA 146 28.35 -93.49 -27.78
N ILE OA 147 27.01 -93.55 -27.87
CA ILE OA 147 26.32 -94.84 -27.83
C ILE OA 147 26.80 -95.72 -28.96
N ILE OA 148 26.85 -95.17 -30.18
CA ILE OA 148 27.23 -95.98 -31.33
C ILE OA 148 28.65 -96.51 -31.16
N VAL OA 149 29.59 -95.66 -30.73
CA VAL OA 149 30.97 -96.08 -30.66
C VAL OA 149 31.18 -97.08 -29.53
N GLU OA 150 30.51 -96.92 -28.39
CA GLU OA 150 30.72 -97.87 -27.30
C GLU OA 150 30.11 -99.22 -27.64
N ASN OA 151 28.93 -99.23 -28.29
CA ASN OA 151 28.36 -100.51 -28.71
C ASN OA 151 29.24 -101.18 -29.76
N ALA OA 152 29.80 -100.40 -30.68
CA ALA OA 152 30.71 -100.99 -31.66
C ALA OA 152 31.95 -101.57 -31.00
N GLU OA 153 32.51 -100.84 -30.03
CA GLU OA 153 33.68 -101.35 -29.31
C GLU OA 153 33.35 -102.65 -28.59
N GLU OA 154 32.19 -102.71 -27.94
CA GLU OA 154 31.76 -103.95 -27.30
C GLU OA 154 31.58 -105.06 -28.34
N ILE OA 155 31.13 -104.72 -29.53
CA ILE OA 155 31.00 -105.71 -30.60
C ILE OA 155 32.38 -106.29 -30.96
N LEU OA 156 33.38 -105.42 -31.11
CA LEU OA 156 34.73 -105.91 -31.41
C LEU OA 156 35.28 -106.77 -30.27
N LYS OA 157 35.05 -106.38 -29.02
CA LYS OA 157 35.50 -107.21 -27.91
C LYS OA 157 34.83 -108.57 -27.93
N ALA OA 158 33.51 -108.61 -28.14
CA ALA OA 158 32.80 -109.88 -28.19
C ALA OA 158 33.18 -110.71 -29.42
N LYS OA 159 33.71 -110.07 -30.47
CA LYS OA 159 34.15 -110.80 -31.65
C LYS OA 159 35.27 -111.77 -31.27
N LYS OA 160 36.27 -111.29 -30.53
CA LYS OA 160 37.31 -112.19 -30.06
C LYS OA 160 36.85 -113.04 -28.87
N LYS OA 161 35.93 -112.51 -28.06
CA LYS OA 161 35.36 -113.32 -26.98
C LYS OA 161 34.51 -114.45 -27.53
N GLY OA 162 33.59 -114.15 -28.45
CA GLY OA 162 32.79 -115.17 -29.09
C GLY OA 162 31.46 -115.46 -28.43
N ASP OA 163 30.76 -114.43 -28.00
CA ASP OA 163 29.44 -114.56 -27.38
C ASP OA 163 28.45 -113.97 -28.36
N GLU OA 164 27.78 -114.83 -29.13
CA GLU OA 164 26.92 -114.38 -30.22
C GLU OA 164 25.70 -113.63 -29.71
N GLU OA 165 25.13 -114.06 -28.58
CA GLU OA 165 23.97 -113.38 -28.04
C GLU OA 165 24.28 -111.91 -27.78
N LYS OA 166 25.44 -111.63 -27.20
CA LYS OA 166 25.81 -110.25 -26.90
C LYS OA 166 25.99 -109.44 -28.18
N ILE OA 167 26.57 -110.04 -29.23
CA ILE OA 167 26.78 -109.29 -30.46
C ILE OA 167 25.44 -108.98 -31.13
N LYS OA 168 24.50 -109.94 -31.07
CA LYS OA 168 23.16 -109.64 -31.60
C LYS OA 168 22.49 -108.53 -30.81
N GLU OA 169 22.63 -108.55 -29.49
CA GLU OA 169 22.05 -107.49 -28.67
C GLU OA 169 22.66 -106.14 -29.01
N LEU OA 170 23.97 -106.10 -29.24
CA LEU OA 170 24.63 -104.84 -29.58
C LEU OA 170 24.22 -104.35 -30.96
N LEU OA 171 24.02 -105.27 -31.92
CA LEU OA 171 23.47 -104.86 -33.20
C LEU OA 171 22.06 -104.29 -33.07
N GLN OA 172 21.26 -104.88 -32.18
CA GLN OA 172 19.94 -104.30 -31.91
C GLN OA 172 20.05 -102.89 -31.36
N ARG OA 173 20.97 -102.68 -30.41
CA ARG OA 173 21.17 -101.35 -29.86
C ARG OA 173 21.62 -100.36 -30.93
N LEU OA 174 22.51 -100.80 -31.83
CA LEU OA 174 23.01 -99.92 -32.88
C LEU OA 174 21.92 -99.59 -33.89
N LYS OA 175 21.05 -100.55 -34.20
CA LYS OA 175 19.91 -100.25 -35.07
C LYS OA 175 18.99 -99.22 -34.42
N ALA OA 176 18.73 -99.38 -33.12
CA ALA OA 176 17.93 -98.39 -32.41
C ALA OA 176 18.57 -97.01 -32.47
N ALA OA 177 19.89 -96.95 -32.29
CA ALA OA 177 20.60 -95.68 -32.36
C ALA OA 177 20.52 -95.06 -33.74
N LYS OA 178 20.68 -95.87 -34.79
CA LYS OA 178 20.56 -95.35 -36.15
C LYS OA 178 19.17 -94.78 -36.41
N ILE OA 179 18.14 -95.49 -35.94
CA ILE OA 179 16.78 -95.00 -36.12
C ILE OA 179 16.59 -93.69 -35.37
N GLY OA 180 17.14 -93.60 -34.15
CA GLY OA 180 16.84 -92.47 -33.30
C GLY OA 180 17.62 -91.21 -33.64
N THR OA 181 18.80 -91.36 -34.25
CA THR OA 181 19.67 -90.20 -34.46
C THR OA 181 19.02 -89.08 -35.27
N PRO OA 182 18.42 -89.33 -36.44
CA PRO OA 182 17.70 -88.22 -37.10
C PRO OA 182 16.57 -87.67 -36.24
N LEU OA 183 15.91 -88.54 -35.47
CA LEU OA 183 14.81 -88.10 -34.63
C LEU OA 183 15.29 -87.14 -33.55
N VAL OA 184 16.41 -87.45 -32.89
CA VAL OA 184 16.90 -86.58 -31.83
C VAL OA 184 17.42 -85.27 -32.42
N ARG OA 185 18.11 -85.36 -33.57
CA ARG OA 185 18.53 -84.13 -34.24
C ARG OA 185 17.34 -83.23 -34.53
N GLU OA 186 16.27 -83.81 -35.09
CA GLU OA 186 15.09 -83.03 -35.42
C GLU OA 186 14.42 -82.46 -34.18
N VAL OA 187 14.35 -83.25 -33.10
CA VAL OA 187 13.72 -82.77 -31.87
C VAL OA 187 14.45 -81.56 -31.33
N VAL OA 188 15.79 -81.64 -31.27
CA VAL OA 188 16.57 -80.50 -30.79
C VAL OA 188 16.38 -79.31 -31.70
N GLU OA 189 16.41 -79.52 -33.02
CA GLU OA 189 16.27 -78.40 -33.95
C GLU OA 189 14.92 -77.71 -33.77
N ARG OA 190 13.84 -78.49 -33.67
CA ARG OA 190 12.51 -77.91 -33.51
C ARG OA 190 12.40 -77.17 -32.18
N TYR OA 191 12.92 -77.76 -31.10
CA TYR OA 191 12.83 -77.08 -29.81
C TYR OA 191 13.65 -75.79 -29.79
N ARG OA 192 14.70 -75.70 -30.58
CA ARG OA 192 15.55 -74.53 -30.59
C ARG OA 192 14.78 -73.24 -30.84
N GLU OA 193 13.93 -73.21 -31.86
CA GLU OA 193 13.23 -71.97 -32.21
C GLU OA 193 11.73 -72.13 -32.39
N GLU OA 194 11.24 -73.31 -32.77
CA GLU OA 194 9.82 -73.45 -33.08
C GLU OA 194 8.95 -73.23 -31.84
N GLY OA 195 9.36 -73.78 -30.69
CA GLY OA 195 8.74 -73.46 -29.42
C GLY OA 195 7.71 -74.43 -28.87
N GLU OA 196 7.74 -75.65 -29.37
CA GLU OA 196 6.85 -76.67 -28.88
C GLU OA 196 7.15 -77.03 -27.42
N PRO OA 197 6.37 -77.95 -26.85
CA PRO OA 197 6.63 -78.36 -25.49
C PRO OA 197 7.53 -79.57 -25.46
N LEU OA 198 8.78 -79.36 -25.07
CA LEU OA 198 9.74 -80.45 -25.13
C LEU OA 198 9.18 -81.78 -24.76
N LEU OA 199 8.51 -81.87 -23.63
CA LEU OA 199 8.11 -83.20 -23.21
C LEU OA 199 7.29 -83.92 -24.28
N ASP OA 200 6.42 -83.17 -24.98
CA ASP OA 200 5.60 -83.79 -26.02
C ASP OA 200 6.47 -84.33 -27.15
N LEU OA 201 7.41 -83.52 -27.64
CA LEU OA 201 8.31 -83.98 -28.69
C LEU OA 201 9.18 -85.13 -28.21
N LEU OA 202 9.65 -85.08 -26.95
CA LEU OA 202 10.44 -86.19 -26.41
C LEU OA 202 9.65 -87.49 -26.42
N LEU OA 203 8.39 -87.42 -25.97
CA LEU OA 203 7.55 -88.62 -25.94
C LEU OA 203 7.28 -89.14 -27.36
N HIS OA 204 6.99 -88.23 -28.29
CA HIS OA 204 6.74 -88.66 -29.67
C HIS OA 204 7.98 -89.29 -30.29
N MET OA 205 9.15 -88.69 -30.04
CA MET OA 205 10.39 -89.25 -30.57
C MET OA 205 10.67 -90.63 -29.97
N ALA OA 206 10.46 -90.79 -28.66
CA ALA OA 206 10.69 -92.08 -28.04
C ALA OA 206 9.75 -93.14 -28.59
N GLU OA 207 8.46 -92.79 -28.73
CA GLU OA 207 7.50 -93.75 -29.26
C GLU OA 207 7.80 -94.11 -30.71
N THR OA 208 8.18 -93.12 -31.52
CA THR OA 208 8.56 -93.40 -32.89
C THR OA 208 9.78 -94.31 -32.95
N THR OA 209 10.76 -94.07 -32.09
CA THR OA 209 11.94 -94.92 -32.04
C THR OA 209 11.57 -96.36 -31.68
N ILE OA 210 10.71 -96.52 -30.68
CA ILE OA 210 10.31 -97.87 -30.27
C ILE OA 210 9.56 -98.57 -31.40
N ARG OA 211 8.62 -97.86 -32.03
CA ARG OA 211 7.83 -98.47 -33.11
C ARG OA 211 8.71 -98.87 -34.29
N GLU OA 212 9.59 -97.97 -34.71
CA GLU OA 212 10.46 -98.28 -35.85
C GLU OA 212 11.45 -99.38 -35.51
N SER OA 213 11.91 -99.42 -34.26
CA SER OA 213 12.86 -100.46 -33.85
C SER OA 213 12.19 -101.82 -33.80
N GLU OA 214 10.95 -101.89 -33.30
CA GLU OA 214 10.24 -103.17 -33.30
C GLU OA 214 9.78 -103.55 -34.69
N LYS OA 215 9.68 -102.58 -35.61
CA LYS OA 215 9.43 -102.90 -37.01
C LYS OA 215 10.60 -103.61 -37.65
N LEU OA 216 11.79 -103.55 -37.05
CA LEU OA 216 12.97 -104.24 -37.55
C LEU OA 216 13.25 -105.53 -36.79
N GLY OA 217 12.30 -105.99 -35.97
CA GLY OA 217 12.43 -107.21 -35.23
C GLY OA 217 13.06 -107.07 -33.86
N VAL OA 218 13.42 -105.84 -33.46
CA VAL OA 218 14.13 -105.65 -32.20
C VAL OA 218 13.12 -105.43 -31.08
N ASP OA 219 13.42 -106.06 -29.95
CA ASP OA 219 12.58 -105.92 -28.78
C ASP OA 219 12.25 -104.50 -28.46
N PRO OA 220 11.27 -104.32 -27.60
CA PRO OA 220 10.98 -102.98 -27.18
C PRO OA 220 11.59 -102.83 -25.84
N ARG OA 221 12.65 -103.57 -25.61
CA ARG OA 221 13.35 -103.39 -24.37
C ARG OA 221 14.63 -102.57 -24.56
N LEU OA 222 15.68 -103.20 -25.04
CA LEU OA 222 16.96 -102.50 -25.13
C LEU OA 222 16.83 -101.23 -25.95
N ALA OA 223 15.98 -101.24 -26.98
CA ALA OA 223 15.70 -100.00 -27.70
C ALA OA 223 15.07 -98.97 -26.77
N ALA OA 224 14.29 -99.43 -25.79
CA ALA OA 224 13.75 -98.51 -24.80
C ALA OA 224 14.87 -97.85 -24.00
N GLU OA 225 15.88 -98.62 -23.59
CA GLU OA 225 16.98 -98.02 -22.85
C GLU OA 225 17.81 -97.08 -23.73
N VAL OA 226 17.94 -97.40 -25.03
CA VAL OA 226 18.62 -96.50 -25.95
C VAL OA 226 17.87 -95.17 -26.03
N ALA OA 227 16.55 -95.25 -26.19
CA ALA OA 227 15.74 -94.04 -26.21
C ALA OA 227 15.82 -93.30 -24.89
N ARG OA 228 15.96 -94.02 -23.78
CA ARG OA 228 16.10 -93.37 -22.47
C ARG OA 228 17.40 -92.59 -22.37
N GLU OA 229 18.50 -93.19 -22.82
CA GLU OA 229 19.77 -92.47 -22.83
C GLU OA 229 19.70 -91.24 -23.73
N MET OA 230 19.07 -91.37 -24.90
CA MET OA 230 18.96 -90.23 -25.80
C MET OA 230 18.06 -89.14 -25.22
N VAL OA 231 17.01 -89.53 -24.50
CA VAL OA 231 16.15 -88.56 -23.83
C VAL OA 231 16.93 -87.82 -22.76
N ASP OA 232 17.77 -88.55 -22.01
CA ASP OA 232 18.63 -87.89 -21.02
C ASP OA 232 19.57 -86.90 -21.70
N GLY OA 233 20.14 -87.28 -22.84
CA GLY OA 233 21.01 -86.37 -23.57
C GLY OA 233 20.27 -85.13 -24.05
N VAL OA 234 19.04 -85.31 -24.54
CA VAL OA 234 18.23 -84.16 -24.97
C VAL OA 234 17.95 -83.24 -23.79
N GLY OA 235 17.61 -83.81 -22.64
CA GLY OA 235 17.39 -83.00 -21.46
C GLY OA 235 18.62 -82.21 -21.05
N HIS OA 236 19.79 -82.85 -21.12
CA HIS OA 236 21.03 -82.15 -20.79
C HIS OA 236 21.32 -81.02 -21.77
N GLU OA 237 21.15 -81.29 -23.06
CA GLU OA 237 21.47 -80.28 -24.07
C GLU OA 237 20.50 -79.11 -24.02
N THR OA 238 19.21 -79.39 -23.88
CA THR OA 238 18.18 -78.34 -23.93
C THR OA 238 18.16 -77.49 -22.66
N GLY OA 239 18.84 -77.90 -21.60
CA GLY OA 239 18.82 -77.14 -20.37
C GLY OA 239 17.59 -77.34 -19.52
N GLU OA 240 16.78 -78.35 -19.82
CA GLU OA 240 15.56 -78.64 -19.06
C GLU OA 240 15.50 -80.13 -18.83
N THR OA 241 15.70 -80.57 -17.58
CA THR OA 241 15.74 -81.99 -17.25
C THR OA 241 14.47 -82.50 -16.59
N GLU OA 242 13.59 -81.62 -16.11
CA GLU OA 242 12.35 -82.08 -15.50
C GLU OA 242 11.46 -82.78 -16.52
N ALA OA 243 11.34 -82.23 -17.72
CA ALA OA 243 10.60 -82.90 -18.78
C ALA OA 243 11.28 -84.21 -19.17
N ALA OA 244 12.61 -84.19 -19.25
CA ALA OA 244 13.35 -85.43 -19.49
C ALA OA 244 13.12 -86.44 -18.37
N PHE OA 245 13.05 -85.96 -17.13
CA PHE OA 245 12.74 -86.84 -16.01
C PHE OA 245 11.35 -87.47 -16.16
N ARG OA 246 10.37 -86.66 -16.54
CA ARG OA 246 9.01 -87.19 -16.71
C ARG OA 246 8.95 -88.23 -17.83
N VAL OA 247 9.59 -87.93 -18.96
CA VAL OA 247 9.58 -88.91 -20.06
C VAL OA 247 10.34 -90.16 -19.67
N ARG OA 248 11.40 -90.01 -18.85
CA ARG OA 248 12.11 -91.16 -18.33
C ARG OA 248 11.19 -92.03 -17.47
N ARG OA 249 10.37 -91.40 -16.63
CA ARG OA 249 9.44 -92.14 -15.81
C ARG OA 249 8.40 -92.88 -16.65
N GLU OA 250 7.87 -92.21 -17.68
CA GLU OA 250 6.88 -92.87 -18.53
C GLU OA 250 7.50 -94.03 -19.29
N LEU OA 251 8.75 -93.88 -19.75
CA LEU OA 251 9.41 -94.99 -20.43
C LEU OA 251 9.70 -96.14 -19.47
N ASP OA 252 10.05 -95.83 -18.22
CA ASP OA 252 10.23 -96.86 -17.21
C ASP OA 252 8.93 -97.60 -16.93
N THR OA 253 7.80 -96.89 -16.95
CA THR OA 253 6.51 -97.55 -16.85
C THR OA 253 6.22 -98.41 -18.09
N VAL OA 254 6.65 -97.93 -19.26
CA VAL OA 254 6.39 -98.65 -20.50
C VAL OA 254 7.13 -99.99 -20.51
N ILE OA 255 8.39 -99.99 -20.08
CA ILE OA 255 9.17 -101.24 -20.16
C ILE OA 255 8.58 -102.30 -19.24
N LEU OA 256 7.81 -101.90 -18.24
CA LEU OA 256 7.13 -102.85 -17.36
C LEU OA 256 6.08 -103.65 -18.11
N THR PA 25 31.78 -76.81 19.46
CA THR PA 25 32.59 -77.57 20.39
C THR PA 25 31.80 -77.98 21.63
N GLU PA 26 30.47 -77.80 21.55
CA GLU PA 26 29.61 -78.14 22.68
C GLU PA 26 29.65 -79.63 22.98
N LYS PA 27 29.68 -80.47 21.93
CA LYS PA 27 29.79 -81.90 22.15
C LYS PA 27 31.09 -82.25 22.88
N LEU PA 28 32.20 -81.62 22.50
CA LEU PA 28 33.46 -81.91 23.15
C LEU PA 28 33.45 -81.47 24.62
N LYS PA 29 32.86 -80.29 24.89
CA LYS PA 29 32.75 -79.83 26.27
C LYS PA 29 31.91 -80.78 27.10
N LYS PA 30 30.78 -81.25 26.55
CA LYS PA 30 29.95 -82.20 27.29
C LYS PA 30 30.67 -83.52 27.50
N ILE PA 31 31.45 -83.97 26.52
CA ILE PA 31 32.20 -85.21 26.67
C ILE PA 31 33.22 -85.07 27.79
N THR PA 32 33.93 -83.94 27.82
CA THR PA 32 34.90 -83.71 28.89
C THR PA 32 34.20 -83.66 30.25
N LYS PA 33 33.06 -82.97 30.34
CA LYS PA 33 32.34 -82.88 31.60
C LYS PA 33 31.90 -84.26 32.09
N LEU PA 34 31.33 -85.07 31.19
CA LEU PA 34 30.85 -86.38 31.58
C LEU PA 34 32.00 -87.30 31.96
N LEU PA 35 33.14 -87.17 31.28
CA LEU PA 35 34.30 -87.98 31.66
C LEU PA 35 34.82 -87.57 33.04
N HIS PA 36 34.74 -86.31 33.39
CA HIS PA 36 35.16 -85.94 34.71
C HIS PA 36 34.20 -86.65 35.60
N GLU PA 37 32.92 -86.36 35.46
CA GLU PA 37 31.97 -86.93 36.41
C GLU PA 37 32.22 -88.42 36.59
N LEU PA 38 32.46 -89.15 35.50
CA LEU PA 38 32.68 -90.58 35.60
C LEU PA 38 33.95 -90.88 36.41
N VAL PA 39 35.02 -90.13 36.17
CA VAL PA 39 36.26 -90.40 36.89
C VAL PA 39 36.16 -89.97 38.35
N ASP PA 40 35.27 -89.01 38.65
CA ASP PA 40 35.08 -88.59 40.04
C ASP PA 40 34.57 -89.74 40.89
N ARG PA 41 33.55 -90.46 40.40
CA ARG PA 41 32.97 -91.60 41.12
C ARG PA 41 33.50 -92.89 40.51
N GLY PA 42 34.76 -93.20 40.84
CA GLY PA 42 35.36 -94.44 40.37
C GLY PA 42 35.37 -94.54 38.86
N GLU PA 43 34.97 -95.70 38.35
CA GLU PA 43 34.75 -95.95 36.92
C GLU PA 43 36.08 -95.73 36.18
N ILE PA 44 36.14 -94.85 35.19
CA ILE PA 44 37.32 -94.67 34.35
C ILE PA 44 38.46 -94.08 35.16
N PRO PA 45 39.72 -94.30 34.77
CA PRO PA 45 40.85 -93.69 35.48
C PRO PA 45 41.03 -92.22 35.12
N GLU PA 46 42.00 -91.56 35.77
CA GLU PA 46 42.16 -90.12 35.62
C GLU PA 46 42.81 -89.72 34.31
N GLU PA 47 43.63 -90.60 33.71
CA GLU PA 47 44.37 -90.24 32.52
C GLU PA 47 43.44 -89.83 31.39
N LEU PA 48 42.31 -90.52 31.25
CA LEU PA 48 41.39 -90.20 30.18
C LEU PA 48 40.78 -88.81 30.37
N ALA PA 49 40.44 -88.46 31.62
CA ALA PA 49 39.90 -87.12 31.88
C ALA PA 49 40.95 -86.04 31.66
N THR PA 50 42.20 -86.29 32.05
CA THR PA 50 43.26 -85.32 31.80
C THR PA 50 43.48 -85.11 30.31
N LEU PA 51 43.50 -86.20 29.54
CA LEU PA 51 43.61 -86.07 28.09
C LEU PA 51 42.43 -85.31 27.51
N ALA PA 52 41.23 -85.57 28.02
CA ALA PA 52 40.06 -84.84 27.55
C ALA PA 52 40.22 -83.34 27.80
N THR PA 53 40.72 -82.96 28.97
CA THR PA 53 40.92 -81.54 29.27
C THR PA 53 41.95 -80.93 28.34
N LEU PA 54 43.10 -81.58 28.18
CA LEU PA 54 44.16 -81.02 27.34
C LEU PA 54 43.69 -80.88 25.89
N LEU PA 55 43.02 -81.91 25.35
CA LEU PA 55 42.54 -81.85 23.98
C LEU PA 55 41.41 -80.83 23.84
N LEU PA 56 40.58 -80.65 24.87
CA LEU PA 56 39.54 -79.64 24.81
C LEU PA 56 40.13 -78.24 24.81
N TYR PA 57 41.29 -78.05 25.43
CA TYR PA 57 41.98 -76.78 25.31
C TYR PA 57 42.57 -76.60 23.92
N LEU PA 58 43.25 -77.65 23.43
CA LEU PA 58 43.93 -77.56 22.14
C LEU PA 58 42.95 -77.29 21.01
N VAL PA 59 41.88 -78.09 20.92
CA VAL PA 59 40.72 -77.72 20.13
C VAL PA 59 40.14 -76.47 20.78
N GLU PA 60 39.63 -75.54 19.97
CA GLU PA 60 39.09 -74.27 20.44
C GLU PA 60 40.25 -73.35 20.87
N LYS PA 61 41.46 -73.89 20.94
CA LYS PA 61 42.63 -73.04 20.76
C LYS PA 61 43.00 -72.96 19.28
N GLY PA 62 42.50 -73.91 18.49
CA GLY PA 62 42.74 -73.90 17.05
C GLY PA 62 44.04 -74.56 16.66
N LEU PA 63 44.38 -75.66 17.33
CA LEU PA 63 45.63 -76.35 17.06
C LEU PA 63 45.47 -77.80 16.65
N ILE PA 64 44.30 -78.40 16.85
CA ILE PA 64 44.00 -79.74 16.33
C ILE PA 64 42.54 -79.78 15.90
N SER PA 65 42.12 -80.90 15.31
CA SER PA 65 40.76 -81.08 14.85
C SER PA 65 40.03 -82.07 15.75
N GLU PA 66 38.70 -82.08 15.64
CA GLU PA 66 37.90 -83.00 16.44
C GLU PA 66 38.25 -84.45 16.15
N PHE PA 67 38.70 -84.74 14.92
CA PHE PA 67 39.09 -86.11 14.59
C PHE PA 67 40.25 -86.56 15.47
N ASP PA 68 41.24 -85.70 15.67
CA ASP PA 68 42.36 -86.07 16.55
C ASP PA 68 41.90 -86.25 17.98
N PHE PA 69 41.00 -85.39 18.45
CA PHE PA 69 40.44 -85.53 19.78
C PHE PA 69 39.81 -86.91 19.96
N ILE PA 70 38.89 -87.26 19.07
CA ILE PA 70 38.18 -88.54 19.20
C ILE PA 70 39.13 -89.71 19.04
N GLU PA 71 40.10 -89.58 18.12
CA GLU PA 71 41.03 -90.68 17.88
C GLU PA 71 41.89 -90.94 19.11
N HIS PA 72 42.40 -89.87 19.74
CA HIS PA 72 43.19 -90.03 20.96
C HIS PA 72 42.34 -90.62 22.08
N LEU PA 73 41.10 -90.15 22.22
CA LEU PA 73 40.23 -90.68 23.27
C LEU PA 73 39.99 -92.17 23.07
N VAL PA 74 39.72 -92.58 21.82
CA VAL PA 74 39.45 -93.99 21.55
C VAL PA 74 40.70 -94.83 21.75
N ARG PA 75 41.87 -94.29 21.36
CA ARG PA 75 43.11 -95.03 21.57
C ARG PA 75 43.38 -95.27 23.05
N LEU PA 76 43.19 -94.23 23.88
CA LEU PA 76 43.38 -94.42 25.31
C LEU PA 76 42.35 -95.38 25.89
N ALA PA 77 41.10 -95.28 25.44
CA ALA PA 77 40.07 -96.19 25.94
C ALA PA 77 40.41 -97.64 25.60
N GLU PA 78 40.89 -97.88 24.38
CA GLU PA 78 41.31 -99.22 24.00
C GLU PA 78 42.51 -99.68 24.83
N LYS PA 79 43.44 -98.77 25.09
CA LYS PA 79 44.61 -99.13 25.90
C LYS PA 79 44.20 -99.52 27.32
N LEU PA 80 43.26 -98.80 27.92
CA LEU PA 80 42.83 -99.06 29.28
C LEU PA 80 41.65 -100.01 29.36
N GLY PA 81 41.09 -100.44 28.23
CA GLY PA 81 39.96 -101.34 28.23
C GLY PA 81 38.72 -100.77 28.90
N VAL PA 82 38.39 -99.53 28.58
CA VAL PA 82 37.27 -98.83 29.18
C VAL PA 82 36.38 -98.28 28.06
N LEU PA 83 36.46 -98.90 26.88
CA LEU PA 83 35.79 -98.38 25.71
C LEU PA 83 34.28 -98.34 25.87
N GLU PA 84 33.71 -99.22 26.69
CA GLU PA 84 32.27 -99.23 26.88
C GLU PA 84 31.79 -97.95 27.54
N GLU PA 85 32.52 -97.45 28.53
CA GLU PA 85 32.15 -96.20 29.19
C GLU PA 85 32.24 -95.02 28.22
N LEU PA 86 33.26 -95.01 27.36
CA LEU PA 86 33.34 -93.97 26.34
C LEU PA 86 32.17 -94.06 25.37
N LYS PA 87 31.77 -95.28 25.02
CA LYS PA 87 30.59 -95.44 24.17
C LYS PA 87 29.35 -94.87 24.84
N LYS PA 88 29.18 -95.17 26.12
CA LYS PA 88 28.03 -94.64 26.85
C LYS PA 88 28.05 -93.12 26.90
N VAL PA 89 29.24 -92.53 27.12
CA VAL PA 89 29.35 -91.07 27.14
C VAL PA 89 28.97 -90.49 25.78
N LEU PA 90 29.44 -91.13 24.70
CA LEU PA 90 29.15 -90.61 23.37
C LEU PA 90 27.67 -90.76 23.01
N GLU PA 91 27.00 -91.79 23.54
CA GLU PA 91 25.56 -91.87 23.36
C GLU PA 91 24.83 -90.80 24.18
N GLU PA 92 25.29 -90.56 25.41
CA GLU PA 92 24.63 -89.56 26.25
C GLU PA 92 24.74 -88.17 25.65
N VAL PA 93 25.92 -87.80 25.14
CA VAL PA 93 26.06 -86.48 24.53
C VAL PA 93 25.24 -86.39 23.25
N GLY PA 94 25.06 -87.52 22.56
CA GLY PA 94 24.29 -87.54 21.34
C GLY PA 94 25.11 -87.19 20.12
N ASP PA 95 26.22 -87.91 19.93
CA ASP PA 95 27.12 -87.68 18.81
C ASP PA 95 27.15 -88.92 17.93
N GLU PA 96 26.93 -88.73 16.63
CA GLU PA 96 26.95 -89.84 15.68
C GLU PA 96 28.31 -90.01 15.03
N PHE PA 97 29.02 -88.90 14.76
CA PHE PA 97 30.33 -88.99 14.14
C PHE PA 97 31.32 -89.72 15.04
N GLY PA 98 31.38 -89.30 16.31
CA GLY PA 98 32.30 -89.94 17.24
C GLY PA 98 31.95 -91.41 17.47
N LEU PA 99 30.66 -91.71 17.58
CA LEU PA 99 30.24 -93.10 17.78
C LEU PA 99 30.62 -93.96 16.59
N THR PA 100 30.40 -93.45 15.38
CA THR PA 100 30.80 -94.19 14.18
C THR PA 100 32.31 -94.38 14.15
N LEU PA 101 33.07 -93.38 14.57
CA LEU PA 101 34.53 -93.54 14.63
C LEU PA 101 34.93 -94.62 15.63
N VAL PA 102 34.24 -94.67 16.77
CA VAL PA 102 34.52 -95.69 17.77
C VAL PA 102 34.26 -97.08 17.19
N TYR PA 103 33.12 -97.24 16.53
CA TYR PA 103 32.82 -98.52 15.90
C TYR PA 103 33.86 -98.88 14.84
N ALA PA 104 34.28 -97.90 14.05
CA ALA PA 104 35.27 -98.16 13.02
C ALA PA 104 36.59 -98.62 13.62
N ILE PA 105 37.05 -97.97 14.69
CA ILE PA 105 38.31 -98.35 15.32
C ILE PA 105 38.20 -99.75 15.93
N SER PA 106 37.10 -100.02 16.63
CA SER PA 106 36.94 -101.34 17.25
C SER PA 106 36.88 -102.43 16.18
N LEU PA 107 36.16 -102.17 15.08
CA LEU PA 107 36.05 -103.14 14.00
C LEU PA 107 37.40 -103.36 13.33
N LEU PA 108 38.18 -102.29 13.15
CA LEU PA 108 39.52 -102.43 12.59
C LEU PA 108 40.40 -103.28 13.50
N LYS PA 109 40.33 -103.06 14.81
CA LYS PA 109 41.12 -103.87 15.73
C LYS PA 109 40.70 -105.34 15.67
N GLU PA 110 39.40 -105.61 15.63
CA GLU PA 110 38.92 -106.97 15.56
C GLU PA 110 39.35 -107.64 14.25
N VAL PA 111 39.28 -106.91 13.14
CA VAL PA 111 39.70 -107.47 11.86
C VAL PA 111 41.21 -107.71 11.84
N GLU PA 112 41.99 -106.81 12.43
CA GLU PA 112 43.42 -107.04 12.56
C GLU PA 112 43.69 -108.30 13.36
N LYS PA 113 42.90 -108.55 14.40
CA LYS PA 113 42.99 -109.83 15.10
C LYS PA 113 42.66 -110.98 14.14
N GLU PA 114 41.63 -110.81 13.32
CA GLU PA 114 41.28 -111.85 12.34
C GLU PA 114 42.31 -111.94 11.23
N GLY PA 115 42.69 -110.81 10.64
CA GLY PA 115 43.70 -110.79 9.60
C GLY PA 115 43.21 -110.97 8.18
N ASP PA 116 42.05 -110.40 7.83
CA ASP PA 116 41.51 -110.54 6.49
C ASP PA 116 41.67 -109.24 5.72
N GLU PA 117 42.22 -109.31 4.50
CA GLU PA 117 42.68 -108.12 3.79
C GLU PA 117 41.54 -107.27 3.25
N GLU PA 118 40.51 -107.90 2.68
CA GLU PA 118 39.45 -107.12 2.04
C GLU PA 118 38.72 -106.24 3.06
N LEU PA 119 38.41 -106.80 4.23
CA LEU PA 119 37.84 -105.96 5.29
C LEU PA 119 38.84 -104.92 5.80
N LYS PA 120 40.15 -105.21 5.72
CA LYS PA 120 41.13 -104.17 6.03
C LYS PA 120 40.95 -102.97 5.10
N GLU PA 121 40.88 -103.22 3.79
CA GLU PA 121 40.69 -102.13 2.85
C GLU PA 121 39.35 -101.44 3.08
N TYR PA 122 38.31 -102.22 3.37
CA TYR PA 122 36.99 -101.65 3.59
C TYR PA 122 36.99 -100.68 4.77
N VAL PA 123 37.57 -101.12 5.90
CA VAL PA 123 37.57 -100.27 7.09
C VAL PA 123 38.51 -99.09 6.92
N LYS PA 124 39.61 -99.25 6.20
CA LYS PA 124 40.48 -98.09 5.95
C LYS PA 124 39.77 -97.04 5.11
N LEU PA 125 39.04 -97.47 4.08
CA LEU PA 125 38.25 -96.52 3.31
C LEU PA 125 37.17 -95.86 4.18
N ALA PA 126 36.54 -96.66 5.04
CA ALA PA 126 35.54 -96.10 5.95
C ALA PA 126 36.13 -95.05 6.87
N ILE PA 127 37.33 -95.31 7.40
CA ILE PA 127 37.97 -94.37 8.31
C ILE PA 127 38.38 -93.10 7.58
N GLU PA 128 38.90 -93.24 6.35
CA GLU PA 128 39.25 -92.05 5.57
C GLU PA 128 38.02 -91.20 5.27
N THR PA 129 36.91 -91.85 4.89
CA THR PA 129 35.67 -91.10 4.65
C THR PA 129 35.17 -90.45 5.94
N LEU PA 130 35.32 -91.14 7.07
CA LEU PA 130 34.93 -90.55 8.35
C LEU PA 130 35.75 -89.32 8.67
N LYS PA 131 37.05 -89.36 8.39
CA LYS PA 131 37.90 -88.18 8.60
C LYS PA 131 37.46 -87.04 7.69
N GLU PA 132 37.19 -87.34 6.42
CA GLU PA 132 36.76 -86.29 5.51
C GLU PA 132 35.43 -85.67 5.95
N ALA PA 133 34.52 -86.50 6.47
CA ALA PA 133 33.27 -85.97 7.00
C ALA PA 133 33.53 -85.11 8.24
N PHE PA 134 34.35 -85.61 9.16
CA PHE PA 134 34.68 -84.85 10.37
C PHE PA 134 35.27 -83.49 10.03
N GLU PA 135 35.98 -83.39 8.91
CA GLU PA 135 36.56 -82.10 8.51
C GLU PA 135 35.50 -81.00 8.48
N ARG PA 136 34.29 -81.31 7.99
CA ARG PA 136 33.25 -80.31 7.89
C ARG PA 136 31.86 -80.81 8.27
N LYS PA 137 31.75 -81.97 8.92
CA LYS PA 137 30.47 -82.56 9.29
C LYS PA 137 29.58 -82.75 8.06
N ASN PA 138 30.11 -83.50 7.08
CA ASN PA 138 29.39 -83.79 5.85
C ASN PA 138 28.64 -85.11 6.04
N TYR PA 139 27.31 -85.04 5.98
CA TYR PA 139 26.49 -86.15 6.43
C TYR PA 139 26.54 -87.32 5.46
N ALA PA 140 26.79 -87.05 4.17
CA ALA PA 140 26.74 -88.10 3.15
C ALA PA 140 27.87 -89.11 3.31
N LEU PA 141 29.11 -88.62 3.49
CA LEU PA 141 30.21 -89.53 3.76
C LEU PA 141 30.01 -90.26 5.08
N LEU PA 142 29.33 -89.63 6.04
CA LEU PA 142 28.97 -90.32 7.27
C LEU PA 142 28.04 -91.49 6.98
N VAL PA 143 27.05 -91.30 6.09
CA VAL PA 143 26.17 -92.39 5.70
C VAL PA 143 26.97 -93.51 5.04
N SER PA 144 27.88 -93.15 4.13
CA SER PA 144 28.67 -94.16 3.44
C SER PA 144 29.50 -94.96 4.43
N ALA PA 145 30.18 -94.28 5.35
CA ALA PA 145 31.00 -94.97 6.35
C ALA PA 145 30.15 -95.83 7.26
N LYS PA 146 28.97 -95.34 7.65
CA LYS PA 146 28.07 -96.13 8.47
C LYS PA 146 27.66 -97.41 7.77
N ILE PA 147 27.33 -97.30 6.47
CA ILE PA 147 26.97 -98.49 5.69
C ILE PA 147 28.12 -99.48 5.69
N ILE PA 148 29.34 -98.99 5.42
CA ILE PA 148 30.49 -99.88 5.33
C ILE PA 148 30.73 -100.59 6.65
N VAL PA 149 30.67 -99.84 7.76
CA VAL PA 149 31.00 -100.43 9.06
C VAL PA 149 29.92 -101.41 9.49
N GLU PA 150 28.64 -101.10 9.24
CA GLU PA 150 27.61 -102.03 9.68
C GLU PA 150 27.63 -103.31 8.85
N ASN PA 151 27.88 -103.19 7.54
CA ASN PA 151 27.99 -104.40 6.74
C ASN PA 151 29.21 -105.22 7.14
N ALA PA 152 30.33 -104.56 7.47
CA ALA PA 152 31.49 -105.30 7.96
C ALA PA 152 31.19 -106.01 9.27
N GLU PA 153 30.51 -105.31 10.19
CA GLU PA 153 30.15 -105.94 11.47
C GLU PA 153 29.26 -107.16 11.24
N GLU PA 154 28.29 -107.04 10.34
CA GLU PA 154 27.45 -108.18 10.01
C GLU PA 154 28.28 -109.31 9.40
N ILE PA 155 29.30 -108.96 8.61
CA ILE PA 155 30.20 -109.98 8.06
C ILE PA 155 30.91 -110.73 9.17
N LEU PA 156 31.43 -110.01 10.17
CA LEU PA 156 32.10 -110.69 11.29
C LEU PA 156 31.13 -111.55 12.09
N LYS PA 157 29.90 -111.08 12.30
CA LYS PA 157 28.92 -111.92 12.99
C LYS PA 157 28.63 -113.19 12.20
N ALA PA 158 28.41 -113.07 10.89
CA ALA PA 158 28.14 -114.24 10.07
C ALA PA 158 29.36 -115.15 9.96
N LYS PA 159 30.57 -114.63 10.17
CA LYS PA 159 31.76 -115.47 10.15
C LYS PA 159 31.68 -116.56 11.21
N LYS PA 160 31.32 -116.18 12.45
CA LYS PA 160 31.13 -117.19 13.48
C LYS PA 160 29.79 -117.90 13.32
N LYS PA 161 28.78 -117.23 12.77
CA LYS PA 161 27.51 -117.91 12.49
C LYS PA 161 27.69 -118.97 11.40
N GLY PA 162 28.29 -118.57 10.28
CA GLY PA 162 28.58 -119.52 9.21
C GLY PA 162 27.50 -119.61 8.14
N ASP PA 163 26.96 -118.47 7.72
CA ASP PA 163 25.96 -118.42 6.66
C ASP PA 163 26.63 -117.74 5.47
N GLU PA 164 27.08 -118.55 4.50
CA GLU PA 164 27.88 -118.02 3.40
C GLU PA 164 27.08 -117.12 2.49
N GLU PA 165 25.80 -117.42 2.28
CA GLU PA 165 24.98 -116.57 1.41
C GLU PA 165 24.94 -115.14 1.95
N LYS PA 166 24.77 -114.99 3.26
CA LYS PA 166 24.71 -113.66 3.85
C LYS PA 166 26.05 -112.93 3.70
N ILE PA 167 27.18 -113.64 3.86
CA ILE PA 167 28.47 -112.98 3.73
C ILE PA 167 28.71 -112.53 2.29
N LYS PA 168 28.29 -113.35 1.33
CA LYS PA 168 28.40 -112.91 -0.07
C LYS PA 168 27.54 -111.70 -0.34
N GLU PA 169 26.32 -111.67 0.21
CA GLU PA 169 25.45 -110.52 0.04
C GLU PA 169 26.07 -109.27 0.65
N LEU PA 170 26.69 -109.41 1.83
CA LEU PA 170 27.32 -108.26 2.47
C LEU PA 170 28.54 -107.78 1.69
N LEU PA 171 29.31 -108.70 1.11
CA LEU PA 171 30.40 -108.29 0.23
C LEU PA 171 29.87 -107.53 -0.99
N GLN PA 172 28.74 -107.98 -1.54
CA GLN PA 172 28.11 -107.23 -2.64
C GLN PA 172 27.74 -105.82 -2.20
N ARG PA 173 27.14 -105.69 -1.01
CA ARG PA 173 26.79 -104.37 -0.50
C ARG PA 173 28.03 -103.49 -0.31
N LEU PA 174 29.11 -104.07 0.20
CA LEU PA 174 30.33 -103.31 0.42
C LEU PA 174 30.97 -102.88 -0.88
N LYS PA 175 30.93 -103.74 -1.91
CA LYS PA 175 31.42 -103.34 -3.22
C LYS PA 175 30.60 -102.18 -3.77
N ALA PA 176 29.28 -102.25 -3.62
CA ALA PA 176 28.43 -101.13 -4.05
C ALA PA 176 28.81 -99.85 -3.31
N ALA PA 177 29.05 -99.95 -2.00
CA ALA PA 177 29.43 -98.78 -1.21
C ALA PA 177 30.76 -98.21 -1.67
N LYS PA 178 31.74 -99.08 -1.94
CA LYS PA 178 33.04 -98.61 -2.42
C LYS PA 178 32.89 -97.88 -3.75
N ILE PA 179 32.09 -98.43 -4.66
CA ILE PA 179 31.86 -97.78 -5.94
C ILE PA 179 31.18 -96.42 -5.74
N GLY PA 180 30.22 -96.35 -4.82
CA GLY PA 180 29.41 -95.16 -4.72
C GLY PA 180 30.07 -94.02 -3.95
N THR PA 181 31.01 -94.35 -3.06
CA THR PA 181 31.56 -93.32 -2.18
C THR PA 181 32.22 -92.16 -2.92
N PRO PA 182 33.13 -92.38 -3.89
CA PRO PA 182 33.61 -91.22 -4.66
C PRO PA 182 32.50 -90.50 -5.39
N LEU PA 183 31.49 -91.24 -5.86
CA LEU PA 183 30.39 -90.62 -6.58
C LEU PA 183 29.59 -89.69 -5.68
N VAL PA 184 29.28 -90.12 -4.45
CA VAL PA 184 28.51 -89.27 -3.56
C VAL PA 184 29.32 -88.06 -3.12
N ARG PA 185 30.62 -88.28 -2.84
CA ARG PA 185 31.49 -87.15 -2.51
C ARG PA 185 31.47 -86.12 -3.64
N GLU PA 186 31.62 -86.58 -4.88
CA GLU PA 186 31.63 -85.67 -6.02
C GLU PA 186 30.28 -84.98 -6.20
N VAL PA 187 29.18 -85.70 -6.01
CA VAL PA 187 27.86 -85.10 -6.16
C VAL PA 187 27.67 -83.97 -5.16
N VAL PA 188 28.02 -84.22 -3.90
CA VAL PA 188 27.89 -83.17 -2.88
C VAL PA 188 28.79 -81.99 -3.22
N GLU PA 189 30.03 -82.26 -3.63
CA GLU PA 189 30.96 -81.18 -3.95
C GLU PA 189 30.43 -80.31 -5.09
N ARG PA 190 29.94 -80.95 -6.15
CA ARG PA 190 29.42 -80.19 -7.29
C ARG PA 190 28.18 -79.40 -6.90
N TYR PA 191 27.28 -79.99 -6.13
CA TYR PA 191 26.08 -79.25 -5.73
C TYR PA 191 26.40 -78.09 -4.82
N ARG PA 192 27.50 -78.16 -4.06
CA ARG PA 192 27.87 -77.10 -3.12
C ARG PA 192 27.97 -75.73 -3.81
N GLU PA 193 28.67 -75.65 -4.93
CA GLU PA 193 28.89 -74.35 -5.56
C GLU PA 193 28.57 -74.32 -7.05
N GLU PA 194 28.69 -75.44 -7.76
CA GLU PA 194 28.53 -75.41 -9.21
C GLU PA 194 27.10 -75.03 -9.61
N GLY PA 195 26.10 -75.58 -8.93
CA GLY PA 195 24.73 -75.12 -9.07
C GLY PA 195 23.81 -75.94 -9.96
N GLU PA 196 24.19 -77.17 -10.24
CA GLU PA 196 23.38 -78.05 -11.04
C GLU PA 196 22.04 -78.38 -10.35
N PRO PA 197 21.19 -79.17 -11.02
CA PRO PA 197 19.94 -79.57 -10.39
C PRO PA 197 20.12 -80.86 -9.66
N LEU PA 198 20.12 -80.79 -8.34
CA LEU PA 198 20.41 -81.98 -7.56
C LEU PA 198 19.80 -83.23 -8.12
N LEU PA 199 18.51 -83.19 -8.36
CA LEU PA 199 17.87 -84.45 -8.74
C LEU PA 199 18.57 -85.10 -9.93
N ASP PA 200 19.03 -84.28 -10.89
CA ASP PA 200 19.72 -84.82 -12.06
C ASP PA 200 21.01 -85.52 -11.66
N LEU PA 201 21.83 -84.86 -10.84
CA LEU PA 201 23.07 -85.48 -10.37
C LEU PA 201 22.79 -86.71 -9.51
N LEU PA 202 21.74 -86.67 -8.68
CA LEU PA 202 21.40 -87.83 -7.89
C LEU PA 202 21.06 -89.03 -8.78
N LEU PA 203 20.24 -88.78 -9.81
CA LEU PA 203 19.87 -89.87 -10.72
C LEU PA 203 21.07 -90.40 -11.47
N HIS PA 204 21.94 -89.50 -11.95
CA HIS PA 204 23.13 -89.95 -12.66
C HIS PA 204 24.06 -90.76 -11.76
N MET PA 205 24.24 -90.31 -10.52
CA MET PA 205 25.08 -91.04 -9.58
C MET PA 205 24.49 -92.42 -9.28
N ALA PA 206 23.18 -92.49 -9.07
CA ALA PA 206 22.54 -93.78 -8.80
C ALA PA 206 22.69 -94.73 -9.98
N GLU PA 207 22.47 -94.23 -11.19
CA GLU PA 207 22.58 -95.07 -12.37
C GLU PA 207 24.01 -95.53 -12.58
N THR PA 208 24.99 -94.63 -12.37
CA THR PA 208 26.39 -95.02 -12.49
C THR PA 208 26.75 -96.08 -11.46
N THR PA 209 26.25 -95.92 -10.23
CA THR PA 209 26.51 -96.92 -9.20
C THR PA 209 25.94 -98.27 -9.59
N ILE PA 210 24.70 -98.29 -10.10
CA ILE PA 210 24.08 -99.56 -10.49
C ILE PA 210 24.87 -100.20 -11.63
N ARG PA 211 25.24 -99.41 -12.64
CA ARG PA 211 25.96 -99.96 -13.80
C ARG PA 211 27.31 -100.51 -13.38
N GLU PA 212 28.06 -99.75 -12.59
CA GLU PA 212 29.38 -100.22 -12.17
C GLU PA 212 29.28 -101.42 -11.24
N SER PA 213 28.24 -101.46 -10.41
CA SER PA 213 28.06 -102.59 -9.50
C SER PA 213 27.70 -103.86 -10.27
N GLU PA 214 26.84 -103.75 -11.28
CA GLU PA 214 26.51 -104.93 -12.08
C GLU PA 214 27.67 -105.30 -13.01
N LYS PA 215 28.58 -104.37 -13.28
CA LYS PA 215 29.80 -104.71 -14.00
C LYS PA 215 30.72 -105.59 -13.17
N LEU PA 216 30.52 -105.65 -11.86
CA LEU PA 216 31.30 -106.50 -10.98
C LEU PA 216 30.57 -107.78 -10.61
N GLY PA 217 29.46 -108.08 -11.29
CA GLY PA 217 28.70 -109.30 -11.07
C GLY PA 217 27.61 -109.18 -10.02
N VAL PA 218 27.44 -107.99 -9.43
CA VAL PA 218 26.48 -107.83 -8.34
C VAL PA 218 25.13 -107.44 -8.92
N ASP PA 219 24.10 -108.04 -8.34
CA ASP PA 219 22.74 -107.75 -8.75
C ASP PA 219 22.45 -106.29 -8.77
N PRO PA 220 21.37 -105.93 -9.46
CA PRO PA 220 20.98 -104.54 -9.46
C PRO PA 220 19.90 -104.44 -8.45
N ARG PA 221 19.99 -105.25 -7.43
CA ARG PA 221 19.03 -105.14 -6.36
C ARG PA 221 19.67 -104.52 -5.13
N LEU PA 222 20.38 -105.31 -4.34
CA LEU PA 222 20.91 -104.78 -3.09
C LEU PA 222 21.75 -103.53 -3.33
N ALA PA 223 22.46 -103.48 -4.46
CA ALA PA 223 23.15 -102.26 -4.83
C ALA PA 223 22.17 -101.11 -5.02
N ALA PA 224 20.96 -101.42 -5.49
CA ALA PA 224 19.92 -100.41 -5.58
C ALA PA 224 19.55 -99.86 -4.20
N GLU PA 225 19.43 -100.74 -3.21
CA GLU PA 225 19.11 -100.25 -1.87
C GLU PA 225 20.28 -99.47 -1.26
N VAL PA 226 21.52 -99.86 -1.58
CA VAL PA 226 22.67 -99.08 -1.13
C VAL PA 226 22.63 -97.67 -1.73
N ALA PA 227 22.36 -97.59 -3.03
CA ALA PA 227 22.22 -96.28 -3.68
C ALA PA 227 21.05 -95.50 -3.10
N ARG PA 228 19.99 -96.20 -2.69
CA ARG PA 228 18.85 -95.52 -2.08
C ARG PA 228 19.22 -94.90 -0.73
N GLU PA 229 19.93 -95.65 0.10
CA GLU PA 229 20.41 -95.10 1.37
C GLU PA 229 21.33 -93.91 1.15
N MET PA 230 22.23 -94.02 0.17
CA MET PA 230 23.14 -92.90 -0.10
C MET PA 230 22.40 -91.69 -0.65
N VAL PA 231 21.35 -91.92 -1.44
CA VAL PA 231 20.53 -90.82 -1.94
C VAL PA 231 19.82 -90.13 -0.78
N ASP PA 232 19.32 -90.92 0.16
CA ASP PA 232 18.69 -90.35 1.36
C ASP PA 232 19.71 -89.51 2.13
N GLY PA 233 20.93 -90.01 2.27
CA GLY PA 233 21.97 -89.25 2.96
C GLY PA 233 22.29 -87.95 2.25
N VAL PA 234 22.35 -87.98 0.91
CA VAL PA 234 22.61 -86.76 0.14
C VAL PA 234 21.47 -85.76 0.34
N GLY PA 235 20.23 -86.25 0.33
CA GLY PA 235 19.11 -85.36 0.58
C GLY PA 235 19.17 -84.72 1.96
N HIS PA 236 19.54 -85.50 2.97
CA HIS PA 236 19.67 -84.95 4.31
C HIS PA 236 20.79 -83.91 4.39
N GLU PA 237 21.94 -84.21 3.79
CA GLU PA 237 23.07 -83.29 3.89
C GLU PA 237 22.81 -82.00 3.12
N THR PA 238 22.25 -82.11 1.91
CA THR PA 238 22.07 -80.95 1.05
C THR PA 238 20.93 -80.05 1.52
N GLY PA 239 20.10 -80.50 2.45
CA GLY PA 239 18.99 -79.70 2.91
C GLY PA 239 17.79 -79.69 1.99
N GLU PA 240 17.74 -80.60 1.02
CA GLU PA 240 16.62 -80.70 0.08
C GLU PA 240 16.26 -82.17 -0.06
N THR PA 241 15.11 -82.57 0.48
CA THR PA 241 14.69 -83.97 0.48
C THR PA 241 13.64 -84.30 -0.57
N GLU PA 242 12.98 -83.29 -1.16
CA GLU PA 242 11.98 -83.56 -2.18
C GLU PA 242 12.61 -84.18 -3.42
N ALA PA 243 13.76 -83.67 -3.85
CA ALA PA 243 14.47 -84.29 -4.96
C ALA PA 243 14.96 -85.69 -4.58
N ALA PA 244 15.44 -85.85 -3.34
CA ALA PA 244 15.80 -87.17 -2.86
C ALA PA 244 14.59 -88.09 -2.84
N PHE PA 245 13.43 -87.56 -2.46
CA PHE PA 245 12.20 -88.34 -2.49
C PHE PA 245 11.86 -88.80 -3.91
N ARG PA 246 11.99 -87.90 -4.88
CA ARG PA 246 11.68 -88.25 -6.26
C ARG PA 246 12.63 -89.31 -6.78
N VAL PA 247 13.94 -89.15 -6.52
CA VAL PA 247 14.91 -90.16 -6.97
C VAL PA 247 14.66 -91.49 -6.26
N ARG PA 248 14.23 -91.44 -5.00
CA ARG PA 248 13.86 -92.65 -4.28
C ARG PA 248 12.70 -93.36 -4.97
N ARG PA 249 11.70 -92.59 -5.40
CA ARG PA 249 10.57 -93.18 -6.10
C ARG PA 249 10.98 -93.80 -7.43
N GLU PA 250 11.84 -93.12 -8.18
CA GLU PA 250 12.29 -93.69 -9.45
C GLU PA 250 13.11 -94.95 -9.24
N LEU PA 251 13.95 -94.97 -8.19
CA LEU PA 251 14.72 -96.18 -7.90
C LEU PA 251 13.80 -97.32 -7.45
N ASP PA 252 12.75 -97.00 -6.70
CA ASP PA 252 11.76 -98.01 -6.31
C ASP PA 252 11.04 -98.56 -7.52
N THR PA 253 10.76 -97.71 -8.53
CA THR PA 253 10.22 -98.21 -9.77
C THR PA 253 11.23 -99.07 -10.52
N VAL PA 254 12.51 -98.70 -10.46
CA VAL PA 254 13.55 -99.44 -11.17
C VAL PA 254 13.69 -100.85 -10.62
N ILE PA 255 13.67 -101.01 -9.28
CA ILE PA 255 13.88 -102.33 -8.71
C ILE PA 255 12.76 -103.28 -9.10
N LEU PA 256 11.59 -102.74 -9.47
CA LEU PA 256 10.48 -103.56 -9.92
C LEU PA 256 10.80 -104.25 -11.24
N THR QA 25 -14.71 -79.38 27.77
CA THR QA 25 -15.40 -80.21 28.76
C THR QA 25 -16.85 -80.46 28.35
N GLU QA 26 -17.17 -80.12 27.09
CA GLU QA 26 -18.54 -80.30 26.61
C GLU QA 26 -18.93 -81.77 26.58
N LYS QA 27 -18.00 -82.64 26.18
CA LYS QA 27 -18.28 -84.07 26.20
C LYS QA 27 -18.60 -84.56 27.61
N LEU QA 28 -17.85 -84.09 28.60
CA LEU QA 28 -18.09 -84.51 29.98
C LEU QA 28 -19.45 -84.01 30.47
N LYS QA 29 -19.80 -82.76 30.13
CA LYS QA 29 -21.10 -82.22 30.52
C LYS QA 29 -22.23 -83.03 29.88
N LYS QA 30 -22.09 -83.37 28.60
CA LYS QA 30 -23.12 -84.17 27.94
C LYS QA 30 -23.20 -85.57 28.55
N ILE QA 31 -22.06 -86.15 28.91
CA ILE QA 31 -22.08 -87.48 29.54
C ILE QA 31 -22.81 -87.41 30.87
N THR QA 32 -22.54 -86.39 31.67
CA THR QA 32 -23.23 -86.23 32.94
C THR QA 32 -24.73 -86.04 32.73
N LYS QA 33 -25.11 -85.21 31.76
CA LYS QA 33 -26.53 -84.98 31.48
C LYS QA 33 -27.22 -86.27 31.08
N LEU QA 34 -26.61 -87.03 30.16
CA LEU QA 34 -27.24 -88.25 29.69
C LEU QA 34 -27.31 -89.30 30.80
N LEU QA 35 -26.30 -89.35 31.67
CA LEU QA 35 -26.37 -90.27 32.80
C LEU QA 35 -27.49 -89.88 33.76
N HIS QA 36 -27.75 -88.61 33.94
CA HIS QA 36 -28.84 -88.25 34.79
C HIS QA 36 -30.04 -88.79 34.10
N GLU QA 37 -30.27 -88.34 32.88
CA GLU QA 37 -31.51 -88.75 32.21
C GLU QA 37 -31.73 -90.25 32.35
N LEU QA 38 -30.68 -91.05 32.15
CA LEU QA 38 -30.82 -92.49 32.25
C LEU QA 38 -31.22 -92.92 33.66
N VAL QA 39 -30.60 -92.32 34.68
CA VAL QA 39 -30.91 -92.72 36.05
C VAL QA 39 -32.30 -92.22 36.45
N ASP QA 40 -32.78 -91.14 35.81
CA ASP QA 40 -34.12 -90.66 36.12
C ASP QA 40 -35.18 -91.69 35.78
N ARG QA 41 -35.09 -92.28 34.59
CA ARG QA 41 -36.04 -93.31 34.16
C ARG QA 41 -35.40 -94.68 34.32
N GLY QA 42 -35.34 -95.14 35.56
CA GLY QA 42 -34.80 -96.47 35.85
C GLY QA 42 -33.38 -96.63 35.38
N GLU QA 43 -33.12 -97.75 34.70
CA GLU QA 43 -31.85 -98.02 34.02
C GLU QA 43 -30.73 -98.01 35.06
N ILE QA 44 -29.70 -97.18 34.90
CA ILE QA 44 -28.52 -97.18 35.76
C ILE QA 44 -28.89 -96.72 37.17
N PRO QA 45 -28.15 -97.12 38.19
CA PRO QA 45 -28.42 -96.61 39.55
C PRO QA 45 -27.91 -95.20 39.78
N GLU QA 46 -28.17 -94.65 40.96
CA GLU QA 46 -27.88 -93.24 41.22
C GLU QA 46 -26.39 -92.99 41.47
N GLU QA 47 -25.65 -93.99 41.95
CA GLU QA 47 -24.25 -93.77 42.31
C GLU QA 47 -23.44 -93.30 41.12
N LEU QA 48 -23.71 -93.85 39.94
CA LEU QA 48 -22.95 -93.45 38.76
C LEU QA 48 -23.21 -91.99 38.41
N ALA QA 49 -24.47 -91.54 38.52
CA ALA QA 49 -24.78 -90.15 38.25
C ALA QA 49 -24.16 -89.22 39.27
N THR QA 50 -24.17 -89.61 40.55
CA THR QA 50 -23.53 -88.79 41.58
C THR QA 50 -22.03 -88.67 41.33
N LEU QA 51 -21.38 -89.78 40.98
CA LEU QA 51 -19.96 -89.73 40.65
C LEU QA 51 -19.72 -88.85 39.43
N ALA QA 52 -20.59 -88.93 38.43
CA ALA QA 52 -20.45 -88.08 37.26
C ALA QA 52 -20.52 -86.60 37.65
N THR QA 53 -21.44 -86.24 38.54
CA THR QA 53 -21.56 -84.85 38.98
C THR QA 53 -20.30 -84.41 39.73
N LEU QA 54 -19.84 -85.22 40.69
CA LEU QA 54 -18.67 -84.82 41.47
C LEU QA 54 -17.44 -84.69 40.59
N LEU QA 55 -17.22 -85.64 39.69
CA LEU QA 55 -16.07 -85.57 38.81
C LEU QA 55 -16.20 -84.43 37.80
N LEU QA 56 -17.42 -84.11 37.36
CA LEU QA 56 -17.61 -82.97 36.47
C LEU QA 56 -17.31 -81.66 37.18
N TYR QA 57 -17.53 -81.60 38.49
CA TYR QA 57 -17.10 -80.42 39.24
C TYR QA 57 -15.58 -80.39 39.38
N LEU QA 58 -14.99 -81.52 39.74
CA LEU QA 58 -13.55 -81.58 40.00
C LEU QA 58 -12.77 -81.23 38.73
N VAL QA 59 -13.07 -81.88 37.62
CA VAL QA 59 -12.65 -81.41 36.31
C VAL QA 59 -13.35 -80.07 36.12
N GLU QA 60 -12.67 -79.11 35.47
CA GLU QA 60 -13.18 -77.77 35.26
C GLU QA 60 -13.15 -76.99 36.57
N LYS QA 61 -12.90 -77.68 37.69
CA LYS QA 61 -12.28 -76.99 38.82
C LYS QA 61 -10.77 -77.02 38.71
N GLY QA 62 -10.24 -77.92 37.89
CA GLY QA 62 -8.81 -78.00 37.65
C GLY QA 62 -8.09 -78.84 38.68
N LEU QA 63 -8.70 -79.95 39.09
CA LEU QA 63 -8.12 -80.80 40.12
C LEU QA 63 -7.89 -82.24 39.67
N ILE QA 64 -8.49 -82.67 38.56
CA ILE QA 64 -8.20 -83.99 37.98
C ILE QA 64 -8.24 -83.85 36.47
N SER QA 65 -7.91 -84.93 35.77
CA SER QA 65 -7.91 -84.95 34.31
C SER QA 65 -9.05 -85.81 33.81
N GLU QA 66 -9.37 -85.65 32.52
CA GLU QA 66 -10.44 -86.42 31.90
C GLU QA 66 -10.17 -87.91 31.98
N PHE QA 67 -8.90 -88.32 31.99
CA PHE QA 67 -8.57 -89.73 32.11
C PHE QA 67 -9.09 -90.31 33.42
N ASP QA 68 -8.90 -89.56 34.53
CA ASP QA 68 -9.41 -90.03 35.81
C ASP QA 68 -10.93 -90.10 35.81
N PHE QA 69 -11.58 -89.11 35.20
CA PHE QA 69 -13.04 -89.12 35.08
C PHE QA 69 -13.51 -90.40 34.40
N ILE QA 70 -12.97 -90.67 33.20
CA ILE QA 70 -13.42 -91.84 32.45
C ILE QA 70 -13.05 -93.13 33.17
N GLU QA 71 -11.88 -93.17 33.80
CA GLU QA 71 -11.44 -94.39 34.48
C GLU QA 71 -12.37 -94.70 35.65
N HIS QA 72 -12.72 -93.68 36.44
CA HIS QA 72 -13.64 -93.89 37.56
C HIS QA 72 -15.02 -94.32 37.05
N LEU QA 73 -15.50 -93.69 35.98
CA LEU QA 73 -16.80 -94.06 35.43
C LEU QA 73 -16.81 -95.51 34.98
N VAL QA 74 -15.75 -95.93 34.28
CA VAL QA 74 -15.67 -97.31 33.80
C VAL QA 74 -15.55 -98.29 34.95
N ARG QA 75 -14.77 -97.93 35.98
CA ARG QA 75 -14.64 -98.81 37.13
C ARG QA 75 -15.98 -99.01 37.83
N LEU QA 76 -16.75 -97.93 38.03
CA LEU QA 76 -18.05 -98.08 38.64
C LEU QA 76 -19.00 -98.88 37.76
N ALA QA 77 -18.95 -98.64 36.43
CA ALA QA 77 -19.82 -99.39 35.54
C ALA QA 77 -19.51 -100.88 35.59
N GLU QA 78 -18.22 -101.24 35.62
CA GLU QA 78 -17.84 -102.63 35.75
C GLU QA 78 -18.29 -103.20 37.09
N LYS QA 79 -18.18 -102.42 38.16
CA LYS QA 79 -18.61 -102.88 39.47
C LYS QA 79 -20.11 -103.17 39.50
N LEU QA 80 -20.91 -102.30 38.88
CA LEU QA 80 -22.35 -102.46 38.88
C LEU QA 80 -22.88 -103.24 37.68
N GLY QA 81 -22.00 -103.63 36.75
CA GLY QA 81 -22.43 -104.38 35.59
C GLY QA 81 -23.41 -103.64 34.70
N VAL QA 82 -23.10 -102.37 34.42
CA VAL QA 82 -23.97 -101.52 33.62
C VAL QA 82 -23.14 -100.90 32.50
N LEU QA 83 -22.05 -101.58 32.14
CA LEU QA 83 -21.09 -101.02 31.19
C LEU QA 83 -21.71 -100.78 29.81
N GLU QA 84 -22.73 -101.55 29.45
CA GLU QA 84 -23.37 -101.36 28.15
C GLU QA 84 -24.04 -100.00 28.04
N GLU QA 85 -24.71 -99.57 29.11
CA GLU QA 85 -25.35 -98.25 29.09
C GLU QA 85 -24.31 -97.14 28.99
N LEU QA 86 -23.19 -97.29 29.69
CA LEU QA 86 -22.10 -96.32 29.56
C LEU QA 86 -21.56 -96.28 28.14
N LYS QA 87 -21.44 -97.45 27.51
CA LYS QA 87 -21.01 -97.51 26.12
C LYS QA 87 -21.99 -96.76 25.22
N LYS QA 88 -23.29 -96.98 25.44
CA LYS QA 88 -24.29 -96.27 24.64
C LYS QA 88 -24.20 -94.77 24.84
N VAL QA 89 -24.00 -94.33 26.09
CA VAL QA 89 -23.87 -92.90 26.37
C VAL QA 89 -22.65 -92.33 25.64
N LEU QA 90 -21.54 -93.05 25.67
CA LEU QA 90 -20.32 -92.56 25.03
C LEU QA 90 -20.46 -92.54 23.51
N GLU QA 91 -21.24 -93.45 22.94
CA GLU QA 91 -21.52 -93.36 21.51
C GLU QA 91 -22.43 -92.17 21.20
N GLU QA 92 -23.45 -91.94 22.04
CA GLU QA 92 -24.37 -90.83 21.81
C GLU QA 92 -23.65 -89.49 21.86
N VAL QA 93 -22.78 -89.29 22.86
CA VAL QA 93 -22.06 -88.03 22.94
C VAL QA 93 -21.08 -87.88 21.77
N GLY QA 94 -20.58 -89.01 21.26
CA GLY QA 94 -19.66 -88.97 20.14
C GLY QA 94 -18.22 -88.80 20.57
N ASP QA 95 -17.75 -89.65 21.47
CA ASP QA 95 -16.40 -89.59 21.99
C ASP QA 95 -15.66 -90.86 21.61
N GLU QA 96 -14.47 -90.69 21.00
CA GLU QA 96 -13.66 -91.83 20.62
C GLU QA 96 -12.63 -92.20 21.67
N PHE QA 97 -12.07 -91.21 22.36
CA PHE QA 97 -11.07 -91.49 23.40
C PHE QA 97 -11.69 -92.29 24.53
N GLY QA 98 -12.84 -91.84 25.05
CA GLY QA 98 -13.49 -92.56 26.13
C GLY QA 98 -13.93 -93.95 25.72
N LEU QA 99 -14.46 -94.08 24.50
CA LEU QA 99 -14.89 -95.39 24.03
C LEU QA 99 -13.71 -96.35 23.91
N THR QA 100 -12.58 -95.86 23.37
CA THR QA 100 -11.38 -96.69 23.30
C THR QA 100 -10.90 -97.09 24.69
N LEU QA 101 -10.98 -96.17 25.64
CA LEU QA 101 -10.60 -96.52 27.01
C LEU QA 101 -11.52 -97.58 27.59
N VAL QA 102 -12.82 -97.50 27.29
CA VAL QA 102 -13.76 -98.51 27.77
C VAL QA 102 -13.40 -99.87 27.19
N TYR QA 103 -13.13 -99.92 25.88
CA TYR QA 103 -12.73 -101.18 25.27
C TYR QA 103 -11.43 -101.71 25.86
N ALA QA 104 -10.47 -100.81 26.12
CA ALA QA 104 -9.21 -101.25 26.70
C ALA QA 104 -9.42 -101.85 28.09
N ILE QA 105 -10.23 -101.22 28.92
CA ILE QA 105 -10.47 -101.73 30.27
C ILE QA 105 -11.19 -103.08 30.21
N SER QA 106 -12.22 -103.19 29.37
CA SER QA 106 -12.95 -104.45 29.27
C SER QA 106 -12.05 -105.56 28.75
N LEU QA 107 -11.21 -105.26 27.76
CA LEU QA 107 -10.29 -106.24 27.20
C LEU QA 107 -9.25 -106.66 28.24
N LEU QA 108 -8.76 -105.71 29.04
CA LEU QA 108 -7.83 -106.05 30.10
C LEU QA 108 -8.49 -106.96 31.12
N LYS QA 109 -9.73 -106.68 31.50
CA LYS QA 109 -10.43 -107.55 32.45
C LYS QA 109 -10.61 -108.95 31.88
N GLU QA 110 -11.00 -109.05 30.61
CA GLU QA 110 -11.18 -110.36 29.98
C GLU QA 110 -9.87 -111.13 29.90
N VAL QA 111 -8.78 -110.43 29.57
CA VAL QA 111 -7.47 -111.09 29.49
C VAL QA 111 -7.01 -111.53 30.87
N GLU QA 112 -7.26 -110.71 31.90
CA GLU QA 112 -6.96 -111.11 33.27
C GLU QA 112 -7.73 -112.37 33.64
N LYS QA 113 -8.98 -112.47 33.20
CA LYS QA 113 -9.71 -113.72 33.36
C LYS QA 113 -9.01 -114.86 32.62
N GLU QA 114 -8.53 -114.59 31.41
CA GLU QA 114 -7.79 -115.60 30.65
C GLU QA 114 -6.42 -115.88 31.27
N GLY QA 115 -5.66 -114.83 31.55
CA GLY QA 115 -4.37 -114.99 32.18
C GLY QA 115 -3.19 -115.16 31.25
N ASP QA 116 -3.17 -114.46 30.12
CA ASP QA 116 -2.06 -114.59 29.16
C ASP QA 116 -1.19 -113.34 29.22
N GLU QA 117 0.13 -113.54 29.33
CA GLU QA 117 1.03 -112.45 29.68
C GLU QA 117 1.26 -111.48 28.52
N GLU QA 118 1.43 -111.99 27.30
CA GLU QA 118 1.78 -111.11 26.19
C GLU QA 118 0.65 -110.12 25.91
N LEU QA 119 -0.60 -110.57 25.94
CA LEU QA 119 -1.71 -109.63 25.83
C LEU QA 119 -1.79 -108.70 27.03
N LYS QA 120 -1.35 -109.16 28.22
CA LYS QA 120 -1.24 -108.25 29.35
C LYS QA 120 -0.33 -107.06 29.01
N GLU QA 121 0.87 -107.36 28.52
CA GLU QA 121 1.79 -106.30 28.15
C GLU QA 121 1.21 -105.43 27.04
N TYR QA 122 0.55 -106.05 26.07
CA TYR QA 122 -0.02 -105.32 24.95
C TYR QA 122 -1.06 -104.31 25.43
N VAL QA 123 -1.99 -104.77 26.30
CA VAL QA 123 -3.05 -103.88 26.75
C VAL QA 123 -2.51 -102.84 27.72
N LYS QA 124 -1.49 -103.16 28.51
CA LYS QA 124 -0.90 -102.15 29.37
C LYS QA 124 -0.24 -101.05 28.55
N LEU QA 125 0.48 -101.41 27.49
CA LEU QA 125 1.04 -100.40 26.60
C LEU QA 125 -0.06 -99.58 25.95
N ALA QA 126 -1.15 -100.25 25.53
CA ALA QA 126 -2.27 -99.54 24.94
C ALA QA 126 -2.87 -98.53 25.90
N ILE QA 127 -3.03 -98.92 27.17
CA ILE QA 127 -3.61 -98.03 28.17
C ILE QA 127 -2.69 -96.86 28.45
N GLU QA 128 -1.38 -97.11 28.54
CA GLU QA 128 -0.45 -96.01 28.76
C GLU QA 128 -0.47 -95.02 27.59
N THR QA 129 -0.51 -95.54 26.36
CA THR QA 129 -0.61 -94.66 25.20
C THR QA 129 -1.92 -93.89 25.20
N LEU QA 130 -3.00 -94.53 25.63
CA LEU QA 130 -4.29 -93.87 25.72
C LEU QA 130 -4.24 -92.73 26.73
N LYS QA 131 -3.59 -92.94 27.87
CA LYS QA 131 -3.43 -91.88 28.86
C LYS QA 131 -2.61 -90.73 28.29
N GLU QA 132 -1.52 -91.04 27.59
CA GLU QA 132 -0.70 -89.98 27.01
C GLU QA 132 -1.48 -89.19 25.98
N ALA QA 133 -2.31 -89.87 25.18
CA ALA QA 133 -3.17 -89.17 24.23
C ALA QA 133 -4.19 -88.29 24.96
N PHE QA 134 -4.86 -88.85 25.98
CA PHE QA 134 -5.83 -88.10 26.76
C PHE QA 134 -5.23 -86.84 27.35
N GLU QA 135 -3.93 -86.87 27.67
CA GLU QA 135 -3.28 -85.69 28.23
C GLU QA 135 -3.48 -84.46 27.35
N ARG QA 136 -3.43 -84.63 26.02
CA ARG QA 136 -3.57 -83.51 25.12
C ARG QA 136 -4.40 -83.81 23.88
N LYS QA 137 -5.13 -84.93 23.85
CA LYS QA 137 -5.93 -85.34 22.69
C LYS QA 137 -5.05 -85.45 21.45
N ASN QA 138 -4.04 -86.31 21.55
CA ASN QA 138 -3.11 -86.55 20.45
C ASN QA 138 -3.62 -87.75 19.67
N TYR QA 139 -3.98 -87.51 18.39
CA TYR QA 139 -4.75 -88.49 17.65
C TYR QA 139 -3.89 -89.70 17.26
N ALA QA 140 -2.58 -89.52 17.12
CA ALA QA 140 -1.70 -90.58 16.63
C ALA QA 140 -1.59 -91.73 17.64
N LEU QA 141 -1.33 -91.40 18.91
CA LEU QA 141 -1.32 -92.44 19.93
C LEU QA 141 -2.69 -93.07 20.09
N LEU QA 142 -3.76 -92.32 19.82
CA LEU QA 142 -5.09 -92.91 19.79
C LEU QA 142 -5.20 -93.97 18.69
N VAL QA 143 -4.65 -93.67 17.51
CA VAL QA 143 -4.65 -94.67 16.43
C VAL QA 143 -3.86 -95.90 16.85
N SER QA 144 -2.69 -95.71 17.46
CA SER QA 144 -1.86 -96.83 17.88
C SER QA 144 -2.61 -97.70 18.89
N ALA QA 145 -3.21 -97.07 19.90
CA ALA QA 145 -3.95 -97.82 20.91
C ALA QA 145 -5.16 -98.52 20.30
N LYS QA 146 -5.84 -97.86 19.36
CA LYS QA 146 -6.98 -98.50 18.69
C LYS QA 146 -6.52 -99.74 17.95
N ILE QA 147 -5.41 -99.65 17.23
CA ILE QA 147 -4.86 -100.81 16.53
C ILE QA 147 -4.59 -101.94 17.51
N ILE QA 148 -3.91 -101.62 18.61
CA ILE QA 148 -3.54 -102.66 19.58
C ILE QA 148 -4.78 -103.33 20.14
N VAL QA 149 -5.78 -102.54 20.52
CA VAL QA 149 -6.96 -103.12 21.17
C VAL QA 149 -7.79 -103.93 20.19
N GLU QA 150 -7.92 -103.47 18.93
CA GLU QA 150 -8.73 -104.24 18.00
C GLU QA 150 -8.03 -105.55 17.62
N ASN QA 151 -6.71 -105.52 17.45
CA ASN QA 151 -6.00 -106.76 17.17
C ASN QA 151 -6.08 -107.72 18.36
N ALA QA 152 -5.99 -107.19 19.58
CA ALA QA 152 -6.14 -108.05 20.76
C ALA QA 152 -7.55 -108.66 20.82
N GLU QA 153 -8.57 -107.85 20.54
CA GLU QA 153 -9.94 -108.37 20.53
C GLU QA 153 -10.10 -109.47 19.49
N GLU QA 154 -9.54 -109.27 18.30
CA GLU QA 154 -9.58 -110.31 17.28
C GLU QA 154 -8.82 -111.56 17.75
N ILE QA 155 -7.75 -111.37 18.50
CA ILE QA 155 -7.02 -112.52 19.06
C ILE QA 155 -7.91 -113.30 20.01
N LEU QA 156 -8.64 -112.62 20.89
CA LEU QA 156 -9.54 -113.33 21.80
C LEU QA 156 -10.66 -114.03 21.04
N LYS QA 157 -11.21 -113.39 20.00
CA LYS QA 157 -12.23 -114.08 19.21
C LYS QA 157 -11.68 -115.33 18.54
N ALA QA 158 -10.49 -115.23 17.95
CA ALA QA 158 -9.89 -116.39 17.30
C ALA QA 158 -9.48 -117.46 18.30
N LYS QA 159 -9.27 -117.08 19.57
CA LYS QA 159 -8.95 -118.07 20.60
C LYS QA 159 -10.06 -119.10 20.74
N LYS QA 160 -11.31 -118.62 20.84
CA LYS QA 160 -12.43 -119.55 20.86
C LYS QA 160 -12.76 -120.10 19.48
N LYS QA 161 -12.50 -119.33 18.43
CA LYS QA 161 -12.67 -119.85 17.07
C LYS QA 161 -11.67 -120.96 16.77
N GLY QA 162 -10.38 -120.70 17.03
CA GLY QA 162 -9.36 -121.71 16.86
C GLY QA 162 -8.69 -121.71 15.50
N ASP QA 163 -8.36 -120.53 14.98
CA ASP QA 163 -7.67 -120.39 13.70
C ASP QA 163 -6.28 -119.85 14.04
N GLU QA 164 -5.29 -120.75 14.06
CA GLU QA 164 -3.96 -120.39 14.53
C GLU QA 164 -3.27 -119.41 13.59
N GLU QA 165 -3.48 -119.56 12.28
CA GLU QA 165 -2.86 -118.65 11.32
C GLU QA 165 -3.25 -117.21 11.61
N LYS QA 166 -4.55 -116.98 11.89
CA LYS QA 166 -5.02 -115.63 12.16
C LYS QA 166 -4.41 -115.09 13.46
N ILE QA 167 -4.26 -115.93 14.48
CA ILE QA 167 -3.69 -115.44 15.74
C ILE QA 167 -2.22 -115.09 15.56
N LYS QA 168 -1.49 -115.88 14.76
CA LYS QA 168 -0.10 -115.53 14.48
C LYS QA 168 -0.02 -114.22 13.70
N GLU QA 169 -0.92 -114.02 12.73
CA GLU QA 169 -0.94 -112.77 11.98
C GLU QA 169 -1.23 -111.59 12.91
N LEU QA 170 -2.15 -111.76 13.85
CA LEU QA 170 -2.48 -110.67 14.77
C LEU QA 170 -1.32 -110.38 15.72
N LEU QA 171 -0.60 -111.42 16.16
CA LEU QA 171 0.60 -111.18 16.96
C LEU QA 171 1.65 -110.42 16.15
N GLN QA 172 1.78 -110.73 14.86
CA GLN QA 172 2.69 -109.96 14.01
C GLN QA 172 2.27 -108.49 13.96
N ARG QA 173 0.98 -108.24 13.78
CA ARG QA 173 0.48 -106.87 13.75
C ARG QA 173 0.75 -106.15 15.07
N LEU QA 174 0.55 -106.84 16.19
CA LEU QA 174 0.78 -106.24 17.50
C LEU QA 174 2.26 -105.95 17.73
N LYS QA 175 3.15 -106.84 17.28
CA LYS QA 175 4.58 -106.55 17.36
C LYS QA 175 4.94 -105.32 16.54
N ALA QA 176 4.38 -105.20 15.34
CA ALA QA 176 4.61 -104.02 14.53
C ALA QA 176 4.12 -102.76 15.25
N ALA QA 177 2.95 -102.84 15.88
CA ALA QA 177 2.42 -101.70 16.62
C ALA QA 177 3.31 -101.33 17.79
N LYS QA 178 3.79 -102.32 18.53
CA LYS QA 178 4.69 -102.03 19.66
C LYS QA 178 5.97 -101.36 19.18
N ILE QA 179 6.53 -101.83 18.07
CA ILE QA 179 7.72 -101.21 17.52
C ILE QA 179 7.43 -99.78 17.10
N GLY QA 180 6.28 -99.54 16.49
CA GLY QA 180 6.02 -98.24 15.88
C GLY QA 180 5.59 -97.18 16.88
N THR QA 181 5.01 -97.59 18.00
CA THR QA 181 4.42 -96.59 18.92
C THR QA 181 5.42 -95.57 19.43
N PRO QA 182 6.60 -95.94 19.95
CA PRO QA 182 7.57 -94.89 20.30
C PRO QA 182 7.97 -94.05 19.09
N LEU QA 183 8.05 -94.68 17.91
CA LEU QA 183 8.45 -93.95 16.71
C LEU QA 183 7.42 -92.89 16.34
N VAL QA 184 6.12 -93.23 16.40
CA VAL QA 184 5.10 -92.25 16.04
C VAL QA 184 5.03 -91.15 17.09
N ARG QA 185 5.16 -91.51 18.37
CA ARG QA 185 5.21 -90.48 19.41
C ARG QA 185 6.35 -89.50 19.15
N GLU QA 186 7.54 -90.04 18.84
CA GLU QA 186 8.70 -89.18 18.59
C GLU QA 186 8.49 -88.33 17.35
N VAL QA 187 7.91 -88.89 16.29
CA VAL QA 187 7.71 -88.14 15.06
C VAL QA 187 6.78 -86.96 15.32
N VAL QA 188 5.67 -87.20 16.03
CA VAL QA 188 4.75 -86.10 16.34
C VAL QA 188 5.45 -85.05 17.21
N GLU QA 189 6.20 -85.50 18.22
CA GLU QA 189 6.87 -84.57 19.12
C GLU QA 189 7.85 -83.69 18.35
N ARG QA 190 8.66 -84.29 17.48
CA ARG QA 190 9.64 -83.53 16.71
C ARG QA 190 8.95 -82.55 15.76
N TYR QA 191 7.88 -83.00 15.08
CA TYR QA 191 7.20 -82.11 14.16
C TYR QA 191 6.53 -80.95 14.88
N ARG QA 192 6.14 -81.14 16.15
CA ARG QA 192 5.46 -80.09 16.90
C ARG QA 192 6.24 -78.78 16.93
N GLU QA 193 7.53 -78.82 17.24
CA GLU QA 193 8.30 -77.60 17.40
C GLU QA 193 9.61 -77.59 16.63
N GLU QA 194 10.24 -78.74 16.39
CA GLU QA 194 11.56 -78.75 15.78
C GLU QA 194 11.53 -78.21 14.35
N GLY QA 195 10.53 -78.60 13.57
CA GLY QA 195 10.28 -77.98 12.28
C GLY QA 195 10.77 -78.70 11.04
N GLU QA 196 11.05 -79.99 11.17
CA GLU QA 196 11.47 -80.78 10.04
C GLU QA 196 10.37 -80.89 8.98
N PRO QA 197 10.65 -81.57 7.87
CA PRO QA 197 9.61 -81.76 6.87
C PRO QA 197 8.89 -83.06 7.13
N LEU QA 198 7.64 -82.96 7.56
CA LEU QA 198 6.93 -84.17 7.94
C LEU QA 198 7.16 -85.34 7.05
N LEU QA 199 7.03 -85.14 5.76
CA LEU QA 199 7.11 -86.32 4.91
C LEU QA 199 8.40 -87.10 5.12
N ASP QA 200 9.51 -86.40 5.34
CA ASP QA 200 10.79 -87.07 5.55
C ASP QA 200 10.76 -87.91 6.82
N LEU QA 201 10.29 -87.32 7.92
CA LEU QA 201 10.18 -88.07 9.17
C LEU QA 201 9.18 -89.22 9.05
N LEU QA 202 8.08 -89.01 8.33
CA LEU QA 202 7.12 -90.09 8.14
C LEU QA 202 7.77 -91.26 7.40
N LEU QA 203 8.52 -90.96 6.33
CA LEU QA 203 9.17 -92.02 5.57
C LEU QA 203 10.21 -92.74 6.41
N HIS QA 204 11.01 -91.98 7.18
CA HIS QA 204 12.02 -92.61 8.02
C HIS QA 204 11.38 -93.48 9.08
N MET QA 205 10.30 -93.01 9.71
CA MET QA 205 9.60 -93.81 10.71
C MET QA 205 9.03 -95.08 10.11
N ALA QA 206 8.42 -94.98 8.92
CA ALA QA 206 7.87 -96.17 8.28
C ALA QA 206 8.96 -97.18 7.94
N GLU QA 207 10.08 -96.69 7.39
CA GLU QA 207 11.17 -97.60 7.03
C GLU QA 207 11.77 -98.25 8.27
N THR QA 208 11.95 -97.47 9.35
CA THR QA 208 12.46 -98.04 10.59
C THR QA 208 11.51 -99.10 11.15
N THR QA 209 10.20 -98.83 11.08
CA THR QA 209 9.22 -99.80 11.55
C THR QA 209 9.31 -101.09 10.73
N ILE QA 210 9.42 -100.97 9.41
CA ILE QA 210 9.50 -102.16 8.56
C ILE QA 210 10.77 -102.95 8.87
N ARG QA 211 11.90 -102.25 8.99
CA ARG QA 211 13.17 -102.93 9.24
C ARG QA 211 13.16 -103.64 10.58
N GLU QA 212 12.69 -102.95 11.63
CA GLU QA 212 12.67 -103.56 12.95
C GLU QA 212 11.67 -104.71 13.02
N SER QA 213 10.55 -104.58 12.30
CA SER QA 213 9.55 -105.64 12.29
C SER QA 213 10.06 -106.89 11.58
N GLU QA 214 10.77 -106.70 10.45
CA GLU QA 214 11.33 -107.85 9.76
C GLU QA 214 12.53 -108.41 10.51
N LYS QA 215 13.15 -107.62 11.38
CA LYS QA 215 14.18 -108.14 12.27
C LYS QA 215 13.61 -109.10 13.31
N LEU QA 216 12.29 -109.08 13.52
CA LEU QA 216 11.63 -109.99 14.45
C LEU QA 216 10.96 -111.16 13.73
N GLY QA 217 11.24 -111.33 12.45
CA GLY QA 217 10.69 -112.42 11.67
C GLY QA 217 9.38 -112.12 10.99
N VAL QA 218 8.86 -110.91 11.14
CA VAL QA 218 7.55 -110.58 10.61
C VAL QA 218 7.69 -110.04 9.18
N ASP QA 219 6.80 -110.49 8.32
CA ASP QA 219 6.80 -110.06 6.93
C ASP QA 219 6.84 -108.58 6.78
N PRO QA 220 7.24 -108.13 5.62
CA PRO QA 220 7.23 -106.70 5.38
C PRO QA 220 5.93 -106.41 4.72
N ARG QA 221 4.92 -107.19 5.05
CA ARG QA 221 3.60 -106.89 4.52
C ARG QA 221 2.70 -106.29 5.58
N LEU QA 222 2.07 -107.13 6.39
CA LEU QA 222 1.09 -106.62 7.34
C LEU QA 222 1.67 -105.51 8.20
N ALA QA 223 2.96 -105.59 8.51
CA ALA QA 223 3.63 -104.48 9.18
C ALA QA 223 3.59 -103.23 8.32
N ALA QA 224 3.63 -103.41 7.00
CA ALA QA 224 3.48 -102.27 6.10
C ALA QA 224 2.11 -101.63 6.25
N GLU QA 225 1.05 -102.43 6.36
CA GLU QA 225 -0.28 -101.86 6.54
C GLU QA 225 -0.42 -101.21 7.91
N VAL QA 226 0.23 -101.76 8.94
CA VAL QA 226 0.23 -101.12 10.25
C VAL QA 226 0.89 -99.75 10.17
N ALA QA 227 2.05 -99.68 9.51
CA ALA QA 227 2.72 -98.40 9.32
C ALA QA 227 1.87 -97.45 8.49
N ARG QA 228 1.10 -97.98 7.54
CA ARG QA 228 0.23 -97.15 6.73
C ARG QA 228 -0.88 -96.52 7.57
N GLU QA 229 -1.51 -97.32 8.43
CA GLU QA 229 -2.53 -96.79 9.33
C GLU QA 229 -1.94 -95.73 10.26
N MET QA 230 -0.75 -95.99 10.79
CA MET QA 230 -0.13 -95.02 11.69
C MET QA 230 0.27 -93.75 10.95
N VAL QA 231 0.68 -93.87 9.68
CA VAL QA 231 0.98 -92.69 8.87
C VAL QA 231 -0.28 -91.88 8.64
N ASP QA 232 -1.41 -92.56 8.38
CA ASP QA 232 -2.68 -91.86 8.24
C ASP QA 232 -3.04 -91.13 9.52
N GLY QA 233 -2.83 -91.78 10.67
CA GLY QA 233 -3.08 -91.12 11.94
C GLY QA 233 -2.21 -89.90 12.17
N VAL QA 234 -0.93 -90.00 11.79
CA VAL QA 234 -0.03 -88.86 11.93
C VAL QA 234 -0.48 -87.71 11.03
N GLY QA 235 -0.90 -88.04 9.81
CA GLY QA 235 -1.42 -87.00 8.93
C GLY QA 235 -2.65 -86.32 9.48
N HIS QA 236 -3.56 -87.11 10.08
CA HIS QA 236 -4.75 -86.52 10.68
C HIS QA 236 -4.40 -85.63 11.87
N GLU QA 237 -3.50 -86.09 12.73
CA GLU QA 237 -3.17 -85.33 13.93
C GLU QA 237 -2.41 -84.05 13.58
N THR QA 238 -1.45 -84.13 12.66
CA THR QA 238 -0.60 -83.00 12.34
C THR QA 238 -1.32 -81.93 11.52
N GLY QA 239 -2.50 -82.23 10.98
CA GLY QA 239 -3.21 -81.27 10.16
C GLY QA 239 -2.71 -81.16 8.74
N GLU QA 240 -1.88 -82.10 8.29
CA GLU QA 240 -1.35 -82.09 6.93
C GLU QA 240 -1.44 -83.51 6.38
N THR QA 241 -2.34 -83.73 5.43
CA THR QA 241 -2.57 -85.06 4.88
C THR QA 241 -1.94 -85.29 3.52
N GLU QA 242 -1.51 -84.24 2.82
CA GLU QA 242 -0.86 -84.42 1.53
C GLU QA 242 0.45 -85.17 1.66
N ALA QA 243 1.26 -84.82 2.67
CA ALA QA 243 2.48 -85.57 2.93
C ALA QA 243 2.16 -87.00 3.34
N ALA QA 244 1.13 -87.17 4.17
CA ALA QA 244 0.67 -88.52 4.52
C ALA QA 244 0.21 -89.27 3.29
N PHE QA 245 -0.47 -88.58 2.37
CA PHE QA 245 -0.89 -89.21 1.12
C PHE QA 245 0.32 -89.67 0.31
N ARG QA 246 1.35 -88.83 0.21
CA ARG QA 246 2.53 -89.19 -0.56
C ARG QA 246 3.25 -90.39 0.06
N VAL QA 247 3.41 -90.39 1.38
CA VAL QA 247 4.05 -91.52 2.05
C VAL QA 247 3.20 -92.78 1.90
N ARG QA 248 1.88 -92.63 1.90
CA ARG QA 248 0.99 -93.75 1.65
C ARG QA 248 1.23 -94.33 0.26
N ARG QA 249 1.39 -93.46 -0.74
CA ARG QA 249 1.66 -93.93 -2.09
C ARG QA 249 2.99 -94.65 -2.18
N GLU QA 250 4.03 -94.11 -1.54
CA GLU QA 250 5.33 -94.79 -1.58
C GLU QA 250 5.27 -96.13 -0.87
N LEU QA 251 4.55 -96.23 0.24
CA LEU QA 251 4.41 -97.51 0.92
C LEU QA 251 3.60 -98.50 0.08
N ASP QA 252 2.59 -98.02 -0.64
CA ASP QA 252 1.84 -98.87 -1.56
C ASP QA 252 2.73 -99.37 -2.69
N THR QA 253 3.65 -98.54 -3.17
CA THR QA 253 4.63 -99.02 -4.13
C THR QA 253 5.59 -100.03 -3.51
N VAL QA 254 5.95 -99.83 -2.24
CA VAL QA 254 6.88 -100.72 -1.56
C VAL QA 254 6.30 -102.11 -1.42
N ILE QA 255 5.01 -102.22 -1.03
CA ILE QA 255 4.43 -103.53 -0.79
C ILE QA 255 4.37 -104.33 -2.08
N LEU QA 256 4.41 -103.67 -3.23
CA LEU QA 256 4.42 -104.36 -4.52
C LEU QA 256 5.72 -105.14 -4.70
N THR RA 25 -37.21 -75.64 -13.66
CA THR RA 25 -38.42 -76.33 -14.09
C THR RA 25 -38.50 -76.40 -15.61
N GLU RA 26 -37.39 -76.08 -16.27
CA GLU RA 26 -37.36 -76.11 -17.73
C GLU RA 26 -37.57 -77.52 -18.27
N LYS RA 27 -36.98 -78.52 -17.61
CA LYS RA 27 -37.20 -79.90 -18.03
C LYS RA 27 -38.67 -80.28 -17.93
N LEU RA 28 -39.33 -79.87 -16.85
CA LEU RA 28 -40.76 -80.19 -16.70
C LEU RA 28 -41.60 -79.50 -17.76
N LYS RA 29 -41.28 -78.24 -18.07
CA LYS RA 29 -42.02 -77.53 -19.12
C LYS RA 29 -41.83 -78.20 -20.47
N LYS RA 30 -40.60 -78.61 -20.78
CA LYS RA 30 -40.36 -79.31 -22.04
C LYS RA 30 -41.06 -80.65 -22.08
N ILE RA 31 -41.11 -81.36 -20.95
CA ILE RA 31 -41.81 -82.65 -20.92
C ILE RA 31 -43.29 -82.44 -21.18
N THR RA 32 -43.89 -81.41 -20.55
CA THR RA 32 -45.29 -81.12 -20.79
C THR RA 32 -45.54 -80.75 -22.25
N LYS RA 33 -44.67 -79.92 -22.82
CA LYS RA 33 -44.83 -79.52 -24.21
C LYS RA 33 -44.76 -80.73 -25.14
N LEU RA 34 -43.77 -81.60 -24.94
CA LEU RA 34 -43.62 -82.75 -25.81
C LEU RA 34 -44.77 -83.74 -25.64
N LEU RA 35 -45.29 -83.87 -24.42
CA LEU RA 35 -46.45 -84.73 -24.23
C LEU RA 35 -47.67 -84.15 -24.93
N HIS RA 36 -47.83 -82.86 -24.98
CA HIS RA 36 -48.95 -82.32 -25.70
C HIS RA 36 -48.70 -82.74 -27.11
N GLU RA 37 -47.58 -82.31 -27.67
CA GLU RA 37 -47.38 -82.58 -29.09
C GLU RA 37 -47.69 -84.04 -29.42
N LEU RA 38 -47.23 -84.97 -28.58
CA LEU RA 38 -47.48 -86.38 -28.83
C LEU RA 38 -48.97 -86.69 -28.81
N VAL RA 39 -49.71 -86.14 -27.84
CA VAL RA 39 -51.13 -86.43 -27.75
C VAL RA 39 -51.90 -85.75 -28.86
N ASP RA 40 -51.36 -84.65 -29.40
CA ASP RA 40 -52.04 -83.97 -30.51
C ASP RA 40 -52.12 -84.88 -31.74
N ARG RA 41 -51.01 -85.52 -32.09
CA ARG RA 41 -50.97 -86.44 -33.24
C ARG RA 41 -51.04 -87.88 -32.73
N GLY RA 42 -52.24 -88.29 -32.33
CA GLY RA 42 -52.45 -89.66 -31.88
C GLY RA 42 -51.57 -90.02 -30.71
N GLU RA 43 -50.94 -91.19 -30.79
CA GLU RA 43 -49.92 -91.66 -29.84
C GLU RA 43 -50.56 -91.75 -28.45
N ILE RA 44 -50.02 -91.06 -27.44
CA ILE RA 44 -50.48 -91.18 -26.06
C ILE RA 44 -51.88 -90.61 -25.91
N PRO RA 45 -52.67 -91.06 -24.93
CA PRO RA 45 -54.00 -90.47 -24.72
C PRO RA 45 -53.93 -89.13 -23.99
N GLU RA 46 -55.09 -88.50 -23.80
CA GLU RA 46 -55.14 -87.13 -23.30
C GLU RA 46 -54.88 -87.06 -21.79
N GLU RA 47 -55.20 -88.12 -21.05
CA GLU RA 47 -55.09 -88.07 -19.59
C GLU RA 47 -53.67 -87.76 -19.15
N LEU RA 48 -52.67 -88.32 -19.84
CA LEU RA 48 -51.29 -88.06 -19.46
C LEU RA 48 -50.93 -86.59 -19.66
N ALA RA 49 -51.38 -86.00 -20.76
CA ALA RA 49 -51.10 -84.58 -20.99
C ALA RA 49 -51.81 -83.70 -19.97
N THR RA 50 -53.05 -84.03 -19.62
CA THR RA 50 -53.77 -83.25 -18.61
C THR RA 50 -53.06 -83.34 -17.26
N LEU RA 51 -52.61 -84.54 -16.88
CA LEU RA 51 -51.86 -84.69 -15.64
C LEU RA 51 -50.56 -83.90 -15.70
N ALA RA 52 -49.90 -83.91 -16.86
CA ALA RA 52 -48.67 -83.12 -17.00
C ALA RA 52 -48.95 -81.64 -16.77
N THR RA 53 -50.04 -81.13 -17.32
CA THR RA 53 -50.38 -79.72 -17.14
C THR RA 53 -50.66 -79.41 -15.67
N LEU RA 54 -51.50 -80.22 -15.03
CA LEU RA 54 -51.85 -79.96 -13.63
C LEU RA 54 -50.62 -80.02 -12.74
N LEU RA 55 -49.77 -81.03 -12.92
CA LEU RA 55 -48.57 -81.14 -12.10
C LEU RA 55 -47.57 -80.03 -12.42
N LEU RA 56 -47.51 -79.58 -13.67
CA LEU RA 56 -46.63 -78.47 -14.01
C LEU RA 56 -47.11 -77.17 -13.36
N TYR RA 57 -48.41 -77.03 -13.15
CA TYR RA 57 -48.90 -75.89 -12.38
C TYR RA 57 -48.55 -76.04 -10.90
N LEU RA 58 -48.81 -77.23 -10.35
CA LEU RA 58 -48.60 -77.47 -8.92
C LEU RA 58 -47.14 -77.27 -8.54
N VAL RA 59 -46.23 -77.93 -9.26
CA VAL RA 59 -44.82 -77.56 -9.23
C VAL RA 59 -44.75 -76.15 -9.80
N GLU RA 60 -43.85 -75.32 -9.26
CA GLU RA 60 -43.69 -73.93 -9.66
C GLU RA 60 -44.87 -73.10 -9.14
N LYS RA 61 -45.90 -73.77 -8.62
CA LYS RA 61 -46.72 -73.12 -7.60
C LYS RA 61 -46.16 -73.35 -6.21
N GLY RA 62 -45.29 -74.35 -6.08
CA GLY RA 62 -44.62 -74.62 -4.82
C GLY RA 62 -45.45 -75.50 -3.90
N LEU RA 63 -46.12 -76.50 -4.46
CA LEU RA 63 -46.97 -77.38 -3.68
C LEU RA 63 -46.59 -78.85 -3.77
N ILE RA 64 -45.76 -79.25 -4.72
CA ILE RA 64 -45.23 -80.61 -4.78
C ILE RA 64 -43.79 -80.54 -5.29
N SER RA 65 -43.11 -81.68 -5.31
CA SER RA 65 -41.74 -81.76 -5.77
C SER RA 65 -41.68 -82.49 -7.12
N GLU RA 66 -40.54 -82.34 -7.80
CA GLU RA 66 -40.36 -83.00 -9.09
C GLU RA 66 -40.47 -84.51 -8.97
N PHE RA 67 -40.11 -85.06 -7.82
CA PHE RA 67 -40.24 -86.50 -7.62
C PHE RA 67 -41.69 -86.95 -7.75
N ASP RA 68 -42.62 -86.19 -7.14
CA ASP RA 68 -44.02 -86.54 -7.27
C ASP RA 68 -44.51 -86.42 -8.70
N PHE RA 69 -44.06 -85.37 -9.41
CA PHE RA 69 -44.39 -85.21 -10.82
C PHE RA 69 -43.98 -86.44 -11.62
N ILE RA 70 -42.71 -86.83 -11.52
CA ILE RA 70 -42.23 -87.95 -12.31
C ILE RA 70 -42.90 -89.25 -11.87
N GLU RA 71 -43.13 -89.42 -10.56
CA GLU RA 71 -43.75 -90.65 -10.09
C GLU RA 71 -45.17 -90.79 -10.61
N HIS RA 72 -45.95 -89.70 -10.58
CA HIS RA 72 -47.30 -89.75 -11.12
C HIS RA 72 -47.28 -90.02 -12.63
N LEU RA 73 -46.36 -89.37 -13.35
CA LEU RA 73 -46.28 -89.60 -14.79
C LEU RA 73 -45.97 -91.06 -15.09
N VAL RA 74 -45.02 -91.64 -14.36
CA VAL RA 74 -44.64 -93.03 -14.60
C VAL RA 74 -45.77 -93.97 -14.22
N ARG RA 75 -46.49 -93.67 -13.12
CA ARG RA 75 -47.61 -94.52 -12.73
C ARG RA 75 -48.70 -94.52 -13.79
N LEU RA 76 -49.03 -93.34 -14.33
CA LEU RA 76 -50.04 -93.30 -15.39
C LEU RA 76 -49.54 -94.00 -16.65
N ALA RA 77 -48.27 -93.82 -17.00
CA ALA RA 77 -47.73 -94.49 -18.18
C ALA RA 77 -47.81 -96.00 -18.03
N GLU RA 78 -47.47 -96.52 -16.85
CA GLU RA 78 -47.58 -97.95 -16.60
C GLU RA 78 -49.04 -98.41 -16.66
N LYS RA 79 -49.96 -97.59 -16.13
CA LYS RA 79 -51.37 -97.95 -16.17
C LYS RA 79 -51.89 -98.04 -17.60
N LEU RA 80 -51.48 -97.10 -18.45
CA LEU RA 80 -51.94 -97.06 -19.84
C LEU RA 80 -51.03 -97.82 -20.79
N GLY RA 81 -49.91 -98.37 -20.32
CA GLY RA 81 -49.00 -99.10 -21.17
C GLY RA 81 -48.40 -98.27 -22.28
N VAL RA 82 -47.93 -97.07 -21.95
CA VAL RA 82 -47.38 -96.14 -22.92
C VAL RA 82 -46.01 -95.69 -22.43
N LEU RA 83 -45.39 -96.51 -21.59
CA LEU RA 83 -44.14 -96.13 -20.93
C LEU RA 83 -43.02 -95.85 -21.93
N GLU RA 84 -43.05 -96.51 -23.10
CA GLU RA 84 -42.00 -96.30 -24.08
C GLU RA 84 -41.99 -94.87 -24.60
N GLU RA 85 -43.18 -94.31 -24.85
CA GLU RA 85 -43.26 -92.92 -25.31
C GLU RA 85 -42.76 -91.95 -24.24
N LEU RA 86 -43.08 -92.23 -22.97
CA LEU RA 86 -42.55 -91.40 -21.90
C LEU RA 86 -41.03 -91.49 -21.82
N LYS RA 87 -40.49 -92.70 -22.05
CA LYS RA 87 -39.04 -92.86 -22.09
C LYS RA 87 -38.44 -92.03 -23.21
N LYS RA 88 -39.05 -92.07 -24.39
CA LYS RA 88 -38.55 -91.27 -25.51
C LYS RA 88 -38.60 -89.79 -25.19
N VAL RA 89 -39.69 -89.33 -24.56
CA VAL RA 89 -39.79 -87.92 -24.19
C VAL RA 89 -38.68 -87.54 -23.22
N LEU RA 90 -38.42 -88.40 -22.24
CA LEU RA 90 -37.39 -88.10 -21.24
C LEU RA 90 -36.00 -88.12 -21.85
N GLU RA 91 -35.77 -88.95 -22.87
CA GLU RA 91 -34.50 -88.87 -23.58
C GLU RA 91 -34.40 -87.59 -24.41
N GLU RA 92 -35.49 -87.20 -25.08
CA GLU RA 92 -35.46 -85.99 -25.90
C GLU RA 92 -35.19 -84.75 -25.05
N VAL RA 93 -35.84 -84.62 -23.90
CA VAL RA 93 -35.59 -83.46 -23.05
C VAL RA 93 -34.17 -83.50 -22.49
N GLY RA 94 -33.62 -84.69 -22.30
CA GLY RA 94 -32.27 -84.83 -21.78
C GLY RA 94 -32.22 -84.81 -20.27
N ASP RA 95 -33.00 -85.69 -19.64
CA ASP RA 95 -33.07 -85.78 -18.19
C ASP RA 95 -32.57 -87.14 -17.75
N GLU RA 96 -31.62 -87.16 -16.80
CA GLU RA 96 -31.09 -88.41 -16.29
C GLU RA 96 -31.80 -88.86 -15.03
N PHE RA 97 -32.20 -87.92 -14.17
CA PHE RA 97 -32.90 -88.28 -12.94
C PHE RA 97 -34.23 -88.96 -13.24
N GLY RA 98 -35.04 -88.34 -14.10
CA GLY RA 98 -36.32 -88.93 -14.46
C GLY RA 98 -36.18 -90.27 -15.15
N LEU RA 99 -35.20 -90.38 -16.05
CA LEU RA 99 -34.99 -91.64 -16.75
C LEU RA 99 -34.58 -92.74 -15.78
N THR RA 100 -33.69 -92.43 -14.84
CA THR RA 100 -33.31 -93.41 -13.83
C THR RA 100 -34.51 -93.81 -12.98
N LEU RA 101 -35.37 -92.85 -12.64
CA LEU RA 101 -36.58 -93.17 -11.89
C LEU RA 101 -37.49 -94.09 -12.68
N VAL RA 102 -37.62 -93.86 -14.00
CA VAL RA 102 -38.43 -94.72 -14.84
C VAL RA 102 -37.88 -96.14 -14.84
N TYR RA 103 -36.56 -96.28 -15.00
CA TYR RA 103 -35.95 -97.60 -14.96
C TYR RA 103 -36.17 -98.26 -13.60
N ALA RA 104 -36.04 -97.50 -12.52
CA ALA RA 104 -36.24 -98.06 -11.19
C ALA RA 104 -37.66 -98.57 -11.00
N ILE RA 105 -38.65 -97.81 -11.44
CA ILE RA 105 -40.04 -98.23 -11.30
C ILE RA 105 -40.31 -99.47 -12.14
N SER RA 106 -39.84 -99.48 -13.39
CA SER RA 106 -40.07 -100.65 -14.24
C SER RA 106 -39.40 -101.88 -13.68
N LEU RA 107 -38.17 -101.73 -13.17
CA LEU RA 107 -37.44 -102.85 -12.60
C LEU RA 107 -38.13 -103.35 -11.32
N LEU RA 108 -38.66 -102.44 -10.51
CA LEU RA 108 -39.41 -102.84 -9.33
C LEU RA 108 -40.66 -103.64 -9.71
N LYS RA 109 -41.37 -103.18 -10.75
CA LYS RA 109 -42.55 -103.91 -11.20
C LYS RA 109 -42.19 -105.30 -11.70
N GLU RA 110 -41.11 -105.40 -12.49
CA GLU RA 110 -40.67 -106.70 -13.00
C GLU RA 110 -40.26 -107.62 -11.87
N VAL RA 111 -39.55 -107.10 -10.86
CA VAL RA 111 -39.12 -107.91 -9.74
C VAL RA 111 -40.32 -108.36 -8.91
N GLU RA 112 -41.31 -107.47 -8.73
CA GLU RA 112 -42.55 -107.84 -8.06
C GLU RA 112 -43.24 -108.98 -8.80
N LYS RA 113 -43.21 -108.94 -10.13
CA LYS RA 113 -43.69 -110.08 -10.91
C LYS RA 113 -42.87 -111.32 -10.60
N GLU RA 114 -41.54 -111.17 -10.50
CA GLU RA 114 -40.69 -112.30 -10.16
C GLU RA 114 -40.87 -112.73 -8.71
N GLY RA 115 -40.81 -111.77 -7.78
CA GLY RA 115 -41.02 -112.06 -6.38
C GLY RA 115 -39.78 -112.43 -5.58
N ASP RA 116 -38.65 -111.79 -5.85
CA ASP RA 116 -37.41 -112.10 -5.13
C ASP RA 116 -37.09 -110.96 -4.15
N GLU RA 117 -36.81 -111.33 -2.90
CA GLU RA 117 -36.78 -110.35 -1.81
C GLU RA 117 -35.53 -109.46 -1.85
N GLU RA 118 -34.36 -110.05 -2.14
CA GLU RA 118 -33.12 -109.26 -2.07
C GLU RA 118 -33.13 -108.14 -3.11
N LEU RA 119 -33.58 -108.44 -4.33
CA LEU RA 119 -33.74 -107.36 -5.31
C LEU RA 119 -34.84 -106.38 -4.91
N LYS RA 120 -35.86 -106.85 -4.16
CA LYS RA 120 -36.83 -105.90 -3.60
C LYS RA 120 -36.14 -104.87 -2.73
N GLU RA 121 -35.32 -105.33 -1.79
CA GLU RA 121 -34.60 -104.41 -0.91
C GLU RA 121 -33.66 -103.52 -1.72
N TYR RA 122 -32.98 -104.10 -2.72
CA TYR RA 122 -32.05 -103.34 -3.53
C TYR RA 122 -32.75 -102.20 -4.25
N VAL RA 123 -33.88 -102.48 -4.89
CA VAL RA 123 -34.58 -101.46 -5.66
C VAL RA 123 -35.24 -100.44 -4.73
N LYS RA 124 -35.70 -100.88 -3.55
CA LYS RA 124 -36.26 -99.90 -2.61
C LYS RA 124 -35.20 -98.93 -2.13
N LEU RA 125 -33.99 -99.43 -1.83
CA LEU RA 125 -32.90 -98.54 -1.47
C LEU RA 125 -32.54 -97.61 -2.63
N ALA RA 126 -32.55 -98.15 -3.86
CA ALA RA 126 -32.26 -97.33 -5.03
C ALA RA 126 -33.29 -96.21 -5.17
N ILE RA 127 -34.58 -96.52 -4.96
CA ILE RA 127 -35.63 -95.53 -5.11
C ILE RA 127 -35.52 -94.47 -4.01
N GLU RA 128 -35.22 -94.88 -2.78
CA GLU RA 128 -35.04 -93.91 -1.71
C GLU RA 128 -33.87 -92.97 -2.00
N THR RA 129 -32.76 -93.53 -2.48
CA THR RA 129 -31.62 -92.68 -2.84
C THR RA 129 -31.97 -91.76 -4.00
N LEU RA 130 -32.76 -92.26 -4.96
CA LEU RA 130 -33.19 -91.41 -6.07
C LEU RA 130 -34.04 -90.26 -5.57
N LYS RA 131 -34.94 -90.50 -4.62
CA LYS RA 131 -35.73 -89.43 -4.04
C LYS RA 131 -34.85 -88.41 -3.32
N GLU RA 132 -33.87 -88.90 -2.55
CA GLU RA 132 -32.98 -87.98 -1.85
C GLU RA 132 -32.18 -87.13 -2.83
N ALA RA 133 -31.75 -87.73 -3.94
CA ALA RA 133 -31.06 -86.96 -4.97
C ALA RA 133 -31.99 -85.93 -5.61
N PHE RA 134 -33.20 -86.37 -5.97
CA PHE RA 134 -34.19 -85.47 -6.56
C PHE RA 134 -34.46 -84.27 -5.67
N GLU RA 135 -34.37 -84.45 -4.34
CA GLU RA 135 -34.60 -83.34 -3.43
C GLU RA 135 -33.73 -82.13 -3.76
N ARG RA 136 -32.46 -82.37 -4.15
CA ARG RA 136 -31.56 -81.27 -4.44
C ARG RA 136 -30.68 -81.52 -5.66
N LYS RA 137 -30.97 -82.53 -6.48
CA LYS RA 137 -30.14 -82.88 -7.65
C LYS RA 137 -28.70 -83.16 -7.22
N ASN RA 138 -28.55 -84.14 -6.33
CA ASN RA 138 -27.25 -84.54 -5.83
C ASN RA 138 -26.75 -85.69 -6.69
N TYR RA 139 -25.65 -85.47 -7.40
CA TYR RA 139 -25.25 -86.38 -8.47
C TYR RA 139 -24.72 -87.70 -7.92
N ALA RA 140 -24.16 -87.68 -6.70
CA ALA RA 140 -23.51 -88.88 -6.16
C ALA RA 140 -24.53 -89.98 -5.85
N LEU RA 141 -25.63 -89.63 -5.18
CA LEU RA 141 -26.67 -90.62 -4.94
C LEU RA 141 -27.29 -91.07 -6.26
N LEU RA 142 -27.31 -90.19 -7.27
CA LEU RA 142 -27.74 -90.61 -8.60
C LEU RA 142 -26.82 -91.69 -9.16
N VAL RA 143 -25.51 -91.53 -8.98
CA VAL RA 143 -24.57 -92.55 -9.43
C VAL RA 143 -24.81 -93.86 -8.69
N SER RA 144 -25.02 -93.78 -7.38
CA SER RA 144 -25.24 -94.99 -6.58
C SER RA 144 -26.51 -95.71 -7.05
N ALA RA 145 -27.60 -94.97 -7.25
CA ALA RA 145 -28.85 -95.58 -7.70
C ALA RA 145 -28.70 -96.14 -9.11
N LYS RA 146 -27.97 -95.44 -9.98
CA LYS RA 146 -27.74 -95.95 -11.33
C LYS RA 146 -26.99 -97.27 -11.28
N ILE RA 147 -25.96 -97.36 -10.44
CA ILE RA 147 -25.21 -98.60 -10.28
C ILE RA 147 -26.15 -99.72 -9.83
N ILE RA 148 -26.95 -99.44 -8.80
CA ILE RA 148 -27.84 -100.47 -8.26
C ILE RA 148 -28.80 -100.96 -9.33
N VAL RA 149 -29.42 -100.03 -10.06
CA VAL RA 149 -30.45 -100.42 -11.02
C VAL RA 149 -29.83 -101.16 -12.21
N GLU RA 150 -28.65 -100.75 -12.68
CA GLU RA 150 -28.07 -101.45 -13.83
C GLU RA 150 -27.60 -102.84 -13.43
N ASN RA 151 -27.03 -102.99 -12.23
CA ASN RA 151 -26.65 -104.33 -11.80
C ASN RA 151 -27.87 -105.22 -11.59
N ALA RA 152 -28.96 -104.65 -11.06
CA ALA RA 152 -30.19 -105.43 -10.93
C ALA RA 152 -30.73 -105.86 -12.30
N GLU RA 153 -30.72 -104.93 -13.26
CA GLU RA 153 -31.18 -105.28 -14.61
C GLU RA 153 -30.34 -106.39 -15.21
N GLU RA 154 -29.02 -106.31 -15.04
CA GLU RA 154 -28.14 -107.38 -15.51
C GLU RA 154 -28.45 -108.69 -14.79
N ILE RA 155 -28.82 -108.61 -13.51
CA ILE RA 155 -29.21 -109.82 -12.77
C ILE RA 155 -30.45 -110.45 -13.41
N LEU RA 156 -31.46 -109.65 -13.73
CA LEU RA 156 -32.64 -110.19 -14.37
C LEU RA 156 -32.34 -110.77 -15.75
N LYS RA 157 -31.47 -110.11 -16.52
CA LYS RA 157 -31.09 -110.69 -17.81
C LYS RA 157 -30.40 -112.03 -17.64
N ALA RA 158 -29.44 -112.12 -16.70
CA ALA RA 158 -28.74 -113.36 -16.46
C ALA RA 158 -29.66 -114.43 -15.87
N LYS RA 159 -30.76 -114.03 -15.23
CA LYS RA 159 -31.71 -115.01 -14.71
C LYS RA 159 -32.28 -115.88 -15.83
N LYS RA 160 -32.71 -115.25 -16.92
CA LYS RA 160 -33.17 -116.02 -18.07
C LYS RA 160 -31.99 -116.58 -18.87
N LYS RA 161 -30.84 -115.90 -18.88
CA LYS RA 161 -29.67 -116.46 -19.53
C LYS RA 161 -29.16 -117.70 -18.80
N GLY RA 162 -28.98 -117.58 -17.48
CA GLY RA 162 -28.58 -118.73 -16.68
C GLY RA 162 -27.09 -118.87 -16.47
N ASP RA 163 -26.40 -117.76 -16.20
CA ASP RA 163 -24.96 -117.76 -15.95
C ASP RA 163 -24.81 -117.39 -14.47
N GLU RA 164 -24.59 -118.41 -13.62
CA GLU RA 164 -24.60 -118.20 -12.18
C GLU RA 164 -23.41 -117.36 -11.72
N GLU RA 165 -22.25 -117.53 -12.36
CA GLU RA 165 -21.08 -116.76 -11.98
C GLU RA 165 -21.36 -115.26 -12.10
N LYS RA 166 -22.00 -114.86 -13.20
CA LYS RA 166 -22.31 -113.45 -13.41
C LYS RA 166 -23.29 -112.94 -12.37
N ILE RA 167 -24.29 -113.75 -11.99
CA ILE RA 167 -25.26 -113.29 -11.01
C ILE RA 167 -24.61 -113.14 -9.64
N LYS RA 168 -23.69 -114.05 -9.30
CA LYS RA 168 -22.96 -113.88 -8.04
C LYS RA 168 -22.11 -112.63 -8.07
N GLU RA 169 -21.45 -112.36 -9.19
CA GLU RA 169 -20.64 -111.15 -9.32
C GLU RA 169 -21.51 -109.89 -9.16
N LEU RA 170 -22.71 -109.91 -9.76
CA LEU RA 170 -23.59 -108.75 -9.66
C LEU RA 170 -24.12 -108.58 -8.23
N LEU RA 171 -24.39 -109.67 -7.53
CA LEU RA 171 -24.75 -109.56 -6.11
C LEU RA 171 -23.61 -108.98 -5.30
N GLN RA 172 -22.36 -109.35 -5.62
CA GLN RA 172 -21.22 -108.74 -4.95
C GLN RA 172 -21.17 -107.24 -5.20
N ARG RA 173 -21.39 -106.83 -6.46
CA ARG RA 173 -21.41 -105.40 -6.78
C ARG RA 173 -22.51 -104.68 -6.03
N LEU RA 174 -23.69 -105.30 -5.93
CA LEU RA 174 -24.81 -104.67 -5.23
C LEU RA 174 -24.55 -104.56 -3.74
N LYS RA 175 -23.92 -105.57 -3.15
CA LYS RA 175 -23.53 -105.47 -1.74
C LYS RA 175 -22.55 -104.33 -1.53
N ALA RA 176 -21.57 -104.19 -2.42
CA ALA RA 176 -20.63 -103.08 -2.33
C ALA RA 176 -21.37 -101.75 -2.43
N ALA RA 177 -22.34 -101.65 -3.34
CA ALA RA 177 -23.11 -100.41 -3.49
C ALA RA 177 -23.91 -100.10 -2.23
N LYS RA 178 -24.55 -101.12 -1.64
CA LYS RA 178 -25.31 -100.92 -0.41
C LYS RA 178 -24.41 -100.43 0.71
N ILE RA 179 -23.22 -101.02 0.84
CA ILE RA 179 -22.28 -100.57 1.86
C ILE RA 179 -21.85 -99.13 1.61
N GLY RA 180 -21.61 -98.78 0.34
CA GLY RA 180 -21.02 -97.48 0.05
C GLY RA 180 -22.01 -96.33 0.08
N THR RA 181 -23.30 -96.62 -0.16
CA THR RA 181 -24.27 -95.52 -0.32
C THR RA 181 -24.36 -94.60 0.90
N PRO RA 182 -24.51 -95.10 2.14
CA PRO RA 182 -24.45 -94.17 3.28
C PRO RA 182 -23.12 -93.45 3.36
N LEU RA 183 -22.03 -94.13 3.00
CA LEU RA 183 -20.71 -93.51 3.07
C LEU RA 183 -20.59 -92.34 2.09
N VAL RA 184 -21.07 -92.50 0.86
CA VAL RA 184 -20.98 -91.41 -0.11
C VAL RA 184 -21.90 -90.27 0.28
N ARG RA 185 -23.11 -90.60 0.76
CA ARG RA 185 -24.00 -89.55 1.25
C ARG RA 185 -23.32 -88.74 2.35
N GLU RA 186 -22.70 -89.42 3.31
CA GLU RA 186 -22.03 -88.74 4.42
C GLU RA 186 -20.85 -87.91 3.93
N VAL RA 187 -20.08 -88.45 2.98
CA VAL RA 187 -18.91 -87.72 2.48
C VAL RA 187 -19.35 -86.42 1.82
N VAL RA 188 -20.39 -86.48 0.97
CA VAL RA 188 -20.88 -85.28 0.33
C VAL RA 188 -21.40 -84.29 1.37
N GLU RA 189 -22.17 -84.79 2.34
CA GLU RA 189 -22.73 -83.91 3.36
C GLU RA 189 -21.64 -83.18 4.15
N ARG RA 190 -20.60 -83.94 4.56
CA ARG RA 190 -19.50 -83.33 5.32
C ARG RA 190 -18.74 -82.32 4.47
N TYR RA 191 -18.46 -82.65 3.21
CA TYR RA 191 -17.74 -81.72 2.37
C TYR RA 191 -18.53 -80.46 2.09
N ARG RA 192 -19.86 -80.54 2.11
CA ARG RA 192 -20.71 -79.38 1.82
C ARG RA 192 -20.39 -78.19 2.70
N GLU RA 193 -20.30 -78.38 4.01
CA GLU RA 193 -20.09 -77.25 4.92
C GLU RA 193 -18.96 -77.44 5.92
N GLU RA 194 -18.64 -78.68 6.30
CA GLU RA 194 -17.65 -78.89 7.36
C GLU RA 194 -16.26 -78.40 6.94
N GLY RA 195 -15.86 -78.70 5.70
CA GLY RA 195 -14.68 -78.11 5.12
C GLY RA 195 -13.40 -78.92 5.12
N GLU RA 196 -13.54 -80.23 5.27
CA GLU RA 196 -12.39 -81.11 5.21
C GLU RA 196 -11.75 -81.14 3.81
N PRO RA 197 -10.68 -81.94 3.64
CA PRO RA 197 -10.05 -82.05 2.33
C PRO RA 197 -10.62 -83.20 1.55
N LEU RA 198 -11.45 -82.91 0.57
CA LEU RA 198 -12.13 -83.97 -0.16
C LEU RA 198 -11.31 -85.20 -0.36
N LEU RA 199 -10.07 -85.06 -0.78
CA LEU RA 199 -9.34 -86.27 -1.12
C LEU RA 199 -9.20 -87.20 0.10
N ASP RA 200 -9.00 -86.62 1.28
CA ASP RA 200 -8.87 -87.45 2.48
C ASP RA 200 -10.14 -88.23 2.76
N LEU RA 201 -11.29 -87.54 2.73
CA LEU RA 201 -12.56 -88.21 2.94
C LEU RA 201 -12.85 -89.23 1.85
N LEU RA 202 -12.50 -88.91 0.60
CA LEU RA 202 -12.69 -89.87 -0.49
C LEU RA 202 -11.89 -91.14 -0.24
N LEU RA 203 -10.62 -90.98 0.16
CA LEU RA 203 -9.78 -92.15 0.42
C LEU RA 203 -10.31 -92.96 1.60
N HIS RA 204 -10.72 -92.28 2.67
CA HIS RA 204 -11.27 -93.00 3.82
C HIS RA 204 -12.54 -93.74 3.47
N MET RA 205 -13.42 -93.11 2.69
CA MET RA 205 -14.66 -93.77 2.27
C MET RA 205 -14.37 -94.98 1.40
N ALA RA 206 -13.42 -94.85 0.47
CA ALA RA 206 -13.07 -95.98 -0.39
C ALA RA 206 -12.50 -97.14 0.42
N GLU RA 207 -11.59 -96.82 1.34
CA GLU RA 207 -10.99 -97.87 2.16
C GLU RA 207 -12.03 -98.54 3.06
N THR RA 208 -12.94 -97.75 3.64
CA THR RA 208 -13.99 -98.33 4.47
C THR RA 208 -14.90 -99.22 3.63
N THR RA 209 -15.23 -98.80 2.41
CA THR RA 209 -16.03 -99.62 1.52
C THR RA 209 -15.35 -100.94 1.22
N ILE RA 210 -14.05 -100.89 0.91
CA ILE RA 210 -13.32 -102.11 0.58
C ILE RA 210 -13.28 -103.04 1.79
N ARG RA 211 -12.98 -102.49 2.97
CA ARG RA 211 -12.89 -103.33 4.16
C ARG RA 211 -14.22 -103.96 4.51
N GLU RA 212 -15.29 -103.18 4.48
CA GLU RA 212 -16.60 -103.73 4.81
C GLU RA 212 -17.07 -104.73 3.75
N SER RA 213 -16.73 -104.49 2.49
CA SER RA 213 -17.12 -105.41 1.43
C SER RA 213 -16.38 -106.74 1.56
N GLU RA 214 -15.08 -106.69 1.88
CA GLU RA 214 -14.34 -107.94 2.07
C GLU RA 214 -14.72 -108.62 3.38
N LYS RA 215 -15.30 -107.87 4.33
CA LYS RA 215 -15.85 -108.49 5.52
C LYS RA 215 -17.10 -109.33 5.21
N LEU RA 216 -17.71 -109.12 4.04
CA LEU RA 216 -18.86 -109.90 3.61
C LEU RA 216 -18.48 -111.00 2.63
N GLY RA 217 -17.19 -111.27 2.46
CA GLY RA 217 -16.71 -112.31 1.58
C GLY RA 217 -16.45 -111.87 0.16
N VAL RA 218 -16.66 -110.59 -0.15
CA VAL RA 218 -16.53 -110.12 -1.53
C VAL RA 218 -15.09 -109.67 -1.77
N ASP RA 219 -14.59 -110.03 -2.94
CA ASP RA 219 -13.25 -109.64 -3.34
C ASP RA 219 -12.98 -108.18 -3.15
N PRO RA 220 -11.71 -107.82 -3.17
CA PRO RA 220 -11.38 -106.42 -3.10
C PRO RA 220 -11.14 -105.98 -4.50
N ARG RA 221 -11.79 -106.65 -5.43
CA ARG RA 221 -11.68 -106.21 -6.81
C ARG RA 221 -12.92 -105.45 -7.26
N LEU RA 222 -13.97 -106.18 -7.65
CA LEU RA 222 -15.13 -105.51 -8.22
C LEU RA 222 -15.66 -104.45 -7.27
N ALA RA 223 -15.57 -104.68 -5.96
CA ALA RA 223 -15.91 -103.64 -5.01
C ALA RA 223 -15.00 -102.43 -5.18
N ALA RA 224 -13.75 -102.66 -5.58
CA ALA RA 224 -12.86 -101.55 -5.89
C ALA RA 224 -13.37 -100.73 -7.06
N GLU RA 225 -13.87 -101.39 -8.10
CA GLU RA 225 -14.41 -100.64 -9.23
C GLU RA 225 -15.70 -99.93 -8.87
N VAL RA 226 -16.51 -100.52 -7.99
CA VAL RA 226 -17.71 -99.82 -7.51
C VAL RA 226 -17.32 -98.56 -6.76
N ALA RA 227 -16.34 -98.67 -5.86
CA ALA RA 227 -15.84 -97.49 -5.15
C ALA RA 227 -15.24 -96.47 -6.11
N ARG RA 228 -14.61 -96.94 -7.20
CA ARG RA 228 -14.05 -96.03 -8.20
C ARG RA 228 -15.15 -95.23 -8.91
N GLU RA 229 -16.22 -95.91 -9.31
CA GLU RA 229 -17.35 -95.22 -9.93
C GLU RA 229 -17.97 -94.21 -8.96
N MET RA 230 -18.11 -94.60 -7.69
CA MET RA 230 -18.69 -93.68 -6.72
C MET RA 230 -17.78 -92.49 -6.44
N VAL RA 231 -16.46 -92.72 -6.46
CA VAL RA 231 -15.50 -91.63 -6.32
C VAL RA 231 -15.61 -90.67 -7.49
N ASP RA 232 -15.77 -91.21 -8.70
CA ASP RA 232 -15.96 -90.36 -9.87
C ASP RA 232 -17.24 -89.53 -9.72
N GLY RA 233 -18.31 -90.16 -9.23
CA GLY RA 233 -19.54 -89.43 -9.00
C GLY RA 233 -19.38 -88.32 -7.98
N VAL RA 234 -18.65 -88.59 -6.90
CA VAL RA 234 -18.40 -87.58 -5.88
C VAL RA 234 -17.60 -86.42 -6.47
N GLY RA 235 -16.60 -86.73 -7.29
CA GLY RA 235 -15.84 -85.68 -7.94
C GLY RA 235 -16.69 -84.83 -8.85
N HIS RA 236 -17.60 -85.46 -9.60
CA HIS RA 236 -18.50 -84.70 -10.47
C HIS RA 236 -19.44 -83.82 -9.67
N GLU RA 237 -20.02 -84.36 -8.59
CA GLU RA 237 -20.99 -83.59 -7.82
C GLU RA 237 -20.32 -82.43 -7.08
N THR RA 238 -19.16 -82.67 -6.48
CA THR RA 238 -18.50 -81.67 -5.66
C THR RA 238 -17.86 -80.56 -6.47
N GLY RA 239 -17.74 -80.74 -7.79
CA GLY RA 239 -17.11 -79.72 -8.61
C GLY RA 239 -15.60 -79.73 -8.58
N GLU RA 240 -14.99 -80.79 -8.05
CA GLU RA 240 -13.53 -80.90 -7.98
C GLU RA 240 -13.16 -82.32 -8.39
N THR RA 241 -12.55 -82.46 -9.57
CA THR RA 241 -12.21 -83.77 -10.10
C THR RA 241 -10.74 -84.14 -9.96
N GLU RA 242 -9.87 -83.19 -9.66
CA GLU RA 242 -8.45 -83.50 -9.48
C GLU RA 242 -8.22 -84.41 -8.28
N ALA RA 243 -8.90 -84.11 -7.17
CA ALA RA 243 -8.83 -85.01 -6.02
C ALA RA 243 -9.44 -86.37 -6.33
N ALA RA 244 -10.56 -86.37 -7.07
CA ALA RA 244 -11.13 -87.63 -7.54
C ALA RA 244 -10.17 -88.37 -8.44
N PHE RA 245 -9.46 -87.63 -9.30
CA PHE RA 245 -8.46 -88.26 -10.16
C PHE RA 245 -7.35 -88.90 -9.32
N ARG RA 246 -6.87 -88.20 -8.30
CA ARG RA 246 -5.80 -88.76 -7.47
C ARG RA 246 -6.27 -90.01 -6.72
N VAL RA 247 -7.47 -89.97 -6.15
CA VAL RA 247 -7.99 -91.15 -5.46
C VAL RA 247 -8.21 -92.29 -6.44
N ARG RA 248 -8.61 -91.97 -7.68
CA ARG RA 248 -8.73 -92.98 -8.71
C ARG RA 248 -7.39 -93.64 -9.00
N ARG RA 249 -6.33 -92.84 -9.06
CA ARG RA 249 -5.00 -93.39 -9.30
C ARG RA 249 -4.55 -94.29 -8.15
N GLU RA 250 -4.80 -93.87 -6.90
CA GLU RA 250 -4.41 -94.69 -5.77
C GLU RA 250 -5.21 -96.00 -5.74
N LEU RA 251 -6.50 -95.94 -6.09
CA LEU RA 251 -7.29 -97.17 -6.13
C LEU RA 251 -6.82 -98.09 -7.26
N ASP RA 252 -6.41 -97.51 -8.40
CA ASP RA 252 -5.84 -98.30 -9.49
C ASP RA 252 -4.54 -98.96 -9.06
N THR RA 253 -3.73 -98.27 -8.26
CA THR RA 253 -2.55 -98.90 -7.69
C THR RA 253 -2.92 -100.00 -6.71
N VAL RA 254 -4.01 -99.79 -5.94
CA VAL RA 254 -4.43 -100.77 -4.94
C VAL RA 254 -4.86 -102.07 -5.60
N ILE RA 255 -5.63 -101.98 -6.69
CA ILE RA 255 -6.14 -103.21 -7.31
C ILE RA 255 -5.00 -104.06 -7.86
N LEU RA 256 -3.84 -103.45 -8.12
CA LEU RA 256 -2.68 -104.19 -8.59
C LEU RA 256 -2.16 -105.13 -7.52
N THR SA 25 -4.61 -70.74 -47.60
CA THR SA 25 -4.64 -71.28 -48.95
C THR SA 25 -3.23 -71.41 -49.51
N GLU SA 26 -2.23 -71.25 -48.64
CA GLU SA 26 -0.84 -71.34 -49.08
C GLU SA 26 -0.51 -72.74 -49.60
N LYS SA 27 -1.03 -73.77 -48.94
CA LYS SA 27 -0.82 -75.13 -49.43
C LYS SA 27 -1.39 -75.32 -50.83
N LEU SA 28 -2.59 -74.78 -51.07
CA LEU SA 28 -3.20 -74.91 -52.40
C LEU SA 28 -2.39 -74.17 -53.45
N LYS SA 29 -1.92 -72.97 -53.12
CA LYS SA 29 -1.09 -72.21 -54.06
C LYS SA 29 0.20 -72.96 -54.39
N LYS SA 30 0.85 -73.54 -53.37
CA LYS SA 30 2.06 -74.31 -53.62
C LYS SA 30 1.77 -75.55 -54.45
N ILE SA 31 0.63 -76.21 -54.21
CA ILE SA 31 0.27 -77.38 -54.99
C ILE SA 31 0.08 -77.00 -56.45
N THR SA 32 -0.62 -75.89 -56.70
CA THR SA 32 -0.80 -75.42 -58.07
C THR SA 32 0.53 -75.09 -58.73
N LYS SA 33 1.41 -74.40 -58.00
CA LYS SA 33 2.71 -74.04 -58.55
C LYS SA 33 3.52 -75.28 -58.91
N LEU SA 34 3.56 -76.26 -58.01
CA LEU SA 34 4.35 -77.46 -58.26
C LEU SA 34 3.75 -78.28 -59.40
N LEU SA 35 2.42 -78.30 -59.52
CA LEU SA 35 1.81 -79.00 -60.65
C LEU SA 35 2.14 -78.30 -61.96
N HIS SA 36 2.24 -76.99 -61.98
CA HIS SA 36 2.63 -76.36 -63.20
C HIS SA 36 4.00 -76.85 -63.46
N GLU SA 37 4.91 -76.60 -62.54
CA GLU SA 37 6.30 -76.95 -62.82
C GLU SA 37 6.40 -78.38 -63.38
N LEU SA 38 5.66 -79.31 -62.79
CA LEU SA 38 5.72 -80.69 -63.26
C LEU SA 38 5.21 -80.81 -64.69
N VAL SA 39 4.11 -80.12 -65.01
CA VAL SA 39 3.56 -80.23 -66.35
C VAL SA 39 4.43 -79.50 -67.36
N ASP SA 40 5.19 -78.50 -66.90
CA ASP SA 40 6.09 -77.80 -67.81
C ASP SA 40 7.14 -78.73 -68.38
N ARG SA 41 7.78 -79.53 -67.53
CA ARG SA 41 8.81 -80.48 -67.95
C ARG SA 41 8.19 -81.88 -68.00
N GLY SA 42 7.41 -82.12 -69.05
CA GLY SA 42 6.81 -83.43 -69.26
C GLY SA 42 5.94 -83.85 -68.09
N GLU SA 43 6.13 -85.09 -67.66
CA GLU SA 43 5.50 -85.65 -66.45
C GLU SA 43 3.98 -85.59 -66.61
N ILE SA 44 3.24 -84.94 -65.71
CA ILE SA 44 1.78 -84.95 -65.72
C ILE SA 44 1.25 -84.20 -66.93
N PRO SA 45 0.04 -84.51 -67.41
CA PRO SA 45 -0.53 -83.74 -68.52
C PRO SA 45 -1.08 -82.39 -68.09
N GLU SA 46 -1.57 -81.60 -69.05
CA GLU SA 46 -1.97 -80.23 -68.79
C GLU SA 46 -3.31 -80.12 -68.07
N GLU SA 47 -4.19 -81.10 -68.24
CA GLU SA 47 -5.53 -81.01 -67.68
C GLU SA 47 -5.49 -80.85 -66.16
N LEU SA 48 -4.57 -81.57 -65.51
CA LEU SA 48 -4.48 -81.49 -64.05
C LEU SA 48 -4.06 -80.09 -63.61
N ALA SA 49 -3.11 -79.48 -64.32
CA ALA SA 49 -2.69 -78.12 -63.98
C ALA SA 49 -3.80 -77.11 -64.23
N THR SA 50 -4.55 -77.27 -65.33
CA THR SA 50 -5.66 -76.37 -65.59
C THR SA 50 -6.73 -76.49 -64.51
N LEU SA 51 -7.06 -77.72 -64.10
CA LEU SA 51 -8.00 -77.91 -63.00
C LEU SA 51 -7.48 -77.29 -61.72
N ALA SA 52 -6.18 -77.44 -61.46
CA ALA SA 52 -5.60 -76.82 -60.26
C ALA SA 52 -5.78 -75.31 -60.29
N THR SA 53 -5.56 -74.69 -61.45
CA THR SA 53 -5.72 -73.24 -61.56
C THR SA 53 -7.18 -72.83 -61.32
N LEU SA 54 -8.12 -73.50 -62.00
CA LEU SA 54 -9.52 -73.14 -61.85
C LEU SA 54 -9.99 -73.32 -60.41
N LEU SA 55 -9.64 -74.44 -59.78
CA LEU SA 55 -10.05 -74.67 -58.40
C LEU SA 55 -9.35 -73.71 -57.44
N LEU SA 56 -8.12 -73.31 -57.73
CA LEU SA 56 -7.43 -72.34 -56.89
C LEU SA 56 -8.08 -70.97 -57.00
N TYR SA 57 -8.68 -70.65 -58.15
CA TYR SA 57 -9.48 -69.43 -58.23
C TYR SA 57 -10.78 -69.57 -57.45
N LEU SA 58 -11.48 -70.69 -57.64
CA LEU SA 58 -12.78 -70.88 -57.03
C LEU SA 58 -12.67 -70.86 -55.50
N VAL SA 59 -11.76 -71.66 -54.95
CA VAL SA 59 -11.33 -71.47 -53.57
C VAL SA 59 -10.65 -70.11 -53.53
N GLU SA 60 -10.81 -69.39 -52.42
CA GLU SA 60 -10.27 -68.05 -52.25
C GLU SA 60 -11.08 -67.05 -53.10
N LYS SA 61 -11.95 -67.56 -53.98
CA LYS SA 61 -13.10 -66.76 -54.38
C LYS SA 61 -14.26 -67.02 -53.41
N GLY SA 62 -14.20 -68.10 -52.66
CA GLY SA 62 -15.22 -68.40 -51.67
C GLY SA 62 -16.41 -69.13 -52.25
N LEU SA 63 -16.16 -70.07 -53.16
CA LEU SA 63 -17.24 -70.80 -53.82
C LEU SA 63 -17.15 -72.30 -53.65
N ILE SA 64 -16.02 -72.85 -53.21
CA ILE SA 64 -15.91 -74.26 -52.88
C ILE SA 64 -14.97 -74.40 -51.69
N SER SA 65 -14.84 -75.62 -51.17
CA SER SA 65 -13.97 -75.90 -50.03
C SER SA 65 -12.75 -76.68 -50.48
N GLU SA 66 -11.74 -76.71 -49.60
CA GLU SA 66 -10.51 -77.43 -49.91
C GLU SA 66 -10.77 -78.90 -50.14
N PHE SA 67 -11.81 -79.45 -49.50
CA PHE SA 67 -12.14 -80.86 -49.71
C PHE SA 67 -12.51 -81.12 -51.16
N ASP SA 68 -13.30 -80.23 -51.77
CA ASP SA 68 -13.66 -80.40 -53.18
C ASP SA 68 -12.43 -80.27 -54.07
N PHE SA 69 -11.55 -79.33 -53.75
CA PHE SA 69 -10.30 -79.17 -54.50
C PHE SA 69 -9.51 -80.48 -54.51
N ILE SA 70 -9.25 -81.03 -53.31
CA ILE SA 70 -8.43 -82.24 -53.23
C ILE SA 70 -9.16 -83.41 -53.87
N GLU SA 71 -10.48 -83.49 -53.70
CA GLU SA 71 -11.22 -84.61 -54.25
C GLU SA 71 -11.18 -84.60 -55.77
N HIS SA 72 -11.36 -83.42 -56.38
CA HIS SA 72 -11.27 -83.32 -57.84
C HIS SA 72 -9.86 -83.65 -58.32
N LEU SA 73 -8.85 -83.16 -57.61
CA LEU SA 73 -7.47 -83.45 -58.01
C LEU SA 73 -7.20 -84.95 -57.97
N VAL SA 74 -7.64 -85.62 -56.91
CA VAL SA 74 -7.42 -87.06 -56.78
C VAL SA 74 -8.20 -87.83 -57.83
N ARG SA 75 -9.43 -87.39 -58.12
CA ARG SA 75 -10.23 -88.07 -59.14
C ARG SA 75 -9.56 -87.98 -60.51
N LEU SA 76 -9.06 -86.79 -60.87
CA LEU SA 76 -8.37 -86.66 -62.15
C LEU SA 76 -7.08 -87.47 -62.16
N ALA SA 77 -6.33 -87.47 -61.05
CA ALA SA 77 -5.10 -88.25 -60.99
C ALA SA 77 -5.38 -89.74 -61.18
N GLU SA 78 -6.44 -90.24 -60.54
CA GLU SA 78 -6.83 -91.64 -60.72
C GLU SA 78 -7.26 -91.90 -62.16
N LYS SA 79 -7.98 -90.96 -62.77
CA LYS SA 79 -8.41 -91.13 -64.16
C LYS SA 79 -7.22 -91.21 -65.11
N LEU SA 80 -6.21 -90.37 -64.89
CA LEU SA 80 -5.04 -90.34 -65.75
C LEU SA 80 -3.91 -91.24 -65.28
N GLY SA 81 -4.06 -91.89 -64.14
CA GLY SA 81 -3.03 -92.79 -63.63
C GLY SA 81 -1.72 -92.09 -63.33
N VAL SA 82 -1.80 -90.94 -62.66
CA VAL SA 82 -0.63 -90.14 -62.34
C VAL SA 82 -0.63 -89.84 -60.85
N LEU SA 83 -1.30 -90.70 -60.08
CA LEU SA 83 -1.51 -90.44 -58.65
C LEU SA 83 -0.19 -90.36 -57.89
N GLU SA 84 0.85 -91.05 -58.35
CA GLU SA 84 2.13 -91.02 -57.65
C GLU SA 84 2.73 -89.63 -57.66
N GLU SA 85 2.64 -88.92 -58.79
CA GLU SA 85 3.16 -87.56 -58.87
C GLU SA 85 2.39 -86.63 -57.95
N LEU SA 86 1.06 -86.80 -57.88
CA LEU SA 86 0.28 -86.01 -56.95
C LEU SA 86 0.67 -86.30 -55.50
N LYS SA 87 0.95 -87.56 -55.20
CA LYS SA 87 1.42 -87.91 -53.86
C LYS SA 87 2.74 -87.22 -53.56
N LYS SA 88 3.67 -87.23 -54.52
CA LYS SA 88 4.95 -86.55 -54.32
C LYS SA 88 4.75 -85.05 -54.10
N VAL SA 89 3.85 -84.43 -54.87
CA VAL SA 89 3.59 -83.00 -54.70
C VAL SA 89 3.04 -82.73 -53.31
N LEU SA 90 2.11 -83.57 -52.84
CA LEU SA 90 1.52 -83.36 -51.53
C LEU SA 90 2.52 -83.59 -50.41
N GLU SA 91 3.49 -84.48 -50.60
CA GLU SA 91 4.57 -84.60 -49.63
C GLU SA 91 5.48 -83.38 -49.66
N GLU SA 92 5.80 -82.88 -50.85
CA GLU SA 92 6.69 -81.72 -50.95
C GLU SA 92 6.08 -80.49 -50.29
N VAL SA 93 4.78 -80.24 -50.53
CA VAL SA 93 4.16 -79.08 -49.90
C VAL SA 93 4.06 -79.28 -48.39
N GLY SA 94 3.96 -80.52 -47.94
CA GLY SA 94 3.88 -80.81 -46.52
C GLY SA 94 2.46 -80.74 -45.99
N ASP SA 95 1.55 -81.48 -46.62
CA ASP SA 95 0.15 -81.50 -46.24
C ASP SA 95 -0.22 -82.90 -45.77
N GLU SA 96 -0.82 -82.99 -44.58
CA GLU SA 96 -1.25 -84.28 -44.05
C GLU SA 96 -2.70 -84.58 -44.37
N PHE SA 97 -3.56 -83.57 -44.37
CA PHE SA 97 -4.97 -83.78 -44.68
C PHE SA 97 -5.15 -84.30 -46.10
N GLY SA 98 -4.53 -83.62 -47.06
CA GLY SA 98 -4.65 -84.04 -48.45
C GLY SA 98 -4.05 -85.41 -48.69
N LEU SA 99 -2.90 -85.69 -48.07
CA LEU SA 99 -2.27 -86.99 -48.22
C LEU SA 99 -3.16 -88.10 -47.65
N THR SA 100 -3.75 -87.87 -46.48
CA THR SA 100 -4.67 -88.84 -45.90
C THR SA 100 -5.88 -89.05 -46.81
N LEU SA 101 -6.38 -87.97 -47.41
CA LEU SA 101 -7.50 -88.11 -48.34
C LEU SA 101 -7.10 -88.95 -49.55
N VAL SA 102 -5.88 -88.74 -50.06
CA VAL SA 102 -5.40 -89.53 -51.19
C VAL SA 102 -5.34 -91.01 -50.82
N TYR SA 103 -4.79 -91.31 -49.65
CA TYR SA 103 -4.75 -92.71 -49.21
C TYR SA 103 -6.15 -93.28 -49.05
N ALA SA 104 -7.08 -92.49 -48.50
CA ALA SA 104 -8.44 -92.97 -48.33
C ALA SA 104 -9.09 -93.30 -49.66
N ILE SA 105 -8.92 -92.42 -50.66
CA ILE SA 105 -9.53 -92.65 -51.96
C ILE SA 105 -8.92 -93.88 -52.62
N SER SA 106 -7.59 -94.01 -52.58
CA SER SA 106 -6.94 -95.17 -53.20
C SER SA 106 -7.37 -96.46 -52.50
N LEU SA 107 -7.45 -96.44 -51.18
CA LEU SA 107 -7.86 -97.62 -50.43
C LEU SA 107 -9.32 -97.97 -50.73
N LEU SA 108 -10.18 -96.97 -50.87
CA LEU SA 108 -11.56 -97.24 -51.25
C LEU SA 108 -11.64 -97.87 -52.63
N LYS SA 109 -10.86 -97.37 -53.58
CA LYS SA 109 -10.86 -97.96 -54.92
C LYS SA 109 -10.38 -99.41 -54.88
N GLU SA 110 -9.31 -99.67 -54.12
CA GLU SA 110 -8.79 -101.03 -54.02
C GLU SA 110 -9.81 -101.97 -53.36
N VAL SA 111 -10.49 -101.49 -52.31
CA VAL SA 111 -11.49 -102.30 -51.65
C VAL SA 111 -12.69 -102.55 -52.57
N GLU SA 112 -13.09 -101.54 -53.35
CA GLU SA 112 -14.14 -101.74 -54.34
C GLU SA 112 -13.74 -102.79 -55.34
N LYS SA 113 -12.47 -102.82 -55.74
CA LYS SA 113 -11.98 -103.91 -56.56
C LYS SA 113 -12.12 -105.24 -55.82
N GLU SA 114 -11.78 -105.25 -54.52
CA GLU SA 114 -11.93 -106.48 -53.73
C GLU SA 114 -13.40 -106.81 -53.49
N GLY SA 115 -14.18 -105.83 -53.04
CA GLY SA 115 -15.59 -106.03 -52.82
C GLY SA 115 -15.99 -106.52 -51.45
N ASP SA 116 -15.34 -106.04 -50.39
CA ASP SA 116 -15.66 -106.48 -49.03
C ASP SA 116 -16.40 -105.36 -48.30
N GLU SA 117 -17.53 -105.70 -47.67
CA GLU SA 117 -18.48 -104.69 -47.19
C GLU SA 117 -17.97 -103.97 -45.93
N GLU SA 118 -17.39 -104.72 -44.99
CA GLU SA 118 -17.00 -104.09 -43.72
C GLU SA 118 -15.94 -103.03 -43.93
N LEU SA 119 -14.94 -103.30 -44.77
CA LEU SA 119 -13.98 -102.27 -45.12
C LEU SA 119 -14.63 -101.14 -45.92
N LYS SA 120 -15.68 -101.43 -46.69
CA LYS SA 120 -16.43 -100.35 -47.32
C LYS SA 120 -16.96 -99.38 -46.29
N GLU SA 121 -17.64 -99.90 -45.27
CA GLU SA 121 -18.17 -99.04 -44.21
C GLU SA 121 -17.04 -98.32 -43.48
N TYR SA 122 -15.94 -99.02 -43.23
CA TYR SA 122 -14.82 -98.42 -42.52
C TYR SA 122 -14.27 -97.22 -43.29
N VAL SA 123 -14.03 -97.39 -44.59
CA VAL SA 123 -13.44 -96.32 -45.38
C VAL SA 123 -14.44 -95.20 -45.60
N LYS SA 124 -15.74 -95.50 -45.71
CA LYS SA 124 -16.73 -94.44 -45.82
C LYS SA 124 -16.77 -93.59 -44.56
N LEU SA 125 -16.72 -94.23 -43.39
CA LEU SA 125 -16.65 -93.47 -42.15
C LEU SA 125 -15.37 -92.64 -42.08
N ALA SA 126 -14.25 -93.22 -42.54
CA ALA SA 126 -12.99 -92.49 -42.55
C ALA SA 126 -13.08 -91.27 -43.45
N ILE SA 127 -13.70 -91.40 -44.62
CA ILE SA 127 -13.81 -90.28 -45.54
C ILE SA 127 -14.73 -89.21 -44.99
N GLU SA 128 -15.84 -89.60 -44.35
CA GLU SA 128 -16.73 -88.61 -43.75
C GLU SA 128 -16.02 -87.85 -42.63
N THR SA 129 -15.26 -88.56 -41.79
CA THR SA 129 -14.49 -87.89 -40.75
C THR SA 129 -13.43 -86.98 -41.34
N LEU SA 130 -12.80 -87.40 -42.45
CA LEU SA 130 -11.82 -86.56 -43.12
C LEU SA 130 -12.46 -85.28 -43.63
N LYS SA 131 -13.67 -85.38 -44.20
CA LYS SA 131 -14.37 -84.18 -44.65
C LYS SA 131 -14.70 -83.26 -43.48
N GLU SA 132 -15.16 -83.83 -42.37
CA GLU SA 132 -15.48 -83.01 -41.21
C GLU SA 132 -14.24 -82.31 -40.67
N ALA SA 133 -13.09 -83.01 -40.67
CA ALA SA 133 -11.84 -82.38 -40.27
C ALA SA 133 -11.45 -81.27 -41.24
N PHE SA 134 -11.52 -81.55 -42.54
CA PHE SA 134 -11.19 -80.56 -43.56
C PHE SA 134 -12.03 -79.31 -43.41
N GLU SA 135 -13.26 -79.44 -42.91
CA GLU SA 135 -14.12 -78.27 -42.72
C GLU SA 135 -13.43 -77.20 -41.88
N ARG SA 136 -12.70 -77.62 -40.84
CA ARG SA 136 -12.04 -76.65 -39.97
C ARG SA 136 -10.64 -77.06 -39.54
N LYS SA 137 -10.03 -78.05 -40.18
CA LYS SA 137 -8.70 -78.56 -39.82
C LYS SA 137 -8.68 -79.01 -38.36
N ASN SA 138 -9.55 -79.95 -38.04
CA ASN SA 138 -9.66 -80.50 -36.69
C ASN SA 138 -8.78 -81.74 -36.63
N TYR SA 139 -7.75 -81.69 -35.79
CA TYR SA 139 -6.68 -82.68 -35.84
C TYR SA 139 -7.14 -84.03 -35.31
N ALA SA 140 -8.12 -84.05 -34.40
CA ALA SA 140 -8.53 -85.29 -33.74
C ALA SA 140 -9.22 -86.24 -34.72
N LEU SA 141 -10.18 -85.73 -35.51
CA LEU SA 141 -10.79 -86.56 -36.52
C LEU SA 141 -9.78 -86.98 -37.58
N LEU SA 142 -8.76 -86.15 -37.82
CA LEU SA 142 -7.68 -86.57 -38.70
C LEU SA 142 -6.94 -87.78 -38.12
N VAL SA 143 -6.69 -87.78 -36.82
CA VAL SA 143 -6.05 -88.93 -36.18
C VAL SA 143 -6.94 -90.16 -36.31
N SER SA 144 -8.24 -90.01 -36.07
CA SER SA 144 -9.15 -91.14 -36.17
C SER SA 144 -9.16 -91.72 -37.60
N ALA SA 145 -9.25 -90.85 -38.59
CA ALA SA 145 -9.25 -91.31 -39.98
C ALA SA 145 -7.93 -91.95 -40.35
N LYS SA 146 -6.82 -91.38 -39.87
CA LYS SA 146 -5.51 -91.97 -40.13
C LYS SA 146 -5.43 -93.37 -39.56
N ILE SA 147 -5.92 -93.55 -38.32
CA ILE SA 147 -5.93 -94.88 -37.71
C ILE SA 147 -6.73 -95.85 -38.57
N ILE SA 148 -7.93 -95.42 -38.97
CA ILE SA 148 -8.81 -96.32 -39.74
C ILE SA 148 -8.13 -96.72 -41.05
N VAL SA 149 -7.55 -95.75 -41.76
CA VAL SA 149 -6.99 -96.05 -43.08
C VAL SA 149 -5.74 -96.91 -42.95
N GLU SA 150 -4.89 -96.67 -41.94
CA GLU SA 150 -3.69 -97.48 -41.84
C GLU SA 150 -4.02 -98.90 -41.43
N ASN SA 151 -4.99 -99.07 -40.52
CA ASN SA 151 -5.40 -100.43 -40.16
C ASN SA 151 -6.04 -101.15 -41.35
N ALA SA 152 -6.83 -100.43 -42.15
CA ALA SA 152 -7.40 -101.04 -43.35
C ALA SA 152 -6.31 -101.45 -44.33
N GLU SA 153 -5.32 -100.58 -44.53
CA GLU SA 153 -4.21 -100.91 -45.43
C GLU SA 153 -3.47 -102.14 -44.94
N GLU SA 154 -3.22 -102.23 -43.64
CA GLU SA 154 -2.59 -103.42 -43.08
C GLU SA 154 -3.47 -104.65 -43.29
N ILE SA 155 -4.79 -104.48 -43.22
CA ILE SA 155 -5.70 -105.58 -43.48
C ILE SA 155 -5.54 -106.08 -44.92
N LEU SA 156 -5.48 -105.16 -45.88
CA LEU SA 156 -5.28 -105.58 -47.27
C LEU SA 156 -3.93 -106.25 -47.48
N LYS SA 157 -2.87 -105.75 -46.83
CA LYS SA 157 -1.58 -106.42 -46.95
C LYS SA 157 -1.63 -107.83 -46.37
N ALA SA 158 -2.23 -107.99 -45.20
CA ALA SA 158 -2.34 -109.32 -44.60
C ALA SA 158 -3.27 -110.24 -45.38
N LYS SA 159 -4.19 -109.67 -46.18
CA LYS SA 159 -5.06 -110.49 -47.01
C LYS SA 159 -4.24 -111.33 -47.99
N LYS SA 160 -3.29 -110.69 -48.69
CA LYS SA 160 -2.40 -111.45 -49.55
C LYS SA 160 -1.33 -112.19 -48.77
N LYS SA 161 -0.91 -111.65 -47.62
CA LYS SA 161 0.03 -112.39 -46.78
C LYS SA 161 -0.61 -113.64 -46.20
N GLY SA 162 -1.79 -113.51 -45.60
CA GLY SA 162 -2.52 -114.66 -45.09
C GLY SA 162 -2.26 -114.98 -43.63
N ASP SA 163 -2.21 -113.95 -42.79
CA ASP SA 163 -2.02 -114.13 -41.35
C ASP SA 163 -3.34 -113.73 -40.70
N GLU SA 164 -4.15 -114.72 -40.34
CA GLU SA 164 -5.51 -114.45 -39.86
C GLU SA 164 -5.49 -113.76 -38.50
N GLU SA 165 -4.55 -114.10 -37.63
CA GLU SA 165 -4.49 -113.47 -36.32
C GLU SA 165 -4.33 -111.95 -36.47
N LYS SA 166 -3.46 -111.52 -37.38
CA LYS SA 166 -3.25 -110.10 -37.57
C LYS SA 166 -4.49 -109.42 -38.12
N ILE SA 167 -5.22 -110.08 -39.03
CA ILE SA 167 -6.43 -109.45 -39.58
C ILE SA 167 -7.50 -109.33 -38.51
N LYS SA 168 -7.62 -110.34 -37.64
CA LYS SA 168 -8.57 -110.22 -36.53
C LYS SA 168 -8.18 -109.08 -35.60
N GLU SA 169 -6.89 -108.95 -35.31
CA GLU SA 169 -6.43 -107.85 -34.46
C GLU SA 169 -6.74 -106.50 -35.09
N LEU SA 170 -6.55 -106.38 -36.41
CA LEU SA 170 -6.83 -105.13 -37.08
C LEU SA 170 -8.32 -104.82 -37.11
N LEU SA 171 -9.17 -105.84 -37.27
CA LEU SA 171 -10.60 -105.63 -37.14
C LEU SA 171 -10.97 -105.16 -35.74
N GLN SA 172 -10.32 -105.71 -34.71
CA GLN SA 172 -10.55 -105.22 -33.36
C GLN SA 172 -10.18 -103.74 -33.23
N ARG SA 173 -9.03 -103.36 -33.79
CA ARG SA 173 -8.61 -101.96 -33.75
C ARG SA 173 -9.61 -101.07 -34.48
N LEU SA 174 -10.11 -101.53 -35.63
CA LEU SA 174 -11.06 -100.73 -36.40
C LEU SA 174 -12.39 -100.60 -35.66
N LYS SA 175 -12.84 -101.66 -34.98
CA LYS SA 175 -14.05 -101.54 -34.16
C LYS SA 175 -13.85 -100.53 -33.04
N ALA SA 176 -12.69 -100.56 -32.39
CA ALA SA 176 -12.40 -99.57 -31.36
C ALA SA 176 -12.43 -98.16 -31.94
N ALA SA 177 -11.85 -97.98 -33.13
CA ALA SA 177 -11.86 -96.66 -33.77
C ALA SA 177 -13.28 -96.20 -34.10
N LYS SA 178 -14.11 -97.10 -34.61
CA LYS SA 178 -15.49 -96.76 -34.92
C LYS SA 178 -16.23 -96.33 -33.66
N ILE SA 179 -16.03 -97.07 -32.56
CA ILE SA 179 -16.68 -96.70 -31.31
C ILE SA 179 -16.19 -95.35 -30.84
N GLY SA 180 -14.89 -95.08 -30.97
CA GLY SA 180 -14.33 -93.88 -30.36
C GLY SA 180 -14.57 -92.61 -31.16
N THR SA 181 -14.77 -92.73 -32.48
CA THR SA 181 -14.83 -91.53 -33.32
C THR SA 181 -15.94 -90.57 -32.92
N PRO SA 182 -17.20 -90.99 -32.73
CA PRO SA 182 -18.19 -90.02 -32.21
C PRO SA 182 -17.79 -89.48 -30.86
N LEU SA 183 -17.17 -90.30 -30.02
CA LEU SA 183 -16.77 -89.85 -28.68
C LEU SA 183 -15.73 -88.75 -28.76
N VAL SA 184 -14.72 -88.90 -29.62
CA VAL SA 184 -13.68 -87.88 -29.72
C VAL SA 184 -14.24 -86.61 -30.35
N ARG SA 185 -15.10 -86.76 -31.36
CA ARG SA 185 -15.75 -85.58 -31.93
C ARG SA 185 -16.52 -84.82 -30.85
N GLU SA 186 -17.30 -85.54 -30.04
CA GLU SA 186 -18.08 -84.90 -28.99
C GLU SA 186 -17.19 -84.26 -27.94
N VAL SA 187 -16.09 -84.93 -27.57
CA VAL SA 187 -15.20 -84.37 -26.55
C VAL SA 187 -14.61 -83.05 -27.03
N VAL SA 188 -14.13 -83.03 -28.27
CA VAL SA 188 -13.58 -81.78 -28.82
C VAL SA 188 -14.64 -80.70 -28.87
N GLU SA 189 -15.85 -81.05 -29.33
CA GLU SA 189 -16.91 -80.07 -29.45
C GLU SA 189 -17.25 -79.47 -28.09
N ARG SA 190 -17.39 -80.32 -27.07
CA ARG SA 190 -17.73 -79.83 -25.73
C ARG SA 190 -16.61 -78.96 -25.17
N TYR SA 191 -15.35 -79.38 -25.34
CA TYR SA 191 -14.25 -78.58 -24.82
C TYR SA 191 -14.14 -77.24 -25.53
N ARG SA 192 -14.57 -77.15 -26.78
CA ARG SA 192 -14.47 -75.91 -27.55
C ARG SA 192 -15.11 -74.72 -26.84
N GLU SA 193 -16.34 -74.88 -26.35
CA GLU SA 193 -17.05 -73.75 -25.76
C GLU SA 193 -17.65 -74.04 -24.39
N GLU SA 194 -18.02 -75.29 -24.09
CA GLU SA 194 -18.73 -75.58 -22.86
C GLU SA 194 -17.86 -75.29 -21.62
N GLY SA 195 -16.58 -75.69 -21.68
CA GLY SA 195 -15.62 -75.27 -20.67
C GLY SA 195 -15.29 -76.26 -19.57
N GLU SA 196 -15.60 -77.53 -19.80
CA GLU SA 196 -15.29 -78.55 -18.84
C GLU SA 196 -13.78 -78.72 -18.63
N PRO SA 197 -13.39 -79.66 -17.75
CA PRO SA 197 -11.97 -79.90 -17.55
C PRO SA 197 -11.51 -81.00 -18.47
N LEU SA 198 -10.78 -80.64 -19.51
CA LEU SA 198 -10.41 -81.63 -20.49
C LEU SA 198 -10.08 -82.96 -19.91
N LEU SA 199 -9.16 -83.00 -18.97
CA LEU SA 199 -8.71 -84.31 -18.51
C LEU SA 199 -9.88 -85.19 -18.11
N ASP SA 200 -10.90 -84.61 -17.47
CA ASP SA 200 -12.06 -85.39 -17.05
C ASP SA 200 -12.79 -85.98 -18.26
N LEU SA 201 -13.06 -85.15 -19.27
CA LEU SA 201 -13.71 -85.66 -20.48
C LEU SA 201 -12.84 -86.67 -21.20
N LEU SA 202 -11.52 -86.45 -21.23
CA LEU SA 202 -10.63 -87.43 -21.86
C LEU SA 202 -10.72 -88.77 -21.16
N LEU SA 203 -10.69 -88.77 -19.82
CA LEU SA 203 -10.77 -90.02 -19.08
C LEU SA 203 -12.11 -90.70 -19.29
N HIS SA 204 -13.20 -89.93 -19.27
CA HIS SA 204 -14.52 -90.53 -19.49
C HIS SA 204 -14.64 -91.11 -20.88
N MET SA 205 -14.13 -90.40 -21.90
CA MET SA 205 -14.17 -90.92 -23.26
C MET SA 205 -13.34 -92.19 -23.39
N ALA SA 206 -12.15 -92.23 -22.79
CA ALA SA 206 -11.32 -93.42 -22.85
C ALA SA 206 -12.01 -94.60 -22.17
N GLU SA 207 -12.58 -94.38 -21.00
CA GLU SA 207 -13.25 -95.46 -20.29
C GLU SA 207 -14.47 -95.95 -21.05
N THR SA 208 -15.25 -95.03 -21.63
CA THR SA 208 -16.39 -95.43 -22.44
C THR SA 208 -15.96 -96.24 -23.65
N THR SA 209 -14.87 -95.82 -24.29
CA THR SA 209 -14.35 -96.56 -25.43
C THR SA 209 -13.94 -97.98 -25.03
N ILE SA 210 -13.24 -98.11 -23.89
CA ILE SA 210 -12.81 -99.43 -23.44
C ILE SA 210 -14.02 -100.31 -23.12
N ARG SA 211 -15.00 -99.76 -22.41
CA ARG SA 211 -16.17 -100.53 -22.02
C ARG SA 211 -16.96 -100.99 -23.24
N GLU SA 212 -17.21 -100.07 -24.18
CA GLU SA 212 -17.96 -100.43 -25.37
C GLU SA 212 -17.20 -101.41 -26.25
N SER SA 213 -15.87 -101.27 -26.31
CA SER SA 213 -15.06 -102.18 -27.11
C SER SA 213 -15.05 -103.59 -26.52
N GLU SA 214 -14.95 -103.69 -25.18
CA GLU SA 214 -15.01 -105.01 -24.57
C GLU SA 214 -16.42 -105.58 -24.58
N LYS SA 215 -17.43 -104.73 -24.74
CA LYS SA 215 -18.79 -105.22 -24.96
C LYS SA 215 -18.94 -105.90 -26.31
N LEU SA 216 -18.01 -105.67 -27.23
CA LEU SA 216 -18.01 -106.31 -28.54
C LEU SA 216 -17.05 -107.49 -28.63
N GLY SA 217 -16.52 -107.93 -27.49
CA GLY SA 217 -15.62 -109.06 -27.43
C GLY SA 217 -14.16 -108.72 -27.58
N VAL SA 218 -13.83 -107.43 -27.73
CA VAL SA 218 -12.44 -107.04 -28.00
C VAL SA 218 -11.74 -106.79 -26.68
N ASP SA 219 -10.50 -107.26 -26.62
CA ASP SA 219 -9.68 -107.05 -25.44
C ASP SA 219 -9.66 -105.64 -24.97
N PRO SA 220 -9.19 -105.45 -23.75
CA PRO SA 220 -9.06 -104.09 -23.25
C PRO SA 220 -7.64 -103.74 -23.43
N ARG SA 221 -7.00 -104.39 -24.38
CA ARG SA 221 -5.64 -104.01 -24.69
C ARG SA 221 -5.56 -103.13 -25.92
N LEU SA 222 -5.54 -103.72 -27.10
CA LEU SA 222 -5.31 -102.93 -28.30
C LEU SA 222 -6.29 -101.77 -28.39
N ALA SA 223 -7.52 -101.95 -27.91
CA ALA SA 223 -8.44 -100.84 -27.82
C ALA SA 223 -7.90 -99.76 -26.89
N ALA SA 224 -7.16 -100.17 -25.86
CA ALA SA 224 -6.50 -99.20 -25.00
C ALA SA 224 -5.48 -98.37 -25.77
N GLU SA 225 -4.70 -99.01 -26.64
CA GLU SA 225 -3.74 -98.25 -27.42
C GLU SA 225 -4.42 -97.35 -28.45
N VAL SA 226 -5.56 -97.79 -29.00
CA VAL SA 226 -6.33 -96.93 -29.89
C VAL SA 226 -6.82 -95.70 -29.15
N ALA SA 227 -7.36 -95.90 -27.95
CA ALA SA 227 -7.79 -94.77 -27.14
C ALA SA 227 -6.61 -93.88 -26.76
N ARG SA 228 -5.43 -94.46 -26.58
CA ARG SA 228 -4.24 -93.67 -26.26
C ARG SA 228 -3.84 -92.77 -27.43
N GLU SA 229 -3.85 -93.33 -28.64
CA GLU SA 229 -3.56 -92.52 -29.83
C GLU SA 229 -4.59 -91.40 -29.98
N MET SA 230 -5.86 -91.71 -29.77
CA MET SA 230 -6.89 -90.68 -29.90
C MET SA 230 -6.77 -89.62 -28.82
N VAL SA 231 -6.36 -90.01 -27.61
CA VAL SA 231 -6.12 -89.04 -26.55
C VAL SA 231 -4.97 -88.13 -26.92
N ASP SA 232 -3.91 -88.70 -27.51
CA ASP SA 232 -2.79 -87.88 -27.97
C ASP SA 232 -3.26 -86.89 -29.04
N GLY SA 233 -4.11 -87.35 -29.96
CA GLY SA 233 -4.65 -86.46 -30.97
C GLY SA 233 -5.49 -85.34 -30.38
N VAL SA 234 -6.31 -85.66 -29.37
CA VAL SA 234 -7.11 -84.64 -28.70
C VAL SA 234 -6.21 -83.63 -28.02
N GLY SA 235 -5.15 -84.10 -27.36
CA GLY SA 235 -4.21 -83.18 -26.73
C GLY SA 235 -3.54 -82.25 -27.74
N HIS SA 236 -3.17 -82.80 -28.90
CA HIS SA 236 -2.56 -81.97 -29.94
C HIS SA 236 -3.55 -80.94 -30.47
N GLU SA 237 -4.78 -81.36 -30.74
CA GLU SA 237 -5.76 -80.44 -31.32
C GLU SA 237 -6.16 -79.35 -30.33
N THR SA 238 -6.39 -79.71 -29.07
CA THR SA 238 -6.88 -78.77 -28.09
C THR SA 238 -5.81 -77.79 -27.62
N GLY SA 239 -4.55 -78.02 -27.94
CA GLY SA 239 -3.49 -77.14 -27.50
C GLY SA 239 -3.06 -77.34 -26.07
N GLU SA 240 -3.46 -78.45 -25.44
CA GLU SA 240 -3.08 -78.74 -24.06
C GLU SA 240 -2.69 -80.21 -23.99
N THR SA 241 -1.40 -80.48 -23.81
CA THR SA 241 -0.89 -81.84 -23.80
C THR SA 241 -0.60 -82.40 -22.41
N GLU SA 242 -0.53 -81.53 -21.38
CA GLU SA 242 -0.28 -82.02 -20.03
C GLU SA 242 -1.43 -82.90 -19.54
N ALA SA 243 -2.67 -82.48 -19.79
CA ALA SA 243 -3.81 -83.33 -19.45
C ALA SA 243 -3.80 -84.61 -20.28
N ALA SA 244 -3.45 -84.50 -21.56
CA ALA SA 244 -3.30 -85.69 -22.39
C ALA SA 244 -2.19 -86.58 -21.86
N PHE SA 245 -1.10 -85.99 -21.36
CA PHE SA 245 -0.03 -86.77 -20.76
C PHE SA 245 -0.52 -87.51 -19.52
N ARG SA 246 -1.30 -86.84 -18.67
CA ARG SA 246 -1.80 -87.48 -17.46
C ARG SA 246 -2.74 -88.63 -17.80
N VAL SA 247 -3.65 -88.43 -18.76
CA VAL SA 247 -4.56 -89.49 -19.14
C VAL SA 247 -3.79 -90.63 -19.79
N ARG SA 248 -2.72 -90.32 -20.53
CA ARG SA 248 -1.87 -91.35 -21.08
C ARG SA 248 -1.23 -92.19 -19.97
N ARG SA 249 -0.77 -91.53 -18.91
CA ARG SA 249 -0.18 -92.27 -17.79
C ARG SA 249 -1.21 -93.16 -17.10
N GLU SA 250 -2.42 -92.65 -16.90
CA GLU SA 250 -3.44 -93.48 -16.26
C GLU SA 250 -3.82 -94.66 -17.14
N LEU SA 251 -3.89 -94.46 -18.46
CA LEU SA 251 -4.19 -95.58 -19.35
C LEU SA 251 -3.05 -96.60 -19.37
N ASP SA 252 -1.79 -96.12 -19.28
CA ASP SA 252 -0.65 -97.02 -19.17
C ASP SA 252 -0.70 -97.82 -17.89
N THR SA 253 -1.16 -97.21 -16.80
CA THR SA 253 -1.38 -97.97 -15.57
C THR SA 253 -2.53 -98.97 -15.74
N VAL SA 254 -3.56 -98.59 -16.48
CA VAL SA 254 -4.72 -99.46 -16.67
C VAL SA 254 -4.33 -100.73 -17.43
N ILE SA 255 -3.53 -100.58 -18.49
CA ILE SA 255 -3.20 -101.76 -19.30
C ILE SA 255 -2.39 -102.77 -18.49
N LEU SA 256 -1.73 -102.33 -17.42
CA LEU SA 256 -0.99 -103.22 -16.55
C LEU SA 256 -1.92 -104.18 -15.82
N THR TA 25 52.94 -26.71 61.44
CA THR TA 25 54.23 -26.51 62.10
C THR TA 25 54.15 -25.40 63.14
N GLU TA 26 52.92 -24.97 63.45
CA GLU TA 26 52.74 -23.89 64.41
C GLU TA 26 53.23 -24.31 65.80
N LYS TA 27 52.98 -25.55 66.20
CA LYS TA 27 53.48 -26.02 67.48
C LYS TA 27 55.00 -25.97 67.53
N LEU TA 28 55.67 -26.37 66.45
CA LEU TA 28 57.13 -26.32 66.43
C LEU TA 28 57.64 -24.89 66.51
N LYS TA 29 57.00 -23.98 65.79
CA LYS TA 29 57.41 -22.57 65.85
C LYS TA 29 57.24 -22.01 67.25
N LYS TA 30 56.12 -22.33 67.91
CA LYS TA 30 55.91 -21.87 69.28
C LYS TA 30 56.93 -22.48 70.23
N ILE TA 31 57.27 -23.76 70.03
CA ILE TA 31 58.27 -24.40 70.88
C ILE TA 31 59.62 -23.70 70.73
N THR TA 32 60.00 -23.41 69.49
CA THR TA 32 61.26 -22.70 69.25
C THR TA 32 61.23 -21.32 69.90
N LYS TA 33 60.12 -20.59 69.75
CA LYS TA 33 60.02 -19.26 70.32
C LYS TA 33 60.14 -19.32 71.85
N LEU TA 34 59.43 -20.24 72.49
CA LEU TA 34 59.46 -20.33 73.94
C LEU TA 34 60.84 -20.77 74.43
N LEU TA 35 61.51 -21.65 73.68
CA LEU TA 35 62.86 -22.03 74.07
C LEU TA 35 63.82 -20.84 73.95
N HIS TA 36 63.64 -19.99 72.98
CA HIS TA 36 64.50 -18.83 72.93
C HIS TA 36 64.20 -18.09 74.19
N GLU TA 37 62.95 -17.69 74.35
CA GLU TA 37 62.66 -16.84 75.51
C GLU TA 37 63.28 -17.40 76.78
N LEU TA 38 63.17 -18.71 76.99
CA LEU TA 38 63.73 -19.33 78.19
C LEU TA 38 65.26 -19.16 78.23
N VAL TA 39 65.93 -19.37 77.10
CA VAL TA 39 67.38 -19.27 77.10
C VAL TA 39 67.82 -17.82 77.21
N ASP TA 40 66.98 -16.87 76.80
CA ASP TA 40 67.32 -15.46 76.93
C ASP TA 40 67.50 -15.08 78.40
N ARG TA 41 66.54 -15.48 79.25
CA ARG TA 41 66.60 -15.19 80.68
C ARG TA 41 67.07 -16.43 81.43
N GLY TA 42 68.38 -16.69 81.34
CA GLY TA 42 68.98 -17.81 82.05
C GLY TA 42 68.35 -19.14 81.66
N GLU TA 43 68.02 -19.94 82.68
CA GLU TA 43 67.26 -21.18 82.52
C GLU TA 43 68.06 -22.12 81.61
N ILE TA 44 67.49 -22.59 80.50
CA ILE TA 44 68.12 -23.60 79.65
C ILE TA 44 69.35 -23.02 78.96
N PRO TA 45 70.33 -23.84 78.57
CA PRO TA 45 71.49 -23.32 77.83
C PRO TA 45 71.17 -23.05 76.36
N GLU TA 46 72.16 -22.51 75.63
CA GLU TA 46 71.92 -22.06 74.26
C GLU TA 46 71.83 -23.20 73.26
N GLU TA 47 72.49 -24.33 73.55
CA GLU TA 47 72.54 -25.43 72.58
C GLU TA 47 71.14 -25.92 72.22
N LEU TA 48 70.24 -25.98 73.20
CA LEU TA 48 68.90 -26.46 72.92
C LEU TA 48 68.16 -25.51 71.99
N ALA TA 49 68.32 -24.19 72.19
CA ALA TA 49 67.67 -23.22 71.32
C ALA TA 49 68.26 -23.28 69.91
N THR TA 50 69.57 -23.44 69.79
CA THR TA 50 70.19 -23.55 68.47
C THR TA 50 69.68 -24.79 67.74
N LEU TA 51 69.59 -25.92 68.45
CA LEU TA 51 69.05 -27.13 67.84
C LEU TA 51 67.59 -26.92 67.43
N ALA TA 52 66.82 -26.22 68.27
CA ALA TA 52 65.44 -25.94 67.92
C ALA TA 52 65.36 -25.14 66.62
N THR TA 53 66.23 -24.13 66.47
CA THR TA 53 66.22 -23.33 65.25
C THR TA 53 66.59 -24.17 64.03
N LEU TA 54 67.67 -24.95 64.13
CA LEU TA 54 68.10 -25.75 62.99
C LEU TA 54 67.03 -26.77 62.59
N LEU TA 55 66.44 -27.45 63.56
CA LEU TA 55 65.41 -28.43 63.26
C LEU TA 55 64.15 -27.76 62.75
N LEU TA 56 63.83 -26.56 63.22
CA LEU TA 56 62.67 -25.85 62.70
C LEU TA 56 62.88 -25.42 61.26
N TYR TA 57 64.13 -25.17 60.86
CA TYR TA 57 64.40 -24.94 59.45
C TYR TA 57 64.27 -26.23 58.65
N LEU TA 58 64.88 -27.30 59.15
CA LEU TA 58 64.90 -28.57 58.43
C LEU TA 58 63.49 -29.10 58.20
N VAL TA 59 62.70 -29.19 59.27
CA VAL TA 59 61.25 -29.33 59.13
C VAL TA 59 60.77 -28.06 58.45
N GLU TA 60 59.76 -28.19 57.58
CA GLU TA 60 59.22 -27.06 56.81
C GLU TA 60 60.21 -26.67 55.72
N LYS TA 61 61.42 -27.21 55.76
CA LYS TA 61 62.18 -27.37 54.52
C LYS TA 61 61.85 -28.70 53.86
N GLY TA 62 61.27 -29.63 54.62
CA GLY TA 62 60.84 -30.90 54.08
C GLY TA 62 61.96 -31.93 54.05
N LEU TA 63 62.79 -31.95 55.09
CA LEU TA 63 63.92 -32.86 55.15
C LEU TA 63 63.90 -33.80 56.35
N ILE TA 64 63.09 -33.52 57.37
CA ILE TA 64 62.91 -34.44 58.49
C ILE TA 64 61.46 -34.37 58.94
N SER TA 65 61.08 -35.22 59.89
CA SER TA 65 59.72 -35.25 60.40
C SER TA 65 59.70 -34.71 61.82
N GLU TA 66 58.49 -34.38 62.29
CA GLU TA 66 58.32 -33.86 63.64
C GLU TA 66 58.81 -34.84 64.69
N PHE TA 67 58.74 -36.15 64.40
CA PHE TA 67 59.24 -37.14 65.34
C PHE TA 67 60.72 -36.96 65.59
N ASP TA 68 61.50 -36.72 64.53
CA ASP TA 68 62.94 -36.50 64.70
C ASP TA 68 63.20 -35.22 65.49
N PHE TA 69 62.43 -34.17 65.21
CA PHE TA 69 62.55 -32.92 65.96
C PHE TA 69 62.37 -33.17 67.46
N ILE TA 70 61.26 -33.80 67.84
CA ILE TA 70 60.97 -34.01 69.25
C ILE TA 70 61.98 -34.96 69.87
N GLU TA 71 62.41 -35.98 69.11
CA GLU TA 71 63.35 -36.95 69.65
C GLU TA 71 64.69 -36.29 69.94
N HIS TA 72 65.18 -35.45 69.02
CA HIS TA 72 66.44 -34.74 69.24
C HIS TA 72 66.31 -33.79 70.42
N LEU TA 73 65.19 -33.07 70.51
CA LEU TA 73 64.99 -32.15 71.62
C LEU TA 73 65.02 -32.88 72.96
N VAL TA 74 64.33 -34.03 73.04
CA VAL TA 74 64.28 -34.80 74.27
C VAL TA 74 65.65 -35.37 74.60
N ARG TA 75 66.39 -35.84 73.59
CA ARG TA 75 67.72 -36.38 73.84
C ARG TA 75 68.65 -35.31 74.40
N LEU TA 76 68.62 -34.10 73.81
CA LEU TA 76 69.45 -33.03 74.36
C LEU TA 76 69.01 -32.63 75.76
N ALA TA 77 67.69 -32.57 76.00
CA ALA TA 77 67.21 -32.22 77.34
C ALA TA 77 67.67 -33.24 78.37
N GLU TA 78 67.61 -34.54 78.03
CA GLU TA 78 68.11 -35.57 78.92
C GLU TA 78 69.61 -35.44 79.14
N LYS TA 79 70.35 -35.12 78.08
CA LYS TA 79 71.79 -34.96 78.21
C LYS TA 79 72.14 -33.81 79.15
N LEU TA 80 71.42 -32.68 79.05
CA LEU TA 80 71.70 -31.51 79.87
C LEU TA 80 70.90 -31.48 81.15
N GLY TA 81 70.01 -32.45 81.38
CA GLY TA 81 69.23 -32.49 82.60
C GLY TA 81 68.31 -31.29 82.77
N VAL TA 82 67.61 -30.92 81.69
CA VAL TA 82 66.74 -29.76 81.70
C VAL TA 82 65.36 -30.18 81.20
N LEU TA 83 65.05 -31.48 81.34
CA LEU TA 83 63.84 -32.04 80.77
C LEU TA 83 62.58 -31.40 81.34
N GLU TA 84 62.63 -30.93 82.59
CA GLU TA 84 61.45 -30.31 83.19
C GLU TA 84 61.04 -29.05 82.45
N GLU TA 85 62.02 -28.23 82.05
CA GLU TA 85 61.70 -27.01 81.30
C GLU TA 85 61.10 -27.35 79.94
N LEU TA 86 61.62 -28.39 79.28
CA LEU TA 86 61.03 -28.83 78.01
C LEU TA 86 59.60 -29.32 78.23
N LYS TA 87 59.34 -30.02 79.33
CA LYS TA 87 57.99 -30.44 79.65
C LYS TA 87 57.07 -29.25 79.82
N LYS TA 88 57.55 -28.23 80.54
CA LYS TA 88 56.74 -27.02 80.74
C LYS TA 88 56.46 -26.34 79.41
N VAL TA 89 57.46 -26.26 78.53
CA VAL TA 89 57.24 -25.65 77.21
C VAL TA 89 56.20 -26.42 76.43
N LEU TA 90 56.27 -27.76 76.46
CA LEU TA 90 55.33 -28.57 75.71
C LEU TA 90 53.92 -28.47 76.28
N GLU TA 91 53.78 -28.27 77.59
CA GLU TA 91 52.46 -28.01 78.15
C GLU TA 91 51.96 -26.63 77.74
N GLU TA 92 52.83 -25.62 77.74
CA GLU TA 92 52.41 -24.27 77.36
C GLU TA 92 51.94 -24.21 75.93
N VAL TA 93 52.67 -24.84 75.00
CA VAL TA 93 52.23 -24.83 73.60
C VAL TA 93 50.95 -25.62 73.44
N GLY TA 94 50.74 -26.64 74.28
CA GLY TA 94 49.53 -27.44 74.20
C GLY TA 94 49.65 -28.57 73.21
N ASP TA 95 50.69 -29.39 73.36
CA ASP TA 95 50.95 -30.52 72.49
C ASP TA 95 50.85 -31.81 73.29
N GLU TA 96 50.05 -32.76 72.79
CA GLU TA 96 49.91 -34.05 73.45
C GLU TA 96 50.86 -35.10 72.90
N PHE TA 97 51.11 -35.07 71.59
CA PHE TA 97 52.01 -36.05 70.98
C PHE TA 97 53.42 -35.90 71.53
N GLY TA 98 53.95 -34.67 71.53
CA GLY TA 98 55.28 -34.45 72.05
C GLY TA 98 55.40 -34.77 73.53
N LEU TA 99 54.38 -34.41 74.31
CA LEU TA 99 54.40 -34.71 75.74
C LEU TA 99 54.41 -36.21 75.99
N THR TA 100 53.58 -36.95 75.23
CA THR TA 100 53.57 -38.40 75.36
C THR TA 100 54.91 -39.00 74.97
N LEU TA 101 55.55 -38.44 73.93
CA LEU TA 101 56.88 -38.91 73.55
C LEU TA 101 57.90 -38.65 74.66
N VAL TA 102 57.80 -37.49 75.31
CA VAL TA 102 58.70 -37.18 76.42
C VAL TA 102 58.52 -38.19 77.55
N TYR TA 103 57.26 -38.47 77.91
CA TYR TA 103 57.01 -39.46 78.94
C TYR TA 103 57.54 -40.83 78.54
N ALA TA 104 57.35 -41.21 77.27
CA ALA TA 104 57.83 -42.51 76.81
C ALA TA 104 59.35 -42.61 76.92
N ILE TA 105 60.07 -41.55 76.51
CA ILE TA 105 61.53 -41.59 76.58
C ILE TA 105 62.00 -41.64 78.02
N SER TA 106 61.41 -40.83 78.90
CA SER TA 106 61.82 -40.83 80.30
C SER TA 106 61.54 -42.19 80.94
N LEU TA 107 60.37 -42.78 80.64
CA LEU TA 107 60.02 -44.08 81.19
C LEU TA 107 60.95 -45.16 80.67
N LEU TA 108 61.32 -45.09 79.38
CA LEU TA 108 62.29 -46.04 78.84
C LEU TA 108 63.63 -45.92 79.54
N LYS TA 109 64.09 -44.70 79.78
CA LYS TA 109 65.36 -44.51 80.48
C LYS TA 109 65.29 -45.08 81.90
N GLU TA 110 64.19 -44.81 82.61
CA GLU TA 110 64.04 -45.33 83.97
C GLU TA 110 63.98 -46.85 83.98
N VAL TA 111 63.29 -47.45 83.01
CA VAL TA 111 63.22 -48.91 82.94
C VAL TA 111 64.57 -49.50 82.60
N GLU TA 112 65.32 -48.85 81.71
CA GLU TA 112 66.69 -49.29 81.41
C GLU TA 112 67.55 -49.25 82.67
N LYS TA 113 67.36 -48.22 83.50
CA LYS TA 113 68.02 -48.23 84.81
C LYS TA 113 67.56 -49.41 85.63
N GLU TA 114 66.26 -49.73 85.61
CA GLU TA 114 65.76 -50.89 86.34
C GLU TA 114 66.20 -52.19 85.70
N GLY TA 115 66.02 -52.32 84.38
CA GLY TA 115 66.45 -53.50 83.67
C GLY TA 115 65.45 -54.63 83.57
N ASP TA 116 64.16 -54.32 83.38
CA ASP TA 116 63.13 -55.35 83.30
C ASP TA 116 62.66 -55.48 81.85
N GLU TA 117 62.62 -56.72 81.34
CA GLU TA 117 62.48 -56.93 79.90
C GLU TA 117 61.04 -56.67 79.42
N GLU TA 118 60.04 -57.11 80.18
CA GLU TA 118 58.66 -56.97 79.68
C GLU TA 118 58.27 -55.51 79.51
N LEU TA 119 58.64 -54.66 80.47
CA LEU TA 119 58.41 -53.23 80.28
C LEU TA 119 59.28 -52.66 79.16
N LYS TA 120 60.45 -53.25 78.90
CA LYS TA 120 61.22 -52.86 77.71
C LYS TA 120 60.40 -53.05 76.45
N GLU TA 121 59.83 -54.25 76.29
CA GLU TA 121 59.01 -54.52 75.11
C GLU TA 121 57.80 -53.60 75.07
N TYR TA 122 57.18 -53.37 76.23
CA TYR TA 122 55.99 -52.53 76.29
C TYR TA 122 56.30 -51.11 75.82
N VAL TA 123 57.39 -50.52 76.32
CA VAL TA 123 57.72 -49.15 75.97
C VAL TA 123 58.22 -49.07 74.53
N LYS TA 124 58.90 -50.10 74.03
CA LYS TA 124 59.30 -50.07 72.62
C LYS TA 124 58.09 -50.11 71.70
N LEU TA 125 57.09 -50.94 72.03
CA LEU TA 125 55.86 -50.93 71.25
C LEU TA 125 55.16 -49.58 71.35
N ALA TA 126 55.15 -48.99 72.55
CA ALA TA 126 54.55 -47.68 72.72
C ALA TA 126 55.24 -46.63 71.86
N ILE TA 127 56.57 -46.66 71.81
CA ILE TA 127 57.32 -45.68 71.03
C ILE TA 127 57.08 -45.89 69.53
N GLU TA 128 57.03 -47.14 69.09
CA GLU TA 128 56.76 -47.39 67.67
C GLU TA 128 55.36 -46.90 67.29
N THR TA 129 54.38 -47.15 68.15
CA THR TA 129 53.03 -46.64 67.89
C THR TA 129 53.00 -45.12 67.90
N LEU TA 130 53.77 -44.51 68.80
CA LEU TA 130 53.85 -43.05 68.84
C LEU TA 130 54.44 -42.50 67.55
N LYS TA 131 55.48 -43.16 67.01
CA LYS TA 131 56.05 -42.73 65.74
C LYS TA 131 55.03 -42.87 64.61
N GLU TA 132 54.29 -43.99 64.58
CA GLU TA 132 53.29 -44.17 63.54
C GLU TA 132 52.19 -43.12 63.63
N ALA TA 133 51.80 -42.75 64.85
CA ALA TA 133 50.82 -41.69 65.03
C ALA TA 133 51.39 -40.35 64.56
N PHE TA 134 52.63 -40.04 64.98
CA PHE TA 134 53.28 -38.80 64.58
C PHE TA 134 53.35 -38.67 63.06
N GLU TA 135 53.46 -39.80 62.35
CA GLU TA 135 53.51 -39.76 60.90
C GLU TA 135 52.33 -38.98 60.31
N ARG TA 136 51.14 -39.15 60.88
CA ARG TA 136 49.96 -38.47 60.35
C ARG TA 136 49.03 -37.94 61.43
N LYS TA 137 49.46 -37.85 62.68
CA LYS TA 137 48.63 -37.41 63.80
C LYS TA 137 47.36 -38.24 63.90
N ASN TA 138 47.57 -39.55 64.07
CA ASN TA 138 46.46 -40.50 64.21
C ASN TA 138 46.17 -40.68 65.69
N TYR TA 139 44.97 -40.28 66.10
CA TYR TA 139 44.69 -40.13 67.53
C TYR TA 139 44.56 -41.48 68.22
N ALA TA 140 44.17 -42.52 67.49
CA ALA TA 140 43.90 -43.82 68.11
C ALA TA 140 45.19 -44.48 68.62
N LEU TA 141 46.23 -44.50 67.79
CA LEU TA 141 47.51 -45.02 68.27
C LEU TA 141 48.07 -44.15 69.39
N LEU TA 142 47.75 -42.85 69.39
CA LEU TA 142 48.12 -42.01 70.51
C LEU TA 142 47.44 -42.47 71.79
N VAL TA 143 46.15 -42.82 71.71
CA VAL TA 143 45.45 -43.35 72.87
C VAL TA 143 46.10 -44.64 73.35
N SER TA 144 46.42 -45.53 72.41
CA SER TA 144 47.03 -46.80 72.79
C SER TA 144 48.37 -46.58 73.49
N ALA TA 145 49.21 -45.72 72.93
CA ALA TA 145 50.51 -45.43 73.53
C ALA TA 145 50.35 -44.77 74.89
N LYS TA 146 49.38 -43.85 75.01
CA LYS TA 146 49.11 -43.22 76.29
C LYS TA 146 48.73 -44.25 77.34
N ILE TA 147 47.86 -45.19 76.98
CA ILE TA 147 47.47 -46.25 77.90
C ILE TA 147 48.69 -47.04 78.35
N ILE TA 148 49.52 -47.44 77.37
CA ILE TA 148 50.68 -48.26 77.70
C ILE TA 148 51.62 -47.52 78.64
N VAL TA 149 51.90 -46.24 78.35
CA VAL TA 149 52.86 -45.51 79.15
C VAL TA 149 52.33 -45.22 80.54
N GLU TA 150 51.03 -44.90 80.67
CA GLU TA 150 50.52 -44.61 82.01
C GLU TA 150 50.46 -45.88 82.86
N ASN TA 151 50.08 -47.01 82.26
CA ASN TA 151 50.09 -48.25 83.02
C ASN TA 151 51.51 -48.65 83.42
N ALA TA 152 52.48 -48.43 82.53
CA ALA TA 152 53.87 -48.70 82.89
C ALA TA 152 54.34 -47.80 84.03
N GLU TA 153 53.98 -46.52 83.97
CA GLU TA 153 54.36 -45.59 85.04
C GLU TA 153 53.76 -46.04 86.36
N GLU TA 154 52.48 -46.44 86.35
CA GLU TA 154 51.86 -46.95 87.56
C GLU TA 154 52.56 -48.23 88.04
N ILE TA 155 53.05 -49.05 87.12
CA ILE TA 155 53.81 -50.24 87.49
C ILE TA 155 55.07 -49.84 88.24
N LEU TA 156 55.81 -48.85 87.72
CA LEU TA 156 57.02 -48.41 88.41
C LEU TA 156 56.70 -47.81 89.78
N LYS TA 157 55.61 -47.04 89.88
CA LYS TA 157 55.24 -46.51 91.20
C LYS TA 157 54.92 -47.64 92.18
N ALA TA 158 54.15 -48.63 91.74
CA ALA TA 158 53.80 -49.75 92.60
C ALA TA 158 55.01 -50.62 92.92
N LYS TA 159 56.05 -50.58 92.08
CA LYS TA 159 57.26 -51.34 92.36
C LYS TA 159 57.89 -50.89 93.68
N LYS TA 160 58.03 -49.58 93.86
CA LYS TA 160 58.53 -49.07 95.14
C LYS TA 160 57.44 -49.10 96.22
N LYS TA 161 56.17 -48.96 95.84
CA LYS TA 161 55.10 -49.10 96.82
C LYS TA 161 55.00 -50.53 97.33
N GLY TA 162 54.95 -51.50 96.42
CA GLY TA 162 54.95 -52.89 96.80
C GLY TA 162 53.57 -53.51 96.94
N ASP TA 163 52.67 -53.21 96.02
CA ASP TA 163 51.31 -53.75 96.02
C ASP TA 163 51.25 -54.68 94.80
N GLU TA 164 51.38 -55.99 95.04
CA GLU TA 164 51.50 -56.94 93.94
C GLU TA 164 50.20 -57.07 93.15
N GLU TA 165 49.06 -56.98 93.83
CA GLU TA 165 47.79 -57.09 93.14
C GLU TA 165 47.67 -56.01 92.06
N LYS TA 166 48.06 -54.78 92.40
CA LYS TA 166 47.99 -53.69 91.43
C LYS TA 166 48.92 -53.91 90.26
N ILE TA 167 50.13 -54.44 90.51
CA ILE TA 167 51.06 -54.66 89.41
C ILE TA 167 50.55 -55.76 88.49
N LYS TA 168 49.94 -56.80 89.06
CA LYS TA 168 49.34 -57.83 88.20
C LYS TA 168 48.20 -57.25 87.37
N GLU TA 169 47.37 -56.40 87.98
CA GLU TA 169 46.28 -55.76 87.23
C GLU TA 169 46.83 -54.91 86.09
N LEU TA 170 47.91 -54.17 86.35
CA LEU TA 170 48.49 -53.32 85.32
C LEU TA 170 49.12 -54.15 84.20
N LEU TA 171 49.73 -55.29 84.54
CA LEU TA 171 50.22 -56.19 83.50
C LEU TA 171 49.05 -56.72 82.66
N GLN TA 172 47.92 -57.03 83.29
CA GLN TA 172 46.75 -57.44 82.53
C GLN TA 172 46.30 -56.34 81.57
N ARG TA 173 46.27 -55.10 82.05
CA ARG TA 173 45.89 -53.98 81.18
C ARG TA 173 46.86 -53.83 80.02
N LEU TA 174 48.16 -53.98 80.29
CA LEU TA 174 49.17 -53.84 79.24
C LEU TA 174 49.06 -54.97 78.21
N LYS TA 175 48.76 -56.18 78.66
CA LYS TA 175 48.53 -57.27 77.72
C LYS TA 175 47.33 -56.99 76.84
N ALA TA 176 46.25 -56.48 77.43
CA ALA TA 176 45.09 -56.09 76.64
C ALA TA 176 45.45 -55.02 75.61
N ALA TA 177 46.26 -54.04 76.02
CA ALA TA 177 46.67 -52.99 75.10
C ALA TA 177 47.52 -53.54 73.96
N LYS TA 178 48.45 -54.45 74.27
CA LYS TA 178 49.27 -55.06 73.23
C LYS TA 178 48.41 -55.82 72.23
N ILE TA 179 47.43 -56.57 72.73
CA ILE TA 179 46.53 -57.31 71.84
C ILE TA 179 45.74 -56.34 70.97
N GLY TA 180 45.28 -55.24 71.56
CA GLY TA 180 44.36 -54.37 70.84
C GLY TA 180 45.03 -53.44 69.85
N THR TA 181 46.30 -53.11 70.06
CA THR TA 181 46.94 -52.09 69.23
C THR TA 181 46.94 -52.43 67.74
N PRO TA 182 47.36 -53.62 67.29
CA PRO TA 182 47.20 -53.92 65.86
C PRO TA 182 45.75 -53.87 65.42
N LEU TA 183 44.83 -54.29 66.29
CA LEU TA 183 43.42 -54.28 65.93
C LEU TA 183 42.91 -52.87 65.69
N VAL TA 184 43.27 -51.93 66.56
CA VAL TA 184 42.78 -50.56 66.39
C VAL TA 184 43.45 -49.91 65.17
N ARG TA 185 44.74 -50.18 64.97
CA ARG TA 185 45.39 -49.68 63.75
C ARG TA 185 44.66 -50.18 62.51
N GLU TA 186 44.35 -51.49 62.47
CA GLU TA 186 43.67 -52.05 61.31
C GLU TA 186 42.27 -51.47 61.15
N VAL TA 187 41.55 -51.28 62.26
CA VAL TA 187 40.19 -50.74 62.17
C VAL TA 187 40.21 -49.35 61.56
N VAL TA 188 41.13 -48.49 62.05
CA VAL TA 188 41.22 -47.15 61.49
C VAL TA 188 41.61 -47.20 60.02
N GLU TA 189 42.57 -48.05 59.67
CA GLU TA 189 43.01 -48.14 58.28
C GLU TA 189 41.87 -48.56 57.36
N ARG TA 190 41.11 -49.59 57.77
CA ARG TA 190 40.00 -50.05 56.95
C ARG TA 190 38.91 -48.99 56.84
N TYR TA 191 38.59 -48.32 57.94
CA TYR TA 191 37.56 -47.29 57.86
C TYR TA 191 37.98 -46.11 57.00
N ARG TA 192 39.30 -45.85 56.90
CA ARG TA 192 39.78 -44.72 56.12
C ARG TA 192 39.28 -44.73 54.68
N GLU TA 193 39.38 -45.86 53.99
CA GLU TA 193 39.03 -45.89 52.57
C GLU TA 193 38.09 -47.04 52.20
N GLU TA 194 38.13 -48.17 52.92
CA GLU TA 194 37.35 -49.34 52.50
C GLU TA 194 35.85 -49.06 52.58
N GLY TA 195 35.39 -48.41 53.64
CA GLY TA 195 34.04 -47.91 53.70
C GLY TA 195 33.02 -48.72 54.48
N GLU TA 196 33.49 -49.60 55.35
CA GLU TA 196 32.60 -50.37 56.17
C GLU TA 196 31.83 -49.51 57.18
N PRO TA 197 30.98 -50.13 58.01
CA PRO TA 197 30.25 -49.37 59.01
C PRO TA 197 31.00 -49.36 60.32
N LEU TA 198 31.60 -48.23 60.64
CA LEU TA 198 32.43 -48.17 61.83
C LEU TA 198 31.92 -48.98 62.98
N LEU TA 199 30.65 -48.85 63.29
CA LEU TA 199 30.20 -49.53 64.51
C LEU TA 199 30.44 -51.03 64.44
N ASP TA 200 30.24 -51.62 63.27
CA ASP TA 200 30.45 -53.07 63.12
C ASP TA 200 31.91 -53.44 63.37
N LEU TA 201 32.84 -52.71 62.74
CA LEU TA 201 34.26 -52.97 62.97
C LEU TA 201 34.65 -52.69 64.42
N LEU TA 202 34.09 -51.65 65.03
CA LEU TA 202 34.39 -51.37 66.43
C LEU TA 202 33.97 -52.54 67.32
N LEU TA 203 32.75 -53.05 67.09
CA LEU TA 203 32.26 -54.17 67.89
C LEU TA 203 33.10 -55.41 67.67
N HIS TA 204 33.46 -55.71 66.42
CA HIS TA 204 34.29 -56.88 66.14
C HIS TA 204 35.66 -56.74 66.79
N MET TA 205 36.27 -55.56 66.72
CA MET TA 205 37.56 -55.34 67.34
C MET TA 205 37.48 -55.50 68.85
N ALA TA 206 36.43 -54.95 69.48
CA ALA TA 206 36.29 -55.08 70.92
C ALA TA 206 36.10 -56.53 71.32
N GLU TA 207 35.26 -57.27 70.59
CA GLU TA 207 35.04 -58.68 70.92
C GLU TA 207 36.31 -59.50 70.73
N THR TA 208 37.05 -59.23 69.64
CA THR TA 208 38.31 -59.93 69.43
C THR TA 208 39.30 -59.64 70.54
N THR TA 209 39.37 -58.37 70.96
CA THR TA 209 40.26 -58.01 72.06
C THR TA 209 39.88 -58.75 73.34
N ILE TA 210 38.59 -58.81 73.65
CA ILE TA 210 38.15 -59.50 74.87
C ILE TA 210 38.48 -60.99 74.80
N ARG TA 211 38.19 -61.61 73.64
CA ARG TA 211 38.43 -63.05 73.51
C ARG TA 211 39.92 -63.36 73.60
N GLU TA 212 40.76 -62.60 72.91
CA GLU TA 212 42.20 -62.85 72.96
C GLU TA 212 42.77 -62.56 74.34
N SER TA 213 42.23 -61.55 75.02
CA SER TA 213 42.72 -61.22 76.36
C SER TA 213 42.34 -62.30 77.36
N GLU TA 214 41.12 -62.84 77.26
CA GLU TA 214 40.75 -63.92 78.17
C GLU TA 214 41.43 -65.23 77.78
N LYS TA 215 41.91 -65.34 76.53
CA LYS TA 215 42.74 -66.48 76.16
C LYS TA 215 44.09 -66.45 76.85
N LEU TA 216 44.50 -65.29 77.39
CA LEU TA 216 45.75 -65.16 78.12
C LEU TA 216 45.55 -65.19 79.62
N GLY TA 217 44.35 -65.55 80.09
CA GLY TA 217 44.05 -65.64 81.49
C GLY TA 217 43.52 -64.37 82.12
N VAL TA 218 43.37 -63.30 81.33
CA VAL TA 218 42.98 -62.01 81.89
C VAL TA 218 41.45 -61.91 81.87
N ASP TA 219 40.92 -61.37 82.96
CA ASP TA 219 39.49 -61.17 83.07
C ASP TA 219 38.89 -60.48 81.89
N PRO TA 220 37.58 -60.56 81.78
CA PRO TA 220 36.93 -59.83 80.71
C PRO TA 220 36.43 -58.58 81.31
N ARG TA 221 37.11 -58.14 82.35
CA ARG TA 221 36.75 -56.86 82.93
C ARG TA 221 37.69 -55.76 82.51
N LEU TA 222 38.82 -55.63 83.19
CA LEU TA 222 39.72 -54.50 82.93
C LEU TA 222 40.07 -54.44 81.45
N ALA TA 223 40.19 -55.59 80.78
CA ALA TA 223 40.37 -55.59 79.34
C ALA TA 223 39.18 -54.95 78.64
N ALA TA 224 37.99 -55.10 79.22
CA ALA TA 224 36.82 -54.41 78.69
C ALA TA 224 36.98 -52.90 78.78
N GLU TA 225 37.50 -52.39 79.90
CA GLU TA 225 37.69 -50.95 80.01
C GLU TA 225 38.81 -50.47 79.08
N VAL TA 226 39.84 -51.29 78.86
CA VAL TA 226 40.87 -50.94 77.89
C VAL TA 226 40.27 -50.82 76.49
N ALA TA 227 39.45 -51.80 76.11
CA ALA TA 227 38.76 -51.74 74.83
C ALA TA 227 37.83 -50.54 74.75
N ARG TA 228 37.22 -50.17 75.88
CA ARG TA 228 36.34 -49.00 75.90
C ARG TA 228 37.11 -47.71 75.65
N GLU TA 229 38.27 -47.55 76.29
CA GLU TA 229 39.11 -46.39 76.03
C GLU TA 229 39.56 -46.35 74.58
N MET TA 230 39.95 -47.50 74.03
CA MET TA 230 40.39 -47.52 72.64
C MET TA 230 39.24 -47.24 71.69
N VAL TA 231 38.03 -47.69 72.02
CA VAL TA 231 36.86 -47.37 71.21
C VAL TA 231 36.59 -45.87 71.24
N ASP TA 232 36.74 -45.25 72.41
CA ASP TA 232 36.58 -43.80 72.51
C ASP TA 232 37.62 -43.09 71.64
N GLY TA 233 38.86 -43.58 71.67
CA GLY TA 233 39.89 -43.00 70.82
C GLY TA 233 39.59 -43.13 69.35
N VAL TA 234 39.07 -44.30 68.94
CA VAL TA 234 38.69 -44.51 67.54
C VAL TA 234 37.57 -43.55 67.15
N GLY TA 235 36.59 -43.38 68.03
CA GLY TA 235 35.52 -42.42 67.75
C GLY TA 235 36.04 -41.01 67.60
N HIS TA 236 36.97 -40.61 68.46
CA HIS TA 236 37.55 -39.27 68.35
C HIS TA 236 38.33 -39.10 67.05
N GLU TA 237 39.14 -40.10 66.70
CA GLU TA 237 39.97 -39.97 65.50
C GLU TA 237 39.13 -39.98 64.23
N THR TA 238 38.14 -40.88 64.15
CA THR TA 238 37.36 -41.04 62.95
C THR TA 238 36.37 -39.90 62.72
N GLY TA 239 36.15 -39.04 63.71
CA GLY TA 239 35.19 -37.97 63.56
C GLY TA 239 33.75 -38.37 63.72
N GLU TA 240 33.48 -39.56 64.24
CA GLU TA 240 32.12 -40.05 64.45
C GLU TA 240 32.06 -40.70 65.83
N THR TA 241 31.38 -40.05 66.77
CA THR TA 241 31.31 -40.54 68.14
C THR TA 241 30.01 -41.23 68.49
N GLU TA 242 28.96 -41.08 67.68
CA GLU TA 242 27.70 -41.76 67.96
C GLU TA 242 27.85 -43.27 67.89
N ALA TA 243 28.55 -43.77 66.88
CA ALA TA 243 28.84 -45.20 66.81
C ALA TA 243 29.72 -45.63 67.96
N ALA TA 244 30.72 -44.80 68.32
CA ALA TA 244 31.53 -45.09 69.49
C ALA TA 244 30.68 -45.09 70.75
N PHE TA 245 29.71 -44.17 70.83
CA PHE TA 245 28.80 -44.16 71.97
C PHE TA 245 27.99 -45.45 72.05
N ARG TA 246 27.48 -45.92 70.92
CA ARG TA 246 26.69 -47.14 70.91
C ARG TA 246 27.52 -48.35 71.32
N VAL TA 247 28.75 -48.46 70.78
CA VAL TA 247 29.61 -49.57 71.16
C VAL TA 247 29.99 -49.48 72.63
N ARG TA 248 30.16 -48.25 73.14
CA ARG TA 248 30.41 -48.06 74.56
C ARG TA 248 29.25 -48.58 75.39
N ARG TA 249 28.01 -48.30 74.96
CA ARG TA 249 26.85 -48.80 75.68
C ARG TA 249 26.78 -50.32 75.65
N GLU TA 250 27.05 -50.93 74.51
CA GLU TA 250 27.02 -52.39 74.45
C GLU TA 250 28.10 -53.01 75.30
N LEU TA 251 29.29 -52.41 75.34
CA LEU TA 251 30.34 -52.92 76.21
C LEU TA 251 29.99 -52.74 77.68
N ASP TA 252 29.33 -51.63 78.03
CA ASP TA 252 28.85 -51.44 79.39
C ASP TA 252 27.81 -52.48 79.77
N THR TA 253 26.96 -52.87 78.81
CA THR TA 253 26.04 -53.97 79.07
C THR TA 253 26.79 -55.30 79.21
N VAL TA 254 27.86 -55.48 78.43
CA VAL TA 254 28.62 -56.72 78.47
C VAL TA 254 29.28 -56.92 79.83
N ILE TA 255 29.88 -55.86 80.38
CA ILE TA 255 30.60 -56.01 81.64
C ILE TA 255 29.65 -56.39 82.77
N LEU TA 256 28.35 -56.11 82.62
CA LEU TA 256 27.36 -56.50 83.61
C LEU TA 256 27.22 -58.01 83.68
N THR UA 25 16.46 -6.28 83.54
CA THR UA 25 16.46 -5.58 84.82
C THR UA 25 15.08 -5.59 85.45
N GLU UA 26 14.18 -6.39 84.89
CA GLU UA 26 12.82 -6.45 85.40
C GLU UA 26 12.78 -7.00 86.82
N LYS UA 27 13.62 -8.00 87.12
CA LYS UA 27 13.68 -8.52 88.48
C LYS UA 27 14.12 -7.43 89.46
N LEU UA 28 15.12 -6.63 89.08
CA LEU UA 28 15.57 -5.57 89.96
C LEU UA 28 14.50 -4.51 90.18
N LYS UA 29 13.77 -4.15 89.11
CA LYS UA 29 12.69 -3.18 89.26
C LYS UA 29 11.60 -3.72 90.18
N LYS UA 30 11.24 -4.99 90.02
CA LYS UA 30 10.24 -5.57 90.91
C LYS UA 30 10.72 -5.64 92.35
N ILE UA 31 12.00 -5.94 92.55
CA ILE UA 31 12.55 -5.98 93.90
C ILE UA 31 12.48 -4.60 94.54
N THR UA 32 12.85 -3.56 93.79
CA THR UA 32 12.75 -2.19 94.30
C THR UA 32 11.31 -1.83 94.63
N LYS UA 33 10.37 -2.18 93.74
CA LYS UA 33 8.97 -1.86 93.98
C LYS UA 33 8.46 -2.54 95.23
N LEU UA 34 8.77 -3.83 95.40
CA LEU UA 34 8.28 -4.57 96.56
C LEU UA 34 8.92 -4.06 97.84
N LEU UA 35 10.20 -3.66 97.78
CA LEU UA 35 10.82 -3.09 98.97
C LEU UA 35 10.18 -1.76 99.33
N HIS UA 36 9.76 -0.97 98.37
CA HIS UA 36 9.09 0.25 98.73
C HIS UA 36 7.86 -0.21 99.43
N GLU UA 37 7.03 -0.97 98.75
CA GLU UA 37 5.75 -1.31 99.36
C GLU UA 37 5.94 -1.78 100.80
N LEU UA 38 6.94 -2.63 101.04
CA LEU UA 38 7.18 -3.12 102.38
C LEU UA 38 7.54 -1.99 103.34
N VAL UA 39 8.38 -1.06 102.90
CA VAL UA 39 8.79 0.02 103.80
C VAL UA 39 7.65 1.01 104.00
N ASP UA 40 6.72 1.09 103.04
CA ASP UA 40 5.58 1.98 103.20
C ASP UA 40 4.73 1.58 104.40
N ARG UA 41 4.41 0.29 104.52
CA ARG UA 41 3.62 -0.23 105.63
C ARG UA 41 4.55 -0.89 106.65
N GLY UA 42 5.24 -0.05 107.41
CA GLY UA 42 6.12 -0.55 108.46
C GLY UA 42 7.20 -1.47 107.92
N GLU UA 43 7.37 -2.60 108.60
CA GLU UA 43 8.25 -3.69 108.16
C GLU UA 43 9.67 -3.16 108.05
N ILE UA 44 10.33 -3.26 106.89
CA ILE UA 44 11.73 -2.90 106.73
C ILE UA 44 11.92 -1.39 106.89
N PRO UA 45 13.11 -0.92 107.29
CA PRO UA 45 13.34 0.52 107.37
C PRO UA 45 13.59 1.16 106.01
N GLU UA 46 13.75 2.48 105.99
CA GLU UA 46 13.82 3.22 104.73
C GLU UA 46 15.16 3.07 104.03
N GLU UA 47 16.24 2.82 104.78
CA GLU UA 47 17.57 2.78 104.18
C GLU UA 47 17.67 1.73 103.10
N LEU UA 48 17.03 0.58 103.31
CA LEU UA 48 17.10 -0.49 102.32
C LEU UA 48 16.40 -0.08 101.03
N ALA UA 49 15.25 0.60 101.14
CA ALA UA 49 14.55 1.07 99.95
C ALA UA 49 15.35 2.15 99.22
N THR UA 50 15.97 3.06 99.96
CA THR UA 50 16.80 4.08 99.33
C THR UA 50 17.97 3.46 98.59
N LEU UA 51 18.64 2.49 99.22
CA LEU UA 51 19.72 1.78 98.54
C LEU UA 51 19.21 1.06 97.31
N ALA UA 52 18.02 0.45 97.39
CA ALA UA 52 17.46 -0.21 96.22
C ALA UA 52 17.26 0.77 95.08
N THR UA 53 16.75 1.97 95.39
CA THR UA 53 16.54 2.98 94.35
C THR UA 53 17.87 3.41 93.72
N LEU UA 54 18.86 3.73 94.56
CA LEU UA 54 20.13 4.19 94.02
C LEU UA 54 20.80 3.12 93.17
N LEU UA 55 20.80 1.88 93.65
CA LEU UA 55 21.41 0.80 92.88
C LEU UA 55 20.62 0.49 91.61
N LEU UA 56 19.30 0.64 91.66
CA LEU UA 56 18.50 0.44 90.46
C LEU UA 56 18.78 1.51 89.41
N TYR UA 57 19.14 2.71 89.85
CA TYR UA 57 19.59 3.72 88.90
C TYR UA 57 20.97 3.37 88.34
N LEU UA 58 21.90 3.01 89.23
CA LEU UA 58 23.27 2.75 88.82
C LEU UA 58 23.33 1.59 87.83
N VAL UA 59 22.72 0.46 88.18
CA VAL UA 59 22.41 -0.57 87.19
C VAL UA 59 21.43 0.06 86.22
N GLU UA 60 21.54 -0.29 84.95
CA GLU UA 60 20.71 0.27 83.88
C GLU UA 60 21.14 1.72 83.60
N LYS UA 61 21.99 2.28 84.45
CA LYS UA 61 22.87 3.34 83.97
C LYS UA 61 24.15 2.76 83.40
N GLY UA 62 24.45 1.51 83.74
CA GLY UA 62 25.62 0.83 83.20
C GLY UA 62 26.88 1.11 83.99
N LEU UA 63 26.77 1.17 85.32
CA LEU UA 63 27.90 1.49 86.17
C LEU UA 63 28.22 0.42 87.19
N ILE UA 64 27.31 -0.52 87.46
CA ILE UA 64 27.60 -1.67 88.31
C ILE UA 64 26.87 -2.88 87.75
N SER UA 65 27.10 -4.05 88.34
CA SER UA 65 26.47 -5.29 87.91
C SER UA 65 25.42 -5.73 88.94
N GLU UA 66 24.56 -6.65 88.51
CA GLU UA 66 23.53 -7.16 89.40
C GLU UA 66 24.11 -7.82 90.63
N PHE UA 67 25.32 -8.39 90.51
CA PHE UA 67 25.97 -9.01 91.66
C PHE UA 67 26.21 -7.98 92.75
N ASP UA 68 26.69 -6.78 92.39
CA ASP UA 68 26.91 -5.75 93.38
C ASP UA 68 25.60 -5.29 94.01
N PHE UA 69 24.55 -5.17 93.20
CA PHE UA 69 23.22 -4.83 93.71
C PHE UA 69 22.79 -5.82 94.79
N ILE UA 70 22.80 -7.10 94.46
CA ILE UA 70 22.33 -8.11 95.41
C ILE UA 70 23.25 -8.18 96.62
N GLU UA 71 24.55 -8.03 96.42
CA GLU UA 71 25.49 -8.11 97.53
C GLU UA 71 25.26 -6.97 98.51
N HIS UA 72 25.08 -5.75 98.01
CA HIS UA 72 24.80 -4.61 98.87
C HIS UA 72 23.48 -4.80 99.61
N LEU UA 73 22.45 -5.28 98.89
CA LEU UA 73 21.16 -5.49 99.53
C LEU UA 73 21.27 -6.50 100.67
N VAL UA 74 21.99 -7.61 100.43
CA VAL UA 74 22.13 -8.64 101.44
C VAL UA 74 22.96 -8.12 102.62
N ARG UA 75 24.00 -7.34 102.35
CA ARG UA 75 24.82 -6.79 103.42
C ARG UA 75 23.99 -5.87 104.31
N LEU UA 76 23.18 -4.99 103.72
CA LEU UA 76 22.33 -4.13 104.52
C LEU UA 76 21.29 -4.92 105.29
N ALA UA 77 20.71 -5.95 104.66
CA ALA UA 77 19.72 -6.77 105.35
C ALA UA 77 20.33 -7.47 106.56
N GLU UA 78 21.56 -8.00 106.40
CA GLU UA 78 22.25 -8.61 107.52
C GLU UA 78 22.56 -7.58 108.61
N LYS UA 79 22.95 -6.37 108.21
CA LYS UA 79 23.24 -5.33 109.19
C LYS UA 79 22.01 -4.96 110.01
N LEU UA 80 20.86 -4.86 109.34
CA LEU UA 80 19.62 -4.48 110.02
C LEU UA 80 18.81 -5.66 110.52
N GLY UA 81 19.26 -6.88 110.25
CA GLY UA 81 18.54 -8.06 110.71
C GLY UA 81 17.14 -8.19 110.14
N VAL UA 82 17.02 -7.97 108.84
CA VAL UA 82 15.72 -8.01 108.16
C VAL UA 82 15.82 -8.96 106.97
N LEU UA 83 16.77 -9.89 107.04
CA LEU UA 83 17.07 -10.76 105.90
C LEU UA 83 15.88 -11.61 105.49
N GLU UA 84 15.00 -11.94 106.44
CA GLU UA 84 13.83 -12.76 106.11
C GLU UA 84 12.90 -12.05 105.13
N GLU UA 85 12.69 -10.75 105.33
CA GLU UA 85 11.84 -9.99 104.41
C GLU UA 85 12.46 -9.92 103.03
N LEU UA 86 13.79 -9.75 102.96
CA LEU UA 86 14.46 -9.77 101.66
C LEU UA 86 14.31 -11.13 101.00
N LYS UA 87 14.39 -12.21 101.77
CA LYS UA 87 14.17 -13.54 101.23
C LYS UA 87 12.77 -13.68 100.66
N LYS UA 88 11.77 -13.18 101.39
CA LYS UA 88 10.40 -13.24 100.91
C LYS UA 88 10.24 -12.43 99.62
N VAL UA 89 10.86 -11.26 99.54
CA VAL UA 89 10.78 -10.45 98.33
C VAL UA 89 11.41 -11.19 97.15
N LEU UA 90 12.56 -11.83 97.38
CA LEU UA 90 13.23 -12.54 96.30
C LEU UA 90 12.45 -13.77 95.86
N GLU UA 91 11.72 -14.41 96.77
CA GLU UA 91 10.82 -15.49 96.35
C GLU UA 91 9.64 -14.95 95.56
N GLU UA 92 9.07 -13.82 96.00
CA GLU UA 92 7.92 -13.25 95.30
C GLU UA 92 8.28 -12.85 93.87
N VAL UA 93 9.43 -12.19 93.68
CA VAL UA 93 9.82 -11.80 92.33
C VAL UA 93 10.14 -13.04 91.49
N GLY UA 94 10.59 -14.11 92.12
CA GLY UA 94 10.91 -15.34 91.41
C GLY UA 94 12.32 -15.34 90.85
N ASP UA 95 13.30 -15.09 91.70
CA ASP UA 95 14.70 -15.05 91.31
C ASP UA 95 15.46 -16.16 92.02
N GLU UA 96 16.19 -16.96 91.25
CA GLU UA 96 16.99 -18.04 91.82
C GLU UA 96 18.42 -17.63 92.09
N PHE UA 97 19.00 -16.79 91.22
CA PHE UA 97 20.38 -16.35 91.43
C PHE UA 97 20.51 -15.54 92.71
N GLY UA 98 19.63 -14.55 92.89
CA GLY UA 98 19.68 -13.75 94.10
C GLY UA 98 19.42 -14.56 95.36
N LEU UA 99 18.46 -15.48 95.30
CA LEU UA 99 18.16 -16.32 96.45
C LEU UA 99 19.34 -17.20 96.82
N THR UA 100 20.00 -17.79 95.81
CA THR UA 100 21.19 -18.59 96.06
C THR UA 100 22.30 -17.74 96.67
N LEU UA 101 22.44 -16.51 96.19
CA LEU UA 101 23.45 -15.61 96.76
C LEU UA 101 23.13 -15.30 98.23
N VAL UA 102 21.85 -15.10 98.55
CA VAL UA 102 21.46 -14.86 99.93
C VAL UA 102 21.81 -16.05 100.81
N TYR UA 103 21.49 -17.25 100.34
CA TYR UA 103 21.85 -18.45 101.10
C TYR UA 103 23.35 -18.56 101.27
N ALA UA 104 24.11 -18.27 100.22
CA ALA UA 104 25.56 -18.36 100.30
C ALA UA 104 26.12 -17.38 101.34
N ILE UA 105 25.62 -16.15 101.35
CA ILE UA 105 26.11 -15.16 102.30
C ILE UA 105 25.76 -15.56 103.73
N SER UA 106 24.51 -16.00 103.94
CA SER UA 106 24.10 -16.40 105.29
C SER UA 106 24.90 -17.61 105.76
N LEU UA 107 25.13 -18.58 104.88
CA LEU UA 107 25.91 -19.75 105.23
C LEU UA 107 27.36 -19.39 105.53
N LEU UA 108 27.93 -18.46 104.75
CA LEU UA 108 29.28 -17.98 105.04
C LEU UA 108 29.36 -17.31 106.40
N LYS UA 109 28.37 -16.49 106.74
CA LYS UA 109 28.37 -15.85 108.05
C LYS UA 109 28.26 -16.88 109.17
N GLU UA 110 27.38 -17.88 109.00
CA GLU UA 110 27.24 -18.90 110.02
C GLU UA 110 28.52 -19.72 110.18
N VAL UA 111 29.17 -20.05 109.06
CA VAL UA 111 30.43 -20.80 109.13
C VAL UA 111 31.52 -19.97 109.77
N GLU UA 112 31.58 -18.66 109.46
CA GLU UA 112 32.52 -17.77 110.13
C GLU UA 112 32.28 -17.76 111.64
N LYS UA 113 31.01 -17.79 112.04
CA LYS UA 113 30.72 -17.97 113.46
C LYS UA 113 31.26 -19.30 113.97
N GLU UA 114 31.10 -20.37 113.18
CA GLU UA 114 31.63 -21.67 113.56
C GLU UA 114 33.15 -21.69 113.48
N GLY UA 115 33.72 -21.24 112.37
CA GLY UA 115 35.15 -21.18 112.22
C GLY UA 115 35.81 -22.42 111.65
N ASP UA 116 35.19 -23.08 110.67
CA ASP UA 116 35.77 -24.29 110.08
C ASP UA 116 36.29 -23.97 108.68
N GLU UA 117 37.53 -24.37 108.40
CA GLU UA 117 38.24 -23.89 107.22
C GLU UA 117 37.73 -24.53 105.92
N GLU UA 118 37.46 -25.83 105.94
CA GLU UA 118 37.08 -26.50 104.69
C GLU UA 118 35.76 -25.95 104.15
N LEU UA 119 34.78 -25.74 105.02
CA LEU UA 119 33.56 -25.07 104.58
C LEU UA 119 33.81 -23.62 104.17
N LYS UA 120 34.80 -22.96 104.77
CA LYS UA 120 35.19 -21.64 104.29
C LYS UA 120 35.59 -21.70 102.81
N GLU UA 121 36.48 -22.62 102.47
CA GLU UA 121 36.90 -22.76 101.08
C GLU UA 121 35.72 -23.13 100.19
N TYR UA 122 34.86 -24.03 100.69
CA TYR UA 122 33.71 -24.47 99.90
C TYR UA 122 32.79 -23.30 99.56
N VAL UA 123 32.46 -22.49 100.56
CA VAL UA 123 31.53 -21.38 100.34
C VAL UA 123 32.20 -20.28 99.52
N LYS UA 124 33.51 -20.07 99.67
CA LYS UA 124 34.18 -19.08 98.83
C LYS UA 124 34.16 -19.50 97.36
N LEU UA 125 34.41 -20.80 97.09
CA LEU UA 125 34.29 -21.28 95.72
C LEU UA 125 32.86 -21.14 95.21
N ALA UA 126 31.88 -21.44 96.07
CA ALA UA 126 30.49 -21.29 95.68
C ALA UA 126 30.17 -19.84 95.32
N ILE UA 127 30.66 -18.89 96.11
CA ILE UA 127 30.39 -17.48 95.85
C ILE UA 127 31.07 -17.01 94.58
N GLU UA 128 32.29 -17.47 94.34
CA GLU UA 128 32.98 -17.10 93.10
C GLU UA 128 32.24 -17.64 91.88
N THR UA 129 31.78 -18.89 91.96
CA THR UA 129 31.00 -19.47 90.87
C THR UA 129 29.68 -18.72 90.69
N LEU UA 130 29.06 -18.30 91.80
CA LEU UA 130 27.83 -17.53 91.70
C LEU UA 130 28.06 -16.20 91.00
N LYS UA 131 29.18 -15.54 91.31
CA LYS UA 131 29.52 -14.30 90.62
C LYS UA 131 29.74 -14.52 89.13
N GLU UA 132 30.45 -15.60 88.78
CA GLU UA 132 30.69 -15.89 87.37
C GLU UA 132 29.39 -16.18 86.65
N ALA UA 133 28.46 -16.88 87.30
CA ALA UA 133 27.14 -17.11 86.71
C ALA UA 133 26.38 -15.81 86.55
N PHE UA 134 26.36 -14.97 87.60
CA PHE UA 134 25.69 -13.68 87.56
C PHE UA 134 26.19 -12.83 86.41
N GLU UA 135 27.47 -12.97 86.06
CA GLU UA 135 28.03 -12.20 84.96
C GLU UA 135 27.21 -12.35 83.68
N ARG UA 136 26.72 -13.56 83.40
CA ARG UA 136 25.95 -13.79 82.18
C ARG UA 136 24.75 -14.71 82.38
N LYS UA 137 24.34 -14.98 83.62
CA LYS UA 137 23.23 -15.89 83.91
C LYS UA 137 23.48 -17.27 83.30
N ASN UA 138 24.60 -17.87 83.71
CA ASN UA 138 24.99 -19.19 83.23
C ASN UA 138 24.46 -20.22 84.23
N TYR UA 139 23.55 -21.08 83.76
CA TYR UA 139 22.76 -21.90 84.67
C TYR UA 139 23.61 -23.02 85.29
N ALA UA 140 24.64 -23.46 84.59
CA ALA UA 140 25.43 -24.61 85.05
C ALA UA 140 26.21 -24.29 86.32
N LEU UA 141 26.92 -23.15 86.34
CA LEU UA 141 27.60 -22.74 87.55
C LEU UA 141 26.61 -22.45 88.67
N LEU UA 142 25.40 -22.02 88.33
CA LEU UA 142 24.35 -21.88 89.33
C LEU UA 142 24.01 -23.23 89.95
N VAL UA 143 23.91 -24.28 89.13
CA VAL UA 143 23.66 -25.62 89.66
C VAL UA 143 24.80 -26.05 90.57
N SER UA 144 26.04 -25.81 90.16
CA SER UA 144 27.19 -26.20 90.97
C SER UA 144 27.17 -25.50 92.32
N ALA UA 145 26.94 -24.18 92.31
CA ALA UA 145 26.90 -23.42 93.54
C ALA UA 145 25.73 -23.86 94.42
N LYS UA 146 24.58 -24.15 93.82
CA LYS UA 146 23.44 -24.64 94.58
C LYS UA 146 23.78 -25.94 95.27
N ILE UA 147 24.43 -26.86 94.55
CA ILE UA 147 24.84 -28.14 95.14
C ILE UA 147 25.75 -27.88 96.33
N ILE UA 148 26.76 -27.01 96.15
CA ILE UA 148 27.73 -26.77 97.21
C ILE UA 148 27.03 -26.20 98.44
N VAL UA 149 26.15 -25.22 98.23
CA VAL UA 149 25.53 -24.55 99.38
C VAL UA 149 24.55 -25.47 100.09
N GLU UA 150 23.79 -26.29 99.35
CA GLU UA 150 22.85 -27.17 100.04
C GLU UA 150 23.57 -28.26 100.80
N ASN UA 151 24.65 -28.81 100.23
CA ASN UA 151 25.42 -29.80 100.98
C ASN UA 151 26.07 -29.19 102.21
N ALA UA 152 26.57 -27.95 102.10
CA ALA UA 152 27.13 -27.29 103.26
C ALA UA 152 26.07 -27.07 104.33
N GLU UA 153 24.86 -26.63 103.92
CA GLU UA 153 23.79 -26.43 104.88
C GLU UA 153 23.44 -27.73 105.59
N GLU UA 154 23.36 -28.83 104.83
CA GLU UA 154 23.12 -30.13 105.44
C GLU UA 154 24.24 -30.50 106.40
N ILE UA 155 25.48 -30.12 106.07
CA ILE UA 155 26.61 -30.38 106.97
C ILE UA 155 26.40 -29.64 108.29
N LEU UA 156 26.00 -28.37 108.23
CA LEU UA 156 25.76 -27.63 109.47
C LEU UA 156 24.60 -28.22 110.27
N LYS UA 157 23.54 -28.65 109.59
CA LYS UA 157 22.44 -29.30 110.32
C LYS UA 157 22.91 -30.58 111.01
N ALA UA 158 23.67 -31.42 110.29
CA ALA UA 158 24.17 -32.65 110.88
C ALA UA 158 25.19 -32.39 111.98
N LYS UA 159 25.84 -31.21 111.97
CA LYS UA 159 26.78 -30.89 113.03
C LYS UA 159 26.10 -30.85 114.38
N LYS UA 160 24.94 -30.19 114.46
CA LYS UA 160 24.17 -30.20 115.70
C LYS UA 160 23.42 -31.51 115.87
N LYS UA 161 23.01 -32.16 114.77
CA LYS UA 161 22.39 -33.47 114.89
C LYS UA 161 23.38 -34.51 115.38
N GLY UA 162 24.55 -34.59 114.75
CA GLY UA 162 25.60 -35.49 115.21
C GLY UA 162 25.60 -36.85 114.53
N ASP UA 163 25.39 -36.88 113.22
CA ASP UA 163 25.42 -38.11 112.44
C ASP UA 163 26.66 -38.03 111.56
N GLU UA 164 27.73 -38.71 111.99
CA GLU UA 164 29.02 -38.57 111.32
C GLU UA 164 29.00 -39.17 109.91
N GLU UA 165 28.28 -40.27 109.72
CA GLU UA 165 28.21 -40.88 108.40
C GLU UA 165 27.67 -39.89 107.37
N LYS UA 166 26.62 -39.15 107.73
CA LYS UA 166 26.04 -38.18 106.81
C LYS UA 166 27.01 -37.05 106.51
N ILE UA 167 27.76 -36.60 107.51
CA ILE UA 167 28.70 -35.50 107.27
C ILE UA 167 29.83 -35.96 106.36
N LYS UA 168 30.30 -37.20 106.54
CA LYS UA 168 31.31 -37.73 105.62
C LYS UA 168 30.76 -37.83 104.21
N GLU UA 169 29.52 -38.29 104.07
CA GLU UA 169 28.90 -38.37 102.73
C GLU UA 169 28.79 -36.99 102.10
N LEU UA 170 28.42 -35.98 102.88
CA LEU UA 170 28.31 -34.63 102.35
C LEU UA 170 29.67 -34.06 101.96
N LEU UA 171 30.71 -34.36 102.74
CA LEU UA 171 32.06 -33.97 102.32
C LEU UA 171 32.46 -34.64 101.01
N GLN UA 172 32.08 -35.91 100.85
CA GLN UA 172 32.34 -36.58 99.56
C GLN UA 172 31.63 -35.86 98.41
N ARG UA 173 30.37 -35.50 98.63
CA ARG UA 173 29.62 -34.77 97.60
C ARG UA 173 30.28 -33.43 97.27
N LEU UA 174 30.74 -32.72 98.31
CA LEU UA 174 31.38 -31.42 98.10
C LEU UA 174 32.71 -31.57 97.37
N LYS UA 175 33.48 -32.61 97.67
CA LYS UA 175 34.70 -32.86 96.92
C LYS UA 175 34.40 -33.14 95.45
N ALA UA 176 33.37 -33.93 95.19
CA ALA UA 176 32.95 -34.17 93.81
C ALA UA 176 32.56 -32.87 93.12
N ALA UA 177 31.84 -32.00 93.82
CA ALA UA 177 31.44 -30.72 93.25
C ALA UA 177 32.65 -29.84 92.95
N LYS UA 178 33.62 -29.80 93.87
CA LYS UA 178 34.82 -29.01 93.63
C LYS UA 178 35.58 -29.52 92.42
N ILE UA 179 35.70 -30.84 92.28
CA ILE UA 179 36.37 -31.40 91.12
C ILE UA 179 35.62 -31.05 89.85
N GLY UA 180 34.29 -31.11 89.88
CA GLY UA 180 33.52 -30.98 88.66
C GLY UA 180 33.34 -29.54 88.19
N THR UA 181 33.41 -28.57 89.11
CA THR UA 181 33.09 -27.20 88.75
C THR UA 181 33.96 -26.63 87.63
N PRO UA 182 35.29 -26.71 87.68
CA PRO UA 182 36.06 -26.27 86.51
C PRO UA 182 35.70 -27.05 85.26
N LEU UA 183 35.40 -28.35 85.41
CA LEU UA 183 35.07 -29.17 84.25
C LEU UA 183 33.78 -28.71 83.59
N VAL UA 184 32.75 -28.40 84.38
CA VAL UA 184 31.49 -27.95 83.79
C VAL UA 184 31.64 -26.57 83.18
N ARG UA 185 32.38 -25.69 83.86
CA ARG UA 185 32.67 -24.38 83.27
C ARG UA 185 33.33 -24.53 81.90
N GLU UA 186 34.35 -25.40 81.83
CA GLU UA 186 35.07 -25.60 80.58
C GLU UA 186 34.17 -26.22 79.52
N VAL UA 187 33.32 -27.17 79.90
CA VAL UA 187 32.44 -27.83 78.93
C VAL UA 187 31.49 -26.80 78.31
N VAL UA 188 30.88 -25.97 79.16
CA VAL UA 188 29.98 -24.94 78.64
C VAL UA 188 30.73 -23.97 77.74
N GLU UA 189 31.93 -23.54 78.16
CA GLU UA 189 32.69 -22.59 77.37
C GLU UA 189 33.03 -23.17 76.00
N ARG UA 190 33.49 -24.42 75.96
CA ARG UA 190 33.85 -25.03 74.69
C ARG UA 190 32.62 -25.22 73.80
N TYR UA 191 31.50 -25.64 74.37
CA TYR UA 191 30.30 -25.82 73.56
C TYR UA 191 29.78 -24.50 73.03
N ARG UA 192 30.03 -23.39 73.72
CA ARG UA 192 29.53 -22.08 73.29
C ARG UA 192 29.94 -21.73 71.87
N GLU UA 193 31.22 -21.89 71.52
CA GLU UA 193 31.68 -21.48 70.21
C GLU UA 193 32.50 -22.53 69.47
N GLU UA 194 33.19 -23.43 70.18
CA GLU UA 194 34.09 -24.36 69.51
C GLU UA 194 33.32 -25.33 68.60
N GLY UA 195 32.19 -25.84 69.07
CA GLY UA 195 31.28 -26.58 68.23
C GLY UA 195 31.34 -28.10 68.29
N GLU UA 196 31.91 -28.62 69.35
CA GLU UA 196 31.98 -30.06 69.54
C GLU UA 196 30.60 -30.69 69.71
N PRO UA 197 30.56 -32.01 69.88
CA PRO UA 197 29.27 -32.66 70.10
C PRO UA 197 29.00 -32.76 71.58
N LEU UA 198 28.10 -31.94 72.05
CA LEU UA 198 27.87 -31.90 73.49
C LEU UA 198 27.94 -33.24 74.15
N LEU UA 199 27.17 -34.18 73.67
CA LEU UA 199 27.11 -35.43 74.42
C LEU UA 199 28.51 -36.00 74.69
N ASP UA 200 29.41 -35.85 73.71
CA ASP UA 200 30.78 -36.36 73.89
C ASP UA 200 31.48 -35.64 75.04
N LEU UA 201 31.42 -34.30 75.04
CA LEU UA 201 32.03 -33.54 76.13
C LEU UA 201 31.35 -33.83 77.46
N LEU UA 202 30.03 -34.01 77.47
CA LEU UA 202 29.35 -34.34 78.71
C LEU UA 202 29.84 -35.67 79.27
N LEU UA 203 29.97 -36.68 78.40
CA LEU UA 203 30.44 -37.98 78.84
C LEU UA 203 31.88 -37.92 79.34
N HIS UA 204 32.74 -37.19 78.62
CA HIS UA 204 34.12 -37.06 79.05
C HIS UA 204 34.23 -36.34 80.40
N MET UA 205 33.44 -35.27 80.57
CA MET UA 205 33.45 -34.55 81.84
C MET UA 205 32.96 -35.44 82.99
N ALA UA 206 31.90 -36.20 82.75
CA ALA UA 206 31.39 -37.08 83.80
C ALA UA 206 32.41 -38.15 84.16
N GLU UA 207 33.04 -38.76 83.16
CA GLU UA 207 34.04 -39.79 83.43
C GLU UA 207 35.25 -39.20 84.16
N THR UA 208 35.70 -38.02 83.76
CA THR UA 208 36.81 -37.37 84.44
C THR UA 208 36.45 -37.07 85.89
N THR UA 209 35.22 -36.59 86.12
CA THR UA 209 34.77 -36.31 87.48
C THR UA 209 34.78 -37.59 88.33
N ILE UA 210 34.27 -38.68 87.77
CA ILE UA 210 34.23 -39.94 88.52
C ILE UA 210 35.64 -40.42 88.83
N ARG UA 211 36.54 -40.38 87.83
CA ARG UA 211 37.89 -40.86 88.04
C ARG UA 211 38.63 -40.02 89.08
N GLU UA 212 38.53 -38.69 88.98
CA GLU UA 212 39.22 -37.83 89.93
C GLU UA 212 38.61 -37.95 91.32
N SER UA 213 37.29 -38.16 91.41
CA SER UA 213 36.65 -38.31 92.70
C SER UA 213 37.06 -39.62 93.37
N GLU UA 214 37.15 -40.71 92.61
CA GLU UA 214 37.58 -41.96 93.20
C GLU UA 214 39.09 -41.95 93.47
N LYS UA 215 39.83 -41.06 92.81
CA LYS UA 215 41.23 -40.86 93.16
C LYS UA 215 41.40 -40.22 94.54
N LEU UA 216 40.34 -39.61 95.07
CA LEU UA 216 40.35 -39.02 96.41
C LEU UA 216 39.71 -39.92 97.45
N GLY UA 217 39.43 -41.18 97.10
CA GLY UA 217 38.86 -42.13 98.01
C GLY UA 217 37.34 -42.17 98.03
N VAL UA 218 36.69 -41.35 97.21
CA VAL UA 218 35.23 -41.25 97.25
C VAL UA 218 34.64 -42.27 96.27
N ASP UA 219 33.57 -42.91 96.73
CA ASP UA 219 32.87 -43.87 95.91
C ASP UA 219 32.56 -43.36 94.55
N PRO UA 220 32.22 -44.26 93.65
CA PRO UA 220 31.82 -43.84 92.33
C PRO UA 220 30.34 -43.84 92.35
N ARG UA 221 29.78 -43.69 93.53
CA ARG UA 221 28.35 -43.58 93.60
C ARG UA 221 27.89 -42.13 93.75
N LEU UA 222 27.86 -41.61 94.96
CA LEU UA 222 27.31 -40.28 95.17
C LEU UA 222 27.96 -39.25 94.24
N ALA UA 223 29.24 -39.43 93.93
CA ALA UA 223 29.87 -38.59 92.93
C ALA UA 223 29.19 -38.77 91.58
N ALA UA 224 28.70 -39.98 91.30
CA ALA UA 224 27.92 -40.19 90.09
C ALA UA 224 26.65 -39.36 90.08
N GLU UA 225 25.95 -39.29 91.21
CA GLU UA 225 24.74 -38.47 91.25
C GLU UA 225 25.07 -36.98 91.17
N VAL UA 226 26.20 -36.56 91.72
CA VAL UA 226 26.63 -35.17 91.58
C VAL UA 226 26.88 -34.85 90.11
N ALA UA 227 27.59 -35.74 89.41
CA ALA UA 227 27.82 -35.55 87.98
C ALA UA 227 26.51 -35.58 87.21
N ARG UA 228 25.53 -36.38 87.66
CA ARG UA 228 24.24 -36.43 87.01
C ARG UA 228 23.50 -35.10 87.14
N GLU UA 229 23.50 -34.51 88.34
CA GLU UA 229 22.89 -33.21 88.53
C GLU UA 229 23.57 -32.15 87.67
N MET UA 230 24.91 -32.18 87.62
CA MET UA 230 25.62 -31.20 86.82
C MET UA 230 25.37 -31.40 85.32
N VAL UA 231 25.21 -32.65 84.89
CA VAL UA 231 24.87 -32.92 83.50
C VAL UA 231 23.48 -32.37 83.18
N ASP UA 232 22.54 -32.54 84.11
CA ASP UA 232 21.21 -31.95 83.94
C ASP UA 232 21.30 -30.44 83.81
N GLY UA 233 22.12 -29.81 84.66
CA GLY UA 233 22.30 -28.37 84.58
C GLY UA 233 22.90 -27.93 83.26
N VAL UA 234 23.88 -28.69 82.77
CA VAL UA 234 24.48 -28.37 81.46
C VAL UA 234 23.44 -28.48 80.36
N GLY UA 235 22.62 -29.53 80.41
CA GLY UA 235 21.55 -29.67 79.43
C GLY UA 235 20.57 -28.51 79.46
N HIS UA 236 20.21 -28.06 80.67
CA HIS UA 236 19.30 -26.93 80.79
C HIS UA 236 19.93 -25.65 80.24
N GLU UA 237 21.19 -25.41 80.58
CA GLU UA 237 21.84 -24.17 80.16
C GLU UA 237 22.06 -24.14 78.65
N THR UA 238 22.52 -25.26 78.08
CA THR UA 238 22.88 -25.30 76.67
C THR UA 238 21.67 -25.31 75.75
N GLY UA 239 20.47 -25.53 76.30
CA GLY UA 239 19.29 -25.59 75.46
C GLY UA 239 19.08 -26.88 74.74
N GLU UA 240 19.81 -27.93 75.11
CA GLU UA 240 19.68 -29.25 74.48
C GLU UA 240 19.68 -30.29 75.58
N THR UA 241 18.51 -30.92 75.82
CA THR UA 241 18.37 -31.89 76.89
C THR UA 241 18.38 -33.33 76.44
N GLU UA 242 18.22 -33.60 75.15
CA GLU UA 242 18.27 -34.98 74.66
C GLU UA 242 19.63 -35.60 74.87
N ALA UA 243 20.71 -34.85 74.57
CA ALA UA 243 22.05 -35.34 74.86
C ALA UA 243 22.26 -35.51 76.36
N ALA UA 244 21.75 -34.56 77.15
CA ALA UA 244 21.80 -34.70 78.60
C ALA UA 244 21.02 -35.92 79.05
N PHE UA 245 19.87 -36.19 78.41
CA PHE UA 245 19.11 -37.38 78.72
C PHE UA 245 19.91 -38.65 78.44
N ARG UA 246 20.59 -38.69 77.29
CA ARG UA 246 21.37 -39.87 76.93
C ARG UA 246 22.52 -40.08 77.91
N VAL UA 247 23.24 -39.02 78.26
CA VAL UA 247 24.33 -39.15 79.22
C VAL UA 247 23.80 -39.55 80.58
N ARG UA 248 22.60 -39.07 80.94
CA ARG UA 248 21.97 -39.49 82.17
C ARG UA 248 21.70 -40.99 82.16
N ARG UA 249 21.21 -41.51 81.03
CA ARG UA 249 20.95 -42.94 80.92
C ARG UA 249 22.24 -43.75 81.03
N GLU UA 250 23.32 -43.29 80.38
CA GLU UA 250 24.58 -44.03 80.48
C GLU UA 250 25.13 -44.00 81.89
N LEU UA 251 24.99 -42.87 82.59
CA LEU UA 251 25.45 -42.81 83.97
C LEU UA 251 24.60 -43.70 84.87
N ASP UA 252 23.29 -43.78 84.61
CA ASP UA 252 22.43 -44.68 85.34
C ASP UA 252 22.82 -46.13 85.11
N THR UA 253 23.24 -46.47 83.89
CA THR UA 253 23.78 -47.80 83.64
C THR UA 253 25.10 -48.01 84.36
N VAL UA 254 25.93 -46.95 84.45
CA VAL UA 254 27.23 -47.06 85.09
C VAL UA 254 27.08 -47.36 86.57
N ILE UA 255 26.16 -46.67 87.25
CA ILE UA 255 26.04 -46.86 88.70
C ILE UA 255 25.59 -48.28 89.03
N LEU UA 256 24.99 -48.97 88.07
CA LEU UA 256 24.59 -50.37 88.27
C LEU UA 256 25.82 -51.27 88.41
N THR VA 25 -21.99 -32.69 75.74
CA THR VA 25 -23.09 -32.96 76.67
C THR VA 25 -23.80 -34.25 76.29
N GLU VA 26 -23.18 -35.02 75.39
CA GLU VA 26 -23.80 -36.28 74.94
C GLU VA 26 -23.90 -37.27 76.10
N LYS VA 27 -22.88 -37.34 76.96
CA LYS VA 27 -22.95 -38.21 78.11
C LYS VA 27 -24.12 -37.85 79.02
N LEU VA 28 -24.32 -36.55 79.25
CA LEU VA 28 -25.43 -36.12 80.10
C LEU VA 28 -26.77 -36.45 79.49
N LYS VA 29 -26.91 -36.25 78.17
CA LYS VA 29 -28.15 -36.61 77.49
C LYS VA 29 -28.43 -38.11 77.59
N LYS VA 30 -27.40 -38.93 77.39
CA LYS VA 30 -27.59 -40.37 77.52
C LYS VA 30 -27.94 -40.76 78.95
N ILE VA 31 -27.32 -40.12 79.94
CA ILE VA 31 -27.64 -40.41 81.33
C ILE VA 31 -29.10 -40.08 81.62
N THR VA 32 -29.57 -38.93 81.14
CA THR VA 32 -30.96 -38.56 81.33
C THR VA 32 -31.89 -39.55 80.64
N LYS VA 33 -31.56 -39.95 79.42
CA LYS VA 33 -32.40 -40.91 78.69
C LYS VA 33 -32.48 -42.23 79.44
N LEU VA 34 -31.33 -42.75 79.90
CA LEU VA 34 -31.32 -44.04 80.58
C LEU VA 34 -32.04 -43.96 81.92
N LEU VA 35 -31.93 -42.82 82.61
CA LEU VA 35 -32.68 -42.67 83.86
C LEU VA 35 -34.19 -42.63 83.59
N HIS VA 36 -34.62 -42.06 82.50
CA HIS VA 36 -36.04 -42.10 82.21
C HIS VA 36 -36.33 -43.54 82.05
N GLU VA 37 -35.69 -44.17 81.09
CA GLU VA 37 -36.07 -45.56 80.81
C GLU VA 37 -36.17 -46.38 82.09
N LEU VA 38 -35.20 -46.21 83.00
CA LEU VA 38 -35.22 -46.96 84.26
C LEU VA 38 -36.45 -46.60 85.09
N VAL VA 39 -36.79 -45.32 85.17
CA VAL VA 39 -37.93 -44.93 85.99
C VAL VA 39 -39.24 -45.33 85.32
N ASP VA 40 -39.25 -45.48 84.00
CA ASP VA 40 -40.45 -45.92 83.32
C ASP VA 40 -40.86 -47.31 83.76
N ARG VA 41 -39.90 -48.24 83.81
CA ARG VA 41 -40.17 -49.61 84.24
C ARG VA 41 -39.69 -49.79 85.68
N GLY VA 42 -40.48 -49.26 86.60
CA GLY VA 42 -40.18 -49.41 88.02
C GLY VA 42 -38.82 -48.84 88.37
N GLU VA 43 -38.05 -49.62 89.14
CA GLU VA 43 -36.65 -49.33 89.46
C GLU VA 43 -36.58 -48.00 90.20
N ILE VA 44 -35.83 -47.01 89.72
CA ILE VA 44 -35.59 -45.76 90.43
C ILE VA 44 -36.88 -44.95 90.49
N PRO VA 45 -37.04 -44.07 91.48
CA PRO VA 45 -38.23 -43.21 91.53
C PRO VA 45 -38.16 -42.04 90.55
N GLU VA 46 -39.23 -41.26 90.49
CA GLU VA 46 -39.35 -40.21 89.48
C GLU VA 46 -38.49 -38.99 89.78
N GLU VA 47 -38.21 -38.71 91.06
CA GLU VA 47 -37.50 -37.50 91.43
C GLU VA 47 -36.13 -37.43 90.76
N LEU VA 48 -35.44 -38.56 90.66
CA LEU VA 48 -34.12 -38.57 90.06
C LEU VA 48 -34.20 -38.22 88.57
N ALA VA 49 -35.21 -38.74 87.87
CA ALA VA 49 -35.38 -38.42 86.46
C ALA VA 49 -35.75 -36.96 86.26
N THR VA 50 -36.62 -36.42 87.13
CA THR VA 50 -36.95 -35.00 87.03
C THR VA 50 -35.74 -34.11 87.26
N LEU VA 51 -34.92 -34.45 88.26
CA LEU VA 51 -33.69 -33.70 88.49
C LEU VA 51 -32.77 -33.82 87.30
N ALA VA 52 -32.66 -35.00 86.71
CA ALA VA 52 -31.84 -35.16 85.52
C ALA VA 52 -32.30 -34.25 84.40
N THR VA 53 -33.61 -34.15 84.18
CA THR VA 53 -34.13 -33.28 83.13
C THR VA 53 -33.82 -31.82 83.42
N LEU VA 54 -34.08 -31.37 84.65
CA LEU VA 54 -33.84 -29.96 84.98
C LEU VA 54 -32.37 -29.61 84.85
N LEU VA 55 -31.49 -30.47 85.36
CA LEU VA 55 -30.06 -30.20 85.27
C LEU VA 55 -29.56 -30.29 83.83
N LEU VA 56 -30.16 -31.18 83.02
CA LEU VA 56 -29.78 -31.25 81.61
C LEU VA 56 -30.19 -30.01 80.87
N TYR VA 57 -31.27 -29.35 81.29
CA TYR VA 57 -31.61 -28.05 80.72
C TYR VA 57 -30.62 -26.99 81.18
N LEU VA 58 -30.36 -26.95 82.48
CA LEU VA 58 -29.50 -25.90 83.05
C LEU VA 58 -28.10 -25.96 82.45
N VAL VA 59 -27.47 -27.13 82.47
CA VAL VA 59 -26.30 -27.39 81.63
C VAL VA 59 -26.80 -27.29 80.20
N GLU VA 60 -25.96 -26.75 79.30
CA GLU VA 60 -26.30 -26.54 77.90
C GLU VA 60 -27.28 -25.37 77.78
N LYS VA 61 -27.82 -24.89 78.91
CA LYS VA 61 -28.24 -23.50 78.97
C LYS VA 61 -27.08 -22.60 79.39
N GLY VA 62 -26.05 -23.19 79.98
CA GLY VA 62 -24.87 -22.44 80.36
C GLY VA 62 -25.00 -21.80 81.72
N LEU VA 63 -25.61 -22.50 82.67
CA LEU VA 63 -25.83 -21.95 84.00
C LEU VA 63 -25.20 -22.77 85.12
N ILE VA 64 -24.81 -24.02 84.87
CA ILE VA 64 -24.07 -24.81 85.84
C ILE VA 64 -23.06 -25.67 85.09
N SER VA 65 -22.22 -26.39 85.82
CA SER VA 65 -21.20 -27.25 85.24
C SER VA 65 -21.57 -28.71 85.44
N GLU VA 66 -20.90 -29.58 84.68
CA GLU VA 66 -21.17 -31.02 84.78
C GLU VA 66 -20.88 -31.54 86.17
N PHE VA 67 -19.95 -30.91 86.89
CA PHE VA 67 -19.66 -31.33 88.26
C PHE VA 67 -20.89 -31.17 89.14
N ASP VA 68 -21.60 -30.06 89.02
CA ASP VA 68 -22.81 -29.87 89.81
C ASP VA 68 -23.88 -30.87 89.43
N PHE VA 69 -24.02 -31.16 88.13
CA PHE VA 69 -24.96 -32.18 87.67
C PHE VA 69 -24.69 -33.51 88.35
N ILE VA 70 -23.44 -34.00 88.25
CA ILE VA 70 -23.12 -35.30 88.81
C ILE VA 70 -23.24 -35.29 90.32
N GLU VA 71 -22.84 -34.18 90.96
CA GLU VA 71 -22.90 -34.11 92.41
C GLU VA 71 -24.34 -34.18 92.91
N HIS VA 72 -25.24 -33.44 92.26
CA HIS VA 72 -26.65 -33.49 92.64
C HIS VA 72 -27.22 -34.89 92.40
N LEU VA 73 -26.88 -35.51 91.26
CA LEU VA 73 -27.38 -36.85 90.98
C LEU VA 73 -26.93 -37.83 92.05
N VAL VA 74 -25.64 -37.77 92.44
CA VAL VA 74 -25.11 -38.68 93.43
C VAL VA 74 -25.74 -38.42 94.79
N ARG VA 75 -25.95 -37.14 95.14
CA ARG VA 75 -26.57 -36.82 96.41
C ARG VA 75 -27.99 -37.38 96.49
N LEU VA 76 -28.77 -37.22 95.43
CA LEU VA 76 -30.12 -37.78 95.42
C LEU VA 76 -30.09 -39.31 95.47
N ALA VA 77 -29.16 -39.92 94.73
CA ALA VA 77 -29.06 -41.38 94.75
C ALA VA 77 -28.72 -41.89 96.14
N GLU VA 78 -27.80 -41.22 96.83
CA GLU VA 78 -27.49 -41.58 98.21
C GLU VA 78 -28.68 -41.38 99.13
N LYS VA 79 -29.43 -40.29 98.92
CA LYS VA 79 -30.61 -40.04 99.74
C LYS VA 79 -31.66 -41.13 99.57
N LEU VA 80 -31.88 -41.57 98.34
CA LEU VA 80 -32.90 -42.58 98.05
C LEU VA 80 -32.35 -44.01 98.08
N GLY VA 81 -31.04 -44.18 98.27
CA GLY VA 81 -30.46 -45.51 98.33
C GLY VA 81 -30.60 -46.28 97.03
N VAL VA 82 -30.30 -45.62 95.92
CA VAL VA 82 -30.45 -46.21 94.59
C VAL VA 82 -29.13 -46.03 93.83
N LEU VA 83 -28.05 -45.87 94.58
CA LEU VA 83 -26.76 -45.54 93.99
C LEU VA 83 -26.27 -46.62 93.02
N GLU VA 84 -26.65 -47.87 93.25
CA GLU VA 84 -26.21 -48.94 92.36
C GLU VA 84 -26.74 -48.76 90.95
N GLU VA 85 -28.01 -48.36 90.82
CA GLU VA 85 -28.58 -48.12 89.50
C GLU VA 85 -27.89 -46.96 88.80
N LEU VA 86 -27.55 -45.91 89.54
CA LEU VA 86 -26.81 -44.79 88.96
C LEU VA 86 -25.42 -45.26 88.50
N LYS VA 87 -24.78 -46.13 89.28
CA LYS VA 87 -23.50 -46.69 88.88
C LYS VA 87 -23.64 -47.47 87.57
N LYS VA 88 -24.68 -48.29 87.47
CA LYS VA 88 -24.91 -49.05 86.25
C LYS VA 88 -25.14 -48.13 85.06
N VAL VA 89 -25.91 -47.06 85.25
CA VAL VA 89 -26.15 -46.10 84.18
C VAL VA 89 -24.84 -45.46 83.74
N LEU VA 90 -23.99 -45.08 84.69
CA LEU VA 90 -22.74 -44.42 84.36
C LEU VA 90 -21.78 -45.38 83.67
N GLU VA 91 -21.84 -46.67 83.99
CA GLU VA 91 -21.05 -47.64 83.23
C GLU VA 91 -21.60 -47.82 81.82
N GLU VA 92 -22.93 -47.87 81.68
CA GLU VA 92 -23.53 -48.05 80.35
C GLU VA 92 -23.18 -46.89 79.43
N VAL VA 93 -23.28 -45.65 79.92
CA VAL VA 93 -22.95 -44.52 79.07
C VAL VA 93 -21.46 -44.50 78.75
N GLY VA 94 -20.63 -45.02 79.66
CA GLY VA 94 -19.21 -45.07 79.43
C GLY VA 94 -18.51 -43.80 79.86
N ASP VA 95 -18.72 -43.40 81.12
CA ASP VA 95 -18.14 -42.20 81.67
C ASP VA 95 -17.21 -42.56 82.82
N GLU VA 96 -15.98 -42.08 82.76
CA GLU VA 96 -15.01 -42.33 83.83
C GLU VA 96 -14.99 -41.25 84.88
N PHE VA 97 -15.17 -39.99 84.47
CA PHE VA 97 -15.17 -38.89 85.43
C PHE VA 97 -16.32 -39.02 86.42
N GLY VA 98 -17.53 -39.23 85.91
CA GLY VA 98 -18.67 -39.39 86.79
C GLY VA 98 -18.57 -40.60 87.70
N LEU VA 99 -18.07 -41.71 87.15
CA LEU VA 99 -17.91 -42.91 87.96
C LEU VA 99 -16.90 -42.69 89.07
N THR VA 100 -15.78 -42.04 88.77
CA THR VA 100 -14.79 -41.72 89.79
C THR VA 100 -15.38 -40.81 90.85
N LEU VA 101 -16.21 -39.84 90.43
CA LEU VA 101 -16.86 -38.97 91.40
C LEU VA 101 -17.80 -39.75 92.30
N VAL VA 102 -18.52 -40.72 91.74
CA VAL VA 102 -19.42 -41.56 92.53
C VAL VA 102 -18.63 -42.34 93.57
N TYR VA 103 -17.52 -42.95 93.14
CA TYR VA 103 -16.68 -43.67 94.09
C TYR VA 103 -16.14 -42.75 95.16
N ALA VA 104 -15.72 -41.54 94.79
CA ALA VA 104 -15.20 -40.60 95.77
C ALA VA 104 -16.24 -40.22 96.80
N ILE VA 105 -17.47 -39.96 96.36
CA ILE VA 105 -18.53 -39.58 97.30
C ILE VA 105 -18.87 -40.74 98.22
N SER VA 106 -18.99 -41.95 97.66
CA SER VA 106 -19.32 -43.11 98.50
C SER VA 106 -18.20 -43.38 99.51
N LEU VA 107 -16.95 -43.27 99.08
CA LEU VA 107 -15.81 -43.48 99.96
C LEU VA 107 -15.76 -42.42 101.05
N LEU VA 108 -16.06 -41.17 100.70
CA LEU VA 108 -16.12 -40.11 101.70
C LEU VA 108 -17.20 -40.39 102.75
N LYS VA 109 -18.37 -40.84 102.29
CA LYS VA 109 -19.45 -41.17 103.23
C LYS VA 109 -19.04 -42.31 104.15
N GLU VA 110 -18.41 -43.36 103.59
CA GLU VA 110 -17.98 -44.48 104.41
C GLU VA 110 -16.91 -44.06 105.41
N VAL VA 111 -15.98 -43.21 104.99
CA VAL VA 111 -14.94 -42.73 105.91
C VAL VA 111 -15.53 -41.85 107.00
N GLU VA 112 -16.51 -41.01 106.64
CA GLU VA 112 -17.22 -40.22 107.65
C GLU VA 112 -17.90 -41.12 108.66
N LYS VA 113 -18.46 -42.24 108.20
CA LYS VA 113 -18.97 -43.24 109.14
C LYS VA 113 -17.85 -43.77 110.02
N GLU VA 114 -16.68 -44.03 109.42
CA GLU VA 114 -15.54 -44.51 110.20
C GLU VA 114 -14.97 -43.41 111.08
N GLY VA 115 -14.74 -42.22 110.51
CA GLY VA 115 -14.23 -41.10 111.29
C GLY VA 115 -12.74 -40.97 111.39
N ASP VA 116 -11.99 -41.28 110.33
CA ASP VA 116 -10.54 -41.18 110.36
C ASP VA 116 -10.07 -39.97 109.56
N GLU VA 117 -9.21 -39.15 110.16
CA GLU VA 117 -8.92 -37.82 109.63
C GLU VA 117 -8.04 -37.87 108.37
N GLU VA 118 -7.02 -38.73 108.37
CA GLU VA 118 -6.08 -38.71 107.24
C GLU VA 118 -6.78 -39.10 105.94
N LEU VA 119 -7.64 -40.13 105.98
CA LEU VA 119 -8.45 -40.43 104.80
C LEU VA 119 -9.43 -39.33 104.49
N LYS VA 120 -9.91 -38.58 105.49
CA LYS VA 120 -10.71 -37.40 105.20
C LYS VA 120 -9.96 -36.43 104.31
N GLU VA 121 -8.73 -36.09 104.70
CA GLU VA 121 -7.92 -35.17 103.89
C GLU VA 121 -7.64 -35.76 102.52
N TYR VA 122 -7.36 -37.06 102.47
CA TYR VA 122 -7.06 -37.71 101.20
C TYR VA 122 -8.24 -37.61 100.24
N VAL VA 123 -9.44 -37.93 100.71
CA VAL VA 123 -10.60 -37.91 99.84
C VAL VA 123 -11.01 -36.49 99.50
N LYS VA 124 -10.80 -35.52 100.40
CA LYS VA 124 -11.10 -34.14 100.05
C LYS VA 124 -10.16 -33.64 98.95
N LEU VA 125 -8.87 -33.98 99.03
CA LEU VA 125 -7.95 -33.64 97.96
C LEU VA 125 -8.35 -34.32 96.66
N ALA VA 126 -8.76 -35.58 96.75
CA ALA VA 126 -9.21 -36.31 95.56
C ALA VA 126 -10.41 -35.63 94.92
N ILE VA 127 -11.38 -35.19 95.74
CA ILE VA 127 -12.57 -34.55 95.21
C ILE VA 127 -12.24 -33.19 94.59
N GLU VA 128 -11.35 -32.43 95.22
CA GLU VA 128 -10.95 -31.16 94.64
C GLU VA 128 -10.25 -31.35 93.29
N THR VA 129 -9.36 -32.36 93.22
CA THR VA 129 -8.70 -32.65 91.94
C THR VA 129 -9.72 -33.12 90.90
N LEU VA 130 -10.72 -33.90 91.33
CA LEU VA 130 -11.76 -34.34 90.41
C LEU VA 130 -12.54 -33.15 89.86
N LYS VA 131 -12.85 -32.18 90.72
CA LYS VA 131 -13.53 -30.97 90.25
C LYS VA 131 -12.67 -30.20 89.26
N GLU VA 132 -11.38 -30.06 89.56
CA GLU VA 132 -10.49 -29.35 88.64
C GLU VA 132 -10.40 -30.06 87.29
N ALA VA 133 -10.37 -31.39 87.31
CA ALA VA 133 -10.38 -32.15 86.07
C ALA VA 133 -11.70 -31.96 85.32
N PHE VA 134 -12.82 -32.07 86.03
CA PHE VA 134 -14.13 -31.87 85.43
C PHE VA 134 -14.25 -30.51 84.75
N GLU VA 135 -13.55 -29.51 85.29
CA GLU VA 135 -13.60 -28.17 84.69
C GLU VA 135 -13.24 -28.21 83.21
N ARG VA 136 -12.25 -29.03 82.82
CA ARG VA 136 -11.84 -29.08 81.43
C ARG VA 136 -11.53 -30.50 80.95
N LYS VA 137 -11.92 -31.54 81.68
CA LYS VA 137 -11.63 -32.92 81.32
C LYS VA 137 -10.13 -33.14 81.16
N ASN VA 138 -9.40 -32.86 82.23
CA ASN VA 138 -7.96 -33.01 82.26
C ASN VA 138 -7.64 -34.39 82.82
N TYR VA 139 -7.03 -35.24 81.99
CA TYR VA 139 -6.95 -36.67 82.30
C TYR VA 139 -5.96 -36.94 83.43
N ALA VA 140 -4.95 -36.08 83.59
CA ALA VA 140 -3.89 -36.34 84.56
C ALA VA 140 -4.40 -36.24 85.99
N LEU VA 141 -5.14 -35.18 86.31
CA LEU VA 141 -5.74 -35.08 87.64
C LEU VA 141 -6.76 -36.20 87.86
N LEU VA 142 -7.40 -36.67 86.78
CA LEU VA 142 -8.27 -37.83 86.90
C LEU VA 142 -7.47 -39.06 87.32
N VAL VA 143 -6.28 -39.25 86.74
CA VAL VA 143 -5.42 -40.37 87.15
C VAL VA 143 -5.04 -40.22 88.62
N SER VA 144 -4.66 -39.03 89.03
CA SER VA 144 -4.26 -38.81 90.42
C SER VA 144 -5.41 -39.12 91.38
N ALA VA 145 -6.60 -38.63 91.07
CA ALA VA 145 -7.76 -38.88 91.92
C ALA VA 145 -8.12 -40.36 91.92
N LYS VA 146 -8.02 -41.02 90.78
CA LYS VA 146 -8.27 -42.45 90.72
C LYS VA 146 -7.32 -43.22 91.62
N ILE VA 147 -6.03 -42.86 91.56
CA ILE VA 147 -5.04 -43.50 92.43
C ILE VA 147 -5.42 -43.32 93.88
N ILE VA 148 -5.74 -42.08 94.26
CA ILE VA 148 -6.05 -41.79 95.67
C ILE VA 148 -7.26 -42.60 96.12
N VAL VA 149 -8.31 -42.63 95.31
CA VAL VA 149 -9.55 -43.29 95.74
C VAL VA 149 -9.37 -44.80 95.78
N GLU VA 150 -8.63 -45.38 94.84
CA GLU VA 150 -8.46 -46.84 94.87
C GLU VA 150 -7.59 -47.26 96.04
N ASN VA 151 -6.53 -46.49 96.33
CA ASN VA 151 -5.71 -46.81 97.49
C ASN VA 151 -6.50 -46.64 98.79
N ALA VA 152 -7.35 -45.62 98.87
CA ALA VA 152 -8.19 -45.47 100.05
C ALA VA 152 -9.17 -46.62 100.18
N GLU VA 153 -9.78 -47.05 99.08
CA GLU VA 153 -10.69 -48.19 99.14
C GLU VA 153 -9.97 -49.45 99.61
N GLU VA 154 -8.75 -49.67 99.10
CA GLU VA 154 -7.96 -50.81 99.57
C GLU VA 154 -7.64 -50.68 101.05
N ILE VA 155 -7.42 -49.44 101.52
CA ILE VA 155 -7.18 -49.22 102.95
C ILE VA 155 -8.40 -49.65 103.77
N LEU VA 156 -9.59 -49.25 103.33
CA LEU VA 156 -10.79 -49.66 104.05
C LEU VA 156 -11.00 -51.18 104.02
N LYS VA 157 -10.72 -51.81 102.87
CA LYS VA 157 -10.82 -53.27 102.84
C LYS VA 157 -9.84 -53.93 103.81
N ALA VA 158 -8.59 -53.46 103.82
CA ALA VA 158 -7.60 -54.02 104.73
C ALA VA 158 -7.90 -53.70 106.18
N LYS VA 159 -8.68 -52.64 106.44
CA LYS VA 159 -9.07 -52.33 107.81
C LYS VA 159 -9.86 -53.48 108.43
N LYS VA 160 -10.86 -53.99 107.71
CA LYS VA 160 -11.58 -55.15 108.20
C LYS VA 160 -10.79 -56.44 108.01
N LYS VA 161 -9.94 -56.51 106.98
CA LYS VA 161 -9.07 -57.67 106.82
C LYS VA 161 -8.03 -57.74 107.94
N GLY VA 162 -7.33 -56.64 108.18
CA GLY VA 162 -6.38 -56.58 109.29
C GLY VA 162 -4.96 -56.93 108.92
N ASP VA 163 -4.48 -56.44 107.78
CA ASP VA 163 -3.11 -56.66 107.33
C ASP VA 163 -2.42 -55.31 107.41
N GLU VA 164 -1.65 -55.10 108.48
CA GLU VA 164 -1.07 -53.78 108.74
C GLU VA 164 -0.01 -53.41 107.71
N GLU VA 165 0.77 -54.38 107.24
CA GLU VA 165 1.78 -54.09 106.24
C GLU VA 165 1.16 -53.46 104.99
N LYS VA 166 0.03 -54.02 104.54
CA LYS VA 166 -0.63 -53.49 103.36
C LYS VA 166 -1.16 -52.08 103.60
N ILE VA 167 -1.68 -51.80 104.79
CA ILE VA 167 -2.21 -50.47 105.06
C ILE VA 167 -1.07 -49.44 105.11
N LYS VA 168 0.07 -49.83 105.67
CA LYS VA 168 1.22 -48.93 105.65
C LYS VA 168 1.69 -48.67 104.22
N GLU VA 169 1.71 -49.72 103.39
CA GLU VA 169 2.10 -49.54 101.99
C GLU VA 169 1.14 -48.61 101.28
N LEU VA 170 -0.17 -48.74 101.54
CA LEU VA 170 -1.15 -47.88 100.89
C LEU VA 170 -1.03 -46.43 101.38
N LEU VA 171 -0.73 -46.23 102.66
CA LEU VA 171 -0.44 -44.88 103.13
C LEU VA 171 0.78 -44.29 102.44
N GLN VA 172 1.81 -45.11 102.21
CA GLN VA 172 2.97 -44.63 101.45
C GLN VA 172 2.57 -44.21 100.05
N ARG VA 173 1.74 -45.03 99.38
CA ARG VA 173 1.28 -44.68 98.04
C ARG VA 173 0.48 -43.38 98.06
N LEU VA 174 -0.37 -43.20 99.06
CA LEU VA 174 -1.18 -41.99 99.14
C LEU VA 174 -0.33 -40.76 99.42
N LYS VA 175 0.71 -40.90 100.25
CA LYS VA 175 1.63 -39.78 100.46
C LYS VA 175 2.33 -39.42 99.16
N ALA VA 176 2.76 -40.42 98.39
CA ALA VA 176 3.38 -40.15 97.10
C ALA VA 176 2.41 -39.43 96.18
N ALA VA 177 1.14 -39.85 96.17
CA ALA VA 177 0.14 -39.20 95.34
C ALA VA 177 -0.09 -37.75 95.76
N LYS VA 178 -0.16 -37.50 97.06
CA LYS VA 178 -0.34 -36.13 97.55
C LYS VA 178 0.82 -35.25 97.13
N ILE VA 179 2.04 -35.78 97.24
CA ILE VA 179 3.21 -35.00 96.82
C ILE VA 179 3.16 -34.73 95.33
N GLY VA 180 2.75 -35.72 94.54
CA GLY VA 180 2.86 -35.59 93.10
C GLY VA 180 1.75 -34.76 92.47
N THR VA 181 0.59 -34.69 93.11
CA THR VA 181 -0.56 -34.04 92.46
C THR VA 181 -0.31 -32.59 92.08
N PRO VA 182 0.19 -31.71 92.96
CA PRO VA 182 0.55 -30.36 92.47
C PRO VA 182 1.58 -30.39 91.38
N LEU VA 183 2.53 -31.33 91.45
CA LEU VA 183 3.58 -31.42 90.44
C LEU VA 183 3.00 -31.77 89.07
N VAL VA 184 2.08 -32.73 89.01
CA VAL VA 184 1.51 -33.12 87.72
C VAL VA 184 0.61 -32.00 87.18
N ARG VA 185 -0.15 -31.36 88.07
CA ARG VA 185 -0.95 -30.22 87.63
C ARG VA 185 -0.05 -29.14 87.01
N GLU VA 186 1.05 -28.83 87.68
CA GLU VA 186 1.96 -27.80 87.17
C GLU VA 186 2.61 -28.22 85.87
N VAL VA 187 2.99 -29.50 85.75
CA VAL VA 187 3.63 -29.97 84.52
C VAL VA 187 2.68 -29.82 83.34
N VAL VA 188 1.42 -30.24 83.52
CA VAL VA 188 0.45 -30.12 82.44
C VAL VA 188 0.22 -28.64 82.10
N GLU VA 189 0.10 -27.79 83.12
CA GLU VA 189 -0.15 -26.37 82.88
C GLU VA 189 0.99 -25.75 82.09
N ARG VA 190 2.23 -26.03 82.48
CA ARG VA 190 3.39 -25.48 81.79
C ARG VA 190 3.47 -25.99 80.36
N TYR VA 191 3.24 -27.29 80.15
CA TYR VA 191 3.31 -27.82 78.80
C TYR VA 191 2.21 -27.26 77.91
N ARG VA 192 1.08 -26.88 78.48
CA ARG VA 192 -0.04 -26.36 77.69
C ARG VA 192 0.36 -25.19 76.80
N GLU VA 193 1.05 -24.19 77.34
CA GLU VA 193 1.38 -23.00 76.56
C GLU VA 193 2.84 -22.59 76.62
N GLU VA 194 3.56 -22.91 77.70
CA GLU VA 194 4.93 -22.41 77.85
C GLU VA 194 5.86 -22.99 76.77
N GLY VA 195 5.73 -24.29 76.49
CA GLY VA 195 6.39 -24.89 75.35
C GLY VA 195 7.68 -25.64 75.60
N GLU VA 196 7.90 -26.04 76.84
CA GLU VA 196 9.07 -26.81 77.19
C GLU VA 196 9.05 -28.19 76.54
N PRO VA 197 10.09 -28.99 76.79
CA PRO VA 197 10.10 -30.34 76.25
C PRO VA 197 9.52 -31.32 77.24
N LEU VA 198 8.33 -31.80 76.96
CA LEU VA 198 7.65 -32.65 77.92
C LEU VA 198 8.56 -33.60 78.62
N LEU VA 199 9.36 -34.33 77.89
CA LEU VA 199 10.12 -35.36 78.57
C LEU VA 199 10.97 -34.79 79.71
N ASP VA 200 11.54 -33.60 79.51
CA ASP VA 200 12.35 -32.98 80.55
C ASP VA 200 11.53 -32.68 81.79
N LEU VA 201 10.37 -32.05 81.60
CA LEU VA 201 9.49 -31.76 82.74
C LEU VA 201 8.98 -33.05 83.39
N LEU VA 202 8.69 -34.07 82.59
CA LEU VA 202 8.25 -35.35 83.17
C LEU VA 202 9.34 -35.94 84.06
N LEU VA 203 10.59 -35.93 83.57
CA LEU VA 203 11.68 -36.47 84.36
C LEU VA 203 11.91 -35.67 85.64
N HIS VA 204 11.87 -34.34 85.53
CA HIS VA 204 12.05 -33.50 86.71
C HIS VA 204 10.93 -33.72 87.73
N MET VA 205 9.69 -33.84 87.26
CA MET VA 205 8.58 -34.09 88.17
C MET VA 205 8.73 -35.45 88.84
N ALA VA 206 9.12 -36.47 88.10
CA ALA VA 206 9.28 -37.80 88.69
C ALA VA 206 10.40 -37.79 89.73
N GLU VA 207 11.53 -37.15 89.41
CA GLU VA 207 12.63 -37.09 90.36
C GLU VA 207 12.26 -36.31 91.61
N THR VA 208 11.54 -35.19 91.44
CA THR VA 208 11.10 -34.41 92.59
C THR VA 208 10.14 -35.23 93.46
N THR VA 209 9.24 -35.98 92.82
CA THR VA 209 8.31 -36.82 93.56
C THR VA 209 9.07 -37.88 94.37
N ILE VA 210 10.06 -38.52 93.74
CA ILE VA 210 10.83 -39.55 94.44
C ILE VA 210 11.59 -38.95 95.61
N ARG VA 211 12.24 -37.80 95.39
CA ARG VA 211 13.04 -37.18 96.45
C ARG VA 211 12.15 -36.75 97.61
N GLU VA 212 11.02 -36.10 97.32
CA GLU VA 212 10.14 -35.64 98.39
C GLU VA 212 9.50 -36.82 99.11
N SER VA 213 9.20 -37.90 98.38
CA SER VA 213 8.60 -39.07 99.00
C SER VA 213 9.58 -39.78 99.92
N GLU VA 214 10.85 -39.88 99.50
CA GLU VA 214 11.85 -40.49 100.38
C GLU VA 214 12.23 -39.57 101.52
N LYS VA 215 11.97 -38.26 101.37
CA LYS VA 215 12.14 -37.34 102.49
C LYS VA 215 11.11 -37.58 103.58
N LEU VA 216 10.02 -38.29 103.28
CA LEU VA 216 9.00 -38.63 104.26
C LEU VA 216 9.13 -40.06 104.77
N GLY VA 217 10.25 -40.72 104.47
CA GLY VA 217 10.52 -42.06 104.93
C GLY VA 217 10.03 -43.16 104.01
N VAL VA 218 9.44 -42.80 102.87
CA VAL VA 218 8.85 -43.80 101.98
C VAL VA 218 9.90 -44.26 100.97
N ASP VA 219 9.91 -45.57 100.75
CA ASP VA 219 10.81 -46.16 99.80
C ASP VA 219 10.82 -45.45 98.49
N PRO VA 220 11.82 -45.74 97.69
CA PRO VA 220 11.83 -45.16 96.37
C PRO VA 220 11.35 -46.23 95.46
N ARG VA 221 10.52 -47.12 95.99
CA ARG VA 221 9.94 -48.11 95.12
C ARG VA 221 8.50 -47.78 94.77
N LEU VA 222 7.58 -48.07 95.68
CA LEU VA 222 6.18 -47.90 95.36
C LEU VA 222 5.88 -46.47 94.92
N ALA VA 223 6.58 -45.49 95.49
CA ALA VA 223 6.48 -44.13 95.00
C ALA VA 223 6.93 -44.04 93.55
N ALA VA 224 7.90 -44.86 93.16
CA ALA VA 224 8.30 -44.91 91.77
C ALA VA 224 7.17 -45.39 90.88
N GLU VA 225 6.43 -46.41 91.32
CA GLU VA 225 5.30 -46.88 90.51
C GLU VA 225 4.17 -45.86 90.48
N VAL VA 226 3.98 -45.11 91.56
CA VAL VA 226 2.99 -44.03 91.57
C VAL VA 226 3.38 -42.97 90.53
N ALA VA 227 4.64 -42.57 90.54
CA ALA VA 227 5.13 -41.61 89.55
C ALA VA 227 5.02 -42.17 88.15
N ARG VA 228 5.19 -43.48 87.98
CA ARG VA 228 5.05 -44.11 86.67
C ARG VA 228 3.62 -44.03 86.16
N GLU VA 229 2.65 -44.33 87.03
CA GLU VA 229 1.25 -44.19 86.64
C GLU VA 229 0.91 -42.74 86.30
N MET VA 230 1.42 -41.80 87.08
CA MET VA 230 1.13 -40.40 86.79
C MET VA 230 1.80 -39.94 85.50
N VAL VA 231 2.99 -40.47 85.20
CA VAL VA 231 3.65 -40.17 83.94
C VAL VA 231 2.83 -40.71 82.77
N ASP VA 232 2.29 -41.92 82.93
CA ASP VA 232 1.42 -42.48 81.90
C ASP VA 232 0.20 -41.59 81.70
N GLY VA 233 -0.39 -41.11 82.79
CA GLY VA 233 -1.53 -40.22 82.68
C GLY VA 233 -1.19 -38.92 81.98
N VAL VA 234 -0.01 -38.35 82.28
CA VAL VA 234 0.42 -37.14 81.61
C VAL VA 234 0.61 -37.38 80.12
N GLY VA 235 1.21 -38.53 79.77
CA GLY VA 235 1.36 -38.86 78.36
C GLY VA 235 0.02 -38.99 77.64
N HIS VA 236 -0.95 -39.61 78.30
CA HIS VA 236 -2.28 -39.74 77.71
C HIS VA 236 -2.95 -38.38 77.53
N GLU VA 237 -2.87 -37.53 78.55
CA GLU VA 237 -3.54 -36.24 78.48
C GLU VA 237 -2.90 -35.32 77.45
N THR VA 238 -1.57 -35.28 77.42
CA THR VA 238 -0.85 -34.36 76.56
C THR VA 238 -0.89 -34.77 75.09
N GLY VA 239 -1.32 -35.99 74.78
CA GLY VA 239 -1.35 -36.46 73.41
C GLY VA 239 -0.01 -36.90 72.87
N GLU VA 240 0.98 -37.10 73.73
CA GLU VA 240 2.31 -37.54 73.31
C GLU VA 240 2.77 -38.62 74.29
N THR VA 241 2.83 -39.86 73.82
CA THR VA 241 3.18 -40.99 74.67
C THR VA 241 4.60 -41.49 74.49
N GLU VA 242 5.29 -41.09 73.41
CA GLU VA 242 6.67 -41.52 73.22
C GLU VA 242 7.58 -40.97 74.30
N ALA VA 243 7.42 -39.69 74.65
CA ALA VA 243 8.17 -39.12 75.76
C ALA VA 243 7.80 -39.79 77.07
N ALA VA 244 6.50 -40.07 77.27
CA ALA VA 244 6.07 -40.82 78.44
C ALA VA 244 6.67 -42.21 78.45
N PHE VA 245 6.76 -42.84 77.27
CA PHE VA 245 7.41 -44.14 77.17
C PHE VA 245 8.87 -44.07 77.59
N ARG VA 246 9.59 -43.05 77.12
CA ARG VA 246 11.00 -42.91 77.46
C ARG VA 246 11.19 -42.68 78.95
N VAL VA 247 10.37 -41.81 79.56
CA VAL VA 247 10.48 -41.57 80.99
C VAL VA 247 10.11 -42.83 81.77
N ARG VA 248 9.16 -43.61 81.25
CA ARG VA 248 8.82 -44.89 81.86
C ARG VA 248 10.01 -45.82 81.85
N ARG VA 249 10.74 -45.87 80.73
CA ARG VA 249 11.93 -46.73 80.65
C ARG VA 249 13.00 -46.27 81.63
N GLU VA 250 13.23 -44.96 81.73
CA GLU VA 250 14.25 -44.49 82.67
C GLU VA 250 13.85 -44.77 84.11
N LEU VA 251 12.56 -44.64 84.43
CA LEU VA 251 12.12 -44.97 85.78
C LEU VA 251 12.23 -46.47 86.06
N ASP VA 252 11.97 -47.31 85.05
CA ASP VA 252 12.17 -48.74 85.19
C ASP VA 252 13.63 -49.08 85.42
N THR VA 253 14.54 -48.35 84.76
CA THR VA 253 15.96 -48.52 85.06
C THR VA 253 16.29 -48.04 86.47
N VAL VA 254 15.64 -46.96 86.92
CA VAL VA 254 15.92 -46.41 88.24
C VAL VA 254 15.54 -47.40 89.34
N ILE VA 255 14.37 -48.05 89.22
CA ILE VA 255 13.93 -48.93 90.28
C ILE VA 255 14.86 -50.12 90.43
N LEU VA 256 15.63 -50.44 89.38
CA LEU VA 256 16.60 -51.52 89.44
C LEU VA 256 17.73 -51.18 90.41
N THR WA 25 -9.29 -69.43 48.82
CA THR WA 25 -9.79 -70.80 48.89
C THR WA 25 -8.77 -71.77 48.31
N GLU WA 26 -7.55 -71.29 48.07
CA GLU WA 26 -6.51 -72.13 47.50
C GLU WA 26 -6.14 -73.27 48.43
N LYS WA 27 -6.08 -73.00 49.73
CA LYS WA 27 -5.82 -74.08 50.69
C LYS WA 27 -6.88 -75.16 50.63
N LEU WA 28 -8.15 -74.76 50.53
CA LEU WA 28 -9.22 -75.74 50.46
C LEU WA 28 -9.15 -76.56 49.18
N LYS WA 29 -8.84 -75.91 48.06
CA LYS WA 29 -8.69 -76.63 46.80
C LYS WA 29 -7.55 -77.64 46.87
N LYS WA 30 -6.42 -77.23 47.45
CA LYS WA 30 -5.29 -78.16 47.60
C LYS WA 30 -5.64 -79.30 48.54
N ILE WA 31 -6.38 -79.02 49.61
CA ILE WA 31 -6.79 -80.08 50.53
C ILE WA 31 -7.66 -81.10 49.81
N THR WA 32 -8.63 -80.60 49.02
CA THR WA 32 -9.49 -81.51 48.25
C THR WA 32 -8.68 -82.33 47.26
N LYS WA 33 -7.74 -81.68 46.55
CA LYS WA 33 -6.92 -82.41 45.59
C LYS WA 33 -6.10 -83.50 46.26
N LEU WA 34 -5.46 -83.17 47.38
CA LEU WA 34 -4.62 -84.16 48.06
C LEU WA 34 -5.46 -85.28 48.64
N LEU WA 35 -6.67 -84.99 49.13
CA LEU WA 35 -7.55 -86.04 49.61
C LEU WA 35 -7.98 -86.96 48.47
N HIS WA 36 -8.18 -86.44 47.28
CA HIS WA 36 -8.51 -87.32 46.20
C HIS WA 36 -7.32 -88.19 46.04
N GLU WA 37 -6.17 -87.57 45.76
CA GLU WA 37 -5.01 -88.41 45.48
C GLU WA 37 -4.85 -89.52 46.51
N LEU WA 38 -5.03 -89.19 47.79
CA LEU WA 38 -4.89 -90.21 48.83
C LEU WA 38 -5.93 -91.32 48.67
N VAL WA 39 -7.18 -90.94 48.38
CA VAL WA 39 -8.22 -91.95 48.26
C VAL WA 39 -8.06 -92.75 46.98
N ASP WA 40 -7.41 -92.18 45.97
CA ASP WA 40 -7.17 -92.92 44.73
C ASP WA 40 -6.29 -94.14 44.99
N ARG WA 41 -5.19 -93.95 45.72
CA ARG WA 41 -4.27 -95.04 46.04
C ARG WA 41 -4.52 -95.51 47.48
N GLY WA 42 -5.62 -96.25 47.64
CA GLY WA 42 -5.94 -96.81 48.96
C GLY WA 42 -6.11 -95.74 50.00
N GLU WA 43 -5.49 -95.97 51.16
CA GLU WA 43 -5.38 -94.97 52.25
C GLU WA 43 -6.80 -94.63 52.72
N ILE WA 44 -7.20 -93.35 52.70
CA ILE WA 44 -8.47 -92.90 53.24
C ILE WA 44 -9.62 -93.45 52.40
N PRO WA 45 -10.83 -93.60 52.98
CA PRO WA 45 -11.98 -94.04 52.18
C PRO WA 45 -12.56 -92.91 51.33
N GLU WA 46 -13.58 -93.24 50.53
CA GLU WA 46 -14.11 -92.29 49.56
C GLU WA 46 -14.98 -91.21 50.19
N GLU WA 47 -15.62 -91.51 51.32
CA GLU WA 47 -16.57 -90.57 51.91
C GLU WA 47 -15.91 -89.24 52.23
N LEU WA 48 -14.67 -89.27 52.72
CA LEU WA 48 -13.97 -88.04 53.06
C LEU WA 48 -13.72 -87.20 51.82
N ALA WA 49 -13.33 -87.83 50.71
CA ALA WA 49 -13.11 -87.09 49.47
C ALA WA 49 -14.42 -86.51 48.93
N THR WA 50 -15.51 -87.27 49.00
CA THR WA 50 -16.79 -86.76 48.55
C THR WA 50 -17.23 -85.56 49.38
N LEU WA 51 -17.07 -85.65 50.71
CA LEU WA 51 -17.38 -84.51 51.57
C LEU WA 51 -16.50 -83.32 51.23
N ALA WA 52 -15.22 -83.56 50.96
CA ALA WA 52 -14.34 -82.47 50.58
C ALA WA 52 -14.83 -81.78 49.32
N THR WA 53 -15.27 -82.56 48.33
CA THR WA 53 -15.78 -81.97 47.09
C THR WA 53 -17.03 -81.14 47.34
N LEU WA 54 -17.99 -81.71 48.07
CA LEU WA 54 -19.25 -80.99 48.32
C LEU WA 54 -19.00 -79.71 49.11
N LEU WA 55 -18.17 -79.76 50.14
CA LEU WA 55 -17.88 -78.57 50.92
C LEU WA 55 -17.07 -77.56 50.13
N LEU WA 56 -16.19 -78.03 49.24
CA LEU WA 56 -15.44 -77.11 48.39
C LEU WA 56 -16.35 -76.40 47.40
N TYR WA 57 -17.44 -77.05 46.99
CA TYR WA 57 -18.44 -76.33 46.19
C TYR WA 57 -19.21 -75.33 47.04
N LEU WA 58 -19.66 -75.77 48.22
CA LEU WA 58 -20.50 -74.92 49.06
C LEU WA 58 -19.74 -73.66 49.47
N VAL WA 59 -18.54 -73.81 50.01
CA VAL WA 59 -17.59 -72.70 50.11
C VAL WA 59 -17.28 -72.29 48.69
N GLU WA 60 -17.11 -70.99 48.46
CA GLU WA 60 -16.85 -70.44 47.13
C GLU WA 60 -18.13 -70.48 46.29
N LYS WA 61 -19.15 -71.17 46.79
CA LYS WA 61 -20.51 -70.79 46.41
C LYS WA 61 -21.06 -69.73 47.36
N GLY WA 62 -20.44 -69.58 48.52
CA GLY WA 62 -20.83 -68.55 49.47
C GLY WA 62 -21.96 -68.99 50.37
N LEU WA 63 -21.94 -70.25 50.81
CA LEU WA 63 -23.01 -70.78 51.64
C LEU WA 63 -22.54 -71.31 52.98
N ILE WA 64 -21.24 -71.54 53.17
CA ILE WA 64 -20.69 -71.90 54.48
C ILE WA 64 -19.33 -71.23 54.61
N SER WA 65 -18.72 -71.37 55.79
CA SER WA 65 -17.41 -70.80 56.07
C SER WA 65 -16.36 -71.90 56.16
N GLU WA 66 -15.10 -71.50 56.07
CA GLU WA 66 -14.00 -72.45 56.16
C GLU WA 66 -14.00 -73.20 57.47
N PHE WA 67 -14.51 -72.57 58.54
CA PHE WA 67 -14.59 -73.26 59.82
C PHE WA 67 -15.48 -74.48 59.74
N ASP WA 68 -16.64 -74.36 59.07
CA ASP WA 68 -17.52 -75.51 58.91
C ASP WA 68 -16.86 -76.60 58.07
N PHE WA 69 -16.15 -76.19 57.01
CA PHE WA 69 -15.42 -77.15 56.18
C PHE WA 69 -14.45 -77.96 57.02
N ILE WA 70 -13.58 -77.28 57.77
CA ILE WA 70 -12.57 -77.98 58.55
C ILE WA 70 -13.23 -78.80 59.66
N GLU WA 71 -14.29 -78.28 60.28
CA GLU WA 71 -14.95 -79.00 61.36
C GLU WA 71 -15.56 -80.30 60.85
N HIS WA 72 -16.24 -80.25 59.71
CA HIS WA 72 -16.81 -81.45 59.13
C HIS WA 72 -15.73 -82.46 58.74
N LEU WA 73 -14.63 -81.97 58.15
CA LEU WA 73 -13.54 -82.85 57.78
C LEU WA 73 -12.97 -83.56 58.99
N VAL WA 74 -12.75 -82.81 60.07
CA VAL WA 74 -12.18 -83.39 61.29
C VAL WA 74 -13.16 -84.36 61.93
N ARG WA 75 -14.45 -84.03 61.92
CA ARG WA 75 -15.43 -84.95 62.49
C ARG WA 75 -15.47 -86.28 61.72
N LEU WA 76 -15.45 -86.21 60.39
CA LEU WA 76 -15.42 -87.46 59.63
C LEU WA 76 -14.12 -88.22 59.85
N ALA WA 77 -12.99 -87.51 59.92
CA ALA WA 77 -11.72 -88.20 60.17
C ALA WA 77 -11.72 -88.91 61.52
N GLU WA 78 -12.26 -88.25 62.54
CA GLU WA 78 -12.38 -88.89 63.85
C GLU WA 78 -13.32 -90.09 63.80
N LYS WA 79 -14.42 -89.97 63.05
CA LYS WA 79 -15.35 -91.08 62.93
C LYS WA 79 -14.71 -92.29 62.26
N LEU WA 80 -13.92 -92.06 61.21
CA LEU WA 80 -13.28 -93.14 60.47
C LEU WA 80 -11.89 -93.49 61.00
N GLY WA 81 -11.38 -92.75 61.99
CA GLY WA 81 -10.06 -93.03 62.54
C GLY WA 81 -8.95 -92.88 61.54
N VAL WA 82 -8.98 -91.80 60.77
CA VAL WA 82 -7.99 -91.55 59.73
C VAL WA 82 -7.40 -90.15 59.94
N LEU WA 83 -7.47 -89.67 61.18
CA LEU WA 83 -7.09 -88.29 61.47
C LEU WA 83 -5.62 -88.01 61.15
N GLU WA 84 -4.77 -89.03 61.23
CA GLU WA 84 -3.35 -88.82 60.94
C GLU WA 84 -3.13 -88.42 59.49
N GLU WA 85 -3.85 -89.04 58.56
CA GLU WA 85 -3.72 -88.68 57.15
C GLU WA 85 -4.21 -87.26 56.91
N LEU WA 86 -5.30 -86.85 57.57
CA LEU WA 86 -5.76 -85.48 57.46
C LEU WA 86 -4.72 -84.51 58.01
N LYS WA 87 -4.06 -84.88 59.12
CA LYS WA 87 -3.00 -84.05 59.66
C LYS WA 87 -1.86 -83.90 58.65
N LYS WA 88 -1.47 -85.00 58.02
CA LYS WA 88 -0.41 -84.94 57.01
C LYS WA 88 -0.81 -84.06 55.84
N VAL WA 89 -2.07 -84.16 55.39
CA VAL WA 89 -2.53 -83.31 54.30
C VAL WA 89 -2.48 -81.84 54.70
N LEU WA 90 -2.89 -81.53 55.93
CA LEU WA 90 -2.90 -80.14 56.38
C LEU WA 90 -1.48 -79.60 56.54
N GLU WA 91 -0.52 -80.45 56.90
CA GLU WA 91 0.88 -80.01 56.91
C GLU WA 91 1.39 -79.79 55.49
N GLU WA 92 1.05 -80.69 54.56
CA GLU WA 92 1.52 -80.55 53.19
C GLU WA 92 1.00 -79.27 52.55
N VAL WA 93 -0.28 -78.96 52.73
CA VAL WA 93 -0.80 -77.73 52.15
C VAL WA 93 -0.19 -76.51 52.83
N GLY WA 94 0.19 -76.63 54.10
CA GLY WA 94 0.79 -75.53 54.82
C GLY WA 94 -0.23 -74.62 55.45
N ASP WA 95 -1.14 -75.18 56.23
CA ASP WA 95 -2.20 -74.42 56.90
C ASP WA 95 -2.01 -74.52 58.40
N GLU WA 96 -2.00 -73.37 59.07
CA GLU WA 96 -1.87 -73.34 60.53
C GLU WA 96 -3.21 -73.30 61.24
N PHE WA 97 -4.18 -72.59 60.66
CA PHE WA 97 -5.50 -72.50 61.28
C PHE WA 97 -6.17 -73.87 61.35
N GLY WA 98 -6.19 -74.59 60.22
CA GLY WA 98 -6.79 -75.91 60.21
C GLY WA 98 -6.08 -76.89 61.11
N LEU WA 99 -4.74 -76.83 61.13
CA LEU WA 99 -3.98 -77.73 61.98
C LEU WA 99 -4.26 -77.46 63.46
N THR WA 100 -4.33 -76.18 63.84
CA THR WA 100 -4.67 -75.83 65.22
C THR WA 100 -6.07 -76.30 65.56
N LEU WA 101 -7.01 -76.19 64.62
CA LEU WA 101 -8.36 -76.69 64.87
C LEU WA 101 -8.35 -78.20 65.07
N VAL WA 102 -7.55 -78.93 64.29
CA VAL WA 102 -7.45 -80.37 64.45
C VAL WA 102 -6.93 -80.72 65.83
N TYR WA 103 -5.86 -80.03 66.26
CA TYR WA 103 -5.33 -80.27 67.60
C TYR WA 103 -6.36 -79.94 68.67
N ALA WA 104 -7.11 -78.86 68.49
CA ALA WA 104 -8.12 -78.48 69.48
C ALA WA 104 -9.20 -79.55 69.58
N ILE WA 105 -9.67 -80.06 68.44
CA ILE WA 105 -10.72 -81.09 68.48
C ILE WA 105 -10.20 -82.37 69.12
N SER WA 106 -9.00 -82.79 68.74
CA SER WA 106 -8.44 -84.02 69.32
C SER WA 106 -8.23 -83.87 70.82
N LEU WA 107 -7.73 -82.71 71.26
CA LEU WA 107 -7.52 -82.46 72.68
C LEU WA 107 -8.84 -82.41 73.43
N LEU WA 108 -9.88 -81.83 72.82
CA LEU WA 108 -11.19 -81.82 73.45
C LEU WA 108 -11.73 -83.25 73.62
N LYS WA 109 -11.55 -84.08 72.58
CA LYS WA 109 -12.00 -85.46 72.68
C LYS WA 109 -11.25 -86.20 73.78
N GLU WA 110 -9.93 -86.02 73.86
CA GLU WA 110 -9.14 -86.68 74.88
C GLU WA 110 -9.55 -86.21 76.28
N VAL WA 111 -9.79 -84.91 76.45
CA VAL WA 111 -10.20 -84.38 77.74
C VAL WA 111 -11.59 -84.89 78.11
N GLU WA 112 -12.50 -84.98 77.14
CA GLU WA 112 -13.81 -85.58 77.39
C GLU WA 112 -13.66 -87.02 77.86
N LYS WA 113 -12.72 -87.76 77.28
CA LYS WA 113 -12.41 -89.09 77.80
C LYS WA 113 -11.92 -88.99 79.24
N GLU WA 114 -11.06 -88.00 79.53
CA GLU WA 114 -10.58 -87.81 80.90
C GLU WA 114 -11.68 -87.30 81.81
N GLY WA 115 -12.39 -86.25 81.38
CA GLY WA 115 -13.48 -85.71 82.17
C GLY WA 115 -13.13 -84.63 83.16
N ASP WA 116 -12.20 -83.73 82.83
CA ASP WA 116 -11.80 -82.68 83.75
C ASP WA 116 -12.37 -81.34 83.28
N GLU WA 117 -13.01 -80.61 84.19
CA GLU WA 117 -13.85 -79.47 83.80
C GLU WA 117 -13.02 -78.26 83.39
N GLU WA 118 -11.94 -77.95 84.11
CA GLU WA 118 -11.19 -76.74 83.82
C GLU WA 118 -10.58 -76.79 82.42
N LEU WA 119 -10.01 -77.93 82.03
CA LEU WA 119 -9.55 -78.07 80.66
C LEU WA 119 -10.71 -78.06 79.66
N LYS WA 120 -11.91 -78.51 80.07
CA LYS WA 120 -13.07 -78.34 79.21
C LYS WA 120 -13.30 -76.88 78.89
N GLU WA 121 -13.33 -76.03 79.91
CA GLU WA 121 -13.52 -74.60 79.69
C GLU WA 121 -12.39 -74.03 78.85
N TYR WA 122 -11.15 -74.46 79.13
CA TYR WA 122 -9.98 -73.95 78.42
C TYR WA 122 -10.10 -74.25 76.93
N VAL WA 123 -10.42 -75.50 76.58
CA VAL WA 123 -10.48 -75.88 75.18
C VAL WA 123 -11.70 -75.28 74.50
N LYS WA 124 -12.81 -75.10 75.22
CA LYS WA 124 -13.96 -74.42 74.61
C LYS WA 124 -13.64 -72.97 74.28
N LEU WA 125 -12.94 -72.27 75.18
CA LEU WA 125 -12.50 -70.91 74.89
C LEU WA 125 -11.54 -70.90 73.71
N ALA WA 126 -10.63 -71.88 73.66
CA ALA WA 126 -9.70 -71.98 72.55
C ALA WA 126 -10.43 -72.17 71.22
N ILE WA 127 -11.45 -73.03 71.21
CA ILE WA 127 -12.20 -73.30 69.99
C ILE WA 127 -12.99 -72.06 69.56
N GLU WA 128 -13.60 -71.36 70.51
CA GLU WA 128 -14.32 -70.15 70.16
C GLU WA 128 -13.39 -69.09 69.58
N THR WA 129 -12.20 -68.93 70.18
CA THR WA 129 -11.22 -67.99 69.64
C THR WA 129 -10.75 -68.43 68.26
N LEU WA 130 -10.60 -69.73 68.05
CA LEU WA 130 -10.21 -70.24 66.74
C LEU WA 130 -11.27 -69.93 65.70
N LYS WA 131 -12.55 -70.08 66.06
CA LYS WA 131 -13.63 -69.72 65.14
C LYS WA 131 -13.60 -68.23 64.81
N GLU WA 132 -13.40 -67.39 65.83
CA GLU WA 132 -13.35 -65.96 65.59
C GLU WA 132 -12.18 -65.59 64.69
N ALA WA 133 -11.03 -66.25 64.86
CA ALA WA 133 -9.90 -66.03 63.97
C ALA WA 133 -10.22 -66.48 62.56
N PHE WA 134 -10.77 -67.69 62.42
CA PHE WA 134 -11.15 -68.22 61.12
C PHE WA 134 -12.10 -67.29 60.38
N GLU WA 135 -12.93 -66.55 61.11
CA GLU WA 135 -13.84 -65.61 60.47
C GLU WA 135 -13.12 -64.65 59.55
N ARG WA 136 -11.93 -64.17 59.95
CA ARG WA 136 -11.19 -63.22 59.14
C ARG WA 136 -9.68 -63.47 59.11
N LYS WA 137 -9.22 -64.65 59.55
CA LYS WA 137 -7.79 -64.96 59.61
C LYS WA 137 -7.03 -63.93 60.44
N ASN WA 138 -7.46 -63.80 61.70
CA ASN WA 138 -6.85 -62.86 62.63
C ASN WA 138 -5.78 -63.62 63.41
N TYR WA 139 -4.53 -63.20 63.25
CA TYR WA 139 -3.41 -64.02 63.70
C TYR WA 139 -3.28 -64.01 65.22
N ALA WA 140 -3.74 -62.94 65.88
CA ALA WA 140 -3.54 -62.80 67.32
C ALA WA 140 -4.36 -63.82 68.11
N LEU WA 141 -5.65 -63.96 67.76
CA LEU WA 141 -6.45 -65.00 68.41
C LEU WA 141 -5.93 -66.39 68.07
N LEU WA 142 -5.32 -66.55 66.89
CA LEU WA 142 -4.66 -67.80 66.58
C LEU WA 142 -3.51 -68.08 67.54
N VAL WA 143 -2.72 -67.04 67.85
CA VAL WA 143 -1.64 -67.20 68.82
C VAL WA 143 -2.20 -67.58 70.19
N SER WA 144 -3.27 -66.91 70.62
CA SER WA 144 -3.87 -67.20 71.91
C SER WA 144 -4.35 -68.65 71.98
N ALA WA 145 -5.07 -69.08 70.95
CA ALA WA 145 -5.57 -70.46 70.91
C ALA WA 145 -4.43 -71.46 70.87
N LYS WA 146 -3.37 -71.15 70.11
CA LYS WA 146 -2.22 -72.03 70.06
C LYS WA 146 -1.59 -72.19 71.44
N ILE WA 147 -1.45 -71.07 72.16
CA ILE WA 147 -0.90 -71.12 73.51
C ILE WA 147 -1.76 -72.01 74.39
N ILE WA 148 -3.08 -71.80 74.34
CA ILE WA 148 -3.99 -72.56 75.21
C ILE WA 148 -3.88 -74.05 74.90
N VAL WA 149 -3.89 -74.41 73.62
CA VAL WA 149 -3.91 -75.83 73.26
C VAL WA 149 -2.58 -76.50 73.58
N GLU WA 150 -1.44 -75.79 73.37
CA GLU WA 150 -0.17 -76.44 73.67
C GLU WA 150 0.03 -76.60 75.17
N ASN WA 151 -0.39 -75.60 75.96
CA ASN WA 151 -0.29 -75.76 77.40
C ASN WA 151 -1.21 -76.88 77.90
N ALA WA 152 -2.41 -77.00 77.32
CA ALA WA 152 -3.29 -78.09 77.69
C ALA WA 152 -2.68 -79.45 77.34
N GLU WA 153 -2.08 -79.55 76.14
CA GLU WA 153 -1.44 -80.79 75.74
C GLU WA 153 -0.31 -81.15 76.70
N GLU WA 154 0.49 -80.16 77.08
CA GLU WA 154 1.55 -80.41 78.07
C GLU WA 154 0.96 -80.84 79.41
N ILE WA 155 -0.21 -80.29 79.77
CA ILE WA 155 -0.89 -80.71 80.99
C ILE WA 155 -1.25 -82.19 80.92
N LEU WA 156 -1.82 -82.63 79.79
CA LEU WA 156 -2.16 -84.03 79.66
C LEU WA 156 -0.92 -84.93 79.68
N LYS WA 157 0.17 -84.50 79.04
CA LYS WA 157 1.40 -85.29 79.11
C LYS WA 157 1.90 -85.40 80.54
N ALA WA 158 1.93 -84.29 81.28
CA ALA WA 158 2.39 -84.31 82.67
C ALA WA 158 1.43 -85.09 83.57
N LYS WA 159 0.17 -85.23 83.16
CA LYS WA 159 -0.78 -86.02 83.95
C LYS WA 159 -0.31 -87.46 84.06
N LYS WA 160 0.09 -88.07 82.95
CA LYS WA 160 0.64 -89.42 83.01
C LYS WA 160 2.09 -89.41 83.50
N LYS WA 161 2.83 -88.33 83.24
CA LYS WA 161 4.18 -88.23 83.79
C LYS WA 161 4.15 -88.08 85.30
N GLY WA 162 3.35 -87.16 85.81
CA GLY WA 162 3.17 -87.00 87.24
C GLY WA 162 4.11 -85.98 87.88
N ASP WA 163 4.30 -84.84 87.24
CA ASP WA 163 5.13 -83.76 87.76
C ASP WA 163 4.17 -82.62 88.10
N GLU WA 164 3.83 -82.49 89.38
CA GLU WA 164 2.80 -81.55 89.81
C GLU WA 164 3.24 -80.10 89.62
N GLU WA 165 4.53 -79.81 89.83
CA GLU WA 165 5.00 -78.45 89.66
C GLU WA 165 4.75 -77.96 88.24
N LYS WA 166 5.02 -78.81 87.25
CA LYS WA 166 4.81 -78.44 85.86
C LYS WA 166 3.33 -78.22 85.56
N ILE WA 167 2.44 -79.04 86.12
CA ILE WA 167 1.02 -78.86 85.86
C ILE WA 167 0.52 -77.57 86.48
N LYS WA 168 1.01 -77.23 87.68
CA LYS WA 168 0.64 -75.95 88.27
C LYS WA 168 1.13 -74.79 87.43
N GLU WA 169 2.36 -74.88 86.92
CA GLU WA 169 2.89 -73.83 86.05
C GLU WA 169 2.05 -73.69 84.79
N LEU WA 170 1.63 -74.81 84.20
CA LEU WA 170 0.82 -74.75 83.00
C LEU WA 170 -0.57 -74.17 83.28
N LEU WA 171 -1.15 -74.48 84.44
CA LEU WA 171 -2.40 -73.84 84.83
C LEU WA 171 -2.22 -72.33 84.99
N GLN WA 172 -1.09 -71.91 85.54
CA GLN WA 172 -0.80 -70.47 85.63
C GLN WA 172 -0.75 -69.85 84.23
N ARG WA 173 -0.06 -70.51 83.30
CA ARG WA 173 0.01 -70.00 81.93
C ARG WA 173 -1.37 -69.92 81.30
N LEU WA 174 -2.20 -70.93 81.53
CA LEU WA 174 -3.55 -70.93 80.94
C LEU WA 174 -4.42 -69.85 81.55
N LYS WA 175 -4.29 -69.59 82.86
CA LYS WA 175 -5.00 -68.48 83.46
C LYS WA 175 -4.57 -67.15 82.85
N ALA WA 176 -3.27 -66.97 82.65
CA ALA WA 176 -2.78 -65.77 81.99
C ALA WA 176 -3.37 -65.63 80.59
N ALA WA 177 -3.42 -66.73 79.85
CA ALA WA 177 -3.99 -66.70 78.50
C ALA WA 177 -5.47 -66.35 78.52
N LYS WA 178 -6.22 -66.91 79.46
CA LYS WA 178 -7.64 -66.59 79.57
C LYS WA 178 -7.84 -65.11 79.87
N ILE WA 179 -7.03 -64.57 80.78
CA ILE WA 179 -7.13 -63.15 81.09
C ILE WA 179 -6.79 -62.31 79.87
N GLY WA 180 -5.77 -62.71 79.11
CA GLY WA 180 -5.27 -61.86 78.04
C GLY WA 180 -6.11 -61.91 76.78
N THR WA 181 -6.82 -63.01 76.54
CA THR WA 181 -7.51 -63.19 75.26
C THR WA 181 -8.51 -62.07 74.94
N PRO WA 182 -9.44 -61.71 75.84
CA PRO WA 182 -10.28 -60.54 75.52
C PRO WA 182 -9.48 -59.28 75.33
N LEU WA 183 -8.38 -59.12 76.08
CA LEU WA 183 -7.56 -57.92 75.95
C LEU WA 183 -6.91 -57.83 74.58
N VAL WA 184 -6.37 -58.94 74.07
CA VAL WA 184 -5.73 -58.90 72.75
C VAL WA 184 -6.77 -58.72 71.66
N ARG WA 185 -7.92 -59.37 71.80
CA ARG WA 185 -9.01 -59.13 70.83
C ARG WA 185 -9.37 -57.65 70.79
N GLU WA 186 -9.54 -57.04 71.96
CA GLU WA 186 -9.91 -55.63 72.02
C GLU WA 186 -8.81 -54.74 71.44
N VAL WA 187 -7.54 -55.05 71.73
CA VAL WA 187 -6.45 -54.24 71.24
C VAL WA 187 -6.42 -54.26 69.71
N VAL WA 188 -6.55 -55.45 69.13
CA VAL WA 188 -6.57 -55.54 67.66
C VAL WA 188 -7.77 -54.79 67.09
N GLU WA 189 -8.94 -54.95 67.71
CA GLU WA 189 -10.14 -54.29 67.21
C GLU WA 189 -9.98 -52.77 67.23
N ARG WA 190 -9.47 -52.23 68.34
CA ARG WA 190 -9.29 -50.79 68.46
C ARG WA 190 -8.25 -50.28 67.46
N TYR WA 191 -7.14 -51.01 67.31
CA TYR WA 191 -6.13 -50.56 66.35
C TYR WA 191 -6.63 -50.62 64.92
N ARG WA 192 -7.57 -51.51 64.61
CA ARG WA 192 -8.08 -51.64 63.25
C ARG WA 192 -8.59 -50.33 62.68
N GLU WA 193 -9.42 -49.60 63.41
CA GLU WA 193 -10.03 -48.39 62.87
C GLU WA 193 -9.90 -47.17 63.78
N GLU WA 194 -9.82 -47.35 65.10
CA GLU WA 194 -9.84 -46.20 66.00
C GLU WA 194 -8.61 -45.31 65.81
N GLY WA 195 -7.43 -45.92 65.67
CA GLY WA 195 -6.25 -45.20 65.26
C GLY WA 195 -5.26 -44.79 66.34
N GLU WA 196 -5.35 -45.44 67.49
CA GLU WA 196 -4.43 -45.15 68.58
C GLU WA 196 -2.99 -45.56 68.22
N PRO WA 197 -2.06 -45.33 69.14
CA PRO WA 197 -0.67 -45.73 68.89
C PRO WA 197 -0.45 -47.13 69.40
N LEU WA 198 -0.31 -48.07 68.50
CA LEU WA 198 -0.21 -49.46 68.92
C LEU WA 198 0.63 -49.65 70.14
N LEU WA 199 1.82 -49.12 70.14
CA LEU WA 199 2.71 -49.43 71.26
C LEU WA 199 2.04 -49.11 72.61
N ASP WA 200 1.29 -48.00 72.67
CA ASP WA 200 0.64 -47.62 73.91
C ASP WA 200 -0.39 -48.66 74.33
N LEU WA 201 -1.24 -49.09 73.39
CA LEU WA 201 -2.23 -50.12 73.69
C LEU WA 201 -1.56 -51.44 74.03
N LEU WA 202 -0.47 -51.79 73.34
CA LEU WA 202 0.25 -53.02 73.67
C LEU WA 202 0.76 -52.99 75.10
N LEU WA 203 1.36 -51.86 75.50
CA LEU WA 203 1.89 -51.75 76.85
C LEU WA 203 0.78 -51.80 77.89
N HIS WA 204 -0.33 -51.11 77.62
CA HIS WA 204 -1.45 -51.14 78.56
C HIS WA 204 -2.03 -52.55 78.68
N MET WA 205 -2.17 -53.25 77.56
CA MET WA 205 -2.69 -54.61 77.60
C MET WA 205 -1.75 -55.53 78.37
N ALA WA 206 -0.44 -55.41 78.14
CA ALA WA 206 0.51 -56.25 78.87
C ALA WA 206 0.46 -55.97 80.36
N GLU WA 207 0.43 -54.69 80.74
CA GLU WA 207 0.38 -54.35 82.16
C GLU WA 207 -0.91 -54.83 82.81
N THR WA 208 -2.04 -54.68 82.11
CA THR WA 208 -3.31 -55.18 82.63
C THR WA 208 -3.27 -56.69 82.80
N THR WA 209 -2.69 -57.40 81.83
CA THR WA 209 -2.57 -58.84 81.93
C THR WA 209 -1.73 -59.23 83.14
N ILE WA 210 -0.60 -58.56 83.35
CA ILE WA 210 0.26 -58.88 84.49
C ILE WA 210 -0.46 -58.61 85.80
N ARG WA 211 -1.13 -57.46 85.90
CA ARG WA 211 -1.81 -57.11 87.14
C ARG WA 211 -2.94 -58.09 87.45
N GLU WA 212 -3.76 -58.41 86.45
CA GLU WA 212 -4.87 -59.33 86.68
C GLU WA 212 -4.36 -60.74 86.97
N SER WA 213 -3.25 -61.15 86.34
CA SER WA 213 -2.69 -62.46 86.59
C SER WA 213 -2.13 -62.58 87.99
N GLU WA 214 -1.44 -61.52 88.47
CA GLU WA 214 -0.92 -61.57 89.83
C GLU WA 214 -2.04 -61.38 90.85
N LYS WA 215 -3.18 -60.83 90.43
CA LYS WA 215 -4.36 -60.80 91.29
C LYS WA 215 -4.93 -62.19 91.53
N LEU WA 216 -4.57 -63.17 90.70
CA LEU WA 216 -5.01 -64.55 90.85
C LEU WA 216 -3.94 -65.43 91.50
N GLY WA 217 -2.89 -64.81 92.04
CA GLY WA 217 -1.83 -65.54 92.72
C GLY WA 217 -0.69 -65.98 91.82
N VAL WA 218 -0.75 -65.66 90.52
CA VAL WA 218 0.26 -66.14 89.59
C VAL WA 218 1.40 -65.14 89.51
N ASP WA 219 2.61 -65.68 89.47
CA ASP WA 219 3.79 -64.86 89.35
C ASP WA 219 3.71 -63.87 88.24
N PRO WA 220 4.59 -62.89 88.28
CA PRO WA 220 4.63 -61.93 87.19
C PRO WA 220 5.76 -62.36 86.33
N ARG WA 221 6.00 -63.65 86.30
CA ARG WA 221 7.01 -64.15 85.41
C ARG WA 221 6.38 -64.85 84.21
N LEU WA 222 5.97 -66.10 84.39
CA LEU WA 222 5.48 -66.85 83.24
C LEU WA 222 4.32 -66.12 82.56
N ALA WA 223 3.50 -65.41 83.34
CA ALA WA 223 2.49 -64.56 82.73
C ALA WA 223 3.13 -63.47 81.88
N ALA WA 224 4.32 -63.01 82.28
CA ALA WA 224 5.06 -62.06 81.45
C ALA WA 224 5.43 -62.68 80.11
N GLU WA 225 5.88 -63.93 80.10
CA GLU WA 225 6.22 -64.56 78.84
C GLU WA 225 4.98 -64.83 77.99
N VAL WA 226 3.84 -65.13 78.63
CA VAL WA 226 2.59 -65.28 77.89
C VAL WA 226 2.21 -63.96 77.21
N ALA WA 227 2.30 -62.86 77.96
CA ALA WA 227 2.04 -61.55 77.39
C ALA WA 227 3.03 -61.22 76.29
N ARG WA 228 4.28 -61.68 76.42
CA ARG WA 228 5.28 -61.44 75.38
C ARG WA 228 4.93 -62.17 74.09
N GLU WA 229 4.52 -63.43 74.20
CA GLU WA 229 4.08 -64.17 73.01
C GLU WA 229 2.87 -63.50 72.37
N MET WA 230 1.92 -63.05 73.18
CA MET WA 230 0.73 -62.40 72.63
C MET WA 230 1.08 -61.07 71.99
N VAL WA 231 2.05 -60.34 72.55
CA VAL WA 231 2.51 -59.09 71.95
C VAL WA 231 3.16 -59.37 70.60
N ASP WA 232 3.95 -60.45 70.52
CA ASP WA 232 4.54 -60.84 69.25
C ASP WA 232 3.45 -61.15 68.22
N GLY WA 233 2.42 -61.88 68.66
CA GLY WA 233 1.31 -62.17 67.76
C GLY WA 233 0.59 -60.92 67.28
N VAL WA 234 0.39 -59.96 68.19
CA VAL WA 234 -0.25 -58.70 67.80
C VAL WA 234 0.62 -57.96 66.79
N GLY WA 235 1.93 -57.93 67.00
CA GLY WA 235 2.82 -57.31 66.05
C GLY WA 235 2.76 -57.97 64.68
N HIS WA 236 2.71 -59.30 64.66
CA HIS WA 236 2.62 -60.01 63.38
C HIS WA 236 1.30 -59.70 62.68
N GLU WA 237 0.18 -59.72 63.43
CA GLU WA 237 -1.12 -59.52 62.80
C GLU WA 237 -1.28 -58.08 62.30
N THR WA 238 -0.85 -57.11 63.10
CA THR WA 238 -1.06 -55.70 62.77
C THR WA 238 -0.14 -55.21 61.66
N GLY WA 239 0.88 -56.00 61.29
CA GLY WA 239 1.81 -55.56 60.26
C GLY WA 239 2.85 -54.58 60.72
N GLU WA 240 3.01 -54.40 62.03
CA GLU WA 240 4.00 -53.48 62.57
C GLU WA 240 4.69 -54.18 63.74
N THR WA 241 5.97 -54.53 63.55
CA THR WA 241 6.71 -55.28 64.56
C THR WA 241 7.68 -54.43 65.35
N GLU WA 242 8.00 -53.22 64.90
CA GLU WA 242 8.92 -52.36 65.66
C GLU WA 242 8.32 -51.97 67.01
N ALA WA 243 7.04 -51.61 67.02
CA ALA WA 243 6.37 -51.34 68.30
C ALA WA 243 6.29 -52.59 69.15
N ALA WA 244 6.02 -53.74 68.54
CA ALA WA 244 6.05 -55.00 69.25
C ALA WA 244 7.45 -55.28 69.79
N PHE WA 245 8.48 -54.95 69.02
CA PHE WA 245 9.85 -55.11 69.49
C PHE WA 245 10.12 -54.24 70.71
N ARG WA 246 9.66 -52.98 70.67
CA ARG WA 246 9.89 -52.09 71.80
C ARG WA 246 9.16 -52.57 73.05
N VAL WA 247 7.91 -53.01 72.91
CA VAL WA 247 7.18 -53.52 74.06
C VAL WA 247 7.83 -54.80 74.58
N ARG WA 248 8.36 -55.62 73.67
CA ARG WA 248 9.11 -56.80 74.08
C ARG WA 248 10.32 -56.42 74.92
N ARG WA 249 11.04 -55.38 74.50
CA ARG WA 249 12.20 -54.93 75.27
C ARG WA 249 11.80 -54.42 76.65
N GLU WA 250 10.72 -53.65 76.73
CA GLU WA 250 10.27 -53.15 78.03
C GLU WA 250 9.82 -54.29 78.94
N LEU WA 251 9.15 -55.29 78.37
CA LEU WA 251 8.74 -56.44 79.18
C LEU WA 251 9.96 -57.25 79.64
N ASP WA 252 10.98 -57.37 78.78
CA ASP WA 252 12.22 -58.02 79.18
C ASP WA 252 12.92 -57.27 80.30
N THR WA 253 12.85 -55.93 80.28
CA THR WA 253 13.36 -55.16 81.40
C THR WA 253 12.50 -55.37 82.65
N VAL WA 254 11.19 -55.51 82.48
CA VAL WA 254 10.28 -55.69 83.61
C VAL WA 254 10.57 -56.99 84.34
N ILE WA 255 10.79 -58.09 83.59
CA ILE WA 255 10.97 -59.38 84.24
C ILE WA 255 12.25 -59.39 85.07
N LEU WA 256 13.19 -58.49 84.77
CA LEU WA 256 14.42 -58.38 85.55
C LEU WA 256 14.13 -57.89 86.97
N THR XA 25 37.03 -65.73 39.96
CA THR XA 25 38.01 -66.81 39.86
C THR XA 25 39.41 -66.29 40.15
N GLU XA 26 39.50 -65.07 40.67
CA GLU XA 26 40.80 -64.47 40.96
C GLU XA 26 41.53 -65.26 42.04
N LYS XA 27 40.80 -65.72 43.06
CA LYS XA 27 41.43 -66.54 44.09
C LYS XA 27 42.03 -67.81 43.50
N LEU XA 28 41.30 -68.46 42.59
CA LEU XA 28 41.81 -69.69 41.99
C LEU XA 28 43.04 -69.42 41.13
N LYS XA 29 43.02 -68.31 40.37
CA LYS XA 29 44.20 -67.96 39.57
C LYS XA 29 45.40 -67.69 40.46
N LYS XA 30 45.21 -66.97 41.56
CA LYS XA 30 46.31 -66.70 42.48
C LYS XA 30 46.82 -68.00 43.12
N ILE XA 31 45.91 -68.91 43.46
CA ILE XA 31 46.31 -70.19 44.04
C ILE XA 31 47.17 -70.96 43.05
N THR XA 32 46.73 -71.01 41.78
CA THR XA 32 47.51 -71.70 40.76
C THR XA 32 48.88 -71.06 40.58
N LYS XA 33 48.93 -69.72 40.55
CA LYS XA 33 50.20 -69.02 40.38
C LYS XA 33 51.14 -69.33 41.54
N LEU XA 34 50.64 -69.26 42.77
CA LEU XA 34 51.50 -69.50 43.94
C LEU XA 34 51.95 -70.95 44.00
N LEU XA 35 51.10 -71.89 43.59
CA LEU XA 35 51.52 -73.29 43.53
C LEU XA 35 52.60 -73.49 42.48
N HIS XA 36 52.56 -72.79 41.38
CA HIS XA 36 53.63 -72.94 40.43
C HIS XA 36 54.83 -72.45 41.16
N GLU XA 37 54.81 -71.20 41.57
CA GLU XA 37 56.02 -70.65 42.17
C GLU XA 37 56.62 -71.61 43.18
N LEU XA 38 55.78 -72.20 44.04
CA LEU XA 38 56.28 -73.13 45.04
C LEU XA 38 56.94 -74.34 44.40
N VAL XA 39 56.31 -74.90 43.36
CA VAL XA 39 56.87 -76.09 42.73
C VAL XA 39 58.12 -75.75 41.94
N ASP XA 40 58.25 -74.50 41.49
CA ASP XA 40 59.45 -74.10 40.76
C ASP XA 40 60.69 -74.22 41.64
N ARG XA 41 60.60 -73.70 42.87
CA ARG XA 41 61.72 -73.76 43.81
C ARG XA 41 61.47 -74.89 44.83
N GLY XA 42 61.66 -76.12 44.36
CA GLY XA 42 61.52 -77.27 45.23
C GLY XA 42 60.13 -77.37 45.83
N GLU XA 43 60.08 -77.61 47.14
CA GLU XA 43 58.84 -77.58 47.93
C GLU XA 43 57.88 -78.63 47.38
N ILE XA 44 56.67 -78.25 46.98
CA ILE XA 44 55.64 -79.21 46.56
C ILE XA 44 56.04 -79.88 45.25
N PRO XA 45 55.54 -81.09 44.97
CA PRO XA 45 55.84 -81.74 43.68
C PRO XA 45 55.02 -81.16 42.54
N GLU XA 46 55.27 -81.65 41.33
CA GLU XA 46 54.67 -81.07 40.13
C GLU XA 46 53.21 -81.46 39.94
N GLU XA 47 52.80 -82.61 40.46
CA GLU XA 47 51.44 -83.10 40.23
C GLU XA 47 50.40 -82.12 40.74
N LEU XA 48 50.66 -81.50 41.89
CA LEU XA 48 49.70 -80.55 42.44
C LEU XA 48 49.56 -79.33 41.55
N ALA XA 49 50.66 -78.83 40.99
CA ALA XA 49 50.58 -77.69 40.09
C ALA XA 49 49.87 -78.05 38.79
N THR XA 50 50.13 -79.25 38.26
CA THR XA 50 49.43 -79.68 37.05
C THR XA 50 47.93 -79.79 37.30
N LEU XA 51 47.54 -80.37 38.43
CA LEU XA 51 46.12 -80.44 38.77
C LEU XA 51 45.53 -79.05 38.92
N ALA XA 52 46.28 -78.13 39.53
CA ALA XA 52 45.79 -76.76 39.67
C ALA XA 52 45.54 -76.14 38.30
N THR XA 53 46.44 -76.37 37.35
CA THR XA 53 46.25 -75.81 36.01
C THR XA 53 45.02 -76.41 35.33
N LEU XA 54 44.89 -77.74 35.36
CA LEU XA 54 43.76 -78.38 34.70
C LEU XA 54 42.44 -77.94 35.32
N LEU XA 55 42.36 -77.90 36.64
CA LEU XA 55 41.13 -77.48 37.29
C LEU XA 55 40.86 -75.99 37.07
N LEU XA 56 41.90 -75.17 36.97
CA LEU XA 56 41.70 -73.75 36.68
C LEU XA 56 41.17 -73.56 35.26
N TYR XA 57 41.52 -74.45 34.33
CA TYR XA 57 40.90 -74.40 33.02
C TYR XA 57 39.44 -74.86 33.08
N LEU XA 58 39.20 -75.98 33.76
CA LEU XA 58 37.86 -76.56 33.82
C LEU XA 58 36.87 -75.59 34.46
N VAL XA 59 37.20 -75.08 35.64
CA VAL XA 59 36.53 -73.90 36.18
C VAL XA 59 36.84 -72.77 35.21
N GLU XA 60 35.89 -71.87 35.00
CA GLU XA 60 36.01 -70.76 34.06
C GLU XA 60 35.94 -71.27 32.63
N LYS XA 61 36.00 -72.59 32.44
CA LYS XA 61 35.36 -73.18 31.26
C LYS XA 61 33.91 -73.49 31.54
N GLY XA 62 33.53 -73.56 32.82
CA GLY XA 62 32.14 -73.78 33.19
C GLY XA 62 31.78 -75.25 33.24
N LEU XA 63 32.69 -76.08 33.73
CA LEU XA 63 32.46 -77.52 33.77
C LEU XA 63 32.54 -78.12 35.17
N ILE XA 64 33.09 -77.39 36.15
CA ILE XA 64 33.08 -77.83 37.54
C ILE XA 64 32.91 -76.61 38.43
N SER XA 65 32.77 -76.82 39.73
CA SER XA 65 32.61 -75.74 40.69
C SER XA 65 33.87 -75.60 41.53
N GLU XA 66 33.98 -74.45 42.21
CA GLU XA 66 35.14 -74.20 43.07
C GLU XA 66 35.26 -75.24 44.17
N PHE XA 67 34.13 -75.80 44.61
CA PHE XA 67 34.18 -76.84 45.63
C PHE XA 67 34.97 -78.05 45.15
N ASP XA 68 34.73 -78.47 43.90
CA ASP XA 68 35.49 -79.60 43.36
C ASP XA 68 36.97 -79.26 43.24
N PHE XA 69 37.28 -78.05 42.81
CA PHE XA 69 38.67 -77.60 42.73
C PHE XA 69 39.36 -77.74 44.08
N ILE XA 70 38.77 -77.15 45.12
CA ILE XA 70 39.40 -77.18 46.44
C ILE XA 70 39.45 -78.60 46.99
N GLU XA 71 38.41 -79.39 46.74
CA GLU XA 71 38.38 -80.76 47.26
C GLU XA 71 39.47 -81.60 46.62
N HIS XA 72 39.65 -81.48 45.30
CA HIS XA 72 40.73 -82.22 44.64
C HIS XA 72 42.09 -81.77 45.13
N LEU XA 73 42.27 -80.45 45.29
CA LEU XA 73 43.55 -79.94 45.78
C LEU XA 73 43.86 -80.49 47.17
N VAL XA 74 42.87 -80.50 48.06
CA VAL XA 74 43.09 -80.97 49.42
C VAL XA 74 43.34 -82.48 49.41
N ARG XA 75 42.62 -83.23 48.57
CA ARG XA 75 42.85 -84.67 48.51
C ARG XA 75 44.27 -84.98 48.04
N LEU XA 76 44.76 -84.28 47.01
CA LEU XA 76 46.12 -84.52 46.58
C LEU XA 76 47.14 -84.09 47.64
N ALA XA 77 46.87 -82.97 48.32
CA ALA XA 77 47.79 -82.53 49.38
C ALA XA 77 47.87 -83.55 50.50
N GLU XA 78 46.72 -84.12 50.88
CA GLU XA 78 46.71 -85.16 51.90
C GLU XA 78 47.44 -86.41 51.41
N LYS XA 79 47.26 -86.76 50.14
CA LYS XA 79 47.94 -87.93 49.59
C LYS XA 79 49.46 -87.75 49.61
N LEU XA 80 49.94 -86.57 49.26
CA LEU XA 80 51.37 -86.29 49.22
C LEU XA 80 51.93 -85.74 50.52
N GLY XA 81 51.09 -85.49 51.51
CA GLY XA 81 51.55 -84.97 52.79
C GLY XA 81 52.19 -83.61 52.70
N VAL XA 82 51.56 -82.70 51.95
CA VAL XA 82 52.08 -81.37 51.73
C VAL XA 82 51.01 -80.35 52.09
N LEU XA 83 50.08 -80.76 52.96
CA LEU XA 83 48.91 -79.94 53.28
C LEU XA 83 49.30 -78.60 53.90
N GLU XA 84 50.43 -78.55 54.61
CA GLU XA 84 50.84 -77.30 55.24
C GLU XA 84 51.13 -76.23 54.21
N GLU XA 85 51.80 -76.59 53.11
CA GLU XA 85 52.09 -75.63 52.05
C GLU XA 85 50.80 -75.13 51.40
N LEU XA 86 49.83 -76.02 51.19
CA LEU XA 86 48.54 -75.60 50.67
C LEU XA 86 47.83 -74.64 51.63
N LYS XA 87 47.94 -74.92 52.94
CA LYS XA 87 47.38 -74.00 53.93
C LYS XA 87 48.04 -72.63 53.84
N LYS XA 88 49.36 -72.60 53.71
CA LYS XA 88 50.07 -71.33 53.58
C LYS XA 88 49.62 -70.58 52.32
N VAL XA 89 49.47 -71.30 51.21
CA VAL XA 89 49.01 -70.67 49.97
C VAL XA 89 47.62 -70.07 50.15
N LEU XA 90 46.73 -70.81 50.81
CA LEU XA 90 45.37 -70.34 51.00
C LEU XA 90 45.31 -69.15 51.94
N GLU XA 91 46.23 -69.08 52.91
CA GLU XA 91 46.32 -67.88 53.74
C GLU XA 91 46.86 -66.69 52.94
N GLU XA 92 47.88 -66.94 52.10
CA GLU XA 92 48.46 -65.86 51.31
C GLU XA 92 47.45 -65.25 50.35
N VAL XA 93 46.67 -66.10 49.67
CA VAL XA 93 45.67 -65.56 48.74
C VAL XA 93 44.57 -64.85 49.51
N GLY XA 94 44.31 -65.26 50.74
CA GLY XA 94 43.28 -64.64 51.55
C GLY XA 94 41.90 -65.20 51.31
N ASP XA 95 41.77 -66.52 51.42
CA ASP XA 95 40.51 -67.21 51.19
C ASP XA 95 40.06 -67.88 52.48
N GLU XA 96 38.82 -67.62 52.87
CA GLU XA 96 38.27 -68.22 54.08
C GLU XA 96 37.50 -69.49 53.80
N PHE XA 97 36.78 -69.55 52.67
CA PHE XA 97 36.02 -70.75 52.32
C PHE XA 97 36.94 -71.94 52.11
N GLY XA 98 37.99 -71.76 51.31
CA GLY XA 98 38.92 -72.85 51.07
C GLY XA 98 39.65 -73.29 52.33
N LEU XA 99 40.05 -72.32 53.16
CA LEU XA 99 40.73 -72.66 54.41
C LEU XA 99 39.81 -73.44 55.34
N THR XA 100 38.55 -73.03 55.45
CA THR XA 100 37.60 -73.76 56.26
C THR XA 100 37.38 -75.18 55.72
N LEU XA 101 37.35 -75.31 54.39
CA LEU XA 101 37.22 -76.65 53.80
C LEU XA 101 38.44 -77.51 54.14
N VAL XA 102 39.63 -76.92 54.11
CA VAL XA 102 40.85 -77.65 54.46
C VAL XA 102 40.77 -78.14 55.90
N TYR XA 103 40.38 -77.25 56.82
CA TYR XA 103 40.23 -77.66 58.21
C TYR XA 103 39.19 -78.75 58.36
N ALA XA 104 38.07 -78.64 57.64
CA ALA XA 104 37.02 -79.65 57.73
C ALA XA 104 37.53 -81.02 57.27
N ILE XA 105 38.26 -81.05 56.15
CA ILE XA 105 38.78 -82.32 55.64
C ILE XA 105 39.78 -82.92 56.60
N SER XA 106 40.71 -82.10 57.11
CA SER XA 106 41.71 -82.61 58.04
C SER XA 106 41.06 -83.13 59.32
N LEU XA 107 40.07 -82.39 59.83
CA LEU XA 107 39.37 -82.81 61.03
C LEU XA 107 38.59 -84.10 60.80
N LEU XA 108 37.97 -84.24 59.62
CA LEU XA 108 37.28 -85.48 59.28
C LEU XA 108 38.25 -86.65 59.24
N LYS XA 109 39.43 -86.46 58.64
CA LYS XA 109 40.42 -87.53 58.60
C LYS XA 109 40.87 -87.90 60.01
N GLU XA 110 41.13 -86.91 60.86
CA GLU XA 110 41.56 -87.20 62.22
C GLU XA 110 40.48 -87.93 63.00
N VAL XA 111 39.21 -87.52 62.83
CA VAL XA 111 38.12 -88.19 63.52
C VAL XA 111 37.94 -89.61 63.00
N GLU XA 112 38.09 -89.83 61.69
CA GLU XA 112 38.06 -91.17 61.14
C GLU XA 112 39.15 -92.03 61.76
N LYS XA 113 40.34 -91.45 61.97
CA LYS XA 113 41.36 -92.15 62.73
C LYS XA 113 40.88 -92.47 64.14
N GLU XA 114 40.21 -91.51 64.79
CA GLU XA 114 39.67 -91.75 66.13
C GLU XA 114 38.50 -92.72 66.09
N GLY XA 115 37.53 -92.48 65.20
CA GLY XA 115 36.40 -93.36 65.06
C GLY XA 115 35.20 -93.06 65.94
N ASP XA 116 34.88 -91.78 66.15
CA ASP XA 116 33.74 -91.42 67.00
C ASP XA 116 32.60 -90.91 66.12
N GLU XA 117 31.39 -91.45 66.35
CA GLU XA 117 30.30 -91.27 65.41
C GLU XA 117 29.69 -89.86 65.46
N GLU XA 118 29.52 -89.31 66.66
CA GLU XA 118 28.85 -88.01 66.75
C GLU XA 118 29.65 -86.92 66.06
N LEU XA 119 30.97 -86.90 66.23
CA LEU XA 119 31.79 -85.97 65.47
C LEU XA 119 31.78 -86.30 63.99
N LYS XA 120 31.59 -87.57 63.61
CA LYS XA 120 31.41 -87.89 62.20
C LYS XA 120 30.20 -87.14 61.63
N GLU XA 121 29.06 -87.24 62.31
CA GLU XA 121 27.86 -86.54 61.86
C GLU XA 121 28.08 -85.04 61.86
N TYR XA 122 28.75 -84.52 62.89
CA TYR XA 122 28.99 -83.09 63.00
C TYR XA 122 29.80 -82.58 61.80
N VAL XA 123 30.90 -83.28 61.48
CA VAL XA 123 31.76 -82.83 60.39
C VAL XA 123 31.10 -83.04 59.04
N LYS XA 124 30.28 -84.09 58.89
CA LYS XA 124 29.56 -84.27 57.63
C LYS XA 124 28.56 -83.14 57.41
N LEU XA 125 27.84 -82.74 58.47
CA LEU XA 125 26.95 -81.59 58.35
C LEU XA 125 27.73 -80.33 58.03
N ALA XA 126 28.88 -80.15 58.67
CA ALA XA 126 29.72 -79.00 58.39
C ALA XA 126 30.17 -78.96 56.94
N ILE XA 127 30.56 -80.11 56.39
CA ILE XA 127 31.02 -80.18 55.01
C ILE XA 127 29.87 -79.90 54.05
N GLU XA 128 28.68 -80.44 54.33
CA GLU XA 128 27.53 -80.17 53.48
C GLU XA 128 27.18 -78.68 53.48
N THR XA 129 27.20 -78.06 54.66
CA THR XA 129 26.94 -76.63 54.74
C THR XA 129 28.02 -75.83 54.01
N LEU XA 130 29.27 -76.28 54.09
CA LEU XA 130 30.36 -75.62 53.38
C LEU XA 130 30.15 -75.70 51.88
N LYS XA 131 29.69 -76.85 51.38
CA LYS XA 131 29.39 -76.98 49.96
C LYS XA 131 28.26 -76.05 49.54
N GLU XA 132 27.20 -75.99 50.36
CA GLU XA 132 26.08 -75.11 50.05
C GLU XA 132 26.52 -73.65 50.03
N ALA XA 133 27.40 -73.26 50.96
CA ALA XA 133 27.93 -71.90 50.95
C ALA XA 133 28.79 -71.67 49.70
N PHE XA 134 29.68 -72.61 49.39
CA PHE XA 134 30.52 -72.50 48.20
C PHE XA 134 29.70 -72.32 46.94
N GLU XA 135 28.49 -72.90 46.91
CA GLU XA 135 27.64 -72.76 45.73
C GLU XA 135 27.43 -71.30 45.35
N ARG XA 136 27.27 -70.42 46.36
CA ARG XA 136 27.01 -69.02 46.07
C ARG XA 136 27.75 -68.06 47.02
N LYS XA 137 28.74 -68.55 47.78
CA LYS XA 137 29.47 -67.73 48.75
C LYS XA 137 28.50 -67.07 49.75
N ASN XA 138 27.75 -67.93 50.44
CA ASN XA 138 26.80 -67.48 51.44
C ASN XA 138 27.49 -67.50 52.79
N TYR XA 139 27.62 -66.32 53.40
CA TYR XA 139 28.52 -66.16 54.54
C TYR XA 139 27.96 -66.81 55.79
N ALA XA 140 26.63 -66.92 55.90
CA ALA XA 140 26.00 -67.41 57.12
C ALA XA 140 26.29 -68.91 57.34
N LEU XA 141 26.11 -69.72 56.29
CA LEU XA 141 26.47 -71.13 56.41
C LEU XA 141 27.97 -71.30 56.63
N LEU XA 142 28.78 -70.37 56.11
CA LEU XA 142 30.21 -70.38 56.42
C LEU XA 142 30.44 -70.17 57.92
N VAL XA 143 29.70 -69.25 58.53
CA VAL XA 143 29.81 -69.04 59.98
C VAL XA 143 29.42 -70.30 60.72
N SER XA 144 28.32 -70.93 60.31
CA SER XA 144 27.85 -72.14 60.98
C SER XA 144 28.89 -73.24 60.89
N ALA XA 145 29.44 -73.46 59.70
CA ALA XA 145 30.46 -74.50 59.52
C ALA XA 145 31.71 -74.18 60.30
N LYS XA 146 32.10 -72.90 60.34
CA LYS XA 146 33.26 -72.50 61.12
C LYS XA 146 33.06 -72.81 62.59
N ILE XA 147 31.87 -72.49 63.11
CA ILE XA 147 31.56 -72.80 64.51
C ILE XA 147 31.69 -74.31 64.75
N ILE XA 148 31.09 -75.10 63.87
CA ILE XA 148 31.09 -76.56 64.07
C ILE XA 148 32.52 -77.08 64.07
N VAL XA 149 33.33 -76.64 63.11
CA VAL XA 149 34.68 -77.20 62.98
C VAL XA 149 35.57 -76.74 64.13
N GLU XA 150 35.44 -75.49 64.59
CA GLU XA 150 36.30 -75.05 65.68
C GLU XA 150 35.91 -75.74 66.99
N ASN XA 151 34.62 -75.92 67.24
CA ASN XA 151 34.21 -76.65 68.44
C ASN XA 151 34.66 -78.10 68.37
N ALA XA 152 34.58 -78.72 67.19
CA ALA XA 152 35.08 -80.09 67.06
C ALA XA 152 36.58 -80.16 67.31
N GLU XA 153 37.34 -79.20 66.78
CA GLU XA 153 38.78 -79.18 67.01
C GLU XA 153 39.09 -79.04 68.49
N GLU XA 154 38.36 -78.15 69.17
CA GLU XA 154 38.54 -78.02 70.62
C GLU XA 154 38.18 -79.30 71.34
N ILE XA 155 37.18 -80.03 70.83
CA ILE XA 155 36.83 -81.33 71.42
C ILE XA 155 38.00 -82.30 71.29
N LEU XA 156 38.62 -82.37 70.12
CA LEU XA 156 39.77 -83.26 69.96
C LEU XA 156 40.94 -82.84 70.85
N LYS XA 157 41.19 -81.53 70.98
CA LYS XA 157 42.25 -81.10 71.89
C LYS XA 157 41.94 -81.51 73.32
N ALA XA 158 40.72 -81.29 73.78
CA ALA XA 158 40.35 -81.67 75.14
C ALA XA 158 40.34 -83.17 75.33
N LYS XA 159 40.19 -83.94 74.26
CA LYS XA 159 40.24 -85.40 74.37
C LYS XA 159 41.58 -85.86 74.92
N LYS XA 160 42.68 -85.34 74.36
CA LYS XA 160 43.99 -85.65 74.91
C LYS XA 160 44.28 -84.86 76.18
N LYS XA 161 43.71 -83.66 76.32
CA LYS XA 161 43.86 -82.92 77.57
C LYS XA 161 43.13 -83.62 78.71
N GLY XA 162 41.86 -83.96 78.50
CA GLY XA 162 41.10 -84.71 79.49
C GLY XA 162 40.30 -83.86 80.45
N ASP XA 163 39.63 -82.82 79.94
CA ASP XA 163 38.79 -81.95 80.74
C ASP XA 163 37.36 -82.22 80.28
N GLU XA 164 36.62 -83.02 81.05
CA GLU XA 164 35.30 -83.49 80.62
C GLU XA 164 34.29 -82.35 80.59
N GLU XA 165 34.39 -81.41 81.53
CA GLU XA 165 33.45 -80.29 81.53
C GLU XA 165 33.51 -79.53 80.21
N LYS XA 166 34.72 -79.28 79.72
CA LYS XA 166 34.87 -78.55 78.47
C LYS XA 166 34.31 -79.33 77.29
N ILE XA 167 34.49 -80.66 77.28
CA ILE XA 167 33.97 -81.44 76.15
C ILE XA 167 32.45 -81.46 76.18
N LYS XA 168 31.85 -81.53 77.38
CA LYS XA 168 30.39 -81.44 77.46
C LYS XA 168 29.90 -80.07 76.98
N GLU XA 169 30.60 -79.01 77.36
CA GLU XA 169 30.23 -77.66 76.90
C GLU XA 169 30.31 -77.57 75.38
N LEU XA 170 31.36 -78.15 74.80
CA LEU XA 170 31.51 -78.10 73.35
C LEU XA 170 30.44 -78.93 72.63
N LEU XA 171 30.05 -80.07 73.21
CA LEU XA 171 28.93 -80.82 72.66
C LEU XA 171 27.64 -80.01 72.73
N GLN XA 172 27.44 -79.26 73.81
CA GLN XA 172 26.28 -78.37 73.89
C GLN XA 172 26.30 -77.33 72.78
N ARG XA 173 27.47 -76.72 72.55
CA ARG XA 173 27.60 -75.74 71.48
C ARG XA 173 27.31 -76.36 70.12
N LEU XA 174 27.80 -77.59 69.89
CA LEU XA 174 27.59 -78.25 68.61
C LEU XA 174 26.12 -78.61 68.42
N LYS XA 175 25.44 -79.04 69.48
CA LYS XA 175 24.00 -79.28 69.38
C LYS XA 175 23.25 -78.00 69.03
N ALA XA 176 23.62 -76.88 69.65
CA ALA XA 176 23.01 -75.61 69.31
C ALA XA 176 23.25 -75.26 67.85
N ALA XA 177 24.47 -75.50 67.36
CA ALA XA 177 24.79 -75.22 65.96
C ALA XA 177 23.98 -76.09 65.02
N LYS XA 178 23.83 -77.38 65.34
CA LYS XA 178 23.04 -78.27 64.51
C LYS XA 178 21.59 -77.81 64.45
N ILE XA 179 21.03 -77.41 65.60
CA ILE XA 179 19.66 -76.91 65.62
C ILE XA 179 19.54 -75.65 64.78
N GLY XA 180 20.53 -74.75 64.88
CA GLY XA 180 20.38 -73.45 64.26
C GLY XA 180 20.65 -73.44 62.76
N THR XA 181 21.44 -74.39 62.27
CA THR XA 181 21.87 -74.33 60.86
C THR XA 181 20.70 -74.33 59.87
N PRO XA 182 19.72 -75.24 59.95
CA PRO XA 182 18.56 -75.09 59.04
C PRO XA 182 17.84 -73.78 59.26
N LEU XA 183 17.78 -73.30 60.50
CA LEU XA 183 17.08 -72.05 60.77
C LEU XA 183 17.77 -70.87 60.09
N VAL XA 184 19.09 -70.80 60.16
CA VAL XA 184 19.79 -69.67 59.54
C VAL XA 184 19.71 -69.78 58.02
N ARG XA 185 19.83 -70.99 57.48
CA ARG XA 185 19.65 -71.16 56.04
C ARG XA 185 18.28 -70.65 55.61
N GLU XA 186 17.23 -71.03 56.35
CA GLU XA 186 15.88 -70.61 55.99
C GLU XA 186 15.72 -69.11 56.14
N VAL XA 187 16.29 -68.51 57.18
CA VAL XA 187 16.16 -67.07 57.39
C VAL XA 187 16.79 -66.31 56.22
N VAL XA 188 18.00 -66.71 55.82
CA VAL XA 188 18.64 -66.06 54.68
C VAL XA 188 17.82 -66.25 53.42
N GLU XA 189 17.32 -67.47 53.18
CA GLU XA 189 16.55 -67.73 51.97
C GLU XA 189 15.30 -66.87 51.92
N ARG XA 190 14.57 -66.78 53.03
CA ARG XA 190 13.35 -65.97 53.07
C ARG XA 190 13.66 -64.49 52.89
N TYR XA 191 14.71 -63.99 53.54
CA TYR XA 191 15.05 -62.59 53.38
C TYR XA 191 15.50 -62.26 51.96
N ARG XA 192 16.06 -63.23 51.24
CA ARG XA 192 16.54 -62.99 49.88
C ARG XA 192 15.47 -62.40 48.97
N GLU XA 193 14.28 -62.98 48.95
CA GLU XA 193 13.25 -62.53 48.01
C GLU XA 193 11.90 -62.27 48.66
N GLU XA 194 11.56 -62.96 49.76
CA GLU XA 194 10.21 -62.84 50.32
C GLU XA 194 9.94 -61.42 50.83
N GLY XA 195 10.91 -60.82 51.51
CA GLY XA 195 10.85 -59.41 51.85
C GLY XA 195 10.41 -59.05 53.25
N GLU XA 196 10.49 -59.99 54.17
CA GLU XA 196 10.14 -59.72 55.55
C GLU XA 196 11.12 -58.73 56.19
N PRO XA 197 10.89 -58.38 57.46
CA PRO XA 197 11.82 -57.49 58.13
C PRO XA 197 12.86 -58.30 58.85
N LEU XA 198 14.09 -58.25 58.36
CA LEU XA 198 15.13 -59.10 58.93
C LEU XA 198 15.08 -59.21 60.42
N LEU XA 199 15.00 -58.08 61.09
CA LEU XA 199 15.12 -58.18 62.54
C LEU XA 199 14.09 -59.14 63.14
N ASP XA 200 12.87 -59.14 62.60
CA ASP XA 200 11.83 -60.03 63.11
C ASP XA 200 12.22 -61.49 62.92
N LEU XA 201 12.65 -61.85 61.70
CA LEU XA 201 13.09 -63.21 61.45
C LEU XA 201 14.31 -63.58 62.27
N LEU XA 202 15.25 -62.64 62.45
CA LEU XA 202 16.41 -62.91 63.29
C LEU XA 202 16.00 -63.23 64.71
N LEU XA 203 15.09 -62.44 65.27
CA LEU XA 203 14.62 -62.67 66.63
C LEU XA 203 13.90 -64.00 66.75
N HIS XA 204 13.03 -64.31 65.78
CA HIS XA 204 12.30 -65.58 65.82
C HIS XA 204 13.26 -66.76 65.71
N MET XA 205 14.26 -66.67 64.83
CA MET XA 205 15.24 -67.74 64.70
C MET XA 205 16.03 -67.92 65.98
N ALA XA 206 16.45 -66.82 66.61
CA ALA XA 206 17.21 -66.91 67.84
C ALA XA 206 16.37 -67.55 68.95
N GLU XA 207 15.12 -67.12 69.08
CA GLU XA 207 14.25 -67.68 70.11
C GLU XA 207 13.97 -69.15 69.87
N THR XA 208 13.74 -69.53 68.61
CA THR XA 208 13.53 -70.94 68.28
C THR XA 208 14.77 -71.76 68.60
N THR XA 209 15.95 -71.23 68.30
CA THR XA 209 17.19 -71.93 68.62
C THR XA 209 17.33 -72.13 70.12
N ILE XA 210 17.04 -71.08 70.90
CA ILE XA 210 17.16 -71.20 72.35
C ILE XA 210 16.17 -72.22 72.90
N ARG XA 211 14.92 -72.17 72.43
CA ARG XA 211 13.90 -73.08 72.93
C ARG XA 211 14.24 -74.52 72.58
N GLU XA 212 14.63 -74.77 71.33
CA GLU XA 212 14.97 -76.14 70.93
C GLU XA 212 16.22 -76.63 71.63
N SER XA 213 17.18 -75.75 71.87
CA SER XA 213 18.41 -76.14 72.56
C SER XA 213 18.14 -76.48 74.01
N GLU XA 214 17.29 -75.71 74.69
CA GLU XA 214 16.95 -76.03 76.07
C GLU XA 214 16.02 -77.23 76.14
N LYS XA 215 15.33 -77.56 75.05
CA LYS XA 215 14.57 -78.79 74.99
C LYS XA 215 15.47 -80.02 74.97
N LEU XA 216 16.75 -79.85 74.66
CA LEU XA 216 17.73 -80.93 74.67
C LEU XA 216 18.58 -80.94 75.93
N GLY XA 217 18.20 -80.15 76.94
CA GLY XA 217 18.91 -80.09 78.20
C GLY XA 217 20.02 -79.08 78.26
N VAL XA 218 20.24 -78.32 77.19
CA VAL XA 218 21.36 -77.39 77.14
C VAL XA 218 20.91 -76.03 77.67
N ASP XA 219 21.80 -75.43 78.47
CA ASP XA 219 21.53 -74.13 79.04
C ASP XA 219 21.10 -73.13 78.03
N PRO XA 220 20.48 -72.06 78.49
CA PRO XA 220 20.11 -71.00 77.58
C PRO XA 220 21.21 -70.02 77.64
N ARG XA 221 22.42 -70.49 77.90
CA ARG XA 221 23.54 -69.59 77.86
C ARG XA 221 24.39 -69.80 76.61
N LEU XA 222 25.29 -70.77 76.64
CA LEU XA 222 26.22 -70.92 75.53
C LEU XA 222 25.48 -71.03 74.21
N ALA XA 223 24.29 -71.64 74.21
CA ALA XA 223 23.46 -71.63 73.02
C ALA XA 223 23.08 -70.20 72.63
N ALA XA 224 22.94 -69.33 73.63
CA ALA XA 224 22.69 -67.92 73.34
C ALA XA 224 23.87 -67.30 72.60
N GLU XA 225 25.10 -67.62 73.02
CA GLU XA 225 26.26 -67.07 72.31
C GLU XA 225 26.39 -67.66 70.92
N VAL XA 226 26.02 -68.94 70.74
CA VAL XA 226 26.02 -69.53 69.40
C VAL XA 226 25.03 -68.80 68.50
N ALA XA 227 23.82 -68.55 69.01
CA ALA XA 227 22.84 -67.79 68.26
C ALA XA 227 23.32 -66.38 67.98
N ARG XA 228 24.08 -65.79 68.91
CA ARG XA 228 24.63 -64.46 68.70
C ARG XA 228 25.64 -64.43 67.56
N GLU XA 229 26.55 -65.42 67.53
CA GLU XA 229 27.49 -65.52 66.42
C GLU XA 229 26.77 -65.72 65.09
N MET XA 230 25.75 -66.58 65.09
CA MET XA 230 25.01 -66.80 63.84
C MET XA 230 24.23 -65.56 63.41
N VAL XA 231 23.72 -64.79 64.37
CA VAL XA 231 23.05 -63.54 64.05
C VAL XA 231 24.04 -62.55 63.43
N ASP XA 232 25.24 -62.50 63.99
CA ASP XA 232 26.28 -61.65 63.42
C ASP XA 232 26.60 -62.08 61.98
N GLY XA 233 26.69 -63.39 61.75
CA GLY XA 233 26.92 -63.88 60.40
C GLY XA 233 25.80 -63.52 59.45
N VAL XA 234 24.56 -63.62 59.91
CA VAL XA 234 23.41 -63.24 59.08
C VAL XA 234 23.48 -61.76 58.74
N GLY XA 235 23.81 -60.93 59.72
CA GLY XA 235 23.95 -59.51 59.46
C GLY XA 235 25.03 -59.20 58.44
N HIS XA 236 26.17 -59.91 58.54
CA HIS XA 236 27.24 -59.71 57.57
C HIS XA 236 26.82 -60.14 56.18
N GLU XA 237 26.16 -61.30 56.06
CA GLU XA 237 25.79 -61.81 54.75
C GLU XA 237 24.71 -60.95 54.10
N THR XA 238 23.70 -60.55 54.86
CA THR XA 238 22.57 -59.83 54.32
C THR XA 238 22.89 -58.38 53.98
N GLY XA 239 24.05 -57.87 54.41
CA GLY XA 239 24.40 -56.49 54.14
C GLY XA 239 23.73 -55.48 55.04
N GLU XA 240 23.11 -55.92 56.13
CA GLU XA 240 22.44 -55.02 57.07
C GLU XA 240 22.82 -55.46 58.48
N THR XA 241 23.63 -54.65 59.16
CA THR XA 241 24.11 -54.99 60.49
C THR XA 241 23.40 -54.27 61.62
N GLU XA 242 22.65 -53.21 61.32
CA GLU XA 242 21.92 -52.51 62.38
C GLU XA 242 20.86 -53.39 63.01
N ALA XA 243 20.11 -54.13 62.19
CA ALA XA 243 19.15 -55.09 62.73
C ALA XA 243 19.86 -56.19 63.49
N ALA XA 244 21.00 -56.66 62.97
CA ALA XA 244 21.80 -57.64 63.69
C ALA XA 244 22.30 -57.06 65.01
N PHE XA 245 22.67 -55.77 65.01
CA PHE XA 245 23.08 -55.11 66.24
C PHE XA 245 21.95 -55.08 67.26
N ARG XA 246 20.73 -54.76 66.81
CA ARG XA 246 19.60 -54.69 67.72
C ARG XA 246 19.28 -56.07 68.30
N VAL XA 247 19.28 -57.11 67.45
CA VAL XA 247 19.01 -58.45 67.95
C VAL XA 247 20.12 -58.90 68.90
N ARG XA 248 21.36 -58.48 68.62
CA ARG XA 248 22.46 -58.76 69.54
C ARG XA 248 22.21 -58.12 70.90
N ARG XA 249 21.74 -56.88 70.91
CA ARG XA 249 21.45 -56.21 72.17
C ARG XA 249 20.32 -56.92 72.94
N GLU XA 250 19.26 -57.33 72.23
CA GLU XA 250 18.19 -58.03 72.92
C GLU XA 250 18.64 -59.38 73.47
N LEU XA 251 19.50 -60.08 72.72
CA LEU XA 251 20.03 -61.35 73.23
C LEU XA 251 20.95 -61.12 74.43
N ASP XA 252 21.73 -60.03 74.41
CA ASP XA 252 22.55 -59.68 75.56
C ASP XA 252 21.69 -59.36 76.78
N THR XA 253 20.54 -58.72 76.57
CA THR XA 253 19.60 -58.52 77.67
C THR XA 253 19.00 -59.85 78.13
N VAL XA 254 18.76 -60.77 77.19
CA VAL XA 254 18.15 -62.05 77.54
C VAL XA 254 19.09 -62.88 78.43
N ILE XA 255 20.38 -62.91 78.10
CA ILE XA 255 21.29 -63.74 78.87
C ILE XA 255 21.41 -63.26 80.31
N LEU XA 256 21.08 -61.99 80.55
CA LEU XA 256 21.08 -61.45 81.91
C LEU XA 256 20.00 -62.10 82.77
N THR YA 25 4.70 14.52 84.01
CA THR YA 25 5.57 14.55 85.18
C THR YA 25 6.32 15.88 85.26
N GLU YA 26 5.89 16.85 84.44
CA GLU YA 26 6.55 18.15 84.43
C GLU YA 26 6.38 18.86 85.77
N LYS YA 27 5.21 18.75 86.38
CA LYS YA 27 5.01 19.36 87.70
C LYS YA 27 5.96 18.77 88.72
N LEU YA 28 6.14 17.45 88.69
CA LEU YA 28 7.05 16.81 89.65
C LEU YA 28 8.49 17.24 89.42
N LYS YA 29 8.90 17.34 88.15
CA LYS YA 29 10.26 17.80 87.85
C LYS YA 29 10.48 19.23 88.33
N LYS YA 30 9.49 20.11 88.11
CA LYS YA 30 9.61 21.48 88.59
C LYS YA 30 9.64 21.53 90.11
N ILE YA 31 8.85 20.70 90.78
CA ILE YA 31 8.85 20.66 92.24
C ILE YA 31 10.23 20.25 92.75
N THR YA 32 10.81 19.21 92.13
CA THR YA 32 12.15 18.78 92.53
C THR YA 32 13.17 19.88 92.30
N LYS YA 33 13.10 20.54 91.15
CA LYS YA 33 14.04 21.62 90.85
C LYS YA 33 13.94 22.75 91.87
N LEU YA 34 12.71 23.18 92.17
CA LEU YA 34 12.53 24.28 93.11
C LEU YA 34 12.94 23.89 94.52
N LEU YA 35 12.72 22.63 94.91
CA LEU YA 35 13.20 22.18 96.21
C LEU YA 35 14.71 22.17 96.26
N HIS YA 36 15.39 21.84 95.19
CA HIS YA 36 16.83 21.91 95.24
C HIS YA 36 17.12 23.35 95.46
N GLU YA 37 16.68 24.20 94.55
CA GLU YA 37 17.07 25.60 94.67
C GLU YA 37 16.88 26.11 96.09
N LEU YA 38 15.75 25.77 96.72
CA LEU YA 38 15.49 26.22 98.08
C LEU YA 38 16.52 25.66 99.05
N VAL YA 39 16.87 24.37 98.92
CA VAL YA 39 17.81 23.78 99.85
C VAL YA 39 19.23 24.29 99.59
N ASP YA 40 19.50 24.73 98.36
CA ASP YA 40 20.83 25.28 98.06
C ASP YA 40 21.09 26.53 98.89
N ARG YA 41 20.12 27.45 98.93
CA ARG YA 41 20.26 28.69 99.70
C ARG YA 41 19.48 28.56 101.01
N GLY YA 42 20.08 27.80 101.94
CA GLY YA 42 19.48 27.64 103.25
C GLY YA 42 18.08 27.05 103.17
N GLU YA 43 17.16 27.65 103.92
CA GLU YA 43 15.71 27.34 103.86
C GLU YA 43 15.53 25.88 104.26
N ILE YA 44 14.92 25.05 103.42
CA ILE YA 44 14.58 23.67 103.77
C ILE YA 44 15.84 22.83 103.92
N PRO YA 45 15.80 21.75 104.70
CA PRO YA 45 16.98 20.87 104.82
C PRO YA 45 17.14 19.95 103.61
N GLU YA 46 18.22 19.17 103.60
CA GLU YA 46 18.57 18.37 102.43
C GLU YA 46 17.70 17.14 102.27
N GLU YA 47 17.16 16.60 103.36
CA GLU YA 47 16.42 15.35 103.30
C GLU YA 47 15.23 15.46 102.35
N LEU YA 48 14.55 16.61 102.36
CA LEU YA 48 13.38 16.77 101.50
C LEU YA 48 13.78 16.76 100.03
N ALA YA 49 14.91 17.40 99.70
CA ALA YA 49 15.38 17.40 98.31
C ALA YA 49 15.81 16.00 97.88
N THR YA 50 16.48 15.26 98.77
CA THR YA 50 16.87 13.90 98.43
C THR YA 50 15.66 13.01 98.20
N LEU YA 51 14.64 13.14 99.05
CA LEU YA 51 13.41 12.39 98.85
C LEU YA 51 12.75 12.79 97.54
N ALA YA 52 12.76 14.08 97.22
CA ALA YA 52 12.19 14.52 95.95
C ALA YA 52 12.90 13.87 94.78
N THR YA 53 14.23 13.79 94.83
CA THR YA 53 14.99 13.15 93.75
C THR YA 53 14.65 11.67 93.62
N LEU YA 54 14.66 10.96 94.75
CA LEU YA 54 14.39 9.52 94.71
C LEU YA 54 12.98 9.24 94.19
N LEU YA 55 11.99 9.99 94.69
CA LEU YA 55 10.62 9.78 94.23
C LEU YA 55 10.44 10.21 92.77
N LEU YA 56 11.17 11.24 92.33
CA LEU YA 56 11.09 11.63 90.93
C LEU YA 56 11.69 10.56 90.02
N TYR YA 57 12.67 9.81 90.51
CA TYR YA 57 13.15 8.66 89.74
C TYR YA 57 12.12 7.54 89.74
N LEU YA 58 11.58 7.22 90.92
CA LEU YA 58 10.65 6.10 91.05
C LEU YA 58 9.41 6.32 90.19
N VAL YA 59 8.76 7.48 90.34
CA VAL YA 59 7.79 7.93 89.35
C VAL YA 59 8.58 8.15 88.07
N GLU YA 60 7.97 7.84 86.93
CA GLU YA 60 8.60 7.94 85.61
C GLU YA 60 9.61 6.80 85.44
N LYS YA 61 9.90 6.07 86.53
CA LYS YA 61 10.34 4.69 86.36
C LYS YA 61 9.14 3.75 86.31
N GLY YA 62 8.00 4.22 86.79
CA GLY YA 62 6.77 3.44 86.74
C GLY YA 62 6.63 2.50 87.92
N LEU YA 63 7.00 2.96 89.11
CA LEU YA 63 6.95 2.13 90.29
C LEU YA 63 6.09 2.70 91.41
N ILE YA 64 5.73 3.98 91.36
CA ILE YA 64 4.78 4.55 92.31
C ILE YA 64 3.93 5.58 91.57
N SER YA 65 2.94 6.14 92.26
CA SER YA 65 2.05 7.13 91.66
C SER YA 65 2.34 8.50 92.27
N GLU YA 66 1.82 9.53 91.59
CA GLU YA 66 2.02 10.90 92.06
C GLU YA 66 1.43 11.11 93.44
N PHE YA 67 0.38 10.36 93.78
CA PHE YA 67 -0.19 10.48 95.11
C PHE YA 67 0.82 10.10 96.19
N ASP YA 68 1.57 9.01 95.98
CA ASP YA 68 2.59 8.62 96.94
C ASP YA 68 3.69 9.66 97.03
N PHE YA 69 4.09 10.23 95.89
CA PHE YA 69 5.09 11.30 95.88
C PHE YA 69 4.64 12.46 96.76
N ILE YA 70 3.44 12.98 96.51
CA ILE YA 70 2.97 14.14 97.26
C ILE YA 70 2.76 13.78 98.73
N GLU YA 71 2.27 12.57 99.01
CA GLU YA 71 2.02 12.18 100.39
C GLU YA 71 3.32 12.10 101.17
N HIS YA 72 4.36 11.50 100.58
CA HIS YA 72 5.65 11.44 101.25
C HIS YA 72 6.24 12.83 101.45
N LEU YA 73 6.12 13.70 100.44
CA LEU YA 73 6.63 15.06 100.58
C LEU YA 73 5.94 15.80 101.71
N VAL YA 74 4.62 15.67 101.79
CA VAL YA 74 3.86 16.36 102.84
C VAL YA 74 4.19 15.78 104.21
N ARG YA 75 4.35 14.46 104.29
CA ARG YA 75 4.70 13.85 105.57
C ARG YA 75 6.05 14.34 106.07
N LEU YA 76 7.05 14.40 105.18
CA LEU YA 76 8.36 14.92 105.60
C LEU YA 76 8.27 16.39 105.97
N ALA YA 77 7.51 17.19 105.20
CA ALA YA 77 7.37 18.60 105.52
C ALA YA 77 6.74 18.80 106.90
N GLU YA 78 5.72 18.00 107.21
CA GLU YA 78 5.10 18.06 108.53
C GLU YA 78 6.09 17.63 109.61
N LYS YA 79 6.89 16.60 109.34
CA LYS YA 79 7.87 16.14 110.32
C LYS YA 79 8.90 17.22 110.62
N LEU YA 80 9.37 17.92 109.58
CA LEU YA 80 10.39 18.95 109.74
C LEU YA 80 9.82 20.34 109.98
N GLY YA 81 8.50 20.50 109.93
CA GLY YA 81 7.88 21.80 110.14
C GLY YA 81 8.28 22.83 109.11
N VAL YA 82 8.24 22.44 107.84
CA VAL YA 82 8.65 23.32 106.74
C VAL YA 82 7.53 23.34 105.70
N LEU YA 83 6.31 23.04 106.16
CA LEU YA 83 5.19 22.87 105.23
C LEU YA 83 4.88 24.15 104.45
N GLU YA 84 5.19 25.32 105.03
CA GLU YA 84 4.91 26.57 104.33
C GLU YA 84 5.74 26.70 103.05
N GLU YA 85 7.01 26.30 103.11
CA GLU YA 85 7.86 26.35 101.92
C GLU YA 85 7.36 25.38 100.85
N LEU YA 86 6.91 24.20 101.26
CA LEU YA 86 6.31 23.27 100.29
C LEU YA 86 5.06 23.85 99.67
N LYS YA 87 4.24 24.55 100.48
CA LYS YA 87 3.06 25.21 99.94
C LYS YA 87 3.45 26.26 98.90
N LYS YA 88 4.48 27.06 99.21
CA LYS YA 88 4.94 28.07 98.26
C LYS YA 88 5.44 27.42 96.97
N VAL YA 89 6.18 26.32 97.08
CA VAL YA 89 6.66 25.61 95.89
C VAL YA 89 5.49 25.12 95.05
N LEU YA 90 4.47 24.55 95.71
CA LEU YA 90 3.33 24.03 94.98
C LEU YA 90 2.51 25.14 94.33
N GLU YA 91 2.47 26.33 94.93
CA GLU YA 91 1.84 27.45 94.26
C GLU YA 91 2.67 27.93 93.07
N GLU YA 92 4.00 27.98 93.23
CA GLU YA 92 4.85 28.43 92.13
C GLU YA 92 4.75 27.51 90.92
N VAL YA 93 4.77 26.19 91.14
CA VAL YA 93 4.66 25.28 90.00
C VAL YA 93 3.27 25.38 89.39
N GLY YA 94 2.26 25.71 90.18
CA GLY YA 94 0.90 25.84 89.68
C GLY YA 94 0.15 24.52 89.66
N ASP YA 95 0.11 23.85 90.80
CA ASP YA 95 -0.55 22.56 90.95
C ASP YA 95 -1.71 22.69 91.92
N GLU YA 96 -2.89 22.25 91.50
CA GLU YA 96 -4.06 22.30 92.36
C GLU YA 96 -4.28 21.00 93.12
N PHE YA 97 -3.99 19.86 92.49
CA PHE YA 97 -4.17 18.57 93.16
C PHE YA 97 -3.26 18.45 94.38
N GLY YA 98 -1.97 18.75 94.20
CA GLY YA 98 -1.04 18.67 95.31
C GLY YA 98 -1.37 19.65 96.41
N LEU YA 99 -1.76 20.88 96.04
CA LEU YA 99 -2.12 21.88 97.04
C LEU YA 99 -3.34 21.44 97.84
N THR YA 100 -4.35 20.90 97.16
CA THR YA 100 -5.52 20.39 97.86
C THR YA 100 -5.15 19.24 98.78
N LEU YA 101 -4.23 18.37 98.35
CA LEU YA 101 -3.77 17.29 99.22
C LEU YA 101 -3.07 17.83 100.46
N VAL YA 102 -2.26 18.88 100.28
CA VAL YA 102 -1.57 19.50 101.41
C VAL YA 102 -2.59 20.05 102.40
N TYR YA 103 -3.60 20.77 101.90
CA TYR YA 103 -4.64 21.29 102.79
C TYR YA 103 -5.37 20.15 103.49
N ALA YA 104 -5.66 19.07 102.77
CA ALA YA 104 -6.37 17.95 103.39
C ALA YA 104 -5.56 17.33 104.51
N ILE YA 105 -4.25 17.14 104.29
CA ILE YA 105 -3.41 16.53 105.32
C ILE YA 105 -3.31 17.45 106.54
N SER YA 106 -3.08 18.76 106.30
CA SER YA 106 -2.98 19.68 107.42
C SER YA 106 -4.29 19.76 108.20
N LEU YA 107 -5.42 19.77 107.50
CA LEU YA 107 -6.72 19.82 108.16
C LEU YA 107 -6.98 18.54 108.94
N LEU YA 108 -6.57 17.39 108.39
CA LEU YA 108 -6.71 16.13 109.13
C LEU YA 108 -5.87 16.15 110.40
N LYS YA 109 -4.64 16.66 110.32
CA LYS YA 109 -3.81 16.74 111.51
C LYS YA 109 -4.42 17.66 112.57
N GLU YA 110 -4.94 18.81 112.12
CA GLU YA 110 -5.57 19.75 113.06
C GLU YA 110 -6.81 19.14 113.70
N VAL YA 111 -7.62 18.43 112.92
CA VAL YA 111 -8.82 17.79 113.46
C VAL YA 111 -8.44 16.66 114.42
N GLU YA 112 -7.39 15.91 114.10
CA GLU YA 112 -6.90 14.89 115.04
C GLU YA 112 -6.47 15.53 116.35
N LYS YA 113 -5.85 16.71 116.28
CA LYS YA 113 -5.57 17.46 117.50
C LYS YA 113 -6.87 17.82 118.22
N GLU YA 114 -7.89 18.23 117.46
CA GLU YA 114 -9.19 18.55 118.06
C GLU YA 114 -9.90 17.29 118.54
N GLY YA 115 -9.98 16.27 117.69
CA GLY YA 115 -10.60 15.01 118.07
C GLY YA 115 -12.09 14.90 117.82
N ASP YA 116 -12.60 15.46 116.71
CA ASP YA 116 -14.02 15.40 116.42
C ASP YA 116 -14.27 14.40 115.28
N GLU YA 117 -15.24 13.49 115.50
CA GLU YA 117 -15.37 12.32 114.63
C GLU YA 117 -15.96 12.66 113.27
N GLU YA 118 -16.98 13.52 113.23
CA GLU YA 118 -17.66 13.78 111.96
C GLU YA 118 -16.70 14.44 110.95
N LEU YA 119 -15.90 15.40 111.41
CA LEU YA 119 -14.88 15.94 110.52
C LEU YA 119 -13.81 14.92 110.18
N LYS YA 120 -13.55 13.95 111.08
CA LYS YA 120 -12.66 12.84 110.71
C LYS YA 120 -13.20 12.11 109.48
N GLU YA 121 -14.48 11.72 109.52
CA GLU YA 121 -15.07 11.03 108.38
C GLU YA 121 -15.07 11.91 107.14
N TYR YA 122 -15.35 13.21 107.32
CA TYR YA 122 -15.40 14.14 106.19
C TYR YA 122 -14.05 14.21 105.50
N VAL YA 123 -12.97 14.39 106.29
CA VAL YA 123 -11.65 14.54 105.70
C VAL YA 123 -11.15 13.21 105.13
N LYS YA 124 -11.52 12.08 105.74
CA LYS YA 124 -11.13 10.80 105.16
C LYS YA 124 -11.80 10.58 103.81
N LEU YA 125 -13.08 10.93 103.69
CA LEU YA 125 -13.74 10.85 102.39
C LEU YA 125 -13.09 11.80 101.39
N ALA YA 126 -12.74 13.01 101.85
CA ALA YA 126 -12.07 13.96 100.96
C ALA YA 126 -10.74 13.42 100.47
N ILE YA 127 -9.97 12.78 101.35
CA ILE YA 127 -8.66 12.24 100.96
C ILE YA 127 -8.84 11.07 99.99
N GLU YA 128 -9.82 10.20 100.23
CA GLU YA 128 -10.06 9.10 99.31
C GLU YA 128 -10.46 9.61 97.93
N THR YA 129 -11.33 10.63 97.88
CA THR YA 129 -11.71 11.21 96.61
C THR YA 129 -10.51 11.88 95.93
N LEU YA 130 -9.64 12.52 96.72
CA LEU YA 130 -8.44 13.12 96.17
C LEU YA 130 -7.54 12.07 95.55
N LYS YA 131 -7.39 10.92 96.21
CA LYS YA 131 -6.60 9.83 95.65
C LYS YA 131 -7.20 9.32 94.35
N GLU YA 132 -8.53 9.15 94.32
CA GLU YA 132 -9.19 8.68 93.10
C GLU YA 132 -9.01 9.68 91.97
N ALA YA 133 -9.07 10.97 92.28
CA ALA YA 133 -8.81 11.99 91.26
C ALA YA 133 -7.37 11.93 90.78
N PHE YA 134 -6.43 11.86 91.72
CA PHE YA 134 -5.01 11.76 91.39
C PHE YA 134 -4.72 10.58 90.46
N GLU YA 135 -5.50 9.50 90.60
CA GLU YA 135 -5.29 8.34 89.75
C GLU YA 135 -5.33 8.71 88.27
N ARG YA 136 -6.23 9.61 87.87
CA ARG YA 136 -6.34 9.99 86.48
C ARG YA 136 -6.58 11.49 86.25
N LYS YA 137 -6.37 12.33 87.27
CA LYS YA 137 -6.60 13.76 87.18
C LYS YA 137 -8.04 14.05 86.76
N ASN YA 138 -8.98 13.54 87.56
CA ASN YA 138 -10.41 13.73 87.31
C ASN YA 138 -10.86 14.96 88.08
N TYR YA 139 -11.31 15.99 87.35
CA TYR YA 139 -11.47 17.31 87.95
C TYR YA 139 -12.70 17.35 88.87
N ALA YA 140 -13.69 16.50 88.62
CA ALA YA 140 -14.94 16.56 89.38
C ALA YA 140 -14.74 16.13 90.83
N LEU YA 141 -14.06 15.01 91.05
CA LEU YA 141 -13.75 14.61 92.42
C LEU YA 141 -12.83 15.62 93.09
N LEU YA 142 -11.98 16.30 92.31
CA LEU YA 142 -11.20 17.39 92.86
C LEU YA 142 -12.09 18.52 93.36
N VAL YA 143 -13.13 18.85 92.61
CA VAL YA 143 -14.08 19.88 93.07
C VAL YA 143 -14.77 19.42 94.35
N SER YA 144 -15.20 18.16 94.39
CA SER YA 144 -15.88 17.66 95.59
C SER YA 144 -14.97 17.73 96.80
N ALA YA 145 -13.73 17.27 96.66
CA ALA YA 145 -12.78 17.31 97.77
C ALA YA 145 -12.46 18.74 98.19
N LYS YA 146 -12.34 19.65 97.21
CA LYS YA 146 -12.10 21.05 97.52
C LYS YA 146 -13.24 21.62 98.34
N ILE YA 147 -14.48 21.31 97.95
CA ILE YA 147 -15.66 21.77 98.70
C ILE YA 147 -15.59 21.26 100.12
N ILE YA 148 -15.32 19.96 100.28
CA ILE YA 148 -15.32 19.35 101.61
C ILE YA 148 -14.24 20.02 102.49
N VAL YA 149 -13.04 20.20 101.94
CA VAL YA 149 -11.95 20.72 102.75
C VAL YA 149 -12.17 22.18 103.10
N GLU YA 150 -12.70 22.99 102.17
CA GLU YA 150 -12.90 24.39 102.49
C GLU YA 150 -14.02 24.56 103.51
N ASN YA 151 -15.09 23.78 103.40
CA ASN YA 151 -16.15 23.86 104.40
C ASN YA 151 -15.65 23.39 105.76
N ALA YA 152 -14.82 22.34 105.79
CA ALA YA 152 -14.23 21.91 107.06
C ALA YA 152 -13.34 22.99 107.66
N GLU YA 153 -12.52 23.64 106.83
CA GLU YA 153 -11.66 24.71 107.32
C GLU YA 153 -12.50 25.85 107.90
N GLU YA 154 -13.58 26.21 107.21
CA GLU YA 154 -14.48 27.24 107.75
C GLU YA 154 -15.11 26.78 109.05
N ILE YA 155 -15.40 25.48 109.18
CA ILE YA 155 -15.92 24.95 110.44
C ILE YA 155 -14.92 25.16 111.56
N LEU YA 156 -13.64 24.85 111.32
CA LEU YA 156 -12.64 25.05 112.35
C LEU YA 156 -12.47 26.53 112.70
N LYS YA 157 -12.51 27.41 111.69
CA LYS YA 157 -12.44 28.84 112.01
C LYS YA 157 -13.62 29.28 112.86
N ALA YA 158 -14.83 28.86 112.51
CA ALA YA 158 -16.00 29.23 113.29
C ALA YA 158 -16.01 28.58 114.67
N LYS YA 159 -15.27 27.48 114.85
CA LYS YA 159 -15.18 26.86 116.17
C LYS YA 159 -14.57 27.82 117.18
N LYS YA 160 -13.46 28.46 116.81
CA LYS YA 160 -12.87 29.46 117.69
C LYS YA 160 -13.64 30.78 117.61
N LYS YA 161 -14.26 31.09 116.48
CA LYS YA 161 -15.10 32.28 116.40
C LYS YA 161 -16.35 32.13 117.27
N GLY YA 162 -17.06 31.02 117.11
CA GLY YA 162 -18.21 30.74 117.94
C GLY YA 162 -19.54 31.20 117.37
N ASP YA 163 -19.75 30.98 116.07
CA ASP YA 163 -21.00 31.34 115.41
C ASP YA 163 -21.66 30.01 115.03
N GLU YA 164 -22.65 29.59 115.84
CA GLU YA 164 -23.24 28.27 115.68
C GLU YA 164 -24.04 28.15 114.39
N GLU YA 165 -24.71 29.23 113.98
CA GLU YA 165 -25.49 29.20 112.75
C GLU YA 165 -24.60 28.84 111.56
N LYS YA 166 -23.43 29.45 111.49
CA LYS YA 166 -22.51 29.19 110.39
C LYS YA 166 -22.01 27.74 110.42
N ILE YA 167 -21.75 27.19 111.60
CA ILE YA 167 -21.26 25.82 111.67
C ILE YA 167 -22.35 24.84 111.25
N LYS YA 168 -23.60 25.12 111.63
CA LYS YA 168 -24.70 24.28 111.17
C LYS YA 168 -24.84 24.36 109.65
N GLU YA 169 -24.72 25.57 109.09
CA GLU YA 169 -24.80 25.71 107.63
C GLU YA 169 -23.68 24.93 106.95
N LEU YA 170 -22.47 24.97 107.51
CA LEU YA 170 -21.35 24.25 106.91
C LEU YA 170 -21.53 22.74 107.02
N LEU YA 171 -22.10 22.27 108.14
CA LEU YA 171 -22.44 20.84 108.22
C LEU YA 171 -23.48 20.45 107.18
N GLN YA 172 -24.45 21.33 106.92
CA GLN YA 172 -25.41 21.06 105.86
C GLN YA 172 -24.71 20.95 104.50
N ARG YA 173 -23.79 21.88 104.22
CA ARG YA 173 -23.04 21.82 102.97
C ARG YA 173 -22.23 20.53 102.86
N LEU YA 174 -21.61 20.12 103.96
CA LEU YA 174 -20.80 18.90 103.95
C LEU YA 174 -21.67 17.66 103.75
N LYS YA 175 -22.85 17.63 104.35
CA LYS YA 175 -23.77 16.52 104.11
C LYS YA 175 -24.18 16.46 102.64
N ALA YA 176 -24.47 17.63 102.05
CA ALA YA 176 -24.79 17.67 100.63
C ALA YA 176 -23.63 17.15 99.79
N ALA YA 177 -22.40 17.54 100.15
CA ALA YA 177 -21.22 17.05 99.42
C ALA YA 177 -21.06 15.54 99.54
N LYS YA 178 -21.25 15.01 100.75
CA LYS YA 178 -21.15 13.56 100.94
C LYS YA 178 -22.18 12.83 100.11
N ILE YA 179 -23.41 13.34 100.07
CA ILE YA 179 -24.45 12.71 99.26
C ILE YA 179 -24.07 12.77 97.78
N GLY YA 180 -23.52 13.91 97.34
CA GLY YA 180 -23.33 14.10 95.91
C GLY YA 180 -22.09 13.41 95.36
N THR YA 181 -21.08 13.16 96.21
CA THR YA 181 -19.81 12.64 95.69
C THR YA 181 -19.94 11.32 94.95
N PRO YA 182 -20.60 10.28 95.47
CA PRO YA 182 -20.80 9.08 94.65
C PRO YA 182 -21.59 9.39 93.38
N LEU YA 183 -22.55 10.30 93.47
CA LEU YA 183 -23.36 10.64 92.30
C LEU YA 183 -22.51 11.28 91.20
N VAL YA 184 -21.63 12.20 91.55
CA VAL YA 184 -20.81 12.85 90.53
C VAL YA 184 -19.79 11.86 89.96
N ARG YA 185 -19.21 11.02 90.82
CA ARG YA 185 -18.32 9.98 90.32
C ARG YA 185 -19.03 9.10 89.30
N GLU YA 186 -20.25 8.66 89.63
CA GLU YA 186 -21.01 7.80 88.73
C GLU YA 186 -21.37 8.52 87.45
N VAL YA 187 -21.75 9.80 87.54
CA VAL YA 187 -22.13 10.55 86.34
C VAL YA 187 -20.95 10.64 85.39
N VAL YA 188 -19.76 10.98 85.91
CA VAL YA 188 -18.58 11.07 85.07
C VAL YA 188 -18.26 9.71 84.46
N GLU YA 189 -18.33 8.65 85.28
CA GLU YA 189 -18.01 7.31 84.78
C GLU YA 189 -18.94 6.91 83.65
N ARG YA 190 -20.24 7.14 83.82
CA ARG YA 190 -21.20 6.77 82.78
C ARG YA 190 -21.00 7.60 81.53
N TYR YA 191 -20.76 8.89 81.67
CA TYR YA 191 -20.55 9.72 80.48
C TYR YA 191 -19.28 9.34 79.74
N ARG YA 192 -18.27 8.81 80.45
CA ARG YA 192 -17.01 8.45 79.82
C ARG YA 192 -17.18 7.52 78.62
N GLU YA 193 -17.96 6.44 78.77
CA GLU YA 193 -18.07 5.47 77.69
C GLU YA 193 -19.51 5.09 77.34
N GLU YA 194 -20.45 5.17 78.29
CA GLU YA 194 -21.80 4.69 78.02
C GLU YA 194 -22.49 5.52 76.94
N GLY YA 195 -22.35 6.84 76.99
CA GLY YA 195 -22.76 7.69 75.90
C GLY YA 195 -24.09 8.41 76.03
N GLU YA 196 -24.59 8.52 77.26
CA GLU YA 196 -25.82 9.21 77.50
C GLU YA 196 -25.71 10.71 77.20
N PRO YA 197 -26.80 11.45 77.38
CA PRO YA 197 -26.74 12.89 77.17
C PRO YA 197 -26.39 13.60 78.45
N LEU YA 198 -25.19 14.11 78.54
CA LEU YA 198 -24.75 14.70 79.79
C LEU YA 198 -25.80 15.50 80.48
N LEU YA 199 -26.43 16.40 79.78
CA LEU YA 199 -27.34 17.28 80.50
C LEU YA 199 -28.40 16.49 81.27
N ASP YA 200 -28.88 15.39 80.69
CA ASP YA 200 -29.89 14.58 81.37
C ASP YA 200 -29.34 13.99 82.67
N LEU YA 201 -28.14 13.38 82.59
CA LEU YA 201 -27.52 12.84 83.80
C LEU YA 201 -27.20 13.93 84.81
N LEU YA 202 -26.76 15.10 84.34
CA LEU YA 202 -26.49 16.20 85.27
C LEU YA 202 -27.75 16.60 86.02
N LEU YA 203 -28.87 16.73 85.29
CA LEU YA 203 -30.12 17.12 85.93
C LEU YA 203 -30.59 16.06 86.91
N HIS YA 204 -30.49 14.77 86.52
CA HIS YA 204 -30.90 13.71 87.42
C HIS YA 204 -30.04 13.68 88.68
N MET YA 205 -28.72 13.85 88.52
CA MET YA 205 -27.83 13.87 89.67
C MET YA 205 -28.15 15.04 90.59
N ALA YA 206 -28.40 16.23 90.02
CA ALA YA 206 -28.72 17.39 90.84
C ALA YA 206 -30.02 17.17 91.60
N GLU YA 207 -31.05 16.65 90.92
CA GLU YA 207 -32.32 16.42 91.58
C GLU YA 207 -32.20 15.36 92.66
N THR YA 208 -31.45 14.30 92.40
CA THR YA 208 -31.24 13.27 93.42
C THR YA 208 -30.51 13.85 94.62
N THR YA 209 -29.50 14.70 94.38
CA THR YA 209 -28.78 15.34 95.47
C THR YA 209 -29.72 16.20 96.31
N ILE YA 210 -30.57 16.99 95.65
CA ILE YA 210 -31.49 17.86 96.39
C ILE YA 210 -32.47 17.03 97.21
N ARG YA 211 -33.03 15.98 96.60
CA ARG YA 211 -34.01 15.16 97.31
C ARG YA 211 -33.39 14.45 98.50
N GLU YA 212 -32.20 13.86 98.32
CA GLU YA 212 -31.56 13.16 99.42
C GLU YA 212 -31.12 14.13 100.51
N SER YA 213 -30.70 15.34 100.11
CA SER YA 213 -30.26 16.32 101.10
C SER YA 213 -31.44 16.83 101.92
N GLU YA 214 -32.59 17.06 101.28
CA GLU YA 214 -33.76 17.48 102.03
C GLU YA 214 -34.36 16.33 102.83
N LYS YA 215 -34.05 15.09 102.45
CA LYS YA 215 -34.42 13.95 103.28
C LYS YA 215 -33.65 13.91 104.60
N LEU YA 216 -32.54 14.65 104.68
CA LEU YA 216 -31.75 14.74 105.91
C LEU YA 216 -32.04 16.02 106.68
N GLY YA 217 -33.09 16.75 106.31
CA GLY YA 217 -33.47 17.97 106.99
C GLY YA 217 -32.82 19.23 106.45
N VAL YA 218 -31.99 19.12 105.42
CA VAL YA 218 -31.25 20.28 104.93
C VAL YA 218 -32.08 20.97 103.85
N ASP YA 219 -32.04 22.30 103.91
CA ASP YA 219 -32.75 23.10 102.93
C ASP YA 219 -32.43 22.72 101.52
N PRO YA 220 -33.26 23.17 100.60
CA PRO YA 220 -32.98 22.90 99.21
C PRO YA 220 -32.37 24.15 98.69
N ARG YA 221 -31.66 24.85 99.56
CA ARG YA 221 -30.96 26.03 99.10
C ARG YA 221 -29.47 25.74 99.01
N LEU YA 222 -28.78 25.81 100.14
CA LEU YA 222 -27.33 25.67 100.09
C LEU YA 222 -26.92 24.38 99.42
N ALA YA 223 -27.71 23.32 99.60
CA ALA YA 223 -27.46 22.09 98.86
C ALA YA 223 -27.60 22.33 97.36
N ALA YA 224 -28.49 23.24 96.97
CA ALA YA 224 -28.59 23.62 95.57
C ALA YA 224 -27.30 24.25 95.07
N GLU YA 225 -26.69 25.13 95.87
CA GLU YA 225 -25.43 25.74 95.44
C GLU YA 225 -24.30 24.72 95.42
N VAL YA 226 -24.31 23.74 96.34
CA VAL YA 226 -23.33 22.67 96.30
C VAL YA 226 -23.46 21.88 95.01
N ALA YA 227 -24.70 21.52 94.66
CA ALA YA 227 -24.94 20.81 93.40
C ALA YA 227 -24.54 21.68 92.20
N ARG YA 228 -24.70 22.99 92.30
CA ARG YA 228 -24.30 23.88 91.22
C ARG YA 228 -22.80 23.88 91.02
N GLU YA 229 -22.04 23.96 92.12
CA GLU YA 229 -20.59 23.88 92.02
C GLU YA 229 -20.15 22.54 91.44
N MET YA 230 -20.79 21.45 91.87
CA MET YA 230 -20.41 20.14 91.34
C MET YA 230 -20.78 20.01 89.87
N VAL YA 231 -21.89 20.61 89.46
CA VAL YA 231 -22.26 20.61 88.05
C VAL YA 231 -21.23 21.38 87.23
N ASP YA 232 -20.77 22.51 87.76
CA ASP YA 232 -19.72 23.27 87.09
C ASP YA 232 -18.46 22.42 86.95
N GLY YA 233 -18.09 21.69 88.02
CA GLY YA 233 -16.94 20.82 87.96
C GLY YA 233 -17.09 19.72 86.92
N VAL YA 234 -18.29 19.13 86.84
CA VAL YA 234 -18.55 18.10 85.83
C VAL YA 234 -18.42 18.68 84.44
N GLY YA 235 -18.95 19.88 84.22
CA GLY YA 235 -18.82 20.52 82.92
C GLY YA 235 -17.36 20.77 82.56
N HIS YA 236 -16.56 21.22 83.54
CA HIS YA 236 -15.14 21.44 83.28
C HIS YA 236 -14.42 20.14 82.95
N GLU YA 237 -14.70 19.08 83.71
CA GLU YA 237 -13.99 17.82 83.51
C GLU YA 237 -14.38 17.18 82.18
N THR YA 238 -15.67 17.17 81.85
CA THR YA 238 -16.17 16.48 80.68
C THR YA 238 -15.83 17.21 79.38
N GLY YA 239 -15.37 18.46 79.45
CA GLY YA 239 -15.06 19.21 78.26
C GLY YA 239 -16.26 19.80 77.56
N GLU YA 240 -17.43 19.82 78.21
CA GLU YA 240 -18.64 20.38 77.63
C GLU YA 240 -19.32 21.22 78.70
N THR YA 241 -19.30 22.54 78.52
CA THR YA 241 -19.86 23.46 79.51
C THR YA 241 -21.23 24.02 79.14
N GLU YA 242 -21.66 23.89 77.88
CA GLU YA 242 -22.97 24.39 77.51
C GLU YA 242 -24.08 23.63 78.22
N ALA YA 243 -23.97 22.31 78.31
CA ALA YA 243 -24.93 21.53 79.08
C ALA YA 243 -24.85 21.87 80.55
N ALA YA 244 -23.63 22.06 81.07
CA ALA YA 244 -23.48 22.53 82.45
C ALA YA 244 -24.10 23.90 82.62
N PHE YA 245 -23.96 24.78 81.64
CA PHE YA 245 -24.61 26.09 81.69
C PHE YA 245 -26.12 25.96 81.76
N ARG YA 246 -26.70 25.09 80.94
CA ARG YA 246 -28.15 24.91 80.93
C ARG YA 246 -28.64 24.36 82.27
N VAL YA 247 -27.95 23.35 82.82
CA VAL YA 247 -28.35 22.81 84.10
C VAL YA 247 -28.18 23.85 85.20
N ARG YA 248 -27.15 24.70 85.08
CA ARG YA 248 -26.98 25.80 86.02
C ARG YA 248 -28.18 26.75 85.97
N ARG YA 249 -28.65 27.06 84.75
CA ARG YA 249 -29.81 27.94 84.62
C ARG YA 249 -31.06 27.31 85.23
N GLU YA 250 -31.28 26.01 84.98
CA GLU YA 250 -32.45 25.36 85.55
C GLU YA 250 -32.37 25.32 87.07
N LEU YA 251 -31.18 25.09 87.62
CA LEU YA 251 -31.04 25.10 89.07
C LEU YA 251 -31.25 26.49 89.65
N ASP YA 252 -30.80 27.53 88.93
CA ASP YA 252 -31.05 28.91 89.34
C ASP YA 252 -32.55 29.22 89.32
N THR YA 253 -33.28 28.67 88.34
CA THR YA 253 -34.73 28.81 88.36
C THR YA 253 -35.34 28.03 89.52
N VAL YA 254 -34.78 26.87 89.86
CA VAL YA 254 -35.32 26.04 90.93
C VAL YA 254 -35.20 26.75 92.27
N ILE YA 255 -34.04 27.38 92.54
CA ILE YA 255 -33.85 28.01 93.85
C ILE YA 255 -34.84 29.16 94.06
N LEU YA 256 -35.37 29.72 92.97
CA LEU YA 256 -36.36 30.78 93.06
C LEU YA 256 -37.66 30.26 93.67
N THR ZA 25 -2.89 56.60 63.84
CA THR ZA 25 -2.45 57.91 64.31
C THR ZA 25 -3.35 59.02 63.75
N GLU ZA 26 -4.48 58.63 63.16
CA GLU ZA 26 -5.39 59.60 62.58
C GLU ZA 26 -5.97 60.52 63.65
N LYS ZA 27 -6.30 59.97 64.82
CA LYS ZA 27 -6.79 60.80 65.91
C LYS ZA 27 -5.77 61.84 66.32
N LEU ZA 28 -4.50 61.45 66.41
CA LEU ZA 28 -3.45 62.39 66.79
C LEU ZA 28 -3.27 63.48 65.74
N LYS ZA 29 -3.32 63.11 64.45
CA LYS ZA 29 -3.22 64.10 63.39
C LYS ZA 29 -4.38 65.08 63.44
N LYS ZA 30 -5.59 64.58 63.66
CA LYS ZA 30 -6.74 65.48 63.76
C LYS ZA 30 -6.63 66.39 64.98
N ILE ZA 31 -6.13 65.85 66.10
CA ILE ZA 31 -5.95 66.68 67.29
C ILE ZA 31 -4.96 67.80 67.03
N THR ZA 32 -3.85 67.48 66.37
CA THR ZA 32 -2.86 68.50 66.02
C THR ZA 32 -3.46 69.54 65.09
N LYS ZA 33 -4.22 69.10 64.07
CA LYS ZA 33 -4.83 70.03 63.14
C LYS ZA 33 -5.79 70.97 63.85
N LEU ZA 34 -6.66 70.41 64.71
CA LEU ZA 34 -7.64 71.24 65.40
C LEU ZA 34 -6.97 72.19 66.38
N LEU ZA 35 -5.88 71.77 67.02
CA LEU ZA 35 -5.15 72.67 67.91
C LEU ZA 35 -4.51 73.80 67.11
N HIS ZA 36 -4.05 73.56 65.91
CA HIS ZA 36 -3.52 74.64 65.14
C HIS ZA 36 -4.68 75.55 64.94
N GLU ZA 37 -5.72 75.05 64.30
CA GLU ZA 37 -6.82 75.95 63.96
C GLU ZA 37 -7.20 76.81 65.15
N LEU ZA 38 -7.30 76.21 66.33
CA LEU ZA 38 -7.68 76.97 67.51
C LEU ZA 38 -6.65 78.05 67.84
N VAL ZA 39 -5.37 77.72 67.74
CA VAL ZA 39 -4.34 78.71 68.08
C VAL ZA 39 -4.26 79.79 67.00
N ASP ZA 40 -4.67 79.46 65.77
CA ASP ZA 40 -4.64 80.47 64.71
C ASP ZA 40 -5.59 81.62 65.04
N ARG ZA 41 -6.82 81.30 65.46
CA ARG ZA 41 -7.81 82.32 65.81
C ARG ZA 41 -7.87 82.45 67.33
N GLY ZA 42 -6.85 83.10 67.90
CA GLY ZA 42 -6.83 83.35 69.33
C GLY ZA 42 -6.87 82.06 70.13
N GLU ZA 43 -7.72 82.05 71.15
CA GLU ZA 43 -8.03 80.85 71.95
C GLU ZA 43 -6.74 80.36 72.61
N ILE ZA 44 -6.32 79.12 72.39
CA ILE ZA 44 -5.18 78.53 73.09
C ILE ZA 44 -3.88 79.21 72.65
N PRO ZA 45 -2.84 79.21 73.48
CA PRO ZA 45 -1.55 79.78 73.06
C PRO ZA 45 -0.78 78.85 72.13
N GLU ZA 46 0.37 79.33 71.65
CA GLU ZA 46 1.13 78.61 70.63
C GLU ZA 46 1.87 77.40 71.18
N GLU ZA 47 2.25 77.42 72.45
CA GLU ZA 47 3.07 76.35 73.01
C GLU ZA 47 2.39 75.00 72.88
N LEU ZA 48 1.06 74.96 73.09
CA LEU ZA 48 0.35 73.69 72.99
C LEU ZA 48 0.39 73.15 71.57
N ALA ZA 49 0.22 74.02 70.57
CA ALA ZA 49 0.29 73.58 69.18
C ALA ZA 49 1.70 73.10 68.81
N THR ZA 50 2.72 73.80 69.29
CA THR ZA 50 4.09 73.37 69.01
C THR ZA 50 4.37 72.00 69.64
N LEU ZA 51 3.92 71.80 70.88
CA LEU ZA 51 4.08 70.49 71.51
C LEU ZA 51 3.32 69.42 70.74
N ALA ZA 52 2.12 69.76 70.26
CA ALA ZA 52 1.36 68.80 69.47
C ALA ZA 52 2.13 68.40 68.22
N THR ZA 53 2.75 69.36 67.55
CA THR ZA 53 3.52 69.05 66.34
C THR ZA 53 4.71 68.16 66.67
N LEU ZA 54 5.49 68.53 67.69
CA LEU ZA 54 6.66 67.74 68.03
C LEU ZA 54 6.29 66.32 68.44
N LEU ZA 55 5.26 66.17 69.27
CA LEU ZA 55 4.84 64.84 69.68
C LEU ZA 55 4.23 64.06 68.53
N LEU ZA 56 3.56 64.73 67.59
CA LEU ZA 56 3.02 64.04 66.43
C LEU ZA 56 4.14 63.54 65.53
N TYR ZA 57 5.28 64.23 65.51
CA TYR ZA 57 6.44 63.70 64.80
C TYR ZA 57 7.04 62.51 65.55
N LEU ZA 58 7.22 62.67 66.86
CA LEU ZA 58 7.87 61.62 67.66
C LEU ZA 58 7.08 60.33 67.60
N VAL ZA 59 5.77 60.39 67.89
CA VAL ZA 59 4.87 59.30 67.55
C VAL ZA 59 4.88 59.23 66.03
N GLU ZA 60 4.79 58.02 65.49
CA GLU ZA 60 4.82 57.77 64.04
C GLU ZA 60 6.26 57.97 63.54
N LYS ZA 61 7.14 58.51 64.38
CA LYS ZA 61 8.55 58.19 64.22
C LYS ZA 61 8.92 56.93 64.99
N GLY ZA 62 8.06 56.55 65.94
CA GLY ZA 62 8.27 55.33 66.69
C GLY ZA 62 9.17 55.52 67.89
N LEU ZA 63 9.04 56.65 68.59
CA LEU ZA 63 9.89 56.96 69.72
C LEU ZA 63 9.13 57.19 71.02
N ILE ZA 64 7.82 57.40 70.97
CA ILE ZA 64 7.00 57.47 72.18
C ILE ZA 64 5.64 56.83 71.87
N SER ZA 65 4.79 56.72 72.89
CA SER ZA 65 3.47 56.13 72.75
C SER ZA 65 2.41 57.21 72.85
N GLU ZA 66 1.19 56.86 72.43
CA GLU ZA 66 0.09 57.81 72.48
C GLU ZA 66 -0.21 58.25 73.91
N PHE ZA 67 0.07 57.39 74.88
CA PHE ZA 67 -0.13 57.77 76.28
C PHE ZA 67 0.73 58.96 76.66
N ASP ZA 68 2.00 58.95 76.23
CA ASP ZA 68 2.87 60.09 76.53
C ASP ZA 68 2.39 61.35 75.83
N PHE ZA 69 1.92 61.22 74.57
CA PHE ZA 69 1.36 62.34 73.85
C PHE ZA 69 0.22 62.98 74.64
N ILE ZA 70 -0.77 62.17 75.01
CA ILE ZA 70 -1.94 62.71 75.70
C ILE ZA 70 -1.56 63.25 77.06
N GLU ZA 71 -0.64 62.57 77.76
CA GLU ZA 71 -0.25 63.02 79.09
C GLU ZA 71 0.43 64.37 79.03
N HIS ZA 72 1.34 64.56 78.06
CA HIS ZA 72 2.00 65.86 77.90
C HIS ZA 72 0.99 66.95 77.53
N LEU ZA 73 0.06 66.62 76.63
CA LEU ZA 73 -0.95 67.60 76.24
C LEU ZA 73 -1.78 68.03 77.43
N VAL ZA 74 -2.21 67.07 78.25
CA VAL ZA 74 -3.04 67.38 79.41
C VAL ZA 74 -2.24 68.17 80.45
N ARG ZA 75 -0.96 67.81 80.63
CA ARG ZA 75 -0.14 68.56 81.59
C ARG ZA 75 0.01 70.01 81.16
N LEU ZA 76 0.28 70.25 79.88
CA LEU ZA 76 0.39 71.64 79.42
C LEU ZA 76 -0.95 72.36 79.53
N ALA ZA 77 -2.05 71.68 79.20
CA ALA ZA 77 -3.35 72.32 79.31
C ALA ZA 77 -3.66 72.72 80.75
N GLU ZA 78 -3.33 71.84 81.70
CA GLU ZA 78 -3.51 72.17 83.11
C GLU ZA 78 -2.61 73.32 83.52
N LYS ZA 79 -1.38 73.35 83.02
CA LYS ZA 79 -0.46 74.43 83.35
C LYS ZA 79 -0.98 75.78 82.85
N LEU ZA 80 -1.53 75.81 81.64
CA LEU ZA 80 -2.02 77.04 81.04
C LEU ZA 80 -3.50 77.29 81.32
N GLY ZA 81 -4.19 76.37 81.99
CA GLY ZA 81 -5.59 76.56 82.30
C GLY ZA 81 -6.47 76.66 81.07
N VAL ZA 82 -6.26 75.77 80.10
CA VAL ZA 82 -7.00 75.78 78.85
C VAL ZA 82 -7.58 74.39 78.61
N LEU ZA 83 -7.76 73.63 79.70
CA LEU ZA 83 -8.17 72.24 79.59
C LEU ZA 83 -9.52 72.07 78.92
N GLU ZA 84 -10.40 73.07 79.03
CA GLU ZA 84 -11.72 72.97 78.41
C GLU ZA 84 -11.61 72.90 76.90
N GLU ZA 85 -10.73 73.70 76.31
CA GLU ZA 85 -10.55 73.66 74.86
C GLU ZA 85 -9.98 72.31 74.41
N LEU ZA 86 -9.06 71.75 75.18
CA LEU ZA 86 -8.55 70.42 74.87
C LEU ZA 86 -9.66 69.38 74.97
N LYS ZA 87 -10.53 69.51 75.96
CA LYS ZA 87 -11.69 68.61 76.07
C LYS ZA 87 -12.57 68.72 74.84
N LYS ZA 88 -12.85 69.95 74.39
CA LYS ZA 88 -13.66 70.13 73.20
C LYS ZA 88 -13.01 69.52 71.97
N VAL ZA 89 -11.69 69.69 71.83
CA VAL ZA 89 -10.98 69.09 70.70
C VAL ZA 89 -11.09 67.57 70.74
N LEU ZA 90 -10.94 66.98 71.93
CA LEU ZA 90 -10.99 65.53 72.05
C LEU ZA 90 -12.40 65.00 71.79
N GLU ZA 91 -13.43 65.78 72.12
CA GLU ZA 91 -14.78 65.38 71.74
C GLU ZA 91 -14.98 65.50 70.22
N GLU ZA 92 -14.48 66.57 69.62
CA GLU ZA 92 -14.64 66.75 68.18
C GLU ZA 92 -13.98 65.63 67.40
N VAL ZA 93 -12.74 65.26 67.77
CA VAL ZA 93 -12.08 64.16 67.05
C VAL ZA 93 -12.79 62.84 67.30
N GLY ZA 94 -13.44 62.70 68.46
CA GLY ZA 94 -14.15 61.47 68.77
C GLY ZA 94 -13.27 60.41 69.37
N ASP ZA 95 -12.56 60.77 70.44
CA ASP ZA 95 -11.65 59.86 71.12
C ASP ZA 95 -12.15 59.63 72.54
N GLU ZA 96 -12.28 58.35 72.93
CA GLU ZA 96 -12.72 58.01 74.27
C GLU ZA 96 -11.55 57.77 75.22
N PHE ZA 97 -10.46 57.19 74.73
CA PHE ZA 97 -9.30 56.93 75.58
C PHE ZA 97 -8.70 58.24 76.09
N GLY ZA 98 -8.46 59.18 75.18
CA GLY ZA 98 -7.90 60.46 75.59
C GLY ZA 98 -8.80 61.23 76.52
N LEU ZA 99 -10.11 61.21 76.23
CA LEU ZA 99 -11.07 61.91 77.09
C LEU ZA 99 -11.09 61.31 78.48
N THR ZA 100 -11.08 59.97 78.58
CA THR ZA 100 -11.03 59.33 79.88
C THR ZA 100 -9.74 59.67 80.61
N LEU ZA 101 -8.63 59.75 79.89
CA LEU ZA 101 -7.37 60.15 80.52
C LEU ZA 101 -7.45 61.58 81.05
N VAL ZA 102 -8.09 62.47 80.29
CA VAL ZA 102 -8.25 63.85 80.75
C VAL ZA 102 -9.07 63.89 82.04
N TYR ZA 103 -10.18 63.15 82.06
CA TYR ZA 103 -10.99 63.10 83.27
C TYR ZA 103 -10.20 62.53 84.43
N ALA ZA 104 -9.40 61.48 84.19
CA ALA ZA 104 -8.62 60.88 85.25
C ALA ZA 104 -7.61 61.87 85.82
N ILE ZA 105 -6.93 62.61 84.96
CA ILE ZA 105 -5.93 63.58 85.43
C ILE ZA 105 -6.60 64.70 86.22
N SER ZA 106 -7.71 65.23 85.70
CA SER ZA 106 -8.40 66.30 86.41
C SER ZA 106 -8.92 65.83 87.76
N LEU ZA 107 -9.47 64.61 87.80
CA LEU ZA 107 -9.98 64.06 89.05
C LEU ZA 107 -8.85 63.82 90.04
N LEU ZA 108 -7.70 63.35 89.56
CA LEU ZA 108 -6.54 63.18 90.43
C LEU ZA 108 -6.08 64.51 91.02
N LYS ZA 109 -6.05 65.56 90.18
CA LYS ZA 109 -5.66 66.87 90.69
C LYS ZA 109 -6.66 67.38 91.73
N GLU ZA 110 -7.94 67.20 91.48
CA GLU ZA 110 -8.96 67.64 92.45
C GLU ZA 110 -8.85 66.86 93.75
N VAL ZA 111 -8.61 65.56 93.66
CA VAL ZA 111 -8.48 64.75 94.88
C VAL ZA 111 -7.21 65.13 95.64
N GLU ZA 112 -6.11 65.41 94.92
CA GLU ZA 112 -4.91 65.90 95.56
C GLU ZA 112 -5.18 67.20 96.30
N LYS ZA 113 -5.99 68.08 95.72
CA LYS ZA 113 -6.44 69.26 96.44
C LYS ZA 113 -7.23 68.86 97.68
N GLU ZA 114 -8.10 67.86 97.56
CA GLU ZA 114 -8.85 67.38 98.72
C GLU ZA 114 -7.95 66.65 99.71
N GLY ZA 115 -7.15 65.70 99.22
CA GLY ZA 115 -6.23 64.98 100.07
C GLY ZA 115 -6.77 63.71 100.71
N ASP ZA 116 -7.58 62.93 100.00
CA ASP ZA 116 -8.15 61.70 100.56
C ASP ZA 116 -7.45 60.51 99.93
N GLU ZA 117 -7.00 59.57 100.78
CA GLU ZA 117 -6.08 58.53 100.33
C GLU ZA 117 -6.77 57.45 99.48
N GLU ZA 118 -7.98 57.02 99.88
CA GLU ZA 118 -8.62 55.93 99.17
C GLU ZA 118 -8.92 56.29 97.72
N LEU ZA 119 -9.42 57.51 97.49
CA LEU ZA 119 -9.58 57.97 96.11
C LEU ZA 119 -8.24 58.15 95.41
N LYS ZA 120 -7.17 58.46 96.15
CA LYS ZA 120 -5.84 58.46 95.54
C LYS ZA 120 -5.52 57.10 94.95
N GLU ZA 121 -5.68 56.04 95.75
CA GLU ZA 121 -5.41 54.69 95.26
C GLU ZA 121 -6.34 54.34 94.10
N TYR ZA 122 -7.61 54.74 94.20
CA TYR ZA 122 -8.58 54.43 93.15
C TYR ZA 122 -8.16 55.05 91.83
N VAL ZA 123 -7.81 56.34 91.84
CA VAL ZA 123 -7.46 57.02 90.61
C VAL ZA 123 -6.11 56.55 90.09
N LYS ZA 124 -5.17 56.19 90.96
CA LYS ZA 124 -3.91 55.63 90.48
C LYS ZA 124 -4.12 54.30 89.77
N LEU ZA 125 -4.97 53.44 90.34
CA LEU ZA 125 -5.30 52.19 89.66
C LEU ZA 125 -6.00 52.47 88.32
N ALA ZA 126 -6.90 53.46 88.31
CA ALA ZA 126 -7.58 53.82 87.06
C ALA ZA 126 -6.59 54.28 86.01
N ILE ZA 127 -5.60 55.10 86.40
CA ILE ZA 127 -4.62 55.61 85.46
C ILE ZA 127 -3.73 54.49 84.94
N GLU ZA 128 -3.32 53.57 85.82
CA GLU ZA 128 -2.51 52.44 85.37
C GLU ZA 128 -3.28 51.57 84.38
N THR ZA 129 -4.55 51.31 84.67
CA THR ZA 129 -5.37 50.53 83.74
C THR ZA 129 -5.55 51.28 82.42
N LEU ZA 130 -5.70 52.61 82.49
CA LEU ZA 130 -5.81 53.40 81.27
C LEU ZA 130 -4.55 53.31 80.43
N LYS ZA 131 -3.37 53.33 81.08
CA LYS ZA 131 -2.12 53.16 80.35
C LYS ZA 131 -2.04 51.78 79.70
N GLU ZA 132 -2.43 50.74 80.44
CA GLU ZA 132 -2.39 49.40 79.89
C GLU ZA 132 -3.34 49.27 78.69
N ALA ZA 133 -4.51 49.91 78.77
CA ALA ZA 133 -5.42 49.91 77.64
C ALA ZA 133 -4.83 50.66 76.45
N PHE ZA 134 -4.28 51.86 76.71
CA PHE ZA 134 -3.65 52.66 75.67
C PHE ZA 134 -2.55 51.89 74.95
N GLU ZA 135 -1.87 50.98 75.66
CA GLU ZA 135 -0.82 50.19 75.04
C GLU ZA 135 -1.32 49.48 73.79
N ARG ZA 136 -2.55 48.96 73.82
CA ARG ZA 136 -3.08 48.22 72.68
C ARG ZA 136 -4.55 48.51 72.38
N LYS ZA 137 -5.12 49.57 72.97
CA LYS ZA 137 -6.54 49.90 72.79
C LYS ZA 137 -7.43 48.72 73.20
N ASN ZA 138 -7.27 48.30 74.46
CA ASN ZA 138 -8.05 47.20 75.00
C ASN ZA 138 -9.28 47.79 75.69
N TYR ZA 139 -10.46 47.46 75.18
CA TYR ZA 139 -11.67 48.18 75.55
C TYR ZA 139 -12.11 47.84 76.97
N ALA ZA 140 -11.78 46.64 77.45
CA ALA ZA 140 -12.27 46.19 78.75
C ALA ZA 140 -11.66 46.99 79.90
N LEU ZA 141 -10.33 47.17 79.88
CA LEU ZA 141 -9.71 48.00 80.90
C LEU ZA 141 -10.18 49.45 80.77
N LEU ZA 142 -10.53 49.88 79.56
CA LEU ZA 142 -11.14 51.20 79.40
C LEU ZA 142 -12.48 51.28 80.13
N VAL ZA 143 -13.29 50.23 80.03
CA VAL ZA 143 -14.55 50.19 80.77
C VAL ZA 143 -14.30 50.25 82.27
N SER ZA 144 -13.33 49.46 82.74
CA SER ZA 144 -13.03 49.45 84.17
C SER ZA 144 -12.59 50.82 84.66
N ALA ZA 145 -11.69 51.48 83.92
CA ALA ZA 145 -11.23 52.80 84.31
C ALA ZA 145 -12.35 53.82 84.24
N LYS ZA 146 -13.22 53.72 83.23
CA LYS ZA 146 -14.36 54.61 83.13
C LYS ZA 146 -15.26 54.47 84.35
N ILE ZA 147 -15.54 53.22 84.75
CA ILE ZA 147 -16.35 52.98 85.93
C ILE ZA 147 -15.72 53.64 87.16
N ILE ZA 148 -14.41 53.41 87.34
CA ILE ZA 148 -13.74 53.93 88.52
C ILE ZA 148 -13.82 55.46 88.54
N VAL ZA 149 -13.53 56.09 87.40
CA VAL ZA 149 -13.47 57.55 87.38
C VAL ZA 149 -14.86 58.16 87.55
N GLU ZA 150 -15.90 57.56 86.95
CA GLU ZA 150 -17.23 58.15 87.11
C GLU ZA 150 -17.75 57.98 88.53
N ASN ZA 151 -17.48 56.83 89.15
CA ASN ZA 151 -17.88 56.66 90.55
C ASN ZA 151 -17.12 57.61 91.46
N ALA ZA 152 -15.82 57.83 91.19
CA ALA ZA 152 -15.06 58.80 91.98
C ALA ZA 152 -15.62 60.21 91.80
N GLU ZA 153 -15.96 60.58 90.56
CA GLU ZA 153 -16.52 61.91 90.32
C GLU ZA 153 -17.84 62.07 91.08
N GLU ZA 154 -18.69 61.04 91.06
CA GLU ZA 154 -19.93 61.08 91.82
C GLU ZA 154 -19.64 61.20 93.30
N ILE ZA 155 -18.57 60.56 93.78
CA ILE ZA 155 -18.19 60.67 95.18
C ILE ZA 155 -17.84 62.12 95.52
N LEU ZA 156 -17.07 62.78 94.66
CA LEU ZA 156 -16.74 64.19 94.92
C LEU ZA 156 -17.96 65.08 94.87
N LYS ZA 157 -18.89 64.83 93.94
CA LYS ZA 157 -20.12 65.61 93.92
C LYS ZA 157 -20.92 65.41 95.21
N ALA ZA 158 -21.08 64.16 95.65
CA ALA ZA 158 -21.81 63.90 96.88
C ALA ZA 158 -21.09 64.42 98.11
N LYS ZA 159 -19.78 64.63 98.02
CA LYS ZA 159 -19.04 65.20 99.15
C LYS ZA 159 -19.55 66.59 99.49
N LYS ZA 160 -19.72 67.44 98.47
CA LYS ZA 160 -20.31 68.75 98.71
C LYS ZA 160 -21.82 68.67 98.87
N LYS ZA 161 -22.47 67.70 98.22
CA LYS ZA 161 -23.90 67.51 98.43
C LYS ZA 161 -24.18 67.03 99.86
N GLY ZA 162 -23.48 65.99 100.30
CA GLY ZA 162 -23.62 65.51 101.66
C GLY ZA 162 -24.63 64.41 101.86
N ASP ZA 163 -24.66 63.44 100.95
CA ASP ZA 163 -25.56 62.29 101.03
C ASP ZA 163 -24.66 61.08 101.30
N GLU ZA 164 -24.61 60.67 102.57
CA GLU ZA 164 -23.67 59.63 102.97
C GLU ZA 164 -24.02 58.28 102.38
N GLU ZA 165 -25.31 57.97 102.25
CA GLU ZA 165 -25.72 56.69 101.68
C GLU ZA 165 -25.15 56.53 100.27
N LYS ZA 166 -25.24 57.59 99.47
CA LYS ZA 166 -24.72 57.52 98.11
C LYS ZA 166 -23.20 57.33 98.09
N ILE ZA 167 -22.48 57.99 98.99
CA ILE ZA 167 -21.03 57.84 99.00
C ILE ZA 167 -20.64 56.43 99.41
N LYS ZA 168 -21.36 55.84 100.37
CA LYS ZA 168 -21.09 54.46 100.73
C LYS ZA 168 -21.37 53.52 99.56
N GLU ZA 169 -22.47 53.76 98.84
CA GLU ZA 169 -22.78 52.95 97.67
C GLU ZA 169 -21.69 53.06 96.61
N LEU ZA 170 -21.17 54.27 96.40
CA LEU ZA 170 -20.12 54.46 95.41
C LEU ZA 170 -18.82 53.80 95.84
N LEU ZA 171 -18.50 53.83 97.14
CA LEU ZA 171 -17.35 53.08 97.63
C LEU ZA 171 -17.52 51.58 97.41
N GLN ZA 172 -18.74 51.07 97.60
CA GLN ZA 172 -19.00 49.67 97.30
C GLN ZA 172 -18.75 49.37 95.82
N ARG ZA 173 -19.24 50.24 94.94
CA ARG ZA 173 -19.01 50.05 93.50
C ARG ZA 173 -17.52 50.08 93.18
N LEU ZA 174 -16.77 50.99 93.80
CA LEU ZA 174 -15.34 51.09 93.53
C LEU ZA 174 -14.59 49.88 94.05
N LYS ZA 175 -14.99 49.34 95.20
CA LYS ZA 175 -14.39 48.10 95.69
C LYS ZA 175 -14.65 46.95 94.72
N ALA ZA 176 -15.88 46.86 94.21
CA ALA ZA 176 -16.18 45.84 93.21
C ALA ZA 176 -15.32 46.01 91.97
N ALA ZA 177 -15.13 47.25 91.53
CA ALA ZA 177 -14.29 47.51 90.36
C ALA ZA 177 -12.85 47.11 90.61
N LYS ZA 178 -12.31 47.44 91.80
CA LYS ZA 178 -10.95 47.05 92.13
C LYS ZA 178 -10.78 45.55 92.12
N ILE ZA 179 -11.75 44.83 92.69
CA ILE ZA 179 -11.69 43.37 92.70
C ILE ZA 179 -11.74 42.83 91.27
N GLY ZA 180 -12.59 43.42 90.43
CA GLY ZA 180 -12.82 42.84 89.12
C GLY ZA 180 -11.74 43.15 88.10
N THR ZA 181 -11.02 44.26 88.27
CA THR ZA 181 -10.09 44.70 87.24
C THR ZA 181 -9.01 43.66 86.90
N PRO ZA 182 -8.28 43.08 87.87
CA PRO ZA 182 -7.37 42.00 87.49
C PRO ZA 182 -8.09 40.83 86.85
N LEU ZA 183 -9.31 40.54 87.30
CA LEU ZA 183 -10.06 39.41 86.74
C LEU ZA 183 -10.40 39.66 85.27
N VAL ZA 184 -10.85 40.86 84.92
CA VAL ZA 184 -11.19 41.13 83.52
C VAL ZA 184 -9.94 41.16 82.66
N ARG ZA 185 -8.85 41.74 83.18
CA ARG ZA 185 -7.59 41.70 82.44
C ARG ZA 185 -7.19 40.26 82.14
N GLU ZA 186 -7.26 39.39 83.16
CA GLU ZA 186 -6.88 37.99 82.98
C GLU ZA 186 -7.80 37.28 82.00
N VAL ZA 187 -9.11 37.56 82.09
CA VAL ZA 187 -10.06 36.90 81.19
C VAL ZA 187 -9.77 37.25 79.75
N VAL ZA 188 -9.54 38.54 79.47
CA VAL ZA 188 -9.21 38.96 78.10
C VAL ZA 188 -7.90 38.32 77.66
N GLU ZA 189 -6.90 38.31 78.53
CA GLU ZA 189 -5.60 37.75 78.15
C GLU ZA 189 -5.73 36.27 77.81
N ARG ZA 190 -6.44 35.51 78.64
CA ARG ZA 190 -6.61 34.08 78.38
C ARG ZA 190 -7.41 33.83 77.11
N TYR ZA 191 -8.47 34.61 76.88
CA TYR ZA 191 -9.25 34.40 75.67
C TYR ZA 191 -8.46 34.77 74.42
N ARG ZA 192 -7.49 35.68 74.52
CA ARG ZA 192 -6.71 36.10 73.36
C ARG ZA 192 -6.06 34.93 72.63
N GLU ZA 193 -5.39 34.04 73.36
CA GLU ZA 193 -4.65 32.97 72.70
C GLU ZA 193 -4.94 31.58 73.26
N GLU ZA 194 -5.30 31.47 74.54
CA GLU ZA 194 -5.46 30.14 75.15
C GLU ZA 194 -6.60 29.35 74.51
N GLY ZA 195 -7.73 30.00 74.26
CA GLY ZA 195 -8.78 29.41 73.46
C GLY ZA 195 -9.96 28.80 74.19
N GLU ZA 196 -10.15 29.18 75.44
CA GLU ZA 196 -11.27 28.70 76.20
C GLU ZA 196 -12.59 29.21 75.63
N PRO ZA 197 -13.72 28.81 76.23
CA PRO ZA 197 -15.00 29.32 75.78
C PRO ZA 197 -15.38 30.55 76.55
N LEU ZA 198 -15.34 31.70 75.89
CA LEU ZA 198 -15.57 32.94 76.61
C LEU ZA 198 -16.65 32.87 77.64
N LEU ZA 199 -17.79 32.35 77.27
CA LEU ZA 199 -18.90 32.43 78.23
C LEU ZA 199 -18.52 31.80 79.57
N ASP ZA 200 -17.78 30.69 79.53
CA ASP ZA 200 -17.40 30.03 80.77
C ASP ZA 200 -16.50 30.93 81.63
N LEU ZA 201 -15.47 31.52 81.00
CA LEU ZA 201 -14.61 32.44 81.73
C LEU ZA 201 -15.36 33.67 82.21
N LEU ZA 202 -16.29 34.19 81.39
CA LEU ZA 202 -17.09 35.34 81.82
C LEU ZA 202 -17.89 35.00 83.07
N LEU ZA 203 -18.54 33.83 83.07
CA LEU ZA 203 -19.34 33.43 84.23
C LEU ZA 203 -18.47 33.23 85.46
N HIS ZA 204 -17.31 32.59 85.29
CA HIS ZA 204 -16.41 32.37 86.42
C HIS ZA 204 -15.91 33.70 86.98
N MET ZA 205 -15.55 34.64 86.10
CA MET ZA 205 -15.08 35.94 86.55
C MET ZA 205 -16.18 36.69 87.29
N ALA ZA 206 -17.41 36.66 86.76
CA ALA ZA 206 -18.52 37.33 87.43
C ALA ZA 206 -18.79 36.73 88.80
N GLU ZA 207 -18.79 35.40 88.89
CA GLU ZA 207 -19.05 34.75 90.17
C GLU ZA 207 -17.93 35.05 91.17
N THR ZA 208 -16.68 35.03 90.71
CA THR ZA 208 -15.56 35.36 91.58
C THR ZA 208 -15.67 36.80 92.08
N THR ZA 209 -16.05 37.72 91.18
CA THR ZA 209 -16.22 39.11 91.58
C THR ZA 209 -17.31 39.24 92.65
N ILE ZA 210 -18.43 38.56 92.45
CA ILE ZA 210 -19.53 38.65 93.42
C ILE ZA 210 -19.10 38.07 94.76
N ARG ZA 211 -18.43 36.92 94.74
CA ARG ZA 211 -18.02 36.28 96.00
C ARG ZA 211 -17.01 37.14 96.74
N GLU ZA 212 -16.01 37.66 96.04
CA GLU ZA 212 -14.99 38.48 96.69
C GLU ZA 212 -15.58 39.79 97.18
N SER ZA 213 -16.55 40.35 96.43
CA SER ZA 213 -17.17 41.60 96.84
C SER ZA 213 -18.03 41.41 98.08
N GLU ZA 214 -18.77 40.31 98.16
CA GLU ZA 214 -19.57 40.05 99.35
C GLU ZA 214 -18.68 39.62 100.52
N LYS ZA 215 -17.46 39.15 100.23
CA LYS ZA 215 -16.49 38.90 101.30
C LYS ZA 215 -16.03 40.19 101.96
N LEU ZA 216 -16.23 41.33 101.31
CA LEU ZA 216 -15.86 42.63 101.86
C LEU ZA 216 -17.06 43.36 102.44
N GLY ZA 217 -18.20 42.68 102.60
CA GLY ZA 217 -19.38 43.26 103.17
C GLY ZA 217 -20.32 43.92 102.17
N VAL ZA 218 -19.98 43.89 100.88
CA VAL ZA 218 -20.77 44.60 99.90
C VAL ZA 218 -21.84 43.67 99.35
N ASP ZA 219 -23.04 44.22 99.19
CA ASP ZA 219 -24.16 43.47 98.67
C ASP ZA 219 -23.85 42.75 97.41
N PRO ZA 220 -24.64 41.75 97.08
CA PRO ZA 220 -24.44 41.08 95.82
C PRO ZA 220 -25.35 41.73 94.85
N ARG ZA 221 -25.61 43.00 95.06
CA ARG ZA 221 -26.39 43.73 94.09
C ARG ZA 221 -25.54 44.65 93.24
N LEU ZA 222 -25.25 45.84 93.72
CA LEU ZA 222 -24.55 46.82 92.90
C LEU ZA 222 -23.26 46.24 92.33
N ALA ZA 223 -22.60 45.34 93.09
CA ALA ZA 223 -21.47 44.62 92.53
C ALA ZA 223 -21.88 43.77 91.35
N ALA ZA 224 -23.12 43.27 91.37
CA ALA ZA 224 -23.65 42.54 90.23
C ALA ZA 224 -23.74 43.45 89.00
N GLU ZA 225 -24.20 44.68 89.18
CA GLU ZA 225 -24.28 45.59 88.04
C GLU ZA 225 -22.89 46.00 87.56
N VAL ZA 226 -21.93 46.12 88.47
CA VAL ZA 226 -20.55 46.41 88.07
C VAL ZA 226 -20.02 45.26 87.21
N ALA ZA 227 -20.23 44.02 87.66
CA ALA ZA 227 -19.83 42.87 86.88
C ALA ZA 227 -20.56 42.81 85.54
N ARG ZA 228 -21.81 43.26 85.52
CA ARG ZA 228 -22.56 43.29 84.26
C ARG ZA 228 -21.97 44.28 83.27
N GLU ZA 229 -21.61 45.47 83.74
CA GLU ZA 229 -20.96 46.44 82.87
C GLU ZA 229 -19.62 45.90 82.36
N MET ZA 230 -18.85 45.26 83.24
CA MET ZA 230 -17.56 44.73 82.81
C MET ZA 230 -17.73 43.57 81.84
N VAL ZA 231 -18.78 42.76 82.01
CA VAL ZA 231 -19.08 41.69 81.06
C VAL ZA 231 -19.43 42.28 79.70
N ASP ZA 232 -20.21 43.37 79.70
CA ASP ZA 232 -20.54 44.05 78.45
C ASP ZA 232 -19.26 44.55 77.77
N GLY ZA 233 -18.35 45.13 78.56
CA GLY ZA 233 -17.09 45.59 78.01
C GLY ZA 233 -16.25 44.47 77.43
N VAL ZA 234 -16.23 43.32 78.11
CA VAL ZA 234 -15.50 42.16 77.60
C VAL ZA 234 -16.10 41.69 76.29
N GLY ZA 235 -17.43 41.65 76.22
CA GLY ZA 235 -18.09 41.27 74.98
C GLY ZA 235 -17.77 42.21 73.84
N HIS ZA 236 -17.73 43.52 74.12
CA HIS ZA 236 -17.38 44.48 73.09
C HIS ZA 236 -15.94 44.31 72.63
N GLU ZA 237 -15.02 44.14 73.58
CA GLU ZA 237 -13.60 44.04 73.22
C GLU ZA 237 -13.31 42.75 72.45
N THR ZA 238 -13.86 41.63 72.91
CA THR ZA 238 -13.56 40.33 72.32
C THR ZA 238 -14.22 40.13 70.96
N GLY ZA 239 -15.15 40.99 70.57
CA GLY ZA 239 -15.83 40.83 69.30
C GLY ZA 239 -16.92 39.80 69.29
N GLU ZA 240 -17.36 39.33 70.46
CA GLU ZA 240 -18.43 38.34 70.57
C GLU ZA 240 -19.36 38.77 71.69
N THR ZA 241 -20.57 39.20 71.33
CA THR ZA 241 -21.53 39.72 72.29
C THR ZA 241 -22.63 38.74 72.66
N GLU ZA 242 -22.81 37.66 71.89
CA GLU ZA 242 -23.84 36.69 72.22
C GLU ZA 242 -23.54 35.99 73.54
N ALA ZA 243 -22.28 35.61 73.75
CA ALA ZA 243 -21.89 35.04 75.05
C ALA ZA 243 -22.03 36.07 76.16
N ALA ZA 244 -21.65 37.32 75.88
CA ALA ZA 244 -21.87 38.39 76.84
C ALA ZA 244 -23.36 38.58 77.11
N PHE ZA 245 -24.19 38.45 76.08
CA PHE ZA 245 -25.63 38.54 76.27
C PHE ZA 245 -26.14 37.42 77.19
N ARG ZA 246 -25.66 36.20 76.97
CA ARG ZA 246 -26.09 35.08 77.80
C ARG ZA 246 -25.66 35.26 79.25
N VAL ZA 247 -24.41 35.68 79.48
CA VAL ZA 247 -23.96 35.91 80.85
C VAL ZA 247 -24.73 37.05 81.48
N ARG ZA 248 -25.08 38.07 80.69
CA ARG ZA 248 -25.92 39.15 81.18
C ARG ZA 248 -27.28 38.62 81.65
N ARG ZA 249 -27.86 37.71 80.87
CA ARG ZA 249 -29.15 37.14 81.25
C ARG ZA 249 -29.04 36.33 82.54
N GLU ZA 250 -27.97 35.53 82.67
CA GLU ZA 250 -27.81 34.74 83.89
C GLU ZA 250 -27.58 35.64 85.09
N LEU ZA 251 -26.83 36.72 84.92
CA LEU ZA 251 -26.64 37.66 86.03
C LEU ZA 251 -27.94 38.37 86.39
N ASP ZA 252 -28.75 38.71 85.39
CA ASP ZA 252 -30.07 39.28 85.65
C ASP ZA 252 -30.97 38.31 86.40
N THR ZA 253 -30.87 37.02 86.10
CA THR ZA 253 -31.58 36.02 86.89
C THR ZA 253 -31.02 35.93 88.31
N VAL ZA 254 -29.70 36.09 88.44
CA VAL ZA 254 -29.06 35.98 89.76
C VAL ZA 254 -29.52 37.10 90.68
N ILE ZA 255 -29.60 38.33 90.16
CA ILE ZA 255 -29.95 39.46 91.03
C ILE ZA 255 -31.38 39.31 91.55
N LEU ZA 256 -32.21 38.53 90.87
CA LEU ZA 256 -33.57 38.28 91.33
C LEU ZA 256 -33.57 37.48 92.63
N THR AB 25 -46.20 56.09 44.82
CA THR AB 25 -47.15 57.19 44.76
C THR AB 25 -48.58 56.66 44.62
N GLU AB 26 -48.74 55.34 44.82
CA GLU AB 26 -50.06 54.73 44.70
C GLU AB 26 -51.02 55.27 45.74
N LYS AB 27 -50.54 55.48 46.97
CA LYS AB 27 -51.39 56.07 48.00
C LYS AB 27 -51.87 57.45 47.60
N LEU AB 28 -50.99 58.26 47.04
CA LEU AB 28 -51.38 59.61 46.62
C LEU AB 28 -52.40 59.56 45.49
N LYS AB 29 -52.21 58.66 44.52
CA LYS AB 29 -53.17 58.52 43.43
C LYS AB 29 -54.54 58.09 43.97
N LYS AB 30 -54.56 57.13 44.89
CA LYS AB 30 -55.82 56.71 45.47
C LYS AB 30 -56.48 57.84 46.26
N ILE AB 31 -55.69 58.63 46.98
CA ILE AB 31 -56.24 59.75 47.73
C ILE AB 31 -56.88 60.75 46.79
N THR AB 32 -56.19 61.07 45.69
CA THR AB 32 -56.75 61.99 44.70
C THR AB 32 -58.04 61.42 44.10
N LYS AB 33 -58.04 60.13 43.75
CA LYS AB 33 -59.24 59.52 43.18
C LYS AB 33 -60.41 59.59 44.15
N LEU AB 34 -60.18 59.23 45.41
CA LEU AB 34 -61.26 59.23 46.39
C LEU AB 34 -61.75 60.65 46.67
N LEU AB 35 -60.85 61.63 46.67
CA LEU AB 35 -61.29 63.00 46.84
C LEU AB 35 -62.13 63.47 45.66
N HIS AB 36 -61.84 63.02 44.46
CA HIS AB 36 -62.69 63.41 43.36
C HIS AB 36 -64.01 62.80 43.69
N GLU AB 37 -64.04 61.49 43.83
CA GLU AB 37 -65.33 60.85 44.01
C GLU AB 37 -66.16 61.57 45.06
N LEU AB 38 -65.53 61.94 46.18
CA LEU AB 38 -66.26 62.63 47.24
C LEU AB 38 -66.79 63.98 46.76
N VAL AB 39 -65.97 64.74 46.03
CA VAL AB 39 -66.42 66.05 45.58
C VAL AB 39 -67.46 65.92 44.48
N ASP AB 40 -67.47 64.81 43.75
CA ASP AB 40 -68.47 64.61 42.72
C ASP AB 40 -69.87 64.56 43.31
N ARG AB 41 -70.05 63.78 44.39
CA ARG AB 41 -71.33 63.66 45.06
C ARG AB 41 -71.33 64.52 46.32
N GLY AB 42 -71.45 65.83 46.11
CA GLY AB 42 -71.52 66.76 47.23
C GLY AB 42 -70.29 66.68 48.12
N GLU AB 43 -70.52 66.64 49.43
CA GLU AB 43 -69.48 66.40 50.43
C GLU AB 43 -68.45 67.52 50.34
N ILE AB 44 -67.18 67.21 50.13
CA ILE AB 44 -66.10 68.21 50.16
C ILE AB 44 -66.23 69.16 48.99
N PRO AB 45 -65.71 70.40 49.09
CA PRO AB 45 -65.76 71.31 47.95
C PRO AB 45 -64.68 70.99 46.91
N GLU AB 46 -64.69 71.75 45.80
CA GLU AB 46 -63.84 71.42 44.66
C GLU AB 46 -62.37 71.81 44.88
N GLU AB 47 -62.12 72.82 45.73
CA GLU AB 47 -60.75 73.31 45.90
C GLU AB 47 -59.82 72.21 46.39
N LEU AB 48 -60.30 71.35 47.28
CA LEU AB 48 -59.46 70.29 47.81
C LEU AB 48 -59.09 69.30 46.71
N ALA AB 49 -60.05 68.95 45.84
CA ALA AB 49 -59.76 68.04 44.74
C ALA AB 49 -58.80 68.67 43.74
N THR AB 50 -58.96 69.96 43.44
CA THR AB 50 -58.03 70.63 42.53
C THR AB 50 -56.62 70.65 43.11
N LEU AB 51 -56.49 70.95 44.40
CA LEU AB 51 -55.18 70.91 45.04
C LEU AB 51 -54.60 69.50 45.00
N ALA AB 52 -55.45 68.49 45.22
CA ALA AB 52 -54.96 67.12 45.15
C ALA AB 52 -54.41 66.82 43.76
N THR AB 53 -55.10 67.25 42.71
CA THR AB 53 -54.62 67.02 41.35
C THR AB 53 -53.29 67.72 41.10
N LEU AB 54 -53.20 69.01 41.45
CA LEU AB 54 -51.98 69.75 41.21
C LEU AB 54 -50.79 69.15 41.97
N LEU AB 55 -50.99 68.82 43.25
CA LEU AB 55 -49.92 68.23 44.02
C LEU AB 55 -49.57 66.83 43.55
N LEU AB 56 -50.55 66.07 43.04
CA LEU AB 56 -50.26 64.75 42.49
C LEU AB 56 -49.44 64.86 41.21
N TYR AB 57 -49.61 65.95 40.47
CA TYR AB 57 -48.72 66.19 39.32
C TYR AB 57 -47.33 66.58 39.80
N LEU AB 58 -47.26 67.51 40.75
CA LEU AB 58 -45.97 68.03 41.20
C LEU AB 58 -45.11 66.92 41.80
N VAL AB 59 -45.67 66.16 42.75
CA VAL AB 59 -45.10 64.88 43.15
C VAL AB 59 -45.18 64.00 41.91
N GLU AB 60 -44.18 63.15 41.71
CA GLU AB 60 -44.08 62.27 40.54
C GLU AB 60 -43.72 63.09 39.30
N LYS AB 61 -43.76 64.43 39.42
CA LYS AB 61 -42.92 65.24 38.56
C LYS AB 61 -41.56 65.45 39.19
N GLY AB 62 -41.45 65.22 40.49
CA GLY AB 62 -40.19 65.32 41.19
C GLY AB 62 -39.87 66.74 41.65
N LEU AB 63 -40.89 67.46 42.11
CA LEU AB 63 -40.70 68.85 42.52
C LEU AB 63 -41.10 69.11 43.96
N ILE AB 64 -41.83 68.21 44.62
CA ILE AB 64 -42.11 68.33 46.05
C ILE AB 64 -42.11 66.94 46.65
N SER AB 65 -42.25 66.85 47.97
CA SER AB 65 -42.28 65.58 48.67
C SER AB 65 -43.68 65.29 49.18
N GLU AB 66 -43.90 64.02 49.55
CA GLU AB 66 -45.20 63.62 50.06
C GLU AB 66 -45.58 64.38 51.32
N PHE AB 67 -44.59 64.81 52.09
CA PHE AB 67 -44.88 65.59 53.29
C PHE AB 67 -45.57 66.90 52.94
N ASP AB 68 -45.09 67.58 51.90
CA ASP AB 68 -45.74 68.82 51.48
C ASP AB 68 -47.16 68.55 50.97
N PHE AB 69 -47.34 67.46 50.22
CA PHE AB 69 -48.67 67.09 49.75
C PHE AB 69 -49.64 66.94 50.92
N ILE AB 70 -49.26 66.12 51.91
CA ILE AB 70 -50.17 65.87 53.03
C ILE AB 70 -50.35 67.13 53.86
N GLU AB 71 -49.30 67.93 54.02
CA GLU AB 71 -49.41 69.14 54.82
C GLU AB 71 -50.37 70.13 54.19
N HIS AB 72 -50.26 70.32 52.86
CA HIS AB 72 -51.19 71.21 52.16
C HIS AB 72 -52.62 70.69 52.24
N LEU AB 73 -52.79 69.38 52.07
CA LEU AB 73 -54.14 68.81 52.15
C LEU AB 73 -54.75 69.04 53.52
N VAL AB 74 -53.97 68.82 54.57
CA VAL AB 74 -54.47 68.99 55.94
C VAL AB 74 -54.76 70.47 56.21
N ARG AB 75 -53.91 71.36 55.73
CA ARG AB 75 -54.14 72.79 55.93
C ARG AB 75 -55.44 73.23 55.26
N LEU AB 76 -55.68 72.79 54.02
CA LEU AB 76 -56.94 73.15 53.37
C LEU AB 76 -58.13 72.52 54.08
N ALA AB 77 -58.00 71.27 54.53
CA ALA AB 77 -59.10 70.63 55.25
C ALA AB 77 -59.44 71.39 56.53
N GLU AB 78 -58.42 71.82 57.26
CA GLU AB 78 -58.65 72.61 58.46
C GLU AB 78 -59.29 73.96 58.11
N LYS AB 79 -58.85 74.57 57.02
CA LYS AB 79 -59.43 75.85 56.61
C LYS AB 79 -60.91 75.71 56.28
N LEU AB 80 -61.28 74.63 55.58
CA LEU AB 80 -62.66 74.43 55.17
C LEU AB 80 -63.47 73.61 56.17
N GLY AB 81 -62.85 73.13 57.24
CA GLY AB 81 -63.55 72.35 58.25
C GLY AB 81 -64.13 71.05 57.71
N VAL AB 82 -63.33 70.32 56.94
CA VAL AB 82 -63.77 69.08 56.32
C VAL AB 82 -62.77 67.98 56.67
N LEU AB 83 -62.05 68.16 57.78
CA LEU AB 83 -60.96 67.27 58.14
C LEU AB 83 -61.44 65.84 58.37
N GLU AB 84 -62.69 65.65 58.79
CA GLU AB 84 -63.20 64.31 59.02
C GLU AB 84 -63.24 63.49 57.74
N GLU AB 85 -63.67 64.11 56.63
CA GLU AB 85 -63.70 63.41 55.36
C GLU AB 85 -62.30 63.05 54.90
N LEU AB 86 -61.32 63.94 55.10
CA LEU AB 86 -59.94 63.61 54.78
C LEU AB 86 -59.44 62.44 55.63
N LYS AB 87 -59.82 62.42 56.90
CA LYS AB 87 -59.46 61.30 57.78
C LYS AB 87 -60.04 59.99 57.24
N LYS AB 88 -61.32 60.03 56.83
CA LYS AB 88 -61.94 58.83 56.28
C LYS AB 88 -61.24 58.38 55.01
N VAL AB 89 -60.87 59.32 54.14
CA VAL AB 89 -60.14 58.97 52.92
C VAL AB 89 -58.81 58.31 53.26
N LEU AB 90 -58.09 58.87 54.23
CA LEU AB 90 -56.79 58.33 54.60
C LEU AB 90 -56.90 56.96 55.24
N GLU AB 91 -58.00 56.70 55.95
CA GLU AB 91 -58.24 55.35 56.45
C GLU AB 91 -58.57 54.39 55.31
N GLU AB 92 -59.39 54.83 54.36
CA GLU AB 92 -59.76 53.96 53.25
C GLU AB 92 -58.55 53.57 52.41
N VAL AB 93 -57.68 54.52 52.10
CA VAL AB 93 -56.49 54.19 51.32
C VAL AB 93 -55.56 53.28 52.12
N GLY AB 94 -55.57 53.42 53.44
CA GLY AB 94 -54.73 52.60 54.30
C GLY AB 94 -53.34 53.17 54.47
N ASP AB 95 -53.27 54.43 54.90
CA ASP AB 95 -52.01 55.12 55.10
C ASP AB 95 -51.86 55.47 56.57
N GLU AB 96 -50.72 55.10 57.16
CA GLU AB 96 -50.45 55.40 58.56
C GLU AB 96 -49.67 56.69 58.73
N PHE AB 97 -48.73 56.98 57.82
CA PHE AB 97 -47.94 58.20 57.91
C PHE AB 97 -48.82 59.44 57.79
N GLY AB 98 -49.68 59.47 56.77
CA GLY AB 98 -50.56 60.60 56.59
C GLY AB 98 -51.54 60.77 57.73
N LEU AB 99 -52.09 59.65 58.22
CA LEU AB 99 -53.02 59.72 59.33
C LEU AB 99 -52.36 60.26 60.59
N THR AB 100 -51.13 59.80 60.87
CA THR AB 100 -50.39 60.31 62.01
C THR AB 100 -50.11 61.80 61.84
N LEU AB 101 -49.79 62.24 60.62
CA LEU AB 101 -49.57 63.65 60.38
C LEU AB 101 -50.85 64.45 60.63
N VAL AB 102 -52.00 63.91 60.23
CA VAL AB 102 -53.27 64.58 60.46
C VAL AB 102 -53.52 64.73 61.96
N TYR AB 103 -53.30 63.66 62.72
CA TYR AB 103 -53.46 63.74 64.17
C TYR AB 103 -52.51 64.74 64.78
N ALA AB 104 -51.26 64.77 64.29
CA ALA AB 104 -50.28 65.71 64.83
C ALA AB 104 -50.71 67.15 64.58
N ILE AB 105 -51.19 67.45 63.38
CA ILE AB 105 -51.60 68.81 63.06
C ILE AB 105 -52.81 69.22 63.90
N SER AB 106 -53.80 68.33 64.01
CA SER AB 106 -55.00 68.63 64.80
C SER AB 106 -54.64 68.84 66.26
N LEU AB 107 -53.76 68.00 66.79
CA LEU AB 107 -53.34 68.12 68.18
C LEU AB 107 -52.55 69.41 68.41
N LEU AB 108 -51.71 69.79 67.45
CA LEU AB 108 -51.00 71.05 67.55
C LEU AB 108 -51.96 72.23 67.57
N LYS AB 109 -52.99 72.20 66.70
CA LYS AB 109 -53.97 73.27 66.70
C LYS AB 109 -54.72 73.35 68.02
N GLU AB 110 -55.12 72.18 68.55
CA GLU AB 110 -55.84 72.18 69.82
C GLU AB 110 -54.96 72.69 70.96
N VAL AB 111 -53.68 72.30 70.97
CA VAL AB 111 -52.77 72.77 72.02
C VAL AB 111 -52.53 74.27 71.88
N GLU AB 112 -52.41 74.77 70.64
CA GLU AB 112 -52.29 76.20 70.43
C GLU AB 112 -53.51 76.94 70.97
N LYS AB 113 -54.70 76.34 70.80
CA LYS AB 113 -55.87 76.89 71.45
C LYS AB 113 -55.71 76.87 72.97
N GLU AB 114 -55.17 75.77 73.51
CA GLU AB 114 -54.93 75.70 74.95
C GLU AB 114 -53.81 76.62 75.38
N GLY AB 115 -52.67 76.56 74.69
CA GLY AB 115 -51.55 77.43 74.99
C GLY AB 115 -50.56 76.91 76.00
N ASP AB 116 -50.25 75.62 75.99
CA ASP AB 116 -49.31 75.04 76.96
C ASP AB 116 -47.99 74.72 76.25
N GLU AB 117 -46.88 75.16 76.84
CA GLU AB 117 -45.60 75.16 76.14
C GLU AB 117 -44.99 73.77 76.00
N GLU AB 118 -45.07 72.96 77.06
CA GLU AB 118 -44.39 71.65 77.01
C GLU AB 118 -45.00 70.77 75.93
N LEU AB 119 -46.33 70.75 75.82
CA LEU AB 119 -46.94 70.02 74.72
C LEU AB 119 -46.63 70.67 73.36
N LYS AB 120 -46.41 71.99 73.33
CA LYS AB 120 -45.92 72.61 72.09
C LYS AB 120 -44.62 71.98 71.66
N GLU AB 121 -43.65 71.90 72.57
CA GLU AB 121 -42.36 71.29 72.23
C GLU AB 121 -42.54 69.82 71.85
N TYR AB 122 -43.40 69.11 72.57
CA TYR AB 122 -43.62 67.70 72.30
C TYR AB 122 -44.16 67.49 70.88
N VAL AB 123 -45.17 68.26 70.50
CA VAL AB 123 -45.78 68.08 69.18
C VAL AB 123 -44.84 68.58 68.08
N LYS AB 124 -44.04 69.61 68.34
CA LYS AB 124 -43.08 70.05 67.34
C LYS AB 124 -42.03 68.98 67.08
N LEU AB 125 -41.53 68.34 68.16
CA LEU AB 125 -40.61 67.23 67.98
C LEU AB 125 -41.27 66.08 67.23
N ALA AB 126 -42.54 65.80 67.56
CA ALA AB 126 -43.27 64.74 66.87
C ALA AB 126 -43.39 65.04 65.37
N ILE AB 127 -43.69 66.30 65.03
CA ILE AB 127 -43.85 66.67 63.63
C ILE AB 127 -42.51 66.60 62.89
N GLU AB 128 -41.42 67.03 63.53
CA GLU AB 128 -40.12 66.93 62.90
C GLU AB 128 -39.74 65.48 62.65
N THR AB 129 -39.99 64.61 63.63
CA THR AB 129 -39.73 63.19 63.44
C THR AB 129 -40.60 62.59 62.34
N LEU AB 130 -41.86 63.05 62.27
CA LEU AB 130 -42.75 62.59 61.21
C LEU AB 130 -42.22 62.99 59.83
N LYS AB 131 -41.71 64.22 59.71
CA LYS AB 131 -41.11 64.66 58.45
C LYS AB 131 -39.90 63.81 58.10
N GLU AB 132 -39.04 63.54 59.08
CA GLU AB 132 -37.85 62.72 58.82
C GLU AB 132 -38.24 61.31 58.39
N ALA AB 133 -39.29 60.75 59.00
CA ALA AB 133 -39.78 59.45 58.58
C ALA AB 133 -40.34 59.51 57.16
N PHE AB 134 -41.17 60.52 56.88
CA PHE AB 134 -41.74 60.70 55.55
C PHE AB 134 -40.67 60.80 54.48
N GLU AB 135 -39.50 61.33 54.83
CA GLU AB 135 -38.41 61.44 53.87
C GLU AB 135 -38.09 60.08 53.23
N ARG AB 136 -38.11 59.01 54.02
CA ARG AB 136 -37.79 57.69 53.48
C ARG AB 136 -38.68 56.57 54.01
N LYS AB 137 -39.81 56.89 54.64
CA LYS AB 137 -40.71 55.90 55.22
C LYS AB 137 -39.97 55.03 56.24
N ASN AB 138 -39.40 55.68 57.24
CA ASN AB 138 -38.66 55.00 58.30
C ASN AB 138 -39.63 54.73 59.45
N TYR AB 139 -39.86 53.44 59.73
CA TYR AB 139 -40.98 53.06 60.59
C TYR AB 139 -40.70 53.41 62.05
N ALA AB 140 -39.42 53.45 62.45
CA ALA AB 140 -39.09 53.66 63.86
C ALA AB 140 -39.45 55.06 64.33
N LEU AB 141 -39.07 56.09 63.56
CA LEU AB 141 -39.49 57.44 63.91
C LEU AB 141 -41.01 57.59 63.84
N LEU AB 142 -41.66 56.82 62.97
CA LEU AB 142 -43.11 56.80 62.97
C LEU AB 142 -43.66 56.27 64.29
N VAL AB 143 -43.04 55.21 64.83
CA VAL AB 143 -43.46 54.70 66.13
C VAL AB 143 -43.25 55.75 67.22
N SER AB 144 -42.10 56.42 67.19
CA SER AB 144 -41.82 57.44 68.20
C SER AB 144 -42.85 58.57 68.14
N ALA AB 145 -43.14 59.06 66.93
CA ALA AB 145 -44.11 60.13 66.77
C ALA AB 145 -45.50 59.68 67.19
N LYS AB 146 -45.87 58.43 66.85
CA LYS AB 146 -47.15 57.90 67.26
C LYS AB 146 -47.27 57.87 68.77
N ILE AB 147 -46.21 57.42 69.46
CA ILE AB 147 -46.21 57.40 70.92
C ILE AB 147 -46.42 58.81 71.46
N ILE AB 148 -45.66 59.77 70.93
CA ILE AB 148 -45.75 61.14 71.43
C ILE AB 148 -47.16 61.69 71.25
N VAL AB 149 -47.74 61.49 70.06
CA VAL AB 149 -49.04 62.09 69.78
C VAL AB 149 -50.14 61.41 70.59
N GLU AB 150 -50.08 60.09 70.77
CA GLU AB 150 -51.14 59.44 71.54
C GLU AB 150 -51.05 59.81 73.01
N ASN AB 151 -49.84 59.90 73.56
CA ASN AB 151 -49.72 60.33 74.95
C ASN AB 151 -50.18 61.78 75.11
N ALA AB 152 -49.87 62.64 74.15
CA ALA AB 152 -50.36 64.02 74.22
C ALA AB 152 -51.88 64.07 74.16
N GLU AB 153 -52.48 63.27 73.27
CA GLU AB 153 -53.94 63.24 73.18
C GLU AB 153 -54.55 62.77 74.49
N GLU AB 154 -53.97 61.74 75.11
CA GLU AB 154 -54.44 61.28 76.41
C GLU AB 154 -54.28 62.38 77.46
N ILE AB 155 -53.20 63.17 77.35
CA ILE AB 155 -53.02 64.31 78.26
C ILE AB 155 -54.16 65.30 78.13
N LEU AB 156 -54.52 65.64 76.90
CA LEU AB 156 -55.63 66.58 76.70
C LEU AB 156 -56.96 66.00 77.19
N LYS AB 157 -57.19 64.70 76.98
CA LYS AB 157 -58.41 64.10 77.53
C LYS AB 157 -58.43 64.17 79.05
N ALA AB 158 -57.32 63.82 79.70
CA ALA AB 158 -57.25 63.89 81.15
C ALA AB 158 -57.32 65.31 81.67
N LYS AB 159 -56.97 66.30 80.84
CA LYS AB 159 -57.07 67.69 81.27
C LYS AB 159 -58.51 68.05 81.60
N LYS AB 160 -59.45 67.69 80.73
CA LYS AB 160 -60.86 67.91 81.04
C LYS AB 160 -61.38 66.86 82.02
N LYS AB 161 -60.84 65.64 82.01
CA LYS AB 161 -61.23 64.65 83.00
C LYS AB 161 -60.77 65.06 84.39
N GLY AB 162 -59.50 65.41 84.54
CA GLY AB 162 -58.99 65.91 85.81
C GLY AB 162 -58.38 64.85 86.70
N ASP AB 163 -57.60 63.94 86.12
CA ASP AB 163 -56.92 62.88 86.87
C ASP AB 163 -55.43 63.21 86.79
N GLU AB 164 -54.90 63.81 87.86
CA GLU AB 164 -53.53 64.32 87.84
C GLU AB 164 -52.51 63.19 87.77
N GLU AB 165 -52.77 62.07 88.43
CA GLU AB 165 -51.83 60.95 88.38
C GLU AB 165 -51.59 60.50 86.95
N LYS AB 166 -52.67 60.40 86.16
CA LYS AB 166 -52.54 59.98 84.78
C LYS AB 166 -51.74 60.99 83.96
N ILE AB 167 -51.95 62.29 84.19
CA ILE AB 167 -51.23 63.29 83.42
C ILE AB 167 -49.74 63.26 83.77
N LYS AB 168 -49.42 63.05 85.05
CA LYS AB 168 -48.01 62.91 85.41
C LYS AB 168 -47.40 61.67 84.75
N GLU AB 169 -48.13 60.56 84.73
CA GLU AB 169 -47.64 59.36 84.07
C GLU AB 169 -47.40 59.60 82.59
N LEU AB 170 -48.31 60.32 81.94
CA LEU AB 170 -48.15 60.60 80.51
C LEU AB 170 -46.97 61.54 80.25
N LEU AB 171 -46.74 62.51 81.14
CA LEU AB 171 -45.55 63.33 81.02
C LEU AB 171 -44.28 62.50 81.17
N GLN AB 172 -44.29 61.53 82.08
CA GLN AB 172 -43.15 60.62 82.21
C GLN AB 172 -42.92 59.85 80.91
N ARG AB 173 -44.01 59.33 80.30
CA ARG AB 173 -43.88 58.62 79.04
C ARG AB 173 -43.33 59.52 77.95
N LEU AB 174 -43.79 60.77 77.90
CA LEU AB 174 -43.33 61.69 76.87
C LEU AB 174 -41.85 62.06 77.08
N LYS AB 175 -41.42 62.22 78.32
CA LYS AB 175 -40.00 62.44 78.58
C LYS AB 175 -39.17 61.26 78.13
N ALA AB 176 -39.64 60.04 78.40
CA ALA AB 176 -38.94 58.86 77.92
C ALA AB 176 -38.85 58.85 76.39
N ALA AB 177 -39.95 59.22 75.73
CA ALA AB 177 -39.96 59.27 74.27
C ALA AB 177 -38.98 60.31 73.73
N LYS AB 178 -38.94 61.49 74.36
CA LYS AB 178 -38.01 62.52 73.93
C LYS AB 178 -36.57 62.05 74.08
N ILE AB 179 -36.26 61.39 75.20
CA ILE AB 179 -34.92 60.87 75.40
C ILE AB 179 -34.58 59.82 74.35
N GLY AB 180 -35.55 58.96 74.03
CA GLY AB 180 -35.25 57.82 73.19
C GLY AB 180 -35.19 58.15 71.70
N THR AB 181 -35.88 59.20 71.27
CA THR AB 181 -36.00 59.46 69.83
C THR AB 181 -34.66 59.66 69.14
N PRO AB 182 -33.73 60.50 69.62
CA PRO AB 182 -32.42 60.53 68.97
C PRO AB 182 -31.71 59.19 69.03
N LEU AB 183 -31.90 58.44 70.12
CA LEU AB 183 -31.25 57.14 70.25
C LEU AB 183 -31.75 56.16 69.20
N VAL AB 184 -33.06 56.12 68.97
CA VAL AB 184 -33.59 55.17 67.98
C VAL AB 184 -33.19 55.60 66.57
N ARG AB 185 -33.22 56.91 66.31
CA ARG AB 185 -32.74 57.39 65.01
C ARG AB 185 -31.30 56.96 64.77
N GLU AB 186 -30.44 57.15 65.78
CA GLU AB 186 -29.04 56.77 65.64
C GLU AB 186 -28.87 55.27 65.47
N VAL AB 187 -29.64 54.48 66.22
CA VAL AB 187 -29.52 53.02 66.12
C VAL AB 187 -29.86 52.56 64.71
N VAL AB 188 -30.97 53.08 64.16
CA VAL AB 188 -31.34 52.70 62.80
C VAL AB 188 -30.28 53.14 61.80
N GLU AB 189 -29.77 54.36 61.96
CA GLU AB 189 -28.77 54.88 61.03
C GLU AB 189 -27.51 54.01 61.06
N ARG AB 190 -27.03 53.66 62.25
CA ARG AB 190 -25.84 52.84 62.37
C ARG AB 190 -26.06 51.45 61.79
N TYR AB 191 -27.22 50.84 62.07
CA TYR AB 191 -27.48 49.51 61.55
C TYR AB 191 -27.61 49.52 60.03
N ARG AB 192 -28.03 50.64 59.43
CA ARG AB 192 -28.21 50.71 57.99
C ARG AB 192 -26.95 50.32 57.21
N GLU AB 193 -25.80 50.87 57.57
CA GLU AB 193 -24.59 50.61 56.80
C GLU AB 193 -23.39 50.19 57.64
N GLU AB 194 -23.31 50.60 58.91
CA GLU AB 194 -22.11 50.32 59.70
C GLU AB 194 -21.92 48.82 59.93
N GLY AB 195 -23.00 48.11 60.24
CA GLY AB 195 -22.98 46.66 60.26
C GLY AB 195 -22.83 45.98 61.61
N GLU AB 196 -23.13 46.70 62.68
CA GLU AB 196 -23.09 46.11 64.01
C GLU AB 196 -24.17 45.04 64.20
N PRO AB 197 -24.22 44.43 65.40
CA PRO AB 197 -25.25 43.43 65.66
C PRO AB 197 -26.47 44.06 66.29
N LEU AB 198 -27.52 44.19 65.51
CA LEU AB 198 -28.70 44.88 66.00
C LEU AB 198 -28.99 44.65 67.46
N LEU AB 199 -28.94 43.41 67.89
CA LEU AB 199 -29.37 43.19 69.27
C LEU AB 199 -28.52 43.96 70.26
N ASP AB 200 -27.22 44.05 70.01
CA ASP AB 200 -26.33 44.79 70.91
C ASP AB 200 -26.70 46.26 70.96
N LEU AB 201 -26.88 46.89 69.80
CA LEU AB 201 -27.29 48.29 69.77
C LEU AB 201 -28.67 48.49 70.38
N LEU AB 202 -29.59 47.55 70.15
CA LEU AB 202 -30.91 47.66 70.75
C LEU AB 202 -30.82 47.65 72.28
N LEU AB 203 -30.02 46.73 72.82
CA LEU AB 203 -29.87 46.65 74.27
C LEU AB 203 -29.21 47.89 74.83
N HIS AB 204 -28.16 48.39 74.15
CA HIS AB 204 -27.49 49.61 74.62
C HIS AB 204 -28.44 50.80 74.58
N MET AB 205 -29.23 50.93 73.52
CA MET AB 205 -30.18 52.03 73.42
C MET AB 205 -31.23 51.93 74.51
N ALA AB 206 -31.75 50.74 74.77
CA ALA AB 206 -32.75 50.57 75.82
C ALA AB 206 -32.18 50.93 77.19
N GLU AB 207 -30.97 50.45 77.47
CA GLU AB 207 -30.35 50.73 78.77
C GLU AB 207 -30.07 52.23 78.92
N THR AB 208 -29.58 52.87 77.85
CA THR AB 208 -29.34 54.31 77.91
C THR AB 208 -30.64 55.06 78.14
N THR AB 209 -31.71 54.64 77.47
CA THR AB 209 -33.01 55.28 77.67
C THR AB 209 -33.47 55.15 79.11
N ILE AB 210 -33.33 53.95 79.69
CA ILE AB 210 -33.76 53.75 81.07
C ILE AB 210 -32.93 54.60 82.02
N ARG AB 211 -31.61 54.61 81.83
CA ARG AB 211 -30.74 55.37 82.72
C ARG AB 211 -31.04 56.86 82.65
N GLU AB 212 -31.16 57.40 81.42
CA GLU AB 212 -31.43 58.83 81.27
C GLU AB 212 -32.82 59.18 81.78
N SER AB 213 -33.78 58.28 81.62
CA SER AB 213 -35.14 58.55 82.10
C SER AB 213 -35.19 58.55 83.62
N GLU AB 214 -34.48 57.62 84.26
CA GLU AB 214 -34.46 57.62 85.72
C GLU AB 214 -33.58 58.76 86.26
N LYS AB 215 -32.69 59.29 85.43
CA LYS AB 215 -31.96 60.51 85.81
C LYS AB 215 -32.87 61.72 85.88
N LEU AB 216 -34.06 61.65 85.28
CA LEU AB 216 -35.03 62.73 85.31
C LEU AB 216 -36.14 62.48 86.34
N GLY AB 217 -35.96 61.47 87.20
CA GLY AB 217 -36.92 61.16 88.23
C GLY AB 217 -38.00 60.18 87.84
N VAL AB 218 -37.96 59.68 86.60
CA VAL AB 218 -39.03 58.81 86.11
C VAL AB 218 -38.67 57.37 86.41
N ASP AB 219 -39.68 56.62 86.84
CA ASP AB 219 -39.51 55.22 87.14
C ASP AB 219 -38.83 54.46 86.04
N PRO AB 220 -38.35 53.28 86.36
CA PRO AB 220 -37.77 52.46 85.32
C PRO AB 220 -38.83 51.51 84.92
N ARG AB 221 -40.06 51.92 85.08
CA ARG AB 221 -41.15 51.09 84.61
C ARG AB 221 -41.71 51.59 83.29
N LEU AB 222 -42.60 52.56 83.34
CA LEU AB 222 -43.28 52.98 82.12
C LEU AB 222 -42.28 53.37 81.04
N ALA AB 223 -41.12 53.93 81.44
CA ALA AB 223 -40.06 54.17 80.47
C ALA AB 223 -39.58 52.85 79.87
N ALA AB 224 -39.62 51.77 80.65
CA ALA AB 224 -39.29 50.46 80.11
C ALA AB 224 -40.27 50.05 79.02
N GLU AB 225 -41.57 50.29 79.23
CA GLU AB 225 -42.54 49.95 78.19
C GLU AB 225 -42.39 50.85 76.96
N VAL AB 226 -42.02 52.11 77.16
CA VAL AB 226 -41.75 52.99 76.03
C VAL AB 226 -40.57 52.45 75.21
N ALA AB 227 -39.50 52.06 75.90
CA ALA AB 227 -38.36 51.47 75.21
C ALA AB 227 -38.74 50.16 74.53
N ARG AB 228 -39.67 49.41 75.13
CA ARG AB 228 -40.12 48.16 74.51
C ARG AB 228 -40.87 48.42 73.21
N GLU AB 229 -41.77 49.41 73.22
CA GLU AB 229 -42.46 49.77 71.98
C GLU AB 229 -41.48 50.25 70.91
N MET AB 230 -40.50 51.05 71.31
CA MET AB 230 -39.53 51.54 70.34
C MET AB 230 -38.65 50.41 69.81
N VAL AB 231 -38.33 49.44 70.67
CA VAL AB 231 -37.57 48.26 70.22
C VAL AB 231 -38.39 47.47 69.21
N ASP AB 232 -39.68 47.32 69.47
CA ASP AB 232 -40.56 46.64 68.51
C ASP AB 232 -40.57 47.39 67.18
N GLY AB 233 -40.64 48.71 67.23
CA GLY AB 233 -40.59 49.50 66.01
C GLY AB 233 -39.29 49.34 65.25
N VAL AB 234 -38.17 49.30 65.98
CA VAL AB 234 -36.87 49.09 65.34
C VAL AB 234 -36.83 47.73 64.67
N GLY AB 235 -37.34 46.70 65.36
CA GLY AB 235 -37.39 45.38 64.77
C GLY AB 235 -38.23 45.34 63.50
N HIS AB 236 -39.37 46.02 63.51
CA HIS AB 236 -40.21 46.07 62.32
C HIS AB 236 -39.50 46.79 61.17
N GLU AB 237 -38.88 47.93 61.47
CA GLU AB 237 -38.25 48.71 60.41
C GLU AB 237 -37.04 47.99 59.82
N THR AB 238 -36.19 47.41 60.69
CA THR AB 238 -34.95 46.80 60.24
C THR AB 238 -35.18 45.47 59.52
N GLY AB 239 -36.38 44.91 59.58
CA GLY AB 239 -36.63 43.63 58.95
C GLY AB 239 -36.14 42.43 59.71
N GLU AB 240 -35.77 42.60 60.98
CA GLU AB 240 -35.30 41.50 61.81
C GLU AB 240 -35.97 41.62 63.17
N THR AB 241 -36.89 40.70 63.47
CA THR AB 241 -37.65 40.75 64.71
C THR AB 241 -37.18 39.78 65.77
N GLU AB 242 -36.36 38.79 65.42
CA GLU AB 242 -35.85 37.85 66.41
C GLU AB 242 -34.97 38.55 67.43
N ALA AB 243 -34.08 39.43 66.98
CA ALA AB 243 -33.28 40.22 67.91
C ALA AB 243 -34.16 41.15 68.73
N ALA AB 244 -35.17 41.76 68.10
CA ALA AB 244 -36.13 42.56 68.83
C ALA AB 244 -36.89 41.71 69.86
N PHE AB 245 -37.22 40.48 69.49
CA PHE AB 245 -37.86 39.57 70.42
C PHE AB 245 -36.96 39.29 71.63
N ARG AB 246 -35.68 39.03 71.38
CA ARG AB 246 -34.76 38.75 72.48
C ARG AB 246 -34.61 39.95 73.40
N VAL AB 247 -34.46 41.14 72.83
CA VAL AB 247 -34.33 42.34 73.66
C VAL AB 247 -35.62 42.59 74.42
N ARG AB 248 -36.77 42.27 73.81
CA ARG AB 248 -38.05 42.37 74.50
C ARG AB 248 -38.08 41.44 75.71
N ARG AB 249 -37.58 40.22 75.55
CA ARG AB 249 -37.54 39.28 76.66
C ARG AB 249 -36.63 39.77 77.78
N GLU AB 250 -35.46 40.31 77.42
CA GLU AB 250 -34.56 40.81 78.46
C GLU AB 250 -35.16 42.01 79.18
N LEU AB 251 -35.85 42.88 78.46
CA LEU AB 251 -36.50 44.01 79.11
C LEU AB 251 -37.65 43.56 80.00
N ASP AB 252 -38.39 42.51 79.58
CA ASP AB 252 -39.42 41.93 80.42
C ASP AB 252 -38.84 41.33 81.69
N THR AB 253 -37.65 40.73 81.60
CA THR AB 253 -36.96 40.27 82.80
C THR AB 253 -36.50 41.44 83.66
N VAL AB 254 -36.09 42.54 83.03
CA VAL AB 254 -35.60 43.70 83.77
C VAL AB 254 -36.72 44.33 84.59
N ILE AB 255 -37.92 44.46 84.01
CA ILE AB 255 -38.99 45.13 84.74
C ILE AB 255 -39.40 44.34 85.97
N LEU AB 256 -39.09 43.04 86.01
CA LEU AB 256 -39.37 42.20 87.17
C LEU AB 256 -38.51 42.64 88.36
N THR BB 25 -65.36 13.68 53.23
CA THR BB 25 -66.74 13.37 53.53
C THR BB 25 -66.86 12.06 54.29
N GLU BB 26 -65.72 11.55 54.75
CA GLU BB 26 -65.72 10.28 55.47
C GLU BB 26 -66.50 10.38 56.77
N LYS BB 27 -66.37 11.51 57.48
CA LYS BB 27 -67.14 11.70 58.71
C LYS BB 27 -68.64 11.66 58.42
N LEU BB 28 -69.07 12.30 57.34
CA LEU BB 28 -70.50 12.30 57.00
C LEU BB 28 -70.98 10.91 56.64
N LYS BB 29 -70.18 10.15 55.89
CA LYS BB 29 -70.55 8.78 55.55
C LYS BB 29 -70.68 7.92 56.80
N LYS BB 30 -69.73 8.06 57.73
CA LYS BB 30 -69.80 7.29 58.97
C LYS BB 30 -71.01 7.70 59.80
N ILE BB 31 -71.32 9.00 59.83
CA ILE BB 31 -72.50 9.46 60.57
C ILE BB 31 -73.77 8.84 59.98
N THR BB 32 -73.88 8.85 58.65
CA THR BB 32 -75.04 8.24 58.01
C THR BB 32 -75.11 6.75 58.31
N LYS BB 33 -73.98 6.05 58.24
CA LYS BB 33 -73.97 4.61 58.53
C LYS BB 33 -74.42 4.34 59.95
N LEU BB 34 -73.88 5.09 60.92
CA LEU BB 34 -74.22 4.85 62.32
C LEU BB 34 -75.68 5.20 62.59
N LEU BB 35 -76.20 6.24 61.94
CA LEU BB 35 -77.62 6.55 62.10
C LEU BB 35 -78.49 5.45 61.52
N HIS BB 36 -78.09 4.82 60.45
CA HIS BB 36 -78.89 3.73 59.96
C HIS BB 36 -78.85 2.72 61.05
N GLU BB 37 -77.66 2.26 61.39
CA GLU BB 37 -77.59 1.17 62.36
C GLU BB 37 -78.48 1.45 63.56
N LEU BB 38 -78.45 2.68 64.07
CA LEU BB 38 -79.27 3.02 65.23
C LEU BB 38 -80.75 2.89 64.91
N VAL BB 39 -81.18 3.36 63.74
CA VAL BB 39 -82.60 3.30 63.41
C VAL BB 39 -83.02 1.87 63.11
N ASP BB 40 -82.07 1.02 62.68
CA ASP BB 40 -82.41 -0.37 62.42
C ASP BB 40 -82.88 -1.07 63.70
N ARG BB 41 -82.14 -0.90 64.79
CA ARG BB 41 -82.49 -1.50 66.08
C ARG BB 41 -83.15 -0.44 66.97
N GLY BB 42 -84.41 -0.14 66.66
CA GLY BB 42 -85.16 0.81 67.46
C GLY BB 42 -84.50 2.17 67.52
N GLU BB 43 -84.42 2.72 68.73
CA GLU BB 43 -83.69 3.96 69.02
C GLU BB 43 -84.29 5.09 68.20
N ILE BB 44 -83.51 5.79 67.37
CA ILE BB 44 -83.97 6.97 66.65
C ILE BB 44 -85.01 6.58 65.60
N PRO BB 45 -85.90 7.50 65.20
CA PRO BB 45 -86.87 7.18 64.14
C PRO BB 45 -86.24 7.24 62.75
N GLU BB 46 -87.03 6.91 61.73
CA GLU BB 46 -86.51 6.75 60.37
C GLU BB 46 -86.24 8.09 59.69
N GLU BB 47 -86.96 9.15 60.08
CA GLU BB 47 -86.83 10.43 59.39
C GLU BB 47 -85.40 10.95 59.45
N LEU BB 48 -84.74 10.78 60.59
CA LEU BB 48 -83.37 11.27 60.71
C LEU BB 48 -82.42 10.52 59.78
N ALA BB 49 -82.60 9.21 59.64
CA ALA BB 49 -81.76 8.44 58.73
C ALA BB 49 -82.03 8.82 57.28
N THR BB 50 -83.30 9.03 56.92
CA THR BB 50 -83.62 9.45 55.56
C THR BB 50 -83.00 10.81 55.24
N LEU BB 51 -83.10 11.76 56.19
CA LEU BB 51 -82.46 13.05 55.99
C LEU BB 51 -80.95 12.90 55.87
N ALA BB 52 -80.36 12.02 56.67
CA ALA BB 52 -78.91 11.79 56.57
C ALA BB 52 -78.55 11.30 55.17
N THR BB 53 -79.34 10.37 54.62
CA THR BB 53 -79.05 9.86 53.29
C THR BB 53 -79.18 10.96 52.24
N LEU BB 54 -80.27 11.72 52.27
CA LEU BB 54 -80.48 12.77 51.27
C LEU BB 54 -79.37 13.82 51.34
N LEU BB 55 -79.02 14.26 52.55
CA LEU BB 55 -77.97 15.25 52.69
C LEU BB 55 -76.61 14.70 52.33
N LEU BB 56 -76.37 13.40 52.58
CA LEU BB 56 -75.11 12.79 52.17
C LEU BB 56 -74.99 12.70 50.66
N TYR BB 57 -76.13 12.58 49.96
CA TYR BB 57 -76.09 12.68 48.51
C TYR BB 57 -75.82 14.11 48.05
N LEU BB 58 -76.55 15.06 48.65
CA LEU BB 58 -76.45 16.46 48.23
C LEU BB 58 -75.03 16.98 48.43
N VAL BB 59 -74.48 16.82 49.63
CA VAL BB 59 -73.05 16.96 49.84
C VAL BB 59 -72.40 15.86 49.02
N GLU BB 60 -71.24 16.14 48.43
CA GLU BB 60 -70.52 15.21 47.57
C GLU BB 60 -71.25 15.09 46.22
N LYS BB 61 -72.46 15.64 46.13
CA LYS BB 61 -72.93 16.09 44.83
C LYS BB 61 -72.50 17.53 44.56
N GLY BB 62 -72.13 18.25 45.62
CA GLY BB 62 -71.63 19.60 45.47
C GLY BB 62 -72.73 20.63 45.44
N LEU BB 63 -73.76 20.43 46.26
CA LEU BB 63 -74.90 21.34 46.27
C LEU BB 63 -75.16 21.98 47.63
N ILE BB 64 -74.58 21.47 48.72
CA ILE BB 64 -74.66 22.12 50.03
C ILE BB 64 -73.33 21.91 50.74
N SER BB 65 -73.19 22.53 51.91
CA SER BB 65 -71.97 22.41 52.70
C SER BB 65 -72.23 21.56 53.94
N GLU BB 66 -71.14 21.11 54.57
CA GLU BB 66 -71.26 20.30 55.77
C GLU BB 66 -71.98 21.03 56.88
N PHE BB 67 -71.88 22.36 56.90
CA PHE BB 67 -72.59 23.14 57.92
C PHE BB 67 -74.09 22.94 57.80
N ASP BB 68 -74.62 22.96 56.57
CA ASP BB 68 -76.05 22.73 56.38
C ASP BB 68 -76.44 21.33 56.79
N PHE BB 69 -75.61 20.34 56.46
CA PHE BB 69 -75.85 18.96 56.87
C PHE BB 69 -76.00 18.87 58.38
N ILE BB 70 -75.01 19.37 59.12
CA ILE BB 70 -75.04 19.25 60.58
C ILE BB 70 -76.18 20.07 61.15
N GLU BB 71 -76.45 21.25 60.57
CA GLU BB 71 -77.52 22.09 61.10
C GLU BB 71 -78.87 21.41 60.95
N HIS BB 72 -79.14 20.82 59.78
CA HIS BB 72 -80.38 20.10 59.57
C HIS BB 72 -80.49 18.91 60.51
N LEU BB 73 -79.39 18.16 60.67
CA LEU BB 73 -79.42 17.02 61.57
C LEU BB 73 -79.74 17.43 62.99
N VAL BB 74 -79.12 18.52 63.47
CA VAL BB 74 -79.36 18.98 64.83
C VAL BB 74 -80.78 19.51 64.98
N ARG BB 75 -81.29 20.21 63.96
CA ARG BB 75 -82.65 20.70 64.04
C ARG BB 75 -83.66 19.56 64.14
N LEU BB 76 -83.48 18.51 63.32
CA LEU BB 76 -84.37 17.36 63.43
C LEU BB 76 -84.23 16.65 64.77
N ALA BB 77 -83.00 16.52 65.26
CA ALA BB 77 -82.80 15.87 66.55
C ALA BB 77 -83.49 16.65 67.67
N GLU BB 78 -83.39 17.98 67.64
CA GLU BB 78 -84.09 18.80 68.62
C GLU BB 78 -85.60 18.66 68.48
N LYS BB 79 -86.10 18.59 67.23
CA LYS BB 79 -87.54 18.44 67.02
C LYS BB 79 -88.05 17.12 67.58
N LEU BB 80 -87.29 16.04 67.39
CA LEU BB 80 -87.70 14.72 67.85
C LEU BB 80 -87.20 14.38 69.25
N GLY BB 81 -86.40 15.26 69.86
CA GLY BB 81 -85.89 15.00 71.19
C GLY BB 81 -85.00 13.77 71.28
N VAL BB 82 -84.08 13.64 70.33
CA VAL BB 82 -83.19 12.48 70.26
C VAL BB 82 -81.76 12.98 70.17
N LEU BB 83 -81.52 14.20 70.65
CA LEU BB 83 -80.22 14.85 70.49
C LEU BB 83 -79.10 14.07 71.16
N GLU BB 84 -79.40 13.33 72.23
CA GLU BB 84 -78.37 12.57 72.92
C GLU BB 84 -77.77 11.48 72.02
N GLU BB 85 -78.62 10.80 71.26
CA GLU BB 85 -78.12 9.78 70.34
C GLU BB 85 -77.26 10.40 69.24
N LEU BB 86 -77.65 11.57 68.74
CA LEU BB 86 -76.82 12.26 67.76
C LEU BB 86 -75.48 12.65 68.37
N LYS BB 87 -75.48 13.09 69.63
CA LYS BB 87 -74.24 13.40 70.31
C LYS BB 87 -73.35 12.17 70.41
N LYS BB 88 -73.93 11.02 70.77
CA LYS BB 88 -73.16 9.79 70.85
C LYS BB 88 -72.58 9.41 69.50
N VAL BB 89 -73.38 9.56 68.43
CA VAL BB 89 -72.88 9.25 67.09
C VAL BB 89 -71.70 10.16 66.73
N LEU BB 90 -71.82 11.45 67.05
CA LEU BB 90 -70.75 12.39 66.71
C LEU BB 90 -69.50 12.13 67.52
N GLU BB 91 -69.64 11.64 68.76
CA GLU BB 91 -68.46 11.22 69.51
C GLU BB 91 -67.84 9.96 68.91
N GLU BB 92 -68.67 9.00 68.52
CA GLU BB 92 -68.16 7.75 67.95
C GLU BB 92 -67.38 8.01 66.67
N VAL BB 93 -67.92 8.85 65.77
CA VAL BB 93 -67.20 9.14 64.53
C VAL BB 93 -65.93 9.91 64.82
N GLY BB 94 -65.92 10.70 65.89
CA GLY BB 94 -64.74 11.48 66.25
C GLY BB 94 -64.68 12.81 65.53
N ASP BB 95 -65.75 13.60 65.64
CA ASP BB 95 -65.84 14.90 65.00
C ASP BB 95 -65.95 15.97 66.07
N GLU BB 96 -65.09 16.99 65.98
CA GLU BB 96 -65.12 18.10 66.93
C GLU BB 96 -65.95 19.26 66.43
N PHE BB 97 -65.91 19.54 65.13
CA PHE BB 97 -66.69 20.64 64.57
C PHE BB 97 -68.19 20.41 64.76
N GLY BB 98 -68.66 19.23 64.39
CA GLY BB 98 -70.07 18.93 64.55
C GLY BB 98 -70.51 18.92 66.00
N LEU BB 99 -69.68 18.36 66.88
CA LEU BB 99 -70.01 18.34 68.29
C LEU BB 99 -70.10 19.75 68.87
N THR BB 100 -69.15 20.62 68.50
CA THR BB 100 -69.20 22.01 68.94
C THR BB 100 -70.45 22.70 68.41
N LEU BB 101 -70.83 22.41 67.16
CA LEU BB 101 -72.06 22.98 66.62
C LEU BB 101 -73.29 22.51 67.41
N VAL BB 102 -73.31 21.23 67.79
CA VAL BB 102 -74.41 20.70 68.58
C VAL BB 102 -74.50 21.43 69.92
N TYR BB 103 -73.36 21.59 70.59
CA TYR BB 103 -73.36 22.32 71.85
C TYR BB 103 -73.82 23.76 71.65
N ALA BB 104 -73.37 24.41 70.57
CA ALA BB 104 -73.78 25.78 70.33
C ALA BB 104 -75.29 25.89 70.13
N ILE BB 105 -75.87 24.98 69.35
CA ILE BB 105 -77.32 25.03 69.11
C ILE BB 105 -78.09 24.78 70.40
N SER BB 106 -77.67 23.77 71.17
CA SER BB 106 -78.37 23.48 72.42
C SER BB 106 -78.25 24.64 73.40
N LEU BB 107 -77.08 25.26 73.48
CA LEU BB 107 -76.88 26.40 74.38
C LEU BB 107 -77.71 27.59 73.92
N LEU BB 108 -77.79 27.81 72.61
CA LEU BB 108 -78.65 28.89 72.09
C LEU BB 108 -80.10 28.66 72.45
N LYS BB 109 -80.57 27.41 72.32
CA LYS BB 109 -81.96 27.10 72.68
C LYS BB 109 -82.20 27.34 74.16
N GLU BB 110 -81.27 26.89 75.01
CA GLU BB 110 -81.42 27.09 76.45
C GLU BB 110 -81.41 28.57 76.81
N VAL BB 111 -80.54 29.35 76.17
CA VAL BB 111 -80.49 30.79 76.44
C VAL BB 111 -81.76 31.47 75.96
N GLU BB 112 -82.29 31.05 74.80
CA GLU BB 112 -83.56 31.58 74.34
C GLU BB 112 -84.66 31.28 75.33
N LYS BB 113 -84.63 30.10 75.95
CA LYS BB 113 -85.55 29.83 77.04
C LYS BB 113 -85.32 30.79 78.20
N GLU BB 114 -84.05 31.07 78.52
CA GLU BB 114 -83.74 32.03 79.58
C GLU BB 114 -84.07 33.45 79.15
N GLY BB 115 -83.62 33.86 77.98
CA GLY BB 115 -83.91 35.18 77.47
C GLY BB 115 -82.94 36.27 77.84
N ASP BB 116 -81.64 35.98 77.87
CA ASP BB 116 -80.64 36.99 78.23
C ASP BB 116 -79.88 37.42 76.98
N GLU BB 117 -79.76 38.74 76.77
CA GLU BB 117 -79.31 39.26 75.48
C GLU BB 117 -77.81 39.09 75.26
N GLU BB 118 -77.00 39.32 76.30
CA GLU BB 118 -75.55 39.27 76.09
C GLU BB 118 -75.10 37.87 75.69
N LEU BB 119 -75.63 36.84 76.34
CA LEU BB 119 -75.34 35.48 75.88
C LEU BB 119 -75.93 35.19 74.51
N LYS BB 120 -77.04 35.86 74.15
CA LYS BB 120 -77.53 35.75 72.77
C LYS BB 120 -76.47 36.20 71.79
N GLU BB 121 -75.91 37.40 72.01
CA GLU BB 121 -74.86 37.90 71.13
C GLU BB 121 -73.64 36.98 71.14
N TYR BB 122 -73.27 36.49 72.32
CA TYR BB 122 -72.11 35.62 72.45
C TYR BB 122 -72.28 34.36 71.61
N VAL BB 123 -73.44 33.69 71.74
CA VAL BB 123 -73.65 32.45 71.02
C VAL BB 123 -73.83 32.69 69.53
N LYS BB 124 -74.42 33.83 69.14
CA LYS BB 124 -74.51 34.13 67.71
C LYS BB 124 -73.13 34.34 67.09
N LEU BB 125 -72.25 35.04 67.80
CA LEU BB 125 -70.88 35.19 67.33
C LEU BB 125 -70.18 33.83 67.26
N ALA BB 126 -70.41 32.99 68.28
CA ALA BB 126 -69.83 31.65 68.27
C ALA BB 126 -70.29 30.84 67.07
N ILE BB 127 -71.59 30.91 66.75
CA ILE BB 127 -72.13 30.15 65.63
C ILE BB 127 -71.58 30.68 64.31
N GLU BB 128 -71.47 32.00 64.17
CA GLU BB 128 -70.91 32.55 62.94
C GLU BB 128 -69.46 32.12 62.77
N THR BB 129 -68.68 32.15 63.84
CA THR BB 129 -67.30 31.68 63.76
C THR BB 129 -67.23 30.20 63.45
N LEU BB 130 -68.17 29.41 64.00
CA LEU BB 130 -68.21 27.99 63.69
C LEU BB 130 -68.50 27.76 62.22
N LYS BB 131 -69.41 28.54 61.65
CA LYS BB 131 -69.69 28.42 60.22
C LYS BB 131 -68.46 28.78 59.39
N GLU BB 132 -67.76 29.86 59.77
CA GLU BB 132 -66.57 30.25 59.02
C GLU BB 132 -65.50 29.17 59.11
N ALA BB 133 -65.35 28.54 60.28
CA ALA BB 133 -64.41 27.43 60.41
C ALA BB 133 -64.84 26.25 59.55
N PHE BB 134 -66.12 25.88 59.61
CA PHE BB 134 -66.65 24.78 58.82
C PHE BB 134 -66.40 25.00 57.33
N GLU BB 135 -66.37 26.25 56.89
CA GLU BB 135 -66.12 26.53 55.47
C GLU BB 135 -64.83 25.88 54.99
N ARG BB 136 -63.78 25.89 55.83
CA ARG BB 136 -62.50 25.32 55.43
C ARG BB 136 -61.81 24.54 56.53
N LYS BB 137 -62.50 24.19 57.62
CA LYS BB 137 -61.91 23.47 58.75
C LYS BB 137 -60.70 24.25 59.30
N ASN BB 138 -60.98 25.48 59.72
CA ASN BB 138 -59.95 26.36 60.28
C ASN BB 138 -59.99 26.20 61.80
N TYR BB 139 -58.88 25.69 62.36
CA TYR BB 139 -58.91 25.22 63.74
C TYR BB 139 -58.97 26.37 64.73
N ALA BB 140 -58.45 27.55 64.35
CA ALA BB 140 -58.35 28.66 65.28
C ALA BB 140 -59.73 29.22 65.64
N LEU BB 141 -60.58 29.45 64.64
CA LEU BB 141 -61.94 29.88 64.94
C LEU BB 141 -62.70 28.80 65.69
N LEU BB 142 -62.36 27.53 65.46
CA LEU BB 142 -62.94 26.46 66.27
C LEU BB 142 -62.56 26.61 67.74
N VAL BB 143 -61.29 26.94 68.01
CA VAL BB 143 -60.86 27.19 69.39
C VAL BB 143 -61.62 28.35 69.99
N SER BB 144 -61.76 29.44 69.23
CA SER BB 144 -62.48 30.61 69.74
C SER BB 144 -63.93 30.28 70.07
N ALA BB 145 -64.60 29.57 69.17
CA ALA BB 145 -65.99 29.19 69.41
C ALA BB 145 -66.11 28.24 70.58
N LYS BB 146 -65.17 27.30 70.71
CA LYS BB 146 -65.17 26.38 71.83
C LYS BB 146 -65.04 27.14 73.14
N ILE BB 147 -64.13 28.12 73.19
CA ILE BB 147 -63.97 28.94 74.39
C ILE BB 147 -65.28 29.65 74.72
N ILE BB 148 -65.89 30.27 73.71
CA ILE BB 148 -67.12 31.02 73.96
C ILE BB 148 -68.21 30.11 74.50
N VAL BB 149 -68.39 28.95 73.88
CA VAL BB 149 -69.49 28.07 74.27
C VAL BB 149 -69.25 27.47 75.64
N GLU BB 150 -68.00 27.10 75.98
CA GLU BB 150 -67.78 26.50 77.29
C GLU BB 150 -67.93 27.55 78.39
N ASN BB 151 -67.46 28.78 78.15
CA ASN BB 151 -67.66 29.82 79.15
C ASN BB 151 -69.14 30.15 79.31
N ALA BB 152 -69.90 30.16 78.21
CA ALA BB 152 -71.34 30.38 78.32
C ALA BB 152 -72.02 29.26 79.11
N GLU BB 153 -71.63 28.00 78.84
CA GLU BB 153 -72.20 26.89 79.58
C GLU BB 153 -71.90 27.00 81.06
N GLU BB 154 -70.67 27.37 81.41
CA GLU BB 154 -70.32 27.59 82.80
C GLU BB 154 -71.13 28.73 83.40
N ILE BB 155 -71.43 29.76 82.60
CA ILE BB 155 -72.29 30.85 83.05
C ILE BB 155 -73.68 30.33 83.41
N LEU BB 156 -74.26 29.50 82.55
CA LEU BB 156 -75.58 28.95 82.85
C LEU BB 156 -75.55 28.04 84.08
N LYS BB 157 -74.49 27.25 84.24
CA LYS BB 157 -74.38 26.43 85.46
C LYS BB 157 -74.31 27.31 86.71
N ALA BB 158 -73.48 28.35 86.67
CA ALA BB 158 -73.36 29.24 87.82
C ALA BB 158 -74.62 30.04 88.06
N LYS BB 159 -75.46 30.22 87.03
CA LYS BB 159 -76.73 30.92 87.21
C LYS BB 159 -77.60 30.21 88.23
N LYS BB 160 -77.75 28.88 88.08
CA LYS BB 160 -78.49 28.12 89.09
C LYS BB 160 -77.67 27.89 90.34
N LYS BB 161 -76.34 27.80 90.22
CA LYS BB 161 -75.50 27.69 91.40
C LYS BB 161 -75.54 28.98 92.23
N GLY BB 162 -75.34 30.12 91.59
CA GLY BB 162 -75.45 31.40 92.26
C GLY BB 162 -74.14 31.93 92.83
N ASP BB 163 -73.05 31.81 92.07
CA ASP BB 163 -71.74 32.33 92.48
C ASP BB 163 -71.44 33.50 91.55
N GLU BB 164 -71.67 34.72 92.03
CA GLU BB 164 -71.57 35.90 91.17
C GLU BB 164 -70.14 36.16 90.73
N GLU BB 165 -69.16 35.90 91.59
CA GLU BB 165 -67.76 36.13 91.22
C GLU BB 165 -67.41 35.31 89.99
N LYS BB 166 -67.83 34.04 89.95
CA LYS BB 166 -67.52 33.19 88.82
C LYS BB 166 -68.19 33.70 87.53
N ILE BB 167 -69.44 34.19 87.64
CA ILE BB 167 -70.13 34.66 86.45
C ILE BB 167 -69.45 35.93 85.92
N LYS BB 168 -69.00 36.80 86.82
CA LYS BB 168 -68.26 37.99 86.36
C LYS BB 168 -66.96 37.58 85.68
N GLU BB 169 -66.25 36.60 86.26
CA GLU BB 169 -65.02 36.11 85.63
C GLU BB 169 -65.29 35.54 84.25
N LEU BB 170 -66.38 34.79 84.10
CA LEU BB 170 -66.71 34.21 82.80
C LEU BB 170 -67.10 35.28 81.79
N LEU BB 171 -67.81 36.33 82.24
CA LEU BB 171 -68.08 37.45 81.34
C LEU BB 171 -66.79 38.14 80.90
N GLN BB 172 -65.82 38.25 81.81
CA GLN BB 172 -64.52 38.80 81.43
C GLN BB 172 -63.86 37.93 80.36
N ARG BB 173 -63.88 36.62 80.55
CA ARG BB 173 -63.31 35.70 79.56
C ARG BB 173 -64.01 35.84 78.22
N LEU BB 174 -65.35 35.96 78.23
CA LEU BB 174 -66.09 36.09 76.98
C LEU BB 174 -65.81 37.41 76.29
N LYS BB 175 -65.64 38.50 77.05
CA LYS BB 175 -65.25 39.75 76.43
C LYS BB 175 -63.87 39.64 75.79
N ALA BB 176 -62.93 38.98 76.46
CA ALA BB 176 -61.61 38.76 75.88
C ALA BB 176 -61.73 37.95 74.58
N ALA BB 177 -62.58 36.92 74.58
CA ALA BB 177 -62.77 36.11 73.38
C ALA BB 177 -63.37 36.93 72.25
N LYS BB 178 -64.36 37.76 72.55
CA LYS BB 178 -64.95 38.61 71.51
C LYS BB 178 -63.92 39.56 70.92
N ILE BB 179 -63.09 40.16 71.77
CA ILE BB 179 -62.05 41.04 71.27
C ILE BB 179 -61.06 40.28 70.40
N GLY BB 180 -60.71 39.05 70.81
CA GLY BB 180 -59.63 38.35 70.13
C GLY BB 180 -60.05 37.69 68.84
N THR BB 181 -61.34 37.35 68.70
CA THR BB 181 -61.76 36.55 67.54
C THR BB 181 -61.46 37.21 66.19
N PRO BB 182 -61.80 38.49 65.95
CA PRO BB 182 -61.35 39.09 64.69
C PRO BB 182 -59.83 39.11 64.56
N LEU BB 183 -59.13 39.29 65.68
CA LEU BB 183 -57.67 39.34 65.64
C LEU BB 183 -57.09 37.99 65.21
N VAL BB 184 -57.60 36.90 65.75
CA VAL BB 184 -57.06 35.58 65.37
C VAL BB 184 -57.44 35.24 63.94
N ARG BB 185 -58.66 35.58 63.52
CA ARG BB 185 -59.02 35.39 62.12
C ARG BB 185 -58.07 36.13 61.20
N GLU BB 186 -57.78 37.39 61.52
CA GLU BB 186 -56.89 38.19 60.70
C GLU BB 186 -55.48 37.63 60.71
N VAL BB 187 -55.00 37.18 61.87
CA VAL BB 187 -53.64 36.65 61.95
C VAL BB 187 -53.50 35.42 61.07
N VAL BB 188 -54.47 34.50 61.14
CA VAL BB 188 -54.41 33.31 60.29
C VAL BB 188 -54.48 33.71 58.82
N GLU BB 189 -55.37 34.64 58.48
CA GLU BB 189 -55.52 35.04 57.08
C GLU BB 189 -54.22 35.63 56.54
N ARG BB 190 -53.58 36.52 57.31
CA ARG BB 190 -52.34 37.13 56.88
C ARG BB 190 -51.22 36.10 56.75
N TYR BB 191 -51.12 35.19 57.73
CA TYR BB 191 -50.07 34.18 57.63
C TYR BB 191 -50.28 33.23 56.47
N ARG BB 192 -51.52 33.03 56.04
CA ARG BB 192 -51.81 32.11 54.94
C ARG BB 192 -51.02 32.42 53.68
N GLU BB 193 -51.01 33.68 53.25
CA GLU BB 193 -50.35 34.02 52.00
C GLU BB 193 -49.39 35.20 52.08
N GLU BB 194 -49.61 36.14 53.01
CA GLU BB 194 -48.78 37.35 53.04
C GLU BB 194 -47.33 37.03 53.37
N GLY BB 195 -47.10 36.15 54.34
CA GLY BB 195 -45.77 35.61 54.58
C GLY BB 195 -44.96 36.21 55.70
N GLU BB 196 -45.63 36.89 56.61
CA GLU BB 196 -44.97 37.48 57.75
C GLU BB 196 -44.37 36.42 58.68
N PRO BB 197 -43.72 36.85 59.77
CA PRO BB 197 -43.19 35.88 60.71
C PRO BB 197 -44.19 35.60 61.79
N LEU BB 198 -44.80 34.43 61.73
CA LEU BB 198 -45.87 34.14 62.66
C LEU BB 198 -45.63 34.67 64.04
N LEU BB 199 -44.51 34.32 64.62
CA LEU BB 199 -44.35 34.70 66.02
C LEU BB 199 -44.61 36.19 66.25
N ASP BB 200 -44.17 37.03 65.30
CA ASP BB 200 -44.38 38.47 65.44
C ASP BB 200 -45.87 38.81 65.45
N LEU BB 201 -46.63 38.26 64.50
CA LEU BB 201 -48.07 38.50 64.47
C LEU BB 201 -48.75 37.91 65.69
N LEU BB 202 -48.31 36.75 66.16
CA LEU BB 202 -48.89 36.17 67.37
C LEU BB 202 -48.68 37.10 68.57
N LEU BB 203 -47.48 37.62 68.72
CA LEU BB 203 -47.19 38.53 69.84
C LEU BB 203 -48.00 39.80 69.73
N HIS BB 204 -48.08 40.37 68.53
CA HIS BB 204 -48.87 41.59 68.35
C HIS BB 204 -50.34 41.36 68.64
N MET BB 205 -50.89 40.23 68.18
CA MET BB 205 -52.28 39.92 68.46
C MET BB 205 -52.52 39.74 69.94
N ALA BB 206 -51.62 39.03 70.64
CA ALA BB 206 -51.78 38.84 72.06
C ALA BB 206 -51.73 40.17 72.82
N GLU BB 207 -50.77 41.02 72.47
CA GLU BB 207 -50.66 42.31 73.13
C GLU BB 207 -51.87 43.19 72.86
N THR BB 208 -52.37 43.19 71.62
CA THR BB 208 -53.56 43.95 71.29
C THR BB 208 -54.76 43.43 72.08
N THR BB 209 -54.88 42.11 72.20
CA THR BB 209 -55.97 41.53 72.97
C THR BB 209 -55.90 41.96 74.43
N ILE BB 210 -54.70 41.92 75.02
CA ILE BB 210 -54.54 42.30 76.41
C ILE BB 210 -54.89 43.79 76.60
N ARG BB 211 -54.38 44.64 75.71
CA ARG BB 211 -54.62 46.07 75.84
C ARG BB 211 -56.10 46.40 75.70
N GLU BB 212 -56.76 45.83 74.69
CA GLU BB 212 -58.18 46.11 74.49
C GLU BB 212 -59.02 45.52 75.62
N SER BB 213 -58.62 44.37 76.16
CA SER BB 213 -59.36 43.76 77.25
C SER BB 213 -59.24 44.58 78.52
N GLU BB 214 -58.04 45.10 78.81
CA GLU BB 214 -57.89 45.95 79.99
C GLU BB 214 -58.50 47.33 79.77
N LYS BB 215 -58.71 47.72 78.51
CA LYS BB 215 -59.48 48.93 78.22
C LYS BB 215 -60.95 48.78 78.59
N LEU BB 216 -61.42 47.56 78.76
CA LEU BB 216 -62.80 47.29 79.15
C LEU BB 216 -62.93 46.98 80.64
N GLY BB 217 -61.86 47.19 81.42
CA GLY BB 217 -61.86 46.97 82.84
C GLY BB 217 -61.45 45.58 83.26
N VAL BB 218 -61.10 44.71 82.31
CA VAL BB 218 -60.81 43.31 82.64
C VAL BB 218 -59.32 43.18 82.91
N ASP BB 219 -59.03 42.40 83.95
CA ASP BB 219 -57.66 42.14 84.32
C ASP BB 219 -56.82 41.71 83.16
N PRO BB 220 -55.51 41.75 83.35
CA PRO BB 220 -54.64 41.30 82.30
C PRO BB 220 -54.23 39.93 82.70
N ARG BB 221 -55.09 39.29 83.48
CA ARG BB 221 -54.80 37.91 83.82
C ARG BB 221 -55.63 36.95 82.97
N LEU BB 222 -56.87 36.71 83.34
CA LEU BB 222 -57.66 35.70 82.64
C LEU BB 222 -57.69 35.96 81.14
N ALA BB 223 -57.69 37.24 80.75
CA ALA BB 223 -57.56 37.55 79.33
C ALA BB 223 -56.24 37.06 78.79
N ALA BB 224 -55.21 37.04 79.62
CA ALA BB 224 -53.93 36.47 79.20
C ALA BB 224 -54.07 34.98 78.92
N GLU BB 225 -54.80 34.24 79.76
CA GLU BB 225 -54.98 32.82 79.50
C GLU BB 225 -55.86 32.59 78.28
N VAL BB 226 -56.84 33.46 78.04
CA VAL BB 226 -57.63 33.35 76.81
C VAL BB 226 -56.75 33.53 75.58
N ALA BB 227 -55.89 34.56 75.61
CA ALA BB 227 -54.95 34.77 74.52
C ALA BB 227 -53.99 33.60 74.39
N ARG BB 228 -53.62 32.96 75.50
CA ARG BB 228 -52.74 31.80 75.45
C ARG BB 228 -53.41 30.63 74.76
N GLU BB 229 -54.67 30.36 75.09
CA GLU BB 229 -55.41 29.29 74.41
C GLU BB 229 -55.54 29.59 72.92
N MET BB 230 -55.84 30.84 72.57
CA MET BB 230 -55.98 31.18 71.16
C MET BB 230 -54.64 31.09 70.43
N VAL BB 231 -53.54 31.42 71.10
CA VAL BB 231 -52.22 31.26 70.52
C VAL BB 231 -51.92 29.80 70.26
N ASP BB 232 -52.30 28.93 71.21
CA ASP BB 232 -52.13 27.50 71.02
C ASP BB 232 -52.94 27.02 69.81
N GLY BB 233 -54.17 27.52 69.68
CA GLY BB 233 -54.99 27.17 68.53
C GLY BB 233 -54.39 27.63 67.22
N VAL BB 234 -53.82 28.83 67.20
CA VAL BB 234 -53.16 29.33 66.00
C VAL BB 234 -51.97 28.46 65.65
N GLY BB 235 -51.19 28.07 66.66
CA GLY BB 235 -50.05 27.19 66.40
C GLY BB 235 -50.49 25.85 65.84
N HIS BB 236 -51.58 25.29 66.37
CA HIS BB 236 -52.09 24.03 65.85
C HIS BB 236 -52.57 24.17 64.41
N GLU BB 237 -53.31 25.24 64.12
CA GLU BB 237 -53.87 25.40 62.78
C GLU BB 237 -52.78 25.67 61.75
N THR BB 238 -51.82 26.53 62.08
CA THR BB 238 -50.80 26.94 61.13
C THR BB 238 -49.76 25.87 60.87
N GLY BB 239 -49.74 24.81 61.68
CA GLY BB 239 -48.74 23.77 61.50
C GLY BB 239 -47.37 24.08 62.04
N GLU BB 240 -47.25 25.13 62.86
CA GLU BB 240 -45.98 25.53 63.46
C GLU BB 240 -46.23 25.85 64.92
N THR BB 241 -45.74 24.99 65.82
CA THR BB 241 -45.98 25.15 67.24
C THR BB 241 -44.80 25.73 68.01
N GLU BB 242 -43.60 25.74 67.43
CA GLU BB 242 -42.44 26.30 68.12
C GLU BB 242 -42.61 27.79 68.35
N ALA BB 243 -43.10 28.52 67.35
CA ALA BB 243 -43.39 29.94 67.54
C ALA BB 243 -44.52 30.12 68.55
N ALA BB 244 -45.53 29.27 68.49
CA ALA BB 244 -46.59 29.30 69.50
C ALA BB 244 -46.03 29.01 70.88
N PHE BB 245 -45.08 28.07 70.96
CA PHE BB 245 -44.42 27.78 72.23
C PHE BB 245 -43.68 29.00 72.77
N ARG BB 246 -42.95 29.70 71.89
CA ARG BB 246 -42.21 30.87 72.33
C ARG BB 246 -43.14 31.98 72.81
N VAL BB 247 -44.23 32.23 72.06
CA VAL BB 247 -45.18 33.26 72.49
C VAL BB 247 -45.86 32.84 73.79
N ARG BB 248 -46.10 31.54 73.96
CA ARG BB 248 -46.64 31.04 75.22
C ARG BB 248 -45.69 31.34 76.37
N ARG BB 249 -44.39 31.13 76.16
CA ARG BB 249 -43.41 31.43 77.21
C ARG BB 249 -43.38 32.91 77.54
N GLU BB 250 -43.41 33.78 76.52
CA GLU BB 250 -43.40 35.21 76.79
C GLU BB 250 -44.67 35.65 77.52
N LEU BB 251 -45.81 35.07 77.17
CA LEU BB 251 -47.04 35.41 77.87
C LEU BB 251 -47.00 34.90 79.32
N ASP BB 252 -46.41 33.73 79.54
CA ASP BB 252 -46.23 33.23 80.90
C ASP BB 252 -45.30 34.14 81.71
N THR BB 253 -44.28 34.70 81.07
CA THR BB 253 -43.47 35.71 81.75
C THR BB 253 -44.26 36.98 82.02
N VAL BB 254 -45.15 37.35 81.09
CA VAL BB 254 -45.93 38.58 81.24
C VAL BB 254 -46.87 38.48 82.44
N ILE BB 255 -47.55 37.33 82.60
CA ILE BB 255 -48.51 37.22 83.69
C ILE BB 255 -47.84 37.32 85.04
N LEU BB 256 -46.54 37.05 85.11
CA LEU BB 256 -45.78 37.18 86.35
C LEU BB 256 -45.70 38.64 86.78
N THR CB 25 -33.89 -12.04 77.43
CA THR CB 25 -34.15 -13.00 78.50
C THR CB 25 -32.93 -13.17 79.39
N GLU CB 26 -31.95 -12.28 79.22
CA GLU CB 26 -30.72 -12.36 80.01
C GLU CB 26 -31.01 -12.15 81.50
N LYS CB 27 -31.91 -11.21 81.82
CA LYS CB 27 -32.28 -11.01 83.22
C LYS CB 27 -32.88 -12.27 83.82
N LEU CB 28 -33.75 -12.96 83.07
CA LEU CB 28 -34.37 -14.18 83.57
C LEU CB 28 -33.34 -15.28 83.78
N LYS CB 29 -32.40 -15.41 82.83
CA LYS CB 29 -31.34 -16.41 82.98
C LYS CB 29 -30.48 -16.12 84.21
N LYS CB 30 -30.13 -14.85 84.42
CA LYS CB 30 -29.35 -14.50 85.61
C LYS CB 30 -30.13 -14.75 86.88
N ILE CB 31 -31.44 -14.46 86.88
CA ILE CB 31 -32.26 -14.72 88.05
C ILE CB 31 -32.28 -16.21 88.38
N THR CB 32 -32.45 -17.05 87.34
CA THR CB 32 -32.45 -18.49 87.56
C THR CB 32 -31.09 -18.96 88.09
N LYS CB 33 -30.00 -18.45 87.52
CA LYS CB 33 -28.67 -18.83 87.97
C LYS CB 33 -28.46 -18.46 89.44
N LEU CB 34 -28.82 -17.23 89.81
CA LEU CB 34 -28.61 -16.78 91.17
C LEU CB 34 -29.50 -17.55 92.15
N LEU CB 35 -30.72 -17.89 91.73
CA LEU CB 35 -31.57 -18.70 92.60
C LEU CB 35 -30.99 -20.09 92.79
N HIS CB 36 -30.35 -20.66 91.79
CA HIS CB 36 -29.74 -21.94 92.00
C HIS CB 36 -28.71 -21.69 93.04
N GLU CB 37 -27.76 -20.81 92.72
CA GLU CB 37 -26.65 -20.64 93.66
C GLU CB 37 -27.15 -20.49 95.09
N LEU CB 38 -28.21 -19.70 95.29
CA LEU CB 38 -28.73 -19.51 96.64
C LEU CB 38 -29.25 -20.82 97.22
N VAL CB 39 -29.97 -21.61 96.42
CA VAL CB 39 -30.53 -22.85 96.94
C VAL CB 39 -29.43 -23.88 97.15
N ASP CB 40 -28.32 -23.77 96.42
CA ASP CB 40 -27.21 -24.71 96.62
C ASP CB 40 -26.65 -24.60 98.03
N ARG CB 41 -26.41 -23.37 98.49
CA ARG CB 41 -25.87 -23.13 99.83
C ARG CB 41 -27.01 -22.69 100.76
N GLY CB 42 -27.83 -23.66 101.14
CA GLY CB 42 -28.92 -23.40 102.07
C GLY CB 42 -29.88 -22.35 101.53
N GLU CB 43 -30.22 -21.39 102.39
CA GLU CB 43 -31.02 -20.21 102.03
C GLU CB 43 -32.38 -20.67 101.51
N ILE CB 44 -32.76 -20.31 100.29
CA ILE CB 44 -34.10 -20.58 99.76
C ILE CB 44 -34.27 -22.08 99.53
N PRO CB 45 -35.50 -22.60 99.56
CA PRO CB 45 -35.72 -24.02 99.27
C PRO CB 45 -35.66 -24.33 97.78
N GLU CB 46 -35.78 -25.62 97.43
CA GLU CB 46 -35.56 -26.06 96.06
C GLU CB 46 -36.73 -25.73 95.14
N GLU CB 47 -37.94 -25.62 95.68
CA GLU CB 47 -39.12 -25.42 94.84
C GLU CB 47 -39.02 -24.14 94.01
N LEU CB 48 -38.46 -23.09 94.61
CA LEU CB 48 -38.34 -21.82 93.89
C LEU CB 48 -37.37 -21.97 92.72
N ALA CB 49 -36.26 -22.67 92.91
CA ALA CB 49 -35.32 -22.88 91.82
C ALA CB 49 -35.91 -23.75 90.72
N THR CB 50 -36.66 -24.80 91.10
CA THR CB 50 -37.30 -25.63 90.09
C THR CB 50 -38.32 -24.83 89.28
N LEU CB 51 -39.12 -24.00 89.95
CA LEU CB 51 -40.05 -23.13 89.24
C LEU CB 51 -39.31 -22.18 88.33
N ALA CB 52 -38.19 -21.63 88.80
CA ALA CB 52 -37.40 -20.73 87.95
C ALA CB 52 -36.94 -21.45 86.69
N THR CB 53 -36.48 -22.70 86.82
CA THR CB 53 -36.04 -23.45 85.65
C THR CB 53 -37.18 -23.71 84.68
N LEU CB 54 -38.32 -24.18 85.19
CA LEU CB 54 -39.45 -24.48 84.32
C LEU CB 54 -39.95 -23.23 83.60
N LEU CB 55 -40.08 -22.12 84.33
CA LEU CB 55 -40.54 -20.89 83.71
C LEU CB 55 -39.50 -20.32 82.74
N LEU CB 56 -38.21 -20.52 83.02
CA LEU CB 56 -37.18 -20.07 82.09
C LEU CB 56 -37.21 -20.87 80.81
N TYR CB 57 -37.63 -22.14 80.88
CA TYR CB 57 -37.84 -22.90 79.65
C TYR CB 57 -39.07 -22.40 78.91
N LEU CB 58 -40.18 -22.23 79.64
CA LEU CB 58 -41.45 -21.85 79.02
C LEU CB 58 -41.32 -20.49 78.32
N VAL CB 59 -40.83 -19.47 79.03
CA VAL CB 59 -40.34 -18.26 78.39
C VAL CB 59 -39.16 -18.69 77.54
N GLU CB 60 -39.00 -18.06 76.36
CA GLU CB 60 -37.95 -18.40 75.40
C GLU CB 60 -38.27 -19.73 74.73
N LYS CB 61 -39.28 -20.45 75.23
CA LYS CB 61 -40.01 -21.36 74.35
C LYS CB 61 -41.16 -20.64 73.67
N GLY CB 62 -41.55 -19.49 74.20
CA GLY CB 62 -42.59 -18.68 73.60
C GLY CB 62 -43.98 -19.10 74.01
N LEU CB 63 -44.15 -19.45 75.29
CA LEU CB 63 -45.43 -19.91 75.79
C LEU CB 63 -45.99 -19.09 76.94
N ILE CB 64 -45.18 -18.26 77.58
CA ILE CB 64 -45.67 -17.32 78.59
C ILE CB 64 -44.87 -16.04 78.48
N SER CB 65 -45.24 -15.03 79.26
CA SER CB 65 -44.57 -13.74 79.26
C SER CB 65 -43.78 -13.56 80.55
N GLU CB 66 -42.87 -12.59 80.54
CA GLU CB 66 -42.05 -12.30 81.71
C GLU CB 66 -42.91 -11.91 82.90
N PHE CB 67 -44.07 -11.31 82.66
CA PHE CB 67 -44.96 -10.95 83.76
C PHE CB 67 -45.41 -12.19 84.52
N ASP CB 68 -45.77 -13.26 83.80
CA ASP CB 68 -46.17 -14.49 84.48
C ASP CB 68 -45.01 -15.10 85.25
N PHE CB 69 -43.80 -15.06 84.67
CA PHE CB 69 -42.62 -15.54 85.36
C PHE CB 69 -42.44 -14.83 86.69
N ILE CB 70 -42.42 -13.50 86.67
CA ILE CB 70 -42.18 -12.73 87.90
C ILE CB 70 -43.34 -12.92 88.87
N GLU CB 71 -44.56 -12.99 88.37
CA GLU CB 71 -45.71 -13.14 89.25
C GLU CB 71 -45.67 -14.47 89.98
N HIS CB 72 -45.36 -15.55 89.26
CA HIS CB 72 -45.24 -16.86 89.90
C HIS CB 72 -44.10 -16.88 90.92
N LEU CB 73 -42.96 -16.27 90.56
CA LEU CB 73 -41.85 -16.23 91.49
C LEU CB 73 -42.22 -15.50 92.77
N VAL CB 74 -42.90 -14.36 92.63
CA VAL CB 74 -43.28 -13.57 93.80
C VAL CB 74 -44.33 -14.31 94.62
N ARG CB 75 -45.26 -15.00 93.96
CA ARG CB 75 -46.28 -15.75 94.70
C ARG CB 75 -45.63 -16.87 95.52
N LEU CB 76 -44.69 -17.61 94.92
CA LEU CB 76 -44.01 -18.65 95.69
C LEU CB 76 -43.17 -18.06 96.81
N ALA CB 77 -42.49 -16.94 96.56
CA ALA CB 77 -41.70 -16.31 97.62
C ALA CB 77 -42.58 -15.88 98.78
N GLU CB 78 -43.74 -15.31 98.49
CA GLU CB 78 -44.67 -14.94 99.55
C GLU CB 78 -45.19 -16.17 100.29
N LYS CB 79 -45.45 -17.26 99.56
CA LYS CB 79 -45.92 -18.49 100.19
C LYS CB 79 -44.88 -19.05 101.15
N LEU CB 80 -43.61 -19.03 100.75
CA LEU CB 80 -42.53 -19.59 101.56
C LEU CB 80 -41.89 -18.56 102.48
N GLY CB 81 -42.28 -17.30 102.41
CA GLY CB 81 -41.71 -16.27 103.26
C GLY CB 81 -40.23 -16.05 103.04
N VAL CB 82 -39.82 -15.98 101.77
CA VAL CB 82 -38.42 -15.82 101.41
C VAL CB 82 -38.29 -14.64 100.46
N LEU CB 83 -39.26 -13.72 100.54
CA LEU CB 83 -39.33 -12.61 99.58
C LEU CB 83 -38.10 -11.72 99.64
N GLU CB 84 -37.43 -11.63 100.80
CA GLU CB 84 -36.25 -10.78 100.90
C GLU CB 84 -35.12 -11.28 100.02
N GLU CB 85 -34.92 -12.60 99.97
CA GLU CB 85 -33.89 -13.15 99.11
C GLU CB 85 -34.20 -12.90 97.63
N LEU CB 86 -35.47 -13.02 97.24
CA LEU CB 86 -35.85 -12.69 95.87
C LEU CB 86 -35.60 -11.23 95.57
N LYS CB 87 -35.88 -10.35 96.54
CA LYS CB 87 -35.58 -8.93 96.36
C LYS CB 87 -34.09 -8.71 96.15
N LYS CB 88 -33.25 -9.37 96.95
CA LYS CB 88 -31.81 -9.25 96.78
C LYS CB 88 -31.37 -9.75 95.41
N VAL CB 89 -31.93 -10.87 94.96
CA VAL CB 89 -31.58 -11.39 93.63
C VAL CB 89 -31.96 -10.38 92.55
N LEU CB 90 -33.14 -9.78 92.67
CA LEU CB 90 -33.59 -8.84 91.65
C LEU CB 90 -32.76 -7.56 91.67
N GLU CB 91 -32.25 -7.16 92.83
CA GLU CB 91 -31.32 -6.04 92.86
C GLU CB 91 -29.98 -6.41 92.23
N GLU CB 92 -29.48 -7.63 92.53
CA GLU CB 92 -28.20 -8.05 91.97
C GLU CB 92 -28.25 -8.12 90.45
N VAL CB 93 -29.31 -8.69 89.88
CA VAL CB 93 -29.40 -8.76 88.42
C VAL CB 93 -29.56 -7.36 87.84
N GLY CB 94 -30.17 -6.44 88.58
CA GLY CB 94 -30.35 -5.09 88.11
C GLY CB 94 -31.61 -4.93 87.27
N ASP CB 95 -32.74 -5.33 87.83
CA ASP CB 95 -34.03 -5.25 87.14
C ASP CB 95 -34.94 -4.31 87.90
N GLU CB 96 -35.52 -3.33 87.19
CA GLU CB 96 -36.44 -2.39 87.80
C GLU CB 96 -37.89 -2.82 87.67
N PHE CB 97 -38.26 -3.43 86.54
CA PHE CB 97 -39.62 -3.87 86.34
C PHE CB 97 -40.00 -4.94 87.36
N GLY CB 98 -39.17 -5.97 87.50
CA GLY CB 98 -39.45 -7.01 88.46
C GLY CB 98 -39.48 -6.52 89.89
N LEU CB 99 -38.56 -5.62 90.24
CA LEU CB 99 -38.53 -5.08 91.59
C LEU CB 99 -39.78 -4.26 91.88
N THR CB 100 -40.22 -3.45 90.91
CA THR CB 100 -41.46 -2.70 91.08
C THR CB 100 -42.65 -3.63 91.23
N LEU CB 101 -42.66 -4.73 90.47
CA LEU CB 101 -43.74 -5.70 90.61
C LEU CB 101 -43.74 -6.33 92.00
N VAL CB 102 -42.55 -6.63 92.53
CA VAL CB 102 -42.44 -7.19 93.87
C VAL CB 102 -43.00 -6.21 94.90
N TYR CB 103 -42.62 -4.94 94.79
CA TYR CB 103 -43.16 -3.94 95.70
C TYR CB 103 -44.66 -3.82 95.57
N ALA CB 104 -45.18 -3.86 94.34
CA ALA CB 104 -46.62 -3.76 94.14
C ALA CB 104 -47.36 -4.92 94.78
N ILE CB 105 -46.85 -6.14 94.63
CA ILE CB 105 -47.51 -7.31 95.21
C ILE CB 105 -47.47 -7.24 96.74
N SER CB 106 -46.31 -6.89 97.30
CA SER CB 106 -46.20 -6.80 98.76
C SER CB 106 -47.12 -5.71 99.31
N LEU CB 107 -47.18 -4.57 98.63
CA LEU CB 107 -48.05 -3.49 99.06
C LEU CB 107 -49.51 -3.87 98.96
N LEU CB 108 -49.88 -4.59 97.90
CA LEU CB 108 -51.25 -5.08 97.78
C LEU CB 108 -51.60 -6.03 98.91
N LYS CB 109 -50.68 -6.94 99.26
CA LYS CB 109 -50.93 -7.86 100.37
C LYS CB 109 -51.09 -7.10 101.68
N GLU CB 110 -50.23 -6.12 101.92
CA GLU CB 110 -50.33 -5.34 103.16
C GLU CB 110 -51.63 -4.55 103.21
N VAL CB 111 -52.05 -3.97 102.09
CA VAL CB 111 -53.30 -3.22 102.05
C VAL CB 111 -54.49 -4.15 102.25
N GLU CB 112 -54.44 -5.35 101.65
CA GLU CB 112 -55.49 -6.34 101.90
C GLU CB 112 -55.58 -6.69 103.37
N LYS CB 113 -54.42 -6.78 104.04
CA LYS CB 113 -54.44 -6.93 105.48
C LYS CB 113 -55.10 -5.73 106.15
N GLU CB 114 -54.80 -4.52 105.67
CA GLU CB 114 -55.43 -3.32 106.21
C GLU CB 114 -56.91 -3.25 105.82
N GLY CB 115 -57.21 -3.43 104.54
CA GLY CB 115 -58.59 -3.42 104.07
C GLY CB 115 -59.14 -2.07 103.66
N ASP CB 116 -58.34 -1.22 103.01
CA ASP CB 116 -58.81 0.10 102.60
C ASP CB 116 -59.01 0.12 101.09
N GLU CB 117 -60.18 0.59 100.65
CA GLU CB 117 -60.60 0.40 99.27
C GLU CB 117 -59.84 1.30 98.28
N GLU CB 118 -59.62 2.56 98.65
CA GLU CB 118 -59.00 3.48 97.68
C GLU CB 118 -57.59 3.04 97.32
N LEU CB 119 -56.81 2.60 98.31
CA LEU CB 119 -55.50 2.03 98.00
C LEU CB 119 -55.63 0.71 97.24
N LYS CB 120 -56.70 -0.04 97.45
CA LYS CB 120 -56.95 -1.22 96.62
C LYS CB 120 -57.02 -0.82 95.15
N GLU CB 121 -57.85 0.18 94.84
CA GLU CB 121 -57.97 0.63 93.45
C GLU CB 121 -56.64 1.17 92.94
N TYR CB 122 -55.92 1.91 93.79
CA TYR CB 122 -54.65 2.48 93.38
C TYR CB 122 -53.65 1.40 93.00
N VAL CB 123 -53.51 0.38 93.84
CA VAL CB 123 -52.53 -0.68 93.58
C VAL CB 123 -52.99 -1.56 92.41
N LYS CB 124 -54.29 -1.75 92.23
CA LYS CB 124 -54.74 -2.52 91.07
C LYS CB 124 -54.43 -1.79 89.77
N LEU CB 125 -54.64 -0.46 89.74
CA LEU CB 125 -54.25 0.31 88.58
C LEU CB 125 -52.75 0.26 88.37
N ALA CB 126 -51.98 0.33 89.45
CA ALA CB 126 -50.52 0.24 89.34
C ALA CB 126 -50.10 -1.10 88.75
N ILE CB 127 -50.73 -2.19 89.19
CA ILE CB 127 -50.38 -3.52 88.69
C ILE CB 127 -50.75 -3.67 87.22
N GLU CB 128 -51.92 -3.15 86.83
CA GLU CB 128 -52.31 -3.22 85.43
C GLU CB 128 -51.35 -2.44 84.55
N THR CB 129 -50.95 -1.24 85.00
CA THR CB 129 -49.96 -0.46 84.24
C THR CB 129 -48.62 -1.18 84.19
N LEU CB 130 -48.24 -1.85 85.29
CA LEU CB 130 -46.99 -2.61 85.29
C LEU CB 130 -47.04 -3.74 84.28
N LYS CB 131 -48.19 -4.43 84.19
CA LYS CB 131 -48.34 -5.48 83.19
C LYS CB 131 -48.25 -4.92 81.77
N GLU CB 132 -48.89 -3.78 81.53
CA GLU CB 132 -48.83 -3.18 80.20
C GLU CB 132 -47.42 -2.76 79.85
N ALA CB 133 -46.66 -2.25 80.82
CA ALA CB 133 -45.26 -1.93 80.59
C ALA CB 133 -44.44 -3.18 80.31
N PHE CB 134 -44.63 -4.22 81.13
CA PHE CB 134 -43.94 -5.49 80.94
C PHE CB 134 -44.17 -6.06 79.56
N GLU CB 135 -45.34 -5.81 78.98
CA GLU CB 135 -45.64 -6.31 77.64
C GLU CB 135 -44.56 -5.90 76.64
N ARG CB 136 -44.06 -4.66 76.74
CA ARG CB 136 -43.06 -4.19 75.80
C ARG CB 136 -41.95 -3.36 76.44
N LYS CB 137 -41.81 -3.39 77.77
CA LYS CB 137 -40.81 -2.59 78.49
C LYS CB 137 -40.96 -1.10 78.15
N ASN CB 138 -42.16 -0.58 78.43
CA ASN CB 138 -42.46 0.82 78.19
C ASN CB 138 -42.18 1.60 79.47
N TYR CB 139 -41.23 2.51 79.42
CA TYR CB 139 -40.66 3.10 80.63
C TYR CB 139 -41.64 4.07 81.30
N ALA CB 140 -42.53 4.68 80.51
CA ALA CB 140 -43.41 5.72 81.04
C ALA CB 140 -44.45 5.14 82.01
N LEU CB 141 -45.11 4.04 81.62
CA LEU CB 141 -46.03 3.39 82.54
C LEU CB 141 -45.28 2.84 83.75
N LEU CB 142 -44.01 2.46 83.58
CA LEU CB 142 -43.20 2.08 84.73
C LEU CB 142 -43.03 3.26 85.69
N VAL CB 143 -42.79 4.45 85.16
CA VAL CB 143 -42.69 5.63 86.02
C VAL CB 143 -44.01 5.88 86.75
N SER CB 144 -45.12 5.77 86.03
CA SER CB 144 -46.43 6.00 86.64
C SER CB 144 -46.68 5.00 87.78
N ALA CB 145 -46.41 3.72 87.52
CA ALA CB 145 -46.61 2.70 88.55
C ALA CB 145 -45.67 2.91 89.73
N LYS CB 146 -44.43 3.30 89.45
CA LYS CB 146 -43.48 3.58 90.52
C LYS CB 146 -44.00 4.72 91.41
N ILE CB 147 -44.50 5.78 90.79
CA ILE CB 147 -45.06 6.90 91.54
C ILE CB 147 -46.20 6.40 92.43
N ILE CB 148 -47.12 5.63 91.84
CA ILE CB 148 -48.29 5.18 92.60
C ILE CB 148 -47.85 4.33 93.79
N VAL CB 149 -46.93 3.40 93.57
CA VAL CB 149 -46.55 2.48 94.64
C VAL CB 149 -45.77 3.19 95.72
N GLU CB 150 -44.89 4.14 95.36
CA GLU CB 150 -44.12 4.82 96.42
C GLU CB 150 -45.02 5.74 97.23
N ASN CB 151 -45.97 6.43 96.58
CA ASN CB 151 -46.90 7.25 97.34
C ASN CB 151 -47.79 6.40 98.24
N ALA CB 152 -48.22 5.23 97.76
CA ALA CB 152 -48.99 4.33 98.61
C ALA CB 152 -48.18 3.85 99.80
N GLU CB 153 -46.91 3.49 99.56
CA GLU CB 153 -46.05 3.05 100.67
C GLU CB 153 -45.89 4.16 101.69
N GLU CB 154 -45.68 5.39 101.24
CA GLU CB 154 -45.60 6.52 102.16
C GLU CB 154 -46.91 6.71 102.91
N ILE CB 155 -48.04 6.44 102.25
CA ILE CB 155 -49.34 6.51 102.93
C ILE CB 155 -49.40 5.50 104.07
N LEU CB 156 -48.98 4.26 103.81
CA LEU CB 156 -48.97 3.25 104.88
C LEU CB 156 -48.03 3.63 106.01
N LYS CB 157 -46.86 4.17 105.69
CA LYS CB 157 -45.96 4.61 106.76
C LYS CB 157 -46.59 5.71 107.60
N ALA CB 158 -47.20 6.71 106.94
CA ALA CB 158 -47.84 7.80 107.67
C ALA CB 158 -49.07 7.32 108.44
N LYS CB 159 -49.68 6.20 108.03
CA LYS CB 159 -50.81 5.66 108.76
C LYS CB 159 -50.43 5.31 110.20
N LYS CB 160 -49.30 4.61 110.37
CA LYS CB 160 -48.81 4.34 111.72
C LYS CB 160 -48.13 5.56 112.33
N LYS CB 161 -47.52 6.43 111.51
CA LYS CB 161 -46.96 7.66 112.04
C LYS CB 161 -48.07 8.59 112.53
N GLY CB 162 -49.09 8.83 111.70
CA GLY CB 162 -50.22 9.64 112.12
C GLY CB 162 -50.11 11.11 111.77
N ASP CB 163 -49.64 11.43 110.58
CA ASP CB 163 -49.52 12.81 110.10
C ASP CB 163 -50.55 12.95 108.98
N GLU CB 164 -51.70 13.55 109.30
CA GLU CB 164 -52.82 13.58 108.37
C GLU CB 164 -52.51 14.48 107.17
N GLU CB 165 -51.79 15.58 107.38
CA GLU CB 165 -51.46 16.47 106.27
C GLU CB 165 -50.70 15.71 105.19
N LYS CB 166 -49.73 14.89 105.59
CA LYS CB 166 -48.94 14.14 104.63
C LYS CB 166 -49.80 13.12 103.89
N ILE CB 167 -50.75 12.47 104.58
CA ILE CB 167 -51.57 11.48 103.90
C ILE CB 167 -52.51 12.16 102.89
N LYS CB 168 -53.02 13.35 103.25
CA LYS CB 168 -53.83 14.08 102.28
C LYS CB 168 -53.00 14.48 101.06
N GLU CB 169 -51.76 14.94 101.30
CA GLU CB 169 -50.88 15.29 100.18
C GLU CB 169 -50.61 14.09 99.29
N LEU CB 170 -50.40 12.92 99.89
CA LEU CB 170 -50.13 11.71 99.10
C LEU CB 170 -51.36 11.28 98.33
N LEU CB 171 -52.55 11.43 98.91
CA LEU CB 171 -53.77 11.17 98.14
C LEU CB 171 -53.90 12.13 96.97
N GLN CB 172 -53.53 13.39 97.16
CA GLN CB 172 -53.53 14.33 96.04
C GLN CB 172 -52.58 13.87 94.94
N ARG CB 173 -51.37 13.43 95.32
CA ARG CB 173 -50.41 12.94 94.34
C ARG CB 173 -50.96 11.72 93.60
N LEU CB 174 -51.61 10.81 94.32
CA LEU CB 174 -52.16 9.60 93.71
C LEU CB 174 -53.30 9.93 92.76
N LYS CB 175 -54.14 10.91 93.12
CA LYS CB 175 -55.19 11.35 92.19
C LYS CB 175 -54.59 11.93 90.93
N ALA CB 176 -53.53 12.74 91.07
CA ALA CB 176 -52.85 13.28 89.89
C ALA CB 176 -52.30 12.15 89.03
N ALA CB 177 -51.71 11.13 89.67
CA ALA CB 177 -51.17 9.99 88.91
C ALA CB 177 -52.26 9.24 88.18
N LYS CB 178 -53.40 9.01 88.84
CA LYS CB 178 -54.52 8.33 88.19
C LYS CB 178 -55.01 9.11 86.99
N ILE CB 179 -55.13 10.42 87.13
CA ILE CB 179 -55.56 11.25 86.01
C ILE CB 179 -54.54 11.17 84.87
N GLY CB 180 -53.25 11.18 85.20
CA GLY CB 180 -52.24 11.31 84.16
C GLY CB 180 -51.94 10.00 83.44
N THR CB 181 -52.17 8.87 84.09
CA THR CB 181 -51.74 7.60 83.51
C THR CB 181 -52.34 7.31 82.14
N PRO CB 182 -53.66 7.41 81.92
CA PRO CB 182 -54.16 7.27 80.53
C PRO CB 182 -53.56 8.30 79.60
N LEU CB 183 -53.34 9.52 80.09
CA LEU CB 183 -52.77 10.57 79.25
C LEU CB 183 -51.36 10.22 78.78
N VAL CB 184 -50.52 9.73 79.69
CA VAL CB 184 -49.15 9.40 79.30
C VAL CB 184 -49.14 8.18 78.38
N ARG CB 185 -49.99 7.19 78.66
CA ARG CB 185 -50.10 6.06 77.75
C ARG CB 185 -50.47 6.53 76.34
N GLU CB 186 -51.47 7.40 76.26
CA GLU CB 186 -51.91 7.89 74.95
C GLU CB 186 -50.82 8.72 74.27
N VAL CB 187 -50.10 9.54 75.02
CA VAL CB 187 -49.05 10.37 74.43
C VAL CB 187 -47.96 9.49 73.83
N VAL CB 188 -47.53 8.47 74.57
CA VAL CB 188 -46.51 7.56 74.04
C VAL CB 188 -47.03 6.83 72.81
N GLU CB 189 -48.28 6.35 72.87
CA GLU CB 189 -48.85 5.62 71.74
C GLU CB 189 -48.90 6.48 70.49
N ARG CB 190 -49.36 7.73 70.63
CA ARG CB 190 -49.46 8.63 69.48
C ARG CB 190 -48.08 8.96 68.93
N TYR CB 191 -47.11 9.23 69.82
CA TYR CB 191 -45.78 9.56 69.33
C TYR CB 191 -45.12 8.37 68.64
N ARG CB 192 -45.49 7.14 69.01
CA ARG CB 192 -44.88 5.96 68.41
C ARG CB 192 -44.96 5.94 66.90
N GLU CB 193 -46.14 6.20 66.33
CA GLU CB 193 -46.31 6.10 64.89
C GLU CB 193 -46.98 7.31 64.24
N GLU CB 194 -47.82 8.04 64.97
CA GLU CB 194 -48.58 9.12 64.35
C GLU CB 194 -47.67 10.24 63.86
N GLY CB 195 -46.67 10.62 64.66
CA GLY CB 195 -45.62 11.51 64.22
C GLY CB 195 -45.72 12.97 64.60
N GLU CB 196 -46.51 13.26 65.61
CA GLU CB 196 -46.64 14.61 66.10
C GLU CB 196 -45.34 15.13 66.71
N PRO CB 197 -45.34 16.38 67.17
CA PRO CB 197 -44.15 16.91 67.82
C PRO CB 197 -44.21 16.68 69.31
N LEU CB 198 -43.39 15.76 69.79
CA LEU CB 198 -43.47 15.40 71.19
C LEU CB 198 -43.71 16.55 72.10
N LEU CB 199 -42.94 17.61 71.96
CA LEU CB 199 -43.07 18.66 72.95
C LEU CB 199 -44.51 19.18 73.04
N ASP CB 200 -45.19 19.29 71.89
CA ASP CB 200 -46.56 19.77 71.89
C ASP CB 200 -47.48 18.83 72.66
N LEU CB 201 -47.38 17.52 72.39
CA LEU CB 201 -48.19 16.56 73.12
C LEU CB 201 -47.82 16.52 74.60
N LEU CB 202 -46.54 16.65 74.93
CA LEU CB 202 -46.14 16.70 76.32
C LEU CB 202 -46.78 17.88 77.04
N LEU CB 203 -46.74 19.06 76.42
CA LEU CB 203 -47.33 20.24 77.03
C LEU CB 203 -48.83 20.10 77.19
N HIS CB 204 -49.50 19.58 76.15
CA HIS CB 204 -50.95 19.39 76.24
C HIS CB 204 -51.31 18.38 77.34
N MET CB 205 -50.56 17.29 77.44
CA MET CB 205 -50.81 16.31 78.48
C MET CB 205 -50.60 16.90 79.87
N ALA CB 206 -49.53 17.68 80.04
CA ALA CB 206 -49.27 18.29 81.34
C ALA CB 206 -50.38 19.27 81.71
N GLU CB 207 -50.80 20.10 80.76
CA GLU CB 207 -51.85 21.07 81.03
C GLU CB 207 -53.18 20.38 81.34
N THR CB 208 -53.49 19.31 80.60
CA THR CB 208 -54.71 18.57 80.88
C THR CB 208 -54.66 17.92 82.26
N THR CB 209 -53.50 17.39 82.63
CA THR CB 209 -53.34 16.81 83.96
C THR CB 209 -53.56 17.86 85.04
N ILE CB 210 -52.97 19.05 84.87
CA ILE CB 210 -53.12 20.10 85.87
C ILE CB 210 -54.58 20.53 85.98
N ARG CB 211 -55.23 20.73 84.83
CA ARG CB 211 -56.62 21.19 84.84
C ARG CB 211 -57.54 20.16 85.49
N GLU CB 212 -57.39 18.89 85.12
CA GLU CB 212 -58.23 17.85 85.69
C GLU CB 212 -57.95 17.65 87.17
N SER CB 213 -56.68 17.80 87.57
CA SER CB 213 -56.33 17.64 88.98
C SER CB 213 -56.90 18.77 89.82
N GLU CB 214 -56.85 20.00 89.32
CA GLU CB 214 -57.44 21.12 90.06
C GLU CB 214 -58.96 21.08 89.99
N LYS CB 215 -59.53 20.36 89.01
CA LYS CB 215 -60.97 20.13 89.01
C LYS CB 215 -61.40 19.21 90.14
N LEU CB 216 -60.47 18.48 90.74
CA LEU CB 216 -60.75 17.60 91.87
C LEU CB 216 -60.37 18.23 93.21
N GLY CB 217 -60.05 19.52 93.21
CA GLY CB 217 -59.70 20.24 94.42
C GLY CB 217 -58.23 20.24 94.76
N VAL CB 218 -57.39 19.60 93.94
CA VAL CB 218 -55.98 19.47 94.25
C VAL CB 218 -55.22 20.65 93.68
N ASP CB 219 -54.29 21.16 94.50
CA ASP CB 219 -53.46 22.26 94.08
C ASP CB 219 -52.85 22.09 92.74
N PRO CB 220 -52.31 23.16 92.21
CA PRO CB 220 -51.63 23.02 90.95
C PRO CB 220 -50.19 23.01 91.28
N ARG CB 221 -49.86 22.52 92.45
CA ARG CB 221 -48.47 22.39 92.78
C ARG CB 221 -48.01 20.94 92.70
N LEU CB 222 -48.31 20.15 93.71
CA LEU CB 222 -47.77 18.78 93.74
C LEU CB 222 -48.19 18.02 92.50
N ALA CB 223 -49.38 18.29 91.96
CA ALA CB 223 -49.76 17.70 90.68
C ALA CB 223 -48.81 18.15 89.58
N ALA CB 224 -48.30 19.38 89.70
CA ALA CB 224 -47.29 19.85 88.75
C ALA CB 224 -46.03 19.00 88.83
N GLU CB 225 -45.58 18.66 90.04
CA GLU CB 225 -44.39 17.83 90.16
C GLU CB 225 -44.66 16.41 89.68
N VAL CB 226 -45.87 15.90 89.87
CA VAL CB 226 -46.23 14.59 89.33
C VAL CB 226 -46.15 14.60 87.81
N ALA CB 227 -46.73 15.64 87.19
CA ALA CB 227 -46.63 15.80 85.74
C ALA CB 227 -45.19 15.96 85.29
N ARG CB 228 -44.36 16.60 86.11
CA ARG CB 228 -42.95 16.77 85.76
C ARG CB 228 -42.22 15.43 85.75
N GLU CB 229 -42.47 14.60 86.77
CA GLU CB 229 -41.87 13.26 86.79
C GLU CB 229 -42.35 12.44 85.60
N MET CB 230 -43.64 12.51 85.27
CA MET CB 230 -44.14 11.75 84.13
C MET CB 230 -43.58 12.27 82.82
N VAL CB 231 -43.36 13.59 82.70
CA VAL CB 231 -42.74 14.14 81.52
C VAL CB 231 -41.31 13.64 81.38
N ASP CB 232 -40.58 13.57 82.50
CA ASP CB 232 -39.23 13.02 82.49
C ASP CB 232 -39.27 11.57 82.03
N GLY CB 233 -40.22 10.80 82.52
CA GLY CB 233 -40.35 9.42 82.09
C GLY CB 233 -40.65 9.29 80.60
N VAL CB 234 -41.51 10.16 80.08
CA VAL CB 234 -41.82 10.15 78.65
C VAL CB 234 -40.57 10.48 77.85
N GLY CB 235 -39.80 11.47 78.30
CA GLY CB 235 -38.57 11.79 77.62
C GLY CB 235 -37.58 10.65 77.60
N HIS CB 236 -37.47 9.93 78.73
CA HIS CB 236 -36.58 8.78 78.78
C HIS CB 236 -37.05 7.67 77.85
N GLU CB 237 -38.35 7.38 77.85
CA GLU CB 237 -38.87 6.28 77.04
C GLU CB 237 -38.76 6.59 75.54
N THR CB 238 -39.13 7.82 75.15
CA THR CB 238 -39.17 8.18 73.75
C THR CB 238 -37.79 8.37 73.13
N GLY CB 239 -36.74 8.44 73.95
CA GLY CB 239 -35.41 8.64 73.42
C GLY CB 239 -35.09 10.07 73.07
N GLU CB 240 -35.90 11.03 73.49
CA GLU CB 240 -35.67 12.44 73.22
C GLU CB 240 -35.92 13.22 74.50
N THR CB 241 -34.86 13.74 75.11
CA THR CB 241 -34.97 14.44 76.37
C THR CB 241 -34.93 15.96 76.26
N GLU CB 242 -34.51 16.50 75.12
CA GLU CB 242 -34.47 17.96 74.96
C GLU CB 242 -35.87 18.54 75.00
N ALA CB 243 -36.83 17.91 74.34
CA ALA CB 243 -38.21 18.35 74.43
C ALA CB 243 -38.75 18.18 75.85
N ALA CB 244 -38.39 17.07 76.50
CA ALA CB 244 -38.75 16.89 77.90
C ALA CB 244 -38.11 17.96 78.77
N PHE CB 245 -36.87 18.34 78.45
CA PHE CB 245 -36.21 19.42 79.18
C PHE CB 245 -36.96 20.74 79.01
N ARG CB 246 -37.38 21.05 77.78
CA ARG CB 246 -38.10 22.29 77.54
C ARG CB 246 -39.44 22.31 78.28
N VAL CB 247 -40.19 21.21 78.22
CA VAL CB 247 -41.46 21.16 78.93
C VAL CB 247 -41.24 21.23 80.43
N ARG CB 248 -40.14 20.65 80.93
CA ARG CB 248 -39.79 20.77 82.33
C ARG CB 248 -39.55 22.23 82.71
N ARG CB 249 -38.85 22.98 81.84
CA ARG CB 249 -38.61 24.39 82.11
C ARG CB 249 -39.91 25.19 82.12
N GLU CB 250 -40.81 24.91 81.17
CA GLU CB 250 -42.08 25.64 81.15
C GLU CB 250 -42.93 25.30 82.38
N LEU CB 251 -42.92 24.05 82.82
CA LEU CB 251 -43.65 23.69 84.03
C LEU CB 251 -43.03 24.33 85.27
N ASP CB 252 -41.70 24.44 85.31
CA ASP CB 252 -41.03 25.14 86.40
C ASP CB 252 -41.40 26.62 86.41
N THR CB 253 -41.56 27.22 85.23
CA THR CB 253 -42.06 28.59 85.18
C THR CB 253 -43.52 28.67 85.63
N VAL CB 254 -44.31 27.64 85.30
CA VAL CB 254 -45.73 27.63 85.66
C VAL CB 254 -45.91 27.59 87.17
N ILE CB 255 -45.13 26.75 87.86
CA ILE CB 255 -45.32 26.61 89.31
C ILE CB 255 -45.00 27.91 90.03
N LEU CB 256 -44.21 28.79 89.40
CA LEU CB 256 -43.90 30.09 89.98
C LEU CB 256 -45.15 30.97 90.06
N THR DB 25 -31.63 -68.25 40.43
CA THR DB 25 -31.31 -69.44 41.21
C THR DB 25 -31.11 -69.11 42.67
N GLU DB 26 -31.47 -67.87 43.05
CA GLU DB 26 -31.31 -67.45 44.43
C GLU DB 26 -32.17 -68.26 45.38
N LYS DB 27 -33.39 -68.60 44.97
CA LYS DB 27 -34.24 -69.43 45.80
C LYS DB 27 -33.61 -70.80 46.03
N LEU DB 28 -33.02 -71.38 44.98
CA LEU DB 28 -32.38 -72.70 45.14
C LEU DB 28 -31.17 -72.62 46.06
N LYS DB 29 -30.37 -71.56 45.93
CA LYS DB 29 -29.22 -71.39 46.81
C LYS DB 29 -29.66 -71.24 48.26
N LYS DB 30 -30.71 -70.45 48.51
CA LYS DB 30 -31.21 -70.31 49.87
C LYS DB 30 -31.77 -71.62 50.40
N ILE DB 31 -32.45 -72.39 49.56
CA ILE DB 31 -32.97 -73.69 49.99
C ILE DB 31 -31.84 -74.61 50.39
N THR DB 32 -30.77 -74.65 49.58
CA THR DB 32 -29.61 -75.47 49.91
C THR DB 32 -28.97 -75.02 51.22
N LYS DB 33 -28.82 -73.70 51.39
CA LYS DB 33 -28.22 -73.18 52.61
C LYS DB 33 -29.04 -73.56 53.84
N LEU DB 34 -30.37 -73.37 53.77
CA LEU DB 34 -31.21 -73.67 54.91
C LEU DB 34 -31.25 -75.17 55.20
N LEU DB 35 -31.20 -76.00 54.16
CA LEU DB 35 -31.13 -77.45 54.39
C LEU DB 35 -29.81 -77.83 55.06
N HIS DB 36 -28.73 -77.18 54.74
CA HIS DB 36 -27.51 -77.49 55.43
C HIS DB 36 -27.78 -77.14 56.84
N GLU DB 37 -28.09 -75.88 57.08
CA GLU DB 37 -28.23 -75.47 58.49
C GLU DB 37 -29.09 -76.45 59.27
N LEU DB 38 -30.20 -76.89 58.68
CA LEU DB 38 -31.07 -77.84 59.38
C LEU DB 38 -30.36 -79.15 59.65
N VAL DB 39 -29.61 -79.67 58.67
CA VAL DB 39 -28.94 -80.95 58.87
C VAL DB 39 -27.77 -80.80 59.83
N ASP DB 40 -27.20 -79.59 59.95
CA ASP DB 40 -26.11 -79.38 60.90
C ASP DB 40 -26.57 -79.62 62.33
N ARG DB 41 -27.72 -79.05 62.70
CA ARG DB 41 -28.28 -79.22 64.04
C ARG DB 41 -29.39 -80.25 64.00
N GLY DB 42 -29.00 -81.52 63.91
CA GLY DB 42 -29.96 -82.61 63.91
C GLY DB 42 -30.96 -82.50 62.79
N GLU DB 43 -32.24 -82.67 63.13
CA GLU DB 43 -33.37 -82.46 62.23
C GLU DB 43 -33.23 -83.39 61.03
N ILE DB 44 -33.19 -82.88 59.80
CA ILE DB 44 -33.19 -83.71 58.59
C ILE DB 44 -31.88 -84.49 58.48
N PRO DB 45 -31.87 -85.63 57.79
CA PRO DB 45 -30.61 -86.36 57.59
C PRO DB 45 -29.73 -85.74 56.51
N GLU DB 46 -28.54 -86.31 56.32
CA GLU DB 46 -27.55 -85.70 55.43
C GLU DB 46 -27.86 -85.90 53.96
N GLU DB 47 -28.58 -86.98 53.61
CA GLU DB 47 -28.81 -87.30 52.21
C GLU DB 47 -29.54 -86.16 51.49
N LEU DB 48 -30.50 -85.54 52.17
CA LEU DB 48 -31.24 -84.45 51.54
C LEU DB 48 -30.34 -83.26 51.25
N ALA DB 49 -29.44 -82.93 52.17
CA ALA DB 49 -28.51 -81.83 51.95
C ALA DB 49 -27.53 -82.15 50.81
N THR DB 50 -27.04 -83.39 50.75
CA THR DB 50 -26.14 -83.77 49.67
C THR DB 50 -26.86 -83.69 48.32
N LEU DB 51 -28.10 -84.17 48.25
CA LEU DB 51 -28.87 -84.04 47.02
C LEU DB 51 -29.08 -82.58 46.66
N ALA DB 52 -29.35 -81.74 47.66
CA ALA DB 52 -29.52 -80.31 47.39
C ALA DB 52 -28.26 -79.73 46.79
N THR DB 53 -27.09 -80.10 47.31
CA THR DB 53 -25.83 -79.59 46.76
C THR DB 53 -25.62 -80.05 45.33
N LEU DB 54 -25.80 -81.35 45.08
CA LEU DB 54 -25.57 -81.87 43.72
C LEU DB 54 -26.53 -81.24 42.72
N LEU DB 55 -27.81 -81.13 43.07
CA LEU DB 55 -28.77 -80.53 42.17
C LEU DB 55 -28.52 -79.03 42.00
N LEU DB 56 -28.04 -78.35 43.04
CA LEU DB 56 -27.71 -76.93 42.91
C LEU DB 56 -26.52 -76.73 41.99
N TYR DB 57 -25.61 -77.70 41.93
CA TYR DB 57 -24.55 -77.63 40.93
C TYR DB 57 -25.10 -77.89 39.53
N LEU DB 58 -25.90 -78.94 39.39
CA LEU DB 58 -26.41 -79.34 38.08
C LEU DB 58 -27.25 -78.22 37.46
N VAL DB 59 -28.23 -77.72 38.20
CA VAL DB 59 -28.86 -76.44 37.87
C VAL DB 59 -27.76 -75.39 37.99
N GLU DB 60 -27.77 -74.39 37.11
CA GLU DB 60 -26.76 -73.34 37.06
C GLU DB 60 -25.47 -73.91 36.47
N LYS DB 61 -25.38 -75.23 36.32
CA LYS DB 61 -24.50 -75.78 35.30
C LYS DB 61 -25.24 -75.89 33.97
N GLY DB 62 -26.57 -75.85 34.02
CA GLY DB 62 -27.37 -75.88 32.81
C GLY DB 62 -27.65 -77.28 32.31
N LEU DB 63 -27.90 -78.21 33.24
CA LEU DB 63 -28.13 -79.59 32.88
C LEU DB 63 -29.48 -80.13 33.34
N ILE DB 64 -30.17 -79.46 34.24
CA ILE DB 64 -31.53 -79.83 34.62
C ILE DB 64 -32.32 -78.55 34.89
N SER DB 65 -33.62 -78.70 35.14
CA SER DB 65 -34.49 -77.56 35.41
C SER DB 65 -34.88 -77.55 36.88
N GLU DB 66 -35.40 -76.41 37.33
CA GLU DB 66 -35.83 -76.27 38.71
C GLU DB 66 -36.93 -77.27 39.06
N PHE DB 67 -37.74 -77.66 38.08
CA PHE DB 67 -38.77 -78.65 38.34
C PHE DB 67 -38.18 -79.97 38.79
N ASP DB 68 -37.10 -80.41 38.14
CA ASP DB 68 -36.44 -81.65 38.54
C ASP DB 68 -35.84 -81.52 39.94
N PHE DB 69 -35.24 -80.36 40.24
CA PHE DB 69 -34.70 -80.11 41.56
C PHE DB 69 -35.78 -80.28 42.62
N ILE DB 70 -36.89 -79.56 42.47
CA ILE DB 70 -37.95 -79.62 43.48
C ILE DB 70 -38.56 -81.01 43.54
N GLU DB 71 -38.72 -81.67 42.39
CA GLU DB 71 -39.33 -83.00 42.38
C GLU DB 71 -38.46 -84.00 43.12
N HIS DB 72 -37.15 -83.97 42.88
CA HIS DB 72 -36.24 -84.86 43.60
C HIS DB 72 -36.25 -84.57 45.10
N LEU DB 73 -36.24 -83.28 45.46
CA LEU DB 73 -36.26 -82.92 46.88
C LEU DB 73 -37.52 -83.45 47.55
N VAL DB 74 -38.67 -83.28 46.90
CA VAL DB 74 -39.94 -83.73 47.47
C VAL DB 74 -39.98 -85.25 47.55
N ARG DB 75 -39.45 -85.94 46.53
CA ARG DB 75 -39.43 -87.40 46.56
C ARG DB 75 -38.59 -87.91 47.72
N LEU DB 76 -37.41 -87.32 47.93
CA LEU DB 76 -36.58 -87.75 49.06
C LEU DB 76 -37.25 -87.41 50.38
N ALA DB 77 -37.88 -86.25 50.48
CA ALA DB 77 -38.57 -85.88 51.72
C ALA DB 77 -39.69 -86.86 52.04
N GLU DB 78 -40.45 -87.25 51.02
CA GLU DB 78 -41.51 -88.25 51.22
C GLU DB 78 -40.91 -89.59 51.62
N LYS DB 79 -39.78 -89.97 51.01
CA LYS DB 79 -39.15 -91.24 51.36
C LYS DB 79 -38.69 -91.26 52.81
N LEU DB 80 -38.11 -90.16 53.28
CA LEU DB 80 -37.60 -90.07 54.64
C LEU DB 80 -38.62 -89.55 55.64
N GLY DB 81 -39.80 -89.15 55.19
CA GLY DB 81 -40.83 -88.64 56.08
C GLY DB 81 -40.42 -87.38 56.81
N VAL DB 82 -39.85 -86.43 56.07
CA VAL DB 82 -39.37 -85.18 56.64
C VAL DB 82 -39.96 -84.01 55.86
N LEU DB 83 -41.11 -84.28 55.22
CA LEU DB 83 -41.70 -83.30 54.31
C LEU DB 83 -42.08 -81.99 55.01
N GLU DB 84 -42.39 -82.06 56.30
CA GLU DB 84 -42.76 -80.84 57.03
C GLU DB 84 -41.60 -79.86 57.10
N GLU DB 85 -40.38 -80.36 57.33
CA GLU DB 85 -39.22 -79.48 57.37
C GLU DB 85 -38.95 -78.85 56.01
N LEU DB 86 -39.13 -79.63 54.93
CA LEU DB 86 -39.00 -79.05 53.60
C LEU DB 86 -40.05 -77.98 53.34
N LYS DB 87 -41.28 -78.21 53.83
CA LYS DB 87 -42.32 -77.20 53.72
C LYS DB 87 -41.92 -75.91 54.45
N LYS DB 88 -41.39 -76.07 55.66
CA LYS DB 88 -40.94 -74.90 56.42
C LYS DB 88 -39.82 -74.15 55.69
N VAL DB 89 -38.88 -74.89 55.11
CA VAL DB 89 -37.79 -74.26 54.36
C VAL DB 89 -38.35 -73.49 53.17
N LEU DB 90 -39.31 -74.08 52.46
CA LEU DB 90 -39.87 -73.42 51.29
C LEU DB 90 -40.69 -72.20 51.67
N GLU DB 91 -41.32 -72.20 52.84
CA GLU DB 91 -41.98 -70.99 53.31
C GLU DB 91 -40.96 -69.93 53.70
N GLU DB 92 -39.87 -70.33 54.38
CA GLU DB 92 -38.86 -69.36 54.78
C GLU DB 92 -38.21 -68.68 53.59
N VAL DB 93 -37.86 -69.44 52.56
CA VAL DB 93 -37.26 -68.82 51.37
C VAL DB 93 -38.27 -67.94 50.66
N GLY DB 94 -39.55 -68.27 50.75
CA GLY DB 94 -40.59 -67.48 50.11
C GLY DB 94 -40.82 -67.86 48.67
N ASP DB 95 -41.08 -69.16 48.44
CA ASP DB 95 -41.30 -69.68 47.11
C ASP DB 95 -42.72 -70.23 47.03
N GLU DB 96 -43.46 -69.80 46.01
CA GLU DB 96 -44.83 -70.28 45.81
C GLU DB 96 -44.89 -71.46 44.85
N PHE DB 97 -44.05 -71.46 43.82
CA PHE DB 97 -44.05 -72.56 42.86
C PHE DB 97 -43.67 -73.88 43.53
N GLY DB 98 -42.57 -73.87 44.28
CA GLY DB 98 -42.14 -75.08 44.96
C GLY DB 98 -43.15 -75.55 45.99
N LEU DB 99 -43.73 -74.61 46.74
CA LEU DB 99 -44.73 -74.97 47.75
C LEU DB 99 -45.96 -75.60 47.10
N THR DB 100 -46.42 -75.02 45.98
CA THR DB 100 -47.54 -75.59 45.27
C THR DB 100 -47.20 -76.99 44.74
N LEU DB 101 -45.97 -77.18 44.27
CA LEU DB 101 -45.56 -78.50 43.82
C LEU DB 101 -45.56 -79.50 44.97
N VAL DB 102 -45.12 -79.08 46.15
CA VAL DB 102 -45.14 -79.94 47.33
C VAL DB 102 -46.57 -80.35 47.66
N TYR DB 103 -47.48 -79.39 47.67
CA TYR DB 103 -48.88 -79.71 47.94
C TYR DB 103 -49.43 -80.66 46.88
N ALA DB 104 -49.09 -80.43 45.61
CA ALA DB 104 -49.58 -81.30 44.55
C ALA DB 104 -49.10 -82.74 44.73
N ILE DB 105 -47.81 -82.91 45.06
CA ILE DB 105 -47.27 -84.25 45.23
C ILE DB 105 -47.91 -84.94 46.44
N SER DB 106 -48.04 -84.22 47.56
CA SER DB 106 -48.66 -84.82 48.74
C SER DB 106 -50.11 -85.19 48.48
N LEU DB 107 -50.84 -84.32 47.79
CA LEU DB 107 -52.25 -84.59 47.45
C LEU DB 107 -52.36 -85.77 46.50
N LEU DB 108 -51.45 -85.88 45.54
CA LEU DB 108 -51.45 -87.03 44.65
C LEU DB 108 -51.20 -88.33 45.42
N LYS DB 109 -50.25 -88.30 46.36
CA LYS DB 109 -49.99 -89.49 47.16
C LYS DB 109 -51.20 -89.88 48.00
N GLU DB 110 -51.85 -88.89 48.62
CA GLU DB 110 -53.04 -89.16 49.42
C GLU DB 110 -54.17 -89.71 48.57
N VAL DB 111 -54.37 -89.17 47.37
CA VAL DB 111 -55.41 -89.65 46.48
C VAL DB 111 -55.09 -91.06 45.99
N GLU DB 112 -53.83 -91.34 45.71
CA GLU DB 112 -53.42 -92.70 45.36
C GLU DB 112 -53.73 -93.67 46.49
N LYS DB 113 -53.52 -93.23 47.74
CA LYS DB 113 -53.97 -94.03 48.87
C LYS DB 113 -55.49 -94.22 48.83
N GLU DB 114 -56.22 -93.16 48.50
CA GLU DB 114 -57.68 -93.26 48.40
C GLU DB 114 -58.09 -94.08 47.17
N GLY DB 115 -57.53 -93.76 46.00
CA GLY DB 115 -57.82 -94.50 44.80
C GLY DB 115 -58.99 -94.00 43.98
N ASP DB 116 -59.20 -92.69 43.87
CA ASP DB 116 -60.32 -92.15 43.12
C ASP DB 116 -59.81 -91.54 41.82
N GLU DB 117 -60.44 -91.90 40.69
CA GLU DB 117 -59.87 -91.63 39.38
C GLU DB 117 -60.00 -90.15 38.99
N GLU DB 118 -61.14 -89.52 39.27
CA GLU DB 118 -61.34 -88.14 38.80
C GLU DB 118 -60.34 -87.20 39.44
N LEU DB 119 -60.10 -87.34 40.75
CA LEU DB 119 -59.05 -86.56 41.39
C LEU DB 119 -57.66 -86.95 40.87
N LYS DB 120 -57.47 -88.20 40.44
CA LYS DB 120 -56.22 -88.55 39.77
C LYS DB 120 -56.00 -87.68 38.54
N GLU DB 121 -57.01 -87.60 37.68
CA GLU DB 121 -56.88 -86.77 36.48
C GLU DB 121 -56.70 -85.31 36.84
N TYR DB 122 -57.43 -84.85 37.87
CA TYR DB 122 -57.33 -83.45 38.28
C TYR DB 122 -55.91 -83.10 38.72
N VAL DB 123 -55.32 -83.94 39.57
CA VAL DB 123 -53.99 -83.65 40.08
C VAL DB 123 -52.93 -83.84 39.00
N LYS DB 124 -53.12 -84.79 38.09
CA LYS DB 124 -52.17 -84.91 36.99
C LYS DB 124 -52.18 -83.68 36.10
N LEU DB 125 -53.37 -83.15 35.79
CA LEU DB 125 -53.44 -81.90 35.04
C LEU DB 125 -52.80 -80.76 35.81
N ALA DB 126 -53.03 -80.71 37.13
CA ALA DB 126 -52.42 -79.67 37.95
C ALA DB 126 -50.90 -79.76 37.91
N ILE DB 127 -50.36 -80.97 37.99
CA ILE DB 127 -48.91 -81.15 37.96
C ILE DB 127 -48.33 -80.77 36.61
N GLU DB 128 -49.01 -81.15 35.53
CA GLU DB 128 -48.53 -80.77 34.20
C GLU DB 128 -48.53 -79.25 34.03
N THR DB 129 -49.59 -78.59 34.49
CA THR DB 129 -49.63 -77.13 34.43
C THR DB 129 -48.54 -76.51 35.30
N LEU DB 130 -48.28 -77.11 36.46
CA LEU DB 130 -47.20 -76.62 37.32
C LEU DB 130 -45.85 -76.73 36.63
N LYS DB 131 -45.61 -77.84 35.93
CA LYS DB 131 -44.37 -78.00 35.18
C LYS DB 131 -44.26 -76.94 34.09
N GLU DB 132 -45.36 -76.71 33.36
CA GLU DB 132 -45.33 -75.71 32.30
C GLU DB 132 -45.06 -74.32 32.86
N ALA DB 133 -45.63 -74.01 34.03
CA ALA DB 133 -45.35 -72.73 34.68
C ALA DB 133 -43.88 -72.66 35.11
N PHE DB 134 -43.38 -73.73 35.75
CA PHE DB 134 -42.00 -73.77 36.18
C PHE DB 134 -41.04 -73.55 35.02
N GLU DB 135 -41.43 -73.96 33.82
CA GLU DB 135 -40.57 -73.77 32.66
C GLU DB 135 -40.16 -72.31 32.49
N ARG DB 136 -41.09 -71.37 32.75
CA ARG DB 136 -40.79 -69.96 32.57
C ARG DB 136 -41.37 -69.07 33.67
N LYS DB 137 -41.83 -69.64 34.79
CA LYS DB 137 -42.45 -68.89 35.87
C LYS DB 137 -43.65 -68.08 35.36
N ASN DB 138 -44.61 -68.80 34.77
CA ASN DB 138 -45.82 -68.19 34.23
C ASN DB 138 -46.89 -68.23 35.33
N TYR DB 139 -47.32 -67.06 35.77
CA TYR DB 139 -48.11 -66.96 36.99
C TYR DB 139 -49.53 -67.49 36.79
N ALA DB 140 -50.05 -67.42 35.56
CA ALA DB 140 -51.44 -67.78 35.31
C ALA DB 140 -51.67 -69.29 35.48
N LEU DB 141 -50.81 -70.11 34.89
CA LEU DB 141 -50.92 -71.55 35.12
C LEU DB 141 -50.67 -71.90 36.58
N LEU DB 142 -49.86 -71.10 37.28
CA LEU DB 142 -49.72 -71.29 38.71
C LEU DB 142 -51.04 -71.05 39.44
N VAL DB 143 -51.77 -70.01 39.03
CA VAL DB 143 -53.09 -69.76 39.62
C VAL DB 143 -54.03 -70.93 39.35
N SER DB 144 -54.03 -71.42 38.10
CA SER DB 144 -54.90 -72.53 37.76
C SER DB 144 -54.59 -73.77 38.58
N ALA DB 145 -53.30 -74.11 38.70
CA ALA DB 145 -52.90 -75.27 39.49
C ALA DB 145 -53.22 -75.08 40.95
N LYS DB 146 -53.03 -73.86 41.47
CA LYS DB 146 -53.38 -73.58 42.86
C LYS DB 146 -54.87 -73.81 43.10
N ILE DB 147 -55.70 -73.32 42.18
CA ILE DB 147 -57.14 -73.53 42.30
C ILE DB 147 -57.46 -75.02 42.34
N ILE DB 148 -56.88 -75.77 41.40
CA ILE DB 148 -57.18 -77.20 41.31
C ILE DB 148 -56.78 -77.90 42.60
N VAL DB 149 -55.58 -77.61 43.11
CA VAL DB 149 -55.08 -78.33 44.28
C VAL DB 149 -55.87 -77.96 45.53
N GLU DB 150 -56.24 -76.68 45.69
CA GLU DB 150 -56.97 -76.31 46.89
C GLU DB 150 -58.39 -76.88 46.86
N ASN DB 151 -59.03 -76.89 45.70
CA ASN DB 151 -60.35 -77.51 45.62
C ASN DB 151 -60.27 -79.01 45.86
N ALA DB 152 -59.23 -79.67 45.35
CA ALA DB 152 -59.06 -81.09 45.63
C ALA DB 152 -58.83 -81.34 47.11
N GLU DB 153 -58.01 -80.51 47.76
CA GLU DB 153 -57.79 -80.67 49.20
C GLU DB 153 -59.08 -80.50 49.97
N GLU DB 154 -59.89 -79.50 49.60
CA GLU DB 154 -61.19 -79.33 50.24
C GLU DB 154 -62.09 -80.54 49.99
N ILE DB 155 -61.97 -81.15 48.81
CA ILE DB 155 -62.74 -82.36 48.52
C ILE DB 155 -62.34 -83.48 49.48
N LEU DB 156 -61.04 -83.68 49.68
CA LEU DB 156 -60.61 -84.71 50.62
C LEU DB 156 -61.05 -84.41 52.06
N LYS DB 157 -60.99 -83.15 52.47
CA LYS DB 157 -61.50 -82.81 53.81
C LYS DB 157 -62.98 -83.11 53.94
N ALA DB 158 -63.77 -82.72 52.94
CA ALA DB 158 -65.20 -82.98 52.99
C ALA DB 158 -65.52 -84.47 52.86
N LYS DB 159 -64.61 -85.26 52.30
CA LYS DB 159 -64.81 -86.70 52.23
C LYS DB 159 -64.95 -87.31 53.62
N LYS DB 160 -64.04 -86.95 54.53
CA LYS DB 160 -64.18 -87.41 55.91
C LYS DB 160 -65.24 -86.62 56.67
N LYS DB 161 -65.45 -85.35 56.31
CA LYS DB 161 -66.52 -84.58 56.92
C LYS DB 161 -67.89 -85.13 56.52
N GLY DB 162 -68.11 -85.32 55.22
CA GLY DB 162 -69.34 -85.92 54.75
C GLY DB 162 -70.42 -84.94 54.39
N ASP DB 163 -70.06 -83.85 53.71
CA ASP DB 163 -71.02 -82.84 53.26
C ASP DB 163 -71.04 -82.94 51.74
N GLU DB 164 -72.07 -83.62 51.20
CA GLU DB 164 -72.11 -83.92 49.78
C GLU DB 164 -72.30 -82.66 48.93
N GLU DB 165 -73.08 -81.70 49.43
CA GLU DB 165 -73.29 -80.47 48.67
C GLU DB 165 -71.97 -79.78 48.38
N LYS DB 166 -71.10 -79.71 49.39
CA LYS DB 166 -69.80 -79.06 49.22
C LYS DB 166 -68.93 -79.81 48.23
N ILE DB 167 -68.97 -81.15 48.25
CA ILE DB 167 -68.13 -81.91 47.33
C ILE DB 167 -68.63 -81.72 45.89
N LYS DB 168 -69.95 -81.67 45.70
CA LYS DB 168 -70.48 -81.38 44.36
C LYS DB 168 -70.06 -80.00 43.90
N GLU DB 169 -70.12 -79.01 44.80
CA GLU DB 169 -69.69 -77.66 44.44
C GLU DB 169 -68.21 -77.63 44.06
N LEU DB 170 -67.39 -78.37 44.79
CA LEU DB 170 -65.96 -78.39 44.47
C LEU DB 170 -65.68 -79.10 43.15
N LEU DB 171 -66.44 -80.16 42.85
CA LEU DB 171 -66.33 -80.78 41.53
C LEU DB 171 -66.73 -79.82 40.42
N GLN DB 172 -67.77 -79.01 40.66
CA GLN DB 172 -68.12 -77.98 39.68
C GLN DB 172 -66.97 -76.99 39.48
N ARG DB 173 -66.35 -76.55 40.57
CA ARG DB 173 -65.21 -75.63 40.46
C ARG DB 173 -64.07 -76.27 39.68
N LEU DB 174 -63.79 -77.55 39.95
CA LEU DB 174 -62.71 -78.24 39.26
C LEU DB 174 -63.00 -78.42 37.78
N LYS DB 175 -64.25 -78.70 37.43
CA LYS DB 175 -64.62 -78.77 36.01
C LYS DB 175 -64.42 -77.42 35.33
N ALA DB 176 -64.82 -76.33 36.01
CA ALA DB 176 -64.57 -75.00 35.46
C ALA DB 176 -63.09 -74.76 35.26
N ALA DB 177 -62.26 -75.17 36.23
CA ALA DB 177 -60.81 -74.99 36.11
C ALA DB 177 -60.25 -75.79 34.95
N LYS DB 178 -60.70 -77.04 34.78
CA LYS DB 178 -60.23 -77.86 33.67
C LYS DB 178 -60.59 -77.21 32.34
N ILE DB 179 -61.81 -76.69 32.22
CA ILE DB 179 -62.21 -76.02 30.99
C ILE DB 179 -61.36 -74.79 30.75
N GLY DB 180 -61.07 -74.03 31.81
CA GLY DB 180 -60.42 -72.75 31.62
C GLY DB 180 -58.92 -72.82 31.39
N THR DB 181 -58.29 -73.89 31.88
CA THR DB 181 -56.82 -73.94 31.84
C THR DB 181 -56.24 -73.84 30.43
N PRO DB 182 -56.69 -74.61 29.43
CA PRO DB 182 -56.19 -74.35 28.07
C PRO DB 182 -56.50 -72.95 27.60
N LEU DB 183 -57.66 -72.41 27.99
CA LEU DB 183 -58.04 -71.07 27.56
C LEU DB 183 -57.09 -70.02 28.11
N VAL DB 184 -56.73 -70.12 29.40
CA VAL DB 184 -55.84 -69.12 29.98
C VAL DB 184 -54.43 -69.27 29.41
N ARG DB 185 -53.98 -70.52 29.21
CA ARG DB 185 -52.69 -70.72 28.57
C ARG DB 185 -52.66 -70.05 27.19
N GLU DB 186 -53.71 -70.27 26.40
CA GLU DB 186 -53.76 -69.69 25.06
C GLU DB 186 -53.83 -68.17 25.12
N VAL DB 187 -54.59 -67.62 26.06
CA VAL DB 187 -54.71 -66.16 26.15
C VAL DB 187 -53.35 -65.55 26.45
N VAL DB 188 -52.63 -66.12 27.42
CA VAL DB 188 -51.31 -65.59 27.74
C VAL DB 188 -50.37 -65.73 26.54
N GLU DB 189 -50.40 -66.88 25.87
CA GLU DB 189 -49.52 -67.10 24.73
C GLU DB 189 -49.78 -66.07 23.62
N ARG DB 190 -51.06 -65.85 23.30
CA ARG DB 190 -51.41 -64.90 22.26
C ARG DB 190 -51.02 -63.48 22.65
N TYR DB 191 -51.27 -63.10 23.90
CA TYR DB 191 -50.90 -61.75 24.31
C TYR DB 191 -49.39 -61.54 24.33
N ARG DB 192 -48.61 -62.60 24.52
CA ARG DB 192 -47.16 -62.47 24.58
C ARG DB 192 -46.58 -61.80 23.34
N GLU DB 193 -46.97 -62.23 22.15
CA GLU DB 193 -46.38 -61.68 20.93
C GLU DB 193 -47.38 -61.23 19.88
N GLU DB 194 -48.58 -61.82 19.84
CA GLU DB 194 -49.51 -61.50 18.77
C GLU DB 194 -49.97 -60.04 18.83
N GLY DB 195 -50.27 -59.55 20.03
CA GLY DB 195 -50.50 -58.13 20.23
C GLY DB 195 -51.93 -57.65 20.29
N GLU DB 196 -52.85 -58.57 20.55
CA GLU DB 196 -54.25 -58.22 20.67
C GLU DB 196 -54.51 -57.31 21.88
N PRO DB 197 -55.78 -56.94 22.09
CA PRO DB 197 -56.10 -56.12 23.25
C PRO DB 197 -56.49 -57.01 24.39
N LEU DB 198 -55.61 -57.13 25.36
CA LEU DB 198 -55.88 -58.06 26.44
C LEU DB 198 -57.31 -58.10 26.87
N LEU DB 199 -57.86 -56.96 27.21
CA LEU DB 199 -59.20 -57.01 27.77
C LEU DB 199 -60.16 -57.80 26.89
N ASP DB 200 -60.03 -57.66 25.57
CA ASP DB 200 -60.91 -58.39 24.66
C ASP DB 200 -60.72 -59.90 24.80
N LEU DB 201 -59.47 -60.36 24.79
CA LEU DB 201 -59.20 -61.78 24.97
C LEU DB 201 -59.63 -62.26 26.34
N LEU DB 202 -59.43 -61.45 27.39
CA LEU DB 202 -59.89 -61.83 28.72
C LEU DB 202 -61.40 -62.04 28.74
N LEU DB 203 -62.15 -61.11 28.14
CA LEU DB 203 -63.60 -61.22 28.12
C LEU DB 203 -64.04 -62.44 27.32
N HIS DB 204 -63.41 -62.67 26.16
CA HIS DB 204 -63.78 -63.84 25.36
C HIS DB 204 -63.47 -65.14 26.10
N MET DB 205 -62.33 -65.21 26.76
CA MET DB 205 -61.98 -66.41 27.53
C MET DB 205 -62.96 -66.63 28.67
N ALA DB 206 -63.33 -65.57 29.39
CA ALA DB 206 -64.28 -65.71 30.49
C ALA DB 206 -65.64 -66.18 29.97
N GLU DB 207 -66.12 -65.59 28.87
CA GLU DB 207 -67.41 -65.99 28.33
C GLU DB 207 -67.38 -67.42 27.82
N THR DB 208 -66.29 -67.82 27.16
CA THR DB 208 -66.16 -69.20 26.71
C THR DB 208 -66.15 -70.17 27.89
N THR DB 209 -65.44 -69.80 28.96
CA THR DB 209 -65.43 -70.63 30.16
C THR DB 209 -66.82 -70.79 30.74
N ILE DB 210 -67.56 -69.69 30.84
CA ILE DB 210 -68.91 -69.75 31.40
C ILE DB 210 -69.82 -70.62 30.53
N ARG DB 211 -69.75 -70.43 29.21
CA ARG DB 211 -70.62 -71.18 28.31
C ARG DB 211 -70.30 -72.67 28.35
N GLU DB 212 -69.01 -73.02 28.30
CA GLU DB 212 -68.65 -74.43 28.33
C GLU DB 212 -68.96 -75.05 29.69
N SER DB 213 -68.82 -74.28 30.77
CA SER DB 213 -69.11 -74.81 32.10
C SER DB 213 -70.61 -75.05 32.27
N GLU DB 214 -71.45 -74.14 31.77
CA GLU DB 214 -72.89 -74.37 31.85
C GLU DB 214 -73.34 -75.43 30.86
N LYS DB 215 -72.54 -75.70 29.83
CA LYS DB 215 -72.81 -76.84 28.96
C LYS DB 215 -72.62 -78.17 29.67
N LEU DB 216 -71.92 -78.18 30.81
CA LEU DB 216 -71.71 -79.38 31.60
C LEU DB 216 -72.64 -79.45 32.80
N GLY DB 217 -73.65 -78.57 32.86
CA GLY DB 217 -74.62 -78.56 33.93
C GLY DB 217 -74.26 -77.68 35.11
N VAL DB 218 -73.11 -77.01 35.06
CA VAL DB 218 -72.64 -76.23 36.21
C VAL DB 218 -73.17 -74.81 36.09
N ASP DB 219 -73.60 -74.29 37.24
CA ASP DB 219 -74.09 -72.93 37.31
C ASP DB 219 -73.19 -71.95 36.66
N PRO DB 220 -73.71 -70.76 36.41
CA PRO DB 220 -72.87 -69.72 35.86
C PRO DB 220 -72.47 -68.88 37.02
N ARG DB 221 -72.51 -69.47 38.20
CA ARG DB 221 -72.04 -68.74 39.34
C ARG DB 221 -70.60 -69.12 39.72
N LEU DB 222 -70.42 -70.19 40.46
CA LEU DB 222 -69.09 -70.52 40.98
C LEU DB 222 -68.08 -70.58 39.84
N ALA DB 223 -68.51 -71.03 38.65
CA ALA DB 223 -67.62 -70.96 37.49
C ALA DB 223 -67.26 -69.52 37.17
N ALA DB 224 -68.18 -68.59 37.44
CA ALA DB 224 -67.87 -67.17 37.28
C ALA DB 224 -66.75 -66.75 38.22
N GLU DB 225 -66.79 -67.20 39.47
CA GLU DB 225 -65.73 -66.84 40.40
C GLU DB 225 -64.40 -67.51 40.02
N VAL DB 226 -64.45 -68.72 39.48
CA VAL DB 226 -63.24 -69.37 38.98
C VAL DB 226 -62.63 -68.55 37.85
N ALA DB 227 -63.47 -68.13 36.90
CA ALA DB 227 -63.00 -67.29 35.81
C ALA DB 227 -62.48 -65.96 36.34
N ARG DB 228 -63.07 -65.43 37.42
CA ARG DB 228 -62.60 -64.19 38.00
C ARG DB 228 -61.20 -64.35 38.59
N GLU DB 229 -60.97 -65.44 39.33
CA GLU DB 229 -59.64 -65.70 39.87
C GLU DB 229 -58.63 -65.87 38.74
N MET DB 230 -59.00 -66.58 37.68
CA MET DB 230 -58.07 -66.76 36.57
C MET DB 230 -57.79 -65.46 35.83
N VAL DB 231 -58.80 -64.59 35.74
CA VAL DB 231 -58.61 -63.27 35.14
C VAL DB 231 -57.64 -62.45 35.98
N ASP DB 232 -57.79 -62.52 37.30
CA ASP DB 232 -56.85 -61.84 38.19
C ASP DB 232 -55.44 -62.37 37.98
N GLY DB 233 -55.29 -63.69 37.86
CA GLY DB 233 -53.99 -64.26 37.60
C GLY DB 233 -53.39 -63.81 36.28
N VAL DB 234 -54.22 -63.72 35.24
CA VAL DB 234 -53.75 -63.23 33.94
C VAL DB 234 -53.30 -61.79 34.05
N GLY DB 235 -54.06 -60.97 34.77
CA GLY DB 235 -53.66 -59.58 34.97
C GLY DB 235 -52.33 -59.47 35.70
N HIS DB 236 -52.14 -60.30 36.72
CA HIS DB 236 -50.86 -60.29 37.45
C HIS DB 236 -49.70 -60.71 36.56
N GLU DB 237 -49.90 -61.78 35.79
CA GLU DB 237 -48.81 -62.30 34.96
C GLU DB 237 -48.45 -61.34 33.83
N THR DB 238 -49.47 -60.78 33.16
CA THR DB 238 -49.25 -59.94 32.01
C THR DB 238 -48.69 -58.56 32.36
N GLY DB 239 -48.72 -58.19 33.64
CA GLY DB 239 -48.24 -56.89 34.04
C GLY DB 239 -49.21 -55.76 33.79
N GLU DB 240 -50.47 -56.06 33.51
CA GLU DB 240 -51.50 -55.04 33.28
C GLU DB 240 -52.75 -55.47 34.03
N THR DB 241 -53.09 -54.74 35.09
CA THR DB 241 -54.22 -55.09 35.94
C THR DB 241 -55.46 -54.23 35.70
N GLU DB 242 -55.33 -53.10 35.01
CA GLU DB 242 -56.49 -52.26 34.75
C GLU DB 242 -57.48 -52.98 33.85
N ALA DB 243 -57.01 -53.65 32.81
CA ALA DB 243 -57.89 -54.45 31.97
C ALA DB 243 -58.48 -55.61 32.76
N ALA DB 244 -57.66 -56.24 33.60
CA ALA DB 244 -58.19 -57.28 34.49
C ALA DB 244 -59.23 -56.71 35.44
N PHE DB 245 -59.01 -55.49 35.93
CA PHE DB 245 -60.00 -54.84 36.79
C PHE DB 245 -61.32 -54.62 36.03
N ARG DB 246 -61.23 -54.16 34.78
CA ARG DB 246 -62.45 -53.91 34.01
C ARG DB 246 -63.20 -55.21 33.75
N VAL DB 247 -62.48 -56.27 33.36
CA VAL DB 247 -63.15 -57.55 33.13
C VAL DB 247 -63.74 -58.10 34.43
N ARG DB 248 -63.06 -57.85 35.55
CA ARG DB 248 -63.61 -58.23 36.85
C ARG DB 248 -64.91 -57.51 37.12
N ARG DB 249 -64.98 -56.22 36.80
CA ARG DB 249 -66.21 -55.46 37.00
C ARG DB 249 -67.34 -55.99 36.11
N GLU DB 250 -67.04 -56.29 34.85
CA GLU DB 250 -68.08 -56.82 33.96
C GLU DB 250 -68.55 -58.19 34.43
N LEU DB 251 -67.65 -59.02 34.92
CA LEU DB 251 -68.07 -60.33 35.45
C LEU DB 251 -68.89 -60.17 36.71
N ASP DB 252 -68.56 -59.20 37.56
CA ASP DB 252 -69.36 -58.91 38.73
C ASP DB 252 -70.75 -58.42 38.36
N THR DB 253 -70.86 -57.65 37.27
CA THR DB 253 -72.18 -57.29 36.76
C THR DB 253 -72.91 -58.51 36.20
N VAL DB 254 -72.18 -59.43 35.57
CA VAL DB 254 -72.78 -60.60 34.97
C VAL DB 254 -73.40 -61.50 36.04
N ILE DB 255 -72.69 -61.71 37.15
CA ILE DB 255 -73.21 -62.63 38.17
C ILE DB 255 -74.49 -62.10 38.78
N LEU DB 256 -74.73 -60.80 38.68
CA LEU DB 256 -75.97 -60.20 39.18
C LEU DB 256 -77.17 -60.68 38.36
N THR EB 25 -43.90 -30.73 66.46
CA THR EB 25 -44.10 -30.67 67.90
C THR EB 25 -45.02 -29.50 68.28
N GLU EB 26 -45.66 -28.92 67.27
CA GLU EB 26 -46.56 -27.79 67.52
C GLU EB 26 -47.75 -28.20 68.38
N LYS EB 27 -48.30 -29.39 68.14
CA LYS EB 27 -49.39 -29.87 68.96
C LYS EB 27 -48.97 -30.00 70.42
N LEU EB 28 -47.77 -30.52 70.66
CA LEU EB 28 -47.29 -30.68 72.03
C LEU EB 28 -47.08 -29.32 72.70
N LYS EB 29 -46.53 -28.35 71.97
CA LYS EB 29 -46.36 -27.01 72.51
C LYS EB 29 -47.69 -26.38 72.87
N LYS EB 30 -48.69 -26.52 71.98
CA LYS EB 30 -50.01 -25.98 72.28
C LYS EB 30 -50.65 -26.68 73.47
N ILE EB 31 -50.45 -28.00 73.59
CA ILE EB 31 -51.01 -28.72 74.73
C ILE EB 31 -50.39 -28.21 76.02
N THR EB 32 -49.06 -28.03 76.02
CA THR EB 32 -48.40 -27.49 77.21
C THR EB 32 -48.90 -26.09 77.54
N LYS EB 33 -49.04 -25.24 76.53
CA LYS EB 33 -49.52 -23.88 76.76
C LYS EB 33 -50.92 -23.88 77.35
N LEU EB 34 -51.83 -24.69 76.78
CA LEU EB 34 -53.20 -24.72 77.27
C LEU EB 34 -53.28 -25.31 78.68
N LEU EB 35 -52.43 -26.30 78.98
CA LEU EB 35 -52.40 -26.83 80.33
C LEU EB 35 -51.90 -25.79 81.32
N HIS EB 36 -50.98 -24.95 80.94
CA HIS EB 36 -50.56 -23.92 81.86
C HIS EB 36 -51.78 -23.10 82.05
N GLU EB 37 -52.29 -22.52 80.98
CA GLU EB 37 -53.41 -21.60 81.16
C GLU EB 37 -54.47 -22.19 82.08
N LEU EB 38 -54.80 -23.47 81.91
CA LEU EB 38 -55.82 -24.09 82.75
C LEU EB 38 -55.37 -24.12 84.20
N VAL EB 39 -54.10 -24.46 84.46
CA VAL EB 39 -53.64 -24.55 85.85
C VAL EB 39 -53.51 -23.16 86.45
N ASP EB 40 -53.30 -22.13 85.62
CA ASP EB 40 -53.21 -20.77 86.15
C ASP EB 40 -54.51 -20.36 86.82
N ARG EB 41 -55.64 -20.60 86.15
CA ARG EB 41 -56.96 -20.25 86.68
C ARG EB 41 -57.62 -21.51 87.24
N GLY EB 42 -57.14 -21.94 88.41
CA GLY EB 42 -57.73 -23.10 89.08
C GLY EB 42 -57.66 -24.35 88.22
N GLU EB 43 -58.78 -25.05 88.15
CA GLU EB 43 -58.97 -26.20 87.26
C GLU EB 43 -57.95 -27.27 87.61
N ILE EB 44 -57.10 -27.71 86.68
CA ILE EB 44 -56.18 -28.82 86.88
C ILE EB 44 -55.10 -28.43 87.89
N PRO EB 45 -54.49 -29.39 88.59
CA PRO EB 45 -53.40 -29.05 89.51
C PRO EB 45 -52.08 -28.81 88.78
N GLU EB 46 -51.04 -28.43 89.52
CA GLU EB 46 -49.78 -28.01 88.92
C GLU EB 46 -48.95 -29.18 88.39
N GLU EB 47 -49.10 -30.37 88.97
CA GLU EB 47 -48.26 -31.50 88.59
C GLU EB 47 -48.39 -31.83 87.12
N LEU EB 48 -49.61 -31.73 86.58
CA LEU EB 48 -49.80 -32.04 85.17
C LEU EB 48 -49.08 -31.04 84.28
N ALA EB 49 -49.11 -29.75 84.64
CA ALA EB 49 -48.41 -28.75 83.86
C ALA EB 49 -46.89 -28.93 83.96
N THR EB 50 -46.39 -29.27 85.14
CA THR EB 50 -44.94 -29.51 85.28
C THR EB 50 -44.51 -30.71 84.44
N LEU EB 51 -45.30 -31.79 84.47
CA LEU EB 51 -44.99 -32.94 83.61
C LEU EB 51 -45.04 -32.56 82.15
N ALA EB 52 -46.02 -31.74 81.76
CA ALA EB 52 -46.09 -31.29 80.37
C ALA EB 52 -44.82 -30.54 79.97
N THR EB 53 -44.33 -29.67 80.85
CA THR EB 53 -43.11 -28.92 80.55
C THR EB 53 -41.91 -29.85 80.41
N LEU EB 54 -41.73 -30.75 81.38
CA LEU EB 54 -40.58 -31.65 81.33
C LEU EB 54 -40.62 -32.54 80.09
N LEU EB 55 -41.78 -33.11 79.78
CA LEU EB 55 -41.88 -33.95 78.60
C LEU EB 55 -41.74 -33.15 77.31
N LEU EB 56 -42.20 -31.90 77.30
CA LEU EB 56 -42.01 -31.06 76.12
C LEU EB 56 -40.54 -30.73 75.90
N TYR EB 57 -39.76 -30.66 76.98
CA TYR EB 57 -38.31 -30.52 76.81
C TYR EB 57 -37.69 -31.82 76.30
N LEU EB 58 -38.07 -32.94 76.91
CA LEU EB 58 -37.48 -34.23 76.56
C LEU EB 58 -37.75 -34.58 75.11
N VAL EB 59 -39.01 -34.53 74.68
CA VAL EB 59 -39.34 -34.49 73.27
C VAL EB 59 -38.75 -33.19 72.74
N GLU EB 60 -38.25 -33.22 71.50
CA GLU EB 60 -37.60 -32.07 70.86
C GLU EB 60 -36.22 -31.85 71.49
N LYS EB 61 -35.93 -32.56 72.59
CA LYS EB 61 -34.53 -32.86 72.89
C LYS EB 61 -34.11 -34.16 72.21
N GLY EB 62 -35.08 -34.97 71.82
CA GLY EB 62 -34.81 -36.21 71.11
C GLY EB 62 -34.52 -37.37 72.04
N LEU EB 63 -35.25 -37.45 73.15
CA LEU EB 63 -35.03 -38.49 74.13
C LEU EB 63 -36.24 -39.37 74.41
N ILE EB 64 -37.44 -38.94 73.99
CA ILE EB 64 -38.64 -39.79 74.08
C ILE EB 64 -39.49 -39.51 72.86
N SER EB 65 -40.58 -40.27 72.72
CA SER EB 65 -41.50 -40.11 71.59
C SER EB 65 -42.81 -39.51 72.08
N GLU EB 66 -43.60 -39.01 71.13
CA GLU EB 66 -44.89 -38.41 71.45
C GLU EB 66 -45.81 -39.41 72.15
N PHE EB 67 -45.66 -40.70 71.85
CA PHE EB 67 -46.47 -41.71 72.50
C PHE EB 67 -46.24 -41.71 74.00
N ASP EB 68 -44.97 -41.62 74.43
CA ASP EB 68 -44.67 -41.57 75.85
C ASP EB 68 -45.23 -40.30 76.49
N PHE EB 69 -45.12 -39.18 75.79
CA PHE EB 69 -45.70 -37.92 76.27
C PHE EB 69 -47.18 -38.08 76.56
N ILE EB 70 -47.94 -38.55 75.56
CA ILE EB 70 -49.39 -38.66 75.72
C ILE EB 70 -49.72 -39.72 76.76
N GLU EB 71 -48.97 -40.81 76.81
CA GLU EB 71 -49.26 -41.86 77.77
C GLU EB 71 -49.07 -41.37 79.19
N HIS EB 72 -47.97 -40.64 79.45
CA HIS EB 72 -47.75 -40.09 80.78
C HIS EB 72 -48.82 -39.07 81.14
N LEU EB 73 -49.20 -38.22 80.19
CA LEU EB 73 -50.24 -37.23 80.46
C LEU EB 73 -51.55 -37.91 80.83
N VAL EB 74 -51.92 -38.95 80.08
CA VAL EB 74 -53.18 -39.66 80.35
C VAL EB 74 -53.12 -40.38 81.68
N ARG EB 75 -51.96 -40.98 82.00
CA ARG EB 75 -51.82 -41.68 83.28
C ARG EB 75 -51.99 -40.71 84.44
N LEU EB 76 -51.35 -39.54 84.37
CA LEU EB 76 -51.52 -38.56 85.44
C LEU EB 76 -52.95 -38.05 85.51
N ALA EB 77 -53.59 -37.82 84.35
CA ALA EB 77 -54.97 -37.36 84.36
C ALA EB 77 -55.88 -38.39 85.01
N GLU EB 78 -55.68 -39.66 84.71
CA GLU EB 78 -56.47 -40.71 85.35
C GLU EB 78 -56.19 -40.78 86.84
N LYS EB 79 -54.93 -40.59 87.24
CA LYS EB 79 -54.59 -40.60 88.66
C LYS EB 79 -55.28 -39.47 89.41
N LEU EB 80 -55.31 -38.28 88.82
CA LEU EB 80 -55.91 -37.11 89.46
C LEU EB 80 -57.38 -36.93 89.13
N GLY EB 81 -57.94 -37.77 88.26
CA GLY EB 81 -59.35 -37.65 87.90
C GLY EB 81 -59.69 -36.34 87.22
N VAL EB 82 -58.87 -35.93 86.26
CA VAL EB 82 -59.05 -34.67 85.57
C VAL EB 82 -59.04 -34.94 84.06
N LEU EB 83 -59.37 -36.17 83.68
CA LEU EB 83 -59.24 -36.60 82.29
C LEU EB 83 -60.14 -35.79 81.36
N GLU EB 84 -61.26 -35.26 81.86
CA GLU EB 84 -62.15 -34.48 81.00
C GLU EB 84 -61.47 -33.20 80.52
N GLU EB 85 -60.73 -32.53 81.40
CA GLU EB 85 -60.01 -31.32 80.99
C GLU EB 85 -58.94 -31.63 79.95
N LEU EB 86 -58.23 -32.75 80.12
CA LEU EB 86 -57.26 -33.17 79.12
C LEU EB 86 -57.94 -33.46 77.79
N LYS EB 87 -59.12 -34.08 77.83
CA LYS EB 87 -59.88 -34.31 76.60
C LYS EB 87 -60.24 -32.99 75.92
N LYS EB 88 -60.70 -32.02 76.70
CA LYS EB 88 -61.02 -30.72 76.14
C LYS EB 88 -59.79 -30.05 75.52
N VAL EB 89 -58.65 -30.15 76.20
CA VAL EB 89 -57.41 -29.57 75.65
C VAL EB 89 -57.05 -30.24 74.32
N LEU EB 90 -57.18 -31.57 74.27
CA LEU EB 90 -56.82 -32.28 73.04
C LEU EB 90 -57.78 -31.98 71.91
N GLU EB 91 -59.05 -31.70 72.23
CA GLU EB 91 -59.98 -31.25 71.18
C GLU EB 91 -59.63 -29.84 70.72
N GLU EB 92 -59.29 -28.95 71.66
CA GLU EB 92 -58.95 -27.58 71.29
C GLU EB 92 -57.72 -27.52 70.39
N VAL EB 93 -56.68 -28.27 70.72
CA VAL EB 93 -55.48 -28.26 69.87
C VAL EB 93 -55.80 -28.90 68.52
N GLY EB 94 -56.73 -29.83 68.48
CA GLY EB 94 -57.10 -30.48 67.22
C GLY EB 94 -56.22 -31.66 66.90
N ASP EB 95 -56.11 -32.60 67.84
CA ASP EB 95 -55.28 -33.79 67.68
C ASP EB 95 -56.18 -35.02 67.71
N GLU EB 96 -56.03 -35.87 66.69
CA GLU EB 96 -56.81 -37.10 66.63
C GLU EB 96 -56.07 -38.29 67.23
N PHE EB 97 -54.75 -38.35 67.05
CA PHE EB 97 -53.97 -39.45 67.60
C PHE EB 97 -54.04 -39.47 69.13
N GLY EB 98 -53.79 -38.32 69.76
CA GLY EB 98 -53.84 -38.25 71.20
C GLY EB 98 -55.23 -38.53 71.75
N LEU EB 99 -56.26 -38.01 71.08
CA LEU EB 99 -57.63 -38.24 71.52
C LEU EB 99 -57.98 -39.72 71.44
N THR EB 100 -57.59 -40.37 70.33
CA THR EB 100 -57.83 -41.81 70.22
C THR EB 100 -57.09 -42.58 71.29
N LEU EB 101 -55.86 -42.16 71.62
CA LEU EB 101 -55.12 -42.81 72.70
C LEU EB 101 -55.84 -42.64 74.04
N VAL EB 102 -56.39 -41.45 74.28
CA VAL EB 102 -57.13 -41.22 75.51
C VAL EB 102 -58.34 -42.14 75.60
N TYR EB 103 -59.09 -42.25 74.50
CA TYR EB 103 -60.24 -43.16 74.48
C TYR EB 103 -59.79 -44.59 74.70
N ALA EB 104 -58.69 -45.00 74.08
CA ALA EB 104 -58.21 -46.36 74.25
C ALA EB 104 -57.84 -46.66 75.70
N ILE EB 105 -57.15 -45.72 76.35
CA ILE EB 105 -56.76 -45.94 77.75
C ILE EB 105 -57.99 -45.99 78.65
N SER EB 106 -58.93 -45.07 78.46
CA SER EB 106 -60.13 -45.08 79.28
C SER EB 106 -60.94 -46.35 79.07
N LEU EB 107 -61.06 -46.80 77.82
CA LEU EB 107 -61.79 -48.02 77.53
C LEU EB 107 -61.10 -49.24 78.12
N LEU EB 108 -59.77 -49.26 78.08
CA LEU EB 108 -59.03 -50.35 78.70
C LEU EB 108 -59.26 -50.38 80.20
N LYS EB 109 -59.26 -49.20 80.85
CA LYS EB 109 -59.51 -49.16 82.29
C LYS EB 109 -60.92 -49.65 82.61
N GLU EB 110 -61.91 -49.22 81.82
CA GLU EB 110 -63.29 -49.65 82.05
C GLU EB 110 -63.44 -51.15 81.85
N VAL EB 111 -62.79 -51.70 80.82
CA VAL EB 111 -62.86 -53.14 80.57
C VAL EB 111 -62.16 -53.91 81.68
N GLU EB 112 -61.02 -53.40 82.17
CA GLU EB 112 -60.35 -54.02 83.31
C GLU EB 112 -61.28 -54.04 84.52
N LYS EB 113 -62.04 -52.97 84.73
CA LYS EB 113 -63.07 -52.99 85.76
C LYS EB 113 -64.10 -54.09 85.46
N GLU EB 114 -64.50 -54.22 84.20
CA GLU EB 114 -65.45 -55.28 83.82
C GLU EB 114 -64.79 -56.65 83.90
N GLY EB 115 -63.62 -56.81 83.30
CA GLY EB 115 -62.90 -58.07 83.35
C GLY EB 115 -63.21 -59.06 82.25
N ASP EB 116 -63.42 -58.60 81.02
CA ASP EB 116 -63.74 -59.49 79.91
C ASP EB 116 -62.52 -59.62 78.99
N GLU EB 117 -62.14 -60.87 78.66
CA GLU EB 117 -60.85 -61.12 78.04
C GLU EB 117 -60.81 -60.70 76.56
N GLU EB 118 -61.88 -60.97 75.81
CA GLU EB 118 -61.83 -60.68 74.37
C GLU EB 118 -61.67 -59.19 74.12
N LEU EB 119 -62.40 -58.35 74.85
CA LEU EB 119 -62.17 -56.92 74.74
C LEU EB 119 -60.80 -56.51 75.26
N LYS EB 120 -60.23 -57.26 76.21
CA LYS EB 120 -58.84 -57.02 76.61
C LYS EB 120 -57.92 -57.16 75.41
N GLU EB 121 -58.03 -58.28 74.69
CA GLU EB 121 -57.19 -58.49 73.51
C GLU EB 121 -57.46 -57.43 72.46
N TYR EB 122 -58.73 -57.06 72.26
CA TYR EB 122 -59.09 -56.07 71.26
C TYR EB 122 -58.43 -54.73 71.56
N VAL EB 123 -58.52 -54.27 72.80
CA VAL EB 123 -57.98 -52.97 73.16
C VAL EB 123 -56.46 -53.01 73.17
N LYS EB 124 -55.84 -54.14 73.54
CA LYS EB 124 -54.39 -54.23 73.48
C LYS EB 124 -53.89 -54.14 72.04
N LEU EB 125 -54.57 -54.82 71.11
CA LEU EB 125 -54.23 -54.69 69.71
C LEU EB 125 -54.43 -53.27 69.22
N ALA EB 126 -55.52 -52.62 69.66
CA ALA EB 126 -55.76 -51.23 69.29
C ALA EB 126 -54.65 -50.32 69.78
N ILE EB 127 -54.19 -50.53 71.02
CA ILE EB 127 -53.14 -49.69 71.59
C ILE EB 127 -51.81 -49.92 70.86
N GLU EB 128 -51.50 -51.18 70.53
CA GLU EB 128 -50.28 -51.45 69.79
C GLU EB 128 -50.31 -50.80 68.42
N THR EB 129 -51.45 -50.88 67.74
CA THR EB 129 -51.58 -50.22 66.44
C THR EB 129 -51.47 -48.71 66.58
N LEU EB 130 -52.04 -48.16 67.66
CA LEU EB 130 -51.93 -46.72 67.90
C LEU EB 130 -50.48 -46.31 68.10
N LYS EB 131 -49.71 -47.11 68.84
CA LYS EB 131 -48.29 -46.83 69.01
C LYS EB 131 -47.55 -46.87 67.69
N GLU EB 132 -47.84 -47.88 66.86
CA GLU EB 132 -47.18 -48.00 65.57
C GLU EB 132 -47.53 -46.80 64.68
N ALA EB 133 -48.78 -46.34 64.74
CA ALA EB 133 -49.16 -45.14 63.99
C ALA EB 133 -48.43 -43.91 64.52
N PHE EB 134 -48.42 -43.75 65.84
CA PHE EB 134 -47.73 -42.62 66.48
C PHE EB 134 -46.26 -42.56 66.07
N GLU EB 135 -45.65 -43.72 65.82
CA GLU EB 135 -44.25 -43.75 65.42
C GLU EB 135 -44.00 -42.86 64.21
N ARG EB 136 -44.92 -42.84 63.24
CA ARG EB 136 -44.73 -42.05 62.04
C ARG EB 136 -46.00 -41.35 61.56
N LYS EB 137 -47.05 -41.27 62.38
CA LYS EB 137 -48.32 -40.67 61.99
C LYS EB 137 -48.89 -41.34 60.74
N ASN EB 138 -49.09 -42.65 60.84
CA ASN EB 138 -49.63 -43.45 59.75
C ASN EB 138 -51.14 -43.52 59.92
N TYR EB 139 -51.88 -42.97 58.96
CA TYR EB 139 -53.30 -42.71 59.17
C TYR EB 139 -54.11 -44.00 59.13
N ALA EB 140 -53.62 -45.02 58.41
CA ALA EB 140 -54.39 -46.24 58.22
C ALA EB 140 -54.53 -47.04 59.51
N LEU EB 141 -53.42 -47.23 60.24
CA LEU EB 141 -53.53 -47.89 61.54
C LEU EB 141 -54.34 -47.05 62.51
N LEU EB 142 -54.32 -45.73 62.35
CA LEU EB 142 -55.21 -44.89 63.15
C LEU EB 142 -56.67 -45.21 62.86
N VAL EB 143 -57.01 -45.39 61.59
CA VAL EB 143 -58.39 -45.78 61.24
C VAL EB 143 -58.74 -47.12 61.85
N SER EB 144 -57.82 -48.09 61.77
CA SER EB 144 -58.09 -49.41 62.33
C SER EB 144 -58.32 -49.33 63.83
N ALA EB 145 -57.46 -48.61 64.54
CA ALA EB 145 -57.61 -48.47 65.99
C ALA EB 145 -58.89 -47.72 66.34
N LYS EB 146 -59.23 -46.69 65.56
CA LYS EB 146 -60.48 -45.97 65.79
C LYS EB 146 -61.67 -46.90 65.66
N ILE EB 147 -61.68 -47.73 64.62
CA ILE EB 147 -62.75 -48.70 64.43
C ILE EB 147 -62.86 -49.62 65.63
N ILE EB 148 -61.72 -50.17 66.06
CA ILE EB 148 -61.72 -51.11 67.17
C ILE EB 148 -62.27 -50.45 68.43
N VAL EB 149 -61.81 -49.24 68.74
CA VAL EB 149 -62.20 -48.60 69.98
C VAL EB 149 -63.67 -48.19 69.95
N GLU EB 150 -64.17 -47.71 68.80
CA GLU EB 150 -65.57 -47.30 68.78
C GLU EB 150 -66.50 -48.50 68.86
N ASN EB 151 -66.13 -49.60 68.19
CA ASN EB 151 -66.96 -50.81 68.31
C ASN EB 151 -66.92 -51.36 69.73
N ALA EB 152 -65.76 -51.31 70.39
CA ALA EB 152 -65.69 -51.74 71.78
C ALA EB 152 -66.55 -50.86 72.68
N GLU EB 153 -66.50 -49.54 72.47
CA GLU EB 153 -67.33 -48.64 73.26
C GLU EB 153 -68.80 -48.94 73.06
N GLU EB 154 -69.22 -49.18 71.82
CA GLU EB 154 -70.60 -49.55 71.55
C GLU EB 154 -70.93 -50.88 72.23
N ILE EB 155 -69.98 -51.80 72.30
CA ILE EB 155 -70.19 -53.06 73.00
C ILE EB 155 -70.47 -52.80 74.49
N LEU EB 156 -69.68 -51.94 75.12
CA LEU EB 156 -69.92 -51.62 76.53
C LEU EB 156 -71.27 -50.93 76.73
N LYS EB 157 -71.64 -50.02 75.83
CA LYS EB 157 -72.96 -49.40 75.94
C LYS EB 157 -74.08 -50.44 75.84
N ALA EB 158 -73.98 -51.33 74.85
CA ALA EB 158 -75.00 -52.36 74.69
C ALA EB 158 -74.99 -53.37 75.83
N LYS EB 159 -73.87 -53.50 76.55
CA LYS EB 159 -73.82 -54.39 77.69
C LYS EB 159 -74.84 -53.97 78.76
N LYS EB 160 -74.86 -52.67 79.09
CA LYS EB 160 -75.88 -52.19 80.01
C LYS EB 160 -77.23 -52.03 79.34
N LYS EB 161 -77.26 -51.75 78.03
CA LYS EB 161 -78.53 -51.70 77.32
C LYS EB 161 -79.16 -53.10 77.24
N GLY EB 162 -78.39 -54.08 76.80
CA GLY EB 162 -78.86 -55.45 76.75
C GLY EB 162 -79.48 -55.88 75.44
N ASP EB 163 -78.86 -55.50 74.33
CA ASP EB 163 -79.32 -55.87 72.99
C ASP EB 163 -78.27 -56.82 72.44
N GLU EB 164 -78.55 -58.13 72.50
CA GLU EB 164 -77.55 -59.14 72.17
C GLU EB 164 -77.22 -59.13 70.69
N GLU EB 165 -78.21 -58.87 69.83
CA GLU EB 165 -77.96 -58.84 68.39
C GLU EB 165 -76.89 -57.80 68.06
N LYS EB 166 -76.99 -56.62 68.67
CA LYS EB 166 -76.02 -55.56 68.41
C LYS EB 166 -74.63 -55.96 68.90
N ILE EB 167 -74.53 -56.63 70.06
CA ILE EB 167 -73.21 -57.00 70.56
C ILE EB 167 -72.59 -58.07 69.67
N LYS EB 168 -73.39 -59.00 69.16
CA LYS EB 168 -72.86 -59.97 68.21
C LYS EB 168 -72.38 -59.29 66.93
N GLU EB 169 -73.14 -58.32 66.44
CA GLU EB 169 -72.72 -57.58 65.24
C GLU EB 169 -71.42 -56.85 65.50
N LEU EB 170 -71.26 -56.24 66.67
CA LEU EB 170 -70.03 -55.52 66.98
C LEU EB 170 -68.84 -56.47 67.13
N LEU EB 171 -69.07 -57.66 67.70
CA LEU EB 171 -68.00 -58.67 67.71
C LEU EB 171 -67.60 -59.09 66.30
N GLN EB 172 -68.59 -59.21 65.41
CA GLN EB 172 -68.26 -59.50 64.00
C GLN EB 172 -67.40 -58.39 63.40
N ARG EB 173 -67.77 -57.14 63.65
CA ARG EB 173 -66.98 -56.02 63.15
C ARG EB 173 -65.56 -56.04 63.71
N LEU EB 174 -65.42 -56.35 65.00
CA LEU EB 174 -64.11 -56.38 65.62
C LEU EB 174 -63.26 -57.53 65.08
N LYS EB 175 -63.87 -58.68 64.81
CA LYS EB 175 -63.13 -59.77 64.18
C LYS EB 175 -62.65 -59.37 62.79
N ALA EB 176 -63.50 -58.69 62.02
CA ALA EB 176 -63.09 -58.19 60.72
C ALA EB 176 -61.92 -57.23 60.85
N ALA EB 177 -61.98 -56.34 61.84
CA ALA EB 177 -60.89 -55.39 62.06
C ALA EB 177 -59.59 -56.10 62.43
N LYS EB 178 -59.67 -57.10 63.30
CA LYS EB 178 -58.48 -57.86 63.68
C LYS EB 178 -57.87 -58.54 62.48
N ILE EB 179 -58.70 -59.14 61.63
CA ILE EB 179 -58.20 -59.79 60.42
C ILE EB 179 -57.54 -58.76 59.50
N GLY EB 180 -58.15 -57.58 59.37
CA GLY EB 180 -57.69 -56.64 58.37
C GLY EB 180 -56.46 -55.84 58.78
N THR EB 181 -56.24 -55.68 60.09
CA THR EB 181 -55.18 -54.78 60.54
C THR EB 181 -53.79 -55.18 60.03
N PRO EB 182 -53.33 -56.43 60.15
CA PRO EB 182 -52.04 -56.77 59.52
C PRO EB 182 -52.08 -56.56 58.01
N LEU EB 183 -53.22 -56.81 57.38
CA LEU EB 183 -53.32 -56.64 55.93
C LEU EB 183 -53.14 -55.18 55.52
N VAL EB 184 -53.78 -54.25 56.25
CA VAL EB 184 -53.65 -52.84 55.89
C VAL EB 184 -52.24 -52.35 56.19
N ARG EB 185 -51.66 -52.78 57.32
CA ARG EB 185 -50.28 -52.43 57.60
C ARG EB 185 -49.36 -52.88 56.46
N GLU EB 186 -49.53 -54.13 56.02
CA GLU EB 186 -48.69 -54.66 54.94
C GLU EB 186 -48.93 -53.91 53.63
N VAL EB 187 -50.17 -53.58 53.33
CA VAL EB 187 -50.47 -52.88 52.08
C VAL EB 187 -49.79 -51.53 52.06
N VAL EB 188 -49.89 -50.78 53.16
CA VAL EB 188 -49.23 -49.48 53.23
C VAL EB 188 -47.72 -49.64 53.11
N GLU EB 189 -47.16 -50.63 53.82
CA GLU EB 189 -45.71 -50.83 53.79
C GLU EB 189 -45.23 -51.14 52.38
N ARG EB 190 -45.93 -52.04 51.68
CA ARG EB 190 -45.53 -52.39 50.32
C ARG EB 190 -45.67 -51.20 49.37
N TYR EB 191 -46.77 -50.45 49.49
CA TYR EB 191 -46.92 -49.31 48.60
C TYR EB 191 -45.89 -48.22 48.86
N ARG EB 192 -45.37 -48.14 50.09
CA ARG EB 192 -44.39 -47.11 50.42
C ARG EB 192 -43.18 -47.11 49.50
N GLU EB 193 -42.59 -48.28 49.26
CA GLU EB 193 -41.36 -48.33 48.46
C GLU EB 193 -41.38 -49.36 47.33
N GLU EB 194 -42.15 -50.45 47.48
CA GLU EB 194 -42.09 -51.52 46.48
C GLU EB 194 -42.60 -51.05 45.12
N GLY EB 195 -43.70 -50.31 45.10
CA GLY EB 195 -44.15 -49.63 43.90
C GLY EB 195 -45.26 -50.28 43.10
N GLU EB 196 -45.99 -51.18 43.74
CA GLU EB 196 -47.11 -51.82 43.09
C GLU EB 196 -48.23 -50.82 42.76
N PRO EB 197 -49.31 -51.31 42.14
CA PRO EB 197 -50.43 -50.42 41.85
C PRO EB 197 -51.44 -50.45 42.97
N LEU EB 198 -51.49 -49.39 43.74
CA LEU EB 198 -52.35 -49.40 44.91
C LEU EB 198 -53.66 -50.08 44.72
N LEU EB 199 -54.35 -49.73 43.66
CA LEU EB 199 -55.69 -50.30 43.54
C LEU EB 199 -55.68 -51.82 43.58
N ASP EB 200 -54.68 -52.44 42.97
CA ASP EB 200 -54.58 -53.90 42.96
C ASP EB 200 -54.41 -54.44 44.37
N LEU EB 201 -53.46 -53.86 45.12
CA LEU EB 201 -53.26 -54.29 46.51
C LEU EB 201 -54.48 -54.01 47.37
N LEU EB 202 -55.14 -52.87 47.15
CA LEU EB 202 -56.36 -52.58 47.91
C LEU EB 202 -57.43 -53.64 47.66
N LEU EB 203 -57.63 -54.01 46.39
CA LEU EB 203 -58.63 -55.01 46.06
C LEU EB 203 -58.26 -56.37 46.66
N HIS EB 204 -56.99 -56.76 46.56
CA HIS EB 204 -56.57 -58.03 47.12
C HIS EB 204 -56.74 -58.05 48.63
N MET EB 205 -56.39 -56.96 49.31
CA MET EB 205 -56.55 -56.88 50.75
C MET EB 205 -58.02 -56.97 51.14
N ALA EB 206 -58.90 -56.26 50.41
CA ALA EB 206 -60.32 -56.31 50.71
C ALA EB 206 -60.88 -57.71 50.51
N GLU EB 207 -60.50 -58.37 49.42
CA GLU EB 207 -61.00 -59.71 49.15
C GLU EB 207 -60.49 -60.70 50.19
N THR EB 208 -59.22 -60.58 50.59
CA THR EB 208 -58.67 -61.45 51.62
C THR EB 208 -59.39 -61.23 52.94
N THR EB 209 -59.68 -59.97 53.28
CA THR EB 209 -60.41 -59.67 54.50
C THR EB 209 -61.80 -60.30 54.48
N ILE EB 210 -62.50 -60.19 53.35
CA ILE EB 210 -63.84 -60.76 53.24
C ILE EB 210 -63.78 -62.27 53.37
N ARG EB 211 -62.83 -62.91 52.67
CA ARG EB 211 -62.74 -64.36 52.71
C ARG EB 211 -62.41 -64.87 54.09
N GLU EB 212 -61.42 -64.24 54.75
CA GLU EB 212 -61.04 -64.68 56.09
C GLU EB 212 -62.15 -64.40 57.10
N SER EB 213 -62.88 -63.31 56.92
CA SER EB 213 -63.97 -62.98 57.83
C SER EB 213 -65.12 -63.97 57.69
N GLU EB 214 -65.45 -64.35 56.45
CA GLU EB 214 -66.52 -65.34 56.26
C GLU EB 214 -66.04 -66.73 56.64
N LYS EB 215 -64.72 -66.96 56.68
CA LYS EB 215 -64.20 -68.21 57.22
C LYS EB 215 -64.43 -68.33 58.72
N LEU EB 216 -64.72 -67.21 59.40
CA LEU EB 216 -65.01 -67.22 60.83
C LEU EB 216 -66.50 -67.15 61.11
N GLY EB 217 -67.35 -67.33 60.09
CA GLY EB 217 -68.78 -67.32 60.24
C GLY EB 217 -69.43 -65.97 60.09
N VAL EB 218 -68.65 -64.93 59.81
CA VAL EB 218 -69.20 -63.57 59.75
C VAL EB 218 -69.64 -63.28 58.33
N ASP EB 219 -70.80 -62.63 58.24
CA ASP EB 219 -71.35 -62.25 56.96
C ASP EB 219 -70.37 -61.55 56.09
N PRO EB 220 -70.70 -61.44 54.82
CA PRO EB 220 -69.81 -60.68 53.96
C PRO EB 220 -70.45 -59.36 53.81
N ARG EB 221 -71.17 -58.93 54.82
CA ARG EB 221 -71.72 -57.61 54.77
C ARG EB 221 -70.94 -56.65 55.65
N LEU EB 222 -71.21 -56.67 56.94
CA LEU EB 222 -70.58 -55.68 57.82
C LEU EB 222 -69.07 -55.72 57.70
N ALA EB 223 -68.50 -56.90 57.48
CA ALA EB 223 -67.07 -56.99 57.19
C ALA EB 223 -66.73 -56.22 55.91
N ALA EB 224 -67.66 -56.19 54.96
CA ALA EB 224 -67.46 -55.38 53.76
C ALA EB 224 -67.38 -53.90 54.10
N GLU EB 225 -68.23 -53.43 55.00
CA GLU EB 225 -68.17 -52.02 55.38
C GLU EB 225 -66.91 -51.72 56.18
N VAL EB 226 -66.44 -52.68 56.99
CA VAL EB 226 -65.17 -52.50 57.70
C VAL EB 226 -64.02 -52.36 56.70
N ALA EB 227 -63.99 -53.24 55.70
CA ALA EB 227 -62.98 -53.15 54.66
C ALA EB 227 -63.12 -51.85 53.87
N ARG EB 228 -64.34 -51.35 53.71
CA ARG EB 228 -64.54 -50.08 53.01
C ARG EB 228 -63.95 -48.92 53.79
N GLU EB 229 -64.19 -48.88 55.10
CA GLU EB 229 -63.59 -47.84 55.94
C GLU EB 229 -62.07 -47.92 55.91
N MET EB 230 -61.52 -49.14 55.98
CA MET EB 230 -60.07 -49.28 55.95
C MET EB 230 -59.49 -48.89 54.58
N VAL EB 231 -60.23 -49.16 53.51
CA VAL EB 231 -59.80 -48.72 52.18
C VAL EB 231 -59.78 -47.21 52.10
N ASP EB 232 -60.81 -46.56 52.67
CA ASP EB 232 -60.83 -45.11 52.73
C ASP EB 232 -59.63 -44.57 53.49
N GLY EB 233 -59.31 -45.21 54.62
CA GLY EB 233 -58.15 -44.81 55.39
C GLY EB 233 -56.85 -44.97 54.62
N VAL EB 234 -56.72 -46.06 53.87
CA VAL EB 234 -55.53 -46.28 53.05
C VAL EB 234 -55.43 -45.20 51.98
N GLY EB 235 -56.56 -44.87 51.35
CA GLY EB 235 -56.55 -43.80 50.36
C GLY EB 235 -56.12 -42.47 50.94
N HIS EB 236 -56.61 -42.16 52.15
CA HIS EB 236 -56.22 -40.91 52.80
C HIS EB 236 -54.74 -40.90 53.14
N GLU EB 237 -54.23 -42.00 53.69
CA GLU EB 237 -52.83 -42.04 54.10
C GLU EB 237 -51.90 -41.99 52.91
N THR EB 238 -52.20 -42.76 51.86
CA THR EB 238 -51.31 -42.87 50.71
C THR EB 238 -51.31 -41.62 49.84
N GLY EB 239 -52.25 -40.71 50.03
CA GLY EB 239 -52.33 -39.53 49.20
C GLY EB 239 -52.95 -39.73 47.85
N GLU EB 240 -53.62 -40.86 47.64
CA GLU EB 240 -54.29 -41.15 46.37
C GLU EB 240 -55.65 -41.73 46.68
N THR EB 241 -56.71 -40.96 46.39
CA THR EB 241 -58.07 -41.38 46.72
C THR EB 241 -58.86 -41.89 45.54
N GLU EB 242 -58.40 -41.63 44.30
CA GLU EB 242 -59.13 -42.14 43.13
C GLU EB 242 -59.13 -43.65 43.08
N ALA EB 243 -57.99 -44.28 43.37
CA ALA EB 243 -57.95 -45.73 43.46
C ALA EB 243 -58.81 -46.23 44.62
N ALA EB 244 -58.76 -45.53 45.75
CA ALA EB 244 -59.65 -45.86 46.87
C ALA EB 244 -61.11 -45.70 46.46
N PHE EB 245 -61.41 -44.66 45.68
CA PHE EB 245 -62.77 -44.48 45.18
C PHE EB 245 -63.20 -45.66 44.30
N ARG EB 246 -62.31 -46.11 43.41
CA ARG EB 246 -62.66 -47.22 42.53
C ARG EB 246 -62.88 -48.50 43.32
N VAL EB 247 -62.00 -48.79 44.28
CA VAL EB 247 -62.18 -49.99 45.10
C VAL EB 247 -63.45 -49.88 45.94
N ARG EB 248 -63.78 -48.66 46.39
CA ARG EB 248 -65.03 -48.45 47.10
C ARG EB 248 -66.23 -48.79 46.21
N ARG EB 249 -66.17 -48.37 44.95
CA ARG EB 249 -67.27 -48.68 44.02
C ARG EB 249 -67.38 -50.18 43.77
N GLU EB 250 -66.25 -50.86 43.61
CA GLU EB 250 -66.32 -52.31 43.40
C GLU EB 250 -66.86 -53.03 44.63
N LEU EB 251 -66.47 -52.57 45.82
CA LEU EB 251 -67.00 -53.18 47.03
C LEU EB 251 -68.50 -52.90 47.19
N ASP EB 252 -68.94 -51.71 46.79
CA ASP EB 252 -70.37 -51.40 46.80
C ASP EB 252 -71.13 -52.28 45.82
N THR EB 253 -70.52 -52.60 44.67
CA THR EB 253 -71.13 -53.57 43.77
C THR EB 253 -71.14 -54.97 44.38
N VAL EB 254 -70.09 -55.31 45.13
CA VAL EB 254 -69.98 -56.64 45.72
C VAL EB 254 -71.08 -56.86 46.75
N ILE EB 255 -71.34 -55.86 47.60
CA ILE EB 255 -72.33 -56.06 48.67
C ILE EB 255 -73.71 -56.26 48.09
N LEU EB 256 -73.95 -55.83 46.85
CA LEU EB 256 -75.23 -56.04 46.19
C LEU EB 256 -75.46 -57.52 45.92
N THR FB 25 -74.54 -4.90 41.33
CA THR FB 25 -75.69 -4.16 41.82
C THR FB 25 -76.72 -3.96 40.71
N GLU FB 26 -76.53 -4.67 39.59
CA GLU FB 26 -77.44 -4.54 38.47
C GLU FB 26 -78.84 -5.01 38.83
N LYS FB 27 -78.95 -6.10 39.60
CA LYS FB 27 -80.25 -6.56 40.04
C LYS FB 27 -80.96 -5.51 40.88
N LEU FB 28 -80.23 -4.85 41.78
CA LEU FB 28 -80.85 -3.82 42.61
C LEU FB 28 -81.30 -2.63 41.79
N LYS FB 29 -80.48 -2.22 40.81
CA LYS FB 29 -80.88 -1.12 39.93
C LYS FB 29 -82.13 -1.46 39.13
N LYS FB 30 -82.20 -2.69 38.61
CA LYS FB 30 -83.39 -3.11 37.87
C LYS FB 30 -84.61 -3.17 38.79
N ILE FB 31 -84.42 -3.63 40.03
CA ILE FB 31 -85.54 -3.68 40.98
C ILE FB 31 -86.06 -2.28 41.24
N THR FB 32 -85.15 -1.33 41.47
CA THR FB 32 -85.56 0.06 41.69
C THR FB 32 -86.28 0.62 40.48
N LYS FB 33 -85.76 0.36 39.28
CA LYS FB 33 -86.40 0.86 38.06
C LYS FB 33 -87.81 0.30 37.91
N LEU FB 34 -87.96 -1.01 38.11
CA LEU FB 34 -89.27 -1.63 37.93
C LEU FB 34 -90.25 -1.17 39.01
N LEU FB 35 -89.76 -0.93 40.22
CA LEU FB 35 -90.65 -0.39 41.26
C LEU FB 35 -91.09 1.03 40.91
N HIS FB 36 -90.25 1.82 40.31
CA HIS FB 36 -90.70 3.13 39.91
C HIS FB 36 -91.78 2.86 38.93
N GLU FB 37 -91.45 2.19 37.84
CA GLU FB 37 -92.45 2.04 36.79
C GLU FB 37 -93.79 1.61 37.38
N LEU FB 38 -93.78 0.65 38.31
CA LEU FB 38 -95.02 0.18 38.91
C LEU FB 38 -95.72 1.30 39.67
N VAL FB 39 -94.98 2.09 40.43
CA VAL FB 39 -95.61 3.15 41.22
C VAL FB 39 -96.07 4.28 40.31
N ASP FB 40 -95.45 4.44 39.14
CA ASP FB 40 -95.89 5.48 38.22
C ASP FB 40 -97.32 5.24 37.75
N ARG FB 41 -97.62 4.00 37.35
CA ARG FB 41 -98.96 3.63 36.90
C ARG FB 41 -99.69 2.91 38.03
N GLY FB 42 -100.14 3.68 39.01
CA GLY FB 42 -100.90 3.11 40.11
C GLY FB 42 -100.13 2.04 40.86
N GLU FB 43 -100.80 0.92 41.12
CA GLU FB 43 -100.20 -0.29 41.69
C GLU FB 43 -99.61 0.05 43.06
N ILE FB 44 -98.32 -0.17 43.29
CA ILE FB 44 -97.70 0.00 44.60
C ILE FB 44 -97.68 1.47 44.99
N PRO FB 45 -97.65 1.80 46.28
CA PRO FB 45 -97.54 3.21 46.69
C PRO FB 45 -96.13 3.75 46.56
N GLU FB 46 -95.95 5.05 46.84
CA GLU FB 46 -94.68 5.72 46.59
C GLU FB 46 -93.61 5.37 47.63
N GLU FB 47 -94.02 5.01 48.85
CA GLU FB 47 -93.04 4.77 49.91
C GLU FB 47 -92.06 3.67 49.54
N LEU FB 48 -92.55 2.62 48.89
CA LEU FB 48 -91.67 1.52 48.51
C LEU FB 48 -90.63 1.97 47.48
N ALA FB 49 -91.04 2.79 46.52
CA ALA FB 49 -90.10 3.30 45.54
C ALA FB 49 -89.07 4.24 46.17
N THR FB 50 -89.51 5.08 47.09
CA THR FB 50 -88.57 5.97 47.77
C THR FB 50 -87.56 5.17 48.59
N LEU FB 51 -88.02 4.14 49.31
CA LEU FB 51 -87.10 3.28 50.03
C LEU FB 51 -86.14 2.58 49.09
N ALA FB 52 -86.63 2.13 47.93
CA ALA FB 52 -85.77 1.51 46.96
C ALA FB 52 -84.67 2.46 46.51
N THR FB 53 -85.01 3.72 46.26
CA THR FB 53 -84.02 4.70 45.84
C THR FB 53 -82.98 4.93 46.93
N LEU FB 54 -83.44 5.16 48.17
CA LEU FB 54 -82.50 5.43 49.26
C LEU FB 54 -81.57 4.25 49.50
N LEU FB 55 -82.12 3.04 49.52
CA LEU FB 55 -81.28 1.86 49.73
C LEU FB 55 -80.36 1.60 48.55
N LEU FB 56 -80.79 1.92 47.33
CA LEU FB 56 -79.92 1.77 46.18
C LEU FB 56 -78.77 2.76 46.22
N TYR FB 57 -78.98 3.93 46.83
CA TYR FB 57 -77.85 4.82 47.06
C TYR FB 57 -76.92 4.28 48.15
N LEU FB 58 -77.51 3.84 49.26
CA LEU FB 58 -76.71 3.39 50.40
C LEU FB 58 -75.85 2.20 50.02
N VAL FB 59 -76.45 1.16 49.44
CA VAL FB 59 -75.70 0.13 48.72
C VAL FB 59 -75.03 0.85 47.56
N GLU FB 60 -73.81 0.45 47.21
CA GLU FB 60 -73.02 1.06 46.15
C GLU FB 60 -72.51 2.43 46.61
N LYS FB 61 -73.00 2.92 47.76
CA LYS FB 61 -72.20 3.83 48.54
C LYS FB 61 -71.30 3.07 49.52
N GLY FB 62 -71.64 1.80 49.76
CA GLY FB 62 -70.81 0.97 50.62
C GLY FB 62 -71.14 1.11 52.08
N LEU FB 63 -72.44 1.24 52.40
CA LEU FB 63 -72.86 1.44 53.78
C LEU FB 63 -73.83 0.38 54.29
N ILE FB 64 -74.42 -0.42 53.42
CA ILE FB 64 -75.24 -1.56 53.83
C ILE FB 64 -75.03 -2.69 52.84
N SER FB 65 -75.62 -3.85 53.12
CA SER FB 65 -75.50 -5.02 52.25
C SER FB 65 -76.82 -5.28 51.55
N GLU FB 66 -76.76 -6.10 50.50
CA GLU FB 66 -77.96 -6.44 49.74
C GLU FB 66 -79.00 -7.12 50.62
N PHE FB 67 -78.55 -7.84 51.66
CA PHE FB 67 -79.50 -8.49 52.56
C PHE FB 67 -80.37 -7.46 53.26
N ASP FB 68 -79.78 -6.35 53.72
CA ASP FB 68 -80.58 -5.31 54.35
C ASP FB 68 -81.55 -4.67 53.36
N PHE FB 69 -81.09 -4.45 52.13
CA PHE FB 69 -81.97 -3.91 51.09
C PHE FB 69 -83.20 -4.80 50.92
N ILE FB 70 -82.99 -6.09 50.68
CA ILE FB 70 -84.11 -6.98 50.43
C ILE FB 70 -84.98 -7.11 51.67
N GLU FB 71 -84.37 -7.15 52.86
CA GLU FB 71 -85.14 -7.29 54.08
C GLU FB 71 -86.05 -6.10 54.30
N HIS FB 72 -85.53 -4.89 54.09
CA HIS FB 72 -86.35 -3.69 54.23
C HIS FB 72 -87.47 -3.67 53.20
N LEU FB 73 -87.15 -4.05 51.95
CA LEU FB 73 -88.17 -4.07 50.91
C LEU FB 73 -89.30 -5.03 51.27
N VAL FB 74 -88.93 -6.23 51.76
CA VAL FB 74 -89.93 -7.23 52.11
C VAL FB 74 -90.74 -6.78 53.31
N ARG FB 75 -90.10 -6.14 54.29
CA ARG FB 75 -90.83 -5.66 55.45
C ARG FB 75 -91.85 -4.60 55.07
N LEU FB 76 -91.46 -3.65 54.20
CA LEU FB 76 -92.43 -2.66 53.76
C LEU FB 76 -93.54 -3.29 52.92
N ALA FB 77 -93.21 -4.25 52.06
CA ALA FB 77 -94.23 -4.91 51.27
C ALA FB 77 -95.24 -5.64 52.15
N GLU FB 78 -94.75 -6.32 53.20
CA GLU FB 78 -95.65 -6.97 54.14
C GLU FB 78 -96.50 -5.95 54.89
N LYS FB 79 -95.90 -4.81 55.26
CA LYS FB 79 -96.66 -3.79 55.96
C LYS FB 79 -97.78 -3.22 55.10
N LEU FB 80 -97.51 -3.00 53.82
CA LEU FB 80 -98.50 -2.43 52.91
C LEU FB 80 -99.32 -3.49 52.18
N GLY FB 81 -99.03 -4.77 52.37
CA GLY FB 81 -99.78 -5.83 51.72
C GLY FB 81 -99.68 -5.79 50.21
N VAL FB 82 -98.46 -5.62 49.70
CA VAL FB 82 -98.23 -5.52 48.26
C VAL FB 82 -97.15 -6.51 47.88
N LEU FB 83 -96.99 -7.56 48.69
CA LEU FB 83 -95.88 -8.50 48.52
C LEU FB 83 -95.94 -9.22 47.17
N GLU FB 84 -97.14 -9.39 46.60
CA GLU FB 84 -97.24 -10.07 45.31
C GLU FB 84 -96.55 -9.28 44.20
N GLU FB 85 -96.71 -7.96 44.21
CA GLU FB 85 -96.04 -7.14 43.20
C GLU FB 85 -94.52 -7.21 43.35
N LEU FB 86 -94.03 -7.21 44.60
CA LEU FB 86 -92.60 -7.36 44.82
C LEU FB 86 -92.12 -8.72 44.32
N LYS FB 87 -92.92 -9.78 44.53
CA LYS FB 87 -92.58 -11.09 44.01
C LYS FB 87 -92.48 -11.06 42.49
N LYS FB 88 -93.45 -10.41 41.83
CA LYS FB 88 -93.42 -10.31 40.38
C LYS FB 88 -92.18 -9.55 39.91
N VAL FB 89 -91.83 -8.46 40.59
CA VAL FB 89 -90.64 -7.70 40.22
C VAL FB 89 -89.39 -8.57 40.37
N LEU FB 90 -89.30 -9.34 41.44
CA LEU FB 90 -88.12 -10.18 41.66
C LEU FB 90 -88.04 -11.31 40.66
N GLU FB 91 -89.19 -11.81 40.18
CA GLU FB 91 -89.16 -12.79 39.09
C GLU FB 91 -88.72 -12.13 37.78
N GLU FB 92 -89.23 -10.92 37.50
CA GLU FB 92 -88.87 -10.24 36.26
C GLU FB 92 -87.38 -9.94 36.19
N VAL FB 93 -86.79 -9.45 37.28
CA VAL FB 93 -85.36 -9.17 37.27
C VAL FB 93 -84.56 -10.46 37.16
N GLY FB 94 -85.11 -11.56 37.68
CA GLY FB 94 -84.42 -12.84 37.62
C GLY FB 94 -83.46 -13.05 38.76
N ASP FB 95 -83.94 -12.90 39.99
CA ASP FB 95 -83.14 -13.05 41.18
C ASP FB 95 -83.66 -14.22 42.00
N GLU FB 96 -82.76 -15.14 42.36
CA GLU FB 96 -83.14 -16.29 43.18
C GLU FB 96 -82.93 -16.05 44.66
N PHE FB 97 -81.86 -15.33 45.02
CA PHE FB 97 -81.59 -15.06 46.43
C PHE FB 97 -82.70 -14.23 47.05
N GLY FB 98 -83.08 -13.12 46.39
CA GLY FB 98 -84.14 -12.28 46.91
C GLY FB 98 -85.47 -12.99 46.97
N LEU FB 99 -85.78 -13.80 45.95
CA LEU FB 99 -87.03 -14.54 45.94
C LEU FB 99 -87.08 -15.55 47.08
N THR FB 100 -85.97 -16.26 47.31
CA THR FB 100 -85.91 -17.20 48.42
C THR FB 100 -86.06 -16.47 49.75
N LEU FB 101 -85.47 -15.28 49.88
CA LEU FB 101 -85.64 -14.50 51.10
C LEU FB 101 -87.10 -14.10 51.30
N VAL FB 102 -87.78 -13.73 50.22
CA VAL FB 102 -89.19 -13.37 50.31
C VAL FB 102 -90.01 -14.56 50.79
N TYR FB 103 -89.76 -15.73 50.20
CA TYR FB 103 -90.47 -16.94 50.65
C TYR FB 103 -90.16 -17.23 52.11
N ALA FB 104 -88.91 -17.08 52.53
CA ALA FB 104 -88.55 -17.35 53.91
C ALA FB 104 -89.28 -16.41 54.87
N ILE FB 105 -89.35 -15.13 54.54
CA ILE FB 105 -90.02 -14.17 55.41
C ILE FB 105 -91.51 -14.46 55.48
N SER FB 106 -92.13 -14.73 54.33
CA SER FB 106 -93.57 -15.03 54.33
C SER FB 106 -93.87 -16.30 55.11
N LEU FB 107 -93.03 -17.32 54.94
CA LEU FB 107 -93.22 -18.58 55.66
C LEU FB 107 -93.02 -18.39 57.16
N LEU FB 108 -92.04 -17.57 57.55
CA LEU FB 108 -91.85 -17.27 58.96
C LEU FB 108 -93.08 -16.55 59.54
N LYS FB 109 -93.63 -15.59 58.80
CA LYS FB 109 -94.82 -14.90 59.28
C LYS FB 109 -95.99 -15.87 59.43
N GLU FB 110 -96.18 -16.75 58.44
CA GLU FB 110 -97.28 -17.71 58.51
C GLU FB 110 -97.10 -18.68 59.68
N VAL FB 111 -95.87 -19.12 59.92
CA VAL FB 111 -95.59 -20.03 61.03
C VAL FB 111 -95.79 -19.32 62.36
N GLU FB 112 -95.39 -18.04 62.45
CA GLU FB 112 -95.66 -17.26 63.65
C GLU FB 112 -97.16 -17.16 63.91
N LYS FB 113 -97.94 -17.01 62.84
CA LYS FB 113 -99.39 -17.08 62.99
C LYS FB 113 -99.81 -18.46 63.52
N GLU FB 114 -99.19 -19.52 63.00
CA GLU FB 114 -99.49 -20.87 63.48
C GLU FB 114 -98.95 -21.09 64.89
N GLY FB 115 -97.68 -20.76 65.11
CA GLY FB 115 -97.09 -20.89 66.43
C GLY FB 115 -96.44 -22.22 66.74
N ASP FB 116 -95.76 -22.84 65.77
CA ASP FB 116 -95.12 -24.13 65.99
C ASP FB 116 -93.61 -23.95 66.07
N GLU FB 117 -92.99 -24.51 67.11
CA GLU FB 117 -91.60 -24.17 67.45
C GLU FB 117 -90.59 -24.78 66.49
N GLU FB 118 -90.79 -26.05 66.09
CA GLU FB 118 -89.78 -26.71 65.27
C GLU FB 118 -89.63 -26.02 63.92
N LEU FB 119 -90.75 -25.64 63.29
CA LEU FB 119 -90.65 -24.85 62.07
C LEU FB 119 -90.08 -23.46 62.34
N LYS FB 120 -90.28 -22.91 63.54
CA LYS FB 120 -89.59 -21.67 63.90
C LYS FB 120 -88.09 -21.84 63.79
N GLU FB 121 -87.56 -22.88 64.42
CA GLU FB 121 -86.11 -23.12 64.37
C GLU FB 121 -85.68 -23.39 62.93
N TYR FB 122 -86.47 -24.14 62.18
CA TYR FB 122 -86.13 -24.47 60.80
C TYR FB 122 -85.99 -23.20 59.96
N VAL FB 123 -86.98 -22.31 60.04
CA VAL FB 123 -86.97 -21.11 59.22
C VAL FB 123 -85.90 -20.13 59.70
N LYS FB 124 -85.62 -20.09 61.02
CA LYS FB 124 -84.54 -19.23 61.49
C LYS FB 124 -83.19 -19.71 60.96
N LEU FB 125 -82.95 -21.02 60.96
CA LEU FB 125 -81.74 -21.55 60.37
C LEU FB 125 -81.68 -21.25 58.88
N ALA FB 126 -82.82 -21.38 58.19
CA ALA FB 126 -82.87 -21.07 56.76
C ALA FB 126 -82.52 -19.61 56.51
N ILE FB 127 -83.04 -18.70 57.33
CA ILE FB 127 -82.78 -17.28 57.14
C ILE FB 127 -81.31 -16.96 57.42
N GLU FB 128 -80.73 -17.57 58.46
CA GLU FB 128 -79.33 -17.34 58.76
C GLU FB 128 -78.45 -17.85 57.61
N THR FB 129 -78.76 -19.02 57.07
CA THR FB 129 -78.01 -19.52 55.92
C THR FB 129 -78.19 -18.63 54.71
N LEU FB 130 -79.40 -18.09 54.52
CA LEU FB 130 -79.64 -17.17 53.41
C LEU FB 130 -78.80 -15.91 53.55
N LYS FB 131 -78.68 -15.39 54.78
CA LYS FB 131 -77.83 -14.23 55.01
C LYS FB 131 -76.37 -14.54 54.72
N GLU FB 132 -75.90 -15.71 55.17
CA GLU FB 132 -74.51 -16.08 54.90
C GLU FB 132 -74.26 -16.24 53.42
N ALA FB 133 -75.22 -16.79 52.68
CA ALA FB 133 -75.09 -16.87 51.23
C ALA FB 133 -75.06 -15.49 50.59
N PHE FB 134 -76.00 -14.63 51.00
CA PHE FB 134 -76.06 -13.26 50.49
C PHE FB 134 -74.76 -12.51 50.70
N GLU FB 135 -74.04 -12.84 51.77
CA GLU FB 135 -72.75 -12.18 52.03
C GLU FB 135 -71.82 -12.29 50.84
N ARG FB 136 -71.80 -13.44 50.16
CA ARG FB 136 -70.89 -13.61 49.03
C ARG FB 136 -71.53 -14.37 47.86
N LYS FB 137 -72.85 -14.53 47.84
CA LYS FB 137 -73.55 -15.28 46.78
C LYS FB 137 -73.00 -16.71 46.68
N ASN FB 138 -73.08 -17.42 47.79
CA ASN FB 138 -72.62 -18.80 47.86
C ASN FB 138 -73.80 -19.71 47.57
N TYR FB 139 -73.71 -20.47 46.47
CA TYR FB 139 -74.88 -21.15 45.93
C TYR FB 139 -75.30 -22.33 46.80
N ALA FB 140 -74.35 -22.93 47.52
CA ALA FB 140 -74.64 -24.15 48.27
C ALA FB 140 -75.57 -23.88 49.44
N LEU FB 141 -75.27 -22.84 50.23
CA LEU FB 141 -76.19 -22.48 51.31
C LEU FB 141 -77.53 -22.01 50.77
N LEU FB 142 -77.54 -21.44 49.56
CA LEU FB 142 -78.80 -21.14 48.91
C LEU FB 142 -79.60 -22.40 48.64
N VAL FB 143 -78.94 -23.46 48.17
CA VAL FB 143 -79.63 -24.74 47.96
C VAL FB 143 -80.17 -25.28 49.28
N SER FB 144 -79.38 -25.22 50.34
CA SER FB 144 -79.82 -25.72 51.63
C SER FB 144 -81.05 -24.95 52.13
N ALA FB 145 -81.00 -23.63 52.04
CA ALA FB 145 -82.14 -22.80 52.48
C ALA FB 145 -83.36 -23.06 51.61
N LYS FB 146 -83.16 -23.23 50.30
CA LYS FB 146 -84.28 -23.54 49.41
C LYS FB 146 -84.94 -24.85 49.81
N ILE FB 147 -84.12 -25.87 50.10
CA ILE FB 147 -84.65 -27.15 50.54
C ILE FB 147 -85.48 -26.97 51.81
N ILE FB 148 -84.92 -26.25 52.78
CA ILE FB 148 -85.61 -26.09 54.06
C ILE FB 148 -86.95 -25.39 53.85
N VAL FB 149 -86.95 -24.30 53.07
CA VAL FB 149 -88.17 -23.51 52.92
C VAL FB 149 -89.23 -24.28 52.13
N GLU FB 150 -88.82 -25.02 51.09
CA GLU FB 150 -89.83 -25.74 50.32
C GLU FB 150 -90.43 -26.89 51.12
N ASN FB 151 -89.59 -27.60 51.90
CA ASN FB 151 -90.13 -28.65 52.75
C ASN FB 151 -91.05 -28.07 53.83
N ALA FB 152 -90.70 -26.92 54.39
CA ALA FB 152 -91.58 -26.28 55.36
C ALA FB 152 -92.90 -25.87 54.73
N GLU FB 153 -92.85 -25.31 53.52
CA GLU FB 153 -94.08 -24.94 52.82
C GLU FB 153 -94.96 -26.15 52.57
N GLU FB 154 -94.35 -27.27 52.15
CA GLU FB 154 -95.11 -28.49 51.96
C GLU FB 154 -95.69 -28.98 53.29
N ILE FB 155 -94.97 -28.77 54.39
CA ILE FB 155 -95.49 -29.12 55.70
C ILE FB 155 -96.76 -28.31 56.01
N LEU FB 156 -96.72 -27.01 55.77
CA LEU FB 156 -97.90 -26.19 56.00
C LEU FB 156 -99.07 -26.59 55.10
N LYS FB 157 -98.79 -26.92 53.83
CA LYS FB 157 -99.87 -27.39 52.96
C LYS FB 157 -100.48 -28.69 53.49
N ALA FB 158 -99.63 -29.64 53.88
CA ALA FB 158 -100.13 -30.90 54.41
C ALA FB 158 -100.83 -30.72 55.75
N LYS FB 159 -100.53 -29.66 56.48
CA LYS FB 159 -101.22 -29.40 57.74
C LYS FB 159 -102.71 -29.22 57.53
N LYS FB 160 -103.09 -28.41 56.54
CA LYS FB 160 -104.51 -28.29 56.21
C LYS FB 160 -105.01 -29.48 55.41
N LYS FB 161 -104.14 -30.11 54.61
CA LYS FB 161 -104.54 -31.32 53.91
C LYS FB 161 -104.79 -32.47 54.90
N GLY FB 162 -103.84 -32.72 55.79
CA GLY FB 162 -104.02 -33.73 56.82
C GLY FB 162 -103.49 -35.09 56.46
N ASP FB 163 -102.30 -35.15 55.84
CA ASP FB 163 -101.66 -36.42 55.48
C ASP FB 163 -100.43 -36.53 56.39
N GLU FB 164 -100.56 -37.32 57.45
CA GLU FB 164 -99.51 -37.37 58.48
C GLU FB 164 -98.23 -38.02 57.94
N GLU FB 165 -98.36 -39.03 57.08
CA GLU FB 165 -97.17 -39.68 56.53
C GLU FB 165 -96.29 -38.67 55.81
N LYS FB 166 -96.91 -37.79 55.02
CA LYS FB 166 -96.14 -36.80 54.28
C LYS FB 166 -95.46 -35.80 55.23
N ILE FB 167 -96.14 -35.41 56.30
CA ILE FB 167 -95.53 -34.45 57.22
C ILE FB 167 -94.35 -35.09 57.96
N LYS FB 168 -94.48 -36.37 58.32
CA LYS FB 168 -93.33 -37.06 58.92
C LYS FB 168 -92.17 -37.15 57.93
N GLU FB 169 -92.46 -37.46 56.67
CA GLU FB 169 -91.41 -37.51 55.66
C GLU FB 169 -90.72 -36.16 55.50
N LEU FB 170 -91.49 -35.08 55.52
CA LEU FB 170 -90.91 -33.75 55.39
C LEU FB 170 -90.08 -33.37 56.60
N LEU FB 171 -90.52 -33.77 57.80
CA LEU FB 171 -89.68 -33.56 58.98
C LEU FB 171 -88.38 -34.34 58.88
N GLN FB 172 -88.42 -35.56 58.33
CA GLN FB 172 -87.18 -36.30 58.09
C GLN FB 172 -86.27 -35.55 57.14
N ARG FB 173 -86.83 -35.02 56.05
CA ARG FB 173 -86.03 -34.25 55.10
C ARG FB 173 -85.42 -33.01 55.77
N LEU FB 174 -86.19 -32.33 56.61
CA LEU FB 174 -85.69 -31.14 57.28
C LEU FB 174 -84.59 -31.47 58.28
N LYS FB 175 -84.73 -32.60 58.99
CA LYS FB 175 -83.65 -33.03 59.88
C LYS FB 175 -82.39 -33.32 59.10
N ALA FB 176 -82.51 -33.99 57.95
CA ALA FB 176 -81.35 -34.23 57.10
C ALA FB 176 -80.72 -32.92 56.66
N ALA FB 177 -81.54 -31.94 56.29
CA ALA FB 177 -81.02 -30.64 55.87
C ALA FB 177 -80.29 -29.93 57.01
N LYS FB 178 -80.86 -29.98 58.22
CA LYS FB 178 -80.21 -29.36 59.37
C LYS FB 178 -78.86 -30.01 59.64
N ILE FB 179 -78.80 -31.34 59.56
CA ILE FB 179 -77.53 -32.03 59.77
C ILE FB 179 -76.52 -31.64 58.70
N GLY FB 180 -76.98 -31.52 57.44
CA GLY FB 180 -76.05 -31.33 56.35
C GLY FB 180 -75.54 -29.92 56.19
N THR FB 181 -76.32 -28.93 56.66
CA THR FB 181 -75.97 -27.54 56.37
C THR FB 181 -74.60 -27.13 56.91
N PRO FB 182 -74.24 -27.39 58.17
CA PRO FB 182 -72.85 -27.10 58.57
C PRO FB 182 -71.84 -27.88 57.75
N LEU FB 183 -72.18 -29.12 57.38
CA LEU FB 183 -71.25 -29.94 56.60
C LEU FB 183 -70.99 -29.34 55.23
N VAL FB 184 -72.04 -28.86 54.55
CA VAL FB 184 -71.83 -28.30 53.21
C VAL FB 184 -71.10 -26.96 53.32
N ARG FB 185 -71.43 -26.15 54.33
CA ARG FB 185 -70.68 -24.92 54.54
C ARG FB 185 -69.19 -25.21 54.73
N GLU FB 186 -68.88 -26.21 55.57
CA GLU FB 186 -67.48 -26.54 55.83
C GLU FB 186 -66.81 -27.09 54.58
N VAL FB 187 -67.51 -27.91 53.80
CA VAL FB 187 -66.92 -28.48 52.59
C VAL FB 187 -66.55 -27.37 51.61
N VAL FB 188 -67.47 -26.43 51.39
CA VAL FB 188 -67.17 -25.32 50.48
C VAL FB 188 -66.01 -24.49 51.02
N GLU FB 189 -66.01 -24.21 52.32
CA GLU FB 189 -64.95 -23.39 52.90
C GLU FB 189 -63.59 -24.06 52.72
N ARG FB 190 -63.51 -25.36 53.01
CA ARG FB 190 -62.25 -26.07 52.86
C ARG FB 190 -61.79 -26.13 51.41
N TYR FB 191 -62.73 -26.39 50.49
CA TYR FB 191 -62.32 -26.44 49.09
C TYR FB 191 -61.88 -25.08 48.56
N ARG FB 192 -62.38 -23.99 49.15
CA ARG FB 192 -62.03 -22.65 48.68
C ARG FB 192 -60.52 -22.42 48.64
N GLU FB 193 -59.81 -22.75 49.72
CA GLU FB 193 -58.38 -22.45 49.80
C GLU FB 193 -57.51 -23.63 50.21
N GLU FB 194 -58.04 -24.58 50.99
CA GLU FB 194 -57.21 -25.65 51.52
C GLU FB 194 -56.66 -26.54 50.41
N GLY FB 195 -57.50 -26.88 49.44
CA GLY FB 195 -57.04 -27.55 48.23
C GLY FB 195 -57.20 -29.04 48.13
N GLU FB 196 -58.07 -29.59 48.96
CA GLU FB 196 -58.34 -31.02 48.92
C GLU FB 196 -59.01 -31.44 47.60
N PRO FB 197 -59.28 -32.73 47.45
CA PRO FB 197 -59.96 -33.19 46.24
C PRO FB 197 -61.45 -33.19 46.46
N LEU FB 198 -62.13 -32.26 45.82
CA LEU FB 198 -63.55 -32.13 46.07
C LEU FB 198 -64.27 -33.44 46.20
N LEU FB 199 -64.07 -34.32 45.26
CA LEU FB 199 -64.89 -35.53 45.31
C LEU FB 199 -64.76 -36.25 46.65
N ASP FB 200 -63.55 -36.26 47.21
CA ASP FB 200 -63.34 -36.94 48.49
C ASP FB 200 -64.14 -36.27 49.60
N LEU FB 201 -64.06 -34.93 49.69
CA LEU FB 201 -64.84 -34.21 50.69
C LEU FB 201 -66.33 -34.36 50.45
N LEU FB 202 -66.76 -34.36 49.18
CA LEU FB 202 -68.18 -34.56 48.89
C LEU FB 202 -68.66 -35.92 49.40
N LEU FB 203 -67.88 -36.96 49.13
CA LEU FB 203 -68.25 -38.30 49.58
C LEU FB 203 -68.28 -38.39 51.09
N HIS FB 204 -67.27 -37.81 51.76
CA HIS FB 204 -67.24 -37.84 53.21
C HIS FB 204 -68.42 -37.09 53.81
N MET FB 205 -68.75 -35.92 53.24
CA MET FB 205 -69.89 -35.15 53.73
C MET FB 205 -71.20 -35.92 53.54
N ALA FB 206 -71.37 -36.56 52.38
CA ALA FB 206 -72.58 -37.33 52.13
C ALA FB 206 -72.70 -38.50 53.10
N GLU FB 207 -71.60 -39.22 53.31
CA GLU FB 207 -71.63 -40.36 54.23
C GLU FB 207 -71.90 -39.90 55.65
N THR FB 208 -71.28 -38.80 56.08
CA THR FB 208 -71.54 -38.28 57.42
C THR FB 208 -73.00 -37.86 57.57
N THR FB 209 -73.57 -37.23 56.53
CA THR FB 209 -74.96 -36.84 56.58
C THR FB 209 -75.86 -38.07 56.71
N ILE FB 210 -75.58 -39.12 55.94
CA ILE FB 210 -76.41 -40.33 56.00
C ILE FB 210 -76.30 -40.98 57.38
N ARG FB 211 -75.07 -41.08 57.91
CA ARG FB 211 -74.88 -41.73 59.20
C ARG FB 211 -75.58 -40.94 60.32
N GLU FB 212 -75.41 -39.62 60.33
CA GLU FB 212 -76.03 -38.81 61.37
C GLU FB 212 -77.54 -38.80 61.23
N SER FB 213 -78.05 -38.84 60.00
CA SER FB 213 -79.49 -38.85 59.79
C SER FB 213 -80.10 -40.17 60.24
N GLU FB 214 -79.44 -41.29 59.96
CA GLU FB 214 -79.95 -42.57 60.43
C GLU FB 214 -79.75 -42.74 61.93
N LYS FB 215 -78.82 -41.98 62.51
CA LYS FB 215 -78.70 -41.94 63.96
C LYS FB 215 -79.90 -41.28 64.63
N LEU FB 216 -80.69 -40.52 63.86
CA LEU FB 216 -81.90 -39.87 64.38
C LEU FB 216 -83.16 -40.65 64.00
N GLY FB 217 -83.02 -41.86 63.49
CA GLY FB 217 -84.14 -42.71 63.14
C GLY FB 217 -84.63 -42.54 61.71
N VAL FB 218 -83.98 -41.69 60.92
CA VAL FB 218 -84.47 -41.40 59.58
C VAL FB 218 -83.80 -42.37 58.59
N ASP FB 219 -84.63 -42.82 57.65
CA ASP FB 219 -84.15 -43.73 56.63
C ASP FB 219 -82.93 -43.24 55.94
N PRO FB 220 -82.25 -44.12 55.25
CA PRO FB 220 -81.09 -43.70 54.49
C PRO FB 220 -81.57 -43.57 53.09
N ARG FB 221 -82.83 -43.20 52.95
CA ARG FB 221 -83.34 -42.95 51.62
C ARG FB 221 -83.51 -41.47 51.39
N LEU FB 222 -84.60 -40.90 51.87
CA LEU FB 222 -84.88 -39.51 51.57
C LEU FB 222 -83.72 -38.61 51.98
N ALA FB 223 -83.04 -38.96 53.08
CA ALA FB 223 -81.82 -38.25 53.43
C ALA FB 223 -80.77 -38.40 52.35
N ALA FB 224 -80.76 -39.54 51.66
CA ALA FB 224 -79.86 -39.71 50.53
C ALA FB 224 -80.18 -38.72 49.42
N GLU FB 225 -81.47 -38.51 49.13
CA GLU FB 225 -81.82 -37.55 48.10
C GLU FB 225 -81.53 -36.12 48.53
N VAL FB 226 -81.66 -35.82 49.82
CA VAL FB 226 -81.27 -34.50 50.33
C VAL FB 226 -79.78 -34.28 50.13
N ALA FB 227 -78.98 -35.28 50.49
CA ALA FB 227 -77.54 -35.19 50.26
C ALA FB 227 -77.21 -35.08 48.78
N ARG FB 228 -78.00 -35.72 47.93
CA ARG FB 228 -77.79 -35.63 46.49
C ARG FB 228 -78.04 -34.21 45.98
N GLU FB 229 -79.13 -33.59 46.42
CA GLU FB 229 -79.40 -32.20 46.05
C GLU FB 229 -78.29 -31.28 46.54
N MET FB 230 -77.83 -31.49 47.78
CA MET FB 230 -76.76 -30.63 48.30
C MET FB 230 -75.45 -30.86 47.57
N VAL FB 231 -75.18 -32.10 47.15
CA VAL FB 231 -73.99 -32.38 46.34
C VAL FB 231 -74.08 -31.66 45.00
N ASP FB 232 -75.26 -31.67 44.39
CA ASP FB 232 -75.46 -30.94 43.14
C ASP FB 232 -75.21 -29.45 43.36
N GLY FB 233 -75.70 -28.91 44.47
CA GLY FB 233 -75.46 -27.50 44.77
C GLY FB 233 -73.98 -27.20 44.97
N VAL FB 234 -73.26 -28.09 45.64
CA VAL FB 234 -71.82 -27.91 45.83
C VAL FB 234 -71.11 -27.92 44.49
N GLY FB 235 -71.50 -28.85 43.61
CA GLY FB 235 -70.91 -28.90 42.29
C GLY FB 235 -71.15 -27.63 41.50
N HIS FB 236 -72.37 -27.09 41.59
CA HIS FB 236 -72.68 -25.84 40.89
C HIS FB 236 -71.87 -24.68 41.45
N GLU FB 237 -71.77 -24.58 42.78
CA GLU FB 237 -71.08 -23.45 43.38
C GLU FB 237 -69.58 -23.52 43.12
N THR FB 238 -68.98 -24.70 43.26
CA THR FB 238 -67.54 -24.85 43.14
C THR FB 238 -67.05 -24.75 41.70
N GLY FB 239 -67.94 -24.78 40.72
CA GLY FB 239 -67.53 -24.72 39.33
C GLY FB 239 -67.01 -26.02 38.76
N GLU FB 240 -67.22 -27.13 39.46
CA GLU FB 240 -66.77 -28.45 38.99
C GLU FB 240 -67.90 -29.44 39.23
N THR FB 241 -68.53 -29.90 38.15
CA THR FB 241 -69.67 -30.79 38.24
C THR FB 241 -69.35 -32.25 37.96
N GLU FB 242 -68.19 -32.55 37.37
CA GLU FB 242 -67.83 -33.93 37.10
C GLU FB 242 -67.65 -34.72 38.40
N ALA FB 243 -66.98 -34.13 39.39
CA ALA FB 243 -66.87 -34.77 40.69
C ALA FB 243 -68.25 -34.90 41.35
N ALA FB 244 -69.08 -33.86 41.23
CA ALA FB 244 -70.44 -33.95 41.72
C ALA FB 244 -71.21 -35.04 40.99
N PHE FB 245 -70.98 -35.19 39.68
CA PHE FB 245 -71.62 -36.27 38.92
C PHE FB 245 -71.18 -37.63 39.45
N ARG FB 246 -69.89 -37.81 39.72
CA ARG FB 246 -69.41 -39.08 40.22
C ARG FB 246 -69.99 -39.40 41.59
N VAL FB 247 -70.02 -38.43 42.49
CA VAL FB 247 -70.59 -38.66 43.81
C VAL FB 247 -72.09 -38.93 43.70
N ARG FB 248 -72.76 -38.29 42.74
CA ARG FB 248 -74.16 -38.58 42.49
C ARG FB 248 -74.34 -40.03 42.06
N ARG FB 249 -73.46 -40.52 41.19
CA ARG FB 249 -73.56 -41.92 40.76
C ARG FB 249 -73.33 -42.88 41.93
N GLU FB 250 -72.34 -42.59 42.77
CA GLU FB 250 -72.10 -43.48 43.91
C GLU FB 250 -73.26 -43.46 44.89
N LEU FB 251 -73.88 -42.29 45.10
CA LEU FB 251 -75.04 -42.23 45.97
C LEU FB 251 -76.24 -42.96 45.37
N ASP FB 252 -76.39 -42.89 44.04
CA ASP FB 252 -77.43 -43.65 43.37
C ASP FB 252 -77.20 -45.14 43.50
N THR FB 253 -75.94 -45.58 43.47
CA THR FB 253 -75.64 -46.98 43.76
C THR FB 253 -75.93 -47.33 45.21
N VAL FB 254 -75.67 -46.38 46.12
CA VAL FB 254 -75.88 -46.63 47.55
C VAL FB 254 -77.36 -46.85 47.85
N ILE FB 255 -78.24 -46.02 47.27
CA ILE FB 255 -79.66 -46.13 47.59
C ILE FB 255 -80.22 -47.47 47.12
N LEU FB 256 -79.57 -48.12 46.17
CA LEU FB 256 -79.98 -49.44 45.71
C LEU FB 256 -79.81 -50.48 46.81
N THR GB 25 -81.18 -26.44 -0.24
CA THR GB 25 -82.41 -26.53 -1.01
C THR GB 25 -82.39 -27.75 -1.94
N GLU GB 26 -81.40 -28.62 -1.74
CA GLU GB 26 -81.27 -29.80 -2.58
C GLU GB 26 -82.47 -30.73 -2.43
N LYS GB 27 -82.97 -30.89 -1.20
CA LYS GB 27 -84.15 -31.71 -0.99
C LYS GB 27 -85.35 -31.15 -1.76
N LEU GB 28 -85.53 -29.83 -1.74
CA LEU GB 28 -86.64 -29.22 -2.46
C LEU GB 28 -86.50 -29.42 -3.97
N LYS GB 29 -85.29 -29.26 -4.49
CA LYS GB 29 -85.06 -29.47 -5.91
C LYS GB 29 -85.35 -30.91 -6.31
N LYS GB 30 -84.91 -31.87 -5.49
CA LYS GB 30 -85.21 -33.27 -5.78
C LYS GB 30 -86.70 -33.55 -5.71
N ILE GB 31 -87.40 -32.94 -4.73
CA ILE GB 31 -88.83 -33.15 -4.63
C ILE GB 31 -89.54 -32.62 -5.87
N THR GB 32 -89.14 -31.44 -6.33
CA THR GB 32 -89.72 -30.88 -7.56
C THR GB 32 -89.44 -31.78 -8.75
N LYS GB 33 -88.20 -32.27 -8.88
CA LYS GB 33 -87.86 -33.14 -10.00
C LYS GB 33 -88.68 -34.41 -9.98
N LEU GB 34 -88.80 -35.05 -8.81
CA LEU GB 34 -89.55 -36.30 -8.73
C LEU GB 34 -91.04 -36.07 -8.97
N LEU GB 35 -91.58 -34.93 -8.53
CA LEU GB 35 -92.97 -34.63 -8.82
C LEU GB 35 -93.18 -34.41 -10.32
N HIS GB 36 -92.24 -33.83 -11.02
CA HIS GB 36 -92.42 -33.71 -12.43
C HIS GB 36 -92.47 -35.10 -12.92
N GLU GB 37 -91.40 -35.86 -12.69
CA GLU GB 37 -91.37 -37.19 -13.29
C GLU GB 37 -92.68 -37.93 -13.06
N LEU GB 38 -93.23 -37.85 -11.85
CA LEU GB 38 -94.48 -38.53 -11.56
C LEU GB 38 -95.62 -37.99 -12.41
N VAL GB 39 -95.71 -36.67 -12.56
CA VAL GB 39 -96.80 -36.10 -13.34
C VAL GB 39 -96.61 -36.36 -14.83
N ASP GB 40 -95.37 -36.56 -15.26
CA ASP GB 40 -95.13 -36.87 -16.67
C ASP GB 40 -95.79 -38.18 -17.06
N ARG GB 41 -95.61 -39.22 -16.25
CA ARG GB 41 -96.20 -40.53 -16.52
C ARG GB 41 -97.44 -40.71 -15.63
N GLY GB 42 -98.52 -40.04 -16.01
CA GLY GB 42 -99.78 -40.17 -15.30
C GLY GB 42 -99.64 -39.77 -13.84
N GLU GB 43 -100.19 -40.61 -12.96
CA GLU GB 43 -100.04 -40.49 -11.50
C GLU GB 43 -100.62 -39.14 -11.06
N ILE GB 44 -99.84 -38.29 -10.40
CA ILE GB 44 -100.35 -37.04 -9.82
C ILE GB 44 -100.74 -36.07 -10.93
N PRO GB 45 -101.66 -35.14 -10.66
CA PRO GB 45 -102.01 -34.13 -11.68
C PRO GB 45 -100.97 -33.03 -11.78
N GLU GB 46 -101.18 -32.11 -12.73
CA GLU GB 46 -100.17 -31.10 -13.05
C GLU GB 46 -100.09 -29.99 -12.01
N GLU GB 47 -101.20 -29.70 -11.32
CA GLU GB 47 -101.23 -28.57 -10.39
C GLU GB 47 -100.16 -28.71 -9.31
N LEU GB 48 -99.95 -29.93 -8.82
CA LEU GB 48 -98.96 -30.13 -7.77
C LEU GB 48 -97.56 -29.83 -8.28
N ALA GB 49 -97.25 -30.25 -9.51
CA ALA GB 49 -95.93 -29.96 -10.08
C ALA GB 49 -95.75 -28.47 -10.33
N THR GB 50 -96.79 -27.79 -10.80
CA THR GB 50 -96.69 -26.35 -11.01
C THR GB 50 -96.46 -25.62 -9.69
N LEU GB 51 -97.19 -26.01 -8.65
CA LEU GB 51 -96.96 -25.42 -7.33
C LEU GB 51 -95.56 -25.71 -6.84
N ALA GB 52 -95.05 -26.92 -7.07
CA ALA GB 52 -93.69 -27.23 -6.68
C ALA GB 52 -92.70 -26.32 -7.37
N THR GB 53 -92.90 -26.06 -8.67
CA THR GB 53 -91.99 -25.17 -9.39
C THR GB 53 -92.04 -23.75 -8.84
N LEU GB 54 -93.26 -23.21 -8.67
CA LEU GB 54 -93.39 -21.84 -8.18
C LEU GB 54 -92.77 -21.69 -6.78
N LEU GB 55 -93.06 -22.63 -5.88
CA LEU GB 55 -92.50 -22.55 -4.54
C LEU GB 55 -90.99 -22.77 -4.54
N LEU GB 56 -90.48 -23.61 -5.45
CA LEU GB 56 -89.04 -23.79 -5.55
C LEU GB 56 -88.35 -22.52 -6.04
N TYR GB 57 -89.05 -21.73 -6.86
CA TYR GB 57 -88.50 -20.42 -7.21
C TYR GB 57 -88.54 -19.46 -6.02
N LEU GB 58 -89.70 -19.41 -5.35
CA LEU GB 58 -89.89 -18.46 -4.26
C LEU GB 58 -88.89 -18.72 -3.13
N VAL GB 59 -88.81 -19.97 -2.66
CA VAL GB 59 -87.67 -20.40 -1.86
C VAL GB 59 -86.46 -20.30 -2.76
N GLU GB 60 -85.31 -19.91 -2.20
CA GLU GB 60 -84.07 -19.72 -2.95
C GLU GB 60 -84.17 -18.44 -3.77
N LYS GB 61 -85.37 -17.85 -3.86
CA LYS GB 61 -85.44 -16.41 -4.10
C LYS GB 61 -85.40 -15.65 -2.78
N GLY GB 62 -85.69 -16.34 -1.68
CA GLY GB 62 -85.63 -15.73 -0.37
C GLY GB 62 -86.90 -15.02 0.02
N LEU GB 63 -88.05 -15.60 -0.33
CA LEU GB 63 -89.33 -14.98 -0.06
C LEU GB 63 -90.26 -15.83 0.79
N ILE GB 64 -90.00 -17.12 0.94
CA ILE GB 64 -90.76 -17.96 1.86
C ILE GB 64 -89.80 -18.97 2.49
N SER GB 65 -90.30 -19.77 3.43
CA SER GB 65 -89.49 -20.77 4.11
C SER GB 65 -89.92 -22.16 3.67
N GLU GB 66 -89.06 -23.15 3.95
CA GLU GB 66 -89.35 -24.52 3.59
C GLU GB 66 -90.63 -25.02 4.24
N PHE GB 67 -90.96 -24.48 5.41
CA PHE GB 67 -92.20 -24.89 6.08
C PHE GB 67 -93.41 -24.54 5.23
N ASP GB 68 -93.43 -23.35 4.63
CA ASP GB 68 -94.54 -22.96 3.77
C ASP GB 68 -94.59 -23.85 2.52
N PHE GB 69 -93.42 -24.16 1.95
CA PHE GB 69 -93.35 -25.07 0.80
C PHE GB 69 -94.03 -26.39 1.14
N ILE GB 70 -93.58 -27.04 2.21
CA ILE GB 70 -94.11 -28.35 2.56
C ILE GB 70 -95.58 -28.26 2.93
N GLU GB 71 -95.97 -27.19 3.64
CA GLU GB 71 -97.37 -27.05 4.05
C GLU GB 71 -98.28 -26.91 2.83
N HIS GB 72 -97.89 -26.09 1.86
CA HIS GB 72 -98.68 -25.95 0.64
C HIS GB 72 -98.75 -27.27 -0.13
N LEU GB 73 -97.62 -27.97 -0.23
CA LEU GB 73 -97.62 -29.25 -0.93
C LEU GB 73 -98.57 -30.24 -0.27
N VAL GB 74 -98.53 -30.32 1.06
CA VAL GB 74 -99.38 -31.25 1.78
C VAL GB 74 -100.85 -30.86 1.65
N ARG GB 75 -101.13 -29.55 1.70
CA ARG GB 75 -102.52 -29.10 1.55
C ARG GB 75 -103.07 -29.47 0.19
N LEU GB 76 -102.29 -29.25 -0.87
CA LEU GB 76 -102.75 -29.63 -2.21
C LEU GB 76 -102.90 -31.15 -2.32
N ALA GB 77 -101.97 -31.91 -1.75
CA ALA GB 77 -102.07 -33.37 -1.81
C ALA GB 77 -103.33 -33.86 -1.11
N GLU GB 78 -103.65 -33.28 0.05
CA GLU GB 78 -104.88 -33.62 0.74
C GLU GB 78 -106.11 -33.23 -0.07
N LYS GB 79 -106.05 -32.07 -0.73
CA LYS GB 79 -107.19 -31.63 -1.54
C LYS GB 79 -107.43 -32.58 -2.71
N LEU GB 80 -106.36 -33.05 -3.35
CA LEU GB 80 -106.47 -33.93 -4.51
C LEU GB 80 -106.45 -35.41 -4.14
N GLY GB 81 -106.25 -35.74 -2.87
CA GLY GB 81 -106.22 -37.13 -2.44
C GLY GB 81 -105.10 -37.93 -3.07
N VAL GB 82 -103.90 -37.36 -3.08
CA VAL GB 82 -102.74 -37.99 -3.69
C VAL GB 82 -101.60 -38.00 -2.69
N LEU GB 83 -101.95 -37.96 -1.40
CA LEU GB 83 -100.96 -37.81 -0.33
C LEU GB 83 -99.99 -38.98 -0.30
N GLU GB 84 -100.42 -40.17 -0.73
CA GLU GB 84 -99.53 -41.33 -0.70
C GLU GB 84 -98.34 -41.13 -1.64
N GLU GB 85 -98.58 -40.58 -2.83
CA GLU GB 85 -97.48 -40.32 -3.76
C GLU GB 85 -96.52 -39.29 -3.21
N LEU GB 86 -97.04 -38.26 -2.54
CA LEU GB 86 -96.16 -37.28 -1.89
C LEU GB 86 -95.34 -37.94 -0.79
N LYS GB 87 -95.95 -38.85 -0.04
CA LYS GB 87 -95.21 -39.58 0.99
C LYS GB 87 -94.08 -40.40 0.35
N LYS GB 88 -94.37 -41.08 -0.75
CA LYS GB 88 -93.34 -41.85 -1.43
C LYS GB 88 -92.22 -40.96 -1.94
N VAL GB 89 -92.55 -39.79 -2.48
CA VAL GB 89 -91.52 -38.85 -2.94
C VAL GB 89 -90.65 -38.40 -1.78
N LEU GB 90 -91.28 -38.10 -0.63
CA LEU GB 90 -90.52 -37.62 0.51
C LEU GB 90 -89.63 -38.73 1.09
N GLU GB 91 -90.06 -39.99 1.00
CA GLU GB 91 -89.17 -41.08 1.40
C GLU GB 91 -88.03 -41.24 0.41
N GLU GB 92 -88.30 -41.13 -0.89
CA GLU GB 92 -87.25 -41.28 -1.88
C GLU GB 92 -86.18 -40.21 -1.74
N VAL GB 93 -86.58 -38.95 -1.54
CA VAL GB 93 -85.57 -37.90 -1.38
C VAL GB 93 -84.81 -38.09 -0.07
N GLY GB 94 -85.45 -38.69 0.93
CA GLY GB 94 -84.80 -38.92 2.21
C GLY GB 94 -84.89 -37.74 3.14
N ASP GB 95 -86.12 -37.26 3.38
CA ASP GB 95 -86.36 -36.11 4.24
C ASP GB 95 -87.19 -36.56 5.44
N GLU GB 96 -86.71 -36.23 6.64
CA GLU GB 96 -87.45 -36.57 7.86
C GLU GB 96 -88.35 -35.45 8.32
N PHE GB 97 -87.92 -34.19 8.17
CA PHE GB 97 -88.74 -33.06 8.59
C PHE GB 97 -90.04 -33.01 7.81
N GLY GB 98 -89.95 -33.09 6.48
CA GLY GB 98 -91.15 -33.05 5.67
C GLY GB 98 -92.07 -34.23 5.92
N LEU GB 99 -91.49 -35.43 6.09
CA LEU GB 99 -92.30 -36.60 6.36
C LEU GB 99 -93.03 -36.47 7.70
N THR GB 100 -92.33 -35.97 8.72
CA THR GB 100 -92.98 -35.75 10.01
C THR GB 100 -94.09 -34.71 9.90
N LEU GB 101 -93.88 -33.67 9.09
CA LEU GB 101 -94.93 -32.68 8.88
C LEU GB 101 -96.13 -33.31 8.20
N VAL GB 102 -95.89 -34.19 7.23
CA VAL GB 102 -97.00 -34.87 6.55
C VAL GB 102 -97.80 -35.71 7.53
N TYR GB 103 -97.10 -36.47 8.38
CA TYR GB 103 -97.79 -37.26 9.39
C TYR GB 103 -98.57 -36.37 10.34
N ALA GB 104 -97.99 -35.23 10.74
CA ALA GB 104 -98.68 -34.33 11.66
C ALA GB 104 -99.95 -33.78 11.04
N ILE GB 105 -99.90 -33.38 9.77
CA ILE GB 105 -101.08 -32.83 9.11
C ILE GB 105 -102.15 -33.90 8.96
N SER GB 106 -101.77 -35.10 8.53
CA SER GB 106 -102.74 -36.17 8.37
C SER GB 106 -103.38 -36.54 9.71
N LEU GB 107 -102.56 -36.61 10.76
CA LEU GB 107 -103.08 -36.94 12.09
C LEU GB 107 -104.01 -35.85 12.60
N LEU GB 108 -103.67 -34.58 12.34
CA LEU GB 108 -104.55 -33.48 12.72
C LEU GB 108 -105.89 -33.58 12.00
N LYS GB 109 -105.86 -33.89 10.70
CA LYS GB 109 -107.11 -34.04 9.95
C LYS GB 109 -107.95 -35.18 10.51
N GLU GB 110 -107.31 -36.33 10.80
CA GLU GB 110 -108.04 -37.47 11.35
C GLU GB 110 -108.63 -37.14 12.71
N VAL GB 111 -107.88 -36.43 13.56
CA VAL GB 111 -108.38 -36.06 14.88
C VAL GB 111 -109.52 -35.07 14.76
N GLU GB 112 -109.42 -34.12 13.82
CA GLU GB 112 -110.53 -33.21 13.56
C GLU GB 112 -111.78 -33.97 13.14
N LYS GB 113 -111.61 -35.02 12.34
CA LYS GB 113 -112.73 -35.91 12.06
C LYS GB 113 -113.26 -36.55 13.34
N GLU GB 114 -112.35 -36.98 14.22
CA GLU GB 114 -112.77 -37.57 15.48
C GLU GB 114 -113.34 -36.51 16.42
N GLY GB 115 -112.64 -35.39 16.59
CA GLY GB 115 -113.12 -34.31 17.42
C GLY GB 115 -112.75 -34.37 18.89
N ASP GB 116 -111.53 -34.81 19.22
CA ASP GB 116 -111.10 -34.91 20.61
C ASP GB 116 -110.11 -33.79 20.92
N GLU GB 117 -110.35 -33.06 22.02
CA GLU GB 117 -109.65 -31.81 22.26
C GLU GB 117 -108.20 -32.01 22.70
N GLU GB 118 -107.93 -33.00 23.57
CA GLU GB 118 -106.58 -33.16 24.08
C GLU GB 118 -105.59 -33.51 22.97
N LEU GB 119 -105.98 -34.41 22.06
CA LEU GB 119 -105.14 -34.66 20.90
C LEU GB 119 -105.05 -33.44 19.98
N LYS GB 120 -106.09 -32.60 19.95
CA LYS GB 120 -105.97 -31.35 19.22
C LYS GB 120 -104.82 -30.52 19.76
N GLU GB 121 -104.78 -30.32 21.08
CA GLU GB 121 -103.70 -29.55 21.68
C GLU GB 121 -102.35 -30.23 21.44
N TYR GB 122 -102.32 -31.56 21.55
CA TYR GB 122 -101.08 -32.29 21.35
C TYR GB 122 -100.52 -32.08 19.96
N VAL GB 123 -101.37 -32.22 18.94
CA VAL GB 123 -100.90 -32.09 17.56
C VAL GB 123 -100.58 -30.63 17.23
N LYS GB 124 -101.31 -29.68 17.82
CA LYS GB 124 -100.94 -28.27 17.58
C LYS GB 124 -99.58 -27.95 18.16
N LEU GB 125 -99.29 -28.45 19.38
CA LEU GB 125 -97.96 -28.26 19.93
C LEU GB 125 -96.90 -28.95 19.07
N ALA GB 126 -97.22 -30.16 18.57
CA ALA GB 126 -96.28 -30.86 17.70
C ALA GB 126 -96.00 -30.06 16.43
N ILE GB 127 -97.03 -29.47 15.83
CA ILE GB 127 -96.86 -28.70 14.61
C ILE GB 127 -96.05 -27.42 14.88
N GLU GB 128 -96.31 -26.76 16.00
CA GLU GB 128 -95.53 -25.57 16.33
C GLU GB 128 -94.07 -25.91 16.55
N THR GB 129 -93.79 -27.02 17.25
CA THR GB 129 -92.41 -27.45 17.42
C THR GB 129 -91.78 -27.82 16.09
N LEU GB 130 -92.55 -28.45 15.20
CA LEU GB 130 -92.03 -28.79 13.87
C LEU GB 130 -91.66 -27.53 13.10
N LYS GB 131 -92.49 -26.50 13.18
CA LYS GB 131 -92.17 -25.23 12.52
C LYS GB 131 -90.90 -24.62 13.10
N GLU GB 132 -90.77 -24.63 14.43
CA GLU GB 132 -89.57 -24.08 15.05
C GLU GB 132 -88.32 -24.86 14.63
N ALA GB 133 -88.43 -26.18 14.52
CA ALA GB 133 -87.32 -26.98 14.03
C ALA GB 133 -87.00 -26.65 12.58
N PHE GB 134 -88.03 -26.59 11.73
CA PHE GB 134 -87.86 -26.25 10.32
C PHE GB 134 -87.15 -24.92 10.15
N GLU GB 135 -87.35 -23.99 11.09
CA GLU GB 135 -86.70 -22.69 11.00
C GLU GB 135 -85.19 -22.82 10.86
N ARG GB 136 -84.59 -23.78 11.57
CA ARG GB 136 -83.13 -23.95 11.53
C ARG GB 136 -82.70 -25.41 11.50
N LYS GB 137 -83.59 -26.35 11.25
CA LYS GB 137 -83.27 -27.79 11.27
C LYS GB 137 -82.68 -28.20 12.61
N ASN GB 138 -83.44 -27.96 13.67
CA ASN GB 138 -83.03 -28.31 15.02
C ASN GB 138 -83.57 -29.69 15.34
N TYR GB 139 -82.66 -30.65 15.57
CA TYR GB 139 -83.05 -32.05 15.58
C TYR GB 139 -83.83 -32.40 16.84
N ALA GB 140 -83.60 -31.67 17.94
CA ALA GB 140 -84.22 -32.03 19.22
C ALA GB 140 -85.72 -31.80 19.21
N LEU GB 141 -86.17 -30.64 18.72
CA LEU GB 141 -87.60 -30.42 18.58
C LEU GB 141 -88.22 -31.38 17.57
N LEU GB 142 -87.44 -31.80 16.58
CA LEU GB 142 -87.90 -32.85 15.67
C LEU GB 142 -88.16 -34.15 16.42
N VAL GB 143 -87.26 -34.51 17.34
CA VAL GB 143 -87.47 -35.71 18.16
C VAL GB 143 -88.73 -35.57 19.00
N SER GB 144 -88.90 -34.41 19.62
CA SER GB 144 -90.08 -34.18 20.46
C SER GB 144 -91.37 -34.31 19.65
N ALA GB 145 -91.41 -33.67 18.48
CA ALA GB 145 -92.59 -33.74 17.63
C ALA GB 145 -92.83 -35.16 17.14
N LYS GB 146 -91.76 -35.88 16.80
CA LYS GB 146 -91.90 -37.27 16.36
C LYS GB 146 -92.51 -38.11 17.48
N ILE GB 147 -92.03 -37.93 18.71
CA ILE GB 147 -92.60 -38.65 19.85
C ILE GB 147 -94.08 -38.36 19.98
N ILE GB 148 -94.44 -37.08 19.93
CA ILE GB 148 -95.84 -36.69 20.11
C ILE GB 148 -96.71 -37.32 19.02
N VAL GB 149 -96.26 -37.25 17.77
CA VAL GB 149 -97.11 -37.72 16.67
C VAL GB 149 -97.22 -39.24 16.70
N GLU GB 150 -96.14 -39.96 17.03
CA GLU GB 150 -96.24 -41.41 17.03
C GLU GB 150 -97.11 -41.89 18.19
N ASN GB 151 -96.99 -41.25 19.36
CA ASN GB 151 -97.87 -41.63 20.46
C ASN GB 151 -99.32 -41.31 20.15
N ALA GB 152 -99.59 -40.18 19.49
CA ALA GB 152 -100.95 -39.87 19.09
C ALA GB 152 -101.48 -40.89 18.08
N GLU GB 153 -100.65 -41.28 17.11
CA GLU GB 153 -101.08 -42.29 16.14
C GLU GB 153 -101.40 -43.61 16.84
N GLU GB 154 -100.57 -44.02 17.79
CA GLU GB 154 -100.85 -45.22 18.56
C GLU GB 154 -102.15 -45.07 19.36
N ILE GB 155 -102.43 -43.86 19.84
CA ILE GB 155 -103.68 -43.60 20.54
C ILE GB 155 -104.87 -43.84 19.62
N LEU GB 156 -104.79 -43.31 18.38
CA LEU GB 156 -105.88 -43.53 17.44
C LEU GB 156 -106.04 -45.00 17.08
N LYS GB 157 -104.92 -45.72 16.91
CA LYS GB 157 -105.03 -47.16 16.63
C LYS GB 157 -105.70 -47.89 17.80
N ALA GB 158 -105.28 -47.59 19.04
CA ALA GB 158 -105.88 -48.24 20.20
C ALA GB 158 -107.34 -47.82 20.40
N LYS GB 159 -107.74 -46.66 19.87
CA LYS GB 159 -109.13 -46.24 19.98
C LYS GB 159 -110.05 -47.25 19.30
N LYS GB 160 -109.72 -47.67 18.07
CA LYS GB 160 -110.50 -48.70 17.42
C LYS GB 160 -110.17 -50.08 17.97
N LYS GB 161 -108.94 -50.30 18.43
CA LYS GB 161 -108.61 -51.58 19.07
C LYS GB 161 -109.36 -51.73 20.40
N GLY GB 162 -109.30 -50.72 21.25
CA GLY GB 162 -110.04 -50.73 22.50
C GLY GB 162 -109.28 -51.28 23.69
N ASP GB 163 -108.01 -50.91 23.83
CA ASP GB 163 -107.17 -51.33 24.95
C ASP GB 163 -106.92 -50.06 25.79
N GLU GB 164 -107.68 -49.92 26.88
CA GLU GB 164 -107.65 -48.67 27.65
C GLU GB 164 -106.31 -48.48 28.35
N GLU GB 165 -105.69 -49.57 28.83
CA GLU GB 165 -104.42 -49.45 29.50
C GLU GB 165 -103.39 -48.79 28.59
N LYS GB 166 -103.34 -49.22 27.32
CA LYS GB 166 -102.38 -48.65 26.38
C LYS GB 166 -102.67 -47.18 26.12
N ILE GB 167 -103.94 -46.79 26.02
CA ILE GB 167 -104.24 -45.39 25.76
C ILE GB 167 -103.86 -44.52 26.96
N LYS GB 168 -104.07 -45.03 28.17
CA LYS GB 168 -103.62 -44.28 29.35
C LYS GB 168 -102.11 -44.15 29.36
N GLU GB 169 -101.39 -45.22 29.01
CA GLU GB 169 -99.93 -45.15 28.95
C GLU GB 169 -99.48 -44.14 27.92
N LEU GB 170 -100.15 -44.09 26.76
CA LEU GB 170 -99.76 -43.14 25.72
C LEU GB 170 -100.06 -41.70 26.15
N LEU GB 171 -101.17 -41.48 26.86
CA LEU GB 171 -101.43 -40.15 27.42
C LEU GB 171 -100.35 -39.76 28.42
N GLN GB 172 -99.88 -40.72 29.23
CA GLN GB 172 -98.77 -40.43 30.14
C GLN GB 172 -97.52 -40.01 29.35
N ARG GB 173 -97.21 -40.74 28.28
CA ARG GB 173 -96.06 -40.39 27.46
C ARG GB 173 -96.21 -39.01 26.85
N LEU GB 174 -97.41 -38.68 26.38
CA LEU GB 174 -97.64 -37.37 25.77
C LEU GB 174 -97.55 -36.25 26.80
N LYS GB 175 -98.02 -36.48 28.02
CA LYS GB 175 -97.84 -35.49 29.08
C LYS GB 175 -96.37 -35.27 29.38
N ALA GB 176 -95.59 -36.35 29.43
CA ALA GB 176 -94.15 -36.21 29.62
C ALA GB 176 -93.52 -35.42 28.50
N ALA GB 177 -93.94 -35.67 27.26
CA ALA GB 177 -93.41 -34.94 26.12
C ALA GB 177 -93.76 -33.45 26.19
N LYS GB 178 -95.01 -33.13 26.57
CA LYS GB 178 -95.41 -31.74 26.70
C LYS GB 178 -94.58 -31.03 27.76
N ILE GB 179 -94.35 -31.70 28.90
CA ILE GB 179 -93.53 -31.11 29.95
C ILE GB 179 -92.10 -30.89 29.46
N GLY GB 180 -91.56 -31.85 28.71
CA GLY GB 180 -90.16 -31.80 28.36
C GLY GB 180 -89.83 -30.86 27.21
N THR GB 181 -90.81 -30.61 26.33
CA THR GB 181 -90.50 -29.85 25.11
C THR GB 181 -89.94 -28.45 25.38
N PRO GB 182 -90.54 -27.61 26.24
CA PRO GB 182 -89.86 -26.34 26.55
C PRO GB 182 -88.50 -26.55 27.19
N LEU GB 183 -88.36 -27.60 28.00
CA LEU GB 183 -87.08 -27.87 28.65
C LEU GB 183 -86.00 -28.20 27.64
N VAL GB 184 -86.29 -29.03 26.64
CA VAL GB 184 -85.28 -29.39 25.66
C VAL GB 184 -84.96 -28.20 24.77
N ARG GB 185 -85.99 -27.43 24.39
CA ARG GB 185 -85.73 -26.21 23.62
C ARG GB 185 -84.77 -25.29 24.39
N GLU GB 186 -85.04 -25.09 25.68
CA GLU GB 186 -84.20 -24.21 26.49
C GLU GB 186 -82.79 -24.77 26.63
N VAL GB 187 -82.67 -26.08 26.82
CA VAL GB 187 -81.35 -26.68 26.98
C VAL GB 187 -80.51 -26.46 25.72
N VAL GB 188 -81.10 -26.72 24.55
CA VAL GB 188 -80.37 -26.50 23.31
C VAL GB 188 -80.00 -25.03 23.15
N GLU GB 189 -80.95 -24.13 23.45
CA GLU GB 189 -80.67 -22.71 23.30
C GLU GB 189 -79.52 -22.26 24.18
N ARG GB 190 -79.53 -22.70 25.45
CA ARG GB 190 -78.47 -22.31 26.37
C ARG GB 190 -77.13 -22.90 25.95
N TYR GB 191 -77.11 -24.16 25.52
CA TYR GB 191 -75.85 -24.76 25.10
C TYR GB 191 -75.30 -24.10 23.85
N ARG GB 192 -76.17 -23.54 22.99
CA ARG GB 192 -75.72 -22.91 21.76
C ARG GB 192 -74.65 -21.85 21.97
N GLU GB 193 -74.88 -20.93 22.91
CA GLU GB 193 -73.95 -19.82 23.09
C GLU GB 193 -73.51 -19.60 24.54
N GLU GB 194 -74.34 -19.96 25.52
CA GLU GB 194 -74.00 -19.64 26.91
C GLU GB 194 -72.75 -20.38 27.38
N GLY GB 195 -72.64 -21.66 27.03
CA GLY GB 195 -71.40 -22.39 27.23
C GLY GB 195 -71.29 -23.29 28.43
N GLU GB 196 -72.43 -23.65 29.01
CA GLU GB 196 -72.44 -24.57 30.13
C GLU GB 196 -71.93 -25.96 29.73
N PRO GB 197 -71.89 -26.89 30.69
CA PRO GB 197 -71.47 -28.24 30.35
C PRO GB 197 -72.68 -29.07 30.04
N LEU GB 198 -72.85 -29.43 28.77
CA LEU GB 198 -74.05 -30.13 28.38
C LEU GB 198 -74.52 -31.17 29.36
N LEU GB 199 -73.63 -32.01 29.80
CA LEU GB 199 -74.12 -33.11 30.63
C LEU GB 199 -74.90 -32.60 31.85
N ASP GB 200 -74.43 -31.50 32.45
CA ASP GB 200 -75.11 -30.95 33.62
C ASP GB 200 -76.53 -30.50 33.27
N LEU GB 201 -76.66 -29.73 32.18
CA LEU GB 201 -77.98 -29.29 31.74
C LEU GB 201 -78.86 -30.46 31.34
N LEU GB 202 -78.28 -31.48 30.69
CA LEU GB 202 -79.06 -32.66 30.32
C LEU GB 202 -79.61 -33.35 31.56
N LEU GB 203 -78.77 -33.52 32.58
CA LEU GB 203 -79.22 -34.17 33.82
C LEU GB 203 -80.29 -33.35 34.51
N HIS GB 204 -80.10 -32.02 34.58
CA HIS GB 204 -81.09 -31.17 35.23
C HIS GB 204 -82.41 -31.21 34.48
N MET GB 205 -82.37 -31.18 33.14
CA MET GB 205 -83.59 -31.25 32.36
C MET GB 205 -84.30 -32.58 32.55
N ALA GB 206 -83.55 -33.69 32.57
CA ALA GB 206 -84.16 -34.99 32.78
C ALA GB 206 -84.81 -35.08 34.16
N GLU GB 207 -84.10 -34.61 35.19
CA GLU GB 207 -84.66 -34.65 36.54
C GLU GB 207 -85.89 -33.78 36.67
N THR GB 208 -85.86 -32.59 36.07
CA THR GB 208 -87.03 -31.72 36.10
C THR GB 208 -88.20 -32.37 35.38
N THR GB 209 -87.95 -33.01 34.24
CA THR GB 209 -89.01 -33.70 33.52
C THR GB 209 -89.62 -34.80 34.37
N ILE GB 210 -88.77 -35.60 35.03
CA ILE GB 210 -89.28 -36.69 35.87
C ILE GB 210 -90.11 -36.14 37.03
N ARG GB 211 -89.61 -35.10 37.69
CA ARG GB 211 -90.31 -34.54 38.84
C ARG GB 211 -91.65 -33.95 38.43
N GLU GB 212 -91.67 -33.18 37.34
CA GLU GB 212 -92.92 -32.57 36.90
C GLU GB 212 -93.89 -33.62 36.40
N SER GB 213 -93.38 -34.69 35.76
CA SER GB 213 -94.26 -35.74 35.27
C SER GB 213 -94.88 -36.53 36.41
N GLU GB 214 -94.10 -36.82 37.46
CA GLU GB 214 -94.67 -37.51 38.61
C GLU GB 214 -95.55 -36.58 39.44
N LYS GB 215 -95.38 -35.27 39.29
CA LYS GB 215 -96.32 -34.34 39.90
C LYS GB 215 -97.70 -34.40 39.24
N LEU GB 216 -97.80 -34.97 38.04
CA LEU GB 216 -99.07 -35.13 37.35
C LEU GB 216 -99.63 -36.55 37.49
N GLY GB 217 -99.06 -37.36 38.38
CA GLY GB 217 -99.51 -38.70 38.63
C GLY GB 217 -98.87 -39.76 37.75
N VAL GB 218 -97.96 -39.39 36.88
CA VAL GB 218 -97.38 -40.34 35.93
C VAL GB 218 -96.13 -40.96 36.55
N ASP GB 219 -96.02 -42.28 36.35
CA ASP GB 219 -94.88 -43.01 36.85
C ASP GB 219 -93.57 -42.39 36.49
N PRO GB 220 -92.53 -42.75 37.22
CA PRO GB 220 -91.23 -42.25 36.87
C PRO GB 220 -90.61 -43.30 36.01
N ARG GB 221 -91.43 -44.02 35.28
CA ARG GB 221 -90.90 -44.98 34.34
C ARG GB 221 -90.99 -44.47 32.91
N LEU GB 222 -92.14 -44.66 32.27
CA LEU GB 222 -92.25 -44.33 30.86
C LEU GB 222 -91.81 -42.89 30.60
N ALA GB 223 -92.06 -41.99 31.55
CA ALA GB 223 -91.52 -40.64 31.45
C ALA GB 223 -90.00 -40.66 31.43
N ALA GB 224 -89.40 -41.62 32.12
CA ALA GB 224 -87.96 -41.79 32.05
C ALA GB 224 -87.51 -42.15 30.65
N GLU GB 225 -88.23 -43.05 29.98
CA GLU GB 225 -87.85 -43.40 28.62
C GLU GB 225 -88.09 -42.25 27.65
N VAL GB 226 -89.12 -41.44 27.90
CA VAL GB 226 -89.34 -40.24 27.08
C VAL GB 226 -88.16 -39.28 27.24
N ALA GB 227 -87.74 -39.05 28.48
CA ALA GB 227 -86.57 -38.21 28.72
C ALA GB 227 -85.32 -38.80 28.11
N ARG GB 228 -85.22 -40.14 28.08
CA ARG GB 228 -84.07 -40.79 27.46
C ARG GB 228 -84.02 -40.54 25.97
N GLU GB 229 -85.17 -40.68 25.29
CA GLU GB 229 -85.23 -40.38 23.87
C GLU GB 229 -84.88 -38.92 23.59
N MET GB 230 -85.40 -38.01 24.42
CA MET GB 230 -85.11 -36.59 24.21
C MET GB 230 -83.64 -36.28 24.48
N VAL GB 231 -83.03 -36.97 25.45
CA VAL GB 231 -81.60 -36.81 25.71
C VAL GB 231 -80.79 -37.29 24.50
N ASP GB 232 -81.21 -38.42 23.91
CA ASP GB 232 -80.54 -38.90 22.72
C ASP GB 232 -80.66 -37.88 21.59
N GLY GB 233 -81.84 -37.29 21.43
CA GLY GB 233 -82.02 -36.25 20.42
C GLY GB 233 -81.14 -35.04 20.66
N VAL GB 234 -81.02 -34.62 21.93
CA VAL GB 234 -80.15 -33.49 22.27
C VAL GB 234 -78.70 -33.83 21.94
N GLY GB 235 -78.27 -35.05 22.26
CA GLY GB 235 -76.92 -35.45 21.92
C GLY GB 235 -76.66 -35.44 20.42
N HIS GB 236 -77.64 -35.91 19.64
CA HIS GB 236 -77.49 -35.89 18.19
C HIS GB 236 -77.42 -34.46 17.65
N GLU GB 237 -78.30 -33.58 18.15
CA GLU GB 237 -78.35 -32.22 17.63
C GLU GB 237 -77.10 -31.45 18.01
N THR GB 238 -76.65 -31.57 19.25
CA THR GB 238 -75.53 -30.78 19.75
C THR GB 238 -74.19 -31.25 19.21
N GLY GB 239 -74.13 -32.42 18.57
CA GLY GB 239 -72.88 -32.93 18.06
C GLY GB 239 -71.98 -33.57 19.10
N GLU GB 240 -72.51 -33.85 20.29
CA GLU GB 240 -71.73 -34.48 21.36
C GLU GB 240 -72.61 -35.56 21.98
N THR GB 241 -72.24 -36.83 21.75
CA THR GB 241 -73.03 -37.95 22.23
C THR GB 241 -72.46 -38.64 23.46
N GLU GB 242 -71.20 -38.37 23.81
CA GLU GB 242 -70.62 -38.98 25.00
C GLU GB 242 -71.32 -38.51 26.27
N ALA GB 243 -71.60 -37.21 26.36
CA ALA GB 243 -72.37 -36.70 27.48
C ALA GB 243 -73.78 -37.26 27.48
N ALA GB 244 -74.39 -37.36 26.29
CA ALA GB 244 -75.70 -38.00 26.17
C ALA GB 244 -75.62 -39.46 26.59
N PHE GB 245 -74.52 -40.14 26.24
CA PHE GB 245 -74.34 -41.52 26.67
C PHE GB 245 -74.27 -41.62 28.19
N ARG GB 246 -73.53 -40.71 28.83
CA ARG GB 246 -73.40 -40.75 30.28
C ARG GB 246 -74.74 -40.48 30.95
N VAL GB 247 -75.49 -39.49 30.47
CA VAL GB 247 -76.80 -39.20 31.06
C VAL GB 247 -77.75 -40.37 30.82
N ARG GB 248 -77.62 -41.04 29.67
CA ARG GB 248 -78.41 -42.24 29.41
C ARG GB 248 -78.10 -43.33 30.42
N ARG GB 249 -76.82 -43.51 30.75
CA ARG GB 249 -76.44 -44.51 31.74
C ARG GB 249 -77.00 -44.16 33.12
N GLU GB 250 -76.92 -42.89 33.51
CA GLU GB 250 -77.46 -42.51 34.82
C GLU GB 250 -78.98 -42.69 34.87
N LEU GB 251 -79.67 -42.38 33.77
CA LEU GB 251 -81.11 -42.59 33.75
C LEU GB 251 -81.46 -44.07 33.79
N ASP GB 252 -80.65 -44.91 33.12
CA ASP GB 252 -80.84 -46.35 33.20
C ASP GB 252 -80.62 -46.87 34.61
N THR GB 253 -79.66 -46.28 35.34
CA THR GB 253 -79.52 -46.63 36.75
C THR GB 253 -80.71 -46.14 37.56
N VAL GB 254 -81.26 -44.97 37.21
CA VAL GB 254 -82.38 -44.40 37.95
C VAL GB 254 -83.61 -45.28 37.83
N ILE GB 255 -83.91 -45.77 36.63
CA ILE GB 255 -85.13 -46.56 36.44
C ILE GB 255 -85.06 -47.86 37.25
N LEU GB 256 -83.87 -48.31 37.60
CA LEU GB 256 -83.71 -49.51 38.43
C LEU GB 256 -84.25 -49.27 39.83
N THR HB 25 -54.63 -65.60 -0.81
CA THR HB 25 -54.96 -66.88 -1.41
C THR HB 25 -54.17 -68.01 -0.74
N GLU HB 26 -53.53 -67.68 0.38
CA GLU HB 26 -52.73 -68.68 1.09
C GLU HB 26 -53.60 -69.82 1.60
N LYS HB 27 -54.79 -69.51 2.10
CA LYS HB 27 -55.70 -70.56 2.55
C LYS HB 27 -56.05 -71.51 1.41
N LEU HB 28 -56.33 -70.95 0.22
CA LEU HB 28 -56.68 -71.79 -0.93
C LEU HB 28 -55.51 -72.66 -1.35
N LYS HB 29 -54.29 -72.11 -1.34
CA LYS HB 29 -53.11 -72.90 -1.69
C LYS HB 29 -52.91 -74.04 -0.69
N LYS HB 30 -53.07 -73.75 0.60
CA LYS HB 30 -52.94 -74.80 1.60
C LYS HB 30 -54.02 -75.86 1.46
N ILE HB 31 -55.25 -75.44 1.13
CA ILE HB 31 -56.33 -76.41 0.93
C ILE HB 31 -56.00 -77.33 -0.24
N THR HB 32 -55.51 -76.75 -1.35
CA THR HB 32 -55.12 -77.55 -2.50
C THR HB 32 -54.00 -78.52 -2.14
N LYS HB 33 -52.99 -78.03 -1.41
CA LYS HB 33 -51.87 -78.89 -1.02
C LYS HB 33 -52.35 -80.06 -0.16
N LEU HB 34 -53.19 -79.77 0.84
CA LEU HB 34 -53.65 -80.82 1.73
C LEU HB 34 -54.55 -81.81 1.02
N LEU HB 35 -55.35 -81.34 0.05
CA LEU HB 35 -56.16 -82.25 -0.73
C LEU HB 35 -55.30 -83.15 -1.60
N HIS HB 36 -54.19 -82.66 -2.11
CA HIS HB 36 -53.34 -83.53 -2.86
C HIS HB 36 -52.89 -84.55 -1.87
N GLU HB 37 -52.23 -84.11 -0.82
CA GLU HB 37 -51.66 -85.08 0.09
C GLU HB 37 -52.67 -86.17 0.44
N LEU HB 38 -53.91 -85.77 0.72
CA LEU HB 38 -54.94 -86.76 1.08
C LEU HB 38 -55.20 -87.71 -0.08
N VAL HB 39 -55.28 -87.20 -1.31
CA VAL HB 39 -55.58 -88.07 -2.44
C VAL HB 39 -54.37 -88.95 -2.77
N ASP HB 40 -53.16 -88.51 -2.43
CA ASP HB 40 -51.98 -89.32 -2.67
C ASP HB 40 -52.05 -90.63 -1.90
N ARG HB 41 -52.38 -90.56 -0.60
CA ARG HB 41 -52.49 -91.74 0.24
C ARG HB 41 -53.97 -92.11 0.41
N GLY HB 42 -54.53 -92.69 -0.65
CA GLY HB 42 -55.91 -93.15 -0.61
C GLY HB 42 -56.87 -92.02 -0.31
N GLU HB 43 -57.79 -92.27 0.62
CA GLU HB 43 -58.72 -91.27 1.17
C GLU HB 43 -59.57 -90.72 0.02
N ILE HB 44 -59.57 -89.42 -0.21
CA ILE HB 44 -60.45 -88.79 -1.19
C ILE HB 44 -60.05 -89.20 -2.61
N PRO HB 45 -60.99 -89.18 -3.57
CA PRO HB 45 -60.62 -89.49 -4.96
C PRO HB 45 -59.91 -88.33 -5.66
N GLU HB 46 -59.49 -88.56 -6.91
CA GLU HB 46 -58.65 -87.60 -7.61
C GLU HB 46 -59.43 -86.39 -8.12
N GLU HB 47 -60.73 -86.56 -8.39
CA GLU HB 47 -61.52 -85.48 -9.00
C GLU HB 47 -61.50 -84.24 -8.12
N LEU HB 48 -61.58 -84.41 -6.80
CA LEU HB 48 -61.59 -83.26 -5.91
C LEU HB 48 -60.27 -82.51 -5.98
N ALA HB 49 -59.15 -83.23 -6.03
CA ALA HB 49 -57.85 -82.58 -6.13
C ALA HB 49 -57.69 -81.86 -7.46
N THR HB 50 -58.16 -82.48 -8.55
CA THR HB 50 -58.09 -81.81 -9.85
C THR HB 50 -58.93 -80.54 -9.88
N LEU HB 51 -60.14 -80.59 -9.31
CA LEU HB 51 -60.95 -79.39 -9.20
C LEU HB 51 -60.27 -78.33 -8.36
N ALA HB 52 -59.63 -78.75 -7.26
CA ALA HB 52 -58.91 -77.80 -6.43
C ALA HB 52 -57.80 -77.11 -7.22
N THR HB 53 -57.07 -77.86 -8.03
CA THR HB 53 -56.01 -77.27 -8.84
C THR HB 53 -56.57 -76.27 -9.86
N LEU HB 54 -57.61 -76.68 -10.59
CA LEU HB 54 -58.18 -75.80 -11.61
C LEU HB 54 -58.73 -74.52 -11.00
N LEU HB 55 -59.47 -74.64 -9.89
CA LEU HB 55 -60.02 -73.46 -9.23
C LEU HB 55 -58.93 -72.60 -8.61
N LEU HB 56 -57.85 -73.21 -8.12
CA LEU HB 56 -56.75 -72.44 -7.59
C LEU HB 56 -56.04 -71.65 -8.67
N TYR HB 57 -56.03 -72.17 -9.91
CA TYR HB 57 -55.53 -71.38 -11.02
C TYR HB 57 -56.49 -70.25 -11.37
N LEU HB 58 -57.78 -70.58 -11.47
CA LEU HB 58 -58.78 -69.59 -11.89
C LEU HB 58 -58.83 -68.41 -10.91
N VAL HB 59 -58.98 -68.70 -9.62
CA VAL HB 59 -58.69 -67.72 -8.59
C VAL HB 59 -57.21 -67.41 -8.70
N GLU HB 60 -56.84 -66.16 -8.47
CA GLU HB 60 -55.45 -65.69 -8.58
C GLU HB 60 -55.07 -65.60 -10.06
N LYS HB 61 -55.90 -66.13 -10.95
CA LYS HB 61 -55.94 -65.60 -12.31
C LYS HB 61 -56.91 -64.45 -12.41
N GLY HB 62 -57.82 -64.33 -11.43
CA GLY HB 62 -58.75 -63.23 -11.40
C GLY HB 62 -59.99 -63.47 -12.23
N LEU HB 63 -60.51 -64.70 -12.20
CA LEU HB 63 -61.66 -65.05 -13.00
C LEU HB 63 -62.83 -65.59 -12.19
N ILE HB 64 -62.62 -65.97 -10.92
CA ILE HB 64 -63.72 -66.34 -10.04
C ILE HB 64 -63.38 -65.85 -8.63
N SER HB 65 -64.31 -66.02 -7.71
CA SER HB 65 -64.12 -65.61 -6.32
C SER HB 65 -63.97 -66.83 -5.42
N GLU HB 66 -63.47 -66.59 -4.21
CA GLU HB 66 -63.29 -67.67 -3.25
C GLU HB 66 -64.60 -68.37 -2.93
N PHE HB 67 -65.71 -67.64 -2.99
CA PHE HB 67 -67.01 -68.25 -2.73
C PHE HB 67 -67.30 -69.35 -3.74
N ASP HB 68 -67.01 -69.11 -5.03
CA ASP HB 68 -67.23 -70.15 -6.03
C ASP HB 68 -66.31 -71.34 -5.80
N PHE HB 69 -65.06 -71.08 -5.43
CA PHE HB 69 -64.12 -72.15 -5.10
C PHE HB 69 -64.69 -73.05 -4.01
N ILE HB 70 -65.08 -72.45 -2.87
CA ILE HB 70 -65.56 -73.25 -1.76
C ILE HB 70 -66.88 -73.93 -2.10
N GLU HB 71 -67.75 -73.25 -2.85
CA GLU HB 71 -69.03 -73.84 -3.20
C GLU HB 71 -68.85 -75.06 -4.09
N HIS HB 72 -67.96 -74.97 -5.09
CA HIS HB 72 -67.69 -76.12 -5.95
C HIS HB 72 -67.07 -77.27 -5.15
N LEU HB 73 -66.13 -76.94 -4.25
CA LEU HB 73 -65.51 -77.98 -3.44
C LEU HB 73 -66.54 -78.70 -2.60
N VAL HB 74 -67.44 -77.94 -1.96
CA VAL HB 74 -68.46 -78.54 -1.10
C VAL HB 74 -69.44 -79.35 -1.92
N ARG HB 75 -69.80 -78.86 -3.12
CA ARG HB 75 -70.72 -79.62 -3.96
C ARG HB 75 -70.12 -80.96 -4.37
N LEU HB 76 -68.85 -80.96 -4.78
CA LEU HB 76 -68.21 -82.23 -5.12
C LEU HB 76 -68.08 -83.14 -3.91
N ALA HB 77 -67.75 -82.58 -2.75
CA ALA HB 77 -67.63 -83.40 -1.55
C ALA HB 77 -68.97 -84.06 -1.19
N GLU HB 78 -70.07 -83.30 -1.31
CA GLU HB 78 -71.39 -83.86 -1.08
C GLU HB 78 -71.72 -84.93 -2.11
N LYS HB 79 -71.34 -84.70 -3.37
CA LYS HB 79 -71.61 -85.69 -4.42
C LYS HB 79 -70.87 -87.00 -4.15
N LEU HB 80 -69.62 -86.91 -3.70
CA LEU HB 80 -68.81 -88.09 -3.45
C LEU HB 80 -68.90 -88.60 -2.02
N GLY HB 81 -69.62 -87.89 -1.15
CA GLY HB 81 -69.76 -88.31 0.24
C GLY HB 81 -68.45 -88.35 0.99
N VAL HB 82 -67.64 -87.30 0.84
CA VAL HB 82 -66.33 -87.22 1.46
C VAL HB 82 -66.23 -85.91 2.23
N LEU HB 83 -67.39 -85.37 2.62
CA LEU HB 83 -67.45 -84.04 3.21
C LEU HB 83 -66.66 -83.97 4.53
N GLU HB 84 -66.55 -85.09 5.26
CA GLU HB 84 -65.82 -85.07 6.52
C GLU HB 84 -64.35 -84.76 6.31
N GLU HB 85 -63.74 -85.33 5.27
CA GLU HB 85 -62.34 -85.04 4.98
C GLU HB 85 -62.14 -83.58 4.59
N LEU HB 86 -63.08 -83.01 3.82
CA LEU HB 86 -63.00 -81.59 3.50
C LEU HB 86 -63.13 -80.74 4.77
N LYS HB 87 -64.00 -81.15 5.69
CA LYS HB 87 -64.12 -80.44 6.96
C LYS HB 87 -62.80 -80.48 7.73
N LYS HB 88 -62.17 -81.66 7.77
CA LYS HB 88 -60.88 -81.77 8.46
C LYS HB 88 -59.83 -80.89 7.80
N VAL HB 89 -59.80 -80.85 6.48
CA VAL HB 89 -58.85 -79.99 5.78
C VAL HB 89 -59.09 -78.53 6.12
N LEU HB 90 -60.35 -78.11 6.15
CA LEU HB 90 -60.66 -76.72 6.44
C LEU HB 90 -60.34 -76.36 7.89
N GLU HB 91 -60.46 -77.31 8.81
CA GLU HB 91 -60.00 -77.06 10.17
C GLU HB 91 -58.48 -76.96 10.23
N GLU HB 92 -57.78 -77.85 9.52
CA GLU HB 92 -56.31 -77.82 9.54
C GLU HB 92 -55.76 -76.51 9.00
N VAL HB 93 -56.31 -76.03 7.88
CA VAL HB 93 -55.82 -74.77 7.32
C VAL HB 93 -56.18 -73.61 8.25
N GLY HB 94 -57.27 -73.73 9.00
CA GLY HB 94 -57.68 -72.69 9.91
C GLY HB 94 -58.52 -71.62 9.26
N ASP HB 95 -59.59 -72.03 8.58
CA ASP HB 95 -60.48 -71.13 7.88
C ASP HB 95 -61.86 -71.18 8.53
N GLU HB 96 -62.40 -70.01 8.87
CA GLU HB 96 -63.74 -69.94 9.46
C GLU HB 96 -64.82 -69.70 8.43
N PHE HB 97 -64.53 -68.89 7.40
CA PHE HB 97 -65.51 -68.61 6.36
C PHE HB 97 -65.89 -69.88 5.61
N GLY HB 98 -64.89 -70.63 5.16
CA GLY HB 98 -65.18 -71.86 4.44
C GLY HB 98 -65.88 -72.88 5.30
N LEU HB 99 -65.48 -73.01 6.57
CA LEU HB 99 -66.12 -73.96 7.47
C LEU HB 99 -67.59 -73.59 7.69
N THR HB 100 -67.86 -72.29 7.89
CA THR HB 100 -69.24 -71.85 8.05
C THR HB 100 -70.05 -72.12 6.78
N LEU HB 101 -69.43 -71.93 5.61
CA LEU HB 101 -70.13 -72.24 4.36
C LEU HB 101 -70.44 -73.72 4.26
N VAL HB 102 -69.51 -74.58 4.70
CA VAL HB 102 -69.74 -76.02 4.68
C VAL HB 102 -70.92 -76.38 5.59
N TYR HB 103 -70.94 -75.80 6.80
CA TYR HB 103 -72.07 -76.06 7.70
C TYR HB 103 -73.36 -75.56 7.09
N ALA HB 104 -73.35 -74.39 6.46
CA ALA HB 104 -74.57 -73.86 5.86
C ALA HB 104 -75.09 -74.77 4.75
N ILE HB 105 -74.20 -75.28 3.89
CA ILE HB 105 -74.63 -76.14 2.80
C ILE HB 105 -75.18 -77.45 3.35
N SER HB 106 -74.48 -78.05 4.33
CA SER HB 106 -74.96 -79.31 4.90
C SER HB 106 -76.31 -79.12 5.59
N LEU HB 107 -76.47 -78.01 6.32
CA LEU HB 107 -77.72 -77.74 7.01
C LEU HB 107 -78.84 -77.49 6.00
N LEU HB 108 -78.56 -76.80 4.90
CA LEU HB 108 -79.55 -76.61 3.86
C LEU HB 108 -79.98 -77.94 3.25
N LYS HB 109 -79.02 -78.83 3.00
CA LYS HB 109 -79.38 -80.14 2.46
C LYS HB 109 -80.24 -80.93 3.42
N GLU HB 110 -79.88 -80.90 4.72
CA GLU HB 110 -80.67 -81.63 5.71
C GLU HB 110 -82.07 -81.05 5.83
N VAL HB 111 -82.19 -79.72 5.79
CA VAL HB 111 -83.51 -79.09 5.87
C VAL HB 111 -84.34 -79.40 4.63
N GLU HB 112 -83.70 -79.42 3.45
CA GLU HB 112 -84.39 -79.83 2.24
C GLU HB 112 -84.90 -81.26 2.36
N LYS HB 113 -84.12 -82.14 2.99
CA LYS HB 113 -84.63 -83.46 3.31
C LYS HB 113 -85.83 -83.38 4.23
N GLU HB 114 -85.76 -82.50 5.24
CA GLU HB 114 -86.90 -82.31 6.15
C GLU HB 114 -88.06 -81.62 5.45
N GLY HB 115 -87.80 -80.51 4.77
CA GLY HB 115 -88.83 -79.80 4.03
C GLY HB 115 -89.58 -78.74 4.80
N ASP HB 116 -88.90 -77.98 5.67
CA ASP HB 116 -89.57 -76.95 6.46
C ASP HB 116 -89.19 -75.57 5.91
N GLU HB 117 -90.20 -74.72 5.67
CA GLU HB 117 -90.00 -73.50 4.90
C GLU HB 117 -89.24 -72.42 5.68
N GLU HB 118 -89.57 -72.24 6.97
CA GLU HB 118 -88.97 -71.13 7.70
C GLU HB 118 -87.46 -71.32 7.83
N LEU HB 119 -87.00 -72.54 8.12
CA LEU HB 119 -85.57 -72.80 8.10
C LEU HB 119 -84.98 -72.69 6.69
N LYS HB 120 -85.78 -72.96 5.65
CA LYS HB 120 -85.31 -72.67 4.30
C LYS HB 120 -84.96 -71.21 4.14
N GLU HB 121 -85.87 -70.32 4.53
CA GLU HB 121 -85.60 -68.89 4.43
C GLU HB 121 -84.42 -68.50 5.31
N TYR HB 122 -84.33 -69.08 6.50
CA TYR HB 122 -83.25 -68.75 7.42
C TYR HB 122 -81.90 -69.10 6.81
N VAL HB 123 -81.77 -70.31 6.26
CA VAL HB 123 -80.49 -70.74 5.72
C VAL HB 123 -80.17 -70.01 4.42
N LYS HB 124 -81.19 -69.66 3.63
CA LYS HB 124 -80.92 -68.87 2.42
C LYS HB 124 -80.38 -67.49 2.78
N LEU HB 125 -80.98 -66.85 3.79
CA LEU HB 125 -80.44 -65.57 4.26
C LEU HB 125 -79.03 -65.74 4.80
N ALA HB 126 -78.78 -66.82 5.54
CA ALA HB 126 -77.43 -67.08 6.05
C ALA HB 126 -76.43 -67.24 4.92
N ILE HB 127 -76.80 -67.96 3.86
CA ILE HB 127 -75.90 -68.18 2.74
C ILE HB 127 -75.64 -66.87 1.99
N GLU HB 128 -76.67 -66.05 1.80
CA GLU HB 128 -76.47 -64.77 1.13
C GLU HB 128 -75.55 -63.87 1.95
N THR HB 129 -75.73 -63.84 3.27
CA THR HB 129 -74.84 -63.06 4.12
C THR HB 129 -73.42 -63.60 4.08
N LEU HB 130 -73.28 -64.94 4.02
CA LEU HB 130 -71.96 -65.54 3.92
C LEU HB 130 -71.28 -65.14 2.62
N LYS HB 131 -72.03 -65.10 1.52
CA LYS HB 131 -71.46 -64.64 0.25
C LYS HB 131 -71.02 -63.19 0.32
N GLU HB 132 -71.86 -62.34 0.93
CA GLU HB 132 -71.51 -60.93 1.05
C GLU HB 132 -70.26 -60.75 1.91
N ALA HB 133 -70.13 -61.55 2.97
CA ALA HB 133 -68.91 -61.51 3.78
C ALA HB 133 -67.71 -61.99 2.98
N PHE HB 134 -67.84 -63.11 2.29
CA PHE HB 134 -66.77 -63.65 1.46
C PHE HB 134 -66.28 -62.63 0.44
N GLU HB 135 -67.17 -61.77 -0.03
CA GLU HB 135 -66.77 -60.74 -1.00
C GLU HB 135 -65.59 -59.92 -0.50
N ARG HB 136 -65.57 -59.59 0.80
CA ARG HB 136 -64.50 -58.78 1.34
C ARG HB 136 -64.03 -59.22 2.72
N LYS HB 137 -64.39 -60.42 3.17
CA LYS HB 137 -64.03 -60.91 4.50
C LYS HB 137 -64.51 -59.96 5.59
N ASN HB 138 -65.82 -59.72 5.60
CA ASN HB 138 -66.43 -58.83 6.58
C ASN HB 138 -66.90 -59.68 7.75
N TYR HB 139 -66.33 -59.44 8.92
CA TYR HB 139 -66.47 -60.38 10.04
C TYR HB 139 -67.88 -60.32 10.64
N ALA HB 140 -68.55 -59.18 10.53
CA ALA HB 140 -69.85 -59.00 11.19
C ALA HB 140 -70.93 -59.86 10.55
N LEU HB 141 -71.02 -59.85 9.22
CA LEU HB 141 -71.96 -60.75 8.55
C LEU HB 141 -71.59 -62.21 8.79
N LEU HB 142 -70.30 -62.50 8.97
CA LEU HB 142 -69.89 -63.84 9.35
C LEU HB 142 -70.47 -64.22 10.71
N VAL HB 143 -70.44 -63.29 11.67
CA VAL HB 143 -71.04 -63.54 12.97
C VAL HB 143 -72.53 -63.79 12.84
N SER HB 144 -73.21 -62.96 12.04
CA SER HB 144 -74.65 -63.12 11.86
C SER HB 144 -74.98 -64.49 11.26
N ALA HB 145 -74.25 -64.88 10.22
CA ALA HB 145 -74.49 -66.17 9.58
C ALA HB 145 -74.17 -67.32 10.53
N LYS HB 146 -73.11 -67.18 11.32
CA LYS HB 146 -72.78 -68.20 12.30
C LYS HB 146 -73.90 -68.37 13.31
N ILE HB 147 -74.44 -67.26 13.80
CA ILE HB 147 -75.56 -67.32 14.73
C ILE HB 147 -76.73 -68.06 14.10
N ILE HB 148 -77.09 -67.68 12.87
CA ILE HB 148 -78.24 -68.28 12.22
C ILE HB 148 -78.04 -69.78 12.05
N VAL HB 149 -76.85 -70.19 11.60
CA VAL HB 149 -76.64 -71.61 11.31
C VAL HB 149 -76.58 -72.42 12.60
N GLU HB 150 -75.97 -71.89 13.67
CA GLU HB 150 -75.91 -72.67 14.90
C GLU HB 150 -77.28 -72.80 15.54
N ASN HB 151 -78.08 -71.73 15.51
CA ASN HB 151 -79.44 -71.84 16.04
C ASN HB 151 -80.28 -72.80 15.20
N ALA HB 152 -80.11 -72.79 13.88
CA ALA HB 152 -80.83 -73.75 13.05
C ALA HB 152 -80.40 -75.18 13.37
N GLU HB 153 -79.10 -75.41 13.54
CA GLU HB 153 -78.62 -76.74 13.88
C GLU HB 153 -79.20 -77.20 15.21
N GLU HB 154 -79.23 -76.31 16.20
CA GLU HB 154 -79.86 -76.65 17.48
C GLU HB 154 -81.34 -76.95 17.30
N ILE HB 155 -82.00 -76.23 16.38
CA ILE HB 155 -83.41 -76.51 16.09
C ILE HB 155 -83.58 -77.94 15.56
N LEU HB 156 -82.72 -78.34 14.62
CA LEU HB 156 -82.80 -79.70 14.10
C LEU HB 156 -82.51 -80.75 15.18
N LYS HB 157 -81.54 -80.48 16.05
CA LYS HB 157 -81.28 -81.42 17.14
C LYS HB 157 -82.50 -81.54 18.06
N ALA HB 158 -83.09 -80.40 18.44
CA ALA HB 158 -84.27 -80.43 19.29
C ALA HB 158 -85.48 -81.04 18.60
N LYS HB 159 -85.50 -81.03 17.27
CA LYS HB 159 -86.60 -81.66 16.54
C LYS HB 159 -86.69 -83.15 16.86
N LYS HB 160 -85.55 -83.85 16.81
CA LYS HB 160 -85.54 -85.25 17.21
C LYS HB 160 -85.56 -85.41 18.73
N LYS HB 161 -84.99 -84.45 19.47
CA LYS HB 161 -85.09 -84.50 20.93
C LYS HB 161 -86.52 -84.29 21.39
N GLY HB 162 -87.17 -83.24 20.90
CA GLY HB 162 -88.57 -83.01 21.21
C GLY HB 162 -88.81 -82.09 22.39
N ASP HB 163 -88.05 -81.01 22.49
CA ASP HB 163 -88.20 -80.02 23.57
C ASP HB 163 -88.73 -78.76 22.89
N GLU HB 164 -90.04 -78.53 23.00
CA GLU HB 164 -90.69 -77.45 22.26
C GLU HB 164 -90.25 -76.08 22.77
N GLU HB 165 -90.04 -75.95 24.08
CA GLU HB 165 -89.62 -74.67 24.63
C GLU HB 165 -88.31 -74.21 23.99
N LYS HB 166 -87.36 -75.13 23.84
CA LYS HB 166 -86.08 -74.79 23.24
C LYS HB 166 -86.23 -74.38 21.78
N ILE HB 167 -87.11 -75.07 21.03
CA ILE HB 167 -87.28 -74.72 19.62
C ILE HB 167 -87.92 -73.35 19.49
N LYS HB 168 -88.88 -73.03 20.37
CA LYS HB 168 -89.46 -71.68 20.35
C LYS HB 168 -88.40 -70.63 20.67
N GLU HB 169 -87.55 -70.91 21.65
CA GLU HB 169 -86.48 -69.97 21.99
C GLU HB 169 -85.54 -69.78 20.81
N LEU HB 170 -85.20 -70.86 20.11
CA LEU HB 170 -84.31 -70.74 18.96
C LEU HB 170 -84.96 -69.97 17.82
N LEU HB 171 -86.26 -70.16 17.60
CA LEU HB 171 -86.97 -69.35 16.62
C LEU HB 171 -86.94 -67.87 17.00
N GLN HB 172 -87.08 -67.57 18.29
CA GLN HB 172 -86.95 -66.19 18.74
C GLN HB 172 -85.57 -65.63 18.42
N ARG HB 173 -84.52 -66.42 18.70
CA ARG HB 173 -83.17 -65.98 18.40
C ARG HB 173 -82.99 -65.75 16.89
N LEU HB 174 -83.55 -66.63 16.06
CA LEU HB 174 -83.41 -66.49 14.63
C LEU HB 174 -84.17 -65.27 14.11
N LYS HB 175 -85.34 -64.98 14.68
CA LYS HB 175 -86.05 -63.76 14.31
C LYS HB 175 -85.24 -62.53 14.67
N ALA HB 176 -84.62 -62.53 15.85
CA ALA HB 176 -83.75 -61.42 16.24
C ALA HB 176 -82.59 -61.27 15.26
N ALA HB 177 -82.00 -62.39 14.85
CA ALA HB 177 -80.89 -62.34 13.89
C ALA HB 177 -81.34 -61.80 12.54
N LYS HB 178 -82.52 -62.22 12.07
CA LYS HB 178 -83.03 -61.71 10.80
C LYS HB 178 -83.26 -60.21 10.87
N ILE HB 179 -83.82 -59.73 11.98
CA ILE HB 179 -84.04 -58.30 12.15
C ILE HB 179 -82.70 -57.57 12.17
N GLY HB 180 -81.71 -58.13 12.84
CA GLY HB 180 -80.47 -57.40 13.06
C GLY HB 180 -79.53 -57.39 11.86
N THR HB 181 -79.62 -58.40 11.00
CA THR HB 181 -78.63 -58.54 9.93
C THR HB 181 -78.56 -57.32 9.01
N PRO HB 182 -79.67 -56.79 8.45
CA PRO HB 182 -79.54 -55.55 7.68
C PRO HB 182 -78.99 -54.41 8.52
N LEU HB 183 -79.36 -54.37 9.81
CA LEU HB 183 -78.88 -53.30 10.67
C LEU HB 183 -77.37 -53.34 10.85
N VAL HB 184 -76.81 -54.53 11.08
CA VAL HB 184 -75.36 -54.63 11.27
C VAL HB 184 -74.63 -54.36 9.96
N ARG HB 185 -75.17 -54.85 8.85
CA ARG HB 185 -74.58 -54.52 7.55
C ARG HB 185 -74.53 -53.01 7.36
N GLU HB 186 -75.64 -52.32 7.63
CA GLU HB 186 -75.70 -50.88 7.45
C GLU HB 186 -74.74 -50.16 8.41
N VAL HB 187 -74.66 -50.62 9.66
CA VAL HB 187 -73.77 -49.98 10.62
C VAL HB 187 -72.33 -50.07 10.16
N VAL HB 188 -71.90 -51.25 9.72
CA VAL HB 188 -70.53 -51.40 9.22
C VAL HB 188 -70.31 -50.52 8.00
N GLU HB 189 -71.27 -50.51 7.07
CA GLU HB 189 -71.11 -49.72 5.85
C GLU HB 189 -70.96 -48.24 6.18
N ARG HB 190 -71.81 -47.73 7.07
CA ARG HB 190 -71.74 -46.31 7.43
C ARG HB 190 -70.44 -45.99 8.15
N TYR HB 191 -70.01 -46.85 9.07
CA TYR HB 191 -68.75 -46.58 9.77
C TYR HB 191 -67.55 -46.63 8.84
N ARG HB 192 -67.64 -47.40 7.76
CA ARG HB 192 -66.51 -47.53 6.83
C ARG HB 192 -66.01 -46.19 6.31
N GLU HB 193 -66.91 -45.32 5.84
CA GLU HB 193 -66.50 -44.07 5.23
C GLU HB 193 -67.21 -42.84 5.77
N GLU HB 194 -68.46 -42.98 6.25
CA GLU HB 194 -69.22 -41.79 6.64
C GLU HB 194 -68.59 -41.09 7.83
N GLY HB 195 -68.14 -41.84 8.83
CA GLY HB 195 -67.33 -41.29 9.90
C GLY HB 195 -68.02 -40.97 11.21
N GLU HB 196 -69.17 -41.55 11.44
CA GLU HB 196 -69.88 -41.36 12.69
C GLU HB 196 -69.12 -41.97 13.88
N PRO HB 197 -69.68 -41.86 15.09
CA PRO HB 197 -69.04 -42.46 16.26
C PRO HB 197 -69.57 -43.85 16.50
N LEU HB 198 -68.76 -44.84 16.19
CA LEU HB 198 -69.23 -46.21 16.29
C LEU HB 198 -70.14 -46.47 17.46
N LEU HB 199 -69.76 -46.01 18.62
CA LEU HB 199 -70.58 -46.39 19.77
C LEU HB 199 -72.03 -45.93 19.61
N ASP HB 200 -72.23 -44.73 19.05
CA ASP HB 200 -73.58 -44.22 18.86
C ASP HB 200 -74.38 -45.11 17.92
N LEU HB 201 -73.79 -45.45 16.76
CA LEU HB 201 -74.47 -46.33 15.83
C LEU HB 201 -74.69 -47.72 16.42
N LEU HB 202 -73.72 -48.23 17.19
CA LEU HB 202 -73.90 -49.53 17.83
C LEU HB 202 -75.10 -49.50 18.78
N LEU HB 203 -75.20 -48.45 19.59
CA LEU HB 203 -76.31 -48.34 20.53
C LEU HB 203 -77.63 -48.22 19.80
N HIS HB 204 -77.68 -47.39 18.75
CA HIS HB 204 -78.92 -47.25 17.99
C HIS HB 204 -79.33 -48.55 17.33
N MET HB 205 -78.36 -49.29 16.75
CA MET HB 205 -78.67 -50.57 16.14
C MET HB 205 -79.19 -51.56 17.17
N ALA HB 206 -78.55 -51.62 18.35
CA ALA HB 206 -79.00 -52.54 19.38
C ALA HB 206 -80.41 -52.19 19.84
N GLU HB 207 -80.69 -50.91 20.06
CA GLU HB 207 -82.02 -50.51 20.51
C GLU HB 207 -83.07 -50.79 19.45
N THR HB 208 -82.74 -50.53 18.18
CA THR HB 208 -83.67 -50.83 17.10
C THR HB 208 -83.95 -52.33 17.02
N THR HB 209 -82.90 -53.15 17.18
CA THR HB 209 -83.08 -54.60 17.17
C THR HB 209 -84.00 -55.04 18.30
N ILE HB 210 -83.78 -54.50 19.50
CA ILE HB 210 -84.62 -54.88 20.65
C ILE HB 210 -86.06 -54.47 20.41
N ARG HB 211 -86.28 -53.24 19.94
CA ARG HB 211 -87.64 -52.75 19.72
C ARG HB 211 -88.36 -53.57 18.66
N GLU HB 212 -87.69 -53.82 17.53
CA GLU HB 212 -88.33 -54.59 16.47
C GLU HB 212 -88.56 -56.03 16.88
N SER HB 213 -87.64 -56.60 17.68
CA SER HB 213 -87.81 -57.97 18.14
C SER HB 213 -88.98 -58.09 19.10
N GLU HB 214 -89.13 -57.13 20.02
CA GLU HB 214 -90.27 -57.17 20.93
C GLU HB 214 -91.56 -56.80 20.22
N LYS HB 215 -91.48 -56.13 19.07
CA LYS HB 215 -92.66 -55.91 18.25
C LYS HB 215 -93.17 -57.21 17.62
N LEU HB 216 -92.34 -58.25 17.60
CA LEU HB 216 -92.74 -59.56 17.08
C LEU HB 216 -93.09 -60.54 18.20
N GLY HB 217 -93.23 -60.05 19.43
CA GLY HB 217 -93.59 -60.87 20.57
C GLY HB 217 -92.43 -61.50 21.30
N VAL HB 218 -91.20 -61.22 20.87
CA VAL HB 218 -90.04 -61.87 21.47
C VAL HB 218 -89.53 -61.02 22.62
N ASP HB 219 -89.18 -61.71 23.71
CA ASP HB 219 -88.64 -61.04 24.88
C ASP HB 219 -87.54 -60.09 24.57
N PRO HB 220 -87.23 -59.23 25.52
CA PRO HB 220 -86.12 -58.33 25.31
C PRO HB 220 -84.97 -58.95 26.02
N ARG HB 221 -84.99 -60.26 26.13
CA ARG HB 221 -83.85 -60.93 26.72
C ARG HB 221 -82.97 -61.59 25.65
N LEU HB 222 -83.34 -62.77 25.21
CA LEU HB 222 -82.46 -63.50 24.30
C LEU HB 222 -82.12 -62.66 23.07
N ALA HB 223 -83.05 -61.81 22.62
CA ALA HB 223 -82.72 -60.87 21.57
C ALA HB 223 -81.63 -59.91 22.03
N ALA HB 224 -81.60 -59.59 23.32
CA ALA HB 224 -80.51 -58.78 23.86
C ALA HB 224 -79.17 -59.49 23.71
N GLU HB 225 -79.13 -60.79 24.00
CA GLU HB 225 -77.87 -61.51 23.84
C GLU HB 225 -77.48 -61.66 22.38
N VAL HB 226 -78.46 -61.77 21.47
CA VAL HB 226 -78.16 -61.79 20.04
C VAL HB 226 -77.53 -60.47 19.63
N ALA HB 227 -78.13 -59.36 20.06
CA ALA HB 227 -77.56 -58.05 19.77
C ALA HB 227 -76.18 -57.89 20.40
N ARG HB 228 -75.96 -58.51 21.56
CA ARG HB 228 -74.65 -58.44 22.20
C ARG HB 228 -73.59 -59.17 21.38
N GLU HB 229 -73.91 -60.37 20.89
CA GLU HB 229 -72.99 -61.09 20.03
C GLU HB 229 -72.70 -60.31 18.75
N MET HB 230 -73.74 -59.70 18.16
CA MET HB 230 -73.52 -58.93 16.94
C MET HB 230 -72.70 -57.67 17.21
N VAL HB 231 -72.88 -57.05 18.38
CA VAL HB 231 -72.06 -55.91 18.76
C VAL HB 231 -70.61 -56.32 18.91
N ASP HB 232 -70.37 -57.49 19.52
CA ASP HB 232 -69.01 -58.01 19.63
C ASP HB 232 -68.41 -58.23 18.24
N GLY HB 233 -69.19 -58.79 17.32
CA GLY HB 233 -68.72 -58.98 15.97
C GLY HB 233 -68.38 -57.67 15.27
N VAL HB 234 -69.22 -56.65 15.47
CA VAL HB 234 -68.95 -55.33 14.89
C VAL HB 234 -67.66 -54.75 15.46
N GLY HB 235 -67.47 -54.89 16.77
CA GLY HB 235 -66.23 -54.42 17.37
C GLY HB 235 -65.01 -55.12 16.82
N HIS HB 236 -65.11 -56.44 16.61
CA HIS HB 236 -63.99 -57.18 16.03
C HIS HB 236 -63.71 -56.75 14.61
N GLU HB 237 -64.76 -56.59 13.80
CA GLU HB 237 -64.56 -56.24 12.39
C GLU HB 237 -64.02 -54.82 12.24
N THR HB 238 -64.56 -53.88 13.00
CA THR HB 238 -64.20 -52.47 12.85
C THR HB 238 -62.83 -52.16 13.41
N GLY HB 239 -62.22 -53.07 14.17
CA GLY HB 239 -60.93 -52.81 14.77
C GLY HB 239 -60.96 -51.95 16.01
N GLU HB 240 -62.13 -51.73 16.59
CA GLU HB 240 -62.27 -50.93 17.80
C GLU HB 240 -63.21 -51.65 18.74
N THR HB 241 -62.67 -52.18 19.85
CA THR HB 241 -63.46 -52.98 20.78
C THR HB 241 -63.84 -52.22 22.05
N GLU HB 242 -63.22 -51.08 22.33
CA GLU HB 242 -63.58 -50.32 23.53
C GLU HB 242 -65.01 -49.79 23.44
N ALA HB 243 -65.40 -49.28 22.27
CA ALA HB 243 -66.78 -48.87 22.07
C ALA HB 243 -67.72 -50.07 22.14
N ALA HB 244 -67.32 -51.19 21.56
CA ALA HB 244 -68.09 -52.42 21.69
C ALA HB 244 -68.18 -52.85 23.14
N PHE HB 245 -67.11 -52.69 23.91
CA PHE HB 245 -67.13 -53.00 25.33
C PHE HB 245 -68.14 -52.13 26.06
N ARG HB 246 -68.14 -50.82 25.76
CA ARG HB 246 -69.07 -49.92 26.43
C ARG HB 246 -70.52 -50.26 26.10
N VAL HB 247 -70.81 -50.53 24.81
CA VAL HB 247 -72.17 -50.89 24.44
C VAL HB 247 -72.56 -52.22 25.07
N ARG HB 248 -71.60 -53.14 25.20
CA ARG HB 248 -71.85 -54.39 25.90
C ARG HB 248 -72.25 -54.14 27.35
N ARG HB 249 -71.54 -53.21 28.01
CA ARG HB 249 -71.88 -52.89 29.40
C ARG HB 249 -73.27 -52.28 29.51
N GLU HB 250 -73.61 -51.36 28.60
CA GLU HB 250 -74.95 -50.76 28.65
C GLU HB 250 -76.03 -51.80 28.39
N LEU HB 251 -75.79 -52.73 27.46
CA LEU HB 251 -76.77 -53.78 27.22
C LEU HB 251 -76.89 -54.71 28.41
N ASP HB 252 -75.78 -55.00 29.09
CA ASP HB 252 -75.82 -55.79 30.31
C ASP HB 252 -76.60 -55.08 31.41
N THR HB 253 -76.50 -53.76 31.49
CA THR HB 253 -77.35 -53.00 32.40
C THR HB 253 -78.80 -53.06 31.97
N VAL HB 254 -79.06 -53.04 30.67
CA VAL HB 254 -80.43 -53.04 30.15
C VAL HB 254 -81.14 -54.35 30.51
N ILE HB 255 -80.45 -55.48 30.36
CA ILE HB 255 -81.11 -56.77 30.60
C ILE HB 255 -81.50 -56.90 32.07
N LEU HB 256 -80.86 -56.15 32.95
CA LEU HB 256 -81.20 -56.16 34.37
C LEU HB 256 -82.59 -55.58 34.59
ZN ZN IB . 77.95 -6.07 -61.78
ZN ZN JB . 78.98 36.85 -21.84
ZN ZN KB . 90.75 -0.26 -41.12
ZN ZN LB . 73.31 29.33 -42.89
ZN ZN MB . 33.32 42.56 -83.69
ZN ZN NB . 52.13 26.39 -80.70
ZN ZN OB . 58.35 44.31 -52.03
ZN ZN PB . 26.80 90.02 -33.25
ZN ZN QB . 30.52 77.55 -54.58
ZN ZN RB . 54.79 61.08 -36.63
ZN ZN SB . 67.36 70.70 19.83
ZN ZN TB . 67.53 56.50 -17.98
ZN ZN UB . 98.97 11.28 2.22
ZN ZN VB . 31.31 19.31 -92.62
ZN ZN WB . -3.24 59.39 -67.34
ZN ZN XB . -0.83 40.43 -80.25
ZN ZN YB . -10.56 2.48 -99.05
ZN ZN ZB . -21.44 30.22 -81.86
ZN ZN AC . -36.59 42.88 -69.96
ZN ZN BC . -25.36 60.91 -61.01
ZN ZN CC . 85.07 -24.11 -45.99
ZN ZN DC . 38.97 -11.80 -80.09
ZN ZN EC . 51.58 -27.16 -68.38
ZN ZN FC . 61.59 -63.21 -46.26
ZN ZN GC . 39.13 -46.45 -66.22
ZN ZN HC . 18.84 -43.02 -76.59
ZN ZN IC . 18.74 -21.63 -85.19
ZN ZN JC . 84.77 -27.33 -11.74
ZN ZN KC . 87.02 -20.01 10.02
ZN ZN LC . 82.19 -18.56 53.18
ZN ZN MC . 78.60 -36.34 23.95
ZN ZN NC . 71.18 -53.76 10.81
ZN ZN OC . 75.00 -48.22 -11.23
ZN ZN PC . 70.88 34.27 43.28
ZN ZN QC . 56.52 52.01 46.62
ZN ZN RC . 7.68 62.24 77.41
ZN ZN SC . 22.79 74.72 61.87
ZN ZN TC . 42.43 46.58 64.05
ZN ZN UC . 48.09 25.51 71.47
ZN ZN VC . 94.73 16.11 26.38
ZN ZN WC . 65.68 17.91 58.66
ZN ZN XC . 93.00 34.47 9.47
ZN ZN YC . 7.77 86.38 -49.06
ZN ZN ZC . 16.49 87.86 8.91
ZN ZN AD . -34.57 87.71 -32.22
ZN ZN BD . 2.23 89.35 -9.15
ZN ZN CD . -19.39 87.72 -1.33
ZN ZN DD . -45.60 73.67 49.20
ZN ZN ED . -18.50 85.24 21.57
ZN ZN FD . 46.97 84.42 24.48
ZN ZN GD . 3.66 85.35 27.91
ZN ZN HD . 55.78 82.55 1.13
ZN ZN ID . -54.87 80.85 -19.37
ZN ZN JD . -51.94 73.36 -43.04
ZN ZN KD . -73.10 51.72 7.19
ZN ZN LD . -73.96 35.75 -56.38
ZN ZN MD . -72.05 51.28 -15.85
ZN ZN ND . -81.02 31.28 -23.01
ZN ZN OD . -97.73 -19.27 1.53
ZN ZN PD . -96.91 -9.12 -21.30
ZN ZN QD . -87.61 19.38 -4.41
ZN ZN RD . -80.60 23.44 53.67
ZN ZN SD . -82.75 32.01 14.25
ZN ZN TD . -52.28 80.70 26.13
ZN ZN UD . -66.02 63.88 38.58
ZN ZN VD . -33.24 -6.55 -93.69
ZN ZN WD . -13.89 -22.11 -96.16
ZN ZN XD . -61.88 -17.28 -62.80
ZN ZN YD . -16.40 -62.74 -75.63
ZN ZN ZD . -44.97 -30.23 -71.67
ZN ZN AE . -44.31 -50.09 -59.99
ZN ZN BE . -52.76 -79.39 -29.04
ZN ZN CE . -60.82 -49.43 -43.92
ZN ZN DE . -92.05 -33.46 -18.27
ZN ZN EE . -79.98 11.56 -58.25
ZN ZN FE . -71.69 -29.19 -45.66
ZN ZN GE . -63.27 21.54 -73.90
ZN ZN HE . 42.70 -79.18 -42.81
ZN ZN IE . 59.65 -75.86 -24.79
ZN ZN JE . 1.88 -85.00 -29.04
ZN ZN KE . 47.52 -85.70 18.02
ZN ZN LE . 21.32 -85.68 -16.65
ZN ZN ME . 15.56 -88.32 5.52
ZN ZN NE . -9.17 -90.26 41.17
ZN ZN OE . -7.43 -89.28 6.82
ZN ZN PE . -16.97 -79.71 -57.29
ZN ZN QE . -15.89 -87.25 -14.52
ZN ZN RE . 4.84 -73.10 -67.53
ZN ZN SE . 67.98 -36.66 62.92
ZN ZN TE . 67.06 -13.59 72.45
ZN ZN UE . 30.05 -57.83 61.84
ZN ZN VE . 29.47 -1.39 95.16
ZN ZN WE . 35.20 -38.43 73.19
ZN ZN XE . 15.88 -30.55 82.99
ZN ZN YE . -1.21 -45.08 77.71
ZN ZN ZE . 35.93 -83.80 40.11
ZN ZN AF . 7.54 -61.95 64.65
ZN ZN BF . 57.91 -72.41 36.46
ZN ZN CF . 5.65 4.95 99.34
ZN ZN DF . 22.57 22.62 94.38
ZN ZN EF . -33.80 11.72 82.41
ZN ZN FF . -16.32 26.67 84.23
ZN ZN GF . -1.89 78.61 61.15
ZN ZN HF . -22.51 46.22 73.69
ZN ZN IF . -43.81 43.36 65.36
ZN ZN JF . -50.80 22.07 70.77
ZN ZN KF . -26.40 -26.74 92.27
ZN ZN LF . -48.89 -19.07 84.68
ZN ZN MF . -33.55 -86.01 37.46
ZN ZN NF . -22.38 -77.69 58.26
ZN ZN OF . -63.82 -59.68 20.87
ZN ZN PF . -41.45 -42.47 80.03
ZN ZN QF . -53.88 -58.61 41.66
ZN ZN RF . -81.16 -1.21 57.80
ZN ZN SF . -61.48 -39.57 52.23
ZN ZN TF . -91.97 8.25 37.38
ZN ZN UF . -76.12 -28.90 37.98
ZN ZN VF . -68.31 -71.68 -11.04
ZN ZN WF . -77.59 -41.32 18.62
ZN ZN XF . -49.01 -86.58 -5.39
#